data_9RKU
#
_entry.id   9RKU
#
_cell.length_a   1.00
_cell.length_b   1.00
_cell.length_c   1.00
_cell.angle_alpha   90.00
_cell.angle_beta   90.00
_cell.angle_gamma   90.00
#
_symmetry.space_group_name_H-M   'P 1'
#
loop_
_entity.id
_entity.type
_entity.pdbx_description
1 polymer 'Baseplate protein'
2 polymer 'Putative tail biosynthetic protein'
3 polymer 'Structural protein'
4 polymer 'Baseplate protein'
5 polymer 'Putative tail biosynthetic protein'
6 polymer 'Putative structural protein'
7 polymer 'Tail sheath protein'
8 polymer 'Structural protein'
#
loop_
_entity_poly.entity_id
_entity_poly.type
_entity_poly.pdbx_seq_one_letter_code
_entity_poly.pdbx_strand_id
1 'polypeptide(L)'
;MTTTKTFDERNRDTQDGFERHVFRKLDHTDTGAIVTVEGSGTMDEDVPVINSGYGFNPEDDEELEVFLLSDGSDASGKFG
VMTIPRNKQRKWPKKTGGIQHPFNADKFVQLDDDSIWLKDGKFTLGDNRSLSITVEGNNVVIDTGGGELDIRSSKLMHNG
VNIGDSHVHPQQADSDGDTEADTDPPKRD
;
Ac,Ad,Ae
2 'polypeptide(L)'
;MIKPMRIFIGGEELETYTSARLQRTKKQLTGSLTVEIFLNYVPSKPVIVNAVRGKEILVYVMGELAFTGIIDKRKGKTVA
GSQPRDASGRFAYSGGPGSMSDEGGSDVTVNFAKGQGYSVTLTARGRTKYLVDSSHSHPTGSFKDTSDRKVIEALVKEHK
VVLDWQGTEVKEPKITLRDGNRIFNEIFERCNQNCHFAYETRDGKLLVTDGTTGVVGEDIVLGQNILDFSAEQSEDRANS
EITVKGHRVAKDVWGKNAIVQPVQSVADSWVGANIPLTIQHYGDATNESLQRRAKFEADRRAAESKSVNVTVFHVAQQGG
IPWDIGNIHYVEIPPEGIFDVMECVSLTYSVDAKSTLETQLELAPPPSESISGASSGLLSSISNSLADISTKGVARRVQA
GIKLIAGQYPSTWTSAALSAITTPVNVIASVVNSLLLNEDESTPKQPPLRLPPE
;
Af,Ag,Ah
3 'polypeptide(L)'
;MNVLVPGIDGMVSAGKFEYSGCCPPDFADMDECTLATSYVGLLPSGPLWDRAKYEAITTITATGNCAACWTEDHCPTLVD
YAVNVGARLASVIDMTLWPAVRESDPFTAVTSTADWLERFKWVNCFETSCRSKALGEITPIEYMTECGPVYVAINYPPSI
KQAFESALIKSLERLSMGIIKNLASINFVIEPLKVRVVPLDTTNACENETLCVTFEKTSDFFDGVNQNPCGIPSPVAAYI
DRDVMQLPSELPKYIWPGHMAAECVVRSLLSHVSRFCVVRTDQTPD
;
Ai,Aj,Ak,Al,Am,An
4 'polypeptide(L)'
;MACTIQRPEPQALRDKIATRFSTNVLGGAEIIPESNEFYVVTLEYAMQEEFFAFAEQMWREQDPRYACCENLVKMAARRG
VYPKPAQFAQGYVRMTGVPGSALNQNLRFQFENQTYEAASVVPDQLPATGVLVLRVSAVTPGPSGNIRVTEGSLVTPVPG
ISSAVTAYGGNFCGGDDAEECEPFRTRYLQRLQYEPRLTVEWLKSKAMEWPCVTDVFDLGPNCCSVNALGEVECPNNIEF
YVLFRDTFDCGLAPQCVVDEITDWLFGSPQGLGQGEAEFGICGKVRTATAVNLDIYLNGLSCATPAQARVVEQRITDFIN
RHPPSTNLTVEQLRFIGLQVLGSSFAFDVAIRSPGDASQSGLRFNACGDAEIDCDYKACLNSVQVINNNVTTSGCL
;
Ao,Ap,Aq,Ar,As,At,Au,Av,Aw,Ax,Ay,Az
5 'polypeptide(L)'
;MAGPCYNPNEHYLPASFKGVPFDADSSDSEHGRNGAEAEFVFGERTGYADLGIKIRSYSIRARFQTNDHVALSNAFIAVL
ESTGPGLLVHPTRGPVMAACRSARVTDSKVDAAGVTYIDIDFVEANDTVTGFGLVGSLIALALSPIITATEESFKRYYSP
ENVRYYNSETVIATMAEAVQQVQTGYLALSGNDTSQEKWTIVRDFRNVLIDEFTFFDPANSWNVLRNGFSYLDSAAVGQD
KFTILRNIINWSSSHSELDGESADAQNAIFSAVRVLATAYLSKAYMETVASTVNEGLAQYDQIAAILEQEAQIAQEDCHD
NEFFLSIREFSVSVARVMVNRAYNSPALIVYSFPGTMHSLVVAWEIFGDAKRSRELEGRNTGAPWAIGPKVIAERVRA
;
A1,A2,A3,A4,A5,A6
6 'polypeptide(L)'
;MTCNFETADRRKRFWTTQVAACGQSSDDCGDCARPGLQLLCNGEGRITIATDNYVAGLALNILLTDASKADTGCGWTPGN
RGGFWGDSFRSDNMRSGSKIRQVTARGSMRETVALIRAYAIDDLKKLVAYGVAKSVDVDLTYQGSNKIDMTIMIQGVDGN
ESRVGLTGERIANAWVWS
;
A7,A8,A9,A0,BA,BB
7 'polypeptide(L)'
;MAQDALSDGFVRLCIDPSLNFFGEGCKILVEGQITDDATAAENVVTCVNSELDLVERFGQGSVLTESLRKVFCMCKSGVS
VYALPRADAAAAVSAVYTLTVTGTALTDGRVQLYMGEAEYSLDIGVDEGDTPTQIAAKIVAAISPDFPYEATAAAGVITL
TARNGGTIGNHLSVIYTNLGSCTSVTPEGVTVAFAQTTPGSVNPEPNDYASVVNECCFAVYVLSSDDTDWQENLRDWIRS
AWDCSKPQCFGHGYVFNKGTLGQVLADGDNSAELSRLALPTTYPVLPYLTNAAYGALSACSTCENPELNVQGQTYGLLSC
INMPESCTPGWEFTEVTQLQNNGFVVSGPATTSGQGNFTSPYIYNDVTNYLRDEKNRPNATFRDASSRRLAAATGVALAT
FLQQFNGLAVFTKNTNIKTGIIGTNLRLMLGKIRKWASDNVGVLFSEFDNINEDIQLVSDFDVQPKCVGQPGVFHLNMRY
RPPVRGARINVNLVPALFDNCDR
;
BN,BC,BD,BE,BF,BG,BH,BI,BJ,BK,BL,BM
8 'polypeptide(L)'
;MACNKQNGVKNILITFTHCDTGEVIGPISHEQPDDTLPTYKTCAWTNTALTNGAVMRSASNATMTLPVVRDPRVPLAWYQ
GCAQIDAQVEKFDGTVMTLTEGAVTEPEESDGRAVTMTIIAAEIDELLPPGSLAAA
;
BO,BP,BQ,BR,BS,BT,BU,BV,BW,BX,BY,BZ
#
# COMPACT_ATOMS: atom_id res chain seq x y z
N PHE A 18 12.10 30.25 49.56
CA PHE A 18 12.42 31.52 50.21
C PHE A 18 11.60 32.64 49.60
N GLU A 19 11.11 33.53 50.46
CA GLU A 19 10.28 34.64 50.00
C GLU A 19 10.33 35.76 51.04
N ARG A 20 10.09 36.98 50.57
CA ARG A 20 10.20 38.19 51.38
C ARG A 20 8.83 38.80 51.57
N HIS A 21 8.61 39.43 52.73
CA HIS A 21 7.32 40.01 53.08
C HIS A 21 7.50 41.15 54.08
N VAL A 22 6.43 41.92 54.25
CA VAL A 22 6.42 43.08 55.13
C VAL A 22 5.55 42.76 56.34
N PHE A 23 5.88 43.39 57.46
CA PHE A 23 5.22 43.13 58.74
C PHE A 23 3.94 43.95 58.86
N ARG A 24 2.89 43.31 59.37
CA ARG A 24 1.61 43.96 59.60
C ARG A 24 1.20 43.97 61.06
N LYS A 25 1.16 42.82 61.73
CA LYS A 25 0.64 42.73 63.08
C LYS A 25 1.15 41.46 63.74
N LEU A 26 1.50 41.57 65.02
CA LEU A 26 2.05 40.47 65.79
C LEU A 26 1.32 40.37 67.12
N ASP A 27 0.90 39.16 67.48
CA ASP A 27 0.25 38.89 68.75
C ASP A 27 0.86 37.64 69.37
N HIS A 28 0.83 37.58 70.70
CA HIS A 28 1.48 36.50 71.42
C HIS A 28 0.66 35.21 71.34
N THR A 29 1.32 34.10 71.67
CA THR A 29 0.68 32.79 71.64
C THR A 29 1.44 31.88 72.59
N ASP A 30 0.82 30.75 72.92
CA ASP A 30 1.41 29.85 73.90
C ASP A 30 2.76 29.30 73.45
N THR A 31 2.86 28.91 72.18
CA THR A 31 4.03 28.20 71.66
C THR A 31 4.57 28.88 70.40
N GLY A 32 4.71 30.20 70.46
CA GLY A 32 5.27 30.94 69.35
C GLY A 32 4.85 32.39 69.31
N ALA A 33 4.51 32.89 68.13
CA ALA A 33 4.04 34.27 67.98
C ALA A 33 3.29 34.37 66.66
N ILE A 34 1.98 34.63 66.75
CA ILE A 34 1.16 34.75 65.55
C ILE A 34 1.40 36.12 64.93
N VAL A 35 1.67 36.13 63.62
CA VAL A 35 2.05 37.34 62.90
C VAL A 35 1.33 37.37 61.55
N THR A 36 0.90 38.55 61.14
CA THR A 36 0.37 38.79 59.80
C THR A 36 1.42 39.56 59.01
N VAL A 37 1.73 39.09 57.80
CA VAL A 37 2.87 39.60 57.05
C VAL A 37 2.46 40.04 55.65
N GLU A 38 1.20 40.41 55.49
CA GLU A 38 0.70 40.92 54.20
C GLU A 38 0.96 39.90 53.09
N GLY A 39 1.64 40.32 52.02
CA GLY A 39 1.81 39.42 50.88
C GLY A 39 0.50 38.91 50.35
N SER A 40 -0.49 39.79 50.20
CA SER A 40 -1.87 39.38 49.89
C SER A 40 -2.48 38.59 51.04
N GLY A 41 -2.01 38.83 52.26
CA GLY A 41 -2.46 38.09 53.41
C GLY A 41 -2.06 36.63 53.34
N THR A 42 -0.75 36.37 53.43
CA THR A 42 -0.27 34.99 53.36
C THR A 42 -0.92 34.12 54.42
N MET A 43 -1.17 34.68 55.60
CA MET A 43 -1.93 34.00 56.65
C MET A 43 -2.25 35.00 57.74
N ASP A 44 -3.47 34.93 58.26
CA ASP A 44 -3.86 35.84 59.33
C ASP A 44 -2.94 35.67 60.54
N GLU A 45 -2.59 34.43 60.89
CA GLU A 45 -1.61 34.15 61.93
C GLU A 45 -0.57 33.19 61.34
N ASP A 46 0.55 33.75 60.87
CA ASP A 46 1.69 32.94 60.46
C ASP A 46 2.40 32.49 61.73
N VAL A 47 1.79 31.51 62.39
CA VAL A 47 2.11 31.13 63.76
C VAL A 47 3.62 31.07 63.99
N PRO A 48 4.37 30.26 63.26
CA PRO A 48 5.77 30.06 63.62
C PRO A 48 6.59 31.33 63.49
N VAL A 49 7.49 31.53 64.45
CA VAL A 49 8.51 32.56 64.38
C VAL A 49 9.78 32.01 65.02
N ILE A 50 10.77 31.67 64.19
CA ILE A 50 12.00 31.07 64.69
C ILE A 50 12.60 31.98 65.74
N ASN A 51 12.89 31.42 66.92
CA ASN A 51 13.47 32.16 68.03
C ASN A 51 14.81 31.53 68.37
N SER A 52 15.90 32.27 68.14
CA SER A 52 17.25 31.79 68.39
C SER A 52 17.93 32.59 69.50
N GLY A 53 17.14 33.12 70.44
CA GLY A 53 17.68 33.90 71.52
C GLY A 53 17.17 35.34 71.52
N TYR A 54 17.11 35.95 70.35
CA TYR A 54 16.75 37.36 70.21
C TYR A 54 15.36 37.46 69.59
N GLY A 55 14.49 38.25 70.24
CA GLY A 55 13.16 38.49 69.73
C GLY A 55 12.66 39.83 70.25
N PHE A 56 11.53 40.27 69.69
CA PHE A 56 10.95 41.54 70.07
C PHE A 56 9.48 41.55 69.67
N ASN A 57 8.77 42.57 70.15
CA ASN A 57 7.34 42.75 69.89
C ASN A 57 7.14 44.12 69.27
N PRO A 58 7.31 44.22 67.95
CA PRO A 58 7.21 45.54 67.31
C PRO A 58 5.78 46.06 67.29
N GLU A 59 5.68 47.38 67.18
CA GLU A 59 4.38 48.04 67.07
C GLU A 59 3.74 47.73 65.72
N ASP A 60 2.44 47.96 65.65
CA ASP A 60 1.70 47.64 64.43
C ASP A 60 2.17 48.50 63.27
N ASP A 61 2.26 47.90 62.09
CA ASP A 61 2.58 48.61 60.86
C ASP A 61 3.92 49.33 60.96
N GLU A 62 4.98 48.54 61.11
CA GLU A 62 6.35 49.05 61.16
C GLU A 62 7.05 48.81 59.82
N GLU A 63 8.13 49.55 59.61
CA GLU A 63 8.85 49.50 58.34
C GLU A 63 9.58 48.18 58.11
N LEU A 64 9.81 47.40 59.17
CA LEU A 64 10.68 46.24 59.07
C LEU A 64 10.13 45.24 58.04
N GLU A 65 11.03 44.38 57.55
CA GLU A 65 10.73 43.39 56.53
C GLU A 65 10.85 42.00 57.12
N VAL A 66 9.89 41.14 56.80
CA VAL A 66 9.83 39.78 57.35
C VAL A 66 9.92 38.79 56.19
N PHE A 67 10.90 37.91 56.25
CA PHE A 67 11.03 36.81 55.30
C PHE A 67 10.26 35.60 55.80
N LEU A 68 9.78 34.79 54.86
CA LEU A 68 9.05 33.58 55.19
C LEU A 68 9.74 32.39 54.54
N LEU A 69 9.87 31.30 55.30
CA LEU A 69 10.45 30.05 54.83
C LEU A 69 9.44 28.93 54.99
N SER A 70 9.27 28.14 53.94
CA SER A 70 8.27 27.08 53.91
C SER A 70 8.94 25.75 54.22
N ASP A 71 8.30 24.97 55.09
CA ASP A 71 8.79 23.63 55.43
C ASP A 71 8.80 22.76 54.17
N GLY A 72 9.99 22.43 53.68
CA GLY A 72 10.08 21.76 52.40
C GLY A 72 9.45 22.60 51.32
N SER A 73 8.78 21.95 50.38
CA SER A 73 8.00 22.64 49.37
C SER A 73 6.56 22.85 49.80
N ASP A 74 6.17 22.33 50.96
CA ASP A 74 4.81 22.48 51.47
C ASP A 74 4.48 23.95 51.69
N ALA A 75 3.52 24.47 50.92
CA ALA A 75 3.11 25.86 51.08
C ALA A 75 2.26 26.09 52.33
N SER A 76 1.86 25.02 53.02
CA SER A 76 1.03 25.20 54.22
C SER A 76 1.84 25.76 55.37
N GLY A 77 3.03 25.23 55.62
CA GLY A 77 3.86 25.64 56.74
C GLY A 77 4.85 26.72 56.31
N LYS A 78 4.89 27.81 57.08
CA LYS A 78 5.79 28.92 56.80
C LYS A 78 6.37 29.43 58.11
N PHE A 79 7.69 29.63 58.14
CA PHE A 79 8.39 30.21 59.27
C PHE A 79 8.87 31.61 58.93
N GLY A 80 8.63 32.55 59.84
CA GLY A 80 9.12 33.91 59.64
C GLY A 80 10.46 34.13 60.30
N VAL A 81 11.23 35.05 59.72
CA VAL A 81 12.52 35.47 60.26
C VAL A 81 12.46 36.99 60.40
N MET A 82 12.04 37.47 61.56
CA MET A 82 11.91 38.90 61.76
C MET A 82 13.27 39.56 61.86
N THR A 83 13.38 40.76 61.31
CA THR A 83 14.63 41.49 61.24
C THR A 83 14.46 42.88 61.86
N ILE A 84 15.57 43.45 62.30
CA ILE A 84 15.55 44.84 62.79
C ILE A 84 15.08 45.74 61.66
N PRO A 85 14.32 46.81 61.92
CA PRO A 85 13.88 47.68 60.84
C PRO A 85 15.05 48.19 60.01
N ARG A 86 14.84 48.22 58.69
CA ARG A 86 15.92 48.59 57.77
C ARG A 86 16.47 49.98 58.07
N ASN A 87 15.60 50.91 58.43
CA ASN A 87 16.01 52.30 58.61
C ASN A 87 16.61 52.58 59.98
N LYS A 88 16.69 51.57 60.86
CA LYS A 88 17.20 51.74 62.21
C LYS A 88 18.25 50.68 62.53
N GLN A 89 19.19 50.48 61.62
CA GLN A 89 20.28 49.52 61.81
C GLN A 89 21.57 50.25 62.14
N ARG A 90 22.19 49.87 63.24
CA ARG A 90 23.42 50.53 63.69
C ARG A 90 24.59 50.14 62.80
N LYS A 91 25.53 51.07 62.64
CA LYS A 91 26.75 50.85 61.87
C LYS A 91 27.88 50.62 62.88
N TRP A 92 28.12 49.35 63.18
CA TRP A 92 29.10 49.01 64.21
C TRP A 92 30.51 49.39 63.76
N PRO A 93 31.39 49.70 64.71
CA PRO A 93 32.80 49.93 64.35
C PRO A 93 33.53 48.62 64.09
N LYS A 94 34.69 48.75 63.46
CA LYS A 94 35.47 47.57 63.10
C LYS A 94 35.87 46.80 64.35
N LYS A 95 35.86 45.46 64.23
CA LYS A 95 36.25 44.58 65.33
C LYS A 95 35.31 44.73 66.52
N THR A 96 34.01 44.80 66.25
CA THR A 96 33.02 44.97 67.31
C THR A 96 31.72 44.28 66.90
N GLY A 97 30.91 43.94 67.91
CA GLY A 97 29.63 43.31 67.66
C GLY A 97 28.81 43.27 68.92
N GLY A 98 27.52 43.03 68.75
CA GLY A 98 26.61 42.95 69.88
C GLY A 98 25.18 43.11 69.43
N ILE A 99 24.29 43.12 70.41
CA ILE A 99 22.87 43.32 70.18
C ILE A 99 22.53 44.77 70.50
N GLN A 100 21.43 45.24 69.91
CA GLN A 100 21.04 46.64 70.00
C GLN A 100 19.55 46.73 70.32
N HIS A 101 19.13 47.92 70.73
CA HIS A 101 17.72 48.21 70.88
C HIS A 101 17.04 48.05 69.52
N PRO A 102 15.95 47.29 69.42
CA PRO A 102 15.39 47.00 68.08
C PRO A 102 15.01 48.24 67.30
N PHE A 103 14.60 49.31 67.98
CA PHE A 103 14.05 50.49 67.33
C PHE A 103 14.97 51.70 67.42
N ASN A 104 16.26 51.49 67.69
CA ASN A 104 17.17 52.63 67.80
C ASN A 104 18.60 52.11 67.84
N ALA A 105 19.51 52.91 67.29
CA ALA A 105 20.92 52.54 67.18
C ALA A 105 21.78 53.09 68.31
N ASP A 106 21.18 53.76 69.30
CA ASP A 106 21.95 54.34 70.40
C ASP A 106 21.98 53.44 71.62
N LYS A 107 20.88 52.79 71.95
CA LYS A 107 20.81 51.89 73.11
C LYS A 107 21.25 50.50 72.66
N PHE A 108 22.45 50.11 73.04
CA PHE A 108 23.03 48.86 72.58
C PHE A 108 24.03 48.35 73.60
N VAL A 109 24.49 47.11 73.37
CA VAL A 109 25.54 46.49 74.17
C VAL A 109 26.67 46.06 73.23
N GLN A 110 27.90 46.29 73.65
CA GLN A 110 29.07 46.01 72.83
C GLN A 110 30.09 45.23 73.64
N LEU A 111 30.62 44.16 73.05
CA LEU A 111 31.69 43.37 73.64
C LEU A 111 32.92 43.56 72.76
N ASP A 112 33.95 44.21 73.32
CA ASP A 112 35.09 44.64 72.54
C ASP A 112 36.40 44.20 73.15
N ASP A 113 37.52 44.64 72.58
CA ASP A 113 38.85 44.36 73.10
C ASP A 113 39.27 45.33 74.20
N ASP A 114 38.45 46.35 74.48
CA ASP A 114 38.73 47.31 75.54
C ASP A 114 37.90 47.04 76.79
N SER A 115 36.60 46.80 76.64
CA SER A 115 35.73 46.57 77.78
C SER A 115 34.32 46.19 77.36
N ILE A 116 33.60 45.49 78.23
CA ILE A 116 32.18 45.23 77.99
C ILE A 116 31.44 46.56 78.13
N TRP A 117 30.95 47.09 77.01
CA TRP A 117 30.40 48.43 76.95
C TRP A 117 28.88 48.36 76.81
N LEU A 118 28.18 49.02 77.73
CA LEU A 118 26.73 49.17 77.67
C LEU A 118 26.42 50.66 77.57
N LYS A 119 25.57 51.02 76.61
CA LYS A 119 25.19 52.41 76.38
C LYS A 119 23.70 52.58 76.59
N ASP A 120 23.31 53.53 77.44
CA ASP A 120 21.92 53.84 77.70
C ASP A 120 21.89 55.04 78.66
N GLY A 121 20.75 55.73 78.67
CA GLY A 121 20.56 56.85 79.56
C GLY A 121 20.12 56.50 80.95
N LYS A 122 19.96 55.21 81.25
CA LYS A 122 19.53 54.77 82.56
C LYS A 122 19.83 53.28 82.68
N PHE A 123 20.05 52.82 83.91
CA PHE A 123 20.39 51.43 84.18
C PHE A 123 19.53 50.92 85.33
N THR A 124 18.92 49.76 85.14
CA THR A 124 18.14 49.10 86.17
C THR A 124 18.53 47.63 86.24
N LEU A 125 18.39 47.05 87.43
CA LEU A 125 18.74 45.66 87.67
C LEU A 125 17.71 45.04 88.60
N GLY A 126 17.83 43.74 88.82
CA GLY A 126 17.00 43.06 89.79
C GLY A 126 15.64 42.66 89.23
N ASP A 127 14.88 42.00 90.10
CA ASP A 127 13.56 41.50 89.71
C ASP A 127 12.62 42.65 89.37
N ASN A 128 12.65 43.72 90.16
CA ASN A 128 11.68 44.81 90.04
C ASN A 128 12.37 46.15 89.85
N ARG A 129 13.52 46.16 89.17
CA ARG A 129 14.24 47.39 88.84
C ARG A 129 14.54 48.24 90.07
N SER A 130 14.56 47.63 91.26
CA SER A 130 14.83 48.40 92.47
C SER A 130 16.23 48.99 92.44
N LEU A 131 17.22 48.17 92.09
CA LEU A 131 18.60 48.64 92.00
C LEU A 131 18.77 49.47 90.74
N SER A 132 18.61 50.79 90.85
CA SER A 132 18.65 51.70 89.72
C SER A 132 19.95 52.50 89.74
N ILE A 133 20.65 52.50 88.61
CA ILE A 133 21.90 53.24 88.46
C ILE A 133 21.77 54.16 87.24
N THR A 134 22.27 55.38 87.37
CA THR A 134 22.21 56.36 86.30
C THR A 134 23.59 56.98 86.11
N VAL A 135 23.89 57.37 84.87
CA VAL A 135 25.12 58.06 84.52
C VAL A 135 24.72 59.25 83.67
N GLU A 136 24.56 60.41 84.30
CA GLU A 136 24.10 61.62 83.64
C GLU A 136 25.19 62.69 83.72
N GLY A 137 25.59 63.21 82.57
CA GLY A 137 26.56 64.30 82.53
C GLY A 137 27.87 63.96 83.23
N ASN A 138 28.39 62.75 83.01
CA ASN A 138 29.63 62.26 83.59
C ASN A 138 29.50 61.93 85.08
N ASN A 139 28.35 62.21 85.70
CA ASN A 139 28.17 61.96 87.11
C ASN A 139 27.68 60.53 87.33
N VAL A 140 27.51 60.17 88.61
CA VAL A 140 27.01 58.85 88.99
C VAL A 140 25.90 59.05 90.01
N VAL A 141 24.77 58.39 89.80
CA VAL A 141 23.65 58.45 90.72
C VAL A 141 23.12 57.03 90.93
N ILE A 142 23.52 56.40 92.03
CA ILE A 142 23.12 55.03 92.34
C ILE A 142 21.95 55.11 93.30
N ASP A 143 20.80 54.63 92.86
CA ASP A 143 19.58 54.63 93.67
C ASP A 143 19.17 53.19 93.93
N THR A 144 18.98 52.86 95.21
CA THR A 144 18.54 51.54 95.64
C THR A 144 17.42 51.68 96.66
N GLY A 145 16.41 52.49 96.30
CA GLY A 145 15.31 52.79 97.20
C GLY A 145 14.62 51.58 97.80
N GLY A 146 14.90 50.39 97.27
CA GLY A 146 14.26 49.19 97.80
C GLY A 146 14.49 49.01 99.29
N GLY A 147 15.72 49.22 99.74
CA GLY A 147 16.03 49.07 101.15
C GLY A 147 17.49 49.27 101.51
N GLU A 148 18.01 48.36 102.34
CA GLU A 148 19.34 48.52 102.93
C GLU A 148 20.43 48.25 101.90
N LEU A 149 21.61 48.79 102.18
CA LEU A 149 22.81 48.58 101.38
C LEU A 149 23.91 48.04 102.28
N ASP A 150 24.48 46.89 101.90
CA ASP A 150 25.54 46.26 102.66
C ASP A 150 26.62 45.79 101.70
N ILE A 151 27.87 46.12 102.02
CA ILE A 151 29.01 45.80 101.17
C ILE A 151 29.99 44.97 101.97
N ARG A 152 30.55 43.93 101.35
CA ARG A 152 31.57 43.08 101.95
C ARG A 152 32.88 43.30 101.19
N SER A 153 33.92 43.70 101.91
CA SER A 153 35.23 43.89 101.33
C SER A 153 36.22 44.17 102.45
N SER A 154 37.47 43.74 102.24
CA SER A 154 38.51 43.94 103.23
C SER A 154 38.92 45.41 103.38
N LYS A 155 38.49 46.27 102.46
CA LYS A 155 38.81 47.68 102.53
C LYS A 155 37.77 48.48 101.77
N LEU A 156 37.72 49.77 102.04
CA LEU A 156 36.90 50.72 101.28
C LEU A 156 37.69 52.02 101.20
N MET A 157 38.26 52.29 100.03
CA MET A 157 39.18 53.40 99.84
C MET A 157 38.59 54.33 98.79
N HIS A 158 38.36 55.58 99.18
CA HIS A 158 37.85 56.60 98.27
C HIS A 158 39.01 57.54 97.91
N ASN A 159 39.33 57.61 96.62
CA ASN A 159 40.52 58.30 96.14
C ASN A 159 41.79 57.72 96.74
N GLY A 160 41.73 56.48 97.21
CA GLY A 160 42.86 55.84 97.85
C GLY A 160 42.97 56.06 99.34
N VAL A 161 41.94 56.59 99.98
CA VAL A 161 41.95 56.88 101.41
C VAL A 161 40.88 56.03 102.09
N ASN A 162 41.26 55.37 103.18
CA ASN A 162 40.36 54.44 103.87
C ASN A 162 39.19 55.19 104.49
N ILE A 163 37.98 54.83 104.09
CA ILE A 163 36.77 55.41 104.67
C ILE A 163 35.77 54.30 105.02
N GLY A 164 36.26 53.07 105.11
CA GLY A 164 35.38 51.93 105.27
C GLY A 164 34.97 51.66 106.71
N ASP A 165 35.13 50.41 107.14
CA ASP A 165 34.83 50.01 108.50
C ASP A 165 36.02 50.12 109.43
N SER A 166 37.17 50.59 108.93
CA SER A 166 38.41 50.63 109.71
C SER A 166 39.04 52.01 109.78
N HIS A 167 38.35 53.06 109.34
CA HIS A 167 38.95 54.38 109.41
C HIS A 167 38.81 54.96 110.81
N VAL A 168 39.66 55.94 111.11
CA VAL A 168 39.66 56.59 112.41
C VAL A 168 40.12 58.03 112.22
N HIS A 169 39.55 58.92 113.04
CA HIS A 169 39.71 60.35 112.86
C HIS A 169 40.70 60.93 113.87
N PRO A 170 41.77 61.57 113.43
CA PRO A 170 42.61 62.31 114.38
C PRO A 170 41.87 63.49 114.97
N GLN A 171 42.27 63.87 116.19
CA GLN A 171 41.62 64.92 116.94
C GLN A 171 42.60 66.06 117.18
N GLN A 172 42.06 67.23 117.48
CA GLN A 172 42.83 68.45 117.68
C GLN A 172 42.64 68.95 119.12
N ALA A 173 43.30 70.06 119.43
CA ALA A 173 43.26 70.61 120.78
C ALA A 173 41.88 71.12 121.13
N ASP A 174 41.48 70.93 122.38
CA ASP A 174 40.21 71.42 122.88
C ASP A 174 40.38 72.84 123.40
N SER A 175 39.30 73.43 123.93
CA SER A 175 39.38 74.75 124.51
C SER A 175 40.31 74.79 125.71
N ASP A 176 40.57 73.65 126.33
CA ASP A 176 41.51 73.56 127.46
C ASP A 176 42.95 73.40 127.01
N GLY A 177 43.20 73.30 125.70
CA GLY A 177 44.53 73.08 125.20
C GLY A 177 45.04 71.67 125.32
N ASP A 178 44.18 70.71 125.67
CA ASP A 178 44.58 69.33 125.87
C ASP A 178 44.29 68.53 124.61
N THR A 179 45.29 67.77 124.16
CA THR A 179 45.21 67.04 122.89
C THR A 179 44.79 65.60 123.15
N GLU A 180 43.86 65.11 122.33
CA GLU A 180 43.39 63.74 122.42
C GLU A 180 44.15 62.85 121.43
N ALA A 181 43.80 61.58 121.41
CA ALA A 181 44.40 60.59 120.52
C ALA A 181 43.48 60.35 119.33
N ASP A 182 43.81 59.35 118.52
CA ASP A 182 42.99 59.01 117.37
C ASP A 182 41.63 58.48 117.82
N THR A 183 40.59 58.84 117.07
CA THR A 183 39.23 58.47 117.42
C THR A 183 39.02 56.97 117.18
N ASP A 184 38.03 56.41 117.88
CA ASP A 184 37.70 55.01 117.71
C ASP A 184 36.96 54.78 116.39
N PRO A 185 36.93 53.55 115.91
CA PRO A 185 36.24 53.26 114.64
C PRO A 185 34.77 53.58 114.74
N PRO A 186 34.02 53.46 113.63
CA PRO A 186 32.58 53.76 113.68
C PRO A 186 31.87 52.86 114.68
N LYS A 187 30.85 53.43 115.33
CA LYS A 187 30.09 52.69 116.33
C LYS A 187 29.50 51.43 115.72
N ARG A 188 29.58 50.33 116.46
CA ARG A 188 29.02 49.04 116.05
C ARG A 188 27.67 48.85 116.72
N ASP A 189 26.66 48.51 115.93
CA ASP A 189 25.31 48.30 116.44
C ASP A 189 25.31 47.22 117.52
N PHE B 18 14.59 22.67 52.74
CA PHE B 18 14.13 22.97 54.09
C PHE B 18 13.42 21.76 54.68
N GLU B 19 13.72 21.44 55.93
CA GLU B 19 13.09 20.30 56.59
C GLU B 19 13.13 20.52 58.10
N ARG B 20 12.34 19.71 58.81
CA ARG B 20 12.08 19.88 60.23
C ARG B 20 12.45 18.60 60.96
N HIS B 21 13.16 18.73 62.08
CA HIS B 21 13.47 17.57 62.92
C HIS B 21 13.54 18.03 64.37
N VAL B 22 13.76 17.08 65.28
CA VAL B 22 13.70 17.32 66.72
C VAL B 22 15.01 16.92 67.36
N PHE B 23 15.45 17.70 68.35
CA PHE B 23 16.77 17.54 68.93
C PHE B 23 16.83 16.43 69.97
N ARG B 24 17.92 15.66 69.95
CA ARG B 24 18.29 14.76 71.04
C ARG B 24 19.62 15.10 71.68
N LYS B 25 20.70 15.18 70.91
CA LYS B 25 22.05 15.18 71.47
C LYS B 25 22.93 16.20 70.78
N LEU B 26 23.73 16.91 71.56
CA LEU B 26 24.65 17.92 71.07
C LEU B 26 26.04 17.67 71.64
N ASP B 27 27.05 17.70 70.78
CA ASP B 27 28.44 17.49 71.17
C ASP B 27 29.31 18.57 70.57
N HIS B 28 30.41 18.88 71.26
CA HIS B 28 31.32 19.94 70.85
C HIS B 28 32.48 19.37 70.04
N THR B 29 32.96 20.16 69.09
CA THR B 29 34.17 19.82 68.35
C THR B 29 35.01 21.06 68.13
N ASP B 30 36.10 20.94 67.36
CA ASP B 30 37.02 22.05 67.19
C ASP B 30 36.41 23.20 66.39
N THR B 31 35.56 22.88 65.41
CA THR B 31 35.05 23.89 64.50
C THR B 31 33.52 24.00 64.56
N GLY B 32 32.96 24.03 65.76
CA GLY B 32 31.55 24.23 65.96
C GLY B 32 30.96 23.15 66.84
N ALA B 33 29.65 22.99 66.71
CA ALA B 33 28.90 21.99 67.47
C ALA B 33 28.28 20.96 66.54
N ILE B 34 28.27 19.71 66.99
CA ILE B 34 27.70 18.60 66.23
C ILE B 34 26.47 18.09 66.97
N VAL B 35 25.39 17.88 66.23
CA VAL B 35 24.09 17.57 66.81
C VAL B 35 23.50 16.36 66.10
N THR B 36 22.63 15.64 66.82
CA THR B 36 21.83 14.55 66.26
C THR B 36 20.37 14.90 66.49
N VAL B 37 19.61 15.04 65.41
CA VAL B 37 18.33 15.74 65.50
C VAL B 37 17.16 14.93 64.96
N GLU B 38 17.26 13.60 64.99
CA GLU B 38 16.12 12.77 64.62
C GLU B 38 15.64 13.06 63.21
N GLY B 39 14.41 12.65 62.88
CA GLY B 39 13.96 12.64 61.51
C GLY B 39 14.49 11.40 60.85
N SER B 40 14.23 10.26 61.46
CA SER B 40 15.03 9.05 61.23
C SER B 40 16.43 9.33 61.77
N GLY B 41 17.33 8.37 61.67
CA GLY B 41 18.69 8.60 62.11
C GLY B 41 19.41 9.53 61.14
N THR B 42 18.97 10.80 61.10
CA THR B 42 19.46 11.72 60.08
C THR B 42 20.98 11.72 60.01
N MET B 43 21.65 11.77 61.17
CA MET B 43 23.09 11.54 61.21
C MET B 43 23.53 11.53 62.66
N ASP B 44 24.49 10.65 62.98
CA ASP B 44 25.08 10.63 64.31
C ASP B 44 25.82 11.94 64.60
N GLU B 45 26.61 12.41 63.63
CA GLU B 45 27.39 13.64 63.77
C GLU B 45 27.02 14.56 62.61
N ASP B 46 26.06 15.45 62.83
CA ASP B 46 25.63 16.36 61.79
C ASP B 46 26.73 17.37 61.48
N VAL B 47 26.65 17.95 60.29
CA VAL B 47 27.61 18.99 59.92
C VAL B 47 27.45 20.17 60.87
N PRO B 48 28.52 20.88 61.25
CA PRO B 48 28.40 21.91 62.30
C PRO B 48 27.22 22.86 62.13
N VAL B 49 26.81 23.47 63.25
CA VAL B 49 25.62 24.29 63.30
C VAL B 49 26.01 25.76 63.22
N ILE B 50 25.08 26.59 62.75
CA ILE B 50 25.30 28.02 62.66
C ILE B 50 25.11 28.64 64.04
N ASN B 51 25.96 29.62 64.38
CA ASN B 51 25.87 30.30 65.65
C ASN B 51 25.19 31.67 65.53
N SER B 52 25.73 32.54 64.69
CA SER B 52 25.20 33.88 64.46
C SER B 52 25.23 34.75 65.72
N GLY B 53 25.93 34.32 66.76
CA GLY B 53 26.04 35.10 67.98
C GLY B 53 25.46 34.42 69.19
N TYR B 54 24.30 33.78 69.05
CA TYR B 54 23.61 33.13 70.14
C TYR B 54 23.74 31.62 70.03
N GLY B 55 24.15 30.97 71.11
CA GLY B 55 24.22 29.52 71.15
C GLY B 55 23.98 29.03 72.56
N PHE B 56 23.67 27.73 72.66
CA PHE B 56 23.40 27.12 73.95
C PHE B 56 23.63 25.62 73.81
N ASN B 57 23.69 24.95 74.97
CA ASN B 57 23.97 23.51 75.04
C ASN B 57 22.86 22.86 75.84
N PRO B 58 21.72 22.57 75.21
CA PRO B 58 20.61 21.96 75.94
C PRO B 58 20.92 20.53 76.36
N GLU B 59 20.25 20.11 77.43
CA GLU B 59 20.45 18.76 77.95
C GLU B 59 19.95 17.72 76.95
N ASP B 60 20.36 16.48 77.17
CA ASP B 60 19.98 15.40 76.26
C ASP B 60 18.48 15.20 76.26
N ASP B 61 17.91 15.08 75.06
CA ASP B 61 16.50 14.74 74.88
C ASP B 61 15.60 15.72 75.63
N GLU B 62 15.64 16.98 75.20
CA GLU B 62 14.81 18.04 75.74
C GLU B 62 13.95 18.61 74.63
N GLU B 63 12.69 18.92 74.95
CA GLU B 63 11.76 19.45 73.96
C GLU B 63 12.32 20.70 73.29
N LEU B 64 12.60 20.59 71.99
CA LEU B 64 12.96 21.72 71.14
C LEU B 64 13.13 21.16 69.73
N GLU B 65 13.21 22.06 68.76
CA GLU B 65 13.20 21.68 67.35
C GLU B 65 14.37 22.32 66.62
N VAL B 66 14.91 21.59 65.65
CA VAL B 66 16.08 22.04 64.92
C VAL B 66 15.82 21.94 63.42
N PHE B 67 15.58 23.07 62.78
CA PHE B 67 15.42 23.09 61.33
C PHE B 67 16.76 22.83 60.66
N LEU B 68 16.73 22.13 59.53
CA LEU B 68 17.93 21.79 58.78
C LEU B 68 17.84 22.38 57.38
N LEU B 69 18.86 23.12 56.99
CA LEU B 69 18.96 23.72 55.66
C LEU B 69 20.01 22.96 54.87
N SER B 70 19.66 22.53 53.66
CA SER B 70 20.55 21.73 52.83
C SER B 70 21.35 22.64 51.91
N ASP B 71 22.67 22.48 51.93
CA ASP B 71 23.54 23.21 51.01
C ASP B 71 23.13 22.90 49.58
N GLY B 72 22.59 23.89 48.88
CA GLY B 72 21.98 23.60 47.59
C GLY B 72 20.90 22.55 47.76
N SER B 73 20.90 21.57 46.86
CA SER B 73 20.03 20.42 46.97
C SER B 73 20.76 19.18 47.46
N ASP B 74 22.01 19.33 47.90
CA ASP B 74 22.83 18.20 48.31
C ASP B 74 22.40 17.72 49.68
N ALA B 75 21.97 16.45 49.75
CA ALA B 75 21.61 15.85 51.03
C ALA B 75 22.83 15.63 51.92
N SER B 76 24.04 15.77 51.39
CA SER B 76 25.25 15.56 52.18
C SER B 76 25.54 16.71 53.14
N GLY B 77 24.99 17.90 52.89
CA GLY B 77 25.19 19.02 53.77
C GLY B 77 23.89 19.54 54.33
N LYS B 78 23.81 19.66 55.67
CA LYS B 78 22.57 20.11 56.31
C LYS B 78 22.94 20.90 57.56
N PHE B 79 22.90 22.22 57.46
CA PHE B 79 23.18 23.07 58.61
C PHE B 79 21.93 23.21 59.46
N GLY B 80 22.07 23.02 60.77
CA GLY B 80 20.95 23.15 61.67
C GLY B 80 20.73 24.58 62.13
N VAL B 81 19.51 24.84 62.59
CA VAL B 81 19.14 26.13 63.17
C VAL B 81 18.39 25.82 64.47
N MET B 82 19.11 25.82 65.59
CA MET B 82 18.49 25.50 66.86
C MET B 82 17.57 26.62 67.31
N THR B 83 16.47 26.24 67.97
CA THR B 83 15.49 27.18 68.46
C THR B 83 15.22 26.92 69.94
N ILE B 84 14.81 27.98 70.63
CA ILE B 84 14.49 27.84 72.06
C ILE B 84 13.27 26.94 72.20
N PRO B 85 13.15 26.14 73.26
CA PRO B 85 11.93 25.35 73.45
C PRO B 85 10.70 26.25 73.44
N ARG B 86 9.63 25.76 72.81
CA ARG B 86 8.43 26.56 72.63
C ARG B 86 7.58 26.67 73.89
N ASN B 87 7.77 25.79 74.88
CA ASN B 87 7.12 26.01 76.17
C ASN B 87 7.74 27.17 76.94
N LYS B 88 8.91 27.62 76.53
CA LYS B 88 9.72 28.55 77.30
C LYS B 88 10.13 29.76 76.46
N GLN B 89 9.17 30.32 75.72
CA GLN B 89 9.41 31.55 74.96
C GLN B 89 8.73 32.71 75.69
N ARG B 90 9.52 33.72 76.01
CA ARG B 90 9.01 34.87 76.77
C ARG B 90 8.09 35.70 75.89
N LYS B 91 6.92 36.02 76.41
CA LYS B 91 5.96 36.90 75.73
C LYS B 91 6.37 38.33 76.03
N TRP B 92 7.26 38.87 75.19
CA TRP B 92 7.81 40.18 75.44
C TRP B 92 6.72 41.24 75.41
N PRO B 93 6.85 42.31 76.18
CA PRO B 93 5.90 43.42 76.07
C PRO B 93 6.13 44.19 74.78
N LYS B 94 5.13 45.00 74.42
CA LYS B 94 5.22 45.80 73.21
C LYS B 94 6.48 46.66 73.25
N LYS B 95 6.97 47.05 72.08
CA LYS B 95 8.16 47.89 71.93
C LYS B 95 9.25 47.49 72.92
N THR B 96 9.66 46.23 72.81
CA THR B 96 10.73 45.70 73.64
C THR B 96 11.39 44.52 72.93
N GLY B 97 12.59 44.19 73.39
CA GLY B 97 13.34 43.07 72.82
C GLY B 97 14.57 42.79 73.65
N GLY B 98 15.20 41.66 73.34
CA GLY B 98 16.39 41.26 74.05
C GLY B 98 16.58 39.76 73.97
N ILE B 99 17.51 39.27 74.81
CA ILE B 99 17.82 37.85 74.87
C ILE B 99 17.40 37.32 76.23
N GLN B 100 17.21 36.00 76.29
CA GLN B 100 16.70 35.34 77.48
C GLN B 100 17.45 34.03 77.72
N HIS B 101 17.31 33.52 78.93
CA HIS B 101 17.81 32.20 79.27
C HIS B 101 17.07 31.16 78.43
N PRO B 102 17.77 30.31 77.69
CA PRO B 102 17.07 29.41 76.75
C PRO B 102 16.22 28.33 77.40
N PHE B 103 16.09 28.32 78.73
CA PHE B 103 15.25 27.34 79.41
C PHE B 103 14.30 27.98 80.41
N ASN B 104 14.19 29.31 80.42
CA ASN B 104 13.28 29.99 81.34
C ASN B 104 12.98 31.37 80.78
N ALA B 105 11.74 31.83 80.99
CA ALA B 105 11.27 33.08 80.43
C ALA B 105 11.38 34.26 81.39
N ASP B 106 11.98 34.06 82.56
CA ASP B 106 12.05 35.12 83.57
C ASP B 106 13.49 35.41 84.01
N LYS B 107 14.47 34.98 83.22
CA LYS B 107 15.88 35.31 83.45
C LYS B 107 16.43 35.81 82.12
N PHE B 108 16.28 37.11 81.88
CA PHE B 108 16.49 37.68 80.55
C PHE B 108 17.20 39.02 80.66
N VAL B 109 17.52 39.58 79.49
CA VAL B 109 18.10 40.91 79.38
C VAL B 109 17.23 41.71 78.43
N GLN B 110 16.88 42.94 78.82
CA GLN B 110 15.96 43.77 78.07
C GLN B 110 16.57 45.15 77.85
N LEU B 111 16.42 45.66 76.63
CA LEU B 111 16.86 47.00 76.27
C LEU B 111 15.64 47.79 75.81
N ASP B 112 15.15 48.68 76.67
CA ASP B 112 13.89 49.37 76.48
C ASP B 112 14.12 50.87 76.37
N ASP B 113 13.03 51.62 76.28
CA ASP B 113 13.08 53.07 76.25
C ASP B 113 13.20 53.68 77.64
N ASP B 114 13.08 52.87 78.69
CA ASP B 114 13.21 53.37 80.06
C ASP B 114 14.61 53.14 80.62
N SER B 115 15.15 51.93 80.44
CA SER B 115 16.47 51.62 80.98
C SER B 115 16.87 50.22 80.52
N ILE B 116 18.17 49.98 80.52
CA ILE B 116 18.72 48.65 80.28
C ILE B 116 18.34 47.78 81.49
N TRP B 117 17.44 46.82 81.28
CA TRP B 117 16.85 46.05 82.36
C TRP B 117 17.38 44.62 82.30
N LEU B 118 17.92 44.15 83.42
CA LEU B 118 18.32 42.77 83.61
C LEU B 118 17.50 42.17 84.75
N LYS B 119 17.22 40.88 84.67
CA LYS B 119 16.41 40.19 85.66
C LYS B 119 17.04 38.86 86.02
N ASP B 120 17.38 38.69 87.30
CA ASP B 120 17.91 37.43 87.81
C ASP B 120 18.07 37.53 89.32
N GLY B 121 18.03 36.39 90.01
CA GLY B 121 18.16 36.36 91.45
C GLY B 121 19.57 36.48 91.97
N LYS B 122 20.56 36.55 91.09
CA LYS B 122 21.96 36.66 91.51
C LYS B 122 22.75 37.23 90.35
N PHE B 123 23.66 38.16 90.65
CA PHE B 123 24.50 38.80 89.65
C PHE B 123 25.96 38.52 89.97
N THR B 124 26.76 38.34 88.93
CA THR B 124 28.19 38.10 89.10
C THR B 124 28.93 38.73 87.93
N LEU B 125 30.22 38.99 88.13
CA LEU B 125 31.04 39.65 87.13
C LEU B 125 32.46 39.11 87.24
N GLY B 126 33.32 39.56 86.34
CA GLY B 126 34.74 39.26 86.41
C GLY B 126 35.10 37.89 85.87
N ASP B 127 36.41 37.63 85.87
CA ASP B 127 36.92 36.37 85.33
C ASP B 127 36.43 35.18 86.16
N ASN B 128 36.51 35.30 87.49
CA ASN B 128 36.22 34.20 88.39
C ASN B 128 34.98 34.46 89.25
N ARG B 129 34.04 35.25 88.74
CA ARG B 129 32.78 35.53 89.42
C ARG B 129 33.00 36.12 90.82
N SER B 130 34.15 36.74 91.06
CA SER B 130 34.43 37.29 92.38
C SER B 130 33.43 38.39 92.74
N LEU B 131 33.26 39.37 91.86
CA LEU B 131 32.34 40.46 92.10
C LEU B 131 30.91 39.93 92.02
N SER B 132 30.27 39.76 93.17
CA SER B 132 28.92 39.21 93.25
C SER B 132 27.99 40.25 93.84
N ILE B 133 26.87 40.50 93.16
CA ILE B 133 25.88 41.46 93.58
C ILE B 133 24.52 40.78 93.63
N THR B 134 23.76 41.04 94.68
CA THR B 134 22.43 40.46 94.86
C THR B 134 21.44 41.55 95.20
N VAL B 135 20.21 41.37 94.73
CA VAL B 135 19.15 42.36 94.92
C VAL B 135 17.99 41.69 95.64
N GLU B 136 18.29 40.71 96.49
CA GLU B 136 17.24 39.95 97.16
C GLU B 136 16.34 40.87 97.98
N GLY B 137 15.03 40.66 97.86
CA GLY B 137 14.08 41.41 98.65
C GLY B 137 14.16 42.91 98.48
N ASN B 138 14.56 43.37 97.29
CA ASN B 138 14.72 44.78 96.95
C ASN B 138 15.93 45.40 97.64
N ASN B 139 16.63 44.66 98.49
CA ASN B 139 17.81 45.20 99.17
C ASN B 139 19.01 45.12 98.25
N VAL B 140 20.19 45.47 98.75
CA VAL B 140 21.43 45.39 98.00
C VAL B 140 22.46 44.67 98.86
N VAL B 141 23.07 43.64 98.30
CA VAL B 141 24.12 42.87 98.96
C VAL B 141 25.26 42.74 97.95
N ILE B 142 26.25 43.62 98.05
CA ILE B 142 27.41 43.60 97.16
C ILE B 142 28.53 42.85 97.87
N ASP B 143 28.98 41.75 97.27
CA ASP B 143 30.01 40.90 97.85
C ASP B 143 31.19 40.83 96.88
N THR B 144 32.35 41.28 97.35
CA THR B 144 33.59 41.20 96.58
C THR B 144 34.73 40.76 97.50
N GLY B 145 34.47 39.76 98.34
CA GLY B 145 35.42 39.35 99.37
C GLY B 145 36.75 38.85 98.85
N GLY B 146 36.90 38.77 97.53
CA GLY B 146 38.15 38.28 96.96
C GLY B 146 39.30 39.25 97.03
N GLY B 147 39.05 40.50 97.39
CA GLY B 147 40.13 41.47 97.43
C GLY B 147 39.66 42.81 97.92
N GLU B 148 40.52 43.81 97.77
CA GLU B 148 40.25 45.16 98.25
C GLU B 148 39.27 45.87 97.32
N LEU B 149 38.61 46.90 97.88
CA LEU B 149 37.69 47.73 97.14
C LEU B 149 38.17 49.17 97.21
N ASP B 150 38.45 49.76 96.05
CA ASP B 150 38.93 51.14 95.95
C ASP B 150 38.05 51.88 94.95
N ILE B 151 37.53 53.04 95.35
CA ILE B 151 36.65 53.84 94.51
C ILE B 151 37.31 55.17 94.22
N ARG B 152 37.07 55.68 93.02
CA ARG B 152 37.53 57.00 92.61
C ARG B 152 36.31 57.87 92.29
N SER B 153 36.23 59.01 92.96
CA SER B 153 35.16 59.97 92.72
C SER B 153 35.52 61.27 93.42
N SER B 154 35.16 62.39 92.79
CA SER B 154 35.59 63.68 93.30
C SER B 154 35.03 63.95 94.69
N LYS B 155 33.75 63.64 94.90
CA LYS B 155 33.05 64.01 96.13
C LYS B 155 31.89 63.04 96.34
N LEU B 156 31.97 62.26 97.42
CA LEU B 156 31.13 61.08 97.64
C LEU B 156 30.02 61.38 98.64
N MET B 157 28.89 60.70 98.51
CA MET B 157 27.73 60.93 99.38
C MET B 157 27.09 59.61 99.81
N HIS B 158 26.21 59.74 100.80
CA HIS B 158 25.17 58.76 101.08
C HIS B 158 23.92 59.54 101.46
N ASN B 159 22.91 59.49 100.60
CA ASN B 159 21.70 60.30 100.75
C ASN B 159 22.02 61.79 100.61
N GLY B 160 23.03 62.12 99.81
CA GLY B 160 23.40 63.49 99.59
C GLY B 160 24.23 64.12 100.69
N VAL B 161 24.76 63.32 101.61
CA VAL B 161 25.59 63.80 102.71
C VAL B 161 26.99 63.24 102.53
N ASN B 162 27.99 64.09 102.73
CA ASN B 162 29.37 63.69 102.46
C ASN B 162 29.80 62.60 103.43
N ILE B 163 30.21 61.44 102.90
CA ILE B 163 30.63 60.32 103.72
C ILE B 163 31.97 59.79 103.20
N GLY B 164 32.54 60.46 102.22
CA GLY B 164 33.73 59.95 101.56
C GLY B 164 35.03 60.34 102.22
N ASP B 165 35.94 60.90 101.43
CA ASP B 165 37.28 61.25 101.89
C ASP B 165 37.37 62.69 102.39
N SER B 166 36.25 63.41 102.45
CA SER B 166 36.26 64.82 102.82
C SER B 166 35.23 65.16 103.88
N HIS B 167 34.77 64.20 104.68
CA HIS B 167 33.81 64.47 105.73
C HIS B 167 34.53 64.74 107.05
N VAL B 168 33.85 65.47 107.92
CA VAL B 168 34.40 65.84 109.23
C VAL B 168 33.31 65.72 110.27
N HIS B 169 33.68 65.21 111.45
CA HIS B 169 32.72 64.96 112.52
C HIS B 169 32.77 66.09 113.54
N PRO B 170 31.70 66.84 113.74
CA PRO B 170 31.71 67.85 114.81
C PRO B 170 31.79 67.22 116.19
N GLN B 171 32.35 67.97 117.13
CA GLN B 171 32.52 67.55 118.50
C GLN B 171 31.40 68.12 119.37
N GLN B 172 31.44 67.78 120.65
CA GLN B 172 30.45 68.25 121.61
C GLN B 172 31.13 68.49 122.95
N ALA B 173 30.34 68.88 123.94
CA ALA B 173 30.88 69.21 125.25
C ALA B 173 31.53 68.00 125.90
N ASP B 174 32.65 68.24 126.58
CA ASP B 174 33.37 67.21 127.30
C ASP B 174 33.03 67.28 128.79
N SER B 175 33.71 66.46 129.59
CA SER B 175 33.48 66.48 131.03
C SER B 175 33.82 67.84 131.63
N ASP B 176 34.89 68.46 131.15
CA ASP B 176 35.30 69.78 131.64
C ASP B 176 34.52 70.91 130.99
N GLY B 177 33.61 70.60 130.06
CA GLY B 177 32.85 71.63 129.38
C GLY B 177 33.61 72.38 128.32
N ASP B 178 34.80 71.93 127.95
CA ASP B 178 35.64 72.60 126.97
C ASP B 178 35.24 72.10 125.58
N THR B 179 34.49 72.92 124.84
CA THR B 179 34.02 72.53 123.53
C THR B 179 35.19 72.38 122.56
N GLU B 180 35.02 71.49 121.59
CA GLU B 180 36.02 71.20 120.58
C GLU B 180 35.43 71.41 119.19
N ALA B 181 36.30 71.38 118.19
CA ALA B 181 35.92 71.61 116.80
C ALA B 181 35.83 70.30 116.05
N ASP B 182 35.57 70.40 114.74
CA ASP B 182 35.47 69.21 113.91
C ASP B 182 36.81 68.49 113.84
N THR B 183 36.77 67.16 113.92
CA THR B 183 37.98 66.37 113.89
C THR B 183 38.60 66.40 112.49
N ASP B 184 39.74 65.75 112.36
CA ASP B 184 40.43 65.68 111.08
C ASP B 184 39.77 64.64 110.17
N PRO B 185 40.01 64.72 108.87
CA PRO B 185 39.42 63.75 107.94
C PRO B 185 39.97 62.36 108.19
N PRO B 186 39.49 61.35 107.44
CA PRO B 186 40.03 60.00 107.60
C PRO B 186 41.53 59.97 107.32
N LYS B 187 42.22 59.11 108.06
CA LYS B 187 43.67 59.05 107.98
C LYS B 187 44.14 58.57 106.62
N ARG B 188 45.33 58.99 106.23
CA ARG B 188 46.01 58.52 105.03
C ARG B 188 47.06 57.51 105.44
N ASP B 189 46.99 56.31 104.88
CA ASP B 189 47.93 55.24 105.21
C ASP B 189 49.36 55.68 104.97
N PHE C 18 19.96 27.83 48.09
CA PHE C 18 20.89 27.95 49.21
C PHE C 18 22.32 27.69 48.75
N GLU C 19 23.23 28.55 49.20
CA GLU C 19 24.64 28.40 48.87
C GLU C 19 25.47 28.81 50.07
N ARG C 20 26.79 28.67 49.94
CA ARG C 20 27.70 28.90 51.05
C ARG C 20 29.00 29.47 50.51
N HIS C 21 29.52 30.50 51.17
CA HIS C 21 30.69 31.21 50.68
C HIS C 21 31.45 31.81 51.86
N VAL C 22 32.55 32.48 51.58
CA VAL C 22 33.39 33.09 52.60
C VAL C 22 33.24 34.61 52.54
N PHE C 23 33.59 35.26 53.65
CA PHE C 23 33.53 36.70 53.76
C PHE C 23 34.78 37.34 53.18
N ARG C 24 34.61 38.47 52.50
CA ARG C 24 35.71 39.24 51.95
C ARG C 24 35.79 40.65 52.52
N LYS C 25 34.70 41.40 52.49
CA LYS C 25 34.74 42.80 52.88
C LYS C 25 33.33 43.30 53.16
N LEU C 26 33.16 43.99 54.28
CA LEU C 26 31.86 44.51 54.71
C LEU C 26 31.88 46.02 54.65
N ASP C 27 30.88 46.60 53.97
CA ASP C 27 30.74 48.04 53.82
C ASP C 27 29.41 48.48 54.40
N HIS C 28 29.41 49.63 55.07
CA HIS C 28 28.20 50.19 55.66
C HIS C 28 27.44 51.01 54.62
N THR C 29 26.13 51.13 54.83
CA THR C 29 25.29 51.94 53.97
C THR C 29 24.01 52.28 54.73
N ASP C 30 23.25 53.21 54.17
CA ASP C 30 22.05 53.69 54.86
C ASP C 30 21.03 52.58 55.05
N THR C 31 20.81 51.75 54.02
CA THR C 31 19.79 50.72 54.08
C THR C 31 20.19 49.53 54.93
N GLY C 32 21.42 49.46 55.39
CA GLY C 32 21.87 48.35 56.21
C GLY C 32 23.37 48.14 56.04
N ALA C 33 23.78 46.89 56.23
CA ALA C 33 25.18 46.50 56.08
C ALA C 33 25.32 45.60 54.86
N ILE C 34 26.21 45.97 53.96
CA ILE C 34 26.43 45.25 52.70
C ILE C 34 27.80 44.61 52.74
N VAL C 35 27.86 43.32 52.40
CA VAL C 35 29.08 42.53 52.48
C VAL C 35 29.29 41.81 51.15
N THR C 36 30.50 41.91 50.61
CA THR C 36 30.88 41.20 49.41
C THR C 36 31.61 39.91 49.79
N VAL C 37 31.24 38.81 49.14
CA VAL C 37 31.78 37.50 49.45
C VAL C 37 32.57 36.98 48.25
N GLU C 38 33.19 35.82 48.43
CA GLU C 38 34.11 35.25 47.44
C GLU C 38 33.45 34.18 46.58
N GLY C 39 32.18 34.35 46.24
CA GLY C 39 31.55 33.45 45.31
C GLY C 39 31.87 33.80 43.88
N SER C 40 33.14 33.62 43.49
CA SER C 40 33.61 34.04 42.18
C SER C 40 33.29 35.51 41.96
N GLY C 41 33.46 36.31 43.00
CA GLY C 41 33.06 37.70 42.96
C GLY C 41 31.56 37.83 42.76
N THR C 42 30.79 37.07 43.53
CA THR C 42 29.34 37.03 43.33
C THR C 42 28.73 38.43 43.34
N MET C 43 29.26 39.33 44.17
CA MET C 43 28.86 40.73 44.09
C MET C 43 29.78 41.61 44.94
N ASP C 44 30.25 42.72 44.36
CA ASP C 44 31.04 43.66 45.13
C ASP C 44 30.18 44.48 46.07
N GLU C 45 28.94 44.79 45.67
CA GLU C 45 27.99 45.53 46.49
C GLU C 45 26.76 44.63 46.62
N ASP C 46 26.74 43.81 47.68
CA ASP C 46 25.77 42.74 47.81
C ASP C 46 24.51 43.20 48.55
N VAL C 47 23.49 42.35 48.50
CA VAL C 47 22.28 42.51 49.31
C VAL C 47 22.70 42.38 50.77
N PRO C 48 22.08 43.09 51.70
CA PRO C 48 22.66 43.20 53.05
C PRO C 48 22.60 41.90 53.84
N VAL C 49 23.07 41.96 55.09
CA VAL C 49 23.00 40.84 56.02
C VAL C 49 21.80 41.07 56.93
N ILE C 50 20.86 40.13 56.91
CA ILE C 50 19.67 40.25 57.76
C ILE C 50 20.13 40.44 59.20
N ASN C 51 19.65 41.49 59.84
CA ASN C 51 20.10 41.91 61.16
C ASN C 51 19.02 41.52 62.17
N SER C 52 19.11 40.28 62.68
CA SER C 52 18.18 39.79 63.69
C SER C 52 18.74 40.04 65.09
N GLY C 53 19.08 41.30 65.34
CA GLY C 53 19.62 41.71 66.63
C GLY C 53 21.13 41.68 66.74
N TYR C 54 21.73 40.54 66.45
CA TYR C 54 23.18 40.35 66.60
C TYR C 54 23.88 40.64 65.29
N GLY C 55 24.93 41.45 65.35
CA GLY C 55 25.72 41.78 64.18
C GLY C 55 27.12 42.17 64.60
N PHE C 56 28.01 42.21 63.62
CA PHE C 56 29.41 42.55 63.87
C PHE C 56 30.06 42.98 62.57
N ASN C 57 31.23 43.60 62.69
CA ASN C 57 31.97 44.17 61.56
C ASN C 57 33.37 43.56 61.54
N PRO C 58 33.53 42.40 60.91
CA PRO C 58 34.85 41.76 60.89
C PRO C 58 35.84 42.52 60.03
N GLU C 59 37.12 42.35 60.34
CA GLU C 59 38.18 42.97 59.57
C GLU C 59 38.24 42.37 58.17
N ASP C 60 38.93 43.06 57.27
CA ASP C 60 38.99 42.65 55.88
C ASP C 60 39.63 41.27 55.75
N ASP C 61 39.11 40.47 54.83
CA ASP C 61 39.67 39.17 54.49
C ASP C 61 39.81 38.28 55.73
N GLU C 62 38.76 38.24 56.53
CA GLU C 62 38.73 37.34 57.68
C GLU C 62 38.22 35.96 57.24
N GLU C 63 38.57 34.96 58.04
CA GLU C 63 38.34 33.56 57.67
C GLU C 63 36.88 33.13 57.72
N LEU C 64 35.99 33.88 58.37
CA LEU C 64 34.64 33.40 58.61
C LEU C 64 33.95 33.06 57.29
N GLU C 65 32.81 32.38 57.42
CA GLU C 65 32.07 31.83 56.28
C GLU C 65 30.68 32.43 56.24
N VAL C 66 30.24 32.83 55.06
CA VAL C 66 28.96 33.51 54.88
C VAL C 66 28.11 32.69 53.92
N PHE C 67 26.90 32.33 54.34
CA PHE C 67 25.95 31.68 53.47
C PHE C 67 25.24 32.72 52.60
N LEU C 68 24.35 32.24 51.73
CA LEU C 68 23.61 33.14 50.84
C LEU C 68 22.35 32.43 50.37
N LEU C 69 21.20 33.08 50.60
CA LEU C 69 19.92 32.59 50.12
C LEU C 69 19.32 33.59 49.15
N SER C 70 18.57 33.09 48.19
CA SER C 70 18.00 33.89 47.12
C SER C 70 16.50 34.05 47.33
N ASP C 71 16.00 35.28 47.18
CA ASP C 71 14.57 35.54 47.25
C ASP C 71 13.87 34.74 46.17
N GLY C 72 13.10 33.73 46.56
CA GLY C 72 12.60 32.79 45.57
C GLY C 72 13.76 32.14 44.85
N SER C 73 13.58 31.92 43.55
CA SER C 73 14.66 31.44 42.70
C SER C 73 15.39 32.56 41.99
N ASP C 74 14.99 33.82 42.24
CA ASP C 74 15.61 34.97 41.59
C ASP C 74 17.05 35.13 42.08
N ALA C 75 18.01 34.90 41.20
CA ALA C 75 19.41 35.07 41.55
C ALA C 75 19.81 36.54 41.65
N SER C 76 18.98 37.46 41.18
CA SER C 76 19.35 38.88 41.19
C SER C 76 19.52 39.39 42.61
N GLY C 77 18.63 39.00 43.52
CA GLY C 77 18.73 39.38 44.92
C GLY C 77 18.91 38.14 45.78
N LYS C 78 19.81 38.24 46.76
CA LYS C 78 20.11 37.10 47.62
C LYS C 78 20.71 37.60 48.92
N PHE C 79 20.07 37.26 50.04
CA PHE C 79 20.53 37.67 51.36
C PHE C 79 21.52 36.66 51.92
N GLY C 80 22.50 37.15 52.67
CA GLY C 80 23.49 36.31 53.33
C GLY C 80 23.36 36.43 54.83
N VAL C 81 23.75 35.36 55.53
CA VAL C 81 23.73 35.32 57.00
C VAL C 81 25.14 35.03 57.47
N MET C 82 25.68 35.91 58.30
CA MET C 82 27.05 35.78 58.76
C MET C 82 27.12 34.89 59.98
N THR C 83 28.24 34.18 60.12
CA THR C 83 28.47 33.27 61.23
C THR C 83 29.79 33.59 61.91
N ILE C 84 29.86 33.32 63.21
CA ILE C 84 31.11 33.52 63.94
C ILE C 84 32.16 32.56 63.40
N PRO C 85 33.39 32.99 63.13
CA PRO C 85 34.41 32.04 62.68
C PRO C 85 34.60 30.92 63.70
N ARG C 86 34.77 29.70 63.20
CA ARG C 86 34.68 28.53 64.06
C ARG C 86 36.00 28.15 64.73
N ASN C 87 37.13 28.78 64.37
CA ASN C 87 38.32 28.62 65.19
C ASN C 87 38.20 29.39 66.49
N LYS C 88 37.21 30.26 66.61
CA LYS C 88 36.98 31.08 67.80
C LYS C 88 35.56 30.88 68.29
N GLN C 89 35.13 29.63 68.34
CA GLN C 89 33.80 29.26 68.80
C GLN C 89 33.87 28.73 70.22
N ARG C 90 33.09 29.34 71.11
CA ARG C 90 33.07 28.95 72.51
C ARG C 90 32.31 27.64 72.69
N LYS C 91 32.80 26.81 73.60
CA LYS C 91 32.15 25.53 73.91
C LYS C 91 31.40 25.73 75.21
N TRP C 92 30.11 26.07 75.08
CA TRP C 92 29.32 26.42 76.24
C TRP C 92 29.12 25.21 77.15
N PRO C 93 29.04 25.42 78.46
CA PRO C 93 28.72 24.31 79.37
C PRO C 93 27.25 23.95 79.30
N LYS C 94 26.95 22.74 79.79
CA LYS C 94 25.58 22.25 79.77
C LYS C 94 24.67 23.19 80.54
N LYS C 95 23.46 23.40 80.03
CA LYS C 95 22.46 24.25 80.66
C LYS C 95 22.84 25.72 80.62
N THR C 96 23.50 26.16 79.55
CA THR C 96 23.98 27.53 79.46
C THR C 96 23.91 28.04 78.03
N GLY C 97 23.84 29.36 77.89
CA GLY C 97 23.81 29.98 76.59
C GLY C 97 23.99 31.48 76.71
N GLY C 98 24.34 32.10 75.60
CA GLY C 98 24.53 33.53 75.58
C GLY C 98 25.25 33.96 74.31
N ILE C 99 25.65 35.23 74.30
CA ILE C 99 26.39 35.79 73.17
C ILE C 99 27.82 36.04 73.60
N GLN C 100 28.71 36.05 72.61
CA GLN C 100 30.15 36.14 72.85
C GLN C 100 30.76 37.19 71.92
N HIS C 101 32.00 37.55 72.23
CA HIS C 101 32.78 38.39 71.35
C HIS C 101 33.03 37.65 70.04
N PRO C 102 32.65 38.21 68.89
CA PRO C 102 32.72 37.43 67.64
C PRO C 102 34.14 37.06 67.21
N PHE C 103 35.15 37.51 67.96
CA PHE C 103 36.55 37.20 67.63
C PHE C 103 37.31 36.64 68.82
N ASN C 104 36.61 36.06 69.79
CA ASN C 104 37.28 35.46 70.94
C ASN C 104 36.25 34.67 71.74
N ALA C 105 36.69 33.56 72.32
CA ALA C 105 35.81 32.67 73.06
C ALA C 105 35.79 32.95 74.56
N ASP C 106 36.49 33.99 75.03
CA ASP C 106 36.59 34.29 76.45
C ASP C 106 36.22 35.75 76.72
N LYS C 107 35.29 36.28 75.94
CA LYS C 107 34.72 37.61 76.19
C LYS C 107 33.24 37.50 75.84
N PHE C 108 32.42 37.19 76.84
CA PHE C 108 31.05 36.76 76.58
C PHE C 108 30.15 37.15 77.75
N VAL C 109 28.85 36.92 77.55
CA VAL C 109 27.85 37.09 78.60
C VAL C 109 27.05 35.79 78.68
N GLN C 110 26.84 35.31 79.91
CA GLN C 110 26.16 34.04 80.14
C GLN C 110 24.98 34.27 81.07
N LEU C 111 23.82 33.76 80.68
CA LEU C 111 22.62 33.79 81.49
C LEU C 111 22.33 32.36 81.92
N ASP C 112 22.72 32.02 83.15
CA ASP C 112 22.63 30.67 83.67
C ASP C 112 21.50 30.58 84.68
N ASP C 113 21.38 29.40 85.31
CA ASP C 113 20.44 29.19 86.40
C ASP C 113 21.07 29.46 87.76
N ASP C 114 22.26 30.05 87.78
CA ASP C 114 22.95 30.43 89.02
C ASP C 114 23.08 31.93 89.17
N SER C 115 23.51 32.63 88.11
CA SER C 115 23.69 34.07 88.18
C SER C 115 23.99 34.59 86.79
N ILE C 116 23.54 35.82 86.51
CA ILE C 116 23.89 36.51 85.27
C ILE C 116 25.38 36.75 85.28
N TRP C 117 26.11 36.11 84.37
CA TRP C 117 27.57 36.09 84.39
C TRP C 117 28.11 36.83 83.18
N LEU C 118 28.97 37.82 83.44
CA LEU C 118 29.70 38.54 82.41
C LEU C 118 31.18 38.34 82.66
N LYS C 119 31.94 38.08 81.60
CA LYS C 119 33.38 37.85 81.70
C LYS C 119 34.12 38.83 80.80
N ASP C 120 35.04 39.58 81.40
CA ASP C 120 35.87 40.52 80.65
C ASP C 120 36.90 41.14 81.60
N GLY C 121 38.03 41.58 81.05
CA GLY C 121 39.07 42.21 81.86
C GLY C 121 38.79 43.64 82.23
N LYS C 122 37.72 44.24 81.70
CA LYS C 122 37.37 45.62 82.00
C LYS C 122 35.89 45.80 81.74
N PHE C 123 35.28 46.69 82.52
CA PHE C 123 33.85 46.96 82.44
C PHE C 123 33.62 48.46 82.33
N THR C 124 32.78 48.86 81.38
CA THR C 124 32.44 50.25 81.17
C THR C 124 30.93 50.37 80.99
N LEU C 125 30.40 51.55 81.32
CA LEU C 125 28.98 51.82 81.23
C LEU C 125 28.78 53.25 80.75
N GLY C 126 27.53 53.64 80.57
CA GLY C 126 27.20 55.01 80.28
C GLY C 126 27.38 55.40 78.84
N ASP C 127 27.05 56.67 78.55
CA ASP C 127 27.14 57.17 77.18
C ASP C 127 28.58 57.17 76.67
N ASN C 128 29.52 57.58 77.51
CA ASN C 128 30.91 57.79 77.09
C ASN C 128 31.88 56.97 77.93
N ARG C 129 31.46 55.79 78.38
CA ARG C 129 32.32 54.88 79.14
C ARG C 129 32.91 55.55 80.38
N SER C 130 32.27 56.61 80.87
CA SER C 130 32.78 57.31 82.05
C SER C 130 32.79 56.39 83.26
N LEU C 131 31.68 55.72 83.52
CA LEU C 131 31.58 54.79 84.64
C LEU C 131 32.36 53.54 84.30
N SER C 132 33.58 53.44 84.82
CA SER C 132 34.49 52.33 84.53
C SER C 132 34.69 51.50 85.78
N ILE C 133 34.51 50.18 85.65
CA ILE C 133 34.67 49.24 86.75
C ILE C 133 35.63 48.14 86.31
N THR C 134 36.51 47.72 87.22
CA THR C 134 37.45 46.66 86.97
C THR C 134 37.41 45.66 88.12
N VAL C 135 37.61 44.39 87.79
CA VAL C 135 37.57 43.30 88.77
C VAL C 135 38.86 42.50 88.68
N GLU C 136 39.94 43.17 88.28
CA GLU C 136 41.22 42.48 88.12
C GLU C 136 41.67 41.90 89.45
N GLY C 137 41.96 40.59 89.45
CA GLY C 137 42.45 39.94 90.65
C GLY C 137 41.58 40.10 91.87
N ASN C 138 40.27 40.28 91.65
CA ASN C 138 39.32 40.48 92.75
C ASN C 138 39.48 41.86 93.38
N ASN C 139 40.47 42.64 92.91
CA ASN C 139 40.72 43.98 93.43
C ASN C 139 39.78 44.94 92.71
N VAL C 140 38.56 45.04 93.22
CA VAL C 140 37.55 45.90 92.61
C VAL C 140 38.09 47.32 92.55
N VAL C 141 38.07 47.90 91.34
CA VAL C 141 38.44 49.29 91.12
C VAL C 141 37.30 49.95 90.36
N ILE C 142 36.66 50.93 90.97
CA ILE C 142 35.55 51.64 90.38
C ILE C 142 35.99 53.09 90.14
N ASP C 143 35.94 53.52 88.88
CA ASP C 143 36.35 54.85 88.49
C ASP C 143 35.19 55.54 87.80
N THR C 144 34.92 56.79 88.19
CA THR C 144 33.81 57.56 87.62
C THR C 144 34.31 58.77 86.84
N GLY C 145 35.61 58.84 86.55
CA GLY C 145 36.14 59.93 85.74
C GLY C 145 35.88 61.30 86.33
N GLY C 146 36.08 61.46 87.63
CA GLY C 146 35.88 62.74 88.27
C GLY C 146 34.44 63.12 88.54
N GLY C 147 33.51 62.17 88.41
CA GLY C 147 32.11 62.47 88.61
C GLY C 147 31.73 62.52 90.07
N GLU C 148 30.49 62.94 90.31
CA GLU C 148 29.96 63.06 91.67
C GLU C 148 29.17 61.79 92.00
N LEU C 149 29.75 60.93 92.84
CA LEU C 149 29.12 59.67 93.21
C LEU C 149 28.15 59.93 94.34
N ASP C 150 26.86 59.75 94.07
CA ASP C 150 25.81 59.93 95.06
C ASP C 150 25.04 58.62 95.19
N ILE C 151 24.88 58.14 96.42
CA ILE C 151 24.22 56.87 96.69
C ILE C 151 23.01 57.14 97.58
N ARG C 152 21.88 56.53 97.23
CA ARG C 152 20.66 56.61 98.03
C ARG C 152 20.37 55.22 98.59
N SER C 153 20.24 55.15 99.92
CA SER C 153 19.94 53.89 100.59
C SER C 153 19.61 54.20 102.04
N SER C 154 18.69 53.39 102.60
CA SER C 154 18.25 53.62 103.96
C SER C 154 19.38 53.44 104.97
N LYS C 155 20.39 52.62 104.65
CA LYS C 155 21.48 52.38 105.57
C LYS C 155 22.65 51.77 104.81
N LEU C 156 23.79 52.45 104.84
CA LEU C 156 25.01 51.98 104.17
C LEU C 156 25.89 51.27 105.19
N MET C 157 26.44 50.13 104.80
CA MET C 157 27.22 49.29 105.69
C MET C 157 28.44 48.76 104.95
N HIS C 158 29.46 48.37 105.73
CA HIS C 158 30.67 47.77 105.19
C HIS C 158 31.14 46.69 106.15
N ASN C 159 31.34 45.48 105.63
CA ASN C 159 31.64 44.31 106.46
C ASN C 159 30.61 44.15 107.58
N GLY C 160 29.36 44.51 107.30
CA GLY C 160 28.33 44.39 108.32
C GLY C 160 28.38 45.43 109.40
N VAL C 161 29.01 46.59 109.13
CA VAL C 161 29.11 47.68 110.09
C VAL C 161 28.66 48.97 109.40
N ASN C 162 27.96 49.81 110.15
CA ASN C 162 27.43 51.06 109.61
C ASN C 162 28.56 52.08 109.47
N ILE C 163 28.77 52.55 108.24
CA ILE C 163 29.79 53.56 107.96
C ILE C 163 29.19 54.66 107.10
N GLY C 164 27.87 54.70 107.01
CA GLY C 164 27.22 55.62 106.10
C GLY C 164 26.86 56.95 106.72
N ASP C 165 25.68 57.46 106.38
CA ASP C 165 25.24 58.77 106.86
C ASP C 165 24.74 58.73 108.29
N SER C 166 24.67 57.55 108.91
CA SER C 166 24.09 57.40 110.24
C SER C 166 25.07 56.78 111.24
N HIS C 167 26.37 56.78 110.94
CA HIS C 167 27.35 56.23 111.86
C HIS C 167 27.90 57.33 112.76
N VAL C 168 28.30 56.92 113.97
CA VAL C 168 28.85 57.83 114.96
C VAL C 168 30.14 57.23 115.51
N HIS C 169 31.04 58.12 115.96
CA HIS C 169 32.36 57.70 116.40
C HIS C 169 32.50 57.87 117.90
N PRO C 170 32.70 56.79 118.66
CA PRO C 170 33.15 56.97 120.05
C PRO C 170 34.55 57.55 120.08
N GLN C 171 34.84 58.30 121.15
CA GLN C 171 36.13 58.96 121.29
C GLN C 171 36.74 58.60 122.65
N GLN C 172 37.94 59.12 122.86
CA GLN C 172 38.80 58.74 123.96
C GLN C 172 38.76 59.81 125.06
N ALA C 173 39.60 59.66 126.07
CA ALA C 173 39.62 60.53 127.23
C ALA C 173 40.62 61.67 127.03
N ASP C 174 40.18 62.89 127.32
CA ASP C 174 41.06 64.04 127.32
C ASP C 174 42.19 63.83 128.34
N SER C 175 43.19 64.71 128.26
CA SER C 175 44.28 64.74 129.23
C SER C 175 44.02 65.90 130.18
N ASP C 176 43.52 65.56 131.37
CA ASP C 176 42.92 66.38 132.45
C ASP C 176 41.44 66.65 132.16
N GLY C 177 40.90 66.18 131.04
CA GLY C 177 39.48 66.33 130.76
C GLY C 177 38.72 65.03 130.86
N ASP C 178 39.45 63.92 130.87
CA ASP C 178 38.84 62.59 131.06
C ASP C 178 37.88 62.30 129.90
N THR C 179 36.83 61.53 130.17
CA THR C 179 35.99 60.97 129.13
C THR C 179 35.03 62.01 128.55
N GLU C 180 34.42 61.65 127.43
CA GLU C 180 33.43 62.48 126.76
C GLU C 180 32.60 61.57 125.85
N ALA C 181 31.46 62.11 125.40
CA ALA C 181 30.47 61.32 124.69
C ALA C 181 30.88 61.10 123.23
N ASP C 182 30.01 60.48 122.45
CA ASP C 182 30.30 60.18 121.05
C ASP C 182 30.29 61.45 120.22
N THR C 183 30.89 61.37 119.04
CA THR C 183 30.93 62.51 118.14
C THR C 183 29.58 62.69 117.47
N ASP C 184 29.46 63.81 116.77
CA ASP C 184 28.26 64.10 115.98
C ASP C 184 28.34 63.40 114.63
N PRO C 185 27.21 63.25 113.94
CA PRO C 185 27.23 62.63 112.62
C PRO C 185 28.11 63.41 111.66
N PRO C 186 28.38 62.86 110.47
CA PRO C 186 29.23 63.59 109.52
C PRO C 186 28.66 64.95 109.18
N LYS C 187 29.55 65.92 109.02
CA LYS C 187 29.14 67.30 108.80
C LYS C 187 28.35 67.42 107.51
N ARG C 188 27.23 68.15 107.57
CA ARG C 188 26.43 68.43 106.39
C ARG C 188 27.01 69.64 105.66
N ASP C 189 26.61 69.79 104.40
CA ASP C 189 27.07 70.91 103.59
C ASP C 189 26.25 72.17 103.89
N MET D 1 -32.83 6.40 9.10
CA MET D 1 -33.22 6.04 10.50
C MET D 1 -33.35 7.29 11.35
N ILE D 2 -34.08 7.17 12.46
CA ILE D 2 -34.14 8.28 13.41
C ILE D 2 -32.73 8.60 13.86
N LYS D 3 -32.29 9.83 13.59
CA LYS D 3 -30.91 10.25 13.81
C LYS D 3 -30.43 9.83 15.19
N PRO D 4 -29.50 8.88 15.28
CA PRO D 4 -28.94 8.50 16.60
C PRO D 4 -27.89 9.47 17.13
N MET D 5 -27.69 10.62 16.50
CA MET D 5 -26.76 11.62 17.00
C MET D 5 -27.09 12.96 16.37
N ARG D 6 -27.38 13.96 17.19
CA ARG D 6 -27.67 15.31 16.71
C ARG D 6 -26.84 16.30 17.51
N ILE D 7 -26.42 17.38 16.85
CA ILE D 7 -25.55 18.38 17.44
C ILE D 7 -26.14 19.76 17.20
N PHE D 8 -25.98 20.65 18.18
CA PHE D 8 -26.43 22.03 18.09
C PHE D 8 -25.29 22.96 18.47
N ILE D 9 -25.25 24.13 17.81
CA ILE D 9 -24.30 25.18 18.13
C ILE D 9 -25.09 26.47 18.23
N GLY D 10 -25.35 26.92 19.47
CA GLY D 10 -26.08 28.16 19.65
C GLY D 10 -27.51 28.11 19.15
N GLY D 11 -28.05 26.93 18.88
CA GLY D 11 -29.43 26.79 18.49
C GLY D 11 -29.69 26.64 17.00
N GLU D 12 -28.65 26.49 16.18
CA GLU D 12 -28.82 26.21 14.75
C GLU D 12 -28.16 24.88 14.46
N GLU D 13 -28.97 23.92 13.98
CA GLU D 13 -28.51 22.55 13.85
C GLU D 13 -27.40 22.43 12.81
N LEU D 14 -26.46 21.53 13.07
CA LEU D 14 -25.40 21.21 12.12
C LEU D 14 -25.87 20.05 11.25
N GLU D 15 -26.15 20.34 9.98
CA GLU D 15 -26.67 19.36 9.05
C GLU D 15 -25.58 18.78 8.14
N THR D 16 -24.34 19.21 8.30
CA THR D 16 -23.26 18.81 7.41
C THR D 16 -22.05 18.30 8.17
N TYR D 17 -22.25 17.72 9.36
CA TYR D 17 -21.12 17.17 10.10
C TYR D 17 -20.66 15.88 9.44
N THR D 18 -19.67 15.97 8.56
CA THR D 18 -19.20 14.80 7.83
C THR D 18 -18.53 13.77 8.73
N SER D 19 -18.19 14.13 9.96
CA SER D 19 -17.66 13.18 10.93
C SER D 19 -17.85 13.77 12.32
N ALA D 20 -17.66 12.93 13.34
CA ALA D 20 -17.87 13.35 14.71
C ALA D 20 -17.04 12.46 15.63
N ARG D 21 -16.84 12.95 16.85
CA ARG D 21 -16.17 12.18 17.89
C ARG D 21 -16.37 12.84 19.25
N LEU D 22 -16.80 12.06 20.24
CA LEU D 22 -17.05 12.57 21.58
C LEU D 22 -16.29 11.72 22.59
N GLN D 23 -15.89 12.35 23.69
CA GLN D 23 -15.16 11.67 24.75
C GLN D 23 -15.63 12.18 26.10
N ARG D 24 -15.56 11.32 27.11
CA ARG D 24 -15.88 11.67 28.48
C ARG D 24 -15.04 10.79 29.39
N THR D 25 -14.07 11.40 30.07
CA THR D 25 -13.08 10.67 30.85
C THR D 25 -13.21 11.01 32.32
N LYS D 26 -13.25 9.98 33.17
CA LYS D 26 -13.37 10.17 34.60
C LYS D 26 -12.08 10.63 35.24
N LYS D 27 -10.93 10.37 34.61
CA LYS D 27 -9.63 10.70 35.18
C LYS D 27 -9.14 12.08 34.75
N GLN D 28 -10.06 13.02 34.50
CA GLN D 28 -9.70 14.36 34.08
C GLN D 28 -10.73 15.32 34.66
N LEU D 29 -10.75 16.55 34.15
CA LEU D 29 -11.64 17.58 34.66
C LEU D 29 -12.54 18.19 33.59
N THR D 30 -12.41 17.76 32.33
CA THR D 30 -13.25 18.29 31.26
C THR D 30 -13.30 17.27 30.13
N GLY D 31 -14.48 17.13 29.54
CA GLY D 31 -14.64 16.28 28.37
C GLY D 31 -14.02 16.91 27.14
N SER D 32 -14.52 16.55 25.96
CA SER D 32 -14.02 17.12 24.71
C SER D 32 -15.02 16.80 23.61
N LEU D 33 -14.66 17.14 22.38
CA LEU D 33 -15.52 16.95 21.22
C LEU D 33 -14.73 17.36 19.99
N THR D 34 -15.20 16.92 18.82
CA THR D 34 -14.56 17.26 17.57
C THR D 34 -15.53 16.98 16.43
N VAL D 35 -15.70 17.96 15.55
CA VAL D 35 -16.64 17.85 14.44
C VAL D 35 -15.94 18.37 13.18
N GLU D 36 -16.12 17.64 12.08
CA GLU D 36 -15.60 18.04 10.77
C GLU D 36 -16.76 18.48 9.89
N ILE D 37 -16.60 19.64 9.26
CA ILE D 37 -17.69 20.26 8.51
C ILE D 37 -17.20 20.56 7.11
N PHE D 38 -18.04 20.25 6.11
CA PHE D 38 -17.74 20.56 4.73
C PHE D 38 -18.04 22.03 4.46
N LEU D 39 -17.14 22.70 3.75
CA LEU D 39 -17.29 24.11 3.42
C LEU D 39 -16.97 24.31 1.95
N ASN D 40 -17.60 25.32 1.35
CA ASN D 40 -17.54 25.57 -0.09
C ASN D 40 -17.01 26.98 -0.33
N TYR D 41 -16.64 27.23 -1.59
CA TYR D 41 -16.20 28.56 -2.01
C TYR D 41 -16.32 28.65 -3.53
N VAL D 42 -17.00 29.68 -4.02
CA VAL D 42 -17.18 29.93 -5.43
C VAL D 42 -16.37 31.17 -5.79
N PRO D 43 -15.38 31.07 -6.68
CA PRO D 43 -14.58 32.25 -7.01
C PRO D 43 -15.43 33.37 -7.58
N SER D 44 -15.06 34.60 -7.24
CA SER D 44 -15.75 35.80 -7.74
C SER D 44 -17.21 35.83 -7.34
N LYS D 45 -17.54 35.25 -6.20
CA LYS D 45 -18.90 35.26 -5.68
C LYS D 45 -18.85 35.44 -4.17
N PRO D 46 -19.92 35.95 -3.57
CA PRO D 46 -19.90 36.19 -2.12
C PRO D 46 -19.86 34.89 -1.33
N VAL D 47 -19.26 34.97 -0.15
CA VAL D 47 -19.22 33.86 0.80
C VAL D 47 -19.53 34.41 2.18
N ILE D 48 -20.40 33.71 2.92
CA ILE D 48 -20.78 34.10 4.27
C ILE D 48 -19.90 33.34 5.25
N VAL D 49 -19.28 34.07 6.18
CA VAL D 49 -18.30 33.52 7.10
C VAL D 49 -18.81 33.71 8.52
N ASN D 50 -18.83 32.63 9.29
CA ASN D 50 -19.21 32.67 10.70
C ASN D 50 -17.99 32.82 11.60
N ALA D 51 -17.07 31.86 11.55
CA ALA D 51 -15.81 31.91 12.31
C ALA D 51 -16.09 32.20 13.78
N VAL D 52 -17.01 31.44 14.37
CA VAL D 52 -17.40 31.63 15.75
C VAL D 52 -16.30 31.08 16.65
N ARG D 53 -15.57 31.97 17.32
CA ARG D 53 -14.55 31.57 18.27
C ARG D 53 -15.12 31.18 19.63
N GLY D 54 -16.38 31.52 19.90
CA GLY D 54 -17.00 31.12 21.15
C GLY D 54 -18.51 31.09 21.08
N LYS D 55 -19.10 29.96 21.46
CA LYS D 55 -20.55 29.81 21.54
C LYS D 55 -20.83 28.41 22.08
N GLU D 56 -22.08 28.20 22.52
CA GLU D 56 -22.45 26.93 23.10
C GLU D 56 -22.50 25.84 22.04
N ILE D 57 -22.16 24.61 22.44
CA ILE D 57 -22.27 23.44 21.59
C ILE D 57 -22.95 22.34 22.39
N LEU D 58 -23.92 21.67 21.77
CA LEU D 58 -24.67 20.60 22.41
C LEU D 58 -24.67 19.37 21.52
N VAL D 59 -24.57 18.20 22.13
CA VAL D 59 -24.59 16.92 21.41
C VAL D 59 -25.64 16.04 22.07
N TYR D 60 -26.57 15.53 21.26
CA TYR D 60 -27.59 14.60 21.73
C TYR D 60 -27.40 13.28 21.00
N VAL D 61 -27.25 12.20 21.76
CA VAL D 61 -27.04 10.86 21.21
C VAL D 61 -28.33 10.08 21.41
N MET D 62 -28.97 9.73 20.29
CA MET D 62 -30.21 8.95 20.30
C MET D 62 -31.24 9.59 21.23
N GLY D 63 -31.56 10.86 20.95
CA GLY D 63 -32.57 11.56 21.71
C GLY D 63 -32.23 11.70 23.18
N GLU D 64 -30.95 11.80 23.52
CA GLU D 64 -30.53 11.96 24.91
C GLU D 64 -29.31 12.87 24.94
N LEU D 65 -29.29 13.79 25.89
CA LEU D 65 -28.15 14.69 26.04
C LEU D 65 -26.90 13.90 26.41
N ALA D 66 -25.77 14.25 25.79
CA ALA D 66 -24.52 13.53 26.03
C ALA D 66 -23.32 14.45 26.17
N PHE D 67 -23.51 15.76 26.15
CA PHE D 67 -22.39 16.69 26.29
C PHE D 67 -22.94 18.10 26.42
N THR D 68 -22.17 18.96 27.07
CA THR D 68 -22.53 20.37 27.21
C THR D 68 -21.22 21.16 27.25
N GLY D 69 -20.83 21.70 26.10
CA GLY D 69 -19.59 22.43 25.96
C GLY D 69 -19.37 23.47 27.05
N GLU D 103 -17.57 27.88 25.79
CA GLU D 103 -18.18 26.57 25.95
C GLU D 103 -18.00 25.73 24.69
N GLY D 104 -17.98 26.40 23.54
CA GLY D 104 -17.80 25.70 22.28
C GLY D 104 -16.99 26.57 21.33
N GLY D 105 -16.67 25.99 20.18
CA GLY D 105 -15.85 26.68 19.21
C GLY D 105 -14.53 27.11 19.80
N SER D 106 -14.01 26.33 20.75
CA SER D 106 -12.73 26.68 21.38
C SER D 106 -11.61 26.74 20.34
N ASP D 107 -11.71 25.94 19.29
CA ASP D 107 -10.71 25.92 18.24
C ASP D 107 -11.41 25.98 16.88
N VAL D 108 -10.76 26.66 15.93
CA VAL D 108 -11.27 26.78 14.57
C VAL D 108 -10.08 26.71 13.63
N THR D 109 -9.97 25.61 12.89
CA THR D 109 -8.93 25.42 11.89
C THR D 109 -9.59 25.06 10.57
N VAL D 110 -9.05 25.61 9.49
CA VAL D 110 -9.62 25.42 8.15
C VAL D 110 -8.60 24.64 7.34
N ASN D 111 -8.72 23.31 7.35
CA ASN D 111 -7.86 22.50 6.50
C ASN D 111 -8.12 22.86 5.04
N PHE D 112 -7.21 22.43 4.18
CA PHE D 112 -7.35 22.72 2.75
C PHE D 112 -6.31 21.92 2.00
N ALA D 113 -6.67 21.50 0.79
CA ALA D 113 -5.82 20.61 0.01
C ALA D 113 -5.83 21.04 -1.45
N LYS D 114 -4.73 20.73 -2.14
CA LYS D 114 -4.65 20.89 -3.58
C LYS D 114 -5.54 19.87 -4.29
N GLY D 115 -5.77 18.73 -3.66
CA GLY D 115 -6.50 17.63 -4.26
C GLY D 115 -7.84 17.38 -3.60
N GLN D 116 -7.85 16.43 -2.65
CA GLN D 116 -9.08 15.85 -2.12
C GLN D 116 -10.18 16.87 -1.89
N GLY D 117 -9.96 17.86 -1.03
CA GLY D 117 -11.02 18.81 -0.75
C GLY D 117 -10.62 19.84 0.27
N TYR D 118 -11.58 20.72 0.57
CA TYR D 118 -11.40 21.84 1.49
C TYR D 118 -12.52 21.77 2.53
N SER D 119 -12.15 21.74 3.80
CA SER D 119 -13.10 21.52 4.88
C SER D 119 -12.69 22.35 6.09
N VAL D 120 -13.43 22.18 7.18
CA VAL D 120 -13.19 22.89 8.43
C VAL D 120 -13.30 21.90 9.59
N THR D 121 -12.72 22.27 10.73
CA THR D 121 -12.76 21.45 11.93
C THR D 121 -13.12 22.33 13.12
N LEU D 122 -13.73 21.71 14.13
CA LEU D 122 -14.14 22.40 15.34
C LEU D 122 -13.76 21.57 16.55
N THR D 123 -13.78 22.23 17.71
CA THR D 123 -13.43 21.57 18.97
C THR D 123 -14.22 22.25 20.08
N ALA D 124 -14.35 21.54 21.21
CA ALA D 124 -15.09 22.06 22.35
C ALA D 124 -14.63 21.33 23.60
N ARG D 125 -15.02 21.89 24.75
CA ARG D 125 -14.67 21.33 26.04
C ARG D 125 -15.76 21.71 27.04
N GLY D 126 -15.62 21.23 28.27
CA GLY D 126 -16.66 21.43 29.26
C GLY D 126 -16.78 22.89 29.67
N ARG D 127 -17.88 23.18 30.37
CA ARG D 127 -18.16 24.55 30.79
C ARG D 127 -17.06 25.09 31.70
N THR D 128 -16.38 24.22 32.44
CA THR D 128 -15.30 24.64 33.32
C THR D 128 -14.00 24.89 32.57
N LYS D 129 -14.06 24.94 31.25
CA LYS D 129 -12.89 25.17 30.40
C LYS D 129 -12.01 26.28 30.96
N TYR D 130 -12.63 27.36 31.42
CA TYR D 130 -11.86 28.50 31.91
C TYR D 130 -11.10 28.15 33.19
N LEU D 131 -11.67 27.32 34.06
CA LEU D 131 -10.93 26.85 35.21
C LEU D 131 -9.69 26.09 34.77
N VAL D 132 -9.82 25.29 33.71
CA VAL D 132 -8.68 24.51 33.23
C VAL D 132 -7.58 25.38 32.66
N ASP D 133 -7.90 26.63 32.28
CA ASP D 133 -6.93 27.48 31.60
C ASP D 133 -6.92 28.90 32.15
N SER D 134 -7.24 29.09 33.43
CA SER D 134 -7.24 30.41 34.05
C SER D 134 -6.53 30.33 35.39
N SER D 135 -5.66 31.29 35.65
CA SER D 135 -4.99 31.39 36.95
C SER D 135 -5.94 32.00 37.97
N HIS D 136 -5.91 31.48 39.19
CA HIS D 136 -6.86 31.90 40.21
C HIS D 136 -6.64 33.36 40.59
N SER D 137 -7.75 34.01 40.94
CA SER D 137 -7.77 35.42 41.34
C SER D 137 -8.45 35.54 42.71
N HIS D 138 -8.01 34.72 43.65
CA HIS D 138 -8.66 34.62 44.94
C HIS D 138 -8.64 35.97 45.65
N PRO D 139 -9.68 36.29 46.44
CA PRO D 139 -9.72 37.58 47.13
C PRO D 139 -8.44 37.92 47.89
N THR D 140 -8.02 37.04 48.79
CA THR D 140 -6.83 37.27 49.61
C THR D 140 -5.71 36.30 49.26
N GLY D 141 -5.95 35.00 49.37
CA GLY D 141 -4.96 34.01 48.99
C GLY D 141 -4.59 33.04 50.10
N SER D 142 -5.29 33.09 51.22
CA SER D 142 -5.01 32.15 52.31
C SER D 142 -6.20 32.11 53.24
N PHE D 143 -6.84 30.94 53.33
CA PHE D 143 -7.95 30.76 54.26
C PHE D 143 -7.44 30.73 55.69
N LYS D 144 -8.28 31.20 56.62
CA LYS D 144 -7.93 31.10 58.04
C LYS D 144 -8.31 29.73 58.59
N ASP D 145 -9.60 29.40 58.55
CA ASP D 145 -10.07 28.09 59.02
C ASP D 145 -11.43 27.83 58.37
N THR D 146 -11.48 26.85 57.47
CA THR D 146 -12.70 26.56 56.73
C THR D 146 -12.68 25.08 56.35
N SER D 147 -13.60 24.70 55.48
CA SER D 147 -13.70 23.34 54.95
C SER D 147 -13.41 23.35 53.46
N ASP D 148 -13.15 22.17 52.91
CA ASP D 148 -12.82 22.08 51.49
C ASP D 148 -13.97 22.56 50.62
N ARG D 149 -15.21 22.18 50.97
CA ARG D 149 -16.35 22.61 50.17
C ARG D 149 -16.43 24.13 50.10
N LYS D 150 -16.31 24.81 51.24
CA LYS D 150 -16.40 26.26 51.28
C LYS D 150 -15.22 26.92 50.57
N VAL D 151 -14.16 26.18 50.28
CA VAL D 151 -13.05 26.72 49.50
C VAL D 151 -13.30 26.56 48.00
N ILE D 152 -13.78 25.39 47.59
CA ILE D 152 -14.04 25.15 46.17
C ILE D 152 -15.13 26.07 45.65
N GLU D 153 -16.05 26.48 46.53
CA GLU D 153 -17.10 27.40 46.11
C GLU D 153 -16.53 28.77 45.79
N ALA D 154 -15.56 29.24 46.57
CA ALA D 154 -14.98 30.56 46.35
C ALA D 154 -13.95 30.58 45.22
N LEU D 155 -13.50 29.41 44.77
CA LEU D 155 -12.57 29.35 43.64
C LEU D 155 -13.34 29.29 42.32
N VAL D 156 -14.29 28.37 42.22
CA VAL D 156 -15.01 28.15 40.97
C VAL D 156 -15.92 29.34 40.65
N LYS D 157 -16.59 29.89 41.67
CA LYS D 157 -17.64 30.87 41.43
C LYS D 157 -17.13 32.22 40.95
N GLU D 158 -15.84 32.37 40.64
CA GLU D 158 -15.39 33.56 39.94
C GLU D 158 -15.76 33.52 38.47
N HIS D 159 -16.11 32.35 37.95
CA HIS D 159 -16.45 32.17 36.54
C HIS D 159 -17.86 31.62 36.34
N LYS D 160 -18.65 31.50 37.40
CA LYS D 160 -20.04 31.08 37.32
C LYS D 160 -20.16 29.70 36.68
N VAL D 161 -19.61 28.71 37.37
CA VAL D 161 -19.74 27.31 37.02
C VAL D 161 -20.38 26.60 38.21
N VAL D 162 -21.58 26.06 38.00
CA VAL D 162 -22.35 25.49 39.10
C VAL D 162 -21.69 24.21 39.59
N LEU D 163 -21.53 24.11 40.91
CA LEU D 163 -20.93 22.94 41.52
C LEU D 163 -22.01 21.90 41.82
N ASP D 164 -21.60 20.63 41.82
CA ASP D 164 -22.47 19.49 42.13
C ASP D 164 -21.74 18.66 43.18
N TRP D 165 -21.94 18.99 44.45
CA TRP D 165 -21.23 18.36 45.56
C TRP D 165 -22.08 17.28 46.20
N GLN D 166 -21.50 16.09 46.38
CA GLN D 166 -22.16 14.99 47.05
C GLN D 166 -21.25 14.23 48.01
N GLY D 167 -19.97 14.61 48.13
CA GLY D 167 -19.06 13.95 49.02
C GLY D 167 -19.14 14.47 50.45
N THR D 168 -18.34 13.86 51.31
CA THR D 168 -18.32 14.23 52.72
C THR D 168 -17.42 15.44 52.94
N GLU D 169 -17.91 16.38 53.76
CA GLU D 169 -17.14 17.58 54.05
C GLU D 169 -15.96 17.26 54.97
N VAL D 170 -14.87 18.01 54.77
CA VAL D 170 -13.66 17.85 55.56
C VAL D 170 -13.27 19.21 56.12
N LYS D 171 -12.76 19.22 57.35
CA LYS D 171 -12.36 20.45 58.03
C LYS D 171 -10.84 20.57 57.96
N GLU D 172 -10.37 21.70 57.43
CA GLU D 172 -8.94 21.93 57.23
C GLU D 172 -8.51 23.15 58.03
N PRO D 173 -7.70 22.99 59.09
CA PRO D 173 -7.29 24.17 59.86
C PRO D 173 -6.57 25.22 59.02
N LYS D 174 -5.73 24.81 58.08
CA LYS D 174 -4.96 25.74 57.26
C LYS D 174 -5.11 25.39 55.79
N ILE D 175 -5.37 26.41 54.98
CA ILE D 175 -5.30 26.31 53.52
C ILE D 175 -4.73 27.63 52.99
N THR D 176 -3.83 27.53 52.03
CA THR D 176 -3.27 28.73 51.39
C THR D 176 -2.95 28.37 49.94
N LEU D 177 -3.80 28.80 49.02
CA LEU D 177 -3.62 28.49 47.62
C LEU D 177 -2.31 29.09 47.11
N ARG D 178 -1.53 28.31 46.39
CA ARG D 178 -0.30 28.82 45.82
C ARG D 178 -0.59 30.01 44.92
N ASP D 179 0.23 31.05 45.04
CA ASP D 179 0.00 32.27 44.29
C ASP D 179 0.15 32.02 42.80
N GLY D 180 -0.89 32.33 42.04
CA GLY D 180 -0.86 32.20 40.59
C GLY D 180 -1.09 30.80 40.06
N ASN D 181 -1.31 29.81 40.93
CA ASN D 181 -1.53 28.45 40.46
C ASN D 181 -2.90 28.33 39.81
N ARG D 182 -2.97 27.45 38.81
CA ARG D 182 -4.21 27.28 38.05
C ARG D 182 -5.31 26.71 38.95
N ILE D 183 -6.55 26.88 38.50
CA ILE D 183 -7.69 26.33 39.23
C ILE D 183 -7.67 24.80 39.14
N PHE D 184 -7.29 24.26 37.99
CA PHE D 184 -7.25 22.82 37.82
C PHE D 184 -6.26 22.18 38.79
N ASN D 185 -5.07 22.78 38.92
CA ASN D 185 -4.05 22.19 39.78
C ASN D 185 -4.51 22.12 41.23
N GLU D 186 -5.04 23.23 41.75
CA GLU D 186 -5.34 23.30 43.18
C GLU D 186 -6.49 22.38 43.57
N ILE D 187 -7.57 22.37 42.78
CA ILE D 187 -8.69 21.49 43.06
C ILE D 187 -8.24 20.04 43.00
N PHE D 188 -7.50 19.68 41.95
CA PHE D 188 -6.99 18.32 41.83
C PHE D 188 -6.07 17.98 43.00
N GLU D 189 -5.22 18.92 43.41
CA GLU D 189 -4.30 18.66 44.51
C GLU D 189 -5.04 18.44 45.81
N ARG D 190 -6.01 19.30 46.13
CA ARG D 190 -6.71 19.19 47.40
C ARG D 190 -7.63 17.97 47.43
N CYS D 191 -8.23 17.62 46.30
CA CYS D 191 -9.16 16.50 46.26
C CYS D 191 -8.46 15.15 46.18
N ASN D 192 -7.14 15.13 45.96
CA ASN D 192 -6.42 13.86 45.91
C ASN D 192 -6.22 13.29 47.31
N GLN D 193 -5.95 14.15 48.28
CA GLN D 193 -5.66 13.70 49.65
C GLN D 193 -6.92 13.31 50.42
N ASN D 194 -8.10 13.52 49.87
CA ASN D 194 -9.36 13.16 50.53
C ASN D 194 -10.18 12.18 49.70
N CYS D 195 -9.56 11.53 48.72
CA CYS D 195 -10.23 10.51 47.90
C CYS D 195 -11.50 11.07 47.24
N HIS D 196 -11.41 12.29 46.74
CA HIS D 196 -12.49 12.90 45.96
C HIS D 196 -12.16 12.80 44.47
N PHE D 197 -13.05 12.17 43.71
CA PHE D 197 -12.96 12.23 42.26
C PHE D 197 -13.50 13.57 41.77
N ALA D 198 -12.80 14.16 40.81
CA ALA D 198 -13.18 15.46 40.25
C ALA D 198 -13.36 15.28 38.74
N TYR D 199 -14.61 15.29 38.30
CA TYR D 199 -14.91 15.10 36.88
C TYR D 199 -16.27 15.73 36.58
N GLU D 200 -16.52 15.95 35.30
CA GLU D 200 -17.72 16.63 34.84
C GLU D 200 -18.88 15.65 34.65
N THR D 201 -20.08 16.21 34.65
CA THR D 201 -21.29 15.47 34.30
C THR D 201 -21.61 15.74 32.82
N ARG D 202 -22.78 15.31 32.38
CA ARG D 202 -23.20 15.49 31.00
C ARG D 202 -24.09 16.72 30.81
N ASP D 203 -24.22 17.56 31.84
CA ASP D 203 -25.12 18.71 31.78
C ASP D 203 -24.40 20.05 31.82
N GLY D 204 -23.17 20.11 32.31
CA GLY D 204 -22.44 21.35 32.40
C GLY D 204 -22.10 21.76 33.82
N LYS D 205 -21.98 20.78 34.70
CA LYS D 205 -21.68 21.01 36.11
C LYS D 205 -20.30 20.43 36.44
N LEU D 206 -19.94 20.50 37.72
CA LEU D 206 -18.74 19.88 38.26
C LEU D 206 -19.14 18.97 39.40
N LEU D 207 -18.89 17.67 39.24
CA LEU D 207 -19.34 16.65 40.17
C LEU D 207 -18.15 16.11 40.94
N VAL D 208 -18.21 16.21 42.27
CA VAL D 208 -17.19 15.66 43.17
C VAL D 208 -17.82 14.51 43.92
N THR D 209 -17.28 13.31 43.73
CA THR D 209 -17.84 12.10 44.30
C THR D 209 -16.73 11.21 44.84
N ASP D 210 -17.12 10.33 45.77
CA ASP D 210 -16.20 9.37 46.38
C ASP D 210 -16.47 7.94 45.93
N GLY D 211 -17.33 7.75 44.94
CA GLY D 211 -17.65 6.40 44.51
C GLY D 211 -18.41 6.42 43.20
N THR D 212 -18.95 5.26 42.86
CA THR D 212 -19.70 5.10 41.62
C THR D 212 -21.08 5.73 41.73
N THR D 213 -21.60 6.19 40.60
CA THR D 213 -22.94 6.77 40.58
C THR D 213 -24.01 5.72 40.83
N GLY D 214 -23.68 4.43 40.72
CA GLY D 214 -24.61 3.38 41.02
C GLY D 214 -25.62 3.07 39.94
N VAL D 215 -25.54 3.73 38.79
CA VAL D 215 -26.48 3.49 37.70
C VAL D 215 -26.07 2.20 37.00
N VAL D 216 -26.87 1.15 37.18
CA VAL D 216 -26.54 -0.15 36.61
C VAL D 216 -26.72 -0.12 35.10
N GLY D 217 -25.74 -0.67 34.39
CA GLY D 217 -25.76 -0.66 32.94
C GLY D 217 -26.10 -2.00 32.32
N GLU D 218 -25.42 -2.33 31.23
CA GLU D 218 -25.67 -3.55 30.47
C GLU D 218 -24.72 -4.66 30.89
N ASP D 219 -25.11 -5.89 30.55
CA ASP D 219 -24.28 -7.08 30.76
C ASP D 219 -23.54 -7.36 29.45
N ILE D 220 -22.37 -6.74 29.29
CA ILE D 220 -21.58 -6.91 28.07
C ILE D 220 -21.03 -8.33 28.06
N VAL D 221 -21.56 -9.18 27.18
CA VAL D 221 -21.23 -10.59 27.13
C VAL D 221 -20.50 -10.89 25.83
N LEU D 222 -19.40 -11.62 25.93
CA LEU D 222 -18.65 -12.01 24.75
C LEU D 222 -19.47 -12.93 23.86
N GLY D 223 -19.42 -12.68 22.56
CA GLY D 223 -20.25 -13.40 21.61
C GLY D 223 -21.62 -12.81 21.40
N GLN D 224 -21.99 -11.80 22.17
CA GLN D 224 -23.27 -11.12 22.03
C GLN D 224 -23.14 -9.73 21.43
N ASN D 225 -22.31 -8.88 22.02
CA ASN D 225 -22.15 -7.51 21.54
C ASN D 225 -20.70 -7.04 21.46
N ILE D 226 -19.74 -7.77 22.01
CA ILE D 226 -18.35 -7.35 21.93
C ILE D 226 -17.90 -7.41 20.47
N LEU D 227 -16.94 -6.54 20.13
CA LEU D 227 -16.35 -6.54 18.80
C LEU D 227 -14.84 -6.73 18.91
N ASP D 228 -14.25 -6.20 19.98
CA ASP D 228 -12.84 -6.39 20.28
C ASP D 228 -12.62 -6.13 21.76
N PHE D 229 -11.48 -6.62 22.27
CA PHE D 229 -11.12 -6.34 23.65
C PHE D 229 -9.62 -6.55 23.82
N SER D 230 -9.09 -5.99 24.91
CA SER D 230 -7.68 -6.15 25.24
C SER D 230 -7.52 -5.95 26.75
N ALA D 231 -7.39 -7.05 27.48
CA ALA D 231 -7.16 -7.01 28.92
C ALA D 231 -5.67 -6.84 29.20
N GLU D 232 -5.34 -6.69 30.48
CA GLU D 232 -3.96 -6.49 30.87
C GLU D 232 -3.83 -6.62 32.39
N GLN D 233 -2.62 -6.99 32.82
CA GLN D 233 -2.27 -7.02 34.24
C GLN D 233 -0.78 -6.75 34.34
N SER D 234 -0.42 -5.52 34.68
CA SER D 234 0.97 -5.10 34.75
C SER D 234 1.41 -5.01 36.20
N GLU D 235 2.53 -5.65 36.53
CA GLU D 235 3.07 -5.64 37.88
C GLU D 235 3.92 -4.41 38.17
N ASP D 236 4.23 -3.60 37.17
CA ASP D 236 5.12 -2.46 37.34
C ASP D 236 4.39 -1.25 37.92
N ARG D 237 3.10 -1.40 38.26
CA ARG D 237 2.31 -0.29 38.78
C ARG D 237 1.52 -0.73 40.00
N ALA D 238 2.13 -1.57 40.84
CA ALA D 238 1.48 -2.06 42.05
C ALA D 238 2.48 -2.03 43.20
N ASN D 239 1.94 -1.92 44.42
CA ASN D 239 2.76 -1.88 45.63
C ASN D 239 1.99 -2.52 46.76
N SER D 240 2.62 -3.46 47.46
CA SER D 240 1.93 -4.16 48.54
C SER D 240 1.82 -3.32 49.80
N GLU D 241 2.75 -2.39 50.03
CA GLU D 241 2.76 -1.57 51.24
C GLU D 241 3.13 -0.14 50.87
N ILE D 242 2.25 0.80 51.22
CA ILE D 242 2.46 2.22 50.99
C ILE D 242 2.56 2.91 52.34
N THR D 243 3.52 3.83 52.46
CA THR D 243 3.75 4.58 53.69
C THR D 243 3.64 6.07 53.41
N VAL D 244 3.17 6.82 54.41
CA VAL D 244 2.96 8.26 54.29
C VAL D 244 3.65 8.95 55.46
N LYS D 245 4.00 10.21 55.25
CA LYS D 245 4.62 11.03 56.27
C LYS D 245 4.19 12.48 56.08
N GLY D 246 4.19 13.24 57.18
CA GLY D 246 3.78 14.63 57.11
C GLY D 246 3.58 15.25 58.48
N HIS D 247 3.99 16.51 58.62
CA HIS D 247 3.92 17.20 59.89
C HIS D 247 2.52 17.77 60.13
N ARG D 248 2.30 18.26 61.35
CA ARG D 248 1.03 18.87 61.72
C ARG D 248 1.19 20.39 61.79
N VAL D 249 0.09 21.09 61.55
CA VAL D 249 0.13 22.54 61.38
C VAL D 249 -0.97 23.18 62.24
N ALA D 250 -1.47 22.44 63.21
CA ALA D 250 -2.58 22.92 64.03
C ALA D 250 -2.18 24.18 64.79
N LYS D 251 -3.18 24.76 65.47
CA LYS D 251 -2.96 26.04 66.16
C LYS D 251 -1.77 25.94 67.11
N ASP D 252 -1.73 24.89 67.93
CA ASP D 252 -0.60 24.66 68.84
C ASP D 252 -0.32 23.16 68.87
N VAL D 253 0.52 22.71 67.95
CA VAL D 253 1.07 21.35 67.97
C VAL D 253 2.52 21.44 67.54
N TRP D 254 3.39 20.72 68.23
CA TRP D 254 4.82 20.83 67.99
C TRP D 254 5.52 19.70 68.73
N GLY D 255 6.83 19.60 68.52
CA GLY D 255 7.63 18.59 69.17
C GLY D 255 7.44 17.22 68.57
N LYS D 256 7.38 16.20 69.43
CA LYS D 256 7.22 14.84 68.95
C LYS D 256 5.81 14.58 68.42
N ASN D 257 4.83 15.36 68.85
CA ASN D 257 3.45 15.16 68.43
C ASN D 257 3.16 15.75 67.06
N ALA D 258 4.09 16.53 66.48
CA ALA D 258 3.87 17.15 65.18
C ALA D 258 5.04 16.91 64.23
N ILE D 259 6.00 16.06 64.59
CA ILE D 259 7.16 15.80 63.73
C ILE D 259 7.25 14.32 63.43
N VAL D 260 7.37 13.49 64.47
CA VAL D 260 7.65 12.07 64.30
C VAL D 260 6.39 11.24 64.46
N GLN D 261 5.45 11.73 65.26
CA GLN D 261 4.24 10.95 65.56
C GLN D 261 3.42 10.65 64.31
N PRO D 262 3.12 11.60 63.42
CA PRO D 262 2.14 11.33 62.34
C PRO D 262 2.68 10.47 61.21
N VAL D 263 2.61 9.16 61.41
CA VAL D 263 2.97 8.18 60.39
C VAL D 263 1.91 7.09 60.37
N GLN D 264 1.55 6.65 59.17
CA GLN D 264 0.53 5.61 59.02
C GLN D 264 0.85 4.78 57.78
N SER D 265 0.54 3.50 57.85
CA SER D 265 0.81 2.55 56.78
C SER D 265 -0.47 1.85 56.37
N VAL D 266 -0.62 1.63 55.07
CA VAL D 266 -1.77 0.92 54.50
C VAL D 266 -1.25 -0.06 53.46
N ALA D 267 -1.86 -1.25 53.41
CA ALA D 267 -1.41 -2.32 52.53
C ALA D 267 -2.57 -2.82 51.69
N ASP D 268 -2.24 -3.27 50.47
CA ASP D 268 -3.25 -3.76 49.54
C ASP D 268 -3.61 -5.22 49.83
N SER D 269 -2.61 -6.08 49.94
CA SER D 269 -2.70 -7.51 50.24
C SER D 269 -3.14 -8.33 49.04
N TRP D 270 -3.46 -7.72 47.90
CA TRP D 270 -3.74 -8.49 46.69
C TRP D 270 -2.46 -8.93 46.00
N VAL D 271 -1.46 -8.05 45.93
CA VAL D 271 -0.15 -8.44 45.43
C VAL D 271 0.54 -9.31 46.45
N GLY D 272 1.15 -10.41 45.98
CA GLY D 272 1.76 -11.36 46.87
C GLY D 272 3.27 -11.19 47.00
N ALA D 273 3.77 -10.01 46.62
CA ALA D 273 5.20 -9.72 46.65
C ALA D 273 5.45 -8.51 47.55
N ASN D 274 6.73 -8.19 47.72
CA ASN D 274 7.15 -7.07 48.57
C ASN D 274 7.68 -5.97 47.65
N ILE D 275 6.88 -4.91 47.49
CA ILE D 275 7.25 -3.77 46.64
C ILE D 275 6.98 -2.51 47.43
N PRO D 276 7.78 -2.20 48.46
CA PRO D 276 7.45 -1.08 49.34
C PRO D 276 7.49 0.26 48.62
N LEU D 277 6.64 1.18 49.09
CA LEU D 277 6.61 2.54 48.60
C LEU D 277 6.47 3.48 49.79
N THR D 278 6.94 4.72 49.61
CA THR D 278 6.81 5.74 50.64
C THR D 278 6.45 7.07 49.98
N ILE D 279 5.55 7.81 50.60
CA ILE D 279 5.02 9.04 50.05
C ILE D 279 5.12 10.15 51.11
N GLN D 280 5.22 11.39 50.63
CA GLN D 280 5.21 12.56 51.50
C GLN D 280 3.90 13.31 51.32
N HIS D 281 3.36 13.81 52.42
CA HIS D 281 2.05 14.45 52.44
C HIS D 281 2.20 15.95 52.31
N TYR D 282 1.41 16.55 51.41
CA TYR D 282 1.43 18.00 51.19
C TYR D 282 0.18 18.59 51.83
N GLY D 283 0.29 18.91 53.11
CA GLY D 283 -0.83 19.50 53.84
C GLY D 283 -0.63 19.35 55.33
N ASP D 284 -1.74 19.53 56.06
CA ASP D 284 -1.76 19.38 57.51
C ASP D 284 -2.06 17.92 57.83
N ALA D 285 -1.01 17.17 58.17
CA ALA D 285 -1.16 15.73 58.39
C ALA D 285 -2.12 15.46 59.53
N THR D 286 -3.05 14.54 59.30
CA THR D 286 -3.92 14.01 60.35
C THR D 286 -4.03 12.50 60.14
N ASN D 287 -4.07 11.75 61.24
CA ASN D 287 -4.07 10.29 61.14
C ASN D 287 -5.20 9.78 60.27
N GLU D 288 -6.34 10.48 60.24
CA GLU D 288 -7.42 10.09 59.33
C GLU D 288 -7.09 10.47 57.89
N SER D 289 -6.50 11.66 57.69
CA SER D 289 -6.18 12.09 56.34
C SER D 289 -5.05 11.26 55.74
N LEU D 290 -4.15 10.76 56.57
CA LEU D 290 -3.04 9.95 56.06
C LEU D 290 -3.57 8.70 55.35
N GLN D 291 -4.55 8.02 55.97
CA GLN D 291 -5.10 6.82 55.35
C GLN D 291 -5.90 7.15 54.10
N ARG D 292 -6.63 8.26 54.11
CA ARG D 292 -7.42 8.63 52.93
C ARG D 292 -6.53 8.84 51.71
N ARG D 293 -5.39 9.51 51.89
CA ARG D 293 -4.43 9.62 50.80
C ARG D 293 -3.89 8.25 50.41
N ALA D 294 -3.63 7.40 51.41
CA ALA D 294 -3.15 6.06 51.12
C ALA D 294 -4.18 5.27 50.31
N LYS D 295 -5.45 5.36 50.68
CA LYS D 295 -6.49 4.64 49.93
C LYS D 295 -6.60 5.18 48.51
N PHE D 296 -6.51 6.50 48.34
CA PHE D 296 -6.61 7.07 46.99
C PHE D 296 -5.54 6.50 46.07
N GLU D 297 -4.31 6.40 46.57
CA GLU D 297 -3.24 5.78 45.79
C GLU D 297 -3.57 4.32 45.50
N ALA D 298 -4.11 3.60 46.48
CA ALA D 298 -4.41 2.19 46.29
C ALA D 298 -5.44 1.99 45.18
N ASP D 299 -6.51 2.79 45.18
CA ASP D 299 -7.51 2.66 44.13
C ASP D 299 -6.92 3.01 42.76
N ARG D 300 -6.09 4.05 42.70
CA ARG D 300 -5.46 4.42 41.44
C ARG D 300 -4.56 3.31 40.93
N ARG D 301 -3.70 2.78 41.79
CA ARG D 301 -2.80 1.70 41.38
C ARG D 301 -3.59 0.45 40.99
N ALA D 302 -4.60 0.10 41.78
CA ALA D 302 -5.38 -1.10 41.48
C ALA D 302 -6.07 -0.99 40.13
N ALA D 303 -6.70 0.15 39.85
CA ALA D 303 -7.36 0.34 38.57
C ALA D 303 -6.35 0.30 37.42
N GLU D 304 -5.20 0.93 37.60
CA GLU D 304 -4.19 0.98 36.54
C GLU D 304 -3.65 -0.40 36.21
N SER D 305 -3.80 -1.38 37.09
CA SER D 305 -3.25 -2.71 36.88
C SER D 305 -4.24 -3.68 36.26
N LYS D 306 -5.44 -3.23 35.91
CA LYS D 306 -6.43 -4.11 35.30
C LYS D 306 -7.20 -3.41 34.18
N SER D 307 -6.55 -2.50 33.47
CA SER D 307 -7.22 -1.74 32.42
C SER D 307 -7.74 -2.67 31.33
N VAL D 308 -8.94 -2.37 30.83
CA VAL D 308 -9.59 -3.14 29.79
C VAL D 308 -10.08 -2.17 28.71
N ASN D 309 -10.20 -2.68 27.50
CA ASN D 309 -10.80 -1.95 26.39
C ASN D 309 -11.83 -2.84 25.71
N VAL D 310 -12.88 -2.20 25.18
CA VAL D 310 -13.95 -2.93 24.51
C VAL D 310 -14.50 -2.04 23.41
N THR D 311 -15.05 -2.67 22.37
CA THR D 311 -15.72 -1.99 21.27
C THR D 311 -17.07 -2.63 21.06
N VAL D 312 -18.14 -1.83 21.05
CA VAL D 312 -19.49 -2.36 21.11
C VAL D 312 -20.34 -1.91 19.93
N PHE D 313 -19.70 -1.66 18.79
CA PHE D 313 -20.43 -1.38 17.55
C PHE D 313 -21.40 -0.22 17.72
N HIS D 314 -22.72 -0.49 17.61
CA HIS D 314 -23.69 0.58 17.55
C HIS D 314 -23.69 1.40 18.84
N VAL D 315 -23.97 2.69 18.70
CA VAL D 315 -24.08 3.57 19.85
C VAL D 315 -25.25 3.13 20.73
N TRP D 323 -25.33 4.11 29.89
CA TRP D 323 -25.46 5.41 29.25
C TRP D 323 -24.28 6.31 29.55
N ASP D 324 -23.81 6.28 30.79
CA ASP D 324 -22.85 7.24 31.30
C ASP D 324 -21.65 6.52 31.89
N ILE D 325 -20.62 7.30 32.23
CA ILE D 325 -19.42 6.75 32.84
C ILE D 325 -19.67 6.50 34.33
N GLY D 326 -18.79 5.70 34.93
CA GLY D 326 -18.93 5.32 36.32
C GLY D 326 -20.02 4.31 36.57
N ASN D 327 -20.72 3.85 35.54
CA ASN D 327 -21.82 2.91 35.71
C ASN D 327 -21.28 1.56 36.17
N ILE D 328 -22.20 0.62 36.39
CA ILE D 328 -21.87 -0.73 36.82
C ILE D 328 -22.36 -1.69 35.74
N HIS D 329 -21.45 -2.49 35.21
CA HIS D 329 -21.75 -3.48 34.19
C HIS D 329 -21.28 -4.86 34.63
N TYR D 330 -21.84 -5.88 34.01
CA TYR D 330 -21.32 -7.24 34.10
C TYR D 330 -20.63 -7.60 32.78
N VAL D 331 -19.55 -8.35 32.89
CA VAL D 331 -18.77 -8.76 31.73
C VAL D 331 -18.57 -10.27 31.77
N GLU D 332 -18.27 -10.83 30.61
CA GLU D 332 -18.03 -12.27 30.49
C GLU D 332 -17.04 -12.51 29.36
N ILE D 333 -15.80 -12.80 29.72
CA ILE D 333 -14.79 -13.21 28.75
C ILE D 333 -14.20 -14.52 29.28
N PRO D 334 -14.84 -15.65 29.01
CA PRO D 334 -14.36 -16.93 29.52
C PRO D 334 -12.93 -17.23 29.10
N PRO D 335 -12.51 -16.85 27.88
CA PRO D 335 -11.14 -17.19 27.47
C PRO D 335 -10.09 -16.75 28.48
N GLU D 336 -10.24 -15.57 29.07
CA GLU D 336 -9.39 -15.13 30.16
C GLU D 336 -10.07 -15.27 31.52
N GLY D 337 -11.37 -15.51 31.55
CA GLY D 337 -12.05 -15.79 32.80
C GLY D 337 -12.55 -14.57 33.54
N ILE D 338 -13.05 -13.56 32.82
CA ILE D 338 -13.63 -12.40 33.48
C ILE D 338 -15.07 -12.72 33.85
N PHE D 339 -15.36 -12.69 35.15
CA PHE D 339 -16.70 -12.90 35.67
C PHE D 339 -17.01 -11.92 36.78
N ASP D 340 -16.43 -10.73 36.73
CA ASP D 340 -16.47 -9.77 37.83
C ASP D 340 -17.13 -8.47 37.39
N VAL D 341 -17.77 -7.81 38.35
CA VAL D 341 -18.39 -6.52 38.08
C VAL D 341 -17.31 -5.49 37.74
N MET D 342 -17.68 -4.52 36.89
CA MET D 342 -16.76 -3.52 36.41
C MET D 342 -17.42 -2.14 36.52
N GLU D 343 -16.58 -1.11 36.63
CA GLU D 343 -17.02 0.28 36.61
C GLU D 343 -16.34 0.98 35.45
N CYS D 344 -17.13 1.49 34.51
CA CYS D 344 -16.59 2.15 33.34
C CYS D 344 -15.90 3.46 33.75
N VAL D 345 -14.73 3.70 33.17
CA VAL D 345 -13.94 4.88 33.49
C VAL D 345 -13.89 5.89 32.36
N SER D 346 -14.15 5.49 31.11
CA SER D 346 -14.13 6.41 29.99
C SER D 346 -15.14 5.95 28.96
N LEU D 347 -15.57 6.88 28.12
CA LEU D 347 -16.56 6.62 27.10
C LEU D 347 -16.23 7.44 25.86
N THR D 348 -16.52 6.89 24.70
CA THR D 348 -16.20 7.56 23.43
C THR D 348 -17.19 7.16 22.36
N TYR D 349 -17.77 8.16 21.70
CA TYR D 349 -18.61 7.95 20.53
C TYR D 349 -17.88 8.46 19.30
N SER D 350 -17.82 7.63 18.26
CA SER D 350 -17.12 7.98 17.03
C SER D 350 -17.98 7.62 15.83
N VAL D 351 -17.95 8.47 14.80
CA VAL D 351 -18.74 8.29 13.59
C VAL D 351 -17.83 8.54 12.40
N ASP D 352 -18.29 8.13 11.22
CA ASP D 352 -17.52 8.33 10.00
C ASP D 352 -18.48 8.47 8.83
N ALA D 353 -17.98 9.09 7.75
CA ALA D 353 -18.78 9.28 6.55
C ALA D 353 -19.13 7.95 5.90
N LYS D 354 -18.32 6.91 6.14
CA LYS D 354 -18.53 5.59 5.56
C LYS D 354 -19.31 4.66 6.49
N SER D 355 -20.18 5.22 7.32
CA SER D 355 -21.15 4.53 8.16
C SER D 355 -20.53 3.87 9.39
N THR D 356 -19.21 3.92 9.56
CA THR D 356 -18.57 3.15 10.63
C THR D 356 -18.84 3.76 12.00
N LEU D 357 -19.92 3.33 12.64
CA LEU D 357 -20.18 3.69 14.03
C LEU D 357 -19.47 2.74 14.98
N GLU D 358 -19.11 3.25 16.15
CA GLU D 358 -18.44 2.45 17.16
C GLU D 358 -18.61 3.14 18.51
N THR D 359 -18.06 2.51 19.54
CA THR D 359 -18.06 3.05 20.89
C THR D 359 -17.06 2.25 21.72
N GLN D 360 -16.34 2.93 22.59
CA GLN D 360 -15.24 2.33 23.33
C GLN D 360 -15.43 2.55 24.82
N LEU D 361 -14.85 1.65 25.61
CA LEU D 361 -14.93 1.69 27.05
C LEU D 361 -13.55 1.40 27.63
N GLU D 362 -13.35 1.80 28.88
CA GLU D 362 -12.06 1.63 29.57
C GLU D 362 -12.31 1.07 30.96
N LEU D 363 -13.08 -0.02 31.02
CA LEU D 363 -13.54 -0.59 32.29
C LEU D 363 -12.38 -0.85 33.25
N ALA D 364 -12.71 -1.01 34.53
CA ALA D 364 -11.74 -1.37 35.57
C ALA D 364 -12.51 -1.76 36.82
N PRO D 365 -12.04 -2.77 37.58
CA PRO D 365 -12.76 -3.15 38.80
C PRO D 365 -12.30 -2.39 40.03
N MET E 1 18.28 24.49 -16.30
CA MET E 1 18.04 25.90 -15.90
C MET E 1 19.18 26.41 -15.03
N ILE E 2 19.32 27.73 -14.95
CA ILE E 2 20.29 28.31 -14.03
C ILE E 2 19.99 27.82 -12.63
N LYS E 3 20.97 27.13 -12.03
CA LYS E 3 20.78 26.45 -10.76
C LYS E 3 20.09 27.36 -9.75
N PRO E 4 18.83 27.09 -9.38
CA PRO E 4 18.15 27.92 -8.38
C PRO E 4 18.59 27.68 -6.95
N MET E 5 19.49 26.73 -6.71
CA MET E 5 20.00 26.50 -5.36
C MET E 5 21.38 25.87 -5.47
N ARG E 6 22.40 26.56 -4.96
CA ARG E 6 23.77 26.07 -4.98
C ARG E 6 24.31 26.04 -3.55
N ILE E 7 25.10 25.00 -3.26
CA ILE E 7 25.68 24.79 -1.95
C ILE E 7 27.19 24.90 -2.06
N PHE E 8 27.83 25.26 -0.95
CA PHE E 8 29.29 25.35 -0.88
C PHE E 8 29.75 24.87 0.48
N ILE E 9 30.81 24.06 0.48
CA ILE E 9 31.47 23.61 1.70
C ILE E 9 32.96 23.85 1.55
N GLY E 10 33.54 24.58 2.49
CA GLY E 10 34.97 24.81 2.51
C GLY E 10 35.55 25.29 1.19
N GLY E 11 34.70 25.84 0.32
CA GLY E 11 35.14 26.36 -0.95
C GLY E 11 35.09 25.39 -2.11
N GLU E 12 34.80 24.11 -1.87
CA GLU E 12 34.67 23.12 -2.94
C GLU E 12 33.20 22.79 -3.12
N GLU E 13 32.69 22.99 -4.32
CA GLU E 13 31.26 22.88 -4.57
C GLU E 13 30.77 21.45 -4.40
N LEU E 14 29.50 21.32 -4.00
CA LEU E 14 28.83 20.03 -3.89
C LEU E 14 28.04 19.80 -5.17
N GLU E 15 28.49 18.87 -6.00
CA GLU E 15 27.85 18.59 -7.28
C GLU E 15 26.99 17.33 -7.23
N THR E 16 26.79 16.74 -6.05
CA THR E 16 26.05 15.50 -5.92
C THR E 16 25.04 15.55 -4.78
N TYR E 17 24.51 16.73 -4.48
CA TYR E 17 23.52 16.81 -3.42
C TYR E 17 22.20 16.27 -3.93
N THR E 18 21.95 14.98 -3.68
CA THR E 18 20.75 14.32 -4.18
C THR E 18 19.47 14.87 -3.55
N SER E 19 19.58 15.61 -2.44
CA SER E 19 18.43 16.26 -1.83
C SER E 19 18.96 17.30 -0.86
N ALA E 20 18.09 18.22 -0.46
CA ALA E 20 18.49 19.29 0.44
C ALA E 20 17.26 19.80 1.20
N ARG E 21 17.53 20.52 2.29
CA ARG E 21 16.47 21.14 3.07
C ARG E 21 17.05 22.23 3.96
N LEU E 22 16.57 23.47 3.79
CA LEU E 22 17.04 24.61 4.56
C LEU E 22 15.87 25.18 5.37
N GLN E 23 16.11 25.43 6.65
CA GLN E 23 15.10 25.98 7.54
C GLN E 23 15.67 27.18 8.30
N ARG E 24 14.84 28.21 8.46
CA ARG E 24 15.20 29.38 9.25
C ARG E 24 13.97 29.82 10.01
N THR E 25 14.10 29.97 11.33
CA THR E 25 12.98 30.31 12.19
C THR E 25 13.34 31.50 13.06
N LYS E 26 12.35 32.37 13.29
CA LYS E 26 12.54 33.56 14.11
C LYS E 26 12.38 33.29 15.60
N LYS E 27 11.86 32.12 15.97
CA LYS E 27 11.58 31.79 17.38
C LYS E 27 12.68 30.94 18.00
N GLN E 28 13.91 31.07 17.52
CA GLN E 28 15.02 30.30 18.06
C GLN E 28 16.29 31.13 17.93
N LEU E 29 17.44 30.49 18.08
CA LEU E 29 18.73 31.18 18.06
C LEU E 29 19.64 30.74 16.92
N THR E 30 19.24 29.74 16.14
CA THR E 30 20.08 29.26 15.04
C THR E 30 19.21 28.53 14.03
N GLY E 31 19.55 28.70 12.76
CA GLY E 31 18.88 27.96 11.70
C GLY E 31 19.31 26.51 11.67
N SER E 32 19.20 25.86 10.52
CA SER E 32 19.61 24.47 10.37
C SER E 32 19.66 24.14 8.89
N LEU E 33 20.26 23.00 8.58
CA LEU E 33 20.40 22.54 7.21
C LEU E 33 20.61 21.04 7.22
N THR E 34 20.30 20.40 6.10
CA THR E 34 20.48 18.95 5.96
C THR E 34 20.61 18.63 4.48
N VAL E 35 21.80 18.19 4.07
CA VAL E 35 22.10 17.88 2.69
C VAL E 35 22.44 16.40 2.59
N GLU E 36 21.79 15.71 1.67
CA GLU E 36 22.02 14.28 1.44
C GLU E 36 22.97 14.10 0.28
N ILE E 37 23.90 13.15 0.41
CA ILE E 37 24.96 12.95 -0.55
C ILE E 37 24.95 11.49 -0.99
N PHE E 38 25.52 11.25 -2.17
CA PHE E 38 25.68 9.91 -2.72
C PHE E 38 27.15 9.52 -2.66
N LEU E 39 27.42 8.31 -2.16
CA LEU E 39 28.77 7.82 -1.98
C LEU E 39 28.90 6.45 -2.63
N ASN E 40 30.13 6.10 -2.99
CA ASN E 40 30.42 4.88 -3.74
C ASN E 40 31.52 4.10 -3.04
N TYR E 41 31.63 2.81 -3.41
CA TYR E 41 32.70 1.96 -2.90
C TYR E 41 32.93 0.83 -3.89
N VAL E 42 34.17 0.66 -4.32
CA VAL E 42 34.59 -0.43 -5.19
C VAL E 42 35.41 -1.41 -4.34
N PRO E 43 34.94 -2.64 -4.14
CA PRO E 43 35.68 -3.55 -3.26
C PRO E 43 37.08 -3.82 -3.79
N SER E 44 38.02 -3.98 -2.86
CA SER E 44 39.42 -4.27 -3.20
C SER E 44 40.04 -3.16 -4.03
N LYS E 45 39.59 -1.92 -3.84
CA LYS E 45 40.13 -0.77 -4.54
C LYS E 45 40.21 0.40 -3.57
N PRO E 46 41.07 1.38 -3.84
CA PRO E 46 41.22 2.51 -2.91
C PRO E 46 39.96 3.37 -2.86
N VAL E 47 39.76 3.99 -1.71
CA VAL E 47 38.66 4.93 -1.50
C VAL E 47 39.20 6.13 -0.72
N ILE E 48 38.75 7.31 -1.10
CA ILE E 48 39.15 8.55 -0.44
C ILE E 48 37.96 9.04 0.38
N VAL E 49 38.18 9.26 1.68
CA VAL E 49 37.13 9.62 2.62
C VAL E 49 37.46 10.98 3.21
N ASN E 50 36.52 11.91 3.13
CA ASN E 50 36.70 13.22 3.74
C ASN E 50 36.35 13.20 5.23
N ALA E 51 35.10 12.91 5.54
CA ALA E 51 34.64 12.78 6.92
C ALA E 51 35.05 13.98 7.77
N VAL E 52 34.94 15.18 7.19
CA VAL E 52 35.34 16.40 7.89
C VAL E 52 34.20 16.80 8.83
N ARG E 53 34.41 16.59 10.13
CA ARG E 53 33.42 16.97 11.14
C ARG E 53 33.67 18.42 11.57
N GLY E 54 33.48 19.33 10.61
CA GLY E 54 33.55 20.74 10.86
C GLY E 54 34.26 21.51 9.76
N LYS E 55 33.56 22.47 9.18
CA LYS E 55 34.07 23.38 8.16
C LYS E 55 32.92 24.29 7.78
N GLU E 56 33.24 25.35 7.05
CA GLU E 56 32.20 26.30 6.64
C GLU E 56 31.24 25.64 5.64
N ILE E 57 29.97 26.02 5.74
CA ILE E 57 28.95 25.59 4.80
C ILE E 57 28.17 26.82 4.35
N LEU E 58 27.92 26.93 3.06
CA LEU E 58 27.18 28.04 2.49
C LEU E 58 26.11 27.52 1.55
N VAL E 59 24.96 28.18 1.56
CA VAL E 59 23.84 27.85 0.68
C VAL E 59 23.43 29.12 -0.05
N TYR E 60 23.48 29.10 -1.38
CA TYR E 60 23.03 30.20 -2.21
C TYR E 60 21.77 29.75 -2.95
N VAL E 61 20.68 30.47 -2.75
CA VAL E 61 19.39 30.15 -3.36
C VAL E 61 19.13 31.17 -4.45
N MET E 62 19.14 30.71 -5.70
CA MET E 62 18.86 31.55 -6.87
C MET E 62 19.74 32.82 -6.81
N GLY E 63 21.05 32.59 -6.90
CA GLY E 63 21.99 33.68 -6.96
C GLY E 63 21.94 34.61 -5.77
N GLU E 64 21.54 34.12 -4.61
CA GLU E 64 21.48 34.93 -3.40
C GLU E 64 21.86 34.08 -2.20
N LEU E 65 22.58 34.69 -1.26
CA LEU E 65 22.95 33.99 -0.04
C LEU E 65 21.72 33.72 0.81
N ALA E 66 21.66 32.53 1.40
CA ALA E 66 20.51 32.15 2.21
C ALA E 66 20.86 31.48 3.53
N PHE E 67 22.12 31.10 3.77
CA PHE E 67 22.47 30.45 5.02
C PHE E 67 23.98 30.40 5.19
N THR E 68 24.47 30.81 6.36
CA THR E 68 25.88 30.73 6.71
C THR E 68 26.02 29.80 7.88
N GLY E 69 26.89 28.79 7.75
CA GLY E 69 27.08 27.79 8.79
C GLY E 69 27.32 28.40 10.15
N GLU E 103 30.59 25.72 12.23
CA GLU E 103 29.68 26.42 11.33
C GLU E 103 28.96 25.43 10.43
N GLY E 104 29.72 24.55 9.79
CA GLY E 104 29.16 23.51 8.95
C GLY E 104 29.72 22.16 9.34
N GLY E 105 29.14 21.12 8.75
CA GLY E 105 29.53 19.77 9.09
C GLY E 105 29.39 19.48 10.57
N SER E 106 28.31 19.98 11.18
CA SER E 106 28.09 19.77 12.61
C SER E 106 27.81 18.31 12.93
N ASP E 107 27.43 17.51 11.93
CA ASP E 107 27.17 16.09 12.15
C ASP E 107 27.35 15.37 10.83
N VAL E 108 27.84 14.13 10.91
CA VAL E 108 28.02 13.28 9.75
C VAL E 108 27.53 11.88 10.10
N THR E 109 26.69 11.32 9.24
CA THR E 109 26.21 9.96 9.41
C THR E 109 26.21 9.27 8.05
N VAL E 110 26.43 7.96 8.06
CA VAL E 110 26.53 7.18 6.83
C VAL E 110 25.46 6.09 6.90
N ASN E 111 24.30 6.38 6.33
CA ASN E 111 23.27 5.36 6.20
C ASN E 111 23.79 4.24 5.30
N PHE E 112 23.04 3.15 5.26
CA PHE E 112 23.42 2.01 4.42
C PHE E 112 22.29 1.00 4.38
N ALA E 113 22.20 0.22 3.31
CA ALA E 113 21.13 -0.75 3.16
C ALA E 113 21.61 -1.95 2.36
N LYS E 114 21.00 -3.10 2.66
CA LYS E 114 21.21 -4.29 1.86
C LYS E 114 20.67 -4.13 0.44
N GLY E 115 19.66 -3.27 0.28
CA GLY E 115 18.97 -3.12 -0.98
C GLY E 115 19.20 -1.78 -1.64
N GLN E 116 18.26 -0.85 -1.42
CA GLN E 116 18.16 0.39 -2.18
C GLN E 116 19.52 0.98 -2.53
N GLY E 117 20.34 1.30 -1.53
CA GLY E 117 21.64 1.88 -1.83
C GLY E 117 22.34 2.37 -0.58
N TYR E 118 23.44 3.06 -0.82
CA TYR E 118 24.36 3.52 0.22
C TYR E 118 24.60 5.01 0.03
N SER E 119 24.37 5.79 1.08
CA SER E 119 24.42 7.25 0.99
C SER E 119 25.00 7.81 2.28
N VAL E 120 25.20 9.13 2.29
CA VAL E 120 25.75 9.84 3.44
C VAL E 120 24.92 11.11 3.65
N THR E 121 24.69 11.45 4.92
CA THR E 121 23.88 12.61 5.28
C THR E 121 24.71 13.55 6.13
N LEU E 122 24.62 14.85 5.83
CA LEU E 122 25.32 15.88 6.57
C LEU E 122 24.31 16.72 7.36
N THR E 123 24.82 17.73 8.04
CA THR E 123 24.00 18.64 8.83
C THR E 123 24.85 19.82 9.24
N ALA E 124 24.20 20.95 9.48
CA ALA E 124 24.90 22.17 9.85
C ALA E 124 23.94 23.09 10.60
N ARG E 125 24.51 24.09 11.26
CA ARG E 125 23.74 25.07 12.00
C ARG E 125 24.43 26.43 11.85
N GLY E 126 23.99 27.41 12.63
CA GLY E 126 24.50 28.76 12.51
C GLY E 126 25.85 28.95 13.17
N ARG E 127 26.39 30.16 13.00
CA ARG E 127 27.68 30.49 13.60
C ARG E 127 27.60 30.47 15.13
N THR E 128 26.41 30.69 15.69
CA THR E 128 26.20 30.60 17.13
C THR E 128 26.01 29.18 17.60
N LYS E 129 26.38 28.19 16.77
CA LYS E 129 26.24 26.79 17.17
C LYS E 129 26.98 26.49 18.46
N TYR E 130 28.05 27.23 18.74
CA TYR E 130 28.78 27.05 19.99
C TYR E 130 28.06 27.69 21.17
N LEU E 131 27.40 28.83 20.96
CA LEU E 131 26.65 29.46 22.04
C LEU E 131 25.54 28.55 22.53
N VAL E 132 24.82 27.90 21.60
CA VAL E 132 23.70 27.04 21.97
C VAL E 132 24.13 25.75 22.66
N ASP E 133 25.43 25.46 22.70
CA ASP E 133 25.92 24.21 23.27
C ASP E 133 27.12 24.41 24.20
N SER E 134 27.41 25.64 24.60
CA SER E 134 28.58 25.93 25.43
C SER E 134 28.14 26.60 26.72
N SER E 135 28.68 26.13 27.84
CA SER E 135 28.44 26.77 29.13
C SER E 135 29.37 27.98 29.27
N HIS E 136 28.82 29.07 29.78
CA HIS E 136 29.55 30.32 29.83
C HIS E 136 30.78 30.21 30.74
N SER E 137 31.84 30.90 30.33
CA SER E 137 33.08 30.94 31.09
C SER E 137 33.38 32.38 31.49
N HIS E 138 32.37 33.06 32.01
CA HIS E 138 32.45 34.49 32.27
C HIS E 138 33.61 34.79 33.23
N PRO E 139 34.30 35.93 33.05
CA PRO E 139 35.45 36.23 33.92
C PRO E 139 35.15 36.11 35.41
N THR E 140 34.13 36.82 35.89
CA THR E 140 33.79 36.84 37.32
C THR E 140 32.47 36.14 37.60
N GLY E 141 31.38 36.58 36.96
CA GLY E 141 30.11 35.92 37.11
C GLY E 141 29.02 36.78 37.72
N SER E 142 29.28 38.08 37.87
CA SER E 142 28.26 38.98 38.41
C SER E 142 28.63 40.42 38.05
N PHE E 143 27.78 41.06 37.25
CA PHE E 143 28.00 42.44 36.90
C PHE E 143 27.67 43.35 38.09
N LYS E 144 28.37 44.48 38.17
CA LYS E 144 28.06 45.48 39.19
C LYS E 144 26.91 46.37 38.75
N ASP E 145 27.13 47.15 37.69
CA ASP E 145 26.08 48.02 37.15
C ASP E 145 26.43 48.31 35.70
N THR E 146 25.64 47.78 34.77
CA THR E 146 25.89 47.93 33.35
C THR E 146 24.57 47.88 32.61
N SER E 147 24.63 47.78 31.28
CA SER E 147 23.47 47.64 30.43
C SER E 147 23.45 46.23 29.84
N ASP E 148 22.29 45.87 29.26
CA ASP E 148 22.19 44.55 28.64
C ASP E 148 23.15 44.41 27.47
N ARG E 149 23.29 45.46 26.66
CA ARG E 149 24.20 45.40 25.52
C ARG E 149 25.63 45.13 25.99
N LYS E 150 26.09 45.86 26.99
CA LYS E 150 27.44 45.67 27.50
C LYS E 150 27.61 44.33 28.20
N VAL E 151 26.53 43.63 28.49
CA VAL E 151 26.62 42.27 29.02
C VAL E 151 26.67 41.25 27.90
N ILE E 152 25.88 41.44 26.85
CA ILE E 152 25.87 40.50 25.74
C ILE E 152 27.22 40.49 25.05
N GLU E 153 27.88 41.64 24.96
CA GLU E 153 29.16 41.72 24.28
C GLU E 153 30.23 40.91 25.00
N ALA E 154 30.34 41.09 26.32
CA ALA E 154 31.36 40.41 27.10
C ALA E 154 31.04 38.93 27.33
N LEU E 155 29.84 38.48 26.99
CA LEU E 155 29.43 37.10 27.17
C LEU E 155 29.72 36.26 25.94
N VAL E 156 29.31 36.74 24.77
CA VAL E 156 29.43 35.96 23.54
C VAL E 156 30.79 36.14 22.86
N LYS E 157 31.51 37.22 23.16
CA LYS E 157 32.77 37.47 22.46
C LYS E 157 33.90 36.55 22.91
N GLU E 158 33.63 35.54 23.73
CA GLU E 158 34.61 34.50 23.99
C GLU E 158 34.73 33.51 22.84
N HIS E 159 33.82 33.55 21.87
CA HIS E 159 33.82 32.62 20.75
C HIS E 159 33.88 33.33 19.41
N LYS E 160 34.13 34.64 19.39
CA LYS E 160 34.29 35.41 18.16
C LYS E 160 33.04 35.29 17.28
N VAL E 161 31.94 35.82 17.80
CA VAL E 161 30.68 35.93 17.08
C VAL E 161 30.31 37.40 17.01
N VAL E 162 30.15 37.91 15.79
CA VAL E 162 29.88 39.34 15.59
C VAL E 162 28.43 39.63 15.94
N LEU E 163 28.22 40.60 16.82
CA LEU E 163 26.87 41.01 17.19
C LEU E 163 26.33 42.04 16.22
N ASP E 164 25.00 42.02 16.04
CA ASP E 164 24.30 42.97 15.18
C ASP E 164 23.15 43.54 16.00
N TRP E 165 23.42 44.64 16.70
CA TRP E 165 22.48 45.23 17.64
C TRP E 165 21.73 46.39 16.98
N GLN E 166 20.41 46.39 17.13
CA GLN E 166 19.59 47.49 16.62
C GLN E 166 18.47 47.88 17.58
N GLY E 167 18.39 47.28 18.77
CA GLY E 167 17.34 47.61 19.72
C GLY E 167 17.74 48.74 20.65
N THR E 168 16.83 49.03 21.58
CA THR E 168 17.03 50.09 22.55
C THR E 168 17.76 49.56 23.77
N GLU E 169 18.76 50.32 24.22
CA GLU E 169 19.54 49.93 25.39
C GLU E 169 18.73 50.14 26.67
N VAL E 170 18.89 49.22 27.62
CA VAL E 170 18.22 49.28 28.91
C VAL E 170 19.28 49.19 30.00
N LYS E 171 19.08 49.95 31.07
CA LYS E 171 20.02 50.01 32.18
C LYS E 171 19.50 49.20 33.35
N GLU E 172 20.32 48.28 33.85
CA GLU E 172 19.97 47.43 34.97
C GLU E 172 20.96 47.60 36.11
N PRO E 173 20.51 47.68 37.36
CA PRO E 173 21.45 47.84 38.48
C PRO E 173 22.03 46.52 38.98
N LYS E 174 21.29 45.42 38.79
CA LYS E 174 21.67 44.12 39.35
C LYS E 174 21.58 43.07 38.26
N ILE E 175 22.72 42.49 37.88
CA ILE E 175 22.78 41.35 36.97
C ILE E 175 23.78 40.35 37.53
N THR E 176 23.39 39.08 37.55
CA THR E 176 24.30 38.01 37.98
C THR E 176 23.93 36.75 37.20
N LEU E 177 24.69 36.49 36.14
CA LEU E 177 24.43 35.32 35.31
C LEU E 177 24.61 34.05 36.13
N ARG E 178 23.65 33.14 36.03
CA ARG E 178 23.71 31.90 36.81
C ARG E 178 25.01 31.16 36.50
N ASP E 179 25.50 30.43 37.49
CA ASP E 179 26.77 29.72 37.37
C ASP E 179 26.60 28.47 36.53
N GLY E 180 27.26 28.43 35.38
CA GLY E 180 27.23 27.28 34.51
C GLY E 180 26.09 27.25 33.51
N ASN E 181 25.16 28.20 33.58
CA ASN E 181 24.04 28.22 32.66
C ASN E 181 24.54 28.50 31.24
N ARG E 182 23.94 27.83 30.27
CA ARG E 182 24.37 27.97 28.89
C ARG E 182 24.16 29.39 28.40
N ILE E 183 24.84 29.72 27.29
CA ILE E 183 24.67 31.04 26.69
C ILE E 183 23.27 31.19 26.12
N PHE E 184 22.72 30.11 25.58
CA PHE E 184 21.38 30.16 24.98
C PHE E 184 20.35 30.56 26.03
N ASN E 185 20.43 29.97 27.22
CA ASN E 185 19.44 30.25 28.25
C ASN E 185 19.48 31.72 28.68
N GLU E 186 20.68 32.23 28.96
CA GLU E 186 20.78 33.55 29.58
C GLU E 186 20.32 34.65 28.62
N ILE E 187 20.81 34.63 27.39
CA ILE E 187 20.41 35.66 26.42
C ILE E 187 18.90 35.59 26.18
N PHE E 188 18.39 34.39 25.98
CA PHE E 188 16.95 34.22 25.79
C PHE E 188 16.19 34.73 27.01
N GLU E 189 16.67 34.40 28.20
CA GLU E 189 16.01 34.84 29.43
C GLU E 189 16.01 36.35 29.55
N ARG E 190 17.18 36.97 29.42
CA ARG E 190 17.28 38.41 29.61
C ARG E 190 16.50 39.17 28.54
N CYS E 191 16.60 38.74 27.29
CA CYS E 191 15.93 39.46 26.20
C CYS E 191 14.41 39.33 26.29
N ASN E 192 13.92 38.26 26.93
CA ASN E 192 12.48 38.11 27.10
C ASN E 192 11.93 39.16 28.05
N GLN E 193 12.65 39.45 29.13
CA GLN E 193 12.16 40.43 30.09
C GLN E 193 12.16 41.84 29.53
N ASN E 194 13.12 42.14 28.65
CA ASN E 194 13.20 43.46 28.01
C ASN E 194 12.49 43.51 26.66
N CYS E 195 11.81 42.43 26.27
CA CYS E 195 11.06 42.37 25.02
C CYS E 195 12.00 42.61 23.82
N HIS E 196 12.94 41.69 23.65
CA HIS E 196 13.87 41.70 22.53
C HIS E 196 13.85 40.34 21.84
N PHE E 197 13.62 40.35 20.53
CA PHE E 197 13.73 39.14 19.74
C PHE E 197 15.20 38.87 19.44
N ALA E 198 15.62 37.62 19.64
CA ALA E 198 17.00 37.20 19.41
C ALA E 198 17.00 36.07 18.39
N TYR E 199 17.52 36.34 17.19
CA TYR E 199 17.57 35.35 16.13
C TYR E 199 18.71 35.71 15.19
N GLU E 200 19.13 34.72 14.40
CA GLU E 200 20.27 34.87 13.52
C GLU E 200 19.85 35.34 12.13
N THR E 201 20.76 36.05 11.47
CA THR E 201 20.54 36.54 10.13
C THR E 201 21.02 35.50 9.12
N ARG E 202 21.08 35.88 7.85
CA ARG E 202 21.52 34.98 6.78
C ARG E 202 23.01 35.08 6.49
N ASP E 203 23.75 35.87 7.26
CA ASP E 203 25.16 36.13 6.98
C ASP E 203 26.11 35.56 8.01
N GLY E 204 25.63 35.25 9.21
CA GLY E 204 26.46 34.73 10.27
C GLY E 204 26.56 35.61 11.51
N LYS E 205 25.64 36.55 11.69
CA LYS E 205 25.64 37.46 12.83
C LYS E 205 24.56 37.04 13.82
N LEU E 206 24.40 37.84 14.87
CA LEU E 206 23.34 37.66 15.86
C LEU E 206 22.55 38.96 15.92
N LEU E 207 21.29 38.92 15.48
CA LEU E 207 20.44 40.10 15.37
C LEU E 207 19.46 40.12 16.54
N VAL E 208 19.59 41.14 17.39
CA VAL E 208 18.64 41.39 18.47
C VAL E 208 17.77 42.57 18.05
N THR E 209 16.47 42.31 17.86
CA THR E 209 15.56 43.33 17.35
C THR E 209 14.27 43.31 18.17
N ASP E 210 13.59 44.44 18.16
CA ASP E 210 12.31 44.61 18.84
C ASP E 210 11.15 44.78 17.87
N GLY E 211 11.34 44.41 16.61
CA GLY E 211 10.30 44.56 15.63
C GLY E 211 10.65 43.86 14.33
N THR E 212 9.94 44.25 13.27
CA THR E 212 10.16 43.68 11.96
C THR E 212 11.24 44.44 11.20
N THR E 213 11.85 43.76 10.23
CA THR E 213 12.88 44.40 9.41
C THR E 213 12.27 45.44 8.46
N GLY E 214 10.97 45.36 8.20
CA GLY E 214 10.31 46.33 7.36
C GLY E 214 10.49 46.14 5.87
N VAL E 215 11.18 45.08 5.45
CA VAL E 215 11.42 44.82 4.03
C VAL E 215 10.12 44.27 3.45
N VAL E 216 9.36 45.14 2.77
CA VAL E 216 8.10 44.70 2.19
C VAL E 216 8.37 43.61 1.17
N GLY E 217 7.60 42.53 1.25
CA GLY E 217 7.84 41.37 0.43
C GLY E 217 6.89 41.23 -0.75
N GLU E 218 5.98 40.28 -0.66
CA GLU E 218 5.13 39.87 -1.78
C GLU E 218 3.67 39.87 -1.38
N ASP E 219 2.81 39.57 -2.34
CA ASP E 219 1.36 39.50 -2.15
C ASP E 219 0.91 38.08 -2.48
N ILE E 220 0.91 37.21 -1.48
CA ILE E 220 0.49 35.82 -1.67
C ILE E 220 -1.03 35.79 -1.77
N VAL E 221 -1.54 35.71 -2.99
CA VAL E 221 -2.97 35.80 -3.28
C VAL E 221 -3.47 34.41 -3.64
N LEU E 222 -4.60 34.03 -3.05
CA LEU E 222 -5.19 32.72 -3.33
C LEU E 222 -5.61 32.65 -4.79
N GLY E 223 -5.26 31.54 -5.45
CA GLY E 223 -5.56 31.35 -6.85
C GLY E 223 -4.41 31.69 -7.79
N GLN E 224 -3.28 32.17 -7.27
CA GLN E 224 -2.12 32.52 -8.08
C GLN E 224 -0.90 31.67 -7.76
N ASN E 225 -0.55 31.56 -6.48
CA ASN E 225 0.66 30.84 -6.09
C ASN E 225 0.50 29.90 -4.91
N ILE E 226 -0.64 29.90 -4.21
CA ILE E 226 -0.79 29.03 -3.05
C ILE E 226 -1.00 27.58 -3.50
N LEU E 227 -0.67 26.66 -2.60
CA LEU E 227 -1.05 25.25 -2.73
C LEU E 227 -1.89 24.77 -1.56
N ASP E 228 -1.53 25.15 -0.34
CA ASP E 228 -2.29 24.84 0.87
C ASP E 228 -2.03 25.94 1.88
N PHE E 229 -3.03 26.24 2.71
CA PHE E 229 -2.83 27.27 3.72
C PHE E 229 -3.12 26.80 5.15
N SER E 230 -4.16 26.01 5.36
CA SER E 230 -4.44 25.42 6.67
C SER E 230 -4.33 26.45 7.80
N ALA E 231 -5.07 27.55 7.66
CA ALA E 231 -5.09 28.56 8.71
C ALA E 231 -5.71 27.98 9.98
N GLU E 232 -5.61 28.73 11.07
CA GLU E 232 -6.09 28.24 12.35
C GLU E 232 -6.32 29.38 13.32
N GLN E 233 -7.21 29.14 14.28
CA GLN E 233 -7.40 29.99 15.45
C GLN E 233 -7.56 29.08 16.66
N SER E 234 -7.29 29.64 17.84
CA SER E 234 -7.38 28.84 19.05
C SER E 234 -7.59 29.75 20.25
N GLU E 235 -8.49 29.35 21.15
CA GLU E 235 -8.78 30.10 22.36
C GLU E 235 -7.99 29.61 23.57
N ASP E 236 -7.28 28.48 23.45
CA ASP E 236 -6.59 27.89 24.58
C ASP E 236 -5.24 28.55 24.86
N ARG E 237 -4.81 29.50 24.02
CA ARG E 237 -3.52 30.16 24.18
C ARG E 237 -3.67 31.67 24.21
N ALA E 238 -4.76 32.17 24.78
CA ALA E 238 -5.02 33.60 24.88
C ALA E 238 -5.51 33.94 26.28
N ASN E 239 -5.24 35.17 26.70
CA ASN E 239 -5.64 35.65 28.01
C ASN E 239 -5.97 37.14 27.91
N SER E 240 -7.14 37.54 28.42
CA SER E 240 -7.57 38.92 28.29
C SER E 240 -6.83 39.85 29.23
N GLU E 241 -6.41 39.36 30.40
CA GLU E 241 -5.74 40.18 31.40
C GLU E 241 -4.53 39.43 31.93
N ILE E 242 -3.36 40.05 31.85
CA ILE E 242 -2.11 39.50 32.37
C ILE E 242 -1.58 40.43 33.44
N THR E 243 -1.10 39.86 34.54
CA THR E 243 -0.56 40.61 35.66
C THR E 243 0.84 40.13 35.99
N VAL E 244 1.68 41.05 36.45
CA VAL E 244 3.07 40.76 36.78
C VAL E 244 3.37 41.28 38.17
N LYS E 245 4.36 40.68 38.82
CA LYS E 245 4.80 41.11 40.13
C LYS E 245 6.27 40.78 40.29
N GLY E 246 6.92 41.47 41.24
CA GLY E 246 8.33 41.26 41.50
C GLY E 246 8.93 42.35 42.36
N HIS E 247 9.88 41.99 43.22
CA HIS E 247 10.49 42.94 44.13
C HIS E 247 11.56 43.76 43.42
N ARG E 248 12.16 44.69 44.16
CA ARG E 248 13.20 45.56 43.65
C ARG E 248 14.51 45.27 44.36
N VAL E 249 15.61 45.66 43.73
CA VAL E 249 16.94 45.30 44.22
C VAL E 249 17.87 46.48 44.41
N ALA E 250 17.55 47.67 43.87
CA ALA E 250 18.45 48.81 43.98
C ALA E 250 18.80 49.10 45.43
N LYS E 251 19.92 49.79 45.66
CA LYS E 251 20.41 50.00 47.02
C LYS E 251 19.44 50.86 47.83
N ASP E 252 18.89 51.90 47.22
CA ASP E 252 18.11 52.89 47.96
C ASP E 252 16.68 52.47 48.24
N VAL E 253 16.18 51.42 47.61
CA VAL E 253 14.78 51.01 47.74
C VAL E 253 14.73 49.63 48.38
N TRP E 254 14.08 49.55 49.55
CA TRP E 254 13.93 48.30 50.27
C TRP E 254 12.88 48.46 51.37
N GLY E 255 11.85 47.61 51.36
CA GLY E 255 10.77 47.71 52.33
C GLY E 255 9.40 47.67 51.69
N LYS E 256 8.50 48.56 52.13
CA LYS E 256 7.17 48.61 51.55
C LYS E 256 7.24 48.99 50.07
N ASN E 257 8.11 49.92 49.71
CA ASN E 257 8.24 50.36 48.33
C ASN E 257 8.91 49.32 47.44
N ALA E 258 9.47 48.26 48.01
CA ALA E 258 10.18 47.23 47.25
C ALA E 258 9.58 45.84 47.41
N ILE E 259 8.39 45.72 48.01
CA ILE E 259 7.78 44.42 48.24
C ILE E 259 6.37 44.39 47.65
N VAL E 260 5.54 45.35 48.05
CA VAL E 260 4.12 45.33 47.68
C VAL E 260 3.75 46.37 46.65
N GLN E 261 4.62 47.34 46.37
CA GLN E 261 4.29 48.41 45.45
C GLN E 261 4.42 47.98 43.99
N PRO E 262 5.54 47.35 43.58
CA PRO E 262 5.76 47.12 42.14
C PRO E 262 4.89 46.02 41.56
N VAL E 263 3.66 46.36 41.21
CA VAL E 263 2.75 45.46 40.53
C VAL E 263 2.06 46.21 39.40
N GLN E 264 2.00 45.60 38.22
CA GLN E 264 1.40 46.24 37.05
C GLN E 264 0.57 45.23 36.29
N SER E 265 -0.43 45.73 35.57
CA SER E 265 -1.35 44.92 34.80
C SER E 265 -1.46 45.45 33.38
N VAL E 266 -1.58 44.55 32.42
CA VAL E 266 -1.75 44.90 31.02
C VAL E 266 -2.81 43.99 30.42
N ALA E 267 -3.65 44.55 29.56
CA ALA E 267 -4.79 43.84 28.99
C ALA E 267 -4.72 43.85 27.47
N ASP E 268 -5.26 42.79 26.87
CA ASP E 268 -5.24 42.62 25.41
C ASP E 268 -6.39 43.37 24.74
N SER E 269 -7.61 43.11 25.19
CA SER E 269 -8.86 43.70 24.71
C SER E 269 -9.35 43.07 23.41
N TRP E 270 -8.59 42.16 22.81
CA TRP E 270 -9.10 41.41 21.66
C TRP E 270 -9.87 40.17 22.09
N VAL E 271 -9.55 39.59 23.24
CA VAL E 271 -10.29 38.47 23.77
C VAL E 271 -11.53 38.99 24.48
N GLY E 272 -12.69 38.50 24.09
CA GLY E 272 -13.95 38.96 24.62
C GLY E 272 -14.39 38.28 25.91
N ALA E 273 -13.58 37.41 26.48
CA ALA E 273 -13.91 36.67 27.68
C ALA E 273 -12.93 37.03 28.80
N ASN E 274 -13.09 36.37 29.94
CA ASN E 274 -12.28 36.61 31.13
C ASN E 274 -11.41 35.37 31.36
N ILE E 275 -10.12 35.48 31.04
CA ILE E 275 -9.17 34.39 31.23
C ILE E 275 -7.95 34.95 31.95
N PRO E 276 -8.04 35.27 33.24
CA PRO E 276 -6.93 35.95 33.90
C PRO E 276 -5.69 35.08 34.00
N LEU E 277 -4.53 35.75 33.98
CA LEU E 277 -3.24 35.11 34.16
C LEU E 277 -2.38 35.99 35.06
N THR E 278 -1.43 35.36 35.74
CA THR E 278 -0.52 36.07 36.62
C THR E 278 0.88 35.49 36.47
N ILE E 279 1.88 36.37 36.45
CA ILE E 279 3.26 35.99 36.23
C ILE E 279 4.13 36.66 37.29
N GLN E 280 5.30 36.07 37.54
CA GLN E 280 6.31 36.64 38.41
C GLN E 280 7.52 37.06 37.59
N HIS E 281 8.14 38.15 38.01
CA HIS E 281 9.26 38.75 37.29
C HIS E 281 10.57 38.27 37.89
N TYR E 282 11.46 37.75 37.02
CA TYR E 282 12.76 37.24 37.45
C TYR E 282 13.81 38.32 37.16
N GLY E 283 13.86 39.32 38.03
CA GLY E 283 14.82 40.38 37.88
C GLY E 283 14.51 41.53 38.82
N ASP E 284 15.19 42.65 38.59
CA ASP E 284 14.98 43.87 39.36
C ASP E 284 13.76 44.59 38.80
N ALA E 285 12.62 44.35 39.43
CA ALA E 285 11.35 44.86 38.91
C ALA E 285 11.34 46.38 38.89
N THR E 286 10.90 46.94 37.76
CA THR E 286 10.66 48.36 37.62
C THR E 286 9.42 48.53 36.76
N ASN E 287 8.58 49.52 37.12
CA ASN E 287 7.26 49.64 36.50
C ASN E 287 7.37 49.64 34.98
N GLU E 288 8.37 50.32 34.43
CA GLU E 288 8.58 50.27 32.98
C GLU E 288 8.90 48.86 32.52
N SER E 289 9.72 48.13 33.29
CA SER E 289 10.11 46.79 32.87
C SER E 289 8.95 45.81 32.95
N LEU E 290 8.04 46.01 33.92
CA LEU E 290 6.90 45.11 34.04
C LEU E 290 6.08 45.08 32.77
N GLN E 291 5.74 46.26 32.24
CA GLN E 291 4.94 46.31 31.03
C GLN E 291 5.69 45.74 29.83
N ARG E 292 6.99 46.02 29.72
CA ARG E 292 7.78 45.41 28.66
C ARG E 292 7.64 43.90 28.66
N ARG E 293 7.81 43.28 29.82
CA ARG E 293 7.61 41.83 29.92
C ARG E 293 6.15 41.46 29.65
N ALA E 294 5.21 42.26 30.14
CA ALA E 294 3.80 41.96 29.94
C ALA E 294 3.44 41.98 28.46
N LYS E 295 3.94 42.98 27.73
CA LYS E 295 3.62 43.06 26.30
C LYS E 295 4.32 41.96 25.51
N PHE E 296 5.51 41.55 25.95
CA PHE E 296 6.19 40.44 25.28
C PHE E 296 5.32 39.19 25.29
N GLU E 297 4.70 38.89 26.44
CA GLU E 297 3.77 37.78 26.51
C GLU E 297 2.59 37.98 25.56
N ALA E 298 2.08 39.21 25.50
CA ALA E 298 0.92 39.48 24.65
C ALA E 298 1.23 39.20 23.18
N ASP E 299 2.38 39.66 22.70
CA ASP E 299 2.74 39.40 21.31
C ASP E 299 2.91 37.91 21.05
N ARG E 300 3.54 37.20 21.98
CA ARG E 300 3.72 35.76 21.81
C ARG E 300 2.39 35.04 21.78
N ARG E 301 1.50 35.34 22.74
CA ARG E 301 0.20 34.69 22.78
C ARG E 301 -0.63 35.04 21.55
N ALA E 302 -0.60 36.31 21.13
CA ALA E 302 -1.38 36.72 19.97
C ALA E 302 -0.94 35.98 18.72
N ALA E 303 0.38 35.83 18.52
CA ALA E 303 0.87 35.15 17.34
C ALA E 303 0.45 33.68 17.34
N GLU E 304 0.51 33.02 18.48
CA GLU E 304 0.18 31.60 18.55
C GLU E 304 -1.27 31.32 18.22
N SER E 305 -2.14 32.33 18.26
CA SER E 305 -3.57 32.14 18.05
C SER E 305 -3.99 32.40 16.60
N LYS E 306 -3.05 32.71 15.70
CA LYS E 306 -3.41 32.99 14.32
C LYS E 306 -2.39 32.41 13.34
N SER E 307 -1.81 31.27 13.68
CA SER E 307 -0.77 30.68 12.83
C SER E 307 -1.34 30.24 11.49
N VAL E 308 -0.53 30.42 10.44
CA VAL E 308 -0.88 30.00 9.09
C VAL E 308 0.29 29.20 8.53
N ASN E 309 0.00 28.28 7.62
CA ASN E 309 1.02 27.44 6.99
C ASN E 309 0.76 27.42 5.48
N VAL E 310 1.55 28.17 4.73
CA VAL E 310 1.36 28.30 3.30
C VAL E 310 2.47 27.56 2.56
N THR E 311 2.19 27.21 1.31
CA THR E 311 3.15 26.54 0.45
C THR E 311 3.08 27.19 -0.93
N VAL E 312 4.24 27.58 -1.48
CA VAL E 312 4.26 28.47 -2.63
C VAL E 312 5.09 27.93 -3.80
N PHE E 313 5.22 26.61 -3.88
CA PHE E 313 5.82 25.94 -5.05
C PHE E 313 7.22 26.53 -5.26
N HIS E 314 7.55 27.02 -6.46
CA HIS E 314 8.92 27.36 -6.82
C HIS E 314 9.54 28.28 -5.78
N VAL E 315 10.86 28.15 -5.61
CA VAL E 315 11.61 29.00 -4.69
C VAL E 315 11.59 30.44 -5.20
N TRP E 323 11.80 37.32 0.63
CA TRP E 323 13.11 36.69 0.63
C TRP E 323 13.47 36.14 2.00
N ASP E 324 13.14 36.90 3.04
CA ASP E 324 13.66 36.67 4.38
C ASP E 324 12.52 36.62 5.39
N ILE E 325 12.84 36.10 6.58
CA ILE E 325 11.88 36.04 7.66
C ILE E 325 11.65 37.44 8.24
N GLY E 326 10.48 37.63 8.84
CA GLY E 326 10.10 38.90 9.41
C GLY E 326 9.62 39.92 8.40
N ASN E 327 9.59 39.58 7.11
CA ASN E 327 9.15 40.51 6.08
C ASN E 327 7.67 40.81 6.22
N ILE E 328 7.16 41.70 5.38
CA ILE E 328 5.76 42.10 5.38
C ILE E 328 5.15 41.69 4.06
N HIS E 329 4.10 40.88 4.12
CA HIS E 329 3.40 40.39 2.94
C HIS E 329 1.92 40.73 3.04
N TYR E 330 1.27 40.77 1.88
CA TYR E 330 -0.19 40.82 1.80
C TYR E 330 -0.70 39.43 1.47
N VAL E 331 -1.87 39.10 2.00
CA VAL E 331 -2.49 37.80 1.79
C VAL E 331 -3.94 38.01 1.39
N GLU E 332 -4.51 37.00 0.76
CA GLU E 332 -5.92 37.05 0.35
C GLU E 332 -6.46 35.63 0.33
N ILE E 333 -7.25 35.29 1.34
CA ILE E 333 -7.99 34.03 1.36
C ILE E 333 -9.45 34.38 1.62
N PRO E 334 -10.22 34.71 0.58
CA PRO E 334 -11.62 35.09 0.78
C PRO E 334 -12.44 33.99 1.44
N PRO E 335 -12.13 32.71 1.20
CA PRO E 335 -12.94 31.66 1.84
C PRO E 335 -13.13 31.87 3.33
N GLU E 336 -12.12 32.34 4.05
CA GLU E 336 -12.27 32.74 5.44
C GLU E 336 -11.91 34.21 5.64
N GLY E 337 -11.81 34.96 4.55
CA GLY E 337 -11.70 36.41 4.60
C GLY E 337 -10.44 36.97 5.21
N ILE E 338 -9.27 36.43 4.84
CA ILE E 338 -8.01 37.03 5.25
C ILE E 338 -7.72 38.20 4.32
N PHE E 339 -7.73 39.41 4.87
CA PHE E 339 -7.41 40.63 4.13
C PHE E 339 -6.49 41.51 4.96
N ASP E 340 -5.58 40.89 5.71
CA ASP E 340 -4.77 41.58 6.69
C ASP E 340 -3.28 41.39 6.38
N VAL E 341 -2.49 42.43 6.68
CA VAL E 341 -1.05 42.33 6.52
C VAL E 341 -0.51 41.25 7.45
N MET E 342 0.58 40.62 7.05
CA MET E 342 1.14 39.49 7.78
C MET E 342 2.65 39.64 7.86
N GLU E 343 3.24 39.06 8.90
CA GLU E 343 4.69 39.04 9.08
C GLU E 343 5.15 37.59 9.14
N CYS E 344 6.05 37.22 8.23
CA CYS E 344 6.56 35.85 8.18
C CYS E 344 7.42 35.55 9.41
N VAL E 345 7.25 34.36 9.96
CA VAL E 345 7.98 33.95 11.16
C VAL E 345 8.96 32.82 10.87
N SER E 346 8.76 32.03 9.82
CA SER E 346 9.66 30.93 9.51
C SER E 346 9.73 30.76 8.00
N LEU E 347 10.81 30.13 7.55
CA LEU E 347 11.04 29.90 6.13
C LEU E 347 11.72 28.55 5.97
N THR E 348 11.38 27.86 4.89
CA THR E 348 11.91 26.51 4.66
C THR E 348 11.97 26.24 3.17
N TYR E 349 13.17 25.97 2.66
CA TYR E 349 13.37 25.53 1.29
C TYR E 349 13.65 24.03 1.30
N SER E 350 12.79 23.27 0.60
CA SER E 350 12.93 21.82 0.52
C SER E 350 12.89 21.39 -0.93
N VAL E 351 13.77 20.43 -1.29
CA VAL E 351 13.89 19.94 -2.65
C VAL E 351 14.07 18.44 -2.62
N ASP E 352 13.75 17.79 -3.74
CA ASP E 352 13.96 16.36 -3.91
C ASP E 352 14.30 16.10 -5.36
N ALA E 353 14.87 14.92 -5.61
CA ALA E 353 15.31 14.57 -6.97
C ALA E 353 14.13 14.33 -7.90
N LYS E 354 12.93 14.11 -7.39
CA LYS E 354 11.78 13.80 -8.24
C LYS E 354 10.54 14.48 -7.68
N SER E 355 10.01 15.45 -8.43
CA SER E 355 8.69 16.03 -8.16
C SER E 355 8.64 16.67 -6.77
N THR E 356 9.61 17.53 -6.48
CA THR E 356 9.55 18.32 -5.25
C THR E 356 10.50 19.50 -5.37
N LEU E 357 9.95 20.70 -5.39
CA LEU E 357 10.74 21.92 -5.20
C LEU E 357 9.76 22.97 -4.66
N GLU E 358 9.79 23.17 -3.35
CA GLU E 358 8.71 23.86 -2.67
C GLU E 358 9.28 24.73 -1.54
N THR E 359 8.45 25.64 -1.06
CA THR E 359 8.79 26.51 0.06
C THR E 359 7.61 26.54 1.02
N GLN E 360 7.91 26.80 2.29
CA GLN E 360 6.89 26.86 3.32
C GLN E 360 7.06 28.14 4.12
N LEU E 361 5.94 28.64 4.65
CA LEU E 361 5.92 29.87 5.43
C LEU E 361 5.05 29.66 6.64
N GLU E 362 5.32 30.42 7.70
CA GLU E 362 4.55 30.38 8.94
C GLU E 362 4.25 31.83 9.34
N LEU E 363 3.15 32.36 8.82
CA LEU E 363 2.83 33.77 9.02
C LEU E 363 2.23 33.98 10.41
N ALA E 364 2.03 35.25 10.75
CA ALA E 364 1.32 35.66 11.96
C ALA E 364 1.09 37.16 11.89
N PRO E 365 -0.04 37.68 12.39
CA PRO E 365 -0.29 39.12 12.31
C PRO E 365 0.21 39.87 13.54
N MET F 1 16.39 -28.08 12.37
CA MET F 1 17.75 -27.79 12.90
C MET F 1 17.70 -27.69 14.42
N ILE F 2 18.81 -28.01 15.08
CA ILE F 2 18.90 -27.97 16.54
C ILE F 2 18.44 -26.60 17.02
N LYS F 3 17.38 -26.57 17.84
CA LYS F 3 16.74 -25.33 18.25
C LYS F 3 17.77 -24.31 18.71
N PRO F 4 17.99 -23.23 17.95
CA PRO F 4 18.93 -22.20 18.38
C PRO F 4 18.43 -21.31 19.51
N MET F 5 17.17 -21.44 19.91
CA MET F 5 16.65 -20.69 21.05
C MET F 5 15.54 -21.49 21.72
N ARG F 6 15.64 -21.65 23.03
CA ARG F 6 14.62 -22.33 23.82
C ARG F 6 14.27 -21.45 25.01
N ILE F 7 12.96 -21.38 25.32
CA ILE F 7 12.44 -20.53 26.37
C ILE F 7 11.83 -21.42 27.45
N PHE F 8 12.06 -21.07 28.71
CA PHE F 8 11.53 -21.81 29.84
C PHE F 8 10.83 -20.85 30.79
N ILE F 9 9.66 -21.27 31.28
CA ILE F 9 8.93 -20.55 32.32
C ILE F 9 8.59 -21.55 33.41
N GLY F 10 9.04 -21.25 34.63
CA GLY F 10 8.71 -22.09 35.77
C GLY F 10 8.98 -23.57 35.56
N GLY F 11 9.85 -23.90 34.61
CA GLY F 11 10.22 -25.27 34.36
C GLY F 11 9.39 -26.01 33.32
N GLU F 12 8.35 -25.38 32.77
CA GLU F 12 7.54 -25.99 31.72
C GLU F 12 7.82 -25.24 30.42
N GLU F 13 8.26 -25.98 29.40
CA GLU F 13 8.75 -25.36 28.18
C GLU F 13 7.62 -24.66 27.42
N LEU F 14 7.97 -23.57 26.74
CA LEU F 14 7.05 -22.87 25.86
C LEU F 14 7.22 -23.43 24.45
N GLU F 15 6.23 -24.20 23.99
CA GLU F 15 6.30 -24.86 22.70
C GLU F 15 5.56 -24.08 21.62
N THR F 16 5.05 -22.90 21.93
CA THR F 16 4.25 -22.12 20.98
C THR F 16 4.66 -20.65 20.96
N TYR F 17 5.94 -20.36 21.18
CA TYR F 17 6.39 -18.98 21.10
C TYR F 17 6.45 -18.54 19.65
N THR F 18 5.36 -17.96 19.14
CA THR F 18 5.30 -17.55 17.74
C THR F 18 6.22 -16.38 17.43
N SER F 19 6.77 -15.71 18.44
CA SER F 19 7.73 -14.64 18.23
C SER F 19 8.51 -14.45 19.52
N ALA F 20 9.65 -13.78 19.42
CA ALA F 20 10.49 -13.55 20.57
C ALA F 20 11.34 -12.31 20.34
N ARG F 21 11.82 -11.74 21.44
CA ARG F 21 12.75 -10.62 21.39
C ARG F 21 13.43 -10.43 22.74
N LEU F 22 14.76 -10.45 22.76
CA LEU F 22 15.52 -10.34 24.00
C LEU F 22 16.54 -9.23 23.84
N GLN F 23 16.52 -8.27 24.77
CA GLN F 23 17.44 -7.13 24.75
C GLN F 23 18.26 -7.11 26.03
N ARG F 24 19.52 -6.69 25.90
CA ARG F 24 20.42 -6.56 27.03
C ARG F 24 21.31 -5.35 26.78
N THR F 25 21.09 -4.28 27.54
CA THR F 25 21.81 -3.03 27.35
C THR F 25 22.70 -2.75 28.55
N LYS F 26 23.89 -2.22 28.28
CA LYS F 26 24.86 -1.88 29.31
C LYS F 26 24.59 -0.53 29.96
N LYS F 27 23.73 0.29 29.36
CA LYS F 27 23.46 1.64 29.85
C LYS F 27 22.21 1.71 30.72
N GLN F 28 21.86 0.62 31.40
CA GLN F 28 20.67 0.59 32.24
C GLN F 28 20.95 -0.36 33.40
N LEU F 29 19.90 -0.76 34.11
CA LEU F 29 20.02 -1.61 35.28
C LEU F 29 19.32 -2.95 35.14
N THR F 30 18.63 -3.19 34.03
CA THR F 30 17.93 -4.47 33.84
C THR F 30 17.72 -4.70 32.35
N GLY F 31 17.80 -5.97 31.95
CA GLY F 31 17.47 -6.36 30.59
C GLY F 31 15.97 -6.34 30.37
N SER F 32 15.48 -7.16 29.45
CA SER F 32 14.05 -7.26 29.19
C SER F 32 13.82 -8.54 28.37
N LEU F 33 12.58 -8.72 27.92
CA LEU F 33 12.19 -9.87 27.13
C LEU F 33 10.76 -9.64 26.66
N THR F 34 10.35 -10.41 25.64
CA THR F 34 8.99 -10.33 25.14
C THR F 34 8.68 -11.55 24.29
N VAL F 35 7.61 -12.26 24.65
CA VAL F 35 7.21 -13.49 23.97
C VAL F 35 5.74 -13.39 23.59
N GLU F 36 5.44 -13.70 22.33
CA GLU F 36 4.07 -13.72 21.83
C GLU F 36 3.63 -15.18 21.71
N ILE F 37 2.45 -15.48 22.26
CA ILE F 37 1.97 -16.85 22.37
C ILE F 37 0.60 -16.96 21.72
N PHE F 38 0.36 -18.08 21.06
CA PHE F 38 -0.93 -18.36 20.44
C PHE F 38 -1.83 -19.06 21.45
N LEU F 39 -3.01 -18.48 21.67
CA LEU F 39 -3.98 -19.02 22.60
C LEU F 39 -5.28 -19.32 21.86
N ASN F 40 -5.99 -20.35 22.31
CA ASN F 40 -7.18 -20.84 21.63
C ASN F 40 -8.37 -20.76 22.58
N TYR F 41 -9.56 -20.78 21.98
CA TYR F 41 -10.80 -20.83 22.74
C TYR F 41 -11.88 -21.47 21.87
N VAL F 42 -12.69 -22.33 22.50
CA VAL F 42 -13.80 -22.99 21.82
C VAL F 42 -15.05 -22.79 22.67
N PRO F 43 -16.14 -22.26 22.11
CA PRO F 43 -17.29 -21.90 22.95
C PRO F 43 -17.98 -23.12 23.53
N SER F 44 -18.64 -22.90 24.68
CA SER F 44 -19.48 -23.91 25.31
C SER F 44 -18.70 -25.15 25.72
N LYS F 45 -17.40 -25.00 25.98
CA LYS F 45 -16.57 -26.10 26.41
C LYS F 45 -15.54 -25.57 27.38
N PRO F 46 -14.98 -26.42 28.24
CA PRO F 46 -14.05 -25.94 29.27
C PRO F 46 -12.77 -25.39 28.68
N VAL F 47 -12.18 -24.43 29.39
CA VAL F 47 -10.87 -23.89 29.05
C VAL F 47 -10.04 -23.82 30.33
N ILE F 48 -8.72 -23.81 30.15
CA ILE F 48 -7.76 -23.74 31.24
C ILE F 48 -6.93 -22.49 31.08
N VAL F 49 -6.89 -21.66 32.12
CA VAL F 49 -6.21 -20.37 32.10
C VAL F 49 -5.11 -20.38 33.15
N ASN F 50 -3.88 -20.12 32.73
CA ASN F 50 -2.78 -19.97 33.67
C ASN F 50 -2.74 -18.57 34.26
N ALA F 51 -2.53 -17.56 33.41
CA ALA F 51 -2.57 -16.16 33.81
C ALA F 51 -1.68 -15.91 35.03
N VAL F 52 -0.48 -16.49 35.01
CA VAL F 52 0.45 -16.36 36.13
C VAL F 52 1.17 -15.03 36.00
N ARG F 53 0.84 -14.08 36.86
CA ARG F 53 1.50 -12.77 36.87
C ARG F 53 2.72 -12.80 37.79
N GLY F 54 3.67 -13.65 37.43
CA GLY F 54 4.94 -13.75 38.12
C GLY F 54 5.41 -15.18 38.29
N LYS F 55 6.61 -15.45 37.77
CA LYS F 55 7.27 -16.74 37.89
C LYS F 55 8.61 -16.60 37.17
N GLU F 56 9.50 -17.56 37.41
CA GLU F 56 10.82 -17.52 36.80
C GLU F 56 10.73 -17.75 35.29
N ILE F 57 11.62 -17.10 34.55
CA ILE F 57 11.71 -17.26 33.10
C ILE F 57 13.18 -17.39 32.73
N LEU F 58 13.46 -18.29 31.78
CA LEU F 58 14.81 -18.50 31.27
C LEU F 58 14.78 -18.52 29.75
N VAL F 59 15.87 -18.04 29.15
CA VAL F 59 16.05 -18.05 27.70
C VAL F 59 17.42 -18.65 27.41
N TYR F 60 17.43 -19.73 26.62
CA TYR F 60 18.66 -20.37 26.18
C TYR F 60 18.81 -20.15 24.68
N VAL F 61 19.94 -19.57 24.28
CA VAL F 61 20.23 -19.31 22.88
C VAL F 61 21.32 -20.29 22.44
N MET F 62 20.98 -21.18 21.53
CA MET F 62 21.92 -22.16 21.00
C MET F 62 22.59 -22.94 22.12
N GLY F 63 21.77 -23.50 23.00
CA GLY F 63 22.29 -24.28 24.11
C GLY F 63 23.16 -23.49 25.07
N GLU F 64 22.86 -22.21 25.26
CA GLU F 64 23.58 -21.37 26.21
C GLU F 64 22.61 -20.38 26.83
N LEU F 65 22.73 -20.19 28.14
CA LEU F 65 21.87 -19.26 28.85
C LEU F 65 22.14 -17.83 28.38
N ALA F 66 21.07 -17.06 28.19
CA ALA F 66 21.20 -15.70 27.68
C ALA F 66 20.31 -14.70 28.39
N PHE F 67 19.58 -15.11 29.43
CA PHE F 67 18.69 -14.21 30.15
C PHE F 67 18.18 -14.92 31.37
N THR F 68 17.73 -14.14 32.36
CA THR F 68 17.19 -14.70 33.60
C THR F 68 16.23 -13.66 34.18
N GLY F 69 14.94 -13.97 34.16
CA GLY F 69 13.93 -13.06 34.67
C GLY F 69 14.27 -12.53 36.05
N GLU F 103 10.40 -11.83 38.57
CA GLU F 103 11.47 -12.28 37.68
C GLU F 103 10.97 -12.41 36.25
N GLY F 104 9.98 -13.28 36.05
CA GLY F 104 9.37 -13.47 34.76
C GLY F 104 7.86 -13.35 34.86
N GLY F 105 7.24 -13.15 33.70
CA GLY F 105 5.79 -12.95 33.68
C GLY F 105 5.38 -11.76 34.51
N SER F 106 6.15 -10.68 34.47
CA SER F 106 5.82 -9.47 35.22
C SER F 106 4.71 -8.67 34.58
N ASP F 107 4.30 -9.02 33.35
CA ASP F 107 3.21 -8.35 32.68
C ASP F 107 2.55 -9.33 31.73
N VAL F 108 1.22 -9.34 31.73
CA VAL F 108 0.44 -10.23 30.86
C VAL F 108 -0.66 -9.41 30.22
N THR F 109 -0.75 -9.47 28.89
CA THR F 109 -1.83 -8.85 28.15
C THR F 109 -2.32 -9.83 27.10
N VAL F 110 -3.62 -9.78 26.81
CA VAL F 110 -4.26 -10.72 25.89
C VAL F 110 -4.97 -9.89 24.83
N ASN F 111 -4.31 -9.68 23.70
CA ASN F 111 -4.93 -8.98 22.59
C ASN F 111 -6.05 -9.84 22.02
N PHE F 112 -6.79 -9.27 21.07
CA PHE F 112 -7.88 -10.00 20.43
C PHE F 112 -8.39 -9.19 19.24
N ALA F 113 -8.95 -9.86 18.24
CA ALA F 113 -9.38 -9.17 17.03
C ALA F 113 -10.62 -9.82 16.46
N LYS F 114 -11.46 -8.99 15.83
CA LYS F 114 -12.60 -9.49 15.06
C LYS F 114 -12.15 -10.32 13.87
N GLY F 115 -10.95 -10.08 13.37
CA GLY F 115 -10.44 -10.71 12.17
C GLY F 115 -9.29 -11.67 12.41
N GLN F 116 -8.08 -11.16 12.20
CA GLN F 116 -6.88 -11.99 12.08
C GLN F 116 -6.84 -13.14 13.09
N GLY F 117 -6.81 -12.85 14.38
CA GLY F 117 -6.70 -13.92 15.35
C GLY F 117 -6.67 -13.41 16.77
N TYR F 118 -6.56 -14.37 17.68
CA TYR F 118 -6.55 -14.13 19.13
C TYR F 118 -5.26 -14.68 19.70
N SER F 119 -4.54 -13.83 20.45
CA SER F 119 -3.21 -14.20 20.94
C SER F 119 -2.99 -13.59 22.31
N VAL F 120 -1.82 -13.88 22.87
CA VAL F 120 -1.40 -13.39 24.19
C VAL F 120 0.02 -12.88 24.09
N THR F 121 0.40 -12.05 25.04
CA THR F 121 1.76 -11.50 25.12
C THR F 121 2.26 -11.59 26.56
N LEU F 122 3.57 -11.66 26.70
CA LEU F 122 4.22 -11.73 28.00
C LEU F 122 5.40 -10.77 28.02
N THR F 123 6.03 -10.64 29.19
CA THR F 123 7.17 -9.76 29.35
C THR F 123 7.93 -10.21 30.59
N ALA F 124 9.20 -9.79 30.66
CA ALA F 124 10.04 -10.15 31.79
C ALA F 124 11.18 -9.15 31.90
N ARG F 125 11.81 -9.13 33.07
CA ARG F 125 12.96 -8.28 33.33
C ARG F 125 13.89 -9.02 34.29
N GLY F 126 15.05 -8.42 34.54
CA GLY F 126 16.04 -9.07 35.38
C GLY F 126 15.55 -9.27 36.80
N ARG F 127 16.29 -10.11 37.53
CA ARG F 127 15.94 -10.38 38.92
C ARG F 127 15.89 -9.10 39.75
N THR F 128 16.65 -8.09 39.34
CA THR F 128 16.67 -6.80 40.03
C THR F 128 15.48 -5.92 39.68
N LYS F 129 14.49 -6.45 38.96
CA LYS F 129 13.34 -5.65 38.56
C LYS F 129 12.49 -5.19 39.74
N TYR F 130 12.82 -5.61 40.97
CA TYR F 130 12.19 -5.06 42.15
C TYR F 130 12.91 -3.83 42.68
N LEU F 131 14.23 -3.75 42.48
CA LEU F 131 14.95 -2.52 42.83
C LEU F 131 14.45 -1.35 42.00
N VAL F 132 14.24 -1.57 40.70
CA VAL F 132 13.84 -0.50 39.81
C VAL F 132 12.42 -0.01 40.05
N ASP F 133 11.66 -0.68 40.92
CA ASP F 133 10.28 -0.31 41.17
C ASP F 133 9.94 -0.26 42.66
N SER F 134 10.94 -0.40 43.54
CA SER F 134 10.71 -0.41 44.99
C SER F 134 11.50 0.71 45.64
N SER F 135 10.82 1.50 46.47
CA SER F 135 11.48 2.55 47.23
C SER F 135 12.18 1.93 48.43
N HIS F 136 13.39 2.42 48.72
CA HIS F 136 14.20 1.80 49.76
C HIS F 136 13.55 1.96 51.12
N SER F 137 13.84 1.00 52.00
CA SER F 137 13.34 0.97 53.37
C SER F 137 14.52 0.83 54.33
N HIS F 138 15.52 1.68 54.14
CA HIS F 138 16.76 1.57 54.89
C HIS F 138 16.48 1.65 56.39
N PRO F 139 17.21 0.88 57.21
CA PRO F 139 16.89 0.86 58.65
C PRO F 139 16.94 2.23 59.30
N THR F 140 17.91 3.06 58.96
CA THR F 140 18.09 4.37 59.59
C THR F 140 17.96 5.53 58.62
N GLY F 141 18.65 5.48 57.48
CA GLY F 141 18.53 6.49 56.47
C GLY F 141 19.73 7.42 56.32
N SER F 142 20.82 7.17 57.05
CA SER F 142 22.03 7.98 56.88
C SER F 142 23.22 7.23 57.45
N PHE F 143 24.17 6.89 56.59
CA PHE F 143 25.38 6.22 57.05
C PHE F 143 26.25 7.18 57.84
N LYS F 144 26.99 6.63 58.82
CA LYS F 144 27.93 7.44 59.59
C LYS F 144 29.25 7.58 58.85
N ASP F 145 29.91 6.45 58.57
CA ASP F 145 31.17 6.46 57.83
C ASP F 145 31.46 5.05 57.36
N THR F 146 31.57 4.87 56.05
CA THR F 146 31.81 3.55 55.47
C THR F 146 32.20 3.75 54.01
N SER F 147 32.29 2.64 53.27
CA SER F 147 32.61 2.64 51.85
C SER F 147 31.34 2.40 51.04
N ASP F 148 31.45 2.63 49.73
CA ASP F 148 30.31 2.45 48.85
C ASP F 148 29.86 1.00 48.81
N ARG F 149 30.81 0.06 48.76
CA ARG F 149 30.45 -1.35 48.69
C ARG F 149 29.60 -1.76 49.88
N LYS F 150 30.00 -1.37 51.09
CA LYS F 150 29.24 -1.72 52.27
C LYS F 150 27.88 -1.04 52.33
N VAL F 151 27.64 -0.03 51.48
CA VAL F 151 26.32 0.58 51.38
C VAL F 151 25.45 -0.16 50.38
N ILE F 152 26.01 -0.49 49.21
CA ILE F 152 25.25 -1.22 48.20
C ILE F 152 24.79 -2.57 48.71
N GLU F 153 25.49 -3.15 49.68
CA GLU F 153 25.10 -4.44 50.23
C GLU F 153 23.89 -4.33 51.15
N ALA F 154 23.80 -3.27 51.94
CA ALA F 154 22.71 -3.13 52.90
C ALA F 154 21.44 -2.53 52.29
N LEU F 155 21.51 -2.05 51.05
CA LEU F 155 20.32 -1.51 50.41
C LEU F 155 19.62 -2.57 49.56
N VAL F 156 20.40 -3.41 48.87
CA VAL F 156 19.85 -4.41 47.97
C VAL F 156 19.46 -5.69 48.70
N LYS F 157 20.15 -6.02 49.79
CA LYS F 157 19.93 -7.31 50.45
C LYS F 157 18.62 -7.35 51.22
N GLU F 158 17.75 -6.36 51.09
CA GLU F 158 16.38 -6.49 51.58
C GLU F 158 15.50 -7.28 50.64
N HIS F 159 15.98 -7.58 49.43
CA HIS F 159 15.20 -8.29 48.42
C HIS F 159 15.88 -9.55 47.92
N LYS F 160 17.00 -9.95 48.53
CA LYS F 160 17.70 -11.19 48.18
C LYS F 160 18.11 -11.18 46.71
N VAL F 161 19.00 -10.25 46.39
CA VAL F 161 19.62 -10.17 45.07
C VAL F 161 21.13 -10.22 45.27
N VAL F 162 21.78 -11.19 44.65
CA VAL F 162 23.21 -11.43 44.88
C VAL F 162 24.01 -10.39 44.10
N LEU F 163 24.87 -9.67 44.81
CA LEU F 163 25.75 -8.70 44.18
C LEU F 163 26.97 -9.39 43.58
N ASP F 164 27.55 -8.76 42.55
CA ASP F 164 28.76 -9.25 41.89
C ASP F 164 29.70 -8.06 41.75
N TRP F 165 30.55 -7.85 42.74
CA TRP F 165 31.43 -6.69 42.81
C TRP F 165 32.82 -7.05 42.31
N GLN F 166 33.36 -6.23 41.40
CA GLN F 166 34.71 -6.42 40.90
C GLN F 166 35.46 -5.11 40.74
N GLY F 167 34.92 -4.00 41.24
CA GLY F 167 35.58 -2.70 41.12
C GLY F 167 36.51 -2.43 42.28
N THR F 168 36.83 -1.15 42.45
CA THR F 168 37.71 -0.69 43.51
C THR F 168 36.90 -0.01 44.60
N GLU F 169 37.11 -0.42 45.85
CA GLU F 169 36.37 0.15 46.96
C GLU F 169 36.76 1.61 47.16
N VAL F 170 35.77 2.43 47.52
CA VAL F 170 35.96 3.85 47.80
C VAL F 170 35.41 4.14 49.19
N LYS F 171 36.22 4.81 50.01
CA LYS F 171 35.83 5.18 51.37
C LYS F 171 35.50 6.67 51.41
N GLU F 172 34.34 7.00 51.94
CA GLU F 172 33.86 8.37 52.05
C GLU F 172 33.40 8.62 53.47
N PRO F 173 33.37 9.89 53.90
CA PRO F 173 32.99 10.19 55.28
C PRO F 173 31.48 10.19 55.51
N LYS F 174 30.71 10.62 54.51
CA LYS F 174 29.28 10.82 54.67
C LYS F 174 28.52 10.21 53.50
N ILE F 175 27.54 9.37 53.81
CA ILE F 175 26.54 8.93 52.83
C ILE F 175 25.19 8.97 53.52
N THR F 176 24.24 9.70 52.94
CA THR F 176 22.86 9.72 53.44
C THR F 176 21.92 9.60 52.24
N LEU F 177 21.26 8.46 52.13
CA LEU F 177 20.38 8.23 50.99
C LEU F 177 19.10 9.05 51.15
N ARG F 178 18.72 9.74 50.08
CA ARG F 178 17.51 10.55 50.12
C ARG F 178 16.33 9.72 50.61
N ASP F 179 15.37 10.40 51.23
CA ASP F 179 14.23 9.72 51.82
C ASP F 179 13.25 9.32 50.72
N GLY F 180 13.04 8.01 50.56
CA GLY F 180 12.07 7.51 49.61
C GLY F 180 12.57 7.39 48.18
N ASN F 181 13.81 7.78 47.90
CA ASN F 181 14.32 7.69 46.54
C ASN F 181 14.46 6.23 46.13
N ARG F 182 14.06 5.93 44.90
CA ARG F 182 14.09 4.57 44.41
C ARG F 182 15.51 4.01 44.48
N ILE F 183 15.61 2.68 44.41
CA ILE F 183 16.90 2.02 44.52
C ILE F 183 17.74 2.28 43.28
N PHE F 184 17.11 2.21 42.10
CA PHE F 184 17.86 2.43 40.86
C PHE F 184 18.25 3.87 40.66
N ASN F 185 17.74 4.80 41.47
CA ASN F 185 18.23 6.17 41.44
C ASN F 185 19.51 6.31 42.25
N GLU F 186 19.52 5.79 43.48
CA GLU F 186 20.64 6.03 44.39
C GLU F 186 21.89 5.28 43.95
N ILE F 187 21.75 4.01 43.57
CA ILE F 187 22.90 3.25 43.10
C ILE F 187 23.48 3.90 41.86
N PHE F 188 22.63 4.26 40.90
CA PHE F 188 23.09 4.95 39.71
C PHE F 188 23.73 6.28 40.07
N GLU F 189 23.12 7.03 41.00
CA GLU F 189 23.66 8.33 41.38
C GLU F 189 25.03 8.20 42.03
N ARG F 190 25.19 7.25 42.95
CA ARG F 190 26.45 7.14 43.67
C ARG F 190 27.54 6.53 42.80
N CYS F 191 27.18 5.67 41.85
CA CYS F 191 28.16 5.05 40.97
C CYS F 191 28.53 5.92 39.79
N ASN F 192 27.85 7.05 39.59
CA ASN F 192 28.21 7.95 38.49
C ASN F 192 29.45 8.75 38.83
N GLN F 193 29.64 9.10 40.11
CA GLN F 193 30.78 9.90 40.52
C GLN F 193 32.03 9.08 40.77
N ASN F 194 31.96 7.75 40.65
CA ASN F 194 33.12 6.89 40.82
C ASN F 194 33.46 6.11 39.56
N CYS F 195 32.86 6.47 38.42
CA CYS F 195 33.11 5.79 37.14
C CYS F 195 32.88 4.30 37.26
N HIS F 196 31.78 3.93 37.92
CA HIS F 196 31.36 2.54 38.06
C HIS F 196 30.15 2.29 37.18
N PHE F 197 30.31 1.43 36.17
CA PHE F 197 29.18 0.99 35.38
C PHE F 197 28.34 0.01 36.20
N ALA F 198 27.02 0.21 36.19
CA ALA F 198 26.08 -0.65 36.90
C ALA F 198 25.14 -1.28 35.90
N TYR F 199 25.35 -2.56 35.62
CA TYR F 199 24.51 -3.29 34.66
C TYR F 199 24.42 -4.74 35.09
N GLU F 200 23.41 -5.42 34.56
CA GLU F 200 23.05 -6.77 35.00
C GLU F 200 23.67 -7.83 34.10
N THR F 201 24.10 -8.93 34.71
CA THR F 201 24.64 -10.05 33.97
C THR F 201 23.49 -10.92 33.45
N ARG F 202 23.84 -12.02 32.78
CA ARG F 202 22.84 -12.93 32.23
C ARG F 202 22.42 -14.03 33.21
N ASP F 203 23.09 -14.15 34.35
CA ASP F 203 22.82 -15.22 35.30
C ASP F 203 21.87 -14.81 36.42
N GLY F 204 21.56 -13.52 36.55
CA GLY F 204 20.68 -13.03 37.58
C GLY F 204 21.33 -12.23 38.69
N LYS F 205 22.63 -11.95 38.59
CA LYS F 205 23.35 -11.16 39.58
C LYS F 205 23.31 -9.69 39.20
N LEU F 206 24.06 -8.88 39.96
CA LEU F 206 24.25 -7.47 39.67
C LEU F 206 25.74 -7.18 39.62
N LEU F 207 26.21 -6.70 38.47
CA LEU F 207 27.64 -6.50 38.22
C LEU F 207 27.94 -5.01 38.20
N VAL F 208 28.88 -4.60 39.05
CA VAL F 208 29.39 -3.23 39.07
C VAL F 208 30.84 -3.29 38.60
N THR F 209 31.14 -2.62 37.49
CA THR F 209 32.45 -2.70 36.87
C THR F 209 32.89 -1.31 36.43
N ASP F 210 34.21 -1.15 36.30
CA ASP F 210 34.83 0.09 35.84
C ASP F 210 35.61 -0.14 34.55
N GLY F 211 35.17 -1.10 33.74
CA GLY F 211 35.87 -1.40 32.51
C GLY F 211 35.13 -2.43 31.71
N THR F 212 35.87 -3.11 30.83
CA THR F 212 35.33 -4.13 29.96
C THR F 212 35.59 -5.52 30.53
N THR F 213 34.69 -6.45 30.21
CA THR F 213 34.85 -7.82 30.67
C THR F 213 36.06 -8.49 30.04
N GLY F 214 36.55 -7.98 28.91
CA GLY F 214 37.75 -8.50 28.29
C GLY F 214 37.58 -9.76 27.48
N VAL F 215 36.35 -10.25 27.31
CA VAL F 215 36.09 -11.46 26.54
C VAL F 215 36.14 -11.10 25.06
N VAL F 216 37.18 -11.54 24.37
CA VAL F 216 37.36 -11.20 22.96
C VAL F 216 36.31 -11.93 22.13
N GLY F 217 35.68 -11.21 21.21
CA GLY F 217 34.61 -11.73 20.37
C GLY F 217 35.07 -12.03 18.96
N GLU F 218 34.20 -11.72 18.00
CA GLU F 218 34.43 -12.01 16.59
C GLU F 218 34.92 -10.77 15.86
N ASP F 219 35.52 -10.99 14.69
CA ASP F 219 35.96 -9.92 13.80
C ASP F 219 34.85 -9.67 12.78
N ILE F 220 33.98 -8.71 13.07
CA ILE F 220 32.86 -8.41 12.18
C ILE F 220 33.38 -7.64 10.97
N VAL F 221 33.58 -8.34 9.86
CA VAL F 221 34.22 -7.78 8.67
C VAL F 221 33.14 -7.50 7.63
N LEU F 222 33.21 -6.32 7.02
CA LEU F 222 32.26 -5.96 5.98
C LEU F 222 32.43 -6.88 4.77
N GLY F 223 31.30 -7.32 4.21
CA GLY F 223 31.29 -8.27 3.13
C GLY F 223 31.32 -9.72 3.56
N GLN F 224 31.40 -9.98 4.87
CA GLN F 224 31.42 -11.33 5.41
C GLN F 224 30.15 -11.68 6.17
N ASN F 225 29.77 -10.86 7.15
CA ASN F 225 28.60 -11.13 7.97
C ASN F 225 27.69 -9.94 8.18
N ILE F 226 28.11 -8.72 7.85
CA ILE F 226 27.24 -7.56 8.03
C ILE F 226 26.00 -7.71 7.15
N LEU F 227 24.92 -7.06 7.59
CA LEU F 227 23.70 -6.99 6.80
C LEU F 227 23.33 -5.53 6.56
N ASP F 228 23.53 -4.70 7.58
CA ASP F 228 23.34 -3.26 7.50
C ASP F 228 24.27 -2.61 8.53
N PHE F 229 24.52 -1.32 8.33
CA PHE F 229 25.26 -0.56 9.33
C PHE F 229 24.90 0.92 9.22
N SER F 230 25.17 1.65 10.29
CA SER F 230 24.94 3.10 10.30
C SER F 230 25.87 3.72 11.34
N ALA F 231 26.97 4.31 10.90
CA ALA F 231 27.87 5.02 11.78
C ALA F 231 27.41 6.47 11.95
N GLU F 232 28.13 7.21 12.78
CA GLU F 232 27.74 8.59 13.06
C GLU F 232 28.84 9.27 13.86
N GLN F 233 28.90 10.59 13.74
CA GLN F 233 29.82 11.41 14.53
C GLN F 233 29.17 12.78 14.70
N SER F 234 28.54 13.01 15.85
CA SER F 234 27.84 14.24 16.13
C SER F 234 28.67 15.12 17.05
N GLU F 235 28.89 16.37 16.63
CA GLU F 235 29.63 17.33 17.44
C GLU F 235 28.79 17.95 18.55
N ASP F 236 27.47 17.78 18.50
CA ASP F 236 26.58 18.41 19.46
C ASP F 236 26.62 17.75 20.83
N ARG F 237 27.43 16.72 21.03
CA ARG F 237 27.50 16.02 22.30
C ARG F 237 28.95 15.80 22.74
N ALA F 238 29.83 16.75 22.45
CA ALA F 238 31.23 16.68 22.85
C ALA F 238 31.66 18.00 23.46
N ASN F 239 32.65 17.93 24.35
CA ASN F 239 33.16 19.11 25.03
C ASN F 239 34.66 18.93 25.27
N SER F 240 35.45 19.91 24.84
CA SER F 240 36.90 19.79 24.98
C SER F 240 37.37 20.00 26.41
N GLU F 241 36.70 20.85 27.17
CA GLU F 241 37.10 21.18 28.54
C GLU F 241 35.90 21.03 29.46
N ILE F 242 36.02 20.15 30.45
CA ILE F 242 35.00 19.93 31.47
C ILE F 242 35.58 20.34 32.81
N THR F 243 34.81 21.10 33.58
CA THR F 243 35.21 21.59 34.90
C THR F 243 34.21 21.14 35.94
N VAL F 244 34.71 20.74 37.11
CA VAL F 244 33.89 20.24 38.20
C VAL F 244 34.16 21.07 39.44
N LYS F 245 33.12 21.32 40.22
CA LYS F 245 33.22 22.09 41.45
C LYS F 245 32.30 21.48 42.51
N GLY F 246 32.54 21.84 43.75
CA GLY F 246 31.76 21.32 44.86
C GLY F 246 32.44 21.52 46.20
N HIS F 247 31.66 21.78 47.24
CA HIS F 247 32.20 22.03 48.57
C HIS F 247 32.68 20.72 49.19
N ARG F 248 33.11 20.80 50.45
CA ARG F 248 33.63 19.64 51.18
C ARG F 248 32.80 19.42 52.43
N VAL F 249 32.83 18.18 52.92
CA VAL F 249 32.00 17.75 54.03
C VAL F 249 32.79 16.99 55.09
N ALA F 250 34.11 16.90 54.96
CA ALA F 250 34.93 16.06 55.83
C ALA F 250 34.69 16.37 57.30
N LYS F 251 35.16 15.48 58.18
CA LYS F 251 34.84 15.58 59.60
C LYS F 251 35.11 16.97 60.15
N ASP F 252 36.23 17.58 59.74
CA ASP F 252 36.54 18.94 60.18
C ASP F 252 37.30 19.65 59.05
N VAL F 253 36.54 20.36 58.22
CA VAL F 253 37.09 21.22 57.17
C VAL F 253 36.09 22.33 56.90
N TRP F 254 36.61 23.49 56.54
CA TRP F 254 35.76 24.65 56.32
C TRP F 254 36.61 25.75 55.68
N GLY F 255 35.98 26.91 55.46
CA GLY F 255 36.72 28.06 54.98
C GLY F 255 37.23 27.86 53.57
N LYS F 256 38.42 28.39 53.30
CA LYS F 256 38.99 28.34 51.96
C LYS F 256 39.21 26.90 51.51
N ASN F 257 39.66 26.04 52.42
CA ASN F 257 39.95 24.65 52.08
C ASN F 257 38.70 23.85 51.76
N ALA F 258 37.51 24.38 52.04
CA ALA F 258 36.27 23.64 51.85
C ALA F 258 35.37 24.24 50.78
N ILE F 259 35.68 25.43 50.26
CA ILE F 259 34.80 26.10 49.31
C ILE F 259 35.53 26.40 48.01
N VAL F 260 36.60 27.20 48.08
CA VAL F 260 37.27 27.68 46.88
C VAL F 260 38.41 26.79 46.42
N GLN F 261 38.86 25.86 47.26
CA GLN F 261 39.97 24.99 46.92
C GLN F 261 39.55 23.86 45.98
N PRO F 262 38.50 23.10 46.32
CA PRO F 262 38.23 21.88 45.54
C PRO F 262 37.67 22.16 44.15
N VAL F 263 38.55 22.48 43.21
CA VAL F 263 38.19 22.66 41.81
C VAL F 263 39.20 21.91 40.96
N GLN F 264 38.73 21.19 39.96
CA GLN F 264 39.59 20.43 39.08
C GLN F 264 39.03 20.42 37.67
N SER F 265 39.91 20.45 36.69
CA SER F 265 39.54 20.48 35.27
C SER F 265 40.18 19.30 34.55
N VAL F 266 39.43 18.69 33.64
CA VAL F 266 39.91 17.58 32.83
C VAL F 266 39.52 17.85 31.38
N ALA F 267 40.42 17.51 30.46
CA ALA F 267 40.25 17.82 29.05
C ALA F 267 40.34 16.55 28.22
N ASP F 268 39.62 16.55 27.09
CA ASP F 268 39.57 15.40 26.19
C ASP F 268 40.71 15.44 25.19
N SER F 269 40.85 16.56 24.46
CA SER F 269 41.89 16.80 23.47
C SER F 269 41.62 16.12 22.15
N TRP F 270 40.45 15.49 21.97
CA TRP F 270 40.09 14.92 20.67
C TRP F 270 39.37 15.94 19.80
N VAL F 271 38.40 16.65 20.37
CA VAL F 271 37.75 17.75 19.66
C VAL F 271 38.71 18.94 19.61
N GLY F 272 38.95 19.47 18.42
CA GLY F 272 39.87 20.57 18.25
C GLY F 272 39.19 21.92 18.28
N ALA F 273 38.20 22.07 19.16
CA ALA F 273 37.46 23.32 19.28
C ALA F 273 37.20 23.61 20.75
N ASN F 274 36.88 24.87 21.04
CA ASN F 274 36.61 25.31 22.40
C ASN F 274 35.12 25.21 22.68
N ILE F 275 34.72 24.20 23.46
CA ILE F 275 33.34 24.00 23.83
C ILE F 275 33.28 23.79 25.33
N PRO F 276 33.53 24.83 26.13
CA PRO F 276 33.65 24.63 27.58
C PRO F 276 32.37 24.17 28.22
N LEU F 277 32.51 23.38 29.28
CA LEU F 277 31.40 22.92 30.09
C LEU F 277 31.81 22.96 31.56
N THR F 278 30.83 23.13 32.44
CA THR F 278 31.07 23.14 33.87
C THR F 278 29.99 22.31 34.56
N ILE F 279 30.40 21.55 35.58
CA ILE F 279 29.51 20.62 36.26
C ILE F 279 29.60 20.87 37.77
N GLN F 280 28.52 20.56 38.47
CA GLN F 280 28.45 20.66 39.92
C GLN F 280 28.44 19.25 40.51
N HIS F 281 29.17 19.06 41.60
CA HIS F 281 29.34 17.76 42.22
C HIS F 281 28.35 17.61 43.38
N TYR F 282 27.69 16.46 43.44
CA TYR F 282 26.71 16.16 44.48
C TYR F 282 27.33 15.12 45.42
N GLY F 283 28.01 15.61 46.44
CA GLY F 283 28.64 14.72 47.42
C GLY F 283 29.75 15.44 48.16
N ASP F 284 30.58 14.65 48.83
CA ASP F 284 31.74 15.18 49.56
C ASP F 284 32.91 15.26 48.59
N ALA F 285 33.18 16.47 48.10
CA ALA F 285 34.17 16.64 47.05
C ALA F 285 35.56 16.24 47.55
N THR F 286 36.26 15.46 46.74
CA THR F 286 37.66 15.12 46.97
C THR F 286 38.38 15.18 45.63
N ASN F 287 39.60 15.73 45.65
CA ASN F 287 40.30 15.99 44.39
C ASN F 287 40.37 14.76 43.51
N GLU F 288 40.54 13.58 44.11
CA GLU F 288 40.50 12.34 43.33
C GLU F 288 39.11 12.12 42.75
N SER F 289 38.06 12.38 43.54
CA SER F 289 36.70 12.14 43.06
C SER F 289 36.29 13.09 41.95
N LEU F 290 36.81 14.33 41.98
CA LEU F 290 36.48 15.28 40.92
C LEU F 290 36.88 14.75 39.56
N GLN F 291 38.11 14.23 39.45
CA GLN F 291 38.57 13.70 38.17
C GLN F 291 37.80 12.45 37.78
N ARG F 292 37.52 11.57 38.75
CA ARG F 292 36.78 10.35 38.44
C ARG F 292 35.40 10.67 37.87
N ARG F 293 34.70 11.64 38.47
CA ARG F 293 33.45 12.11 37.89
C ARG F 293 33.70 12.75 36.52
N ALA F 294 34.78 13.53 36.41
CA ALA F 294 35.10 14.17 35.14
C ALA F 294 35.37 13.13 34.05
N LYS F 295 36.12 12.08 34.38
CA LYS F 295 36.41 11.05 33.38
C LYS F 295 35.15 10.29 32.99
N PHE F 296 34.25 10.03 33.95
CA PHE F 296 33.02 9.33 33.63
C PHE F 296 32.22 10.08 32.58
N GLU F 297 32.11 11.40 32.73
CA GLU F 297 31.43 12.21 31.73
C GLU F 297 32.14 12.12 30.38
N ALA F 298 33.48 12.12 30.40
CA ALA F 298 34.22 12.07 29.14
C ALA F 298 33.95 10.77 28.39
N ASP F 299 33.94 9.64 29.11
CA ASP F 299 33.66 8.37 28.45
C ASP F 299 32.25 8.33 27.88
N ARG F 300 31.27 8.86 28.64
CA ARG F 300 29.89 8.88 28.16
C ARG F 300 29.76 9.74 26.91
N ARG F 301 30.35 10.95 26.93
CA ARG F 301 30.27 11.83 25.78
C ARG F 301 30.98 11.24 24.57
N ALA F 302 32.18 10.69 24.78
CA ALA F 302 32.95 10.15 23.67
C ALA F 302 32.21 8.99 23.00
N ALA F 303 31.64 8.10 23.81
CA ALA F 303 30.88 6.98 23.24
C ALA F 303 29.67 7.46 22.48
N GLU F 304 28.97 8.47 23.02
CA GLU F 304 27.77 8.98 22.36
C GLU F 304 28.08 9.65 21.03
N SER F 305 29.34 9.98 20.77
CA SER F 305 29.73 10.66 19.54
C SER F 305 30.27 9.73 18.48
N LYS F 306 30.23 8.40 18.72
CA LYS F 306 30.72 7.44 17.73
C LYS F 306 29.82 6.20 17.68
N SER F 307 28.53 6.37 17.93
CA SER F 307 27.62 5.24 17.97
C SER F 307 27.54 4.55 16.61
N VAL F 308 27.50 3.22 16.63
CA VAL F 308 27.40 2.40 15.43
C VAL F 308 26.31 1.37 15.64
N ASN F 309 25.70 0.93 14.53
CA ASN F 309 24.72 -0.14 14.55
C ASN F 309 25.09 -1.16 13.49
N VAL F 310 24.81 -2.43 13.76
CA VAL F 310 25.17 -3.52 12.86
C VAL F 310 24.13 -4.61 12.98
N THR F 311 23.91 -5.30 11.87
CA THR F 311 22.99 -6.44 11.81
C THR F 311 23.73 -7.64 11.26
N VAL F 312 23.67 -8.76 11.97
CA VAL F 312 24.55 -9.90 11.67
C VAL F 312 23.75 -11.17 11.40
N PHE F 313 22.53 -11.04 10.90
CA PHE F 313 21.75 -12.19 10.46
C PHE F 313 21.62 -13.25 11.56
N HIS F 314 22.16 -14.44 11.34
CA HIS F 314 21.88 -15.58 12.21
C HIS F 314 22.35 -15.31 13.64
N VAL F 315 21.58 -15.79 14.61
CA VAL F 315 21.93 -15.65 16.01
C VAL F 315 23.30 -16.27 16.26
N TRP F 323 29.54 -13.36 22.29
CA TRP F 323 28.43 -13.92 23.03
C TRP F 323 27.69 -12.86 23.84
N ASP F 324 28.44 -12.04 24.56
CA ASP F 324 27.90 -11.17 25.60
C ASP F 324 28.27 -9.72 25.30
N ILE F 325 27.59 -8.81 26.00
CA ILE F 325 27.89 -7.39 25.87
C ILE F 325 29.20 -7.06 26.57
N GLY F 326 29.79 -5.94 26.17
CA GLY F 326 31.07 -5.51 26.72
C GLY F 326 32.27 -6.20 26.13
N ASN F 327 32.08 -7.13 25.20
CA ASN F 327 33.18 -7.87 24.60
C ASN F 327 34.01 -6.95 23.72
N ILE F 328 35.07 -7.49 23.11
CA ILE F 328 35.95 -6.74 22.23
C ILE F 328 35.93 -7.40 20.85
N HIS F 329 35.65 -6.60 19.83
CA HIS F 329 35.57 -7.08 18.46
C HIS F 329 36.49 -6.25 17.57
N TYR F 330 36.62 -6.70 16.33
CA TYR F 330 37.25 -5.92 15.27
C TYR F 330 36.23 -5.68 14.16
N VAL F 331 36.32 -4.52 13.52
CA VAL F 331 35.40 -4.13 12.47
C VAL F 331 36.21 -3.67 11.27
N GLU F 332 35.55 -3.67 10.11
CA GLU F 332 36.18 -3.22 8.87
C GLU F 332 35.12 -2.60 7.98
N ILE F 333 35.20 -1.29 7.79
CA ILE F 333 34.35 -0.57 6.84
C ILE F 333 35.22 0.46 6.13
N PRO F 334 35.92 0.06 5.07
CA PRO F 334 36.83 1.00 4.38
C PRO F 334 36.12 2.25 3.90
N PRO F 335 34.86 2.16 3.47
CA PRO F 335 34.19 3.38 3.01
C PRO F 335 34.21 4.51 4.02
N GLU F 336 34.04 4.21 5.30
CA GLU F 336 34.25 5.18 6.38
C GLU F 336 35.54 4.91 7.15
N GLY F 337 36.33 3.92 6.73
CA GLY F 337 37.64 3.71 7.32
C GLY F 337 37.62 3.25 8.76
N ILE F 338 36.72 2.34 9.11
CA ILE F 338 36.73 1.75 10.45
C ILE F 338 37.79 0.64 10.46
N PHE F 339 38.88 0.87 11.19
CA PHE F 339 39.94 -0.12 11.33
C PHE F 339 40.39 -0.20 12.79
N ASP F 340 39.48 0.09 13.73
CA ASP F 340 39.83 0.22 15.13
C ASP F 340 39.07 -0.81 15.95
N VAL F 341 39.69 -1.28 17.03
CA VAL F 341 39.03 -2.20 17.94
C VAL F 341 37.73 -1.59 18.43
N MET F 342 36.76 -2.45 18.73
CA MET F 342 35.42 -2.02 19.09
C MET F 342 35.01 -2.80 20.33
N GLU F 343 34.08 -2.23 21.10
CA GLU F 343 33.48 -2.94 22.22
C GLU F 343 31.98 -2.73 22.20
N CYS F 344 31.23 -3.84 22.28
CA CYS F 344 29.78 -3.77 22.21
C CYS F 344 29.19 -3.15 23.47
N VAL F 345 28.04 -2.50 23.29
CA VAL F 345 27.34 -1.88 24.40
C VAL F 345 25.92 -2.40 24.58
N SER F 346 25.30 -2.94 23.53
CA SER F 346 23.94 -3.47 23.63
C SER F 346 23.81 -4.67 22.70
N LEU F 347 22.86 -5.55 23.04
CA LEU F 347 22.63 -6.77 22.28
C LEU F 347 21.13 -6.98 22.15
N THR F 348 20.72 -7.65 21.07
CA THR F 348 19.30 -7.87 20.82
C THR F 348 19.14 -9.08 19.92
N TYR F 349 18.36 -10.06 20.37
CA TYR F 349 17.96 -11.21 19.56
C TYR F 349 16.49 -11.07 19.22
N SER F 350 16.15 -11.18 17.94
CA SER F 350 14.77 -11.06 17.49
C SER F 350 14.44 -12.17 16.52
N VAL F 351 13.20 -12.66 16.58
CA VAL F 351 12.72 -13.75 15.75
C VAL F 351 11.33 -13.38 15.23
N ASP F 352 10.89 -14.12 14.22
CA ASP F 352 9.56 -13.92 13.65
C ASP F 352 9.04 -15.25 13.13
N ALA F 353 7.72 -15.34 13.02
CA ALA F 353 7.10 -16.55 12.47
C ALA F 353 7.48 -16.74 11.01
N LYS F 354 7.69 -15.66 10.27
CA LYS F 354 8.07 -15.72 8.87
C LYS F 354 9.59 -15.84 8.69
N SER F 355 10.28 -16.36 9.68
CA SER F 355 11.67 -16.84 9.60
C SER F 355 12.71 -15.73 9.67
N THR F 356 12.36 -14.50 10.02
CA THR F 356 13.33 -13.41 10.04
C THR F 356 14.15 -13.49 11.33
N LEU F 357 15.27 -14.21 11.28
CA LEU F 357 16.24 -14.20 12.36
C LEU F 357 17.25 -13.08 12.13
N GLU F 358 17.56 -12.36 13.21
CA GLU F 358 18.43 -11.19 13.12
C GLU F 358 19.14 -11.01 14.45
N THR F 359 20.01 -10.01 14.50
CA THR F 359 20.70 -9.65 15.75
C THR F 359 21.37 -8.29 15.59
N GLN F 360 21.15 -7.40 16.55
CA GLN F 360 21.61 -6.03 16.45
C GLN F 360 22.64 -5.74 17.53
N LEU F 361 23.54 -4.80 17.23
CA LEU F 361 24.59 -4.40 18.15
C LEU F 361 24.68 -2.88 18.15
N GLU F 362 25.19 -2.33 19.25
CA GLU F 362 25.40 -0.89 19.39
C GLU F 362 26.82 -0.68 19.88
N LEU F 363 27.77 -0.63 18.94
CA LEU F 363 29.16 -0.49 19.32
C LEU F 363 29.48 0.96 19.70
N ALA F 364 30.57 1.13 20.44
CA ALA F 364 31.08 2.45 20.80
C ALA F 364 32.46 2.27 21.40
N PRO F 365 33.40 3.18 21.13
CA PRO F 365 34.73 3.03 21.73
C PRO F 365 34.96 3.98 22.90
N MET G 1 41.43 -69.92 58.55
CA MET G 1 41.26 -68.47 58.28
C MET G 1 42.16 -68.00 57.16
N ASN G 2 42.16 -66.70 56.89
CA ASN G 2 42.99 -66.14 55.83
C ASN G 2 44.45 -66.10 56.27
N VAL G 3 45.32 -65.88 55.29
CA VAL G 3 46.76 -65.72 55.52
C VAL G 3 47.09 -64.24 55.32
N LEU G 4 47.55 -63.60 56.39
CA LEU G 4 47.82 -62.17 56.34
C LEU G 4 49.10 -61.89 55.55
N VAL G 5 49.16 -60.69 54.99
CA VAL G 5 50.28 -60.25 54.16
C VAL G 5 50.75 -58.89 54.68
N PRO G 6 52.03 -58.56 54.60
CA PRO G 6 52.48 -57.24 55.09
C PRO G 6 51.79 -56.11 54.34
N GLY G 7 51.56 -55.01 55.05
CA GLY G 7 50.91 -53.86 54.47
C GLY G 7 51.30 -52.60 55.20
N ILE G 8 51.04 -51.46 54.57
CA ILE G 8 51.42 -50.18 55.15
C ILE G 8 50.75 -49.97 56.49
N ASP G 9 49.57 -50.56 56.69
CA ASP G 9 48.84 -50.44 57.94
C ASP G 9 49.05 -51.63 58.87
N GLY G 10 50.01 -52.51 58.56
CA GLY G 10 50.29 -53.68 59.36
C GLY G 10 50.08 -54.95 58.57
N MET G 11 49.56 -55.97 59.24
CA MET G 11 49.24 -57.24 58.61
C MET G 11 47.78 -57.24 58.18
N VAL G 12 47.53 -57.43 56.89
CA VAL G 12 46.19 -57.41 56.33
C VAL G 12 46.01 -58.62 55.42
N SER G 13 44.78 -58.82 54.97
CA SER G 13 44.44 -59.91 54.09
C SER G 13 44.24 -59.38 52.67
N ALA G 14 44.87 -60.04 51.70
CA ALA G 14 44.86 -59.60 50.32
C ALA G 14 43.98 -60.51 49.48
N GLY G 15 43.65 -60.02 48.27
CA GLY G 15 42.81 -60.77 47.36
C GLY G 15 42.99 -60.25 45.95
N LYS G 16 42.22 -60.81 45.03
CA LYS G 16 42.32 -60.47 43.62
C LYS G 16 40.92 -60.23 43.05
N PHE G 17 40.86 -59.39 42.02
CA PHE G 17 39.64 -59.15 41.27
C PHE G 17 39.54 -60.17 40.14
N GLU G 18 38.59 -59.96 39.23
CA GLU G 18 38.47 -60.76 38.03
C GLU G 18 38.79 -59.89 36.81
N TYR G 19 39.43 -60.50 35.81
CA TYR G 19 39.94 -59.74 34.68
C TYR G 19 38.81 -58.99 33.99
N SER G 20 39.05 -57.72 33.69
CA SER G 20 38.07 -56.85 33.03
C SER G 20 38.30 -56.76 31.52
N GLY G 21 39.51 -56.42 31.11
CA GLY G 21 39.82 -56.33 29.70
C GLY G 21 39.56 -54.98 29.07
N CYS G 22 39.44 -53.91 29.85
CA CYS G 22 39.19 -52.57 29.34
C CYS G 22 40.38 -51.65 29.55
N CYS G 23 41.60 -52.19 29.41
CA CYS G 23 42.80 -51.40 29.59
C CYS G 23 43.32 -50.89 28.25
N PRO G 24 43.51 -49.59 28.08
CA PRO G 24 44.09 -49.11 26.82
C PRO G 24 45.49 -49.65 26.64
N PRO G 25 45.91 -49.87 25.40
CA PRO G 25 47.27 -50.37 25.18
C PRO G 25 48.32 -49.45 25.76
N ASP G 26 49.36 -50.04 26.33
CA ASP G 26 50.43 -49.32 26.99
C ASP G 26 51.58 -49.10 26.01
N PHE G 27 52.63 -48.43 26.47
CA PHE G 27 53.81 -48.23 25.62
C PHE G 27 54.35 -49.55 25.09
N ALA G 28 54.21 -50.63 25.87
CA ALA G 28 54.82 -51.90 25.48
C ALA G 28 54.25 -52.41 24.16
N ASP G 29 52.93 -52.33 23.99
CA ASP G 29 52.31 -52.89 22.80
C ASP G 29 52.74 -52.18 21.53
N MET G 30 53.03 -50.89 21.61
CA MET G 30 53.44 -50.14 20.43
C MET G 30 54.75 -50.68 19.89
N ASP G 31 54.83 -50.82 18.56
CA ASP G 31 56.03 -51.28 17.90
C ASP G 31 56.16 -50.58 16.56
N GLU G 32 57.40 -50.52 16.05
CA GLU G 32 57.62 -49.87 14.76
C GLU G 32 56.89 -50.60 13.64
N CYS G 33 56.93 -51.93 13.63
CA CYS G 33 56.15 -52.68 12.66
C CYS G 33 54.67 -52.41 12.82
N THR G 34 54.22 -52.19 14.05
CA THR G 34 52.79 -52.00 14.31
C THR G 34 52.23 -50.87 13.44
N LEU G 35 52.87 -49.71 13.44
CA LEU G 35 52.30 -48.52 12.83
C LEU G 35 53.10 -47.99 11.64
N ALA G 36 54.27 -48.55 11.35
CA ALA G 36 55.02 -48.11 10.17
C ALA G 36 54.23 -48.36 8.90
N THR G 37 53.66 -49.57 8.77
CA THR G 37 52.83 -49.89 7.63
C THR G 37 51.41 -49.35 7.77
N SER G 38 51.03 -48.89 8.97
CA SER G 38 49.64 -48.48 9.20
C SER G 38 49.27 -47.25 8.39
N TYR G 39 50.15 -46.23 8.35
CA TYR G 39 49.83 -44.99 7.68
C TYR G 39 49.62 -45.15 6.18
N VAL G 40 49.99 -46.30 5.59
CA VAL G 40 49.65 -46.53 4.19
C VAL G 40 48.15 -46.46 4.00
N GLY G 41 47.37 -46.60 5.06
CA GLY G 41 45.93 -46.44 4.99
C GLY G 41 45.40 -45.03 5.12
N LEU G 42 46.27 -44.03 5.35
CA LEU G 42 45.83 -42.64 5.39
C LEU G 42 45.78 -42.00 4.00
N LEU G 43 46.36 -42.64 2.99
CA LEU G 43 46.38 -42.08 1.65
C LEU G 43 45.03 -42.26 0.96
N PRO G 44 44.78 -41.51 -0.11
CA PRO G 44 43.51 -41.70 -0.83
C PRO G 44 43.46 -43.02 -1.57
N SER G 45 42.39 -43.27 -2.32
CA SER G 45 42.20 -44.50 -3.05
C SER G 45 41.88 -44.20 -4.50
N GLY G 46 42.46 -44.98 -5.41
CA GLY G 46 42.24 -44.80 -6.82
C GLY G 46 43.24 -45.60 -7.64
N PRO G 47 43.14 -45.49 -8.97
CA PRO G 47 44.07 -46.25 -9.83
C PRO G 47 45.53 -45.83 -9.66
N LEU G 48 45.79 -44.64 -9.12
CA LEU G 48 47.15 -44.17 -8.94
C LEU G 48 47.79 -44.67 -7.64
N TRP G 49 47.01 -45.26 -6.74
CA TRP G 49 47.51 -45.72 -5.45
C TRP G 49 47.29 -47.20 -5.18
N ASP G 50 46.36 -47.84 -5.88
CA ASP G 50 46.00 -49.21 -5.54
C ASP G 50 47.22 -50.14 -5.63
N ARG G 51 47.92 -50.11 -6.75
CA ARG G 51 49.08 -50.99 -6.90
C ARG G 51 50.17 -50.64 -5.89
N ALA G 52 50.46 -49.34 -5.71
CA ALA G 52 51.51 -48.95 -4.80
C ALA G 52 51.20 -49.36 -3.37
N LYS G 53 49.96 -49.15 -2.94
CA LYS G 53 49.59 -49.50 -1.56
C LYS G 53 49.62 -51.00 -1.33
N TYR G 54 49.35 -51.78 -2.38
CA TYR G 54 49.32 -53.24 -2.23
C TYR G 54 50.72 -53.81 -2.06
N GLU G 55 51.71 -53.23 -2.74
CA GLU G 55 53.08 -53.76 -2.75
C GLU G 55 53.94 -53.17 -1.64
N ALA G 56 53.34 -52.72 -0.54
CA ALA G 56 54.09 -52.14 0.56
C ALA G 56 54.65 -53.26 1.44
N ILE G 57 55.96 -53.22 1.67
CA ILE G 57 56.65 -54.21 2.49
C ILE G 57 57.52 -53.45 3.49
N THR G 58 57.78 -54.11 4.62
CA THR G 58 58.61 -53.52 5.67
C THR G 58 59.44 -54.61 6.32
N THR G 59 60.71 -54.29 6.56
CA THR G 59 61.64 -55.20 7.22
C THR G 59 62.45 -54.43 8.23
N ILE G 60 62.92 -55.13 9.27
CA ILE G 60 63.69 -54.52 10.34
C ILE G 60 65.17 -54.63 10.00
N THR G 61 65.88 -53.51 10.08
CA THR G 61 67.32 -53.49 9.85
C THR G 61 68.02 -53.99 11.11
N ALA G 62 69.33 -53.75 11.19
CA ALA G 62 70.12 -54.25 12.31
C ALA G 62 69.49 -53.89 13.65
N THR G 63 69.46 -52.59 13.96
CA THR G 63 68.92 -52.12 15.24
C THR G 63 67.48 -51.68 15.04
N GLY G 64 66.59 -52.66 14.92
CA GLY G 64 65.18 -52.36 14.74
C GLY G 64 64.98 -51.40 13.59
N ASN G 65 64.28 -50.30 13.86
CA ASN G 65 64.19 -49.18 12.93
C ASN G 65 63.70 -49.65 11.55
N CYS G 66 62.45 -50.10 11.55
CA CYS G 66 61.82 -50.58 10.32
C CYS G 66 62.15 -49.69 9.14
N ALA G 67 62.48 -50.32 8.01
CA ALA G 67 62.77 -49.63 6.77
C ALA G 67 62.13 -50.38 5.62
N ALA G 68 61.51 -49.64 4.70
CA ALA G 68 60.89 -50.27 3.55
C ALA G 68 61.93 -50.99 2.71
N CYS G 69 61.54 -52.15 2.17
CA CYS G 69 62.42 -52.97 1.35
C CYS G 69 62.15 -52.66 -0.12
N TRP G 70 63.19 -52.24 -0.84
CA TRP G 70 63.08 -51.89 -2.25
C TRP G 70 63.52 -53.08 -3.09
N THR G 71 62.58 -53.73 -3.75
CA THR G 71 62.88 -54.86 -4.61
C THR G 71 63.47 -54.35 -5.92
N GLU G 72 63.72 -55.26 -6.86
CA GLU G 72 64.30 -54.89 -8.14
C GLU G 72 63.31 -54.16 -9.05
N ASP G 73 62.02 -54.15 -8.71
CA ASP G 73 60.99 -53.53 -9.52
C ASP G 73 60.15 -52.59 -8.67
N HIS G 74 60.81 -51.75 -7.88
CA HIS G 74 60.13 -50.81 -7.02
C HIS G 74 59.76 -49.56 -7.79
N CYS G 75 58.51 -49.11 -7.63
CA CYS G 75 58.01 -47.92 -8.30
C CYS G 75 57.90 -46.78 -7.29
N PRO G 76 58.77 -45.77 -7.33
CA PRO G 76 58.70 -44.71 -6.32
C PRO G 76 57.34 -44.01 -6.33
N THR G 77 56.87 -43.67 -5.14
CA THR G 77 55.58 -43.01 -4.97
C THR G 77 55.55 -42.40 -3.58
N LEU G 78 54.52 -41.59 -3.34
CA LEU G 78 54.36 -40.98 -2.02
C LEU G 78 54.17 -42.02 -0.92
N VAL G 79 53.78 -43.24 -1.27
CA VAL G 79 53.59 -44.27 -0.26
C VAL G 79 54.87 -44.48 0.54
N ASP G 80 56.02 -44.34 -0.11
CA ASP G 80 57.29 -44.48 0.60
C ASP G 80 57.41 -43.43 1.70
N TYR G 81 56.99 -42.20 1.41
CA TYR G 81 57.03 -41.16 2.44
C TYR G 81 56.13 -41.50 3.61
N ALA G 82 54.94 -42.03 3.33
CA ALA G 82 54.02 -42.37 4.42
C ALA G 82 54.65 -43.36 5.38
N VAL G 83 55.31 -44.38 4.84
CA VAL G 83 56.01 -45.34 5.70
C VAL G 83 57.09 -44.63 6.51
N ASN G 84 57.80 -43.69 5.90
CA ASN G 84 58.85 -42.98 6.61
C ASN G 84 58.27 -42.21 7.80
N VAL G 85 57.10 -41.58 7.61
CA VAL G 85 56.46 -40.89 8.72
C VAL G 85 56.11 -41.87 9.83
N GLY G 86 55.64 -43.06 9.46
CA GLY G 86 55.33 -44.05 10.47
C GLY G 86 56.53 -44.38 11.33
N ALA G 87 57.69 -44.59 10.71
CA ALA G 87 58.89 -44.87 11.48
C ALA G 87 59.24 -43.73 12.41
N ARG G 88 58.92 -42.49 12.00
CA ARG G 88 59.27 -41.33 12.80
C ARG G 88 58.51 -41.29 14.11
N LEU G 89 57.17 -41.46 14.06
CA LEU G 89 56.39 -41.34 15.28
C LEU G 89 56.72 -42.44 16.26
N ALA G 90 56.94 -43.66 15.78
CA ALA G 90 57.33 -44.74 16.67
C ALA G 90 58.64 -44.40 17.38
N SER G 91 59.58 -43.78 16.66
CA SER G 91 60.85 -43.40 17.25
C SER G 91 60.69 -42.22 18.21
N VAL G 92 59.96 -41.18 17.78
CA VAL G 92 59.86 -39.98 18.60
C VAL G 92 59.13 -40.28 19.90
N ILE G 93 58.06 -41.09 19.84
CA ILE G 93 57.33 -41.44 21.05
C ILE G 93 58.26 -42.14 22.04
N ASP G 94 59.13 -43.03 21.54
CA ASP G 94 60.03 -43.75 22.43
C ASP G 94 61.07 -42.82 23.04
N MET G 95 61.65 -41.93 22.23
CA MET G 95 62.71 -41.06 22.72
C MET G 95 62.18 -39.85 23.50
N THR G 96 60.91 -39.51 23.34
CA THR G 96 60.38 -38.26 23.87
C THR G 96 59.34 -38.48 24.96
N LEU G 97 58.27 -39.22 24.68
CA LEU G 97 57.17 -39.36 25.63
C LEU G 97 57.40 -40.46 26.64
N TRP G 98 57.99 -41.58 26.22
CA TRP G 98 58.23 -42.68 27.16
C TRP G 98 59.09 -42.25 28.34
N PRO G 99 60.25 -41.61 28.15
CA PRO G 99 61.02 -41.16 29.33
C PRO G 99 60.24 -40.21 30.22
N ALA G 100 59.42 -39.35 29.65
CA ALA G 100 58.70 -38.37 30.46
C ALA G 100 57.78 -39.05 31.46
N VAL G 101 57.04 -40.06 31.01
CA VAL G 101 56.16 -40.80 31.91
C VAL G 101 56.97 -41.66 32.87
N ARG G 102 58.06 -42.26 32.38
CA ARG G 102 58.82 -43.19 33.19
C ARG G 102 59.39 -42.51 34.43
N GLU G 103 59.94 -41.31 34.28
CA GLU G 103 60.59 -40.62 35.39
C GLU G 103 59.62 -39.95 36.34
N SER G 104 58.32 -39.94 36.02
CA SER G 104 57.37 -39.20 36.84
C SER G 104 57.00 -39.91 38.13
N ASP G 105 57.24 -41.21 38.23
CA ASP G 105 56.84 -42.00 39.37
C ASP G 105 58.07 -42.51 40.11
N PRO G 106 58.12 -42.40 41.45
CA PRO G 106 59.30 -42.88 42.16
C PRO G 106 59.55 -44.36 42.00
N PHE G 107 58.52 -45.14 41.69
CA PHE G 107 58.66 -46.59 41.55
C PHE G 107 59.12 -47.03 40.17
N THR G 108 59.34 -46.08 39.26
CA THR G 108 59.83 -46.41 37.93
C THR G 108 60.97 -45.53 37.44
N ALA G 109 61.36 -44.50 38.18
CA ALA G 109 62.43 -43.62 37.74
C ALA G 109 63.72 -44.40 37.54
N VAL G 110 64.45 -44.07 36.47
CA VAL G 110 65.70 -44.74 36.14
C VAL G 110 66.83 -43.72 36.07
N THR G 111 66.72 -42.77 35.15
CA THR G 111 67.80 -41.82 34.93
C THR G 111 67.86 -40.74 36.00
N SER G 112 66.72 -40.32 36.54
CA SER G 112 66.64 -39.19 37.45
C SER G 112 66.58 -39.61 38.91
N THR G 113 67.27 -40.70 39.26
CA THR G 113 67.28 -41.14 40.65
C THR G 113 67.91 -40.09 41.55
N ALA G 114 69.03 -39.51 41.12
CA ALA G 114 69.71 -38.51 41.94
C ALA G 114 68.83 -37.28 42.16
N ASP G 115 68.13 -36.84 41.12
CA ASP G 115 67.28 -35.67 41.25
C ASP G 115 66.15 -35.92 42.24
N TRP G 116 65.57 -37.12 42.22
CA TRP G 116 64.47 -37.44 43.13
C TRP G 116 64.90 -37.29 44.57
N LEU G 117 66.11 -37.75 44.89
CA LEU G 117 66.60 -37.65 46.26
C LEU G 117 66.64 -36.19 46.72
N GLU G 118 67.08 -35.29 45.85
CA GLU G 118 67.09 -33.87 46.20
C GLU G 118 65.68 -33.36 46.46
N ARG G 119 64.68 -34.01 45.88
CA ARG G 119 63.29 -33.62 46.16
C ARG G 119 62.89 -34.02 47.57
N PHE G 120 63.41 -35.13 48.07
CA PHE G 120 63.11 -35.60 49.43
C PHE G 120 64.03 -34.99 50.47
N LYS G 121 65.01 -34.19 50.06
CA LYS G 121 65.94 -33.54 50.99
C LYS G 121 66.66 -34.57 51.86
N TRP G 122 67.00 -35.70 51.26
CA TRP G 122 67.67 -36.78 51.99
C TRP G 122 69.13 -36.42 52.24
N VAL G 123 69.58 -36.57 53.48
CA VAL G 123 70.96 -36.33 53.87
C VAL G 123 71.42 -37.51 54.70
N ASN G 124 72.50 -38.16 54.27
CA ASN G 124 73.05 -39.29 55.02
C ASN G 124 73.79 -38.80 56.25
N CYS G 125 73.68 -39.54 57.35
CA CYS G 125 74.28 -39.15 58.62
C CYS G 125 75.67 -39.72 58.83
N PHE G 126 76.20 -40.47 57.86
CA PHE G 126 77.51 -41.10 57.99
C PHE G 126 78.60 -40.36 57.22
N GLU G 127 78.28 -39.19 56.63
CA GLU G 127 79.22 -38.45 55.83
C GLU G 127 79.61 -37.10 56.41
N THR G 128 79.02 -36.68 57.52
CA THR G 128 79.36 -35.42 58.16
C THR G 128 80.33 -35.69 59.31
N SER G 129 81.42 -34.92 59.35
CA SER G 129 82.41 -35.12 60.40
C SER G 129 81.81 -34.93 61.79
N CYS G 130 80.80 -34.06 61.91
CA CYS G 130 80.15 -33.83 63.19
C CYS G 130 78.88 -34.68 63.28
N ARG G 131 79.10 -35.99 63.28
CA ARG G 131 78.00 -36.93 63.46
C ARG G 131 77.63 -37.04 64.93
N SER G 132 76.42 -37.54 65.17
CA SER G 132 75.96 -37.74 66.53
C SER G 132 76.79 -38.82 67.21
N LYS G 133 77.17 -38.59 68.47
CA LYS G 133 78.00 -39.54 69.19
C LYS G 133 77.26 -40.83 69.49
N ALA G 134 75.93 -40.83 69.46
CA ALA G 134 75.16 -42.03 69.69
C ALA G 134 75.24 -43.03 68.55
N LEU G 135 75.82 -42.63 67.41
CA LEU G 135 75.89 -43.47 66.23
C LEU G 135 77.02 -44.51 66.30
N GLY G 136 77.57 -44.74 67.48
CA GLY G 136 78.61 -45.74 67.64
C GLY G 136 80.00 -45.13 67.75
N GLU G 137 80.89 -45.87 68.41
CA GLU G 137 82.25 -45.38 68.59
C GLU G 137 82.97 -45.21 67.27
N ILE G 138 82.81 -46.17 66.36
CA ILE G 138 83.43 -46.13 65.03
C ILE G 138 82.44 -46.69 64.03
N THR G 139 82.01 -45.87 63.09
CA THR G 139 81.09 -46.30 62.05
C THR G 139 81.83 -47.15 61.03
N PRO G 140 81.10 -47.90 60.20
CA PRO G 140 81.78 -48.83 59.27
C PRO G 140 82.70 -48.14 58.29
N ILE G 141 82.55 -46.84 58.04
CA ILE G 141 83.36 -46.15 57.04
C ILE G 141 84.26 -45.12 57.71
N GLU G 142 84.67 -45.37 58.95
CA GLU G 142 85.59 -44.50 59.67
C GLU G 142 86.76 -45.34 60.18
N TYR G 143 87.97 -44.83 59.96
CA TYR G 143 89.19 -45.45 60.47
C TYR G 143 89.84 -44.52 61.49
N MET G 144 90.34 -45.11 62.57
CA MET G 144 90.85 -44.32 63.68
C MET G 144 92.06 -43.51 63.25
N THR G 145 92.15 -42.27 63.74
CA THR G 145 93.27 -41.40 63.50
C THR G 145 93.64 -40.71 64.82
N GLU G 146 94.89 -40.27 64.91
CA GLU G 146 95.37 -39.67 66.15
C GLU G 146 94.43 -38.56 66.63
N CYS G 147 93.97 -37.72 65.71
CA CYS G 147 93.04 -36.64 66.05
C CYS G 147 91.60 -37.07 65.80
N GLY G 148 91.20 -38.15 66.46
CA GLY G 148 89.85 -38.65 66.39
C GLY G 148 89.57 -39.44 65.12
N PRO G 149 88.37 -39.99 65.02
CA PRO G 149 88.02 -40.77 63.83
C PRO G 149 87.88 -39.89 62.60
N VAL G 150 88.13 -40.48 61.44
CA VAL G 150 88.01 -39.82 60.14
C VAL G 150 87.28 -40.76 59.20
N TYR G 151 86.35 -40.20 58.42
CA TYR G 151 85.56 -40.96 57.48
C TYR G 151 86.12 -40.85 56.07
N VAL G 152 85.69 -41.75 55.20
CA VAL G 152 86.13 -41.80 53.81
C VAL G 152 84.90 -41.79 52.91
N ALA G 153 84.92 -40.94 51.90
CA ALA G 153 83.81 -40.82 50.95
C ALA G 153 84.02 -41.81 49.81
N ILE G 154 83.12 -42.79 49.70
CA ILE G 154 83.22 -43.81 48.68
C ILE G 154 82.62 -43.32 47.38
N ASN G 155 83.24 -43.68 46.27
CA ASN G 155 82.71 -43.39 44.93
C ASN G 155 82.26 -44.72 44.34
N TYR G 156 80.98 -45.04 44.54
CA TYR G 156 80.47 -46.32 44.08
C TYR G 156 80.46 -46.37 42.56
N PRO G 157 80.57 -47.56 41.97
CA PRO G 157 80.43 -47.69 40.52
C PRO G 157 79.05 -47.24 40.07
N PRO G 158 78.83 -47.09 38.77
CA PRO G 158 77.55 -46.56 38.28
C PRO G 158 76.37 -47.48 38.59
N SER G 159 76.52 -48.78 38.30
CA SER G 159 75.37 -49.68 38.40
C SER G 159 74.83 -49.76 39.83
N ILE G 160 75.71 -49.89 40.81
CA ILE G 160 75.26 -50.02 42.20
C ILE G 160 74.64 -48.71 42.67
N LYS G 161 75.23 -47.58 42.27
CA LYS G 161 74.67 -46.29 42.68
C LYS G 161 73.26 -46.12 42.14
N GLN G 162 73.04 -46.48 40.88
CA GLN G 162 71.70 -46.38 40.30
C GLN G 162 70.73 -47.30 41.02
N ALA G 163 71.15 -48.52 41.33
CA ALA G 163 70.27 -49.46 42.02
C ALA G 163 70.02 -49.02 43.46
N PHE G 164 71.07 -48.63 44.17
CA PHE G 164 70.90 -48.24 45.56
C PHE G 164 70.00 -47.02 45.70
N GLU G 165 70.21 -46.01 44.85
CA GLU G 165 69.37 -44.83 44.90
C GLU G 165 67.91 -45.18 44.57
N SER G 166 67.70 -46.04 43.59
CA SER G 166 66.34 -46.43 43.23
C SER G 166 65.64 -47.10 44.41
N ALA G 167 66.34 -48.01 45.09
CA ALA G 167 65.73 -48.68 46.24
C ALA G 167 65.40 -47.70 47.34
N LEU G 168 66.30 -46.74 47.60
CA LEU G 168 66.05 -45.77 48.66
C LEU G 168 64.82 -44.93 48.37
N ILE G 169 64.63 -44.55 47.10
CA ILE G 169 63.48 -43.73 46.73
C ILE G 169 62.18 -44.45 47.06
N LYS G 170 62.11 -45.73 46.72
CA LYS G 170 60.89 -46.49 46.97
C LYS G 170 60.52 -46.47 48.44
N SER G 171 61.48 -46.75 49.31
CA SER G 171 61.20 -46.79 50.75
C SER G 171 60.75 -45.42 51.26
N LEU G 172 61.40 -44.35 50.80
CA LEU G 172 61.03 -43.01 51.26
C LEU G 172 59.60 -42.67 50.84
N GLU G 173 59.22 -43.05 49.62
CA GLU G 173 57.86 -42.79 49.17
C GLU G 173 56.84 -43.52 50.03
N ARG G 174 57.13 -44.77 50.41
CA ARG G 174 56.22 -45.52 51.26
C ARG G 174 56.06 -44.87 52.63
N LEU G 175 57.14 -44.32 53.18
CA LEU G 175 57.09 -43.76 54.53
C LEU G 175 56.33 -42.45 54.57
N SER G 176 56.33 -41.68 53.49
CA SER G 176 55.67 -40.37 53.50
C SER G 176 54.17 -40.49 53.75
N MET G 177 53.58 -41.66 53.53
CA MET G 177 52.16 -41.83 53.75
C MET G 177 51.80 -41.86 55.23
N GLY G 178 52.78 -41.99 56.12
CA GLY G 178 52.51 -42.08 57.54
C GLY G 178 52.18 -43.49 57.96
N ILE G 179 52.83 -43.98 59.02
CA ILE G 179 52.63 -45.34 59.51
C ILE G 179 52.60 -45.32 61.03
N ILE G 180 52.09 -46.40 61.58
CA ILE G 180 52.11 -46.62 63.03
C ILE G 180 53.40 -47.38 63.35
N LYS G 181 54.23 -46.80 64.21
CA LYS G 181 55.61 -47.27 64.38
C LYS G 181 55.63 -48.54 65.22
N ASN G 182 55.25 -49.64 64.57
CA ASN G 182 55.42 -50.98 65.11
C ASN G 182 56.37 -51.77 64.20
N LEU G 183 56.83 -52.91 64.72
CA LEU G 183 57.87 -53.66 64.01
C LEU G 183 57.39 -54.13 62.66
N ALA G 184 56.14 -54.61 62.57
CA ALA G 184 55.63 -55.15 61.32
C ALA G 184 55.61 -54.08 60.23
N SER G 185 55.15 -52.87 60.57
CA SER G 185 55.08 -51.80 59.57
C SER G 185 56.48 -51.32 59.17
N ILE G 186 57.38 -51.18 60.14
CA ILE G 186 58.71 -50.65 59.85
C ILE G 186 59.44 -51.57 58.87
N ASN G 187 59.36 -52.88 59.11
CA ASN G 187 60.04 -53.82 58.22
C ASN G 187 59.56 -53.65 56.78
N PHE G 188 58.26 -53.42 56.60
CA PHE G 188 57.72 -53.24 55.25
C PHE G 188 58.27 -51.97 54.61
N VAL G 189 58.42 -50.90 55.39
CA VAL G 189 58.86 -49.62 54.82
C VAL G 189 60.26 -49.76 54.25
N ILE G 190 61.17 -50.38 54.99
CA ILE G 190 62.56 -50.49 54.56
C ILE G 190 62.76 -51.81 53.82
N GLU G 191 61.66 -52.52 53.54
CA GLU G 191 61.78 -53.78 52.83
C GLU G 191 62.49 -53.66 51.49
N PRO G 192 62.23 -52.65 50.66
CA PRO G 192 62.93 -52.57 49.37
C PRO G 192 64.44 -52.50 49.51
N LEU G 193 64.95 -52.01 50.64
CA LEU G 193 66.39 -51.95 50.86
C LEU G 193 66.99 -53.32 51.17
N LYS G 194 66.16 -54.36 51.30
CA LYS G 194 66.64 -55.72 51.58
C LYS G 194 67.30 -55.80 52.96
N VAL G 195 66.70 -55.14 53.94
CA VAL G 195 67.17 -55.17 55.33
C VAL G 195 65.98 -55.39 56.24
N ARG G 196 66.19 -56.18 57.29
CA ARG G 196 65.14 -56.52 58.24
C ARG G 196 65.64 -56.29 59.66
N VAL G 197 64.79 -55.70 60.48
CA VAL G 197 65.08 -55.49 61.89
C VAL G 197 64.66 -56.72 62.67
N VAL G 198 65.37 -57.01 63.75
CA VAL G 198 65.06 -58.17 64.59
C VAL G 198 65.56 -57.90 66.01
N PRO G 199 64.69 -57.87 67.01
CA PRO G 199 65.16 -57.64 68.39
C PRO G 199 66.01 -58.80 68.88
N LEU G 200 66.90 -58.48 69.82
CA LEU G 200 67.75 -59.49 70.44
C LEU G 200 67.03 -60.19 71.59
N ASP G 201 66.38 -59.42 72.47
CA ASP G 201 65.67 -60.01 73.59
C ASP G 201 64.54 -60.89 73.09
N THR G 202 64.43 -62.08 73.69
CA THR G 202 63.36 -63.01 73.36
C THR G 202 62.38 -63.22 74.50
N THR G 203 62.71 -62.76 75.70
CA THR G 203 61.84 -62.91 76.86
C THR G 203 60.85 -61.75 76.91
N ASN G 204 60.16 -61.60 78.04
CA ASN G 204 59.09 -60.60 78.13
C ASN G 204 59.60 -59.20 77.87
N ALA G 205 60.78 -58.86 78.41
CA ALA G 205 61.31 -57.52 78.28
C ALA G 205 60.35 -56.52 78.93
N CYS G 206 60.45 -55.26 78.55
CA CYS G 206 59.65 -54.15 79.06
C CYS G 206 60.12 -53.71 80.44
N GLU G 207 61.10 -54.38 81.04
CA GLU G 207 61.61 -54.01 82.35
C GLU G 207 63.11 -53.83 82.31
N ASN G 208 63.78 -54.53 81.41
CA ASN G 208 65.22 -54.42 81.28
C ASN G 208 65.64 -52.98 81.01
N GLU G 209 66.93 -52.70 81.22
CA GLU G 209 67.43 -51.34 81.12
C GLU G 209 67.67 -50.88 79.70
N THR G 210 67.67 -51.79 78.73
CA THR G 210 67.93 -51.41 77.34
C THR G 210 67.16 -52.34 76.40
N LEU G 211 66.76 -51.79 75.27
CA LEU G 211 66.17 -52.56 74.18
C LEU G 211 67.13 -52.52 73.00
N CYS G 212 67.51 -53.70 72.50
CA CYS G 212 68.51 -53.82 71.46
C CYS G 212 67.90 -54.47 70.22
N VAL G 213 68.25 -53.92 69.05
CA VAL G 213 67.82 -54.46 67.77
C VAL G 213 69.04 -54.58 66.88
N THR G 214 68.93 -55.48 65.90
CA THR G 214 70.01 -55.72 64.94
C THR G 214 69.42 -55.88 63.55
N PHE G 215 70.25 -55.65 62.54
CA PHE G 215 69.83 -55.67 61.15
C PHE G 215 70.38 -56.91 60.46
N GLU G 216 69.49 -57.65 59.80
CA GLU G 216 69.85 -58.87 59.10
C GLU G 216 69.47 -58.74 57.63
N LYS G 217 70.40 -59.13 56.75
CA LYS G 217 70.14 -59.06 55.33
C LYS G 217 69.08 -60.09 54.92
N THR G 218 68.19 -59.69 54.02
CA THR G 218 67.21 -60.59 53.45
C THR G 218 67.64 -61.16 52.11
N SER G 219 68.50 -60.47 51.38
CA SER G 219 69.02 -60.95 50.10
C SER G 219 70.32 -60.22 49.80
N ASP G 220 71.11 -60.81 48.90
CA ASP G 220 72.39 -60.25 48.50
C ASP G 220 72.32 -59.56 47.14
N PHE G 221 71.17 -58.98 46.80
CA PHE G 221 70.99 -58.38 45.49
C PHE G 221 69.90 -57.33 45.55
N PHE G 222 70.21 -56.12 45.11
CA PHE G 222 69.18 -55.13 44.89
C PHE G 222 68.33 -55.53 43.68
N ASP G 223 67.15 -54.93 43.58
CA ASP G 223 66.30 -55.08 42.39
C ASP G 223 66.65 -53.95 41.44
N GLY G 224 67.23 -54.30 40.29
CA GLY G 224 67.69 -53.31 39.35
C GLY G 224 66.55 -52.55 38.70
N VAL G 225 66.92 -51.59 37.88
CA VAL G 225 65.97 -50.80 37.12
C VAL G 225 65.97 -51.28 35.67
N ASN G 226 64.81 -51.15 35.02
CA ASN G 226 64.63 -51.58 33.65
C ASN G 226 64.19 -50.39 32.81
N GLN G 227 64.96 -50.08 31.76
CA GLN G 227 64.62 -48.97 30.90
C GLN G 227 63.43 -49.30 30.00
N ASN G 228 63.42 -50.51 29.42
CA ASN G 228 62.41 -50.85 28.45
C ASN G 228 61.05 -51.01 29.12
N PRO G 229 59.96 -50.73 28.39
CA PRO G 229 58.62 -50.94 28.97
C PRO G 229 58.32 -52.40 29.27
N CYS G 230 59.03 -53.34 28.65
CA CYS G 230 58.84 -54.77 28.85
C CYS G 230 60.07 -55.37 29.52
N GLY G 231 60.06 -56.68 29.68
CA GLY G 231 61.18 -57.37 30.30
C GLY G 231 61.13 -57.26 31.82
N ILE G 232 62.23 -57.70 32.44
CA ILE G 232 62.36 -57.68 33.89
C ILE G 232 63.69 -57.03 34.26
N PRO G 233 63.81 -56.41 35.44
CA PRO G 233 65.06 -55.77 35.81
C PRO G 233 66.16 -56.79 36.08
N SER G 234 67.40 -56.32 35.94
CA SER G 234 68.57 -57.15 36.17
C SER G 234 69.10 -56.93 37.58
N PRO G 235 69.16 -57.93 38.44
CA PRO G 235 69.67 -57.70 39.79
C PRO G 235 71.15 -57.36 39.79
N VAL G 236 71.55 -56.59 40.80
CA VAL G 236 72.95 -56.19 40.98
C VAL G 236 73.36 -56.47 42.42
N ALA G 237 74.65 -56.66 42.63
CA ALA G 237 75.16 -56.95 43.95
C ALA G 237 74.96 -55.76 44.88
N ALA G 238 74.54 -56.04 46.11
CA ALA G 238 74.28 -55.00 47.09
C ALA G 238 75.47 -54.68 47.99
N TYR G 239 76.59 -55.38 47.82
CA TYR G 239 77.77 -55.18 48.66
C TYR G 239 78.90 -54.59 47.82
N ILE G 240 79.98 -54.25 48.51
CA ILE G 240 81.18 -53.71 47.88
C ILE G 240 82.40 -54.31 48.57
N ASP G 241 83.43 -54.59 47.78
CA ASP G 241 84.65 -55.18 48.30
C ASP G 241 85.67 -54.09 48.61
N ARG G 242 86.22 -54.12 49.82
CA ARG G 242 87.18 -53.10 50.22
C ARG G 242 88.43 -53.14 49.35
N ASP G 243 89.04 -54.32 49.22
CA ASP G 243 90.33 -54.41 48.52
C ASP G 243 90.20 -54.02 47.05
N VAL G 244 89.10 -54.44 46.41
CA VAL G 244 88.94 -54.17 44.99
C VAL G 244 88.97 -52.67 44.72
N MET G 245 88.35 -51.88 45.59
CA MET G 245 88.24 -50.44 45.41
C MET G 245 89.45 -49.69 45.91
N GLN G 246 90.45 -50.37 46.48
CA GLN G 246 91.68 -49.73 46.95
C GLN G 246 91.36 -48.70 48.04
N LEU G 247 90.78 -49.19 49.13
CA LEU G 247 90.42 -48.37 50.28
C LEU G 247 91.30 -48.71 51.47
N PRO G 248 91.35 -47.84 52.48
CA PRO G 248 92.19 -48.13 53.66
C PRO G 248 91.81 -49.45 54.31
N SER G 249 92.83 -50.17 54.77
CA SER G 249 92.61 -51.50 55.33
C SER G 249 91.79 -51.48 56.61
N GLU G 250 91.74 -50.34 57.31
CA GLU G 250 91.02 -50.29 58.58
C GLU G 250 89.53 -50.54 58.39
N LEU G 251 89.00 -50.34 57.19
CA LEU G 251 87.58 -50.51 56.95
C LEU G 251 87.22 -51.99 56.98
N PRO G 252 85.95 -52.31 57.21
CA PRO G 252 85.53 -53.72 57.16
C PRO G 252 85.71 -54.31 55.76
N LYS G 253 85.76 -55.64 55.71
CA LYS G 253 85.99 -56.32 54.44
C LYS G 253 84.90 -56.00 53.43
N TYR G 254 83.64 -55.99 53.85
CA TYR G 254 82.51 -55.74 52.98
C TYR G 254 81.73 -54.54 53.51
N ILE G 255 81.29 -53.68 52.58
CA ILE G 255 80.55 -52.47 52.91
C ILE G 255 79.19 -52.54 52.23
N TRP G 256 78.13 -52.40 53.01
CA TRP G 256 76.77 -52.47 52.49
C TRP G 256 76.12 -51.10 52.57
N PRO G 257 75.95 -50.37 51.47
CA PRO G 257 75.29 -49.06 51.55
C PRO G 257 73.85 -49.15 52.00
N GLY G 258 73.18 -50.25 51.63
CA GLY G 258 71.77 -50.39 51.97
C GLY G 258 71.54 -50.42 53.47
N HIS G 259 72.38 -51.17 54.21
CA HIS G 259 72.21 -51.28 55.64
C HIS G 259 72.38 -49.91 56.30
N MET G 260 73.31 -49.10 55.79
CA MET G 260 73.56 -47.79 56.38
C MET G 260 72.33 -46.89 56.29
N ALA G 261 71.72 -46.82 55.11
CA ALA G 261 70.54 -45.98 54.95
C ALA G 261 69.40 -46.47 55.83
N ALA G 262 69.20 -47.78 55.90
CA ALA G 262 68.14 -48.32 56.75
C ALA G 262 68.37 -47.96 58.21
N GLU G 263 69.62 -48.04 58.68
CA GLU G 263 69.90 -47.72 60.08
C GLU G 263 69.55 -46.27 60.38
N CYS G 264 69.87 -45.35 59.47
CA CYS G 264 69.56 -43.94 59.72
C CYS G 264 68.06 -43.71 59.81
N VAL G 265 67.29 -44.35 58.93
CA VAL G 265 65.85 -44.13 58.91
C VAL G 265 65.23 -44.60 60.21
N VAL G 266 65.59 -45.81 60.66
CA VAL G 266 64.98 -46.37 61.86
C VAL G 266 65.33 -45.53 63.08
N ARG G 267 66.59 -45.09 63.18
CA ARG G 267 67.01 -44.28 64.33
C ARG G 267 66.15 -43.04 64.47
N SER G 268 65.90 -42.34 63.36
CA SER G 268 65.08 -41.14 63.41
C SER G 268 63.66 -41.46 63.85
N LEU G 269 63.10 -42.56 63.36
CA LEU G 269 61.72 -42.91 63.70
C LEU G 269 61.56 -43.13 65.21
N LEU G 270 62.47 -43.89 65.81
CA LEU G 270 62.38 -44.27 67.21
C LEU G 270 63.27 -43.42 68.09
N SER G 271 63.43 -42.13 67.75
CA SER G 271 64.27 -41.26 68.57
C SER G 271 63.64 -40.98 69.92
N HIS G 272 62.31 -40.85 69.98
CA HIS G 272 61.64 -40.49 71.22
C HIS G 272 61.79 -41.55 72.30
N VAL G 273 62.09 -42.79 71.93
CA VAL G 273 62.35 -43.84 72.92
C VAL G 273 63.72 -43.62 73.53
N SER G 274 63.80 -43.67 74.85
CA SER G 274 64.99 -43.27 75.57
C SER G 274 65.98 -44.40 75.81
N ARG G 275 65.63 -45.64 75.46
CA ARG G 275 66.48 -46.80 75.71
C ARG G 275 66.56 -47.68 74.47
N PHE G 276 66.81 -47.06 73.33
CA PHE G 276 66.94 -47.75 72.05
C PHE G 276 68.42 -47.92 71.73
N CYS G 277 68.84 -49.16 71.49
CA CYS G 277 70.23 -49.47 71.22
C CYS G 277 70.33 -50.32 69.95
N VAL G 278 71.44 -50.14 69.23
CA VAL G 278 71.71 -50.86 67.99
C VAL G 278 73.02 -51.61 68.18
N VAL G 279 73.01 -52.89 67.82
CA VAL G 279 74.19 -53.75 67.89
C VAL G 279 74.38 -54.33 66.50
N ARG G 280 75.17 -53.65 65.67
CA ARG G 280 75.39 -54.10 64.30
C ARG G 280 76.38 -55.25 64.27
N THR G 281 76.04 -56.28 63.51
CA THR G 281 76.85 -57.49 63.39
C THR G 281 77.36 -57.63 61.97
N ASP G 282 78.63 -58.01 61.84
CA ASP G 282 79.23 -58.16 60.51
C ASP G 282 78.49 -59.23 59.73
N GLN G 283 78.28 -58.96 58.44
CA GLN G 283 77.60 -59.89 57.54
C GLN G 283 78.42 -60.04 56.27
N THR G 284 78.37 -61.22 55.70
CA THR G 284 79.15 -61.59 54.52
C THR G 284 78.25 -62.24 53.49
N PRO G 285 78.63 -62.17 52.21
CA PRO G 285 77.83 -62.83 51.17
C PRO G 285 77.82 -64.34 51.34
N ASP G 286 76.70 -64.94 50.95
CA ASP G 286 76.54 -66.39 51.06
C ASP G 286 77.54 -67.09 50.15
N MET H 1 -50.25 -45.70 73.72
CA MET H 1 -49.07 -44.81 73.45
C MET H 1 -47.92 -45.60 72.87
N ASN H 2 -46.80 -44.92 72.64
CA ASN H 2 -45.62 -45.56 72.10
C ASN H 2 -44.92 -46.37 73.18
N VAL H 3 -44.00 -47.23 72.75
CA VAL H 3 -43.17 -48.03 73.64
C VAL H 3 -41.76 -47.45 73.60
N LEU H 4 -41.31 -46.94 74.74
CA LEU H 4 -40.01 -46.28 74.79
C LEU H 4 -38.88 -47.32 74.75
N VAL H 5 -37.73 -46.87 74.25
CA VAL H 5 -36.56 -47.73 74.10
C VAL H 5 -35.37 -47.00 74.72
N PRO H 6 -34.41 -47.70 75.33
CA PRO H 6 -33.27 -46.99 75.93
C PRO H 6 -32.48 -46.19 74.89
N GLY H 7 -31.94 -45.07 75.34
CA GLY H 7 -31.15 -44.21 74.47
C GLY H 7 -30.17 -43.40 75.28
N ILE H 8 -29.23 -42.78 74.57
CA ILE H 8 -28.17 -42.02 75.23
C ILE H 8 -28.77 -40.87 76.04
N ASP H 9 -29.90 -40.33 75.62
CA ASP H 9 -30.56 -39.24 76.30
C ASP H 9 -31.64 -39.71 77.26
N GLY H 10 -31.72 -41.02 77.52
CA GLY H 10 -32.73 -41.58 78.40
C GLY H 10 -33.65 -42.52 77.64
N MET H 11 -34.94 -42.47 77.99
CA MET H 11 -35.95 -43.26 77.30
C MET H 11 -36.58 -42.42 76.20
N VAL H 12 -36.54 -42.94 74.97
CA VAL H 12 -37.08 -42.26 73.80
C VAL H 12 -37.85 -43.27 72.97
N SER H 13 -38.58 -42.75 71.97
CA SER H 13 -39.36 -43.57 71.06
C SER H 13 -38.62 -43.71 69.74
N ALA H 14 -38.54 -44.93 69.23
CA ALA H 14 -37.79 -45.24 68.02
C ALA H 14 -38.75 -45.46 66.86
N GLY H 15 -38.18 -45.51 65.66
CA GLY H 15 -38.95 -45.72 64.46
C GLY H 15 -38.07 -46.17 63.33
N LYS H 16 -38.65 -46.27 62.14
CA LYS H 16 -37.95 -46.73 60.96
C LYS H 16 -38.38 -45.92 59.75
N PHE H 17 -37.50 -45.86 58.76
CA PHE H 17 -37.79 -45.23 57.48
C PHE H 17 -38.27 -46.27 56.48
N GLU H 18 -38.56 -45.83 55.27
CA GLU H 18 -38.86 -46.74 54.16
C GLU H 18 -37.61 -46.95 53.33
N TYR H 19 -37.47 -48.17 52.80
CA TYR H 19 -36.26 -48.53 52.08
C TYR H 19 -36.06 -47.63 50.87
N SER H 20 -34.85 -47.13 50.70
CA SER H 20 -34.51 -46.26 49.59
C SER H 20 -33.83 -47.02 48.45
N GLY H 21 -32.78 -47.76 48.75
CA GLY H 21 -32.10 -48.55 47.75
C GLY H 21 -31.00 -47.85 46.99
N CYS H 22 -30.45 -46.76 47.53
CA CYS H 22 -29.40 -46.00 46.87
C CYS H 22 -28.06 -46.14 47.59
N CYS H 23 -27.77 -47.35 48.09
CA CYS H 23 -26.53 -47.60 48.82
C CYS H 23 -25.48 -48.19 47.89
N PRO H 24 -24.28 -47.63 47.81
CA PRO H 24 -23.24 -48.26 47.00
C PRO H 24 -22.86 -49.62 47.55
N PRO H 25 -22.45 -50.55 46.70
CA PRO H 25 -22.06 -51.88 47.21
C PRO H 25 -20.93 -51.78 48.22
N ASP H 26 -20.99 -52.63 49.24
CA ASP H 26 -20.04 -52.63 50.33
C ASP H 26 -18.96 -53.69 50.05
N PHE H 27 -17.99 -53.79 50.96
CA PHE H 27 -16.95 -54.81 50.83
C PHE H 27 -17.56 -56.20 50.66
N ALA H 28 -18.73 -56.43 51.25
CA ALA H 28 -19.33 -57.76 51.22
C ALA H 28 -19.58 -58.22 49.79
N ASP H 29 -20.12 -57.32 48.94
CA ASP H 29 -20.43 -57.71 47.57
C ASP H 29 -19.18 -57.95 46.74
N MET H 30 -18.00 -57.56 47.23
CA MET H 30 -16.78 -57.73 46.46
C MET H 30 -16.41 -59.20 46.39
N ASP H 31 -16.83 -59.88 45.32
CA ASP H 31 -16.61 -61.31 45.16
C ASP H 31 -15.43 -61.54 44.22
N GLU H 32 -14.54 -62.45 44.62
CA GLU H 32 -13.33 -62.70 43.84
C GLU H 32 -13.68 -63.23 42.45
N CYS H 33 -14.64 -64.16 42.37
CA CYS H 33 -14.94 -64.79 41.09
C CYS H 33 -15.48 -63.79 40.08
N THR H 34 -16.50 -63.01 40.46
CA THR H 34 -17.09 -62.08 39.51
C THR H 34 -16.10 -61.00 39.11
N LEU H 35 -15.32 -60.49 40.06
CA LEU H 35 -14.37 -59.44 39.75
C LEU H 35 -13.28 -59.93 38.81
N ALA H 36 -12.82 -61.17 38.98
CA ALA H 36 -11.73 -61.68 38.15
C ALA H 36 -12.15 -61.77 36.69
N THR H 37 -13.28 -62.43 36.43
CA THR H 37 -13.74 -62.58 35.05
C THR H 37 -14.09 -61.23 34.42
N SER H 38 -14.26 -60.19 35.25
CA SER H 38 -14.72 -58.90 34.72
C SER H 38 -13.71 -58.25 33.79
N TYR H 39 -12.42 -58.31 34.11
CA TYR H 39 -11.42 -57.63 33.30
C TYR H 39 -11.28 -58.21 31.90
N VAL H 40 -11.89 -59.35 31.60
CA VAL H 40 -11.89 -59.82 30.22
C VAL H 40 -12.54 -58.78 29.32
N GLY H 41 -13.36 -57.89 29.89
CA GLY H 41 -13.98 -56.84 29.10
C GLY H 41 -13.07 -55.66 28.82
N LEU H 42 -11.94 -55.54 29.51
CA LEU H 42 -11.03 -54.42 29.26
C LEU H 42 -10.16 -54.63 28.03
N LEU H 43 -10.08 -55.85 27.51
CA LEU H 43 -9.26 -56.12 26.35
C LEU H 43 -9.95 -55.63 25.08
N PRO H 44 -9.19 -55.45 23.99
CA PRO H 44 -9.81 -55.03 22.73
C PRO H 44 -10.67 -56.13 22.12
N SER H 45 -11.24 -55.88 20.95
CA SER H 45 -12.10 -56.84 20.28
C SER H 45 -11.64 -57.02 18.84
N GLY H 46 -11.68 -58.27 18.38
CA GLY H 46 -11.28 -58.59 17.03
C GLY H 46 -11.12 -60.08 16.83
N PRO H 47 -10.72 -60.48 15.62
CA PRO H 47 -10.54 -61.92 15.36
C PRO H 47 -9.46 -62.56 16.20
N LEU H 48 -8.52 -61.78 16.74
CA LEU H 48 -7.49 -62.33 17.59
C LEU H 48 -7.92 -62.48 19.05
N TRP H 49 -9.09 -61.94 19.41
CA TRP H 49 -9.54 -61.94 20.79
C TRP H 49 -10.89 -62.60 21.01
N ASP H 50 -11.73 -62.70 19.97
CA ASP H 50 -13.09 -63.19 20.17
C ASP H 50 -13.10 -64.59 20.75
N ARG H 51 -12.36 -65.51 20.14
CA ARG H 51 -12.36 -66.90 20.61
C ARG H 51 -11.81 -67.00 22.02
N ALA H 52 -10.70 -66.31 22.30
CA ALA H 52 -10.08 -66.41 23.61
C ALA H 52 -11.01 -65.86 24.69
N LYS H 53 -11.63 -64.71 24.43
CA LYS H 53 -12.51 -64.10 25.43
C LYS H 53 -13.76 -64.93 25.67
N TYR H 54 -14.19 -65.70 24.66
CA TYR H 54 -15.42 -66.46 24.79
C TYR H 54 -15.24 -67.68 25.69
N GLU H 55 -14.07 -68.31 25.64
CA GLU H 55 -13.82 -69.56 26.34
C GLU H 55 -13.28 -69.36 27.75
N ALA H 56 -13.38 -68.15 28.31
CA ALA H 56 -12.87 -67.89 29.65
C ALA H 56 -13.67 -68.70 30.67
N ILE H 57 -12.98 -69.47 31.49
CA ILE H 57 -13.59 -70.28 32.53
C ILE H 57 -12.81 -70.07 33.82
N THR H 58 -13.53 -69.89 34.93
CA THR H 58 -12.92 -69.63 36.23
C THR H 58 -13.53 -70.55 37.27
N THR H 59 -12.67 -71.10 38.13
CA THR H 59 -13.10 -72.00 39.19
C THR H 59 -12.35 -71.66 40.47
N ILE H 60 -12.94 -72.01 41.60
CA ILE H 60 -12.36 -71.73 42.91
C ILE H 60 -11.56 -72.95 43.36
N THR H 61 -10.30 -72.72 43.73
CA THR H 61 -9.44 -73.79 44.22
C THR H 61 -9.75 -74.05 45.70
N ALA H 62 -8.90 -74.82 46.36
CA ALA H 62 -9.12 -75.24 47.73
C ALA H 62 -9.46 -74.07 48.64
N THR H 63 -8.56 -73.10 48.75
CA THR H 63 -8.76 -71.95 49.63
C THR H 63 -9.25 -70.73 48.85
N GLY H 64 -10.45 -70.88 48.28
CA GLY H 64 -10.99 -69.80 47.47
C GLY H 64 -10.05 -69.46 46.35
N ASN H 65 -9.78 -68.17 46.17
CA ASN H 65 -8.75 -67.70 45.23
C ASN H 65 -9.01 -68.25 43.83
N CYS H 66 -10.14 -67.82 43.28
CA CYS H 66 -10.54 -68.23 41.93
C CYS H 66 -9.35 -68.22 40.98
N ALA H 67 -9.19 -69.29 40.23
CA ALA H 67 -8.12 -69.44 39.27
C ALA H 67 -8.67 -69.96 37.96
N ALA H 68 -8.06 -69.54 36.85
CA ALA H 68 -8.50 -69.98 35.54
C ALA H 68 -8.33 -71.48 35.40
N CYS H 69 -9.28 -72.13 34.72
CA CYS H 69 -9.26 -73.56 34.51
C CYS H 69 -8.77 -73.83 33.09
N TRP H 70 -7.65 -74.55 32.98
CA TRP H 70 -7.06 -74.88 31.69
C TRP H 70 -7.56 -76.25 31.27
N THR H 71 -8.38 -76.29 30.24
CA THR H 71 -8.89 -77.55 29.72
C THR H 71 -7.81 -78.23 28.88
N GLU H 72 -8.17 -79.35 28.25
CA GLU H 72 -7.21 -80.09 27.45
C GLU H 72 -6.79 -79.36 26.18
N ASP H 73 -7.59 -78.40 25.73
CA ASP H 73 -7.34 -77.68 24.49
C ASP H 73 -7.22 -76.18 24.73
N HIS H 74 -6.49 -75.79 25.76
CA HIS H 74 -6.29 -74.38 26.06
C HIS H 74 -5.33 -73.74 25.06
N CYS H 75 -5.64 -72.50 24.68
CA CYS H 75 -4.81 -71.72 23.76
C CYS H 75 -4.24 -70.53 24.51
N PRO H 76 -2.96 -70.55 24.91
CA PRO H 76 -2.42 -69.44 25.71
C PRO H 76 -2.59 -68.11 25.01
N THR H 77 -2.92 -67.08 25.80
CA THR H 77 -3.14 -65.74 25.27
C THR H 77 -3.07 -64.77 26.45
N LEU H 78 -3.05 -63.48 26.13
CA LEU H 78 -3.03 -62.46 27.17
C LEU H 78 -4.26 -62.54 28.08
N VAL H 79 -5.34 -63.15 27.59
CA VAL H 79 -6.57 -63.22 28.37
C VAL H 79 -6.31 -63.89 29.71
N ASP H 80 -5.40 -64.87 29.73
CA ASP H 80 -5.03 -65.51 30.99
C ASP H 80 -4.42 -64.49 31.95
N TYR H 81 -3.56 -63.62 31.44
CA TYR H 81 -2.97 -62.59 32.29
C TYR H 81 -4.03 -61.64 32.82
N ALA H 82 -5.00 -61.26 31.99
CA ALA H 82 -6.03 -60.34 32.44
C ALA H 82 -6.80 -60.91 33.63
N VAL H 83 -7.15 -62.19 33.56
CA VAL H 83 -7.83 -62.83 34.69
C VAL H 83 -6.94 -62.83 35.92
N ASN H 84 -5.62 -63.01 35.72
CA ASN H 84 -4.70 -63.00 36.85
C ASN H 84 -4.73 -61.65 37.56
N VAL H 85 -4.77 -60.56 36.79
CA VAL H 85 -4.87 -59.23 37.39
C VAL H 85 -6.15 -59.12 38.20
N GLY H 86 -7.24 -59.68 37.67
CA GLY H 86 -8.50 -59.63 38.41
C GLY H 86 -8.39 -60.26 39.78
N ALA H 87 -7.77 -61.44 39.86
CA ALA H 87 -7.59 -62.07 41.15
C ALA H 87 -6.74 -61.21 42.08
N ARG H 88 -5.79 -60.48 41.51
CA ARG H 88 -4.89 -59.68 42.34
C ARG H 88 -5.64 -58.59 43.08
N LEU H 89 -6.46 -57.81 42.38
CA LEU H 89 -7.13 -56.69 43.03
C LEU H 89 -8.10 -57.17 44.09
N ALA H 90 -8.84 -58.25 43.80
CA ALA H 90 -9.74 -58.81 44.80
C ALA H 90 -8.97 -59.20 46.06
N SER H 91 -7.79 -59.78 45.89
CA SER H 91 -7.00 -60.20 47.05
C SER H 91 -6.42 -58.99 47.77
N VAL H 92 -5.83 -58.05 47.04
CA VAL H 92 -5.13 -56.94 47.69
C VAL H 92 -6.12 -56.07 48.46
N ILE H 93 -7.32 -55.86 47.92
CA ILE H 93 -8.32 -55.07 48.64
C ILE H 93 -8.66 -55.72 49.97
N ASP H 94 -8.86 -57.03 49.96
CA ASP H 94 -9.21 -57.74 51.19
C ASP H 94 -8.07 -57.65 52.21
N MET H 95 -6.83 -57.82 51.75
CA MET H 95 -5.69 -57.81 52.65
C MET H 95 -5.29 -56.40 53.08
N THR H 96 -5.56 -55.39 52.25
CA THR H 96 -4.98 -54.07 52.44
C THR H 96 -6.00 -53.01 52.83
N LEU H 97 -7.07 -52.84 52.06
CA LEU H 97 -8.01 -51.75 52.28
C LEU H 97 -9.07 -52.11 53.31
N TRP H 98 -9.59 -53.34 53.27
CA TRP H 98 -10.62 -53.74 54.24
C TRP H 98 -10.14 -53.60 55.67
N PRO H 99 -8.97 -54.11 56.07
CA PRO H 99 -8.53 -53.91 57.45
C PRO H 99 -8.40 -52.46 57.85
N ALA H 100 -8.02 -51.57 56.92
CA ALA H 100 -7.87 -50.17 57.28
C ALA H 100 -9.19 -49.57 57.72
N VAL H 101 -10.26 -49.82 56.98
CA VAL H 101 -11.58 -49.32 57.36
C VAL H 101 -12.09 -50.04 58.60
N ARG H 102 -11.86 -51.35 58.67
CA ARG H 102 -12.39 -52.13 59.78
C ARG H 102 -11.84 -51.63 61.12
N GLU H 103 -10.59 -51.17 61.14
CA GLU H 103 -9.93 -50.75 62.37
C GLU H 103 -10.12 -49.27 62.66
N SER H 104 -10.86 -48.55 61.83
CA SER H 104 -11.01 -47.11 61.98
C SER H 104 -12.16 -46.68 62.88
N ASP H 105 -12.99 -47.62 63.33
CA ASP H 105 -14.16 -47.30 64.12
C ASP H 105 -14.16 -48.13 65.40
N PRO H 106 -14.45 -47.53 66.56
CA PRO H 106 -14.43 -48.32 67.80
C PRO H 106 -15.45 -49.45 67.82
N PHE H 107 -16.52 -49.35 67.03
CA PHE H 107 -17.58 -50.34 67.03
C PHE H 107 -17.30 -51.52 66.09
N THR H 108 -16.15 -51.51 65.40
CA THR H 108 -15.81 -52.61 64.51
C THR H 108 -14.34 -53.01 64.60
N ALA H 109 -13.56 -52.41 65.50
CA ALA H 109 -12.16 -52.75 65.61
C ALA H 109 -12.00 -54.19 66.07
N VAL H 110 -11.00 -54.88 65.50
CA VAL H 110 -10.76 -56.28 65.84
C VAL H 110 -9.32 -56.47 66.32
N THR H 111 -8.35 -56.17 65.45
CA THR H 111 -6.96 -56.44 65.78
C THR H 111 -6.35 -55.37 66.67
N SER H 112 -6.83 -54.13 66.59
CA SER H 112 -6.25 -53.00 67.30
C SER H 112 -7.05 -52.62 68.53
N THR H 113 -7.65 -53.59 69.22
CA THR H 113 -8.39 -53.29 70.44
C THR H 113 -7.47 -52.71 71.50
N ALA H 114 -6.29 -53.30 71.68
CA ALA H 114 -5.36 -52.81 72.70
C ALA H 114 -4.91 -51.39 72.40
N ASP H 115 -4.63 -51.09 71.13
CA ASP H 115 -4.20 -49.75 70.77
C ASP H 115 -5.28 -48.72 71.07
N TRP H 116 -6.54 -49.07 70.79
CA TRP H 116 -7.63 -48.12 71.02
C TRP H 116 -7.71 -47.72 72.49
N LEU H 117 -7.55 -48.68 73.39
CA LEU H 117 -7.59 -48.36 74.82
C LEU H 117 -6.54 -47.31 75.17
N GLU H 118 -5.33 -47.43 74.59
CA GLU H 118 -4.31 -46.43 74.83
C GLU H 118 -4.70 -45.07 74.30
N ARG H 119 -5.62 -45.00 73.34
CA ARG H 119 -6.11 -43.71 72.87
C ARG H 119 -7.06 -43.09 73.88
N PHE H 120 -7.77 -43.91 74.66
CA PHE H 120 -8.67 -43.43 75.70
C PHE H 120 -7.97 -43.24 77.04
N LYS H 121 -6.68 -43.58 77.13
CA LYS H 121 -5.94 -43.44 78.38
C LYS H 121 -6.62 -44.17 79.53
N TRP H 122 -7.13 -45.37 79.23
CA TRP H 122 -7.84 -46.16 80.23
C TRP H 122 -6.86 -46.81 81.19
N VAL H 123 -7.14 -46.70 82.49
CA VAL H 123 -6.35 -47.33 83.53
C VAL H 123 -7.28 -48.02 84.51
N ASN H 124 -7.00 -49.29 84.79
CA ASN H 124 -7.81 -50.05 85.72
C ASN H 124 -7.42 -49.72 87.16
N CYS H 125 -8.41 -49.59 88.02
CA CYS H 125 -8.19 -49.24 89.42
C CYS H 125 -7.97 -50.46 90.31
N PHE H 126 -8.05 -51.66 89.77
CA PHE H 126 -7.92 -52.88 90.56
C PHE H 126 -6.53 -53.49 90.49
N GLU H 127 -5.60 -52.89 89.74
CA GLU H 127 -4.27 -53.44 89.55
C GLU H 127 -3.17 -52.64 90.23
N THR H 128 -3.44 -51.40 90.64
CA THR H 128 -2.44 -50.59 91.33
C THR H 128 -2.43 -50.97 92.80
N SER H 129 -1.24 -51.22 93.35
CA SER H 129 -1.14 -51.62 94.74
C SER H 129 -1.66 -50.53 95.67
N CYS H 130 -1.54 -49.26 95.27
CA CYS H 130 -2.07 -48.15 96.06
C CYS H 130 -3.45 -47.74 95.54
N ARG H 131 -4.39 -48.67 95.66
CA ARG H 131 -5.77 -48.41 95.28
C ARG H 131 -6.48 -47.62 96.37
N SER H 132 -7.56 -46.96 95.99
CA SER H 132 -8.34 -46.19 96.94
C SER H 132 -8.92 -47.12 98.00
N LYS H 133 -8.89 -46.67 99.25
CA LYS H 133 -9.37 -47.50 100.35
C LYS H 133 -10.87 -47.73 100.27
N ALA H 134 -11.60 -46.83 99.61
CA ALA H 134 -13.04 -46.96 99.51
C ALA H 134 -13.48 -48.12 98.62
N LEU H 135 -12.55 -48.73 97.88
CA LEU H 135 -12.89 -49.79 96.93
C LEU H 135 -13.17 -51.13 97.60
N GLY H 136 -13.27 -51.16 98.91
CA GLY H 136 -13.59 -52.39 99.63
C GLY H 136 -12.38 -52.93 100.39
N GLU H 137 -12.68 -53.78 101.37
CA GLU H 137 -11.62 -54.36 102.20
C GLU H 137 -10.71 -55.26 101.37
N ILE H 138 -11.30 -56.11 100.52
CA ILE H 138 -10.54 -57.04 99.70
C ILE H 138 -11.24 -57.16 98.35
N THR H 139 -10.55 -56.74 97.29
CA THR H 139 -11.12 -56.79 95.95
C THR H 139 -11.16 -58.23 95.46
N PRO H 140 -11.94 -58.49 94.39
CA PRO H 140 -12.08 -59.88 93.92
C PRO H 140 -10.78 -60.52 93.48
N ILE H 141 -9.74 -59.74 93.19
CA ILE H 141 -8.48 -60.31 92.68
C ILE H 141 -7.36 -60.05 93.68
N GLU H 142 -7.70 -60.02 94.97
CA GLU H 142 -6.71 -59.84 96.03
C GLU H 142 -6.88 -60.93 97.07
N TYR H 143 -5.76 -61.47 97.53
CA TYR H 143 -5.74 -62.44 98.61
C TYR H 143 -4.94 -61.87 99.78
N MET H 144 -5.49 -62.04 100.99
CA MET H 144 -4.90 -61.40 102.16
C MET H 144 -3.52 -61.98 102.46
N THR H 145 -2.60 -61.09 102.85
CA THR H 145 -1.26 -61.48 103.28
C THR H 145 -0.92 -60.71 104.54
N GLU H 146 0.00 -61.26 105.34
CA GLU H 146 0.32 -60.64 106.62
C GLU H 146 0.70 -59.18 106.44
N CYS H 147 1.38 -58.85 105.35
CA CYS H 147 1.76 -57.46 105.06
C CYS H 147 0.70 -56.80 104.18
N GLY H 148 -0.56 -56.86 104.62
CA GLY H 148 -1.65 -56.24 103.90
C GLY H 148 -2.08 -57.06 102.70
N PRO H 149 -3.13 -56.62 102.02
CA PRO H 149 -3.61 -57.35 100.84
C PRO H 149 -2.62 -57.27 99.68
N VAL H 150 -2.65 -58.30 98.84
CA VAL H 150 -1.82 -58.37 97.65
C VAL H 150 -2.69 -58.81 96.48
N TYR H 151 -2.49 -58.19 95.33
CA TYR H 151 -3.24 -58.50 94.12
C TYR H 151 -2.41 -59.36 93.19
N VAL H 152 -3.10 -60.02 92.26
CA VAL H 152 -2.47 -60.90 91.29
C VAL H 152 -2.94 -60.48 89.90
N ALA H 153 -1.99 -60.31 88.98
CA ALA H 153 -2.28 -59.91 87.62
C ALA H 153 -2.59 -61.16 86.79
N ILE H 154 -3.78 -61.19 86.20
CA ILE H 154 -4.24 -62.34 85.43
C ILE H 154 -3.80 -62.20 83.98
N ASN H 155 -3.40 -63.31 83.38
CA ASN H 155 -3.08 -63.36 81.95
C ASN H 155 -4.24 -64.06 81.26
N TYR H 156 -5.18 -63.26 80.76
CA TYR H 156 -6.37 -63.83 80.14
C TYR H 156 -6.01 -64.55 78.86
N PRO H 157 -6.82 -65.53 78.44
CA PRO H 157 -6.61 -66.16 77.14
C PRO H 157 -6.81 -65.17 76.03
N PRO H 158 -6.45 -65.52 74.79
CA PRO H 158 -6.59 -64.58 73.68
C PRO H 158 -8.03 -64.19 73.38
N SER H 159 -8.90 -65.20 73.23
CA SER H 159 -10.27 -64.92 72.79
C SER H 159 -11.02 -64.08 73.81
N ILE H 160 -10.88 -64.39 75.10
CA ILE H 160 -11.60 -63.63 76.11
C ILE H 160 -11.05 -62.22 76.22
N LYS H 161 -9.74 -62.06 76.10
CA LYS H 161 -9.16 -60.72 76.14
C LYS H 161 -9.66 -59.87 74.98
N GLN H 162 -9.71 -60.45 73.78
CA GLN H 162 -10.17 -59.70 72.62
C GLN H 162 -11.62 -59.27 72.79
N ALA H 163 -12.48 -60.18 73.26
CA ALA H 163 -13.89 -59.83 73.45
C ALA H 163 -14.06 -58.78 74.53
N PHE H 164 -13.38 -58.95 75.66
CA PHE H 164 -13.54 -57.99 76.75
C PHE H 164 -13.08 -56.60 76.34
N GLU H 165 -11.93 -56.50 75.68
CA GLU H 165 -11.43 -55.20 75.26
C GLU H 165 -12.38 -54.56 74.25
N SER H 166 -12.92 -55.36 73.33
CA SER H 166 -13.85 -54.83 72.34
C SER H 166 -15.09 -54.25 73.02
N ALA H 167 -15.63 -54.96 74.02
CA ALA H 167 -16.80 -54.46 74.73
C ALA H 167 -16.48 -53.17 75.47
N LEU H 168 -15.30 -53.10 76.09
CA LEU H 168 -14.93 -51.90 76.84
C LEU H 168 -14.86 -50.69 75.92
N ILE H 169 -14.31 -50.86 74.72
CA ILE H 169 -14.17 -49.74 73.79
C ILE H 169 -15.54 -49.18 73.44
N LYS H 170 -16.50 -50.05 73.17
CA LYS H 170 -17.84 -49.60 72.80
C LYS H 170 -18.44 -48.72 73.90
N SER H 171 -18.37 -49.17 75.14
CA SER H 171 -18.95 -48.40 76.24
C SER H 171 -18.25 -47.06 76.39
N LEU H 172 -16.92 -47.05 76.31
CA LEU H 172 -16.18 -45.80 76.46
C LEU H 172 -16.54 -44.82 75.36
N GLU H 173 -16.71 -45.30 74.12
CA GLU H 173 -17.10 -44.43 73.03
C GLU H 173 -18.45 -43.77 73.29
N ARG H 174 -19.40 -44.53 73.82
CA ARG H 174 -20.72 -43.99 74.11
C ARG H 174 -20.65 -42.91 75.18
N LEU H 175 -19.79 -43.10 76.19
CA LEU H 175 -19.76 -42.17 77.32
C LEU H 175 -19.15 -40.83 76.92
N SER H 176 -18.27 -40.81 75.91
CA SER H 176 -17.61 -39.57 75.53
C SER H 176 -18.58 -38.55 74.94
N MET H 177 -19.80 -38.95 74.61
CA MET H 177 -20.78 -38.03 74.05
C MET H 177 -21.50 -37.21 75.11
N GLY H 178 -21.26 -37.46 76.39
CA GLY H 178 -21.92 -36.72 77.45
C GLY H 178 -23.29 -37.29 77.75
N ILE H 179 -23.58 -37.49 79.04
CA ILE H 179 -24.85 -38.06 79.47
C ILE H 179 -25.31 -37.33 80.73
N ILE H 180 -26.57 -37.51 81.06
CA ILE H 180 -27.14 -37.05 82.32
C ILE H 180 -27.12 -38.22 83.28
N LYS H 181 -26.48 -38.04 84.43
CA LYS H 181 -26.17 -39.17 85.30
C LYS H 181 -27.41 -39.66 86.03
N ASN H 182 -28.32 -40.31 85.32
CA ASN H 182 -29.47 -40.98 85.89
C ASN H 182 -29.36 -42.48 85.65
N LEU H 183 -30.19 -43.25 86.35
CA LEU H 183 -30.07 -44.70 86.30
C LEU H 183 -30.33 -45.24 84.90
N ALA H 184 -31.32 -44.68 84.20
CA ALA H 184 -31.66 -45.18 82.87
C ALA H 184 -30.51 -45.01 81.89
N SER H 185 -29.84 -43.85 81.91
CA SER H 185 -28.76 -43.61 80.96
C SER H 185 -27.53 -44.45 81.28
N ILE H 186 -27.18 -44.55 82.55
CA ILE H 186 -25.96 -45.26 82.94
C ILE H 186 -26.03 -46.72 82.48
N ASN H 187 -27.18 -47.37 82.70
CA ASN H 187 -27.32 -48.76 82.28
C ASN H 187 -27.05 -48.91 80.78
N PHE H 188 -27.52 -47.95 79.98
CA PHE H 188 -27.30 -48.03 78.54
C PHE H 188 -25.83 -47.89 78.20
N VAL H 189 -25.10 -47.04 78.95
CA VAL H 189 -23.70 -46.81 78.65
C VAL H 189 -22.89 -48.10 78.82
N ILE H 190 -23.14 -48.82 79.92
CA ILE H 190 -22.34 -49.99 80.27
C ILE H 190 -23.00 -51.29 79.84
N GLU H 191 -24.07 -51.23 79.05
CA GLU H 191 -24.76 -52.46 78.68
C GLU H 191 -23.90 -53.37 77.78
N PRO H 192 -22.99 -52.85 76.97
CA PRO H 192 -22.15 -53.77 76.18
C PRO H 192 -21.36 -54.73 77.06
N LEU H 193 -21.01 -54.31 78.27
CA LEU H 193 -20.29 -55.18 79.19
C LEU H 193 -21.20 -56.24 79.81
N LYS H 194 -22.50 -56.20 79.53
CA LYS H 194 -23.46 -57.18 80.06
C LYS H 194 -23.54 -57.08 81.58
N VAL H 195 -23.75 -55.85 82.07
CA VAL H 195 -23.90 -55.59 83.49
C VAL H 195 -24.99 -54.54 83.67
N ARG H 196 -25.78 -54.71 84.72
CA ARG H 196 -26.89 -53.80 85.02
C ARG H 196 -26.83 -53.39 86.48
N VAL H 197 -26.99 -52.10 86.74
CA VAL H 197 -27.06 -51.59 88.10
C VAL H 197 -28.49 -51.73 88.61
N VAL H 198 -28.62 -51.94 89.92
CA VAL H 198 -29.94 -52.07 90.53
C VAL H 198 -29.85 -51.62 91.99
N PRO H 199 -30.57 -50.58 92.41
CA PRO H 199 -30.51 -50.16 93.81
C PRO H 199 -31.10 -51.22 94.74
N LEU H 200 -30.57 -51.26 95.96
CA LEU H 200 -31.09 -52.19 96.96
C LEU H 200 -32.37 -51.66 97.59
N ASP H 201 -32.41 -50.36 97.90
CA ASP H 201 -33.59 -49.78 98.53
C ASP H 201 -34.78 -49.82 97.57
N THR H 202 -35.95 -50.14 98.13
CA THR H 202 -37.19 -50.15 97.37
C THR H 202 -38.21 -49.17 97.90
N THR H 203 -38.02 -48.61 99.09
CA THR H 203 -38.92 -47.62 99.65
C THR H 203 -38.54 -46.23 99.13
N ASN H 204 -39.10 -45.20 99.74
CA ASN H 204 -38.92 -43.84 99.22
C ASN H 204 -37.45 -43.44 99.22
N ALA H 205 -36.71 -43.78 100.27
CA ALA H 205 -35.31 -43.37 100.38
C ALA H 205 -35.20 -41.85 100.39
N CYS H 206 -34.02 -41.33 100.08
CA CYS H 206 -33.68 -39.91 100.06
C CYS H 206 -33.45 -39.37 101.47
N GLU H 207 -33.61 -40.18 102.51
CA GLU H 207 -33.40 -39.72 103.88
C GLU H 207 -32.44 -40.67 104.61
N ASN H 208 -32.40 -41.92 104.19
CA ASN H 208 -31.51 -42.89 104.82
C ASN H 208 -30.06 -42.42 104.72
N GLU H 209 -29.22 -43.03 105.57
CA GLU H 209 -27.83 -42.58 105.68
C GLU H 209 -26.98 -43.00 104.49
N THR H 210 -27.33 -44.06 103.78
CA THR H 210 -26.53 -44.56 102.67
C THR H 210 -27.42 -44.98 101.52
N LEU H 211 -26.90 -44.85 100.30
CA LEU H 211 -27.52 -45.38 99.10
C LEU H 211 -26.66 -46.51 98.56
N CYS H 212 -27.26 -47.67 98.37
CA CYS H 212 -26.54 -48.88 97.99
C CYS H 212 -27.00 -49.36 96.63
N VAL H 213 -26.05 -49.84 95.83
CA VAL H 213 -26.32 -50.42 94.52
C VAL H 213 -25.55 -51.72 94.38
N THR H 214 -25.99 -52.54 93.44
CA THR H 214 -25.33 -53.82 93.17
C THR H 214 -25.39 -54.09 91.68
N PHE H 215 -24.49 -54.96 91.21
CA PHE H 215 -24.33 -55.24 89.79
C PHE H 215 -24.82 -56.64 89.48
N GLU H 216 -25.68 -56.77 88.47
CA GLU H 216 -26.24 -58.04 88.06
C GLU H 216 -25.81 -58.34 86.63
N LYS H 217 -25.68 -59.64 86.33
CA LYS H 217 -25.29 -60.08 85.00
C LYS H 217 -26.52 -60.18 84.11
N THR H 218 -26.48 -59.49 82.97
CA THR H 218 -27.55 -59.59 81.98
C THR H 218 -27.36 -60.77 81.04
N SER H 219 -26.20 -61.40 81.03
CA SER H 219 -25.94 -62.56 80.18
C SER H 219 -24.58 -63.13 80.57
N ASP H 220 -24.34 -64.37 80.15
CA ASP H 220 -23.11 -65.08 80.44
C ASP H 220 -22.22 -65.21 79.21
N PHE H 221 -22.29 -64.25 78.29
CA PHE H 221 -21.55 -64.35 77.04
C PHE H 221 -21.34 -62.96 76.47
N PHE H 222 -20.08 -62.58 76.28
CA PHE H 222 -19.78 -61.41 75.46
C PHE H 222 -20.15 -61.70 74.01
N ASP H 223 -20.42 -60.63 73.26
CA ASP H 223 -20.64 -60.73 71.83
C ASP H 223 -19.32 -60.52 71.13
N GLY H 224 -18.81 -61.58 70.49
CA GLY H 224 -17.48 -61.54 69.90
C GLY H 224 -17.37 -60.54 68.77
N VAL H 225 -16.22 -60.54 68.09
CA VAL H 225 -15.95 -59.64 66.98
C VAL H 225 -15.69 -60.48 65.75
N ASN H 226 -16.30 -60.08 64.63
CA ASN H 226 -16.23 -60.83 63.38
C ASN H 226 -15.24 -60.17 62.44
N GLN H 227 -14.28 -60.95 61.93
CA GLN H 227 -13.30 -60.42 61.00
C GLN H 227 -13.92 -60.20 59.62
N ASN H 228 -14.72 -61.15 59.15
CA ASN H 228 -15.27 -61.07 57.81
C ASN H 228 -16.32 -59.96 57.72
N PRO H 229 -16.51 -59.38 56.55
CA PRO H 229 -17.54 -58.33 56.39
C PRO H 229 -18.96 -58.86 56.44
N CYS H 230 -19.16 -60.17 56.37
CA CYS H 230 -20.48 -60.78 56.43
C CYS H 230 -20.48 -61.91 57.45
N GLY H 231 -21.62 -62.09 58.10
CA GLY H 231 -21.77 -63.10 59.12
C GLY H 231 -21.87 -62.49 60.52
N ILE H 232 -22.36 -63.30 61.45
CA ILE H 232 -22.57 -62.85 62.82
C ILE H 232 -21.31 -63.13 63.64
N PRO H 233 -21.04 -62.36 64.70
CA PRO H 233 -19.88 -62.67 65.55
C PRO H 233 -20.12 -63.92 66.39
N SER H 234 -19.03 -64.50 66.87
CA SER H 234 -19.08 -65.70 67.67
C SER H 234 -19.04 -65.34 69.14
N PRO H 235 -20.06 -65.67 69.94
CA PRO H 235 -20.01 -65.32 71.36
C PRO H 235 -18.94 -66.10 72.11
N VAL H 236 -18.44 -65.50 73.18
CA VAL H 236 -17.45 -66.12 74.04
C VAL H 236 -17.86 -65.93 75.49
N ALA H 237 -17.34 -66.80 76.35
CA ALA H 237 -17.67 -66.75 77.77
C ALA H 237 -17.10 -65.49 78.41
N ALA H 238 -17.83 -64.95 79.38
CA ALA H 238 -17.41 -63.74 80.07
C ALA H 238 -16.67 -64.03 81.37
N TYR H 239 -16.74 -65.24 81.89
CA TYR H 239 -16.14 -65.59 83.16
C TYR H 239 -14.82 -66.34 82.96
N ILE H 240 -14.08 -66.49 84.05
CA ILE H 240 -12.84 -67.26 84.07
C ILE H 240 -12.84 -68.13 85.31
N ASP H 241 -12.40 -69.38 85.15
CA ASP H 241 -12.39 -70.33 86.24
C ASP H 241 -11.05 -70.26 86.98
N ARG H 242 -11.11 -70.15 88.30
CA ARG H 242 -9.88 -70.03 89.10
C ARG H 242 -9.03 -71.28 88.96
N ASP H 243 -9.62 -72.45 89.19
CA ASP H 243 -8.84 -73.69 89.22
C ASP H 243 -8.20 -73.96 87.86
N VAL H 244 -8.93 -73.73 86.78
CA VAL H 244 -8.38 -74.00 85.45
C VAL H 244 -7.13 -73.18 85.20
N MET H 245 -7.13 -71.92 85.66
CA MET H 245 -6.01 -71.03 85.42
C MET H 245 -4.88 -71.22 86.42
N GLN H 246 -5.06 -72.05 87.44
CA GLN H 246 -4.02 -72.33 88.44
C GLN H 246 -3.63 -71.06 89.20
N LEU H 247 -4.63 -70.45 89.81
CA LEU H 247 -4.48 -69.25 90.61
C LEU H 247 -4.61 -69.56 92.09
N PRO H 248 -4.21 -68.65 92.97
CA PRO H 248 -4.30 -68.92 94.40
C PRO H 248 -5.73 -69.21 94.82
N SER H 249 -5.87 -70.15 95.77
CA SER H 249 -7.18 -70.61 96.19
C SER H 249 -7.98 -69.51 96.89
N GLU H 250 -7.32 -68.50 97.45
CA GLU H 250 -8.05 -67.46 98.17
C GLU H 250 -8.98 -66.66 97.27
N LEU H 251 -8.76 -66.68 95.96
CA LEU H 251 -9.59 -65.91 95.06
C LEU H 251 -10.98 -66.52 94.95
N PRO H 252 -11.97 -65.74 94.52
CA PRO H 252 -13.31 -66.30 94.29
C PRO H 252 -13.28 -67.34 93.18
N LYS H 253 -14.28 -68.24 93.21
CA LYS H 253 -14.31 -69.34 92.26
C LYS H 253 -14.37 -68.84 90.83
N TYR H 254 -15.20 -67.83 90.56
CA TYR H 254 -15.38 -67.28 89.23
C TYR H 254 -15.02 -65.80 89.23
N ILE H 255 -14.35 -65.37 88.17
CA ILE H 255 -13.90 -63.98 88.03
C ILE H 255 -14.53 -63.41 86.78
N TRP H 256 -15.12 -62.22 86.91
CA TRP H 256 -15.81 -61.54 85.79
C TRP H 256 -15.08 -60.25 85.47
N PRO H 257 -14.23 -60.21 84.44
CA PRO H 257 -13.54 -58.96 84.12
C PRO H 257 -14.49 -57.82 83.78
N GLY H 258 -15.63 -58.12 83.14
CA GLY H 258 -16.55 -57.08 82.77
C GLY H 258 -17.12 -56.36 83.97
N HIS H 259 -17.49 -57.11 85.01
CA HIS H 259 -18.07 -56.48 86.20
C HIS H 259 -17.08 -55.55 86.87
N MET H 260 -15.81 -55.97 86.95
CA MET H 260 -14.80 -55.11 87.57
C MET H 260 -14.64 -53.81 86.80
N ALA H 261 -14.58 -53.89 85.46
CA ALA H 261 -14.45 -52.68 84.67
C ALA H 261 -15.66 -51.78 84.83
N ALA H 262 -16.85 -52.36 84.81
CA ALA H 262 -18.07 -51.56 84.97
C ALA H 262 -18.10 -50.86 86.32
N GLU H 263 -17.66 -51.55 87.36
CA GLU H 263 -17.68 -50.95 88.70
C GLU H 263 -16.81 -49.70 88.76
N CYS H 264 -15.65 -49.72 88.09
CA CYS H 264 -14.77 -48.56 88.11
C CYS H 264 -15.44 -47.37 87.43
N VAL H 265 -16.11 -47.60 86.30
CA VAL H 265 -16.70 -46.51 85.54
C VAL H 265 -17.76 -45.80 86.37
N VAL H 266 -18.67 -46.58 86.97
CA VAL H 266 -19.76 -45.99 87.73
C VAL H 266 -19.22 -45.22 88.94
N ARG H 267 -18.26 -45.82 89.65
CA ARG H 267 -17.71 -45.18 90.84
C ARG H 267 -17.18 -43.79 90.51
N SER H 268 -16.46 -43.67 89.39
CA SER H 268 -15.96 -42.36 88.98
C SER H 268 -17.10 -41.42 88.62
N LEU H 269 -18.13 -41.94 87.96
CA LEU H 269 -19.22 -41.08 87.48
C LEU H 269 -19.93 -40.40 88.65
N LEU H 270 -20.23 -41.16 89.71
CA LEU H 270 -21.03 -40.67 90.83
C LEU H 270 -20.16 -40.38 92.06
N SER H 271 -18.95 -39.86 91.85
CA SER H 271 -18.08 -39.57 92.98
C SER H 271 -18.59 -38.40 93.80
N HIS H 272 -19.22 -37.41 93.17
CA HIS H 272 -19.65 -36.22 93.90
C HIS H 272 -20.72 -36.53 94.95
N VAL H 273 -21.41 -37.66 94.82
CA VAL H 273 -22.38 -38.06 95.84
C VAL H 273 -21.62 -38.62 97.03
N SER H 274 -21.93 -38.12 98.22
CA SER H 274 -21.14 -38.42 99.41
C SER H 274 -21.64 -39.62 100.20
N ARG H 275 -22.72 -40.26 99.77
CA ARG H 275 -23.27 -41.42 100.48
C ARG H 275 -23.60 -42.52 99.48
N PHE H 276 -22.66 -42.80 98.58
CA PHE H 276 -22.82 -43.84 97.57
C PHE H 276 -22.02 -45.06 97.98
N CYS H 277 -22.68 -46.22 98.02
CA CYS H 277 -22.06 -47.46 98.46
C CYS H 277 -22.33 -48.55 97.44
N VAL H 278 -21.39 -49.50 97.36
CA VAL H 278 -21.48 -50.64 96.45
C VAL H 278 -21.38 -51.91 97.29
N VAL H 279 -22.30 -52.83 97.06
CA VAL H 279 -22.32 -54.12 97.76
C VAL H 279 -22.30 -55.20 96.68
N ARG H 280 -21.11 -55.66 96.33
CA ARG H 280 -20.97 -56.69 95.30
C ARG H 280 -21.42 -58.04 95.85
N THR H 281 -22.10 -58.80 95.01
CA THR H 281 -22.63 -60.11 95.38
C THR H 281 -22.09 -61.17 94.44
N ASP H 282 -21.73 -62.32 95.01
CA ASP H 282 -21.19 -63.41 94.20
C ASP H 282 -22.21 -63.89 93.19
N GLN H 283 -21.73 -64.16 91.98
CA GLN H 283 -22.56 -64.64 90.88
C GLN H 283 -21.90 -65.83 90.22
N THR H 284 -22.71 -66.74 89.68
CA THR H 284 -22.23 -67.96 89.06
C THR H 284 -22.91 -68.16 87.73
N PRO H 285 -22.26 -68.85 86.79
CA PRO H 285 -22.91 -69.15 85.51
C PRO H 285 -24.07 -70.10 85.69
N ASP H 286 -25.04 -69.98 84.79
CA ASP H 286 -26.23 -70.83 84.83
C ASP H 286 -25.93 -72.19 84.21
N MET I 1 -84.11 37.46 39.71
CA MET I 1 -82.68 37.07 39.89
C MET I 1 -82.56 35.56 40.03
N ASN I 2 -81.35 35.08 40.34
CA ASN I 2 -81.11 33.66 40.48
C ASN I 2 -81.69 33.16 41.81
N VAL I 3 -81.71 31.84 41.96
CA VAL I 3 -82.15 31.18 43.18
C VAL I 3 -80.91 30.53 43.80
N LEU I 4 -80.63 30.89 45.05
CA LEU I 4 -79.42 30.41 45.71
C LEU I 4 -79.63 29.03 46.29
N VAL I 5 -78.53 28.29 46.41
CA VAL I 5 -78.55 26.93 46.95
C VAL I 5 -77.49 26.85 48.04
N PRO I 6 -77.70 26.06 49.09
CA PRO I 6 -76.68 25.99 50.17
C PRO I 6 -75.34 25.51 49.65
N GLY I 7 -74.28 26.06 50.23
CA GLY I 7 -72.94 25.69 49.85
C GLY I 7 -71.99 25.84 51.02
N ILE I 8 -70.80 25.26 50.87
CA ILE I 8 -69.81 25.30 51.94
C ILE I 8 -69.42 26.72 52.29
N ASP I 9 -69.54 27.65 51.35
CA ASP I 9 -69.21 29.05 51.58
C ASP I 9 -70.45 29.91 51.85
N GLY I 10 -71.60 29.28 52.10
CA GLY I 10 -72.83 29.99 52.36
C GLY I 10 -73.86 29.70 51.27
N MET I 11 -74.62 30.72 50.90
CA MET I 11 -75.60 30.62 49.83
C MET I 11 -74.97 31.10 48.54
N VAL I 12 -74.95 30.23 47.53
CA VAL I 12 -74.35 30.53 46.24
C VAL I 12 -75.31 30.10 45.13
N SER I 13 -75.06 30.63 43.94
CA SER I 13 -75.85 30.30 42.76
C SER I 13 -75.19 29.16 42.00
N ALA I 14 -75.97 28.16 41.64
CA ALA I 14 -75.47 26.95 41.01
C ALA I 14 -75.79 26.96 39.51
N GLY I 15 -75.28 25.97 38.82
CA GLY I 15 -75.48 25.87 37.38
C GLY I 15 -75.09 24.51 36.87
N LYS I 16 -75.13 24.36 35.56
CA LYS I 16 -74.80 23.09 34.91
C LYS I 16 -74.03 23.34 33.63
N PHE I 17 -73.22 22.35 33.25
CA PHE I 17 -72.49 22.38 32.00
C PHE I 17 -73.33 21.69 30.92
N GLU I 18 -72.73 21.45 29.76
CA GLU I 18 -73.34 20.69 28.69
C GLU I 18 -72.61 19.38 28.50
N TYR I 19 -73.35 18.32 28.21
CA TYR I 19 -72.77 16.98 28.16
C TYR I 19 -71.63 16.93 27.17
N SER I 20 -70.50 16.35 27.59
CA SER I 20 -69.32 16.25 26.75
C SER I 20 -69.21 14.88 26.09
N GLY I 21 -69.26 13.82 26.89
CA GLY I 21 -69.20 12.46 26.37
C GLY I 21 -67.83 11.82 26.34
N CYS I 22 -66.84 12.40 27.02
CA CYS I 22 -65.48 11.87 27.04
C CYS I 22 -65.19 11.17 28.36
N CYS I 23 -66.19 10.49 28.91
CA CYS I 23 -66.03 9.79 30.18
C CYS I 23 -65.68 8.33 29.92
N PRO I 24 -64.55 7.83 30.42
CA PRO I 24 -64.23 6.42 30.23
C PRO I 24 -65.23 5.54 30.98
N PRO I 25 -65.46 4.32 30.50
CA PRO I 25 -66.40 3.44 31.19
C PRO I 25 -65.98 3.19 32.64
N ASP I 26 -66.98 3.10 33.51
CA ASP I 26 -66.78 2.90 34.93
C ASP I 26 -67.04 1.44 35.28
N PHE I 27 -66.88 1.10 36.57
CA PHE I 27 -67.19 -0.26 37.00
C PHE I 27 -68.61 -0.66 36.64
N ALA I 28 -69.53 0.31 36.62
CA ALA I 28 -70.93 -0.01 36.33
C ALA I 28 -71.11 -0.57 34.93
N ASP I 29 -70.23 -0.20 33.99
CA ASP I 29 -70.38 -0.59 32.60
C ASP I 29 -69.71 -1.92 32.29
N MET I 30 -69.50 -2.77 33.29
CA MET I 30 -68.82 -4.04 33.11
C MET I 30 -69.67 -5.17 33.71
N ASP I 31 -69.68 -6.31 33.03
CA ASP I 31 -70.42 -7.48 33.49
C ASP I 31 -69.72 -8.72 33.00
N GLU I 32 -69.99 -9.84 33.69
CA GLU I 32 -69.35 -11.10 33.31
C GLU I 32 -69.74 -11.51 31.90
N CYS I 33 -71.03 -11.44 31.57
CA CYS I 33 -71.46 -11.80 30.23
C CYS I 33 -70.83 -10.88 29.18
N THR I 34 -70.77 -9.58 29.46
CA THR I 34 -70.24 -8.62 28.51
C THR I 34 -68.73 -8.47 28.61
N LEU I 35 -68.04 -9.43 29.20
CA LEU I 35 -66.59 -9.49 29.13
C LEU I 35 -66.08 -10.87 28.73
N ALA I 36 -66.75 -11.94 29.15
CA ALA I 36 -66.22 -13.28 28.94
C ALA I 36 -66.07 -13.60 27.46
N THR I 37 -67.13 -13.35 26.68
CA THR I 37 -67.10 -13.70 25.27
C THR I 37 -66.10 -12.86 24.48
N SER I 38 -65.61 -11.76 25.05
CA SER I 38 -64.60 -10.96 24.35
C SER I 38 -63.32 -11.75 24.13
N TYR I 39 -62.88 -12.50 25.15
CA TYR I 39 -61.56 -13.13 25.09
C TYR I 39 -61.44 -14.18 24.00
N VAL I 40 -62.55 -14.64 23.41
CA VAL I 40 -62.44 -15.58 22.30
C VAL I 40 -61.73 -14.94 21.12
N GLY I 41 -61.69 -13.61 21.06
CA GLY I 41 -61.03 -12.92 19.98
C GLY I 41 -59.53 -12.77 20.13
N LEU I 42 -58.97 -13.21 21.25
CA LEU I 42 -57.52 -13.20 21.42
C LEU I 42 -56.84 -14.38 20.75
N LEU I 43 -57.59 -15.41 20.37
CA LEU I 43 -57.02 -16.60 19.79
C LEU I 43 -56.64 -16.36 18.32
N PRO I 44 -55.80 -17.23 17.75
CA PRO I 44 -55.45 -17.08 16.33
C PRO I 44 -56.62 -17.37 15.41
N SER I 45 -56.39 -17.32 14.10
CA SER I 45 -57.43 -17.58 13.12
C SER I 45 -56.94 -18.63 12.13
N GLY I 46 -57.82 -19.57 11.80
CA GLY I 46 -57.49 -20.62 10.86
C GLY I 46 -58.55 -21.71 10.84
N PRO I 47 -58.34 -22.73 10.01
CA PRO I 47 -59.33 -23.82 9.93
C PRO I 47 -59.50 -24.58 11.24
N LEU I 48 -58.51 -24.53 12.13
CA LEU I 48 -58.61 -25.23 13.40
C LEU I 48 -59.39 -24.44 14.45
N TRP I 49 -59.67 -23.16 14.21
CA TRP I 49 -60.36 -22.31 15.17
C TRP I 49 -61.65 -21.69 14.65
N ASP I 50 -61.85 -21.64 13.33
CA ASP I 50 -63.00 -20.92 12.80
C ASP I 50 -64.31 -21.49 13.31
N ARG I 51 -64.49 -22.82 13.20
CA ARG I 51 -65.74 -23.43 13.64
C ARG I 51 -65.93 -23.24 15.14
N ALA I 52 -64.89 -23.49 15.93
CA ALA I 52 -65.02 -23.39 17.38
C ALA I 52 -65.34 -21.97 17.80
N LYS I 53 -64.66 -20.98 17.22
CA LYS I 53 -64.90 -19.59 17.60
C LYS I 53 -66.29 -19.13 17.22
N TYR I 54 -66.86 -19.71 16.17
CA TYR I 54 -68.18 -19.28 15.70
C TYR I 54 -69.30 -19.79 16.59
N GLU I 55 -69.15 -21.00 17.15
CA GLU I 55 -70.18 -21.63 17.95
C GLU I 55 -70.08 -21.31 19.42
N ALA I 56 -69.46 -20.19 19.78
CA ALA I 56 -69.33 -19.81 21.18
C ALA I 56 -70.65 -19.27 21.71
N ILE I 57 -71.12 -19.84 22.81
CA ILE I 57 -72.36 -19.42 23.46
C ILE I 57 -72.07 -19.22 24.94
N THR I 58 -72.88 -18.36 25.56
CA THR I 58 -72.72 -18.05 26.97
C THR I 58 -74.07 -17.81 27.60
N THR I 59 -74.23 -18.26 28.84
CA THR I 59 -75.48 -18.10 29.57
C THR I 59 -75.16 -17.90 31.05
N ILE I 60 -76.11 -17.31 31.77
CA ILE I 60 -75.94 -17.00 33.18
C ILE I 60 -76.55 -18.11 34.01
N THR I 61 -75.77 -18.61 34.98
CA THR I 61 -76.28 -19.62 35.91
C THR I 61 -77.09 -18.95 37.01
N ALA I 62 -77.42 -19.70 38.07
CA ALA I 62 -78.29 -19.20 39.13
C ALA I 62 -77.86 -17.83 39.62
N THR I 63 -76.62 -17.72 40.11
CA THR I 63 -76.12 -16.46 40.66
C THR I 63 -75.18 -15.80 39.64
N GLY I 64 -75.79 -15.30 38.56
CA GLY I 64 -74.99 -14.67 37.53
C GLY I 64 -73.92 -15.63 37.04
N ASN I 65 -72.67 -15.18 37.09
CA ASN I 65 -71.52 -16.03 36.82
C ASN I 65 -71.67 -16.75 35.47
N CYS I 66 -71.68 -15.94 34.42
CA CYS I 66 -71.86 -16.46 33.06
C CYS I 66 -70.95 -17.66 32.84
N ALA I 67 -71.53 -18.73 32.28
CA ALA I 67 -70.80 -19.95 32.00
C ALA I 67 -71.15 -20.44 30.60
N ALA I 68 -70.18 -21.05 29.94
CA ALA I 68 -70.40 -21.56 28.60
C ALA I 68 -71.43 -22.68 28.62
N CYS I 69 -72.25 -22.74 27.57
CA CYS I 69 -73.31 -23.73 27.44
C CYS I 69 -72.84 -24.81 26.47
N TRP I 70 -72.86 -26.06 26.93
CA TRP I 70 -72.43 -27.20 26.13
C TRP I 70 -73.64 -27.90 25.55
N THR I 71 -73.87 -27.74 24.25
CA THR I 71 -74.96 -28.42 23.58
C THR I 71 -74.62 -29.90 23.43
N GLU I 72 -75.54 -30.65 22.80
CA GLU I 72 -75.33 -32.07 22.61
C GLU I 72 -74.20 -32.38 21.63
N ASP I 73 -73.79 -31.40 20.81
CA ASP I 73 -72.76 -31.58 19.81
C ASP I 73 -71.60 -30.61 20.03
N HIS I 74 -71.18 -30.47 21.29
CA HIS I 74 -70.07 -29.59 21.62
C HIS I 74 -68.75 -30.27 21.37
N CYS I 75 -67.83 -29.56 20.71
CA CYS I 75 -66.51 -30.09 20.40
C CYS I 75 -65.48 -29.44 21.31
N PRO I 76 -64.89 -30.15 22.26
CA PRO I 76 -63.94 -29.51 23.18
C PRO I 76 -62.77 -28.88 22.42
N THR I 77 -62.34 -27.72 22.91
CA THR I 77 -61.24 -26.98 22.30
C THR I 77 -60.76 -25.94 23.30
N LEU I 78 -59.64 -25.29 22.97
CA LEU I 78 -59.10 -24.24 23.83
C LEU I 78 -60.05 -23.07 23.96
N VAL I 79 -61.02 -22.93 23.05
CA VAL I 79 -61.93 -21.79 23.13
C VAL I 79 -62.67 -21.78 24.46
N ASP I 80 -63.03 -22.97 24.96
CA ASP I 80 -63.70 -23.03 26.26
C ASP I 80 -62.82 -22.44 27.36
N TYR I 81 -61.52 -22.74 27.33
CA TYR I 81 -60.62 -22.19 28.33
C TYR I 81 -60.56 -20.67 28.24
N ALA I 82 -60.53 -20.13 27.03
CA ALA I 82 -60.47 -18.68 26.86
C ALA I 82 -61.67 -18.01 27.51
N VAL I 83 -62.86 -18.58 27.31
CA VAL I 83 -64.06 -18.05 27.96
C VAL I 83 -63.91 -18.12 29.48
N ASN I 84 -63.30 -19.20 29.97
CA ASN I 84 -63.11 -19.32 31.41
C ASN I 84 -62.22 -18.21 31.96
N VAL I 85 -61.15 -17.88 31.23
CA VAL I 85 -60.27 -16.81 31.66
C VAL I 85 -61.01 -15.48 31.70
N GLY I 86 -61.85 -15.22 30.69
CA GLY I 86 -62.62 -13.99 30.69
C GLY I 86 -63.52 -13.88 31.90
N ALA I 87 -64.21 -14.96 32.25
CA ALA I 87 -65.06 -14.95 33.43
C ALA I 87 -64.23 -14.73 34.69
N ARG I 88 -63.00 -15.26 34.72
CA ARG I 88 -62.14 -15.06 35.87
C ARG I 88 -61.84 -13.56 36.07
N LEU I 89 -61.52 -12.86 34.98
CA LEU I 89 -61.16 -11.46 35.10
C LEU I 89 -62.31 -10.62 35.64
N ALA I 90 -63.53 -10.90 35.16
CA ALA I 90 -64.68 -10.14 35.65
C ALA I 90 -64.89 -10.37 37.14
N SER I 91 -64.69 -11.61 37.59
CA SER I 91 -64.90 -11.92 39.00
C SER I 91 -63.85 -11.25 39.88
N VAL I 92 -62.58 -11.38 39.50
CA VAL I 92 -61.51 -10.88 40.36
C VAL I 92 -61.55 -9.36 40.47
N ILE I 93 -61.90 -8.68 39.36
CA ILE I 93 -61.99 -7.23 39.41
C ILE I 93 -63.06 -6.79 40.40
N ASP I 94 -64.21 -7.47 40.37
CA ASP I 94 -65.28 -7.12 41.31
C ASP I 94 -64.86 -7.38 42.75
N MET I 95 -64.16 -8.49 43.00
CA MET I 95 -63.81 -8.85 44.37
C MET I 95 -62.69 -7.99 44.92
N THR I 96 -61.68 -7.68 44.12
CA THR I 96 -60.47 -7.03 44.61
C THR I 96 -60.43 -5.54 44.30
N LEU I 97 -60.51 -5.16 43.03
CA LEU I 97 -60.27 -3.76 42.66
C LEU I 97 -61.45 -2.87 43.05
N TRP I 98 -62.68 -3.34 42.82
CA TRP I 98 -63.84 -2.49 43.10
C TRP I 98 -63.91 -2.06 44.55
N PRO I 99 -63.81 -2.95 45.54
CA PRO I 99 -63.82 -2.48 46.93
C PRO I 99 -62.68 -1.51 47.24
N ALA I 100 -61.51 -1.72 46.64
CA ALA I 100 -60.37 -0.85 46.94
C ALA I 100 -60.70 0.60 46.62
N VAL I 101 -61.27 0.85 45.43
CA VAL I 101 -61.65 2.21 45.06
C VAL I 101 -62.82 2.68 45.88
N ARG I 102 -63.78 1.79 46.16
CA ARG I 102 -64.99 2.19 46.86
C ARG I 102 -64.69 2.70 48.26
N GLU I 103 -63.78 2.05 48.97
CA GLU I 103 -63.47 2.40 50.36
C GLU I 103 -62.50 3.56 50.49
N SER I 104 -62.02 4.12 49.38
CA SER I 104 -61.00 5.16 49.43
C SER I 104 -61.57 6.56 49.60
N ASP I 105 -62.89 6.73 49.57
CA ASP I 105 -63.51 8.04 49.66
C ASP I 105 -64.55 8.04 50.77
N PRO I 106 -64.57 9.06 51.63
CA PRO I 106 -65.58 9.07 52.71
C PRO I 106 -67.01 9.09 52.21
N PHE I 107 -67.26 9.56 51.00
CA PHE I 107 -68.61 9.66 50.46
C PHE I 107 -69.07 8.36 49.81
N THR I 108 -68.23 7.33 49.79
CA THR I 108 -68.62 6.03 49.23
C THR I 108 -68.20 4.85 50.10
N ALA I 109 -67.55 5.08 51.24
CA ALA I 109 -67.13 3.97 52.07
C ALA I 109 -68.33 3.19 52.57
N VAL I 110 -68.19 1.87 52.61
CA VAL I 110 -69.28 0.99 53.05
C VAL I 110 -68.81 0.12 54.21
N THR I 111 -67.81 -0.71 53.98
CA THR I 111 -67.38 -1.69 54.96
C THR I 111 -66.37 -1.14 55.97
N SER I 112 -65.78 0.02 55.71
CA SER I 112 -64.74 0.58 56.57
C SER I 112 -65.22 1.87 57.25
N THR I 113 -66.50 1.93 57.60
CA THR I 113 -67.02 3.11 58.29
C THR I 113 -66.35 3.28 59.65
N ALA I 114 -66.20 2.18 60.40
CA ALA I 114 -65.57 2.28 61.72
C ALA I 114 -64.12 2.71 61.62
N ASP I 115 -63.39 2.17 60.64
CA ASP I 115 -61.99 2.53 60.50
C ASP I 115 -61.82 4.01 60.18
N TRP I 116 -62.69 4.55 59.32
CA TRP I 116 -62.57 5.97 58.96
C TRP I 116 -62.71 6.86 60.18
N LEU I 117 -63.65 6.54 61.07
CA LEU I 117 -63.83 7.33 62.28
C LEU I 117 -62.55 7.39 63.10
N GLU I 118 -61.84 6.25 63.18
CA GLU I 118 -60.57 6.25 63.90
C GLU I 118 -59.53 7.12 63.23
N ARG I 119 -59.65 7.36 61.92
CA ARG I 119 -58.74 8.28 61.24
C ARG I 119 -59.08 9.73 61.56
N PHE I 120 -60.34 10.03 61.86
CA PHE I 120 -60.77 11.36 62.24
C PHE I 120 -60.66 11.62 63.74
N LYS I 121 -60.26 10.61 64.52
CA LYS I 121 -60.09 10.76 65.96
C LYS I 121 -61.38 11.27 66.62
N TRP I 122 -62.50 10.74 66.17
CA TRP I 122 -63.80 11.16 66.70
C TRP I 122 -64.05 10.51 68.05
N VAL I 123 -64.44 11.32 69.03
CA VAL I 123 -64.77 10.86 70.37
C VAL I 123 -66.08 11.50 70.78
N ASN I 124 -67.07 10.67 71.12
CA ASN I 124 -68.36 11.19 71.53
C ASN I 124 -68.30 11.68 72.98
N CYS I 125 -69.06 12.74 73.25
CA CYS I 125 -69.06 13.38 74.57
C CYS I 125 -70.14 12.84 75.49
N PHE I 126 -70.89 11.82 75.07
CA PHE I 126 -72.00 11.30 75.86
C PHE I 126 -71.71 9.95 76.47
N GLU I 127 -70.51 9.39 76.26
CA GLU I 127 -70.15 8.07 76.75
C GLU I 127 -69.02 8.09 77.77
N THR I 128 -68.64 9.27 78.26
CA THR I 128 -67.62 9.40 79.29
C THR I 128 -68.27 9.85 80.59
N SER I 129 -67.99 9.14 81.68
CA SER I 129 -68.60 9.49 82.95
C SER I 129 -68.25 10.90 83.39
N CYS I 130 -67.07 11.38 83.02
CA CYS I 130 -66.64 12.74 83.36
C CYS I 130 -66.93 13.67 82.18
N ARG I 131 -68.21 13.81 81.88
CA ARG I 131 -68.65 14.74 80.85
C ARG I 131 -68.73 16.15 81.42
N SER I 132 -68.74 17.13 80.52
CA SER I 132 -68.83 18.52 80.93
C SER I 132 -70.20 18.79 81.55
N LYS I 133 -70.20 19.55 82.65
CA LYS I 133 -71.46 19.86 83.33
C LYS I 133 -72.37 20.74 82.50
N ALA I 134 -71.83 21.45 81.52
CA ALA I 134 -72.64 22.32 80.67
C ALA I 134 -73.52 21.53 79.70
N LEU I 135 -73.33 20.22 79.60
CA LEU I 135 -74.06 19.39 78.65
C LEU I 135 -75.46 19.02 79.13
N GLY I 136 -75.99 19.71 80.13
CA GLY I 136 -77.33 19.46 80.62
C GLY I 136 -77.31 18.63 81.90
N GLU I 137 -78.41 18.76 82.67
CA GLU I 137 -78.52 18.04 83.92
C GLU I 137 -78.51 16.53 83.70
N ILE I 138 -79.25 16.06 82.70
CA ILE I 138 -79.34 14.63 82.39
C ILE I 138 -79.39 14.47 80.88
N THR I 139 -78.42 13.77 80.33
CA THR I 139 -78.37 13.53 78.89
C THR I 139 -79.42 12.50 78.48
N PRO I 140 -79.73 12.41 77.19
CA PRO I 140 -80.79 11.47 76.76
C PRO I 140 -80.48 10.02 77.07
N ILE I 141 -79.22 9.65 77.32
CA ILE I 141 -78.86 8.26 77.54
C ILE I 141 -78.35 8.05 78.96
N GLU I 142 -78.86 8.85 79.90
CA GLU I 142 -78.50 8.72 81.30
C GLU I 142 -79.75 8.59 82.14
N TYR I 143 -79.71 7.70 83.14
CA TYR I 143 -80.78 7.53 84.10
C TYR I 143 -80.25 7.85 85.48
N MET I 144 -81.02 8.62 86.24
CA MET I 144 -80.54 9.12 87.52
C MET I 144 -80.32 7.97 88.51
N THR I 145 -79.25 8.08 89.28
CA THR I 145 -78.93 7.14 90.36
C THR I 145 -78.52 7.94 91.58
N GLU I 146 -78.70 7.33 92.76
CA GLU I 146 -78.41 8.04 93.99
C GLU I 146 -76.99 8.59 94.00
N CYS I 147 -76.04 7.87 93.40
CA CYS I 147 -74.66 8.33 93.30
C CYS I 147 -74.43 9.02 91.95
N GLY I 148 -75.25 10.04 91.71
CA GLY I 148 -75.14 10.82 90.50
C GLY I 148 -75.70 10.11 89.29
N PRO I 149 -75.74 10.80 88.16
CA PRO I 149 -76.26 10.17 86.94
C PRO I 149 -75.33 9.08 86.43
N VAL I 150 -75.91 8.10 85.76
CA VAL I 150 -75.18 6.99 85.15
C VAL I 150 -75.70 6.79 83.73
N TYR I 151 -74.77 6.60 82.80
CA TYR I 151 -75.11 6.41 81.40
C TYR I 151 -75.01 4.93 81.02
N VAL I 152 -75.70 4.59 79.93
CA VAL I 152 -75.74 3.22 79.42
C VAL I 152 -75.27 3.23 77.97
N ALA I 153 -74.36 2.33 77.64
CA ALA I 153 -73.83 2.21 76.29
C ALA I 153 -74.76 1.30 75.47
N ILE I 154 -75.23 1.81 74.34
CA ILE I 154 -76.17 1.10 73.49
C ILE I 154 -75.41 0.30 72.44
N ASN I 155 -75.86 -0.93 72.20
CA ASN I 155 -75.32 -1.78 71.15
C ASN I 155 -76.30 -1.69 69.98
N TYR I 156 -76.03 -0.77 69.06
CA TYR I 156 -76.93 -0.56 67.94
C TYR I 156 -76.95 -1.77 67.02
N PRO I 157 -78.07 -2.03 66.35
CA PRO I 157 -78.09 -3.06 65.31
C PRO I 157 -77.07 -2.77 64.23
N PRO I 158 -76.80 -3.72 63.34
CA PRO I 158 -75.81 -3.48 62.29
C PRO I 158 -76.23 -2.41 61.29
N SER I 159 -77.46 -2.53 60.79
CA SER I 159 -77.91 -1.64 59.71
C SER I 159 -77.89 -0.18 60.16
N ILE I 160 -78.42 0.11 61.34
CA ILE I 160 -78.49 1.49 61.80
C ILE I 160 -77.08 2.01 62.07
N LYS I 161 -76.21 1.18 62.63
CA LYS I 161 -74.84 1.60 62.90
C LYS I 161 -74.11 1.96 61.60
N GLN I 162 -74.29 1.13 60.57
CA GLN I 162 -73.62 1.40 59.30
C GLN I 162 -74.09 2.73 58.70
N ALA I 163 -75.40 2.98 58.72
CA ALA I 163 -75.91 4.22 58.17
C ALA I 163 -75.48 5.42 59.00
N PHE I 164 -75.55 5.31 60.33
CA PHE I 164 -75.18 6.42 61.18
C PHE I 164 -73.72 6.80 61.01
N GLU I 165 -72.83 5.81 61.02
CA GLU I 165 -71.41 6.10 60.85
C GLU I 165 -71.13 6.68 59.47
N SER I 166 -71.81 6.17 58.44
CA SER I 166 -71.62 6.70 57.10
C SER I 166 -72.01 8.18 57.03
N ALA I 167 -73.15 8.53 57.64
CA ALA I 167 -73.58 9.93 57.64
C ALA I 167 -72.59 10.80 58.39
N LEU I 168 -72.11 10.33 59.54
CA LEU I 168 -71.17 11.13 60.33
C LEU I 168 -69.89 11.39 59.55
N ILE I 169 -69.40 10.39 58.82
CA ILE I 169 -68.16 10.55 58.06
C ILE I 169 -68.32 11.67 57.04
N LYS I 170 -69.45 11.69 56.33
CA LYS I 170 -69.67 12.71 55.31
C LYS I 170 -69.58 14.11 55.92
N SER I 171 -70.27 14.33 57.03
CA SER I 171 -70.28 15.66 57.64
C SER I 171 -68.88 16.06 58.09
N LEU I 172 -68.12 15.14 58.68
CA LEU I 172 -66.78 15.47 59.14
C LEU I 172 -65.88 15.87 57.96
N GLU I 173 -66.01 15.16 56.83
CA GLU I 173 -65.19 15.50 55.67
C GLU I 173 -65.47 16.90 55.18
N ARG I 174 -66.74 17.31 55.16
CA ARG I 174 -67.09 18.65 54.70
C ARG I 174 -66.48 19.71 55.63
N LEU I 175 -66.54 19.48 56.93
CA LEU I 175 -66.12 20.51 57.89
C LEU I 175 -64.62 20.73 57.86
N SER I 176 -63.85 19.68 57.55
CA SER I 176 -62.40 19.83 57.52
C SER I 176 -61.95 20.85 56.49
N MET I 177 -62.79 21.15 55.50
CA MET I 177 -62.50 22.16 54.50
C MET I 177 -62.41 23.56 55.09
N GLY I 178 -62.94 23.77 56.30
CA GLY I 178 -62.97 25.09 56.89
C GLY I 178 -64.17 25.89 56.43
N ILE I 179 -64.88 26.51 57.37
CA ILE I 179 -66.09 27.27 57.08
C ILE I 179 -66.10 28.54 57.91
N ILE I 180 -67.05 29.42 57.61
CA ILE I 180 -67.32 30.60 58.41
C ILE I 180 -68.55 30.31 59.26
N LYS I 181 -68.41 30.45 60.58
CA LYS I 181 -69.43 29.94 61.48
C LYS I 181 -70.69 30.80 61.50
N ASN I 182 -71.46 30.75 60.41
CA ASN I 182 -72.77 31.35 60.35
C ASN I 182 -73.82 30.24 60.26
N LEU I 183 -75.07 30.60 60.51
CA LEU I 183 -76.13 29.60 60.61
C LEU I 183 -76.30 28.85 59.29
N ALA I 184 -76.24 29.57 58.16
CA ALA I 184 -76.47 28.92 56.87
C ALA I 184 -75.42 27.84 56.60
N SER I 185 -74.14 28.13 56.89
CA SER I 185 -73.09 27.16 56.62
C SER I 185 -73.19 25.97 57.56
N ILE I 186 -73.43 26.22 58.85
CA ILE I 186 -73.44 25.14 59.82
C ILE I 186 -74.52 24.12 59.47
N ASN I 187 -75.71 24.60 59.11
CA ASN I 187 -76.79 23.69 58.76
C ASN I 187 -76.37 22.77 57.62
N PHE I 188 -75.63 23.29 56.65
CA PHE I 188 -75.18 22.47 55.53
C PHE I 188 -74.20 21.39 55.99
N VAL I 189 -73.31 21.72 56.92
CA VAL I 189 -72.30 20.76 57.35
C VAL I 189 -72.94 19.54 57.99
N ILE I 190 -73.89 19.77 58.90
CA ILE I 190 -74.53 18.67 59.61
C ILE I 190 -75.78 18.22 58.85
N GLU I 191 -75.95 18.72 57.64
CA GLU I 191 -77.11 18.32 56.85
C GLU I 191 -77.19 16.81 56.62
N PRO I 192 -76.09 16.10 56.32
CA PRO I 192 -76.21 14.65 56.09
C PRO I 192 -76.74 13.87 57.28
N LEU I 193 -76.66 14.45 58.49
CA LEU I 193 -77.17 13.78 59.67
C LEU I 193 -78.67 13.97 59.86
N LYS I 194 -79.33 14.70 58.97
CA LYS I 194 -80.78 14.94 59.05
C LYS I 194 -81.13 15.68 60.34
N VAL I 195 -80.48 16.83 60.53
CA VAL I 195 -80.72 17.68 61.69
C VAL I 195 -80.51 19.13 61.27
N ARG I 196 -81.31 20.01 61.86
CA ARG I 196 -81.27 21.43 61.52
C ARG I 196 -81.26 22.26 62.79
N VAL I 197 -80.40 23.27 62.83
CA VAL I 197 -80.35 24.21 63.95
C VAL I 197 -81.31 25.35 63.66
N VAL I 198 -82.07 25.74 64.68
CA VAL I 198 -83.04 26.83 64.53
C VAL I 198 -83.06 27.66 65.81
N PRO I 199 -82.80 28.96 65.75
CA PRO I 199 -82.85 29.77 66.97
C PRO I 199 -84.27 29.93 67.49
N LEU I 200 -84.37 30.23 68.78
CA LEU I 200 -85.66 30.46 69.42
C LEU I 200 -86.08 31.92 69.40
N ASP I 201 -85.14 32.83 69.61
CA ASP I 201 -85.45 34.25 69.64
C ASP I 201 -85.77 34.74 68.23
N THR I 202 -87.04 35.06 67.99
CA THR I 202 -87.46 35.59 66.69
C THR I 202 -87.38 37.11 66.61
N THR I 203 -87.05 37.78 67.71
CA THR I 203 -86.94 39.24 67.73
C THR I 203 -85.51 39.65 67.41
N ASN I 204 -85.19 40.93 67.63
CA ASN I 204 -83.88 41.44 67.24
C ASN I 204 -82.75 40.73 67.96
N ALA I 205 -82.92 40.45 69.25
CA ALA I 205 -81.89 39.80 70.04
C ALA I 205 -80.63 40.67 70.07
N CYS I 206 -79.49 40.07 70.40
CA CYS I 206 -78.18 40.70 70.50
C CYS I 206 -78.04 41.49 71.80
N GLU I 207 -79.07 41.56 72.63
CA GLU I 207 -78.99 42.27 73.90
C GLU I 207 -79.48 41.39 75.04
N ASN I 208 -80.32 40.41 74.73
CA ASN I 208 -80.83 39.51 75.74
C ASN I 208 -79.68 38.79 76.44
N GLU I 209 -79.99 38.21 77.61
CA GLU I 209 -78.96 37.60 78.44
C GLU I 209 -78.48 36.25 77.91
N THR I 210 -79.24 35.61 77.02
CA THR I 210 -78.86 34.30 76.51
C THR I 210 -79.33 34.15 75.07
N LEU I 211 -78.59 33.34 74.31
CA LEU I 211 -78.98 32.93 72.97
C LEU I 211 -79.26 31.43 73.00
N CYS I 212 -80.46 31.04 72.56
CA CYS I 212 -80.91 29.67 72.65
C CYS I 212 -81.16 29.11 71.27
N VAL I 213 -80.77 27.85 71.07
CA VAL I 213 -80.99 27.14 69.81
C VAL I 213 -81.56 25.77 70.13
N THR I 214 -82.25 25.19 69.15
CA THR I 214 -82.83 23.87 69.29
C THR I 214 -82.62 23.10 68.00
N PHE I 215 -82.61 21.78 68.12
CA PHE I 215 -82.36 20.88 66.99
C PHE I 215 -83.68 20.25 66.55
N GLU I 216 -83.94 20.31 65.24
CA GLU I 216 -85.17 19.78 64.67
C GLU I 216 -84.82 18.79 63.57
N LYS I 217 -85.60 17.72 63.48
CA LYS I 217 -85.37 16.69 62.48
C LYS I 217 -85.90 17.14 61.12
N THR I 218 -85.13 16.85 60.07
CA THR I 218 -85.56 17.11 58.70
C THR I 218 -86.12 15.87 58.02
N SER I 219 -85.79 14.68 58.50
CA SER I 219 -86.32 13.45 57.93
C SER I 219 -86.19 12.35 58.97
N ASP I 220 -86.93 11.26 58.74
CA ASP I 220 -86.95 10.12 59.64
C ASP I 220 -86.23 8.91 59.06
N PHE I 221 -85.27 9.15 58.15
CA PHE I 221 -84.60 8.05 57.47
C PHE I 221 -83.20 8.50 57.06
N PHE I 222 -82.18 7.90 57.66
CA PHE I 222 -80.83 8.03 57.12
C PHE I 222 -80.79 7.47 55.72
N ASP I 223 -80.08 8.15 54.83
CA ASP I 223 -79.84 7.60 53.49
C ASP I 223 -78.79 6.51 53.60
N GLY I 224 -79.10 5.34 53.04
CA GLY I 224 -78.26 4.18 53.20
C GLY I 224 -77.02 4.24 52.33
N VAL I 225 -76.26 3.14 52.36
CA VAL I 225 -75.05 2.98 51.58
C VAL I 225 -75.24 1.79 50.65
N ASN I 226 -74.92 1.98 49.38
CA ASN I 226 -75.12 0.95 48.36
C ASN I 226 -73.80 0.26 48.04
N GLN I 227 -73.80 -1.07 48.13
CA GLN I 227 -72.59 -1.82 47.83
C GLN I 227 -72.32 -1.87 46.33
N ASN I 228 -73.37 -2.09 45.54
CA ASN I 228 -73.18 -2.28 44.11
C ASN I 228 -72.79 -0.97 43.44
N PRO I 229 -72.04 -1.02 42.33
CA PRO I 229 -71.70 0.22 41.62
C PRO I 229 -72.91 0.93 41.04
N CYS I 230 -74.03 0.23 40.85
CA CYS I 230 -75.25 0.79 40.30
C CYS I 230 -76.36 0.69 41.34
N GLY I 231 -77.55 1.15 40.97
CA GLY I 231 -78.67 1.16 41.88
C GLY I 231 -78.66 2.39 42.79
N ILE I 232 -79.52 2.35 43.79
CA ILE I 232 -79.65 3.44 44.75
C ILE I 232 -79.61 2.88 46.16
N PRO I 233 -79.19 3.66 47.15
CA PRO I 233 -79.14 3.15 48.53
C PRO I 233 -80.54 2.96 49.11
N SER I 234 -80.61 2.11 50.13
CA SER I 234 -81.86 1.81 50.80
C SER I 234 -81.95 2.60 52.10
N PRO I 235 -82.94 3.48 52.28
CA PRO I 235 -83.02 4.23 53.54
C PRO I 235 -83.28 3.32 54.73
N VAL I 236 -82.81 3.75 55.90
CA VAL I 236 -83.01 3.03 57.14
C VAL I 236 -83.52 4.00 58.20
N ALA I 237 -84.22 3.46 59.19
CA ALA I 237 -84.78 4.29 60.25
C ALA I 237 -83.65 4.93 61.07
N ALA I 238 -83.85 6.19 61.42
CA ALA I 238 -82.85 6.95 62.16
C ALA I 238 -83.03 6.90 63.67
N TYR I 239 -84.10 6.26 64.15
CA TYR I 239 -84.42 6.22 65.57
C TYR I 239 -84.29 4.81 66.12
N ILE I 240 -84.41 4.69 67.43
CA ILE I 240 -84.38 3.41 68.13
C ILE I 240 -85.46 3.43 69.21
N ASP I 241 -86.08 2.27 69.42
CA ASP I 241 -87.15 2.14 70.39
C ASP I 241 -86.60 1.62 71.71
N ARG I 242 -86.94 2.30 72.80
CA ARG I 242 -86.41 1.91 74.10
C ARG I 242 -86.88 0.52 74.49
N ASP I 243 -88.19 0.27 74.41
CA ASP I 243 -88.74 -1.00 74.89
C ASP I 243 -88.22 -2.17 74.07
N VAL I 244 -88.13 -2.01 72.74
CA VAL I 244 -87.72 -3.11 71.89
C VAL I 244 -86.33 -3.61 72.26
N MET I 245 -85.43 -2.69 72.58
CA MET I 245 -84.06 -3.04 72.91
C MET I 245 -83.86 -3.46 74.35
N GLN I 246 -84.91 -3.43 75.17
CA GLN I 246 -84.84 -3.85 76.57
C GLN I 246 -83.83 -3.00 77.34
N LEU I 247 -84.11 -1.70 77.39
CA LEU I 247 -83.29 -0.72 78.07
C LEU I 247 -84.00 -0.19 79.31
N PRO I 248 -83.28 0.47 80.21
CA PRO I 248 -83.92 1.00 81.42
C PRO I 248 -85.05 1.95 81.07
N SER I 249 -86.13 1.88 81.85
CA SER I 249 -87.33 2.67 81.56
C SER I 249 -87.10 4.16 81.71
N GLU I 250 -86.07 4.58 82.46
CA GLU I 250 -85.84 6.00 82.69
C GLU I 250 -85.49 6.74 81.41
N LEU I 251 -84.99 6.05 80.39
CA LEU I 251 -84.59 6.72 79.17
C LEU I 251 -85.82 7.19 78.39
N PRO I 252 -85.65 8.16 77.50
CA PRO I 252 -86.78 8.58 76.66
C PRO I 252 -87.29 7.44 75.79
N LYS I 253 -88.51 7.62 75.28
CA LYS I 253 -89.13 6.58 74.48
C LYS I 253 -88.33 6.30 73.21
N TYR I 254 -87.87 7.35 72.54
CA TYR I 254 -87.11 7.24 71.30
C TYR I 254 -85.75 7.88 71.45
N ILE I 255 -84.72 7.21 70.94
CA ILE I 255 -83.34 7.67 71.04
C ILE I 255 -82.83 7.88 69.62
N TRP I 256 -82.33 9.09 69.35
CA TRP I 256 -81.80 9.45 68.05
C TRP I 256 -80.29 9.60 68.14
N PRO I 257 -79.49 8.71 67.54
CA PRO I 257 -78.04 8.87 67.59
C PRO I 257 -77.56 10.06 66.77
N GLY I 258 -78.26 10.36 65.67
CA GLY I 258 -77.85 11.47 64.82
C GLY I 258 -77.91 12.81 65.53
N HIS I 259 -78.98 13.04 66.30
CA HIS I 259 -79.12 14.32 66.99
C HIS I 259 -78.01 14.52 68.01
N MET I 260 -77.67 13.47 68.75
CA MET I 260 -76.60 13.59 69.74
C MET I 260 -75.27 13.95 69.09
N ALA I 261 -74.93 13.28 67.99
CA ALA I 261 -73.69 13.58 67.30
C ALA I 261 -73.67 15.03 66.81
N ALA I 262 -74.80 15.49 66.25
CA ALA I 262 -74.87 16.87 65.78
C ALA I 262 -74.67 17.85 66.94
N GLU I 263 -75.25 17.55 68.10
CA GLU I 263 -75.13 18.45 69.25
C GLU I 263 -73.67 18.63 69.64
N CYS I 264 -72.90 17.55 69.65
CA CYS I 264 -71.50 17.64 70.04
C CYS I 264 -70.72 18.50 69.06
N VAL I 265 -70.98 18.36 67.76
CA VAL I 265 -70.21 19.09 66.76
C VAL I 265 -70.41 20.59 66.92
N VAL I 266 -71.66 21.02 67.00
CA VAL I 266 -71.95 22.46 67.07
C VAL I 266 -71.40 23.06 68.35
N ARG I 267 -71.59 22.37 69.48
CA ARG I 267 -71.10 22.90 70.75
C ARG I 267 -69.63 23.25 70.67
N SER I 268 -68.83 22.38 70.06
CA SER I 268 -67.40 22.68 69.91
C SER I 268 -67.19 23.89 69.02
N LEU I 269 -67.95 24.00 67.93
CA LEU I 269 -67.75 25.09 66.98
C LEU I 269 -67.99 26.45 67.65
N LEU I 270 -69.08 26.57 68.40
CA LEU I 270 -69.50 27.84 68.99
C LEU I 270 -69.12 27.92 70.47
N SER I 271 -67.99 27.33 70.85
CA SER I 271 -67.59 27.37 72.25
C SER I 271 -67.16 28.77 72.68
N HIS I 272 -66.52 29.52 71.79
CA HIS I 272 -65.98 30.83 72.18
C HIS I 272 -67.09 31.82 72.53
N VAL I 273 -68.32 31.59 72.09
CA VAL I 273 -69.43 32.44 72.48
C VAL I 273 -69.81 32.12 73.92
N SER I 274 -69.90 33.16 74.76
CA SER I 274 -70.05 32.97 76.19
C SER I 274 -71.49 32.85 76.66
N ARG I 275 -72.47 32.99 75.76
CA ARG I 275 -73.88 32.93 76.13
C ARG I 275 -74.64 32.05 75.15
N PHE I 276 -74.09 30.88 74.87
CA PHE I 276 -74.71 29.90 73.97
C PHE I 276 -75.44 28.85 74.79
N CYS I 277 -76.71 28.64 74.49
CA CYS I 277 -77.55 27.69 75.21
C CYS I 277 -78.21 26.73 74.22
N VAL I 278 -78.47 25.51 74.69
CA VAL I 278 -79.13 24.48 73.91
C VAL I 278 -80.35 24.01 74.69
N VAL I 279 -81.49 23.95 74.03
CA VAL I 279 -82.74 23.51 74.64
C VAL I 279 -83.28 22.37 73.76
N ARG I 280 -82.94 21.14 74.12
CA ARG I 280 -83.38 19.99 73.35
C ARG I 280 -84.84 19.68 73.67
N THR I 281 -85.60 19.37 72.62
CA THR I 281 -87.03 19.10 72.73
C THR I 281 -87.32 17.70 72.22
N ASP I 282 -88.20 16.99 72.93
CA ASP I 282 -88.54 15.63 72.54
C ASP I 282 -89.18 15.60 71.16
N GLN I 283 -88.79 14.61 70.36
CA GLN I 283 -89.31 14.43 69.01
C GLN I 283 -89.70 12.98 68.82
N THR I 284 -90.72 12.76 67.99
CA THR I 284 -91.24 11.43 67.72
C THR I 284 -91.38 11.23 66.23
N PRO I 285 -91.31 9.98 65.76
CA PRO I 285 -91.50 9.72 64.33
C PRO I 285 -92.90 10.14 63.88
N ASP I 286 -92.98 10.66 62.66
CA ASP I 286 -94.26 11.10 62.11
C ASP I 286 -95.18 9.91 61.86
N MET J 1 -26.30 96.06 -9.73
CA MET J 1 -26.00 95.12 -8.62
C MET J 1 -27.16 94.15 -8.43
N ASN J 2 -27.00 93.24 -7.47
CA ASN J 2 -28.04 92.27 -7.17
C ASN J 2 -29.13 92.90 -6.32
N VAL J 3 -30.24 92.19 -6.19
CA VAL J 3 -31.37 92.59 -5.35
C VAL J 3 -31.38 91.66 -4.14
N LEU J 4 -31.15 92.23 -2.96
CA LEU J 4 -31.06 91.42 -1.76
C LEU J 4 -32.45 90.94 -1.32
N VAL J 5 -32.46 89.83 -0.60
CA VAL J 5 -33.70 89.21 -0.13
C VAL J 5 -33.54 88.93 1.36
N PRO J 6 -34.60 89.00 2.17
CA PRO J 6 -34.45 88.72 3.60
C PRO J 6 -33.95 87.31 3.85
N GLY J 7 -33.14 87.17 4.90
CA GLY J 7 -32.57 85.89 5.24
C GLY J 7 -32.29 85.81 6.73
N ILE J 8 -32.09 84.58 7.21
CA ILE J 8 -31.86 84.38 8.63
C ILE J 8 -30.62 85.13 9.11
N ASP J 9 -29.66 85.35 8.21
CA ASP J 9 -28.44 86.07 8.54
C ASP J 9 -28.49 87.54 8.11
N GLY J 10 -29.66 88.03 7.71
CA GLY J 10 -29.83 89.41 7.29
C GLY J 10 -30.30 89.48 5.84
N MET J 11 -29.80 90.48 5.13
CA MET J 11 -30.11 90.66 3.72
C MET J 11 -29.02 89.98 2.89
N VAL J 12 -29.43 89.03 2.04
CA VAL J 12 -28.51 88.26 1.22
C VAL J 12 -29.05 88.22 -0.20
N SER J 13 -28.22 87.72 -1.11
CA SER J 13 -28.57 87.59 -2.52
C SER J 13 -28.90 86.13 -2.82
N ALA J 14 -30.03 85.90 -3.49
CA ALA J 14 -30.53 84.57 -3.76
C ALA J 14 -30.36 84.23 -5.24
N GLY J 15 -30.53 82.94 -5.54
CA GLY J 15 -30.41 82.47 -6.90
C GLY J 15 -31.05 81.10 -7.03
N LYS J 16 -30.94 80.53 -8.23
CA LYS J 16 -31.54 79.25 -8.53
C LYS J 16 -30.54 78.35 -9.25
N PHE J 17 -30.73 77.04 -9.09
CA PHE J 17 -29.95 76.05 -9.81
C PHE J 17 -30.63 75.76 -11.15
N GLU J 18 -30.17 74.72 -11.83
CA GLU J 18 -30.80 74.23 -13.05
C GLU J 18 -31.40 72.86 -12.79
N TYR J 19 -32.55 72.61 -13.40
CA TYR J 19 -33.30 71.39 -13.11
C TYR J 19 -32.46 70.15 -13.41
N SER J 20 -32.46 69.21 -12.47
CA SER J 20 -31.70 67.96 -12.60
C SER J 20 -32.58 66.78 -13.00
N GLY J 21 -33.69 66.58 -12.31
CA GLY J 21 -34.61 65.52 -12.64
C GLY J 21 -34.34 64.17 -12.01
N CYS J 22 -33.57 64.14 -10.92
CA CYS J 22 -33.26 62.89 -10.22
C CYS J 22 -34.02 62.78 -8.90
N CYS J 23 -35.27 63.26 -8.88
CA CYS J 23 -36.09 63.24 -7.68
C CYS J 23 -37.01 62.02 -7.68
N PRO J 24 -36.94 61.15 -6.67
CA PRO J 24 -37.88 60.03 -6.63
C PRO J 24 -39.30 60.53 -6.45
N PRO J 25 -40.30 59.81 -6.95
CA PRO J 25 -41.69 60.26 -6.79
C PRO J 25 -42.08 60.42 -5.34
N ASP J 26 -42.88 61.44 -5.06
CA ASP J 26 -43.35 61.77 -3.73
C ASP J 26 -44.72 61.13 -3.51
N PHE J 27 -45.28 61.34 -2.31
CA PHE J 27 -46.62 60.84 -2.04
C PHE J 27 -47.64 61.38 -3.04
N ALA J 28 -47.38 62.56 -3.60
CA ALA J 28 -48.33 63.15 -4.53
C ALA J 28 -48.50 62.30 -5.77
N ASP J 29 -47.41 61.75 -6.31
CA ASP J 29 -47.48 61.04 -7.57
C ASP J 29 -48.37 59.81 -7.46
N MET J 30 -48.13 58.97 -6.46
CA MET J 30 -48.86 57.71 -6.37
C MET J 30 -50.35 57.97 -6.24
N ASP J 31 -51.13 57.28 -7.06
CA ASP J 31 -52.58 57.38 -7.03
C ASP J 31 -53.18 55.99 -6.98
N GLU J 32 -54.38 55.89 -6.41
CA GLU J 32 -54.97 54.59 -6.13
C GLU J 32 -55.19 53.79 -7.41
N CYS J 33 -55.63 54.46 -8.48
CA CYS J 33 -55.98 53.73 -9.70
C CYS J 33 -54.76 53.05 -10.31
N THR J 34 -53.62 53.74 -10.34
CA THR J 34 -52.46 53.22 -11.05
C THR J 34 -51.98 51.91 -10.43
N LEU J 35 -51.53 51.97 -9.18
CA LEU J 35 -50.96 50.79 -8.55
C LEU J 35 -52.00 49.73 -8.22
N ALA J 36 -53.30 50.05 -8.31
CA ALA J 36 -54.32 49.03 -8.14
C ALA J 36 -54.27 48.02 -9.28
N THR J 37 -54.15 48.50 -10.52
CA THR J 37 -54.02 47.61 -11.66
C THR J 37 -52.61 47.10 -11.86
N SER J 38 -51.63 47.69 -11.15
CA SER J 38 -50.25 47.27 -11.33
C SER J 38 -50.02 45.84 -10.87
N TYR J 39 -50.67 45.45 -9.77
CA TYR J 39 -50.42 44.11 -9.22
C TYR J 39 -50.93 43.01 -10.13
N VAL J 40 -51.71 43.34 -11.16
CA VAL J 40 -52.06 42.32 -12.16
C VAL J 40 -50.80 41.76 -12.82
N GLY J 41 -49.69 42.50 -12.76
CA GLY J 41 -48.44 42.03 -13.33
C GLY J 41 -47.62 41.11 -12.43
N LEU J 42 -48.03 40.94 -11.17
CA LEU J 42 -47.31 40.04 -10.28
C LEU J 42 -47.72 38.59 -10.45
N LEU J 43 -48.83 38.32 -11.13
CA LEU J 43 -49.32 36.96 -11.28
C LEU J 43 -48.51 36.21 -12.34
N PRO J 44 -48.60 34.88 -12.35
CA PRO J 44 -47.88 34.11 -13.37
C PRO J 44 -48.49 34.29 -14.75
N SER J 45 -47.95 33.58 -15.75
CA SER J 45 -48.41 33.70 -17.13
C SER J 45 -48.71 32.31 -17.68
N GLY J 46 -49.78 32.21 -18.45
CA GLY J 46 -50.18 30.96 -19.04
C GLY J 46 -51.60 31.02 -19.58
N PRO J 47 -52.08 29.91 -20.14
CA PRO J 47 -53.44 29.90 -20.68
C PRO J 47 -54.52 30.14 -19.63
N LEU J 48 -54.22 29.92 -18.35
CA LEU J 48 -55.20 30.12 -17.30
C LEU J 48 -55.30 31.57 -16.83
N TRP J 49 -54.36 32.43 -17.24
CA TRP J 49 -54.36 33.81 -16.80
C TRP J 49 -54.40 34.83 -17.92
N ASP J 50 -54.04 34.45 -19.15
CA ASP J 50 -53.92 35.44 -20.22
C ASP J 50 -55.22 36.18 -20.44
N ARG J 51 -56.33 35.46 -20.59
CA ARG J 51 -57.61 36.13 -20.81
C ARG J 51 -58.01 36.97 -19.61
N ALA J 52 -57.86 36.43 -18.40
CA ALA J 52 -58.28 37.15 -17.20
C ALA J 52 -57.47 38.43 -17.03
N LYS J 53 -56.15 38.36 -17.23
CA LYS J 53 -55.31 39.54 -17.07
C LYS J 53 -55.61 40.60 -18.12
N TYR J 54 -56.00 40.17 -19.32
CA TYR J 54 -56.27 41.13 -20.39
C TYR J 54 -57.51 41.95 -20.10
N GLU J 55 -58.54 41.32 -19.53
CA GLU J 55 -59.84 41.96 -19.32
C GLU J 55 -59.93 42.69 -17.99
N ALA J 56 -58.82 43.11 -17.41
CA ALA J 56 -58.84 43.82 -16.14
C ALA J 56 -59.25 45.27 -16.37
N ILE J 57 -60.27 45.72 -15.64
CA ILE J 57 -60.77 47.09 -15.73
C ILE J 57 -60.89 47.65 -14.32
N THR J 58 -60.78 48.97 -14.22
CA THR J 58 -60.86 49.65 -12.93
C THR J 58 -61.54 50.99 -13.12
N THR J 59 -62.36 51.36 -12.14
CA THR J 59 -63.09 52.63 -12.18
C THR J 59 -63.18 53.21 -10.78
N ILE J 60 -63.22 54.53 -10.71
CA ILE J 60 -63.30 55.23 -9.43
C ILE J 60 -64.75 55.23 -8.95
N THR J 61 -64.94 54.85 -7.68
CA THR J 61 -66.28 54.77 -7.10
C THR J 61 -66.73 56.16 -6.67
N ALA J 62 -67.82 56.23 -5.91
CA ALA J 62 -68.39 57.51 -5.52
C ALA J 62 -67.41 58.33 -4.69
N THR J 63 -66.73 57.68 -3.75
CA THR J 63 -65.83 58.36 -2.83
C THR J 63 -64.41 58.45 -3.36
N GLY J 64 -64.15 58.00 -4.59
CA GLY J 64 -62.85 58.08 -5.20
C GLY J 64 -62.00 56.84 -5.06
N ASN J 65 -62.40 55.89 -4.22
CA ASN J 65 -61.65 54.65 -4.11
C ASN J 65 -61.94 53.76 -5.31
N CYS J 66 -60.89 53.41 -6.05
CA CYS J 66 -61.09 52.62 -7.25
C CYS J 66 -61.53 51.21 -6.90
N ALA J 67 -62.36 50.63 -7.77
CA ALA J 67 -62.85 49.28 -7.59
C ALA J 67 -63.07 48.65 -8.95
N ALA J 68 -62.78 47.36 -9.05
CA ALA J 68 -62.94 46.66 -10.32
C ALA J 68 -64.39 46.70 -10.76
N CYS J 69 -64.60 46.84 -12.07
CA CYS J 69 -65.93 46.90 -12.65
C CYS J 69 -66.27 45.53 -13.23
N TRP J 70 -67.38 44.95 -12.78
CA TRP J 70 -67.83 43.64 -13.22
C TRP J 70 -68.87 43.82 -14.32
N THR J 71 -68.53 43.39 -15.53
CA THR J 71 -69.46 43.47 -16.65
C THR J 71 -70.45 42.31 -16.59
N GLU J 72 -71.23 42.13 -17.64
CA GLU J 72 -72.22 41.06 -17.68
C GLU J 72 -71.61 39.70 -17.96
N ASP J 73 -70.34 39.64 -18.31
CA ASP J 73 -69.65 38.39 -18.64
C ASP J 73 -68.33 38.30 -17.90
N HIS J 74 -68.36 38.59 -16.61
CA HIS J 74 -67.16 38.54 -15.79
C HIS J 74 -66.91 37.11 -15.32
N CYS J 75 -65.65 36.69 -15.41
CA CYS J 75 -65.24 35.35 -14.99
C CYS J 75 -64.41 35.45 -13.73
N PRO J 76 -64.93 35.03 -12.57
CA PRO J 76 -64.17 35.18 -11.33
C PRO J 76 -62.83 34.45 -11.41
N THR J 77 -61.81 35.08 -10.83
CA THR J 77 -60.46 34.54 -10.84
C THR J 77 -59.66 35.26 -9.76
N LEU J 78 -58.47 34.73 -9.48
CA LEU J 78 -57.59 35.36 -8.50
C LEU J 78 -57.20 36.77 -8.89
N VAL J 79 -57.33 37.12 -10.18
CA VAL J 79 -56.95 38.46 -10.61
C VAL J 79 -57.72 39.52 -9.85
N ASP J 80 -59.00 39.25 -9.56
CA ASP J 80 -59.79 40.21 -8.79
C ASP J 80 -59.16 40.44 -7.42
N TYR J 81 -58.65 39.38 -6.79
CA TYR J 81 -57.98 39.54 -5.51
C TYR J 81 -56.74 40.43 -5.64
N ALA J 82 -55.97 40.25 -6.71
CA ALA J 82 -54.76 41.05 -6.87
C ALA J 82 -55.11 42.54 -6.95
N VAL J 83 -56.16 42.88 -7.69
CA VAL J 83 -56.60 44.27 -7.75
C VAL J 83 -56.99 44.76 -6.36
N ASN J 84 -57.65 43.89 -5.58
CA ASN J 84 -58.05 44.29 -4.23
C ASN J 84 -56.84 44.60 -3.36
N VAL J 85 -55.78 43.78 -3.47
CA VAL J 85 -54.58 44.02 -2.67
C VAL J 85 -53.95 45.35 -3.06
N GLY J 86 -53.92 45.64 -4.37
CA GLY J 86 -53.35 46.92 -4.81
C GLY J 86 -54.08 48.10 -4.21
N ALA J 87 -55.42 48.06 -4.22
CA ALA J 87 -56.19 49.13 -3.62
C ALA J 87 -55.89 49.26 -2.13
N ARG J 88 -55.64 48.13 -1.46
CA ARG J 88 -55.35 48.17 -0.03
C ARG J 88 -54.06 48.95 0.23
N LEU J 89 -53.02 48.70 -0.55
CA LEU J 89 -51.73 49.36 -0.30
C LEU J 89 -51.85 50.87 -0.47
N ALA J 90 -52.60 51.31 -1.49
CA ALA J 90 -52.79 52.74 -1.68
C ALA J 90 -53.50 53.36 -0.49
N SER J 91 -54.51 52.66 0.05
CA SER J 91 -55.24 53.19 1.19
C SER J 91 -54.38 53.24 2.45
N VAL J 92 -53.69 52.16 2.76
CA VAL J 92 -52.93 52.10 4.01
C VAL J 92 -51.81 53.13 3.99
N ILE J 93 -51.11 53.27 2.87
CA ILE J 93 -50.03 54.24 2.78
C ILE J 93 -50.56 55.64 3.06
N ASP J 94 -51.73 55.97 2.54
CA ASP J 94 -52.30 57.29 2.77
C ASP J 94 -52.70 57.48 4.22
N MET J 95 -53.33 56.48 4.84
CA MET J 95 -53.81 56.62 6.20
C MET J 95 -52.72 56.39 7.25
N THR J 96 -51.61 55.74 6.88
CA THR J 96 -50.62 55.29 7.84
C THR J 96 -49.29 56.01 7.71
N LEU J 97 -48.67 55.97 6.53
CA LEU J 97 -47.32 56.51 6.35
C LEU J 97 -47.34 58.00 6.04
N TRP J 98 -48.31 58.47 5.26
CA TRP J 98 -48.36 59.89 4.93
C TRP J 98 -48.48 60.76 6.17
N PRO J 99 -49.41 60.52 7.09
CA PRO J 99 -49.44 61.34 8.31
C PRO J 99 -48.15 61.30 9.10
N ALA J 100 -47.48 60.15 9.16
CA ALA J 100 -46.27 60.05 9.96
C ALA J 100 -45.21 61.01 9.46
N VAL J 101 -45.00 61.06 8.15
CA VAL J 101 -44.02 61.98 7.57
C VAL J 101 -44.50 63.43 7.70
N ARG J 102 -45.81 63.65 7.51
CA ARG J 102 -46.33 65.01 7.48
C ARG J 102 -46.11 65.71 8.82
N GLU J 103 -46.35 65.02 9.93
CA GLU J 103 -46.26 65.64 11.24
C GLU J 103 -44.83 65.75 11.76
N SER J 104 -43.86 65.18 11.06
CA SER J 104 -42.50 65.15 11.58
C SER J 104 -41.77 66.48 11.44
N ASP J 105 -42.25 67.38 10.59
CA ASP J 105 -41.58 68.64 10.32
C ASP J 105 -42.44 69.81 10.80
N PRO J 106 -41.86 70.79 11.50
CA PRO J 106 -42.68 71.92 11.97
C PRO J 106 -43.32 72.72 10.84
N PHE J 107 -42.77 72.67 9.64
CA PHE J 107 -43.30 73.45 8.52
C PHE J 107 -44.41 72.73 7.76
N THR J 108 -44.78 71.53 8.19
CA THR J 108 -45.86 70.79 7.54
C THR J 108 -46.85 70.18 8.52
N ALA J 109 -46.61 70.26 9.82
CA ALA J 109 -47.53 69.66 10.79
C ALA J 109 -48.92 70.27 10.67
N VAL J 110 -49.94 69.42 10.78
CA VAL J 110 -51.32 69.85 10.66
C VAL J 110 -52.08 69.47 11.93
N THR J 111 -52.17 68.17 12.20
CA THR J 111 -52.97 67.70 13.31
C THR J 111 -52.30 67.92 14.67
N SER J 112 -50.98 67.82 14.73
CA SER J 112 -50.24 67.83 15.99
C SER J 112 -49.64 69.21 16.27
N THR J 113 -50.33 70.28 15.90
CA THR J 113 -49.82 71.62 16.19
C THR J 113 -49.72 71.86 17.69
N ALA J 114 -50.74 71.44 18.44
CA ALA J 114 -50.73 71.66 19.88
C ALA J 114 -49.57 70.91 20.54
N ASP J 115 -49.33 69.68 20.11
CA ASP J 115 -48.24 68.90 20.70
C ASP J 115 -46.89 69.55 20.45
N TRP J 116 -46.69 70.10 19.24
CA TRP J 116 -45.42 70.72 18.91
C TRP J 116 -45.11 71.87 19.86
N LEU J 117 -46.13 72.67 20.20
CA LEU J 117 -45.91 73.79 21.12
C LEU J 117 -45.39 73.29 22.46
N GLU J 118 -45.96 72.20 22.98
CA GLU J 118 -45.48 71.67 24.25
C GLU J 118 -44.03 71.21 24.14
N ARG J 119 -43.58 70.85 22.94
CA ARG J 119 -42.18 70.50 22.75
C ARG J 119 -41.29 71.73 22.85
N PHE J 120 -41.79 72.89 22.44
CA PHE J 120 -41.05 74.14 22.54
C PHE J 120 -41.23 74.83 23.89
N LYS J 121 -42.07 74.29 24.77
CA LYS J 121 -42.30 74.87 26.09
C LYS J 121 -42.76 76.33 25.99
N TRP J 122 -43.59 76.60 24.99
CA TRP J 122 -44.10 77.96 24.80
C TRP J 122 -45.16 78.29 25.84
N VAL J 123 -45.01 79.44 26.50
CA VAL J 123 -45.97 79.92 27.49
C VAL J 123 -46.25 81.38 27.18
N ASN J 124 -47.52 81.71 26.96
CA ASN J 124 -47.90 83.08 26.69
C ASN J 124 -47.86 83.91 27.96
N CYS J 125 -47.48 85.18 27.81
CA CYS J 125 -47.34 86.08 28.94
C CYS J 125 -48.60 86.89 29.22
N PHE J 126 -49.69 86.62 28.52
CA PHE J 126 -50.91 87.42 28.62
C PHE J 126 -52.05 86.69 29.30
N GLU J 127 -51.83 85.45 29.76
CA GLU J 127 -52.87 84.66 30.41
C GLU J 127 -52.56 84.37 31.87
N THR J 128 -51.52 84.98 32.44
CA THR J 128 -51.17 84.80 33.84
C THR J 128 -51.53 86.06 34.60
N SER J 129 -52.25 85.91 35.71
CA SER J 129 -52.67 87.08 36.48
C SER J 129 -51.47 87.88 36.97
N CYS J 130 -50.35 87.23 37.23
CA CYS J 130 -49.14 87.92 37.69
C CYS J 130 -48.21 88.17 36.49
N ARG J 131 -48.72 88.99 35.58
CA ARG J 131 -47.93 89.42 34.43
C ARG J 131 -46.97 90.53 34.84
N SER J 132 -45.94 90.73 34.02
CA SER J 132 -44.99 91.80 34.26
C SER J 132 -45.66 93.15 34.09
N LYS J 133 -45.39 94.07 35.02
CA LYS J 133 -46.02 95.38 34.96
C LYS J 133 -45.55 96.19 33.77
N ALA J 134 -44.40 95.86 33.18
CA ALA J 134 -43.91 96.57 32.01
C ALA J 134 -44.75 96.29 30.76
N LEU J 135 -45.66 95.32 30.82
CA LEU J 135 -46.45 94.90 29.66
C LEU J 135 -47.63 95.83 29.39
N GLY J 136 -47.66 97.02 30.00
CA GLY J 136 -48.71 97.97 29.75
C GLY J 136 -49.72 98.02 30.89
N GLU J 137 -50.39 99.18 31.01
CA GLU J 137 -51.39 99.34 32.06
C GLU J 137 -52.54 98.37 31.90
N ILE J 138 -53.04 98.20 30.67
CA ILE J 138 -54.14 97.30 30.39
C ILE J 138 -53.85 96.61 29.06
N THR J 139 -53.71 95.28 29.09
CA THR J 139 -53.47 94.51 27.89
C THR J 139 -54.76 94.41 27.07
N PRO J 140 -54.65 94.02 25.80
CA PRO J 140 -55.84 93.97 24.95
C PRO J 140 -56.93 93.02 25.45
N ILE J 141 -56.60 92.06 26.31
CA ILE J 141 -57.59 91.07 26.75
C ILE J 141 -57.84 91.20 28.25
N GLU J 142 -57.73 92.41 28.78
CA GLU J 142 -58.01 92.67 30.18
C GLU J 142 -59.01 93.82 30.29
N TYR J 143 -60.03 93.64 31.13
CA TYR J 143 -61.00 94.68 31.42
C TYR J 143 -60.88 95.09 32.88
N MET J 144 -60.90 96.39 33.13
CA MET J 144 -60.65 96.91 34.46
C MET J 144 -61.71 96.43 35.44
N THR J 145 -61.27 96.09 36.65
CA THR J 145 -62.15 95.74 37.75
C THR J 145 -61.65 96.45 39.00
N GLU J 146 -62.56 96.65 39.96
CA GLU J 146 -62.21 97.39 41.17
C GLU J 146 -60.98 96.80 41.83
N CYS J 147 -60.86 95.47 41.83
CA CYS J 147 -59.70 94.80 42.41
C CYS J 147 -58.64 94.52 41.32
N GLY J 148 -58.24 95.59 40.65
CA GLY J 148 -57.22 95.50 39.63
C GLY J 148 -57.75 94.93 38.34
N PRO J 149 -56.91 94.89 37.31
CA PRO J 149 -57.33 94.33 36.03
C PRO J 149 -57.55 92.83 36.11
N VAL J 150 -58.45 92.33 35.26
CA VAL J 150 -58.74 90.91 35.15
C VAL J 150 -58.76 90.54 33.67
N TYR J 151 -58.15 89.40 33.35
CA TYR J 151 -58.06 88.94 31.98
C TYR J 151 -59.11 87.87 31.71
N VAL J 152 -59.36 87.62 30.42
CA VAL J 152 -60.37 86.68 29.97
C VAL J 152 -59.71 85.69 29.02
N ALA J 153 -59.96 84.40 29.23
CA ALA J 153 -59.40 83.35 28.40
C ALA J 153 -60.33 83.09 27.21
N ILE J 154 -59.84 83.35 26.02
CA ILE J 154 -60.65 83.19 24.80
C ILE J 154 -60.57 81.74 24.34
N ASN J 155 -61.69 81.25 23.81
CA ASN J 155 -61.79 79.93 23.21
C ASN J 155 -61.97 80.13 21.71
N TYR J 156 -60.86 80.17 20.98
CA TYR J 156 -60.92 80.43 19.55
C TYR J 156 -61.60 79.28 18.83
N PRO J 157 -62.24 79.55 17.70
CA PRO J 157 -62.79 78.46 16.88
C PRO J 157 -61.70 77.52 16.42
N PRO J 158 -62.05 76.37 15.85
CA PRO J 158 -61.03 75.38 15.47
C PRO J 158 -60.10 75.88 14.37
N SER J 159 -60.65 76.45 13.31
CA SER J 159 -59.84 76.78 12.14
C SER J 159 -58.76 77.81 12.48
N ILE J 160 -59.12 78.86 13.21
CA ILE J 160 -58.14 79.89 13.52
C ILE J 160 -57.09 79.35 14.48
N LYS J 161 -57.50 78.53 15.45
CA LYS J 161 -56.53 77.95 16.37
C LYS J 161 -55.51 77.10 15.64
N GLN J 162 -55.97 76.28 14.69
CA GLN J 162 -55.05 75.45 13.92
C GLN J 162 -54.11 76.31 13.10
N ALA J 163 -54.62 77.37 12.48
CA ALA J 163 -53.78 78.25 11.67
C ALA J 163 -52.82 79.05 12.54
N PHE J 164 -53.32 79.63 13.63
CA PHE J 164 -52.46 80.44 14.48
C PHE J 164 -51.32 79.61 15.09
N GLU J 165 -51.64 78.41 15.58
CA GLU J 165 -50.61 77.56 16.15
C GLU J 165 -49.58 77.17 15.09
N SER J 166 -50.05 76.85 13.88
CA SER J 166 -49.12 76.48 12.82
C SER J 166 -48.15 77.62 12.51
N ALA J 167 -48.67 78.85 12.42
CA ALA J 167 -47.79 79.99 12.14
C ALA J 167 -46.79 80.19 13.25
N LEU J 168 -47.21 80.05 14.51
CA LEU J 168 -46.30 80.24 15.63
C LEU J 168 -45.17 79.23 15.60
N ILE J 169 -45.47 77.98 15.24
CA ILE J 169 -44.45 76.94 15.22
C ILE J 169 -43.36 77.30 14.22
N LYS J 170 -43.74 77.78 13.03
CA LYS J 170 -42.76 78.12 12.02
C LYS J 170 -41.77 79.16 12.53
N SER J 171 -42.29 80.23 13.14
CA SER J 171 -41.41 81.29 13.62
C SER J 171 -40.48 80.78 14.71
N LEU J 172 -40.99 79.96 15.63
CA LEU J 172 -40.15 79.44 16.71
C LEU J 172 -39.02 78.58 16.15
N GLU J 173 -39.32 77.76 15.13
CA GLU J 173 -38.29 76.94 14.53
C GLU J 173 -37.19 77.79 13.90
N ARG J 174 -37.58 78.89 13.25
CA ARG J 174 -36.58 79.77 12.65
C ARG J 174 -35.68 80.40 13.70
N LEU J 175 -36.26 80.79 14.84
CA LEU J 175 -35.49 81.49 15.85
C LEU J 175 -34.50 80.57 16.55
N SER J 176 -34.80 79.28 16.62
CA SER J 176 -33.92 78.36 17.34
C SER J 176 -32.56 78.22 16.69
N MET J 177 -32.39 78.65 15.45
CA MET J 177 -31.09 78.58 14.78
C MET J 177 -30.13 79.66 15.25
N GLY J 178 -30.61 80.64 16.01
CA GLY J 178 -29.75 81.74 16.44
C GLY J 178 -29.63 82.81 15.39
N ILE J 179 -29.83 84.08 15.80
CA ILE J 179 -29.78 85.20 14.89
C ILE J 179 -29.02 86.35 15.56
N ILE J 180 -28.60 87.30 14.74
CA ILE J 180 -28.03 88.55 15.21
C ILE J 180 -29.16 89.55 15.33
N LYS J 181 -29.39 90.07 16.53
CA LYS J 181 -30.61 90.79 16.83
C LYS J 181 -30.62 92.18 16.23
N ASN J 182 -30.82 92.27 14.92
CA ASN J 182 -31.04 93.52 14.22
C ASN J 182 -32.44 93.51 13.64
N LEU J 183 -32.90 94.69 13.20
CA LEU J 183 -34.29 94.82 12.77
C LEU J 183 -34.59 93.93 11.58
N ALA J 184 -33.67 93.85 10.62
CA ALA J 184 -33.93 93.07 9.42
C ALA J 184 -34.13 91.59 9.74
N SER J 185 -33.28 91.04 10.62
CA SER J 185 -33.41 89.63 10.97
C SER J 185 -34.68 89.37 11.77
N ILE J 186 -35.00 90.25 12.72
CA ILE J 186 -36.15 90.02 13.59
C ILE J 186 -37.43 89.97 12.77
N ASN J 187 -37.58 90.90 11.82
CA ASN J 187 -38.79 90.92 11.00
C ASN J 187 -38.96 89.59 10.26
N PHE J 188 -37.87 89.01 9.80
CA PHE J 188 -37.97 87.74 9.09
C PHE J 188 -38.43 86.63 10.01
N VAL J 189 -37.96 86.62 11.27
CA VAL J 189 -38.30 85.55 12.19
C VAL J 189 -39.80 85.52 12.44
N ILE J 190 -40.39 86.68 12.72
CA ILE J 190 -41.81 86.77 13.05
C ILE J 190 -42.62 87.01 11.78
N GLU J 191 -41.97 86.93 10.63
CA GLU J 191 -42.68 87.15 9.37
C GLU J 191 -43.85 86.21 9.18
N PRO J 192 -43.76 84.91 9.49
CA PRO J 192 -44.92 84.03 9.28
C PRO J 192 -46.14 84.44 10.07
N LEU J 193 -45.97 85.16 11.18
CA LEU J 193 -47.10 85.64 11.96
C LEU J 193 -47.80 86.82 11.31
N LYS J 194 -47.27 87.34 10.19
CA LYS J 194 -47.88 88.46 9.48
C LYS J 194 -47.86 89.73 10.33
N VAL J 195 -46.74 89.97 11.02
CA VAL J 195 -46.56 91.17 11.82
C VAL J 195 -45.18 91.72 11.53
N ARG J 196 -45.07 93.05 11.48
CA ARG J 196 -43.82 93.73 11.17
C ARG J 196 -43.56 94.82 12.20
N VAL J 197 -42.31 94.90 12.66
CA VAL J 197 -41.90 95.95 13.57
C VAL J 197 -41.49 97.18 12.77
N VAL J 198 -41.68 98.35 13.36
CA VAL J 198 -41.33 99.61 12.70
C VAL J 198 -41.06 100.66 13.77
N PRO J 199 -39.84 101.21 13.85
CA PRO J 199 -39.59 102.26 14.84
C PRO J 199 -40.37 103.52 14.55
N LEU J 200 -40.66 104.27 15.61
CA LEU J 200 -41.36 105.54 15.49
C LEU J 200 -40.40 106.68 15.15
N ASP J 201 -39.25 106.74 15.83
CA ASP J 201 -38.28 107.79 15.56
C ASP J 201 -37.75 107.65 14.14
N THR J 202 -37.66 108.79 13.44
CA THR J 202 -37.11 108.84 12.10
C THR J 202 -35.81 109.62 12.02
N THR J 203 -35.45 110.36 13.07
CA THR J 203 -34.22 111.14 13.08
C THR J 203 -33.08 110.26 13.55
N ASN J 204 -31.93 110.88 13.87
CA ASN J 204 -30.73 110.12 14.19
C ASN J 204 -30.95 109.23 15.40
N ALA J 205 -31.65 109.72 16.42
CA ALA J 205 -31.85 108.95 17.65
C ALA J 205 -30.51 108.65 18.29
N CYS J 206 -30.46 107.63 19.15
CA CYS J 206 -29.29 107.19 19.89
C CYS J 206 -28.98 108.11 21.06
N GLU J 207 -29.73 109.19 21.25
CA GLU J 207 -29.50 110.12 22.35
C GLU J 207 -30.78 110.33 23.15
N ASN J 208 -31.92 110.20 22.49
CA ASN J 208 -33.20 110.39 23.16
C ASN J 208 -33.32 109.43 24.34
N GLU J 209 -34.25 109.76 25.24
CA GLU J 209 -34.41 109.01 26.49
C GLU J 209 -35.10 107.68 26.30
N THR J 210 -35.80 107.47 25.18
CA THR J 210 -36.52 106.23 24.95
C THR J 210 -36.50 105.88 23.48
N LEU J 211 -36.57 104.59 23.19
CA LEU J 211 -36.73 104.06 21.84
C LEU J 211 -38.07 103.37 21.75
N CYS J 212 -38.89 103.78 20.79
CA CYS J 212 -40.26 103.30 20.65
C CYS J 212 -40.40 102.52 19.35
N VAL J 213 -41.08 101.38 19.42
CA VAL J 213 -41.39 100.58 18.25
C VAL J 213 -42.88 100.22 18.30
N THR J 214 -43.43 99.96 17.12
CA THR J 214 -44.84 99.62 16.99
C THR J 214 -44.98 98.49 15.98
N PHE J 215 -46.09 97.77 16.07
CA PHE J 215 -46.36 96.60 15.25
C PHE J 215 -47.44 96.94 14.22
N GLU J 216 -47.16 96.65 12.96
CA GLU J 216 -48.07 96.92 11.86
C GLU J 216 -48.35 95.63 11.11
N LYS J 217 -49.63 95.37 10.84
CA LYS J 217 -50.01 94.16 10.14
C LYS J 217 -49.52 94.20 8.70
N THR J 218 -49.09 93.05 8.20
CA THR J 218 -48.71 92.91 6.80
C THR J 218 -49.82 92.31 5.95
N SER J 219 -50.71 91.52 6.54
CA SER J 219 -51.84 90.94 5.83
C SER J 219 -52.92 90.59 6.84
N ASP J 220 -54.14 90.42 6.33
CA ASP J 220 -55.29 90.08 7.15
C ASP J 220 -55.67 88.60 7.04
N PHE J 221 -54.70 87.73 6.82
CA PHE J 221 -54.98 86.32 6.62
C PHE J 221 -53.75 85.49 6.97
N PHE J 222 -53.94 84.52 7.85
CA PHE J 222 -52.91 83.50 8.06
C PHE J 222 -52.81 82.63 6.82
N ASP J 223 -51.74 81.84 6.75
CA ASP J 223 -51.57 80.84 5.71
C ASP J 223 -52.07 79.50 6.27
N GLY J 224 -53.15 78.99 5.69
CA GLY J 224 -53.74 77.76 6.18
C GLY J 224 -52.80 76.58 6.10
N VAL J 225 -53.27 75.42 6.53
CA VAL J 225 -52.51 74.18 6.48
C VAL J 225 -53.27 73.18 5.61
N ASN J 226 -52.57 72.58 4.66
CA ASN J 226 -53.18 71.67 3.70
C ASN J 226 -52.88 70.23 4.09
N GLN J 227 -53.94 69.42 4.21
CA GLN J 227 -53.75 68.02 4.57
C GLN J 227 -53.21 67.22 3.40
N ASN J 228 -53.72 67.47 2.20
CA ASN J 228 -53.35 66.67 1.04
C ASN J 228 -51.91 66.97 0.63
N PRO J 229 -51.24 66.01 -0.02
CA PRO J 229 -49.88 66.28 -0.50
C PRO J 229 -49.81 67.24 -1.67
N CYS J 230 -50.94 67.56 -2.29
CA CYS J 230 -51.02 68.49 -3.41
C CYS J 230 -51.92 69.66 -3.04
N GLY J 231 -52.19 70.53 -4.00
CA GLY J 231 -53.03 71.68 -3.78
C GLY J 231 -52.31 72.78 -3.04
N ILE J 232 -53.09 73.76 -2.58
CA ILE J 232 -52.55 74.91 -1.86
C ILE J 232 -53.36 75.12 -0.58
N PRO J 233 -52.77 75.69 0.47
CA PRO J 233 -53.54 75.91 1.70
C PRO J 233 -54.62 76.96 1.52
N SER J 234 -55.65 76.86 2.36
CA SER J 234 -56.77 77.78 2.33
C SER J 234 -56.56 78.87 3.37
N PRO J 235 -56.45 80.14 3.00
CA PRO J 235 -56.23 81.19 4.01
C PRO J 235 -57.42 81.34 4.93
N VAL J 236 -57.14 81.78 6.16
CA VAL J 236 -58.15 82.01 7.17
C VAL J 236 -57.94 83.39 7.78
N ALA J 237 -59.02 83.97 8.31
CA ALA J 237 -58.94 85.29 8.90
C ALA J 237 -58.07 85.26 10.15
N ALA J 238 -57.23 86.29 10.30
CA ALA J 238 -56.29 86.38 11.42
C ALA J 238 -56.85 87.16 12.61
N TYR J 239 -58.05 87.72 12.49
CA TYR J 239 -58.64 88.53 13.54
C TYR J 239 -59.85 87.82 14.14
N ILE J 240 -60.42 88.43 15.18
CA ILE J 240 -61.61 87.91 15.84
C ILE J 240 -62.49 89.09 16.22
N ASP J 241 -63.80 88.88 16.14
CA ASP J 241 -64.78 89.91 16.45
C ASP J 241 -65.26 89.75 17.88
N ARG J 242 -65.22 90.84 18.65
CA ARG J 242 -65.62 90.78 20.05
C ARG J 242 -67.09 90.42 20.19
N ASP J 243 -67.96 91.14 19.47
CA ASP J 243 -69.40 90.96 19.66
C ASP J 243 -69.84 89.56 19.25
N VAL J 244 -69.28 89.04 18.16
CA VAL J 244 -69.71 87.75 17.65
C VAL J 244 -69.48 86.65 18.70
N MET J 245 -68.39 86.75 19.44
CA MET J 245 -68.03 85.73 20.42
C MET J 245 -68.67 85.96 21.78
N GLN J 246 -69.44 87.05 21.94
CA GLN J 246 -70.13 87.34 23.20
C GLN J 246 -69.14 87.50 24.34
N LEU J 247 -68.27 88.49 24.19
CA LEU J 247 -67.25 88.82 25.17
C LEU J 247 -67.56 90.16 25.84
N PRO J 248 -66.94 90.44 26.98
CA PRO J 248 -67.21 91.72 27.66
C PRO J 248 -66.92 92.91 26.76
N SER J 249 -67.75 93.94 26.87
CA SER J 249 -67.64 95.10 25.98
C SER J 249 -66.36 95.89 26.21
N GLU J 250 -65.73 95.75 27.38
CA GLU J 250 -64.52 96.52 27.66
C GLU J 250 -63.37 96.17 26.73
N LEU J 251 -63.41 94.99 26.11
CA LEU J 251 -62.33 94.58 25.24
C LEU J 251 -62.36 95.37 23.94
N PRO J 252 -61.24 95.44 23.22
CA PRO J 252 -61.24 96.13 21.93
C PRO J 252 -62.16 95.42 20.93
N LYS J 253 -62.53 96.17 19.88
CA LYS J 253 -63.46 95.64 18.90
C LYS J 253 -62.90 94.40 18.20
N TYR J 254 -61.62 94.43 17.84
CA TYR J 254 -60.96 93.34 17.14
C TYR J 254 -59.77 92.85 17.95
N ILE J 255 -59.60 91.53 18.03
CA ILE J 255 -58.53 90.90 18.78
C ILE J 255 -57.68 90.10 17.81
N TRP J 256 -56.37 90.37 17.79
CA TRP J 256 -55.44 89.68 16.91
C TRP J 256 -54.52 88.80 17.71
N PRO J 257 -54.68 87.46 17.70
CA PRO J 257 -53.76 86.61 18.45
C PRO J 257 -52.35 86.65 17.91
N GLY J 258 -52.20 86.82 16.60
CA GLY J 258 -50.88 86.85 16.01
C GLY J 258 -50.03 87.98 16.52
N HIS J 259 -50.62 89.18 16.64
CA HIS J 259 -49.88 90.32 17.16
C HIS J 259 -49.44 90.06 18.60
N MET J 260 -50.30 89.42 19.39
CA MET J 260 -50.00 89.19 20.80
C MET J 260 -48.75 88.33 20.96
N ALA J 261 -48.68 87.22 20.23
CA ALA J 261 -47.51 86.35 20.34
C ALA J 261 -46.25 87.05 19.87
N ALA J 262 -46.34 87.80 18.78
CA ALA J 262 -45.16 88.49 18.26
C ALA J 262 -44.61 89.47 19.28
N GLU J 263 -45.49 90.20 19.97
CA GLU J 263 -45.03 91.16 20.96
C GLU J 263 -44.23 90.47 22.07
N CYS J 264 -44.70 89.31 22.52
CA CYS J 264 -43.99 88.60 23.59
C CYS J 264 -42.60 88.18 23.13
N VAL J 265 -42.48 87.69 21.90
CA VAL J 265 -41.20 87.19 21.41
C VAL J 265 -40.18 88.32 21.35
N VAL J 266 -40.58 89.46 20.77
CA VAL J 266 -39.66 90.58 20.60
C VAL J 266 -39.21 91.10 21.96
N ARG J 267 -40.15 91.24 22.90
CA ARG J 267 -39.80 91.77 24.21
C ARG J 267 -38.70 90.93 24.86
N SER J 268 -38.82 89.60 24.79
CA SER J 268 -37.80 88.75 25.39
C SER J 268 -36.45 88.95 24.71
N LEU J 269 -36.45 89.07 23.37
CA LEU J 269 -35.20 89.20 22.65
C LEU J 269 -34.44 90.46 23.08
N LEU J 270 -35.14 91.58 23.16
CA LEU J 270 -34.53 92.88 23.46
C LEU J 270 -34.69 93.27 24.92
N SER J 271 -34.67 92.30 25.83
CA SER J 271 -34.84 92.61 27.24
C SER J 271 -33.63 93.34 27.80
N HIS J 272 -32.43 93.02 27.31
CA HIS J 272 -31.22 93.62 27.86
C HIS J 272 -31.13 95.12 27.59
N VAL J 273 -31.85 95.62 26.59
CA VAL J 273 -31.87 97.06 26.35
C VAL J 273 -32.73 97.73 27.40
N SER J 274 -32.22 98.81 27.99
CA SER J 274 -32.84 99.43 29.16
C SER J 274 -33.86 100.50 28.81
N ARG J 275 -34.00 100.88 27.54
CA ARG J 275 -34.89 101.94 27.12
C ARG J 275 -35.72 101.51 25.92
N PHE J 276 -36.30 100.32 26.01
CA PHE J 276 -37.14 99.77 24.96
C PHE J 276 -38.60 99.97 25.35
N CYS J 277 -39.37 100.60 24.46
CA CYS J 277 -40.77 100.91 24.71
C CYS J 277 -41.61 100.44 23.54
N VAL J 278 -42.85 100.04 23.85
CA VAL J 278 -43.80 99.56 22.85
C VAL J 278 -45.04 100.45 22.93
N VAL J 279 -45.48 100.93 21.78
CA VAL J 279 -46.68 101.76 21.67
C VAL J 279 -47.60 101.05 20.68
N ARG J 280 -48.49 100.21 21.18
CA ARG J 280 -49.40 99.47 20.33
C ARG J 280 -50.54 100.35 19.85
N THR J 281 -50.84 100.28 18.56
CA THR J 281 -51.87 101.09 17.94
C THR J 281 -52.98 100.19 17.41
N ASP J 282 -54.22 100.61 17.63
CA ASP J 282 -55.35 99.82 17.19
C ASP J 282 -55.33 99.65 15.67
N GLN J 283 -55.65 98.45 15.22
CA GLN J 283 -55.68 98.12 13.80
C GLN J 283 -57.00 97.43 13.47
N THR J 284 -57.49 97.66 12.27
CA THR J 284 -58.77 97.15 11.81
C THR J 284 -58.62 96.51 10.44
N PRO J 285 -59.50 95.57 10.10
CA PRO J 285 -59.42 94.95 8.77
C PRO J 285 -59.70 95.97 7.67
N ASP J 286 -59.06 95.75 6.52
CA ASP J 286 -59.23 96.63 5.38
C ASP J 286 -60.66 96.55 4.84
N MET K 1 65.27 71.92 -24.80
CA MET K 1 64.36 71.47 -23.71
C MET K 1 62.91 71.77 -24.06
N ASN K 2 62.00 71.44 -23.14
CA ASN K 2 60.59 71.69 -23.36
C ASN K 2 60.27 73.17 -23.20
N VAL K 3 59.08 73.56 -23.65
CA VAL K 3 58.57 74.91 -23.51
C VAL K 3 57.48 74.88 -22.45
N LEU K 4 57.71 75.57 -21.34
CA LEU K 4 56.77 75.53 -20.23
C LEU K 4 55.53 76.37 -20.55
N VAL K 5 54.42 76.00 -19.91
CA VAL K 5 53.14 76.67 -20.13
C VAL K 5 52.57 77.01 -18.75
N PRO K 6 51.83 78.11 -18.59
CA PRO K 6 51.29 78.44 -17.27
C PRO K 6 50.33 77.37 -16.77
N GLY K 7 50.34 77.17 -15.46
CA GLY K 7 49.47 76.19 -14.83
C GLY K 7 49.18 76.58 -13.40
N ILE K 8 48.20 75.89 -12.82
CA ILE K 8 47.76 76.21 -11.46
C ILE K 8 48.91 76.02 -10.47
N ASP K 9 49.83 75.11 -10.76
CA ASP K 9 50.97 74.85 -9.89
C ASP K 9 52.21 75.62 -10.31
N GLY K 10 52.09 76.55 -11.24
CA GLY K 10 53.20 77.33 -11.73
C GLY K 10 53.45 77.08 -13.21
N MET K 11 54.71 76.99 -13.58
CA MET K 11 55.10 76.68 -14.95
C MET K 11 55.35 75.19 -15.09
N VAL K 12 54.63 74.55 -16.00
CA VAL K 12 54.74 73.12 -16.23
C VAL K 12 54.80 72.87 -17.73
N SER K 13 55.11 71.64 -18.10
CA SER K 13 55.21 71.22 -19.49
C SER K 13 53.97 70.45 -19.88
N ALA K 14 53.40 70.78 -21.03
CA ALA K 14 52.14 70.21 -21.50
C ALA K 14 52.40 69.17 -22.59
N GLY K 15 51.35 68.42 -22.90
CA GLY K 15 51.43 67.40 -23.92
C GLY K 15 50.05 67.03 -24.42
N LYS K 16 50.01 65.97 -25.22
CA LYS K 16 48.75 65.51 -25.80
C LYS K 16 48.78 64.00 -25.93
N PHE K 17 47.58 63.41 -25.95
CA PHE K 17 47.42 61.98 -26.17
C PHE K 17 47.14 61.73 -27.64
N GLU K 18 46.81 60.49 -27.98
CA GLU K 18 46.30 60.13 -29.30
C GLU K 18 44.79 60.01 -29.23
N TYR K 19 44.15 60.04 -30.41
CA TYR K 19 42.70 60.04 -30.48
C TYR K 19 42.18 58.63 -30.20
N SER K 20 41.32 58.52 -29.18
CA SER K 20 40.72 57.23 -28.85
C SER K 20 39.50 56.95 -29.72
N GLY K 21 38.50 57.81 -29.66
CA GLY K 21 37.29 57.65 -30.44
C GLY K 21 36.13 56.99 -29.72
N CYS K 22 36.23 56.81 -28.41
CA CYS K 22 35.17 56.18 -27.61
C CYS K 22 34.31 57.20 -26.89
N CYS K 23 34.11 58.37 -27.50
CA CYS K 23 33.30 59.43 -26.89
C CYS K 23 31.86 59.29 -27.32
N PRO K 24 30.90 59.18 -26.39
CA PRO K 24 29.49 59.17 -26.80
C PRO K 24 29.11 60.51 -27.42
N PRO K 25 28.14 60.53 -28.32
CA PRO K 25 27.72 61.81 -28.91
C PRO K 25 27.27 62.80 -27.83
N ASP K 26 27.62 64.06 -28.04
CA ASP K 26 27.39 65.11 -27.06
C ASP K 26 25.98 65.67 -27.27
N PHE K 27 25.62 66.73 -26.52
CA PHE K 27 24.36 67.40 -26.79
C PHE K 27 24.31 67.91 -28.23
N ALA K 28 25.40 68.54 -28.67
CA ALA K 28 25.57 68.76 -30.10
C ALA K 28 25.65 67.41 -30.80
N ASP K 29 25.55 67.44 -32.13
CA ASP K 29 25.44 66.26 -32.98
C ASP K 29 24.02 65.69 -32.95
N MET K 30 23.12 66.23 -32.13
CA MET K 30 21.72 65.83 -32.12
C MET K 30 20.93 66.87 -32.90
N ASP K 31 20.26 66.43 -33.97
CA ASP K 31 19.50 67.31 -34.84
C ASP K 31 18.03 66.92 -34.81
N GLU K 32 17.16 67.91 -35.02
CA GLU K 32 15.73 67.63 -35.05
C GLU K 32 15.36 66.73 -36.22
N CYS K 33 15.92 66.99 -37.39
CA CYS K 33 15.56 66.22 -38.59
C CYS K 33 15.90 64.76 -38.42
N THR K 34 17.11 64.47 -37.92
CA THR K 34 17.53 63.07 -37.78
C THR K 34 16.67 62.34 -36.77
N LEU K 35 16.51 62.93 -35.57
CA LEU K 35 15.79 62.23 -34.52
C LEU K 35 14.31 62.05 -34.88
N ALA K 36 13.74 62.98 -35.65
CA ALA K 36 12.33 62.89 -35.98
C ALA K 36 12.03 61.68 -36.85
N THR K 37 12.78 61.51 -37.95
CA THR K 37 12.52 60.40 -38.86
C THR K 37 12.88 59.05 -38.24
N SER K 38 13.68 59.03 -37.19
CA SER K 38 14.08 57.77 -36.58
C SER K 38 12.88 57.03 -36.01
N TYR K 39 11.94 57.75 -35.39
CA TYR K 39 10.82 57.10 -34.73
C TYR K 39 9.91 56.37 -35.71
N VAL K 40 10.04 56.62 -37.01
CA VAL K 40 9.30 55.84 -38.00
C VAL K 40 9.72 54.37 -37.94
N GLY K 41 10.91 54.10 -37.43
CA GLY K 41 11.39 52.73 -37.33
C GLY K 41 10.86 51.95 -36.13
N LEU K 42 10.12 52.62 -35.23
CA LEU K 42 9.54 51.94 -34.08
C LEU K 42 8.21 51.28 -34.40
N LEU K 43 7.60 51.58 -35.54
CA LEU K 43 6.31 51.02 -35.89
C LEU K 43 6.45 49.59 -36.38
N PRO K 44 5.35 48.82 -36.41
CA PRO K 44 5.43 47.44 -36.92
C PRO K 44 5.66 47.42 -38.42
N SER K 45 5.70 46.22 -39.00
CA SER K 45 5.93 46.03 -40.43
C SER K 45 4.84 45.14 -41.00
N GLY K 46 4.36 45.51 -42.19
CA GLY K 46 3.34 44.75 -42.87
C GLY K 46 2.77 45.51 -44.04
N PRO K 47 1.77 44.91 -44.71
CA PRO K 47 1.16 45.59 -45.86
C PRO K 47 0.46 46.88 -45.51
N LEU K 48 0.09 47.08 -44.24
CA LEU K 48 -0.58 48.30 -43.82
C LEU K 48 0.38 49.43 -43.46
N TRP K 49 1.69 49.15 -43.39
CA TRP K 49 2.67 50.14 -42.99
C TRP K 49 3.79 50.35 -44.00
N ASP K 50 4.07 49.38 -44.87
CA ASP K 50 5.25 49.47 -45.72
C ASP K 50 5.18 50.67 -46.65
N ARG K 51 4.03 50.89 -47.28
CA ARG K 51 3.90 52.03 -48.19
C ARG K 51 4.01 53.35 -47.43
N ALA K 52 3.33 53.45 -46.29
CA ALA K 52 3.35 54.70 -45.53
C ALA K 52 4.75 55.02 -45.04
N LYS K 53 5.46 54.03 -44.51
CA LYS K 53 6.80 54.27 -43.98
C LYS K 53 7.76 54.67 -45.09
N TYR K 54 7.63 54.07 -46.27
CA TYR K 54 8.54 54.38 -47.36
C TYR K 54 8.44 55.83 -47.79
N GLU K 55 7.22 56.37 -47.86
CA GLU K 55 6.98 57.71 -48.39
C GLU K 55 7.20 58.80 -47.34
N ALA K 56 7.83 58.51 -46.22
CA ALA K 56 8.04 59.51 -45.19
C ALA K 56 9.03 60.57 -45.67
N ILE K 57 8.65 61.83 -45.50
CA ILE K 57 9.50 62.97 -45.87
C ILE K 57 9.49 63.96 -44.71
N THR K 58 10.55 64.76 -44.65
CA THR K 58 10.68 65.76 -43.58
C THR K 58 11.43 66.97 -44.11
N THR K 59 10.96 68.15 -43.72
CA THR K 59 11.57 69.40 -44.13
C THR K 59 11.59 70.36 -42.95
N ILE K 60 12.48 71.34 -43.02
CA ILE K 60 12.65 72.34 -41.96
C ILE K 60 11.87 73.58 -42.32
N THR K 61 11.00 74.03 -41.42
CA THR K 61 10.22 75.23 -41.64
C THR K 61 11.07 76.46 -41.32
N ALA K 62 10.43 77.62 -41.23
CA ALA K 62 11.16 78.87 -41.05
C ALA K 62 12.14 78.79 -39.89
N THR K 63 11.63 78.53 -38.69
CA THR K 63 12.47 78.49 -37.49
C THR K 63 12.84 77.05 -37.14
N GLY K 64 13.59 76.41 -38.03
CA GLY K 64 13.97 75.03 -37.80
C GLY K 64 12.73 74.18 -37.62
N ASN K 65 12.72 73.38 -36.55
CA ASN K 65 11.54 72.62 -36.16
C ASN K 65 11.01 71.79 -37.33
N CYS K 66 11.84 70.83 -37.74
CA CYS K 66 11.48 69.92 -38.82
C CYS K 66 10.04 69.47 -38.71
N ALA K 67 9.32 69.54 -39.83
CA ALA K 67 7.93 69.12 -39.90
C ALA K 67 7.72 68.28 -41.15
N ALA K 68 6.78 67.34 -41.05
CA ALA K 68 6.48 66.47 -42.17
C ALA K 68 5.90 67.27 -43.33
N CYS K 69 6.26 66.87 -44.55
CA CYS K 69 5.80 67.53 -45.76
C CYS K 69 4.69 66.69 -46.38
N TRP K 70 3.50 67.30 -46.51
CA TRP K 70 2.33 66.63 -47.07
C TRP K 70 2.24 66.99 -48.55
N THR K 71 2.50 66.01 -49.41
CA THR K 71 2.41 66.22 -50.84
C THR K 71 0.95 66.25 -51.27
N GLU K 72 0.71 66.34 -52.58
CA GLU K 72 -0.65 66.40 -53.10
C GLU K 72 -1.40 65.08 -52.97
N ASP K 73 -0.71 63.98 -52.65
CA ASP K 73 -1.31 62.66 -52.57
C ASP K 73 -0.92 61.98 -51.27
N HIS K 74 -1.02 62.71 -50.16
CA HIS K 74 -0.69 62.17 -48.85
C HIS K 74 -1.81 61.27 -48.36
N CYS K 75 -1.43 60.17 -47.72
CA CYS K 75 -2.37 59.20 -47.15
C CYS K 75 -2.24 59.24 -45.63
N PRO K 76 -3.19 59.84 -44.91
CA PRO K 76 -3.04 59.94 -43.45
C PRO K 76 -2.88 58.57 -42.81
N THR K 77 -2.02 58.50 -41.79
CA THR K 77 -1.72 57.25 -41.10
C THR K 77 -1.03 57.61 -39.79
N LEU K 78 -0.90 56.60 -38.92
CA LEU K 78 -0.21 56.81 -37.66
C LEU K 78 1.23 57.26 -37.85
N VAL K 79 1.82 56.97 -39.01
CA VAL K 79 3.22 57.34 -39.24
C VAL K 79 3.41 58.85 -39.06
N ASP K 80 2.40 59.64 -39.42
CA ASP K 80 2.50 61.08 -39.21
C ASP K 80 2.63 61.40 -37.72
N TYR K 81 1.87 60.70 -36.88
CA TYR K 81 1.98 60.91 -35.44
C TYR K 81 3.36 60.53 -34.93
N ALA K 82 3.92 59.43 -35.42
CA ALA K 82 5.23 58.99 -34.96
C ALA K 82 6.29 60.05 -35.22
N VAL K 83 6.26 60.66 -36.40
CA VAL K 83 7.21 61.74 -36.70
C VAL K 83 7.00 62.90 -35.74
N ASN K 84 5.75 63.17 -35.38
CA ASN K 84 5.48 64.27 -34.44
C ASN K 84 6.11 63.99 -33.09
N VAL K 85 6.04 62.73 -32.62
CA VAL K 85 6.65 62.39 -31.34
C VAL K 85 8.15 62.59 -31.40
N GLY K 86 8.78 62.18 -32.50
CA GLY K 86 10.22 62.35 -32.62
C GLY K 86 10.65 63.80 -32.53
N ALA K 87 9.92 64.67 -33.23
CA ALA K 87 10.23 66.10 -33.15
C ALA K 87 10.04 66.63 -31.74
N ARG K 88 9.05 66.10 -31.02
CA ARG K 88 8.83 66.53 -29.64
C ARG K 88 10.04 66.22 -28.78
N LEU K 89 10.61 65.03 -28.93
CA LEU K 89 11.74 64.63 -28.09
C LEU K 89 12.93 65.54 -28.33
N ALA K 90 13.20 65.88 -29.59
CA ALA K 90 14.30 66.79 -29.89
C ALA K 90 14.07 68.16 -29.27
N SER K 91 12.84 68.65 -29.35
CA SER K 91 12.55 69.97 -28.81
C SER K 91 12.65 70.01 -27.29
N VAL K 92 12.07 69.03 -26.61
CA VAL K 92 12.05 69.06 -25.16
C VAL K 92 13.46 68.92 -24.60
N ILE K 93 14.27 68.06 -25.20
CA ILE K 93 15.64 67.89 -24.72
C ILE K 93 16.40 69.21 -24.80
N ASP K 94 16.27 69.92 -25.92
CA ASP K 94 16.97 71.19 -26.07
C ASP K 94 16.46 72.22 -25.06
N MET K 95 15.14 72.27 -24.84
CA MET K 95 14.57 73.28 -23.96
C MET K 95 14.80 72.94 -22.49
N THR K 96 14.85 71.66 -22.14
CA THR K 96 14.77 71.24 -20.74
C THR K 96 16.07 70.63 -20.23
N LEU K 97 16.57 69.57 -20.87
CA LEU K 97 17.74 68.87 -20.35
C LEU K 97 19.03 69.64 -20.63
N TRP K 98 19.16 70.23 -21.81
CA TRP K 98 20.38 70.94 -22.15
C TRP K 98 20.68 72.08 -21.17
N PRO K 99 19.74 72.97 -20.85
CA PRO K 99 20.07 74.02 -19.88
C PRO K 99 20.50 73.47 -18.53
N ALA K 100 19.92 72.35 -18.09
CA ALA K 100 20.26 71.81 -16.78
C ALA K 100 21.75 71.49 -16.70
N VAL K 101 22.29 70.82 -17.72
CA VAL K 101 23.72 70.53 -17.74
C VAL K 101 24.53 71.79 -17.95
N ARG K 102 24.04 72.70 -18.79
CA ARG K 102 24.81 73.89 -19.15
C ARG K 102 25.10 74.75 -17.92
N GLU K 103 24.11 74.92 -17.05
CA GLU K 103 24.25 75.78 -15.88
C GLU K 103 24.88 75.08 -14.69
N SER K 104 25.25 73.81 -14.82
CA SER K 104 25.76 73.04 -13.70
C SER K 104 27.27 73.19 -13.50
N ASP K 105 27.97 73.88 -14.40
CA ASP K 105 29.41 74.00 -14.32
C ASP K 105 29.79 75.49 -14.39
N PRO K 106 30.69 75.95 -13.53
CA PRO K 106 31.06 77.38 -13.57
C PRO K 106 31.69 77.81 -14.89
N PHE K 107 32.29 76.89 -15.63
CA PHE K 107 32.97 77.23 -16.88
C PHE K 107 32.04 77.25 -18.08
N THR K 108 30.75 76.99 -17.88
CA THR K 108 29.79 77.03 -18.99
C THR K 108 28.48 77.68 -18.62
N ALA K 109 28.34 78.21 -17.40
CA ALA K 109 27.08 78.83 -16.99
C ALA K 109 26.81 80.07 -17.83
N VAL K 110 25.55 80.27 -18.18
CA VAL K 110 25.14 81.40 -19.01
C VAL K 110 24.09 82.22 -18.29
N THR K 111 22.93 81.62 -18.04
CA THR K 111 21.82 82.36 -17.45
C THR K 111 21.98 82.59 -15.95
N SER K 112 22.60 81.64 -15.24
CA SER K 112 22.67 81.69 -13.79
C SER K 112 24.02 82.23 -13.30
N THR K 113 24.60 83.18 -14.01
CA THR K 113 25.85 83.78 -13.58
C THR K 113 25.67 84.49 -12.24
N ALA K 114 24.59 85.25 -12.10
CA ALA K 114 24.36 85.99 -10.86
C ALA K 114 24.18 85.05 -9.68
N ASP K 115 23.44 83.95 -9.88
CA ASP K 115 23.23 83.00 -8.80
C ASP K 115 24.55 82.37 -8.35
N TRP K 116 25.43 82.06 -9.30
CA TRP K 116 26.70 81.43 -8.94
C TRP K 116 27.52 82.33 -8.02
N LEU K 117 27.52 83.64 -8.27
CA LEU K 117 28.26 84.54 -7.40
C LEU K 117 27.76 84.48 -5.97
N GLU K 118 26.43 84.42 -5.79
CA GLU K 118 25.89 84.28 -4.44
C GLU K 118 26.28 82.97 -3.79
N ARG K 119 26.61 81.95 -4.59
CA ARG K 119 27.10 80.70 -4.03
C ARG K 119 28.54 80.85 -3.54
N PHE K 120 29.30 81.75 -4.14
CA PHE K 120 30.66 82.04 -3.71
C PHE K 120 30.73 83.12 -2.64
N LYS K 121 29.60 83.73 -2.28
CA LYS K 121 29.58 84.79 -1.27
C LYS K 121 30.53 85.92 -1.63
N TRP K 122 30.55 86.28 -2.91
CA TRP K 122 31.43 87.33 -3.39
C TRP K 122 30.86 88.70 -3.03
N VAL K 123 31.71 89.58 -2.50
CA VAL K 123 31.34 90.94 -2.15
C VAL K 123 32.42 91.88 -2.67
N ASN K 124 32.02 92.89 -3.43
CA ASN K 124 32.95 93.87 -3.96
C ASN K 124 33.31 94.88 -2.89
N CYS K 125 34.59 95.25 -2.84
CA CYS K 125 35.09 96.19 -1.84
C CYS K 125 35.01 97.64 -2.28
N PHE K 126 34.56 97.92 -3.49
CA PHE K 126 34.51 99.27 -4.02
C PHE K 126 33.13 99.91 -3.91
N GLU K 127 32.14 99.21 -3.35
CA GLU K 127 30.79 99.75 -3.26
C GLU K 127 30.36 100.10 -1.84
N THR K 128 30.95 99.49 -0.82
CA THR K 128 30.60 99.82 0.55
C THR K 128 31.15 101.19 0.91
N SER K 129 30.32 102.02 1.54
CA SER K 129 30.76 103.36 1.92
C SER K 129 31.93 103.30 2.90
N CYS K 130 31.95 102.31 3.78
CA CYS K 130 33.02 102.16 4.76
C CYS K 130 34.10 101.22 4.23
N ARG K 131 34.65 101.59 3.08
CA ARG K 131 35.75 100.83 2.50
C ARG K 131 37.03 101.04 3.31
N SER K 132 37.96 100.11 3.14
CA SER K 132 39.25 100.23 3.83
C SER K 132 40.00 101.46 3.33
N LYS K 133 40.65 102.15 4.26
CA LYS K 133 41.36 103.37 3.89
C LYS K 133 42.56 103.09 3.00
N ALA K 134 43.12 101.88 3.08
CA ALA K 134 44.29 101.54 2.29
C ALA K 134 43.99 101.42 0.80
N LEU K 135 42.73 101.43 0.41
CA LEU K 135 42.35 101.23 -0.99
C LEU K 135 42.57 102.48 -1.85
N GLY K 136 43.26 103.48 -1.34
CA GLY K 136 43.56 104.67 -2.11
C GLY K 136 42.72 105.86 -1.66
N GLU K 137 43.21 107.06 -2.00
CA GLU K 137 42.52 108.28 -1.61
C GLU K 137 41.15 108.38 -2.28
N ILE K 138 41.09 108.09 -3.57
CA ILE K 138 39.84 108.17 -4.33
C ILE K 138 39.81 107.03 -5.33
N THR K 139 38.85 106.12 -5.17
CA THR K 139 38.73 104.98 -6.06
C THR K 139 38.19 105.42 -7.42
N PRO K 140 38.33 104.57 -8.45
CA PRO K 140 37.92 104.98 -9.80
C PRO K 140 36.44 105.33 -9.92
N ILE K 141 35.60 104.88 -8.97
CA ILE K 141 34.16 105.13 -9.08
C ILE K 141 33.69 106.02 -7.94
N GLU K 142 34.57 106.92 -7.49
CA GLU K 142 34.22 107.87 -6.44
C GLU K 142 34.58 109.27 -6.89
N TYR K 143 33.69 110.21 -6.60
CA TYR K 143 33.91 111.64 -6.87
C TYR K 143 33.88 112.40 -5.55
N MET K 144 34.86 113.27 -5.37
CA MET K 144 35.02 113.96 -4.09
C MET K 144 33.83 114.86 -3.80
N THR K 145 33.42 114.87 -2.52
CA THR K 145 32.36 115.74 -2.03
C THR K 145 32.82 116.36 -0.71
N GLU K 146 32.25 117.52 -0.39
CA GLU K 146 32.69 118.23 0.81
C GLU K 146 32.63 117.33 2.04
N CYS K 147 31.62 116.46 2.11
CA CYS K 147 31.51 115.51 3.22
C CYS K 147 32.18 114.18 2.88
N GLY K 148 33.44 114.24 2.46
CA GLY K 148 34.19 113.06 2.13
C GLY K 148 33.84 112.52 0.77
N PRO K 149 34.57 111.49 0.33
CA PRO K 149 34.29 110.90 -0.98
C PRO K 149 32.95 110.18 -1.01
N VAL K 150 32.34 110.15 -2.19
CA VAL K 150 31.08 109.45 -2.42
C VAL K 150 31.21 108.60 -3.66
N TYR K 151 30.69 107.38 -3.59
CA TYR K 151 30.73 106.44 -4.70
C TYR K 151 29.40 106.44 -5.45
N VAL K 152 29.42 105.92 -6.67
CA VAL K 152 28.24 105.83 -7.51
C VAL K 152 28.12 104.39 -8.01
N ALA K 153 26.93 103.81 -7.85
CA ALA K 153 26.67 102.45 -8.29
C ALA K 153 26.27 102.47 -9.76
N ILE K 154 27.00 101.73 -10.58
CA ILE K 154 26.79 101.71 -12.03
C ILE K 154 25.80 100.59 -12.36
N ASN K 155 24.91 100.87 -13.32
CA ASN K 155 23.99 99.87 -13.85
C ASN K 155 24.53 99.46 -15.22
N TYR K 156 25.30 98.39 -15.26
CA TYR K 156 25.93 97.95 -16.49
C TYR K 156 24.87 97.47 -17.48
N PRO K 157 25.16 97.52 -18.77
CA PRO K 157 24.25 96.93 -19.76
C PRO K 157 24.15 95.43 -19.57
N PRO K 158 23.22 94.77 -20.25
CA PRO K 158 23.06 93.32 -20.07
C PRO K 158 24.26 92.52 -20.54
N SER K 159 24.71 92.78 -21.77
CA SER K 159 25.76 91.96 -22.36
C SER K 159 27.06 92.08 -21.59
N ILE K 160 27.45 93.30 -21.19
CA ILE K 160 28.71 93.47 -20.47
C ILE K 160 28.61 92.86 -19.08
N LYS K 161 27.46 93.00 -18.43
CA LYS K 161 27.30 92.37 -17.11
C LYS K 161 27.41 90.86 -17.21
N GLN K 162 26.79 90.26 -18.22
CA GLN K 162 26.84 88.81 -18.37
C GLN K 162 28.27 88.34 -18.59
N ALA K 163 29.02 89.04 -19.45
CA ALA K 163 30.39 88.64 -19.73
C ALA K 163 31.28 88.82 -18.51
N PHE K 164 31.15 89.96 -17.83
CA PHE K 164 32.00 90.21 -16.66
C PHE K 164 31.76 89.19 -15.57
N GLU K 165 30.49 88.90 -15.27
CA GLU K 165 30.18 87.92 -14.23
C GLU K 165 30.70 86.54 -14.61
N SER K 166 30.57 86.16 -15.88
CA SER K 166 31.06 84.86 -16.31
C SER K 166 32.56 84.77 -16.11
N ALA K 167 33.30 85.81 -16.47
CA ALA K 167 34.75 85.80 -16.29
C ALA K 167 35.12 85.70 -14.81
N LEU K 168 34.40 86.43 -13.96
CA LEU K 168 34.70 86.40 -12.53
C LEU K 168 34.51 85.00 -11.96
N ILE K 169 33.45 84.30 -12.39
CA ILE K 169 33.20 82.97 -11.86
C ILE K 169 34.36 82.03 -12.19
N LYS K 170 34.86 82.10 -13.42
CA LYS K 170 35.96 81.22 -13.82
C LYS K 170 37.16 81.42 -12.92
N SER K 171 37.55 82.67 -12.69
CA SER K 171 38.73 82.93 -11.85
C SER K 171 38.51 82.45 -10.42
N LEU K 172 37.32 82.70 -9.87
CA LEU K 172 37.04 82.28 -8.50
C LEU K 172 37.10 80.75 -8.38
N GLU K 173 36.57 80.05 -9.38
CA GLU K 173 36.62 78.59 -9.36
C GLU K 173 38.07 78.09 -9.32
N ARG K 174 38.94 78.71 -10.11
CA ARG K 174 40.34 78.29 -10.13
C ARG K 174 41.00 78.53 -8.78
N LEU K 175 40.68 79.66 -8.13
CA LEU K 175 41.34 80.00 -6.88
C LEU K 175 40.99 79.02 -5.76
N SER K 176 39.79 78.42 -5.81
CA SER K 176 39.35 77.55 -4.73
C SER K 176 40.17 76.27 -4.63
N MET K 177 41.00 75.97 -5.63
CA MET K 177 41.80 74.76 -5.61
C MET K 177 43.09 74.91 -4.82
N GLY K 178 43.40 76.10 -4.33
CA GLY K 178 44.62 76.31 -3.59
C GLY K 178 45.80 76.57 -4.50
N ILE K 179 46.58 77.60 -4.20
CA ILE K 179 47.73 77.98 -5.01
C ILE K 179 48.86 78.42 -4.09
N ILE K 180 50.06 78.49 -4.65
CA ILE K 180 51.21 79.05 -3.98
C ILE K 180 51.35 80.49 -4.45
N LYS K 181 51.34 81.43 -3.51
CA LYS K 181 51.21 82.84 -3.87
C LYS K 181 52.49 83.40 -4.46
N ASN K 182 52.79 83.01 -5.69
CA ASN K 182 53.89 83.58 -6.46
C ASN K 182 53.32 84.29 -7.68
N LEU K 183 54.16 85.07 -8.35
CA LEU K 183 53.69 85.91 -9.44
C LEU K 183 53.16 85.08 -10.59
N ALA K 184 53.83 83.97 -10.91
CA ALA K 184 53.41 83.16 -12.05
C ALA K 184 52.03 82.57 -11.84
N SER K 185 51.74 82.07 -10.63
CA SER K 185 50.44 81.44 -10.38
C SER K 185 49.31 82.47 -10.35
N ILE K 186 49.55 83.61 -9.71
CA ILE K 186 48.50 84.61 -9.56
C ILE K 186 48.02 85.09 -10.91
N ASN K 187 48.95 85.35 -11.83
CA ASN K 187 48.56 85.80 -13.16
C ASN K 187 47.64 84.79 -13.83
N PHE K 188 47.92 83.51 -13.68
CA PHE K 188 47.07 82.48 -14.27
C PHE K 188 45.68 82.48 -13.65
N VAL K 189 45.58 82.77 -12.35
CA VAL K 189 44.30 82.75 -11.67
C VAL K 189 43.37 83.82 -12.23
N ILE K 190 43.90 85.02 -12.43
CA ILE K 190 43.06 86.17 -12.78
C ILE K 190 43.11 86.45 -14.27
N GLU K 191 43.76 85.58 -15.05
CA GLU K 191 43.86 85.83 -16.48
C GLU K 191 42.51 85.89 -17.19
N PRO K 192 41.48 85.15 -16.80
CA PRO K 192 40.20 85.28 -17.52
C PRO K 192 39.66 86.70 -17.50
N LEU K 193 39.97 87.47 -16.46
CA LEU K 193 39.56 88.86 -16.40
C LEU K 193 40.38 89.74 -17.34
N LYS K 194 41.39 89.19 -18.01
CA LYS K 194 42.21 89.94 -18.95
C LYS K 194 43.00 91.03 -18.23
N VAL K 195 43.68 90.65 -17.15
CA VAL K 195 44.51 91.56 -16.38
C VAL K 195 45.78 90.84 -15.97
N ARG K 196 46.89 91.56 -15.99
CA ARG K 196 48.19 91.00 -15.66
C ARG K 196 48.89 91.91 -14.66
N VAL K 197 49.45 91.30 -13.61
CA VAL K 197 50.24 92.05 -12.63
C VAL K 197 51.67 92.19 -13.15
N VAL K 198 52.32 93.29 -12.78
CA VAL K 198 53.69 93.53 -13.19
C VAL K 198 54.37 94.42 -12.15
N PRO K 199 55.43 93.96 -11.49
CA PRO K 199 56.10 94.82 -10.51
C PRO K 199 56.77 96.01 -11.16
N LEU K 200 56.85 97.12 -10.42
CA LEU K 200 57.52 98.31 -10.92
C LEU K 200 59.02 98.19 -10.79
N ASP K 201 59.51 97.65 -9.68
CA ASP K 201 60.94 97.52 -9.47
C ASP K 201 61.54 96.53 -10.45
N THR K 202 62.72 96.87 -10.98
CA THR K 202 63.45 95.99 -11.88
C THR K 202 64.80 95.57 -11.33
N THR K 203 65.29 96.23 -10.28
CA THR K 203 66.56 95.88 -9.66
C THR K 203 66.33 94.75 -8.65
N ASN K 204 67.35 94.48 -7.82
CA ASN K 204 67.27 93.33 -6.92
C ASN K 204 66.10 93.44 -5.96
N ALA K 205 65.84 94.63 -5.43
CA ALA K 205 64.78 94.80 -4.44
C ALA K 205 65.06 93.96 -3.22
N CYS K 206 64.04 93.69 -2.41
CA CYS K 206 64.08 92.93 -1.17
C CYS K 206 64.62 93.76 -0.02
N GLU K 207 65.02 95.01 -0.24
CA GLU K 207 65.54 95.86 0.82
C GLU K 207 64.82 97.20 0.84
N ASN K 208 64.30 97.63 -0.30
CA ASN K 208 63.59 98.89 -0.38
C ASN K 208 62.41 98.89 0.59
N GLU K 209 61.90 100.10 0.86
CA GLU K 209 60.88 100.25 1.89
C GLU K 209 59.51 99.76 1.42
N THR K 210 59.25 99.75 0.11
CA THR K 210 57.95 99.37 -0.40
C THR K 210 58.11 98.51 -1.65
N LEU K 211 57.14 97.63 -1.86
CA LEU K 211 57.01 96.85 -3.09
C LEU K 211 55.77 97.30 -3.82
N CYS K 212 55.91 97.67 -5.08
CA CYS K 212 54.84 98.25 -5.86
C CYS K 212 54.51 97.37 -7.06
N VAL K 213 53.22 97.27 -7.37
CA VAL K 213 52.74 96.52 -8.52
C VAL K 213 51.70 97.36 -9.25
N THR K 214 51.46 97.02 -10.51
CA THR K 214 50.47 97.70 -11.32
C THR K 214 49.80 96.69 -12.23
N PHE K 215 48.61 97.05 -12.72
CA PHE K 215 47.77 96.15 -13.50
C PHE K 215 47.72 96.62 -14.94
N GLU K 216 47.98 95.70 -15.86
CA GLU K 216 47.98 95.98 -17.29
C GLU K 216 46.91 95.14 -17.97
N LYS K 217 46.34 95.70 -19.04
CA LYS K 217 45.31 95.02 -19.81
C LYS K 217 45.95 94.09 -20.83
N THR K 218 45.58 92.81 -20.80
CA THR K 218 46.04 91.85 -21.79
C THR K 218 45.19 91.86 -23.05
N SER K 219 44.02 92.49 -23.02
CA SER K 219 43.15 92.58 -24.18
C SER K 219 42.03 93.55 -23.85
N ASP K 220 41.35 94.01 -24.90
CA ASP K 220 40.24 94.96 -24.76
C ASP K 220 38.90 94.29 -25.03
N PHE K 221 38.77 93.00 -24.73
CA PHE K 221 37.55 92.26 -25.03
C PHE K 221 37.43 91.07 -24.11
N PHE K 222 36.36 91.02 -23.33
CA PHE K 222 36.01 89.78 -22.65
C PHE K 222 35.62 88.72 -23.67
N ASP K 223 35.82 87.46 -23.32
CA ASP K 223 35.34 86.35 -24.12
C ASP K 223 33.93 86.00 -23.67
N GLY K 224 32.96 86.21 -24.55
CA GLY K 224 31.57 86.03 -24.18
C GLY K 224 31.21 84.62 -23.82
N VAL K 225 29.92 84.35 -23.69
CA VAL K 225 29.40 83.03 -23.35
C VAL K 225 28.47 82.58 -24.46
N ASN K 226 28.67 81.37 -24.95
CA ASN K 226 27.89 80.84 -26.07
C ASN K 226 26.70 80.07 -25.52
N GLN K 227 25.49 80.50 -25.90
CA GLN K 227 24.29 79.83 -25.42
C GLN K 227 24.11 78.47 -26.09
N ASN K 228 24.31 78.41 -27.40
CA ASN K 228 24.08 77.17 -28.12
C ASN K 228 25.21 76.17 -27.83
N PRO K 229 24.93 74.87 -27.95
CA PRO K 229 26.01 73.88 -27.81
C PRO K 229 26.97 73.87 -28.98
N CYS K 230 26.65 74.56 -30.08
CA CYS K 230 27.49 74.59 -31.27
C CYS K 230 27.78 76.04 -31.63
N GLY K 231 29.06 76.36 -31.86
CA GLY K 231 29.50 77.68 -32.24
C GLY K 231 30.65 78.12 -31.37
N ILE K 232 30.89 79.43 -31.35
CA ILE K 232 31.94 80.02 -30.54
C ILE K 232 31.39 81.22 -29.79
N PRO K 233 31.97 81.60 -28.65
CA PRO K 233 31.45 82.77 -27.94
C PRO K 233 31.69 84.06 -28.70
N SER K 234 30.85 85.05 -28.43
CA SER K 234 30.94 86.35 -29.08
C SER K 234 31.66 87.33 -28.16
N PRO K 235 32.81 87.88 -28.54
CA PRO K 235 33.49 88.82 -27.66
C PRO K 235 32.69 90.10 -27.45
N VAL K 236 32.88 90.69 -26.27
CA VAL K 236 32.24 91.95 -25.92
C VAL K 236 33.28 92.88 -25.31
N ALA K 237 33.00 94.18 -25.36
CA ALA K 237 33.92 95.17 -24.84
C ALA K 237 34.03 95.06 -23.32
N ALA K 238 35.23 95.29 -22.81
CA ALA K 238 35.48 95.22 -21.37
C ALA K 238 35.36 96.57 -20.68
N TYR K 239 35.28 97.67 -21.43
CA TYR K 239 35.25 99.00 -20.85
C TYR K 239 33.85 99.59 -20.94
N ILE K 240 33.67 100.71 -20.23
CA ILE K 240 32.42 101.47 -20.26
C ILE K 240 32.77 102.94 -20.39
N ASP K 241 32.03 103.65 -21.25
CA ASP K 241 32.28 105.06 -21.50
C ASP K 241 31.48 105.90 -20.51
N ARG K 242 32.14 106.84 -19.86
CA ARG K 242 31.47 107.68 -18.87
C ARG K 242 30.37 108.52 -19.52
N ASP K 243 30.70 109.24 -20.58
CA ASP K 243 29.74 110.16 -21.17
C ASP K 243 28.52 109.43 -21.70
N VAL K 244 28.73 108.27 -22.35
CA VAL K 244 27.60 107.54 -22.91
C VAL K 244 26.61 107.16 -21.82
N MET K 245 27.11 106.78 -20.65
CA MET K 245 26.25 106.34 -19.56
C MET K 245 25.68 107.49 -18.75
N GLN K 246 26.08 108.73 -19.03
CA GLN K 246 25.55 109.90 -18.33
C GLN K 246 25.86 109.83 -16.84
N LEU K 247 27.15 109.78 -16.54
CA LEU K 247 27.66 109.72 -15.17
C LEU K 247 28.36 111.02 -14.80
N PRO K 248 28.61 111.26 -13.51
CA PRO K 248 29.27 112.50 -13.11
C PRO K 248 30.63 112.66 -13.79
N SER K 249 30.94 113.90 -14.17
CA SER K 249 32.16 114.17 -14.92
C SER K 249 33.42 113.88 -14.12
N GLU K 250 33.34 113.88 -12.79
CA GLU K 250 34.54 113.66 -11.98
C GLU K 250 35.12 112.27 -12.17
N LEU K 251 34.34 111.33 -12.68
CA LEU K 251 34.84 109.98 -12.86
C LEU K 251 35.84 109.92 -14.00
N PRO K 252 36.69 108.89 -14.03
CA PRO K 252 37.60 108.72 -15.16
C PRO K 252 36.85 108.48 -16.45
N LYS K 253 37.51 108.78 -17.57
CA LYS K 253 36.85 108.69 -18.87
C LYS K 253 36.39 107.27 -19.16
N TYR K 254 37.23 106.27 -18.86
CA TYR K 254 36.92 104.88 -19.11
C TYR K 254 36.96 104.10 -17.80
N ILE K 255 36.01 103.18 -17.64
CA ILE K 255 35.89 102.37 -16.42
C ILE K 255 36.02 100.91 -16.82
N TRP K 256 36.87 100.18 -16.10
CA TRP K 256 37.13 98.76 -16.38
C TRP K 256 36.67 97.92 -15.20
N PRO K 257 35.49 97.30 -15.25
CA PRO K 257 35.04 96.49 -14.12
C PRO K 257 35.98 95.33 -13.81
N GLY K 258 36.60 94.74 -14.85
CA GLY K 258 37.49 93.63 -14.60
C GLY K 258 38.69 94.00 -13.76
N HIS K 259 39.29 95.16 -14.04
CA HIS K 259 40.47 95.57 -13.28
C HIS K 259 40.13 95.79 -11.81
N MET K 260 38.97 96.40 -11.54
CA MET K 260 38.58 96.61 -10.15
C MET K 260 38.42 95.29 -9.41
N ALA K 261 37.75 94.32 -10.05
CA ALA K 261 37.56 93.03 -9.40
C ALA K 261 38.89 92.34 -9.17
N ALA K 262 39.78 92.38 -10.16
CA ALA K 262 41.09 91.73 -10.01
C ALA K 262 41.89 92.37 -8.88
N GLU K 263 41.81 93.69 -8.75
CA GLU K 263 42.56 94.38 -7.70
C GLU K 263 42.13 93.89 -6.31
N CYS K 264 40.83 93.67 -6.11
CA CYS K 264 40.35 93.20 -4.82
C CYS K 264 40.90 91.83 -4.49
N VAL K 265 40.93 90.93 -5.48
CA VAL K 265 41.36 89.55 -5.23
C VAL K 265 42.82 89.54 -4.79
N VAL K 266 43.69 90.26 -5.51
CA VAL K 266 45.11 90.23 -5.19
C VAL K 266 45.36 90.85 -3.83
N ARG K 267 44.71 91.97 -3.54
CA ARG K 267 44.91 92.65 -2.27
C ARG K 267 44.65 91.71 -1.10
N SER K 268 43.55 90.96 -1.16
CA SER K 268 43.25 90.00 -0.10
C SER K 268 44.29 88.90 -0.04
N LEU K 269 44.75 88.43 -1.20
CA LEU K 269 45.69 87.30 -1.24
C LEU K 269 46.98 87.64 -0.51
N LEU K 270 47.55 88.82 -0.79
CA LEU K 270 48.85 89.22 -0.26
C LEU K 270 48.72 90.19 0.90
N SER K 271 47.70 90.03 1.75
CA SER K 271 47.51 90.95 2.87
C SER K 271 48.61 90.79 3.91
N HIS K 272 49.11 89.57 4.12
CA HIS K 272 50.08 89.34 5.17
C HIS K 272 51.39 90.07 4.93
N VAL K 273 51.68 90.47 3.70
CA VAL K 273 52.86 91.27 3.40
C VAL K 273 52.59 92.71 3.84
N SER K 274 53.51 93.26 4.62
CA SER K 274 53.30 94.54 5.29
C SER K 274 53.80 95.74 4.48
N ARG K 275 54.39 95.52 3.31
CA ARG K 275 54.89 96.62 2.49
C ARG K 275 54.48 96.41 1.03
N PHE K 276 53.20 96.09 0.84
CA PHE K 276 52.64 95.87 -0.49
C PHE K 276 51.84 97.10 -0.90
N CYS K 277 52.15 97.65 -2.07
CA CYS K 277 51.52 98.86 -2.57
C CYS K 277 51.02 98.65 -3.98
N VAL K 278 49.96 99.36 -4.35
CA VAL K 278 49.37 99.31 -5.67
C VAL K 278 49.34 100.72 -6.24
N VAL K 279 49.81 100.86 -7.47
CA VAL K 279 49.84 102.15 -8.17
C VAL K 279 49.08 101.95 -9.47
N ARG K 280 47.79 102.23 -9.46
CA ARG K 280 46.98 102.07 -10.66
C ARG K 280 47.28 103.17 -11.65
N THR K 281 47.32 102.81 -12.93
CA THR K 281 47.64 103.73 -14.02
C THR K 281 46.49 103.75 -15.01
N ASP K 282 46.16 104.95 -15.51
CA ASP K 282 45.07 105.09 -16.46
C ASP K 282 45.38 104.34 -17.74
N GLN K 283 44.36 103.67 -18.28
CA GLN K 283 44.49 102.91 -19.52
C GLN K 283 43.33 103.25 -20.44
N THR K 284 43.58 103.16 -21.74
CA THR K 284 42.60 103.51 -22.75
C THR K 284 42.54 102.43 -23.81
N PRO K 285 41.40 102.26 -24.47
CA PRO K 285 41.31 101.29 -25.56
C PRO K 285 42.17 101.70 -26.75
N ASP K 286 42.65 100.70 -27.48
CA ASP K 286 43.49 100.95 -28.66
C ASP K 286 42.64 101.33 -29.86
N MET L 1 99.27 -11.12 9.30
CA MET L 1 98.04 -10.42 9.75
C MET L 1 97.57 -9.42 8.69
N ASN L 2 96.60 -8.59 9.06
CA ASN L 2 96.09 -7.58 8.15
C ASN L 2 97.06 -6.39 8.09
N VAL L 3 96.79 -5.50 7.15
CA VAL L 3 97.55 -4.26 6.98
C VAL L 3 96.62 -3.12 7.30
N LEU L 4 97.00 -2.30 8.27
CA LEU L 4 96.14 -1.22 8.73
C LEU L 4 96.25 0.00 7.82
N VAL L 5 95.19 0.78 7.79
CA VAL L 5 95.11 1.99 6.96
C VAL L 5 94.67 3.14 7.87
N PRO L 6 95.13 4.37 7.63
CA PRO L 6 94.73 5.48 8.52
C PRO L 6 93.22 5.68 8.51
N GLY L 7 92.69 6.06 9.67
CA GLY L 7 91.27 6.30 9.80
C GLY L 7 91.01 7.34 10.87
N ILE L 8 89.78 7.85 10.88
CA ILE L 8 89.42 8.89 11.83
C ILE L 8 89.58 8.43 13.27
N ASP L 9 89.48 7.13 13.51
CA ASP L 9 89.64 6.56 14.85
C ASP L 9 91.03 5.99 15.08
N GLY L 10 91.97 6.25 14.16
CA GLY L 10 93.33 5.75 14.27
C GLY L 10 93.66 4.81 13.12
N MET L 11 94.40 3.75 13.43
CA MET L 11 94.75 2.72 12.45
C MET L 11 93.71 1.61 12.53
N VAL L 12 93.04 1.35 11.41
CA VAL L 12 92.01 0.33 11.32
C VAL L 12 92.24 -0.50 10.07
N SER L 13 91.61 -1.67 10.05
CA SER L 13 91.70 -2.57 8.91
C SER L 13 90.51 -2.33 7.98
N ALA L 14 90.80 -2.26 6.68
CA ALA L 14 89.81 -1.93 5.67
C ALA L 14 89.43 -3.17 4.87
N GLY L 15 88.42 -3.01 4.02
CA GLY L 15 87.94 -4.11 3.21
C GLY L 15 87.05 -3.60 2.10
N LYS L 16 86.45 -4.55 1.38
CA LYS L 16 85.59 -4.22 0.25
C LYS L 16 84.40 -5.18 0.21
N PHE L 17 83.31 -4.70 -0.36
CA PHE L 17 82.13 -5.52 -0.58
C PHE L 17 82.19 -6.15 -1.97
N GLU L 18 81.09 -6.76 -2.40
CA GLU L 18 80.95 -7.29 -3.75
C GLU L 18 79.92 -6.47 -4.50
N TYR L 19 80.17 -6.27 -5.80
CA TYR L 19 79.35 -5.36 -6.59
C TYR L 19 77.88 -5.77 -6.54
N SER L 20 77.01 -4.78 -6.31
CA SER L 20 75.57 -5.02 -6.20
C SER L 20 74.86 -4.79 -7.54
N GLY L 21 75.00 -3.60 -8.10
CA GLY L 21 74.38 -3.27 -9.37
C GLY L 21 73.04 -2.59 -9.28
N CYS L 22 72.65 -2.09 -8.10
CA CYS L 22 71.37 -1.43 -7.90
C CYS L 22 71.54 0.07 -7.67
N CYS L 23 72.47 0.68 -8.40
CA CYS L 23 72.74 2.11 -8.26
C CYS L 23 71.98 2.89 -9.32
N PRO L 24 71.10 3.81 -8.97
CA PRO L 24 70.42 4.61 -10.00
C PRO L 24 71.41 5.41 -10.81
N PRO L 25 71.19 5.57 -12.11
CA PRO L 25 72.08 6.41 -12.92
C PRO L 25 72.07 7.86 -12.44
N ASP L 26 73.26 8.36 -12.12
CA ASP L 26 73.42 9.72 -11.63
C ASP L 26 73.69 10.66 -12.80
N PHE L 27 74.12 11.89 -12.49
CA PHE L 27 74.32 12.90 -13.53
C PHE L 27 75.29 12.43 -14.60
N ALA L 28 76.25 11.58 -14.23
CA ALA L 28 77.27 11.18 -15.19
C ALA L 28 76.68 10.46 -16.38
N ASP L 29 75.73 9.55 -16.16
CA ASP L 29 75.14 8.80 -17.27
C ASP L 29 74.30 9.70 -18.17
N MET L 30 73.69 10.74 -17.62
CA MET L 30 72.79 11.59 -18.39
C MET L 30 73.52 12.17 -19.60
N ASP L 31 73.12 11.75 -20.79
CA ASP L 31 73.71 12.23 -22.04
C ASP L 31 72.71 13.12 -22.76
N GLU L 32 73.20 14.25 -23.28
CA GLU L 32 72.32 15.19 -23.95
C GLU L 32 71.71 14.58 -25.21
N CYS L 33 72.50 13.79 -25.95
CA CYS L 33 72.01 13.22 -27.20
C CYS L 33 70.95 12.17 -26.97
N THR L 34 71.19 11.25 -26.02
CA THR L 34 70.32 10.09 -25.89
C THR L 34 68.90 10.49 -25.50
N LEU L 35 68.78 11.39 -24.52
CA LEU L 35 67.45 11.79 -24.05
C LEU L 35 66.82 12.88 -24.90
N ALA L 36 67.57 13.48 -25.82
CA ALA L 36 66.97 14.42 -26.75
C ALA L 36 66.11 13.70 -27.77
N THR L 37 66.60 12.58 -28.31
CA THR L 37 65.82 11.77 -29.22
C THR L 37 64.81 10.90 -28.49
N SER L 38 64.89 10.82 -27.17
CA SER L 38 63.94 9.99 -26.42
C SER L 38 62.52 10.55 -26.51
N TYR L 39 62.38 11.87 -26.47
CA TYR L 39 61.05 12.46 -26.39
C TYR L 39 60.24 12.22 -27.64
N VAL L 40 60.85 11.75 -28.73
CA VAL L 40 60.08 11.39 -29.91
C VAL L 40 59.10 10.27 -29.60
N GLY L 41 59.35 9.51 -28.54
CA GLY L 41 58.46 8.43 -28.15
C GLY L 41 57.24 8.84 -27.36
N LEU L 42 57.18 10.11 -26.92
CA LEU L 42 56.01 10.59 -26.21
C LEU L 42 54.85 10.93 -27.14
N LEU L 43 55.11 11.08 -28.43
CA LEU L 43 54.08 11.46 -29.38
C LEU L 43 53.16 10.28 -29.68
N PRO L 44 51.97 10.54 -30.23
CA PRO L 44 51.07 9.43 -30.58
C PRO L 44 51.60 8.63 -31.76
N SER L 45 50.84 7.62 -32.19
CA SER L 45 51.23 6.76 -33.29
C SER L 45 50.12 6.74 -34.34
N GLY L 46 50.51 6.82 -35.61
CA GLY L 46 49.56 6.80 -36.69
C GLY L 46 50.21 7.18 -38.01
N PRO L 47 49.43 7.17 -39.08
CA PRO L 47 50.00 7.51 -40.40
C PRO L 47 50.53 8.92 -40.49
N LEU L 48 50.10 9.82 -39.60
CA LEU L 48 50.56 11.21 -39.62
C LEU L 48 51.90 11.39 -38.90
N TRP L 49 52.36 10.37 -38.16
CA TRP L 49 53.59 10.49 -37.38
C TRP L 49 54.63 9.44 -37.71
N ASP L 50 54.24 8.29 -38.28
CA ASP L 50 55.17 7.19 -38.42
C ASP L 50 56.37 7.56 -39.28
N ARG L 51 56.12 8.19 -40.43
CA ARG L 51 57.23 8.61 -41.29
C ARG L 51 58.12 9.62 -40.59
N ALA L 52 57.50 10.62 -39.95
CA ALA L 52 58.30 11.66 -39.27
C ALA L 52 59.10 11.08 -38.13
N LYS L 53 58.49 10.22 -37.32
CA LYS L 53 59.20 9.65 -36.17
C LYS L 53 60.34 8.75 -36.60
N TYR L 54 60.23 8.13 -37.78
CA TYR L 54 61.26 7.20 -38.24
C TYR L 54 62.51 7.93 -38.72
N GLU L 55 62.32 9.11 -39.33
CA GLU L 55 63.43 9.85 -39.94
C GLU L 55 64.08 10.83 -38.98
N ALA L 56 63.99 10.59 -37.67
CA ALA L 56 64.60 11.49 -36.70
C ALA L 56 66.11 11.28 -36.68
N ILE L 57 66.85 12.37 -36.84
CA ILE L 57 68.31 12.34 -36.84
C ILE L 57 68.82 13.46 -35.94
N THR L 58 69.86 13.17 -35.17
CA THR L 58 70.43 14.14 -34.24
C THR L 58 71.94 14.13 -34.36
N THR L 59 72.53 15.33 -34.29
CA THR L 59 73.98 15.48 -34.38
C THR L 59 74.41 16.59 -33.44
N ILE L 60 75.67 16.53 -33.02
CA ILE L 60 76.22 17.49 -32.06
C ILE L 60 76.91 18.61 -32.83
N THR L 61 76.57 19.85 -32.48
CA THR L 61 77.21 21.02 -33.08
C THR L 61 78.54 21.30 -32.41
N ALA L 62 79.13 22.46 -32.70
CA ALA L 62 80.46 22.80 -32.22
C ALA L 62 80.63 22.53 -30.73
N THR L 63 79.81 23.17 -29.91
CA THR L 63 79.91 23.03 -28.45
C THR L 63 78.82 22.09 -27.94
N GLY L 64 78.96 20.82 -28.30
CA GLY L 64 77.96 19.85 -27.91
C GLY L 64 76.59 20.28 -28.38
N ASN L 65 75.63 20.33 -27.46
CA ASN L 65 74.31 20.88 -27.72
C ASN L 65 73.68 20.23 -28.96
N CYS L 66 73.45 18.93 -28.83
CA CYS L 66 72.86 18.16 -29.93
C CYS L 66 71.70 18.92 -30.56
N ALA L 67 71.68 18.94 -31.89
CA ALA L 67 70.63 19.62 -32.64
C ALA L 67 70.18 18.73 -33.79
N ALA L 68 68.91 18.83 -34.13
CA ALA L 68 68.37 18.03 -35.23
C ALA L 68 69.01 18.45 -36.54
N CYS L 69 69.22 17.47 -37.42
CA CYS L 69 69.83 17.69 -38.73
C CYS L 69 68.73 17.69 -39.79
N TRP L 70 68.67 18.77 -40.57
CA TRP L 70 67.67 18.92 -41.62
C TRP L 70 68.31 18.58 -42.96
N THR L 71 67.96 17.44 -43.52
CA THR L 71 68.44 17.06 -44.84
C THR L 71 67.73 17.88 -45.91
N GLU L 72 68.06 17.61 -47.17
CA GLU L 72 67.47 18.34 -48.27
C GLU L 72 65.99 18.03 -48.45
N ASP L 73 65.50 16.94 -47.87
CA ASP L 73 64.11 16.51 -48.00
C ASP L 73 63.45 16.40 -46.63
N HIS L 74 63.66 17.39 -45.78
CA HIS L 74 63.07 17.39 -44.45
C HIS L 74 61.64 17.92 -44.51
N CYS L 75 60.75 17.21 -43.84
CA CYS L 75 59.33 17.58 -43.79
C CYS L 75 59.01 18.15 -42.42
N PRO L 76 58.73 19.45 -42.29
CA PRO L 76 58.47 20.01 -40.96
C PRO L 76 57.29 19.32 -40.29
N THR L 77 57.41 19.14 -38.98
CA THR L 77 56.39 18.45 -38.19
C THR L 77 56.68 18.72 -36.72
N LEU L 78 55.71 18.40 -35.86
CA LEU L 78 55.88 18.59 -34.43
C LEU L 78 57.03 17.76 -33.87
N VAL L 79 57.48 16.74 -34.59
CA VAL L 79 58.56 15.91 -34.09
C VAL L 79 59.80 16.76 -33.82
N ASP L 80 60.04 17.76 -34.65
CA ASP L 80 61.17 18.65 -34.43
C ASP L 80 61.05 19.37 -33.09
N TYR L 81 59.84 19.83 -32.75
CA TYR L 81 59.65 20.50 -31.48
C TYR L 81 59.92 19.56 -30.32
N ALA L 82 59.48 18.31 -30.42
CA ALA L 82 59.72 17.36 -29.34
C ALA L 82 61.22 17.18 -29.08
N VAL L 83 62.01 17.08 -30.16
CA VAL L 83 63.45 16.99 -29.99
C VAL L 83 63.99 18.24 -29.32
N ASN L 84 63.42 19.40 -29.65
CA ASN L 84 63.85 20.65 -29.03
C ASN L 84 63.61 20.62 -27.53
N VAL L 85 62.45 20.11 -27.10
CA VAL L 85 62.17 20.02 -25.67
C VAL L 85 63.18 19.09 -25.00
N GLY L 86 63.55 18.00 -25.67
CA GLY L 86 64.53 17.10 -25.09
C GLY L 86 65.86 17.79 -24.82
N ALA L 87 66.34 18.57 -25.79
CA ALA L 87 67.59 19.30 -25.58
C ALA L 87 67.45 20.30 -24.45
N ARG L 88 66.25 20.88 -24.27
CA ARG L 88 66.05 21.85 -23.21
C ARG L 88 66.26 21.22 -21.83
N LEU L 89 65.65 20.05 -21.61
CA LEU L 89 65.72 19.44 -20.29
C LEU L 89 67.15 19.05 -19.94
N ALA L 90 67.89 18.52 -20.90
CA ALA L 90 69.28 18.17 -20.64
C ALA L 90 70.09 19.41 -20.26
N SER L 91 69.80 20.55 -20.90
CA SER L 91 70.54 21.77 -20.61
C SER L 91 70.18 22.30 -19.22
N VAL L 92 68.89 22.37 -18.90
CA VAL L 92 68.47 22.99 -17.65
C VAL L 92 68.95 22.17 -16.45
N ILE L 93 68.90 20.84 -16.55
CA ILE L 93 69.39 20.00 -15.46
C ILE L 93 70.85 20.29 -15.20
N ASP L 94 71.65 20.39 -16.25
CA ASP L 94 73.08 20.66 -16.08
C ASP L 94 73.30 22.04 -15.45
N MET L 95 72.52 23.04 -15.87
CA MET L 95 72.75 24.39 -15.41
C MET L 95 72.23 24.61 -13.99
N THR L 96 71.10 24.00 -13.63
CA THR L 96 70.42 24.30 -12.38
C THR L 96 70.57 23.19 -11.34
N LEU L 97 70.16 21.97 -11.66
CA LEU L 97 70.11 20.92 -10.64
C LEU L 97 71.50 20.42 -10.30
N TRP L 98 72.36 20.22 -11.30
CA TRP L 98 73.68 19.67 -11.03
C TRP L 98 74.50 20.54 -10.08
N PRO L 99 74.62 21.85 -10.31
CA PRO L 99 75.37 22.66 -9.32
C PRO L 99 74.76 22.63 -7.93
N ALA L 100 73.44 22.55 -7.83
CA ALA L 100 72.80 22.56 -6.52
C ALA L 100 73.28 21.37 -5.68
N VAL L 101 73.30 20.19 -6.27
CA VAL L 101 73.79 19.02 -5.54
C VAL L 101 75.29 19.09 -5.32
N ARG L 102 76.02 19.61 -6.31
CA ARG L 102 77.47 19.62 -6.23
C ARG L 102 77.96 20.47 -5.07
N GLU L 103 77.34 21.62 -4.85
CA GLU L 103 77.78 22.56 -3.82
C GLU L 103 77.27 22.21 -2.43
N SER L 104 76.49 21.14 -2.28
CA SER L 104 75.88 20.80 -1.01
C SER L 104 76.78 19.98 -0.09
N ASP L 105 77.95 19.55 -0.56
CA ASP L 105 78.83 18.70 0.22
C ASP L 105 80.22 19.33 0.26
N PRO L 106 80.88 19.39 1.42
CA PRO L 106 82.22 19.98 1.47
C PRO L 106 83.24 19.24 0.62
N PHE L 107 83.03 17.96 0.34
CA PHE L 107 83.97 17.16 -0.44
C PHE L 107 83.77 17.30 -1.94
N THR L 108 82.80 18.09 -2.37
CA THR L 108 82.58 18.32 -3.80
C THR L 108 82.32 19.78 -4.15
N ALA L 109 82.33 20.69 -3.19
CA ALA L 109 82.07 22.09 -3.48
C ALA L 109 83.16 22.64 -4.40
N VAL L 110 82.75 23.48 -5.34
CA VAL L 110 83.67 24.07 -6.30
C VAL L 110 83.61 25.59 -6.25
N THR L 111 82.43 26.14 -6.53
CA THR L 111 82.28 27.59 -6.64
C THR L 111 82.06 28.26 -5.28
N SER L 112 81.49 27.56 -4.31
CA SER L 112 81.15 28.14 -3.01
C SER L 112 82.18 27.81 -1.95
N THR L 113 83.46 27.71 -2.32
CA THR L 113 84.49 27.43 -1.34
C THR L 113 84.57 28.54 -0.29
N ALA L 114 84.53 29.80 -0.74
CA ALA L 114 84.62 30.91 0.20
C ALA L 114 83.42 30.93 1.13
N ASP L 115 82.23 30.67 0.60
CA ASP L 115 81.03 30.71 1.43
C ASP L 115 81.09 29.65 2.53
N TRP L 116 81.58 28.45 2.18
CA TRP L 116 81.66 27.37 3.17
C TRP L 116 82.52 27.78 4.36
N LEU L 117 83.66 28.42 4.09
CA LEU L 117 84.54 28.84 5.17
C LEU L 117 83.82 29.75 6.15
N GLU L 118 82.97 30.65 5.63
CA GLU L 118 82.19 31.51 6.50
C GLU L 118 81.20 30.72 7.34
N ARG L 119 80.79 29.54 6.90
CA ARG L 119 79.92 28.69 7.71
C ARG L 119 80.70 28.02 8.83
N PHE L 120 81.99 27.77 8.64
CA PHE L 120 82.84 27.18 9.66
C PHE L 120 83.47 28.23 10.57
N LYS L 121 83.22 29.51 10.33
CA LYS L 121 83.77 30.59 11.17
C LYS L 121 85.29 30.49 11.27
N TRP L 122 85.93 30.16 10.16
CA TRP L 122 87.39 30.01 10.15
C TRP L 122 88.05 31.38 10.15
N VAL L 123 89.01 31.57 11.06
CA VAL L 123 89.80 32.78 11.16
C VAL L 123 91.27 32.39 11.21
N ASN L 124 92.05 32.86 10.25
CA ASN L 124 93.47 32.57 10.21
C ASN L 124 94.22 33.49 11.17
N CYS L 125 95.21 32.92 11.85
CA CYS L 125 95.91 33.61 12.94
C CYS L 125 97.14 34.38 12.48
N PHE L 126 97.45 34.39 11.18
CA PHE L 126 98.62 35.06 10.66
C PHE L 126 98.30 36.41 10.01
N GLU L 127 97.07 36.89 10.16
CA GLU L 127 96.63 38.12 9.50
C GLU L 127 96.14 39.19 10.46
N THR L 128 96.21 38.96 11.77
CA THR L 128 95.82 39.95 12.77
C THR L 128 97.08 40.52 13.40
N SER L 129 97.18 41.85 13.44
CA SER L 129 98.37 42.48 13.99
C SER L 129 98.59 42.08 15.44
N CYS L 130 97.53 41.79 16.18
CA CYS L 130 97.64 41.36 17.56
C CYS L 130 97.59 39.84 17.64
N ARG L 131 98.59 39.21 17.03
CA ARG L 131 98.73 37.77 17.10
C ARG L 131 99.40 37.37 18.41
N SER L 132 99.23 36.10 18.77
CA SER L 132 99.83 35.59 19.99
C SER L 132 101.35 35.58 19.86
N LYS L 133 102.03 35.99 20.94
CA LYS L 133 103.48 36.03 20.93
C LYS L 133 104.10 34.65 20.83
N ALA L 134 103.37 33.60 21.20
CA ALA L 134 103.89 32.24 21.12
C ALA L 134 104.02 31.74 19.69
N LEU L 135 103.50 32.47 18.71
CA LEU L 135 103.50 32.03 17.32
C LEU L 135 104.83 32.28 16.61
N GLY L 136 105.90 32.51 17.36
CA GLY L 136 107.21 32.73 16.78
C GLY L 136 107.59 34.20 16.73
N GLU L 137 108.90 34.43 16.69
CA GLU L 137 109.41 35.81 16.67
C GLU L 137 108.95 36.54 15.40
N ILE L 138 109.02 35.87 14.26
CA ILE L 138 108.63 36.47 12.98
C ILE L 138 107.96 35.38 12.14
N THR L 139 106.70 35.62 11.78
CA THR L 139 105.96 34.65 10.98
C THR L 139 106.45 34.68 9.54
N PRO L 140 106.12 33.65 8.75
CA PRO L 140 106.63 33.61 7.37
C PRO L 140 106.17 34.76 6.50
N ILE L 141 105.11 35.47 6.87
CA ILE L 141 104.57 36.54 6.04
C ILE L 141 104.69 37.88 6.74
N GLU L 142 105.73 38.03 7.57
CA GLU L 142 106.00 39.29 8.26
C GLU L 142 107.43 39.72 7.98
N TYR L 143 107.61 41.01 7.75
CA TYR L 143 108.93 41.61 7.58
C TYR L 143 109.17 42.63 8.68
N MET L 144 110.36 42.58 9.27
CA MET L 144 110.65 43.41 10.44
C MET L 144 110.61 44.89 10.08
N THR L 145 110.06 45.68 10.99
CA THR L 145 110.03 47.13 10.89
C THR L 145 110.41 47.72 12.23
N GLU L 146 110.94 48.94 12.21
CA GLU L 146 111.40 49.57 13.45
C GLU L 146 110.31 49.58 14.50
N CYS L 147 109.06 49.76 14.09
CA CYS L 147 107.93 49.74 15.01
C CYS L 147 107.30 48.34 15.05
N GLY L 148 108.13 47.36 15.37
CA GLY L 148 107.69 45.99 15.48
C GLY L 148 107.47 45.33 14.14
N PRO L 149 107.16 44.05 14.15
CA PRO L 149 106.92 43.34 12.89
C PRO L 149 105.63 43.81 12.22
N VAL L 150 105.60 43.70 10.90
CA VAL L 150 104.44 44.05 10.10
C VAL L 150 104.20 42.95 9.08
N TYR L 151 102.94 42.57 8.90
CA TYR L 151 102.57 41.51 7.98
C TYR L 151 102.00 42.10 6.70
N VAL L 152 101.98 41.29 5.64
CA VAL L 152 101.48 41.68 4.34
C VAL L 152 100.43 40.67 3.89
N ALA L 153 99.29 41.17 3.44
CA ALA L 153 98.20 40.32 2.97
C ALA L 153 98.44 39.98 1.50
N ILE L 154 98.41 38.69 1.19
CA ILE L 154 98.70 38.20 -0.16
C ILE L 154 97.41 38.00 -0.91
N ASN L 155 97.35 38.54 -2.13
CA ASN L 155 96.21 38.32 -3.03
C ASN L 155 96.56 37.13 -3.92
N TYR L 156 96.14 35.94 -3.50
CA TYR L 156 96.48 34.74 -4.23
C TYR L 156 95.81 34.72 -5.60
N PRO L 157 96.42 34.09 -6.59
CA PRO L 157 95.74 33.87 -7.87
C PRO L 157 94.45 33.10 -7.67
N PRO L 158 93.60 33.03 -8.69
CA PRO L 158 92.33 32.31 -8.54
C PRO L 158 92.51 30.81 -8.34
N SER L 159 93.33 30.18 -9.20
CA SER L 159 93.43 28.73 -9.19
C SER L 159 93.96 28.23 -7.85
N ILE L 160 95.03 28.83 -7.34
CA ILE L 160 95.61 28.36 -6.08
C ILE L 160 94.64 28.60 -4.94
N LYS L 161 93.95 29.74 -4.94
CA LYS L 161 93.00 30.02 -3.87
C LYS L 161 91.87 29.00 -3.86
N GLN L 162 91.35 28.64 -5.04
CA GLN L 162 90.27 27.67 -5.10
C GLN L 162 90.71 26.33 -4.55
N ALA L 163 91.91 25.87 -4.93
CA ALA L 163 92.40 24.59 -4.44
C ALA L 163 92.68 24.63 -2.94
N PHE L 164 93.32 25.71 -2.48
CA PHE L 164 93.65 25.80 -1.06
C PHE L 164 92.40 25.80 -0.19
N GLU L 165 91.40 26.61 -0.57
CA GLU L 165 90.17 26.65 0.20
C GLU L 165 89.45 25.30 0.17
N SER L 166 89.45 24.64 -0.98
CA SER L 166 88.82 23.33 -1.08
C SER L 166 89.49 22.33 -0.14
N ALA L 167 90.82 22.32 -0.11
CA ALA L 167 91.52 21.40 0.78
C ALA L 167 91.22 21.71 2.24
N LEU L 168 91.20 22.98 2.60
CA LEU L 168 90.94 23.35 3.99
C LEU L 168 89.54 22.90 4.42
N ILE L 169 88.56 23.04 3.52
CA ILE L 169 87.19 22.65 3.87
C ILE L 169 87.14 21.17 4.20
N LYS L 170 87.81 20.33 3.40
CA LYS L 170 87.78 18.89 3.64
C LYS L 170 88.30 18.56 5.03
N SER L 171 89.44 19.13 5.41
CA SER L 171 90.02 18.83 6.71
C SER L 171 89.09 19.27 7.84
N LEU L 172 88.50 20.46 7.71
CA LEU L 172 87.61 20.94 8.77
C LEU L 172 86.41 20.02 8.95
N GLU L 173 85.85 19.51 7.85
CA GLU L 173 84.72 18.61 7.95
C GLU L 173 85.10 17.34 8.71
N ARG L 174 86.29 16.80 8.44
CA ARG L 174 86.73 15.59 9.13
C ARG L 174 86.88 15.85 10.62
N LEU L 175 87.44 17.00 10.99
CA LEU L 175 87.75 17.25 12.39
C LEU L 175 86.48 17.44 13.22
N SER L 176 85.42 17.97 12.61
CA SER L 176 84.18 18.19 13.36
C SER L 176 83.60 16.89 13.89
N MET L 177 83.98 15.75 13.32
CA MET L 177 83.50 14.46 13.80
C MET L 177 84.02 14.12 15.19
N GLY L 178 85.05 14.81 15.67
CA GLY L 178 85.64 14.49 16.95
C GLY L 178 86.66 13.38 16.83
N ILE L 179 87.85 13.57 17.41
CA ILE L 179 88.93 12.61 17.32
C ILE L 179 89.62 12.51 18.68
N ILE L 180 90.51 11.54 18.80
CA ILE L 180 91.38 11.39 19.96
C ILE L 180 92.74 11.94 19.57
N LYS L 181 93.25 12.90 20.35
CA LYS L 181 94.41 13.67 19.91
C LYS L 181 95.69 12.87 20.02
N ASN L 182 95.89 11.91 19.12
CA ASN L 182 97.14 11.20 18.97
C ASN L 182 97.74 11.51 17.60
N LEU L 183 99.01 11.19 17.44
CA LEU L 183 99.73 11.60 16.24
C LEU L 183 99.13 10.97 14.99
N ALA L 184 98.73 9.70 15.07
CA ALA L 184 98.19 9.02 13.90
C ALA L 184 96.92 9.68 13.41
N SER L 185 96.02 10.05 14.32
CA SER L 185 94.76 10.66 13.91
C SER L 185 94.97 12.06 13.37
N ILE L 186 95.81 12.85 14.02
CA ILE L 186 96.00 14.25 13.62
C ILE L 186 96.53 14.30 12.20
N ASN L 187 97.51 13.46 11.88
CA ASN L 187 98.07 13.46 10.53
C ASN L 187 96.99 13.21 9.49
N PHE L 188 96.04 12.34 9.80
CA PHE L 188 94.96 12.05 8.85
C PHE L 188 94.06 13.27 8.66
N VAL L 189 93.79 14.01 9.73
CA VAL L 189 92.88 15.14 9.63
C VAL L 189 93.43 16.20 8.68
N ILE L 190 94.71 16.54 8.84
CA ILE L 190 95.31 17.58 8.03
C ILE L 190 95.95 16.97 6.78
N GLU L 191 95.67 15.69 6.54
CA GLU L 191 96.22 15.03 5.36
C GLU L 191 95.83 15.72 4.06
N PRO L 192 94.58 16.16 3.87
CA PRO L 192 94.23 16.80 2.59
C PRO L 192 95.03 18.06 2.29
N LEU L 193 95.63 18.68 3.30
CA LEU L 193 96.44 19.87 3.09
C LEU L 193 97.86 19.54 2.66
N LYS L 194 98.21 18.26 2.54
CA LYS L 194 99.55 17.85 2.11
C LYS L 194 100.61 18.33 3.11
N VAL L 195 100.42 17.96 4.37
CA VAL L 195 101.34 18.31 5.44
C VAL L 195 101.33 17.18 6.46
N ARG L 196 102.49 16.93 7.07
CA ARG L 196 102.64 15.85 8.04
C ARG L 196 103.39 16.37 9.26
N VAL L 197 102.91 16.00 10.44
CA VAL L 197 103.56 16.34 11.69
C VAL L 197 104.54 15.22 12.05
N VAL L 198 105.76 15.59 12.40
CA VAL L 198 106.79 14.61 12.76
C VAL L 198 107.57 15.13 13.97
N PRO L 199 107.64 14.38 15.07
CA PRO L 199 108.41 14.85 16.22
C PRO L 199 109.90 14.83 15.93
N LEU L 200 110.63 15.60 16.73
CA LEU L 200 112.09 15.66 16.62
C LEU L 200 112.80 14.69 17.55
N ASP L 201 112.29 14.54 18.78
CA ASP L 201 112.91 13.66 19.76
C ASP L 201 112.67 12.22 19.36
N THR L 202 113.74 11.53 18.94
CA THR L 202 113.66 10.12 18.59
C THR L 202 113.90 9.19 19.76
N THR L 203 114.27 9.72 20.93
CA THR L 203 114.52 8.91 22.11
C THR L 203 113.24 8.77 22.93
N ASN L 204 113.37 8.27 24.16
CA ASN L 204 112.20 7.97 24.96
C ASN L 204 111.37 9.22 25.23
N ALA L 205 112.03 10.34 25.53
CA ALA L 205 111.32 11.58 25.83
C ALA L 205 110.46 11.40 27.07
N CYS L 206 109.48 12.27 27.26
CA CYS L 206 108.55 12.30 28.39
C CYS L 206 109.19 12.87 29.65
N GLU L 207 110.47 13.23 29.60
CA GLU L 207 111.14 13.82 30.76
C GLU L 207 111.85 15.11 30.37
N ASN L 208 112.21 15.23 29.09
CA ASN L 208 112.89 16.42 28.62
C ASN L 208 112.04 17.66 28.88
N GLU L 209 112.68 18.82 28.81
CA GLU L 209 112.03 20.08 29.17
C GLU L 209 111.06 20.57 28.11
N THR L 210 111.15 20.08 26.87
CA THR L 210 110.27 20.53 25.81
C THR L 210 110.01 19.39 24.83
N LEU L 211 108.85 19.46 24.18
CA LEU L 211 108.49 18.57 23.08
C LEU L 211 108.40 19.40 21.81
N CYS L 212 109.14 19.00 20.79
CA CYS L 212 109.25 19.76 19.56
C CYS L 212 108.71 18.95 18.38
N VAL L 213 107.98 19.63 17.50
CA VAL L 213 107.44 19.02 16.29
C VAL L 213 107.74 19.93 15.12
N THR L 214 107.77 19.34 13.92
CA THR L 214 108.03 20.09 12.70
C THR L 214 107.08 19.59 11.62
N PHE L 215 106.82 20.45 10.65
CA PHE L 215 105.89 20.17 9.57
C PHE L 215 106.67 19.87 8.29
N GLU L 216 106.33 18.76 7.63
CA GLU L 216 107.00 18.33 6.42
C GLU L 216 105.97 18.14 5.32
N LYS L 217 106.35 18.50 4.10
CA LYS L 217 105.45 18.38 2.96
C LYS L 217 105.42 16.95 2.47
N THR L 218 104.23 16.48 2.10
CA THR L 218 104.06 15.17 1.49
C THR L 218 103.96 15.23 -0.03
N SER L 219 103.62 16.39 -0.58
CA SER L 219 103.55 16.56 -2.02
C SER L 219 103.62 18.05 -2.34
N ASP L 220 103.95 18.35 -3.60
CA ASP L 220 104.06 19.72 -4.08
C ASP L 220 102.89 20.10 -4.98
N PHE L 221 101.72 19.51 -4.75
CA PHE L 221 100.57 19.76 -5.61
C PHE L 221 99.29 19.50 -4.83
N PHE L 222 98.49 20.55 -4.64
CA PHE L 222 97.12 20.35 -4.18
C PHE L 222 96.35 19.56 -5.23
N ASP L 223 95.45 18.70 -4.76
CA ASP L 223 94.53 17.99 -5.66
C ASP L 223 93.37 18.93 -5.98
N GLY L 224 93.28 19.36 -7.23
CA GLY L 224 92.30 20.36 -7.60
C GLY L 224 90.87 19.90 -7.45
N VAL L 225 89.94 20.65 -8.01
CA VAL L 225 88.51 20.35 -7.95
C VAL L 225 87.98 20.23 -9.37
N ASN L 226 87.25 19.16 -9.64
CA ASN L 226 86.72 18.91 -10.97
C ASN L 226 85.29 19.46 -11.06
N GLN L 227 85.08 20.36 -12.01
CA GLN L 227 83.75 20.94 -12.19
C GLN L 227 82.77 19.95 -12.79
N ASN L 228 83.21 19.22 -13.82
CA ASN L 228 82.32 18.29 -14.50
C ASN L 228 82.03 17.08 -13.62
N PRO L 229 80.90 16.40 -13.85
CA PRO L 229 80.58 15.21 -13.05
C PRO L 229 81.45 14.01 -13.38
N CYS L 230 82.23 14.06 -14.46
CA CYS L 230 83.10 12.96 -14.86
C CYS L 230 84.48 13.49 -15.16
N GLY L 231 85.49 12.66 -14.93
CA GLY L 231 86.87 13.02 -15.12
C GLY L 231 87.65 12.98 -13.82
N ILE L 232 88.79 13.68 -13.82
CA ILE L 232 89.65 13.74 -12.66
C ILE L 232 90.02 15.20 -12.40
N PRO L 233 90.30 15.58 -11.15
CA PRO L 233 90.70 16.96 -10.88
C PRO L 233 92.08 17.27 -11.43
N SER L 234 92.31 18.56 -11.68
CA SER L 234 93.58 19.02 -12.21
C SER L 234 94.47 19.50 -11.08
N PRO L 235 95.62 18.88 -10.83
CA PRO L 235 96.48 19.35 -9.73
C PRO L 235 97.03 20.74 -10.00
N VAL L 236 97.26 21.47 -8.91
CA VAL L 236 97.81 22.82 -8.97
C VAL L 236 98.96 22.92 -7.96
N ALA L 237 99.88 23.84 -8.24
CA ALA L 237 101.03 24.03 -7.37
C ALA L 237 100.58 24.56 -6.01
N ALA L 238 101.21 24.06 -4.95
CA ALA L 238 100.84 24.44 -3.60
C ALA L 238 101.66 25.61 -3.05
N TYR L 239 102.64 26.11 -3.81
CA TYR L 239 103.54 27.15 -3.35
C TYR L 239 103.33 28.42 -4.15
N ILE L 240 103.98 29.49 -3.69
CA ILE L 240 103.95 30.78 -4.36
C ILE L 240 105.37 31.36 -4.34
N ASP L 241 105.73 32.02 -5.44
CA ASP L 241 107.06 32.59 -5.60
C ASP L 241 107.04 34.05 -5.16
N ARG L 242 107.98 34.42 -4.30
CA ARG L 242 108.02 35.78 -3.78
C ARG L 242 108.26 36.80 -4.89
N ASP L 243 109.30 36.56 -5.70
CA ASP L 243 109.67 37.54 -6.71
C ASP L 243 108.59 37.72 -7.77
N VAL L 244 107.96 36.62 -8.18
CA VAL L 244 106.96 36.70 -9.25
C VAL L 244 105.81 37.61 -8.84
N MET L 245 105.40 37.54 -7.58
CA MET L 245 104.27 38.32 -7.10
C MET L 245 104.65 39.74 -6.69
N GLN L 246 105.93 40.10 -6.77
CA GLN L 246 106.39 41.45 -6.44
C GLN L 246 106.07 41.79 -4.98
N LEU L 247 106.63 41.00 -4.08
CA LEU L 247 106.46 41.16 -2.66
C LEU L 247 107.75 41.64 -1.99
N PRO L 248 107.68 42.13 -0.76
CA PRO L 248 108.90 42.59 -0.10
C PRO L 248 109.95 41.50 -0.02
N SER L 249 111.21 41.90 -0.20
CA SER L 249 112.29 40.92 -0.25
C SER L 249 112.53 40.22 1.08
N GLU L 250 112.07 40.81 2.19
CA GLU L 250 112.32 40.21 3.50
C GLU L 250 111.63 38.86 3.66
N LEU L 251 110.57 38.59 2.90
CA LEU L 251 109.84 37.35 3.04
C LEU L 251 110.67 36.18 2.51
N PRO L 252 110.36 34.96 2.94
CA PRO L 252 111.06 33.79 2.39
C PRO L 252 110.84 33.66 0.88
N LYS L 253 111.71 32.87 0.25
CA LYS L 253 111.64 32.71 -1.19
C LYS L 253 110.33 32.08 -1.62
N TYR L 254 109.87 31.06 -0.89
CA TYR L 254 108.65 30.34 -1.21
C TYR L 254 107.69 30.41 -0.03
N ILE L 255 106.42 30.65 -0.33
CA ILE L 255 105.38 30.79 0.68
C ILE L 255 104.35 29.68 0.45
N TRP L 256 104.10 28.89 1.49
CA TRP L 256 103.15 27.79 1.41
C TRP L 256 101.92 28.14 2.24
N PRO L 257 100.74 28.37 1.64
CA PRO L 257 99.56 28.66 2.45
C PRO L 257 99.06 27.44 3.21
N GLY L 258 99.24 26.26 2.63
CA GLY L 258 98.78 25.05 3.29
C GLY L 258 99.46 24.81 4.62
N HIS L 259 100.78 25.00 4.67
CA HIS L 259 101.52 24.76 5.90
C HIS L 259 101.06 25.70 7.01
N MET L 260 100.84 26.97 6.69
CA MET L 260 100.39 27.92 7.70
C MET L 260 99.04 27.54 8.27
N ALA L 261 98.10 27.14 7.41
CA ALA L 261 96.79 26.73 7.89
C ALA L 261 96.90 25.51 8.81
N ALA L 262 97.74 24.54 8.41
CA ALA L 262 97.92 23.36 9.25
C ALA L 262 98.49 23.72 10.61
N GLU L 263 99.43 24.66 10.64
CA GLU L 263 100.06 25.05 11.90
C GLU L 263 99.03 25.60 12.88
N CYS L 264 98.10 26.43 12.38
CA CYS L 264 97.09 27.01 13.24
C CYS L 264 96.18 25.94 13.83
N VAL L 265 95.80 24.96 13.01
CA VAL L 265 94.85 23.93 13.47
C VAL L 265 95.46 23.13 14.61
N VAL L 266 96.69 22.64 14.43
CA VAL L 266 97.30 21.78 15.45
C VAL L 266 97.53 22.56 16.73
N ARG L 267 98.03 23.79 16.62
CA ARG L 267 98.31 24.58 17.82
C ARG L 267 97.08 24.68 18.72
N SER L 268 95.90 24.88 18.12
CA SER L 268 94.69 24.94 18.91
C SER L 268 94.38 23.59 19.56
N LEU L 269 94.60 22.50 18.81
CA LEU L 269 94.26 21.16 19.33
C LEU L 269 95.08 20.84 20.57
N LEU L 270 96.39 21.09 20.51
CA LEU L 270 97.32 20.71 21.58
C LEU L 270 97.67 21.90 22.47
N SER L 271 96.72 22.81 22.69
CA SER L 271 97.00 23.98 23.51
C SER L 271 97.14 23.61 24.99
N HIS L 272 96.39 22.61 25.46
CA HIS L 272 96.41 22.27 26.88
C HIS L 272 97.75 21.69 27.32
N VAL L 273 98.57 21.22 26.39
CA VAL L 273 99.92 20.75 26.74
C VAL L 273 100.81 21.97 26.97
N SER L 274 101.51 21.99 28.10
CA SER L 274 102.22 23.17 28.55
C SER L 274 103.64 23.26 28.01
N ARG L 275 104.13 22.25 27.29
CA ARG L 275 105.49 22.24 26.78
C ARG L 275 105.50 21.80 25.31
N PHE L 276 104.62 22.40 24.52
CA PHE L 276 104.53 22.12 23.09
C PHE L 276 105.27 23.20 22.32
N CYS L 277 106.18 22.79 21.45
CA CYS L 277 107.00 23.70 20.66
C CYS L 277 106.90 23.34 19.19
N VAL L 278 107.04 24.35 18.34
CA VAL L 278 107.02 24.18 16.89
C VAL L 278 108.31 24.79 16.33
N VAL L 279 108.98 24.04 15.48
CA VAL L 279 110.24 24.47 14.85
C VAL L 279 110.04 24.33 13.34
N ARG L 280 109.61 25.40 12.70
CA ARG L 280 109.37 25.37 11.27
C ARG L 280 110.70 25.45 10.51
N THR L 281 110.82 24.63 9.47
CA THR L 281 112.03 24.54 8.68
C THR L 281 111.72 24.90 7.23
N ASP L 282 112.63 25.64 6.61
CA ASP L 282 112.42 26.06 5.23
C ASP L 282 112.36 24.86 4.30
N GLN L 283 111.43 24.91 3.35
CA GLN L 283 111.24 23.85 2.38
C GLN L 283 111.14 24.44 0.99
N THR L 284 111.60 23.69 -0.01
CA THR L 284 111.61 24.13 -1.39
C THR L 284 111.03 23.06 -2.28
N PRO L 285 110.46 23.44 -3.43
CA PRO L 285 109.93 22.44 -4.35
C PRO L 285 111.03 21.51 -4.85
N ASP L 286 110.68 20.24 -5.03
CA ASP L 286 111.64 19.25 -5.49
C ASP L 286 112.03 19.53 -6.94
N CYS M 3 -33.12 49.58 23.02
CA CYS M 3 -34.30 49.06 22.33
C CYS M 3 -34.36 49.59 20.90
N THR M 4 -34.68 48.71 19.95
CA THR M 4 -34.75 49.10 18.56
C THR M 4 -35.44 48.00 17.76
N ILE M 5 -36.34 48.41 16.87
CA ILE M 5 -37.00 47.50 15.93
C ILE M 5 -36.75 48.04 14.53
N GLN M 6 -36.34 47.16 13.61
CA GLN M 6 -35.87 47.57 12.29
C GLN M 6 -36.61 46.78 11.23
N ARG M 7 -36.30 47.10 9.97
CA ARG M 7 -36.98 46.50 8.83
C ARG M 7 -36.63 45.02 8.71
N PRO M 8 -37.60 44.12 8.71
CA PRO M 8 -37.28 42.69 8.65
C PRO M 8 -36.74 42.27 7.29
N GLU M 9 -35.98 41.18 7.30
CA GLU M 9 -35.45 40.61 6.08
C GLU M 9 -36.53 39.84 5.33
N PRO M 10 -36.31 39.56 4.04
CA PRO M 10 -37.36 38.91 3.24
C PRO M 10 -37.83 37.58 3.78
N GLN M 11 -36.91 36.62 3.93
CA GLN M 11 -37.30 35.28 4.34
C GLN M 11 -37.96 35.30 5.71
N ALA M 12 -37.39 36.05 6.65
CA ALA M 12 -37.97 36.14 7.98
C ALA M 12 -39.32 36.84 7.96
N LEU M 13 -39.67 37.51 6.86
CA LEU M 13 -40.93 38.23 6.77
C LEU M 13 -42.05 37.35 6.21
N ARG M 14 -41.79 36.63 5.12
CA ARG M 14 -42.83 35.80 4.54
C ARG M 14 -43.25 34.69 5.50
N ASP M 15 -42.29 34.06 6.18
CA ASP M 15 -42.63 32.99 7.11
C ASP M 15 -43.60 33.48 8.17
N LYS M 16 -43.47 34.74 8.59
CA LYS M 16 -44.41 35.31 9.55
C LYS M 16 -45.81 35.35 8.96
N ILE M 17 -45.92 35.73 7.68
CA ILE M 17 -47.23 35.80 7.03
C ILE M 17 -47.80 34.39 6.83
N ALA M 18 -46.97 33.47 6.35
CA ALA M 18 -47.45 32.12 6.07
C ALA M 18 -47.99 31.45 7.33
N THR M 19 -47.24 31.55 8.43
CA THR M 19 -47.70 30.93 9.68
C THR M 19 -48.97 31.60 10.18
N ARG M 20 -49.03 32.93 10.13
CA ARG M 20 -50.23 33.64 10.57
C ARG M 20 -51.43 33.26 9.72
N PHE M 21 -51.24 33.20 8.40
CA PHE M 21 -52.34 32.84 7.50
C PHE M 21 -52.80 31.42 7.75
N SER M 22 -51.85 30.49 7.92
CA SER M 22 -52.20 29.08 8.08
C SER M 22 -52.92 28.84 9.40
N THR M 23 -52.40 29.40 10.49
CA THR M 23 -52.95 29.10 11.80
C THR M 23 -54.37 29.60 11.97
N ASN M 24 -54.67 30.80 11.45
CA ASN M 24 -55.96 31.43 11.70
C ASN M 24 -57.02 31.07 10.67
N VAL M 25 -56.64 30.88 9.42
CA VAL M 25 -57.60 30.66 8.34
C VAL M 25 -57.79 29.19 8.05
N LEU M 26 -56.69 28.45 7.87
CA LEU M 26 -56.76 27.04 7.51
C LEU M 26 -56.66 26.10 8.71
N GLY M 27 -56.59 26.63 9.92
CA GLY M 27 -56.57 25.80 11.11
C GLY M 27 -55.37 24.88 11.20
N GLY M 28 -54.19 25.41 10.91
CA GLY M 28 -52.96 24.65 11.02
C GLY M 28 -52.57 23.86 9.79
N ALA M 29 -53.41 23.84 8.76
CA ALA M 29 -53.09 23.08 7.56
C ALA M 29 -51.84 23.64 6.89
N GLU M 30 -51.05 22.76 6.32
CA GLU M 30 -49.86 23.18 5.60
C GLU M 30 -50.23 23.87 4.30
N ILE M 31 -49.33 24.73 3.83
CA ILE M 31 -49.53 25.48 2.59
C ILE M 31 -48.91 24.65 1.46
N ILE M 32 -49.76 23.95 0.71
CA ILE M 32 -49.31 23.10 -0.39
C ILE M 32 -48.91 24.01 -1.55
N PRO M 33 -47.69 23.93 -2.06
CA PRO M 33 -47.30 24.82 -3.16
C PRO M 33 -48.18 24.63 -4.39
N GLU M 34 -48.38 25.74 -5.11
CA GLU M 34 -49.10 25.82 -6.38
C GLU M 34 -50.62 25.77 -6.19
N SER M 35 -51.12 25.71 -4.96
CA SER M 35 -52.54 25.82 -4.72
C SER M 35 -52.93 27.30 -4.68
N ASN M 36 -54.23 27.57 -4.53
CA ASN M 36 -54.69 28.96 -4.50
C ASN M 36 -54.13 29.69 -3.28
N GLU M 37 -54.08 29.02 -2.12
CA GLU M 37 -53.55 29.67 -0.93
C GLU M 37 -52.09 30.04 -1.11
N PHE M 38 -51.36 29.31 -1.95
CA PHE M 38 -49.96 29.65 -2.20
C PHE M 38 -49.84 31.02 -2.85
N TYR M 39 -50.72 31.31 -3.83
CA TYR M 39 -50.67 32.60 -4.49
C TYR M 39 -51.21 33.70 -3.57
N VAL M 40 -52.17 33.39 -2.72
CA VAL M 40 -52.68 34.37 -1.78
C VAL M 40 -51.57 34.79 -0.81
N VAL M 41 -50.81 33.82 -0.32
CA VAL M 41 -49.75 34.13 0.64
C VAL M 41 -48.68 35.00 -0.01
N THR M 42 -48.25 34.65 -1.22
CA THR M 42 -47.16 35.39 -1.85
C THR M 42 -47.59 36.80 -2.23
N LEU M 43 -48.83 36.97 -2.68
CA LEU M 43 -49.34 38.31 -2.95
C LEU M 43 -49.40 39.14 -1.67
N GLU M 44 -49.82 38.51 -0.56
CA GLU M 44 -49.86 39.23 0.70
C GLU M 44 -48.47 39.71 1.11
N TYR M 45 -47.46 38.84 0.95
CA TYR M 45 -46.10 39.25 1.30
C TYR M 45 -45.62 40.40 0.43
N ALA M 46 -45.91 40.35 -0.87
CA ALA M 46 -45.48 41.42 -1.76
C ALA M 46 -45.98 42.77 -1.26
N MET M 47 -47.28 42.88 -1.00
CA MET M 47 -47.83 44.12 -0.46
C MET M 47 -47.13 44.51 0.83
N GLN M 48 -46.67 43.53 1.60
CA GLN M 48 -45.98 43.84 2.84
C GLN M 48 -44.63 44.50 2.58
N GLU M 49 -43.87 43.98 1.60
CA GLU M 49 -42.53 44.48 1.38
C GLU M 49 -42.53 45.83 0.68
N GLU M 50 -43.47 46.04 -0.25
CA GLU M 50 -43.56 47.34 -0.90
C GLU M 50 -43.76 48.45 0.11
N PHE M 51 -44.46 48.15 1.20
CA PHE M 51 -44.70 49.16 2.23
C PHE M 51 -43.40 49.67 2.83
N PHE M 52 -42.54 48.75 3.28
CA PHE M 52 -41.29 49.17 3.91
C PHE M 52 -40.36 49.83 2.90
N ALA M 53 -40.28 49.29 1.69
CA ALA M 53 -39.35 49.84 0.70
C ALA M 53 -39.68 51.30 0.41
N PHE M 54 -40.96 51.61 0.20
CA PHE M 54 -41.35 52.99 -0.03
C PHE M 54 -41.09 53.85 1.20
N ALA M 55 -41.36 53.32 2.40
CA ALA M 55 -41.17 54.10 3.62
C ALA M 55 -39.72 54.51 3.78
N GLU M 56 -38.79 53.59 3.56
CA GLU M 56 -37.38 53.92 3.68
C GLU M 56 -36.97 54.94 2.63
N GLN M 57 -37.54 54.85 1.43
CA GLN M 57 -37.18 55.79 0.37
C GLN M 57 -37.55 57.21 0.74
N MET M 58 -38.74 57.41 1.31
CA MET M 58 -39.20 58.76 1.62
C MET M 58 -38.48 59.33 2.83
N TRP M 59 -38.24 58.52 3.85
CA TRP M 59 -37.57 59.03 5.04
C TRP M 59 -36.13 59.42 4.78
N ARG M 60 -35.55 59.03 3.64
CA ARG M 60 -34.22 59.51 3.29
C ARG M 60 -34.26 60.95 2.83
N GLU M 61 -35.31 61.32 2.08
CA GLU M 61 -35.38 62.66 1.52
C GLU M 61 -35.41 63.73 2.62
N GLN M 62 -36.00 63.41 3.77
CA GLN M 62 -36.02 64.37 4.87
C GLN M 62 -34.64 64.65 5.44
N ASP M 63 -33.64 63.83 5.10
CA ASP M 63 -32.29 64.03 5.60
C ASP M 63 -31.51 64.93 4.65
N PRO M 64 -31.06 66.11 5.08
CA PRO M 64 -30.35 67.00 4.14
C PRO M 64 -29.09 66.40 3.56
N ARG M 65 -28.43 65.49 4.28
CA ARG M 65 -27.18 64.92 3.80
C ARG M 65 -27.36 63.98 2.62
N TYR M 66 -28.60 63.62 2.27
CA TYR M 66 -28.84 62.73 1.15
C TYR M 66 -29.96 63.20 0.23
N ALA M 67 -30.67 64.26 0.57
CA ALA M 67 -31.80 64.70 -0.23
C ALA M 67 -31.34 65.14 -1.61
N CYS M 68 -32.20 64.91 -2.61
CA CYS M 68 -31.91 65.36 -3.96
C CYS M 68 -31.79 66.88 -4.00
N CYS M 69 -31.21 67.38 -5.10
CA CYS M 69 -30.93 68.81 -5.20
C CYS M 69 -32.20 69.64 -5.10
N GLU M 70 -33.25 69.27 -5.84
CA GLU M 70 -34.47 70.06 -5.85
C GLU M 70 -35.15 70.07 -4.49
N ASN M 71 -34.93 69.03 -3.68
CA ASN M 71 -35.49 68.98 -2.34
C ASN M 71 -34.58 69.63 -1.30
N LEU M 72 -33.35 69.98 -1.67
CA LEU M 72 -32.44 70.66 -0.76
C LEU M 72 -32.62 72.17 -0.80
N VAL M 73 -32.90 72.74 -1.97
CA VAL M 73 -33.22 74.16 -2.03
C VAL M 73 -34.48 74.43 -1.22
N LYS M 74 -35.47 73.55 -1.33
CA LYS M 74 -36.57 73.54 -0.38
C LYS M 74 -36.06 72.99 0.96
N MET M 75 -36.84 73.23 2.01
CA MET M 75 -36.43 72.99 3.40
C MET M 75 -35.05 73.61 3.69
N ALA M 76 -34.64 74.56 2.86
CA ALA M 76 -33.46 75.37 3.12
C ALA M 76 -33.84 76.84 2.97
N ALA M 77 -34.73 77.11 2.01
CA ALA M 77 -35.34 78.43 1.92
C ALA M 77 -36.37 78.63 3.02
N ARG M 78 -36.93 77.54 3.55
CA ARG M 78 -37.86 77.64 4.67
C ARG M 78 -37.16 78.26 5.88
N ARG M 79 -35.93 77.83 6.15
CA ARG M 79 -35.19 78.28 7.32
C ARG M 79 -34.34 79.51 7.04
N GLY M 80 -34.39 80.06 5.83
CA GLY M 80 -33.69 81.29 5.53
C GLY M 80 -32.26 81.10 5.07
N VAL M 81 -32.03 80.12 4.21
CA VAL M 81 -30.73 79.89 3.60
C VAL M 81 -30.93 79.70 2.11
N TYR M 82 -30.24 80.51 1.31
CA TYR M 82 -30.41 80.50 -0.14
C TYR M 82 -29.05 80.32 -0.81
N PRO M 83 -29.04 79.80 -2.04
CA PRO M 83 -27.78 79.75 -2.80
C PRO M 83 -27.27 81.16 -3.08
N LYS M 84 -26.08 81.22 -3.65
CA LYS M 84 -25.40 82.48 -3.94
C LYS M 84 -25.23 82.64 -5.44
N PRO M 85 -25.73 83.72 -6.06
CA PRO M 85 -25.52 83.92 -7.49
C PRO M 85 -24.19 84.58 -7.78
N ALA M 86 -23.90 84.82 -9.06
CA ALA M 86 -22.65 85.47 -9.43
C ALA M 86 -22.57 86.87 -8.84
N GLN M 87 -21.40 87.22 -8.32
CA GLN M 87 -21.21 88.51 -7.68
C GLN M 87 -20.67 89.52 -8.69
N PHE M 88 -20.45 90.75 -8.24
CA PHE M 88 -19.94 91.84 -9.06
C PHE M 88 -18.64 92.38 -8.48
N ALA M 89 -17.74 92.80 -9.36
CA ALA M 89 -16.52 93.43 -8.94
C ALA M 89 -16.74 94.92 -8.69
N GLN M 90 -15.95 95.49 -7.79
CA GLN M 90 -16.09 96.89 -7.41
C GLN M 90 -14.72 97.56 -7.38
N GLY M 91 -14.74 98.88 -7.28
CA GLY M 91 -13.51 99.65 -7.26
C GLY M 91 -13.82 101.12 -7.10
N TYR M 92 -12.75 101.91 -7.05
CA TYR M 92 -12.85 103.35 -6.87
C TYR M 92 -12.20 104.06 -8.06
N VAL M 93 -12.78 105.20 -8.44
CA VAL M 93 -12.30 106.00 -9.56
C VAL M 93 -12.22 107.45 -9.13
N ARG M 94 -11.57 108.26 -9.97
CA ARG M 94 -11.38 109.67 -9.71
C ARG M 94 -11.58 110.45 -11.00
N MET M 95 -12.34 111.54 -10.92
CA MET M 95 -12.62 112.38 -12.08
C MET M 95 -12.47 113.84 -11.71
N THR M 96 -12.04 114.64 -12.67
CA THR M 96 -11.78 116.07 -12.45
C THR M 96 -12.35 116.86 -13.62
N GLY M 97 -12.59 118.14 -13.37
CA GLY M 97 -13.13 119.00 -14.40
C GLY M 97 -13.34 120.41 -13.88
N VAL M 98 -14.13 121.17 -14.62
CA VAL M 98 -14.43 122.56 -14.26
C VAL M 98 -15.43 122.56 -13.10
N PRO M 99 -15.12 123.20 -11.98
CA PRO M 99 -16.07 123.19 -10.85
C PRO M 99 -17.41 123.80 -11.24
N GLY M 100 -18.48 123.27 -10.65
CA GLY M 100 -19.81 123.76 -10.87
C GLY M 100 -20.55 123.11 -12.02
N SER M 101 -19.89 122.26 -12.80
CA SER M 101 -20.56 121.60 -13.91
C SER M 101 -21.65 120.66 -13.40
N ALA M 102 -22.75 120.58 -14.15
CA ALA M 102 -23.87 119.73 -13.77
C ALA M 102 -23.51 118.27 -14.02
N LEU M 103 -23.74 117.42 -13.03
CA LEU M 103 -23.44 116.01 -13.12
C LEU M 103 -24.70 115.21 -13.44
N ASN M 104 -24.52 113.91 -13.67
CA ASN M 104 -25.62 113.02 -14.02
C ASN M 104 -25.48 111.72 -13.24
N GLN M 105 -26.61 111.05 -13.04
CA GLN M 105 -26.67 109.82 -12.27
C GLN M 105 -26.47 108.58 -13.14
N ASN M 106 -26.20 108.75 -14.43
CA ASN M 106 -26.03 107.64 -15.37
C ASN M 106 -24.62 107.61 -15.94
N LEU M 107 -23.63 107.96 -15.13
CA LEU M 107 -22.25 107.90 -15.56
C LEU M 107 -21.83 106.46 -15.84
N ARG M 108 -21.00 106.29 -16.86
CA ARG M 108 -20.45 104.99 -17.21
C ARG M 108 -18.98 105.15 -17.57
N PHE M 109 -18.18 104.14 -17.22
CA PHE M 109 -16.75 104.17 -17.44
C PHE M 109 -16.32 102.93 -18.19
N GLN M 110 -15.37 103.09 -19.11
CA GLN M 110 -14.84 102.01 -19.94
C GLN M 110 -13.33 102.01 -19.77
N PHE M 111 -12.80 101.04 -19.02
CA PHE M 111 -11.37 101.00 -18.72
C PHE M 111 -10.60 100.22 -19.79
N GLU M 112 -10.88 98.91 -19.91
CA GLU M 112 -10.30 98.11 -20.99
C GLU M 112 -11.25 96.95 -21.25
N ASN M 113 -12.05 97.07 -22.31
CA ASN M 113 -13.03 96.07 -22.69
C ASN M 113 -14.05 95.78 -21.60
N GLN M 114 -14.08 96.60 -20.55
CA GLN M 114 -15.00 96.40 -19.43
C GLN M 114 -15.71 97.70 -19.14
N THR M 115 -17.00 97.61 -18.86
CA THR M 115 -17.84 98.77 -18.56
C THR M 115 -18.23 98.77 -17.09
N TYR M 116 -18.05 99.91 -16.43
CA TYR M 116 -18.36 100.06 -15.02
C TYR M 116 -19.37 101.19 -14.84
N GLU M 117 -20.31 100.98 -13.92
CA GLU M 117 -21.36 101.94 -13.65
C GLU M 117 -21.26 102.46 -12.22
N ALA M 118 -21.65 103.71 -12.04
CA ALA M 118 -21.58 104.32 -10.71
C ALA M 118 -22.48 103.58 -9.75
N ALA M 119 -21.96 103.33 -8.54
CA ALA M 119 -22.70 102.60 -7.52
C ALA M 119 -23.16 103.46 -6.36
N SER M 120 -22.53 104.62 -6.14
CA SER M 120 -22.93 105.55 -5.09
C SER M 120 -23.73 106.70 -5.69
N VAL M 121 -24.24 107.55 -4.80
CA VAL M 121 -25.03 108.71 -5.21
C VAL M 121 -24.07 109.82 -5.63
N VAL M 122 -24.11 110.18 -6.91
CA VAL M 122 -23.23 111.23 -7.42
C VAL M 122 -23.78 112.59 -7.00
N PRO M 123 -22.95 113.52 -6.54
CA PRO M 123 -23.45 114.85 -6.19
C PRO M 123 -24.04 115.56 -7.40
N ASP M 124 -24.93 116.51 -7.12
CA ASP M 124 -25.58 117.25 -8.20
C ASP M 124 -24.57 118.04 -9.03
N GLN M 125 -23.60 118.68 -8.37
CA GLN M 125 -22.59 119.47 -9.04
C GLN M 125 -21.21 119.08 -8.53
N LEU M 126 -20.21 119.31 -9.37
CA LEU M 126 -18.84 118.96 -9.01
C LEU M 126 -18.39 119.80 -7.81
N PRO M 127 -17.58 119.23 -6.91
CA PRO M 127 -17.10 120.00 -5.77
C PRO M 127 -16.27 121.19 -6.20
N ALA M 128 -16.05 122.12 -5.26
CA ALA M 128 -15.27 123.31 -5.55
C ALA M 128 -13.84 122.96 -5.92
N THR M 129 -13.23 122.01 -5.21
CA THR M 129 -11.86 121.64 -5.47
C THR M 129 -11.65 120.95 -6.81
N GLY M 130 -12.73 120.55 -7.48
CA GLY M 130 -12.61 119.94 -8.79
C GLY M 130 -12.14 118.51 -8.80
N VAL M 131 -12.28 117.79 -7.69
CA VAL M 131 -11.92 116.39 -7.61
C VAL M 131 -13.08 115.63 -6.99
N LEU M 132 -13.42 114.47 -7.57
CA LEU M 132 -14.50 113.64 -7.08
C LEU M 132 -14.08 112.18 -7.17
N VAL M 133 -14.42 111.42 -6.13
CA VAL M 133 -14.14 109.99 -6.06
C VAL M 133 -15.45 109.25 -5.89
N LEU M 134 -15.68 108.26 -6.75
CA LEU M 134 -16.91 107.48 -6.75
C LEU M 134 -16.59 106.03 -6.40
N ARG M 135 -17.64 105.21 -6.35
CA ARG M 135 -17.52 103.76 -6.22
C ARG M 135 -18.27 103.14 -7.37
N VAL M 136 -17.60 102.27 -8.12
CA VAL M 136 -18.15 101.71 -9.34
C VAL M 136 -18.11 100.20 -9.26
N SER M 137 -19.04 99.55 -9.97
CA SER M 137 -19.13 98.11 -10.04
C SER M 137 -19.29 97.68 -11.49
N ALA M 138 -18.73 96.53 -11.82
CA ALA M 138 -18.78 96.03 -13.20
C ALA M 138 -20.22 95.76 -13.61
N VAL M 139 -20.47 95.85 -14.91
CA VAL M 139 -21.82 95.60 -15.42
C VAL M 139 -22.06 94.12 -15.69
N THR M 140 -21.00 93.35 -15.97
CA THR M 140 -21.13 91.92 -16.23
C THR M 140 -20.55 91.15 -15.06
N PRO M 141 -21.35 90.43 -14.28
CA PRO M 141 -20.81 89.72 -13.12
C PRO M 141 -19.87 88.60 -13.54
N GLY M 142 -18.90 88.31 -12.68
CA GLY M 142 -17.98 87.23 -12.91
C GLY M 142 -16.56 87.58 -12.50
N PRO M 143 -15.68 86.57 -12.46
CA PRO M 143 -14.28 86.83 -12.09
C PRO M 143 -13.55 87.69 -13.09
N SER M 144 -14.05 87.82 -14.32
CA SER M 144 -13.35 88.58 -15.34
C SER M 144 -13.30 90.08 -15.04
N GLY M 145 -14.06 90.55 -14.06
CA GLY M 145 -14.07 91.94 -13.69
C GLY M 145 -13.01 92.34 -12.68
N ASN M 146 -12.00 91.49 -12.46
CA ASN M 146 -10.93 91.77 -11.51
C ASN M 146 -9.65 92.19 -12.22
N ILE M 147 -9.75 92.77 -13.41
CA ILE M 147 -8.55 93.20 -14.12
C ILE M 147 -7.86 94.30 -13.32
N ARG M 148 -6.59 94.54 -13.65
CA ARG M 148 -5.76 95.52 -12.96
C ARG M 148 -5.24 96.51 -14.00
N VAL M 149 -6.01 97.57 -14.25
CA VAL M 149 -5.61 98.65 -15.14
C VAL M 149 -5.78 99.96 -14.38
N THR M 150 -5.01 100.97 -14.81
CA THR M 150 -4.97 102.25 -14.11
C THR M 150 -5.57 103.41 -14.88
N GLU M 151 -5.74 103.28 -16.20
CA GLU M 151 -6.24 104.36 -17.02
C GLU M 151 -7.50 103.94 -17.75
N GLY M 152 -8.50 104.82 -17.75
CA GLY M 152 -9.76 104.59 -18.43
C GLY M 152 -10.35 105.91 -18.87
N SER M 153 -11.45 105.81 -19.62
CA SER M 153 -12.11 106.98 -20.19
C SER M 153 -13.61 106.91 -19.94
N LEU M 154 -14.23 108.08 -19.84
CA LEU M 154 -15.67 108.15 -19.70
C LEU M 154 -16.35 107.66 -20.97
N VAL M 155 -17.40 106.86 -20.81
CA VAL M 155 -18.04 106.23 -21.96
C VAL M 155 -18.66 107.28 -22.87
N THR M 156 -19.39 108.24 -22.29
CA THR M 156 -20.03 109.29 -23.05
C THR M 156 -19.55 110.65 -22.56
N PRO M 157 -19.22 111.57 -23.46
CA PRO M 157 -18.70 112.88 -23.01
C PRO M 157 -19.75 113.65 -22.24
N VAL M 158 -19.27 114.45 -21.28
CA VAL M 158 -20.13 115.32 -20.49
C VAL M 158 -19.51 116.72 -20.49
N PRO M 159 -20.29 117.77 -20.69
CA PRO M 159 -19.70 119.12 -20.72
C PRO M 159 -18.99 119.46 -19.41
N GLY M 160 -17.84 120.10 -19.52
CA GLY M 160 -17.12 120.59 -18.37
C GLY M 160 -16.36 119.55 -17.59
N ILE M 161 -16.33 118.29 -18.04
CA ILE M 161 -15.65 117.21 -17.34
C ILE M 161 -14.72 116.51 -18.32
N SER M 162 -13.48 116.27 -17.89
CA SER M 162 -12.50 115.64 -18.76
C SER M 162 -12.95 114.22 -19.12
N SER M 163 -12.45 113.74 -20.26
CA SER M 163 -12.78 112.42 -20.77
C SER M 163 -11.81 111.35 -20.27
N ALA M 164 -10.88 111.71 -19.39
CA ALA M 164 -9.91 110.77 -18.85
C ALA M 164 -10.11 110.64 -17.34
N VAL M 165 -10.16 109.39 -16.86
CA VAL M 165 -10.33 109.11 -15.44
C VAL M 165 -9.30 108.06 -15.04
N THR M 166 -9.06 107.97 -13.73
CA THR M 166 -8.08 107.05 -13.18
C THR M 166 -8.72 106.27 -12.03
N ALA M 167 -8.25 105.04 -11.86
CA ALA M 167 -8.69 104.17 -10.77
C ALA M 167 -7.58 104.07 -9.73
N TYR M 168 -7.94 104.25 -8.47
CA TYR M 168 -6.95 104.24 -7.39
C TYR M 168 -6.26 102.89 -7.32
N GLY M 169 -4.98 102.85 -7.69
CA GLY M 169 -4.21 101.63 -7.61
C GLY M 169 -4.62 100.55 -8.59
N GLY M 170 -5.54 100.84 -9.51
CA GLY M 170 -5.98 99.84 -10.46
C GLY M 170 -6.50 98.58 -9.82
N ASN M 171 -7.14 98.70 -8.67
CA ASN M 171 -7.64 97.55 -7.92
C ASN M 171 -9.12 97.35 -8.21
N PHE M 172 -9.49 96.13 -8.58
CA PHE M 172 -10.90 95.75 -8.76
C PHE M 172 -11.06 94.35 -8.19
N CYS M 173 -11.83 94.22 -7.11
CA CYS M 173 -11.99 92.96 -6.41
C CYS M 173 -13.46 92.73 -6.08
N GLY M 174 -13.83 91.46 -5.94
CA GLY M 174 -15.17 91.09 -5.58
C GLY M 174 -15.78 90.06 -6.51
N GLY M 175 -15.28 89.99 -7.74
CA GLY M 175 -15.87 89.09 -8.71
C GLY M 175 -15.78 87.64 -8.28
N ASP M 176 -16.81 86.87 -8.65
CA ASP M 176 -16.87 85.45 -8.33
C ASP M 176 -18.00 84.84 -9.15
N ASP M 177 -18.01 83.51 -9.21
CA ASP M 177 -19.00 82.77 -9.96
C ASP M 177 -20.08 82.22 -9.02
N ALA M 178 -21.07 81.55 -9.60
CA ALA M 178 -22.16 80.99 -8.83
C ALA M 178 -21.74 79.68 -8.17
N GLU M 179 -22.56 79.25 -7.20
CA GLU M 179 -22.31 78.00 -6.48
C GLU M 179 -22.97 76.83 -7.19
N GLU M 180 -22.44 75.63 -6.93
CA GLU M 180 -23.02 74.40 -7.44
C GLU M 180 -23.81 73.72 -6.31
N CYS M 181 -24.35 72.54 -6.61
CA CYS M 181 -25.15 71.83 -5.61
C CYS M 181 -24.30 71.37 -4.45
N GLU M 182 -23.19 70.70 -4.72
CA GLU M 182 -22.38 70.12 -3.64
C GLU M 182 -21.84 71.17 -2.70
N PRO M 183 -21.19 72.24 -3.16
CA PRO M 183 -20.75 73.28 -2.22
C PRO M 183 -21.87 73.89 -1.42
N PHE M 184 -23.10 73.94 -1.96
CA PHE M 184 -24.22 74.48 -1.21
C PHE M 184 -24.69 73.51 -0.12
N ARG M 185 -24.63 72.21 -0.38
CA ARG M 185 -25.02 71.24 0.64
C ARG M 185 -24.17 71.44 1.89
N THR M 186 -22.86 71.58 1.72
CA THR M 186 -22.03 72.10 2.79
C THR M 186 -22.31 73.58 2.97
N ARG M 187 -21.98 74.09 4.15
CA ARG M 187 -22.26 75.47 4.53
C ARG M 187 -23.72 75.66 4.87
N TYR M 188 -24.56 74.65 4.62
CA TYR M 188 -25.93 74.64 5.12
C TYR M 188 -26.06 73.73 6.33
N LEU M 189 -25.73 72.46 6.17
CA LEU M 189 -25.66 71.55 7.31
C LEU M 189 -24.51 71.88 8.22
N GLN M 190 -23.61 72.75 7.76
CA GLN M 190 -22.61 73.38 8.61
C GLN M 190 -23.15 74.59 9.34
N ARG M 191 -24.05 75.35 8.71
CA ARG M 191 -24.71 76.46 9.39
C ARG M 191 -25.64 75.98 10.48
N LEU M 192 -26.12 74.73 10.40
CA LEU M 192 -26.99 74.19 11.43
C LEU M 192 -26.27 74.07 12.77
N GLN M 193 -24.94 74.12 12.78
CA GLN M 193 -24.15 73.95 13.99
C GLN M 193 -23.50 75.26 14.42
N TYR M 194 -24.11 76.39 14.08
CA TYR M 194 -23.51 77.70 14.32
C TYR M 194 -24.55 78.63 14.91
N GLU M 195 -24.06 79.64 15.64
CA GLU M 195 -24.92 80.64 16.25
C GLU M 195 -24.15 81.95 16.42
N PRO M 196 -24.52 83.02 15.70
CA PRO M 196 -23.83 84.31 15.89
C PRO M 196 -24.12 84.89 17.25
N ARG M 197 -23.19 85.73 17.73
CA ARG M 197 -23.28 86.27 19.08
C ARG M 197 -22.91 87.74 19.20
N LEU M 198 -22.61 88.44 18.10
CA LEU M 198 -22.26 89.85 18.12
C LEU M 198 -20.94 90.11 18.83
N THR M 199 -20.10 89.10 19.01
CA THR M 199 -18.80 89.32 19.62
C THR M 199 -17.99 90.28 18.76
N VAL M 200 -17.18 91.11 19.43
CA VAL M 200 -16.45 92.17 18.72
C VAL M 200 -15.69 91.60 17.53
N GLU M 201 -15.26 90.34 17.60
CA GLU M 201 -14.62 89.73 16.46
C GLU M 201 -15.57 89.65 15.27
N TRP M 202 -16.85 89.34 15.53
CA TRP M 202 -17.83 89.26 14.45
C TRP M 202 -17.99 90.62 13.77
N LEU M 203 -18.13 91.68 14.56
CA LEU M 203 -18.25 93.02 13.97
C LEU M 203 -16.99 93.39 13.22
N LYS M 204 -15.82 93.10 13.80
CA LYS M 204 -14.57 93.42 13.13
C LYS M 204 -14.45 92.67 11.81
N SER M 205 -14.83 91.39 11.80
CA SER M 205 -14.77 90.62 10.56
C SER M 205 -15.79 91.12 9.54
N LYS M 206 -16.91 91.66 10.00
CA LYS M 206 -17.93 92.12 9.08
C LYS M 206 -17.43 93.28 8.21
N ALA M 207 -16.70 94.21 8.83
CA ALA M 207 -16.20 95.36 8.07
C ALA M 207 -15.24 94.94 6.98
N MET M 208 -14.57 93.80 7.15
CA MET M 208 -13.60 93.33 6.16
C MET M 208 -14.26 92.95 4.84
N GLU M 209 -15.58 92.80 4.80
CA GLU M 209 -16.25 92.44 3.56
C GLU M 209 -16.38 93.62 2.59
N TRP M 210 -16.15 94.84 3.06
CA TRP M 210 -16.18 95.99 2.17
C TRP M 210 -15.03 95.90 1.16
N PRO M 211 -15.25 96.35 -0.08
CA PRO M 211 -14.21 96.19 -1.10
C PRO M 211 -12.91 96.89 -0.73
N CYS M 212 -11.79 96.25 -1.09
CA CYS M 212 -10.46 96.86 -1.00
C CYS M 212 -10.10 97.25 0.43
N VAL M 213 -10.60 96.53 1.42
CA VAL M 213 -10.24 96.75 2.81
C VAL M 213 -9.28 95.65 3.24
N THR M 214 -8.18 96.04 3.88
CA THR M 214 -7.10 95.12 4.20
C THR M 214 -6.98 94.85 5.70
N ASP M 215 -6.93 95.89 6.52
CA ASP M 215 -6.76 95.75 7.96
C ASP M 215 -7.87 96.50 8.68
N VAL M 216 -7.95 96.25 9.99
CA VAL M 216 -8.94 96.90 10.84
C VAL M 216 -8.45 96.82 12.29
N PHE M 217 -8.50 97.94 13.01
CA PHE M 217 -7.98 98.00 14.37
C PHE M 217 -8.93 98.80 15.25
N ASP M 218 -8.88 98.53 16.55
CA ASP M 218 -9.57 99.33 17.52
C ASP M 218 -8.83 100.65 17.73
N LEU M 219 -9.51 101.60 18.37
CA LEU M 219 -8.89 102.88 18.67
C LEU M 219 -7.63 102.65 19.50
N GLY M 220 -6.56 103.36 19.14
CA GLY M 220 -5.28 103.13 19.76
C GLY M 220 -5.24 103.60 21.20
N PRO M 221 -4.11 103.34 21.86
CA PRO M 221 -3.98 103.73 23.28
C PRO M 221 -4.14 105.22 23.49
N ASN M 222 -3.76 106.06 22.53
CA ASN M 222 -3.77 107.50 22.68
C ASN M 222 -5.14 108.13 22.40
N CYS M 223 -6.22 107.35 22.43
CA CYS M 223 -7.55 107.84 22.18
C CYS M 223 -8.42 107.62 23.41
N CYS M 224 -9.08 108.67 23.88
CA CYS M 224 -10.01 108.60 25.00
C CYS M 224 -11.41 108.45 24.43
N SER M 225 -11.93 107.22 24.45
CA SER M 225 -13.20 106.92 23.81
C SER M 225 -14.36 107.32 24.72
N VAL M 226 -15.57 107.28 24.14
CA VAL M 226 -16.81 107.48 24.87
C VAL M 226 -17.69 106.26 24.64
N ASN M 227 -18.19 105.67 25.72
CA ASN M 227 -18.95 104.43 25.65
C ASN M 227 -20.42 104.58 26.01
N ALA M 228 -20.80 105.66 26.71
CA ALA M 228 -22.18 105.81 27.13
C ALA M 228 -23.05 106.31 25.98
N LEU M 229 -22.75 107.50 25.46
CA LEU M 229 -23.54 108.12 24.40
C LEU M 229 -25.02 108.15 24.77
N GLY M 230 -25.28 108.52 26.02
CA GLY M 230 -26.63 108.59 26.54
C GLY M 230 -26.63 108.37 28.02
N GLU M 231 -27.84 108.30 28.58
CA GLU M 231 -28.03 108.02 30.00
C GLU M 231 -28.30 106.54 30.21
N VAL M 232 -27.31 105.72 29.87
CA VAL M 232 -27.40 104.27 29.97
C VAL M 232 -26.42 103.80 31.03
N GLU M 233 -26.68 102.60 31.55
CA GLU M 233 -25.92 102.10 32.70
C GLU M 233 -24.50 101.68 32.33
N CYS M 234 -24.31 101.00 31.21
CA CYS M 234 -23.00 100.46 30.87
C CYS M 234 -22.85 100.46 29.36
N PRO M 235 -21.64 100.13 28.83
CA PRO M 235 -21.28 100.52 27.46
C PRO M 235 -22.37 100.37 26.40
N ASN M 236 -22.38 101.30 25.45
CA ASN M 236 -23.36 101.32 24.38
C ASN M 236 -22.78 101.61 22.99
N ASN M 237 -21.53 102.09 22.89
CA ASN M 237 -20.99 102.59 21.64
C ASN M 237 -19.65 101.93 21.33
N ILE M 238 -19.33 101.83 20.04
CA ILE M 238 -18.09 101.20 19.59
C ILE M 238 -17.65 101.88 18.30
N GLU M 239 -16.34 102.11 18.18
CA GLU M 239 -15.76 102.70 16.97
C GLU M 239 -14.40 102.09 16.71
N PHE M 240 -13.99 102.10 15.44
CA PHE M 240 -12.74 101.48 15.03
C PHE M 240 -12.32 102.01 13.68
N TYR M 241 -11.03 101.81 13.37
CA TYR M 241 -10.41 102.36 12.17
C TYR M 241 -10.49 101.36 11.01
N VAL M 242 -9.94 101.76 9.85
CA VAL M 242 -9.85 100.88 8.68
C VAL M 242 -8.63 101.31 7.88
N LEU M 243 -8.14 100.40 7.04
CA LEU M 243 -7.00 100.68 6.17
C LEU M 243 -7.29 100.13 4.77
N PHE M 244 -6.65 100.74 3.78
CA PHE M 244 -6.77 100.39 2.37
C PHE M 244 -5.40 100.24 1.74
N ARG M 245 -4.54 99.44 2.39
CA ARG M 245 -3.11 99.47 2.09
C ARG M 245 -2.83 99.32 0.60
N ASP M 246 -3.57 98.46 -0.09
CA ASP M 246 -3.24 98.15 -1.47
C ASP M 246 -3.84 99.12 -2.48
N THR M 247 -4.67 100.06 -2.05
CA THR M 247 -5.37 100.96 -2.97
C THR M 247 -4.93 102.41 -2.83
N PHE M 248 -5.03 102.98 -1.63
CA PHE M 248 -4.70 104.38 -1.40
C PHE M 248 -3.30 104.53 -0.85
N ASP M 249 -2.71 105.70 -1.09
CA ASP M 249 -1.38 105.98 -0.55
C ASP M 249 -1.40 105.89 0.97
N CYS M 250 -0.45 105.16 1.53
CA CYS M 250 -0.35 104.91 2.96
C CYS M 250 -1.54 104.14 3.52
N GLY M 251 -2.42 103.64 2.65
CA GLY M 251 -3.57 102.89 3.11
C GLY M 251 -4.66 103.71 3.76
N LEU M 252 -4.61 105.04 3.64
CA LEU M 252 -5.59 105.92 4.25
C LEU M 252 -6.54 106.44 3.19
N ALA M 253 -7.85 106.36 3.47
CA ALA M 253 -8.87 106.77 2.52
C ALA M 253 -9.49 108.09 2.93
N PRO M 254 -10.01 108.86 1.98
CA PRO M 254 -10.66 110.13 2.33
C PRO M 254 -11.98 109.90 3.05
N GLN M 255 -12.43 110.94 3.73
CA GLN M 255 -13.65 110.82 4.52
C GLN M 255 -14.85 110.43 3.67
N CYS M 256 -14.80 110.72 2.37
CA CYS M 256 -15.94 110.42 1.51
C CYS M 256 -16.28 108.93 1.50
N VAL M 257 -15.29 108.07 1.76
CA VAL M 257 -15.50 106.63 1.69
C VAL M 257 -15.93 106.05 3.02
N VAL M 258 -15.22 106.37 4.11
CA VAL M 258 -15.54 105.79 5.40
C VAL M 258 -16.95 106.17 5.83
N ASP M 259 -17.46 107.30 5.37
CA ASP M 259 -18.83 107.68 5.68
C ASP M 259 -19.81 106.64 5.14
N GLU M 260 -19.56 106.15 3.93
CA GLU M 260 -20.42 105.13 3.35
C GLU M 260 -20.41 103.86 4.17
N ILE M 261 -19.22 103.45 4.64
CA ILE M 261 -19.12 102.22 5.42
C ILE M 261 -19.90 102.35 6.72
N THR M 262 -19.81 103.50 7.38
CA THR M 262 -20.49 103.68 8.65
C THR M 262 -22.00 103.53 8.49
N ASP M 263 -22.55 104.11 7.42
CA ASP M 263 -23.98 104.04 7.21
C ASP M 263 -24.44 102.60 6.99
N TRP M 264 -23.69 101.84 6.18
CA TRP M 264 -24.10 100.47 5.89
C TRP M 264 -24.01 99.58 7.12
N LEU M 265 -22.87 99.64 7.82
CA LEU M 265 -22.65 98.72 8.93
C LEU M 265 -23.60 99.01 10.09
N PHE M 266 -23.69 100.27 10.51
CA PHE M 266 -24.48 100.64 11.67
C PHE M 266 -25.85 101.18 11.30
N GLY M 267 -26.16 101.31 10.01
CA GLY M 267 -27.46 101.75 9.58
C GLY M 267 -27.62 103.26 9.64
N SER M 268 -28.74 103.73 9.08
CA SER M 268 -29.06 105.14 9.07
C SER M 268 -30.58 105.31 9.03
N PRO M 269 -31.20 105.84 10.10
CA PRO M 269 -30.60 106.39 11.32
C PRO M 269 -29.97 105.34 12.22
N GLN M 270 -29.00 105.77 13.04
CA GLN M 270 -28.32 104.88 13.95
C GLN M 270 -29.13 104.72 15.24
N GLY M 271 -28.78 103.67 15.99
CA GLY M 271 -29.43 103.39 17.25
C GLY M 271 -30.73 102.62 17.16
N LEU M 272 -31.18 102.27 15.95
CA LEU M 272 -32.41 101.51 15.76
C LEU M 272 -32.17 100.22 14.98
N GLY M 273 -30.92 99.79 14.87
CA GLY M 273 -30.62 98.52 14.22
C GLY M 273 -31.06 98.46 12.78
N GLN M 274 -30.93 99.58 12.05
CA GLN M 274 -31.28 99.57 10.63
C GLN M 274 -30.25 98.87 9.78
N GLY M 275 -29.00 98.82 10.24
CA GLY M 275 -27.91 98.21 9.52
C GLY M 275 -27.65 96.79 9.96
N GLU M 276 -26.38 96.38 9.87
CA GLU M 276 -25.97 95.04 10.24
C GLU M 276 -25.65 94.89 11.73
N ALA M 277 -25.77 95.96 12.50
CA ALA M 277 -25.45 95.94 13.93
C ALA M 277 -26.70 95.66 14.75
N GLU M 278 -26.47 95.30 16.01
CA GLU M 278 -27.57 94.96 16.90
C GLU M 278 -28.44 96.18 17.16
N PHE M 279 -29.71 95.93 17.45
CA PHE M 279 -30.63 97.00 17.80
C PHE M 279 -30.14 97.70 19.07
N GLY M 280 -30.23 99.03 19.06
CA GLY M 280 -29.82 99.80 20.22
C GLY M 280 -28.33 99.99 20.37
N ILE M 281 -27.55 99.71 19.33
CA ILE M 281 -26.10 99.88 19.36
C ILE M 281 -25.71 100.89 18.30
N CYS M 282 -24.93 101.88 18.69
CA CYS M 282 -24.45 102.92 17.80
C CYS M 282 -22.93 102.80 17.64
N GLY M 283 -22.43 103.30 16.51
CA GLY M 283 -21.01 103.19 16.25
C GLY M 283 -20.60 104.14 15.14
N LYS M 284 -19.31 104.10 14.81
CA LYS M 284 -18.74 104.98 13.81
C LYS M 284 -17.40 104.41 13.35
N VAL M 285 -17.13 104.54 12.05
CA VAL M 285 -15.86 104.14 11.45
C VAL M 285 -15.16 105.40 10.96
N ARG M 286 -13.89 105.55 11.32
CA ARG M 286 -13.15 106.77 11.05
C ARG M 286 -11.82 106.45 10.38
N THR M 287 -11.30 107.44 9.67
CA THR M 287 -10.01 107.36 9.00
C THR M 287 -8.99 108.20 9.77
N ALA M 288 -7.78 108.32 9.21
CA ALA M 288 -6.70 109.05 9.85
C ALA M 288 -5.94 109.85 8.81
N THR M 289 -5.12 110.77 9.30
CA THR M 289 -4.30 111.63 8.46
C THR M 289 -2.84 111.24 8.60
N ALA M 290 -2.11 111.25 7.47
CA ALA M 290 -0.76 110.75 7.45
C ALA M 290 0.20 111.69 8.17
N VAL M 291 1.20 111.10 8.82
CA VAL M 291 2.32 111.82 9.41
C VAL M 291 3.60 111.21 8.87
N ASN M 292 4.37 112.00 8.15
CA ASN M 292 5.56 111.48 7.47
C ASN M 292 6.75 111.45 8.42
N LEU M 293 7.63 110.47 8.19
CA LEU M 293 8.81 110.29 9.02
C LEU M 293 9.97 109.82 8.15
N ASP M 294 11.19 110.09 8.62
CA ASP M 294 12.41 109.64 7.98
C ASP M 294 13.26 108.89 9.00
N ILE M 295 13.90 107.82 8.56
CA ILE M 295 14.66 106.93 9.42
C ILE M 295 16.09 106.87 8.91
N TYR M 296 17.05 107.11 9.80
CA TYR M 296 18.47 107.12 9.45
C TYR M 296 19.15 105.95 10.17
N LEU M 297 19.34 104.86 9.44
CA LEU M 297 20.06 103.71 9.96
C LEU M 297 21.55 103.99 9.91
N ASN M 298 22.24 103.71 11.02
CA ASN M 298 23.67 104.00 11.15
C ASN M 298 24.45 102.71 11.24
N GLY M 299 25.49 102.60 10.40
CA GLY M 299 26.40 101.46 10.45
C GLY M 299 26.03 100.30 9.55
N LEU M 300 24.89 100.34 8.87
CA LEU M 300 24.50 99.23 8.01
C LEU M 300 25.47 99.05 6.85
N SER M 301 26.13 100.13 6.43
CA SER M 301 26.97 100.06 5.23
C SER M 301 28.08 99.04 5.35
N CYS M 302 28.50 98.69 6.58
CA CYS M 302 29.59 97.76 6.78
C CYS M 302 29.12 96.32 6.85
N ALA M 303 27.85 96.06 6.61
CA ALA M 303 27.32 94.71 6.53
C ALA M 303 27.19 94.29 5.07
N THR M 304 27.04 92.98 4.87
CA THR M 304 26.98 92.45 3.51
C THR M 304 25.76 93.03 2.79
N PRO M 305 25.84 93.21 1.47
CA PRO M 305 24.69 93.80 0.75
C PRO M 305 23.41 93.02 0.94
N ALA M 306 23.48 91.69 1.01
CA ALA M 306 22.27 90.89 1.18
C ALA M 306 21.58 91.21 2.50
N GLN M 307 22.35 91.31 3.58
CA GLN M 307 21.76 91.63 4.89
C GLN M 307 21.17 93.03 4.89
N ALA M 308 21.83 93.98 4.21
CA ALA M 308 21.36 95.36 4.22
C ALA M 308 19.94 95.45 3.65
N ARG M 309 19.68 94.78 2.54
CA ARG M 309 18.35 94.86 1.92
C ARG M 309 17.29 94.28 2.83
N VAL M 310 17.59 93.16 3.50
CA VAL M 310 16.59 92.52 4.34
C VAL M 310 16.14 93.45 5.45
N VAL M 311 17.10 94.12 6.10
CA VAL M 311 16.75 95.04 7.18
C VAL M 311 15.89 96.18 6.66
N GLU M 312 16.26 96.73 5.50
CA GLU M 312 15.47 97.82 4.92
C GLU M 312 14.05 97.36 4.59
N GLN M 313 13.92 96.16 4.02
CA GLN M 313 12.61 95.66 3.64
C GLN M 313 11.74 95.41 4.87
N ARG M 314 12.30 94.81 5.91
CA ARG M 314 11.52 94.51 7.10
C ARG M 314 11.04 95.78 7.80
N ILE M 315 11.91 96.78 7.90
CA ILE M 315 11.52 98.03 8.56
C ILE M 315 10.39 98.70 7.80
N THR M 316 10.50 98.75 6.47
CA THR M 316 9.46 99.38 5.67
C THR M 316 8.12 98.67 5.85
N ASP M 317 8.15 97.34 5.86
CA ASP M 317 6.91 96.58 6.01
C ASP M 317 6.26 96.84 7.36
N PHE M 318 7.07 96.87 8.42
CA PHE M 318 6.51 97.02 9.76
C PHE M 318 5.78 98.35 9.91
N ILE M 319 6.39 99.44 9.43
CA ILE M 319 5.76 100.75 9.57
C ILE M 319 4.49 100.83 8.73
N ASN M 320 4.49 100.18 7.56
CA ASN M 320 3.32 100.23 6.71
C ASN M 320 2.09 99.63 7.40
N ARG M 321 2.30 98.60 8.21
CA ARG M 321 1.22 97.90 8.90
C ARG M 321 0.92 98.51 10.27
N HIS M 322 1.59 99.58 10.65
CA HIS M 322 1.43 100.11 12.00
C HIS M 322 0.00 100.62 12.20
N PRO M 323 -0.62 100.30 13.34
CA PRO M 323 -1.98 100.80 13.56
C PRO M 323 -1.99 102.30 13.73
N PRO M 324 -3.07 102.98 13.35
CA PRO M 324 -3.12 104.43 13.53
C PRO M 324 -3.13 104.83 15.00
N SER M 325 -2.60 106.02 15.27
CA SER M 325 -2.61 106.61 16.60
C SER M 325 -1.92 105.68 17.62
N THR M 326 -0.65 105.41 17.36
CA THR M 326 0.16 104.58 18.25
C THR M 326 1.61 104.99 18.12
N ASN M 327 2.31 105.03 19.25
CA ASN M 327 3.71 105.43 19.26
C ASN M 327 4.55 104.43 18.45
N LEU M 328 5.56 104.96 17.76
CA LEU M 328 6.51 104.17 17.00
C LEU M 328 7.85 104.28 17.70
N THR M 329 8.06 103.43 18.70
CA THR M 329 9.24 103.54 19.55
C THR M 329 10.49 103.06 18.83
N VAL M 330 11.64 103.57 19.29
CA VAL M 330 12.92 103.20 18.70
C VAL M 330 13.25 101.74 19.00
N GLU M 331 12.90 101.26 20.19
CA GLU M 331 13.25 99.90 20.57
C GLU M 331 12.70 98.89 19.58
N GLN M 332 11.50 99.13 19.05
CA GLN M 332 10.91 98.19 18.10
C GLN M 332 11.78 98.06 16.85
N LEU M 333 12.25 99.18 16.31
CA LEU M 333 13.09 99.13 15.12
C LEU M 333 14.40 98.45 15.41
N ARG M 334 15.00 98.70 16.58
CA ARG M 334 16.29 98.12 16.90
C ARG M 334 16.21 96.59 16.95
N PHE M 335 15.12 96.05 17.51
CA PHE M 335 14.98 94.61 17.61
C PHE M 335 15.02 93.96 16.23
N ILE M 336 14.37 94.58 15.23
CA ILE M 336 14.37 94.02 13.89
C ILE M 336 15.79 93.85 13.38
N GLY M 337 16.64 94.85 13.63
CA GLY M 337 18.02 94.75 13.19
C GLY M 337 18.79 93.65 13.90
N LEU M 338 18.56 93.49 15.20
CA LEU M 338 19.29 92.48 15.96
C LEU M 338 18.90 91.07 15.55
N GLN M 339 17.65 90.86 15.15
CA GLN M 339 17.20 89.51 14.83
C GLN M 339 17.96 88.93 13.64
N VAL M 340 18.45 89.79 12.74
CA VAL M 340 19.12 89.35 11.53
C VAL M 340 20.61 89.61 11.56
N LEU M 341 21.03 90.76 12.09
CA LEU M 341 22.45 91.11 12.10
C LEU M 341 23.21 90.48 13.25
N GLY M 342 22.53 89.95 14.25
CA GLY M 342 23.23 89.37 15.40
C GLY M 342 23.35 90.36 16.54
N SER M 343 23.35 89.82 17.75
CA SER M 343 23.39 90.66 18.95
C SER M 343 24.70 91.41 19.11
N SER M 344 25.77 90.98 18.43
CA SER M 344 27.08 91.58 18.58
C SER M 344 27.35 92.70 17.59
N PHE M 345 26.41 93.02 16.71
CA PHE M 345 26.63 94.05 15.72
C PHE M 345 26.50 95.44 16.34
N ALA M 346 27.20 96.40 15.74
CA ALA M 346 27.16 97.79 16.19
C ALA M 346 26.08 98.52 15.40
N PHE M 347 24.83 98.30 15.80
CA PHE M 347 23.66 98.86 15.14
C PHE M 347 23.17 100.08 15.89
N ASP M 348 22.42 100.93 15.17
CA ASP M 348 21.85 102.13 15.75
C ASP M 348 20.85 102.72 14.77
N VAL M 349 19.74 103.25 15.30
CA VAL M 349 18.69 103.85 14.50
C VAL M 349 18.25 105.15 15.15
N ALA M 350 17.63 106.01 14.34
CA ALA M 350 17.10 107.27 14.82
C ALA M 350 15.94 107.70 13.92
N ILE M 351 15.01 108.45 14.49
CA ILE M 351 13.82 108.90 13.80
C ILE M 351 13.81 110.42 13.80
N ARG M 352 13.66 111.01 12.61
CA ARG M 352 13.57 112.46 12.46
C ARG M 352 12.51 112.80 11.43
N SER M 353 11.95 114.00 11.55
CA SER M 353 10.93 114.45 10.64
C SER M 353 11.56 114.97 9.35
N PRO M 354 10.84 114.90 8.23
CA PRO M 354 11.41 115.41 6.97
C PRO M 354 11.73 116.89 7.07
N GLY M 355 12.98 117.23 6.76
CA GLY M 355 13.43 118.60 6.81
C GLY M 355 13.49 119.14 8.23
N ASP M 356 13.31 118.26 9.22
CA ASP M 356 13.31 118.65 10.62
C ASP M 356 12.30 119.78 10.86
N ALA M 357 11.16 119.69 10.19
CA ALA M 357 10.11 120.68 10.32
C ALA M 357 9.14 120.26 11.43
N SER M 358 8.01 120.95 11.53
CA SER M 358 6.99 120.64 12.52
C SER M 358 5.73 120.17 11.81
N GLN M 359 5.18 119.06 12.26
CA GLN M 359 3.97 118.48 11.69
C GLN M 359 2.91 118.34 12.77
N SER M 360 1.67 118.69 12.42
CA SER M 360 0.59 118.60 13.38
C SER M 360 0.40 117.16 13.84
N GLY M 361 0.19 116.99 15.14
CA GLY M 361 -0.03 115.67 15.71
C GLY M 361 1.21 114.84 15.93
N LEU M 362 2.39 115.45 15.84
CA LEU M 362 3.66 114.74 16.03
C LEU M 362 4.45 115.41 17.14
N ARG M 363 5.07 114.58 17.99
CA ARG M 363 5.86 115.08 19.10
C ARG M 363 6.83 113.99 19.54
N PHE M 364 8.05 114.39 19.89
CA PHE M 364 9.10 113.46 20.27
C PHE M 364 9.30 113.51 21.78
N ASN M 365 9.38 112.34 22.41
CA ASN M 365 9.60 112.25 23.84
C ASN M 365 11.10 112.26 24.13
N ALA M 366 11.44 112.19 25.42
CA ALA M 366 12.85 112.25 25.82
C ALA M 366 13.63 111.05 25.29
N CYS M 367 13.02 109.86 25.33
CA CYS M 367 13.73 108.64 24.95
C CYS M 367 14.03 108.56 23.46
N GLY M 368 13.46 109.45 22.65
CA GLY M 368 13.68 109.47 21.22
C GLY M 368 12.55 108.89 20.40
N ASP M 369 11.55 108.28 21.02
CA ASP M 369 10.43 107.71 20.29
C ASP M 369 9.62 108.82 19.64
N ALA M 370 8.62 108.42 18.86
CA ALA M 370 7.70 109.35 18.21
C ALA M 370 6.31 109.15 18.78
N GLU M 371 5.72 110.22 19.28
CA GLU M 371 4.37 110.19 19.84
C GLU M 371 3.39 110.76 18.82
N ILE M 372 2.29 110.05 18.61
CA ILE M 372 1.30 110.40 17.60
C ILE M 372 -0.06 110.49 18.27
N ASP M 373 -0.78 111.56 17.98
CA ASP M 373 -2.08 111.81 18.59
C ASP M 373 -3.17 111.04 17.84
N CYS M 374 -4.41 111.23 18.27
CA CYS M 374 -5.53 110.54 17.66
C CYS M 374 -5.73 110.98 16.22
N ASP M 375 -6.27 110.08 15.41
CA ASP M 375 -6.55 110.32 13.99
C ASP M 375 -5.29 110.57 13.18
N TYR M 376 -4.14 110.07 13.63
CA TYR M 376 -2.89 110.23 12.91
C TYR M 376 -2.16 108.89 12.85
N LYS M 377 -1.42 108.69 11.77
CA LYS M 377 -0.69 107.45 11.53
C LYS M 377 0.74 107.73 11.15
N ALA M 378 1.63 106.80 11.48
CA ALA M 378 3.03 106.90 11.11
C ALA M 378 3.21 106.38 9.69
N CYS M 379 3.61 107.26 8.79
CA CYS M 379 3.84 106.90 7.39
C CYS M 379 5.31 107.08 7.08
N LEU M 380 5.91 106.06 6.46
CA LEU M 380 7.33 106.10 6.12
C LEU M 380 7.53 106.90 4.85
N ASN M 381 8.45 107.87 4.90
CA ASN M 381 8.75 108.73 3.77
C ASN M 381 10.04 108.34 3.05
N SER M 382 11.08 107.99 3.79
CA SER M 382 12.36 107.62 3.19
C SER M 382 13.26 107.03 4.26
N VAL M 383 14.04 106.03 3.88
CA VAL M 383 15.00 105.39 4.77
C VAL M 383 16.38 105.53 4.14
N GLN M 384 17.34 106.05 4.92
CA GLN M 384 18.67 106.34 4.43
C GLN M 384 19.71 105.74 5.37
N VAL M 385 20.87 105.40 4.81
CA VAL M 385 21.96 104.79 5.54
C VAL M 385 23.10 105.79 5.62
N ILE M 386 23.64 105.99 6.83
CA ILE M 386 24.75 106.91 7.05
C ILE M 386 25.84 106.17 7.80
N ASN M 387 27.06 106.68 7.67
CA ASN M 387 28.23 106.09 8.33
C ASN M 387 29.08 107.21 8.91
N ASN M 388 29.39 107.12 10.20
CA ASN M 388 30.25 108.10 10.84
C ASN M 388 31.22 107.45 11.83
N ASN M 389 31.54 106.18 11.65
CA ASN M 389 32.46 105.46 12.52
C ASN M 389 33.47 104.70 11.67
N VAL M 390 34.42 104.05 12.34
CA VAL M 390 35.49 103.32 11.66
C VAL M 390 35.58 101.92 12.26
N THR M 391 35.99 100.96 11.43
CA THR M 391 36.16 99.58 11.85
C THR M 391 36.78 98.82 10.68
N THR M 392 37.04 97.53 10.90
CA THR M 392 37.63 96.68 9.87
C THR M 392 39.00 97.20 9.43
N CYS N 3 15.27 62.15 1.50
CA CYS N 3 14.39 62.29 0.34
C CYS N 3 15.16 62.09 -0.95
N THR N 4 14.57 61.35 -1.89
CA THR N 4 15.23 61.07 -3.15
C THR N 4 14.22 60.49 -4.13
N ILE N 5 14.29 60.94 -5.38
CA ILE N 5 13.49 60.42 -6.48
C ILE N 5 14.44 60.00 -7.58
N GLN N 6 14.22 58.80 -8.14
CA GLN N 6 15.18 58.23 -9.08
C GLN N 6 14.51 57.77 -10.36
N ARG N 7 15.28 57.13 -11.24
CA ARG N 7 14.79 56.73 -12.55
C ARG N 7 13.77 55.60 -12.42
N PRO N 8 12.54 55.76 -12.92
CA PRO N 8 11.54 54.70 -12.77
C PRO N 8 11.87 53.49 -13.64
N GLU N 9 11.34 52.34 -13.21
CA GLU N 9 11.51 51.10 -13.95
C GLU N 9 10.59 51.08 -15.17
N PRO N 10 10.88 50.22 -16.15
CA PRO N 10 10.07 50.20 -17.37
C PRO N 10 8.59 49.94 -17.12
N GLN N 11 8.27 48.81 -16.49
CA GLN N 11 6.86 48.46 -16.28
C GLN N 11 6.16 49.50 -15.43
N ALA N 12 6.80 49.95 -14.35
CA ALA N 12 6.21 50.97 -13.51
C ALA N 12 6.00 52.27 -14.26
N LEU N 13 6.70 52.48 -15.37
CA LEU N 13 6.57 53.71 -16.14
C LEU N 13 5.50 53.60 -17.22
N ARG N 14 5.44 52.48 -17.93
CA ARG N 14 4.42 52.32 -18.97
C ARG N 14 3.02 52.33 -18.36
N ASP N 15 2.86 51.67 -17.21
CA ASP N 15 1.54 51.65 -16.57
C ASP N 15 1.09 53.06 -16.21
N LYS N 16 2.02 53.91 -15.77
CA LYS N 16 1.67 55.27 -15.41
C LYS N 16 1.11 56.02 -16.62
N ILE N 17 1.71 55.83 -17.79
CA ILE N 17 1.25 56.52 -18.99
C ILE N 17 -0.12 55.98 -19.41
N ALA N 18 -0.28 54.66 -19.40
CA ALA N 18 -1.54 54.08 -19.84
C ALA N 18 -2.70 54.54 -18.98
N THR N 19 -2.53 54.56 -17.67
CA THR N 19 -3.59 55.02 -16.78
C THR N 19 -3.88 56.50 -17.03
N ARG N 20 -2.83 57.32 -17.15
CA ARG N 20 -3.03 58.74 -17.39
C ARG N 20 -3.74 58.98 -18.73
N PHE N 21 -3.31 58.27 -19.77
CA PHE N 21 -3.93 58.43 -21.08
C PHE N 21 -5.38 57.99 -21.06
N SER N 22 -5.66 56.86 -20.41
CA SER N 22 -7.02 56.31 -20.42
C SER N 22 -7.98 57.21 -19.66
N THR N 23 -7.59 57.66 -18.47
CA THR N 23 -8.51 58.38 -17.60
C THR N 23 -8.84 59.77 -18.15
N ASN N 24 -7.89 60.42 -18.79
CA ASN N 24 -8.06 61.81 -19.21
C ASN N 24 -8.54 61.97 -20.65
N VAL N 25 -8.43 60.93 -21.48
CA VAL N 25 -8.78 61.01 -22.89
C VAL N 25 -9.95 60.09 -23.24
N LEU N 26 -9.96 58.87 -22.71
CA LEU N 26 -11.01 57.90 -23.02
C LEU N 26 -12.02 57.74 -21.89
N GLY N 27 -11.89 58.49 -20.81
CA GLY N 27 -12.87 58.45 -19.73
C GLY N 27 -12.98 57.09 -19.06
N GLY N 28 -11.84 56.49 -18.73
CA GLY N 28 -11.82 55.22 -18.02
C GLY N 28 -11.87 53.98 -18.90
N ALA N 29 -12.04 54.14 -20.22
CA ALA N 29 -12.09 52.99 -21.10
C ALA N 29 -10.78 52.22 -21.06
N GLU N 30 -10.87 50.90 -21.16
CA GLU N 30 -9.69 50.06 -21.19
C GLU N 30 -8.97 50.20 -22.54
N ILE N 31 -7.67 49.93 -22.52
CA ILE N 31 -6.84 49.99 -23.71
C ILE N 31 -6.86 48.61 -24.35
N ILE N 32 -7.67 48.45 -25.40
CA ILE N 32 -7.77 47.17 -26.09
C ILE N 32 -6.52 46.96 -26.93
N PRO N 33 -5.81 45.84 -26.78
CA PRO N 33 -4.58 45.63 -27.54
C PRO N 33 -4.85 45.66 -29.04
N GLU N 34 -3.85 46.14 -29.78
CA GLU N 34 -3.85 46.17 -31.25
C GLU N 34 -4.81 47.21 -31.82
N SER N 35 -5.27 48.15 -31.01
CA SER N 35 -6.05 49.28 -31.49
C SER N 35 -5.13 50.47 -31.72
N ASN N 36 -5.69 51.54 -32.28
CA ASN N 36 -4.87 52.72 -32.55
C ASN N 36 -4.37 53.35 -31.25
N GLU N 37 -5.19 53.35 -30.20
CA GLU N 37 -4.75 53.89 -28.92
C GLU N 37 -3.61 53.06 -28.35
N PHE N 38 -3.58 51.75 -28.62
CA PHE N 38 -2.50 50.91 -28.13
C PHE N 38 -1.15 51.35 -28.69
N TYR N 39 -1.11 51.63 -29.99
CA TYR N 39 0.13 52.09 -30.61
C TYR N 39 0.50 53.48 -30.14
N VAL N 40 -0.50 54.33 -29.90
CA VAL N 40 -0.22 55.66 -29.40
C VAL N 40 0.41 55.59 -28.01
N VAL N 41 -0.10 54.70 -27.17
CA VAL N 41 0.42 54.59 -25.80
C VAL N 41 1.87 54.13 -25.82
N THR N 42 2.17 53.10 -26.61
CA THR N 42 3.52 52.54 -26.58
C THR N 42 4.54 53.53 -27.16
N LEU N 43 4.15 54.27 -28.20
CA LEU N 43 5.05 55.32 -28.71
C LEU N 43 5.32 56.37 -27.66
N GLU N 44 4.30 56.74 -26.88
CA GLU N 44 4.50 57.72 -25.83
C GLU N 44 5.51 57.21 -24.80
N TYR N 45 5.41 55.93 -24.43
CA TYR N 45 6.34 55.37 -23.45
C TYR N 45 7.77 55.40 -23.96
N ALA N 46 7.97 55.06 -25.24
CA ALA N 46 9.31 55.09 -25.80
C ALA N 46 9.92 56.48 -25.68
N MET N 47 9.13 57.51 -26.01
CA MET N 47 9.63 58.88 -25.87
C MET N 47 10.06 59.16 -24.44
N GLN N 48 9.33 58.60 -23.47
CA GLN N 48 9.68 58.83 -22.07
C GLN N 48 11.00 58.17 -21.69
N GLU N 49 11.17 56.90 -22.07
CA GLU N 49 12.36 56.16 -21.66
C GLU N 49 13.61 56.70 -22.34
N GLU N 50 13.53 57.02 -23.63
CA GLU N 50 14.68 57.55 -24.33
C GLU N 50 15.18 58.84 -23.67
N PHE N 51 14.26 59.58 -23.04
CA PHE N 51 14.66 60.80 -22.36
C PHE N 51 15.53 60.50 -21.15
N PHE N 52 15.09 59.58 -20.30
CA PHE N 52 15.85 59.27 -19.09
C PHE N 52 17.19 58.64 -19.43
N ALA N 53 17.21 57.71 -20.38
CA ALA N 53 18.46 57.04 -20.72
C ALA N 53 19.48 58.05 -21.27
N PHE N 54 19.02 59.00 -22.08
CA PHE N 54 19.93 60.03 -22.58
C PHE N 54 20.45 60.90 -21.46
N ALA N 55 19.61 61.25 -20.49
CA ALA N 55 20.06 62.10 -19.40
C ALA N 55 21.15 61.40 -18.58
N GLU N 56 20.95 60.12 -18.26
CA GLU N 56 21.94 59.41 -17.46
C GLU N 56 23.28 59.33 -18.19
N GLN N 57 23.24 59.20 -19.52
CA GLN N 57 24.48 59.10 -20.28
C GLN N 57 25.30 60.38 -20.17
N MET N 58 24.65 61.55 -20.23
CA MET N 58 25.38 62.80 -20.15
C MET N 58 25.89 63.08 -18.74
N TRP N 59 25.08 62.81 -17.72
CA TRP N 59 25.50 63.13 -16.37
C TRP N 59 26.72 62.32 -15.94
N ARG N 60 27.03 61.25 -16.66
CA ARG N 60 28.27 60.51 -16.39
C ARG N 60 29.48 61.28 -16.89
N GLU N 61 29.40 61.87 -18.09
CA GLU N 61 30.56 62.54 -18.66
C GLU N 61 31.07 63.68 -17.78
N GLN N 62 30.20 64.31 -17.00
CA GLN N 62 30.62 65.36 -16.09
C GLN N 62 31.42 64.82 -14.91
N ASP N 63 31.47 63.50 -14.72
CA ASP N 63 32.19 62.90 -13.61
C ASP N 63 33.60 62.54 -14.07
N PRO N 64 34.65 63.10 -13.47
CA PRO N 64 36.01 62.75 -13.93
C PRO N 64 36.34 61.28 -13.79
N ARG N 65 35.78 60.59 -12.80
CA ARG N 65 36.11 59.20 -12.57
C ARG N 65 35.63 58.28 -13.68
N TYR N 66 34.76 58.75 -14.58
CA TYR N 66 34.23 57.91 -15.65
C TYR N 66 34.24 58.57 -17.02
N ALA N 67 34.58 59.85 -17.14
CA ALA N 67 34.57 60.50 -18.44
C ALA N 67 35.63 59.90 -19.36
N CYS N 68 35.35 59.91 -20.65
CA CYS N 68 36.30 59.40 -21.62
C CYS N 68 37.55 60.29 -21.66
N CYS N 69 38.60 59.78 -22.32
CA CYS N 69 39.88 60.47 -22.31
C CYS N 69 39.77 61.86 -22.92
N GLU N 70 39.16 61.96 -24.10
CA GLU N 70 39.10 63.25 -24.78
C GLU N 70 38.29 64.26 -23.98
N ASN N 71 37.27 63.80 -23.27
CA ASN N 71 36.50 64.69 -22.40
C ASN N 71 37.18 64.96 -21.07
N LEU N 72 38.33 64.32 -20.82
CA LEU N 72 39.07 64.53 -19.57
C LEU N 72 40.20 65.53 -19.73
N VAL N 73 40.84 65.59 -20.89
CA VAL N 73 41.86 66.61 -21.11
C VAL N 73 41.25 68.00 -20.96
N LYS N 74 40.07 68.21 -21.55
CA LYS N 74 39.26 69.34 -21.18
C LYS N 74 38.52 69.03 -19.89
N MET N 75 37.93 70.06 -19.29
CA MET N 75 37.47 70.08 -17.90
C MET N 75 38.56 69.64 -16.93
N ALA N 76 39.80 69.58 -17.38
CA ALA N 76 41.00 69.47 -16.57
C ALA N 76 42.05 70.47 -17.02
N ALA N 77 42.10 70.78 -18.31
CA ALA N 77 42.91 71.90 -18.79
C ALA N 77 42.33 73.22 -18.31
N ARG N 78 41.02 73.27 -18.03
CA ARG N 78 40.43 74.50 -17.54
C ARG N 78 41.02 74.90 -16.19
N ARG N 79 41.29 73.92 -15.34
CA ARG N 79 41.78 74.15 -13.99
C ARG N 79 43.31 74.19 -13.92
N GLY N 80 43.99 74.09 -15.05
CA GLY N 80 45.44 74.17 -15.05
C GLY N 80 46.16 72.88 -14.75
N VAL N 81 45.59 71.75 -15.12
CA VAL N 81 46.25 70.44 -14.99
C VAL N 81 46.39 69.85 -16.38
N TYR N 82 47.62 69.53 -16.77
CA TYR N 82 47.97 69.08 -18.10
C TYR N 82 48.71 67.75 -18.00
N PRO N 83 48.63 66.91 -19.05
CA PRO N 83 49.50 65.72 -19.09
C PRO N 83 50.96 66.11 -19.13
N LYS N 84 51.86 65.13 -19.04
CA LYS N 84 53.29 65.39 -19.01
C LYS N 84 53.96 64.74 -20.21
N PRO N 85 54.70 65.50 -21.03
CA PRO N 85 55.41 64.90 -22.15
C PRO N 85 56.72 64.27 -21.69
N ALA N 86 57.42 63.65 -22.64
CA ALA N 86 58.70 63.04 -22.32
C ALA N 86 59.70 64.09 -21.86
N GLN N 87 60.43 63.77 -20.80
CA GLN N 87 61.40 64.70 -20.23
C GLN N 87 62.77 64.49 -20.87
N PHE N 88 63.76 65.26 -20.41
CA PHE N 88 65.11 65.22 -20.94
C PHE N 88 66.09 64.94 -19.81
N ALA N 89 67.07 64.09 -20.09
CA ALA N 89 68.13 63.80 -19.12
C ALA N 89 69.10 64.97 -19.06
N GLN N 90 69.74 65.13 -17.90
CA GLN N 90 70.65 66.24 -17.65
C GLN N 90 71.92 65.72 -16.98
N GLY N 91 72.91 66.61 -16.89
CA GLY N 91 74.17 66.25 -16.29
C GLY N 91 75.12 67.43 -16.33
N TYR N 92 76.34 67.21 -15.84
CA TYR N 92 77.37 68.21 -15.78
C TYR N 92 78.61 67.74 -16.53
N VAL N 93 79.29 68.68 -17.17
CA VAL N 93 80.49 68.39 -17.95
C VAL N 93 81.58 69.41 -17.58
N ARG N 94 82.81 69.06 -17.93
CA ARG N 94 83.97 69.90 -17.65
C ARG N 94 84.87 69.91 -18.88
N MET N 95 85.36 71.10 -19.23
CA MET N 95 86.23 71.28 -20.38
C MET N 95 87.38 72.19 -20.01
N THR N 96 88.50 72.01 -20.71
CA THR N 96 89.72 72.79 -20.46
C THR N 96 90.30 73.24 -21.79
N GLY N 97 91.09 74.30 -21.73
CA GLY N 97 91.71 74.82 -22.93
C GLY N 97 92.58 76.03 -22.62
N VAL N 98 93.05 76.66 -23.68
CA VAL N 98 93.90 77.85 -23.57
C VAL N 98 93.05 79.02 -23.06
N PRO N 99 93.43 79.69 -21.97
CA PRO N 99 92.62 80.79 -21.48
C PRO N 99 92.48 81.90 -22.52
N GLY N 100 91.32 82.56 -22.51
CA GLY N 100 91.05 83.65 -23.41
C GLY N 100 90.44 83.26 -24.74
N SER N 101 90.30 81.97 -25.02
CA SER N 101 89.72 81.54 -26.28
C SER N 101 88.25 81.93 -26.36
N ALA N 102 87.81 82.28 -27.55
CA ALA N 102 86.42 82.66 -27.77
C ALA N 102 85.53 81.43 -27.79
N LEU N 103 84.44 81.48 -27.04
CA LEU N 103 83.51 80.36 -26.93
C LEU N 103 82.28 80.62 -27.81
N ASN N 104 81.41 79.63 -27.87
CA ASN N 104 80.21 79.71 -28.69
C ASN N 104 79.03 79.15 -27.90
N GLN N 105 77.83 79.59 -28.26
CA GLN N 105 76.60 79.18 -27.61
C GLN N 105 75.96 77.96 -28.25
N ASN N 106 76.65 77.33 -29.20
CA ASN N 106 76.13 76.17 -29.91
C ASN N 106 77.02 74.95 -29.70
N LEU N 107 77.55 74.80 -28.49
CA LEU N 107 78.38 73.65 -28.19
C LEU N 107 77.54 72.38 -28.19
N ARG N 108 78.18 71.28 -28.60
CA ARG N 108 77.53 69.97 -28.62
C ARG N 108 78.54 68.92 -28.23
N PHE N 109 78.08 67.95 -27.44
CA PHE N 109 78.93 66.89 -26.90
C PHE N 109 78.36 65.53 -27.30
N GLN N 110 79.25 64.60 -27.63
CA GLN N 110 78.88 63.24 -28.03
C GLN N 110 79.66 62.29 -27.12
N PHE N 111 78.99 61.78 -26.08
CA PHE N 111 79.68 60.94 -25.10
C PHE N 111 79.82 59.51 -25.60
N GLU N 112 78.69 58.82 -25.77
CA GLU N 112 78.72 57.47 -26.37
C GLU N 112 77.37 57.26 -27.05
N ASN N 113 77.35 57.45 -28.36
CA ASN N 113 76.14 57.29 -29.18
C ASN N 113 75.02 58.23 -28.75
N GLN N 114 75.30 59.20 -27.89
CA GLN N 114 74.30 60.14 -27.40
C GLN N 114 74.85 61.55 -27.53
N THR N 115 74.01 62.46 -28.00
CA THR N 115 74.39 63.85 -28.23
C THR N 115 73.77 64.72 -27.16
N TYR N 116 74.58 65.57 -26.53
CA TYR N 116 74.14 66.48 -25.48
C TYR N 116 74.46 67.91 -25.88
N GLU N 117 73.57 68.83 -25.54
CA GLU N 117 73.70 70.24 -25.87
C GLU N 117 73.77 71.06 -24.60
N ALA N 118 74.52 72.16 -24.65
CA ALA N 118 74.65 73.04 -23.51
C ALA N 118 73.29 73.61 -23.12
N ALA N 119 73.02 73.65 -21.82
CA ALA N 119 71.75 74.15 -21.29
C ALA N 119 71.86 75.47 -20.55
N SER N 120 73.03 75.81 -20.04
CA SER N 120 73.26 77.07 -19.36
C SER N 120 73.92 78.07 -20.31
N VAL N 121 74.08 79.30 -19.84
CA VAL N 121 74.69 80.35 -20.63
C VAL N 121 76.21 80.20 -20.54
N VAL N 122 76.86 80.06 -21.70
CA VAL N 122 78.30 79.87 -21.77
C VAL N 122 78.99 81.24 -21.81
N PRO N 123 79.99 81.50 -20.98
CA PRO N 123 80.66 82.80 -21.03
C PRO N 123 81.27 83.07 -22.38
N ASP N 124 81.53 84.36 -22.63
CA ASP N 124 82.12 84.75 -23.91
C ASP N 124 83.52 84.18 -24.08
N GLN N 125 84.32 84.18 -23.01
CA GLN N 125 85.68 83.68 -23.05
C GLN N 125 85.93 82.71 -21.90
N LEU N 126 86.84 81.79 -22.12
CA LEU N 126 87.16 80.80 -21.11
C LEU N 126 87.74 81.49 -19.88
N PRO N 127 87.42 81.02 -18.67
CA PRO N 127 87.95 81.67 -17.46
C PRO N 127 89.47 81.65 -17.45
N ALA N 128 90.03 82.42 -16.52
CA ALA N 128 91.48 82.55 -16.42
C ALA N 128 92.14 81.20 -16.10
N THR N 129 91.53 80.44 -15.20
CA THR N 129 92.11 79.18 -14.77
C THR N 129 92.08 78.10 -15.86
N GLY N 130 91.38 78.34 -16.96
CA GLY N 130 91.31 77.36 -18.02
C GLY N 130 90.41 76.19 -17.74
N VAL N 131 89.44 76.34 -16.83
CA VAL N 131 88.50 75.29 -16.48
C VAL N 131 87.10 75.86 -16.52
N LEU N 132 86.16 75.11 -17.09
CA LEU N 132 84.78 75.54 -17.18
C LEU N 132 83.87 74.34 -16.95
N VAL N 133 82.78 74.56 -16.23
CA VAL N 133 81.79 73.53 -15.93
C VAL N 133 80.44 73.99 -16.45
N LEU N 134 79.78 73.15 -17.23
CA LEU N 134 78.49 73.46 -17.83
C LEU N 134 77.45 72.44 -17.40
N ARG N 135 76.19 72.79 -17.61
CA ARG N 135 75.07 71.88 -17.44
C ARG N 135 74.50 71.55 -18.81
N VAL N 136 74.38 70.27 -19.11
CA VAL N 136 73.98 69.80 -20.44
C VAL N 136 72.76 68.92 -20.31
N SER N 137 72.02 68.82 -21.41
CA SER N 137 70.84 67.99 -21.50
C SER N 137 70.86 67.22 -22.82
N ALA N 138 70.22 66.05 -22.81
CA ALA N 138 70.18 65.22 -24.00
C ALA N 138 69.33 65.88 -25.09
N VAL N 139 69.55 65.45 -26.32
CA VAL N 139 68.80 66.00 -27.44
C VAL N 139 67.56 65.17 -27.76
N THR N 140 67.57 63.88 -27.42
CA THR N 140 66.44 62.99 -27.65
C THR N 140 65.81 62.63 -26.32
N PRO N 141 64.57 63.05 -26.05
CA PRO N 141 63.97 62.74 -24.74
C PRO N 141 63.71 61.25 -24.59
N GLY N 142 63.77 60.79 -23.34
CA GLY N 142 63.48 59.41 -23.03
C GLY N 142 64.39 58.84 -21.96
N PRO N 143 64.05 57.67 -21.45
CA PRO N 143 64.90 57.04 -20.42
C PRO N 143 66.27 56.61 -20.93
N SER N 144 66.45 56.52 -22.24
CA SER N 144 67.72 56.05 -22.79
C SER N 144 68.86 57.02 -22.57
N GLY N 145 68.59 58.23 -22.11
CA GLY N 145 69.60 59.22 -21.86
C GLY N 145 70.23 59.15 -20.49
N ASN N 146 69.92 58.12 -19.70
CA ASN N 146 70.47 57.96 -18.36
C ASN N 146 71.70 57.07 -18.34
N ILE N 147 72.42 56.95 -19.46
CA ILE N 147 73.61 56.13 -19.48
C ILE N 147 74.64 56.68 -18.49
N ARG N 148 75.58 55.81 -18.12
CA ARG N 148 76.64 56.16 -17.17
C ARG N 148 77.98 55.97 -17.86
N VAL N 149 78.49 57.03 -18.49
CA VAL N 149 79.81 57.06 -19.10
C VAL N 149 80.54 58.29 -18.59
N THR N 150 81.87 58.20 -18.59
CA THR N 150 82.71 59.24 -18.02
C THR N 150 83.55 59.99 -19.04
N GLU N 151 83.76 59.43 -20.24
CA GLU N 151 84.62 60.03 -21.25
C GLU N 151 83.78 60.39 -22.47
N GLY N 152 83.96 61.63 -22.95
CA GLY N 152 83.28 62.10 -24.15
C GLY N 152 84.14 63.08 -24.89
N SER N 153 83.71 63.43 -26.10
CA SER N 153 84.46 64.29 -26.98
C SER N 153 83.55 65.38 -27.55
N LEU N 154 84.14 66.54 -27.80
CA LEU N 154 83.41 67.64 -28.42
C LEU N 154 83.01 67.25 -29.84
N VAL N 155 81.77 67.57 -30.21
CA VAL N 155 81.25 67.14 -31.50
C VAL N 155 82.00 67.83 -32.64
N THR N 156 82.16 69.14 -32.55
CA THR N 156 82.87 69.91 -33.56
C THR N 156 84.06 70.61 -32.92
N PRO N 157 85.26 70.52 -33.51
CA PRO N 157 86.43 71.14 -32.89
C PRO N 157 86.28 72.65 -32.80
N VAL N 158 86.87 73.22 -31.76
CA VAL N 158 86.87 74.66 -31.55
C VAL N 158 88.31 75.10 -31.30
N PRO N 159 88.81 76.15 -31.94
CA PRO N 159 90.20 76.55 -31.73
C PRO N 159 90.46 76.88 -30.27
N GLY N 160 91.63 76.45 -29.78
CA GLY N 160 92.07 76.76 -28.44
C GLY N 160 91.44 75.94 -27.33
N ILE N 161 90.57 74.98 -27.67
CA ILE N 161 89.88 74.16 -26.68
C ILE N 161 90.11 72.70 -27.03
N SER N 162 90.45 71.90 -26.03
CA SER N 162 90.70 70.48 -26.25
C SER N 162 89.42 69.78 -26.70
N SER N 163 89.61 68.65 -27.38
CA SER N 163 88.50 67.86 -27.91
C SER N 163 88.05 66.76 -26.96
N ALA N 164 88.62 66.71 -25.74
CA ALA N 164 88.25 65.71 -24.75
C ALA N 164 87.59 66.40 -23.57
N VAL N 165 86.45 65.86 -23.15
CA VAL N 165 85.70 66.40 -22.02
C VAL N 165 85.30 65.23 -21.12
N THR N 166 84.97 65.56 -19.87
CA THR N 166 84.61 64.57 -18.87
C THR N 166 83.32 65.00 -18.18
N ALA N 167 82.55 64.00 -17.75
CA ALA N 167 81.33 64.21 -16.98
C ALA N 167 81.57 63.79 -15.54
N TYR N 168 81.19 64.65 -14.60
CA TYR N 168 81.43 64.39 -13.19
C TYR N 168 80.73 63.11 -12.76
N GLY N 169 81.51 62.06 -12.49
CA GLY N 169 80.95 60.80 -12.06
C GLY N 169 80.13 60.09 -13.10
N GLY N 170 80.10 60.59 -14.33
CA GLY N 170 79.30 59.95 -15.37
C GLY N 170 77.83 59.88 -15.06
N ASN N 171 77.34 60.72 -14.15
CA ASN N 171 75.94 60.66 -13.75
C ASN N 171 75.07 61.42 -14.74
N PHE N 172 73.98 60.79 -15.16
CA PHE N 172 73.00 61.41 -16.05
C PHE N 172 71.62 60.94 -15.62
N CYS N 173 70.82 61.86 -15.06
CA CYS N 173 69.52 61.51 -14.52
C CYS N 173 68.47 62.53 -14.97
N GLY N 174 67.23 62.08 -15.02
CA GLY N 174 66.11 62.95 -15.38
C GLY N 174 65.23 62.37 -16.47
N GLY N 175 65.77 61.42 -17.24
CA GLY N 175 65.01 60.87 -18.35
C GLY N 175 63.75 60.17 -17.88
N ASP N 176 62.72 60.21 -18.73
CA ASP N 176 61.44 59.57 -18.43
C ASP N 176 60.65 59.52 -19.74
N ASP N 177 59.48 58.89 -19.68
CA ASP N 177 58.60 58.74 -20.82
C ASP N 177 57.30 59.50 -20.59
N ALA N 178 56.51 59.59 -21.66
CA ALA N 178 55.24 60.30 -21.58
C ALA N 178 54.24 59.52 -20.73
N GLU N 179 53.24 60.23 -20.22
CA GLU N 179 52.20 59.62 -19.42
C GLU N 179 51.12 59.01 -20.31
N GLU N 180 50.19 58.31 -19.68
CA GLU N 180 49.07 57.68 -20.37
C GLU N 180 47.76 58.16 -19.76
N CYS N 181 46.65 57.69 -20.34
CA CYS N 181 45.34 58.15 -19.88
C CYS N 181 45.08 57.74 -18.43
N GLU N 182 45.24 56.46 -18.12
CA GLU N 182 44.89 56.00 -16.77
C GLU N 182 45.75 56.66 -15.71
N PRO N 183 47.09 56.68 -15.81
CA PRO N 183 47.88 57.38 -14.80
C PRO N 183 47.55 58.87 -14.71
N PHE N 184 47.10 59.49 -15.80
CA PHE N 184 46.72 60.89 -15.74
C PHE N 184 45.40 61.10 -15.00
N ARG N 185 44.45 60.18 -15.16
CA ARG N 185 43.20 60.29 -14.42
C ARG N 185 43.49 60.36 -12.92
N THR N 186 44.34 59.46 -12.43
CA THR N 186 44.90 59.65 -11.11
C THR N 186 45.89 60.81 -11.13
N ARG N 187 46.13 61.38 -9.95
CA ARG N 187 46.97 62.56 -9.80
C ARG N 187 46.24 63.81 -10.24
N TYR N 188 45.06 63.66 -10.86
CA TYR N 188 44.19 64.79 -11.12
C TYR N 188 43.05 64.83 -10.12
N LEU N 189 42.24 63.76 -10.07
CA LEU N 189 41.25 63.64 -9.03
C LEU N 189 41.87 63.44 -7.66
N GLN N 190 43.16 63.14 -7.60
CA GLN N 190 43.92 63.20 -6.36
C GLN N 190 44.34 64.63 -6.02
N ARG N 191 44.64 65.43 -7.05
CA ARG N 191 44.98 66.84 -6.82
C ARG N 191 43.80 67.63 -6.31
N LEU N 192 42.57 67.19 -6.60
CA LEU N 192 41.40 67.90 -6.11
C LEU N 192 41.30 67.88 -4.59
N GLN N 193 42.01 66.97 -3.94
CA GLN N 193 41.95 66.82 -2.48
C GLN N 193 43.18 67.38 -1.79
N TYR N 194 43.98 68.18 -2.49
CA TYR N 194 45.27 68.62 -1.99
C TYR N 194 45.42 70.12 -2.18
N GLU N 195 46.04 70.77 -1.21
CA GLU N 195 46.28 72.21 -1.26
C GLU N 195 47.67 72.55 -0.72
N PRO N 196 48.53 73.19 -1.50
CA PRO N 196 49.85 73.55 -0.98
C PRO N 196 49.76 74.70 0.00
N ARG N 197 50.80 74.80 0.85
CA ARG N 197 50.80 75.78 1.92
C ARG N 197 52.12 76.49 2.14
N LEU N 198 53.14 76.24 1.31
CA LEU N 198 54.45 76.87 1.47
C LEU N 198 55.10 76.51 2.81
N THR N 199 54.84 75.31 3.31
CA THR N 199 55.57 74.84 4.47
C THR N 199 57.04 74.66 4.12
N VAL N 200 57.91 74.80 5.13
CA VAL N 200 59.34 74.65 4.89
C VAL N 200 59.64 73.30 4.25
N GLU N 201 58.79 72.31 4.50
CA GLU N 201 58.92 71.03 3.82
C GLU N 201 58.74 71.19 2.32
N TRP N 202 57.76 71.99 1.91
CA TRP N 202 57.52 72.20 0.49
C TRP N 202 58.73 72.81 -0.20
N LEU N 203 59.31 73.84 0.41
CA LEU N 203 60.52 74.44 -0.14
C LEU N 203 61.64 73.43 -0.18
N LYS N 204 61.80 72.65 0.90
CA LYS N 204 62.83 71.62 0.93
C LYS N 204 62.63 70.59 -0.18
N SER N 205 61.39 70.15 -0.37
CA SER N 205 61.11 69.16 -1.41
C SER N 205 61.38 69.73 -2.80
N LYS N 206 61.01 71.00 -3.00
CA LYS N 206 61.17 71.60 -4.33
C LYS N 206 62.62 71.63 -4.77
N ALA N 207 63.55 71.82 -3.83
CA ALA N 207 64.96 71.91 -4.19
C ALA N 207 65.46 70.59 -4.79
N MET N 208 65.02 69.46 -4.24
CA MET N 208 65.54 68.17 -4.70
C MET N 208 65.20 67.88 -6.15
N GLU N 209 64.23 68.60 -6.74
CA GLU N 209 63.89 68.38 -8.13
C GLU N 209 65.01 68.79 -9.07
N TRP N 210 65.99 69.56 -8.60
CA TRP N 210 67.14 69.90 -9.43
C TRP N 210 67.96 68.63 -9.72
N PRO N 211 68.54 68.52 -10.90
CA PRO N 211 69.26 67.28 -11.25
C PRO N 211 70.41 66.98 -10.29
N CYS N 212 70.61 65.69 -10.03
CA CYS N 212 71.78 65.20 -9.30
C CYS N 212 71.86 65.78 -7.88
N VAL N 213 70.73 66.09 -7.28
CA VAL N 213 70.68 66.55 -5.89
C VAL N 213 70.24 65.39 -5.01
N THR N 214 70.94 65.19 -3.90
CA THR N 214 70.72 64.05 -3.02
C THR N 214 70.14 64.48 -1.66
N ASP N 215 70.82 65.39 -0.97
CA ASP N 215 70.42 65.79 0.37
C ASP N 215 70.28 67.32 0.43
N VAL N 216 69.52 67.77 1.42
CA VAL N 216 69.28 69.19 1.63
C VAL N 216 69.05 69.41 3.13
N PHE N 217 69.80 70.34 3.72
CA PHE N 217 69.74 70.60 5.15
C PHE N 217 69.63 72.09 5.42
N ASP N 218 69.03 72.42 6.55
CA ASP N 218 69.02 73.79 7.03
C ASP N 218 70.40 74.17 7.55
N LEU N 219 70.60 75.47 7.74
CA LEU N 219 71.87 75.95 8.29
C LEU N 219 72.11 75.31 9.65
N GLY N 220 73.34 74.89 9.89
CA GLY N 220 73.66 74.14 11.07
C GLY N 220 73.68 75.02 12.31
N PRO N 221 73.92 74.39 13.47
CA PRO N 221 73.93 75.15 14.72
C PRO N 221 74.97 76.26 14.76
N ASN N 222 76.10 76.09 14.07
CA ASN N 222 77.21 77.04 14.13
C ASN N 222 77.05 78.20 13.17
N CYS N 223 75.83 78.48 12.71
CA CYS N 223 75.57 79.58 11.79
C CYS N 223 74.58 80.55 12.42
N CYS N 224 74.94 81.82 12.46
CA CYS N 224 74.07 82.87 12.98
C CYS N 224 73.30 83.46 11.80
N SER N 225 72.07 82.98 11.59
CA SER N 225 71.30 83.38 10.43
C SER N 225 70.78 84.80 10.58
N VAL N 226 70.34 85.36 9.46
CA VAL N 226 69.69 86.67 9.42
C VAL N 226 68.33 86.48 8.78
N ASN N 227 67.29 87.00 9.44
CA ASN N 227 65.91 86.74 9.03
C ASN N 227 65.13 87.99 8.66
N ALA N 228 65.64 89.19 8.94
CA ALA N 228 64.87 90.40 8.70
C ALA N 228 64.93 90.83 7.24
N LEU N 229 66.13 91.16 6.76
CA LEU N 229 66.31 91.70 5.42
C LEU N 229 65.32 92.83 5.14
N GLY N 230 65.42 93.88 5.95
CA GLY N 230 64.58 95.05 5.85
C GLY N 230 64.00 95.41 7.20
N GLU N 231 63.10 96.40 7.19
CA GLU N 231 62.44 96.87 8.40
C GLU N 231 61.06 96.21 8.46
N VAL N 232 61.04 94.94 8.86
CA VAL N 232 59.81 94.16 8.95
C VAL N 232 59.74 93.51 10.33
N GLU N 233 58.52 93.14 10.71
CA GLU N 233 58.25 92.64 12.05
C GLU N 233 58.19 91.12 12.12
N CYS N 234 58.17 90.42 11.00
CA CYS N 234 58.05 88.97 10.96
C CYS N 234 59.13 88.42 10.04
N PRO N 235 59.62 87.20 10.29
CA PRO N 235 60.75 86.70 9.51
C PRO N 235 60.45 86.67 8.01
N ASN N 236 61.49 86.96 7.22
CA ASN N 236 61.34 87.17 5.79
C ASN N 236 62.35 86.42 4.93
N ASN N 237 63.42 85.87 5.50
CA ASN N 237 64.50 85.27 4.71
C ASN N 237 64.71 83.82 5.14
N ILE N 238 65.19 83.01 4.20
CA ILE N 238 65.45 81.60 4.44
C ILE N 238 66.58 81.15 3.52
N GLU N 239 67.51 80.37 4.07
CA GLU N 239 68.64 79.83 3.32
C GLU N 239 68.94 78.42 3.80
N PHE N 240 69.54 77.63 2.92
CA PHE N 240 69.83 76.24 3.24
C PHE N 240 70.88 75.69 2.28
N TYR N 241 71.45 74.53 2.66
CA TYR N 241 72.56 73.92 1.95
C TYR N 241 72.06 72.90 0.93
N VAL N 242 73.00 72.28 0.20
CA VAL N 242 72.69 71.22 -0.75
C VAL N 242 73.91 70.31 -0.87
N LEU N 243 73.68 69.07 -1.30
CA LEU N 243 74.75 68.11 -1.50
C LEU N 243 74.52 67.36 -2.80
N PHE N 244 75.62 66.89 -3.39
CA PHE N 244 75.63 66.15 -4.65
C PHE N 244 76.44 64.86 -4.50
N ARG N 245 76.11 64.09 -3.45
CA ARG N 245 76.99 63.01 -3.01
C ARG N 245 77.42 62.10 -4.15
N ASP N 246 76.49 61.76 -5.05
CA ASP N 246 76.77 60.77 -6.07
C ASP N 246 77.53 61.33 -7.26
N THR N 247 77.70 62.65 -7.35
CA THR N 247 78.32 63.26 -8.53
C THR N 247 79.66 63.92 -8.20
N PHE N 248 79.70 64.85 -7.25
CA PHE N 248 80.92 65.58 -6.95
C PHE N 248 81.65 64.93 -5.78
N ASP N 249 82.96 65.20 -5.72
CA ASP N 249 83.76 64.72 -4.60
C ASP N 249 83.23 65.31 -3.29
N CYS N 250 83.00 64.44 -2.31
CA CYS N 250 82.45 64.81 -1.01
C CYS N 250 81.05 65.40 -1.12
N GLY N 251 80.43 65.36 -2.29
CA GLY N 251 79.10 65.90 -2.46
C GLY N 251 79.02 67.40 -2.48
N LEU N 252 80.15 68.10 -2.58
CA LEU N 252 80.17 69.56 -2.58
C LEU N 252 80.39 70.06 -3.99
N ALA N 253 79.56 71.02 -4.41
CA ALA N 253 79.60 71.55 -5.76
C ALA N 253 80.19 72.96 -5.77
N PRO N 254 80.82 73.37 -6.87
CA PRO N 254 81.35 74.73 -6.95
C PRO N 254 80.24 75.77 -6.99
N GLN N 255 80.60 77.00 -6.63
CA GLN N 255 79.62 78.08 -6.56
C GLN N 255 78.95 78.31 -7.90
N CYS N 256 79.59 77.89 -9.00
CA CYS N 256 79.01 78.11 -10.32
C CYS N 256 77.64 77.46 -10.45
N VAL N 257 77.38 76.40 -9.69
CA VAL N 257 76.12 75.66 -9.83
C VAL N 257 75.06 76.18 -8.87
N VAL N 258 75.41 76.37 -7.60
CA VAL N 258 74.42 76.78 -6.62
C VAL N 258 73.82 78.14 -6.99
N ASP N 259 74.58 78.98 -7.69
CA ASP N 259 74.04 80.26 -8.13
C ASP N 259 72.84 80.05 -9.05
N GLU N 260 72.93 79.06 -9.95
CA GLU N 260 71.82 78.79 -10.85
C GLU N 260 70.59 78.34 -10.10
N ILE N 261 70.77 77.48 -9.08
CA ILE N 261 69.63 76.99 -8.32
C ILE N 261 68.92 78.14 -7.61
N THR N 262 69.70 79.05 -7.00
CA THR N 262 69.10 80.16 -6.27
C THR N 262 68.25 81.02 -7.19
N ASP N 263 68.75 81.29 -8.40
CA ASP N 263 68.00 82.12 -9.33
C ASP N 263 66.68 81.47 -9.71
N TRP N 264 66.69 80.16 -9.99
CA TRP N 264 65.47 79.49 -10.40
C TRP N 264 64.47 79.38 -9.26
N LEU N 265 64.94 78.98 -8.08
CA LEU N 265 64.03 78.73 -6.97
C LEU N 265 63.39 80.02 -6.46
N PHE N 266 64.20 81.05 -6.22
CA PHE N 266 63.71 82.31 -5.66
C PHE N 266 63.50 83.39 -6.70
N GLY N 267 63.89 83.15 -7.95
CA GLY N 267 63.68 84.12 -9.01
C GLY N 267 64.76 85.17 -9.06
N SER N 268 64.72 85.97 -10.12
CA SER N 268 65.67 87.05 -10.34
C SER N 268 64.99 88.15 -11.15
N PRO N 269 64.79 89.35 -10.58
CA PRO N 269 65.21 89.81 -9.25
C PRO N 269 64.46 89.11 -8.10
N GLN N 270 65.10 89.06 -6.93
CA GLN N 270 64.51 88.42 -5.77
C GLN N 270 63.57 89.38 -5.05
N GLY N 271 62.72 88.81 -4.20
CA GLY N 271 61.79 89.59 -3.41
C GLY N 271 60.49 89.93 -4.11
N LEU N 272 60.34 89.57 -5.39
CA LEU N 272 59.14 89.86 -6.15
C LEU N 272 58.46 88.59 -6.65
N GLY N 273 58.81 87.44 -6.09
CA GLY N 273 58.15 86.19 -6.47
C GLY N 273 58.29 85.86 -7.93
N GLN N 274 59.47 86.05 -8.50
CA GLN N 274 59.70 85.72 -9.90
C GLN N 274 59.98 84.24 -10.11
N GLY N 275 60.26 83.49 -9.05
CA GLY N 275 60.55 82.07 -9.17
C GLY N 275 59.49 81.20 -8.54
N GLU N 276 59.89 80.04 -8.02
CA GLU N 276 58.97 79.11 -7.40
C GLU N 276 58.61 79.49 -5.97
N ALA N 277 59.26 80.50 -5.40
CA ALA N 277 59.01 80.91 -4.03
C ALA N 277 57.88 81.91 -3.95
N GLU N 278 57.39 82.13 -2.73
CA GLU N 278 56.27 83.03 -2.51
C GLU N 278 56.67 84.48 -2.81
N PHE N 279 55.67 85.30 -3.09
CA PHE N 279 55.89 86.72 -3.27
C PHE N 279 56.36 87.35 -1.97
N GLY N 280 57.34 88.24 -2.06
CA GLY N 280 57.85 88.91 -0.89
C GLY N 280 58.71 88.06 0.01
N ILE N 281 59.27 86.96 -0.50
CA ILE N 281 60.16 86.09 0.26
C ILE N 281 61.48 86.01 -0.49
N CYS N 282 62.58 86.23 0.23
CA CYS N 282 63.92 86.16 -0.34
C CYS N 282 64.69 85.03 0.33
N GLY N 283 65.66 84.49 -0.41
CA GLY N 283 66.43 83.38 0.11
C GLY N 283 67.68 83.17 -0.71
N LYS N 284 68.47 82.18 -0.29
CA LYS N 284 69.73 81.88 -0.94
C LYS N 284 70.10 80.43 -0.67
N VAL N 285 70.65 79.76 -1.68
CA VAL N 285 71.17 78.40 -1.56
C VAL N 285 72.69 78.48 -1.65
N ARG N 286 73.37 77.87 -0.68
CA ARG N 286 74.81 78.00 -0.56
C ARG N 286 75.46 76.64 -0.45
N THR N 287 76.74 76.58 -0.81
CA THR N 287 77.56 75.38 -0.72
C THR N 287 78.54 75.52 0.43
N ALA N 288 79.44 74.54 0.55
CA ALA N 288 80.42 74.51 1.62
C ALA N 288 81.75 74.03 1.08
N THR N 289 82.80 74.22 1.88
CA THR N 289 84.16 73.83 1.53
C THR N 289 84.59 72.66 2.40
N ALA N 290 85.30 71.71 1.80
CA ALA N 290 85.65 70.48 2.49
C ALA N 290 86.72 70.71 3.54
N VAL N 291 86.62 69.95 4.63
CA VAL N 291 87.64 69.90 5.68
C VAL N 291 88.01 68.44 5.87
N ASN N 292 89.26 68.11 5.58
CA ASN N 292 89.69 66.71 5.61
C ASN N 292 90.04 66.29 7.03
N LEU N 293 89.69 65.05 7.37
CA LEU N 293 89.96 64.48 8.68
C LEU N 293 90.49 63.07 8.51
N ASP N 294 91.27 62.63 9.50
CA ASP N 294 91.78 61.27 9.57
C ASP N 294 91.35 60.66 10.89
N ILE N 295 90.94 59.40 10.85
CA ILE N 295 90.36 58.71 12.00
C ILE N 295 91.20 57.47 12.29
N TYR N 296 91.60 57.32 13.55
CA TYR N 296 92.41 56.19 13.99
C TYR N 296 91.59 55.36 14.97
N LEU N 297 91.33 54.11 14.62
CA LEU N 297 90.61 53.17 15.47
C LEU N 297 91.62 52.29 16.19
N ASN N 298 91.46 52.16 17.50
CA ASN N 298 92.40 51.43 18.35
C ASN N 298 91.76 50.13 18.81
N GLY N 299 92.46 49.02 18.59
CA GLY N 299 92.05 47.72 19.08
C GLY N 299 91.17 46.92 18.15
N LEU N 300 90.77 47.48 16.99
CA LEU N 300 89.91 46.73 16.08
C LEU N 300 90.61 45.49 15.55
N SER N 301 91.94 45.50 15.50
CA SER N 301 92.66 44.39 14.89
C SER N 301 92.39 43.07 15.59
N CYS N 302 91.96 43.09 16.85
CA CYS N 302 91.71 41.86 17.61
C CYS N 302 90.28 41.37 17.47
N ALA N 303 89.47 42.01 16.64
CA ALA N 303 88.13 41.55 16.33
C ALA N 303 88.14 40.74 15.04
N THR N 304 87.10 39.94 14.85
CA THR N 304 87.04 39.08 13.67
C THR N 304 87.04 39.95 12.41
N PRO N 305 87.60 39.44 11.31
CA PRO N 305 87.67 40.25 10.09
C PRO N 305 86.30 40.73 9.62
N ALA N 306 85.26 39.91 9.75
CA ALA N 306 83.93 40.32 9.33
C ALA N 306 83.45 41.53 10.11
N GLN N 307 83.65 41.52 11.43
CA GLN N 307 83.21 42.64 12.26
C GLN N 307 83.99 43.91 11.92
N ALA N 308 85.28 43.76 11.63
CA ALA N 308 86.11 44.94 11.35
C ALA N 308 85.59 45.69 10.13
N ARG N 309 85.22 44.97 9.08
CA ARG N 309 84.76 45.63 7.86
C ARG N 309 83.47 46.41 8.11
N VAL N 310 82.56 45.84 8.90
CA VAL N 310 81.28 46.50 9.14
C VAL N 310 81.50 47.84 9.82
N VAL N 311 82.36 47.88 10.83
CA VAL N 311 82.61 49.12 11.55
C VAL N 311 83.21 50.17 10.62
N GLU N 312 84.16 49.76 9.79
CA GLU N 312 84.80 50.71 8.87
C GLU N 312 83.77 51.25 7.88
N GLN N 313 82.92 50.39 7.34
CA GLN N 313 81.96 50.83 6.33
C GLN N 313 80.91 51.74 6.95
N ARG N 314 80.42 51.40 8.15
CA ARG N 314 79.41 52.23 8.79
C ARG N 314 79.94 53.61 9.11
N ILE N 315 81.16 53.70 9.63
CA ILE N 315 81.73 55.00 9.97
C ILE N 315 81.91 55.85 8.72
N THR N 316 82.38 55.25 7.63
CA THR N 316 82.59 56.01 6.40
C THR N 316 81.28 56.59 5.90
N ASP N 317 80.21 55.79 5.93
CA ASP N 317 78.91 56.27 5.46
C ASP N 317 78.41 57.43 6.33
N PHE N 318 78.55 57.30 7.64
CA PHE N 318 77.99 58.31 8.54
C PHE N 318 78.62 59.68 8.29
N ILE N 319 79.95 59.73 8.15
CA ILE N 319 80.61 61.01 7.91
C ILE N 319 80.23 61.58 6.55
N ASN N 320 80.05 60.70 5.55
CA ASN N 320 79.70 61.18 4.22
C ASN N 320 78.36 61.92 4.23
N ARG N 321 77.41 61.44 5.03
CA ARG N 321 76.09 62.04 5.10
C ARG N 321 76.00 63.17 6.12
N HIS N 322 77.08 63.50 6.81
CA HIS N 322 77.01 64.48 7.87
C HIS N 322 76.63 65.84 7.32
N PRO N 323 75.72 66.57 7.97
CA PRO N 323 75.35 67.89 7.47
C PRO N 323 76.51 68.86 7.59
N PRO N 324 76.61 69.84 6.69
CA PRO N 324 77.70 70.81 6.78
C PRO N 324 77.55 71.71 8.01
N SER N 325 78.69 72.20 8.49
CA SER N 325 78.74 73.13 9.62
C SER N 325 78.08 72.51 10.86
N THR N 326 78.64 71.38 11.28
CA THR N 326 78.18 70.70 12.48
C THR N 326 79.34 69.91 13.07
N ASN N 327 79.46 69.95 14.40
CA ASN N 327 80.55 69.25 15.06
C ASN N 327 80.44 67.74 14.83
N LEU N 328 81.59 67.10 14.69
CA LEU N 328 81.69 65.65 14.53
C LEU N 328 82.29 65.09 15.81
N THR N 329 81.44 64.85 16.80
CA THR N 329 81.90 64.47 18.13
C THR N 329 82.38 63.03 18.16
N VAL N 330 83.29 62.75 19.10
CA VAL N 330 83.82 61.41 19.26
C VAL N 330 82.74 60.45 19.74
N GLU N 331 81.83 60.93 20.57
CA GLU N 331 80.83 60.04 21.16
C GLU N 331 80.01 59.33 20.09
N GLN N 332 79.66 60.04 19.02
CA GLN N 332 78.87 59.43 17.96
C GLN N 332 79.61 58.25 17.33
N LEU N 333 80.90 58.43 17.04
CA LEU N 333 81.67 57.35 16.45
C LEU N 333 81.76 56.16 17.39
N ARG N 334 81.94 56.41 18.69
CA ARG N 334 82.05 55.30 19.64
C ARG N 334 80.78 54.47 19.69
N PHE N 335 79.62 55.12 19.64
CA PHE N 335 78.36 54.38 19.67
C PHE N 335 78.27 53.41 18.51
N ILE N 336 78.72 53.81 17.32
CA ILE N 336 78.64 52.93 16.16
C ILE N 336 79.41 51.65 16.42
N GLY N 337 80.57 51.75 17.08
CA GLY N 337 81.35 50.57 17.40
C GLY N 337 80.66 49.68 18.41
N LEU N 338 80.05 50.27 19.45
CA LEU N 338 79.44 49.47 20.50
C LEU N 338 78.21 48.73 20.01
N GLN N 339 77.50 49.27 19.02
CA GLN N 339 76.28 48.62 18.55
C GLN N 339 76.55 47.26 17.95
N VAL N 340 77.75 47.05 17.41
CA VAL N 340 78.10 45.82 16.73
C VAL N 340 79.13 45.01 17.52
N LEU N 341 80.16 45.68 18.05
CA LEU N 341 81.23 44.96 18.75
C LEU N 341 80.81 44.48 20.13
N GLY N 342 79.74 45.02 20.69
CA GLY N 342 79.31 44.66 22.02
C GLY N 342 79.79 45.65 23.06
N SER N 343 79.00 45.80 24.13
CA SER N 343 79.30 46.79 25.15
C SER N 343 80.57 46.46 25.94
N SER N 344 81.00 45.21 25.92
CA SER N 344 82.15 44.77 26.72
C SER N 344 83.47 44.83 25.97
N PHE N 345 83.48 45.33 24.74
CA PHE N 345 84.69 45.36 23.95
C PHE N 345 85.54 46.58 24.31
N ALA N 346 86.86 46.43 24.20
CA ALA N 346 87.79 47.51 24.52
C ALA N 346 88.00 48.34 23.26
N PHE N 347 87.08 49.26 23.04
CA PHE N 347 87.08 50.12 21.85
C PHE N 347 87.61 51.51 22.19
N ASP N 348 88.07 52.20 21.16
CA ASP N 348 88.55 53.57 21.31
C ASP N 348 88.75 54.18 19.93
N VAL N 349 88.39 55.46 19.81
CA VAL N 349 88.54 56.19 18.54
C VAL N 349 89.14 57.57 18.85
N ALA N 350 89.72 58.16 17.80
CA ALA N 350 90.29 59.49 17.92
C ALA N 350 90.29 60.15 16.54
N ILE N 351 90.17 61.47 16.53
CA ILE N 351 90.12 62.26 15.30
C ILE N 351 91.36 63.12 15.23
N ARG N 352 92.06 63.07 14.11
CA ARG N 352 93.27 63.85 13.90
C ARG N 352 93.32 64.34 12.46
N SER N 353 93.92 65.50 12.28
CA SER N 353 94.02 66.09 10.95
C SER N 353 95.17 65.44 10.16
N PRO N 354 95.08 65.42 8.84
CA PRO N 354 96.18 64.82 8.05
C PRO N 354 97.49 65.57 8.26
N GLY N 355 98.52 64.83 8.64
CA GLY N 355 99.82 65.42 8.90
C GLY N 355 99.83 66.32 10.12
N ASP N 356 98.74 66.28 10.89
CA ASP N 356 98.61 67.14 12.07
C ASP N 356 98.88 68.59 11.72
N ALA N 357 98.38 69.01 10.57
CA ALA N 357 98.55 70.37 10.09
C ALA N 357 97.39 71.24 10.58
N SER N 358 97.29 72.46 10.08
CA SER N 358 96.23 73.39 10.43
C SER N 358 95.37 73.66 9.20
N GLN N 359 94.06 73.51 9.35
CA GLN N 359 93.11 73.75 8.29
C GLN N 359 92.13 74.84 8.72
N SER N 360 91.83 75.75 7.80
CA SER N 360 90.92 76.85 8.11
C SER N 360 89.54 76.31 8.48
N GLY N 361 88.97 76.85 9.54
CA GLY N 361 87.64 76.47 9.96
C GLY N 361 87.56 75.20 10.79
N LEU N 362 88.69 74.70 11.29
CA LEU N 362 88.72 73.48 12.08
C LEU N 362 89.39 73.75 13.42
N ARG N 363 88.75 73.28 14.49
CA ARG N 363 89.30 73.40 15.83
C ARG N 363 88.93 72.17 16.62
N PHE N 364 89.74 71.86 17.63
CA PHE N 364 89.51 70.73 18.53
C PHE N 364 89.26 71.25 19.93
N ASN N 365 88.14 70.84 20.52
CA ASN N 365 87.80 71.25 21.87
C ASN N 365 88.48 70.35 22.89
N ALA N 366 88.24 70.61 24.16
CA ALA N 366 88.90 69.86 25.23
C ALA N 366 88.51 68.39 25.19
N CYS N 367 87.23 68.10 24.94
CA CYS N 367 86.74 66.73 24.98
C CYS N 367 87.30 65.87 23.83
N GLY N 368 87.92 66.48 22.83
CA GLY N 368 88.48 65.76 21.71
C GLY N 368 87.63 65.79 20.46
N ASP N 369 86.44 66.37 20.53
CA ASP N 369 85.57 66.45 19.35
C ASP N 369 86.20 67.35 18.29
N ALA N 370 85.54 67.43 17.15
CA ALA N 370 85.95 68.29 16.04
C ALA N 370 84.95 69.42 15.91
N GLU N 371 85.45 70.65 15.92
CA GLU N 371 84.62 71.84 15.80
C GLU N 371 84.79 72.44 14.41
N ILE N 372 83.67 72.69 13.74
CA ILE N 372 83.66 73.15 12.35
C ILE N 372 82.82 74.42 12.26
N ASP N 373 83.35 75.42 11.58
CA ASP N 373 82.68 76.70 11.43
C ASP N 373 81.71 76.66 10.25
N CYS N 374 81.08 77.79 9.98
CA CYS N 374 80.10 77.87 8.91
C CYS N 374 80.75 77.66 7.55
N ASP N 375 79.96 77.16 6.60
CA ASP N 375 80.40 76.90 5.23
C ASP N 375 81.51 75.88 5.16
N TYR N 376 81.57 74.95 6.12
CA TYR N 376 82.57 73.90 6.12
C TYR N 376 81.92 72.57 6.47
N LYS N 377 82.48 71.50 5.93
CA LYS N 377 81.96 70.15 6.10
C LYS N 377 83.09 69.20 6.48
N ALA N 378 82.74 68.16 7.22
CA ALA N 378 83.70 67.12 7.60
C ALA N 378 83.73 66.06 6.52
N CYS N 379 84.87 65.93 5.85
CA CYS N 379 85.06 64.95 4.79
C CYS N 379 86.09 63.93 5.23
N LEU N 380 85.75 62.65 5.12
CA LEU N 380 86.67 61.59 5.51
C LEU N 380 87.80 61.50 4.49
N ASN N 381 89.03 61.40 4.99
CA ASN N 381 90.21 61.28 4.15
C ASN N 381 90.85 59.90 4.22
N SER N 382 90.87 59.29 5.40
CA SER N 382 91.44 57.95 5.55
C SER N 382 91.12 57.44 6.94
N VAL N 383 90.83 56.14 7.03
CA VAL N 383 90.57 55.47 8.30
C VAL N 383 91.59 54.35 8.46
N GLN N 384 92.28 54.35 9.60
CA GLN N 384 93.37 53.41 9.85
C GLN N 384 93.17 52.75 11.20
N VAL N 385 93.71 51.53 11.32
CA VAL N 385 93.60 50.72 12.53
C VAL N 385 94.99 50.58 13.13
N ILE N 386 95.10 50.86 14.43
CA ILE N 386 96.36 50.74 15.15
C ILE N 386 96.14 49.86 16.38
N ASN N 387 97.23 49.28 16.86
CA ASN N 387 97.20 48.42 18.03
C ASN N 387 98.38 48.75 18.93
N ASN N 388 98.10 49.03 20.21
CA ASN N 388 99.16 49.33 21.16
C ASN N 388 98.91 48.69 22.52
N ASN N 389 98.06 47.66 22.58
CA ASN N 389 97.74 46.97 23.82
C ASN N 389 97.93 45.47 23.63
N VAL N 390 97.72 44.71 24.71
CA VAL N 390 97.89 43.27 24.70
C VAL N 390 96.66 42.63 25.32
N THR N 391 96.34 41.44 24.83
CA THR N 391 95.20 40.66 25.33
C THR N 391 95.24 39.29 24.65
N THR N 392 94.29 38.44 25.02
CA THR N 392 94.18 37.10 24.46
C THR N 392 95.43 36.28 24.79
N CYS O 3 57.23 27.88 7.00
CA CYS O 3 57.18 28.05 5.55
C CYS O 3 57.80 26.85 4.85
N THR O 4 57.17 26.40 3.77
CA THR O 4 57.66 25.24 3.03
C THR O 4 56.95 25.17 1.69
N ILE O 5 57.71 24.87 0.64
CA ILE O 5 57.19 24.64 -0.70
C ILE O 5 57.68 23.28 -1.16
N GLN O 6 56.76 22.47 -1.68
CA GLN O 6 57.04 21.07 -1.97
C GLN O 6 56.66 20.75 -3.41
N ARG O 7 56.87 19.50 -3.80
CA ARG O 7 56.66 19.05 -5.17
C ARG O 7 55.17 19.07 -5.51
N PRO O 8 54.74 19.75 -6.57
CA PRO O 8 53.31 19.82 -6.87
C PRO O 8 52.79 18.50 -7.42
N GLU O 9 51.47 18.34 -7.30
CA GLU O 9 50.80 17.17 -7.83
C GLU O 9 50.63 17.28 -9.35
N PRO O 10 50.37 16.16 -10.04
CA PRO O 10 50.27 16.21 -11.50
C PRO O 10 49.18 17.15 -12.01
N GLN O 11 47.93 16.93 -11.58
CA GLN O 11 46.84 17.74 -12.10
C GLN O 11 47.03 19.22 -11.75
N ALA O 12 47.43 19.51 -10.51
CA ALA O 12 47.68 20.89 -10.13
C ALA O 12 48.84 21.49 -10.91
N LEU O 13 49.68 20.67 -11.54
CA LEU O 13 50.81 21.16 -12.31
C LEU O 13 50.48 21.36 -13.78
N ARG O 14 49.73 20.42 -14.38
CA ARG O 14 49.36 20.56 -15.78
C ARG O 14 48.49 21.78 -16.00
N ASP O 15 47.54 22.03 -15.09
CA ASP O 15 46.66 23.17 -15.25
C ASP O 15 47.44 24.48 -15.18
N LYS O 16 48.47 24.52 -14.34
CA LYS O 16 49.28 25.74 -14.23
C LYS O 16 49.93 26.08 -15.57
N ILE O 17 50.43 25.07 -16.28
CA ILE O 17 51.06 25.30 -17.56
C ILE O 17 50.03 25.73 -18.60
N ALA O 18 48.88 25.05 -18.64
CA ALA O 18 47.88 25.36 -19.66
C ALA O 18 47.39 26.80 -19.51
N THR O 19 47.11 27.23 -18.28
CA THR O 19 46.65 28.60 -18.07
C THR O 19 47.72 29.60 -18.48
N ARG O 20 48.97 29.36 -18.07
CA ARG O 20 50.05 30.27 -18.41
C ARG O 20 50.26 30.31 -19.92
N PHE O 21 50.26 29.16 -20.57
CA PHE O 21 50.45 29.11 -22.02
C PHE O 21 49.31 29.82 -22.74
N SER O 22 48.08 29.57 -22.32
CA SER O 22 46.93 30.15 -23.01
C SER O 22 46.91 31.67 -22.87
N THR O 23 47.15 32.17 -21.64
CA THR O 23 46.99 33.59 -21.39
C THR O 23 48.08 34.43 -22.05
N ASN O 24 49.30 33.89 -22.15
CA ASN O 24 50.43 34.67 -22.63
C ASN O 24 50.75 34.45 -24.10
N VAL O 25 50.11 33.49 -24.76
CA VAL O 25 50.39 33.15 -26.15
C VAL O 25 49.15 33.27 -27.02
N LEU O 26 48.03 32.69 -26.58
CA LEU O 26 46.79 32.68 -27.33
C LEU O 26 45.82 33.75 -26.88
N GLY O 27 46.22 34.63 -25.97
CA GLY O 27 45.35 35.72 -25.54
C GLY O 27 44.06 35.27 -24.91
N GLY O 28 44.12 34.29 -24.01
CA GLY O 28 42.95 33.83 -23.30
C GLY O 28 42.12 32.80 -24.02
N ALA O 29 42.49 32.44 -25.25
CA ALA O 29 41.72 31.43 -25.98
C ALA O 29 41.81 30.08 -25.29
N GLU O 30 40.72 29.33 -25.38
CA GLU O 30 40.68 28.00 -24.78
C GLU O 30 41.54 27.03 -25.58
N ILE O 31 41.98 25.97 -24.91
CA ILE O 31 42.80 24.94 -25.53
C ILE O 31 41.87 23.85 -26.05
N ILE O 32 41.68 23.80 -27.36
CA ILE O 32 40.80 22.82 -27.99
C ILE O 32 41.54 21.49 -28.05
N PRO O 33 41.00 20.41 -27.49
CA PRO O 33 41.72 19.13 -27.51
C PRO O 33 42.00 18.66 -28.92
N GLU O 34 43.14 18.00 -29.10
CA GLU O 34 43.61 17.37 -30.33
C GLU O 34 44.15 18.39 -31.33
N SER O 35 44.20 19.67 -31.00
CA SER O 35 44.87 20.64 -31.84
C SER O 35 46.36 20.60 -31.56
N ASN O 36 47.12 21.38 -32.33
CA ASN O 36 48.58 21.38 -32.15
C ASN O 36 48.96 21.93 -30.78
N GLU O 37 48.23 22.94 -30.29
CA GLU O 37 48.54 23.47 -28.96
C GLU O 37 48.33 22.42 -27.87
N PHE O 38 47.38 21.50 -28.08
CA PHE O 38 47.16 20.44 -27.10
C PHE O 38 48.40 19.58 -26.93
N TYR O 39 49.03 19.20 -28.05
CA TYR O 39 50.25 18.40 -27.97
C TYR O 39 51.40 19.21 -27.40
N VAL O 40 51.47 20.50 -27.73
CA VAL O 40 52.53 21.34 -27.19
C VAL O 40 52.40 21.47 -25.68
N VAL O 41 51.17 21.66 -25.19
CA VAL O 41 50.98 21.84 -23.76
C VAL O 41 51.38 20.59 -23.00
N THR O 42 50.94 19.41 -23.46
CA THR O 42 51.24 18.18 -22.75
C THR O 42 52.72 17.88 -22.76
N LEU O 43 53.39 18.13 -23.89
CA LEU O 43 54.85 17.94 -23.94
C LEU O 43 55.54 18.86 -22.94
N GLU O 44 55.09 20.11 -22.85
CA GLU O 44 55.66 21.03 -21.88
C GLU O 44 55.50 20.49 -20.47
N TYR O 45 54.32 19.95 -20.15
CA TYR O 45 54.11 19.38 -18.82
C TYR O 45 55.04 18.20 -18.57
N ALA O 46 55.23 17.35 -19.57
CA ALA O 46 56.12 16.20 -19.40
C ALA O 46 57.51 16.66 -18.97
N MET O 47 58.07 17.64 -19.69
CA MET O 47 59.37 18.17 -19.32
C MET O 47 59.36 18.69 -17.89
N GLN O 48 58.25 19.29 -17.47
CA GLN O 48 58.15 19.83 -16.12
C GLN O 48 58.23 18.72 -15.08
N GLU O 49 57.52 17.62 -15.30
CA GLU O 49 57.46 16.55 -14.30
C GLU O 49 58.74 15.75 -14.25
N GLU O 50 59.33 15.44 -15.41
CA GLU O 50 60.56 14.64 -15.41
C GLU O 50 61.66 15.34 -14.61
N PHE O 51 61.65 16.67 -14.61
CA PHE O 51 62.66 17.41 -13.85
C PHE O 51 62.55 17.13 -12.36
N PHE O 52 61.33 17.20 -11.82
CA PHE O 52 61.15 16.97 -10.39
C PHE O 52 61.49 15.53 -10.01
N ALA O 53 61.03 14.57 -10.81
CA ALA O 53 61.24 13.16 -10.46
C ALA O 53 62.72 12.83 -10.37
N PHE O 54 63.50 13.28 -11.35
CA PHE O 54 64.94 13.04 -11.32
C PHE O 54 65.59 13.71 -10.12
N ALA O 55 65.18 14.94 -9.81
CA ALA O 55 65.76 15.66 -8.70
C ALA O 55 65.52 14.93 -7.39
N GLU O 56 64.31 14.40 -7.19
CA GLU O 56 64.03 13.67 -5.96
C GLU O 56 64.91 12.44 -5.83
N GLN O 57 65.17 11.76 -6.94
CA GLN O 57 66.03 10.57 -6.90
C GLN O 57 67.42 10.91 -6.41
N MET O 58 68.05 11.91 -7.04
CA MET O 58 69.44 12.22 -6.71
C MET O 58 69.58 12.69 -5.27
N TRP O 59 68.66 13.51 -4.79
CA TRP O 59 68.76 14.00 -3.41
C TRP O 59 68.58 12.89 -2.39
N ARG O 60 68.05 11.73 -2.79
CA ARG O 60 67.97 10.60 -1.89
C ARG O 60 69.34 9.95 -1.69
N GLU O 61 70.14 9.87 -2.76
CA GLU O 61 71.43 9.20 -2.67
C GLU O 61 72.36 9.89 -1.67
N GLN O 62 72.18 11.18 -1.46
CA GLN O 62 73.00 11.90 -0.49
C GLN O 62 72.65 11.54 0.95
N ASP O 63 71.56 10.82 1.17
CA ASP O 63 71.15 10.45 2.51
C ASP O 63 71.71 9.08 2.87
N PRO O 64 72.56 8.97 3.89
CA PRO O 64 73.14 7.64 4.19
C PRO O 64 72.10 6.60 4.56
N ARG O 65 70.95 7.01 5.10
CA ARG O 65 69.94 6.04 5.50
C ARG O 65 69.39 5.25 4.31
N TYR O 66 69.51 5.78 3.10
CA TYR O 66 68.89 5.16 1.93
C TYR O 66 69.82 4.98 0.74
N ALA O 67 71.03 5.52 0.79
CA ALA O 67 71.94 5.39 -0.35
C ALA O 67 72.29 3.92 -0.60
N CYS O 68 72.46 3.58 -1.87
CA CYS O 68 72.83 2.22 -2.23
C CYS O 68 74.20 1.88 -1.66
N CYS O 69 74.52 0.58 -1.66
CA CYS O 69 75.75 0.12 -1.02
C CYS O 69 76.98 0.78 -1.64
N GLU O 70 77.09 0.74 -2.97
CA GLU O 70 78.29 1.25 -3.62
C GLU O 70 78.45 2.74 -3.40
N ASN O 71 77.35 3.47 -3.21
CA ASN O 71 77.45 4.88 -2.86
C ASN O 71 77.67 5.10 -1.37
N LEU O 72 77.50 4.06 -0.55
CA LEU O 72 77.70 4.21 0.89
C LEU O 72 79.17 4.05 1.27
N VAL O 73 79.91 3.19 0.57
CA VAL O 73 81.32 3.03 0.87
C VAL O 73 82.06 4.34 0.65
N LYS O 74 81.76 5.02 -0.46
CA LYS O 74 82.14 6.41 -0.58
C LYS O 74 81.15 7.27 0.19
N MET O 75 81.53 8.53 0.45
CA MET O 75 80.88 9.41 1.41
C MET O 75 80.88 8.76 2.80
N ALA O 76 81.66 7.71 2.97
CA ALA O 76 81.97 7.09 4.25
C ALA O 76 83.48 6.89 4.41
N ALA O 77 84.18 6.55 3.33
CA ALA O 77 85.63 6.54 3.37
C ALA O 77 86.19 7.96 3.38
N ARG O 78 85.43 8.92 2.84
CA ARG O 78 85.87 10.31 2.89
C ARG O 78 86.07 10.77 4.32
N ARG O 79 85.22 10.31 5.23
CA ARG O 79 85.28 10.70 6.63
C ARG O 79 86.11 9.74 7.47
N GLY O 80 86.61 8.65 6.89
CA GLY O 80 87.48 7.74 7.61
C GLY O 80 86.74 6.65 8.34
N VAL O 81 85.75 6.04 7.69
CA VAL O 81 85.00 4.92 8.24
C VAL O 81 84.93 3.86 7.15
N TYR O 82 85.68 2.78 7.32
CA TYR O 82 85.78 1.71 6.35
C TYR O 82 85.13 0.43 6.88
N PRO O 83 84.69 -0.47 5.99
CA PRO O 83 84.20 -1.78 6.46
C PRO O 83 85.29 -2.57 7.17
N LYS O 84 84.94 -3.73 7.71
CA LYS O 84 85.87 -4.55 8.47
C LYS O 84 86.02 -5.92 7.81
N PRO O 85 87.24 -6.37 7.51
CA PRO O 85 87.41 -7.70 6.93
C PRO O 85 87.50 -8.78 7.99
N ALA O 86 87.67 -10.03 7.56
CA ALA O 86 87.80 -11.14 8.50
C ALA O 86 89.03 -10.95 9.37
N GLN O 87 88.88 -11.18 10.67
CA GLN O 87 89.97 -11.02 11.62
C GLN O 87 90.71 -12.35 11.79
N PHE O 88 91.82 -12.28 12.52
CA PHE O 88 92.68 -13.43 12.77
C PHE O 88 92.65 -13.80 14.25
N ALA O 89 92.55 -15.10 14.52
CA ALA O 89 92.61 -15.58 15.90
C ALA O 89 94.03 -15.46 16.44
N GLN O 90 94.14 -15.40 17.77
CA GLN O 90 95.43 -15.23 18.43
C GLN O 90 95.50 -16.11 19.66
N GLY O 91 96.71 -16.28 20.17
CA GLY O 91 96.92 -17.10 21.36
C GLY O 91 98.38 -17.04 21.76
N TYR O 92 98.69 -17.78 22.82
CA TYR O 92 100.03 -17.84 23.39
C TYR O 92 100.54 -19.27 23.39
N VAL O 93 101.84 -19.43 23.15
CA VAL O 93 102.48 -20.72 23.07
C VAL O 93 103.75 -20.71 23.90
N ARG O 94 104.24 -21.91 24.22
CA ARG O 94 105.45 -22.08 25.01
C ARG O 94 106.32 -23.14 24.36
N MET O 95 107.64 -22.95 24.41
CA MET O 95 108.56 -23.86 23.76
C MET O 95 109.86 -23.89 24.56
N THR O 96 110.50 -25.05 24.57
CA THR O 96 111.71 -25.28 25.37
C THR O 96 112.73 -26.02 24.53
N GLY O 97 113.99 -25.91 24.95
CA GLY O 97 115.06 -26.60 24.25
C GLY O 97 116.40 -26.33 24.91
N VAL O 98 117.46 -26.66 24.18
CA VAL O 98 118.82 -26.47 24.67
C VAL O 98 119.14 -24.98 24.65
N PRO O 99 119.53 -24.37 25.77
CA PRO O 99 119.82 -22.93 25.76
C PRO O 99 120.93 -22.59 24.77
N GLY O 100 120.81 -21.41 24.17
CA GLY O 100 121.81 -20.91 23.24
C GLY O 100 121.60 -21.32 21.80
N SER O 101 120.61 -22.15 21.51
CA SER O 101 120.35 -22.55 20.13
C SER O 101 119.84 -21.37 19.32
N ALA O 102 120.22 -21.35 18.04
CA ALA O 102 119.82 -20.27 17.14
C ALA O 102 118.37 -20.45 16.73
N LEU O 103 117.58 -19.39 16.83
CA LEU O 103 116.18 -19.39 16.48
C LEU O 103 116.00 -18.79 15.09
N ASN O 104 114.75 -18.69 14.64
CA ASN O 104 114.45 -18.19 13.31
C ASN O 104 113.15 -17.38 13.38
N GLN O 105 113.01 -16.47 12.42
CA GLN O 105 111.85 -15.58 12.34
C GLN O 105 110.76 -16.16 11.44
N ASN O 106 110.80 -17.47 11.15
CA ASN O 106 109.83 -18.12 10.29
C ASN O 106 109.29 -19.38 10.95
N LEU O 107 109.05 -19.32 12.25
CA LEU O 107 108.48 -20.45 12.96
C LEU O 107 107.03 -20.67 12.55
N ARG O 108 106.58 -21.92 12.64
CA ARG O 108 105.21 -22.27 12.32
C ARG O 108 104.80 -23.47 13.17
N PHE O 109 103.64 -23.36 13.81
CA PHE O 109 103.14 -24.39 14.71
C PHE O 109 101.84 -24.96 14.17
N GLN O 110 101.73 -26.29 14.22
CA GLN O 110 100.53 -27.01 13.78
C GLN O 110 99.93 -27.69 15.01
N PHE O 111 98.76 -27.23 15.43
CA PHE O 111 98.13 -27.77 16.64
C PHE O 111 97.15 -28.90 16.31
N GLU O 112 96.09 -28.60 15.57
CA GLU O 112 95.19 -29.64 15.08
C GLU O 112 94.53 -29.11 13.81
N ASN O 113 95.02 -29.54 12.66
CA ASN O 113 94.54 -29.13 11.35
C ASN O 113 94.62 -27.62 11.15
N GLN O 114 95.30 -26.90 12.03
CA GLN O 114 95.41 -25.45 11.96
C GLN O 114 96.88 -25.05 12.06
N THR O 115 97.27 -24.08 11.26
CA THR O 115 98.65 -23.59 11.22
C THR O 115 98.72 -22.21 11.84
N TYR O 116 99.63 -22.02 12.78
CA TYR O 116 99.82 -20.76 13.47
C TYR O 116 101.24 -20.27 13.28
N GLU O 117 101.39 -18.99 12.99
CA GLU O 117 102.68 -18.37 12.73
C GLU O 117 103.01 -17.38 13.84
N ALA O 118 104.29 -17.30 14.18
CA ALA O 118 104.73 -16.36 15.21
C ALA O 118 104.39 -14.93 14.81
N ALA O 119 103.87 -14.17 15.77
CA ALA O 119 103.44 -12.80 15.53
C ALA O 119 104.34 -11.75 16.15
N SER O 120 105.07 -12.09 17.21
CA SER O 120 105.98 -11.15 17.85
C SER O 120 107.37 -11.29 17.24
N VAL O 121 108.35 -10.62 17.84
CA VAL O 121 109.73 -10.70 17.40
C VAL O 121 110.45 -11.77 18.21
N VAL O 122 110.90 -12.81 17.52
CA VAL O 122 111.58 -13.93 18.20
C VAL O 122 113.02 -13.53 18.49
N PRO O 123 113.52 -13.73 19.71
CA PRO O 123 114.92 -13.40 19.99
C PRO O 123 115.86 -14.18 19.10
N ASP O 124 117.12 -13.72 19.07
CA ASP O 124 118.12 -14.38 18.23
C ASP O 124 118.49 -15.76 18.78
N GLN O 125 118.56 -15.88 20.10
CA GLN O 125 118.92 -17.14 20.74
C GLN O 125 117.96 -17.42 21.89
N LEU O 126 117.80 -18.70 22.21
CA LEU O 126 116.90 -19.08 23.29
C LEU O 126 117.43 -18.52 24.61
N PRO O 127 116.54 -18.09 25.51
CA PRO O 127 117.01 -17.57 26.80
C PRO O 127 117.80 -18.61 27.58
N ALA O 128 118.46 -18.14 28.64
CA ALA O 128 119.28 -19.03 29.45
C ALA O 128 118.41 -20.09 30.14
N THR O 129 117.25 -19.69 30.65
CA THR O 129 116.39 -20.62 31.37
C THR O 129 115.77 -21.68 30.48
N GLY O 130 115.88 -21.56 29.16
CA GLY O 130 115.40 -22.58 28.26
C GLY O 130 113.89 -22.61 28.09
N VAL O 131 113.19 -21.52 28.39
CA VAL O 131 111.76 -21.42 28.17
C VAL O 131 111.46 -20.11 27.47
N LEU O 132 110.62 -20.17 26.45
CA LEU O 132 110.25 -18.99 25.67
C LEU O 132 108.75 -19.00 25.44
N VAL O 133 108.13 -17.82 25.51
CA VAL O 133 106.71 -17.65 25.30
C VAL O 133 106.52 -16.67 24.15
N LEU O 134 105.69 -17.05 23.19
CA LEU O 134 105.44 -16.26 21.99
C LEU O 134 103.96 -15.93 21.88
N ARG O 135 103.64 -15.07 20.93
CA ARG O 135 102.27 -14.76 20.55
C ARG O 135 102.09 -15.14 19.10
N VAL O 136 101.06 -15.94 18.81
CA VAL O 136 100.85 -16.51 17.49
C VAL O 136 99.48 -16.13 16.98
N SER O 137 99.33 -16.11 15.66
CA SER O 137 98.08 -15.80 15.01
C SER O 137 97.78 -16.84 13.95
N ALA O 138 96.49 -17.10 13.74
CA ALA O 138 96.09 -18.09 12.75
C ALA O 138 96.47 -17.64 11.35
N VAL O 139 96.74 -18.62 10.49
CA VAL O 139 97.11 -18.32 9.11
C VAL O 139 95.88 -18.10 8.23
N THR O 140 94.76 -18.76 8.55
CA THR O 140 93.53 -18.62 7.79
C THR O 140 92.52 -17.83 8.62
N PRO O 141 92.15 -16.62 8.23
CA PRO O 141 91.21 -15.84 9.06
C PRO O 141 89.83 -16.47 9.08
N GLY O 142 89.13 -16.27 10.18
CA GLY O 142 87.79 -16.76 10.34
C GLY O 142 87.50 -17.27 11.74
N PRO O 143 86.23 -17.53 12.03
CA PRO O 143 85.88 -18.04 13.37
C PRO O 143 86.43 -19.42 13.65
N SER O 144 86.83 -20.17 12.62
CA SER O 144 87.30 -21.54 12.82
C SER O 144 88.61 -21.61 13.60
N GLY O 145 89.30 -20.48 13.78
CA GLY O 145 90.54 -20.46 14.50
C GLY O 145 90.42 -20.40 16.01
N ASN O 146 89.19 -20.43 16.54
CA ASN O 146 88.95 -20.35 17.97
C ASN O 146 88.88 -21.73 18.63
N ILE O 147 89.53 -22.73 18.05
CA ILE O 147 89.49 -24.07 18.66
C ILE O 147 90.18 -24.01 20.02
N ARG O 148 89.91 -25.04 20.83
CA ARG O 148 90.47 -25.16 22.17
C ARG O 148 91.22 -26.49 22.27
N VAL O 149 92.51 -26.45 21.93
CA VAL O 149 93.40 -27.59 22.07
C VAL O 149 94.60 -27.14 22.88
N THR O 150 95.24 -28.11 23.54
CA THR O 150 96.30 -27.81 24.49
C THR O 150 97.69 -28.22 24.03
N GLU O 151 97.82 -29.14 23.08
CA GLU O 151 99.11 -29.64 22.65
C GLU O 151 99.23 -29.57 21.14
N GLY O 152 100.40 -29.14 20.66
CA GLY O 152 100.69 -29.06 19.25
C GLY O 152 102.15 -29.35 19.01
N SER O 153 102.54 -29.34 17.74
CA SER O 153 103.90 -29.66 17.34
C SER O 153 104.43 -28.62 16.36
N LEU O 154 105.73 -28.38 16.44
CA LEU O 154 106.38 -27.47 15.51
C LEU O 154 106.32 -28.06 14.10
N VAL O 155 105.96 -27.20 13.13
CA VAL O 155 105.73 -27.70 11.78
C VAL O 155 106.99 -28.30 11.19
N THR O 156 108.12 -27.60 11.34
CA THR O 156 109.39 -28.08 10.82
C THR O 156 110.41 -28.20 11.95
N PRO O 157 111.20 -29.27 11.97
CA PRO O 157 112.16 -29.43 13.07
C PRO O 157 113.22 -28.34 13.04
N VAL O 158 113.73 -28.01 14.23
CA VAL O 158 114.80 -27.04 14.38
C VAL O 158 115.87 -27.65 15.28
N PRO O 159 117.15 -27.58 14.92
CA PRO O 159 118.18 -28.21 15.76
C PRO O 159 118.18 -27.62 17.16
N GLY O 160 118.35 -28.50 18.15
CA GLY O 160 118.48 -28.09 19.53
C GLY O 160 117.18 -27.68 20.20
N ILE O 161 116.04 -27.83 19.54
CA ILE O 161 114.75 -27.42 20.09
C ILE O 161 113.78 -28.58 19.95
N SER O 162 113.02 -28.84 21.01
CA SER O 162 112.05 -29.93 20.99
C SER O 162 110.95 -29.65 19.98
N SER O 163 110.34 -30.73 19.50
CA SER O 163 109.29 -30.65 18.50
C SER O 163 107.89 -30.60 19.11
N ALA O 164 107.79 -30.51 20.43
CA ALA O 164 106.51 -30.47 21.13
C ALA O 164 106.36 -29.11 21.81
N VAL O 165 105.20 -28.49 21.63
CA VAL O 165 104.89 -27.20 22.23
C VAL O 165 103.51 -27.26 22.86
N THR O 166 103.24 -26.30 23.73
CA THR O 166 101.97 -26.23 24.45
C THR O 166 101.45 -24.81 24.38
N ALA O 167 100.12 -24.70 24.38
CA ALA O 167 99.43 -23.42 24.40
C ALA O 167 98.83 -23.20 25.79
N TYR O 168 99.11 -22.03 26.37
CA TYR O 168 98.63 -21.75 27.72
C TYR O 168 97.12 -21.83 27.78
N GLY O 169 96.59 -22.83 28.47
CA GLY O 169 95.15 -22.95 28.64
C GLY O 169 94.40 -23.29 27.38
N GLY O 170 95.10 -23.58 26.28
CA GLY O 170 94.42 -23.90 25.04
C GLY O 170 93.48 -22.82 24.56
N ASN O 171 93.74 -21.56 24.91
CA ASN O 171 92.85 -20.47 24.55
C ASN O 171 93.25 -19.88 23.21
N PHE O 172 92.27 -19.69 22.33
CA PHE O 172 92.48 -19.03 21.05
C PHE O 172 91.23 -18.20 20.76
N CYS O 173 91.39 -16.88 20.74
CA CYS O 173 90.26 -15.96 20.59
C CYS O 173 90.61 -14.87 19.58
N GLY O 174 89.58 -14.22 19.07
CA GLY O 174 89.71 -13.13 18.13
C GLY O 174 89.14 -13.41 16.76
N GLY O 175 88.89 -14.67 16.42
CA GLY O 175 88.37 -14.98 15.10
C GLY O 175 87.00 -14.38 14.88
N ASP O 176 86.74 -14.02 13.62
CA ASP O 176 85.47 -13.40 13.25
C ASP O 176 85.37 -13.39 11.73
N ASP O 177 84.18 -13.06 11.24
CA ASP O 177 83.90 -13.01 9.81
C ASP O 177 83.74 -11.56 9.36
N ALA O 178 83.78 -11.37 8.05
CA ALA O 178 83.67 -10.03 7.48
C ALA O 178 82.26 -9.47 7.69
N GLU O 179 82.16 -8.14 7.63
CA GLU O 179 80.90 -7.46 7.79
C GLU O 179 80.11 -7.48 6.48
N GLU O 180 78.86 -7.03 6.57
CA GLU O 180 77.97 -6.93 5.42
C GLU O 180 77.49 -5.48 5.26
N CYS O 181 76.73 -5.24 4.20
CA CYS O 181 76.25 -3.88 3.94
C CYS O 181 75.35 -3.38 5.05
N GLU O 182 74.31 -4.15 5.40
CA GLU O 182 73.34 -3.68 6.37
C GLU O 182 73.97 -3.40 7.73
N PRO O 183 74.74 -4.32 8.33
CA PRO O 183 75.41 -3.99 9.59
C PRO O 183 76.38 -2.82 9.47
N PHE O 184 76.90 -2.55 8.27
CA PHE O 184 77.80 -1.43 8.10
C PHE O 184 77.05 -0.11 8.06
N ARG O 185 75.86 -0.07 7.47
CA ARG O 185 75.08 1.15 7.49
C ARG O 185 74.87 1.64 8.91
N THR O 186 74.49 0.75 9.81
CA THR O 186 74.58 1.05 11.22
C THR O 186 76.05 1.04 11.65
N ARG O 187 76.32 1.72 12.76
CA ARG O 187 77.68 1.91 13.26
C ARG O 187 78.41 2.98 12.46
N TYR O 188 77.83 3.42 11.34
CA TYR O 188 78.34 4.58 10.62
C TYR O 188 77.49 5.81 10.92
N LEU O 189 76.19 5.72 10.60
CA LEU O 189 75.26 6.77 11.00
C LEU O 189 75.07 6.79 12.51
N GLN O 190 75.52 5.76 13.22
CA GLN O 190 75.64 5.79 14.67
C GLN O 190 76.92 6.48 15.13
N ARG O 191 78.02 6.32 14.37
CA ARG O 191 79.24 7.05 14.68
C ARG O 191 79.07 8.55 14.47
N LEU O 192 78.12 8.96 13.63
CA LEU O 192 77.87 10.38 13.43
C LEU O 192 77.43 11.07 14.71
N GLN O 193 76.90 10.31 15.68
CA GLN O 193 76.36 10.86 16.91
C GLN O 193 77.28 10.61 18.10
N TYR O 194 78.59 10.47 17.85
CA TYR O 194 79.54 10.09 18.88
C TYR O 194 80.77 10.98 18.81
N GLU O 195 81.43 11.13 19.95
CA GLU O 195 82.67 11.90 20.04
C GLU O 195 83.53 11.37 21.17
N PRO O 196 84.70 10.79 20.90
CA PRO O 196 85.56 10.31 21.99
C PRO O 196 86.13 11.47 22.79
N ARG O 197 86.50 11.17 24.04
CA ARG O 197 86.94 12.21 24.95
C ARG O 197 88.15 11.82 25.81
N LEU O 198 88.75 10.66 25.61
CA LEU O 198 89.92 10.21 26.37
C LEU O 198 89.59 9.96 27.83
N THR O 199 88.31 9.88 28.20
CA THR O 199 87.97 9.59 29.58
C THR O 199 88.56 8.24 29.99
N VAL O 200 88.97 8.15 31.27
CA VAL O 200 89.70 6.98 31.74
C VAL O 200 88.97 5.69 31.37
N GLU O 201 87.64 5.75 31.26
CA GLU O 201 86.90 4.57 30.82
C GLU O 201 87.32 4.15 29.42
N TRP O 202 87.56 5.13 28.54
CA TRP O 202 87.97 4.80 27.17
C TRP O 202 89.30 4.08 27.15
N LEU O 203 90.29 4.61 27.90
CA LEU O 203 91.58 3.92 27.97
C LEU O 203 91.44 2.54 28.59
N LYS O 204 90.64 2.44 29.64
CA LYS O 204 90.42 1.14 30.28
C LYS O 204 89.77 0.16 29.30
N SER O 205 88.77 0.63 28.54
CA SER O 205 88.12 -0.22 27.56
C SER O 205 89.09 -0.64 26.46
N LYS O 206 89.93 0.29 26.00
CA LYS O 206 90.84 -0.01 24.91
C LYS O 206 91.77 -1.17 25.26
N ALA O 207 92.15 -1.29 26.52
CA ALA O 207 93.08 -2.36 26.91
C ALA O 207 92.46 -3.74 26.71
N MET O 208 91.17 -3.87 26.99
CA MET O 208 90.52 -5.19 26.92
C MET O 208 90.51 -5.75 25.50
N GLU O 209 90.76 -4.92 24.48
CA GLU O 209 90.81 -5.43 23.11
C GLU O 209 92.01 -6.33 22.86
N TRP O 210 93.00 -6.31 23.74
CA TRP O 210 94.14 -7.21 23.59
C TRP O 210 93.67 -8.65 23.81
N PRO O 211 94.26 -9.61 23.09
CA PRO O 211 93.76 -10.99 23.19
C PRO O 211 93.87 -11.55 24.61
N CYS O 212 92.87 -12.34 24.99
CA CYS O 212 92.91 -13.14 26.20
C CYS O 212 93.02 -12.29 27.46
N VAL O 213 92.50 -11.07 27.44
CA VAL O 213 92.47 -10.19 28.60
C VAL O 213 91.06 -10.22 29.18
N THR O 214 90.96 -10.41 30.50
CA THR O 214 89.69 -10.59 31.16
C THR O 214 89.29 -9.38 32.01
N ASP O 215 90.17 -8.93 32.90
CA ASP O 215 89.88 -7.80 33.76
C ASP O 215 91.00 -6.77 33.67
N VAL O 216 90.69 -5.57 34.14
CA VAL O 216 91.64 -4.46 34.16
C VAL O 216 91.29 -3.55 35.33
N PHE O 217 92.28 -3.27 36.18
CA PHE O 217 92.07 -2.52 37.41
C PHE O 217 93.07 -1.39 37.53
N ASP O 218 92.65 -0.31 38.20
CA ASP O 218 93.57 0.75 38.56
C ASP O 218 94.48 0.30 39.70
N LEU O 219 95.56 1.05 39.89
CA LEU O 219 96.47 0.77 41.00
C LEU O 219 95.70 0.79 42.31
N GLY O 220 95.97 -0.19 43.17
CA GLY O 220 95.21 -0.36 44.38
C GLY O 220 95.57 0.66 45.44
N PRO O 221 94.85 0.59 46.56
CA PRO O 221 95.10 1.55 47.65
C PRO O 221 96.53 1.52 48.17
N ASN O 222 97.17 0.35 48.17
CA ASN O 222 98.49 0.19 48.78
C ASN O 222 99.62 0.57 47.83
N CYS O 223 99.34 1.37 46.80
CA CYS O 223 100.35 1.82 45.85
C CYS O 223 100.40 3.34 45.85
N CYS O 224 101.60 3.89 46.03
CA CYS O 224 101.81 5.33 46.01
C CYS O 224 102.22 5.70 44.58
N SER O 225 101.25 6.18 43.79
CA SER O 225 101.49 6.46 42.40
C SER O 225 102.30 7.74 42.23
N VAL O 226 102.85 7.91 41.02
CA VAL O 226 103.53 9.14 40.62
C VAL O 226 102.80 9.68 39.40
N ASN O 227 102.41 10.95 39.46
CA ASN O 227 101.56 11.55 38.44
C ASN O 227 102.23 12.65 37.64
N ALA O 228 103.34 13.22 38.14
CA ALA O 228 103.96 14.34 37.44
C ALA O 228 104.83 13.86 36.29
N LEU O 229 105.88 13.08 36.59
CA LEU O 229 106.82 12.61 35.58
C LEU O 229 107.33 13.77 34.73
N GLY O 230 107.70 14.84 35.41
CA GLY O 230 108.21 16.02 34.75
C GLY O 230 107.89 17.25 35.59
N GLU O 231 108.23 18.41 35.04
CA GLU O 231 107.97 19.69 35.69
C GLU O 231 106.69 20.28 35.09
N VAL O 232 105.55 19.72 35.51
CA VAL O 232 104.25 20.13 35.01
C VAL O 232 103.30 20.31 36.19
N GLU O 233 102.27 21.12 35.98
CA GLU O 233 101.35 21.48 37.05
C GLU O 233 100.08 20.63 37.09
N CYS O 234 99.88 19.74 36.13
CA CYS O 234 98.68 18.93 36.05
C CYS O 234 99.07 17.47 35.81
N PRO O 235 98.28 16.51 36.30
CA PRO O 235 98.71 15.11 36.19
C PRO O 235 98.98 14.70 34.75
N ASN O 236 99.98 13.83 34.59
CA ASN O 236 100.47 13.47 33.26
C ASN O 236 100.68 11.98 33.06
N ASN O 237 100.68 11.15 34.10
CA ASN O 237 101.01 9.74 33.98
C ASN O 237 99.86 8.88 34.47
N ILE O 238 99.63 7.76 33.79
CA ILE O 238 98.56 6.82 34.11
C ILE O 238 99.09 5.40 33.99
N GLU O 239 98.80 4.57 34.99
CA GLU O 239 99.22 3.18 34.99
C GLU O 239 98.11 2.32 35.59
N PHE O 240 98.07 1.05 35.19
CA PHE O 240 97.03 0.14 35.65
C PHE O 240 97.44 -1.30 35.36
N TYR O 241 96.73 -2.23 36.01
CA TYR O 241 97.07 -3.65 35.98
C TYR O 241 96.26 -4.38 34.90
N VAL O 242 96.47 -5.70 34.81
CA VAL O 242 95.73 -6.55 33.89
C VAL O 242 95.71 -7.96 34.45
N LEU O 243 94.71 -8.75 34.01
CA LEU O 243 94.59 -10.14 34.41
C LEU O 243 94.26 -10.99 33.19
N PHE O 244 94.66 -12.26 33.25
CA PHE O 244 94.45 -13.23 32.18
C PHE O 244 93.81 -14.48 32.77
N ARG O 245 92.71 -14.30 33.52
CA ARG O 245 92.18 -15.36 34.36
C ARG O 245 91.97 -16.66 33.59
N ASP O 246 91.51 -16.57 32.35
CA ASP O 246 91.15 -17.77 31.61
C ASP O 246 92.34 -18.51 31.02
N THR O 247 93.52 -17.90 30.98
CA THR O 247 94.68 -18.49 30.31
C THR O 247 95.80 -18.87 31.26
N PHE O 248 96.30 -17.92 32.05
CA PHE O 248 97.45 -18.18 32.91
C PHE O 248 97.00 -18.57 34.32
N ASP O 249 97.87 -19.30 35.01
CA ASP O 249 97.60 -19.64 36.40
C ASP O 249 97.45 -18.37 37.22
N CYS O 250 96.39 -18.31 38.01
CA CYS O 250 96.04 -17.15 38.82
C CYS O 250 95.80 -15.90 37.99
N GLY O 251 95.70 -16.03 36.67
CA GLY O 251 95.45 -14.88 35.82
C GLY O 251 96.58 -13.89 35.75
N LEU O 252 97.80 -14.29 36.12
CA LEU O 252 98.97 -13.42 36.09
C LEU O 252 99.90 -13.86 34.97
N ALA O 253 100.35 -12.90 34.16
CA ALA O 253 101.19 -13.20 33.01
C ALA O 253 102.61 -12.73 33.25
N PRO O 254 103.60 -13.35 32.60
CA PRO O 254 104.98 -12.91 32.77
C PRO O 254 105.20 -11.54 32.13
N GLN O 255 106.27 -10.88 32.58
CA GLN O 255 106.57 -9.53 32.10
C GLN O 255 106.78 -9.49 30.60
N CYS O 256 107.10 -10.62 29.97
CA CYS O 256 107.32 -10.63 28.52
C CYS O 256 106.09 -10.16 27.76
N VAL O 257 104.90 -10.33 28.33
CA VAL O 257 103.67 -10.00 27.62
C VAL O 257 103.24 -8.57 27.89
N VAL O 258 103.19 -8.16 29.15
CA VAL O 258 102.71 -6.81 29.47
C VAL O 258 103.59 -5.76 28.82
N ASP O 259 104.87 -6.07 28.60
CA ASP O 259 105.74 -5.12 27.91
C ASP O 259 105.23 -4.83 26.51
N GLU O 260 104.75 -5.86 25.81
CA GLU O 260 104.20 -5.66 24.47
C GLU O 260 102.97 -4.78 24.51
N ILE O 261 102.09 -4.98 25.49
CA ILE O 261 100.88 -4.17 25.59
C ILE O 261 101.22 -2.71 25.79
N THR O 262 102.18 -2.43 26.67
CA THR O 262 102.54 -1.04 26.96
C THR O 262 103.01 -0.32 25.71
N ASP O 263 103.83 -1.00 24.91
CA ASP O 263 104.35 -0.36 23.69
C ASP O 263 103.21 -0.01 22.73
N TRP O 264 102.26 -0.92 22.54
CA TRP O 264 101.17 -0.67 21.60
C TRP O 264 100.25 0.43 22.10
N LEU O 265 99.81 0.33 23.36
CA LEU O 265 98.82 1.27 23.87
C LEU O 265 99.38 2.68 23.95
N PHE O 266 100.54 2.84 24.59
CA PHE O 266 101.12 4.16 24.81
C PHE O 266 102.16 4.55 23.77
N GLY O 267 102.52 3.65 22.87
CA GLY O 267 103.47 3.95 21.81
C GLY O 267 104.91 3.82 22.28
N SER O 268 105.81 3.88 21.30
CA SER O 268 107.23 3.78 21.55
C SER O 268 107.99 4.54 20.46
N PRO O 269 108.68 5.64 20.80
CA PRO O 269 108.90 6.22 22.13
C PRO O 269 107.64 6.79 22.76
N GLN O 270 107.62 6.86 24.09
CA GLN O 270 106.47 7.35 24.82
C GLN O 270 106.51 8.87 24.94
N GLY O 271 105.36 9.44 25.26
CA GLY O 271 105.23 10.87 25.44
C GLY O 271 105.04 11.66 24.17
N LEU O 272 105.05 11.00 23.00
CA LEU O 272 104.88 11.68 21.73
C LEU O 272 103.65 11.17 20.98
N GLY O 273 102.73 10.53 21.67
CA GLY O 273 101.50 10.08 21.03
C GLY O 273 101.72 9.17 19.84
N GLN O 274 102.64 8.22 19.96
CA GLN O 274 102.90 7.28 18.88
C GLN O 274 101.96 6.08 18.90
N GLY O 275 101.17 5.92 19.96
CA GLY O 275 100.26 4.80 20.07
C GLY O 275 98.80 5.23 20.08
N GLU O 276 97.97 4.53 20.84
CA GLU O 276 96.56 4.83 20.95
C GLU O 276 96.25 5.90 21.99
N ALA O 277 97.26 6.41 22.68
CA ALA O 277 97.07 7.39 23.75
C ALA O 277 97.28 8.80 23.22
N GLU O 278 96.78 9.77 23.97
CA GLU O 278 96.86 11.17 23.57
C GLU O 278 98.30 11.64 23.54
N PHE O 279 98.56 12.65 22.71
CA PHE O 279 99.87 13.27 22.67
C PHE O 279 100.22 13.84 24.03
N GLY O 280 101.48 13.64 24.45
CA GLY O 280 101.94 14.17 25.70
C GLY O 280 101.44 13.44 26.93
N ILE O 281 100.99 12.20 26.79
CA ILE O 281 100.55 11.37 27.90
C ILE O 281 101.40 10.12 27.93
N CYS O 282 101.97 9.81 29.10
CA CYS O 282 102.81 8.65 29.29
C CYS O 282 102.16 7.69 30.28
N GLY O 283 102.47 6.42 30.15
CA GLY O 283 101.88 5.42 31.03
C GLY O 283 102.62 4.11 30.94
N LYS O 284 102.15 3.15 31.72
CA LYS O 284 102.78 1.83 31.77
C LYS O 284 101.77 0.82 32.29
N VAL O 285 101.83 -0.39 31.75
CA VAL O 285 100.98 -1.51 32.18
C VAL O 285 101.88 -2.52 32.86
N ARG O 286 101.47 -2.98 34.05
CA ARG O 286 102.31 -3.83 34.88
C ARG O 286 101.51 -5.02 35.38
N THR O 287 102.23 -6.10 35.69
CA THR O 287 101.67 -7.32 36.24
C THR O 287 102.01 -7.43 37.72
N ALA O 288 101.66 -8.57 38.32
CA ALA O 288 101.89 -8.78 39.74
C ALA O 288 102.29 -10.23 39.98
N THR O 289 102.90 -10.46 41.14
CA THR O 289 103.36 -11.79 41.53
C THR O 289 102.40 -12.39 42.55
N ALA O 290 102.13 -13.68 42.39
CA ALA O 290 101.12 -14.33 43.22
C ALA O 290 101.60 -14.51 44.66
N VAL O 291 100.65 -14.47 45.59
CA VAL O 291 100.88 -14.78 46.98
C VAL O 291 99.83 -15.80 47.40
N ASN O 292 100.29 -16.99 47.79
CA ASN O 292 99.38 -18.08 48.09
C ASN O 292 98.80 -17.94 49.48
N LEU O 293 97.54 -18.35 49.63
CA LEU O 293 96.85 -18.30 50.91
C LEU O 293 96.05 -19.58 51.09
N ASP O 294 95.80 -19.91 52.36
CA ASP O 294 94.96 -21.05 52.72
C ASP O 294 93.87 -20.58 53.67
N ILE O 295 92.65 -21.06 53.46
CA ILE O 295 91.47 -20.62 54.19
C ILE O 295 90.86 -21.82 54.91
N TYR O 296 90.64 -21.67 56.21
CA TYR O 296 90.07 -22.73 57.04
C TYR O 296 88.69 -22.29 57.50
N LEU O 297 87.66 -22.89 56.93
CA LEU O 297 86.28 -22.62 57.32
C LEU O 297 85.89 -23.60 58.42
N ASN O 298 85.41 -23.06 59.54
CA ASN O 298 85.10 -23.86 60.73
C ASN O 298 83.58 -23.91 60.92
N GLY O 299 83.05 -25.13 61.02
CA GLY O 299 81.65 -25.34 61.33
C GLY O 299 80.78 -25.72 60.14
N LEU O 300 81.29 -25.59 58.92
CA LEU O 300 80.48 -25.93 57.75
C LEU O 300 80.10 -27.41 57.72
N SER O 301 80.87 -28.28 58.37
CA SER O 301 80.60 -29.70 58.30
C SER O 301 79.21 -30.05 58.83
N CYS O 302 78.64 -29.21 59.68
CA CYS O 302 77.33 -29.48 60.26
C CYS O 302 76.20 -28.86 59.46
N ALA O 303 76.49 -28.28 58.30
CA ALA O 303 75.47 -27.78 57.38
C ALA O 303 75.22 -28.79 56.28
N THR O 304 74.10 -28.61 55.58
CA THR O 304 73.72 -29.55 54.54
C THR O 304 74.79 -29.57 53.45
N PRO O 305 75.00 -30.71 52.80
CA PRO O 305 76.04 -30.76 51.76
C PRO O 305 75.82 -29.76 50.64
N ALA O 306 74.56 -29.50 50.27
CA ALA O 306 74.30 -28.54 49.20
C ALA O 306 74.78 -27.15 49.58
N GLN O 307 74.51 -26.72 50.80
CA GLN O 307 74.95 -25.40 51.24
C GLN O 307 76.47 -25.34 51.34
N ALA O 308 77.11 -26.43 51.76
CA ALA O 308 78.56 -26.42 51.93
C ALA O 308 79.25 -26.12 50.61
N ARG O 309 78.80 -26.74 49.52
CA ARG O 309 79.45 -26.53 48.23
C ARG O 309 79.29 -25.08 47.77
N VAL O 310 78.12 -24.50 47.99
CA VAL O 310 77.86 -23.13 47.52
C VAL O 310 78.84 -22.17 48.17
N VAL O 311 79.04 -22.30 49.48
CA VAL O 311 79.95 -21.40 50.18
C VAL O 311 81.37 -21.56 49.64
N GLU O 312 81.80 -22.80 49.42
CA GLU O 312 83.14 -23.03 48.90
C GLU O 312 83.29 -22.42 47.52
N GLN O 313 82.28 -22.61 46.66
CA GLN O 313 82.37 -22.09 45.29
C GLN O 313 82.40 -20.57 45.28
N ARG O 314 81.55 -19.93 46.09
CA ARG O 314 81.48 -18.47 46.10
C ARG O 314 82.79 -17.86 46.59
N ILE O 315 83.36 -18.43 47.65
CA ILE O 315 84.61 -17.89 48.20
C ILE O 315 85.73 -17.99 47.17
N THR O 316 85.84 -19.14 46.50
CA THR O 316 86.92 -19.32 45.53
C THR O 316 86.79 -18.31 44.40
N ASP O 317 85.58 -18.08 43.91
CA ASP O 317 85.38 -17.12 42.83
C ASP O 317 85.75 -15.71 43.25
N PHE O 318 85.37 -15.32 44.46
CA PHE O 318 85.63 -13.95 44.90
C PHE O 318 87.12 -13.66 44.95
N ILE O 319 87.91 -14.59 45.50
CA ILE O 319 89.35 -14.37 45.60
C ILE O 319 89.99 -14.36 44.21
N ASN O 320 89.49 -15.19 43.30
CA ASN O 320 90.05 -15.23 41.95
C ASN O 320 89.93 -13.88 41.26
N ARG O 321 88.83 -13.17 41.50
CA ARG O 321 88.60 -11.88 40.88
C ARG O 321 89.18 -10.71 41.68
N HIS O 322 89.85 -10.98 42.80
CA HIS O 322 90.30 -9.91 43.66
C HIS O 322 91.33 -9.04 42.94
N PRO O 323 91.24 -7.71 43.03
CA PRO O 323 92.23 -6.87 42.36
C PRO O 323 93.59 -7.03 43.00
N PRO O 324 94.67 -6.86 42.25
CA PRO O 324 96.00 -6.97 42.84
C PRO O 324 96.28 -5.83 43.82
N SER O 325 97.18 -6.12 44.76
CA SER O 325 97.66 -5.12 45.73
C SER O 325 96.48 -4.53 46.51
N THR O 326 95.65 -5.40 47.08
CA THR O 326 94.54 -4.99 47.91
C THR O 326 94.37 -5.97 49.05
N ASN O 327 94.03 -5.45 50.22
CA ASN O 327 93.86 -6.29 51.40
C ASN O 327 92.67 -7.22 51.22
N LEU O 328 92.78 -8.42 51.78
CA LEU O 328 91.74 -9.44 51.74
C LEU O 328 91.26 -9.64 53.18
N THR O 329 90.32 -8.81 53.60
CA THR O 329 89.89 -8.80 55.00
C THR O 329 89.00 -10.00 55.30
N VAL O 330 88.93 -10.35 56.59
CA VAL O 330 88.13 -11.49 57.02
C VAL O 330 86.65 -11.20 56.87
N GLU O 331 86.23 -9.95 57.13
CA GLU O 331 84.82 -9.62 57.09
C GLU O 331 84.20 -9.96 55.74
N GLN O 332 84.93 -9.73 54.65
CA GLN O 332 84.40 -10.03 53.33
C GLN O 332 84.08 -11.52 53.19
N LEU O 333 84.99 -12.39 53.64
CA LEU O 333 84.71 -13.82 53.60
C LEU O 333 83.55 -14.19 54.49
N ARG O 334 83.47 -13.60 55.69
CA ARG O 334 82.40 -13.94 56.61
C ARG O 334 81.05 -13.57 56.03
N PHE O 335 80.95 -12.42 55.36
CA PHE O 335 79.68 -11.99 54.80
C PHE O 335 79.17 -12.99 53.77
N ILE O 336 80.05 -13.55 52.94
CA ILE O 336 79.61 -14.53 51.95
C ILE O 336 78.91 -15.69 52.66
N GLY O 337 79.44 -16.12 53.80
CA GLY O 337 78.83 -17.23 54.51
C GLY O 337 77.47 -16.88 55.08
N LEU O 338 77.32 -15.67 55.63
CA LEU O 338 76.07 -15.29 56.27
C LEU O 338 74.94 -15.13 55.26
N GLN O 339 75.26 -14.70 54.04
CA GLN O 339 74.21 -14.45 53.05
C GLN O 339 73.43 -15.72 52.74
N VAL O 340 74.07 -16.88 52.82
CA VAL O 340 73.46 -18.15 52.44
C VAL O 340 73.13 -19.00 53.66
N LEU O 341 74.03 -19.08 54.64
CA LEU O 341 73.81 -19.95 55.78
C LEU O 341 72.81 -19.36 56.77
N GLY O 342 72.57 -18.07 56.74
CA GLY O 342 71.68 -17.44 57.68
C GLY O 342 72.42 -16.73 58.79
N SER O 343 71.78 -15.71 59.36
CA SER O 343 72.43 -14.90 60.38
C SER O 343 72.60 -15.62 61.70
N SER O 344 71.84 -16.69 61.94
CA SER O 344 71.87 -17.39 63.21
C SER O 344 72.85 -18.57 63.22
N PHE O 345 73.60 -18.79 62.15
CA PHE O 345 74.49 -19.93 62.08
C PHE O 345 75.79 -19.63 62.82
N ALA O 346 76.44 -20.69 63.31
CA ALA O 346 77.72 -20.58 64.00
C ALA O 346 78.82 -20.74 62.96
N PHE O 347 79.27 -19.61 62.42
CA PHE O 347 80.25 -19.57 61.35
C PHE O 347 81.54 -18.91 61.83
N ASP O 348 82.63 -19.23 61.15
CA ASP O 348 83.93 -18.66 61.48
C ASP O 348 84.91 -18.99 60.37
N VAL O 349 85.79 -18.04 60.05
CA VAL O 349 86.79 -18.22 59.01
C VAL O 349 88.13 -17.68 59.52
N ALA O 350 89.21 -18.16 58.91
CA ALA O 350 90.55 -17.72 59.26
C ALA O 350 91.45 -17.92 58.05
N ILE O 351 92.48 -17.08 57.97
CA ILE O 351 93.42 -17.06 56.85
C ILE O 351 94.81 -17.37 57.39
N ARG O 352 95.47 -18.36 56.79
CA ARG O 352 96.82 -18.73 57.17
C ARG O 352 97.63 -19.04 55.92
N SER O 353 98.93 -18.76 55.98
CA SER O 353 99.80 -19.02 54.86
C SER O 353 100.13 -20.51 54.77
N PRO O 354 100.42 -21.03 53.58
CA PRO O 354 100.75 -22.45 53.46
C PRO O 354 101.95 -22.82 54.30
N GLY O 355 101.80 -23.87 55.09
CA GLY O 355 102.88 -24.33 55.95
C GLY O 355 103.27 -23.32 57.00
N ASP O 356 102.44 -22.30 57.19
CA ASP O 356 102.72 -21.22 58.14
C ASP O 356 104.12 -20.66 57.94
N ALA O 357 104.51 -20.53 56.67
CA ALA O 357 105.83 -20.02 56.32
C ALA O 357 105.76 -18.50 56.13
N SER O 358 106.82 -17.92 55.60
CA SER O 358 106.90 -16.50 55.33
C SER O 358 107.02 -16.27 53.83
N GLN O 359 106.18 -15.38 53.30
CA GLN O 359 106.16 -15.06 51.88
C GLN O 359 106.38 -13.57 51.71
N SER O 360 107.21 -13.20 50.73
CA SER O 360 107.52 -11.79 50.49
C SER O 360 106.24 -11.02 50.18
N GLY O 361 106.12 -9.83 50.75
CA GLY O 361 104.99 -8.97 50.49
C GLY O 361 103.71 -9.39 51.18
N LEU O 362 103.78 -10.17 52.24
CA LEU O 362 102.61 -10.64 52.96
C LEU O 362 102.76 -10.34 54.45
N ARG O 363 101.69 -9.85 55.06
CA ARG O 363 101.68 -9.57 56.49
C ARG O 363 100.26 -9.73 57.01
N PHE O 364 100.14 -9.97 58.31
CA PHE O 364 98.86 -10.12 58.98
C PHE O 364 98.73 -9.05 60.04
N ASN O 365 97.62 -8.30 60.00
CA ASN O 365 97.39 -7.25 60.97
C ASN O 365 96.76 -7.83 62.24
N ALA O 366 96.49 -6.96 63.21
CA ALA O 366 95.93 -7.40 64.48
C ALA O 366 94.56 -8.04 64.29
N CYS O 367 93.72 -7.44 63.43
CA CYS O 367 92.36 -7.93 63.22
C CYS O 367 92.31 -9.30 62.55
N GLY O 368 93.43 -9.78 62.01
CA GLY O 368 93.47 -11.08 61.36
C GLY O 368 93.43 -11.03 59.85
N ASP O 369 93.29 -9.85 59.25
CA ASP O 369 93.24 -9.74 57.81
C ASP O 369 94.62 -10.03 57.21
N ALA O 370 94.69 -9.97 55.89
CA ALA O 370 95.94 -10.15 55.16
C ALA O 370 96.28 -8.86 54.43
N GLU O 371 97.48 -8.34 54.68
CA GLU O 371 97.96 -7.13 54.03
C GLU O 371 98.92 -7.50 52.90
N ILE O 372 98.70 -6.91 51.72
CA ILE O 372 99.47 -7.23 50.53
C ILE O 372 100.04 -5.94 49.97
N ASP O 373 101.33 -5.95 49.64
CA ASP O 373 102.02 -4.78 49.13
C ASP O 373 101.81 -4.65 47.63
N CYS O 374 102.46 -3.65 47.04
CA CYS O 374 102.32 -3.40 45.62
C CYS O 374 102.89 -4.55 44.80
N ASP O 375 102.32 -4.75 43.62
CA ASP O 375 102.73 -5.79 42.67
C ASP O 375 102.53 -7.19 43.22
N TYR O 376 101.59 -7.38 44.13
CA TYR O 376 101.28 -8.69 44.68
C TYR O 376 99.77 -8.90 44.70
N LYS O 377 99.36 -10.16 44.60
CA LYS O 377 97.95 -10.52 44.51
C LYS O 377 97.68 -11.70 45.44
N ALA O 378 96.43 -11.77 45.91
CA ALA O 378 95.98 -12.87 46.75
C ALA O 378 95.46 -14.00 45.86
N CYS O 379 96.07 -15.18 45.99
CA CYS O 379 95.69 -16.34 45.20
C CYS O 379 95.30 -17.48 46.13
N LEU O 380 94.17 -18.11 45.84
CA LEU O 380 93.70 -19.24 46.64
C LEU O 380 94.54 -20.47 46.34
N ASN O 381 95.01 -21.13 47.39
CA ASN O 381 95.80 -22.35 47.26
C ASN O 381 95.03 -23.59 47.67
N SER O 382 94.26 -23.52 48.75
CA SER O 382 93.46 -24.65 49.21
C SER O 382 92.51 -24.17 50.29
N VAL O 383 91.26 -24.64 50.22
CA VAL O 383 90.24 -24.33 51.20
C VAL O 383 89.82 -25.63 51.87
N GLN O 384 89.90 -25.65 53.20
CA GLN O 384 89.64 -26.85 53.98
C GLN O 384 88.62 -26.55 55.07
N VAL O 385 87.90 -27.59 55.48
CA VAL O 385 86.85 -27.49 56.49
C VAL O 385 87.32 -28.23 57.73
N ILE O 386 87.19 -27.59 58.89
CA ILE O 386 87.58 -28.17 60.17
C ILE O 386 86.41 -28.07 61.13
N ASN O 387 86.42 -28.95 62.13
CA ASN O 387 85.37 -29.00 63.15
C ASN O 387 86.02 -29.18 64.50
N ASN O 388 85.71 -28.26 65.43
CA ASN O 388 86.23 -28.37 66.79
C ASN O 388 85.19 -27.99 67.84
N ASN O 389 83.91 -28.12 67.53
CA ASN O 389 82.83 -27.80 68.46
C ASN O 389 81.81 -28.94 68.45
N VAL O 390 80.79 -28.81 69.29
CA VAL O 390 79.75 -29.82 69.44
C VAL O 390 78.39 -29.16 69.40
N THR O 391 77.45 -29.84 68.77
CA THR O 391 76.06 -29.37 68.67
C THR O 391 75.23 -30.51 68.09
N THR O 392 73.92 -30.28 68.01
CA THR O 392 72.98 -31.27 67.48
C THR O 392 72.95 -32.52 68.36
N CYS P 3 50.51 -19.02 34.05
CA CYS P 3 51.14 -19.54 32.84
C CYS P 3 50.69 -20.96 32.57
N THR P 4 50.39 -21.26 31.30
CA THR P 4 49.93 -22.58 30.93
C THR P 4 49.94 -22.71 29.41
N ILE P 5 50.43 -23.85 28.93
CA ILE P 5 50.39 -24.21 27.51
C ILE P 5 49.69 -25.55 27.42
N GLN P 6 48.70 -25.64 26.52
CA GLN P 6 47.81 -26.79 26.46
C GLN P 6 47.77 -27.33 25.03
N ARG P 7 47.03 -28.42 24.87
CA ARG P 7 46.95 -29.12 23.59
C ARG P 7 46.24 -28.25 22.55
N PRO P 8 46.86 -27.96 21.40
CA PRO P 8 46.22 -27.08 20.43
C PRO P 8 45.04 -27.76 19.73
N GLU P 9 44.13 -26.93 19.24
CA GLU P 9 42.98 -27.42 18.48
C GLU P 9 43.40 -27.82 17.07
N PRO P 10 42.57 -28.60 16.38
CA PRO P 10 42.97 -29.11 15.06
C PRO P 10 43.30 -28.01 14.05
N GLN P 11 42.34 -27.11 13.79
CA GLN P 11 42.56 -26.10 12.75
C GLN P 11 43.74 -25.22 13.08
N ALA P 12 43.85 -24.77 14.33
CA ALA P 12 44.98 -23.94 14.72
C ALA P 12 46.30 -24.68 14.61
N LEU P 13 46.26 -26.01 14.52
CA LEU P 13 47.48 -26.81 14.43
C LEU P 13 47.92 -27.03 12.99
N ARG P 14 46.97 -27.32 12.08
CA ARG P 14 47.34 -27.53 10.68
C ARG P 14 47.92 -26.27 10.07
N ASP P 15 47.32 -25.11 10.37
CA ASP P 15 47.82 -23.86 9.81
C ASP P 15 49.27 -23.61 10.22
N LYS P 16 49.62 -23.97 11.46
CA LYS P 16 51.00 -23.80 11.91
C LYS P 16 51.95 -24.62 11.06
N ILE P 17 51.56 -25.85 10.73
CA ILE P 17 52.42 -26.71 9.92
C ILE P 17 52.49 -26.19 8.49
N ALA P 18 51.34 -25.82 7.92
CA ALA P 18 51.32 -25.37 6.54
C ALA P 18 52.18 -24.12 6.35
N THR P 19 52.05 -23.14 7.25
CA THR P 19 52.85 -21.93 7.14
C THR P 19 54.33 -22.24 7.31
N ARG P 20 54.67 -23.07 8.29
CA ARG P 20 56.07 -23.43 8.50
C ARG P 20 56.64 -24.14 7.28
N PHE P 21 55.88 -25.09 6.73
CA PHE P 21 56.34 -25.84 5.56
C PHE P 21 56.51 -24.92 4.36
N SER P 22 55.55 -24.02 4.14
CA SER P 22 55.59 -23.17 2.97
C SER P 22 56.75 -22.17 3.05
N THR P 23 56.92 -21.53 4.21
CA THR P 23 57.90 -20.45 4.32
C THR P 23 59.33 -20.97 4.14
N ASN P 24 59.63 -22.12 4.72
CA ASN P 24 61.00 -22.61 4.75
C ASN P 24 61.39 -23.46 3.55
N VAL P 25 60.46 -24.21 2.98
CA VAL P 25 60.74 -25.15 1.91
C VAL P 25 60.43 -24.56 0.55
N LEU P 26 59.23 -24.00 0.38
CA LEU P 26 58.79 -23.48 -0.91
C LEU P 26 59.02 -21.98 -1.05
N GLY P 27 59.63 -21.34 -0.06
CA GLY P 27 59.94 -19.92 -0.17
C GLY P 27 58.73 -19.03 -0.31
N GLY P 28 57.69 -19.29 0.50
CA GLY P 28 56.51 -18.46 0.51
C GLY P 28 55.43 -18.86 -0.48
N ALA P 29 55.70 -19.84 -1.33
CA ALA P 29 54.71 -20.26 -2.31
C ALA P 29 53.46 -20.81 -1.63
N GLU P 30 52.31 -20.54 -2.22
CA GLU P 30 51.06 -21.06 -1.67
C GLU P 30 50.97 -22.57 -1.88
N ILE P 31 50.20 -23.22 -1.03
CA ILE P 31 49.99 -24.67 -1.09
C ILE P 31 48.77 -24.90 -1.97
N ILE P 32 49.00 -25.26 -3.22
CA ILE P 32 47.91 -25.54 -4.16
C ILE P 32 47.29 -26.88 -3.78
N PRO P 33 45.99 -26.95 -3.55
CA PRO P 33 45.39 -28.23 -3.17
C PRO P 33 45.60 -29.28 -4.26
N GLU P 34 45.68 -30.54 -3.83
CA GLU P 34 45.75 -31.72 -4.69
C GLU P 34 47.13 -31.93 -5.29
N SER P 35 48.10 -31.06 -5.01
CA SER P 35 49.47 -31.27 -5.45
C SER P 35 50.17 -32.19 -4.45
N ASN P 36 51.42 -32.54 -4.75
CA ASN P 36 52.16 -33.42 -3.87
C ASN P 36 52.41 -32.78 -2.51
N GLU P 37 52.69 -31.47 -2.50
CA GLU P 37 52.92 -30.80 -1.22
C GLU P 37 51.67 -30.80 -0.35
N PHE P 38 50.49 -30.86 -0.97
CA PHE P 38 49.26 -30.91 -0.20
C PHE P 38 49.18 -32.20 0.62
N TYR P 39 49.55 -33.33 0.02
CA TYR P 39 49.54 -34.59 0.73
C TYR P 39 50.65 -34.66 1.77
N VAL P 40 51.80 -34.03 1.48
CA VAL P 40 52.88 -34.01 2.45
C VAL P 40 52.46 -33.24 3.69
N VAL P 41 51.78 -32.11 3.50
CA VAL P 41 51.36 -31.29 4.64
C VAL P 41 50.38 -32.05 5.52
N THR P 42 49.37 -32.68 4.91
CA THR P 42 48.33 -33.33 5.69
C THR P 42 48.87 -34.54 6.43
N LEU P 43 49.76 -35.30 5.81
CA LEU P 43 50.39 -36.42 6.50
C LEU P 43 51.22 -35.92 7.69
N GLU P 44 51.94 -34.82 7.50
CA GLU P 44 52.71 -34.24 8.60
C GLU P 44 51.80 -33.88 9.76
N TYR P 45 50.65 -33.27 9.47
CA TYR P 45 49.72 -32.90 10.54
C TYR P 45 49.21 -34.14 11.25
N ALA P 46 48.86 -35.19 10.52
CA ALA P 46 48.36 -36.41 11.14
C ALA P 46 49.34 -36.93 12.18
N MET P 47 50.61 -37.07 11.78
CA MET P 47 51.64 -37.48 12.73
C MET P 47 51.69 -36.55 13.94
N GLN P 48 51.34 -35.27 13.75
CA GLN P 48 51.38 -34.33 14.85
C GLN P 48 50.25 -34.59 15.84
N GLU P 49 49.03 -34.81 15.33
CA GLU P 49 47.88 -34.97 16.22
C GLU P 49 47.92 -36.30 16.95
N GLU P 50 48.33 -37.37 16.26
CA GLU P 50 48.40 -38.67 16.91
C GLU P 50 49.33 -38.64 18.11
N PHE P 51 50.34 -37.77 18.07
CA PHE P 51 51.26 -37.67 19.20
C PHE P 51 50.54 -37.17 20.44
N PHE P 52 49.81 -36.06 20.33
CA PHE P 52 49.12 -35.50 21.48
C PHE P 52 48.03 -36.43 21.99
N ALA P 53 47.26 -37.02 21.07
CA ALA P 53 46.15 -37.87 21.49
C ALA P 53 46.63 -39.03 22.33
N PHE P 54 47.70 -39.68 21.91
CA PHE P 54 48.27 -40.78 22.68
C PHE P 54 48.78 -40.29 24.03
N ALA P 55 49.44 -39.14 24.04
CA ALA P 55 50.00 -38.62 25.29
C ALA P 55 48.91 -38.33 26.30
N GLU P 56 47.84 -37.67 25.86
CA GLU P 56 46.74 -37.37 26.78
C GLU P 56 46.09 -38.66 27.28
N GLN P 57 45.92 -39.64 26.40
CA GLN P 57 45.32 -40.91 26.81
C GLN P 57 46.16 -41.60 27.86
N MET P 58 47.48 -41.59 27.69
CA MET P 58 48.36 -42.32 28.60
C MET P 58 48.50 -41.63 29.95
N TRP P 59 48.55 -40.29 29.98
CA TRP P 59 48.70 -39.59 31.25
C TRP P 59 47.46 -39.72 32.13
N ARG P 60 46.34 -40.19 31.59
CA ARG P 60 45.17 -40.43 32.42
C ARG P 60 45.37 -41.66 33.31
N GLU P 61 46.08 -42.66 32.81
CA GLU P 61 46.20 -43.91 33.55
C GLU P 61 46.88 -43.72 34.90
N GLN P 62 47.88 -42.83 34.98
CA GLN P 62 48.56 -42.59 36.24
C GLN P 62 47.69 -41.87 37.26
N ASP P 63 46.52 -41.37 36.85
CA ASP P 63 45.61 -40.73 37.79
C ASP P 63 44.71 -41.79 38.42
N PRO P 64 44.79 -42.01 39.74
CA PRO P 64 43.99 -43.09 40.34
C PRO P 64 42.50 -42.91 40.17
N ARG P 65 42.01 -41.67 40.06
CA ARG P 65 40.57 -41.43 39.93
C ARG P 65 40.01 -41.92 38.62
N TYR P 66 40.85 -42.26 37.64
CA TYR P 66 40.36 -42.70 36.33
C TYR P 66 41.04 -43.94 35.80
N ALA P 67 42.06 -44.48 36.47
CA ALA P 67 42.77 -45.64 35.95
C ALA P 67 41.84 -46.85 35.89
N CYS P 68 42.08 -47.69 34.90
CA CYS P 68 41.33 -48.94 34.78
C CYS P 68 41.56 -49.81 36.01
N CYS P 69 40.72 -50.84 36.15
CA CYS P 69 40.80 -51.68 37.34
C CYS P 69 42.15 -52.37 37.45
N GLU P 70 42.62 -52.98 36.37
CA GLU P 70 43.87 -53.74 36.41
C GLU P 70 45.07 -52.85 36.68
N ASN P 71 44.99 -51.56 36.38
CA ASN P 71 46.07 -50.64 36.69
C ASN P 71 45.95 -50.04 38.09
N LEU P 72 44.74 -50.08 38.68
CA LEU P 72 44.57 -49.58 40.04
C LEU P 72 45.11 -50.55 41.08
N VAL P 73 45.00 -51.85 40.84
CA VAL P 73 45.53 -52.83 41.78
C VAL P 73 47.04 -52.64 41.92
N LYS P 74 47.73 -52.47 40.80
CA LYS P 74 49.09 -51.97 40.84
C LYS P 74 49.07 -50.47 41.09
N MET P 75 50.24 -49.91 41.39
CA MET P 75 50.38 -48.57 41.98
C MET P 75 49.46 -48.39 43.18
N ALA P 76 48.98 -49.49 43.74
CA ALA P 76 48.28 -49.56 45.02
C ALA P 76 48.87 -50.63 45.92
N ALA P 77 49.28 -51.77 45.33
CA ALA P 77 50.07 -52.73 46.07
C ALA P 77 51.51 -52.24 46.24
N ARG P 78 51.96 -51.35 45.36
CA ARG P 78 53.28 -50.75 45.53
C ARG P 78 53.36 -49.99 46.85
N ARG P 79 52.31 -49.24 47.17
CA ARG P 79 52.28 -48.43 48.38
C ARG P 79 51.73 -49.16 49.59
N GLY P 80 51.38 -50.44 49.44
CA GLY P 80 50.94 -51.24 50.58
C GLY P 80 49.46 -51.16 50.85
N VAL P 81 48.64 -51.19 49.80
CA VAL P 81 47.19 -51.21 49.92
C VAL P 81 46.66 -52.31 49.00
N TYR P 82 45.93 -53.26 49.57
CA TYR P 82 45.41 -54.39 48.81
C TYR P 82 43.90 -54.50 48.99
N PRO P 83 43.19 -55.11 48.03
CA PRO P 83 41.75 -55.35 48.22
C PRO P 83 41.50 -56.27 49.40
N LYS P 84 40.22 -56.46 49.76
CA LYS P 84 39.85 -57.27 50.90
C LYS P 84 39.06 -58.48 50.45
N PRO P 85 39.48 -59.70 50.80
CA PRO P 85 38.70 -60.89 50.41
C PRO P 85 37.58 -61.18 51.40
N ALA P 86 36.83 -62.26 51.15
CA ALA P 86 35.73 -62.62 52.04
C ALA P 86 36.27 -62.96 53.42
N GLN P 87 35.58 -62.48 54.45
CA GLN P 87 36.00 -62.70 55.83
C GLN P 87 35.31 -63.94 56.39
N PHE P 88 35.62 -64.26 57.64
CA PHE P 88 35.08 -65.42 58.34
C PHE P 88 34.34 -64.97 59.59
N ALA P 89 33.27 -65.69 59.90
CA ALA P 89 32.54 -65.43 61.15
C ALA P 89 33.22 -66.16 62.30
N GLN P 90 33.03 -65.62 63.50
CA GLN P 90 33.67 -66.16 64.70
C GLN P 90 32.66 -66.19 65.85
N GLY P 91 33.02 -66.93 66.89
CA GLY P 91 32.16 -67.04 68.06
C GLY P 91 32.84 -67.87 69.12
N TYR P 92 32.15 -68.01 70.24
CA TYR P 92 32.66 -68.75 71.40
C TYR P 92 31.74 -69.93 71.70
N VAL P 93 32.34 -71.03 72.17
CA VAL P 93 31.62 -72.25 72.49
C VAL P 93 32.08 -72.74 73.85
N ARG P 94 31.36 -73.72 74.38
CA ARG P 94 31.64 -74.30 75.68
C ARG P 94 31.43 -75.81 75.62
N MET P 95 32.37 -76.57 76.18
CA MET P 95 32.29 -78.02 76.18
C MET P 95 32.67 -78.53 77.56
N THR P 96 32.11 -79.69 77.92
CA THR P 96 32.33 -80.28 79.23
C THR P 96 32.48 -81.79 79.09
N GLY P 97 33.06 -82.40 80.11
CA GLY P 97 33.26 -83.84 80.09
C GLY P 97 34.02 -84.30 81.31
N VAL P 98 34.59 -85.50 81.21
CA VAL P 98 35.34 -86.10 82.30
C VAL P 98 36.71 -85.43 82.36
N PRO P 99 37.11 -84.86 83.51
CA PRO P 99 38.42 -84.20 83.57
C PRO P 99 39.55 -85.17 83.28
N GLY P 100 40.60 -84.66 82.65
CA GLY P 100 41.78 -85.43 82.33
C GLY P 100 41.75 -86.11 80.98
N SER P 101 40.62 -86.06 80.26
CA SER P 101 40.55 -86.69 78.95
C SER P 101 41.48 -85.99 77.97
N ALA P 102 42.09 -86.76 77.09
CA ALA P 102 43.00 -86.22 76.09
C ALA P 102 42.23 -85.50 75.00
N LEU P 103 42.66 -84.28 74.68
CA LEU P 103 42.03 -83.47 73.66
C LEU P 103 42.79 -83.58 72.35
N ASN P 104 42.25 -82.94 71.31
CA ASN P 104 42.84 -82.97 69.98
C ASN P 104 42.76 -81.57 69.38
N GLN P 105 43.67 -81.29 68.46
CA GLN P 105 43.76 -79.99 67.81
C GLN P 105 42.91 -79.90 66.55
N ASN P 106 42.14 -80.93 66.23
CA ASN P 106 41.32 -80.98 65.03
C ASN P 106 39.84 -81.08 65.40
N LEU P 107 39.43 -80.39 66.46
CA LEU P 107 38.03 -80.39 66.84
C LEU P 107 37.19 -79.67 65.78
N ARG P 108 35.96 -80.14 65.60
CA ARG P 108 35.03 -79.54 64.66
C ARG P 108 33.63 -79.57 65.27
N PHE P 109 32.87 -78.50 65.05
CA PHE P 109 31.54 -78.34 65.60
C PHE P 109 30.53 -78.08 64.49
N GLN P 110 29.38 -78.73 64.58
CA GLN P 110 28.29 -78.58 63.61
C GLN P 110 27.07 -78.10 64.37
N PHE P 111 26.71 -76.83 64.18
CA PHE P 111 25.58 -76.24 64.91
C PHE P 111 24.27 -76.42 64.18
N GLU P 112 24.12 -75.82 63.00
CA GLU P 112 22.96 -76.04 62.16
C GLU P 112 23.37 -75.80 60.71
N ASN P 113 23.62 -76.88 59.98
CA ASN P 113 24.06 -76.83 58.58
C ASN P 113 25.36 -76.05 58.40
N GLN P 114 26.05 -75.72 59.48
CA GLN P 114 27.29 -74.96 59.43
C GLN P 114 28.34 -75.66 60.27
N THR P 115 29.57 -75.70 59.75
CA THR P 115 30.69 -76.34 60.41
C THR P 115 31.67 -75.28 60.90
N TYR P 116 32.09 -75.40 62.15
CA TYR P 116 33.02 -74.46 62.77
C TYR P 116 34.24 -75.21 63.27
N GLU P 117 35.42 -74.62 63.07
CA GLU P 117 36.69 -75.23 63.46
C GLU P 117 37.34 -74.39 64.55
N ALA P 118 38.05 -75.07 65.45
CA ALA P 118 38.72 -74.38 66.54
C ALA P 118 39.77 -73.42 66.00
N ALA P 119 39.79 -72.20 66.57
CA ALA P 119 40.71 -71.17 66.14
C ALA P 119 41.83 -70.88 67.13
N SER P 120 41.66 -71.23 68.40
CA SER P 120 42.69 -71.05 69.41
C SER P 120 43.40 -72.38 69.68
N VAL P 121 44.43 -72.31 70.51
CA VAL P 121 45.20 -73.50 70.87
C VAL P 121 44.46 -74.25 71.97
N VAL P 122 44.03 -75.46 71.67
CA VAL P 122 43.29 -76.27 72.65
C VAL P 122 44.27 -76.85 73.65
N PRO P 123 43.96 -76.85 74.95
CA PRO P 123 44.86 -77.48 75.91
C PRO P 123 45.00 -78.97 75.66
N ASP P 124 46.12 -79.52 76.12
CA ASP P 124 46.37 -80.95 75.92
C ASP P 124 45.33 -81.80 76.62
N GLN P 125 44.96 -81.44 77.85
CA GLN P 125 43.99 -82.18 78.64
C GLN P 125 42.92 -81.23 79.16
N LEU P 126 41.73 -81.78 79.39
CA LEU P 126 40.63 -80.97 79.88
C LEU P 126 40.96 -80.41 81.27
N PRO P 127 40.53 -79.19 81.58
CA PRO P 127 40.81 -78.64 82.92
C PRO P 127 40.18 -79.49 84.01
N ALA P 128 40.63 -79.24 85.24
CA ALA P 128 40.12 -79.98 86.40
C ALA P 128 38.64 -79.73 86.59
N THR P 129 38.19 -78.47 86.43
CA THR P 129 36.80 -78.13 86.66
C THR P 129 35.87 -78.71 85.61
N GLY P 130 36.39 -79.27 84.52
CA GLY P 130 35.55 -79.90 83.52
C GLY P 130 34.80 -78.94 82.62
N VAL P 131 35.27 -77.71 82.48
CA VAL P 131 34.67 -76.73 81.59
C VAL P 131 35.77 -76.09 80.76
N LEU P 132 35.49 -75.90 79.47
CA LEU P 132 36.45 -75.31 78.56
C LEU P 132 35.71 -74.43 77.56
N VAL P 133 36.27 -73.25 77.29
CA VAL P 133 35.71 -72.30 76.34
C VAL P 133 36.75 -72.05 75.25
N LEU P 134 36.34 -72.20 73.99
CA LEU P 134 37.21 -72.02 72.84
C LEU P 134 36.74 -70.83 72.01
N ARG P 135 37.48 -70.58 70.93
CA ARG P 135 37.09 -69.60 69.93
C ARG P 135 37.07 -70.32 68.58
N VAL P 136 35.94 -70.24 67.88
CA VAL P 136 35.75 -70.98 66.65
C VAL P 136 35.40 -70.03 65.52
N SER P 137 35.74 -70.42 64.30
CA SER P 137 35.45 -69.65 63.11
C SER P 137 34.85 -70.56 62.05
N ALA P 138 33.93 -70.01 61.27
CA ALA P 138 33.24 -70.81 60.26
C ALA P 138 34.23 -71.28 59.20
N VAL P 139 33.91 -72.43 58.60
CA VAL P 139 34.77 -73.00 57.57
C VAL P 139 34.50 -72.39 56.20
N THR P 140 33.28 -71.92 55.96
CA THR P 140 32.93 -71.32 54.67
C THR P 140 32.77 -69.81 54.85
N PRO P 141 33.63 -68.99 54.29
CA PRO P 141 33.51 -67.54 54.49
C PRO P 141 32.25 -66.98 53.85
N GLY P 142 31.73 -65.92 54.44
CA GLY P 142 30.57 -65.25 53.90
C GLY P 142 29.62 -64.79 54.99
N PRO P 143 28.64 -63.96 54.61
CA PRO P 143 27.66 -63.49 55.60
C PRO P 143 26.78 -64.59 56.15
N SER P 144 26.69 -65.74 55.49
CA SER P 144 25.81 -66.81 55.93
C SER P 144 26.27 -67.43 57.25
N GLY P 145 27.48 -67.13 57.72
CA GLY P 145 27.98 -67.65 58.96
C GLY P 145 27.59 -66.87 60.19
N ASN P 146 26.64 -65.95 60.08
CA ASN P 146 26.18 -65.14 61.20
C ASN P 146 24.86 -65.62 61.78
N ILE P 147 24.56 -66.91 61.64
CA ILE P 147 23.32 -67.44 62.18
C ILE P 147 23.33 -67.29 63.71
N ARG P 148 22.13 -67.39 64.30
CA ARG P 148 21.94 -67.24 65.74
C ARG P 148 21.27 -68.50 66.27
N VAL P 149 22.09 -69.48 66.65
CA VAL P 149 21.63 -70.71 67.28
C VAL P 149 22.42 -70.93 68.55
N THR P 150 21.81 -71.66 69.48
CA THR P 150 22.38 -71.85 70.81
C THR P 150 22.83 -73.28 71.10
N GLU P 151 22.41 -74.26 70.32
CA GLU P 151 22.73 -75.65 70.58
C GLU P 151 23.39 -76.27 69.35
N GLY P 152 24.45 -77.05 69.60
CA GLY P 152 25.16 -77.74 68.55
C GLY P 152 25.80 -79.00 69.10
N SER P 153 26.38 -79.78 68.20
CA SER P 153 26.98 -81.06 68.56
C SER P 153 28.35 -81.20 67.94
N LEU P 154 29.22 -81.92 68.64
CA LEU P 154 30.55 -82.21 68.12
C LEU P 154 30.44 -83.08 66.87
N VAL P 155 31.20 -82.73 65.83
CA VAL P 155 31.07 -83.43 64.55
C VAL P 155 31.49 -84.89 64.70
N THR P 156 32.61 -85.14 65.36
CA THR P 156 33.10 -86.49 65.57
C THR P 156 33.23 -86.78 67.05
N PRO P 157 32.77 -87.95 67.52
CA PRO P 157 32.82 -88.24 68.96
C PRO P 157 34.27 -88.34 69.45
N VAL P 158 34.45 -87.95 70.71
CA VAL P 158 35.76 -88.04 71.36
C VAL P 158 35.56 -88.72 72.71
N PRO P 159 36.38 -89.69 73.10
CA PRO P 159 36.17 -90.36 74.38
C PRO P 159 36.21 -89.39 75.55
N GLY P 160 35.32 -89.60 76.50
CA GLY P 160 35.31 -88.83 77.74
C GLY P 160 34.75 -87.42 77.62
N ILE P 161 34.21 -87.04 76.47
CA ILE P 161 33.67 -85.70 76.26
C ILE P 161 32.27 -85.82 75.68
N SER P 162 31.35 -85.05 76.22
CA SER P 162 29.97 -85.10 75.77
C SER P 162 29.87 -84.65 74.31
N SER P 163 28.83 -85.13 73.64
CA SER P 163 28.58 -84.81 72.24
C SER P 163 27.73 -83.56 72.06
N ALA P 164 27.38 -82.87 73.14
CA ALA P 164 26.57 -81.67 73.09
C ALA P 164 27.38 -80.48 73.57
N VAL P 165 27.35 -79.39 72.81
CA VAL P 165 28.05 -78.17 73.15
C VAL P 165 27.10 -76.99 72.97
N THR P 166 27.44 -75.88 73.61
CA THR P 166 26.62 -74.68 73.57
C THR P 166 27.49 -73.48 73.19
N ALA P 167 26.87 -72.52 72.52
CA ALA P 167 27.53 -71.27 72.14
C ALA P 167 27.01 -70.14 73.02
N TYR P 168 27.92 -69.35 73.56
CA TYR P 168 27.55 -68.28 74.48
C TYR P 168 26.65 -67.26 73.76
N GLY P 169 25.38 -67.22 74.13
CA GLY P 169 24.47 -66.27 73.55
C GLY P 169 24.13 -66.50 72.09
N GLY P 170 24.59 -67.60 71.51
CA GLY P 170 24.31 -67.87 70.11
C GLY P 170 24.77 -66.77 69.17
N ASN P 171 25.84 -66.06 69.54
CA ASN P 171 26.32 -64.95 68.75
C ASN P 171 27.44 -65.40 67.82
N PHE P 172 27.30 -65.06 66.54
CA PHE P 172 28.34 -65.31 65.54
C PHE P 172 28.41 -64.10 64.64
N CYS P 173 29.52 -63.37 64.70
CA CYS P 173 29.66 -62.12 63.97
C CYS P 173 31.01 -62.08 63.28
N GLY P 174 31.09 -61.32 62.19
CA GLY P 174 32.30 -61.13 61.42
C GLY P 174 32.17 -61.43 59.96
N GLY P 175 31.18 -62.22 59.56
CA GLY P 175 31.05 -62.59 58.16
C GLY P 175 30.84 -61.38 57.26
N ASP P 176 31.39 -61.47 56.06
CA ASP P 176 31.24 -60.41 55.07
C ASP P 176 31.70 -60.96 53.73
N ASP P 177 31.34 -60.25 52.66
CA ASP P 177 31.68 -60.64 51.30
C ASP P 177 32.91 -59.85 50.83
N ALA P 178 33.39 -60.21 49.64
CA ALA P 178 34.55 -59.54 49.08
C ALA P 178 34.17 -58.15 48.56
N GLU P 179 35.19 -57.31 48.41
CA GLU P 179 34.99 -55.96 47.90
C GLU P 179 34.86 -55.96 46.38
N GLU P 180 34.36 -54.86 45.85
CA GLU P 180 34.23 -54.65 44.41
C GLU P 180 35.22 -53.59 43.96
N CYS P 181 35.27 -53.36 42.65
CA CYS P 181 36.22 -52.40 42.10
C CYS P 181 35.95 -50.99 42.60
N GLU P 182 34.72 -50.52 42.45
CA GLU P 182 34.42 -49.13 42.82
C GLU P 182 34.63 -48.87 44.30
N PRO P 183 34.11 -49.68 45.22
CA PRO P 183 34.40 -49.43 46.65
C PRO P 183 35.87 -49.45 46.98
N PHE P 184 36.69 -50.20 46.23
CA PHE P 184 38.12 -50.20 46.48
C PHE P 184 38.78 -48.92 46.00
N ARG P 185 38.30 -48.35 44.89
CA ARG P 185 38.87 -47.09 44.43
C ARG P 185 38.73 -46.02 45.51
N THR P 186 37.57 -45.92 46.13
CA THR P 186 37.46 -45.18 47.38
C THR P 186 38.13 -45.98 48.48
N ARG P 187 38.50 -45.28 49.56
CA ARG P 187 39.24 -45.86 50.68
C ARG P 187 40.71 -46.07 50.31
N TYR P 188 41.07 -45.86 49.05
CA TYR P 188 42.47 -45.81 48.65
C TYR P 188 42.90 -44.36 48.43
N LEU P 189 42.23 -43.67 47.51
CA LEU P 189 42.47 -42.23 47.37
C LEU P 189 41.94 -41.45 48.56
N GLN P 190 41.16 -42.09 49.43
CA GLN P 190 40.83 -41.55 50.74
C GLN P 190 41.92 -41.82 51.77
N ARG P 191 42.59 -42.97 51.67
CA ARG P 191 43.72 -43.25 52.54
C ARG P 191 44.90 -42.34 52.24
N LEU P 192 44.98 -41.80 51.03
CA LEU P 192 46.07 -40.89 50.68
C LEU P 192 46.02 -39.61 51.51
N GLN P 193 44.89 -39.32 52.14
CA GLN P 193 44.70 -38.09 52.90
C GLN P 193 44.64 -38.37 54.41
N TYR P 194 45.28 -39.44 54.86
CA TYR P 194 45.20 -39.88 56.24
C TYR P 194 46.59 -40.20 56.77
N GLU P 195 46.74 -40.08 58.09
CA GLU P 195 47.98 -40.42 58.77
C GLU P 195 47.70 -40.87 60.20
N PRO P 196 47.95 -42.14 60.53
CA PRO P 196 47.72 -42.57 61.92
C PRO P 196 48.74 -41.95 62.86
N ARG P 197 48.34 -41.84 64.14
CA ARG P 197 49.14 -41.13 65.12
C ARG P 197 49.23 -41.81 66.48
N LEU P 198 48.64 -43.00 66.66
CA LEU P 198 48.69 -43.73 67.92
C LEU P 198 47.94 -43.01 69.04
N THR P 199 47.06 -42.08 68.71
CA THR P 199 46.28 -41.42 69.75
C THR P 199 45.45 -42.45 70.50
N VAL P 200 45.27 -42.23 71.81
CA VAL P 200 44.60 -43.22 72.66
C VAL P 200 43.28 -43.64 72.06
N GLU P 201 42.61 -42.74 71.34
CA GLU P 201 41.37 -43.12 70.66
C GLU P 201 41.62 -44.19 69.62
N TRP P 202 42.75 -44.11 68.90
CA TRP P 202 43.06 -45.11 67.90
C TRP P 202 43.23 -46.49 68.52
N LEU P 203 43.97 -46.57 69.62
CA LEU P 203 44.13 -47.85 70.32
C LEU P 203 42.79 -48.34 70.83
N LYS P 204 41.97 -47.45 71.39
CA LYS P 204 40.66 -47.86 71.89
C LYS P 204 39.79 -48.40 70.77
N SER P 205 39.81 -47.74 69.61
CA SER P 205 39.04 -48.23 68.48
C SER P 205 39.56 -49.56 67.96
N LYS P 206 40.86 -49.79 68.07
CA LYS P 206 41.44 -51.02 67.55
C LYS P 206 40.89 -52.24 68.29
N ALA P 207 40.75 -52.13 69.62
CA ALA P 207 40.29 -53.27 70.40
C ALA P 207 38.89 -53.70 70.01
N MET P 208 38.06 -52.76 69.54
CA MET P 208 36.68 -53.09 69.18
C MET P 208 36.58 -53.99 67.96
N GLU P 209 37.67 -54.18 67.22
CA GLU P 209 37.64 -55.08 66.08
C GLU P 209 37.62 -56.55 66.50
N TRP P 210 37.90 -56.86 67.75
CA TRP P 210 37.81 -58.23 68.23
C TRP P 210 36.36 -58.69 68.21
N PRO P 211 36.11 -59.97 67.91
CA PRO P 211 34.72 -60.43 67.80
C PRO P 211 33.93 -60.24 69.09
N CYS P 212 32.66 -59.89 68.94
CA CYS P 212 31.70 -59.86 70.03
C CYS P 212 32.08 -58.88 71.14
N VAL P 213 32.80 -57.82 70.81
CA VAL P 213 33.14 -56.77 71.76
C VAL P 213 32.22 -55.59 71.53
N THR P 214 31.66 -55.05 72.61
CA THR P 214 30.67 -53.99 72.55
C THR P 214 31.18 -52.65 73.04
N ASP P 215 31.76 -52.60 74.23
CA ASP P 215 32.21 -51.36 74.84
C ASP P 215 33.65 -51.49 75.30
N VAL P 216 34.24 -50.36 75.64
CA VAL P 216 35.64 -50.31 76.08
C VAL P 216 35.85 -49.03 76.87
N PHE P 217 36.46 -49.13 78.05
CA PHE P 217 36.64 -47.99 78.93
C PHE P 217 38.03 -47.99 79.53
N ASP P 218 38.50 -46.81 79.91
CA ASP P 218 39.74 -46.70 80.65
C ASP P 218 39.51 -47.13 82.11
N LEU P 219 40.60 -47.35 82.83
CA LEU P 219 40.50 -47.70 84.23
C LEU P 219 39.74 -46.62 84.98
N GLY P 220 38.83 -47.06 85.85
CA GLY P 220 37.94 -46.16 86.51
C GLY P 220 38.65 -45.30 87.55
N PRO P 221 37.91 -44.37 88.13
CA PRO P 221 38.52 -43.48 89.14
C PRO P 221 39.11 -44.22 90.33
N ASN P 222 38.55 -45.36 90.70
CA ASN P 222 38.97 -46.09 91.88
C ASN P 222 40.17 -47.01 91.63
N CYS P 223 40.93 -46.77 90.57
CA CYS P 223 42.10 -47.58 90.25
C CYS P 223 43.34 -46.69 90.23
N CYS P 224 44.38 -47.11 90.94
CA CYS P 224 45.66 -46.42 90.97
C CYS P 224 46.59 -47.11 89.97
N SER P 225 46.77 -46.49 88.81
CA SER P 225 47.51 -47.12 87.73
C SER P 225 49.01 -46.95 87.93
N VAL P 226 49.78 -47.65 87.11
CA VAL P 226 51.23 -47.54 87.05
C VAL P 226 51.62 -47.26 85.61
N ASN P 227 52.45 -46.24 85.41
CA ASN P 227 52.82 -45.79 84.08
C ASN P 227 54.29 -45.93 83.75
N ALA P 228 55.15 -46.24 84.72
CA ALA P 228 56.59 -46.29 84.46
C ALA P 228 57.00 -47.62 83.85
N LEU P 229 56.82 -48.71 84.59
CA LEU P 229 57.30 -50.03 84.19
C LEU P 229 58.74 -49.93 83.67
N GLY P 230 59.63 -49.50 84.56
CA GLY P 230 61.02 -49.31 84.23
C GLY P 230 61.54 -47.98 84.71
N GLU P 231 62.79 -47.67 84.40
CA GLU P 231 63.39 -46.39 84.78
C GLU P 231 63.33 -45.42 83.60
N VAL P 232 62.10 -45.06 83.23
CA VAL P 232 61.84 -44.17 82.11
C VAL P 232 61.35 -42.84 82.67
N GLU P 233 61.52 -41.79 81.86
CA GLU P 233 61.26 -40.44 82.34
C GLU P 233 59.77 -40.12 82.48
N CYS P 234 58.94 -40.53 81.52
CA CYS P 234 57.53 -40.16 81.53
C CYS P 234 56.73 -41.30 80.92
N PRO P 235 55.37 -41.23 80.98
CA PRO P 235 54.55 -42.43 80.82
C PRO P 235 54.98 -43.42 79.74
N ASN P 236 54.77 -44.70 80.03
CA ASN P 236 55.15 -45.78 79.13
C ASN P 236 54.10 -46.88 78.98
N ASN P 237 53.06 -46.92 79.83
CA ASN P 237 52.15 -48.05 79.89
C ASN P 237 50.71 -47.58 79.80
N ILE P 238 49.84 -48.48 79.35
CA ILE P 238 48.40 -48.19 79.20
C ILE P 238 47.63 -49.48 79.36
N GLU P 239 46.50 -49.41 80.08
CA GLU P 239 45.62 -50.56 80.27
C GLU P 239 44.17 -50.08 80.28
N PHE P 240 43.27 -50.98 79.89
CA PHE P 240 41.86 -50.64 79.80
C PHE P 240 41.01 -51.91 79.79
N TYR P 241 39.72 -51.74 80.08
CA TYR P 241 38.79 -52.84 80.24
C TYR P 241 38.10 -53.18 78.90
N VAL P 242 37.19 -54.16 78.94
CA VAL P 242 36.39 -54.54 77.80
C VAL P 242 35.08 -55.13 78.30
N LEU P 243 34.06 -55.13 77.44
CA LEU P 243 32.76 -55.70 77.76
C LEU P 243 32.26 -56.52 76.58
N PHE P 244 31.43 -57.51 76.89
CA PHE P 244 30.81 -58.42 75.92
C PHE P 244 29.31 -58.50 76.14
N ARG P 245 28.67 -57.32 76.20
CA ARG P 245 27.31 -57.22 76.72
C ARG P 245 26.36 -58.23 76.07
N ASP P 246 26.49 -58.42 74.76
CA ASP P 246 25.52 -59.24 74.04
C ASP P 246 25.82 -60.73 74.08
N THR P 247 26.97 -61.15 74.63
CA THR P 247 27.36 -62.54 74.61
C THR P 247 27.40 -63.17 75.99
N PHE P 248 28.16 -62.61 76.93
CA PHE P 248 28.31 -63.18 78.26
C PHE P 248 27.38 -62.50 79.25
N ASP P 249 27.04 -63.22 80.32
CA ASP P 249 26.20 -62.65 81.36
C ASP P 249 26.87 -61.43 81.96
N CYS P 250 26.13 -60.34 82.07
CA CYS P 250 26.62 -59.06 82.56
C CYS P 250 27.71 -58.46 81.68
N GLY P 251 27.97 -59.05 80.52
CA GLY P 251 28.99 -58.53 79.63
C GLY P 251 30.41 -58.77 80.08
N LEU P 252 30.63 -59.63 81.07
CA LEU P 252 31.96 -59.90 81.60
C LEU P 252 32.44 -61.25 81.10
N ALA P 253 33.67 -61.30 80.59
CA ALA P 253 34.22 -62.51 80.02
C ALA P 253 35.26 -63.12 80.96
N PRO P 254 35.46 -64.43 80.89
CA PRO P 254 36.48 -65.06 81.75
C PRO P 254 37.89 -64.68 81.30
N GLN P 255 38.83 -64.86 82.21
CA GLN P 255 40.21 -64.47 81.94
C GLN P 255 40.77 -65.19 80.72
N CYS P 256 40.22 -66.36 80.38
CA CYS P 256 40.75 -67.12 79.25
C CYS P 256 40.68 -66.34 77.95
N VAL P 257 39.74 -65.40 77.84
CA VAL P 257 39.55 -64.67 76.59
C VAL P 257 40.37 -63.39 76.55
N VAL P 258 40.32 -62.57 77.60
CA VAL P 258 41.03 -61.30 77.59
C VAL P 258 42.53 -61.53 77.44
N ASP P 259 43.03 -62.66 77.90
CA ASP P 259 44.45 -62.98 77.72
C ASP P 259 44.80 -63.02 76.24
N GLU P 260 43.94 -63.61 75.42
CA GLU P 260 44.18 -63.67 73.99
C GLU P 260 44.22 -62.28 73.37
N ILE P 261 43.31 -61.40 73.79
CA ILE P 261 43.28 -60.05 73.24
C ILE P 261 44.56 -59.31 73.57
N THR P 262 45.05 -59.44 74.80
CA THR P 262 46.25 -58.72 75.20
C THR P 262 47.44 -59.13 74.35
N ASP P 263 47.58 -60.42 74.08
CA ASP P 263 48.70 -60.89 73.28
C ASP P 263 48.66 -60.32 71.86
N TRP P 264 47.47 -60.33 71.24
CA TRP P 264 47.37 -59.85 69.87
C TRP P 264 47.63 -58.36 69.78
N LEU P 265 46.97 -57.57 70.64
CA LEU P 265 47.05 -56.13 70.52
C LEU P 265 48.45 -55.63 70.83
N PHE P 266 49.02 -56.04 71.96
CA PHE P 266 50.31 -55.56 72.42
C PHE P 266 51.46 -56.49 72.07
N GLY P 267 51.18 -57.63 71.45
CA GLY P 267 52.22 -58.54 71.02
C GLY P 267 52.74 -59.42 72.14
N SER P 268 53.57 -60.38 71.76
CA SER P 268 54.18 -61.30 72.71
C SER P 268 55.52 -61.78 72.15
N PRO P 269 56.66 -61.41 72.76
CA PRO P 269 56.81 -60.65 74.00
C PRO P 269 56.42 -59.19 73.88
N GLN P 270 56.04 -58.58 75.00
CA GLN P 270 55.65 -57.18 75.02
C GLN P 270 56.86 -56.28 75.10
N GLY P 271 56.66 -55.01 74.78
CA GLY P 271 57.71 -54.02 74.85
C GLY P 271 58.61 -53.96 73.63
N LEU P 272 58.38 -54.80 72.63
CA LEU P 272 59.18 -54.80 71.41
C LEU P 272 58.33 -54.60 70.16
N GLY P 273 57.10 -54.10 70.32
CA GLY P 273 56.26 -53.80 69.17
C GLY P 273 55.98 -54.99 68.29
N GLN P 274 55.79 -56.17 68.89
CA GLN P 274 55.48 -57.36 68.10
C GLN P 274 54.02 -57.36 67.64
N GLY P 275 53.14 -56.68 68.36
CA GLY P 275 51.73 -56.63 68.06
C GLY P 275 51.36 -55.39 67.26
N GLU P 276 50.13 -54.92 67.47
CA GLU P 276 49.61 -53.75 66.78
C GLU P 276 49.98 -52.44 67.46
N ALA P 277 50.68 -52.49 68.58
CA ALA P 277 51.03 -51.30 69.34
C ALA P 277 52.41 -50.79 68.95
N GLU P 278 52.69 -49.55 69.34
CA GLU P 278 53.96 -48.91 69.00
C GLU P 278 55.11 -49.65 69.67
N PHE P 279 56.28 -49.58 69.03
CA PHE P 279 57.48 -50.15 69.62
C PHE P 279 57.80 -49.45 70.94
N GLY P 280 58.17 -50.25 71.93
CA GLY P 280 58.53 -49.71 73.23
C GLY P 280 57.35 -49.34 74.10
N ILE P 281 56.15 -49.80 73.77
CA ILE P 281 54.95 -49.52 74.54
C ILE P 281 54.38 -50.85 75.03
N CYS P 282 54.11 -50.94 76.32
CA CYS P 282 53.53 -52.12 76.95
C CYS P 282 52.13 -51.80 77.44
N GLY P 283 51.32 -52.85 77.56
CA GLY P 283 49.94 -52.66 77.98
C GLY P 283 49.32 -53.97 78.40
N LYS P 284 48.06 -53.88 78.82
CA LYS P 284 47.33 -55.05 79.30
C LYS P 284 45.84 -54.76 79.24
N VAL P 285 45.06 -55.80 78.91
CA VAL P 285 43.61 -55.72 78.89
C VAL P 285 43.09 -56.67 79.96
N ARG P 286 42.17 -56.18 80.80
CA ARG P 286 41.71 -56.92 81.96
C ARG P 286 40.19 -56.95 82.00
N THR P 287 39.66 -57.97 82.66
CA THR P 287 38.23 -58.13 82.87
C THR P 287 37.88 -57.78 84.31
N ALA P 288 36.63 -57.98 84.69
CA ALA P 288 36.15 -57.64 86.02
C ALA P 288 35.22 -58.75 86.52
N THR P 289 34.95 -58.70 87.82
CA THR P 289 34.07 -59.66 88.47
C THR P 289 32.78 -58.97 88.89
N ALA P 290 31.67 -59.68 88.74
CA ALA P 290 30.35 -59.08 88.94
C ALA P 290 30.08 -58.83 90.42
N VAL P 291 29.35 -57.75 90.69
CA VAL P 291 28.84 -57.45 92.02
C VAL P 291 27.34 -57.21 91.87
N ASN P 292 26.54 -58.07 92.48
CA ASN P 292 25.09 -58.00 92.30
C ASN P 292 24.48 -56.96 93.22
N LEU P 293 23.38 -56.35 92.76
CA LEU P 293 22.68 -55.32 93.51
C LEU P 293 21.19 -55.46 93.28
N ASP P 294 20.42 -54.94 94.24
CA ASP P 294 18.96 -54.90 94.14
C ASP P 294 18.50 -53.47 94.41
N ILE P 295 17.49 -53.03 93.65
CA ILE P 295 17.01 -51.66 93.71
C ILE P 295 15.53 -51.68 94.06
N TYR P 296 15.16 -50.90 95.07
CA TYR P 296 13.78 -50.83 95.55
C TYR P 296 13.24 -49.44 95.25
N LEU P 297 12.48 -49.32 94.18
CA LEU P 297 11.82 -48.06 93.85
C LEU P 297 10.57 -47.91 94.70
N ASN P 298 10.41 -46.74 95.31
CA ASN P 298 9.31 -46.47 96.22
C ASN P 298 8.36 -45.44 95.61
N GLY P 299 7.08 -45.79 95.58
CA GLY P 299 6.05 -44.86 95.13
C GLY P 299 5.68 -44.98 93.66
N LEU P 300 6.37 -45.82 92.88
CA LEU P 300 6.05 -45.92 91.47
C LEU P 300 4.66 -46.50 91.24
N SER P 301 4.15 -47.29 92.19
CA SER P 301 2.89 -47.99 91.99
C SER P 301 1.73 -47.02 91.75
N CYS P 302 1.84 -45.77 92.18
CA CYS P 302 0.77 -44.80 92.04
C CYS P 302 0.87 -44.00 90.75
N ALA P 303 1.80 -44.36 89.87
CA ALA P 303 1.89 -43.75 88.55
C ALA P 303 1.25 -44.66 87.51
N THR P 304 0.96 -44.09 86.34
CA THR P 304 0.30 -44.84 85.30
C THR P 304 1.16 -46.03 84.88
N PRO P 305 0.55 -47.14 84.46
CA PRO P 305 1.37 -48.32 84.09
C PRO P 305 2.38 -48.02 83.00
N ALA P 306 2.03 -47.17 82.03
CA ALA P 306 2.95 -46.86 80.94
C ALA P 306 4.22 -46.19 81.48
N GLN P 307 4.06 -45.23 82.38
CA GLN P 307 5.22 -44.55 82.94
C GLN P 307 6.07 -45.50 83.78
N ALA P 308 5.42 -46.42 84.50
CA ALA P 308 6.16 -47.33 85.36
C ALA P 308 7.16 -48.17 84.56
N ARG P 309 6.72 -48.70 83.41
CA ARG P 309 7.61 -49.54 82.62
C ARG P 309 8.80 -48.75 82.10
N VAL P 310 8.57 -47.51 81.67
CA VAL P 310 9.66 -46.71 81.09
C VAL P 310 10.75 -46.51 82.12
N VAL P 311 10.38 -46.17 83.36
CA VAL P 311 11.38 -45.94 84.40
C VAL P 311 12.16 -47.22 84.67
N GLU P 312 11.46 -48.36 84.74
CA GLU P 312 12.15 -49.63 84.97
C GLU P 312 13.10 -49.94 83.84
N GLN P 313 12.68 -49.72 82.59
CA GLN P 313 13.53 -50.04 81.46
C GLN P 313 14.77 -49.15 81.42
N ARG P 314 14.60 -47.85 81.68
CA ARG P 314 15.73 -46.94 81.63
C ARG P 314 16.76 -47.26 82.71
N ILE P 315 16.29 -47.56 83.92
CA ILE P 315 17.21 -47.86 85.01
C ILE P 315 18.01 -49.12 84.68
N THR P 316 17.35 -50.16 84.17
CA THR P 316 18.05 -51.39 83.84
C THR P 316 19.12 -51.14 82.79
N ASP P 317 18.79 -50.36 81.76
CA ASP P 317 19.74 -50.09 80.69
C ASP P 317 20.96 -49.34 81.22
N PHE P 318 20.74 -48.34 82.06
CA PHE P 318 21.85 -47.52 82.54
C PHE P 318 22.85 -48.36 83.32
N ILE P 319 22.38 -49.22 84.22
CA ILE P 319 23.29 -50.03 85.02
C ILE P 319 24.03 -51.03 84.15
N ASN P 320 23.36 -51.56 83.11
CA ASN P 320 24.00 -52.54 82.24
C ASN P 320 25.23 -51.94 81.56
N ARG P 321 25.16 -50.66 81.20
CA ARG P 321 26.24 -49.98 80.49
C ARG P 321 27.26 -49.34 81.44
N HIS P 322 27.09 -49.50 82.74
CA HIS P 322 27.95 -48.81 83.69
C HIS P 322 29.40 -49.29 83.53
N PRO P 323 30.37 -48.38 83.51
CA PRO P 323 31.76 -48.81 83.40
C PRO P 323 32.20 -49.57 84.63
N PRO P 324 33.13 -50.51 84.51
CA PRO P 324 33.60 -51.24 85.69
C PRO P 324 34.35 -50.34 86.66
N SER P 325 34.31 -50.70 87.93
CA SER P 325 35.05 -50.00 88.99
C SER P 325 34.68 -48.51 89.02
N THR P 326 33.39 -48.25 89.26
CA THR P 326 32.89 -46.89 89.37
C THR P 326 31.69 -46.88 90.28
N ASN P 327 31.59 -45.86 91.13
CA ASN P 327 30.48 -45.76 92.06
C ASN P 327 29.17 -45.61 91.31
N LEU P 328 28.12 -46.22 91.86
CA LEU P 328 26.76 -46.11 91.32
C LEU P 328 25.94 -45.31 92.33
N THR P 329 26.01 -43.99 92.20
CA THR P 329 25.40 -43.11 93.19
C THR P 329 23.89 -43.09 93.04
N VAL P 330 23.21 -42.76 94.15
CA VAL P 330 21.76 -42.70 94.15
C VAL P 330 21.25 -41.54 93.30
N GLU P 331 21.97 -40.42 93.30
CA GLU P 331 21.51 -39.24 92.58
C GLU P 331 21.29 -39.55 91.10
N GLN P 332 22.15 -40.38 90.51
CA GLN P 332 22.00 -40.70 89.09
C GLN P 332 20.68 -41.40 88.83
N LEU P 333 20.31 -42.36 89.68
CA LEU P 333 19.04 -43.05 89.50
C LEU P 333 17.86 -42.11 89.68
N ARG P 334 17.95 -41.22 90.67
CA ARG P 334 16.83 -40.31 90.93
C ARG P 334 16.56 -39.39 89.74
N PHE P 335 17.63 -38.92 89.08
CA PHE P 335 17.44 -38.04 87.95
C PHE P 335 16.64 -38.72 86.84
N ILE P 336 16.90 -40.00 86.59
CA ILE P 336 16.18 -40.72 85.55
C ILE P 336 14.69 -40.68 85.82
N GLY P 337 14.30 -40.86 87.09
CA GLY P 337 12.88 -40.81 87.43
C GLY P 337 12.28 -39.43 87.23
N LEU P 338 13.02 -38.39 87.60
CA LEU P 338 12.48 -37.04 87.49
C LEU P 338 12.29 -36.61 86.04
N GLN P 339 13.14 -37.11 85.14
CA GLN P 339 13.06 -36.67 83.74
C GLN P 339 11.74 -37.08 83.11
N VAL P 340 11.14 -38.17 83.56
CA VAL P 340 9.92 -38.70 82.97
C VAL P 340 8.71 -38.46 83.86
N LEU P 341 8.85 -38.63 85.17
CA LEU P 341 7.72 -38.49 86.08
C LEU P 341 7.41 -37.05 86.44
N GLY P 342 8.32 -36.12 86.18
CA GLY P 342 8.09 -34.73 86.55
C GLY P 342 8.73 -34.39 87.88
N SER P 343 9.14 -33.13 88.02
CA SER P 343 9.83 -32.69 89.22
C SER P 343 8.95 -32.70 90.46
N SER P 344 7.63 -32.69 90.28
CA SER P 344 6.70 -32.61 91.40
C SER P 344 6.31 -33.97 91.96
N PHE P 345 6.77 -35.06 91.37
CA PHE P 345 6.39 -36.38 91.83
C PHE P 345 7.12 -36.73 93.12
N ALA P 346 6.48 -37.60 93.92
CA ALA P 346 7.06 -38.07 95.18
C ALA P 346 7.82 -39.37 94.90
N PHE P 347 9.02 -39.23 94.38
CA PHE P 347 9.86 -40.35 94.01
C PHE P 347 10.93 -40.60 95.06
N ASP P 348 11.45 -41.83 95.06
CA ASP P 348 12.48 -42.22 96.00
C ASP P 348 13.06 -43.57 95.58
N VAL P 349 14.37 -43.72 95.73
CA VAL P 349 15.06 -44.95 95.37
C VAL P 349 16.05 -45.31 96.47
N ALA P 350 16.42 -46.60 96.50
CA ALA P 350 17.39 -47.09 97.47
C ALA P 350 18.09 -48.31 96.87
N ILE P 351 19.33 -48.52 97.30
CA ILE P 351 20.16 -49.61 96.79
C ILE P 351 20.54 -50.51 97.97
N ARG P 352 20.27 -51.80 97.83
CA ARG P 352 20.61 -52.78 98.84
C ARG P 352 21.15 -54.03 98.17
N SER P 353 21.98 -54.77 98.90
CA SER P 353 22.56 -56.00 98.37
C SER P 353 21.56 -57.15 98.48
N PRO P 354 21.66 -58.15 97.61
CA PRO P 354 20.74 -59.29 97.69
C PRO P 354 20.86 -60.00 99.03
N GLY P 355 19.73 -60.16 99.71
CA GLY P 355 19.73 -60.78 101.02
C GLY P 355 20.43 -59.98 102.10
N ASP P 356 20.80 -58.74 101.82
CA ASP P 356 21.51 -57.90 102.77
C ASP P 356 22.75 -58.61 103.31
N ALA P 357 23.43 -59.34 102.43
CA ALA P 357 24.64 -60.06 102.78
C ALA P 357 25.85 -59.18 102.50
N SER P 358 27.04 -59.78 102.57
CA SER P 358 28.30 -59.08 102.32
C SER P 358 28.95 -59.66 101.08
N GLN P 359 29.36 -58.79 100.16
CA GLN P 359 30.00 -59.19 98.92
C GLN P 359 31.37 -58.52 98.82
N SER P 360 32.36 -59.28 98.40
CA SER P 360 33.70 -58.75 98.26
C SER P 360 33.73 -57.60 97.27
N GLY P 361 34.45 -56.54 97.63
CA GLY P 361 34.58 -55.39 96.77
C GLY P 361 33.40 -54.44 96.77
N LEU P 362 32.48 -54.57 97.73
CA LEU P 362 31.31 -53.71 97.83
C LEU P 362 31.28 -53.05 99.19
N ARG P 363 30.93 -51.76 99.20
CA ARG P 363 30.86 -51.00 100.44
C ARG P 363 29.95 -49.80 100.22
N PHE P 364 29.15 -49.47 101.23
CA PHE P 364 28.19 -48.37 101.15
C PHE P 364 28.70 -47.18 101.96
N ASN P 365 28.64 -46.00 101.35
CA ASN P 365 29.06 -44.78 102.03
C ASN P 365 27.89 -44.20 102.83
N ALA P 366 28.16 -43.08 103.50
CA ALA P 366 27.13 -42.47 104.36
C ALA P 366 25.94 -41.99 103.54
N CYS P 367 26.19 -41.41 102.36
CA CYS P 367 25.12 -40.83 101.57
C CYS P 367 24.19 -41.87 100.96
N GLY P 368 24.53 -43.15 101.03
CA GLY P 368 23.70 -44.21 100.50
C GLY P 368 24.19 -44.78 99.19
N ASP P 369 25.17 -44.18 98.55
CA ASP P 369 25.69 -44.68 97.29
C ASP P 369 26.36 -46.04 97.49
N ALA P 370 26.78 -46.64 96.39
CA ALA P 370 27.50 -47.91 96.40
C ALA P 370 28.91 -47.68 95.89
N GLU P 371 29.90 -48.06 96.69
CA GLU P 371 31.31 -47.93 96.32
C GLU P 371 31.83 -49.28 95.87
N ILE P 372 32.52 -49.29 94.73
CA ILE P 372 33.01 -50.52 94.11
C ILE P 372 34.50 -50.38 93.87
N ASP P 373 35.26 -51.40 94.27
CA ASP P 373 36.71 -51.37 94.14
C ASP P 373 37.13 -51.76 92.73
N CYS P 374 38.44 -51.84 92.52
CA CYS P 374 38.97 -52.18 91.21
C CYS P 374 38.61 -53.61 90.81
N ASP P 375 38.49 -53.83 89.51
CA ASP P 375 38.16 -55.13 88.94
C ASP P 375 36.77 -55.62 89.33
N TYR P 376 35.87 -54.70 89.66
CA TYR P 376 34.50 -55.05 90.02
C TYR P 376 33.53 -54.14 89.28
N LYS P 377 32.35 -54.68 88.98
CA LYS P 377 31.33 -53.97 88.23
C LYS P 377 29.98 -54.10 88.92
N ALA P 378 29.14 -53.09 88.73
CA ALA P 378 27.79 -53.11 89.27
C ALA P 378 26.86 -53.85 88.30
N CYS P 379 26.35 -54.99 88.73
CA CYS P 379 25.44 -55.80 87.92
C CYS P 379 24.07 -55.81 88.58
N LEU P 380 23.04 -55.49 87.80
CA LEU P 380 21.68 -55.46 88.31
C LEU P 380 21.15 -56.88 88.46
N ASN P 381 20.57 -57.17 89.62
CA ASN P 381 20.04 -58.49 89.92
C ASN P 381 18.51 -58.51 89.88
N SER P 382 17.85 -57.49 90.41
CA SER P 382 16.40 -57.44 90.42
C SER P 382 15.95 -56.06 90.85
N VAL P 383 14.87 -55.57 90.24
CA VAL P 383 14.27 -54.29 90.57
C VAL P 383 12.84 -54.52 91.02
N GLN P 384 12.49 -53.99 92.18
CA GLN P 384 11.19 -54.22 92.78
C GLN P 384 10.57 -52.90 93.21
N VAL P 385 9.24 -52.87 93.21
CA VAL P 385 8.47 -51.68 93.55
C VAL P 385 7.76 -51.94 94.87
N ILE P 386 7.87 -50.98 95.79
CA ILE P 386 7.24 -51.07 97.10
C ILE P 386 6.46 -49.80 97.35
N ASN P 387 5.47 -49.91 98.23
CA ASN P 387 4.61 -48.77 98.59
C ASN P 387 4.39 -48.78 100.10
N ASN P 388 4.67 -47.64 100.75
CA ASN P 388 4.44 -47.52 102.18
C ASN P 388 3.87 -46.16 102.56
N ASN P 389 3.27 -45.44 101.61
CA ASN P 389 2.68 -44.13 101.85
C ASN P 389 1.26 -44.13 101.33
N VAL P 390 0.56 -43.01 101.55
CA VAL P 390 -0.83 -42.85 101.14
C VAL P 390 -0.98 -41.55 100.37
N THR P 391 -1.94 -41.54 99.44
CA THR P 391 -2.24 -40.36 98.64
C THR P 391 -3.47 -40.69 97.80
N THR P 392 -3.92 -39.69 97.03
CA THR P 392 -5.09 -39.85 96.17
C THR P 392 -6.33 -40.17 96.98
N CYS Q 3 2.28 -31.50 55.66
CA CYS Q 3 2.57 -32.69 54.86
C CYS Q 3 1.28 -33.40 54.47
N THR Q 4 1.20 -33.84 53.22
CA THR Q 4 0.00 -34.50 52.72
C THR Q 4 0.29 -35.17 51.39
N ILE Q 5 -0.24 -36.37 51.21
CA ILE Q 5 -0.17 -37.10 49.95
C ILE Q 5 -1.58 -37.49 49.56
N GLN Q 6 -1.94 -37.25 48.30
CA GLN Q 6 -3.32 -37.38 47.85
C GLN Q 6 -3.38 -38.29 46.63
N ARG Q 7 -4.59 -38.43 46.08
CA ARG Q 7 -4.84 -39.34 44.97
C ARG Q 7 -4.17 -38.81 43.69
N PRO Q 8 -3.30 -39.59 43.04
CA PRO Q 8 -2.63 -39.09 41.84
C PRO Q 8 -3.59 -38.99 40.66
N GLU Q 9 -3.22 -38.13 39.72
CA GLU Q 9 -3.99 -37.95 38.50
C GLU Q 9 -3.73 -39.09 37.52
N PRO Q 10 -4.62 -39.30 36.54
CA PRO Q 10 -4.46 -40.42 35.63
C PRO Q 10 -3.12 -40.42 34.88
N GLN Q 11 -2.84 -39.34 34.14
CA GLN Q 11 -1.63 -39.30 33.32
C GLN Q 11 -0.39 -39.40 34.20
N ALA Q 12 -0.37 -38.68 35.32
CA ALA Q 12 0.76 -38.76 36.24
C ALA Q 12 0.90 -40.15 36.83
N LEU Q 13 -0.14 -40.98 36.76
CA LEU Q 13 -0.09 -42.33 37.33
C LEU Q 13 0.36 -43.36 36.31
N ARG Q 14 -0.12 -43.26 35.07
CA ARG Q 14 0.31 -44.21 34.05
C ARG Q 14 1.80 -44.08 33.78
N ASP Q 15 2.30 -42.85 33.68
CA ASP Q 15 3.71 -42.65 33.41
C ASP Q 15 4.58 -43.31 34.47
N LYS Q 16 4.13 -43.27 35.73
CA LYS Q 16 4.89 -43.90 36.81
C LYS Q 16 5.02 -45.40 36.57
N ILE Q 17 3.94 -46.04 36.14
CA ILE Q 17 3.97 -47.48 35.91
C ILE Q 17 4.83 -47.80 34.69
N ALA Q 18 4.66 -47.04 33.61
CA ALA Q 18 5.40 -47.33 32.39
C ALA Q 18 6.90 -47.22 32.61
N THR Q 19 7.34 -46.17 33.30
CA THR Q 19 8.77 -46.03 33.59
C THR Q 19 9.26 -47.14 34.50
N ARG Q 20 8.49 -47.47 35.54
CA ARG Q 20 8.89 -48.54 36.45
C ARG Q 20 8.96 -49.87 35.71
N PHE Q 21 7.96 -50.17 34.88
CA PHE Q 21 7.95 -51.43 34.14
C PHE Q 21 9.12 -51.50 33.17
N SER Q 22 9.38 -50.40 32.46
CA SER Q 22 10.41 -50.40 31.43
C SER Q 22 11.80 -50.56 32.04
N THR Q 23 12.10 -49.80 33.09
CA THR Q 23 13.45 -49.76 33.63
C THR Q 23 13.84 -51.09 34.27
N ASN Q 24 12.89 -51.77 34.92
CA ASN Q 24 13.21 -52.95 35.70
C ASN Q 24 13.06 -54.25 34.91
N VAL Q 25 12.16 -54.29 33.94
CA VAL Q 25 11.85 -55.52 33.21
C VAL Q 25 12.47 -55.53 31.81
N LEU Q 26 12.51 -54.38 31.15
CA LEU Q 26 13.04 -54.29 29.79
C LEU Q 26 14.38 -53.57 29.71
N GLY Q 27 14.92 -53.13 30.83
CA GLY Q 27 16.24 -52.51 30.84
C GLY Q 27 16.33 -51.24 30.02
N GLY Q 28 15.36 -50.35 30.17
CA GLY Q 28 15.37 -49.07 29.51
C GLY Q 28 14.72 -49.04 28.14
N ALA Q 29 14.31 -50.19 27.61
CA ALA Q 29 13.69 -50.20 26.29
C ALA Q 29 12.39 -49.42 26.30
N GLU Q 30 12.12 -48.75 25.19
CA GLU Q 30 10.88 -48.00 25.05
C GLU Q 30 9.69 -48.94 24.87
N ILE Q 31 8.52 -48.46 25.25
CA ILE Q 31 7.28 -49.22 25.14
C ILE Q 31 6.69 -48.91 23.76
N ILE Q 32 6.88 -49.82 22.82
CA ILE Q 32 6.36 -49.64 21.46
C ILE Q 32 4.85 -49.86 21.48
N PRO Q 33 4.05 -48.90 21.00
CA PRO Q 33 2.59 -49.09 21.03
C PRO Q 33 2.16 -50.32 20.26
N GLU Q 34 1.09 -50.97 20.76
CA GLU Q 34 0.45 -52.12 20.14
C GLU Q 34 1.26 -53.39 20.25
N SER Q 35 2.24 -53.44 21.15
CA SER Q 35 2.95 -54.67 21.46
C SER Q 35 2.35 -55.31 22.70
N ASN Q 36 2.83 -56.51 23.02
CA ASN Q 36 2.30 -57.22 24.18
C ASN Q 36 2.59 -56.45 25.47
N GLU Q 37 3.76 -55.83 25.57
CA GLU Q 37 4.07 -55.04 26.75
C GLU Q 37 3.13 -53.84 26.88
N PHE Q 38 2.69 -53.27 25.76
CA PHE Q 38 1.77 -52.15 25.80
C PHE Q 38 0.47 -52.54 26.48
N TYR Q 39 -0.08 -53.70 26.12
CA TYR Q 39 -1.31 -54.15 26.74
C TYR Q 39 -1.09 -54.53 28.20
N VAL Q 40 0.09 -55.06 28.54
CA VAL Q 40 0.39 -55.37 29.93
C VAL Q 40 0.42 -54.10 30.77
N VAL Q 41 1.04 -53.05 30.24
CA VAL Q 41 1.18 -51.81 31.00
C VAL Q 41 -0.19 -51.20 31.28
N THR Q 42 -1.04 -51.12 30.25
CA THR Q 42 -2.34 -50.47 30.43
C THR Q 42 -3.22 -51.24 31.40
N LEU Q 43 -3.18 -52.58 31.35
CA LEU Q 43 -3.93 -53.37 32.31
C LEU Q 43 -3.45 -53.11 33.73
N GLU Q 44 -2.14 -52.99 33.92
CA GLU Q 44 -1.61 -52.68 35.24
C GLU Q 44 -2.15 -51.34 35.74
N TYR Q 45 -2.19 -50.34 34.88
CA TYR Q 45 -2.69 -49.03 35.29
C TYR Q 45 -4.15 -49.10 35.70
N ALA Q 46 -4.97 -49.82 34.93
CA ALA Q 46 -6.38 -49.94 35.27
C ALA Q 46 -6.55 -50.56 36.65
N MET Q 47 -5.80 -51.62 36.93
CA MET Q 47 -5.89 -52.27 38.23
C MET Q 47 -5.58 -51.28 39.35
N GLN Q 48 -4.63 -50.38 39.11
CA GLN Q 48 -4.21 -49.45 40.16
C GLN Q 48 -5.22 -48.33 40.35
N GLU Q 49 -5.85 -47.86 39.26
CA GLU Q 49 -6.83 -46.78 39.39
C GLU Q 49 -8.10 -47.26 40.06
N GLU Q 50 -8.57 -48.46 39.72
CA GLU Q 50 -9.77 -49.00 40.35
C GLU Q 50 -9.59 -49.09 41.86
N PHE Q 51 -8.36 -49.30 42.31
CA PHE Q 51 -8.09 -49.37 43.75
C PHE Q 51 -8.40 -48.04 44.43
N PHE Q 52 -7.85 -46.94 43.90
CA PHE Q 52 -8.07 -45.63 44.53
C PHE Q 52 -9.53 -45.23 44.47
N ALA Q 53 -10.19 -45.47 43.33
CA ALA Q 53 -11.58 -45.05 43.18
C ALA Q 53 -12.46 -45.73 44.22
N PHE Q 54 -12.27 -47.03 44.42
CA PHE Q 54 -13.05 -47.75 45.43
C PHE Q 54 -12.76 -47.21 46.83
N ALA Q 55 -11.49 -46.91 47.12
CA ALA Q 55 -11.13 -46.43 48.45
C ALA Q 55 -11.84 -45.11 48.75
N GLU Q 56 -11.86 -44.19 47.80
CA GLU Q 56 -12.55 -42.92 48.01
C GLU Q 56 -14.04 -43.14 48.21
N GLN Q 57 -14.62 -44.10 47.48
CA GLN Q 57 -16.05 -44.37 47.61
C GLN Q 57 -16.39 -44.83 49.03
N MET Q 58 -15.55 -45.73 49.59
CA MET Q 58 -15.88 -46.31 50.89
C MET Q 58 -15.66 -45.32 52.01
N TRP Q 59 -14.59 -44.54 51.95
CA TRP Q 59 -14.31 -43.57 53.00
C TRP Q 59 -15.38 -42.51 53.11
N ARG Q 60 -16.20 -42.32 52.08
CA ARG Q 60 -17.31 -41.37 52.18
C ARG Q 60 -18.40 -41.90 53.10
N GLU Q 61 -18.68 -43.21 53.03
CA GLU Q 61 -19.78 -43.76 53.82
C GLU Q 61 -19.55 -43.58 55.31
N GLN Q 62 -18.29 -43.55 55.75
CA GLN Q 62 -18.01 -43.33 57.16
C GLN Q 62 -18.30 -41.91 57.62
N ASP Q 63 -18.58 -41.00 56.70
CA ASP Q 63 -18.87 -39.62 57.03
C ASP Q 63 -20.36 -39.42 57.16
N PRO Q 64 -20.89 -39.04 58.33
CA PRO Q 64 -22.35 -38.88 58.45
C PRO Q 64 -22.93 -37.84 57.51
N ARG Q 65 -22.16 -36.80 57.18
CA ARG Q 65 -22.67 -35.72 56.35
C ARG Q 65 -22.95 -36.15 54.91
N TYR Q 66 -22.48 -37.33 54.49
CA TYR Q 66 -22.70 -37.80 53.13
C TYR Q 66 -23.17 -39.24 53.02
N ALA Q 67 -23.22 -39.99 54.12
CA ALA Q 67 -23.62 -41.39 54.04
C ALA Q 67 -25.10 -41.49 53.62
N CYS Q 68 -25.43 -42.59 52.95
CA CYS Q 68 -26.80 -42.82 52.54
C CYS Q 68 -27.69 -43.06 53.76
N CYS Q 69 -28.99 -42.99 53.55
CA CYS Q 69 -29.94 -43.10 54.66
C CYS Q 69 -29.80 -44.43 55.39
N GLU Q 70 -29.75 -45.53 54.63
CA GLU Q 70 -29.68 -46.84 55.27
C GLU Q 70 -28.41 -47.02 56.08
N ASN Q 71 -27.31 -46.40 55.64
CA ASN Q 71 -26.06 -46.45 56.39
C ASN Q 71 -26.01 -45.41 57.50
N LEU Q 72 -27.03 -44.57 57.64
CA LEU Q 72 -27.07 -43.57 58.69
C LEU Q 72 -27.89 -44.00 59.90
N VAL Q 73 -28.93 -44.81 59.70
CA VAL Q 73 -29.69 -45.33 60.83
C VAL Q 73 -28.77 -46.17 61.71
N LYS Q 74 -27.97 -47.04 61.09
CA LYS Q 74 -26.84 -47.62 61.80
C LYS Q 74 -25.72 -46.59 61.84
N MET Q 75 -24.71 -46.87 62.67
CA MET Q 75 -23.68 -45.92 63.10
C MET Q 75 -24.28 -44.66 63.73
N ALA Q 76 -25.59 -44.67 63.99
CA ALA Q 76 -26.29 -43.69 64.80
C ALA Q 76 -27.13 -44.35 65.87
N ALA Q 77 -27.73 -45.51 65.57
CA ALA Q 77 -28.36 -46.31 66.60
C ALA Q 77 -27.33 -46.89 67.56
N ARG Q 78 -26.08 -47.04 67.11
CA ARG Q 78 -25.02 -47.51 67.99
C ARG Q 78 -24.80 -46.54 69.14
N ARG Q 79 -24.88 -45.25 68.87
CA ARG Q 79 -24.64 -44.21 69.86
C ARG Q 79 -25.91 -43.79 70.59
N GLY Q 80 -27.04 -44.43 70.32
CA GLY Q 80 -28.26 -44.13 71.03
C GLY Q 80 -29.06 -42.98 70.48
N VAL Q 81 -28.98 -42.73 69.18
CA VAL Q 81 -29.77 -41.71 68.51
C VAL Q 81 -30.65 -42.41 67.47
N TYR Q 82 -31.96 -42.23 67.59
CA TYR Q 82 -32.92 -42.91 66.74
C TYR Q 82 -33.89 -41.92 66.12
N PRO Q 83 -34.48 -42.25 64.98
CA PRO Q 83 -35.55 -41.40 64.44
C PRO Q 83 -36.74 -41.31 65.39
N LYS Q 84 -37.72 -40.47 65.05
CA LYS Q 84 -38.87 -40.25 65.91
C LYS Q 84 -40.14 -40.65 65.18
N PRO Q 85 -40.97 -41.53 65.74
CA PRO Q 85 -42.24 -41.87 65.09
C PRO Q 85 -43.31 -40.84 65.40
N ALA Q 86 -44.47 -41.04 64.78
CA ALA Q 86 -45.59 -40.14 65.00
C ALA Q 86 -46.00 -40.16 66.48
N GLN Q 87 -46.21 -38.98 67.04
CA GLN Q 87 -46.58 -38.84 68.44
C GLN Q 87 -48.10 -38.90 68.60
N PHE Q 88 -48.57 -38.75 69.84
CA PHE Q 88 -49.98 -38.82 70.17
C PHE Q 88 -50.39 -37.55 70.89
N ALA Q 89 -51.57 -37.03 70.54
CA ALA Q 89 -52.12 -35.87 71.22
C ALA Q 89 -52.66 -36.27 72.59
N GLN Q 90 -52.64 -35.32 73.52
CA GLN Q 90 -53.06 -35.56 74.89
C GLN Q 90 -53.99 -34.44 75.35
N GLY Q 91 -54.57 -34.63 76.53
CA GLY Q 91 -55.49 -33.66 77.08
C GLY Q 91 -56.04 -34.15 78.40
N TYR Q 92 -56.93 -33.35 78.98
CA TYR Q 92 -57.56 -33.65 80.24
C TYR Q 92 -59.07 -33.65 80.10
N VAL Q 93 -59.73 -34.54 80.85
CA VAL Q 93 -61.18 -34.69 80.81
C VAL Q 93 -61.71 -34.74 82.24
N ARG Q 94 -63.01 -34.50 82.36
CA ARG Q 94 -63.69 -34.51 83.66
C ARG Q 94 -65.01 -35.26 83.52
N MET Q 95 -65.30 -36.11 84.50
CA MET Q 95 -66.52 -36.89 84.51
C MET Q 95 -67.14 -36.86 85.91
N THR Q 96 -68.46 -37.03 85.95
CA THR Q 96 -69.20 -37.01 87.20
C THR Q 96 -70.19 -38.17 87.22
N GLY Q 97 -70.62 -38.53 88.41
CA GLY Q 97 -71.57 -39.62 88.56
C GLY Q 97 -71.88 -39.89 90.02
N VAL Q 98 -72.61 -40.98 90.25
CA VAL Q 98 -73.00 -41.38 91.60
C VAL Q 98 -71.77 -41.87 92.35
N PRO Q 99 -71.46 -41.32 93.53
CA PRO Q 99 -70.27 -41.79 94.25
C PRO Q 99 -70.35 -43.27 94.58
N GLY Q 100 -69.19 -43.92 94.58
CA GLY Q 100 -69.09 -45.33 94.90
C GLY Q 100 -69.25 -46.27 93.74
N SER Q 101 -69.57 -45.77 92.54
CA SER Q 101 -69.72 -46.63 91.39
C SER Q 101 -68.38 -47.27 91.00
N ALA Q 102 -68.46 -48.51 90.54
CA ALA Q 102 -67.27 -49.24 90.12
C ALA Q 102 -66.81 -48.74 88.76
N LEU Q 103 -65.51 -48.44 88.65
CA LEU Q 103 -64.93 -47.93 87.42
C LEU Q 103 -64.20 -49.05 86.69
N ASN Q 104 -63.69 -48.73 85.50
CA ASN Q 104 -63.01 -49.70 84.65
C ASN Q 104 -61.77 -49.04 84.05
N GLN Q 105 -60.80 -49.87 83.70
CA GLN Q 105 -59.54 -49.40 83.13
C GLN Q 105 -59.57 -49.35 81.61
N ASN Q 106 -60.74 -49.56 80.99
CA ASN Q 106 -60.88 -49.56 79.54
C ASN Q 106 -61.84 -48.46 79.10
N LEU Q 107 -61.81 -47.33 79.77
CA LEU Q 107 -62.66 -46.21 79.39
C LEU Q 107 -62.24 -45.67 78.03
N ARG Q 108 -63.24 -45.20 77.26
CA ARG Q 108 -62.99 -44.62 75.96
C ARG Q 108 -63.94 -43.44 75.76
N PHE Q 109 -63.42 -42.37 75.16
CA PHE Q 109 -64.18 -41.14 74.94
C PHE Q 109 -64.18 -40.80 73.45
N GLN Q 110 -65.31 -40.26 72.99
CA GLN Q 110 -65.50 -39.87 71.59
C GLN Q 110 -66.00 -38.43 71.60
N PHE Q 111 -65.08 -37.48 71.37
CA PHE Q 111 -65.44 -36.07 71.47
C PHE Q 111 -66.12 -35.59 70.20
N GLU Q 112 -65.39 -35.59 69.08
CA GLU Q 112 -66.00 -35.26 67.78
C GLU Q 112 -65.20 -35.98 66.70
N ASN Q 113 -65.70 -37.12 66.26
CA ASN Q 113 -65.07 -37.95 65.24
C ASN Q 113 -63.69 -38.44 65.65
N GLN Q 114 -63.31 -38.26 66.91
CA GLN Q 114 -62.01 -38.68 67.42
C GLN Q 114 -62.21 -39.47 68.70
N THR Q 115 -61.47 -40.57 68.83
CA THR Q 115 -61.57 -41.47 69.97
C THR Q 115 -60.35 -41.29 70.86
N TYR Q 116 -60.57 -41.11 72.16
CA TYR Q 116 -59.50 -40.93 73.13
C TYR Q 116 -59.62 -41.99 74.21
N GLU Q 117 -58.46 -42.48 74.68
CA GLU Q 117 -58.40 -43.53 75.68
C GLU Q 117 -57.70 -43.01 76.92
N ALA Q 118 -58.11 -43.51 78.08
CA ALA Q 118 -57.50 -43.11 79.34
C ALA Q 118 -56.02 -43.46 79.34
N ALA Q 119 -55.19 -42.54 79.85
CA ALA Q 119 -53.75 -42.73 79.90
C ALA Q 119 -53.20 -42.90 81.30
N SER Q 120 -53.90 -42.42 82.32
CA SER Q 120 -53.50 -42.58 83.70
C SER Q 120 -54.25 -43.74 84.34
N VAL Q 121 -53.89 -44.06 85.58
CA VAL Q 121 -54.52 -45.14 86.32
C VAL Q 121 -55.83 -44.62 86.91
N VAL Q 122 -56.93 -45.29 86.57
CA VAL Q 122 -58.25 -44.88 87.03
C VAL Q 122 -58.53 -45.56 88.38
N PRO Q 123 -58.96 -44.82 89.40
CA PRO Q 123 -59.24 -45.45 90.70
C PRO Q 123 -60.32 -46.52 90.57
N ASP Q 124 -60.36 -47.40 91.57
CA ASP Q 124 -61.33 -48.49 91.57
C ASP Q 124 -62.76 -47.94 91.65
N GLN Q 125 -62.97 -46.93 92.48
CA GLN Q 125 -64.29 -46.35 92.68
C GLN Q 125 -64.22 -44.84 92.56
N LEU Q 126 -65.34 -44.25 92.15
CA LEU Q 126 -65.38 -42.80 91.97
C LEU Q 126 -65.18 -42.11 93.33
N PRO Q 127 -64.49 -40.98 93.36
CA PRO Q 127 -64.26 -40.30 94.64
C PRO Q 127 -65.58 -39.92 95.32
N ALA Q 128 -65.45 -39.50 96.58
CA ALA Q 128 -66.62 -39.15 97.36
C ALA Q 128 -67.36 -37.96 96.76
N THR Q 129 -66.62 -36.95 96.28
CA THR Q 129 -67.24 -35.75 95.76
C THR Q 129 -67.95 -35.98 94.43
N GLY Q 130 -67.78 -37.15 93.80
CA GLY Q 130 -68.43 -37.42 92.54
C GLY Q 130 -67.80 -36.70 91.36
N VAL Q 131 -66.53 -36.34 91.46
CA VAL Q 131 -65.81 -35.68 90.38
C VAL Q 131 -64.48 -36.37 90.19
N LEU Q 132 -64.10 -36.60 88.93
CA LEU Q 132 -62.84 -37.24 88.61
C LEU Q 132 -62.25 -36.58 87.38
N VAL Q 133 -60.92 -36.41 87.39
CA VAL Q 133 -60.19 -35.82 86.27
C VAL Q 133 -59.14 -36.81 85.81
N LEU Q 134 -59.11 -37.08 84.51
CA LEU Q 134 -58.20 -38.04 83.91
C LEU Q 134 -57.34 -37.34 82.85
N ARG Q 135 -56.29 -38.04 82.44
CA ARG Q 135 -55.46 -37.63 81.32
C ARG Q 135 -55.64 -38.64 80.20
N VAL Q 136 -55.98 -38.14 79.02
CA VAL Q 136 -56.35 -38.99 77.89
C VAL Q 136 -55.44 -38.68 76.71
N SER Q 137 -55.28 -39.67 75.84
CA SER Q 137 -54.50 -39.53 74.63
C SER Q 137 -55.28 -40.09 73.44
N ALA Q 138 -55.04 -39.53 72.27
CA ALA Q 138 -55.74 -39.98 71.08
C ALA Q 138 -55.33 -41.41 70.74
N VAL Q 139 -56.14 -42.06 69.92
CA VAL Q 139 -55.87 -43.42 69.51
C VAL Q 139 -55.13 -43.47 68.17
N THR Q 140 -55.32 -42.47 67.31
CA THR Q 140 -54.65 -42.42 66.02
C THR Q 140 -53.59 -41.32 66.06
N PRO Q 141 -52.31 -41.65 65.97
CA PRO Q 141 -51.28 -40.59 66.04
C PRO Q 141 -51.35 -39.67 64.84
N GLY Q 142 -50.95 -38.42 65.07
CA GLY Q 142 -50.89 -37.44 64.01
C GLY Q 142 -51.34 -36.07 64.44
N PRO Q 143 -51.10 -35.06 63.61
CA PRO Q 143 -51.52 -33.69 63.97
C PRO Q 143 -53.02 -33.51 64.01
N SER Q 144 -53.80 -34.43 63.44
CA SER Q 144 -55.25 -34.28 63.39
C SER Q 144 -55.91 -34.40 64.75
N GLY Q 145 -55.17 -34.82 65.77
CA GLY Q 145 -55.70 -34.96 67.11
C GLY Q 145 -55.65 -33.71 67.95
N ASN Q 146 -55.28 -32.57 67.36
CA ASN Q 146 -55.20 -31.30 68.08
C ASN Q 146 -56.46 -30.47 67.94
N ILE Q 147 -57.60 -31.11 67.67
CA ILE Q 147 -58.84 -30.35 67.55
C ILE Q 147 -59.16 -29.66 68.88
N ARG Q 148 -60.02 -28.64 68.80
CA ARG Q 148 -60.43 -27.86 69.96
C ARG Q 148 -61.94 -27.96 70.10
N VAL Q 149 -62.40 -28.95 70.87
CA VAL Q 149 -63.80 -29.11 71.19
C VAL Q 149 -63.92 -29.27 72.71
N THR Q 150 -65.09 -28.90 73.23
CA THR Q 150 -65.31 -28.87 74.67
C THR Q 150 -66.31 -29.90 75.17
N GLU Q 151 -67.16 -30.45 74.29
CA GLU Q 151 -68.20 -31.38 74.68
C GLU Q 151 -67.94 -32.74 74.05
N GLY Q 152 -68.02 -33.79 74.87
CA GLY Q 152 -67.84 -35.15 74.40
C GLY Q 152 -68.69 -36.10 75.21
N SER Q 153 -68.76 -37.34 74.74
CA SER Q 153 -69.60 -38.36 75.36
C SER Q 153 -68.81 -39.65 75.54
N LEU Q 154 -69.15 -40.38 76.59
CA LEU Q 154 -68.53 -41.68 76.84
C LEU Q 154 -68.92 -42.65 75.72
N VAL Q 155 -67.94 -43.41 75.25
CA VAL Q 155 -68.16 -44.30 74.10
C VAL Q 155 -69.15 -45.40 74.47
N THR Q 156 -68.94 -46.05 75.60
CA THR Q 156 -69.82 -47.12 76.07
C THR Q 156 -70.40 -46.75 77.42
N PRO Q 157 -71.71 -46.87 77.62
CA PRO Q 157 -72.30 -46.47 78.90
C PRO Q 157 -71.77 -47.32 80.04
N VAL Q 158 -71.68 -46.70 81.21
CA VAL Q 158 -71.24 -47.38 82.43
C VAL Q 158 -72.27 -47.10 83.52
N PRO Q 159 -72.74 -48.10 84.26
CA PRO Q 159 -73.75 -47.83 85.30
C PRO Q 159 -73.25 -46.83 86.32
N GLY Q 160 -74.14 -45.92 86.72
CA GLY Q 160 -73.85 -44.96 87.76
C GLY Q 160 -73.01 -43.77 87.33
N ILE Q 161 -72.64 -43.68 86.06
CA ILE Q 161 -71.80 -42.59 85.55
C ILE Q 161 -72.50 -41.96 84.36
N SER Q 162 -72.54 -40.63 84.34
CA SER Q 162 -73.19 -39.91 83.26
C SER Q 162 -72.45 -40.16 81.94
N SER Q 163 -73.18 -39.98 80.85
CA SER Q 163 -72.65 -40.20 79.50
C SER Q 163 -72.11 -38.92 78.88
N ALA Q 164 -72.06 -37.82 79.63
CA ALA Q 164 -71.55 -36.55 79.14
C ALA Q 164 -70.29 -36.19 79.91
N VAL Q 165 -69.24 -35.83 79.17
CA VAL Q 165 -67.97 -35.43 79.75
C VAL Q 165 -67.50 -34.16 79.08
N THR Q 166 -66.58 -33.46 79.75
CA THR Q 166 -66.05 -32.19 79.27
C THR Q 166 -64.54 -32.21 79.33
N ALA Q 167 -63.92 -31.48 78.41
CA ALA Q 167 -62.47 -31.30 78.38
C ALA Q 167 -62.14 -29.88 78.81
N TYR Q 168 -61.18 -29.74 79.72
CA TYR Q 168 -60.84 -28.43 80.25
C TYR Q 168 -60.34 -27.51 79.15
N GLY Q 169 -61.15 -26.51 78.80
CA GLY Q 169 -60.77 -25.58 77.76
C GLY Q 169 -60.69 -26.16 76.38
N GLY Q 170 -61.10 -27.41 76.20
CA GLY Q 170 -61.02 -28.04 74.89
C GLY Q 170 -59.63 -28.11 74.31
N ASN Q 171 -58.60 -28.01 75.16
CA ASN Q 171 -57.23 -27.99 74.68
C ASN Q 171 -56.74 -29.42 74.44
N PHE Q 172 -56.13 -29.64 73.27
CA PHE Q 172 -55.54 -30.93 72.92
C PHE Q 172 -54.27 -30.64 72.15
N CYS Q 173 -53.12 -30.91 72.75
CA CYS Q 173 -51.82 -30.60 72.16
C CYS Q 173 -50.89 -31.79 72.28
N GLY Q 174 -49.93 -31.87 71.35
CA GLY Q 174 -48.92 -32.90 71.34
C GLY Q 174 -48.80 -33.64 70.01
N GLY Q 175 -49.81 -33.57 69.16
CA GLY Q 175 -49.76 -34.31 67.90
C GLY Q 175 -48.63 -33.83 67.01
N ASP Q 176 -48.11 -34.75 66.21
CA ASP Q 176 -47.04 -34.46 65.27
C ASP Q 176 -46.94 -35.63 64.29
N ASP Q 177 -46.05 -35.49 63.32
CA ASP Q 177 -45.83 -36.50 62.29
C ASP Q 177 -44.43 -37.06 62.41
N ALA Q 178 -44.19 -38.13 61.65
CA ALA Q 178 -42.89 -38.79 61.68
C ALA Q 178 -41.84 -37.92 60.98
N GLU Q 179 -40.58 -38.16 61.34
CA GLU Q 179 -39.47 -37.43 60.75
C GLU Q 179 -39.09 -38.04 59.40
N GLU Q 180 -38.20 -37.36 58.70
CA GLU Q 180 -37.69 -37.79 57.42
C GLU Q 180 -36.17 -37.93 57.49
N CYS Q 181 -35.56 -38.36 56.38
CA CYS Q 181 -34.12 -38.59 56.36
C CYS Q 181 -33.36 -37.28 56.59
N GLU Q 182 -33.67 -36.25 55.80
CA GLU Q 182 -32.87 -35.02 55.90
C GLU Q 182 -32.99 -34.38 57.27
N PRO Q 183 -34.18 -34.15 57.83
CA PRO Q 183 -34.25 -33.59 59.18
C PRO Q 183 -33.57 -34.45 60.23
N PHE Q 184 -33.52 -35.77 60.02
CA PHE Q 184 -32.83 -36.64 60.97
C PHE Q 184 -31.32 -36.49 60.87
N ARG Q 185 -30.78 -36.31 59.66
CA ARG Q 185 -29.35 -36.09 59.52
C ARG Q 185 -28.91 -34.90 60.37
N THR Q 186 -29.65 -33.81 60.30
CA THR Q 186 -29.50 -32.75 61.27
C THR Q 186 -30.09 -33.22 62.61
N ARG Q 187 -29.64 -32.57 63.69
CA ARG Q 187 -30.01 -32.94 65.05
C ARG Q 187 -29.27 -34.19 65.49
N TYR Q 188 -28.57 -34.86 64.57
CA TYR Q 188 -27.66 -35.94 64.94
C TYR Q 188 -26.22 -35.46 64.91
N LEU Q 189 -25.77 -34.98 63.74
CA LEU Q 189 -24.47 -34.33 63.67
C LEU Q 189 -24.44 -33.02 64.41
N GLN Q 190 -25.61 -32.49 64.78
CA GLN Q 190 -25.69 -31.37 65.71
C GLN Q 190 -25.56 -31.84 67.16
N ARG Q 191 -26.09 -33.04 67.45
CA ARG Q 191 -25.95 -33.60 68.80
C ARG Q 191 -24.50 -33.95 69.12
N LEU Q 192 -23.68 -34.21 68.11
CA LEU Q 192 -22.28 -34.55 68.35
C LEU Q 192 -21.53 -33.38 68.98
N GLN Q 193 -22.06 -32.16 68.87
CA GLN Q 193 -21.40 -30.96 69.38
C GLN Q 193 -22.01 -30.46 70.68
N TYR Q 194 -22.84 -31.27 71.33
CA TYR Q 194 -23.64 -30.83 72.47
C TYR Q 194 -23.48 -31.83 73.61
N GLU Q 195 -23.43 -31.29 74.83
CA GLU Q 195 -23.30 -32.12 76.03
C GLU Q 195 -24.19 -31.56 77.14
N PRO Q 196 -25.13 -32.35 77.67
CA PRO Q 196 -25.96 -31.84 78.78
C PRO Q 196 -25.17 -31.76 80.07
N ARG Q 197 -25.66 -30.92 81.00
CA ARG Q 197 -24.94 -30.66 82.24
C ARG Q 197 -25.83 -30.60 83.47
N LEU Q 198 -27.13 -30.83 83.36
CA LEU Q 198 -28.03 -30.77 84.51
C LEU Q 198 -28.10 -29.37 85.11
N THR Q 199 -27.93 -28.35 84.29
CA THR Q 199 -28.16 -26.99 84.77
C THR Q 199 -29.62 -26.81 85.13
N VAL Q 200 -29.89 -25.91 86.08
CA VAL Q 200 -31.27 -25.66 86.50
C VAL Q 200 -32.13 -25.31 85.30
N GLU Q 201 -31.52 -24.74 84.26
CA GLU Q 201 -32.25 -24.49 83.02
C GLU Q 201 -32.72 -25.80 82.39
N TRP Q 202 -31.87 -26.82 82.40
CA TRP Q 202 -32.24 -28.10 81.81
C TRP Q 202 -33.45 -28.69 82.52
N LEU Q 203 -33.43 -28.68 83.86
CA LEU Q 203 -34.59 -29.16 84.61
C LEU Q 203 -35.82 -28.33 84.30
N LYS Q 204 -35.66 -27.01 84.24
CA LYS Q 204 -36.78 -26.13 83.91
C LYS Q 204 -37.34 -26.44 82.54
N SER Q 205 -36.46 -26.62 81.55
CA SER Q 205 -36.91 -26.93 80.20
C SER Q 205 -37.62 -28.28 80.15
N LYS Q 206 -37.09 -29.27 80.86
CA LYS Q 206 -37.67 -30.61 80.81
C LYS Q 206 -39.12 -30.62 81.29
N ALA Q 207 -39.45 -29.77 82.26
CA ALA Q 207 -40.80 -29.76 82.81
C ALA Q 207 -41.82 -29.36 81.75
N MET Q 208 -41.48 -28.39 80.90
CA MET Q 208 -42.43 -27.86 79.93
C MET Q 208 -42.85 -28.90 78.89
N GLU Q 209 -42.13 -30.01 78.76
CA GLU Q 209 -42.52 -31.04 77.81
C GLU Q 209 -43.80 -31.74 78.21
N TRP Q 210 -44.26 -31.58 79.45
CA TRP Q 210 -45.54 -32.14 79.86
C TRP Q 210 -46.67 -31.43 79.11
N PRO Q 211 -47.74 -32.14 78.76
CA PRO Q 211 -48.80 -31.52 77.96
C PRO Q 211 -49.44 -30.33 78.66
N CYS Q 212 -49.80 -29.32 77.87
CA CYS Q 212 -50.61 -28.20 78.34
C CYS Q 212 -49.91 -27.39 79.44
N VAL Q 213 -48.58 -27.37 79.43
CA VAL Q 213 -47.81 -26.57 80.38
C VAL Q 213 -47.26 -25.36 79.65
N THR Q 214 -47.39 -24.19 80.27
CA THR Q 214 -46.99 -22.93 79.66
C THR Q 214 -45.84 -22.26 80.39
N ASP Q 215 -45.96 -22.08 81.71
CA ASP Q 215 -44.97 -21.36 82.48
C ASP Q 215 -44.48 -22.21 83.64
N VAL Q 216 -43.27 -21.89 84.11
CA VAL Q 216 -42.63 -22.62 85.20
C VAL Q 216 -41.71 -21.66 85.93
N PHE Q 217 -41.87 -21.56 87.25
CA PHE Q 217 -41.12 -20.61 88.06
C PHE Q 217 -40.55 -21.31 89.29
N ASP Q 218 -39.45 -20.76 89.79
CA ASP Q 218 -38.90 -21.20 91.07
C ASP Q 218 -39.76 -20.69 92.21
N LEU Q 219 -39.54 -21.25 93.39
CA LEU Q 219 -40.27 -20.80 94.58
C LEU Q 219 -40.02 -19.31 94.79
N GLY Q 220 -41.09 -18.58 95.12
CA GLY Q 220 -41.01 -17.16 95.23
C GLY Q 220 -40.27 -16.70 96.47
N PRO Q 221 -40.11 -15.39 96.60
CA PRO Q 221 -39.38 -14.85 97.77
C PRO Q 221 -39.99 -15.24 99.09
N ASN Q 222 -41.32 -15.39 99.16
CA ASN Q 222 -42.02 -15.63 100.42
C ASN Q 222 -42.04 -17.10 100.82
N CYS Q 223 -41.12 -17.90 100.29
CA CYS Q 223 -41.04 -19.33 100.62
C CYS Q 223 -39.68 -19.64 101.21
N CYS Q 224 -39.67 -20.26 102.38
CA CYS Q 224 -38.43 -20.69 103.04
C CYS Q 224 -38.15 -22.13 102.62
N SER Q 225 -37.30 -22.30 101.61
CA SER Q 225 -37.05 -23.61 101.05
C SER Q 225 -36.20 -24.45 102.00
N VAL Q 226 -36.19 -25.75 101.75
CA VAL Q 226 -35.34 -26.70 102.44
C VAL Q 226 -34.49 -27.42 101.40
N ASN Q 227 -33.18 -27.45 101.63
CA ASN Q 227 -32.23 -27.95 100.64
C ASN Q 227 -31.42 -29.16 101.10
N ALA Q 228 -31.45 -29.51 102.38
CA ALA Q 228 -30.60 -30.59 102.87
C ALA Q 228 -31.20 -31.95 102.58
N LEU Q 229 -32.37 -32.24 103.15
CA LEU Q 229 -32.99 -33.56 103.06
C LEU Q 229 -31.98 -34.66 103.36
N GLY Q 230 -31.46 -34.63 104.58
CA GLY Q 230 -30.51 -35.58 105.07
C GLY Q 230 -29.32 -34.90 105.70
N GLU Q 231 -28.32 -35.69 106.07
CA GLU Q 231 -27.09 -35.18 106.68
C GLU Q 231 -26.03 -35.08 105.58
N VAL Q 232 -26.14 -34.03 104.77
CA VAL Q 232 -25.24 -33.80 103.65
C VAL Q 232 -24.71 -32.37 103.74
N GLU Q 233 -23.57 -32.15 103.08
CA GLU Q 233 -22.87 -30.87 103.16
C GLU Q 233 -23.14 -29.95 101.99
N CYS Q 234 -23.79 -30.42 100.94
CA CYS Q 234 -24.05 -29.63 99.74
C CYS Q 234 -25.52 -29.76 99.38
N PRO Q 235 -26.12 -28.74 98.76
CA PRO Q 235 -27.57 -28.78 98.53
C PRO Q 235 -27.98 -30.00 97.72
N ASN Q 236 -29.17 -30.51 98.03
CA ASN Q 236 -29.62 -31.78 97.49
C ASN Q 236 -31.06 -31.77 96.97
N ASN Q 237 -31.87 -30.76 97.26
CA ASN Q 237 -33.28 -30.75 96.93
C ASN Q 237 -33.62 -29.53 96.09
N ILE Q 238 -34.65 -29.68 95.25
CA ILE Q 238 -35.10 -28.60 94.37
C ILE Q 238 -36.60 -28.78 94.13
N GLU Q 239 -37.34 -27.67 94.19
CA GLU Q 239 -38.77 -27.68 93.95
C GLU Q 239 -39.16 -26.41 93.20
N PHE Q 240 -40.25 -26.49 92.44
CA PHE Q 240 -40.69 -25.37 91.63
C PHE Q 240 -42.15 -25.54 91.24
N TYR Q 241 -42.76 -24.45 90.78
CA TYR Q 241 -44.18 -24.37 90.49
C TYR Q 241 -44.44 -24.69 89.01
N VAL Q 242 -45.72 -24.64 88.62
CA VAL Q 242 -46.14 -24.84 87.24
C VAL Q 242 -47.46 -24.11 87.03
N LEU Q 243 -47.74 -23.78 85.76
CA LEU Q 243 -48.98 -23.12 85.40
C LEU Q 243 -49.55 -23.74 84.13
N PHE Q 244 -50.87 -23.66 83.99
CA PHE Q 244 -51.61 -24.21 82.86
C PHE Q 244 -52.54 -23.15 82.29
N ARG Q 245 -51.99 -21.97 82.02
CA ARG Q 245 -52.82 -20.77 81.77
C ARG Q 245 -53.90 -21.04 80.73
N ASP Q 246 -53.57 -21.75 79.66
CA ASP Q 246 -54.51 -21.91 78.55
C ASP Q 246 -55.56 -22.98 78.79
N THR Q 247 -55.43 -23.78 79.85
CA THR Q 247 -56.34 -24.90 80.08
C THR Q 247 -57.20 -24.71 81.34
N PHE Q 248 -56.59 -24.51 82.50
CA PHE Q 248 -57.33 -24.41 83.74
C PHE Q 248 -57.60 -22.95 84.09
N ASP Q 249 -58.63 -22.75 84.91
CA ASP Q 249 -58.94 -21.41 85.39
C ASP Q 249 -57.77 -20.86 86.20
N CYS Q 250 -57.34 -19.65 85.86
CA CYS Q 250 -56.20 -18.99 86.49
C CYS Q 250 -54.90 -19.75 86.27
N GLY Q 251 -54.90 -20.79 85.44
CA GLY Q 251 -53.69 -21.54 85.19
C GLY Q 251 -53.27 -22.45 86.31
N LEU Q 252 -54.12 -22.68 87.31
CA LEU Q 252 -53.79 -23.52 88.46
C LEU Q 252 -54.48 -24.87 88.31
N ALA Q 253 -53.72 -25.94 88.50
CA ALA Q 253 -54.23 -27.28 88.33
C ALA Q 253 -54.41 -27.97 89.67
N PRO Q 254 -55.34 -28.92 89.77
CA PRO Q 254 -55.52 -29.65 91.04
C PRO Q 254 -54.33 -30.55 91.34
N GLN Q 255 -54.20 -30.90 92.61
CA GLN Q 255 -53.06 -31.72 93.04
C GLN Q 255 -53.02 -33.06 92.32
N CYS Q 256 -54.16 -33.51 91.79
CA CYS Q 256 -54.20 -34.80 91.11
C CYS Q 256 -53.23 -34.85 89.94
N VAL Q 257 -52.92 -33.70 89.34
CA VAL Q 257 -52.08 -33.68 88.15
C VAL Q 257 -50.60 -33.48 88.50
N VAL Q 258 -50.29 -32.52 89.38
CA VAL Q 258 -48.90 -32.25 89.70
C VAL Q 258 -48.22 -33.47 90.32
N ASP Q 259 -48.99 -34.32 90.99
CA ASP Q 259 -48.42 -35.54 91.55
C ASP Q 259 -47.84 -36.42 90.44
N GLU Q 260 -48.55 -36.52 89.31
CA GLU Q 260 -48.06 -37.32 88.20
C GLU Q 260 -46.77 -36.77 87.64
N ILE Q 261 -46.68 -35.43 87.51
CA ILE Q 261 -45.47 -34.83 86.97
C ILE Q 261 -44.27 -35.12 87.86
N THR Q 262 -44.45 -34.99 89.18
CA THR Q 262 -43.35 -35.21 90.10
C THR Q 262 -42.82 -36.64 89.98
N ASP Q 263 -43.72 -37.61 89.87
CA ASP Q 263 -43.29 -39.00 89.77
C ASP Q 263 -42.47 -39.23 88.50
N TRP Q 264 -42.92 -38.67 87.37
CA TRP Q 264 -42.21 -38.90 86.11
C TRP Q 264 -40.86 -38.18 86.10
N LEU Q 265 -40.84 -36.92 86.54
CA LEU Q 265 -39.62 -36.12 86.43
C LEU Q 265 -38.54 -36.64 87.37
N PHE Q 266 -38.88 -36.88 88.64
CA PHE Q 266 -37.92 -37.28 89.65
C PHE Q 266 -37.93 -38.78 89.93
N GLY Q 267 -38.89 -39.52 89.39
CA GLY Q 267 -38.95 -40.95 89.57
C GLY Q 267 -39.66 -41.36 90.86
N SER Q 268 -39.92 -42.65 90.96
CA SER Q 268 -40.58 -43.23 92.12
C SER Q 268 -40.09 -44.66 92.31
N PRO Q 269 -39.36 -44.97 93.40
CA PRO Q 269 -39.01 -44.10 94.53
C PRO Q 269 -38.04 -42.98 94.16
N GLN Q 270 -38.06 -41.91 94.94
CA GLN Q 270 -37.20 -40.76 94.70
C GLN Q 270 -35.85 -40.95 95.35
N GLY Q 271 -34.87 -40.18 94.89
CA GLY Q 271 -33.53 -40.24 95.43
C GLY Q 271 -32.64 -41.28 94.82
N LEU Q 272 -33.17 -42.12 93.92
CA LEU Q 272 -32.39 -43.17 93.26
C LEU Q 272 -32.31 -42.98 91.76
N GLY Q 273 -32.64 -41.79 91.27
CA GLY Q 273 -32.54 -41.50 89.84
C GLY Q 273 -33.39 -42.41 88.98
N GLN Q 274 -34.62 -42.69 89.41
CA GLN Q 274 -35.52 -43.51 88.63
C GLN Q 274 -36.21 -42.76 87.50
N GLY Q 275 -36.13 -41.43 87.51
CA GLY Q 275 -36.78 -40.62 86.49
C GLY Q 275 -35.79 -39.87 85.63
N GLU Q 276 -36.20 -38.69 85.13
CA GLU Q 276 -35.35 -37.89 84.28
C GLU Q 276 -34.32 -37.08 85.07
N ALA Q 277 -34.39 -37.08 86.39
CA ALA Q 277 -33.48 -36.31 87.21
C ALA Q 277 -32.22 -37.11 87.52
N GLU Q 278 -31.20 -36.42 88.03
CA GLU Q 278 -29.92 -37.05 88.32
C GLU Q 278 -30.05 -38.02 89.50
N PHE Q 279 -29.12 -38.96 89.55
CA PHE Q 279 -29.04 -39.88 90.68
C PHE Q 279 -28.70 -39.11 91.95
N GLY Q 280 -29.38 -39.46 93.04
CA GLY Q 280 -29.13 -38.82 94.31
C GLY Q 280 -29.70 -37.43 94.44
N ILE Q 281 -30.66 -37.05 93.59
CA ILE Q 281 -31.31 -35.74 93.65
C ILE Q 281 -32.79 -35.97 93.84
N CYS Q 282 -33.38 -35.27 94.81
CA CYS Q 282 -34.80 -35.36 95.10
C CYS Q 282 -35.45 -34.00 94.88
N GLY Q 283 -36.73 -34.01 94.55
CA GLY Q 283 -37.44 -32.78 94.27
C GLY Q 283 -38.93 -33.00 94.30
N LYS Q 284 -39.65 -31.90 94.06
CA LYS Q 284 -41.11 -31.93 94.10
C LYS Q 284 -41.66 -30.79 93.27
N VAL Q 285 -42.74 -31.05 92.54
CA VAL Q 285 -43.46 -30.04 91.77
C VAL Q 285 -44.79 -29.80 92.47
N ARG Q 286 -45.09 -28.52 92.73
CA ARG Q 286 -46.26 -28.16 93.53
C ARG Q 286 -47.09 -27.13 92.80
N THR Q 287 -48.37 -27.07 93.17
CA THR Q 287 -49.33 -26.11 92.64
C THR Q 287 -49.63 -25.06 93.70
N ALA Q 288 -50.59 -24.18 93.39
CA ALA Q 288 -50.95 -23.10 94.28
C ALA Q 288 -52.47 -22.92 94.26
N THR Q 289 -52.97 -22.16 95.23
CA THR Q 289 -54.38 -21.88 95.37
C THR Q 289 -54.66 -20.41 95.05
N ALA Q 290 -55.75 -20.16 94.36
CA ALA Q 290 -56.04 -18.82 93.87
C ALA Q 290 -56.44 -17.89 95.00
N VAL Q 291 -56.05 -16.62 94.86
CA VAL Q 291 -56.48 -15.53 95.73
C VAL Q 291 -57.06 -14.44 94.86
N ASN Q 292 -58.36 -14.20 94.99
CA ASN Q 292 -59.04 -13.25 94.13
C ASN Q 292 -58.82 -11.81 94.59
N LEU Q 293 -58.65 -10.90 93.62
CA LEU Q 293 -58.44 -9.50 93.90
C LEU Q 293 -59.31 -8.66 92.97
N ASP Q 294 -59.65 -7.47 93.42
CA ASP Q 294 -60.38 -6.49 92.63
C ASP Q 294 -59.58 -5.21 92.55
N ILE Q 295 -59.53 -4.60 91.36
CA ILE Q 295 -58.70 -3.45 91.09
C ILE Q 295 -59.59 -2.29 90.64
N TYR Q 296 -59.42 -1.14 91.27
CA TYR Q 296 -60.18 0.06 90.95
C TYR Q 296 -59.23 1.11 90.37
N LEU Q 297 -59.47 1.50 89.12
CA LEU Q 297 -58.70 2.54 88.47
C LEU Q 297 -59.45 3.86 88.55
N ASN Q 298 -58.76 4.91 88.97
CA ASN Q 298 -59.37 6.21 89.19
C ASN Q 298 -58.92 7.19 88.10
N GLY Q 299 -59.89 7.83 87.46
CA GLY Q 299 -59.62 8.86 86.49
C GLY Q 299 -59.47 8.40 85.06
N LEU Q 300 -59.50 7.09 84.80
CA LEU Q 300 -59.33 6.61 83.42
C LEU Q 300 -60.47 7.08 82.52
N SER Q 301 -61.64 7.37 83.10
CA SER Q 301 -62.80 7.72 82.30
C SER Q 301 -62.57 8.97 81.46
N CYS Q 302 -61.64 9.83 81.85
CA CYS Q 302 -61.38 11.07 81.13
C CYS Q 302 -60.31 10.91 80.06
N ALA Q 303 -59.84 9.69 79.81
CA ALA Q 303 -58.93 9.42 78.72
C ALA Q 303 -59.71 8.88 77.52
N THR Q 304 -59.08 8.95 76.34
CA THR Q 304 -59.74 8.52 75.13
C THR Q 304 -60.11 7.04 75.23
N PRO Q 305 -61.21 6.62 74.60
CA PRO Q 305 -61.60 5.21 74.72
C PRO Q 305 -60.52 4.24 74.27
N ALA Q 306 -59.77 4.58 73.22
CA ALA Q 306 -58.71 3.69 72.76
C ALA Q 306 -57.66 3.48 73.84
N GLN Q 307 -57.25 4.55 74.51
CA GLN Q 307 -56.24 4.43 75.55
C GLN Q 307 -56.76 3.62 76.73
N ALA Q 308 -58.04 3.79 77.07
CA ALA Q 308 -58.60 3.08 78.23
C ALA Q 308 -58.51 1.57 78.03
N ARG Q 309 -58.84 1.09 76.84
CA ARG Q 309 -58.82 -0.35 76.60
C ARG Q 309 -57.41 -0.91 76.74
N VAL Q 310 -56.40 -0.19 76.25
CA VAL Q 310 -55.03 -0.70 76.30
C VAL Q 310 -54.60 -0.91 77.75
N VAL Q 311 -54.89 0.07 78.61
CA VAL Q 311 -54.49 -0.04 80.01
C VAL Q 311 -55.17 -1.23 80.67
N GLU Q 312 -56.46 -1.41 80.41
CA GLU Q 312 -57.19 -2.52 81.01
C GLU Q 312 -56.62 -3.86 80.54
N GLN Q 313 -56.34 -3.98 79.25
CA GLN Q 313 -55.84 -5.24 78.71
C GLN Q 313 -54.44 -5.55 79.22
N ARG Q 314 -53.57 -4.53 79.28
CA ARG Q 314 -52.21 -4.76 79.76
C ARG Q 314 -52.19 -5.19 81.21
N ILE Q 315 -53.01 -4.55 82.06
CA ILE Q 315 -53.03 -4.90 83.48
C ILE Q 315 -53.53 -6.34 83.66
N THR Q 316 -54.57 -6.72 82.92
CA THR Q 316 -55.12 -8.07 83.05
C THR Q 316 -54.06 -9.11 82.69
N ASP Q 317 -53.33 -8.88 81.61
CA ASP Q 317 -52.30 -9.82 81.18
C ASP Q 317 -51.20 -9.94 82.24
N PHE Q 318 -50.77 -8.82 82.80
CA PHE Q 318 -49.66 -8.85 83.74
C PHE Q 318 -49.99 -9.69 84.97
N ILE Q 319 -51.17 -9.51 85.53
CA ILE Q 319 -51.55 -10.28 86.72
C ILE Q 319 -51.69 -11.77 86.37
N ASN Q 320 -52.19 -12.07 85.17
CA ASN Q 320 -52.35 -13.47 84.79
C ASN Q 320 -51.02 -14.21 84.78
N ARG Q 321 -49.96 -13.55 84.35
CA ARG Q 321 -48.64 -14.14 84.25
C ARG Q 321 -47.84 -14.04 85.54
N HIS Q 322 -48.40 -13.44 86.58
CA HIS Q 322 -47.63 -13.20 87.79
C HIS Q 322 -47.21 -14.51 88.43
N PRO Q 323 -45.97 -14.65 88.88
CA PRO Q 323 -45.55 -15.90 89.52
C PRO Q 323 -46.28 -16.10 90.83
N PRO Q 324 -46.53 -17.34 91.24
CA PRO Q 324 -47.20 -17.58 92.52
C PRO Q 324 -46.31 -17.19 93.70
N SER Q 325 -46.96 -16.83 94.80
CA SER Q 325 -46.28 -16.49 96.05
C SER Q 325 -45.32 -15.33 95.84
N THR Q 326 -45.88 -14.21 95.40
CA THR Q 326 -45.11 -12.98 95.20
C THR Q 326 -46.03 -11.79 95.37
N ASN Q 327 -45.53 -10.74 96.03
CA ASN Q 327 -46.34 -9.57 96.28
C ASN Q 327 -46.70 -8.88 94.96
N LEU Q 328 -47.90 -8.30 94.92
CA LEU Q 328 -48.39 -7.55 93.77
C LEU Q 328 -48.46 -6.08 94.18
N THR Q 329 -47.34 -5.39 94.03
CA THR Q 329 -47.21 -4.03 94.53
C THR Q 329 -47.96 -3.05 93.63
N VAL Q 330 -48.31 -1.89 94.22
CA VAL Q 330 -49.03 -0.86 93.48
C VAL Q 330 -48.14 -0.23 92.42
N GLU Q 331 -46.85 -0.07 92.72
CA GLU Q 331 -45.96 0.61 91.79
C GLU Q 331 -45.98 -0.04 90.42
N GLN Q 332 -45.99 -1.37 90.36
CA GLN Q 332 -45.98 -2.05 89.08
C GLN Q 332 -47.19 -1.69 88.25
N LEU Q 333 -48.38 -1.65 88.87
CA LEU Q 333 -49.58 -1.27 88.13
C LEU Q 333 -49.50 0.18 87.67
N ARG Q 334 -49.00 1.07 88.53
CA ARG Q 334 -48.93 2.48 88.17
C ARG Q 334 -48.01 2.70 86.97
N PHE Q 335 -46.88 2.00 86.94
CA PHE Q 335 -45.95 2.16 85.81
C PHE Q 335 -46.63 1.80 84.50
N ILE Q 336 -47.44 0.75 84.47
CA ILE Q 336 -48.12 0.36 83.25
C ILE Q 336 -48.96 1.50 82.72
N GLY Q 337 -49.65 2.21 83.62
CA GLY Q 337 -50.45 3.35 83.19
C GLY Q 337 -49.63 4.49 82.64
N LEU Q 338 -48.49 4.79 83.28
CA LEU Q 338 -47.69 5.93 82.87
C LEU Q 338 -47.02 5.69 81.51
N GLN Q 339 -46.72 4.44 81.19
CA GLN Q 339 -46.02 4.16 79.93
C GLN Q 339 -46.86 4.56 78.72
N VAL Q 340 -48.18 4.56 78.85
CA VAL Q 340 -49.09 4.84 77.75
C VAL Q 340 -49.81 6.16 77.93
N LEU Q 341 -50.29 6.43 79.15
CA LEU Q 341 -51.07 7.65 79.38
C LEU Q 341 -50.21 8.90 79.44
N GLY Q 342 -48.91 8.75 79.64
CA GLY Q 342 -48.04 9.90 79.77
C GLY Q 342 -47.76 10.24 81.22
N SER Q 343 -46.57 10.80 81.46
CA SER Q 343 -46.14 11.09 82.82
C SER Q 343 -46.96 12.20 83.47
N SER Q 344 -47.64 13.02 82.67
CA SER Q 344 -48.37 14.16 83.21
C SER Q 344 -49.83 13.86 83.51
N PHE Q 345 -50.27 12.62 83.35
CA PHE Q 345 -51.67 12.27 83.57
C PHE Q 345 -51.94 12.03 85.05
N ALA Q 346 -53.16 12.36 85.46
CA ALA Q 346 -53.59 12.19 86.85
C ALA Q 346 -54.14 10.78 87.02
N PHE Q 347 -53.23 9.84 87.24
CA PHE Q 347 -53.54 8.43 87.38
C PHE Q 347 -53.50 8.00 88.84
N ASP Q 348 -54.20 6.90 89.13
CA ASP Q 348 -54.22 6.34 90.47
C ASP Q 348 -54.85 4.96 90.42
N VAL Q 349 -54.30 4.03 91.19
CA VAL Q 349 -54.82 2.66 91.27
C VAL Q 349 -54.87 2.24 92.72
N ALA Q 350 -55.69 1.23 92.99
CA ALA Q 350 -55.84 0.67 94.32
C ALA Q 350 -56.30 -0.77 94.22
N ILE Q 351 -55.86 -1.59 95.17
CA ILE Q 351 -56.17 -3.01 95.20
C ILE Q 351 -57.07 -3.28 96.41
N ARG Q 352 -58.19 -3.94 96.17
CA ARG Q 352 -59.13 -4.27 97.22
C ARG Q 352 -59.70 -5.67 96.97
N SER Q 353 -60.03 -6.35 98.06
CA SER Q 353 -60.56 -7.70 97.96
C SER Q 353 -62.06 -7.65 97.63
N PRO Q 354 -62.58 -8.69 96.98
CA PRO Q 354 -64.01 -8.70 96.66
C PRO Q 354 -64.86 -8.65 97.93
N GLY Q 355 -65.77 -7.68 97.97
CA GLY Q 355 -66.64 -7.51 99.12
C GLY Q 355 -65.89 -7.11 100.37
N ASP Q 356 -64.62 -6.74 100.22
CA ASP Q 356 -63.77 -6.35 101.34
C ASP Q 356 -63.81 -7.42 102.44
N ALA Q 357 -63.80 -8.68 102.03
CA ALA Q 357 -63.81 -9.79 102.95
C ALA Q 357 -62.38 -10.18 103.32
N SER Q 358 -62.25 -11.31 104.01
CA SER Q 358 -60.95 -11.84 104.43
C SER Q 358 -60.69 -13.16 103.71
N GLN Q 359 -59.54 -13.26 103.07
CA GLN Q 359 -59.14 -14.46 102.35
C GLN Q 359 -57.83 -15.00 102.93
N SER Q 360 -57.78 -16.32 103.09
CA SER Q 360 -56.59 -16.94 103.67
C SER Q 360 -55.37 -16.66 102.80
N GLY Q 361 -54.27 -16.30 103.45
CA GLY Q 361 -53.03 -16.06 102.75
C GLY Q 361 -52.88 -14.70 102.12
N LEU Q 362 -53.76 -13.76 102.44
CA LEU Q 362 -53.72 -12.42 101.87
C LEU Q 362 -53.63 -11.38 102.97
N ARG Q 363 -52.73 -10.41 102.80
CA ARG Q 363 -52.58 -9.31 103.73
C ARG Q 363 -52.20 -8.05 102.96
N PHE Q 364 -52.53 -6.90 103.54
CA PHE Q 364 -52.20 -5.61 102.97
C PHE Q 364 -51.23 -4.89 103.88
N ASN Q 365 -50.11 -4.42 103.33
CA ASN Q 365 -49.11 -3.71 104.09
C ASN Q 365 -49.47 -2.22 104.16
N ALA Q 366 -48.61 -1.45 104.83
CA ALA Q 366 -48.88 -0.03 105.01
C ALA Q 366 -48.91 0.71 103.69
N CYS Q 367 -47.99 0.38 102.78
CA CYS Q 367 -47.88 1.08 101.51
C CYS Q 367 -49.07 0.83 100.59
N GLY Q 368 -49.92 -0.15 100.90
CA GLY Q 368 -51.08 -0.47 100.08
C GLY Q 368 -50.90 -1.65 99.17
N ASP Q 369 -49.70 -2.23 99.11
CA ASP Q 369 -49.45 -3.39 98.26
C ASP Q 369 -50.24 -4.60 98.75
N ALA Q 370 -50.17 -5.70 98.00
CA ALA Q 370 -50.81 -6.95 98.38
C ALA Q 370 -49.74 -7.97 98.74
N GLU Q 371 -49.87 -8.55 99.94
CA GLU Q 371 -48.91 -9.53 100.44
C GLU Q 371 -49.54 -10.91 100.35
N ILE Q 372 -48.82 -11.86 99.74
CA ILE Q 372 -49.31 -13.19 99.48
C ILE Q 372 -48.33 -14.20 100.04
N ASP Q 373 -48.85 -15.20 100.76
CA ASP Q 373 -48.03 -16.21 101.38
C ASP Q 373 -47.72 -17.34 100.38
N CYS Q 374 -47.04 -18.37 100.87
CA CYS Q 374 -46.64 -19.48 100.01
C CYS Q 374 -47.86 -20.26 99.53
N ASP Q 375 -47.71 -20.90 98.37
CA ASP Q 375 -48.78 -21.70 97.78
C ASP Q 375 -50.03 -20.88 97.48
N TYR Q 376 -49.84 -19.61 97.12
CA TYR Q 376 -50.95 -18.74 96.76
C TYR Q 376 -50.56 -17.86 95.60
N LYS Q 377 -51.55 -17.48 94.80
CA LYS Q 377 -51.34 -16.68 93.60
C LYS Q 377 -52.38 -15.57 93.53
N ALA Q 378 -52.00 -14.47 92.88
CA ALA Q 378 -52.90 -13.34 92.68
C ALA Q 378 -53.66 -13.56 91.38
N CYS Q 379 -54.98 -13.74 91.49
CA CYS Q 379 -55.85 -13.95 90.34
C CYS Q 379 -56.79 -12.76 90.20
N LEU Q 380 -56.83 -12.17 89.01
CA LEU Q 380 -57.71 -11.05 88.76
C LEU Q 380 -59.17 -11.52 88.75
N ASN Q 381 -60.02 -10.79 89.46
CA ASN Q 381 -61.45 -11.08 89.51
C ASN Q 381 -62.29 -10.06 88.76
N SER Q 382 -61.94 -8.79 88.81
CA SER Q 382 -62.67 -7.75 88.10
C SER Q 382 -61.90 -6.45 88.18
N VAL Q 383 -61.92 -5.68 87.08
CA VAL Q 383 -61.29 -4.37 87.01
C VAL Q 383 -62.37 -3.35 86.68
N GLN Q 384 -62.46 -2.30 87.49
CA GLN Q 384 -63.51 -1.31 87.36
C GLN Q 384 -62.89 0.09 87.36
N VAL Q 385 -63.60 1.02 86.71
CA VAL Q 385 -63.16 2.40 86.57
C VAL Q 385 -64.13 3.28 87.35
N ILE Q 386 -63.57 4.16 88.19
CA ILE Q 386 -64.37 5.09 88.99
C ILE Q 386 -63.85 6.50 88.76
N ASN Q 387 -64.72 7.47 89.00
CA ASN Q 387 -64.37 8.88 88.85
C ASN Q 387 -64.92 9.65 90.03
N ASN Q 388 -64.05 10.42 90.70
CA ASN Q 388 -64.46 11.24 91.83
C ASN Q 388 -63.78 12.61 91.82
N ASN Q 389 -63.28 13.06 90.68
CA ASN Q 389 -62.61 14.35 90.57
C ASN Q 389 -63.22 15.12 89.40
N VAL Q 390 -62.72 16.34 89.20
CA VAL Q 390 -63.22 17.22 88.15
C VAL Q 390 -62.03 17.78 87.38
N THR Q 391 -62.26 18.03 86.09
CA THR Q 391 -61.24 18.59 85.21
C THR Q 391 -61.90 18.88 83.86
N THR Q 392 -61.11 19.43 82.94
CA THR Q 392 -61.60 19.76 81.60
C THR Q 392 -62.72 20.80 81.67
N CYS R 3 -39.66 2.79 50.21
CA CYS R 3 -40.22 1.56 49.66
C CYS R 3 -41.35 1.86 48.70
N THR R 4 -41.39 1.13 47.59
CA THR R 4 -42.43 1.35 46.58
C THR R 4 -42.42 0.19 45.60
N ILE R 5 -43.62 -0.27 45.24
CA ILE R 5 -43.82 -1.30 44.23
C ILE R 5 -44.76 -0.73 43.18
N GLN R 6 -44.39 -0.89 41.91
CA GLN R 6 -45.08 -0.23 40.81
C GLN R 6 -45.49 -1.26 39.76
N ARG R 7 -46.11 -0.77 38.70
CA ARG R 7 -46.66 -1.62 37.65
C ARG R 7 -45.53 -2.25 36.84
N PRO R 8 -45.47 -3.58 36.73
CA PRO R 8 -44.36 -4.20 35.99
C PRO R 8 -44.48 -3.99 34.50
N GLU R 9 -43.32 -4.11 33.84
CA GLU R 9 -43.25 -3.99 32.39
C GLU R 9 -43.75 -5.27 31.73
N PRO R 10 -44.10 -5.21 30.44
CA PRO R 10 -44.64 -6.40 29.76
C PRO R 10 -43.70 -7.60 29.79
N GLN R 11 -42.48 -7.44 29.25
CA GLN R 11 -41.58 -8.58 29.15
C GLN R 11 -41.25 -9.13 30.54
N ALA R 12 -40.96 -8.25 31.49
CA ALA R 12 -40.69 -8.71 32.85
C ALA R 12 -41.90 -9.38 33.50
N LEU R 13 -43.10 -9.17 32.95
CA LEU R 13 -44.31 -9.78 33.49
C LEU R 13 -44.63 -11.11 32.83
N ARG R 14 -44.46 -11.21 31.51
CA ARG R 14 -44.73 -12.48 30.83
C ARG R 14 -43.78 -13.57 31.29
N ASP R 15 -42.51 -13.24 31.47
CA ASP R 15 -41.54 -14.24 31.90
C ASP R 15 -41.87 -14.76 33.28
N LYS R 16 -42.38 -13.89 34.16
CA LYS R 16 -42.74 -14.32 35.51
C LYS R 16 -43.81 -15.40 35.47
N ILE R 17 -44.80 -15.24 34.58
CA ILE R 17 -45.86 -16.23 34.48
C ILE R 17 -45.32 -17.53 33.89
N ALA R 18 -44.51 -17.43 32.82
CA ALA R 18 -44.02 -18.64 32.17
C ALA R 18 -43.19 -19.48 33.12
N THR R 19 -42.29 -18.85 33.88
CA THR R 19 -41.48 -19.60 34.84
C THR R 19 -42.36 -20.24 35.91
N ARG R 20 -43.32 -19.47 36.44
CA ARG R 20 -44.19 -20.02 37.47
C ARG R 20 -45.03 -21.17 36.93
N PHE R 21 -45.60 -21.00 35.73
CA PHE R 21 -46.41 -22.06 35.14
C PHE R 21 -45.59 -23.31 34.87
N SER R 22 -44.39 -23.12 34.32
CA SER R 22 -43.56 -24.28 33.96
C SER R 22 -43.13 -25.06 35.19
N THR R 23 -42.67 -24.35 36.22
CA THR R 23 -42.08 -25.02 37.38
C THR R 23 -43.12 -25.76 38.21
N ASN R 24 -44.34 -25.22 38.32
CA ASN R 24 -45.35 -25.77 39.21
C ASN R 24 -46.32 -26.73 38.53
N VAL R 25 -46.26 -26.86 37.20
CA VAL R 25 -47.18 -27.70 36.45
C VAL R 25 -46.43 -28.73 35.61
N LEU R 26 -45.48 -28.28 34.80
CA LEU R 26 -44.73 -29.17 33.90
C LEU R 26 -43.43 -29.67 34.52
N GLY R 27 -43.16 -29.33 35.78
CA GLY R 27 -41.97 -29.85 36.44
C GLY R 27 -40.67 -29.40 35.80
N GLY R 28 -40.57 -28.12 35.44
CA GLY R 28 -39.36 -27.59 34.88
C GLY R 28 -39.21 -27.74 33.38
N ALA R 29 -40.15 -28.40 32.72
CA ALA R 29 -40.06 -28.57 31.28
C ALA R 29 -40.16 -27.22 30.58
N GLU R 30 -39.45 -27.10 29.47
CA GLU R 30 -39.47 -25.87 28.70
C GLU R 30 -40.81 -25.72 27.97
N ILE R 31 -41.14 -24.47 27.65
CA ILE R 31 -42.37 -24.16 26.93
C ILE R 31 -42.05 -24.15 25.44
N ILE R 32 -42.48 -25.19 24.74
CA ILE R 32 -42.24 -25.31 23.31
C ILE R 32 -43.24 -24.40 22.58
N PRO R 33 -42.77 -23.46 21.76
CA PRO R 33 -43.72 -22.56 21.08
C PRO R 33 -44.69 -23.33 20.19
N GLU R 34 -45.92 -22.82 20.11
CA GLU R 34 -47.01 -23.31 19.29
C GLU R 34 -47.70 -24.53 19.88
N SER R 35 -47.25 -25.03 21.03
CA SER R 35 -47.97 -26.08 21.71
C SER R 35 -49.16 -25.48 22.47
N ASN R 36 -49.98 -26.34 23.07
CA ASN R 36 -51.15 -25.86 23.79
C ASN R 36 -50.74 -25.02 25.00
N GLU R 37 -49.66 -25.40 25.67
CA GLU R 37 -49.20 -24.60 26.81
C GLU R 37 -48.79 -23.21 26.39
N PHE R 38 -48.29 -23.04 25.17
CA PHE R 38 -47.91 -21.72 24.68
C PHE R 38 -49.12 -20.79 24.65
N TYR R 39 -50.25 -21.29 24.15
CA TYR R 39 -51.46 -20.46 24.12
C TYR R 39 -52.02 -20.23 25.51
N VAL R 40 -51.88 -21.23 26.40
CA VAL R 40 -52.37 -21.06 27.76
C VAL R 40 -51.55 -19.99 28.48
N VAL R 41 -50.23 -20.00 28.29
CA VAL R 41 -49.38 -19.04 28.99
C VAL R 41 -49.67 -17.63 28.52
N THR R 42 -49.80 -17.42 27.20
CA THR R 42 -50.02 -16.08 26.69
C THR R 42 -51.38 -15.54 27.09
N LEU R 43 -52.41 -16.40 27.09
CA LEU R 43 -53.72 -15.98 27.56
C LEU R 43 -53.67 -15.58 29.04
N GLU R 44 -52.93 -16.35 29.84
CA GLU R 44 -52.78 -15.99 31.25
C GLU R 44 -52.14 -14.62 31.40
N TYR R 45 -51.11 -14.33 30.60
CA TYR R 45 -50.47 -13.02 30.67
C TYR R 45 -51.44 -11.92 30.27
N ALA R 46 -52.24 -12.15 29.24
CA ALA R 46 -53.22 -11.14 28.82
C ALA R 46 -54.12 -10.75 29.98
N MET R 47 -54.70 -11.74 30.67
CA MET R 47 -55.53 -11.44 31.82
C MET R 47 -54.76 -10.67 32.87
N GLN R 48 -53.47 -10.97 33.04
CA GLN R 48 -52.66 -10.26 34.02
C GLN R 48 -52.53 -8.79 33.66
N GLU R 49 -52.27 -8.48 32.39
CA GLU R 49 -52.02 -7.10 31.99
C GLU R 49 -53.29 -6.27 31.97
N GLU R 50 -54.39 -6.83 31.47
CA GLU R 50 -55.64 -6.07 31.42
C GLU R 50 -56.06 -5.60 32.80
N PHE R 51 -55.73 -6.37 33.85
CA PHE R 51 -56.09 -5.98 35.20
C PHE R 51 -55.40 -4.68 35.60
N PHE R 52 -54.08 -4.60 35.35
CA PHE R 52 -53.34 -3.40 35.72
C PHE R 52 -53.80 -2.19 34.94
N ALA R 53 -53.99 -2.35 33.62
CA ALA R 53 -54.36 -1.21 32.78
C ALA R 53 -55.67 -0.60 33.23
N PHE R 54 -56.67 -1.44 33.50
CA PHE R 54 -57.95 -0.92 33.97
C PHE R 54 -57.80 -0.25 35.34
N ALA R 55 -57.02 -0.86 36.24
CA ALA R 55 -56.88 -0.30 37.57
C ALA R 55 -56.24 1.08 37.50
N GLU R 56 -55.20 1.24 36.70
CA GLU R 56 -54.58 2.55 36.54
C GLU R 56 -55.55 3.54 35.92
N GLN R 57 -56.39 3.08 35.00
CA GLN R 57 -57.34 3.97 34.34
C GLN R 57 -58.35 4.52 35.33
N MET R 58 -58.85 3.67 36.24
CA MET R 58 -59.90 4.12 37.16
C MET R 58 -59.33 5.03 38.24
N TRP R 59 -58.13 4.70 38.75
CA TRP R 59 -57.55 5.51 39.81
C TRP R 59 -57.23 6.92 39.37
N ARG R 60 -57.18 7.18 38.06
CA ARG R 60 -56.96 8.54 37.59
C ARG R 60 -58.19 9.40 37.79
N GLU R 61 -59.39 8.84 37.61
CA GLU R 61 -60.61 9.61 37.71
C GLU R 61 -60.84 10.17 39.10
N GLN R 62 -60.28 9.53 40.13
CA GLN R 62 -60.41 10.06 41.48
C GLN R 62 -59.56 11.32 41.70
N ASP R 63 -58.69 11.65 40.75
CA ASP R 63 -57.82 12.82 40.88
C ASP R 63 -58.48 14.01 40.23
N PRO R 64 -58.79 15.08 40.97
CA PRO R 64 -59.48 16.22 40.34
C PRO R 64 -58.67 16.87 39.23
N ARG R 65 -57.34 16.78 39.28
CA ARG R 65 -56.53 17.41 38.24
C ARG R 65 -56.78 16.83 36.87
N TYR R 66 -57.26 15.59 36.77
CA TYR R 66 -57.38 14.92 35.49
C TYR R 66 -58.77 14.31 35.23
N ALA R 67 -59.67 14.32 36.21
CA ALA R 67 -60.98 13.73 36.00
C ALA R 67 -61.74 14.47 34.91
N CYS R 68 -62.52 13.72 34.14
CA CYS R 68 -63.34 14.32 33.09
C CYS R 68 -64.34 15.30 33.71
N CYS R 69 -64.93 16.13 32.84
CA CYS R 69 -65.81 17.19 33.31
C CYS R 69 -66.99 16.63 34.08
N GLU R 70 -67.71 15.67 33.50
CA GLU R 70 -68.92 15.16 34.15
C GLU R 70 -68.61 14.49 35.48
N ASN R 71 -67.40 13.95 35.64
CA ASN R 71 -67.00 13.41 36.94
C ASN R 71 -66.49 14.49 37.87
N LEU R 72 -66.19 15.68 37.35
CA LEU R 72 -65.69 16.75 38.21
C LEU R 72 -66.83 17.49 38.91
N VAL R 73 -67.98 17.63 38.25
CA VAL R 73 -69.11 18.30 38.89
C VAL R 73 -69.52 17.54 40.14
N LYS R 74 -69.61 16.21 40.05
CA LYS R 74 -69.66 15.39 41.25
C LYS R 74 -68.24 15.25 41.81
N MET R 75 -68.17 14.80 43.07
CA MET R 75 -66.97 14.88 43.89
C MET R 75 -66.51 16.33 44.00
N ALA R 76 -67.35 17.27 43.61
CA ALA R 76 -67.21 18.70 43.85
C ALA R 76 -68.47 19.30 44.43
N ALA R 77 -69.64 18.83 43.99
CA ALA R 77 -70.89 19.21 44.65
C ALA R 77 -71.04 18.51 45.99
N ARG R 78 -70.38 17.36 46.17
CA ARG R 78 -70.40 16.69 47.47
C ARG R 78 -69.83 17.58 48.55
N ARG R 79 -68.80 18.35 48.22
CA ARG R 79 -68.14 19.24 49.18
C ARG R 79 -68.72 20.65 49.16
N GLY R 80 -69.68 20.94 48.30
CA GLY R 80 -70.32 22.24 48.29
C GLY R 80 -69.61 23.27 47.45
N VAL R 81 -69.19 22.88 46.25
CA VAL R 81 -68.56 23.78 45.29
C VAL R 81 -69.23 23.54 43.95
N TYR R 82 -70.07 24.48 43.53
CA TYR R 82 -70.83 24.38 42.30
C TYR R 82 -70.34 25.38 41.26
N PRO R 83 -70.57 25.12 39.97
CA PRO R 83 -70.25 26.12 38.94
C PRO R 83 -71.07 27.40 39.13
N LYS R 84 -70.80 28.41 38.32
CA LYS R 84 -71.46 29.70 38.44
C LYS R 84 -72.21 30.01 37.15
N PRO R 85 -73.51 30.34 37.21
CA PRO R 85 -74.23 30.71 35.99
C PRO R 85 -74.08 32.19 35.66
N ALA R 86 -74.73 32.62 34.58
CA ALA R 86 -74.68 34.03 34.19
C ALA R 86 -75.32 34.89 35.28
N GLN R 87 -74.66 35.99 35.62
CA GLN R 87 -75.14 36.90 36.64
C GLN R 87 -76.02 37.99 36.02
N PHE R 88 -76.64 38.79 36.89
CA PHE R 88 -77.54 39.84 36.48
C PHE R 88 -76.95 41.21 36.84
N ALA R 89 -77.05 42.15 35.91
CA ALA R 89 -76.62 43.51 36.18
C ALA R 89 -77.58 44.21 37.14
N GLN R 90 -77.07 45.22 37.83
CA GLN R 90 -77.85 45.93 38.83
C GLN R 90 -77.54 47.42 38.76
N GLY R 91 -78.41 48.21 39.39
CA GLY R 91 -78.25 49.64 39.39
C GLY R 91 -79.32 50.28 40.25
N TYR R 92 -79.29 51.62 40.29
CA TYR R 92 -80.21 52.40 41.09
C TYR R 92 -81.00 53.36 40.21
N VAL R 93 -82.26 53.58 40.56
CA VAL R 93 -83.16 54.43 39.79
C VAL R 93 -83.89 55.37 40.76
N ARG R 94 -84.46 56.44 40.19
CA ARG R 94 -85.19 57.43 40.95
C ARG R 94 -86.48 57.75 40.21
N MET R 95 -87.54 57.99 40.97
CA MET R 95 -88.86 58.25 40.39
C MET R 95 -89.63 59.19 41.30
N THR R 96 -90.46 60.04 40.69
CA THR R 96 -91.19 61.07 41.40
C THR R 96 -92.64 61.10 40.90
N GLY R 97 -93.50 61.67 41.73
CA GLY R 97 -94.90 61.76 41.37
C GLY R 97 -95.70 62.44 42.47
N VAL R 98 -97.02 62.34 42.35
CA VAL R 98 -97.93 62.93 43.33
C VAL R 98 -97.85 62.11 44.62
N PRO R 99 -97.55 62.72 45.77
CA PRO R 99 -97.47 61.94 47.01
C PRO R 99 -98.78 61.24 47.32
N GLY R 100 -98.67 60.05 47.92
CA GLY R 100 -99.82 59.29 48.33
C GLY R 100 -100.38 58.35 47.28
N SER R 101 -99.85 58.37 46.06
CA SER R 101 -100.34 57.48 45.02
C SER R 101 -99.98 56.03 45.35
N ALA R 102 -100.87 55.12 44.95
CA ALA R 102 -100.67 53.70 45.21
C ALA R 102 -99.64 53.14 44.24
N LEU R 103 -98.66 52.41 44.77
CA LEU R 103 -97.61 51.81 43.98
C LEU R 103 -97.93 50.33 43.74
N ASN R 104 -97.02 49.63 43.06
CA ASN R 104 -97.23 48.23 42.72
C ASN R 104 -95.90 47.51 42.81
N GLN R 105 -95.98 46.19 43.02
CA GLN R 105 -94.80 45.34 43.15
C GLN R 105 -94.40 44.72 41.82
N ASN R 106 -94.87 45.27 40.70
CA ASN R 106 -94.57 44.74 39.37
C ASN R 106 -94.12 45.86 38.45
N LEU R 107 -93.31 46.78 38.97
CA LEU R 107 -92.78 47.86 38.16
C LEU R 107 -91.76 47.32 37.16
N ARG R 108 -91.63 48.01 36.03
CA ARG R 108 -90.67 47.65 35.01
C ARG R 108 -90.22 48.90 34.28
N PHE R 109 -88.91 49.07 34.14
CA PHE R 109 -88.33 50.24 33.52
C PHE R 109 -87.58 49.85 32.25
N GLN R 110 -87.78 50.64 31.19
CA GLN R 110 -87.11 50.43 29.90
C GLN R 110 -86.21 51.64 29.66
N PHE R 111 -84.90 51.42 29.68
CA PHE R 111 -83.95 52.52 29.53
C PHE R 111 -83.52 52.69 28.07
N GLU R 112 -82.86 51.69 27.50
CA GLU R 112 -82.55 51.70 26.07
C GLU R 112 -82.41 50.25 25.62
N ASN R 113 -83.46 49.73 24.99
CA ASN R 113 -83.52 48.35 24.51
C ASN R 113 -83.31 47.33 25.63
N GLN R 114 -83.35 47.77 26.89
CA GLN R 114 -83.13 46.89 28.03
C GLN R 114 -84.25 47.09 29.03
N THR R 115 -84.72 45.99 29.60
CA THR R 115 -85.82 46.00 30.58
C THR R 115 -85.26 45.69 31.96
N TYR R 116 -85.58 46.54 32.92
CA TYR R 116 -85.13 46.38 34.30
C TYR R 116 -86.34 46.28 35.22
N GLU R 117 -86.29 45.34 36.15
CA GLU R 117 -87.37 45.09 37.09
C GLU R 117 -86.93 45.44 38.50
N ALA R 118 -87.87 45.96 39.29
CA ALA R 118 -87.57 46.33 40.66
C ALA R 118 -87.12 45.10 41.45
N ALA R 119 -86.06 45.27 42.23
CA ALA R 119 -85.46 44.18 43.00
C ALA R 119 -85.72 44.26 44.49
N SER R 120 -85.95 45.46 45.02
CA SER R 120 -86.23 45.63 46.44
C SER R 120 -87.74 45.56 46.68
N VAL R 121 -88.15 45.89 47.90
CA VAL R 121 -89.56 45.90 48.27
C VAL R 121 -90.07 47.33 48.11
N VAL R 122 -91.02 47.52 47.21
CA VAL R 122 -91.57 48.85 46.94
C VAL R 122 -92.58 49.18 48.03
N PRO R 123 -92.53 50.37 48.64
CA PRO R 123 -93.53 50.73 49.64
C PRO R 123 -94.92 50.71 49.05
N ASP R 124 -95.92 50.73 49.95
CA ASP R 124 -97.31 50.69 49.51
C ASP R 124 -97.71 52.02 48.86
N GLN R 125 -97.22 53.13 49.38
CA GLN R 125 -97.54 54.45 48.85
C GLN R 125 -96.27 55.27 48.73
N LEU R 126 -96.29 56.23 47.80
CA LEU R 126 -95.13 57.08 47.59
C LEU R 126 -94.86 57.91 48.85
N PRO R 127 -93.59 58.14 49.19
CA PRO R 127 -93.30 58.94 50.39
C PRO R 127 -93.89 60.35 50.27
N ALA R 128 -93.87 61.05 51.41
CA ALA R 128 -94.42 62.40 51.44
C ALA R 128 -93.63 63.35 50.56
N THR R 129 -92.30 63.23 50.57
CA THR R 129 -91.46 64.13 49.78
C THR R 129 -91.58 63.90 48.28
N GLY R 130 -92.23 62.83 47.85
CA GLY R 130 -92.45 62.61 46.43
C GLY R 130 -91.25 62.13 45.66
N VAL R 131 -90.24 61.58 46.33
CA VAL R 131 -89.07 61.02 45.67
C VAL R 131 -88.81 59.63 46.24
N LEU R 132 -88.56 58.67 45.36
CA LEU R 132 -88.32 57.29 45.77
C LEU R 132 -87.12 56.76 44.98
N VAL R 133 -86.28 55.99 45.66
CA VAL R 133 -85.10 55.37 45.07
C VAL R 133 -85.21 53.87 45.23
N LEU R 134 -85.02 53.14 44.14
CA LEU R 134 -85.14 51.69 44.11
C LEU R 134 -83.83 51.07 43.65
N ARG R 135 -83.77 49.75 43.76
CA ARG R 135 -82.68 48.94 43.22
C ARG R 135 -83.27 48.00 42.18
N VAL R 136 -82.69 47.99 40.98
CA VAL R 136 -83.25 47.26 39.86
C VAL R 136 -82.18 46.31 39.32
N SER R 137 -82.64 45.25 38.68
CA SER R 137 -81.77 44.25 38.08
C SER R 137 -82.23 43.96 36.65
N ALA R 138 -81.28 43.64 35.79
CA ALA R 138 -81.60 43.37 34.39
C ALA R 138 -82.46 42.11 34.29
N VAL R 139 -83.29 42.07 33.25
CA VAL R 139 -84.15 40.91 33.04
C VAL R 139 -83.44 39.81 32.26
N THR R 140 -82.49 40.18 31.39
CA THR R 140 -81.73 39.22 30.62
C THR R 140 -80.30 39.16 31.14
N PRO R 141 -79.87 38.06 31.75
CA PRO R 141 -78.51 38.02 32.30
C PRO R 141 -77.45 38.08 31.21
N GLY R 142 -76.31 38.65 31.56
CA GLY R 142 -75.19 38.73 30.65
C GLY R 142 -74.45 40.05 30.76
N PRO R 143 -73.28 40.13 30.12
CA PRO R 143 -72.50 41.38 30.16
C PRO R 143 -73.18 42.54 29.47
N SER R 144 -74.17 42.29 28.60
CA SER R 144 -74.80 43.35 27.84
C SER R 144 -75.61 44.30 28.72
N GLY R 145 -75.86 43.94 29.97
CA GLY R 145 -76.60 44.79 30.88
C GLY R 145 -75.81 45.89 31.54
N ASN R 146 -74.52 46.03 31.21
CA ASN R 146 -73.66 47.04 31.81
C ASN R 146 -73.63 48.33 31.00
N ILE R 147 -74.69 48.63 30.24
CA ILE R 147 -74.71 49.87 29.47
C ILE R 147 -74.68 51.07 30.42
N ARG R 148 -74.34 52.23 29.87
CA ARG R 148 -74.25 53.47 30.63
C ARG R 148 -75.18 54.49 29.97
N VAL R 149 -76.43 54.51 30.41
CA VAL R 149 -77.41 55.50 29.99
C VAL R 149 -77.98 56.15 31.24
N THR R 150 -78.47 57.38 31.07
CA THR R 150 -78.89 58.20 32.20
C THR R 150 -80.39 58.42 32.29
N GLU R 151 -81.14 58.25 31.20
CA GLU R 151 -82.57 58.51 31.20
C GLU R 151 -83.32 57.33 30.63
N GLY R 152 -84.44 56.99 31.27
CA GLY R 152 -85.31 55.91 30.83
C GLY R 152 -86.74 56.25 31.15
N SER R 153 -87.64 55.34 30.76
CA SER R 153 -89.07 55.55 30.94
C SER R 153 -89.71 54.31 31.54
N LEU R 154 -90.75 54.54 32.35
CA LEU R 154 -91.50 53.44 32.92
C LEU R 154 -92.21 52.67 31.81
N VAL R 155 -92.13 51.34 31.88
CA VAL R 155 -92.65 50.52 30.78
C VAL R 155 -94.15 50.72 30.62
N THR R 156 -94.89 50.70 31.73
CA THR R 156 -96.33 50.87 31.69
C THR R 156 -96.74 52.06 32.55
N PRO R 157 -97.66 52.89 32.08
CA PRO R 157 -98.05 54.07 32.88
C PRO R 157 -98.72 53.66 34.18
N VAL R 158 -98.55 54.51 35.19
CA VAL R 158 -99.17 54.32 36.50
C VAL R 158 -99.84 55.62 36.90
N PRO R 159 -101.09 55.61 37.36
CA PRO R 159 -101.75 56.87 37.71
C PRO R 159 -101.00 57.62 38.79
N GLY R 160 -100.91 58.94 38.62
CA GLY R 160 -100.31 59.81 39.62
C GLY R 160 -98.80 59.78 39.66
N ILE R 161 -98.14 59.07 38.74
CA ILE R 161 -96.68 58.96 38.73
C ILE R 161 -96.18 59.29 37.34
N SER R 162 -95.12 60.09 37.27
CA SER R 162 -94.55 60.48 35.99
C SER R 162 -93.98 59.27 35.26
N SER R 163 -93.93 59.38 33.94
CA SER R 163 -93.44 58.30 33.08
C SER R 163 -91.95 58.42 32.77
N ALA R 164 -91.26 59.37 33.39
CA ALA R 164 -89.83 59.58 33.17
C ALA R 164 -89.08 59.28 34.45
N VAL R 165 -88.00 58.49 34.34
CA VAL R 165 -87.18 58.13 35.48
C VAL R 165 -85.71 58.34 35.10
N THR R 166 -84.86 58.40 36.12
CA THR R 166 -83.44 58.60 35.93
C THR R 166 -82.66 57.59 36.76
N ALA R 167 -81.49 57.21 36.26
CA ALA R 167 -80.58 56.31 36.96
C ALA R 167 -79.40 57.11 37.47
N TYR R 168 -79.10 56.97 38.76
CA TYR R 168 -78.03 57.72 39.38
C TYR R 168 -76.71 57.45 38.66
N GLY R 169 -76.18 58.45 37.97
CA GLY R 169 -74.90 58.31 37.31
C GLY R 169 -74.89 57.35 36.15
N GLY R 170 -76.05 56.83 35.74
CA GLY R 170 -76.09 55.89 34.64
C GLY R 170 -75.24 54.66 34.84
N ASN R 171 -74.99 54.28 36.09
CA ASN R 171 -74.12 53.15 36.40
C ASN R 171 -74.94 51.86 36.42
N PHE R 172 -74.43 50.84 35.74
CA PHE R 172 -75.01 49.50 35.78
C PHE R 172 -73.86 48.50 35.74
N CYS R 173 -73.74 47.69 36.80
CA CYS R 173 -72.62 46.78 36.94
C CYS R 173 -73.11 45.44 37.48
N GLY R 174 -72.26 44.43 37.33
CA GLY R 174 -72.54 43.09 37.81
C GLY R 174 -72.72 42.06 36.72
N GLY R 175 -72.95 42.48 35.48
CA GLY R 175 -73.16 41.53 34.41
C GLY R 175 -71.93 40.67 34.19
N ASP R 176 -72.17 39.42 33.80
CA ASP R 176 -71.09 38.47 33.54
C ASP R 176 -71.68 37.27 32.82
N ASP R 177 -70.81 36.41 32.33
CA ASP R 177 -71.18 35.21 31.59
C ASP R 177 -70.90 33.98 32.44
N ALA R 178 -71.47 32.85 32.02
CA ALA R 178 -71.31 31.61 32.74
C ALA R 178 -69.88 31.10 32.64
N GLU R 179 -69.50 30.27 33.62
CA GLU R 179 -68.16 29.69 33.66
C GLU R 179 -68.07 28.49 32.72
N GLU R 180 -66.85 28.02 32.52
CA GLU R 180 -66.57 26.85 31.69
C GLU R 180 -65.89 25.78 32.54
N CYS R 181 -65.63 24.62 31.92
CA CYS R 181 -65.03 23.52 32.65
C CYS R 181 -63.62 23.86 33.13
N GLU R 182 -62.77 24.33 32.23
CA GLU R 182 -61.38 24.57 32.60
C GLU R 182 -61.24 25.62 33.69
N PRO R 183 -61.86 26.80 33.59
CA PRO R 183 -61.80 27.75 34.72
C PRO R 183 -62.41 27.21 35.99
N PHE R 184 -63.33 26.25 35.90
CA PHE R 184 -63.93 25.67 37.10
C PHE R 184 -62.97 24.70 37.79
N ARG R 185 -62.19 23.94 37.01
CA ARG R 185 -61.23 23.04 37.63
C ARG R 185 -60.30 23.80 38.56
N THR R 186 -59.79 24.94 38.10
CA THR R 186 -59.17 25.89 39.01
C THR R 186 -60.25 26.58 39.83
N ARG R 187 -59.85 27.10 40.99
CA ARG R 187 -60.78 27.68 41.95
C ARG R 187 -61.52 26.60 42.73
N TYR R 188 -61.34 25.34 42.34
CA TYR R 188 -61.83 24.23 43.14
C TYR R 188 -60.67 23.52 43.84
N LEU R 189 -59.70 23.04 43.06
CA LEU R 189 -58.47 22.53 43.63
C LEU R 189 -57.64 23.64 44.25
N GLN R 190 -57.96 24.89 43.97
CA GLN R 190 -57.42 26.04 44.70
C GLN R 190 -58.16 26.28 46.00
N ARG R 191 -59.47 26.07 46.03
CA ARG R 191 -60.22 26.16 47.28
C ARG R 191 -59.80 25.09 48.27
N LEU R 192 -59.27 23.97 47.78
CA LEU R 192 -58.81 22.92 48.68
C LEU R 192 -57.69 23.40 49.60
N GLN R 193 -56.99 24.47 49.21
CA GLN R 193 -55.83 24.97 49.95
C GLN R 193 -56.17 26.27 50.70
N TYR R 194 -57.44 26.45 51.06
CA TYR R 194 -57.89 27.70 51.65
C TYR R 194 -58.77 27.42 52.86
N GLU R 195 -58.80 28.38 53.78
CA GLU R 195 -59.64 28.29 54.97
C GLU R 195 -60.00 29.69 55.46
N PRO R 196 -61.26 30.10 55.39
CA PRO R 196 -61.63 31.43 55.89
C PRO R 196 -61.51 31.52 57.40
N ARG R 197 -61.33 32.74 57.89
CA ARG R 197 -61.07 32.96 59.31
C ARG R 197 -61.82 34.14 59.91
N LEU R 198 -62.69 34.82 59.17
CA LEU R 198 -63.45 35.97 59.65
C LEU R 198 -62.56 37.16 60.00
N THR R 199 -61.32 37.18 59.51
CA THR R 199 -60.47 38.34 59.76
C THR R 199 -61.13 39.59 59.18
N VAL R 200 -60.93 40.72 59.85
CA VAL R 200 -61.64 41.95 59.48
C VAL R 200 -61.49 42.25 57.99
N GLU R 201 -60.38 41.80 57.40
CA GLU R 201 -60.22 41.97 55.95
C GLU R 201 -61.30 41.22 55.19
N TRP R 202 -61.67 40.03 55.67
CA TRP R 202 -62.71 39.26 55.00
C TRP R 202 -64.04 39.99 55.03
N LEU R 203 -64.46 40.48 56.20
CA LEU R 203 -65.70 41.24 56.29
C LEU R 203 -65.63 42.49 55.43
N LYS R 204 -64.49 43.20 55.47
CA LYS R 204 -64.34 44.39 54.64
C LYS R 204 -64.44 44.04 53.16
N SER R 205 -63.80 42.95 52.74
CA SER R 205 -63.89 42.53 51.35
C SER R 205 -65.31 42.16 50.96
N LYS R 206 -66.02 41.47 51.86
CA LYS R 206 -67.37 41.02 51.54
C LYS R 206 -68.29 42.19 51.21
N ALA R 207 -68.08 43.34 51.85
CA ALA R 207 -68.95 44.50 51.61
C ALA R 207 -68.83 44.99 50.18
N MET R 208 -67.62 44.97 49.61
CA MET R 208 -67.43 45.51 48.27
C MET R 208 -68.19 44.73 47.21
N GLU R 209 -68.64 43.50 47.53
CA GLU R 209 -69.40 42.74 46.56
C GLU R 209 -70.76 43.36 46.26
N TRP R 210 -71.23 44.27 47.10
CA TRP R 210 -72.49 44.95 46.83
C TRP R 210 -72.33 45.84 45.60
N PRO R 211 -73.39 45.99 44.80
CA PRO R 211 -73.25 46.75 43.55
C PRO R 211 -72.85 48.19 43.79
N CYS R 212 -72.02 48.71 42.89
CA CYS R 212 -71.70 50.14 42.83
C CYS R 212 -71.04 50.65 44.11
N VAL R 213 -70.30 49.79 44.81
CA VAL R 213 -69.55 50.18 45.99
C VAL R 213 -68.08 50.32 45.60
N THR R 214 -67.47 51.43 46.00
CA THR R 214 -66.10 51.76 45.60
C THR R 214 -65.10 51.61 46.74
N ASP R 215 -65.36 52.25 47.89
CA ASP R 215 -64.46 52.20 49.02
C ASP R 215 -65.21 51.80 50.28
N VAL R 216 -64.45 51.38 51.28
CA VAL R 216 -65.00 50.96 52.57
C VAL R 216 -63.97 51.26 53.64
N PHE R 217 -64.37 51.98 54.68
CA PHE R 217 -63.45 52.44 55.72
C PHE R 217 -64.00 52.11 57.10
N ASP R 218 -63.09 51.91 58.04
CA ASP R 218 -63.45 51.78 59.44
C ASP R 218 -63.86 53.15 60.00
N LEU R 219 -64.52 53.11 61.15
CA LEU R 219 -64.88 54.36 61.83
C LEU R 219 -63.63 55.18 62.11
N GLY R 220 -63.72 56.48 61.84
CA GLY R 220 -62.56 57.34 61.91
C GLY R 220 -62.15 57.64 63.33
N PRO R 221 -61.06 58.39 63.46
CA PRO R 221 -60.56 58.73 64.81
C PRO R 221 -61.57 59.50 65.65
N ASN R 222 -62.40 60.33 65.03
CA ASN R 222 -63.31 61.21 65.76
C ASN R 222 -64.62 60.52 66.15
N CYS R 223 -64.64 59.19 66.17
CA CYS R 223 -65.83 58.42 66.55
C CYS R 223 -65.51 57.55 67.75
N CYS R 224 -66.33 57.66 68.79
CA CYS R 224 -66.19 56.85 69.99
C CYS R 224 -67.07 55.62 69.83
N SER R 225 -66.48 54.52 69.39
CA SER R 225 -67.24 53.32 69.09
C SER R 225 -67.71 52.63 70.37
N VAL R 226 -68.67 51.74 70.22
CA VAL R 226 -69.15 50.86 71.29
C VAL R 226 -68.93 49.43 70.84
N ASN R 227 -68.26 48.64 71.68
CA ASN R 227 -67.84 47.30 71.31
C ASN R 227 -68.53 46.19 72.11
N ALA R 228 -69.08 46.51 73.27
CA ALA R 228 -69.67 45.47 74.12
C ALA R 228 -71.05 45.07 73.62
N LEU R 229 -71.99 46.02 73.61
CA LEU R 229 -73.37 45.75 73.20
C LEU R 229 -73.92 44.54 73.95
N GLY R 230 -73.74 44.54 75.25
CA GLY R 230 -74.19 43.44 76.10
C GLY R 230 -73.26 43.30 77.30
N GLU R 231 -73.53 42.26 78.08
CA GLU R 231 -72.72 41.94 79.25
C GLU R 231 -71.74 40.82 78.85
N VAL R 232 -70.71 41.20 78.11
CA VAL R 232 -69.71 40.27 77.62
C VAL R 232 -68.32 40.85 77.88
N GLU R 233 -67.33 39.97 77.92
CA GLU R 233 -65.98 40.34 78.30
C GLU R 233 -65.04 40.52 77.11
N CYS R 234 -65.51 40.32 75.88
CA CYS R 234 -64.68 40.43 74.70
C CYS R 234 -65.47 41.19 73.63
N PRO R 235 -64.79 41.93 72.75
CA PRO R 235 -65.52 42.77 71.80
C PRO R 235 -66.49 41.97 70.95
N ASN R 236 -67.64 42.58 70.65
CA ASN R 236 -68.74 41.89 70.00
C ASN R 236 -69.38 42.65 68.85
N ASN R 237 -69.10 43.95 68.67
CA ASN R 237 -69.78 44.76 67.67
C ASN R 237 -68.78 45.36 66.70
N ILE R 238 -69.16 45.43 65.43
CA ILE R 238 -68.30 45.98 64.37
C ILE R 238 -69.16 46.85 63.46
N GLU R 239 -68.66 48.03 63.13
CA GLU R 239 -69.35 48.95 62.23
C GLU R 239 -68.33 49.65 61.35
N PHE R 240 -68.78 50.07 60.16
CA PHE R 240 -67.90 50.70 59.19
C PHE R 240 -68.72 51.42 58.13
N TYR R 241 -68.05 52.31 57.39
CA TYR R 241 -68.68 53.19 56.43
C TYR R 241 -68.65 52.58 55.02
N VAL R 242 -69.18 53.33 54.05
CA VAL R 242 -69.17 52.93 52.64
C VAL R 242 -69.24 54.19 51.78
N LEU R 243 -68.74 54.08 50.55
CA LEU R 243 -68.79 55.16 49.59
C LEU R 243 -69.24 54.63 48.23
N PHE R 244 -69.88 55.51 47.46
CA PHE R 244 -70.40 55.22 46.12
C PHE R 244 -69.88 56.25 45.13
N ARG R 245 -68.55 56.46 45.13
CA ARG R 245 -67.97 57.61 44.44
C ARG R 245 -68.45 57.72 43.00
N ASP R 246 -68.58 56.60 42.30
CA ASP R 246 -68.88 56.63 40.88
C ASP R 246 -70.35 56.89 40.57
N THR R 247 -71.25 56.79 41.56
CA THR R 247 -72.69 56.88 41.32
C THR R 247 -73.31 58.12 41.94
N PHE R 248 -73.17 58.29 43.25
CA PHE R 248 -73.84 59.39 43.95
C PHE R 248 -72.92 60.60 44.08
N ASP R 249 -73.54 61.76 44.20
CA ASP R 249 -72.77 62.98 44.44
C ASP R 249 -71.97 62.84 45.73
N CYS R 250 -70.69 63.16 45.66
CA CYS R 250 -69.75 63.03 46.77
C CYS R 250 -69.61 61.60 47.26
N GLY R 251 -70.15 60.63 46.52
CA GLY R 251 -70.04 59.24 46.92
C GLY R 251 -70.81 58.87 48.16
N LEU R 252 -71.79 59.68 48.54
CA LEU R 252 -72.61 59.44 49.74
C LEU R 252 -74.01 59.05 49.31
N ALA R 253 -74.53 57.96 49.89
CA ALA R 253 -75.84 57.44 49.52
C ALA R 253 -76.85 57.69 50.62
N PRO R 254 -78.14 57.79 50.29
CA PRO R 254 -79.15 57.99 51.33
C PRO R 254 -79.30 56.75 52.20
N GLN R 255 -79.86 56.96 53.39
CA GLN R 255 -80.01 55.88 54.35
C GLN R 255 -80.86 54.73 53.80
N CYS R 256 -81.68 54.98 52.78
CA CYS R 256 -82.52 53.92 52.23
C CYS R 256 -81.68 52.76 51.70
N VAL R 257 -80.44 53.02 51.30
CA VAL R 257 -79.61 51.98 50.69
C VAL R 257 -78.78 51.25 51.73
N VAL R 258 -78.08 51.98 52.59
CA VAL R 258 -77.20 51.32 53.56
C VAL R 258 -78.00 50.42 54.49
N ASP R 259 -79.28 50.73 54.71
CA ASP R 259 -80.11 49.85 55.52
C ASP R 259 -80.22 48.47 54.90
N GLU R 260 -80.37 48.42 53.57
CA GLU R 260 -80.44 47.13 52.88
C GLU R 260 -79.15 46.35 53.04
N ILE R 261 -78.00 47.03 52.93
CA ILE R 261 -76.72 46.34 53.06
C ILE R 261 -76.57 45.72 54.44
N THR R 262 -76.95 46.47 55.48
CA THR R 262 -76.80 45.97 56.84
C THR R 262 -77.59 44.69 57.06
N ASP R 263 -78.82 44.66 56.53
CA ASP R 263 -79.65 43.47 56.71
C ASP R 263 -79.01 42.25 56.05
N TRP R 264 -78.49 42.40 54.83
CA TRP R 264 -77.91 41.27 54.12
C TRP R 264 -76.63 40.80 54.79
N LEU R 265 -75.72 41.73 55.08
CA LEU R 265 -74.41 41.33 55.60
C LEU R 265 -74.51 40.71 56.99
N PHE R 266 -75.20 41.38 57.90
CA PHE R 266 -75.29 40.93 59.28
C PHE R 266 -76.55 40.14 59.59
N GLY R 267 -77.48 40.05 58.64
CA GLY R 267 -78.70 39.28 58.83
C GLY R 267 -79.77 40.06 59.57
N SER R 268 -80.96 39.48 59.58
CA SER R 268 -82.11 40.08 60.25
C SER R 268 -83.06 38.97 60.69
N PRO R 269 -83.25 38.74 62.01
CA PRO R 269 -82.70 39.49 63.14
C PRO R 269 -81.20 39.35 63.31
N GLN R 270 -80.58 40.33 63.95
CA GLN R 270 -79.14 40.34 64.14
C GLN R 270 -78.76 39.56 65.39
N GLY R 271 -77.48 39.19 65.47
CA GLY R 271 -76.96 38.47 66.60
C GLY R 271 -77.17 36.97 66.55
N LEU R 272 -77.85 36.45 65.53
CA LEU R 272 -78.12 35.03 65.40
C LEU R 272 -77.50 34.44 64.13
N GLY R 273 -76.55 35.14 63.54
CA GLY R 273 -75.88 34.61 62.35
C GLY R 273 -76.81 34.28 61.21
N GLN R 274 -77.78 35.14 60.94
CA GLN R 274 -78.69 34.93 59.83
C GLN R 274 -78.15 35.43 58.50
N GLY R 275 -77.05 36.16 58.51
CA GLY R 275 -76.47 36.69 57.29
C GLY R 275 -75.13 36.08 56.96
N GLU R 276 -74.21 36.90 56.44
CA GLU R 276 -72.88 36.44 56.08
C GLU R 276 -71.89 36.53 57.23
N ALA R 277 -72.31 37.02 58.39
CA ALA R 277 -71.43 37.21 59.54
C ALA R 277 -71.53 36.02 60.50
N GLU R 278 -70.55 35.95 61.39
CA GLU R 278 -70.48 34.84 62.34
C GLU R 278 -71.67 34.87 63.29
N PHE R 279 -71.96 33.71 63.87
CA PHE R 279 -72.99 33.63 64.90
C PHE R 279 -72.58 34.45 66.11
N GLY R 280 -73.54 35.20 66.66
CA GLY R 280 -73.28 35.98 67.84
C GLY R 280 -72.46 37.24 67.60
N ILE R 281 -72.42 37.73 66.37
CA ILE R 281 -71.72 38.97 66.03
C ILE R 281 -72.73 39.93 65.43
N CYS R 282 -72.78 41.14 65.97
CA CYS R 282 -73.71 42.18 65.51
C CYS R 282 -72.92 43.35 64.94
N GLY R 283 -73.54 44.07 64.03
CA GLY R 283 -72.88 45.19 63.39
C GLY R 283 -73.87 46.06 62.66
N LYS R 284 -73.35 47.13 62.05
CA LYS R 284 -74.18 48.08 61.34
C LYS R 284 -73.32 48.84 60.34
N VAL R 285 -73.90 49.14 59.18
CA VAL R 285 -73.24 49.91 58.13
C VAL R 285 -73.96 51.26 58.04
N ARG R 286 -73.19 52.35 58.04
CA ARG R 286 -73.74 53.68 58.13
C ARG R 286 -73.12 54.58 57.07
N THR R 287 -73.85 55.62 56.69
CA THR R 287 -73.42 56.63 55.74
C THR R 287 -73.09 57.92 56.47
N ALA R 288 -72.77 58.96 55.70
CA ALA R 288 -72.39 60.24 56.27
C ALA R 288 -72.98 61.37 55.43
N THR R 289 -73.05 62.56 56.04
CA THR R 289 -73.59 63.74 55.40
C THR R 289 -72.45 64.65 54.96
N ALA R 290 -72.59 65.23 53.76
CA ALA R 290 -71.51 66.01 53.18
C ALA R 290 -71.34 67.34 53.90
N VAL R 291 -70.09 67.81 53.92
CA VAL R 291 -69.74 69.13 54.41
C VAL R 291 -68.89 69.80 53.34
N ASN R 292 -69.40 70.91 52.80
CA ASN R 292 -68.74 71.56 51.68
C ASN R 292 -67.59 72.43 52.15
N LEU R 293 -66.53 72.47 51.34
CA LEU R 293 -65.35 73.27 51.64
C LEU R 293 -64.87 73.96 50.38
N ASP R 294 -64.18 75.08 50.57
CA ASP R 294 -63.57 75.84 49.48
C ASP R 294 -62.09 76.03 49.79
N ILE R 295 -61.25 75.88 48.77
CA ILE R 295 -59.80 75.90 48.92
C ILE R 295 -59.24 77.01 48.04
N TYR R 296 -58.43 77.88 48.64
CA TYR R 296 -57.82 79.01 47.93
C TYR R 296 -56.32 78.78 47.87
N LEU R 297 -55.82 78.44 46.68
CA LEU R 297 -54.39 78.26 46.46
C LEU R 297 -53.80 79.59 46.02
N ASN R 298 -52.76 80.03 46.72
CA ASN R 298 -52.16 81.34 46.50
C ASN R 298 -50.78 81.16 45.87
N GLY R 299 -50.57 81.82 44.73
CA GLY R 299 -49.28 81.85 44.08
C GLY R 299 -49.14 80.94 42.87
N LEU R 300 -50.10 80.04 42.65
CA LEU R 300 -49.99 79.14 41.50
C LEU R 300 -50.02 79.88 40.18
N SER R 301 -50.61 81.07 40.14
CA SER R 301 -50.75 81.80 38.88
C SER R 301 -49.40 82.08 38.23
N CYS R 302 -48.32 82.12 39.01
CA CYS R 302 -47.00 82.41 38.48
C CYS R 302 -46.23 81.16 38.08
N ALA R 303 -46.86 79.98 38.15
CA ALA R 303 -46.26 78.74 37.68
C ALA R 303 -46.77 78.43 36.28
N THR R 304 -46.08 77.49 35.63
CA THR R 304 -46.45 77.15 34.26
C THR R 304 -47.86 76.57 34.23
N PRO R 305 -48.60 76.79 33.14
CA PRO R 305 -49.97 76.25 33.09
C PRO R 305 -50.05 74.74 33.29
N ALA R 306 -49.07 74.00 32.76
CA ALA R 306 -49.08 72.56 32.91
C ALA R 306 -49.00 72.15 34.37
N GLN R 307 -48.11 72.79 35.13
CA GLN R 307 -47.98 72.47 36.54
C GLN R 307 -49.24 72.86 37.32
N ALA R 308 -49.86 73.98 36.94
CA ALA R 308 -51.04 74.45 37.66
C ALA R 308 -52.15 73.42 37.62
N ARG R 309 -52.40 72.83 36.45
CA ARG R 309 -53.48 71.86 36.32
C ARG R 309 -53.20 70.62 37.17
N VAL R 310 -51.95 70.17 37.19
CA VAL R 310 -51.62 68.95 37.93
C VAL R 310 -51.95 69.12 39.41
N VAL R 311 -51.56 70.26 39.98
CA VAL R 311 -51.83 70.50 41.40
C VAL R 311 -53.33 70.51 41.67
N GLU R 312 -54.10 71.16 40.80
CA GLU R 312 -55.54 71.21 40.98
C GLU R 312 -56.15 69.82 40.89
N GLN R 313 -55.70 69.02 39.93
CA GLN R 313 -56.26 67.68 39.76
C GLN R 313 -55.92 66.79 40.94
N ARG R 314 -54.67 66.84 41.41
CA ARG R 314 -54.26 65.98 42.52
C ARG R 314 -55.03 66.32 43.80
N ILE R 315 -55.18 67.61 44.08
CA ILE R 315 -55.90 68.02 45.30
C ILE R 315 -57.35 67.55 45.25
N THR R 316 -58.00 67.72 44.09
CA THR R 316 -59.40 67.31 43.97
C THR R 316 -59.55 65.83 44.22
N ASP R 317 -58.65 65.01 43.65
CA ASP R 317 -58.75 63.57 43.82
C ASP R 317 -58.56 63.18 45.29
N PHE R 318 -57.59 63.79 45.96
CA PHE R 318 -57.30 63.40 47.34
C PHE R 318 -58.50 63.62 48.24
N ILE R 319 -59.15 64.78 48.12
CA ILE R 319 -60.30 65.07 48.98
C ILE R 319 -61.46 64.15 48.65
N ASN R 320 -61.63 63.80 47.38
CA ASN R 320 -62.73 62.92 47.00
C ASN R 320 -62.61 61.57 47.69
N ARG R 321 -61.39 61.08 47.86
CA ARG R 321 -61.16 59.78 48.48
C ARG R 321 -61.03 59.86 50.00
N HIS R 322 -61.16 61.04 50.58
CA HIS R 322 -60.91 61.19 52.01
C HIS R 322 -61.93 60.38 52.81
N PRO R 323 -61.49 59.64 53.84
CA PRO R 323 -62.43 58.86 54.63
C PRO R 323 -63.37 59.78 55.41
N PRO R 324 -64.60 59.34 55.67
CA PRO R 324 -65.53 60.18 56.45
C PRO R 324 -65.06 60.34 57.89
N SER R 325 -65.47 61.46 58.48
CA SER R 325 -65.20 61.75 59.89
C SER R 325 -63.71 61.73 60.19
N THR R 326 -62.95 62.51 59.42
CA THR R 326 -61.52 62.64 59.61
C THR R 326 -61.10 64.06 59.29
N ASN R 327 -60.15 64.58 60.07
CA ASN R 327 -59.68 65.93 59.86
C ASN R 327 -58.95 66.06 58.52
N LEU R 328 -59.09 67.22 57.89
CA LEU R 328 -58.44 67.53 56.62
C LEU R 328 -57.44 68.65 56.89
N THR R 329 -56.24 68.28 57.31
CA THR R 329 -55.26 69.24 57.75
C THR R 329 -54.63 69.97 56.56
N VAL R 330 -54.09 71.15 56.84
CA VAL R 330 -53.48 71.96 55.79
C VAL R 330 -52.20 71.32 55.29
N GLU R 331 -51.43 70.70 56.18
CA GLU R 331 -50.14 70.15 55.78
C GLU R 331 -50.28 69.14 54.65
N GLN R 332 -51.35 68.35 54.67
CA GLN R 332 -51.55 67.36 53.60
C GLN R 332 -51.68 68.04 52.25
N LEU R 333 -52.45 69.13 52.18
CA LEU R 333 -52.59 69.86 50.92
C LEU R 333 -51.26 70.48 50.51
N ARG R 334 -50.52 71.06 51.45
CA ARG R 334 -49.27 71.70 51.12
C ARG R 334 -48.26 70.70 50.56
N PHE R 335 -48.20 69.50 51.14
CA PHE R 335 -47.23 68.51 50.67
C PHE R 335 -47.48 68.17 49.20
N ILE R 336 -48.75 68.06 48.80
CA ILE R 336 -49.05 67.75 47.40
C ILE R 336 -48.44 68.79 46.48
N GLY R 337 -48.51 70.07 46.87
CA GLY R 337 -47.93 71.11 46.06
C GLY R 337 -46.42 71.04 45.98
N LEU R 338 -45.76 70.75 47.11
CA LEU R 338 -44.30 70.73 47.13
C LEU R 338 -43.74 69.57 46.31
N GLN R 339 -44.45 68.45 46.23
CA GLN R 339 -43.93 67.30 45.53
C GLN R 339 -43.72 67.58 44.05
N VAL R 340 -44.48 68.50 43.48
CA VAL R 340 -44.43 68.80 42.06
C VAL R 340 -43.80 70.17 41.79
N LEU R 341 -44.17 71.19 42.57
CA LEU R 341 -43.68 72.53 42.31
C LEU R 341 -42.23 72.72 42.75
N GLY R 342 -41.74 71.88 43.64
CA GLY R 342 -40.39 72.03 44.15
C GLY R 342 -40.37 72.66 45.53
N SER R 343 -39.33 72.35 46.30
CA SER R 343 -39.24 72.82 47.67
C SER R 343 -38.97 74.30 47.78
N SER R 344 -38.47 74.94 46.72
CA SER R 344 -38.10 76.35 46.75
C SER R 344 -39.22 77.28 46.28
N PHE R 345 -40.39 76.74 45.95
CA PHE R 345 -41.47 77.56 45.45
C PHE R 345 -42.20 78.28 46.59
N ALA R 346 -42.78 79.43 46.26
CA ALA R 346 -43.56 80.21 47.22
C ALA R 346 -45.01 79.77 47.12
N PHE R 347 -45.36 78.78 47.94
CA PHE R 347 -46.68 78.16 47.92
C PHE R 347 -47.41 78.46 49.23
N ASP R 348 -48.73 78.36 49.17
CA ASP R 348 -49.57 78.60 50.34
C ASP R 348 -50.99 78.17 50.03
N VAL R 349 -51.66 77.57 51.02
CA VAL R 349 -53.04 77.11 50.87
C VAL R 349 -53.83 77.52 52.10
N ALA R 350 -55.15 77.57 51.94
CA ALA R 350 -56.05 77.92 53.02
C ALA R 350 -57.41 77.31 52.73
N ILE R 351 -58.14 77.00 53.81
CA ILE R 351 -59.45 76.35 53.73
C ILE R 351 -60.48 77.27 54.35
N ARG R 352 -61.55 77.55 53.62
CA ARG R 352 -62.64 78.38 54.10
C ARG R 352 -63.96 77.78 53.66
N SER R 353 -64.99 78.01 54.47
CA SER R 353 -66.31 77.49 54.15
C SER R 353 -66.99 78.36 53.08
N PRO R 354 -67.90 77.79 52.29
CA PRO R 354 -68.57 78.59 51.27
C PRO R 354 -69.34 79.75 51.89
N GLY R 355 -69.08 80.95 51.39
CA GLY R 355 -69.74 82.15 51.89
C GLY R 355 -69.37 82.46 53.33
N ASP R 356 -68.34 81.78 53.85
CA ASP R 356 -67.91 81.96 55.23
C ASP R 356 -69.09 81.82 56.19
N ALA R 357 -69.96 80.86 55.91
CA ALA R 357 -71.12 80.61 56.73
C ALA R 357 -70.79 79.56 57.79
N SER R 358 -71.81 79.06 58.48
CA SER R 358 -71.65 78.05 59.51
C SER R 358 -72.37 76.77 59.06
N GLN R 359 -71.66 75.64 59.13
CA GLN R 359 -72.19 74.35 58.74
C GLN R 359 -72.10 73.40 59.93
N SER R 360 -73.16 72.62 60.13
CA SER R 360 -73.19 71.69 61.25
C SER R 360 -72.04 70.69 61.14
N GLY R 361 -71.39 70.42 62.27
CA GLY R 361 -70.33 69.44 62.31
C GLY R 361 -69.01 69.91 61.72
N LEU R 362 -68.80 71.22 61.62
CA LEU R 362 -67.57 71.76 61.06
C LEU R 362 -66.98 72.78 62.02
N ARG R 363 -65.67 72.72 62.21
CA ARG R 363 -64.95 73.66 63.06
C ARG R 363 -63.53 73.81 62.54
N PHE R 364 -62.92 74.94 62.89
CA PHE R 364 -61.54 75.23 62.50
C PHE R 364 -60.69 75.40 63.74
N ASN R 365 -59.59 74.67 63.82
CA ASN R 365 -58.71 74.74 64.97
C ASN R 365 -57.74 75.93 64.81
N ALA R 366 -56.87 76.09 65.81
CA ALA R 366 -55.93 77.22 65.79
C ALA R 366 -54.98 77.11 64.60
N CYS R 367 -54.49 75.90 64.30
CA CYS R 367 -53.51 75.72 63.23
C CYS R 367 -54.09 76.00 61.85
N GLY R 368 -55.40 76.11 61.72
CA GLY R 368 -56.03 76.39 60.45
C GLY R 368 -56.63 75.19 59.74
N ASP R 369 -56.60 74.01 60.36
CA ASP R 369 -57.15 72.82 59.75
C ASP R 369 -58.67 72.85 59.84
N ALA R 370 -59.29 71.75 59.40
CA ALA R 370 -60.73 71.58 59.48
C ALA R 370 -61.04 70.34 60.32
N GLU R 371 -61.88 70.52 61.34
CA GLU R 371 -62.28 69.43 62.21
C GLU R 371 -63.70 69.00 61.85
N ILE R 372 -63.89 67.69 61.68
CA ILE R 372 -65.16 67.13 61.23
C ILE R 372 -65.59 66.08 62.23
N ASP R 373 -66.86 66.14 62.65
CA ASP R 373 -67.39 65.21 63.63
C ASP R 373 -67.85 63.92 62.97
N CYS R 374 -68.43 63.04 63.77
CA CYS R 374 -68.88 61.75 63.27
C CYS R 374 -70.01 61.92 62.26
N ASP R 375 -70.09 61.00 61.31
CA ASP R 375 -71.11 60.98 60.28
C ASP R 375 -71.04 62.17 59.34
N TYR R 376 -69.85 62.77 59.19
CA TYR R 376 -69.66 63.88 58.28
C TYR R 376 -68.40 63.66 57.46
N LYS R 377 -68.39 64.22 56.25
CA LYS R 377 -67.30 64.02 55.30
C LYS R 377 -66.93 65.36 54.68
N ALA R 378 -65.66 65.48 54.29
CA ALA R 378 -65.17 66.68 53.61
C ALA R 378 -65.38 66.51 52.11
N CYS R 379 -66.14 67.43 51.52
CA CYS R 379 -66.43 67.42 50.10
C CYS R 379 -65.96 68.71 49.46
N LEU R 380 -65.25 68.59 48.34
CA LEU R 380 -64.76 69.75 47.63
C LEU R 380 -65.90 70.44 46.90
N ASN R 381 -66.00 71.75 47.07
CA ASN R 381 -67.03 72.55 46.40
C ASN R 381 -66.47 73.41 45.28
N SER R 382 -65.31 74.02 45.48
CA SER R 382 -64.69 74.86 44.46
C SER R 382 -63.27 75.18 44.88
N VAL R 383 -62.34 75.11 43.93
CA VAL R 383 -60.95 75.44 44.16
C VAL R 383 -60.60 76.63 43.26
N GLN R 384 -60.08 77.69 43.88
CA GLN R 384 -59.80 78.94 43.18
C GLN R 384 -58.36 79.37 43.45
N VAL R 385 -57.81 80.11 42.50
CA VAL R 385 -56.43 80.59 42.56
C VAL R 385 -56.46 82.10 42.76
N ILE R 386 -55.67 82.60 43.71
CA ILE R 386 -55.59 84.01 44.01
C ILE R 386 -54.12 84.43 43.99
N ASN R 387 -53.89 85.72 43.76
CA ASN R 387 -52.55 86.28 43.71
C ASN R 387 -52.54 87.59 44.47
N ASN R 388 -51.65 87.71 45.45
CA ASN R 388 -51.52 88.95 46.22
C ASN R 388 -50.08 89.30 46.51
N ASN R 389 -49.13 88.82 45.70
CA ASN R 389 -47.71 89.10 45.89
C ASN R 389 -47.11 89.52 44.55
N VAL R 390 -45.81 89.83 44.57
CA VAL R 390 -45.10 90.31 43.40
C VAL R 390 -43.78 89.56 43.28
N THR R 391 -43.40 89.25 42.04
CA THR R 391 -42.14 88.57 41.76
C THR R 391 -41.94 88.59 40.25
N THR R 392 -40.80 88.08 39.81
CA THR R 392 -40.46 88.02 38.39
C THR R 392 -40.34 89.43 37.80
N ALA S 2 12.82 82.21 -8.97
CA ALA S 2 13.81 81.35 -8.32
C ALA S 2 14.20 80.20 -9.24
N CYS S 3 13.35 79.90 -10.23
CA CYS S 3 13.62 78.82 -11.15
C CYS S 3 14.94 79.07 -11.89
N THR S 4 15.72 78.00 -12.05
CA THR S 4 16.97 78.09 -12.80
C THR S 4 16.78 77.79 -14.28
N ILE S 5 15.82 76.94 -14.62
CA ILE S 5 15.48 76.63 -16.00
C ILE S 5 14.32 77.54 -16.37
N GLN S 6 14.61 78.59 -17.13
CA GLN S 6 13.58 79.56 -17.47
C GLN S 6 12.46 78.90 -18.25
N ARG S 7 11.23 79.06 -17.77
CA ARG S 7 10.06 78.44 -18.39
C ARG S 7 9.22 79.52 -19.06
N PRO S 8 9.06 79.52 -20.37
CA PRO S 8 8.24 80.56 -21.02
C PRO S 8 6.82 80.53 -20.49
N GLU S 9 6.07 81.57 -20.86
CA GLU S 9 4.71 81.71 -20.35
C GLU S 9 3.86 80.52 -20.79
N PRO S 10 2.93 80.05 -19.96
CA PRO S 10 2.13 78.88 -20.37
C PRO S 10 1.38 79.09 -21.67
N GLN S 11 0.89 80.30 -21.92
CA GLN S 11 0.16 80.55 -23.16
C GLN S 11 1.06 80.36 -24.37
N ALA S 12 2.32 80.81 -24.27
CA ALA S 12 3.25 80.63 -25.38
C ALA S 12 3.50 79.15 -25.65
N LEU S 13 3.66 78.36 -24.59
CA LEU S 13 3.88 76.92 -24.77
C LEU S 13 2.68 76.26 -25.44
N ARG S 14 1.49 76.48 -24.88
CA ARG S 14 0.30 75.77 -25.37
C ARG S 14 0.05 76.09 -26.84
N ASP S 15 0.40 77.30 -27.28
CA ASP S 15 0.30 77.62 -28.70
C ASP S 15 1.31 76.80 -29.51
N LYS S 16 2.51 76.61 -28.98
CA LYS S 16 3.55 75.89 -29.72
C LYS S 16 3.14 74.45 -29.99
N ILE S 17 2.61 73.77 -28.97
CA ILE S 17 2.16 72.39 -29.16
C ILE S 17 1.01 72.34 -30.17
N ALA S 18 0.05 73.24 -30.04
CA ALA S 18 -1.08 73.25 -30.96
C ALA S 18 -0.62 73.48 -32.39
N THR S 19 0.31 74.41 -32.59
CA THR S 19 0.80 74.67 -33.94
C THR S 19 1.53 73.46 -34.50
N ARG S 20 2.36 72.80 -33.69
CA ARG S 20 3.10 71.63 -34.17
C ARG S 20 2.15 70.50 -34.54
N PHE S 21 1.13 70.26 -33.71
CA PHE S 21 0.20 69.17 -33.97
C PHE S 21 -0.54 69.38 -35.28
N SER S 22 -1.04 70.59 -35.50
CA SER S 22 -1.79 70.87 -36.72
C SER S 22 -0.92 70.72 -37.96
N THR S 23 0.32 71.19 -37.89
CA THR S 23 1.20 71.16 -39.05
C THR S 23 1.55 69.73 -39.45
N ASN S 24 1.71 68.85 -38.46
CA ASN S 24 2.19 67.49 -38.72
C ASN S 24 1.07 66.52 -38.99
N VAL S 25 0.02 66.51 -38.17
CA VAL S 25 -1.01 65.49 -38.21
C VAL S 25 -2.24 65.96 -38.98
N LEU S 26 -2.77 67.12 -38.64
CA LEU S 26 -4.02 67.60 -39.24
C LEU S 26 -3.80 68.47 -40.47
N GLY S 27 -2.55 68.67 -40.89
CA GLY S 27 -2.29 69.38 -42.13
C GLY S 27 -2.65 70.85 -42.12
N GLY S 28 -2.38 71.55 -41.02
CA GLY S 28 -2.51 72.99 -40.96
C GLY S 28 -3.77 73.50 -40.31
N ALA S 29 -4.80 72.68 -40.19
CA ALA S 29 -6.05 73.10 -39.56
C ALA S 29 -5.95 72.96 -38.05
N GLU S 30 -6.55 73.91 -37.34
CA GLU S 30 -6.52 73.89 -35.88
C GLU S 30 -7.50 72.86 -35.34
N ILE S 31 -7.60 72.78 -34.02
CA ILE S 31 -8.35 71.74 -33.35
C ILE S 31 -9.78 72.21 -33.11
N ILE S 32 -10.71 71.26 -33.10
CA ILE S 32 -12.08 71.53 -32.67
C ILE S 32 -12.06 71.65 -31.15
N PRO S 33 -12.86 72.54 -30.55
CA PRO S 33 -12.72 72.77 -29.11
C PRO S 33 -12.90 71.53 -28.26
N GLU S 34 -13.80 70.61 -28.64
CA GLU S 34 -14.09 69.42 -27.85
C GLU S 34 -13.98 68.19 -28.76
N SER S 35 -12.89 67.45 -28.64
CA SER S 35 -12.66 66.26 -29.43
C SER S 35 -11.42 65.56 -28.89
N ASN S 36 -11.06 64.44 -29.50
CA ASN S 36 -9.87 63.71 -29.08
C ASN S 36 -8.61 64.55 -29.24
N GLU S 37 -8.52 65.29 -30.34
CA GLU S 37 -7.32 66.08 -30.59
C GLU S 37 -7.12 67.14 -29.52
N PHE S 38 -8.21 67.73 -29.04
CA PHE S 38 -8.08 68.74 -27.98
C PHE S 38 -7.54 68.11 -26.70
N TYR S 39 -8.02 66.92 -26.35
CA TYR S 39 -7.63 66.31 -25.07
C TYR S 39 -6.21 65.78 -25.12
N VAL S 40 -5.79 65.20 -26.24
CA VAL S 40 -4.42 64.70 -26.34
C VAL S 40 -3.44 65.86 -26.26
N VAL S 41 -3.81 67.01 -26.83
CA VAL S 41 -2.93 68.17 -26.76
C VAL S 41 -2.74 68.62 -25.31
N THR S 42 -3.84 68.70 -24.56
CA THR S 42 -3.75 69.10 -23.16
C THR S 42 -2.89 68.12 -22.37
N LEU S 43 -3.10 66.82 -22.58
CA LEU S 43 -2.27 65.83 -21.92
C LEU S 43 -0.80 66.02 -22.29
N GLU S 44 -0.54 66.37 -23.55
CA GLU S 44 0.84 66.61 -23.96
C GLU S 44 1.45 67.77 -23.19
N TYR S 45 0.68 68.83 -22.95
CA TYR S 45 1.18 69.95 -22.17
C TYR S 45 1.49 69.52 -20.74
N ALA S 46 0.64 68.68 -20.15
CA ALA S 46 0.87 68.24 -18.78
C ALA S 46 2.19 67.48 -18.66
N MET S 47 2.49 66.63 -19.64
CA MET S 47 3.72 65.85 -19.59
C MET S 47 4.95 66.75 -19.61
N GLN S 48 4.91 67.82 -20.41
CA GLN S 48 6.05 68.74 -20.46
C GLN S 48 6.32 69.35 -19.10
N GLU S 49 5.28 69.72 -18.37
CA GLU S 49 5.47 70.30 -17.04
C GLU S 49 6.31 69.38 -16.16
N GLU S 50 6.02 68.08 -16.19
CA GLU S 50 6.82 67.13 -15.42
C GLU S 50 8.24 67.07 -15.94
N PHE S 51 8.42 67.11 -17.26
CA PHE S 51 9.76 67.07 -17.83
C PHE S 51 10.60 68.25 -17.35
N PHE S 52 10.00 69.44 -17.29
CA PHE S 52 10.73 70.59 -16.77
C PHE S 52 11.13 70.35 -15.32
N ALA S 53 10.21 69.82 -14.52
CA ALA S 53 10.52 69.56 -13.11
C ALA S 53 11.61 68.51 -12.97
N PHE S 54 11.55 67.46 -13.78
CA PHE S 54 12.54 66.40 -13.68
C PHE S 54 13.95 66.92 -13.92
N ALA S 55 14.12 67.74 -14.97
CA ALA S 55 15.44 68.27 -15.28
C ALA S 55 15.95 69.19 -14.18
N GLU S 56 15.08 70.05 -13.66
CA GLU S 56 15.49 70.94 -12.58
C GLU S 56 15.86 70.14 -11.34
N GLN S 57 15.11 69.08 -11.04
CA GLN S 57 15.39 68.29 -9.84
C GLN S 57 16.77 67.64 -9.94
N MET S 58 17.10 67.05 -11.09
CA MET S 58 18.41 66.44 -11.24
C MET S 58 19.53 67.46 -11.22
N TRP S 59 19.25 68.72 -11.59
CA TRP S 59 20.22 69.77 -11.38
C TRP S 59 20.31 70.15 -9.91
N ARG S 60 19.16 70.25 -9.24
CA ARG S 60 19.16 70.59 -7.83
C ARG S 60 19.82 69.52 -6.99
N GLU S 61 19.78 68.26 -7.43
CA GLU S 61 20.27 67.14 -6.65
C GLU S 61 21.78 66.94 -6.76
N GLN S 62 22.51 67.91 -7.32
CA GLN S 62 23.96 67.88 -7.32
C GLN S 62 24.60 69.16 -6.80
N ASP S 63 23.82 70.20 -6.55
CA ASP S 63 24.37 71.44 -5.98
C ASP S 63 24.52 71.27 -4.47
N PRO S 64 25.66 71.67 -3.89
CA PRO S 64 25.89 71.33 -2.46
C PRO S 64 24.82 71.85 -1.52
N ARG S 65 24.25 73.02 -1.80
CA ARG S 65 23.33 73.64 -0.85
C ARG S 65 21.91 73.14 -0.97
N TYR S 66 21.63 72.21 -1.90
CA TYR S 66 20.29 71.63 -2.05
C TYR S 66 20.28 70.11 -2.11
N ALA S 67 21.44 69.46 -2.20
CA ALA S 67 21.46 68.02 -2.40
C ALA S 67 20.96 67.28 -1.15
N CYS S 68 20.61 66.02 -1.36
CA CYS S 68 20.11 65.20 -0.27
C CYS S 68 21.21 64.92 0.75
N CYS S 69 20.80 64.43 1.93
CA CYS S 69 21.75 64.19 3.00
C CYS S 69 22.78 63.14 2.60
N GLU S 70 22.39 62.16 1.79
CA GLU S 70 23.31 61.11 1.37
C GLU S 70 24.20 61.57 0.23
N ASN S 71 23.62 62.13 -0.83
CA ASN S 71 24.43 62.62 -1.94
C ASN S 71 25.41 63.68 -1.50
N LEU S 72 25.08 64.44 -0.45
CA LEU S 72 25.97 65.49 0.02
C LEU S 72 27.30 64.92 0.47
N VAL S 73 27.28 63.83 1.24
CA VAL S 73 28.53 63.25 1.72
C VAL S 73 29.33 62.66 0.57
N LYS S 74 28.65 62.09 -0.43
CA LYS S 74 29.37 61.52 -1.57
C LYS S 74 30.16 62.59 -2.30
N MET S 75 29.57 63.76 -2.52
CA MET S 75 30.30 64.86 -3.13
C MET S 75 31.45 65.31 -2.25
N ALA S 76 31.22 65.39 -0.94
CA ALA S 76 32.27 65.84 -0.02
C ALA S 76 33.47 64.92 -0.07
N ALA S 77 33.23 63.60 -0.12
CA ALA S 77 34.33 62.65 -0.15
C ALA S 77 35.24 62.85 -1.36
N ARG S 78 34.74 63.47 -2.41
CA ARG S 78 35.53 63.70 -3.62
C ARG S 78 36.41 64.93 -3.52
N ARG S 79 36.32 65.70 -2.44
CA ARG S 79 37.17 66.87 -2.23
C ARG S 79 37.87 66.83 -0.89
N GLY S 80 38.05 65.65 -0.31
CA GLY S 80 38.81 65.52 0.91
C GLY S 80 38.14 66.05 2.16
N VAL S 81 36.82 66.10 2.18
CA VAL S 81 36.06 66.56 3.34
C VAL S 81 35.17 65.41 3.81
N TYR S 82 35.29 65.04 5.07
CA TYR S 82 34.51 63.96 5.67
C TYR S 82 33.92 64.40 6.99
N PRO S 83 32.76 63.87 7.36
CA PRO S 83 32.17 64.23 8.65
C PRO S 83 33.02 63.74 9.81
N LYS S 84 32.97 64.50 10.91
CA LYS S 84 33.72 64.12 12.10
C LYS S 84 33.01 62.99 12.83
N PRO S 85 33.71 61.90 13.14
CA PRO S 85 33.09 60.83 13.93
C PRO S 85 33.06 61.17 15.41
N ALA S 86 32.35 60.35 16.17
CA ALA S 86 32.23 60.55 17.61
C ALA S 86 33.57 60.29 18.29
N GLN S 87 33.81 61.01 19.38
CA GLN S 87 35.05 60.93 20.12
C GLN S 87 34.83 60.29 21.49
N PHE S 88 35.93 59.81 22.08
CA PHE S 88 35.93 59.23 23.41
C PHE S 88 36.76 60.11 24.35
N ALA S 89 36.28 60.30 25.57
CA ALA S 89 37.04 61.03 26.56
C ALA S 89 38.39 60.34 26.77
N GLN S 90 39.32 61.08 27.39
CA GLN S 90 40.67 60.56 27.59
C GLN S 90 41.31 61.26 28.78
N GLY S 91 42.35 60.64 29.31
CA GLY S 91 43.04 61.19 30.45
C GLY S 91 44.03 60.18 31.03
N TYR S 92 44.60 60.56 32.17
CA TYR S 92 45.58 59.74 32.87
C TYR S 92 45.08 59.37 34.26
N VAL S 93 45.46 58.19 34.72
CA VAL S 93 45.08 57.69 36.04
C VAL S 93 46.31 57.15 36.74
N ARG S 94 46.46 57.49 38.02
CA ARG S 94 47.59 57.05 38.82
C ARG S 94 47.17 55.90 39.71
N MET S 95 47.93 54.80 39.66
CA MET S 95 47.64 53.59 40.41
C MET S 95 48.79 53.28 41.35
N THR S 96 48.45 52.88 42.58
CA THR S 96 49.44 52.55 43.60
C THR S 96 49.10 51.20 44.21
N GLY S 97 50.13 50.41 44.48
CA GLY S 97 49.94 49.09 45.07
C GLY S 97 51.27 48.49 45.45
N VAL S 98 51.19 47.35 46.13
CA VAL S 98 52.41 46.68 46.58
C VAL S 98 53.21 46.23 45.35
N PRO S 99 54.53 46.41 45.32
CA PRO S 99 55.29 46.03 44.13
C PRO S 99 55.25 44.52 43.88
N GLY S 100 55.31 44.15 42.61
CA GLY S 100 55.42 42.77 42.21
C GLY S 100 54.12 42.08 41.88
N SER S 101 52.99 42.55 42.40
CA SER S 101 51.71 41.90 42.13
C SER S 101 51.38 41.99 40.65
N ALA S 102 50.91 40.88 40.10
CA ALA S 102 50.59 40.83 38.68
C ALA S 102 49.39 41.72 38.37
N LEU S 103 49.36 42.23 37.14
CA LEU S 103 48.29 43.11 36.66
C LEU S 103 47.44 42.37 35.65
N ASN S 104 46.34 43.02 35.25
CA ASN S 104 45.40 42.47 34.29
C ASN S 104 45.09 43.50 33.22
N GLN S 105 44.87 43.02 32.00
CA GLN S 105 44.61 43.90 30.87
C GLN S 105 43.19 44.44 30.85
N ASN S 106 42.26 43.79 31.55
CA ASN S 106 40.85 44.16 31.53
C ASN S 106 40.47 45.13 32.64
N LEU S 107 41.44 45.67 33.37
CA LEU S 107 41.14 46.56 34.48
C LEU S 107 40.37 47.79 34.00
N ARG S 108 39.44 48.24 34.83
CA ARG S 108 38.67 49.45 34.53
C ARG S 108 38.31 50.14 35.83
N PHE S 109 38.06 51.45 35.72
CA PHE S 109 37.86 52.32 36.86
C PHE S 109 36.47 52.94 36.81
N GLN S 110 36.21 53.88 37.72
CA GLN S 110 34.93 54.57 37.77
C GLN S 110 35.11 55.91 38.45
N PHE S 111 34.57 56.97 37.86
CA PHE S 111 34.63 58.32 38.41
C PHE S 111 33.25 58.97 38.20
N GLU S 112 32.44 59.00 39.26
CA GLU S 112 31.11 59.60 39.22
C GLU S 112 30.25 58.98 38.11
N ASN S 113 29.98 57.69 38.26
CA ASN S 113 29.07 56.92 37.42
C ASN S 113 29.60 56.69 36.02
N GLN S 114 30.79 57.19 35.68
CA GLN S 114 31.39 57.01 34.37
C GLN S 114 32.50 55.97 34.47
N THR S 115 32.47 54.97 33.60
CA THR S 115 33.40 53.86 33.64
C THR S 115 34.47 54.05 32.58
N TYR S 116 35.73 53.97 32.98
CA TYR S 116 36.87 54.13 32.09
C TYR S 116 37.68 52.84 32.07
N GLU S 117 38.27 52.56 30.91
CA GLU S 117 39.07 51.36 30.71
C GLU S 117 40.45 51.75 30.19
N ALA S 118 41.45 50.93 30.52
CA ALA S 118 42.81 51.19 30.06
C ALA S 118 42.85 51.19 28.54
N ALA S 119 43.53 52.20 27.98
CA ALA S 119 43.65 52.37 26.54
C ALA S 119 45.07 52.12 26.05
N SER S 120 45.82 51.27 26.75
CA SER S 120 47.19 50.97 26.38
C SER S 120 47.56 49.59 26.90
N VAL S 121 48.65 49.05 26.38
CA VAL S 121 49.12 47.73 26.80
C VAL S 121 49.60 47.83 28.24
N VAL S 122 48.91 47.14 29.14
CA VAL S 122 49.28 47.17 30.56
C VAL S 122 50.55 46.35 30.75
N PRO S 123 51.48 46.79 31.61
CA PRO S 123 52.69 45.98 31.84
C PRO S 123 52.37 44.68 32.55
N ASP S 124 53.35 43.78 32.54
CA ASP S 124 53.14 42.44 33.11
C ASP S 124 52.83 42.51 34.60
N GLN S 125 53.56 43.35 35.34
CA GLN S 125 53.36 43.45 36.78
C GLN S 125 53.77 44.83 37.25
N LEU S 126 53.36 45.16 38.47
CA LEU S 126 53.62 46.48 39.01
C LEU S 126 55.13 46.73 39.09
N PRO S 127 55.59 47.94 38.79
CA PRO S 127 57.02 48.22 38.87
C PRO S 127 57.50 48.26 40.31
N ALA S 128 58.82 48.39 40.47
CA ALA S 128 59.43 48.32 41.79
C ALA S 128 58.90 49.42 42.71
N THR S 129 58.80 50.65 42.19
CA THR S 129 58.38 51.77 43.03
C THR S 129 56.93 51.64 43.49
N GLY S 130 56.14 50.76 42.86
CA GLY S 130 54.77 50.57 43.27
C GLY S 130 53.80 51.62 42.79
N VAL S 131 54.18 52.43 41.81
CA VAL S 131 53.31 53.44 41.23
C VAL S 131 53.31 53.26 39.72
N LEU S 132 52.12 53.33 39.12
CA LEU S 132 51.95 53.06 37.70
C LEU S 132 51.08 54.13 37.08
N VAL S 133 51.33 54.41 35.79
CA VAL S 133 50.60 55.41 35.03
C VAL S 133 49.94 54.74 33.85
N LEU S 134 48.66 55.04 33.62
CA LEU S 134 47.89 54.44 32.54
C LEU S 134 47.20 55.52 31.73
N ARG S 135 46.83 55.15 30.50
CA ARG S 135 46.03 55.99 29.62
C ARG S 135 44.67 55.35 29.46
N VAL S 136 43.61 56.11 29.74
CA VAL S 136 42.26 55.58 29.82
C VAL S 136 41.35 56.36 28.87
N SER S 137 40.30 55.69 28.41
CA SER S 137 39.29 56.30 27.56
C SER S 137 37.91 55.86 28.03
N ALA S 138 36.93 56.73 27.83
CA ALA S 138 35.57 56.43 28.26
C ALA S 138 35.07 55.15 27.59
N VAL S 139 34.38 54.32 28.37
CA VAL S 139 33.84 53.08 27.81
C VAL S 139 32.78 53.38 26.77
N THR S 140 32.08 54.51 26.90
CA THR S 140 31.05 54.90 25.96
C THR S 140 31.33 56.31 25.46
N PRO S 141 31.12 56.57 24.17
CA PRO S 141 31.44 57.90 23.62
C PRO S 141 30.35 58.91 23.96
N GLY S 142 30.69 60.18 23.76
CA GLY S 142 29.76 61.27 23.96
C GLY S 142 30.26 62.31 24.92
N PRO S 143 29.59 63.47 24.97
CA PRO S 143 30.02 64.52 25.89
C PRO S 143 29.89 64.14 27.35
N SER S 144 29.12 63.11 27.67
CA SER S 144 28.92 62.72 29.06
C SER S 144 30.22 62.27 29.72
N GLY S 145 31.25 61.97 28.93
CA GLY S 145 32.52 61.52 29.49
C GLY S 145 33.39 62.62 30.05
N ASN S 146 33.00 63.88 29.87
CA ASN S 146 33.76 65.00 30.41
C ASN S 146 33.28 65.27 31.84
N ILE S 147 34.20 65.24 32.79
CA ILE S 147 33.88 65.45 34.20
C ILE S 147 35.08 66.09 34.88
N ARG S 148 34.80 66.91 35.88
CA ARG S 148 35.81 67.64 36.64
C ARG S 148 35.86 67.02 38.04
N VAL S 149 36.67 65.96 38.20
CA VAL S 149 36.76 65.20 39.43
C VAL S 149 38.22 64.80 39.63
N THR S 150 38.52 64.32 40.85
CA THR S 150 39.88 63.95 41.21
C THR S 150 40.01 62.58 41.87
N GLU S 151 38.93 61.99 42.38
CA GLU S 151 39.00 60.74 43.12
C GLU S 151 38.07 59.70 42.50
N GLY S 152 38.54 58.46 42.44
CA GLY S 152 37.74 57.36 41.92
C GLY S 152 38.00 56.06 42.67
N SER S 153 37.63 54.93 42.07
CA SER S 153 37.83 53.65 42.70
C SER S 153 37.70 52.55 41.66
N LEU S 154 38.38 51.43 41.91
CA LEU S 154 38.30 50.28 41.01
C LEU S 154 36.92 49.63 41.07
N VAL S 155 36.49 49.11 39.91
CA VAL S 155 35.28 48.31 39.84
C VAL S 155 35.59 46.81 39.87
N THR S 156 36.83 46.42 39.61
CA THR S 156 37.24 45.01 39.57
C THR S 156 38.44 44.85 40.49
N PRO S 157 38.22 44.61 41.78
CA PRO S 157 39.35 44.55 42.72
C PRO S 157 40.33 43.45 42.35
N VAL S 158 41.61 43.74 42.59
CA VAL S 158 42.69 42.78 42.36
C VAL S 158 43.54 42.73 43.62
N PRO S 159 44.01 41.55 44.05
CA PRO S 159 44.82 41.50 45.28
C PRO S 159 46.09 42.32 45.15
N GLY S 160 46.47 42.99 46.24
CA GLY S 160 47.71 43.73 46.30
C GLY S 160 47.69 45.09 45.67
N ILE S 161 46.54 45.56 45.19
CA ILE S 161 46.40 46.88 44.59
C ILE S 161 45.43 47.70 45.43
N SER S 162 45.83 48.93 45.74
CA SER S 162 45.03 49.77 46.62
C SER S 162 43.63 49.96 46.04
N SER S 163 42.63 49.86 46.91
CA SER S 163 41.24 49.99 46.49
C SER S 163 40.88 51.41 46.06
N ALA S 164 41.75 52.39 46.33
CA ALA S 164 41.50 53.78 45.97
C ALA S 164 42.44 54.19 44.85
N VAL S 165 41.92 55.07 43.98
CA VAL S 165 42.68 55.54 42.82
C VAL S 165 42.30 56.99 42.55
N THR S 166 43.29 57.77 42.11
CA THR S 166 43.11 59.18 41.84
C THR S 166 43.67 59.52 40.46
N ALA S 167 43.04 60.51 39.82
CA ALA S 167 43.53 61.03 38.56
C ALA S 167 44.54 62.14 38.83
N TYR S 168 45.16 62.65 37.76
CA TYR S 168 46.09 63.77 37.91
C TYR S 168 45.32 65.04 38.24
N GLY S 169 46.07 66.11 38.49
CA GLY S 169 45.45 67.38 38.83
C GLY S 169 44.47 67.85 37.78
N GLY S 170 44.65 67.43 36.54
CA GLY S 170 43.69 67.74 35.50
C GLY S 170 42.46 66.86 35.63
N ASN S 171 41.88 66.45 34.51
CA ASN S 171 40.70 65.61 34.51
C ASN S 171 40.49 65.06 33.11
N PHE S 172 39.45 64.25 32.96
CA PHE S 172 39.13 63.62 31.69
C PHE S 172 38.24 64.53 30.87
N CYS S 173 38.53 64.62 29.58
CA CYS S 173 37.77 65.45 28.66
C CYS S 173 38.16 65.06 27.24
N GLY S 174 37.57 65.76 26.26
CA GLY S 174 37.82 65.50 24.86
C GLY S 174 36.74 64.72 24.17
N GLY S 175 35.88 64.03 24.92
CA GLY S 175 34.79 63.31 24.30
C GLY S 175 33.79 64.25 23.66
N ASP S 176 33.19 63.79 22.56
CA ASP S 176 32.24 64.61 21.82
C ASP S 176 31.33 63.69 21.02
N ASP S 177 30.16 64.23 20.66
CA ASP S 177 29.18 63.48 19.91
C ASP S 177 29.42 63.60 18.40
N ALA S 178 28.75 62.74 17.65
CA ALA S 178 28.91 62.73 16.20
C ALA S 178 28.42 64.05 15.60
N GLU S 179 28.67 64.21 14.30
CA GLU S 179 28.30 65.40 13.56
C GLU S 179 27.08 65.10 12.71
N GLU S 180 26.08 65.99 12.80
CA GLU S 180 24.82 65.78 12.10
C GLU S 180 24.98 66.20 10.63
N CYS S 181 23.87 66.27 9.91
CA CYS S 181 23.93 66.60 8.48
C CYS S 181 24.03 68.10 8.26
N GLU S 182 23.15 68.88 8.87
CA GLU S 182 23.14 70.32 8.65
C GLU S 182 24.46 70.97 9.06
N PRO S 183 25.02 70.71 10.25
CA PRO S 183 26.33 71.29 10.56
C PRO S 183 27.40 70.92 9.55
N PHE S 184 27.34 69.70 9.01
CA PHE S 184 28.29 69.32 7.98
C PHE S 184 28.12 70.14 6.73
N ARG S 185 26.87 70.41 6.32
CA ARG S 185 26.63 71.13 5.08
C ARG S 185 27.22 72.52 5.13
N THR S 186 27.03 73.24 6.24
CA THR S 186 27.58 74.58 6.34
C THR S 186 29.10 74.55 6.34
N ARG S 187 29.70 73.57 7.00
CA ARG S 187 31.16 73.47 7.01
C ARG S 187 31.70 73.22 5.61
N TYR S 188 31.07 72.32 4.86
CA TYR S 188 31.53 72.05 3.51
C TYR S 188 31.40 73.28 2.62
N LEU S 189 30.27 73.98 2.72
CA LEU S 189 30.09 75.18 1.91
C LEU S 189 31.13 76.23 2.25
N GLN S 190 31.41 76.41 3.54
CA GLN S 190 32.40 77.40 3.94
C GLN S 190 33.76 77.12 3.31
N ARG S 191 34.05 75.85 3.05
CA ARG S 191 35.30 75.51 2.37
C ARG S 191 35.26 75.91 0.90
N LEU S 192 34.12 75.70 0.25
CA LEU S 192 34.02 75.97 -1.18
C LEU S 192 33.94 77.46 -1.47
N GLN S 193 33.28 78.23 -0.60
CA GLN S 193 33.06 79.64 -0.88
C GLN S 193 34.38 80.39 -0.97
N TYR S 194 34.31 81.62 -1.49
CA TYR S 194 35.45 82.51 -1.52
C TYR S 194 35.49 83.30 -0.22
N GLU S 195 36.64 83.24 0.46
CA GLU S 195 36.78 83.92 1.74
C GLU S 195 38.14 84.60 1.80
N PRO S 196 38.20 85.90 2.08
CA PRO S 196 39.50 86.55 2.29
C PRO S 196 40.17 86.05 3.55
N ARG S 197 41.50 86.15 3.55
CA ARG S 197 42.34 85.80 4.70
C ARG S 197 41.91 84.46 5.30
N LEU S 198 42.01 83.41 4.48
CA LEU S 198 41.72 82.07 4.97
C LEU S 198 42.80 81.57 5.93
N THR S 199 44.00 82.15 5.90
CA THR S 199 45.05 81.74 6.82
C THR S 199 44.60 81.93 8.25
N VAL S 200 43.87 83.01 8.54
CA VAL S 200 43.31 83.19 9.88
C VAL S 200 42.30 82.09 10.18
N GLU S 201 41.44 81.76 9.21
CA GLU S 201 40.46 80.71 9.43
C GLU S 201 41.13 79.35 9.62
N TRP S 202 42.19 79.08 8.84
CA TRP S 202 42.87 77.80 8.97
C TRP S 202 43.45 77.63 10.36
N LEU S 203 44.12 78.67 10.88
CA LEU S 203 44.65 78.59 12.23
C LEU S 203 43.52 78.48 13.25
N LYS S 204 42.44 79.23 13.06
CA LYS S 204 41.34 79.18 14.01
C LYS S 204 40.76 77.77 14.12
N SER S 205 40.58 77.10 12.98
CA SER S 205 40.08 75.74 13.01
C SER S 205 41.10 74.79 13.61
N LYS S 206 42.39 75.01 13.35
CA LYS S 206 43.42 74.11 13.86
C LYS S 206 43.45 74.12 15.39
N ALA S 207 43.32 75.31 15.99
CA ALA S 207 43.40 75.41 17.44
C ALA S 207 42.34 74.57 18.14
N MET S 208 41.24 74.26 17.46
CA MET S 208 40.20 73.43 18.06
C MET S 208 40.64 72.00 18.31
N GLU S 209 41.76 71.57 17.70
CA GLU S 209 42.25 70.21 17.89
C GLU S 209 43.11 70.05 19.13
N TRP S 210 43.51 71.14 19.77
CA TRP S 210 44.26 71.04 21.00
C TRP S 210 43.37 70.46 22.10
N PRO S 211 43.88 69.54 22.92
CA PRO S 211 43.02 68.93 23.95
C PRO S 211 42.45 69.97 24.89
N CYS S 212 41.22 69.72 25.34
CA CYS S 212 40.48 70.51 26.33
C CYS S 212 39.91 71.81 25.74
N VAL S 213 40.19 72.13 24.49
CA VAL S 213 39.68 73.35 23.88
C VAL S 213 38.23 73.16 23.48
N THR S 214 37.39 74.14 23.77
CA THR S 214 35.95 74.06 23.51
C THR S 214 35.48 75.09 22.50
N ASP S 215 35.87 76.35 22.66
CA ASP S 215 35.41 77.42 21.79
C ASP S 215 36.60 78.28 21.36
N VAL S 216 36.47 78.89 20.19
CA VAL S 216 37.47 79.80 19.65
C VAL S 216 36.76 81.09 19.26
N PHE S 217 37.24 82.21 19.79
CA PHE S 217 36.62 83.51 19.59
C PHE S 217 37.62 84.49 18.98
N ASP S 218 37.16 85.26 18.01
CA ASP S 218 37.99 86.29 17.40
C ASP S 218 38.07 87.51 18.31
N LEU S 219 38.98 88.42 17.97
CA LEU S 219 39.14 89.64 18.76
C LEU S 219 37.83 90.41 18.80
N GLY S 220 37.44 90.85 19.99
CA GLY S 220 36.18 91.53 20.19
C GLY S 220 36.19 92.94 19.63
N PRO S 221 35.01 93.54 19.49
CA PRO S 221 34.95 94.91 18.96
C PRO S 221 35.70 95.92 19.82
N ASN S 222 35.74 95.72 21.13
CA ASN S 222 36.42 96.68 22.01
C ASN S 222 37.94 96.63 21.86
N CYS S 223 38.48 95.65 21.14
CA CYS S 223 39.91 95.51 20.98
C CYS S 223 40.48 96.36 19.85
N CYS S 224 39.62 97.05 19.10
CA CYS S 224 40.10 97.94 18.05
C CYS S 224 40.83 99.13 18.66
N SER S 225 41.85 99.59 17.94
CA SER S 225 42.66 100.72 18.40
C SER S 225 42.91 101.66 17.23
N VAL S 226 43.11 102.93 17.55
CA VAL S 226 43.36 103.98 16.56
C VAL S 226 44.55 104.80 17.04
N ASN S 227 45.47 105.09 16.12
CA ASN S 227 46.66 105.85 16.46
C ASN S 227 46.32 107.32 16.65
N ALA S 228 47.33 108.13 16.94
CA ALA S 228 47.11 109.54 17.20
C ALA S 228 46.59 110.29 15.97
N LEU S 229 46.70 109.69 14.79
CA LEU S 229 46.24 110.33 13.57
C LEU S 229 44.75 110.15 13.32
N GLY S 230 44.05 109.44 14.20
CA GLY S 230 42.62 109.21 14.00
C GLY S 230 42.30 108.23 12.89
N GLU S 231 43.22 107.33 12.58
CA GLU S 231 43.04 106.34 11.52
C GLU S 231 43.10 104.95 12.12
N VAL S 232 42.12 104.11 11.78
CA VAL S 232 42.08 102.75 12.30
C VAL S 232 43.35 102.02 11.88
N GLU S 233 43.88 101.23 12.80
CA GLU S 233 45.14 100.52 12.60
C GLU S 233 44.87 99.04 12.40
N CYS S 234 45.42 98.47 11.31
CA CYS S 234 45.26 97.06 11.01
C CYS S 234 46.57 96.35 11.26
N PRO S 235 46.67 95.47 12.27
CA PRO S 235 47.92 94.77 12.52
C PRO S 235 48.12 93.59 11.56
N ASN S 236 49.38 93.20 11.42
CA ASN S 236 49.76 92.09 10.54
C ASN S 236 49.93 90.78 11.29
N ASN S 237 49.67 90.75 12.60
CA ASN S 237 49.76 89.52 13.38
C ASN S 237 48.42 88.79 13.36
N ILE S 238 48.39 87.62 13.97
CA ILE S 238 47.18 86.81 14.10
C ILE S 238 46.97 86.48 15.56
N GLU S 239 45.78 86.79 16.08
CA GLU S 239 45.48 86.56 17.48
C GLU S 239 44.00 86.23 17.63
N PHE S 240 43.68 85.49 18.69
CA PHE S 240 42.30 85.13 18.99
C PHE S 240 42.26 84.52 20.38
N TYR S 241 41.06 84.39 20.91
CA TYR S 241 40.84 83.85 22.25
C TYR S 241 40.48 82.36 22.18
N VAL S 242 40.59 81.71 23.32
CA VAL S 242 40.20 80.30 23.46
C VAL S 242 39.65 80.10 24.86
N LEU S 243 38.66 79.22 24.98
CA LEU S 243 37.99 78.95 26.25
C LEU S 243 37.97 77.46 26.53
N PHE S 244 37.91 77.12 27.82
CA PHE S 244 37.93 75.74 28.29
C PHE S 244 36.73 75.48 29.18
N ARG S 245 35.54 75.85 28.71
CA ARG S 245 34.34 75.84 29.55
C ARG S 245 34.18 74.55 30.35
N ASP S 246 34.71 73.44 29.85
CA ASP S 246 34.52 72.14 30.49
C ASP S 246 35.66 71.75 31.42
N THR S 247 36.67 72.60 31.59
CA THR S 247 37.83 72.25 32.42
C THR S 247 38.13 73.29 33.49
N PHE S 248 37.95 74.57 33.19
CA PHE S 248 38.29 75.65 34.11
C PHE S 248 37.04 76.40 34.53
N ASP S 249 37.16 77.12 35.65
CA ASP S 249 36.05 77.90 36.17
C ASP S 249 35.76 79.07 35.24
N CYS S 250 34.54 79.10 34.70
CA CYS S 250 34.06 80.11 33.77
C CYS S 250 34.71 80.02 32.40
N GLY S 251 35.56 79.02 32.16
CA GLY S 251 36.17 78.83 30.86
C GLY S 251 37.43 79.63 30.62
N LEU S 252 37.96 80.30 31.63
CA LEU S 252 39.19 81.07 31.50
C LEU S 252 40.36 80.28 32.06
N ALA S 253 41.45 80.22 31.31
CA ALA S 253 42.63 79.44 31.66
C ALA S 253 43.79 80.35 32.03
N PRO S 254 44.74 79.84 32.81
CA PRO S 254 45.90 80.67 33.20
C PRO S 254 46.82 80.90 32.02
N GLN S 255 47.71 81.88 32.20
CA GLN S 255 48.59 82.29 31.12
C GLN S 255 49.48 81.14 30.65
N CYS S 256 49.99 80.34 31.58
CA CYS S 256 50.93 79.29 31.22
C CYS S 256 50.34 78.33 30.20
N VAL S 257 49.05 77.99 30.35
CA VAL S 257 48.43 77.01 29.46
C VAL S 257 48.41 77.54 28.03
N VAL S 258 47.99 78.78 27.84
CA VAL S 258 47.91 79.32 26.48
C VAL S 258 49.30 79.52 25.88
N ASP S 259 50.30 79.81 26.72
CA ASP S 259 51.65 79.98 26.20
C ASP S 259 52.13 78.73 25.49
N GLU S 260 51.83 77.56 26.05
CA GLU S 260 52.21 76.30 25.40
C GLU S 260 51.55 76.18 24.04
N ILE S 261 50.27 76.55 23.95
CA ILE S 261 49.55 76.44 22.67
C ILE S 261 50.22 77.33 21.63
N THR S 262 50.58 78.56 22.01
CA THR S 262 51.18 79.49 21.05
C THR S 262 52.47 78.92 20.48
N ASP S 263 53.31 78.34 21.34
CA ASP S 263 54.58 77.79 20.85
C ASP S 263 54.34 76.68 19.84
N TRP S 264 53.42 75.77 20.15
CA TRP S 264 53.15 74.67 19.23
C TRP S 264 52.59 75.18 17.91
N LEU S 265 51.70 76.17 17.95
CA LEU S 265 51.04 76.64 16.74
C LEU S 265 52.01 77.40 15.84
N PHE S 266 52.81 78.29 16.40
CA PHE S 266 53.67 79.16 15.62
C PHE S 266 55.15 78.81 15.69
N GLY S 267 55.58 78.04 16.70
CA GLY S 267 56.97 77.64 16.82
C GLY S 267 57.73 78.51 17.79
N SER S 268 59.03 78.22 17.90
CA SER S 268 59.91 78.94 18.80
C SER S 268 61.34 78.95 18.25
N PRO S 269 61.83 80.08 17.74
CA PRO S 269 61.15 81.39 17.64
C PRO S 269 60.07 81.39 16.58
N GLN S 270 59.06 82.25 16.77
CA GLN S 270 57.93 82.28 15.87
C GLN S 270 58.34 82.79 14.49
N GLY S 271 57.65 82.29 13.47
CA GLY S 271 57.82 82.76 12.11
C GLY S 271 58.70 81.90 11.23
N LEU S 272 59.53 81.04 11.82
CA LEU S 272 60.44 80.20 11.05
C LEU S 272 59.80 78.90 10.57
N GLY S 273 58.47 78.81 10.63
CA GLY S 273 57.79 77.63 10.11
C GLY S 273 58.05 76.36 10.89
N GLN S 274 58.55 76.47 12.13
CA GLN S 274 58.78 75.28 12.94
C GLN S 274 57.49 74.74 13.53
N GLY S 275 56.44 75.54 13.62
CA GLY S 275 55.16 75.11 14.13
C GLY S 275 54.23 74.67 13.02
N GLU S 276 52.94 74.65 13.33
CA GLU S 276 51.94 74.28 12.34
C GLU S 276 51.71 75.37 11.31
N ALA S 277 51.98 76.62 11.65
CA ALA S 277 51.76 77.72 10.72
C ALA S 277 52.79 77.67 9.59
N GLU S 278 52.43 78.30 8.48
CA GLU S 278 53.31 78.36 7.32
C GLU S 278 54.52 79.24 7.65
N PHE S 279 55.44 79.34 6.69
CA PHE S 279 56.61 80.16 6.89
C PHE S 279 56.23 81.64 6.94
N GLY S 280 56.98 82.39 7.74
CA GLY S 280 56.75 83.83 7.83
C GLY S 280 55.39 84.19 8.38
N ILE S 281 54.95 83.51 9.42
CA ILE S 281 53.67 83.81 10.08
C ILE S 281 53.96 84.06 11.55
N CYS S 282 53.52 85.22 12.05
CA CYS S 282 53.71 85.62 13.43
C CYS S 282 52.36 85.86 14.08
N GLY S 283 52.21 85.37 15.31
CA GLY S 283 50.94 85.51 16.00
C GLY S 283 51.06 85.20 17.47
N LYS S 284 49.93 85.31 18.16
CA LYS S 284 49.87 85.07 19.60
C LYS S 284 48.44 84.70 19.98
N VAL S 285 48.32 83.73 20.89
CA VAL S 285 47.02 83.28 21.40
C VAL S 285 46.82 83.89 22.78
N ARG S 286 45.65 84.48 23.00
CA ARG S 286 45.37 85.25 24.20
C ARG S 286 44.48 84.47 25.16
N THR S 287 44.27 85.07 26.33
CA THR S 287 43.32 84.60 27.32
C THR S 287 42.48 85.78 27.80
N ALA S 288 41.68 85.58 28.84
CA ALA S 288 40.83 86.66 29.34
C ALA S 288 40.70 86.54 30.85
N THR S 289 40.28 87.64 31.47
CA THR S 289 40.07 87.72 32.90
C THR S 289 38.58 87.93 33.18
N ALA S 290 38.12 87.37 34.29
CA ALA S 290 36.69 87.34 34.61
C ALA S 290 36.27 88.58 35.38
N VAL S 291 35.08 89.09 35.04
CA VAL S 291 34.40 90.12 35.81
C VAL S 291 33.02 89.60 36.17
N ASN S 292 32.70 89.64 37.46
CA ASN S 292 31.44 89.09 37.93
C ASN S 292 30.28 90.05 37.65
N LEU S 293 29.08 89.49 37.60
CA LEU S 293 27.88 90.27 37.34
C LEU S 293 26.68 89.59 37.98
N ASP S 294 25.76 90.38 38.51
CA ASP S 294 24.50 89.90 39.05
C ASP S 294 23.36 90.42 38.17
N ILE S 295 22.43 89.53 37.84
CA ILE S 295 21.32 89.84 36.94
C ILE S 295 20.02 89.66 37.72
N TYR S 296 19.15 90.68 37.67
CA TYR S 296 17.88 90.68 38.37
C TYR S 296 16.75 90.74 37.36
N LEU S 297 15.81 89.80 37.47
CA LEU S 297 14.64 89.75 36.60
C LEU S 297 13.43 90.31 37.34
N ASN S 298 12.62 91.09 36.64
CA ASN S 298 11.49 91.80 37.23
C ASN S 298 10.21 91.47 36.48
N GLY S 299 9.11 91.44 37.22
CA GLY S 299 7.79 91.27 36.63
C GLY S 299 7.55 89.90 36.05
N LEU S 300 8.22 88.87 36.56
CA LEU S 300 8.08 87.52 36.06
C LEU S 300 7.11 86.70 36.90
N SER S 301 6.53 87.28 37.96
CA SER S 301 5.61 86.53 38.81
C SER S 301 4.29 86.23 38.11
N CYS S 302 3.82 87.13 37.24
CA CYS S 302 2.56 86.93 36.55
C CYS S 302 2.60 85.79 35.55
N ALA S 303 3.79 85.30 35.20
CA ALA S 303 3.93 84.24 34.21
C ALA S 303 3.75 82.88 34.86
N THR S 304 3.36 81.90 34.04
CA THR S 304 3.20 80.55 34.52
C THR S 304 4.56 79.97 34.90
N PRO S 305 4.61 79.00 35.82
CA PRO S 305 5.92 78.49 36.26
C PRO S 305 6.77 77.97 35.13
N ALA S 306 6.17 77.35 34.12
CA ALA S 306 6.95 76.85 32.98
C ALA S 306 7.65 77.99 32.27
N GLN S 307 6.95 79.11 32.05
CA GLN S 307 7.56 80.24 31.37
C GLN S 307 8.72 80.80 32.16
N ALA S 308 8.58 80.89 33.49
CA ALA S 308 9.66 81.43 34.31
C ALA S 308 10.90 80.54 34.23
N ARG S 309 10.70 79.22 34.25
CA ARG S 309 11.83 78.31 34.22
C ARG S 309 12.63 78.44 32.93
N VAL S 310 11.95 78.43 31.79
CA VAL S 310 12.64 78.47 30.51
C VAL S 310 13.30 79.83 30.29
N VAL S 311 12.62 80.91 30.68
CA VAL S 311 13.19 82.24 30.48
C VAL S 311 14.49 82.38 31.26
N GLU S 312 14.51 81.90 32.50
CA GLU S 312 15.75 81.92 33.28
C GLU S 312 16.83 81.07 32.62
N GLN S 313 16.44 79.91 32.09
CA GLN S 313 17.42 79.02 31.46
C GLN S 313 18.04 79.67 30.23
N ARG S 314 17.21 80.30 29.39
CA ARG S 314 17.73 80.88 28.15
C ARG S 314 18.74 81.99 28.45
N ILE S 315 18.44 82.85 29.42
CA ILE S 315 19.35 83.93 29.76
C ILE S 315 20.67 83.37 30.28
N THR S 316 20.59 82.35 31.13
CA THR S 316 21.81 81.77 31.69
C THR S 316 22.72 81.23 30.58
N ASP S 317 22.14 80.54 29.60
CA ASP S 317 22.93 80.01 28.50
C ASP S 317 23.54 81.15 27.67
N PHE S 318 22.77 82.20 27.43
CA PHE S 318 23.26 83.30 26.60
C PHE S 318 24.49 83.95 27.22
N ILE S 319 24.47 84.18 28.54
CA ILE S 319 25.60 84.80 29.20
C ILE S 319 26.82 83.88 29.17
N ASN S 320 26.61 82.58 29.38
CA ASN S 320 27.73 81.66 29.50
C ASN S 320 28.59 81.67 28.24
N ARG S 321 27.96 81.57 27.07
CA ARG S 321 28.67 81.51 25.81
C ARG S 321 29.01 82.88 25.24
N HIS S 322 28.91 83.93 26.05
CA HIS S 322 29.18 85.27 25.54
C HIS S 322 30.69 85.43 25.26
N PRO S 323 31.07 86.10 24.18
CA PRO S 323 32.50 86.23 23.86
C PRO S 323 33.19 87.21 24.80
N PRO S 324 34.51 87.22 24.83
CA PRO S 324 35.22 88.23 25.62
C PRO S 324 35.30 89.56 24.90
N SER S 325 35.54 90.62 25.68
CA SER S 325 35.72 91.96 25.15
C SER S 325 34.52 92.39 24.30
N THR S 326 33.32 92.09 24.77
CA THR S 326 32.09 92.48 24.11
C THR S 326 31.13 93.06 25.13
N ASN S 327 30.46 94.14 24.76
CA ASN S 327 29.53 94.79 25.67
C ASN S 327 28.34 93.88 25.97
N LEU S 328 27.84 93.99 27.19
CA LEU S 328 26.62 93.32 27.61
C LEU S 328 25.57 94.39 27.86
N THR S 329 24.46 94.32 27.14
CA THR S 329 23.44 95.36 27.16
C THR S 329 22.12 94.78 27.66
N VAL S 330 21.34 95.63 28.32
CA VAL S 330 20.03 95.21 28.83
C VAL S 330 19.10 94.83 27.69
N GLU S 331 19.28 95.45 26.52
CA GLU S 331 18.39 95.17 25.41
C GLU S 331 18.43 93.71 24.99
N GLN S 332 19.64 93.14 24.90
CA GLN S 332 19.77 91.75 24.46
C GLN S 332 19.02 90.81 25.39
N LEU S 333 19.24 90.95 26.70
CA LEU S 333 18.58 90.07 27.66
C LEU S 333 17.07 90.28 27.63
N ARG S 334 16.63 91.52 27.55
CA ARG S 334 15.18 91.78 27.50
C ARG S 334 14.56 91.16 26.26
N PHE S 335 15.23 91.26 25.12
CA PHE S 335 14.69 90.69 23.89
C PHE S 335 14.55 89.19 24.00
N ILE S 336 15.55 88.52 24.58
CA ILE S 336 15.52 87.05 24.64
C ILE S 336 14.30 86.59 25.44
N GLY S 337 14.11 87.15 26.63
CA GLY S 337 12.94 86.80 27.41
C GLY S 337 11.65 87.25 26.77
N LEU S 338 11.64 88.48 26.24
CA LEU S 338 10.45 89.00 25.58
C LEU S 338 10.06 88.14 24.39
N GLN S 339 11.03 87.46 23.76
CA GLN S 339 10.73 86.60 22.62
C GLN S 339 9.87 85.41 23.02
N VAL S 340 9.84 85.06 24.30
CA VAL S 340 9.07 83.93 24.80
C VAL S 340 7.76 84.38 25.44
N LEU S 341 7.83 85.36 26.34
CA LEU S 341 6.63 85.79 27.05
C LEU S 341 5.61 86.41 26.09
N GLY S 342 6.07 87.21 25.13
CA GLY S 342 5.19 87.93 24.25
C GLY S 342 5.53 89.40 24.21
N SER S 343 5.36 90.03 23.04
CA SER S 343 5.79 91.41 22.86
C SER S 343 5.01 92.37 23.76
N SER S 344 3.87 91.97 24.28
CA SER S 344 3.04 92.82 25.12
C SER S 344 3.30 92.63 26.62
N PHE S 345 4.18 91.71 26.99
CA PHE S 345 4.42 91.45 28.40
C PHE S 345 5.23 92.57 29.04
N ALA S 346 5.06 92.72 30.36
CA ALA S 346 5.78 93.71 31.14
C ALA S 346 6.98 93.01 31.77
N PHE S 347 8.11 93.03 31.06
CA PHE S 347 9.32 92.34 31.48
C PHE S 347 10.47 93.35 31.53
N ASP S 348 11.26 93.30 32.59
CA ASP S 348 12.39 94.21 32.75
C ASP S 348 13.52 93.49 33.47
N VAL S 349 14.76 93.81 33.10
CA VAL S 349 15.94 93.19 33.67
C VAL S 349 16.94 94.29 34.03
N ALA S 350 17.78 93.99 35.03
CA ALA S 350 18.80 94.93 35.48
C ALA S 350 20.08 94.17 35.78
N ILE S 351 21.21 94.89 35.70
CA ILE S 351 22.53 94.31 35.91
C ILE S 351 23.24 95.12 36.98
N ARG S 352 23.84 94.43 37.95
CA ARG S 352 24.58 95.09 39.01
C ARG S 352 25.74 94.21 39.44
N SER S 353 26.77 94.84 39.99
CA SER S 353 27.94 94.12 40.45
C SER S 353 27.71 93.54 41.84
N PRO S 354 28.47 92.50 42.22
CA PRO S 354 28.31 91.93 43.55
C PRO S 354 28.67 92.94 44.64
N GLY S 355 27.74 93.14 45.57
CA GLY S 355 27.96 94.07 46.66
C GLY S 355 28.12 95.50 46.18
N ASP S 356 27.73 95.76 44.94
CA ASP S 356 27.81 97.10 44.34
C ASP S 356 29.23 97.66 44.38
N ALA S 357 30.23 96.79 44.44
CA ALA S 357 31.62 97.22 44.49
C ALA S 357 32.14 97.49 43.08
N SER S 358 33.30 98.13 43.02
CA SER S 358 33.95 98.42 41.75
C SER S 358 34.97 97.33 41.42
N GLN S 359 35.11 97.07 40.11
CA GLN S 359 36.01 96.03 39.62
C GLN S 359 36.85 96.60 38.49
N SER S 360 37.88 95.83 38.11
CA SER S 360 38.78 96.23 37.04
C SER S 360 38.18 95.86 35.69
N GLY S 361 38.23 96.80 34.75
CA GLY S 361 37.72 96.55 33.42
C GLY S 361 36.22 96.54 33.30
N LEU S 362 35.50 97.16 34.23
CA LEU S 362 34.05 97.22 34.20
C LEU S 362 33.60 98.67 34.32
N ARG S 363 32.59 99.04 33.55
CA ARG S 363 32.07 100.40 33.55
C ARG S 363 30.62 100.38 33.10
N PHE S 364 29.79 101.13 33.81
CA PHE S 364 28.37 101.25 33.51
C PHE S 364 28.10 102.58 32.82
N ASN S 365 27.47 102.52 31.65
CA ASN S 365 27.06 103.73 30.95
C ASN S 365 25.67 104.14 31.43
N ALA S 366 25.19 105.28 30.92
CA ALA S 366 23.92 105.82 31.39
C ALA S 366 22.77 104.86 31.08
N CYS S 367 22.76 104.27 29.88
CA CYS S 367 21.65 103.42 29.47
C CYS S 367 21.53 102.16 30.31
N GLY S 368 22.54 101.81 31.10
CA GLY S 368 22.52 100.63 31.93
C GLY S 368 23.34 99.47 31.42
N ASP S 369 24.03 99.63 30.29
CA ASP S 369 24.89 98.58 29.79
C ASP S 369 26.12 98.43 30.69
N ALA S 370 26.75 97.26 30.59
CA ALA S 370 27.97 96.97 31.34
C ALA S 370 29.12 96.91 30.33
N GLU S 371 29.71 98.06 30.06
CA GLU S 371 30.83 98.12 29.12
C GLU S 371 32.04 97.40 29.69
N ILE S 372 32.73 96.64 28.84
CA ILE S 372 33.85 95.80 29.24
C ILE S 372 35.05 96.13 28.37
N ASP S 373 36.21 96.25 29.00
CA ASP S 373 37.45 96.59 28.30
C ASP S 373 37.98 95.35 27.59
N CYS S 374 39.18 95.46 27.02
CA CYS S 374 39.80 94.34 26.33
C CYS S 374 40.32 93.31 27.32
N ASP S 375 40.42 92.07 26.85
CA ASP S 375 40.88 90.96 27.68
C ASP S 375 40.06 90.83 28.96
N TYR S 376 38.74 90.88 28.80
CA TYR S 376 37.83 90.72 29.92
C TYR S 376 36.54 90.08 29.42
N LYS S 377 36.06 89.08 30.14
CA LYS S 377 34.85 88.34 29.78
C LYS S 377 33.84 88.46 30.90
N ALA S 378 32.57 88.63 30.53
CA ALA S 378 31.49 88.74 31.49
C ALA S 378 31.14 87.33 32.00
N CYS S 379 31.49 87.05 33.25
CA CYS S 379 31.25 85.75 33.85
C CYS S 379 30.06 85.85 34.78
N LEU S 380 29.06 84.99 34.56
CA LEU S 380 27.85 85.03 35.37
C LEU S 380 28.17 84.65 36.82
N ASN S 381 27.52 85.34 37.76
CA ASN S 381 27.68 85.08 39.18
C ASN S 381 26.44 84.46 39.81
N SER S 382 25.27 85.01 39.51
CA SER S 382 24.02 84.48 40.03
C SER S 382 22.86 85.14 39.30
N VAL S 383 21.78 84.37 39.11
CA VAL S 383 20.55 84.87 38.51
C VAL S 383 19.47 84.80 39.58
N GLN S 384 18.88 85.94 39.91
CA GLN S 384 17.86 86.04 40.94
C GLN S 384 16.63 86.70 40.36
N VAL S 385 15.47 86.09 40.58
CA VAL S 385 14.18 86.64 40.16
C VAL S 385 13.51 87.18 41.41
N ILE S 386 13.52 88.51 41.56
CA ILE S 386 12.90 89.11 42.73
C ILE S 386 11.39 88.82 42.72
N ASN S 387 10.80 88.93 43.91
CA ASN S 387 9.45 88.44 44.16
C ASN S 387 8.49 89.59 44.40
N ASN S 388 7.29 89.47 43.84
CA ASN S 388 6.20 90.39 44.11
C ASN S 388 4.92 89.55 44.22
N ASN S 389 3.76 90.22 44.22
CA ASN S 389 2.49 89.53 44.35
C ASN S 389 1.51 90.10 43.33
N VAL S 390 0.96 89.24 42.48
CA VAL S 390 0.02 89.63 41.44
C VAL S 390 -0.94 88.48 41.19
N THR S 391 -2.08 88.81 40.58
CA THR S 391 -3.14 87.91 40.14
C THR S 391 -4.00 87.44 41.31
N THR S 392 -3.63 87.73 42.55
CA THR S 392 -4.45 87.36 43.70
C THR S 392 -5.80 88.06 43.65
N ALA T 2 -53.16 59.69 23.30
CA ALA T 2 -51.86 60.30 23.11
C ALA T 2 -51.30 59.99 21.71
N CYS T 3 -52.06 59.22 20.94
CA CYS T 3 -51.61 58.86 19.60
C CYS T 3 -51.49 60.10 18.73
N THR T 4 -50.45 60.11 17.89
CA THR T 4 -50.28 61.19 16.92
C THR T 4 -50.92 60.89 15.58
N ILE T 5 -51.04 59.62 15.23
CA ILE T 5 -51.71 59.21 14.00
C ILE T 5 -53.14 58.87 14.36
N GLN T 6 -54.08 59.72 13.94
CA GLN T 6 -55.48 59.50 14.27
C GLN T 6 -55.95 58.16 13.74
N ARG T 7 -56.60 57.38 14.60
CA ARG T 7 -57.11 56.05 14.24
C ARG T 7 -58.62 56.04 14.36
N PRO T 8 -59.37 55.90 13.27
CA PRO T 8 -60.83 55.87 13.38
C PRO T 8 -61.29 54.71 14.25
N GLU T 9 -62.57 54.75 14.61
CA GLU T 9 -63.10 53.73 15.51
C GLU T 9 -63.02 52.36 14.85
N PRO T 10 -62.81 51.30 15.64
CA PRO T 10 -62.64 49.97 15.03
C PRO T 10 -63.82 49.55 14.17
N GLN T 11 -65.04 49.90 14.55
CA GLN T 11 -66.19 49.51 13.75
C GLN T 11 -66.13 50.13 12.36
N ALA T 12 -65.72 51.40 12.27
CA ALA T 12 -65.61 52.05 10.97
C ALA T 12 -64.60 51.36 10.09
N LEU T 13 -63.44 50.99 10.65
CA LEU T 13 -62.41 50.32 9.86
C LEU T 13 -62.91 48.97 9.36
N ARG T 14 -63.52 48.18 10.23
CA ARG T 14 -63.95 46.84 9.85
C ARG T 14 -65.02 46.89 8.76
N ASP T 15 -65.94 47.84 8.86
CA ASP T 15 -66.96 47.99 7.82
C ASP T 15 -66.32 48.32 6.47
N LYS T 16 -65.31 49.20 6.48
CA LYS T 16 -64.64 49.55 5.23
C LYS T 16 -63.98 48.33 4.61
N ILE T 17 -63.33 47.50 5.42
CA ILE T 17 -62.66 46.31 4.89
C ILE T 17 -63.68 45.37 4.26
N ALA T 18 -64.80 45.13 4.96
CA ALA T 18 -65.83 44.26 4.41
C ALA T 18 -66.42 44.83 3.14
N THR T 19 -66.67 46.14 3.11
CA THR T 19 -67.28 46.76 1.93
C THR T 19 -66.37 46.62 0.71
N ARG T 20 -65.07 46.89 0.90
CA ARG T 20 -64.14 46.79 -0.22
C ARG T 20 -64.04 45.36 -0.74
N PHE T 21 -63.98 44.39 0.17
CA PHE T 21 -63.87 42.99 -0.26
C PHE T 21 -65.07 42.57 -1.08
N SER T 22 -66.27 42.92 -0.61
CA SER T 22 -67.49 42.53 -1.33
C SER T 22 -67.54 43.17 -2.71
N THR T 23 -67.19 44.45 -2.81
CA THR T 23 -67.29 45.16 -4.07
C THR T 23 -66.34 44.58 -5.11
N ASN T 24 -65.13 44.20 -4.69
CA ASN T 24 -64.09 43.79 -5.64
C ASN T 24 -64.13 42.30 -5.95
N VAL T 25 -64.32 41.45 -4.95
CA VAL T 25 -64.19 40.01 -5.11
C VAL T 25 -65.54 39.32 -5.23
N LEU T 26 -66.45 39.56 -4.28
CA LEU T 26 -67.72 38.87 -4.25
C LEU T 26 -68.83 39.58 -5.02
N GLY T 27 -68.52 40.70 -5.67
CA GLY T 27 -69.49 41.37 -6.51
C GLY T 27 -70.69 41.95 -5.79
N GLY T 28 -70.47 42.59 -4.64
CA GLY T 28 -71.50 43.35 -3.98
C GLY T 28 -72.18 42.65 -2.82
N ALA T 29 -72.10 41.33 -2.75
CA ALA T 29 -72.74 40.59 -1.68
C ALA T 29 -71.87 40.59 -0.43
N GLU T 30 -72.53 40.53 0.73
CA GLU T 30 -71.81 40.51 1.99
C GLU T 30 -71.31 39.10 2.30
N ILE T 31 -70.66 38.95 3.44
CA ILE T 31 -69.99 37.71 3.80
C ILE T 31 -70.93 36.84 4.62
N ILE T 32 -70.76 35.52 4.50
CA ILE T 32 -71.43 34.57 5.38
C ILE T 32 -70.74 34.62 6.73
N PRO T 33 -71.46 34.50 7.85
CA PRO T 33 -70.79 34.67 9.16
C PRO T 33 -69.60 33.76 9.38
N GLU T 34 -69.67 32.51 8.92
CA GLU T 34 -68.62 31.52 9.14
C GLU T 34 -68.21 30.93 7.80
N SER T 35 -67.09 31.42 7.26
CA SER T 35 -66.56 30.94 5.99
C SER T 35 -65.17 31.54 5.81
N ASN T 36 -64.45 31.03 4.80
CA ASN T 36 -63.11 31.52 4.55
C ASN T 36 -63.09 33.02 4.35
N GLU T 37 -64.14 33.58 3.74
CA GLU T 37 -64.17 35.02 3.51
C GLU T 37 -64.22 35.78 4.83
N PHE T 38 -64.93 35.25 5.83
CA PHE T 38 -64.98 35.92 7.12
C PHE T 38 -63.61 35.95 7.78
N TYR T 39 -62.86 34.85 7.71
CA TYR T 39 -61.59 34.78 8.43
C TYR T 39 -60.51 35.60 7.74
N VAL T 40 -60.48 35.62 6.40
CA VAL T 40 -59.49 36.42 5.71
C VAL T 40 -59.74 37.91 5.98
N VAL T 41 -61.01 38.30 6.09
CA VAL T 41 -61.33 39.68 6.42
C VAL T 41 -60.79 40.04 7.79
N THR T 42 -61.03 39.17 8.78
CA THR T 42 -60.53 39.44 10.13
C THR T 42 -59.01 39.51 10.15
N LEU T 43 -58.35 38.59 9.45
CA LEU T 43 -56.89 38.63 9.37
C LEU T 43 -56.41 39.93 8.73
N GLU T 44 -57.11 40.38 7.68
CA GLU T 44 -56.74 41.63 7.04
C GLU T 44 -56.81 42.79 8.04
N TYR T 45 -57.81 42.77 8.93
CA TYR T 45 -57.89 43.81 9.95
C TYR T 45 -56.69 43.76 10.88
N ALA T 46 -56.28 42.56 11.28
CA ALA T 46 -55.17 42.43 12.23
C ALA T 46 -53.89 43.03 11.64
N MET T 47 -53.58 42.72 10.39
CA MET T 47 -52.38 43.27 9.77
C MET T 47 -52.46 44.79 9.66
N GLN T 48 -53.66 45.33 9.50
CA GLN T 48 -53.81 46.78 9.42
C GLN T 48 -53.39 47.43 10.73
N GLU T 49 -53.72 46.81 11.86
CA GLU T 49 -53.33 47.37 13.15
C GLU T 49 -51.82 47.47 13.27
N GLU T 50 -51.10 46.42 12.84
CA GLU T 50 -49.65 46.45 12.90
C GLU T 50 -49.07 47.56 12.04
N PHE T 51 -49.65 47.79 10.86
CA PHE T 51 -49.17 48.84 9.99
C PHE T 51 -49.28 50.20 10.68
N PHE T 52 -50.39 50.44 11.37
CA PHE T 52 -50.53 51.69 12.12
C PHE T 52 -49.44 51.82 13.17
N ALA T 53 -49.17 50.73 13.89
CA ALA T 53 -48.13 50.78 14.93
C ALA T 53 -46.77 51.04 14.32
N PHE T 54 -46.47 50.40 13.18
CA PHE T 54 -45.17 50.59 12.55
C PHE T 54 -44.93 52.06 12.20
N ALA T 55 -45.93 52.72 11.62
CA ALA T 55 -45.81 54.14 11.33
C ALA T 55 -45.68 54.94 12.62
N GLU T 56 -46.46 54.59 13.64
CA GLU T 56 -46.37 55.30 14.91
C GLU T 56 -44.98 55.17 15.50
N GLN T 57 -44.41 53.97 15.47
CA GLN T 57 -43.07 53.77 16.03
C GLN T 57 -42.01 54.49 15.21
N MET T 58 -42.06 54.33 13.88
CA MET T 58 -41.02 54.93 13.05
C MET T 58 -41.10 56.46 13.04
N TRP T 59 -42.21 57.03 13.50
CA TRP T 59 -42.23 58.46 13.79
C TRP T 59 -41.69 58.74 15.18
N ARG T 60 -42.16 57.98 16.17
CA ARG T 60 -41.70 58.16 17.54
C ARG T 60 -40.20 58.03 17.64
N GLU T 61 -39.59 57.19 16.81
CA GLU T 61 -38.14 56.96 16.83
C GLU T 61 -37.37 58.09 16.16
N GLN T 62 -38.01 59.21 15.87
CA GLN T 62 -37.36 60.36 15.28
C GLN T 62 -37.50 61.63 16.12
N ASP T 63 -38.28 61.59 17.20
CA ASP T 63 -38.45 62.77 18.04
C ASP T 63 -37.46 62.72 19.20
N PRO T 64 -36.81 63.82 19.56
CA PRO T 64 -35.72 63.74 20.55
C PRO T 64 -36.16 63.18 21.89
N ARG T 65 -37.38 63.44 22.32
CA ARG T 65 -37.83 63.06 23.66
C ARG T 65 -38.31 61.61 23.73
N TYR T 66 -38.33 60.88 22.61
CA TYR T 66 -38.71 59.48 22.61
C TYR T 66 -37.72 58.57 21.90
N ALA T 67 -36.71 59.11 21.23
CA ALA T 67 -35.81 58.29 20.45
C ALA T 67 -34.96 57.38 21.34
N CYS T 68 -34.46 56.31 20.74
CA CYS T 68 -33.62 55.36 21.46
C CYS T 68 -32.36 56.05 21.97
N CYS T 69 -31.65 55.34 22.85
CA CYS T 69 -30.45 55.89 23.47
C CYS T 69 -29.30 56.06 22.47
N GLU T 70 -29.39 55.45 21.30
CA GLU T 70 -28.35 55.56 20.27
C GLU T 70 -28.71 56.57 19.19
N ASN T 71 -29.93 56.49 18.65
CA ASN T 71 -30.35 57.47 17.66
C ASN T 71 -30.31 58.88 18.21
N LEU T 72 -30.43 59.03 19.53
CA LEU T 72 -30.39 60.35 20.14
C LEU T 72 -29.06 61.03 19.89
N VAL T 73 -27.95 60.31 20.10
CA VAL T 73 -26.64 60.90 19.89
C VAL T 73 -26.42 61.19 18.41
N LYS T 74 -26.92 60.33 17.53
CA LYS T 74 -26.78 60.56 16.10
C LYS T 74 -27.46 61.87 15.70
N MET T 75 -28.67 62.10 16.21
CA MET T 75 -29.35 63.36 15.91
C MET T 75 -28.61 64.54 16.52
N ALA T 76 -28.13 64.40 17.75
CA ALA T 76 -27.43 65.51 18.41
C ALA T 76 -26.19 65.92 17.64
N ALA T 77 -25.58 64.99 16.92
CA ALA T 77 -24.38 65.32 16.15
C ALA T 77 -24.69 66.35 15.07
N ARG T 78 -25.86 66.23 14.43
CA ARG T 78 -26.20 67.13 13.33
C ARG T 78 -26.35 68.57 13.78
N ARG T 79 -26.56 68.81 15.08
CA ARG T 79 -26.74 70.16 15.61
C ARG T 79 -25.58 70.59 16.50
N GLY T 80 -24.46 69.87 16.45
CA GLY T 80 -23.27 70.30 17.15
C GLY T 80 -23.29 70.10 18.65
N VAL T 81 -24.13 69.19 19.16
CA VAL T 81 -24.21 68.89 20.58
C VAL T 81 -23.71 67.46 20.77
N TYR T 82 -22.71 67.29 21.65
CA TYR T 82 -22.10 66.00 21.90
C TYR T 82 -22.04 65.73 23.39
N PRO T 83 -22.05 64.46 23.79
CA PRO T 83 -21.98 64.13 25.22
C PRO T 83 -20.64 64.48 25.82
N LYS T 84 -20.64 64.73 27.12
CA LYS T 84 -19.42 65.07 27.83
C LYS T 84 -18.63 63.80 28.16
N PRO T 85 -17.36 63.72 27.80
CA PRO T 85 -16.54 62.57 28.21
C PRO T 85 -16.07 62.71 29.64
N ALA T 86 -15.39 61.66 30.12
CA ALA T 86 -14.84 61.66 31.46
C ALA T 86 -13.69 62.65 31.56
N GLN T 87 -13.34 63.01 32.79
CA GLN T 87 -12.32 63.99 33.07
C GLN T 87 -11.29 63.43 34.04
N PHE T 88 -10.10 64.04 34.02
CA PHE T 88 -9.00 63.67 34.90
C PHE T 88 -8.69 64.83 35.83
N ALA T 89 -8.34 64.51 37.08
CA ALA T 89 -7.93 65.54 38.02
C ALA T 89 -6.68 66.26 37.49
N GLN T 90 -6.38 67.40 38.11
CA GLN T 90 -5.24 68.20 37.68
C GLN T 90 -4.77 69.07 38.83
N GLY T 91 -3.54 69.55 38.72
CA GLY T 91 -2.96 70.38 39.76
C GLY T 91 -1.48 70.55 39.56
N TYR T 92 -0.82 71.09 40.59
CA TYR T 92 0.60 71.37 40.58
C TYR T 92 1.27 70.70 41.77
N VAL T 93 2.55 70.34 41.59
CA VAL T 93 3.34 69.69 42.63
C VAL T 93 4.71 70.35 42.70
N ARG T 94 5.18 70.58 43.91
CA ARG T 94 6.49 71.20 44.14
C ARG T 94 7.51 70.10 44.43
N MET T 95 8.65 70.16 43.74
CA MET T 95 9.69 69.16 43.85
C MET T 95 10.99 69.82 44.28
N THR T 96 11.71 69.17 45.19
CA THR T 96 12.97 69.68 45.72
C THR T 96 14.02 68.58 45.69
N GLY T 97 15.24 68.94 45.27
CA GLY T 97 16.32 67.98 45.21
C GLY T 97 17.63 68.68 44.94
N VAL T 98 18.70 67.91 45.07
CA VAL T 98 20.03 68.48 44.82
C VAL T 98 20.15 68.85 43.35
N PRO T 99 20.69 70.04 43.01
CA PRO T 99 20.75 70.42 41.60
C PRO T 99 21.64 69.49 40.79
N GLY T 100 21.28 69.33 39.52
CA GLY T 100 22.08 68.59 38.57
C GLY T 100 21.67 67.15 38.36
N SER T 101 20.99 66.54 39.32
CA SER T 101 20.58 65.15 39.17
C SER T 101 19.57 65.01 38.05
N ALA T 102 19.77 64.01 37.21
CA ALA T 102 18.88 63.78 36.07
C ALA T 102 17.50 63.34 36.53
N LEU T 103 16.49 63.65 35.73
CA LEU T 103 15.10 63.31 36.00
C LEU T 103 14.63 62.21 35.06
N ASN T 104 13.41 61.74 35.31
CA ASN T 104 12.81 60.69 34.50
C ASN T 104 11.37 61.08 34.16
N GLN T 105 10.92 60.64 32.98
CA GLN T 105 9.59 61.00 32.50
C GLN T 105 8.49 60.12 33.08
N ASN T 106 8.83 58.96 33.63
CA ASN T 106 7.84 58.02 34.15
C ASN T 106 7.54 58.24 35.63
N LEU T 107 8.08 59.30 36.23
CA LEU T 107 7.92 59.53 37.66
C LEU T 107 6.45 59.68 38.02
N ARG T 108 6.07 59.13 39.17
CA ARG T 108 4.70 59.23 39.67
C ARG T 108 4.72 59.52 41.17
N PHE T 109 3.63 60.10 41.64
CA PHE T 109 3.48 60.51 43.04
C PHE T 109 2.30 59.77 43.66
N GLN T 110 1.95 60.16 44.88
CA GLN T 110 0.82 59.54 45.58
C GLN T 110 0.36 60.46 46.69
N PHE T 111 -0.94 60.75 46.72
CA PHE T 111 -1.55 61.58 47.77
C PHE T 111 -2.82 60.89 48.22
N GLU T 112 -2.78 60.29 49.41
CA GLU T 112 -3.96 59.65 50.01
C GLU T 112 -4.55 58.59 49.08
N ASN T 113 -3.73 57.59 48.76
CA ASN T 113 -4.11 56.42 47.98
C ASN T 113 -4.38 56.73 46.51
N GLN T 114 -4.24 57.98 46.08
CA GLN T 114 -4.47 58.37 44.71
C GLN T 114 -3.12 58.61 44.02
N THR T 115 -2.92 57.98 42.88
CA THR T 115 -1.65 58.03 42.17
C THR T 115 -1.74 59.05 41.03
N TYR T 116 -0.79 59.97 40.98
CA TYR T 116 -0.73 61.01 39.97
C TYR T 116 0.54 60.87 39.15
N GLU T 117 0.46 61.26 37.88
CA GLU T 117 1.58 61.18 36.96
C GLU T 117 1.79 62.53 36.29
N ALA T 118 3.04 62.80 35.90
CA ALA T 118 3.36 64.04 35.23
C ALA T 118 2.58 64.16 33.93
N ALA T 119 2.01 65.35 33.70
CA ALA T 119 1.18 65.60 32.53
C ALA T 119 1.86 66.56 31.54
N SER T 120 3.18 66.71 31.64
CA SER T 120 3.91 67.61 30.75
C SER T 120 5.32 67.08 30.57
N VAL T 121 5.98 67.56 29.51
CA VAL T 121 7.33 67.13 29.20
C VAL T 121 8.26 67.54 30.34
N VAL T 122 8.81 66.57 31.03
CA VAL T 122 9.72 66.86 32.16
C VAL T 122 11.05 67.36 31.61
N PRO T 123 11.69 68.32 32.26
CA PRO T 123 13.00 68.79 31.77
C PRO T 123 14.07 67.72 31.95
N ASP T 124 15.23 67.97 31.34
CA ASP T 124 16.30 66.99 31.32
C ASP T 124 16.82 66.70 32.73
N GLN T 125 17.05 67.75 33.52
CA GLN T 125 17.59 67.58 34.86
C GLN T 125 17.13 68.73 35.74
N LEU T 126 17.31 68.55 37.04
CA LEU T 126 16.85 69.54 38.01
C LEU T 126 17.54 70.88 37.75
N PRO T 127 16.82 72.00 37.86
CA PRO T 127 17.46 73.30 37.61
C PRO T 127 18.44 73.65 38.73
N ALA T 128 19.12 74.78 38.53
CA ALA T 128 20.17 75.18 39.46
C ALA T 128 19.62 75.40 40.87
N THR T 129 18.47 76.08 40.98
CA THR T 129 17.92 76.37 42.30
C THR T 129 17.45 75.11 43.04
N GLY T 130 17.30 73.98 42.34
CA GLY T 130 16.91 72.75 42.99
C GLY T 130 15.45 72.64 43.30
N VAL T 131 14.60 73.48 42.72
CA VAL T 131 13.16 73.44 42.92
C VAL T 131 12.49 73.40 41.55
N LEU T 132 11.53 72.48 41.40
CA LEU T 132 10.88 72.27 40.12
C LEU T 132 9.38 72.12 40.35
N VAL T 133 8.60 72.62 39.38
CA VAL T 133 7.14 72.60 39.45
C VAL T 133 6.62 71.83 38.25
N LEU T 134 5.71 70.89 38.49
CA LEU T 134 5.17 70.04 37.45
C LEU T 134 3.65 70.16 37.39
N ARG T 135 3.10 69.72 36.27
CA ARG T 135 1.67 69.53 36.09
C ARG T 135 1.37 68.03 36.14
N VAL T 136 0.39 67.65 36.95
CA VAL T 136 0.07 66.24 37.17
C VAL T 136 -1.41 66.01 36.88
N SER T 137 -1.71 64.79 36.43
CA SER T 137 -3.08 64.36 36.17
C SER T 137 -3.29 62.99 36.79
N ALA T 138 -4.51 62.75 37.27
CA ALA T 138 -4.82 61.48 37.91
C ALA T 138 -4.58 60.34 36.94
N VAL T 139 -4.02 59.24 37.46
CA VAL T 139 -3.78 58.07 36.63
C VAL T 139 -5.10 57.47 36.14
N THR T 140 -6.13 57.52 36.98
CA THR T 140 -7.44 57.01 36.63
C THR T 140 -8.48 58.11 36.70
N PRO T 141 -9.43 58.16 35.77
CA PRO T 141 -10.42 59.24 35.77
C PRO T 141 -11.47 59.06 36.86
N GLY T 142 -12.45 59.96 36.89
CA GLY T 142 -13.53 59.86 37.85
C GLY T 142 -13.40 60.88 38.96
N PRO T 143 -14.49 61.08 39.73
CA PRO T 143 -14.45 62.06 40.81
C PRO T 143 -13.56 61.65 41.98
N SER T 144 -13.09 60.40 42.03
CA SER T 144 -12.25 59.96 43.13
C SER T 144 -10.92 60.72 43.19
N GLY T 145 -10.56 61.40 42.10
CA GLY T 145 -9.31 62.15 42.08
C GLY T 145 -9.34 63.47 42.81
N ASN T 146 -10.52 63.93 43.22
CA ASN T 146 -10.62 65.19 43.96
C ASN T 146 -10.35 64.93 45.43
N ILE T 147 -9.29 65.54 45.95
CA ILE T 147 -8.90 65.39 47.35
C ILE T 147 -8.36 66.71 47.85
N ARG T 148 -8.56 66.96 49.14
CA ARG T 148 -8.13 68.19 49.81
C ARG T 148 -7.00 67.81 50.77
N VAL T 149 -5.78 67.80 50.25
CA VAL T 149 -4.60 67.39 50.99
C VAL T 149 -3.43 68.26 50.56
N THR T 150 -2.34 68.20 51.32
CA THR T 150 -1.18 69.05 51.08
C THR T 150 0.17 68.31 51.10
N GLU T 151 0.21 67.05 51.51
CA GLU T 151 1.47 66.32 51.65
C GLU T 151 1.40 65.00 50.90
N GLY T 152 2.49 64.65 50.22
CA GLY T 152 2.58 63.39 49.50
C GLY T 152 4.00 62.84 49.48
N SER T 153 4.24 61.83 48.65
CA SER T 153 5.56 61.24 48.56
C SER T 153 5.68 60.52 47.22
N LEU T 154 6.92 60.29 46.80
CA LEU T 154 7.17 59.57 45.55
C LEU T 154 6.88 58.09 45.72
N VAL T 155 6.46 57.47 44.62
CA VAL T 155 6.32 56.01 44.57
C VAL T 155 7.49 55.37 43.83
N THR T 156 8.25 56.13 43.05
CA THR T 156 9.40 55.63 42.29
C THR T 156 10.59 56.52 42.62
N PRO T 157 11.24 56.29 43.76
CA PRO T 157 12.32 57.20 44.19
C PRO T 157 13.46 57.23 43.20
N VAL T 158 14.09 58.41 43.10
CA VAL T 158 15.26 58.62 42.25
C VAL T 158 16.35 59.23 43.13
N PRO T 159 17.62 58.86 42.95
CA PRO T 159 18.66 59.43 43.81
C PRO T 159 18.75 60.94 43.65
N GLY T 160 19.04 61.62 44.75
CA GLY T 160 19.21 63.06 44.75
C GLY T 160 17.94 63.86 44.82
N ILE T 161 16.78 63.22 44.93
CA ILE T 161 15.49 63.91 45.01
C ILE T 161 14.85 63.55 46.34
N SER T 162 14.42 64.57 47.09
CA SER T 162 13.85 64.34 48.41
C SER T 162 12.65 63.41 48.31
N SER T 163 12.57 62.48 49.27
CA SER T 163 11.46 61.53 49.30
C SER T 163 10.13 62.18 49.67
N ALA T 164 10.14 63.43 50.14
CA ALA T 164 8.92 64.12 50.51
C ALA T 164 8.58 65.17 49.46
N VAL T 165 7.29 65.24 49.12
CA VAL T 165 6.79 66.16 48.11
C VAL T 165 5.52 66.80 48.62
N THR T 166 5.36 68.10 48.36
CA THR T 166 4.19 68.85 48.76
C THR T 166 3.57 69.51 47.54
N ALA T 167 2.23 69.54 47.52
CA ALA T 167 1.50 70.21 46.46
C ALA T 167 1.47 71.72 46.72
N TYR T 168 0.83 72.45 45.82
CA TYR T 168 0.67 73.89 46.00
C TYR T 168 -0.37 74.17 47.08
N GLY T 169 -0.54 75.45 47.38
CA GLY T 169 -1.49 75.84 48.42
C GLY T 169 -2.88 75.31 48.18
N GLY T 170 -3.27 75.15 46.91
CA GLY T 170 -4.55 74.58 46.58
C GLY T 170 -4.52 73.07 46.69
N ASN T 171 -5.23 72.39 45.79
CA ASN T 171 -5.27 70.93 45.78
C ASN T 171 -5.73 70.48 44.40
N PHE T 172 -5.71 69.16 44.20
CA PHE T 172 -6.10 68.60 42.91
C PHE T 172 -7.61 68.43 42.84
N CYS T 173 -8.18 68.80 41.71
CA CYS T 173 -9.62 68.67 41.47
C CYS T 173 -9.86 68.82 39.98
N GLY T 174 -11.14 68.82 39.60
CA GLY T 174 -11.55 68.93 38.22
C GLY T 174 -11.98 67.64 37.59
N GLY T 175 -11.64 66.50 38.19
CA GLY T 175 -12.06 65.22 37.65
C GLY T 175 -13.56 65.03 37.78
N ASP T 176 -14.12 64.26 36.86
CA ASP T 176 -15.56 64.02 36.84
C ASP T 176 -15.83 62.74 36.06
N ASP T 177 -17.00 62.17 36.31
CA ASP T 177 -17.41 60.94 35.65
C ASP T 177 -18.11 61.25 34.32
N ALA T 178 -18.30 60.20 33.52
CA ALA T 178 -18.91 60.36 32.21
C ALA T 178 -20.37 60.82 32.36
N GLU T 179 -20.96 61.16 31.23
CA GLU T 179 -22.35 61.62 31.18
C GLU T 179 -23.24 60.47 30.71
N GLU T 180 -24.32 60.22 31.45
CA GLU T 180 -25.21 59.12 31.14
C GLU T 180 -26.12 59.51 29.98
N CYS T 181 -27.13 58.69 29.71
CA CYS T 181 -28.02 58.95 28.59
C CYS T 181 -29.10 59.97 28.95
N GLU T 182 -29.81 59.74 30.06
CA GLU T 182 -30.90 60.64 30.43
C GLU T 182 -30.42 62.07 30.65
N PRO T 183 -29.35 62.33 31.41
CA PRO T 183 -28.90 63.72 31.56
C PRO T 183 -28.56 64.36 30.23
N PHE T 184 -28.04 63.59 29.28
CA PHE T 184 -27.78 64.14 27.95
C PHE T 184 -29.08 64.53 27.25
N ARG T 185 -30.11 63.72 27.39
CA ARG T 185 -31.36 64.00 26.69
C ARG T 185 -31.98 65.31 27.16
N THR T 186 -32.02 65.52 28.49
CA THR T 186 -32.60 66.75 28.99
C THR T 186 -31.80 67.97 28.55
N ARG T 187 -30.47 67.86 28.55
CA ARG T 187 -29.64 68.97 28.09
C ARG T 187 -29.91 69.29 26.63
N TYR T 188 -29.98 68.25 25.78
CA TYR T 188 -30.23 68.48 24.36
C TYR T 188 -31.58 69.14 24.14
N LEU T 189 -32.62 68.67 24.83
CA LEU T 189 -33.94 69.26 24.68
C LEU T 189 -33.94 70.72 25.12
N GLN T 190 -33.23 71.03 26.21
CA GLN T 190 -33.17 72.41 26.69
C GLN T 190 -32.64 73.34 25.60
N ARG T 191 -31.64 72.89 24.84
CA ARG T 191 -31.12 73.69 23.76
C ARG T 191 -32.16 73.92 22.68
N LEU T 192 -32.92 72.87 22.33
CA LEU T 192 -33.89 72.98 21.26
C LEU T 192 -35.10 73.80 21.66
N GLN T 193 -35.49 73.73 22.93
CA GLN T 193 -36.71 74.40 23.38
C GLN T 193 -36.59 75.91 23.23
N TYR T 194 -37.70 76.62 23.43
CA TYR T 194 -37.72 78.08 23.42
C TYR T 194 -37.58 78.58 24.85
N GLU T 195 -36.49 79.32 25.12
CA GLU T 195 -36.23 79.85 26.45
C GLU T 195 -35.95 81.34 26.35
N PRO T 196 -36.66 82.19 27.08
CA PRO T 196 -36.29 83.61 27.12
C PRO T 196 -34.96 83.81 27.83
N ARG T 197 -34.34 84.95 27.51
CA ARG T 197 -33.08 85.35 28.11
C ARG T 197 -32.07 84.20 28.13
N LEU T 198 -31.73 83.73 26.94
CA LEU T 198 -30.72 82.69 26.82
C LEU T 198 -29.32 83.21 27.11
N THR T 199 -29.12 84.53 27.05
CA THR T 199 -27.80 85.08 27.39
C THR T 199 -27.45 84.79 28.84
N VAL T 200 -28.42 84.90 29.74
CA VAL T 200 -28.18 84.54 31.13
C VAL T 200 -27.86 83.06 31.24
N GLU T 201 -28.61 82.22 30.52
CA GLU T 201 -28.35 80.78 30.56
C GLU T 201 -26.98 80.45 29.97
N TRP T 202 -26.59 81.14 28.89
CA TRP T 202 -25.29 80.86 28.28
C TRP T 202 -24.16 81.16 29.25
N LEU T 203 -24.22 82.29 29.95
CA LEU T 203 -23.19 82.62 30.92
C LEU T 203 -23.18 81.62 32.07
N LYS T 204 -24.35 81.24 32.55
CA LYS T 204 -24.41 80.29 33.68
C LYS T 204 -23.74 78.98 33.32
N SER T 205 -24.00 78.47 32.11
CA SER T 205 -23.32 77.26 31.67
C SER T 205 -21.83 77.48 31.51
N LYS T 206 -21.43 78.66 31.02
CA LYS T 206 -20.02 78.93 30.79
C LYS T 206 -19.23 78.90 32.09
N ALA T 207 -19.80 79.48 33.17
CA ALA T 207 -19.06 79.57 34.42
C ALA T 207 -18.64 78.20 34.93
N MET T 208 -19.40 77.15 34.61
CA MET T 208 -19.07 75.82 35.08
C MET T 208 -17.77 75.27 34.50
N GLU T 209 -17.23 75.91 33.47
CA GLU T 209 -15.96 75.47 32.90
C GLU T 209 -14.75 76.00 33.67
N TRP T 210 -14.94 76.98 34.54
CA TRP T 210 -13.83 77.47 35.35
C TRP T 210 -13.37 76.38 36.31
N PRO T 211 -12.07 76.18 36.49
CA PRO T 211 -11.60 75.10 37.35
C PRO T 211 -12.13 75.24 38.78
N CYS T 212 -12.43 74.11 39.40
CA CYS T 212 -12.85 73.98 40.79
C CYS T 212 -14.31 74.34 41.00
N VAL T 213 -15.03 74.78 39.98
CA VAL T 213 -16.44 75.15 40.14
C VAL T 213 -17.29 73.90 40.11
N THR T 214 -18.31 73.86 40.98
CA THR T 214 -19.18 72.70 41.13
C THR T 214 -20.62 72.99 40.79
N ASP T 215 -21.20 74.08 41.31
CA ASP T 215 -22.60 74.39 41.11
C ASP T 215 -22.76 75.87 40.78
N VAL T 216 -23.84 76.18 40.07
CA VAL T 216 -24.21 77.56 39.74
C VAL T 216 -25.65 77.75 40.18
N PHE T 217 -25.88 78.75 41.03
CA PHE T 217 -27.19 79.03 41.59
C PHE T 217 -27.62 80.43 41.19
N ASP T 218 -28.87 80.56 40.75
CA ASP T 218 -29.42 81.87 40.44
C ASP T 218 -29.74 82.63 41.73
N LEU T 219 -29.97 83.93 41.59
CA LEU T 219 -30.28 84.75 42.74
C LEU T 219 -31.51 84.21 43.46
N GLY T 220 -31.42 84.10 44.78
CA GLY T 220 -32.47 83.51 45.57
C GLY T 220 -33.68 84.40 45.70
N PRO T 221 -34.80 83.84 46.16
CA PRO T 221 -36.01 84.66 46.30
C PRO T 221 -35.84 85.82 47.27
N ASN T 222 -35.05 85.63 48.33
CA ASN T 222 -34.84 86.71 49.30
C ASN T 222 -34.06 87.88 48.71
N CYS T 223 -33.46 87.71 47.54
CA CYS T 223 -32.65 88.77 46.93
C CYS T 223 -33.49 89.77 46.15
N CYS T 224 -34.79 89.55 46.02
CA CYS T 224 -35.65 90.50 45.34
C CYS T 224 -35.74 91.79 46.14
N SER T 225 -35.92 92.91 45.44
CA SER T 225 -36.03 94.22 46.06
C SER T 225 -37.11 95.02 45.37
N VAL T 226 -37.67 95.98 46.11
CA VAL T 226 -38.74 96.84 45.63
C VAL T 226 -38.42 98.27 46.03
N ASN T 227 -38.62 99.21 45.11
CA ASN T 227 -38.35 100.61 45.38
C ASN T 227 -39.45 101.19 46.28
N ALA T 228 -39.29 102.48 46.61
CA ALA T 228 -40.23 103.12 47.53
C ALA T 228 -41.64 103.19 46.97
N LEU T 229 -41.82 103.01 45.67
CA LEU T 229 -43.14 103.09 45.07
C LEU T 229 -43.92 101.78 45.16
N GLY T 230 -43.33 100.73 45.75
CA GLY T 230 -44.03 99.47 45.87
C GLY T 230 -44.16 98.71 44.57
N GLU T 231 -43.18 98.83 43.68
CA GLU T 231 -43.17 98.13 42.39
C GLU T 231 -41.89 97.30 42.29
N VAL T 232 -42.05 96.02 41.96
CA VAL T 232 -40.90 95.15 41.85
C VAL T 232 -39.93 95.69 40.81
N GLU T 233 -38.64 95.65 41.13
CA GLU T 233 -37.59 96.22 40.29
C GLU T 233 -36.84 95.10 39.60
N CYS T 234 -36.75 95.17 38.26
CA CYS T 234 -36.03 94.18 37.49
C CYS T 234 -34.71 94.78 37.02
N PRO T 235 -33.56 94.32 37.50
CA PRO T 235 -32.30 94.90 37.06
C PRO T 235 -31.90 94.43 35.68
N ASN T 236 -31.02 95.20 35.05
CA ASN T 236 -30.51 94.91 33.71
C ASN T 236 -29.12 94.28 33.73
N ASN T 237 -28.59 93.95 34.89
CA ASN T 237 -27.30 93.27 34.99
C ASN T 237 -27.52 91.76 35.07
N ILE T 238 -26.42 91.02 35.14
CA ILE T 238 -26.44 89.57 35.23
C ILE T 238 -25.58 89.16 36.42
N GLU T 239 -26.15 88.36 37.32
CA GLU T 239 -25.45 87.93 38.51
C GLU T 239 -25.95 86.55 38.92
N PHE T 240 -25.12 85.83 39.65
CA PHE T 240 -25.45 84.50 40.15
C PHE T 240 -24.35 84.07 41.11
N TYR T 241 -24.54 82.92 41.74
CA TYR T 241 -23.63 82.37 42.72
C TYR T 241 -22.86 81.19 42.16
N VAL T 242 -21.75 80.86 42.82
CA VAL T 242 -20.95 79.69 42.47
C VAL T 242 -20.40 79.10 43.75
N LEU T 243 -20.33 77.77 43.81
CA LEU T 243 -19.86 77.07 45.00
C LEU T 243 -18.72 76.13 44.62
N PHE T 244 -17.87 75.86 45.61
CA PHE T 244 -16.69 75.02 45.46
C PHE T 244 -16.70 73.90 46.49
N ARG T 245 -17.82 73.18 46.57
CA ARG T 245 -18.04 72.20 47.63
C ARG T 245 -16.85 71.28 47.83
N ASP T 246 -16.07 71.02 46.78
CA ASP T 246 -14.97 70.07 46.85
C ASP T 246 -13.63 70.71 47.17
N THR T 247 -13.58 72.02 47.37
CA THR T 247 -12.31 72.70 47.62
C THR T 247 -12.33 73.56 48.88
N PHE T 248 -13.45 74.20 49.20
CA PHE T 248 -13.54 75.11 50.32
C PHE T 248 -14.53 74.60 51.35
N ASP T 249 -14.30 74.96 52.60
CA ASP T 249 -15.20 74.55 53.68
C ASP T 249 -16.60 75.06 53.43
N CYS T 250 -17.55 74.14 53.30
CA CYS T 250 -18.96 74.41 53.02
C CYS T 250 -19.18 74.85 51.58
N GLY T 251 -18.15 74.95 50.77
CA GLY T 251 -18.29 75.36 49.38
C GLY T 251 -18.33 76.85 49.14
N LEU T 252 -18.08 77.67 50.17
CA LEU T 252 -18.09 79.12 50.03
C LEU T 252 -16.65 79.61 49.89
N ALA T 253 -16.40 80.36 48.83
CA ALA T 253 -15.06 80.85 48.51
C ALA T 253 -14.90 82.30 48.93
N PRO T 254 -13.67 82.75 49.16
CA PRO T 254 -13.45 84.16 49.53
C PRO T 254 -13.67 85.08 48.34
N GLN T 255 -13.76 86.37 48.63
CA GLN T 255 -14.07 87.35 47.60
C GLN T 255 -13.01 87.37 46.52
N CYS T 256 -11.74 87.27 46.90
CA CYS T 256 -10.66 87.37 45.93
C CYS T 256 -10.81 86.34 44.81
N VAL T 257 -11.31 85.14 45.13
CA VAL T 257 -11.42 84.10 44.12
C VAL T 257 -12.47 84.46 43.08
N VAL T 258 -13.65 84.92 43.52
CA VAL T 258 -14.71 85.23 42.58
C VAL T 258 -14.42 86.50 41.78
N ASP T 259 -13.58 87.39 42.30
CA ASP T 259 -13.23 88.59 41.54
C ASP T 259 -12.53 88.24 40.24
N GLU T 260 -11.63 87.26 40.29
CA GLU T 260 -10.93 86.84 39.07
C GLU T 260 -11.90 86.30 38.04
N ILE T 261 -12.90 85.53 38.48
CA ILE T 261 -13.86 84.95 37.54
C ILE T 261 -14.63 86.07 36.83
N THR T 262 -15.05 87.09 37.57
CA THR T 262 -15.85 88.15 36.98
C THR T 262 -15.08 88.85 35.87
N ASP T 263 -13.81 89.16 36.12
CA ASP T 263 -13.02 89.86 35.11
C ASP T 263 -12.90 89.03 33.82
N TRP T 264 -12.63 87.74 33.97
CA TRP T 264 -12.50 86.88 32.80
C TRP T 264 -13.82 86.77 32.04
N LEU T 265 -14.93 86.68 32.77
CA LEU T 265 -16.22 86.45 32.13
C LEU T 265 -16.73 87.71 31.44
N PHE T 266 -16.58 88.87 32.06
CA PHE T 266 -17.13 90.11 31.54
C PHE T 266 -16.08 91.09 31.04
N GLY T 267 -14.80 90.87 31.36
CA GLY T 267 -13.75 91.76 30.90
C GLY T 267 -13.44 92.86 31.89
N SER T 268 -12.40 93.62 31.55
CA SER T 268 -11.95 94.72 32.40
C SER T 268 -11.44 95.88 31.54
N PRO T 269 -12.19 96.99 31.43
CA PRO T 269 -13.47 97.26 32.07
C PRO T 269 -14.60 96.43 31.48
N GLN T 270 -15.63 96.15 32.28
CA GLN T 270 -16.72 95.30 31.85
C GLN T 270 -17.52 95.95 30.74
N GLY T 271 -18.09 95.12 29.88
CA GLY T 271 -19.03 95.56 28.86
C GLY T 271 -18.42 95.77 27.48
N LEU T 272 -17.11 95.91 27.39
CA LEU T 272 -16.46 96.18 26.11
C LEU T 272 -16.14 94.90 25.33
N GLY T 273 -16.74 93.78 25.69
CA GLY T 273 -16.56 92.56 24.92
C GLY T 273 -15.19 91.96 25.00
N GLN T 274 -14.36 92.38 25.97
CA GLN T 274 -13.02 91.81 26.11
C GLN T 274 -13.05 90.43 26.75
N GLY T 275 -14.12 90.07 27.44
CA GLY T 275 -14.27 88.77 28.06
C GLY T 275 -15.03 87.80 27.19
N GLU T 276 -15.52 86.74 27.82
CA GLU T 276 -16.30 85.74 27.09
C GLU T 276 -17.69 86.27 26.73
N ALA T 277 -18.20 87.22 27.48
CA ALA T 277 -19.52 87.76 27.21
C ALA T 277 -19.50 88.60 25.93
N GLU T 278 -20.68 88.75 25.34
CA GLU T 278 -20.81 89.53 24.12
C GLU T 278 -20.60 91.01 24.42
N PHE T 279 -20.68 91.84 23.38
CA PHE T 279 -20.54 93.27 23.57
C PHE T 279 -21.76 93.82 24.29
N GLY T 280 -21.52 94.84 25.12
CA GLY T 280 -22.60 95.48 25.86
C GLY T 280 -23.28 94.57 26.85
N ILE T 281 -22.54 93.67 27.49
CA ILE T 281 -23.05 92.80 28.54
C ILE T 281 -22.24 93.08 29.80
N CYS T 282 -22.93 93.39 30.89
CA CYS T 282 -22.30 93.82 32.13
C CYS T 282 -22.95 93.10 33.30
N GLY T 283 -22.13 92.54 34.19
CA GLY T 283 -22.63 91.76 35.29
C GLY T 283 -21.61 91.62 36.40
N LYS T 284 -21.90 90.70 37.32
CA LYS T 284 -21.04 90.48 38.48
C LYS T 284 -21.34 89.11 39.07
N VAL T 285 -20.29 88.41 39.50
CA VAL T 285 -20.42 87.10 40.12
C VAL T 285 -20.28 87.28 41.63
N ARG T 286 -21.18 86.65 42.38
CA ARG T 286 -21.28 86.83 43.82
C ARG T 286 -20.76 85.62 44.57
N THR T 287 -20.57 85.81 45.88
CA THR T 287 -20.27 84.72 46.81
C THR T 287 -21.28 84.76 47.94
N ALA T 288 -21.08 83.96 48.99
CA ALA T 288 -22.02 83.90 50.09
C ALA T 288 -21.27 83.69 51.39
N THR T 289 -21.95 84.01 52.49
CA THR T 289 -21.42 83.85 53.83
C THR T 289 -22.20 82.77 54.57
N ALA T 290 -21.51 82.03 55.44
CA ALA T 290 -22.08 80.86 56.08
C ALA T 290 -22.73 81.23 57.41
N VAL T 291 -23.89 80.63 57.66
CA VAL T 291 -24.56 80.71 58.97
C VAL T 291 -24.77 79.28 59.46
N ASN T 292 -24.30 78.99 60.67
CA ASN T 292 -24.34 77.64 61.19
C ASN T 292 -25.75 77.29 61.68
N LEU T 293 -26.01 75.99 61.77
CA LEU T 293 -27.31 75.49 62.20
C LEU T 293 -27.15 74.12 62.82
N ASP T 294 -27.90 73.85 63.88
CA ASP T 294 -27.98 72.55 64.51
C ASP T 294 -29.38 72.00 64.31
N ILE T 295 -29.47 70.74 63.88
CA ILE T 295 -30.73 70.09 63.56
C ILE T 295 -30.91 68.90 64.49
N TYR T 296 -32.09 68.83 65.12
CA TYR T 296 -32.41 67.77 66.07
C TYR T 296 -33.54 66.93 65.52
N LEU T 297 -33.35 65.62 65.47
CA LEU T 297 -34.37 64.67 65.03
C LEU T 297 -34.95 63.98 66.25
N ASN T 298 -36.28 63.95 66.33
CA ASN T 298 -36.99 63.44 67.50
C ASN T 298 -37.94 62.33 67.09
N GLY T 299 -38.07 61.32 67.95
CA GLY T 299 -39.00 60.24 67.71
C GLY T 299 -38.53 59.20 66.74
N LEU T 300 -37.21 59.07 66.53
CA LEU T 300 -36.65 58.12 65.59
C LEU T 300 -36.23 56.81 66.25
N SER T 301 -36.43 56.69 67.57
CA SER T 301 -36.01 55.48 68.26
C SER T 301 -36.86 54.27 67.86
N CYS T 302 -38.16 54.47 67.63
CA CYS T 302 -39.03 53.37 67.27
C CYS T 302 -38.68 52.76 65.92
N ALA T 303 -37.99 53.50 65.06
CA ALA T 303 -37.65 53.01 63.72
C ALA T 303 -36.51 52.00 63.79
N THR T 304 -36.49 51.10 62.81
CA THR T 304 -35.42 50.13 62.72
C THR T 304 -34.11 50.83 62.39
N PRO T 305 -32.97 50.25 62.79
CA PRO T 305 -31.69 50.97 62.57
C PRO T 305 -31.44 51.34 61.12
N ALA T 306 -31.84 50.50 60.18
CA ALA T 306 -31.66 50.84 58.77
C ALA T 306 -32.44 52.10 58.41
N GLN T 307 -33.67 52.22 58.89
CA GLN T 307 -34.47 53.41 58.60
C GLN T 307 -33.83 54.65 59.20
N ALA T 308 -33.29 54.55 60.42
CA ALA T 308 -32.66 55.71 61.04
C ALA T 308 -31.46 56.19 60.24
N ARG T 309 -30.65 55.26 59.73
CA ARG T 309 -29.45 55.64 59.00
C ARG T 309 -29.79 56.40 57.73
N VAL T 310 -30.75 55.90 56.95
CA VAL T 310 -31.06 56.52 55.66
C VAL T 310 -31.72 57.87 55.88
N VAL T 311 -32.60 57.99 56.87
CA VAL T 311 -33.26 59.26 57.12
C VAL T 311 -32.23 60.33 57.49
N GLU T 312 -31.26 59.97 58.32
CA GLU T 312 -30.21 60.92 58.65
C GLU T 312 -29.40 61.28 57.42
N GLN T 313 -29.10 60.31 56.57
CA GLN T 313 -28.29 60.58 55.38
C GLN T 313 -29.01 61.51 54.43
N ARG T 314 -30.30 61.28 54.19
CA ARG T 314 -31.03 62.09 53.22
C ARG T 314 -31.08 63.56 53.65
N ILE T 315 -31.34 63.80 54.94
CA ILE T 315 -31.40 65.18 55.42
C ILE T 315 -30.05 65.86 55.26
N THR T 316 -28.96 65.14 55.55
CA THR T 316 -27.64 65.73 55.45
C THR T 316 -27.35 66.20 54.03
N ASP T 317 -27.70 65.37 53.04
CA ASP T 317 -27.47 65.76 51.65
C ASP T 317 -28.35 66.95 51.26
N PHE T 318 -29.60 66.97 51.72
CA PHE T 318 -30.52 68.04 51.35
C PHE T 318 -30.00 69.39 51.82
N ILE T 319 -29.52 69.45 53.06
CA ILE T 319 -29.01 70.71 53.59
C ILE T 319 -27.75 71.14 52.86
N ASN T 320 -26.87 70.19 52.55
CA ASN T 320 -25.59 70.54 51.93
C ASN T 320 -25.81 71.23 50.59
N ARG T 321 -26.74 70.74 49.78
CA ARG T 321 -26.97 71.26 48.45
C ARG T 321 -27.94 72.45 48.42
N HIS T 322 -28.42 72.89 49.57
CA HIS T 322 -29.39 73.97 49.58
C HIS T 322 -28.77 75.25 49.01
N PRO T 323 -29.51 76.01 48.21
CA PRO T 323 -28.93 77.21 47.60
C PRO T 323 -28.81 78.33 48.62
N PRO T 324 -28.05 79.38 48.31
CA PRO T 324 -27.97 80.53 49.21
C PRO T 324 -29.21 81.41 49.11
N SER T 325 -29.40 82.22 50.14
CA SER T 325 -30.50 83.19 50.18
C SER T 325 -31.85 82.51 49.96
N THR T 326 -32.03 81.35 50.58
CA THR T 326 -33.29 80.62 50.53
C THR T 326 -33.64 80.13 51.92
N ASN T 327 -34.93 80.24 52.27
CA ASN T 327 -35.37 79.85 53.59
C ASN T 327 -35.22 78.35 53.80
N LEU T 328 -35.00 77.96 55.05
CA LEU T 328 -34.96 76.55 55.45
C LEU T 328 -36.08 76.32 56.43
N THR T 329 -37.10 75.60 56.01
CA THR T 329 -38.31 75.40 56.79
C THR T 329 -38.37 73.99 57.35
N VAL T 330 -38.97 73.87 58.54
CA VAL T 330 -39.12 72.57 59.18
C VAL T 330 -39.95 71.63 58.31
N GLU T 331 -40.85 72.18 57.50
CA GLU T 331 -41.71 71.34 56.67
C GLU T 331 -40.90 70.50 55.70
N GLN T 332 -39.90 71.09 55.05
CA GLN T 332 -39.13 70.36 54.05
C GLN T 332 -38.42 69.17 54.67
N LEU T 333 -37.73 69.39 55.79
CA LEU T 333 -37.01 68.29 56.43
C LEU T 333 -37.97 67.22 56.93
N ARG T 334 -39.11 67.63 57.50
CA ARG T 334 -40.09 66.66 57.94
C ARG T 334 -40.63 65.84 56.78
N PHE T 335 -40.88 66.49 55.65
CA PHE T 335 -41.42 65.76 54.49
C PHE T 335 -40.45 64.71 53.99
N ILE T 336 -39.16 65.06 53.93
CA ILE T 336 -38.17 64.11 53.42
C ILE T 336 -38.14 62.86 54.28
N GLY T 337 -38.04 63.04 55.60
CA GLY T 337 -38.05 61.89 56.48
C GLY T 337 -39.38 61.15 56.48
N LEU T 338 -40.48 61.90 56.51
CA LEU T 338 -41.79 61.27 56.51
C LEU T 338 -42.04 60.49 55.23
N GLN T 339 -41.36 60.85 54.13
CA GLN T 339 -41.52 60.12 52.89
C GLN T 339 -40.95 58.71 52.99
N VAL T 340 -39.98 58.50 53.88
CA VAL T 340 -39.34 57.19 54.02
C VAL T 340 -39.99 56.38 55.13
N LEU T 341 -40.19 56.98 56.31
CA LEU T 341 -40.73 56.23 57.44
C LEU T 341 -42.17 55.81 57.17
N GLY T 342 -42.98 56.69 56.58
CA GLY T 342 -44.39 56.42 56.39
C GLY T 342 -45.24 57.60 56.84
N SER T 343 -46.34 57.84 56.13
CA SER T 343 -47.15 59.02 56.41
C SER T 343 -47.76 58.99 57.81
N SER T 344 -47.88 57.82 58.42
CA SER T 344 -48.48 57.69 59.73
C SER T 344 -47.48 57.74 60.88
N PHE T 345 -46.18 57.83 60.57
CA PHE T 345 -45.17 57.84 61.62
C PHE T 345 -45.23 59.14 62.41
N ALA T 346 -44.76 59.08 63.65
CA ALA T 346 -44.66 60.23 64.53
C ALA T 346 -43.23 60.76 64.44
N PHE T 347 -43.03 61.74 63.57
CA PHE T 347 -41.71 62.29 63.29
C PHE T 347 -41.74 63.80 63.46
N ASP T 348 -40.69 64.35 64.07
CA ASP T 348 -40.60 65.78 64.31
C ASP T 348 -39.14 66.20 64.31
N VAL T 349 -38.89 67.43 63.85
CA VAL T 349 -37.55 67.98 63.77
C VAL T 349 -37.56 69.40 64.30
N ALA T 350 -36.38 69.89 64.68
CA ALA T 350 -36.23 71.24 65.17
C ALA T 350 -34.87 71.78 64.74
N ILE T 351 -34.79 73.11 64.66
CA ILE T 351 -33.59 73.81 64.21
C ILE T 351 -33.20 74.82 65.26
N ARG T 352 -31.92 74.85 65.62
CA ARG T 352 -31.40 75.77 66.61
C ARG T 352 -29.97 76.14 66.26
N SER T 353 -29.53 77.30 66.76
CA SER T 353 -28.19 77.78 66.50
C SER T 353 -27.21 77.24 67.52
N PRO T 354 -25.93 77.18 67.19
CA PRO T 354 -24.93 76.70 68.17
C PRO T 354 -24.91 77.58 69.40
N GLY T 355 -25.12 76.97 70.56
CA GLY T 355 -25.12 77.69 71.82
C GLY T 355 -26.28 78.67 71.92
N ASP T 356 -27.25 78.55 71.03
CA ASP T 356 -28.42 79.41 71.02
C ASP T 356 -28.03 80.89 70.92
N ALA T 357 -26.90 81.17 70.28
CA ALA T 357 -26.41 82.53 70.14
C ALA T 357 -26.88 83.13 68.82
N SER T 358 -27.05 84.46 68.83
CA SER T 358 -27.48 85.17 67.64
C SER T 358 -26.35 85.28 66.63
N GLN T 359 -26.72 85.35 65.35
CA GLN T 359 -25.76 85.45 64.27
C GLN T 359 -26.26 86.49 63.27
N SER T 360 -25.39 86.83 62.32
CA SER T 360 -25.72 87.82 61.31
C SER T 360 -26.51 87.17 60.17
N GLY T 361 -27.61 87.80 59.78
CA GLY T 361 -28.40 87.31 58.68
C GLY T 361 -29.24 86.09 58.99
N LEU T 362 -29.53 85.83 60.27
CA LEU T 362 -30.33 84.69 60.69
C LEU T 362 -31.47 85.18 61.55
N ARG T 363 -32.69 84.74 61.25
CA ARG T 363 -33.86 85.12 62.01
C ARG T 363 -34.84 83.96 62.05
N PHE T 364 -35.36 83.67 63.24
CA PHE T 364 -36.34 82.61 63.44
C PHE T 364 -37.72 83.22 63.48
N ASN T 365 -38.62 82.73 62.62
CA ASN T 365 -40.00 83.18 62.62
C ASN T 365 -40.83 82.32 63.57
N ALA T 366 -42.11 82.66 63.70
CA ALA T 366 -42.96 81.96 64.65
C ALA T 366 -43.07 80.48 64.34
N CYS T 367 -43.25 80.14 63.05
CA CYS T 367 -43.45 78.75 62.66
C CYS T 367 -42.22 77.88 62.88
N GLY T 368 -41.06 78.49 63.16
CA GLY T 368 -39.84 77.74 63.37
C GLY T 368 -38.89 77.72 62.20
N ASP T 369 -39.23 78.37 61.09
CA ASP T 369 -38.33 78.43 59.95
C ASP T 369 -37.13 79.32 60.29
N ALA T 370 -36.01 79.03 59.63
CA ALA T 370 -34.78 79.80 59.81
C ALA T 370 -34.64 80.72 58.60
N GLU T 371 -35.25 81.90 58.69
CA GLU T 371 -35.17 82.86 57.60
C GLU T 371 -33.74 83.34 57.43
N ILE T 372 -33.32 83.50 56.17
CA ILE T 372 -31.95 83.86 55.84
C ILE T 372 -31.97 85.04 54.88
N ASP T 373 -31.09 86.01 55.13
CA ASP T 373 -31.01 87.22 54.34
C ASP T 373 -30.24 86.96 53.04
N CYS T 374 -30.06 88.01 52.24
CA CYS T 374 -29.32 87.89 51.00
C CYS T 374 -27.85 87.66 51.27
N ASP T 375 -27.19 86.98 50.33
CA ASP T 375 -25.77 86.66 50.44
C ASP T 375 -25.49 85.88 51.72
N TYR T 376 -26.30 84.85 51.96
CA TYR T 376 -26.12 83.98 53.11
C TYR T 376 -26.63 82.59 52.76
N LYS T 377 -25.91 81.57 53.22
CA LYS T 377 -26.24 80.19 52.94
C LYS T 377 -26.28 79.40 54.24
N ALA T 378 -27.23 78.47 54.34
CA ALA T 378 -27.37 77.63 55.52
C ALA T 378 -26.33 76.51 55.45
N CYS T 379 -25.36 76.54 56.35
CA CYS T 379 -24.28 75.56 56.39
C CYS T 379 -24.51 74.63 57.57
N LEU T 380 -24.56 73.32 57.29
CA LEU T 380 -24.81 72.35 58.34
C LEU T 380 -23.66 72.34 59.34
N ASN T 381 -24.00 72.23 60.63
CA ASN T 381 -23.03 72.17 61.70
C ASN T 381 -22.96 70.80 62.35
N SER T 382 -24.11 70.19 62.64
CA SER T 382 -24.14 68.87 63.25
C SER T 382 -25.56 68.33 63.18
N VAL T 383 -25.67 67.02 62.96
CA VAL T 383 -26.96 66.33 62.96
C VAL T 383 -26.98 65.43 64.18
N GLN T 384 -27.86 65.73 65.13
CA GLN T 384 -27.97 64.99 66.37
C GLN T 384 -29.38 64.43 66.49
N VAL T 385 -29.47 63.14 66.78
CA VAL T 385 -30.75 62.46 66.97
C VAL T 385 -30.90 62.23 68.47
N ILE T 386 -31.81 62.97 69.11
CA ILE T 386 -32.00 62.82 70.54
C ILE T 386 -32.45 61.40 70.85
N ASN T 387 -32.17 60.97 72.08
CA ASN T 387 -32.39 59.60 72.50
C ASN T 387 -33.50 59.53 73.54
N ASN T 388 -34.33 58.50 73.41
CA ASN T 388 -35.35 58.18 74.40
C ASN T 388 -35.52 56.67 74.40
N ASN T 389 -36.58 56.18 75.02
CA ASN T 389 -36.79 54.74 75.16
C ASN T 389 -38.22 54.40 74.75
N VAL T 390 -38.36 53.43 73.85
CA VAL T 390 -39.66 52.98 73.36
C VAL T 390 -39.55 51.53 72.94
N THR T 391 -40.69 50.86 72.87
CA THR T 391 -40.88 49.48 72.41
C THR T 391 -40.43 48.45 73.45
N THR T 392 -39.84 48.87 74.57
CA THR T 392 -39.45 47.92 75.61
C THR T 392 -40.68 47.32 76.27
N ALA U 2 -57.47 -6.98 60.39
CA ALA U 2 -56.94 -5.67 60.03
C ALA U 2 -57.10 -5.41 58.54
N CYS U 3 -57.36 -6.47 57.77
CA CYS U 3 -57.52 -6.31 56.33
C CYS U 3 -58.70 -5.40 56.03
N THR U 4 -58.54 -4.57 54.99
CA THR U 4 -59.62 -3.70 54.54
C THR U 4 -60.45 -4.34 53.45
N ILE U 5 -59.87 -5.24 52.66
CA ILE U 5 -60.57 -5.96 51.62
C ILE U 5 -60.96 -7.32 52.19
N GLN U 6 -62.24 -7.52 52.47
CA GLN U 6 -62.69 -8.77 53.06
C GLN U 6 -62.34 -9.93 52.16
N ARG U 7 -61.62 -10.90 52.72
CA ARG U 7 -61.20 -12.09 51.99
C ARG U 7 -61.95 -13.30 52.51
N PRO U 8 -62.86 -13.91 51.74
CA PRO U 8 -63.58 -15.09 52.24
C PRO U 8 -62.61 -16.19 52.64
N GLU U 9 -63.14 -17.19 53.33
CA GLU U 9 -62.31 -18.25 53.84
C GLU U 9 -61.65 -19.00 52.69
N PRO U 10 -60.40 -19.47 52.86
CA PRO U 10 -59.72 -20.13 51.74
C PRO U 10 -60.48 -21.31 51.17
N GLN U 11 -61.16 -22.09 52.01
CA GLN U 11 -61.92 -23.22 51.51
C GLN U 11 -63.03 -22.77 50.57
N ALA U 12 -63.72 -21.68 50.93
CA ALA U 12 -64.79 -21.17 50.06
C ALA U 12 -64.25 -20.77 48.70
N LEU U 13 -63.09 -20.11 48.67
CA LEU U 13 -62.51 -19.70 47.39
C LEU U 13 -62.14 -20.91 46.56
N ARG U 14 -61.39 -21.86 47.14
CA ARG U 14 -60.87 -22.97 46.35
C ARG U 14 -62.01 -23.78 45.74
N ASP U 15 -63.15 -23.84 46.41
CA ASP U 15 -64.31 -24.51 45.82
C ASP U 15 -64.83 -23.73 44.63
N LYS U 16 -64.84 -22.40 44.70
CA LYS U 16 -65.40 -21.59 43.62
C LYS U 16 -64.59 -21.76 42.34
N ILE U 17 -63.25 -21.72 42.45
CA ILE U 17 -62.42 -21.94 41.27
C ILE U 17 -62.62 -23.34 40.73
N ALA U 18 -62.66 -24.34 41.61
CA ALA U 18 -62.85 -25.72 41.16
C ALA U 18 -64.19 -25.88 40.45
N THR U 19 -65.25 -25.31 41.01
CA THR U 19 -66.56 -25.41 40.39
C THR U 19 -66.58 -24.73 39.03
N ARG U 20 -65.98 -23.54 38.94
CA ARG U 20 -65.98 -22.81 37.67
C ARG U 20 -65.23 -23.58 36.59
N PHE U 21 -64.07 -24.15 36.94
CA PHE U 21 -63.29 -24.89 35.96
C PHE U 21 -64.07 -26.08 35.41
N SER U 22 -64.72 -26.84 36.30
CA SER U 22 -65.45 -28.02 35.87
C SER U 22 -66.61 -27.64 34.95
N THR U 23 -67.34 -26.58 35.30
CA THR U 23 -68.53 -26.21 34.51
C THR U 23 -68.14 -25.76 33.11
N ASN U 24 -67.03 -25.03 32.98
CA ASN U 24 -66.67 -24.44 31.70
C ASN U 24 -65.86 -25.38 30.81
N VAL U 25 -64.87 -26.06 31.37
CA VAL U 25 -63.91 -26.84 30.59
C VAL U 25 -64.24 -28.34 30.61
N LEU U 26 -64.38 -28.91 31.81
CA LEU U 26 -64.57 -30.35 31.94
C LEU U 26 -66.03 -30.78 31.87
N GLY U 27 -66.95 -29.84 31.67
CA GLY U 27 -68.35 -30.20 31.47
C GLY U 27 -69.03 -30.82 32.67
N GLY U 28 -68.80 -30.27 33.86
CA GLY U 28 -69.55 -30.63 35.05
C GLY U 28 -68.86 -31.64 35.95
N ALA U 29 -67.89 -32.39 35.44
CA ALA U 29 -67.18 -33.35 36.27
C ALA U 29 -66.09 -32.67 37.07
N GLU U 30 -65.82 -33.19 38.27
CA GLU U 30 -64.78 -32.63 39.12
C GLU U 30 -63.42 -33.12 38.66
N ILE U 31 -62.38 -32.74 39.39
CA ILE U 31 -61.01 -32.98 38.98
C ILE U 31 -60.52 -34.30 39.56
N ILE U 32 -59.60 -34.95 38.85
CA ILE U 32 -58.90 -36.13 39.36
C ILE U 32 -57.89 -35.61 40.39
N PRO U 33 -57.63 -36.36 41.47
CA PRO U 33 -56.77 -35.79 42.54
C PRO U 33 -55.41 -35.35 42.06
N GLU U 34 -54.79 -36.07 41.13
CA GLU U 34 -53.43 -35.77 40.65
C GLU U 34 -53.43 -35.79 39.12
N SER U 35 -53.51 -34.61 38.53
CA SER U 35 -53.48 -34.47 37.07
C SER U 35 -53.26 -33.01 36.76
N ASN U 36 -53.05 -32.73 35.46
CA ASN U 36 -52.79 -31.36 35.04
C ASN U 36 -53.91 -30.41 35.47
N GLU U 37 -55.15 -30.89 35.47
CA GLU U 37 -56.26 -30.03 35.90
C GLU U 37 -56.13 -29.63 37.36
N PHE U 38 -55.65 -30.55 38.20
CA PHE U 38 -55.49 -30.22 39.62
C PHE U 38 -54.45 -29.12 39.82
N TYR U 39 -53.34 -29.19 39.08
CA TYR U 39 -52.26 -28.24 39.31
C TYR U 39 -52.59 -26.86 38.77
N VAL U 40 -53.24 -26.79 37.61
CA VAL U 40 -53.63 -25.48 37.07
C VAL U 40 -54.60 -24.79 38.02
N VAL U 41 -55.49 -25.56 38.65
CA VAL U 41 -56.41 -24.99 39.62
C VAL U 41 -55.64 -24.40 40.80
N THR U 42 -54.67 -25.15 41.33
CA THR U 42 -53.90 -24.66 42.46
C THR U 42 -53.12 -23.42 42.08
N LEU U 43 -52.50 -23.42 40.90
CA LEU U 43 -51.76 -22.24 40.46
C LEU U 43 -52.69 -21.04 40.31
N GLU U 44 -53.90 -21.27 39.81
CA GLU U 44 -54.86 -20.18 39.71
C GLU U 44 -55.17 -19.60 41.08
N TYR U 45 -55.26 -20.46 42.11
CA TYR U 45 -55.45 -19.97 43.47
C TYR U 45 -54.25 -19.15 43.92
N ALA U 46 -53.04 -19.58 43.55
CA ALA U 46 -51.85 -18.84 43.96
C ALA U 46 -51.86 -17.43 43.39
N MET U 47 -52.20 -17.30 42.11
CA MET U 47 -52.29 -15.97 41.51
C MET U 47 -53.47 -15.18 42.10
N GLN U 48 -54.48 -15.88 42.59
CA GLN U 48 -55.62 -15.20 43.21
C GLN U 48 -55.18 -14.41 44.42
N GLU U 49 -54.30 -15.01 45.24
CA GLU U 49 -53.82 -14.32 46.44
C GLU U 49 -53.08 -13.04 46.08
N GLU U 50 -52.24 -13.09 45.04
CA GLU U 50 -51.45 -11.92 44.66
C GLU U 50 -52.35 -10.77 44.25
N PHE U 51 -53.43 -11.05 43.52
CA PHE U 51 -54.34 -9.99 43.11
C PHE U 51 -54.93 -9.28 44.31
N PHE U 52 -55.30 -10.03 45.35
CA PHE U 52 -55.82 -9.41 46.56
C PHE U 52 -54.77 -8.50 47.19
N ALA U 53 -53.53 -8.96 47.26
CA ALA U 53 -52.47 -8.15 47.84
C ALA U 53 -52.22 -6.89 47.02
N PHE U 54 -52.21 -7.02 45.69
CA PHE U 54 -51.99 -5.86 44.83
C PHE U 54 -53.07 -4.82 45.04
N ALA U 55 -54.33 -5.25 45.11
CA ALA U 55 -55.43 -4.32 45.30
C ALA U 55 -55.33 -3.61 46.65
N GLU U 56 -55.01 -4.37 47.70
CA GLU U 56 -54.88 -3.76 49.03
C GLU U 56 -53.67 -2.84 49.09
N GLN U 57 -52.54 -3.27 48.54
CA GLN U 57 -51.34 -2.45 48.62
C GLN U 57 -51.53 -1.11 47.93
N MET U 58 -52.14 -1.12 46.74
CA MET U 58 -52.36 0.13 46.02
C MET U 58 -53.46 0.98 46.64
N TRP U 59 -54.20 0.45 47.62
CA TRP U 59 -55.05 1.29 48.45
C TRP U 59 -54.27 1.88 49.61
N ARG U 60 -53.38 1.08 50.22
CA ARG U 60 -52.56 1.59 51.31
C ARG U 60 -51.69 2.75 50.88
N GLU U 61 -51.18 2.70 49.65
CA GLU U 61 -50.32 3.76 49.14
C GLU U 61 -51.07 5.06 48.87
N GLN U 62 -52.37 5.11 49.14
CA GLN U 62 -53.16 6.32 48.95
C GLN U 62 -53.74 6.85 50.25
N ASP U 63 -53.27 6.37 51.41
CA ASP U 63 -53.76 6.84 52.69
C ASP U 63 -52.66 7.56 53.46
N PRO U 64 -52.96 8.68 54.11
CA PRO U 64 -51.88 9.48 54.71
C PRO U 64 -51.04 8.72 55.73
N ARG U 65 -51.66 7.85 56.52
CA ARG U 65 -50.98 7.19 57.64
C ARG U 65 -50.24 5.93 57.22
N TYR U 66 -50.26 5.57 55.94
CA TYR U 66 -49.54 4.39 55.45
C TYR U 66 -48.73 4.64 54.19
N ALA U 67 -48.91 5.77 53.51
CA ALA U 67 -48.25 5.98 52.23
C ALA U 67 -46.75 6.16 52.41
N CYS U 68 -46.02 5.98 51.31
CA CYS U 68 -44.58 6.13 51.32
C CYS U 68 -44.20 7.60 51.51
N CYS U 69 -42.95 7.82 51.87
CA CYS U 69 -42.49 9.18 52.16
C CYS U 69 -42.62 10.08 50.93
N GLU U 70 -42.20 9.57 49.76
CA GLU U 70 -42.29 10.38 48.55
C GLU U 70 -43.73 10.69 48.20
N ASN U 71 -44.60 9.67 48.26
CA ASN U 71 -46.01 9.89 47.97
C ASN U 71 -46.67 10.80 48.99
N LEU U 72 -46.23 10.72 50.24
CA LEU U 72 -46.86 11.53 51.30
C LEU U 72 -46.72 13.01 51.00
N VAL U 73 -45.54 13.44 50.58
CA VAL U 73 -45.33 14.86 50.31
C VAL U 73 -46.17 15.31 49.13
N LYS U 74 -46.33 14.45 48.13
CA LYS U 74 -47.12 14.83 46.95
C LYS U 74 -48.57 15.10 47.33
N MET U 75 -49.16 14.25 48.18
CA MET U 75 -50.52 14.51 48.64
C MET U 75 -50.59 15.78 49.48
N ALA U 76 -49.62 15.98 50.37
CA ALA U 76 -49.63 17.16 51.22
C ALA U 76 -49.59 18.43 50.40
N ALA U 77 -48.79 18.45 49.33
CA ALA U 77 -48.72 19.64 48.49
C ALA U 77 -50.06 20.01 47.89
N ARG U 78 -50.98 19.06 47.77
CA ARG U 78 -52.29 19.32 47.19
C ARG U 78 -53.27 19.92 48.18
N ARG U 79 -52.89 20.05 49.45
CA ARG U 79 -53.73 20.69 50.46
C ARG U 79 -53.02 21.85 51.14
N GLY U 80 -51.99 22.41 50.50
CA GLY U 80 -51.30 23.57 51.03
C GLY U 80 -50.42 23.31 52.22
N VAL U 81 -49.94 22.08 52.39
CA VAL U 81 -49.05 21.73 53.50
C VAL U 81 -47.72 21.27 52.90
N TYR U 82 -46.63 21.89 53.34
CA TYR U 82 -45.30 21.57 52.87
C TYR U 82 -44.36 21.38 54.04
N PRO U 83 -43.30 20.58 53.88
CA PRO U 83 -42.32 20.42 54.95
C PRO U 83 -41.55 21.71 55.19
N LYS U 84 -41.05 21.86 56.41
CA LYS U 84 -40.32 23.07 56.77
C LYS U 84 -38.86 22.93 56.35
N PRO U 85 -38.31 23.88 55.59
CA PRO U 85 -36.89 23.80 55.23
C PRO U 85 -36.00 24.24 56.38
N ALA U 86 -34.70 24.00 56.22
CA ALA U 86 -33.73 24.38 57.23
C ALA U 86 -33.68 25.89 57.39
N GLN U 87 -33.28 26.34 58.57
CA GLN U 87 -33.24 27.75 58.92
C GLN U 87 -31.81 28.18 59.21
N PHE U 88 -31.58 29.48 59.06
CA PHE U 88 -30.29 30.10 59.34
C PHE U 88 -30.43 31.03 60.53
N ALA U 89 -29.38 31.08 61.36
CA ALA U 89 -29.40 31.99 62.50
C ALA U 89 -29.47 33.44 62.01
N GLN U 90 -29.73 34.35 62.95
CA GLN U 90 -29.88 35.75 62.60
C GLN U 90 -29.62 36.60 63.84
N GLY U 91 -29.34 37.87 63.60
CA GLY U 91 -29.07 38.79 64.70
C GLY U 91 -28.52 40.10 64.18
N TYR U 92 -28.08 40.93 65.11
CA TYR U 92 -27.53 42.25 64.82
C TYR U 92 -26.10 42.35 65.36
N VAL U 93 -25.29 43.14 64.67
CA VAL U 93 -23.88 43.31 65.02
C VAL U 93 -23.54 44.80 64.98
N ARG U 94 -22.84 45.27 66.00
CA ARG U 94 -22.41 46.66 66.09
C ARG U 94 -20.96 46.76 65.61
N MET U 95 -20.70 47.67 64.68
CA MET U 95 -19.39 47.84 64.08
C MET U 95 -18.94 49.29 64.26
N THR U 96 -17.71 49.47 64.74
CA THR U 96 -17.17 50.79 65.01
C THR U 96 -15.86 50.98 64.26
N GLY U 97 -15.67 52.17 63.72
CA GLY U 97 -14.45 52.49 63.00
C GLY U 97 -14.40 53.97 62.66
N VAL U 98 -13.24 54.39 62.18
CA VAL U 98 -13.06 55.81 61.82
C VAL U 98 -13.96 56.15 60.65
N PRO U 99 -14.64 57.30 60.66
CA PRO U 99 -15.52 57.62 59.53
C PRO U 99 -14.75 57.81 58.24
N GLY U 100 -15.42 57.52 57.12
CA GLY U 100 -14.89 57.73 55.80
C GLY U 100 -14.34 56.49 55.13
N SER U 101 -13.69 55.60 55.89
CA SER U 101 -13.09 54.41 55.31
C SER U 101 -14.15 53.59 54.58
N ALA U 102 -13.82 53.15 53.37
CA ALA U 102 -14.77 52.39 52.56
C ALA U 102 -14.98 51.00 53.16
N LEU U 103 -16.15 50.43 52.85
CA LEU U 103 -16.54 49.12 53.34
C LEU U 103 -16.55 48.11 52.19
N ASN U 104 -16.71 46.83 52.56
CA ASN U 104 -16.72 45.74 51.60
C ASN U 104 -17.92 44.85 51.86
N GLN U 105 -18.44 44.25 50.79
CA GLN U 105 -19.63 43.41 50.90
C GLN U 105 -19.31 42.05 51.48
N ASN U 106 -18.16 41.47 51.13
CA ASN U 106 -17.82 40.11 51.53
C ASN U 106 -17.46 40.00 53.01
N LEU U 107 -17.34 41.12 53.72
CA LEU U 107 -16.97 41.12 55.14
C LEU U 107 -17.76 40.08 55.93
N ARG U 108 -17.11 39.47 56.93
CA ARG U 108 -17.75 38.47 57.77
C ARG U 108 -17.09 38.45 59.14
N PHE U 109 -17.77 37.82 60.09
CA PHE U 109 -17.41 37.84 61.51
C PHE U 109 -17.18 36.42 62.02
N GLN U 110 -16.96 36.31 63.33
CA GLN U 110 -16.86 35.00 63.99
C GLN U 110 -17.18 35.18 65.46
N PHE U 111 -17.99 34.28 66.01
CA PHE U 111 -18.33 34.27 67.43
C PHE U 111 -18.26 32.83 67.92
N GLU U 112 -17.20 32.50 68.66
CA GLU U 112 -17.01 31.16 69.20
C GLU U 112 -17.09 30.11 68.09
N ASN U 113 -16.18 30.23 67.14
CA ASN U 113 -15.99 29.30 66.03
C ASN U 113 -17.13 29.33 65.01
N GLN U 114 -18.16 30.15 65.23
CA GLN U 114 -19.26 30.27 64.28
C GLN U 114 -19.09 31.56 63.48
N THR U 115 -19.02 31.43 62.16
CA THR U 115 -18.77 32.55 61.27
C THR U 115 -20.09 33.07 60.72
N TYR U 116 -20.29 34.38 60.80
CA TYR U 116 -21.50 35.03 60.32
C TYR U 116 -21.14 36.00 59.21
N GLU U 117 -22.07 36.15 58.26
CA GLU U 117 -21.88 37.01 57.11
C GLU U 117 -23.02 38.02 57.02
N ALA U 118 -22.71 39.19 56.47
CA ALA U 118 -23.72 40.22 56.30
C ALA U 118 -24.87 39.70 55.44
N ALA U 119 -26.09 39.98 55.89
CA ALA U 119 -27.30 39.53 55.21
C ALA U 119 -28.09 40.69 54.60
N SER U 120 -27.42 41.82 54.34
CA SER U 120 -28.08 42.97 53.77
C SER U 120 -27.06 43.78 52.99
N VAL U 121 -27.56 44.65 52.10
CA VAL U 121 -26.71 45.48 51.28
C VAL U 121 -25.91 46.42 52.17
N VAL U 122 -24.60 46.23 52.22
CA VAL U 122 -23.74 47.08 53.04
C VAL U 122 -23.63 48.46 52.40
N PRO U 123 -23.61 49.54 53.17
CA PRO U 123 -23.48 50.87 52.57
C PRO U 123 -22.10 51.08 51.97
N ASP U 124 -21.98 52.18 51.22
CA ASP U 124 -20.74 52.45 50.49
C ASP U 124 -19.57 52.66 51.44
N GLN U 125 -19.77 53.44 52.50
CA GLN U 125 -18.69 53.73 53.44
C GLN U 125 -19.28 54.04 54.80
N LEU U 126 -18.41 54.04 55.80
CA LEU U 126 -18.85 54.23 57.17
C LEU U 126 -19.53 55.60 57.32
N PRO U 127 -20.62 55.70 58.07
CA PRO U 127 -21.29 57.00 58.24
C PRO U 127 -20.43 57.96 59.06
N ALA U 128 -20.96 59.19 59.21
CA ALA U 128 -20.20 60.24 59.87
C ALA U 128 -19.87 59.87 61.32
N THR U 129 -20.85 59.34 62.04
CA THR U 129 -20.65 59.04 63.46
C THR U 129 -19.69 57.87 63.68
N GLY U 130 -19.33 57.14 62.63
CA GLY U 130 -18.39 56.05 62.78
C GLY U 130 -18.94 54.81 63.45
N VAL U 131 -20.25 54.65 63.49
CA VAL U 131 -20.90 53.47 64.07
C VAL U 131 -21.92 52.96 63.08
N LEU U 132 -21.94 51.64 62.89
CA LEU U 132 -22.79 51.02 61.88
C LEU U 132 -23.41 49.75 62.45
N VAL U 133 -24.63 49.44 62.01
CA VAL U 133 -25.38 48.27 62.47
C VAL U 133 -25.71 47.43 61.25
N LEU U 134 -25.49 46.12 61.36
CA LEU U 134 -25.69 45.19 60.26
C LEU U 134 -26.57 44.04 60.71
N ARG U 135 -27.19 43.39 59.71
CA ARG U 135 -27.92 42.15 59.91
C ARG U 135 -27.09 41.01 59.35
N VAL U 136 -26.90 39.96 60.16
CA VAL U 136 -26.01 38.87 59.80
C VAL U 136 -26.78 37.55 59.89
N SER U 137 -26.34 36.58 59.10
CA SER U 137 -26.91 35.24 59.09
C SER U 137 -25.78 34.22 59.11
N ALA U 138 -26.02 33.10 59.78
CA ALA U 138 -25.00 32.06 59.87
C ALA U 138 -24.61 31.58 58.48
N VAL U 139 -23.33 31.31 58.31
CA VAL U 139 -22.85 30.81 57.01
C VAL U 139 -23.43 29.42 56.74
N THR U 140 -23.59 28.61 57.79
CA THR U 140 -24.11 27.25 57.65
C THR U 140 -25.36 27.09 58.51
N PRO U 141 -26.38 26.39 58.01
CA PRO U 141 -27.62 26.25 58.78
C PRO U 141 -27.50 25.28 59.94
N GLY U 142 -28.60 25.04 60.65
CA GLY U 142 -28.62 24.09 61.73
C GLY U 142 -28.68 24.76 63.09
N PRO U 143 -29.05 23.99 64.12
CA PRO U 143 -29.15 24.56 65.46
C PRO U 143 -27.82 25.03 66.02
N SER U 144 -26.69 24.60 65.45
CA SER U 144 -25.40 24.99 65.99
C SER U 144 -25.15 26.49 65.89
N GLY U 145 -25.94 27.20 65.10
CA GLY U 145 -25.78 28.64 64.99
C GLY U 145 -26.30 29.43 66.17
N ASN U 146 -27.03 28.80 67.08
CA ASN U 146 -27.54 29.48 68.26
C ASN U 146 -26.47 29.49 69.34
N ILE U 147 -26.17 30.69 69.86
CA ILE U 147 -25.17 30.86 70.90
C ILE U 147 -25.55 32.08 71.74
N ARG U 148 -25.01 32.11 72.97
CA ARG U 148 -25.29 33.17 73.93
C ARG U 148 -23.96 33.85 74.28
N VAL U 149 -23.59 34.85 73.49
CA VAL U 149 -22.34 35.57 73.65
C VAL U 149 -22.58 37.03 73.29
N THR U 150 -21.63 37.89 73.64
CA THR U 150 -21.78 39.32 73.36
C THR U 150 -20.48 39.99 72.88
N GLU U 151 -19.49 39.23 72.43
CA GLU U 151 -18.27 39.79 71.87
C GLU U 151 -17.75 38.90 70.76
N GLY U 152 -17.26 39.51 69.69
CA GLY U 152 -16.69 38.77 68.58
C GLY U 152 -15.39 39.37 68.11
N SER U 153 -15.05 39.15 66.84
CA SER U 153 -13.80 39.68 66.28
C SER U 153 -13.87 39.58 64.77
N LEU U 154 -13.50 40.67 64.09
CA LEU U 154 -13.48 40.68 62.64
C LEU U 154 -12.52 39.60 62.11
N VAL U 155 -12.97 38.88 61.08
CA VAL U 155 -12.14 37.82 60.50
C VAL U 155 -11.33 38.31 59.32
N THR U 156 -11.83 39.31 58.58
CA THR U 156 -11.14 39.85 57.41
C THR U 156 -10.80 41.30 57.69
N PRO U 157 -9.59 41.60 58.18
CA PRO U 157 -9.29 42.97 58.59
C PRO U 157 -9.40 43.95 57.42
N VAL U 158 -9.92 45.14 57.73
CA VAL U 158 -10.01 46.23 56.76
C VAL U 158 -9.44 47.47 57.42
N PRO U 159 -8.62 48.28 56.74
CA PRO U 159 -8.04 49.45 57.39
C PRO U 159 -9.13 50.42 57.85
N GLY U 160 -8.90 51.03 59.02
CA GLY U 160 -9.81 52.02 59.55
C GLY U 160 -10.99 51.47 60.32
N ILE U 161 -11.09 50.15 60.48
CA ILE U 161 -12.18 49.52 61.21
C ILE U 161 -11.59 48.80 62.41
N SER U 162 -12.17 49.03 63.58
CA SER U 162 -11.65 48.43 64.80
C SER U 162 -11.60 46.91 64.67
N SER U 163 -10.49 46.32 65.13
CA SER U 163 -10.31 44.88 65.05
C SER U 163 -11.28 44.11 65.95
N ALA U 164 -11.96 44.79 66.87
CA ALA U 164 -12.93 44.17 67.76
C ALA U 164 -14.34 44.54 67.34
N VAL U 165 -15.26 43.59 67.49
CA VAL U 165 -16.66 43.78 67.11
C VAL U 165 -17.53 43.17 68.19
N THR U 166 -18.64 43.83 68.47
CA THR U 166 -19.58 43.39 69.51
C THR U 166 -20.97 43.27 68.92
N ALA U 167 -21.74 42.32 69.46
CA ALA U 167 -23.12 42.12 69.07
C ALA U 167 -24.03 42.99 69.93
N TYR U 168 -25.33 42.88 69.68
CA TYR U 168 -26.30 43.62 70.48
C TYR U 168 -26.51 42.93 71.82
N GLY U 169 -27.32 43.59 72.67
CA GLY U 169 -27.55 43.05 74.01
C GLY U 169 -28.07 41.62 73.99
N GLY U 170 -28.81 41.26 72.96
CA GLY U 170 -29.28 39.89 72.82
C GLY U 170 -28.21 38.98 72.25
N ASN U 171 -28.61 38.08 71.37
CA ASN U 171 -27.67 37.15 70.75
C ASN U 171 -28.30 36.58 69.49
N PHE U 172 -27.52 35.80 68.76
CA PHE U 172 -27.98 35.18 67.53
C PHE U 172 -28.71 33.87 67.85
N CYS U 173 -29.85 33.68 67.22
CA CYS U 173 -30.65 32.47 67.39
C CYS U 173 -31.68 32.42 66.27
N GLY U 174 -32.52 31.39 66.32
CA GLY U 174 -33.53 31.17 65.31
C GLY U 174 -33.19 30.10 64.30
N GLY U 175 -31.93 29.69 64.20
CA GLY U 175 -31.56 28.62 63.30
C GLY U 175 -32.11 27.28 63.76
N ASP U 176 -32.38 26.41 62.79
CA ASP U 176 -32.92 25.10 63.09
C ASP U 176 -32.66 24.17 61.90
N ASP U 177 -32.73 22.88 62.16
CA ASP U 177 -32.49 21.87 61.14
C ASP U 177 -33.78 21.59 60.35
N ALA U 178 -33.63 20.85 59.25
CA ALA U 178 -34.75 20.52 58.39
C ALA U 178 -35.75 19.63 59.12
N GLU U 179 -36.87 19.33 58.47
CA GLU U 179 -37.91 18.47 59.04
C GLU U 179 -37.84 17.11 58.39
N GLU U 180 -37.86 16.06 59.21
CA GLU U 180 -37.75 14.70 58.72
C GLU U 180 -39.11 14.24 58.18
N CYS U 181 -39.23 12.95 57.87
CA CYS U 181 -40.47 12.43 57.30
C CYS U 181 -41.50 12.17 58.38
N GLU U 182 -41.13 11.42 59.42
CA GLU U 182 -42.11 11.07 60.45
C GLU U 182 -42.69 12.28 61.14
N PRO U 183 -41.90 13.27 61.60
CA PRO U 183 -42.52 14.46 62.18
C PRO U 183 -43.46 15.17 61.22
N PHE U 184 -43.14 15.16 59.92
CA PHE U 184 -44.05 15.75 58.94
C PHE U 184 -45.37 14.98 58.88
N ARG U 185 -45.30 13.64 58.93
CA ARG U 185 -46.51 12.84 58.80
C ARG U 185 -47.50 13.15 59.91
N THR U 186 -47.02 13.22 61.15
CA THR U 186 -47.91 13.50 62.27
C THR U 186 -48.51 14.90 62.14
N ARG U 187 -47.72 15.87 61.69
CA ARG U 187 -48.24 17.22 61.52
C ARG U 187 -49.36 17.24 60.48
N TYR U 188 -49.14 16.56 59.35
CA TYR U 188 -50.16 16.52 58.31
C TYR U 188 -51.43 15.84 58.82
N LEU U 189 -51.28 14.72 59.53
CA LEU U 189 -52.46 14.02 60.03
C LEU U 189 -53.25 14.88 61.00
N GLN U 190 -52.54 15.60 61.87
CA GLN U 190 -53.23 16.46 62.84
C GLN U 190 -54.13 17.47 62.14
N ARG U 191 -53.68 18.01 61.02
CA ARG U 191 -54.51 18.96 60.28
C ARG U 191 -55.75 18.29 59.72
N LEU U 192 -55.63 17.05 59.24
CA LEU U 192 -56.76 16.40 58.60
C LEU U 192 -57.79 15.92 59.62
N GLN U 193 -57.35 15.59 60.84
CA GLN U 193 -58.24 15.00 61.83
C GLN U 193 -59.32 15.99 62.28
N TYR U 194 -60.24 15.53 63.11
CA TYR U 194 -61.21 16.38 63.79
C TYR U 194 -60.68 16.75 65.17
N GLU U 195 -60.48 18.05 65.39
CA GLU U 195 -59.99 18.56 66.66
C GLU U 195 -60.93 19.67 67.12
N PRO U 196 -61.51 19.57 68.32
CA PRO U 196 -62.28 20.70 68.85
C PRO U 196 -61.37 21.87 69.18
N ARG U 197 -61.97 23.05 69.19
CA ARG U 197 -61.29 24.30 69.54
C ARG U 197 -59.93 24.40 68.83
N LEU U 198 -59.99 24.36 67.49
CA LEU U 198 -58.78 24.53 66.70
C LEU U 198 -58.24 25.95 66.76
N THR U 199 -59.06 26.92 67.18
CA THR U 199 -58.57 28.29 67.32
C THR U 199 -57.43 28.34 68.32
N VAL U 200 -57.55 27.61 69.43
CA VAL U 200 -56.46 27.52 70.38
C VAL U 200 -55.23 26.90 69.73
N GLU U 201 -55.43 25.82 68.97
CA GLU U 201 -54.31 25.17 68.29
C GLU U 201 -53.66 26.11 67.28
N TRP U 202 -54.49 26.86 66.54
CA TRP U 202 -53.93 27.78 65.54
C TRP U 202 -53.05 28.83 66.19
N LEU U 203 -53.51 29.40 67.31
CA LEU U 203 -52.72 30.42 68.00
C LEU U 203 -51.42 29.82 68.54
N LYS U 204 -51.50 28.64 69.14
CA LYS U 204 -50.30 28.02 69.70
C LYS U 204 -49.27 27.77 68.62
N SER U 205 -49.70 27.26 67.46
CA SER U 205 -48.77 27.06 66.35
C SER U 205 -48.20 28.38 65.87
N LYS U 206 -49.03 29.41 65.77
CA LYS U 206 -48.57 30.69 65.27
C LYS U 206 -47.51 31.29 66.19
N ALA U 207 -47.72 31.21 67.51
CA ALA U 207 -46.79 31.82 68.45
C ALA U 207 -45.38 31.24 68.31
N MET U 208 -45.25 30.03 67.78
CA MET U 208 -43.93 29.44 67.61
C MET U 208 -43.11 30.13 66.52
N GLU U 209 -43.72 31.00 65.72
CA GLU U 209 -43.00 31.72 64.69
C GLU U 209 -42.35 33.00 65.19
N TRP U 210 -42.68 33.43 66.40
CA TRP U 210 -42.02 34.60 66.96
C TRP U 210 -40.56 34.29 67.23
N PRO U 211 -39.64 35.22 66.91
CA PRO U 211 -38.22 34.91 67.07
C PRO U 211 -37.87 34.55 68.51
N CYS U 212 -36.93 33.61 68.65
CA CYS U 212 -36.33 33.17 69.91
C CYS U 212 -37.23 32.19 70.67
N VAL U 213 -38.43 31.90 70.19
CA VAL U 213 -39.33 30.98 70.90
C VAL U 213 -38.92 29.54 70.58
N THR U 214 -39.05 28.67 71.57
CA THR U 214 -38.60 27.29 71.42
C THR U 214 -39.71 26.29 71.72
N ASP U 215 -40.57 26.59 72.69
CA ASP U 215 -41.61 25.67 73.09
C ASP U 215 -42.88 26.44 73.43
N VAL U 216 -44.01 25.74 73.33
CA VAL U 216 -45.32 26.28 73.69
C VAL U 216 -46.01 25.26 74.57
N PHE U 217 -46.37 25.65 75.78
CA PHE U 217 -46.99 24.76 76.76
C PHE U 217 -48.37 25.28 77.12
N ASP U 218 -49.35 24.39 77.16
CA ASP U 218 -50.69 24.75 77.59
C ASP U 218 -50.72 24.92 79.11
N LEU U 219 -51.81 25.51 79.60
CA LEU U 219 -51.97 25.70 81.04
C LEU U 219 -51.87 24.38 81.77
N GLY U 220 -51.08 24.36 82.85
CA GLY U 220 -50.82 23.15 83.58
C GLY U 220 -52.01 22.69 84.40
N PRO U 221 -51.99 21.43 84.85
CA PRO U 221 -53.11 20.92 85.64
C PRO U 221 -53.34 21.69 86.93
N ASN U 222 -52.28 22.19 87.57
CA ASN U 222 -52.44 22.94 88.80
C ASN U 222 -53.15 24.27 88.61
N CYS U 223 -53.33 24.72 87.37
CA CYS U 223 -53.95 26.00 87.09
C CYS U 223 -55.47 25.94 87.09
N CYS U 224 -56.06 24.76 87.25
CA CYS U 224 -57.51 24.65 87.32
C CYS U 224 -58.04 25.38 88.56
N SER U 225 -59.21 25.99 88.41
CA SER U 225 -59.82 26.74 89.49
C SER U 225 -61.30 26.38 89.57
N VAL U 226 -61.83 26.42 90.79
CA VAL U 226 -63.22 26.08 91.06
C VAL U 226 -63.81 27.18 91.94
N ASN U 227 -65.02 27.64 91.58
CA ASN U 227 -65.66 28.70 92.32
C ASN U 227 -66.20 28.17 93.66
N ALA U 228 -66.83 29.06 94.43
CA ALA U 228 -67.33 28.68 95.74
C ALA U 228 -68.46 27.65 95.65
N LEU U 229 -69.03 27.45 94.47
CA LEU U 229 -70.11 26.47 94.29
C LEU U 229 -69.60 25.06 94.09
N GLY U 230 -68.28 24.85 94.11
CA GLY U 230 -67.74 23.53 93.88
C GLY U 230 -67.95 23.01 92.47
N GLU U 231 -67.88 23.90 91.48
CA GLU U 231 -68.05 23.52 90.07
C GLU U 231 -66.86 24.04 89.29
N VAL U 232 -66.28 23.18 88.45
CA VAL U 232 -65.13 23.58 87.65
C VAL U 232 -65.52 24.74 86.74
N GLU U 233 -64.60 25.69 86.58
CA GLU U 233 -64.86 26.91 85.82
C GLU U 233 -64.05 26.89 84.54
N CYS U 234 -64.73 27.10 83.41
CA CYS U 234 -64.09 27.12 82.10
C CYS U 234 -64.03 28.56 81.59
N PRO U 235 -62.85 29.16 81.45
CA PRO U 235 -62.79 30.54 80.96
C PRO U 235 -62.99 30.61 79.45
N ASN U 236 -63.30 31.84 79.00
CA ASN U 236 -63.52 32.11 77.58
C ASN U 236 -62.32 32.79 76.92
N ASN U 237 -61.23 32.99 77.64
CA ASN U 237 -60.03 33.56 77.08
C ASN U 237 -59.10 32.45 76.58
N ILE U 238 -57.95 32.85 76.04
CA ILE U 238 -56.94 31.91 75.55
C ILE U 238 -55.60 32.31 76.15
N GLU U 239 -54.92 31.35 76.77
CA GLU U 239 -53.64 31.61 77.40
C GLU U 239 -52.77 30.36 77.32
N PHE U 240 -51.46 30.57 77.40
CA PHE U 240 -50.50 29.48 77.39
C PHE U 240 -49.13 30.05 77.71
N TYR U 241 -48.16 29.15 77.91
CA TYR U 241 -46.80 29.52 78.25
C TYR U 241 -45.88 29.39 77.05
N VAL U 242 -44.76 30.11 77.11
CA VAL U 242 -43.73 30.05 76.08
C VAL U 242 -42.38 30.11 76.79
N LEU U 243 -41.42 29.33 76.29
CA LEU U 243 -40.09 29.25 76.87
C LEU U 243 -39.03 29.64 75.84
N PHE U 244 -37.88 30.10 76.34
CA PHE U 244 -36.79 30.57 75.51
C PHE U 244 -35.50 29.84 75.88
N ARG U 245 -35.57 28.51 75.94
CA ARG U 245 -34.48 27.71 76.50
C ARG U 245 -33.11 28.06 75.92
N ASP U 246 -33.06 28.66 74.74
CA ASP U 246 -31.79 28.97 74.09
C ASP U 246 -31.37 30.43 74.24
N THR U 247 -32.12 31.22 74.99
CA THR U 247 -31.80 32.63 75.15
C THR U 247 -31.71 33.08 76.60
N PHE U 248 -32.54 32.54 77.48
CA PHE U 248 -32.59 32.97 78.87
C PHE U 248 -32.27 31.81 79.79
N ASP U 249 -31.78 32.14 80.99
CA ASP U 249 -31.44 31.13 81.97
C ASP U 249 -32.68 30.34 82.35
N CYS U 250 -32.64 29.03 82.10
CA CYS U 250 -33.73 28.09 82.34
C CYS U 250 -34.89 28.27 81.38
N GLY U 251 -34.79 29.20 80.42
CA GLY U 251 -35.83 29.39 79.44
C GLY U 251 -36.97 30.29 79.86
N LEU U 252 -36.89 30.93 81.02
CA LEU U 252 -37.93 31.83 81.51
C LEU U 252 -37.56 33.26 81.17
N ALA U 253 -38.46 33.95 80.49
CA ALA U 253 -38.23 35.31 80.04
C ALA U 253 -38.94 36.31 80.96
N PRO U 254 -38.48 37.55 80.99
CA PRO U 254 -39.15 38.56 81.84
C PRO U 254 -40.50 38.94 81.27
N GLN U 255 -41.27 39.66 82.10
CA GLN U 255 -42.62 40.03 81.70
C GLN U 255 -42.63 40.93 80.48
N CYS U 256 -41.69 41.87 80.40
CA CYS U 256 -41.69 42.82 79.30
C CYS U 256 -41.61 42.13 77.95
N VAL U 257 -40.90 40.99 77.87
CA VAL U 257 -40.75 40.30 76.60
C VAL U 257 -42.08 39.72 76.14
N VAL U 258 -42.80 39.05 77.03
CA VAL U 258 -44.06 38.43 76.64
C VAL U 258 -45.15 39.46 76.37
N ASP U 259 -45.06 40.66 76.96
CA ASP U 259 -46.06 41.67 76.69
C ASP U 259 -46.08 42.06 75.22
N GLU U 260 -44.90 42.18 74.60
CA GLU U 260 -44.84 42.51 73.18
C GLU U 260 -45.52 41.43 72.34
N ILE U 261 -45.28 40.16 72.68
CA ILE U 261 -45.88 39.07 71.92
C ILE U 261 -47.40 39.13 72.02
N THR U 262 -47.93 39.38 73.21
CA THR U 262 -49.37 39.41 73.39
C THR U 262 -50.01 40.48 72.52
N ASP U 263 -49.41 41.67 72.48
CA ASP U 263 -49.97 42.76 71.68
C ASP U 263 -50.01 42.38 70.20
N TRP U 264 -48.92 41.82 69.69
CA TRP U 264 -48.87 41.43 68.28
C TRP U 264 -49.90 40.35 67.98
N LEU U 265 -50.05 39.38 68.88
CA LEU U 265 -50.91 38.24 68.60
C LEU U 265 -52.39 38.63 68.63
N PHE U 266 -52.79 39.44 69.62
CA PHE U 266 -54.20 39.75 69.82
C PHE U 266 -54.56 41.19 69.48
N GLY U 267 -53.61 42.11 69.47
CA GLY U 267 -53.86 43.49 69.11
C GLY U 267 -53.80 44.41 70.32
N SER U 268 -54.14 45.66 70.08
CA SER U 268 -54.13 46.70 71.11
C SER U 268 -55.12 47.80 70.76
N PRO U 269 -56.32 47.82 71.37
CA PRO U 269 -56.82 46.88 72.39
C PRO U 269 -57.14 45.51 71.81
N GLN U 270 -57.13 44.49 72.67
CA GLN U 270 -57.34 43.13 72.22
C GLN U 270 -58.80 42.91 71.81
N GLY U 271 -59.00 41.99 70.86
CA GLY U 271 -60.31 41.57 70.45
C GLY U 271 -60.86 42.24 69.21
N LEU U 272 -60.23 43.33 68.76
CA LEU U 272 -60.70 44.06 67.59
C LEU U 272 -60.11 43.54 66.29
N GLY U 273 -59.30 42.48 66.34
CA GLY U 273 -58.74 41.91 65.13
C GLY U 273 -57.56 42.66 64.56
N GLN U 274 -57.04 43.67 65.27
CA GLN U 274 -55.88 44.40 64.78
C GLN U 274 -54.63 43.53 64.73
N GLY U 275 -54.59 42.46 65.52
CA GLY U 275 -53.47 41.53 65.53
C GLY U 275 -53.68 40.37 64.58
N GLU U 276 -52.96 39.28 64.86
CA GLU U 276 -53.06 38.09 64.03
C GLU U 276 -54.36 37.33 64.28
N ALA U 277 -54.89 37.41 65.49
CA ALA U 277 -56.09 36.65 65.83
C ALA U 277 -57.30 37.19 65.07
N GLU U 278 -58.32 36.34 64.98
CA GLU U 278 -59.56 36.73 64.31
C GLU U 278 -60.28 37.80 65.13
N PHE U 279 -61.40 38.28 64.60
CA PHE U 279 -62.18 39.27 65.32
C PHE U 279 -62.84 38.64 66.55
N GLY U 280 -62.98 39.44 67.61
CA GLY U 280 -63.62 38.98 68.81
C GLY U 280 -62.90 37.85 69.51
N ILE U 281 -61.57 37.95 69.62
CA ILE U 281 -60.76 36.96 70.31
C ILE U 281 -59.92 37.68 71.35
N CYS U 282 -60.04 37.28 72.61
CA CYS U 282 -59.33 37.89 73.72
C CYS U 282 -58.44 36.84 74.38
N GLY U 283 -57.20 37.22 74.69
CA GLY U 283 -56.28 36.28 75.27
C GLY U 283 -55.10 36.97 75.93
N LYS U 284 -54.16 36.16 76.41
CA LYS U 284 -52.99 36.65 77.11
C LYS U 284 -51.94 35.55 77.16
N VAL U 285 -50.68 35.92 76.90
CA VAL U 285 -49.57 34.98 76.92
C VAL U 285 -48.83 35.17 78.24
N ARG U 286 -48.55 34.07 78.93
CA ARG U 286 -48.00 34.09 80.28
C ARG U 286 -46.51 33.77 80.27
N THR U 287 -45.89 33.97 81.43
CA THR U 287 -44.53 33.53 81.69
C THR U 287 -44.52 32.70 82.98
N ALA U 288 -43.34 32.37 83.49
CA ALA U 288 -43.25 31.56 84.70
C ALA U 288 -42.04 31.98 85.51
N THR U 289 -42.04 31.57 86.78
CA THR U 289 -40.96 31.86 87.71
C THR U 289 -40.28 30.56 88.12
N ALA U 290 -38.98 30.64 88.38
CA ALA U 290 -38.17 29.45 88.61
C ALA U 290 -38.11 29.10 90.10
N VAL U 291 -38.20 27.81 90.38
CA VAL U 291 -37.94 27.26 91.72
C VAL U 291 -36.85 26.21 91.58
N ASN U 292 -35.80 26.35 92.38
CA ASN U 292 -34.64 25.48 92.27
C ASN U 292 -34.89 24.15 92.95
N LEU U 293 -34.12 23.15 92.55
CA LEU U 293 -34.24 21.81 93.11
C LEU U 293 -32.89 21.10 93.00
N ASP U 294 -32.60 20.27 94.00
CA ASP U 294 -31.43 19.40 93.99
C ASP U 294 -31.89 17.95 93.98
N ILE U 295 -31.27 17.15 93.13
CA ILE U 295 -31.65 15.75 92.93
C ILE U 295 -30.48 14.87 93.31
N TYR U 296 -30.72 13.88 94.15
CA TYR U 296 -29.69 12.95 94.63
C TYR U 296 -30.03 11.56 94.14
N LEU U 297 -29.08 10.94 93.43
CA LEU U 297 -29.21 9.57 92.96
C LEU U 297 -28.47 8.65 93.91
N ASN U 298 -29.15 7.60 94.36
CA ASN U 298 -28.62 6.70 95.37
C ASN U 298 -28.57 5.28 94.83
N GLY U 299 -27.55 4.54 95.26
CA GLY U 299 -27.41 3.15 94.86
C GLY U 299 -27.00 2.93 93.43
N LEU U 300 -26.26 3.87 92.85
CA LEU U 300 -25.81 3.78 91.47
C LEU U 300 -24.35 3.34 91.35
N SER U 301 -23.70 3.03 92.46
CA SER U 301 -22.30 2.63 92.41
C SER U 301 -22.12 1.22 91.87
N CYS U 302 -23.11 0.36 92.04
CA CYS U 302 -23.01 -1.02 91.57
C CYS U 302 -23.12 -1.14 90.06
N ALA U 303 -23.50 -0.07 89.36
CA ALA U 303 -23.69 -0.11 87.92
C ALA U 303 -22.39 0.22 87.20
N THR U 304 -22.29 -0.26 85.96
CA THR U 304 -21.12 0.03 85.15
C THR U 304 -21.08 1.52 84.81
N PRO U 305 -19.89 2.07 84.56
CA PRO U 305 -19.81 3.52 84.31
C PRO U 305 -20.69 3.98 83.15
N ALA U 306 -20.83 3.17 82.12
CA ALA U 306 -21.68 3.56 81.00
C ALA U 306 -23.13 3.75 81.46
N GLN U 307 -23.63 2.84 82.28
CA GLN U 307 -25.00 2.97 82.78
C GLN U 307 -25.17 4.23 83.61
N ALA U 308 -24.19 4.55 84.45
CA ALA U 308 -24.29 5.73 85.29
C ALA U 308 -24.35 7.00 84.45
N ARG U 309 -23.54 7.06 83.38
CA ARG U 309 -23.49 8.26 82.56
C ARG U 309 -24.82 8.50 81.86
N VAL U 310 -25.40 7.45 81.26
CA VAL U 310 -26.63 7.63 80.50
C VAL U 310 -27.80 7.93 81.43
N VAL U 311 -27.85 7.26 82.58
CA VAL U 311 -28.94 7.48 83.51
C VAL U 311 -28.95 8.92 83.99
N GLU U 312 -27.77 9.46 84.30
CA GLU U 312 -27.69 10.87 84.70
C GLU U 312 -28.14 11.77 83.56
N GLN U 313 -27.76 11.45 82.32
CA GLN U 313 -28.13 12.29 81.19
C GLN U 313 -29.65 12.30 80.99
N ARG U 314 -30.28 11.14 81.05
CA ARG U 314 -31.71 11.05 80.79
C ARG U 314 -32.51 11.88 81.79
N ILE U 315 -32.16 11.78 83.08
CA ILE U 315 -32.88 12.53 84.10
C ILE U 315 -32.70 14.03 83.88
N THR U 316 -31.48 14.45 83.54
CA THR U 316 -31.23 15.88 83.32
C THR U 316 -32.12 16.42 82.22
N ASP U 317 -32.22 15.68 81.11
CA ASP U 317 -33.08 16.13 80.01
C ASP U 317 -34.53 16.17 80.43
N PHE U 318 -34.98 15.17 81.19
CA PHE U 318 -36.39 15.11 81.59
C PHE U 318 -36.78 16.33 82.41
N ILE U 319 -35.93 16.72 83.36
CA ILE U 319 -36.23 17.88 84.19
C ILE U 319 -36.19 19.15 83.37
N ASN U 320 -35.23 19.25 82.44
CA ASN U 320 -35.06 20.49 81.69
C ASN U 320 -36.30 20.83 80.88
N ARG U 321 -36.91 19.83 80.26
CA ARG U 321 -38.05 20.03 79.37
C ARG U 321 -39.38 19.99 80.10
N HIS U 322 -39.38 19.87 81.42
CA HIS U 322 -40.63 19.73 82.14
C HIS U 322 -41.49 20.98 81.96
N PRO U 323 -42.81 20.83 81.84
CA PRO U 323 -43.67 22.00 81.65
C PRO U 323 -43.83 22.76 82.95
N PRO U 324 -44.27 24.02 82.88
CA PRO U 324 -44.55 24.77 84.11
C PRO U 324 -45.86 24.34 84.76
N SER U 325 -45.97 24.64 86.05
CA SER U 325 -47.18 24.37 86.82
C SER U 325 -47.57 22.90 86.76
N THR U 326 -46.58 22.02 86.86
CA THR U 326 -46.80 20.59 86.88
C THR U 326 -45.97 19.97 88.00
N ASN U 327 -46.56 18.99 88.69
CA ASN U 327 -45.87 18.35 89.80
C ASN U 327 -44.66 17.57 89.30
N LEU U 328 -43.65 17.46 90.17
CA LEU U 328 -42.47 16.64 89.91
C LEU U 328 -42.45 15.53 90.96
N THR U 329 -42.62 14.30 90.51
CA THR U 329 -42.78 13.16 91.39
C THR U 329 -41.54 12.27 91.35
N VAL U 330 -41.22 11.66 92.49
CA VAL U 330 -40.10 10.74 92.57
C VAL U 330 -40.32 9.54 91.66
N GLU U 331 -41.57 9.14 91.46
CA GLU U 331 -41.85 7.98 90.63
C GLU U 331 -41.36 8.18 89.19
N GLN U 332 -41.59 9.37 88.64
CA GLN U 332 -41.18 9.62 87.25
C GLN U 332 -39.68 9.43 87.08
N LEU U 333 -38.89 10.08 87.95
CA LEU U 333 -37.44 9.96 87.82
C LEU U 333 -36.98 8.54 88.09
N ARG U 334 -37.56 7.87 89.09
CA ARG U 334 -37.20 6.49 89.37
C ARG U 334 -37.51 5.59 88.19
N PHE U 335 -38.67 5.77 87.57
CA PHE U 335 -39.04 4.93 86.43
C PHE U 335 -38.08 5.12 85.27
N ILE U 336 -37.70 6.36 84.98
CA ILE U 336 -36.83 6.62 83.83
C ILE U 336 -35.50 5.88 83.98
N GLY U 337 -34.86 6.04 85.14
CA GLY U 337 -33.62 5.33 85.37
C GLY U 337 -33.81 3.83 85.46
N LEU U 338 -34.87 3.39 86.14
CA LEU U 338 -35.11 1.96 86.28
C LEU U 338 -35.32 1.31 84.92
N GLN U 339 -35.87 2.05 83.95
CA GLN U 339 -36.07 1.50 82.62
C GLN U 339 -34.76 1.11 81.94
N VAL U 340 -33.65 1.71 82.36
CA VAL U 340 -32.35 1.40 81.77
C VAL U 340 -31.61 0.34 82.58
N LEU U 341 -31.54 0.54 83.90
CA LEU U 341 -30.80 -0.39 84.75
C LEU U 341 -31.42 -1.78 84.73
N GLY U 342 -32.74 -1.84 84.81
CA GLY U 342 -33.44 -3.11 84.93
C GLY U 342 -34.44 -3.10 86.06
N SER U 343 -35.56 -3.78 85.88
CA SER U 343 -36.63 -3.73 86.87
C SER U 343 -36.21 -4.29 88.22
N SER U 344 -35.16 -5.11 88.26
CA SER U 344 -34.72 -5.73 89.50
C SER U 344 -33.63 -4.92 90.22
N PHE U 345 -33.15 -3.84 89.62
CA PHE U 345 -32.08 -3.06 90.23
C PHE U 345 -32.58 -2.30 91.45
N ALA U 346 -31.66 -2.01 92.35
CA ALA U 346 -31.94 -1.22 93.56
C ALA U 346 -31.56 0.23 93.27
N PHE U 347 -32.56 1.02 92.87
CA PHE U 347 -32.35 2.40 92.48
C PHE U 347 -33.33 3.28 93.24
N ASP U 348 -32.83 4.37 93.82
CA ASP U 348 -33.66 5.27 94.59
C ASP U 348 -33.18 6.70 94.37
N VAL U 349 -34.13 7.64 94.33
CA VAL U 349 -33.83 9.05 94.09
C VAL U 349 -34.60 9.89 95.10
N ALA U 350 -34.05 11.05 95.42
CA ALA U 350 -34.67 11.98 96.36
C ALA U 350 -34.47 13.40 95.87
N ILE U 351 -35.36 14.29 96.30
CA ILE U 351 -35.37 15.69 95.88
C ILE U 351 -35.33 16.57 97.11
N ARG U 352 -34.48 17.59 97.08
CA ARG U 352 -34.35 18.53 98.19
C ARG U 352 -34.01 19.90 97.64
N SER U 353 -34.32 20.92 98.42
CA SER U 353 -34.07 22.30 98.03
C SER U 353 -32.65 22.72 98.42
N PRO U 354 -32.09 23.73 97.75
CA PRO U 354 -30.74 24.18 98.11
C PRO U 354 -30.71 24.70 99.54
N GLY U 355 -29.79 24.16 100.34
CA GLY U 355 -29.66 24.56 101.73
C GLY U 355 -30.88 24.24 102.55
N ASP U 356 -31.76 23.39 102.02
CA ASP U 356 -32.98 22.99 102.71
C ASP U 356 -33.83 24.19 103.10
N ALA U 357 -33.68 25.30 102.38
CA ALA U 357 -34.44 26.50 102.66
C ALA U 357 -35.81 26.43 102.00
N SER U 358 -36.70 27.32 102.46
CA SER U 358 -38.04 27.42 101.90
C SER U 358 -38.07 28.41 100.74
N GLN U 359 -38.98 28.17 99.81
CA GLN U 359 -39.11 29.01 98.62
C GLN U 359 -40.59 29.27 98.36
N SER U 360 -40.86 30.21 97.45
CA SER U 360 -42.22 30.57 97.11
C SER U 360 -42.76 29.62 96.06
N GLY U 361 -43.98 29.13 96.27
CA GLY U 361 -44.63 28.25 95.32
C GLY U 361 -44.13 26.83 95.33
N LEU U 362 -43.40 26.42 96.37
CA LEU U 362 -42.86 25.07 96.48
C LEU U 362 -43.37 24.44 97.77
N ARG U 363 -43.84 23.21 97.68
CA ARG U 363 -44.36 22.49 98.84
C ARG U 363 -44.08 21.01 98.67
N PHE U 364 -43.68 20.35 99.75
CA PHE U 364 -43.37 18.93 99.76
C PHE U 364 -44.51 18.16 100.42
N ASN U 365 -44.96 17.10 99.77
CA ASN U 365 -45.97 16.22 100.33
C ASN U 365 -45.30 15.03 101.02
N ALA U 366 -46.12 14.20 101.67
CA ALA U 366 -45.58 13.09 102.44
C ALA U 366 -44.80 12.12 101.56
N CYS U 367 -45.34 11.81 100.38
CA CYS U 367 -44.70 10.83 99.51
C CYS U 367 -43.36 11.29 98.96
N GLY U 368 -43.02 12.57 99.11
CA GLY U 368 -41.77 13.09 98.62
C GLY U 368 -41.85 13.88 97.34
N ASP U 369 -43.04 14.06 96.77
CA ASP U 369 -43.19 14.86 95.57
C ASP U 369 -42.99 16.34 95.89
N ALA U 370 -42.63 17.09 94.86
CA ALA U 370 -42.40 18.53 94.98
C ALA U 370 -43.55 19.23 94.26
N GLU U 371 -44.64 19.46 94.99
CA GLU U 371 -45.79 20.15 94.42
C GLU U 371 -45.41 21.59 94.07
N ILE U 372 -45.92 22.07 92.93
CA ILE U 372 -45.59 23.38 92.40
C ILE U 372 -46.87 24.12 92.07
N ASP U 373 -46.90 25.41 92.42
CA ASP U 373 -48.09 26.24 92.22
C ASP U 373 -48.14 26.75 90.78
N CYS U 374 -49.17 27.55 90.48
CA CYS U 374 -49.31 28.11 89.16
C CYS U 374 -48.22 29.14 88.87
N ASP U 375 -47.89 29.29 87.59
CA ASP U 375 -46.84 30.22 87.16
C ASP U 375 -45.53 29.91 87.88
N TYR U 376 -45.16 28.63 87.89
CA TYR U 376 -43.91 28.19 88.49
C TYR U 376 -43.43 26.96 87.76
N LYS U 377 -42.12 26.93 87.47
CA LYS U 377 -41.51 25.84 86.73
C LYS U 377 -40.33 25.31 87.53
N ALA U 378 -40.19 23.98 87.56
CA ALA U 378 -39.07 23.35 88.25
C ALA U 378 -37.81 23.51 87.41
N CYS U 379 -36.83 24.22 87.95
CA CYS U 379 -35.57 24.49 87.27
C CYS U 379 -34.48 23.69 87.96
N LEU U 380 -33.79 22.84 87.19
CA LEU U 380 -32.74 22.02 87.76
C LEU U 380 -31.58 22.89 88.24
N ASN U 381 -31.06 22.56 89.42
CA ASN U 381 -29.93 23.26 90.00
C ASN U 381 -28.63 22.46 89.91
N SER U 382 -28.67 21.20 90.33
CA SER U 382 -27.50 20.34 90.27
C SER U 382 -27.94 18.89 90.40
N VAL U 383 -27.18 18.00 89.79
CA VAL U 383 -27.40 16.56 89.88
C VAL U 383 -26.18 15.95 90.56
N GLN U 384 -26.39 15.31 91.69
CA GLN U 384 -25.32 14.71 92.47
C GLN U 384 -25.63 13.24 92.70
N VAL U 385 -24.64 12.39 92.45
CA VAL U 385 -24.75 10.95 92.66
C VAL U 385 -23.95 10.63 93.92
N ILE U 386 -24.64 10.44 95.04
CA ILE U 386 -23.95 10.16 96.28
C ILE U 386 -23.10 8.91 96.12
N ASN U 387 -22.04 8.83 96.93
CA ASN U 387 -21.01 7.82 96.78
C ASN U 387 -21.04 6.84 97.95
N ASN U 388 -20.85 5.56 97.64
CA ASN U 388 -20.68 4.52 98.63
C ASN U 388 -19.73 3.47 98.02
N ASN U 389 -19.66 2.30 98.63
CA ASN U 389 -18.73 1.27 98.19
C ASN U 389 -19.44 -0.08 98.11
N VAL U 390 -19.29 -0.76 96.97
CA VAL U 390 -19.89 -2.07 96.75
C VAL U 390 -19.03 -2.83 95.75
N THR U 391 -19.19 -4.15 95.75
CA THR U 391 -18.58 -5.10 94.83
C THR U 391 -17.11 -5.36 95.14
N THR U 392 -16.52 -4.67 96.12
CA THR U 392 -15.14 -4.93 96.49
C THR U 392 -14.99 -6.35 97.03
N ALA V 2 4.52 -51.92 65.47
CA ALA V 2 3.74 -50.68 65.54
C ALA V 2 2.72 -50.63 64.40
N CYS V 3 2.96 -51.42 63.36
CA CYS V 3 2.06 -51.44 62.22
C CYS V 3 0.65 -51.86 62.66
N THR V 4 -0.35 -51.17 62.13
CA THR V 4 -1.74 -51.53 62.41
C THR V 4 -2.28 -52.54 61.41
N ILE V 5 -1.86 -52.47 60.15
CA ILE V 5 -2.25 -53.44 59.13
C ILE V 5 -1.19 -54.53 59.15
N GLN V 6 -1.47 -55.64 59.82
CA GLN V 6 -0.49 -56.70 59.95
C GLN V 6 -0.07 -57.21 58.57
N ARG V 7 1.24 -57.28 58.36
CA ARG V 7 1.81 -57.70 57.08
C ARG V 7 2.49 -59.04 57.25
N PRO V 8 2.04 -60.11 56.59
CA PRO V 8 2.72 -61.40 56.74
C PRO V 8 4.19 -61.31 56.35
N GLU V 9 4.91 -62.38 56.64
CA GLU V 9 6.34 -62.38 56.39
C GLU V 9 6.60 -62.23 54.88
N PRO V 10 7.67 -61.54 54.49
CA PRO V 10 7.90 -61.36 53.04
C PRO V 10 8.02 -62.67 52.28
N GLN V 11 8.63 -63.69 52.89
CA GLN V 11 8.76 -64.97 52.21
C GLN V 11 7.39 -65.58 51.90
N ALA V 12 6.46 -65.49 52.86
CA ALA V 12 5.12 -66.01 52.63
C ALA V 12 4.43 -65.29 51.48
N LEU V 13 4.58 -63.96 51.42
CA LEU V 13 3.97 -63.21 50.33
C LEU V 13 4.55 -63.61 48.98
N ARG V 14 5.89 -63.59 48.86
CA ARG V 14 6.51 -63.84 47.58
C ARG V 14 6.14 -65.23 47.04
N ASP V 15 5.94 -66.19 47.94
CA ASP V 15 5.48 -67.51 47.51
C ASP V 15 4.05 -67.42 46.96
N LYS V 16 3.20 -66.61 47.58
CA LYS V 16 1.81 -66.53 47.16
C LYS V 16 1.70 -65.99 45.74
N ILE V 17 2.42 -64.92 45.43
CA ILE V 17 2.38 -64.36 44.08
C ILE V 17 2.93 -65.37 43.08
N ALA V 18 4.04 -66.02 43.41
CA ALA V 18 4.63 -67.00 42.51
C ALA V 18 3.66 -68.14 42.25
N THR V 19 3.00 -68.63 43.29
CA THR V 19 2.04 -69.73 43.11
C THR V 19 0.88 -69.29 42.23
N ARG V 20 0.35 -68.08 42.45
CA ARG V 20 -0.78 -67.61 41.66
C ARG V 20 -0.39 -67.46 40.20
N PHE V 21 0.79 -66.92 39.92
CA PHE V 21 1.21 -66.70 38.54
C PHE V 21 1.32 -68.02 37.79
N SER V 22 1.94 -69.02 38.41
CA SER V 22 2.12 -70.31 37.75
C SER V 22 0.78 -70.97 37.46
N THR V 23 -0.15 -70.89 38.41
CA THR V 23 -1.43 -71.58 38.26
C THR V 23 -2.25 -70.96 37.13
N ASN V 24 -2.15 -69.64 36.95
CA ASN V 24 -3.03 -68.96 36.00
C ASN V 24 -2.39 -68.87 34.62
N VAL V 25 -1.14 -68.44 34.53
CA VAL V 25 -0.50 -68.12 33.26
C VAL V 25 0.32 -69.29 32.73
N LEU V 26 1.20 -69.85 33.55
CA LEU V 26 2.12 -70.89 33.11
C LEU V 26 1.59 -72.30 33.32
N GLY V 27 0.37 -72.45 33.85
CA GLY V 27 -0.24 -73.76 33.97
C GLY V 27 0.45 -74.70 34.95
N GLY V 28 0.86 -74.20 36.11
CA GLY V 28 1.35 -75.03 37.18
C GLY V 28 2.85 -75.12 37.31
N ALA V 29 3.60 -74.78 36.27
CA ALA V 29 5.05 -74.82 36.34
C ALA V 29 5.58 -73.54 36.97
N GLU V 30 6.68 -73.68 37.72
CA GLU V 30 7.28 -72.53 38.37
C GLU V 30 8.14 -71.75 37.37
N ILE V 31 8.78 -70.70 37.87
CA ILE V 31 9.48 -69.75 37.02
C ILE V 31 10.94 -70.16 36.86
N ILE V 32 11.50 -69.85 35.70
CA ILE V 32 12.95 -69.98 35.52
C ILE V 32 13.64 -68.87 36.29
N PRO V 33 14.81 -69.11 36.91
CA PRO V 33 15.39 -68.08 37.79
C PRO V 33 15.63 -66.75 37.10
N GLU V 34 16.01 -66.74 35.83
CA GLU V 34 16.33 -65.50 35.11
C GLU V 34 15.56 -65.47 33.81
N SER V 35 14.45 -64.72 33.79
CA SER V 35 13.62 -64.58 32.61
C SER V 35 12.64 -63.44 32.86
N ASN V 36 11.78 -63.18 31.88
CA ASN V 36 10.78 -62.12 32.02
C ASN V 36 9.82 -62.43 33.17
N GLU V 37 9.41 -63.70 33.29
CA GLU V 37 8.45 -64.06 34.33
C GLU V 37 9.02 -63.79 35.72
N PHE V 38 10.32 -64.05 35.92
CA PHE V 38 10.91 -63.79 37.21
C PHE V 38 10.88 -62.29 37.54
N TYR V 39 11.16 -61.44 36.56
CA TYR V 39 11.24 -60.01 36.84
C TYR V 39 9.86 -59.39 37.04
N VAL V 40 8.87 -59.82 36.26
CA VAL V 40 7.52 -59.28 36.44
C VAL V 40 6.98 -59.67 37.80
N VAL V 41 7.32 -60.87 38.27
CA VAL V 41 6.86 -61.31 39.60
C VAL V 41 7.43 -60.39 40.67
N THR V 42 8.74 -60.11 40.59
CA THR V 42 9.36 -59.24 41.59
C THR V 42 8.75 -57.85 41.55
N LEU V 43 8.51 -57.31 40.36
CA LEU V 43 7.87 -56.00 40.24
C LEU V 43 6.49 -56.02 40.89
N GLU V 44 5.75 -57.12 40.71
CA GLU V 44 4.44 -57.22 41.35
C GLU V 44 4.57 -57.16 42.87
N TYR V 45 5.59 -57.81 43.43
CA TYR V 45 5.79 -57.74 44.87
C TYR V 45 6.08 -56.31 45.32
N ALA V 46 6.88 -55.59 44.54
CA ALA V 46 7.19 -54.20 44.90
C ALA V 46 5.93 -53.35 44.95
N MET V 47 5.04 -53.53 43.97
CA MET V 47 3.80 -52.76 43.96
C MET V 47 2.95 -53.07 45.18
N GLN V 48 2.96 -54.32 45.63
CA GLN V 48 2.18 -54.68 46.82
C GLN V 48 2.65 -53.90 48.04
N GLU V 49 3.96 -53.73 48.18
CA GLU V 49 4.49 -53.00 49.33
C GLU V 49 3.90 -51.60 49.38
N GLU V 50 3.85 -50.92 48.24
CA GLU V 50 3.29 -49.57 48.21
C GLU V 50 1.80 -49.60 48.56
N PHE V 51 1.07 -50.61 48.09
CA PHE V 51 -0.35 -50.69 48.38
C PHE V 51 -0.60 -50.79 49.88
N PHE V 52 0.22 -51.58 50.59
CA PHE V 52 0.09 -51.67 52.04
C PHE V 52 0.32 -50.31 52.68
N ALA V 53 1.35 -49.58 52.21
CA ALA V 53 1.64 -48.27 52.77
C ALA V 53 0.51 -47.29 52.50
N PHE V 54 -0.07 -47.33 51.30
CA PHE V 54 -1.15 -46.41 50.96
C PHE V 54 -2.34 -46.61 51.88
N ALA V 55 -2.73 -47.86 52.12
CA ALA V 55 -3.88 -48.13 52.97
C ALA V 55 -3.63 -47.69 54.40
N GLU V 56 -2.43 -47.98 54.92
CA GLU V 56 -2.11 -47.56 56.28
C GLU V 56 -2.07 -46.04 56.39
N GLN V 57 -1.51 -45.37 55.37
CA GLN V 57 -1.42 -43.91 55.42
C GLN V 57 -2.79 -43.27 55.49
N MET V 58 -3.73 -43.75 54.66
CA MET V 58 -5.08 -43.19 54.70
C MET V 58 -5.79 -43.51 56.01
N TRP V 59 -5.41 -44.59 56.69
CA TRP V 59 -5.91 -44.81 58.04
C TRP V 59 -5.24 -43.87 59.03
N ARG V 60 -3.92 -43.67 58.87
CA ARG V 60 -3.20 -42.76 59.76
C ARG V 60 -3.71 -41.34 59.63
N GLU V 61 -4.04 -40.92 58.41
CA GLU V 61 -4.43 -39.53 58.12
C GLU V 61 -5.80 -39.18 58.66
N GLN V 62 -6.51 -40.05 59.37
CA GLN V 62 -7.77 -39.68 59.99
C GLN V 62 -7.76 -39.82 61.50
N ASP V 63 -6.74 -40.45 62.08
CA ASP V 63 -6.67 -40.56 63.54
C ASP V 63 -6.22 -39.23 64.14
N PRO V 64 -6.82 -38.78 65.25
CA PRO V 64 -6.51 -37.43 65.75
C PRO V 64 -5.05 -37.22 66.09
N ARG V 65 -4.34 -38.24 66.58
CA ARG V 65 -3.00 -38.06 67.09
C ARG V 65 -1.93 -38.21 66.00
N TYR V 66 -2.32 -38.46 64.75
CA TYR V 66 -1.38 -38.56 63.65
C TYR V 66 -1.76 -37.72 62.44
N ALA V 67 -2.95 -37.14 62.40
CA ALA V 67 -3.40 -36.44 61.22
C ALA V 67 -2.59 -35.18 60.97
N CYS V 68 -2.66 -34.68 59.74
CA CYS V 68 -1.92 -33.48 59.35
C CYS V 68 -2.48 -32.26 60.08
N CYS V 69 -1.69 -31.18 60.07
CA CYS V 69 -2.09 -29.98 60.79
C CYS V 69 -3.37 -29.36 60.25
N GLU V 70 -3.73 -29.67 59.01
CA GLU V 70 -4.96 -29.14 58.43
C GLU V 70 -6.15 -30.06 58.67
N ASN V 71 -6.00 -31.34 58.35
CA ASN V 71 -7.09 -32.28 58.59
C ASN V 71 -7.48 -32.32 60.07
N LEU V 72 -6.53 -32.03 60.96
CA LEU V 72 -6.82 -32.05 62.40
C LEU V 72 -7.91 -31.04 62.74
N VAL V 73 -7.80 -29.82 62.23
CA VAL V 73 -8.79 -28.81 62.53
C VAL V 73 -10.14 -29.16 61.92
N LYS V 74 -10.13 -29.77 60.73
CA LYS V 74 -11.39 -30.14 60.10
C LYS V 74 -12.16 -31.16 60.94
N MET V 75 -11.45 -32.15 61.49
CA MET V 75 -12.10 -33.10 62.40
C MET V 75 -12.59 -32.39 63.66
N ALA V 76 -11.78 -31.49 64.21
CA ALA V 76 -12.16 -30.80 65.43
C ALA V 76 -13.44 -29.99 65.22
N ALA V 77 -13.56 -29.32 64.07
CA ALA V 77 -14.74 -28.52 63.80
C ALA V 77 -16.02 -29.34 63.82
N ARG V 78 -15.91 -30.66 63.62
CA ARG V 78 -17.08 -31.52 63.59
C ARG V 78 -17.52 -31.96 64.99
N ARG V 79 -16.79 -31.59 66.03
CA ARG V 79 -17.15 -31.92 67.40
C ARG V 79 -17.18 -30.69 68.30
N GLY V 80 -17.34 -29.51 67.72
CA GLY V 80 -17.49 -28.29 68.51
C GLY V 80 -16.23 -27.79 69.16
N VAL V 81 -15.05 -28.14 68.63
CA VAL V 81 -13.77 -27.68 69.17
C VAL V 81 -13.07 -26.86 68.09
N TYR V 82 -12.71 -25.64 68.43
CA TYR V 82 -12.04 -24.73 67.50
C TYR V 82 -10.84 -24.09 68.18
N PRO V 83 -9.80 -23.77 67.42
CA PRO V 83 -8.62 -23.13 68.00
C PRO V 83 -8.95 -21.74 68.53
N LYS V 84 -8.24 -21.34 69.57
CA LYS V 84 -8.45 -20.02 70.17
C LYS V 84 -7.79 -18.95 69.29
N PRO V 85 -8.51 -17.91 68.91
CA PRO V 85 -7.88 -16.81 68.15
C PRO V 85 -7.13 -15.86 69.08
N ALA V 86 -6.35 -14.98 68.46
CA ALA V 86 -5.57 -14.01 69.22
C ALA V 86 -6.49 -13.00 69.90
N GLN V 87 -6.06 -12.55 71.08
CA GLN V 87 -6.82 -11.62 71.90
C GLN V 87 -6.17 -10.25 71.90
N PHE V 88 -6.96 -9.25 72.26
CA PHE V 88 -6.51 -7.87 72.40
C PHE V 88 -6.57 -7.45 73.86
N ALA V 89 -5.53 -6.80 74.35
CA ALA V 89 -5.54 -6.28 75.71
C ALA V 89 -6.66 -5.27 75.87
N GLN V 90 -7.25 -5.23 77.06
CA GLN V 90 -8.42 -4.40 77.32
C GLN V 90 -8.31 -3.78 78.71
N GLY V 91 -9.03 -2.68 78.89
CA GLY V 91 -9.04 -1.99 80.17
C GLY V 91 -9.83 -0.71 80.09
N TYR V 92 -9.85 0.00 81.21
CA TYR V 92 -10.55 1.27 81.34
C TYR V 92 -9.56 2.41 81.45
N VAL V 93 -9.97 3.59 80.98
CA VAL V 93 -9.13 4.78 80.99
C VAL V 93 -9.99 5.98 81.40
N ARG V 94 -9.42 6.83 82.26
CA ARG V 94 -10.11 8.02 82.74
C ARG V 94 -9.63 9.24 81.95
N MET V 95 -10.57 10.13 81.65
CA MET V 95 -10.29 11.34 80.88
C MET V 95 -10.97 12.52 81.54
N THR V 96 -10.27 13.65 81.59
CA THR V 96 -10.77 14.86 82.22
C THR V 96 -10.52 16.07 81.32
N GLY V 97 -11.48 16.99 81.29
CA GLY V 97 -11.36 18.17 80.47
C GLY V 97 -12.48 19.14 80.77
N VAL V 98 -12.38 20.32 80.16
CA VAL V 98 -13.40 21.35 80.39
C VAL V 98 -14.73 20.86 79.85
N PRO V 99 -15.84 21.04 80.56
CA PRO V 99 -17.13 20.53 80.06
C PRO V 99 -17.55 21.24 78.78
N GLY V 100 -18.30 20.51 77.95
CA GLY V 100 -18.90 21.05 76.75
C GLY V 100 -18.11 20.84 75.48
N SER V 101 -16.78 20.81 75.57
CA SER V 101 -15.96 20.67 74.37
C SER V 101 -16.30 19.36 73.66
N ALA V 102 -16.43 19.45 72.33
CA ALA V 102 -16.79 18.29 71.54
C ALA V 102 -15.67 17.26 71.55
N LEU V 103 -16.07 16.00 71.39
CA LEU V 103 -15.14 14.86 71.41
C LEU V 103 -15.01 14.29 70.01
N ASN V 104 -14.11 13.32 69.86
CA ASN V 104 -13.85 12.66 68.60
C ASN V 104 -13.80 11.15 68.80
N GLN V 105 -14.09 10.42 67.73
CA GLN V 105 -14.17 8.97 67.79
C GLN V 105 -12.83 8.29 67.54
N ASN V 106 -11.86 8.99 66.96
CA ASN V 106 -10.60 8.40 66.54
C ASN V 106 -9.46 8.61 67.53
N LEU V 107 -9.74 9.21 68.69
CA LEU V 107 -8.67 9.50 69.64
C LEU V 107 -8.03 8.21 70.14
N ARG V 108 -6.73 8.28 70.42
CA ARG V 108 -5.99 7.14 70.94
C ARG V 108 -4.95 7.64 71.94
N PHE V 109 -4.54 6.73 72.82
CA PHE V 109 -3.67 7.03 73.96
C PHE V 109 -2.34 6.31 73.78
N GLN V 110 -1.48 6.42 74.80
CA GLN V 110 -0.18 5.76 74.79
C GLN V 110 0.29 5.56 76.22
N PHE V 111 0.63 4.33 76.56
CA PHE V 111 1.14 3.98 77.89
C PHE V 111 2.37 3.11 77.71
N GLU V 112 3.55 3.72 77.79
CA GLU V 112 4.82 3.03 77.63
C GLU V 112 4.91 2.36 76.25
N ASN V 113 4.86 3.19 75.22
CA ASN V 113 5.05 2.81 73.82
C ASN V 113 3.91 1.97 73.26
N GLN V 114 2.90 1.64 74.05
CA GLN V 114 1.76 0.84 73.59
C GLN V 114 0.59 1.78 73.33
N THR V 115 0.05 1.72 72.12
CA THR V 115 -1.02 2.61 71.69
C THR V 115 -2.37 1.92 71.86
N TYR V 116 -3.32 2.63 72.49
CA TYR V 116 -4.65 2.12 72.72
C TYR V 116 -5.69 3.04 72.07
N GLU V 117 -6.78 2.44 71.61
CA GLU V 117 -7.85 3.16 70.95
C GLU V 117 -9.17 2.86 71.64
N ALA V 118 -10.09 3.82 71.58
CA ALA V 118 -11.40 3.63 72.19
C ALA V 118 -12.12 2.46 71.55
N ALA V 119 -12.72 1.61 72.39
CA ALA V 119 -13.42 0.41 71.94
C ALA V 119 -14.92 0.51 72.15
N SER V 120 -15.45 1.73 72.14
CA SER V 120 -16.87 1.94 72.35
C SER V 120 -17.28 3.25 71.69
N VAL V 121 -18.60 3.40 71.48
CA VAL V 121 -19.13 4.61 70.86
C VAL V 121 -18.88 5.78 71.80
N VAL V 122 -18.04 6.72 71.37
CA VAL V 122 -17.72 7.88 72.20
C VAL V 122 -18.93 8.82 72.20
N PRO V 123 -19.25 9.47 73.33
CA PRO V 123 -20.38 10.40 73.34
C PRO V 123 -20.08 11.64 72.52
N ASP V 124 -21.16 12.40 72.26
CA ASP V 124 -21.04 13.57 71.39
C ASP V 124 -20.09 14.61 71.98
N GLN V 125 -20.19 14.87 73.28
CA GLN V 125 -19.36 15.89 73.91
C GLN V 125 -19.19 15.55 75.38
N LEU V 126 -18.20 16.19 75.99
CA LEU V 126 -17.87 15.91 77.38
C LEU V 126 -19.07 16.19 78.27
N PRO V 127 -19.33 15.34 79.28
CA PRO V 127 -20.46 15.60 80.18
C PRO V 127 -20.19 16.79 81.08
N ALA V 128 -21.22 17.17 81.84
CA ALA V 128 -21.14 18.36 82.67
C ALA V 128 -20.03 18.24 83.72
N THR V 129 -19.92 17.08 84.36
CA THR V 129 -18.92 16.92 85.42
C THR V 129 -17.49 17.05 84.89
N GLY V 130 -17.29 16.85 83.58
CA GLY V 130 -15.98 17.01 83.00
C GLY V 130 -15.06 15.83 83.11
N VAL V 131 -15.56 14.67 83.54
CA VAL V 131 -14.77 13.45 83.63
C VAL V 131 -15.50 12.35 82.87
N LEU V 132 -14.74 11.58 82.09
CA LEU V 132 -15.32 10.56 81.23
C LEU V 132 -14.53 9.27 81.39
N VAL V 133 -15.23 8.14 81.26
CA VAL V 133 -14.65 6.81 81.38
C VAL V 133 -14.88 6.07 80.08
N LEU V 134 -13.82 5.47 79.53
CA LEU V 134 -13.86 4.80 78.24
C LEU V 134 -13.40 3.36 78.36
N ARG V 135 -13.76 2.57 77.37
CA ARG V 135 -13.30 1.20 77.21
C ARG V 135 -12.36 1.15 76.00
N VAL V 136 -11.15 0.65 76.22
CA VAL V 136 -10.11 0.71 75.21
C VAL V 136 -9.53 -0.68 74.99
N SER V 137 -9.00 -0.90 73.79
CA SER V 137 -8.35 -2.16 73.43
C SER V 137 -7.05 -1.84 72.70
N ALA V 138 -6.07 -2.72 72.88
CA ALA V 138 -4.77 -2.52 72.25
C ALA V 138 -4.92 -2.43 70.74
N VAL V 139 -4.17 -1.50 70.13
CA VAL V 139 -4.23 -1.35 68.69
C VAL V 139 -3.70 -2.59 67.99
N THR V 140 -2.76 -3.30 68.61
CA THR V 140 -2.20 -4.52 68.04
C THR V 140 -2.33 -5.65 69.06
N PRO V 141 -2.63 -6.87 68.60
CA PRO V 141 -2.83 -7.98 69.53
C PRO V 141 -1.50 -8.54 70.01
N GLY V 142 -1.59 -9.48 70.94
CA GLY V 142 -0.42 -10.16 71.46
C GLY V 142 -0.18 -9.86 72.93
N PRO V 143 0.68 -10.65 73.56
CA PRO V 143 0.95 -10.44 75.00
C PRO V 143 1.62 -9.10 75.29
N SER V 144 2.19 -8.44 74.29
CA SER V 144 2.88 -7.18 74.53
C SER V 144 1.95 -6.10 75.05
N GLY V 145 0.64 -6.28 74.91
CA GLY V 145 -0.32 -5.30 75.38
C GLY V 145 -0.54 -5.28 76.88
N ASN V 146 0.01 -6.25 77.61
CA ASN V 146 -0.12 -6.31 79.05
C ASN V 146 0.98 -5.49 79.69
N ILE V 147 0.60 -4.50 80.51
CA ILE V 147 1.55 -3.61 81.16
C ILE V 147 0.97 -3.18 82.49
N ARG V 148 1.86 -2.93 83.45
CA ARG V 148 1.49 -2.52 84.80
C ARG V 148 1.92 -1.07 84.97
N VAL V 149 1.04 -0.15 84.57
CA VAL V 149 1.32 1.28 84.59
C VAL V 149 0.05 2.02 85.00
N THR V 150 0.20 3.30 85.32
CA THR V 150 -0.91 4.10 85.81
C THR V 150 -1.08 5.41 85.04
N GLU V 151 0.00 5.95 84.49
CA GLU V 151 0.00 7.27 83.87
C GLU V 151 0.26 7.16 82.38
N GLY V 152 -0.46 7.96 81.60
CA GLY V 152 -0.29 8.00 80.16
C GLY V 152 -0.49 9.39 79.60
N SER V 153 -0.68 9.50 78.29
CA SER V 153 -0.87 10.79 77.65
C SER V 153 -1.48 10.58 76.27
N LEU V 154 -2.28 11.55 75.84
CA LEU V 154 -2.90 11.48 74.52
C LEU V 154 -1.87 11.64 73.42
N VAL V 155 -2.11 10.97 72.31
CA VAL V 155 -1.27 11.09 71.12
C VAL V 155 -1.85 12.08 70.12
N THR V 156 -3.15 12.38 70.19
CA THR V 156 -3.82 13.28 69.25
C THR V 156 -4.50 14.38 70.07
N PRO V 157 -3.80 15.49 70.34
CA PRO V 157 -4.38 16.52 71.20
C PRO V 157 -5.66 17.09 70.62
N VAL V 158 -6.59 17.42 71.52
CA VAL V 158 -7.85 18.06 71.14
C VAL V 158 -8.04 19.27 72.04
N PRO V 159 -8.52 20.40 71.53
CA PRO V 159 -8.68 21.58 72.40
C PRO V 159 -9.67 21.31 73.53
N GLY V 160 -9.37 21.86 74.71
CA GLY V 160 -10.25 21.76 75.84
C GLY V 160 -10.16 20.48 76.64
N ILE V 161 -9.28 19.55 76.27
CA ILE V 161 -9.12 18.29 76.96
C ILE V 161 -7.73 18.27 77.57
N SER V 162 -7.63 17.82 78.83
CA SER V 162 -6.37 17.83 79.54
C SER V 162 -5.31 17.06 78.77
N SER V 163 -4.09 17.60 78.78
CA SER V 163 -2.99 17.00 78.03
C SER V 163 -2.55 15.65 78.59
N ALA V 164 -3.00 15.29 79.80
CA ALA V 164 -2.61 14.03 80.42
C ALA V 164 -3.85 13.29 80.89
N VAL V 165 -3.77 11.96 80.85
CA VAL V 165 -4.85 11.09 81.31
C VAL V 165 -4.25 9.97 82.14
N THR V 166 -5.11 9.33 82.93
CA THR V 166 -4.69 8.24 83.81
C THR V 166 -5.65 7.07 83.67
N ALA V 167 -5.13 5.87 83.90
CA ALA V 167 -5.93 4.67 83.90
C ALA V 167 -6.52 4.43 85.28
N TYR V 168 -7.42 3.45 85.36
CA TYR V 168 -8.02 3.09 86.63
C TYR V 168 -6.99 2.43 87.54
N GLY V 169 -7.39 2.23 88.80
CA GLY V 169 -6.48 1.65 89.77
C GLY V 169 -5.82 0.37 89.28
N GLY V 170 -6.50 -0.38 88.42
CA GLY V 170 -5.92 -1.56 87.84
C GLY V 170 -4.98 -1.23 86.70
N ASN V 171 -5.02 -2.03 85.64
CA ASN V 171 -4.17 -1.81 84.48
C ASN V 171 -4.74 -2.64 83.33
N PHE V 172 -4.12 -2.49 82.16
CA PHE V 172 -4.55 -3.18 80.96
C PHE V 172 -3.92 -4.57 80.90
N CYS V 173 -4.73 -5.55 80.53
CA CYS V 173 -4.27 -6.94 80.41
C CYS V 173 -5.33 -7.72 79.66
N GLY V 174 -5.09 -9.01 79.50
CA GLY V 174 -5.98 -9.90 78.79
C GLY V 174 -5.55 -10.25 77.39
N GLY V 175 -4.63 -9.48 76.81
CA GLY V 175 -4.13 -9.81 75.49
C GLY V 175 -3.35 -11.12 75.48
N ASP V 176 -3.44 -11.83 74.37
CA ASP V 176 -2.77 -13.12 74.25
C ASP V 176 -2.54 -13.42 72.78
N ASP V 177 -1.59 -14.31 72.52
CA ASP V 177 -1.23 -14.68 71.16
C ASP V 177 -2.08 -15.87 70.69
N ALA V 178 -2.04 -16.11 69.39
CA ALA V 178 -2.82 -17.18 68.79
C ALA V 178 -2.34 -18.53 69.33
N GLU V 179 -3.11 -19.57 68.97
CA GLU V 179 -2.83 -20.94 69.40
C GLU V 179 -2.20 -21.71 68.25
N GLU V 180 -1.10 -22.39 68.52
CA GLU V 180 -0.38 -23.12 67.49
C GLU V 180 -1.07 -24.46 67.23
N CYS V 181 -0.41 -25.33 66.46
CA CYS V 181 -1.02 -26.61 66.10
C CYS V 181 -0.85 -27.64 67.22
N GLU V 182 0.38 -27.83 67.70
CA GLU V 182 0.62 -28.84 68.72
C GLU V 182 -0.18 -28.58 69.99
N PRO V 183 -0.19 -27.38 70.57
CA PRO V 183 -1.05 -27.17 71.74
C PRO V 183 -2.51 -27.48 71.48
N PHE V 184 -2.99 -27.20 70.27
CA PHE V 184 -4.37 -27.54 69.92
C PHE V 184 -4.57 -29.05 69.92
N ARG V 185 -3.60 -29.81 69.40
CA ARG V 185 -3.78 -31.25 69.29
C ARG V 185 -3.94 -31.89 70.67
N THR V 186 -3.10 -31.50 71.63
CA THR V 186 -3.21 -32.07 72.97
C THR V 186 -4.54 -31.70 73.62
N ARG V 187 -4.99 -30.46 73.42
CA ARG V 187 -6.28 -30.05 73.99
C ARG V 187 -7.42 -30.87 73.42
N TYR V 188 -7.42 -31.07 72.09
CA TYR V 188 -8.48 -31.86 71.47
C TYR V 188 -8.46 -33.30 71.97
N LEU V 189 -7.27 -33.89 72.04
CA LEU V 189 -7.17 -35.28 72.51
C LEU V 189 -7.67 -35.41 73.94
N GLN V 190 -7.32 -34.45 74.80
CA GLN V 190 -7.75 -34.51 76.19
C GLN V 190 -9.27 -34.56 76.28
N ARG V 191 -9.96 -33.83 75.41
CA ARG V 191 -11.42 -33.86 75.39
C ARG V 191 -11.93 -35.24 75.01
N LEU V 192 -11.30 -35.88 74.02
CA LEU V 192 -11.77 -37.17 73.53
C LEU V 192 -11.45 -38.29 74.51
N GLN V 193 -10.37 -38.16 75.27
CA GLN V 193 -9.93 -39.25 76.13
C GLN V 193 -10.92 -39.47 77.27
N TYR V 194 -10.63 -40.48 78.08
CA TYR V 194 -11.40 -40.80 79.28
C TYR V 194 -10.62 -40.35 80.50
N GLU V 195 -11.28 -39.58 81.38
CA GLU V 195 -10.67 -39.15 82.62
C GLU V 195 -11.75 -39.10 83.68
N PRO V 196 -11.46 -39.52 84.91
CA PRO V 196 -12.43 -39.35 86.00
C PRO V 196 -12.59 -37.89 86.35
N ARG V 197 -13.71 -37.60 87.01
CA ARG V 197 -14.01 -36.28 87.56
C ARG V 197 -13.71 -35.17 86.55
N LEU V 198 -14.42 -35.22 85.41
CA LEU V 198 -14.29 -34.15 84.43
C LEU V 198 -14.93 -32.85 84.93
N THR V 199 -15.80 -32.93 85.93
CA THR V 199 -16.38 -31.71 86.49
C THR V 199 -15.30 -30.81 87.07
N VAL V 200 -14.30 -31.39 87.74
CA VAL V 200 -13.19 -30.59 88.23
C VAL V 200 -12.44 -29.96 87.06
N GLU V 201 -12.20 -30.73 86.00
CA GLU V 201 -11.50 -30.19 84.83
C GLU V 201 -12.32 -29.10 84.16
N TRP V 202 -13.64 -29.28 84.07
CA TRP V 202 -14.47 -28.27 83.44
C TRP V 202 -14.40 -26.94 84.19
N LEU V 203 -14.48 -27.00 85.52
CA LEU V 203 -14.36 -25.78 86.31
C LEU V 203 -12.97 -25.17 86.17
N LYS V 204 -11.93 -26.02 86.19
CA LYS V 204 -10.57 -25.49 86.08
C LYS V 204 -10.38 -24.73 84.78
N SER V 205 -10.87 -25.30 83.67
CA SER V 205 -10.77 -24.59 82.39
C SER V 205 -11.61 -23.33 82.38
N LYS V 206 -12.82 -23.40 82.97
CA LYS V 206 -13.69 -22.23 82.95
C LYS V 206 -13.08 -21.06 83.71
N ALA V 207 -12.46 -21.34 84.87
CA ALA V 207 -11.89 -20.26 85.67
C ALA V 207 -10.83 -19.48 84.91
N MET V 208 -10.23 -20.07 83.87
CA MET V 208 -9.22 -19.38 83.09
C MET V 208 -9.80 -18.25 82.24
N GLU V 209 -11.13 -18.18 82.09
CA GLU V 209 -11.75 -17.13 81.31
C GLU V 209 -11.97 -15.85 82.09
N TRP V 210 -11.80 -15.88 83.42
CA TRP V 210 -11.94 -14.66 84.20
C TRP V 210 -10.82 -13.69 83.84
N PRO V 211 -11.11 -12.39 83.71
CA PRO V 211 -10.08 -11.45 83.31
C PRO V 211 -8.91 -11.44 84.29
N CYS V 212 -7.71 -11.25 83.75
CA CYS V 212 -6.45 -11.12 84.48
C CYS V 212 -5.92 -12.47 84.97
N VAL V 213 -6.64 -13.56 84.79
CA VAL V 213 -6.17 -14.87 85.25
C VAL V 213 -5.15 -15.41 84.25
N THR V 214 -4.06 -15.96 84.78
CA THR V 214 -2.96 -16.48 83.95
C THR V 214 -2.79 -17.98 84.09
N ASP V 215 -2.69 -18.49 85.31
CA ASP V 215 -2.45 -19.91 85.55
C ASP V 215 -3.47 -20.45 86.54
N VAL V 216 -3.73 -21.75 86.42
CA VAL V 216 -4.62 -22.46 87.33
C VAL V 216 -3.86 -23.67 87.86
N PHE V 217 -3.78 -23.79 89.18
CA PHE V 217 -3.01 -24.85 89.83
C PHE V 217 -3.91 -25.65 90.77
N ASP V 218 -3.77 -26.96 90.72
CA ASP V 218 -4.51 -27.84 91.62
C ASP V 218 -3.88 -27.82 93.02
N LEU V 219 -4.60 -28.40 93.97
CA LEU V 219 -4.09 -28.46 95.34
C LEU V 219 -2.75 -29.20 95.37
N GLY V 220 -1.79 -28.63 96.08
CA GLY V 220 -0.45 -29.17 96.13
C GLY V 220 -0.38 -30.43 96.98
N PRO V 221 0.73 -31.17 96.86
CA PRO V 221 0.88 -32.39 97.66
C PRO V 221 0.84 -32.14 99.16
N ASN V 222 1.35 -30.99 99.62
CA ASN V 222 1.38 -30.71 101.05
C ASN V 222 -0.01 -30.43 101.62
N CYS V 223 -1.03 -30.29 100.78
CA CYS V 223 -2.38 -30.00 101.23
C CYS V 223 -3.16 -31.23 101.64
N CYS V 224 -2.59 -32.42 101.46
CA CYS V 224 -3.26 -33.64 101.90
C CYS V 224 -3.34 -33.69 103.42
N SER V 225 -4.42 -34.28 103.91
CA SER V 225 -4.65 -34.39 105.34
C SER V 225 -5.17 -35.79 105.67
N VAL V 226 -4.88 -36.24 106.89
CA VAL V 226 -5.29 -37.55 107.36
C VAL V 226 -5.91 -37.38 108.74
N ASN V 227 -7.05 -38.04 108.96
CA ASN V 227 -7.75 -37.93 110.24
C ASN V 227 -7.01 -38.73 111.31
N ALA V 228 -7.57 -38.73 112.52
CA ALA V 228 -6.92 -39.42 113.64
C ALA V 228 -6.85 -40.91 113.44
N LEU V 229 -7.60 -41.47 112.49
CA LEU V 229 -7.60 -42.90 112.23
C LEU V 229 -6.46 -43.34 111.32
N GLY V 230 -5.63 -42.41 110.85
CA GLY V 230 -4.55 -42.77 109.95
C GLY V 230 -5.00 -43.13 108.56
N GLU V 231 -6.16 -42.65 108.13
CA GLU V 231 -6.70 -42.93 106.80
C GLU V 231 -6.82 -41.63 106.02
N VAL V 232 -6.32 -41.64 104.77
CA VAL V 232 -6.38 -40.45 103.94
C VAL V 232 -7.83 -40.05 103.74
N GLU V 233 -8.07 -38.74 103.78
CA GLU V 233 -9.42 -38.18 103.70
C GLU V 233 -9.63 -37.53 102.35
N CYS V 234 -10.71 -37.92 101.67
CA CYS V 234 -11.05 -37.37 100.36
C CYS V 234 -12.24 -36.43 100.51
N PRO V 235 -12.09 -35.12 100.31
CA PRO V 235 -13.22 -34.22 100.43
C PRO V 235 -14.11 -34.24 99.19
N ASN V 236 -15.35 -33.79 99.38
CA ASN V 236 -16.33 -33.73 98.30
C ASN V 236 -16.47 -32.35 97.70
N ASN V 237 -15.65 -31.39 98.12
CA ASN V 237 -15.69 -30.05 97.57
C ASN V 237 -14.71 -29.95 96.40
N ILE V 238 -14.69 -28.79 95.74
CA ILE V 238 -13.79 -28.51 94.63
C ILE V 238 -13.03 -27.24 94.94
N GLU V 239 -11.70 -27.30 94.88
CA GLU V 239 -10.88 -26.14 95.20
C GLU V 239 -9.60 -26.20 94.36
N PHE V 240 -9.03 -25.02 94.11
CA PHE V 240 -7.79 -24.91 93.35
C PHE V 240 -7.29 -23.48 93.49
N TYR V 241 -6.04 -23.28 93.09
CA TYR V 241 -5.39 -21.98 93.17
C TYR V 241 -5.46 -21.25 91.83
N VAL V 242 -5.20 -19.95 91.86
CA VAL V 242 -5.14 -19.12 90.67
C VAL V 242 -4.09 -18.04 90.90
N LEU V 243 -3.39 -17.67 89.83
CA LEU V 243 -2.32 -16.69 89.90
C LEU V 243 -2.53 -15.60 88.85
N PHE V 244 -1.98 -14.42 89.14
CA PHE V 244 -2.12 -13.26 88.29
C PHE V 244 -0.75 -12.69 87.95
N ARG V 245 0.15 -13.56 87.49
CA ARG V 245 1.56 -13.19 87.33
C ARG V 245 1.74 -11.85 86.62
N ASP V 246 0.80 -11.46 85.77
CA ASP V 246 0.94 -10.25 84.97
C ASP V 246 0.27 -9.03 85.57
N THR V 247 -0.32 -9.15 86.77
CA THR V 247 -1.02 -8.03 87.38
C THR V 247 -0.56 -7.73 88.80
N PHE V 248 -0.24 -8.76 89.58
CA PHE V 248 0.12 -8.60 90.98
C PHE V 248 1.58 -9.01 91.20
N ASP V 249 2.14 -8.53 92.31
CA ASP V 249 3.52 -8.84 92.65
C ASP V 249 3.63 -10.31 93.01
N CYS V 250 4.45 -11.04 92.26
CA CYS V 250 4.70 -12.47 92.42
C CYS V 250 3.50 -13.32 92.02
N GLY V 251 2.43 -12.72 91.50
CA GLY V 251 1.28 -13.48 91.06
C GLY V 251 0.27 -13.83 92.12
N LEU V 252 0.41 -13.31 93.34
CA LEU V 252 -0.51 -13.57 94.42
C LEU V 252 -1.46 -12.40 94.58
N ALA V 253 -2.75 -12.69 94.68
CA ALA V 253 -3.80 -11.68 94.76
C ALA V 253 -4.42 -11.64 96.14
N PRO V 254 -5.01 -10.50 96.53
CA PRO V 254 -5.64 -10.41 97.85
C PRO V 254 -6.91 -11.25 97.91
N GLN V 255 -7.37 -11.47 99.15
CA GLN V 255 -8.51 -12.35 99.37
C GLN V 255 -9.76 -11.82 98.67
N CYS V 256 -9.98 -10.50 98.69
CA CYS V 256 -11.20 -9.95 98.13
C CYS V 256 -11.37 -10.32 96.67
N VAL V 257 -10.28 -10.30 95.90
CA VAL V 257 -10.37 -10.58 94.47
C VAL V 257 -10.86 -12.00 94.23
N VAL V 258 -10.29 -12.98 94.92
CA VAL V 258 -10.69 -14.37 94.69
C VAL V 258 -12.11 -14.61 95.20
N ASP V 259 -12.53 -13.90 96.24
CA ASP V 259 -13.89 -14.09 96.75
C ASP V 259 -14.92 -13.78 95.67
N GLU V 260 -14.70 -12.73 94.88
CA GLU V 260 -15.61 -12.41 93.79
C GLU V 260 -15.67 -13.56 92.78
N ILE V 261 -14.52 -14.14 92.45
CA ILE V 261 -14.50 -15.24 91.49
C ILE V 261 -15.31 -16.42 92.00
N THR V 262 -15.17 -16.75 93.29
CA THR V 262 -15.89 -17.90 93.84
C THR V 262 -17.39 -17.70 93.73
N ASP V 263 -17.88 -16.50 94.03
CA ASP V 263 -19.31 -16.24 93.96
C ASP V 263 -19.83 -16.44 92.54
N TRP V 264 -19.12 -15.89 91.55
CA TRP V 264 -19.55 -16.03 90.17
C TRP V 264 -19.54 -17.48 89.73
N LEU V 265 -18.51 -18.24 90.12
CA LEU V 265 -18.37 -19.61 89.64
C LEU V 265 -19.43 -20.52 90.25
N PHE V 266 -19.65 -20.41 91.56
CA PHE V 266 -20.54 -21.31 92.27
C PHE V 266 -21.87 -20.70 92.68
N GLY V 267 -21.97 -19.38 92.72
CA GLY V 267 -23.21 -18.72 93.09
C GLY V 267 -23.23 -18.29 94.53
N SER V 268 -24.37 -17.73 94.94
CA SER V 268 -24.56 -17.24 96.30
C SER V 268 -26.03 -17.33 96.69
N PRO V 269 -26.42 -18.28 97.56
CA PRO V 269 -25.57 -19.27 98.22
C PRO V 269 -25.10 -20.36 97.28
N GLN V 270 -23.95 -20.95 97.58
CA GLN V 270 -23.36 -21.95 96.71
C GLN V 270 -24.21 -23.20 96.66
N GLY V 271 -24.18 -23.87 95.50
CA GLY V 271 -24.82 -25.17 95.33
C GLY V 271 -26.17 -25.13 94.66
N LEU V 272 -26.83 -23.97 94.63
CA LEU V 272 -28.17 -23.86 94.04
C LEU V 272 -28.13 -23.63 92.53
N GLY V 273 -26.98 -23.85 91.89
CA GLY V 273 -26.91 -23.72 90.45
C GLY V 273 -27.08 -22.32 89.93
N GLN V 274 -26.94 -21.30 90.79
CA GLN V 274 -27.06 -19.92 90.33
C GLN V 274 -25.81 -19.45 89.60
N GLY V 275 -24.68 -20.10 89.80
CA GLY V 275 -23.45 -19.76 89.12
C GLY V 275 -23.24 -20.58 87.87
N GLU V 276 -21.99 -20.65 87.42
CA GLU V 276 -21.66 -21.43 86.25
C GLU V 276 -21.66 -22.93 86.53
N ALA V 277 -21.44 -23.33 87.77
CA ALA V 277 -21.41 -24.74 88.11
C ALA V 277 -22.81 -25.34 88.02
N GLU V 278 -22.84 -26.66 87.85
CA GLU V 278 -24.11 -27.38 87.78
C GLU V 278 -24.79 -27.35 89.14
N PHE V 279 -25.99 -27.94 89.19
CA PHE V 279 -26.73 -27.99 90.45
C PHE V 279 -26.01 -28.90 91.45
N GLY V 280 -26.12 -28.54 92.72
CA GLY V 280 -25.54 -29.36 93.78
C GLY V 280 -24.04 -29.47 93.71
N ILE V 281 -23.35 -28.37 93.43
CA ILE V 281 -21.89 -28.34 93.39
C ILE V 281 -21.42 -27.27 94.38
N CYS V 282 -20.54 -27.67 95.30
CA CYS V 282 -20.00 -26.78 96.32
C CYS V 282 -18.49 -26.74 96.20
N GLY V 283 -17.92 -25.54 96.28
CA GLY V 283 -16.48 -25.40 96.14
C GLY V 283 -16.01 -24.05 96.63
N LYS V 284 -14.70 -23.84 96.51
CA LYS V 284 -14.07 -22.60 96.95
C LYS V 284 -12.75 -22.42 96.21
N VAL V 285 -12.49 -21.19 95.78
CA VAL V 285 -11.25 -20.84 95.09
C VAL V 285 -10.32 -20.17 96.09
N ARG V 286 -9.06 -20.61 96.11
CA ARG V 286 -8.09 -20.20 97.13
C ARG V 286 -7.09 -19.21 96.56
N THR V 287 -6.25 -18.71 97.46
CA THR V 287 -5.10 -17.89 97.12
C THR V 287 -3.88 -18.41 97.88
N ALA V 288 -2.77 -17.67 97.84
CA ALA V 288 -1.57 -18.11 98.52
C ALA V 288 -0.80 -16.90 99.04
N THR V 289 0.10 -17.17 99.99
CA THR V 289 0.95 -16.15 100.60
C THR V 289 2.39 -16.42 100.23
N ALA V 290 3.16 -15.34 100.08
CA ALA V 290 4.52 -15.42 99.56
C ALA V 290 5.52 -15.65 100.67
N VAL V 291 6.52 -16.49 100.39
CA VAL V 291 7.69 -16.65 101.24
C VAL V 291 8.93 -16.40 100.38
N ASN V 292 9.79 -15.50 100.83
CA ASN V 292 10.95 -15.11 100.07
C ASN V 292 12.05 -16.16 100.18
N LEU V 293 12.94 -16.17 99.19
CA LEU V 293 14.04 -17.11 99.14
C LEU V 293 15.19 -16.50 98.36
N ASP V 294 16.42 -16.79 98.80
CA ASP V 294 17.63 -16.39 98.11
C ASP V 294 18.34 -17.64 97.61
N ILE V 295 18.81 -17.60 96.37
CA ILE V 295 19.44 -18.73 95.71
C ILE V 295 20.87 -18.34 95.34
N TYR V 296 21.83 -19.17 95.74
CA TYR V 296 23.23 -18.93 95.50
C TYR V 296 23.79 -20.02 94.60
N LEU V 297 24.45 -19.62 93.52
CA LEU V 297 25.07 -20.54 92.58
C LEU V 297 26.58 -20.56 92.78
N ASN V 298 27.17 -21.75 92.70
CA ASN V 298 28.59 -21.94 92.94
C ASN V 298 29.23 -22.71 91.79
N GLY V 299 30.51 -22.45 91.58
CA GLY V 299 31.26 -23.17 90.58
C GLY V 299 30.91 -22.81 89.15
N LEU V 300 30.34 -21.63 88.93
CA LEU V 300 29.92 -21.21 87.60
C LEU V 300 30.93 -20.28 86.93
N SER V 301 32.05 -19.99 87.60
CA SER V 301 33.05 -19.10 87.00
C SER V 301 33.81 -19.78 85.88
N CYS V 302 34.03 -21.09 85.96
CA CYS V 302 34.77 -21.81 84.94
C CYS V 302 34.01 -21.92 83.62
N ALA V 303 32.73 -21.59 83.61
CA ALA V 303 31.92 -21.71 82.40
C ALA V 303 32.01 -20.46 81.56
N THR V 304 31.76 -20.61 80.26
CA THR V 304 31.78 -19.48 79.35
C THR V 304 30.63 -18.53 79.68
N PRO V 305 30.77 -17.24 79.37
CA PRO V 305 29.70 -16.30 79.76
C PRO V 305 28.34 -16.66 79.22
N ALA V 306 28.28 -17.23 78.02
CA ALA V 306 26.98 -17.64 77.47
C ALA V 306 26.32 -18.69 78.36
N GLN V 307 27.10 -19.68 78.81
CA GLN V 307 26.54 -20.73 79.66
C GLN V 307 26.01 -20.16 80.96
N ALA V 308 26.75 -19.23 81.57
CA ALA V 308 26.32 -18.64 82.83
C ALA V 308 25.01 -17.88 82.65
N ARG V 309 24.87 -17.15 81.55
CA ARG V 309 23.66 -16.35 81.33
C ARG V 309 22.43 -17.24 81.22
N VAL V 310 22.51 -18.30 80.41
CA VAL V 310 21.35 -19.14 80.17
C VAL V 310 21.01 -19.95 81.42
N VAL V 311 22.02 -20.45 82.13
CA VAL V 311 21.76 -21.23 83.33
C VAL V 311 21.02 -20.41 84.36
N GLU V 312 21.44 -19.15 84.54
CA GLU V 312 20.72 -18.26 85.45
C GLU V 312 19.30 -18.02 84.97
N GLN V 313 19.12 -17.85 83.67
CA GLN V 313 17.78 -17.59 83.14
C GLN V 313 16.85 -18.77 83.36
N ARG V 314 17.33 -19.99 83.10
CA ARG V 314 16.49 -21.17 83.24
C ARG V 314 16.00 -21.33 84.68
N ILE V 315 16.91 -21.16 85.65
CA ILE V 315 16.52 -21.32 87.04
C ILE V 315 15.50 -20.27 87.44
N THR V 316 15.68 -19.03 86.97
CA THR V 316 14.75 -17.97 87.32
C THR V 316 13.34 -18.30 86.82
N ASP V 317 13.24 -18.79 85.59
CA ASP V 317 11.94 -19.15 85.04
C ASP V 317 11.31 -20.30 85.83
N PHE V 318 12.12 -21.30 86.20
CA PHE V 318 11.59 -22.45 86.90
C PHE V 318 10.96 -22.05 88.24
N ILE V 319 11.62 -21.17 88.98
CA ILE V 319 11.09 -20.75 90.27
C ILE V 319 9.82 -19.93 90.09
N ASN V 320 9.80 -19.05 89.09
CA ASN V 320 8.68 -18.13 88.93
C ASN V 320 7.37 -18.88 88.79
N ARG V 321 7.31 -19.86 87.89
CA ARG V 321 6.09 -20.60 87.61
C ARG V 321 5.89 -21.80 88.52
N HIS V 322 6.57 -21.85 89.66
CA HIS V 322 6.43 -22.98 90.56
C HIS V 322 5.07 -22.96 91.24
N PRO V 323 4.44 -24.11 91.44
CA PRO V 323 3.09 -24.13 92.03
C PRO V 323 3.15 -23.82 93.52
N PRO V 324 2.03 -23.46 94.13
CA PRO V 324 2.01 -23.26 95.58
C PRO V 324 1.93 -24.58 96.32
N SER V 325 2.32 -24.53 97.60
CA SER V 325 2.25 -25.69 98.50
C SER V 325 3.01 -26.88 97.92
N THR V 326 4.19 -26.62 97.36
CA THR V 326 5.05 -27.67 96.82
C THR V 326 6.47 -27.44 97.29
N ASN V 327 7.16 -28.52 97.66
CA ASN V 327 8.52 -28.41 98.14
C ASN V 327 9.45 -27.93 97.04
N LEU V 328 10.50 -27.23 97.45
CA LEU V 328 11.56 -26.78 96.56
C LEU V 328 12.86 -27.39 97.04
N THR V 329 13.40 -28.33 96.26
CA THR V 329 14.58 -29.09 96.64
C THR V 329 15.77 -28.72 95.77
N VAL V 330 16.96 -28.82 96.37
CA VAL V 330 18.19 -28.48 95.66
C VAL V 330 18.38 -29.37 94.44
N GLU V 331 17.85 -30.60 94.47
CA GLU V 331 18.05 -31.51 93.36
C GLU V 331 17.46 -30.97 92.07
N GLN V 332 16.27 -30.38 92.14
CA GLN V 332 15.62 -29.87 90.94
C GLN V 332 16.48 -28.79 90.28
N LEU V 333 16.91 -27.81 91.07
CA LEU V 333 17.71 -26.72 90.50
C LEU V 333 19.04 -27.23 89.97
N ARG V 334 19.70 -28.12 90.72
CA ARG V 334 20.98 -28.64 90.27
C ARG V 334 20.83 -29.40 88.95
N PHE V 335 19.75 -30.19 88.82
CA PHE V 335 19.55 -30.94 87.58
C PHE V 335 19.35 -30.00 86.39
N ILE V 336 18.59 -28.93 86.58
CA ILE V 336 18.30 -28.02 85.47
C ILE V 336 19.59 -27.43 84.93
N GLY V 337 20.42 -26.88 85.81
CA GLY V 337 21.69 -26.33 85.36
C GLY V 337 22.63 -27.41 84.86
N LEU V 338 22.70 -28.55 85.57
CA LEU V 338 23.56 -29.64 85.14
C LEU V 338 23.16 -30.16 83.77
N GLN V 339 21.89 -30.03 83.40
CA GLN V 339 21.44 -30.48 82.08
C GLN V 339 22.07 -29.68 80.96
N VAL V 340 22.55 -28.48 81.24
CA VAL V 340 23.18 -27.62 80.23
C VAL V 340 24.70 -27.70 80.29
N LEU V 341 25.28 -27.55 81.49
CA LEU V 341 26.73 -27.54 81.61
C LEU V 341 27.33 -28.88 81.20
N GLY V 342 26.70 -29.97 81.61
CA GLY V 342 27.25 -31.30 81.37
C GLY V 342 27.28 -32.11 82.65
N SER V 343 27.06 -33.42 82.53
CA SER V 343 26.95 -34.26 83.72
C SER V 343 28.24 -34.31 84.53
N SER V 344 29.37 -33.95 83.93
CA SER V 344 30.66 -34.00 84.62
C SER V 344 31.05 -32.66 85.24
N PHE V 345 30.24 -31.62 85.09
CA PHE V 345 30.60 -30.31 85.62
C PHE V 345 30.45 -30.27 87.14
N ALA V 346 31.24 -29.40 87.77
CA ALA V 346 31.19 -29.20 89.22
C ALA V 346 30.27 -28.02 89.49
N PHE V 347 28.99 -28.31 89.68
CA PHE V 347 27.97 -27.29 89.88
C PHE V 347 27.23 -27.58 91.18
N ASP V 348 27.01 -26.53 91.97
CA ASP V 348 26.32 -26.66 93.24
C ASP V 348 25.49 -25.41 93.51
N VAL V 349 24.34 -25.60 94.15
CA VAL V 349 23.42 -24.51 94.45
C VAL V 349 22.98 -24.63 95.91
N ALA V 350 22.62 -23.50 96.50
CA ALA V 350 22.16 -23.44 97.87
C ALA V 350 21.00 -22.46 97.99
N ILE V 351 20.18 -22.66 99.02
CA ILE V 351 18.99 -21.86 99.25
C ILE V 351 19.04 -21.33 100.68
N ARG V 352 18.78 -20.04 100.84
CA ARG V 352 18.78 -19.42 102.16
C ARG V 352 17.75 -18.30 102.18
N SER V 353 17.29 -17.96 103.38
CA SER V 353 16.30 -16.91 103.55
C SER V 353 16.97 -15.55 103.63
N PRO V 354 16.24 -14.47 103.32
CA PRO V 354 16.84 -13.13 103.41
C PRO V 354 17.24 -12.81 104.84
N GLY V 355 18.50 -12.42 105.00
CA GLY V 355 19.01 -12.08 106.31
C GLY V 355 19.01 -13.24 107.27
N ASP V 356 18.86 -14.45 106.75
CA ASP V 356 18.84 -15.68 107.54
C ASP V 356 17.76 -15.65 108.62
N ALA V 357 16.72 -14.84 108.42
CA ALA V 357 15.64 -14.74 109.40
C ALA V 357 14.63 -15.86 109.20
N SER V 358 13.75 -16.01 110.18
CA SER V 358 12.69 -17.01 110.12
C SER V 358 11.42 -16.39 109.53
N GLN V 359 10.61 -17.24 108.90
CA GLN V 359 9.39 -16.80 108.25
C GLN V 359 8.29 -17.82 108.52
N SER V 360 7.05 -17.38 108.32
CA SER V 360 5.89 -18.24 108.54
C SER V 360 5.75 -19.23 107.40
N GLY V 361 5.52 -20.49 107.74
CA GLY V 361 5.30 -21.51 106.73
C GLY V 361 6.55 -21.95 105.99
N LEU V 362 7.72 -21.82 106.60
CA LEU V 362 8.97 -22.24 105.98
C LEU V 362 9.79 -23.02 106.99
N ARG V 363 10.26 -24.20 106.58
CA ARG V 363 11.13 -25.02 107.42
C ARG V 363 12.14 -25.72 106.54
N PHE V 364 13.39 -25.76 107.00
CA PHE V 364 14.49 -26.39 106.27
C PHE V 364 14.74 -27.77 106.83
N ASN V 365 14.73 -28.78 105.97
CA ASN V 365 15.08 -30.13 106.37
C ASN V 365 16.59 -30.32 106.28
N ALA V 366 17.05 -31.50 106.73
CA ALA V 366 18.48 -31.75 106.78
C ALA V 366 19.12 -31.70 105.41
N CYS V 367 18.46 -32.29 104.41
CA CYS V 367 19.03 -32.39 103.07
C CYS V 367 19.21 -31.02 102.40
N GLY V 368 18.60 -29.97 102.95
CA GLY V 368 18.71 -28.63 102.38
C GLY V 368 17.50 -28.16 101.62
N ASP V 369 16.44 -28.96 101.54
CA ASP V 369 15.23 -28.52 100.88
C ASP V 369 14.52 -27.46 101.71
N ALA V 370 13.68 -26.68 101.05
CA ALA V 370 12.89 -25.63 101.68
C ALA V 370 11.44 -26.10 101.70
N GLU V 371 11.08 -26.85 102.74
CA GLU V 371 9.72 -27.36 102.86
C GLU V 371 8.74 -26.21 103.10
N ILE V 372 7.59 -26.27 102.44
CA ILE V 372 6.60 -25.20 102.47
C ILE V 372 5.25 -25.78 102.86
N ASP V 373 4.55 -25.09 103.76
CA ASP V 373 3.27 -25.53 104.25
C ASP V 373 2.19 -25.24 103.21
N CYS V 374 0.93 -25.46 103.58
CA CYS V 374 -0.18 -25.19 102.67
C CYS V 374 -0.43 -23.70 102.55
N ASP V 375 -1.01 -23.31 101.41
CA ASP V 375 -1.31 -21.90 101.13
C ASP V 375 -0.06 -21.04 101.25
N TYR V 376 1.02 -21.50 100.62
CA TYR V 376 2.27 -20.76 100.60
C TYR V 376 3.02 -21.08 99.31
N LYS V 377 3.48 -20.04 98.62
CA LYS V 377 4.19 -20.18 97.36
C LYS V 377 5.59 -19.62 97.50
N ALA V 378 6.56 -20.31 96.90
CA ALA V 378 7.96 -19.88 96.94
C ALA V 378 8.15 -18.76 95.93
N CYS V 379 8.34 -17.54 96.42
CA CYS V 379 8.50 -16.37 95.58
C CYS V 379 9.98 -15.98 95.54
N LEU V 380 10.53 -15.89 94.34
CA LEU V 380 11.94 -15.58 94.18
C LEU V 380 12.22 -14.16 94.68
N ASN V 381 13.36 -13.99 95.34
CA ASN V 381 13.79 -12.70 95.86
C ASN V 381 15.01 -12.15 95.11
N SER V 382 16.01 -12.98 94.87
CA SER V 382 17.20 -12.56 94.14
C SER V 382 18.03 -13.79 93.81
N VAL V 383 18.70 -13.74 92.67
CA VAL V 383 19.61 -14.79 92.23
C VAL V 383 21.01 -14.19 92.17
N GLN V 384 21.93 -14.75 92.94
CA GLN V 384 23.30 -14.25 93.03
C GLN V 384 24.27 -15.38 92.75
N VAL V 385 25.21 -15.14 91.86
CA VAL V 385 26.26 -16.10 91.52
C VAL V 385 27.54 -15.61 92.19
N ILE V 386 27.87 -16.18 93.34
CA ILE V 386 29.07 -15.76 94.05
C ILE V 386 30.31 -16.05 93.21
N ASN V 387 31.38 -15.31 93.50
CA ASN V 387 32.52 -15.18 92.61
C ASN V 387 33.75 -15.87 93.19
N ASN V 388 34.50 -16.53 92.31
CA ASN V 388 35.79 -17.11 92.66
C ASN V 388 36.73 -16.85 91.48
N ASN V 389 37.88 -17.51 91.48
CA ASN V 389 38.87 -17.31 90.43
C ASN V 389 39.40 -18.67 89.98
N VAL V 390 39.31 -18.94 88.67
CA VAL V 390 39.75 -20.21 88.10
C VAL V 390 40.19 -19.96 86.67
N THR V 391 41.00 -20.89 86.14
CA THR V 391 41.50 -20.94 84.77
C THR V 391 42.63 -19.94 84.54
N THR V 392 42.97 -19.11 85.53
CA THR V 392 44.09 -18.18 85.38
C THR V 392 45.40 -18.95 85.29
N ALA W 2 70.49 -29.45 33.10
CA ALA W 2 69.42 -29.65 34.07
C ALA W 2 68.25 -30.41 33.45
N CYS W 3 68.37 -30.74 32.17
CA CYS W 3 67.30 -31.47 31.49
C CYS W 3 67.10 -32.84 32.11
N THR W 4 65.84 -33.27 32.21
CA THR W 4 65.52 -34.60 32.69
C THR W 4 65.41 -35.62 31.56
N ILE W 5 65.05 -35.17 30.37
CA ILE W 5 64.97 -36.04 29.20
C ILE W 5 66.31 -35.91 28.45
N GLN W 6 67.13 -36.94 28.51
CA GLN W 6 68.43 -36.89 27.87
C GLN W 6 68.28 -36.64 26.39
N ARG W 7 69.04 -35.67 25.87
CA ARG W 7 69.00 -35.30 24.46
C ARG W 7 70.36 -35.56 23.84
N PRO W 8 70.50 -36.52 22.93
CA PRO W 8 71.81 -36.76 22.31
C PRO W 8 72.31 -35.53 21.57
N GLU W 9 73.58 -35.56 21.20
CA GLU W 9 74.20 -34.41 20.58
C GLU W 9 73.51 -34.08 19.25
N PRO W 10 73.41 -32.80 18.90
CA PRO W 10 72.68 -32.45 17.68
C PRO W 10 73.22 -33.13 16.43
N GLN W 11 74.53 -33.31 16.33
CA GLN W 11 75.09 -33.97 15.16
C GLN W 11 74.61 -35.42 15.07
N ALA W 12 74.49 -36.10 16.21
CA ALA W 12 74.01 -37.48 16.19
C ALA W 12 72.58 -37.55 15.67
N LEU W 13 71.71 -36.63 16.12
CA LEU W 13 70.34 -36.64 15.65
C LEU W 13 70.26 -36.38 14.16
N ARG W 14 70.89 -35.29 13.70
CA ARG W 14 70.75 -34.89 12.31
C ARG W 14 71.22 -36.00 11.37
N ASP W 15 72.22 -36.77 11.78
CA ASP W 15 72.63 -37.93 10.98
C ASP W 15 71.52 -38.97 10.93
N LYS W 16 70.84 -39.20 12.06
CA LYS W 16 69.81 -40.24 12.11
C LYS W 16 68.67 -39.91 11.15
N ILE W 17 68.20 -38.67 11.15
CA ILE W 17 67.13 -38.29 10.23
C ILE W 17 67.60 -38.41 8.80
N ALA W 18 68.82 -37.95 8.51
CA ALA W 18 69.34 -38.04 7.15
C ALA W 18 69.46 -39.49 6.72
N THR W 19 69.95 -40.36 7.59
CA THR W 19 70.10 -41.77 7.24
C THR W 19 68.74 -42.41 6.99
N ARG W 20 67.76 -42.14 7.85
CA ARG W 20 66.44 -42.74 7.68
C ARG W 20 65.79 -42.30 6.39
N PHE W 21 65.89 -41.01 6.06
CA PHE W 21 65.27 -40.50 4.84
C PHE W 21 65.85 -41.18 3.60
N SER W 22 67.17 -41.30 3.56
CA SER W 22 67.81 -41.91 2.39
C SER W 22 67.40 -43.37 2.23
N THR W 23 67.34 -44.11 3.34
CA THR W 23 67.06 -45.54 3.26
C THR W 23 65.64 -45.80 2.78
N ASN W 24 64.69 -44.96 3.18
CA ASN W 24 63.28 -45.21 2.90
C ASN W 24 62.82 -44.59 1.58
N VAL W 25 63.20 -43.34 1.32
CA VAL W 25 62.66 -42.59 0.19
C VAL W 25 63.62 -42.59 -1.00
N LEU W 26 64.88 -42.24 -0.77
CA LEU W 26 65.85 -42.10 -1.85
C LEU W 26 66.62 -43.37 -2.15
N GLY W 27 66.34 -44.46 -1.44
CA GLY W 27 66.94 -45.74 -1.75
C GLY W 27 68.44 -45.82 -1.52
N GLY W 28 68.93 -45.28 -0.41
CA GLY W 28 70.30 -45.48 0.02
C GLY W 28 71.24 -44.33 -0.29
N ALA W 29 70.89 -43.46 -1.23
CA ALA W 29 71.74 -42.33 -1.56
C ALA W 29 71.50 -41.16 -0.62
N GLU W 30 72.55 -40.37 -0.39
CA GLU W 30 72.45 -39.22 0.48
C GLU W 30 71.89 -38.03 -0.29
N ILE W 31 71.79 -36.89 0.39
CA ILE W 31 71.09 -35.73 -0.15
C ILE W 31 72.07 -34.83 -0.88
N ILE W 32 71.57 -34.11 -1.88
CA ILE W 32 72.32 -33.04 -2.53
C ILE W 32 72.34 -31.86 -1.57
N PRO W 33 73.43 -31.08 -1.49
CA PRO W 33 73.47 -30.03 -0.47
C PRO W 33 72.33 -29.04 -0.56
N GLU W 34 71.88 -28.68 -1.76
CA GLU W 34 70.84 -27.68 -1.95
C GLU W 34 69.74 -28.28 -2.83
N SER W 35 68.64 -28.69 -2.20
CA SER W 35 67.51 -29.26 -2.90
C SER W 35 66.37 -29.42 -1.90
N ASN W 36 65.19 -29.75 -2.43
CA ASN W 36 64.03 -29.90 -1.56
C ASN W 36 64.28 -30.93 -0.48
N GLU W 37 65.03 -31.99 -0.79
CA GLU W 37 65.31 -33.02 0.21
C GLU W 37 66.12 -32.45 1.37
N PHE W 38 67.05 -31.54 1.08
CA PHE W 38 67.83 -30.94 2.15
C PHE W 38 66.95 -30.11 3.09
N TYR W 39 66.02 -29.35 2.54
CA TYR W 39 65.22 -28.45 3.37
C TYR W 39 64.18 -29.21 4.18
N VAL W 40 63.56 -30.23 3.60
CA VAL W 40 62.59 -31.01 4.36
C VAL W 40 63.27 -31.73 5.51
N VAL W 41 64.52 -32.17 5.31
CA VAL W 41 65.26 -32.81 6.39
C VAL W 41 65.50 -31.82 7.52
N THR W 42 65.93 -30.60 7.18
CA THR W 42 66.17 -29.59 8.22
C THR W 42 64.88 -29.26 8.96
N LEU W 43 63.78 -29.11 8.22
CA LEU W 43 62.50 -28.84 8.87
C LEU W 43 62.12 -29.99 9.80
N GLU W 44 62.35 -31.23 9.37
CA GLU W 44 62.05 -32.37 10.23
C GLU W 44 62.82 -32.29 11.53
N TYR W 45 64.08 -31.83 11.48
CA TYR W 45 64.85 -31.67 12.71
C TYR W 45 64.22 -30.63 13.62
N ALA W 46 63.75 -29.51 13.05
CA ALA W 46 63.19 -28.44 13.87
C ALA W 46 61.97 -28.94 14.64
N MET W 47 61.07 -29.66 13.97
CA MET W 47 59.90 -30.18 14.65
C MET W 47 60.26 -31.18 15.73
N GLN W 48 61.38 -31.89 15.56
CA GLN W 48 61.82 -32.82 16.59
C GLN W 48 62.18 -32.09 17.87
N GLU W 49 62.82 -30.92 17.75
CA GLU W 49 63.20 -30.16 18.93
C GLU W 49 61.96 -29.78 19.74
N GLU W 50 60.90 -29.33 19.06
CA GLU W 50 59.68 -28.94 19.75
C GLU W 50 59.07 -30.12 20.47
N PHE W 51 59.09 -31.30 19.85
CA PHE W 51 58.55 -32.49 20.50
C PHE W 51 59.26 -32.77 21.81
N PHE W 52 60.59 -32.63 21.82
CA PHE W 52 61.34 -32.82 23.06
C PHE W 52 60.89 -31.82 24.11
N ALA W 53 60.72 -30.55 23.72
CA ALA W 53 60.30 -29.53 24.67
C ALA W 53 58.91 -29.83 25.22
N PHE W 54 57.99 -30.27 24.35
CA PHE W 54 56.64 -30.56 24.79
C PHE W 54 56.64 -31.63 25.88
N ALA W 55 57.40 -32.71 25.67
CA ALA W 55 57.51 -33.73 26.71
C ALA W 55 58.17 -33.17 27.97
N GLU W 56 59.22 -32.37 27.79
CA GLU W 56 59.89 -31.77 28.94
C GLU W 56 58.91 -30.91 29.73
N GLN W 57 58.13 -30.08 29.04
CA GLN W 57 57.19 -29.21 29.74
C GLN W 57 56.08 -30.00 30.41
N MET W 58 55.47 -30.95 29.69
CA MET W 58 54.34 -31.68 30.26
C MET W 58 54.75 -32.58 31.40
N TRP W 59 56.03 -32.97 31.48
CA TRP W 59 56.54 -33.57 32.71
C TRP W 59 56.75 -32.52 33.79
N ARG W 60 57.32 -31.38 33.40
CA ARG W 60 57.61 -30.33 34.37
C ARG W 60 56.34 -29.81 35.01
N GLU W 61 55.24 -29.78 34.26
CA GLU W 61 53.97 -29.28 34.75
C GLU W 61 53.27 -30.26 35.69
N GLN W 62 53.95 -31.33 36.10
CA GLN W 62 53.40 -32.29 37.04
C GLN W 62 54.21 -32.41 38.32
N ASP W 63 55.38 -31.78 38.41
CA ASP W 63 56.19 -31.86 39.61
C ASP W 63 55.82 -30.72 40.56
N PRO W 64 55.70 -30.97 41.87
CA PRO W 64 55.18 -29.93 42.78
C PRO W 64 56.00 -28.64 42.77
N ARG W 65 57.30 -28.72 42.59
CA ARG W 65 58.17 -27.55 42.70
C ARG W 65 58.27 -26.75 41.41
N TYR W 66 57.61 -27.18 40.34
CA TYR W 66 57.62 -26.44 39.08
C TYR W 66 56.23 -26.21 38.49
N ALA W 67 55.18 -26.80 39.04
CA ALA W 67 53.86 -26.71 38.44
C ALA W 67 53.32 -25.29 38.53
N CYS W 68 52.37 -24.99 37.64
CA CYS W 68 51.74 -23.68 37.60
C CYS W 68 51.05 -23.39 38.93
N CYS W 69 50.66 -22.13 39.10
CA CYS W 69 50.02 -21.69 40.35
C CYS W 69 48.63 -22.28 40.53
N GLU W 70 48.03 -22.86 39.49
CA GLU W 70 46.72 -23.47 39.57
C GLU W 70 46.79 -24.98 39.69
N ASN W 71 47.59 -25.64 38.86
CA ASN W 71 47.76 -27.09 38.99
C ASN W 71 48.30 -27.48 40.36
N LEU W 72 49.01 -26.56 41.01
CA LEU W 72 49.57 -26.86 42.33
C LEU W 72 48.45 -27.13 43.33
N VAL W 73 47.42 -26.27 43.35
CA VAL W 73 46.33 -26.46 44.31
C VAL W 73 45.54 -27.71 43.96
N LYS W 74 45.39 -28.01 42.67
CA LYS W 74 44.70 -29.23 42.28
C LYS W 74 45.43 -30.46 42.80
N MET W 75 46.76 -30.47 42.68
CA MET W 75 47.54 -31.59 43.20
C MET W 75 47.43 -31.67 44.73
N ALA W 76 47.50 -30.53 45.41
CA ALA W 76 47.45 -30.53 46.86
C ALA W 76 46.13 -31.07 47.39
N ALA W 77 45.06 -30.97 46.61
CA ALA W 77 43.77 -31.50 47.06
C ALA W 77 43.83 -33.01 47.24
N ARG W 78 44.54 -33.70 46.35
CA ARG W 78 44.60 -35.15 46.42
C ARG W 78 45.22 -35.65 47.72
N ARG W 79 46.08 -34.85 48.35
CA ARG W 79 46.77 -35.25 49.56
C ARG W 79 46.23 -34.52 50.80
N GLY W 80 45.08 -33.87 50.68
CA GLY W 80 44.44 -33.27 51.84
C GLY W 80 45.08 -32.01 52.35
N VAL W 81 45.84 -31.31 51.52
CA VAL W 81 46.47 -30.04 51.89
C VAL W 81 45.78 -28.93 51.09
N TYR W 82 45.27 -27.93 51.79
CA TYR W 82 44.55 -26.82 51.19
C TYR W 82 45.10 -25.49 51.66
N PRO W 83 44.98 -24.45 50.85
CA PRO W 83 45.49 -23.13 51.27
C PRO W 83 44.66 -22.54 52.39
N LYS W 84 45.31 -21.69 53.18
CA LYS W 84 44.65 -21.04 54.31
C LYS W 84 43.81 -19.86 53.81
N PRO W 85 42.53 -19.78 54.16
CA PRO W 85 41.74 -18.61 53.81
C PRO W 85 42.00 -17.46 54.77
N ALA W 86 41.38 -16.31 54.46
CA ALA W 86 41.51 -15.15 55.31
C ALA W 86 40.79 -15.38 56.64
N GLN W 87 41.13 -14.54 57.62
CA GLN W 87 40.59 -14.66 58.97
C GLN W 87 40.00 -13.34 59.42
N PHE W 88 39.11 -13.41 60.41
CA PHE W 88 38.47 -12.25 61.00
C PHE W 88 38.90 -12.13 62.45
N ALA W 89 39.07 -10.89 62.91
CA ALA W 89 39.38 -10.66 64.32
C ALA W 89 38.25 -11.18 65.20
N GLN W 90 38.53 -11.33 66.49
CA GLN W 90 37.54 -11.85 67.42
C GLN W 90 37.87 -11.35 68.82
N GLY W 91 36.86 -11.41 69.69
CA GLY W 91 37.03 -10.97 71.05
C GLY W 91 35.70 -10.85 71.76
N TYR W 92 35.74 -10.27 72.94
CA TYR W 92 34.56 -10.09 73.79
C TYR W 92 34.35 -8.61 74.08
N VAL W 93 33.09 -8.23 74.28
CA VAL W 93 32.72 -6.85 74.57
C VAL W 93 31.73 -6.84 75.71
N ARG W 94 31.89 -5.88 76.62
CA ARG W 94 31.01 -5.72 77.77
C ARG W 94 29.96 -4.64 77.48
N MET W 95 28.72 -4.91 77.88
CA MET W 95 27.60 -4.02 77.62
C MET W 95 26.87 -3.74 78.92
N THR W 96 26.46 -2.48 79.11
CA THR W 96 25.76 -2.05 80.30
C THR W 96 24.56 -1.21 79.90
N GLY W 97 23.42 -1.46 80.55
CA GLY W 97 22.21 -0.70 80.26
C GLY W 97 21.13 -1.04 81.25
N VAL W 98 20.06 -0.25 81.20
CA VAL W 98 18.94 -0.45 82.12
C VAL W 98 18.28 -1.78 81.80
N PRO W 99 17.93 -2.59 82.80
CA PRO W 99 17.36 -3.91 82.50
C PRO W 99 16.00 -3.80 81.82
N GLY W 100 15.71 -4.78 80.96
CA GLY W 100 14.42 -4.90 80.33
C GLY W 100 14.32 -4.30 78.94
N SER W 101 15.21 -3.38 78.59
CA SER W 101 15.16 -2.76 77.27
C SER W 101 15.48 -3.79 76.20
N ALA W 102 14.68 -3.79 75.13
CA ALA W 102 14.88 -4.75 74.05
C ALA W 102 16.18 -4.46 73.31
N LEU W 103 16.76 -5.52 72.74
CA LEU W 103 18.00 -5.45 72.00
C LEU W 103 17.73 -5.65 70.51
N ASN W 104 18.80 -5.53 69.72
CA ASN W 104 18.71 -5.68 68.27
C ASN W 104 19.87 -6.56 67.80
N GLN W 105 19.66 -7.22 66.66
CA GLN W 105 20.66 -8.13 66.12
C GLN W 105 21.67 -7.45 65.21
N ASN W 106 21.33 -6.31 64.63
CA ASN W 106 22.22 -5.59 63.73
C ASN W 106 23.17 -4.65 64.46
N LEU W 107 23.38 -4.86 65.76
CA LEU W 107 24.20 -3.96 66.55
C LEU W 107 25.66 -4.00 66.07
N ARG W 108 26.32 -2.84 66.14
CA ARG W 108 27.73 -2.75 65.77
C ARG W 108 28.42 -1.74 66.68
N PHE W 109 29.72 -1.94 66.85
CA PHE W 109 30.56 -1.11 67.71
C PHE W 109 31.70 -0.51 66.89
N GLN W 110 32.64 0.14 67.58
CA GLN W 110 33.81 0.69 66.92
C GLN W 110 34.89 0.93 67.97
N PHE W 111 36.11 0.46 67.67
CA PHE W 111 37.27 0.67 68.53
C PHE W 111 38.42 1.15 67.66
N GLU W 112 38.71 2.45 67.71
CA GLU W 112 39.83 3.03 66.96
C GLU W 112 39.66 2.80 65.45
N ASN W 113 38.54 3.29 64.92
CA ASN W 113 38.23 3.29 63.49
C ASN W 113 37.90 1.91 62.95
N GLN W 114 37.95 0.86 63.76
CA GLN W 114 37.64 -0.49 63.33
C GLN W 114 36.24 -0.87 63.80
N THR W 115 35.39 -1.28 62.87
CA THR W 115 33.99 -1.58 63.16
C THR W 115 33.82 -3.07 63.40
N TYR W 116 33.18 -3.41 64.51
CA TYR W 116 32.93 -4.80 64.89
C TYR W 116 31.44 -5.05 64.98
N GLU W 117 31.04 -6.29 64.67
CA GLU W 117 29.64 -6.69 64.68
C GLU W 117 29.49 -7.94 65.54
N ALA W 118 28.30 -8.10 66.13
CA ALA W 118 28.03 -9.26 66.95
C ALA W 118 28.15 -10.54 66.11
N ALA W 119 28.82 -11.54 66.67
CA ALA W 119 29.07 -12.81 65.99
C ALA W 119 28.28 -13.95 66.59
N SER W 120 27.21 -13.66 67.33
CA SER W 120 26.40 -14.70 67.96
C SER W 120 24.98 -14.20 68.09
N VAL W 121 24.06 -15.13 68.28
CA VAL W 121 22.64 -14.81 68.41
C VAL W 121 22.45 -13.95 69.65
N VAL W 122 22.05 -12.70 69.45
CA VAL W 122 21.84 -11.78 70.59
C VAL W 122 20.57 -12.19 71.32
N PRO W 123 20.53 -12.09 72.64
CA PRO W 123 19.30 -12.42 73.37
C PRO W 123 18.19 -11.41 73.09
N ASP W 124 16.98 -11.77 73.54
CA ASP W 124 15.81 -10.94 73.24
C ASP W 124 15.94 -9.55 73.88
N GLN W 125 16.32 -9.50 75.16
CA GLN W 125 16.41 -8.23 75.86
C GLN W 125 17.47 -8.33 76.94
N LEU W 126 17.85 -7.17 77.46
CA LEU W 126 18.92 -7.11 78.45
C LEU W 126 18.53 -7.93 79.68
N PRO W 127 19.45 -8.66 80.28
CA PRO W 127 19.11 -9.46 81.48
C PRO W 127 18.85 -8.57 82.68
N ALA W 128 18.44 -9.22 83.77
CA ALA W 128 18.04 -8.47 84.96
C ALA W 128 19.19 -7.65 85.52
N THR W 129 20.39 -8.23 85.58
CA THR W 129 21.53 -7.52 86.14
C THR W 129 21.96 -6.33 85.29
N GLY W 130 21.51 -6.24 84.04
CA GLY W 130 21.84 -5.10 83.20
C GLY W 130 23.22 -5.14 82.60
N VAL W 131 23.88 -6.29 82.61
CA VAL W 131 25.20 -6.46 82.02
C VAL W 131 25.16 -7.63 81.07
N LEU W 132 25.70 -7.45 79.86
CA LEU W 132 25.66 -8.46 78.83
C LEU W 132 27.05 -8.58 78.20
N VAL W 133 27.39 -9.80 77.78
CA VAL W 133 28.67 -10.10 77.17
C VAL W 133 28.41 -10.71 75.80
N LEU W 134 29.07 -10.19 74.77
CA LEU W 134 28.87 -10.61 73.40
C LEU W 134 30.17 -11.07 72.77
N ARG W 135 30.05 -11.83 71.69
CA ARG W 135 31.16 -12.19 70.82
C ARG W 135 31.09 -11.37 69.56
N VAL W 136 32.21 -10.76 69.18
CA VAL W 136 32.24 -9.84 68.04
C VAL W 136 33.33 -10.29 67.08
N SER W 137 33.11 -9.99 65.80
CA SER W 137 34.07 -10.27 64.75
C SER W 137 34.21 -9.03 63.87
N ALA W 138 35.42 -8.81 63.35
CA ALA W 138 35.65 -7.64 62.52
C ALA W 138 34.75 -7.66 61.30
N VAL W 139 34.24 -6.49 60.93
CA VAL W 139 33.38 -6.40 59.76
C VAL W 139 34.16 -6.74 58.49
N THR W 140 35.44 -6.37 58.45
CA THR W 140 36.30 -6.64 57.31
C THR W 140 37.49 -7.49 57.74
N PRO W 141 37.90 -8.46 56.93
CA PRO W 141 39.02 -9.33 57.33
C PRO W 141 40.36 -8.63 57.21
N GLY W 142 41.45 -9.36 57.49
CA GLY W 142 42.78 -8.81 57.37
C GLY W 142 43.40 -8.52 58.71
N PRO W 143 44.72 -8.30 58.73
CA PRO W 143 45.41 -8.01 60.00
C PRO W 143 45.06 -6.67 60.60
N SER W 144 44.38 -5.79 59.85
CA SER W 144 44.04 -4.48 60.38
C SER W 144 43.10 -4.56 61.58
N GLY W 145 42.46 -5.71 61.80
CA GLY W 145 41.55 -5.86 62.92
C GLY W 145 42.22 -6.07 64.26
N ASN W 146 43.53 -6.29 64.28
CA ASN W 146 44.26 -6.48 65.53
C ASN W 146 44.61 -5.12 66.12
N ILE W 147 44.07 -4.82 67.30
CA ILE W 147 44.32 -3.57 67.99
C ILE W 147 44.40 -3.84 69.48
N ARG W 148 45.20 -3.01 70.17
CA ARG W 148 45.44 -3.14 71.60
C ARG W 148 44.82 -1.93 72.29
N VAL W 149 43.53 -2.04 72.61
CA VAL W 149 42.78 -0.97 73.25
C VAL W 149 41.76 -1.61 74.19
N THR W 150 41.17 -0.79 75.07
CA THR W 150 40.24 -1.29 76.08
C THR W 150 38.93 -0.51 76.16
N GLU W 151 38.79 0.64 75.50
CA GLU W 151 37.58 1.44 75.56
C GLU W 151 37.09 1.73 74.15
N GLY W 152 35.78 1.64 73.95
CA GLY W 152 35.17 1.94 72.67
C GLY W 152 33.91 2.76 72.80
N SER W 153 33.10 2.79 71.75
CA SER W 153 31.85 3.54 71.77
C SER W 153 30.85 2.88 70.83
N LEU W 154 29.60 2.82 71.26
CA LEU W 154 28.55 2.27 70.42
C LEU W 154 28.32 3.16 69.21
N VAL W 155 28.05 2.55 68.06
CA VAL W 155 27.94 3.26 66.80
C VAL W 155 26.47 3.55 66.51
N THR W 156 25.59 2.61 66.86
CA THR W 156 24.16 2.75 66.59
C THR W 156 23.42 2.89 67.91
N PRO W 157 23.09 4.10 68.34
CA PRO W 157 22.47 4.26 69.67
C PRO W 157 21.14 3.53 69.75
N VAL W 158 20.88 2.95 70.93
CA VAL W 158 19.61 2.32 71.24
C VAL W 158 19.16 2.84 72.60
N PRO W 159 17.89 3.21 72.78
CA PRO W 159 17.47 3.75 74.08
C PRO W 159 17.68 2.73 75.19
N GLY W 160 18.11 3.24 76.35
CA GLY W 160 18.30 2.40 77.52
C GLY W 160 19.63 1.70 77.61
N ILE W 161 20.52 1.89 76.63
CA ILE W 161 21.84 1.27 76.62
C ILE W 161 22.88 2.38 76.66
N SER W 162 23.83 2.27 77.58
CA SER W 162 24.84 3.30 77.75
C SER W 162 25.60 3.52 76.45
N SER W 163 25.87 4.79 76.14
CA SER W 163 26.58 5.14 74.93
C SER W 163 28.04 4.72 74.96
N ALA W 164 28.56 4.33 76.12
CA ALA W 164 29.95 3.89 76.26
C ALA W 164 29.99 2.38 76.42
N VAL W 165 30.91 1.74 75.69
CA VAL W 165 31.07 0.30 75.72
C VAL W 165 32.55 -0.01 75.90
N THR W 166 32.85 -1.02 76.71
CA THR W 166 34.22 -1.41 77.02
C THR W 166 34.41 -2.88 76.69
N ALA W 167 35.62 -3.22 76.26
CA ALA W 167 35.97 -4.60 75.97
C ALA W 167 36.51 -5.27 77.23
N TYR W 168 36.88 -6.54 77.11
CA TYR W 168 37.45 -7.27 78.21
C TYR W 168 38.91 -6.84 78.46
N GLY W 169 39.49 -7.38 79.52
CA GLY W 169 40.86 -7.01 79.85
C GLY W 169 41.83 -7.24 78.71
N GLY W 170 41.56 -8.24 77.87
CA GLY W 170 42.40 -8.47 76.71
C GLY W 170 42.06 -7.51 75.58
N ASN W 171 42.12 -8.00 74.34
CA ASN W 171 41.82 -7.17 73.19
C ASN W 171 41.50 -8.09 72.02
N PHE W 172 41.04 -7.48 70.93
CA PHE W 172 40.68 -8.23 69.74
C PHE W 172 41.92 -8.54 68.91
N CYS W 173 41.98 -9.77 68.40
CA CYS W 173 43.09 -10.22 67.57
C CYS W 173 42.68 -11.53 66.91
N GLY W 174 43.61 -12.12 66.17
CA GLY W 174 43.40 -13.35 65.46
C GLY W 174 43.17 -13.18 63.97
N GLY W 175 42.88 -11.97 63.52
CA GLY W 175 42.70 -11.76 62.10
C GLY W 175 44.01 -11.90 61.33
N ASP W 176 43.90 -12.30 60.08
CA ASP W 176 45.07 -12.51 59.25
C ASP W 176 44.66 -12.44 57.78
N ASP W 177 45.64 -12.19 56.92
CA ASP W 177 45.41 -12.08 55.49
C ASP W 177 45.50 -13.45 54.82
N ALA W 178 45.05 -13.51 53.57
CA ALA W 178 45.03 -14.76 52.83
C ALA W 178 46.47 -15.27 52.62
N GLU W 179 46.57 -16.48 52.10
CA GLU W 179 47.85 -17.12 51.82
C GLU W 179 48.14 -17.03 50.34
N GLU W 180 49.34 -16.57 49.99
CA GLU W 180 49.71 -16.37 48.59
C GLU W 180 50.08 -17.71 47.98
N CYS W 181 50.62 -17.69 46.77
CA CYS W 181 50.95 -18.93 46.07
C CYS W 181 52.28 -19.49 46.55
N GLU W 182 53.34 -18.67 46.55
CA GLU W 182 54.66 -19.17 46.93
C GLU W 182 54.69 -19.72 48.35
N PRO W 183 54.17 -19.02 49.37
CA PRO W 183 54.17 -19.61 50.71
C PRO W 183 53.44 -20.94 50.77
N PHE W 184 52.38 -21.11 49.97
CA PHE W 184 51.69 -22.39 49.92
C PHE W 184 52.60 -23.47 49.34
N ARG W 185 53.36 -23.14 48.30
CA ARG W 185 54.20 -24.15 47.66
C ARG W 185 55.25 -24.69 48.61
N THR W 186 55.93 -23.80 49.34
CA THR W 186 56.95 -24.26 50.27
C THR W 186 56.35 -25.12 51.37
N ARG W 187 55.18 -24.74 51.87
CA ARG W 187 54.52 -25.55 52.90
C ARG W 187 54.18 -26.93 52.38
N TYR W 188 53.61 -27.00 51.16
CA TYR W 188 53.25 -28.30 50.60
C TYR W 188 54.48 -29.18 50.41
N LEU W 189 55.57 -28.61 49.89
CA LEU W 189 56.78 -29.39 49.70
C LEU W 189 57.32 -29.90 51.03
N GLN W 190 57.27 -29.07 52.06
CA GLN W 190 57.76 -29.49 53.37
C GLN W 190 57.04 -30.73 53.85
N ARG W 191 55.73 -30.83 53.60
CA ARG W 191 54.99 -32.03 53.98
C ARG W 191 55.47 -33.24 53.20
N LEU W 192 55.71 -33.08 51.89
CA LEU W 192 56.11 -34.21 51.06
C LEU W 192 57.53 -34.66 51.35
N GLN W 193 58.42 -33.73 51.70
CA GLN W 193 59.82 -34.06 51.88
C GLN W 193 60.01 -35.03 53.03
N TYR W 194 61.22 -35.56 53.18
CA TYR W 194 61.58 -36.43 54.30
C TYR W 194 62.22 -35.58 55.39
N GLU W 195 61.58 -35.53 56.56
CA GLU W 195 62.07 -34.74 57.68
C GLU W 195 62.13 -35.63 58.91
N PRO W 196 63.28 -35.72 59.58
CA PRO W 196 63.32 -36.43 60.86
C PRO W 196 62.53 -35.69 61.93
N ARG W 197 62.13 -36.45 62.95
CA ARG W 197 61.39 -35.92 64.10
C ARG W 197 60.26 -35.00 63.66
N LEU W 198 59.32 -35.57 62.91
CA LEU W 198 58.14 -34.81 62.50
C LEU W 198 57.20 -34.56 63.66
N THR W 199 57.31 -35.32 64.74
CA THR W 199 56.46 -35.08 65.91
C THR W 199 56.73 -33.69 66.48
N VAL W 200 58.00 -33.28 66.55
CA VAL W 200 58.33 -31.94 67.00
C VAL W 200 57.73 -30.91 66.04
N GLU W 201 57.86 -31.16 64.73
CA GLU W 201 57.31 -30.23 63.75
C GLU W 201 55.79 -30.16 63.84
N TRP W 202 55.13 -31.30 64.07
CA TRP W 202 53.68 -31.31 64.15
C TRP W 202 53.20 -30.46 65.32
N LEU W 203 53.84 -30.60 66.48
CA LEU W 203 53.46 -29.79 67.63
C LEU W 203 53.73 -28.31 67.38
N LYS W 204 54.87 -27.98 66.76
CA LYS W 204 55.19 -26.58 66.51
C LYS W 204 54.13 -25.94 65.62
N SER W 205 53.69 -26.64 64.58
CA SER W 205 52.63 -26.12 63.73
C SER W 205 51.31 -26.00 64.51
N LYS W 206 51.03 -26.97 65.38
CA LYS W 206 49.78 -26.96 66.12
C LYS W 206 49.68 -25.75 67.03
N ALA W 207 50.77 -25.39 67.70
CA ALA W 207 50.73 -24.29 68.66
C ALA W 207 50.27 -23.00 68.02
N MET W 208 50.52 -22.81 66.71
CA MET W 208 50.13 -21.59 66.06
C MET W 208 48.63 -21.41 65.94
N GLU W 209 47.84 -22.46 66.22
CA GLU W 209 46.40 -22.35 66.19
C GLU W 209 45.82 -21.78 67.47
N TRP W 210 46.60 -21.72 68.54
CA TRP W 210 46.12 -21.12 69.78
C TRP W 210 45.89 -19.62 69.56
N PRO W 211 44.80 -19.06 70.07
CA PRO W 211 44.52 -17.64 69.83
C PRO W 211 45.64 -16.75 70.34
N CYS W 212 45.91 -15.68 69.60
CA CYS W 212 46.86 -14.62 69.93
C CYS W 212 48.31 -15.02 69.66
N VAL W 213 48.58 -16.24 69.23
CA VAL W 213 49.95 -16.66 68.96
C VAL W 213 50.39 -16.16 67.60
N THR W 214 51.63 -15.70 67.51
CA THR W 214 52.17 -15.12 66.29
C THR W 214 53.33 -15.90 65.72
N ASP W 215 54.32 -16.27 66.54
CA ASP W 215 55.52 -16.93 66.08
C ASP W 215 55.87 -18.10 67.00
N VAL W 216 56.56 -19.08 66.44
CA VAL W 216 57.06 -20.23 67.19
C VAL W 216 58.54 -20.36 66.91
N PHE W 217 59.36 -20.32 67.95
CA PHE W 217 60.81 -20.37 67.84
C PHE W 217 61.34 -21.60 68.56
N ASP W 218 62.23 -22.33 67.90
CA ASP W 218 62.88 -23.46 68.53
C ASP W 218 63.91 -22.98 69.55
N LEU W 219 64.36 -23.90 70.40
CA LEU W 219 65.35 -23.55 71.42
C LEU W 219 66.59 -22.97 70.76
N GLY W 220 67.07 -21.85 71.31
CA GLY W 220 68.19 -21.15 70.73
C GLY W 220 69.51 -21.86 70.95
N PRO W 221 70.54 -21.44 70.22
CA PRO W 221 71.85 -22.09 70.39
C PRO W 221 72.40 -21.98 71.80
N ASN W 222 72.15 -20.88 72.48
CA ASN W 222 72.65 -20.70 73.84
C ASN W 222 71.99 -21.65 74.84
N CYS W 223 70.91 -22.33 74.45
CA CYS W 223 70.21 -23.23 75.35
C CYS W 223 70.83 -24.62 75.40
N CYS W 224 71.85 -24.89 74.59
CA CYS W 224 72.53 -26.17 74.65
C CYS W 224 73.27 -26.33 75.97
N SER W 225 73.36 -27.57 76.45
CA SER W 225 74.03 -27.87 77.70
C SER W 225 74.85 -29.14 77.54
N VAL W 226 75.90 -29.25 78.35
CA VAL W 226 76.81 -30.39 78.33
C VAL W 226 77.06 -30.83 79.77
N ASN W 227 77.05 -32.14 79.99
CA ASN W 227 77.26 -32.69 81.32
C ASN W 227 78.75 -32.60 81.68
N ALA W 228 79.08 -33.05 82.91
CA ALA W 228 80.44 -32.93 83.40
C ALA W 228 81.43 -33.74 82.56
N LEU W 229 80.97 -34.69 81.77
CA LEU W 229 81.85 -35.52 80.97
C LEU W 229 82.25 -34.87 79.65
N GLY W 230 81.76 -33.67 79.36
CA GLY W 230 82.11 -33.01 78.12
C GLY W 230 81.46 -33.60 76.90
N GLU W 231 80.25 -34.13 77.04
CA GLU W 231 79.50 -34.71 75.92
C GLU W 231 78.17 -34.00 75.80
N VAL W 232 77.85 -33.55 74.58
CA VAL W 232 76.59 -32.84 74.37
C VAL W 232 75.43 -33.75 74.75
N GLU W 233 74.44 -33.16 75.43
CA GLU W 233 73.30 -33.90 75.97
C GLU W 233 72.06 -33.60 75.13
N CYS W 234 71.43 -34.65 74.63
CA CYS W 234 70.21 -34.50 73.83
C CYS W 234 69.02 -34.91 74.67
N PRO W 235 68.12 -34.00 75.05
CA PRO W 235 66.97 -34.37 75.86
C PRO W 235 65.90 -35.09 75.04
N ASN W 236 65.05 -35.81 75.75
CA ASN W 236 63.95 -36.56 75.14
C ASN W 236 62.61 -35.85 75.28
N ASN W 237 62.60 -34.62 75.78
CA ASN W 237 61.38 -33.84 75.88
C ASN W 237 61.22 -32.95 74.65
N ILE W 238 60.13 -32.21 74.60
CA ILE W 238 59.85 -31.29 73.50
C ILE W 238 59.53 -29.92 74.10
N GLU W 239 60.24 -28.90 73.63
CA GLU W 239 60.05 -27.54 74.14
C GLU W 239 60.34 -26.55 73.03
N PHE W 240 59.77 -25.36 73.17
CA PHE W 240 59.98 -24.27 72.22
C PHE W 240 59.35 -23.01 72.81
N TYR W 241 59.50 -21.90 72.08
CA TYR W 241 59.02 -20.60 72.52
C TYR W 241 57.83 -20.16 71.67
N VAL W 242 57.08 -19.19 72.21
CA VAL W 242 55.96 -18.59 71.51
C VAL W 242 55.91 -17.11 71.87
N LEU W 243 55.56 -16.27 70.91
CA LEU W 243 55.51 -14.83 71.10
C LEU W 243 54.14 -14.29 70.71
N PHE W 244 53.78 -13.17 71.31
CA PHE W 244 52.49 -12.51 71.13
C PHE W 244 52.70 -11.06 70.72
N ARG W 245 53.53 -10.85 69.70
CA ARG W 245 53.96 -9.51 69.32
C ARG W 245 52.80 -8.52 69.22
N ASP W 246 51.60 -9.01 68.89
CA ASP W 246 50.45 -8.13 68.67
C ASP W 246 49.59 -7.94 69.91
N THR W 247 49.95 -8.54 71.04
CA THR W 247 49.13 -8.45 72.24
C THR W 247 49.91 -7.98 73.47
N PHE W 248 51.17 -8.37 73.60
CA PHE W 248 51.97 -8.05 74.78
C PHE W 248 53.15 -7.18 74.39
N ASP W 249 53.60 -6.37 75.35
CA ASP W 249 54.75 -5.51 75.11
C ASP W 249 55.98 -6.34 74.77
N CYS W 250 56.52 -6.13 73.58
CA CYS W 250 57.67 -6.84 73.03
C CYS W 250 57.34 -8.27 72.63
N GLY W 251 56.10 -8.72 72.82
CA GLY W 251 55.71 -10.06 72.44
C GLY W 251 56.00 -11.12 73.48
N LEU W 252 56.43 -10.74 74.67
CA LEU W 252 56.72 -11.70 75.74
C LEU W 252 55.54 -11.76 76.69
N ALA W 253 55.02 -12.96 76.92
CA ALA W 253 53.84 -13.17 77.74
C ALA W 253 54.24 -13.65 79.13
N PRO W 254 53.38 -13.44 80.13
CA PRO W 254 53.69 -13.93 81.48
C PRO W 254 53.57 -15.44 81.56
N GLN W 255 54.08 -15.99 82.66
CA GLN W 255 54.13 -17.44 82.82
C GLN W 255 52.73 -18.04 82.82
N CYS W 256 51.78 -17.37 83.47
CA CYS W 256 50.44 -17.94 83.60
C CYS W 256 49.83 -18.24 82.23
N VAL W 257 50.12 -17.41 81.23
CA VAL W 257 49.52 -17.61 79.91
C VAL W 257 50.05 -18.88 79.27
N VAL W 258 51.37 -19.08 79.30
CA VAL W 258 51.95 -20.25 78.64
C VAL W 258 51.64 -21.54 79.40
N ASP W 259 51.36 -21.46 80.69
CA ASP W 259 51.01 -22.66 81.45
C ASP W 259 49.74 -23.30 80.90
N GLU W 260 48.75 -22.48 80.56
CA GLU W 260 47.51 -23.01 80.00
C GLU W 260 47.76 -23.72 78.69
N ILE W 261 48.63 -23.17 77.84
CA ILE W 261 48.90 -23.79 76.55
C ILE W 261 49.51 -25.17 76.75
N THR W 262 50.45 -25.29 77.69
CA THR W 262 51.13 -26.57 77.89
C THR W 262 50.14 -27.66 78.29
N ASP W 263 49.23 -27.34 79.20
CA ASP W 263 48.26 -28.34 79.64
C ASP W 263 47.39 -28.83 78.48
N TRP W 264 46.91 -27.90 77.66
CA TRP W 264 46.08 -28.27 76.53
C TRP W 264 46.86 -29.11 75.51
N LEU W 265 48.12 -28.75 75.28
CA LEU W 265 48.90 -29.43 74.24
C LEU W 265 49.33 -30.82 74.68
N PHE W 266 49.75 -30.99 75.93
CA PHE W 266 50.29 -32.25 76.41
C PHE W 266 49.39 -32.95 77.42
N GLY W 267 48.38 -32.28 77.96
CA GLY W 267 47.48 -32.89 78.90
C GLY W 267 47.90 -32.70 80.34
N SER W 268 47.04 -33.16 81.25
CA SER W 268 47.29 -33.04 82.68
C SER W 268 46.73 -34.26 83.42
N PRO W 269 47.59 -35.17 83.90
CA PRO W 269 49.05 -35.14 83.82
C PRO W 269 49.57 -35.38 82.42
N GLN W 270 50.75 -34.85 82.12
CA GLN W 270 51.29 -34.94 80.78
C GLN W 270 51.65 -36.38 80.43
N GLY W 271 51.57 -36.69 79.13
CA GLY W 271 52.03 -37.95 78.59
C GLY W 271 50.95 -39.00 78.40
N LEU W 272 49.80 -38.85 79.07
CA LEU W 272 48.74 -39.84 78.98
C LEU W 272 47.82 -39.63 77.79
N GLY W 273 48.23 -38.83 76.81
CA GLY W 273 47.44 -38.67 75.61
C GLY W 273 46.14 -37.93 75.78
N GLN W 274 45.96 -37.23 76.91
CA GLN W 274 44.73 -36.47 77.13
C GLN W 274 44.71 -35.17 76.33
N GLY W 275 45.86 -34.68 75.89
CA GLY W 275 45.95 -33.48 75.09
C GLY W 275 46.00 -33.77 73.61
N GLU W 276 46.44 -32.77 72.85
CA GLU W 276 46.55 -32.94 71.40
C GLU W 276 47.71 -33.85 71.03
N ALA W 277 48.72 -33.96 71.88
CA ALA W 277 49.87 -34.80 71.59
C ALA W 277 49.48 -36.28 71.67
N GLU W 278 50.28 -37.10 71.00
CA GLU W 278 50.03 -38.54 71.00
C GLU W 278 50.33 -39.12 72.38
N PHE W 279 50.13 -40.42 72.52
CA PHE W 279 50.44 -41.08 73.78
C PHE W 279 51.95 -41.14 73.99
N GLY W 280 52.35 -41.02 75.25
CA GLY W 280 53.76 -41.08 75.60
C GLY W 280 54.58 -39.94 75.03
N ILE W 281 54.01 -38.74 74.97
CA ILE W 281 54.72 -37.54 74.53
C ILE W 281 54.65 -36.52 75.66
N CYS W 282 55.82 -36.03 76.07
CA CYS W 282 55.92 -35.16 77.23
C CYS W 282 56.83 -33.98 76.91
N GLY W 283 56.39 -32.78 77.25
CA GLY W 283 57.13 -31.58 76.91
C GLY W 283 56.71 -30.41 77.75
N LYS W 284 57.13 -29.22 77.32
CA LYS W 284 56.85 -27.99 78.05
C LYS W 284 57.05 -26.80 77.13
N VAL W 285 56.16 -25.82 77.24
CA VAL W 285 56.23 -24.60 76.45
C VAL W 285 56.82 -23.50 77.32
N ARG W 286 57.78 -22.76 76.77
CA ARG W 286 58.55 -21.78 77.52
C ARG W 286 58.14 -20.36 77.15
N THR W 287 58.61 -19.42 77.96
CA THR W 287 58.51 -17.99 77.66
C THR W 287 59.90 -17.37 77.76
N ALA W 288 59.99 -16.04 77.69
CA ALA W 288 61.28 -15.38 77.73
C ALA W 288 61.17 -14.06 78.48
N THR W 289 62.31 -13.56 78.93
CA THR W 289 62.41 -12.29 79.63
C THR W 289 63.16 -11.29 78.77
N ALA W 290 62.76 -10.02 78.90
CA ALA W 290 63.27 -8.96 78.02
C ALA W 290 64.51 -8.31 78.62
N VAL W 291 65.49 -8.04 77.76
CA VAL W 291 66.65 -7.23 78.09
C VAL W 291 66.72 -6.08 77.10
N ASN W 292 66.78 -4.85 77.64
CA ASN W 292 66.73 -3.67 76.80
C ASN W 292 68.07 -3.43 76.12
N LEU W 293 68.03 -2.65 75.04
CA LEU W 293 69.23 -2.34 74.27
C LEU W 293 69.03 -1.02 73.55
N ASP W 294 70.10 -0.23 73.49
CA ASP W 294 70.13 1.01 72.72
C ASP W 294 71.12 0.85 71.58
N ILE W 295 70.70 1.23 70.37
CA ILE W 295 71.50 1.05 69.17
C ILE W 295 71.78 2.43 68.58
N TYR W 296 73.05 2.70 68.29
CA TYR W 296 73.49 3.97 67.74
C TYR W 296 74.04 3.77 66.34
N LEU W 297 73.53 4.54 65.39
CA LEU W 297 74.00 4.51 64.01
C LEU W 297 74.88 5.72 63.75
N ASN W 298 76.06 5.48 63.17
CA ASN W 298 77.06 6.52 62.97
C ASN W 298 77.42 6.62 61.50
N GLY W 299 77.72 7.85 61.05
CA GLY W 299 78.16 8.06 59.70
C GLY W 299 77.06 8.04 58.66
N LEU W 300 75.81 8.23 59.07
CA LEU W 300 74.69 8.20 58.15
C LEU W 300 74.31 9.58 57.62
N SER W 301 75.00 10.63 58.04
CA SER W 301 74.67 11.97 57.59
C SER W 301 74.92 12.15 56.10
N CYS W 302 75.99 11.55 55.58
CA CYS W 302 76.32 11.72 54.17
C CYS W 302 75.28 11.11 53.25
N ALA W 303 74.47 10.17 53.74
CA ALA W 303 73.48 9.52 52.91
C ALA W 303 72.28 10.42 52.67
N THR W 304 71.62 10.20 51.53
CA THR W 304 70.42 10.95 51.21
C THR W 304 69.30 10.59 52.20
N PRO W 305 68.36 11.51 52.43
CA PRO W 305 67.33 11.23 53.46
C PRO W 305 66.56 9.95 53.22
N ALA W 306 66.28 9.62 51.95
CA ALA W 306 65.58 8.37 51.68
C ALA W 306 66.39 7.16 52.15
N GLN W 307 67.70 7.18 51.90
CA GLN W 307 68.54 6.07 52.34
C GLN W 307 68.55 5.95 53.86
N ALA W 308 68.60 7.09 54.56
CA ALA W 308 68.62 7.04 56.02
C ALA W 308 67.34 6.43 56.57
N ARG W 309 66.19 6.77 55.98
CA ARG W 309 64.92 6.27 56.48
C ARG W 309 64.83 4.75 56.35
N VAL W 310 65.19 4.22 55.18
CA VAL W 310 65.03 2.78 54.96
C VAL W 310 66.03 2.00 55.80
N VAL W 311 67.25 2.49 55.95
CA VAL W 311 68.24 1.79 56.75
C VAL W 311 67.77 1.69 58.20
N GLU W 312 67.23 2.79 58.73
CA GLU W 312 66.68 2.74 60.09
C GLU W 312 65.52 1.76 60.18
N GLN W 313 64.65 1.75 59.17
CA GLN W 313 63.49 0.86 59.21
C GLN W 313 63.91 -0.60 59.18
N ARG W 314 64.86 -0.97 58.32
CA ARG W 314 65.26 -2.36 58.20
C ARG W 314 65.83 -2.89 59.50
N ILE W 315 66.69 -2.10 60.16
CA ILE W 315 67.29 -2.55 61.41
C ILE W 315 66.21 -2.74 62.48
N THR W 316 65.24 -1.84 62.52
CA THR W 316 64.19 -1.95 63.54
C THR W 316 63.42 -3.26 63.38
N ASP W 317 63.08 -3.63 62.14
CA ASP W 317 62.36 -4.88 61.93
C ASP W 317 63.23 -6.08 62.29
N PHE W 318 64.52 -6.03 61.94
CA PHE W 318 65.39 -7.17 62.20
C PHE W 318 65.48 -7.47 63.69
N ILE W 319 65.63 -6.43 64.51
CA ILE W 319 65.74 -6.64 65.95
C ILE W 319 64.42 -7.17 66.51
N ASN W 320 63.29 -6.63 66.02
CA ASN W 320 62.00 -7.01 66.58
C ASN W 320 61.75 -8.51 66.42
N ARG W 321 62.09 -9.07 65.27
CA ARG W 321 61.81 -10.46 64.97
C ARG W 321 62.91 -11.40 65.45
N HIS W 322 63.95 -10.89 66.11
CA HIS W 322 65.05 -11.73 66.52
C HIS W 322 64.57 -12.77 67.54
N PRO W 323 65.03 -14.02 67.43
CA PRO W 323 64.54 -15.06 68.35
C PRO W 323 65.15 -14.89 69.73
N PRO W 324 64.60 -15.56 70.74
CA PRO W 324 65.21 -15.52 72.07
C PRO W 324 66.45 -16.41 72.15
N SER W 325 67.27 -16.14 73.16
CA SER W 325 68.46 -16.93 73.45
C SER W 325 69.37 -17.02 72.23
N THR W 326 69.52 -15.91 71.52
CA THR W 326 70.42 -15.82 70.38
C THR W 326 71.24 -14.55 70.47
N ASN W 327 72.51 -14.64 70.12
CA ASN W 327 73.40 -13.49 70.20
C ASN W 327 72.99 -12.41 69.20
N LEU W 328 73.29 -11.17 69.55
CA LEU W 328 73.09 -10.02 68.66
C LEU W 328 74.45 -9.38 68.42
N THR W 329 74.97 -9.54 67.21
CA THR W 329 76.31 -9.11 66.87
C THR W 329 76.27 -7.85 66.00
N VAL W 330 77.29 -7.01 66.16
CA VAL W 330 77.36 -5.78 65.37
C VAL W 330 77.47 -6.11 63.88
N GLU W 331 78.03 -7.27 63.54
CA GLU W 331 78.20 -7.61 62.14
C GLU W 331 76.86 -7.69 61.41
N GLN W 332 75.87 -8.32 62.03
CA GLN W 332 74.57 -8.48 61.38
C GLN W 332 73.96 -7.13 61.04
N LEU W 333 73.91 -6.23 62.02
CA LEU W 333 73.32 -4.92 61.78
C LEU W 333 74.11 -4.14 60.74
N ARG W 334 75.45 -4.21 60.81
CA ARG W 334 76.27 -3.53 59.82
C ARG W 334 76.02 -4.08 58.42
N PHE W 335 75.90 -5.41 58.30
CA PHE W 335 75.67 -6.01 57.00
C PHE W 335 74.36 -5.55 56.39
N ILE W 336 73.29 -5.48 57.20
CA ILE W 336 71.99 -5.10 56.68
C ILE W 336 72.05 -3.69 56.12
N GLY W 337 72.59 -2.75 56.88
CA GLY W 337 72.71 -1.39 56.39
C GLY W 337 73.68 -1.28 55.23
N LEU W 338 74.83 -1.95 55.33
CA LEU W 338 75.81 -1.90 54.26
C LEU W 338 75.26 -2.47 52.96
N GLN W 339 74.28 -3.37 53.05
CA GLN W 339 73.69 -3.95 51.85
C GLN W 339 72.92 -2.90 51.05
N VAL W 340 72.40 -1.88 51.72
CA VAL W 340 71.61 -0.85 51.04
C VAL W 340 72.48 0.33 50.62
N LEU W 341 73.31 0.85 51.54
CA LEU W 341 74.12 2.01 51.22
C LEU W 341 75.13 1.71 50.13
N GLY W 342 75.76 0.55 50.19
CA GLY W 342 76.84 0.21 49.27
C GLY W 342 78.05 -0.32 50.00
N SER W 343 78.74 -1.28 49.40
CA SER W 343 79.85 -1.94 50.08
C SER W 343 80.99 -0.98 50.40
N SER W 344 81.08 0.15 49.71
CA SER W 344 82.17 1.10 49.92
C SER W 344 81.81 2.20 50.92
N PHE W 345 80.59 2.21 51.43
CA PHE W 345 80.18 3.26 52.35
C PHE W 345 80.88 3.11 53.70
N ALA W 346 81.02 4.22 54.41
CA ALA W 346 81.59 4.25 55.75
C ALA W 346 80.45 4.20 56.75
N PHE W 347 80.14 3.01 57.24
CA PHE W 347 79.00 2.78 58.12
C PHE W 347 79.46 2.02 59.36
N ASP W 348 78.95 2.42 60.51
CA ASP W 348 79.31 1.79 61.77
C ASP W 348 78.16 1.90 62.75
N VAL W 349 78.03 0.89 63.61
CA VAL W 349 76.97 0.84 64.60
C VAL W 349 77.56 0.40 65.94
N ALA W 350 76.82 0.71 67.01
CA ALA W 350 77.23 0.34 68.35
C ALA W 350 76.00 0.00 69.17
N ILE W 351 76.21 -0.82 70.20
CA ILE W 351 75.14 -1.29 71.07
C ILE W 351 75.51 -0.98 72.51
N ARG W 352 74.56 -0.41 73.25
CA ARG W 352 74.79 -0.06 74.65
C ARG W 352 73.48 -0.20 75.41
N SER W 353 73.60 -0.39 76.72
CA SER W 353 72.44 -0.55 77.59
C SER W 353 71.92 0.79 78.05
N PRO W 354 70.66 0.88 78.44
CA PRO W 354 70.12 2.16 78.94
C PRO W 354 70.87 2.61 80.19
N GLY W 355 71.41 3.82 80.14
CA GLY W 355 72.14 4.37 81.25
C GLY W 355 73.41 3.61 81.55
N ASP W 356 73.82 2.74 80.62
CA ASP W 356 75.04 1.95 80.77
C ASP W 356 75.01 1.11 82.04
N ALA W 357 73.82 0.71 82.47
CA ALA W 357 73.65 -0.07 83.68
C ALA W 357 73.62 -1.56 83.35
N SER W 358 74.08 -2.37 84.30
CA SER W 358 74.10 -3.81 84.13
C SER W 358 72.69 -4.38 84.26
N GLN W 359 72.46 -5.51 83.59
CA GLN W 359 71.18 -6.19 83.62
C GLN W 359 71.41 -7.68 83.76
N SER W 360 70.31 -8.41 83.96
CA SER W 360 70.38 -9.86 84.13
C SER W 360 70.41 -10.55 82.77
N GLY W 361 71.34 -11.48 82.60
CA GLY W 361 71.43 -12.23 81.36
C GLY W 361 72.00 -11.48 80.18
N LEU W 362 72.75 -10.41 80.44
CA LEU W 362 73.35 -9.61 79.38
C LEU W 362 74.85 -9.49 79.64
N ARG W 363 75.65 -9.76 78.62
CA ARG W 363 77.09 -9.67 78.74
C ARG W 363 77.69 -9.19 77.42
N PHE W 364 78.59 -8.22 77.49
CA PHE W 364 79.27 -7.68 76.33
C PHE W 364 80.64 -8.34 76.20
N ASN W 365 80.90 -8.95 75.05
CA ASN W 365 82.20 -9.53 74.79
C ASN W 365 83.13 -8.49 74.17
N ALA W 366 84.38 -8.89 73.92
CA ALA W 366 85.37 -7.94 73.45
C ALA W 366 84.98 -7.35 72.09
N CYS W 367 84.49 -8.19 71.18
CA CYS W 367 84.17 -7.74 69.83
C CYS W 367 83.01 -6.77 69.79
N GLY W 368 82.26 -6.62 70.89
CA GLY W 368 81.13 -5.70 70.93
C GLY W 368 79.79 -6.36 70.82
N ASP W 369 79.73 -7.69 70.70
CA ASP W 369 78.46 -8.38 70.65
C ASP W 369 77.77 -8.33 72.02
N ALA W 370 76.46 -8.48 72.01
CA ALA W 370 75.66 -8.50 73.22
C ALA W 370 75.20 -9.94 73.46
N GLU W 371 76.05 -10.70 74.15
CA GLU W 371 75.72 -12.09 74.44
C GLU W 371 74.52 -12.16 75.37
N ILE W 372 73.64 -13.13 75.12
CA ILE W 372 72.39 -13.27 75.85
C ILE W 372 72.26 -14.71 76.33
N ASP W 373 71.83 -14.88 77.58
CA ASP W 373 71.71 -16.19 78.20
C ASP W 373 70.40 -16.86 77.76
N CYS W 374 70.15 -18.04 78.30
CA CYS W 374 68.93 -18.77 77.98
C CYS W 374 67.72 -18.06 78.57
N ASP W 375 66.57 -18.23 77.91
CA ASP W 375 65.32 -17.61 78.35
C ASP W 375 65.47 -16.09 78.44
N TYR W 376 66.03 -15.50 77.39
CA TYR W 376 66.18 -14.06 77.31
C TYR W 376 66.13 -13.64 75.85
N LYS W 377 65.47 -12.52 75.59
CA LYS W 377 65.30 -12.00 74.23
C LYS W 377 65.72 -10.54 74.19
N ALA W 378 66.37 -10.16 73.10
CA ALA W 378 66.81 -8.78 72.91
C ALA W 378 65.62 -7.94 72.47
N CYS W 379 65.19 -7.02 73.34
CA CYS W 379 64.04 -6.16 73.07
C CYS W 379 64.55 -4.76 72.77
N LEU W 380 64.18 -4.24 71.60
CA LEU W 380 64.62 -2.91 71.22
C LEU W 380 64.06 -1.86 72.16
N ASN W 381 64.90 -0.88 72.51
CA ASN W 381 64.51 0.22 73.38
C ASN W 381 64.41 1.54 72.63
N SER W 382 65.38 1.86 71.78
CA SER W 382 65.37 3.10 71.02
C SER W 382 66.44 3.03 69.95
N VAL W 383 66.13 3.59 68.78
CA VAL W 383 67.07 3.71 67.68
C VAL W 383 67.41 5.17 67.52
N GLN W 384 68.68 5.51 67.75
CA GLN W 384 69.16 6.88 67.67
C GLN W 384 70.29 6.96 66.65
N VAL W 385 70.20 7.95 65.76
CA VAL W 385 71.24 8.19 64.76
C VAL W 385 71.95 9.46 65.18
N ILE W 386 73.23 9.34 65.55
CA ILE W 386 73.98 10.49 65.99
C ILE W 386 74.16 11.47 64.82
N ASN W 387 74.34 12.73 65.16
CA ASN W 387 74.37 13.81 64.18
C ASN W 387 75.79 14.35 64.02
N ASN W 388 76.17 14.59 62.78
CA ASN W 388 77.46 15.19 62.44
C ASN W 388 77.23 16.17 61.30
N ASN W 389 78.30 16.63 60.69
CA ASN W 389 78.22 17.60 59.60
C ASN W 389 79.18 17.21 58.50
N VAL W 390 78.67 17.03 57.28
CA VAL W 390 79.47 16.61 56.15
C VAL W 390 78.83 17.16 54.87
N THR W 391 79.64 17.26 53.82
CA THR W 391 79.27 17.68 52.47
C THR W 391 79.09 19.20 52.37
N THR W 392 79.15 19.94 53.47
CA THR W 392 79.04 21.39 53.42
C THR W 392 80.20 21.98 52.63
N ALA X 2 74.82 37.25 -3.94
CA ALA X 2 74.50 36.33 -2.84
C ALA X 2 74.04 34.99 -3.38
N CYS X 3 73.68 34.95 -4.66
CA CYS X 3 73.21 33.71 -5.27
C CYS X 3 74.31 32.66 -5.22
N THR X 4 73.91 31.41 -4.98
CA THR X 4 74.84 30.29 -5.00
C THR X 4 74.92 29.63 -6.36
N ILE X 5 73.84 29.63 -7.12
CA ILE X 5 73.83 29.09 -8.47
C ILE X 5 74.09 30.24 -9.43
N GLN X 6 75.28 30.26 -10.02
CA GLN X 6 75.64 31.36 -10.92
C GLN X 6 74.66 31.43 -12.08
N ARG X 7 74.08 32.60 -12.28
CA ARG X 7 73.10 32.82 -13.34
C ARG X 7 73.69 33.76 -14.38
N PRO X 8 73.97 33.32 -15.60
CA PRO X 8 74.53 34.22 -16.61
C PRO X 8 73.61 35.41 -16.85
N GLU X 9 74.14 36.40 -17.55
CA GLU X 9 73.39 37.62 -17.78
C GLU X 9 72.12 37.31 -18.57
N PRO X 10 71.02 38.01 -18.32
CA PRO X 10 69.77 37.68 -19.03
C PRO X 10 69.89 37.75 -20.53
N GLN X 11 70.66 38.70 -21.06
CA GLN X 11 70.83 38.78 -22.51
C GLN X 11 71.48 37.53 -23.06
N ALA X 12 72.49 37.00 -22.36
CA ALA X 12 73.16 35.79 -22.83
C ALA X 12 72.18 34.61 -22.88
N LEU X 13 71.33 34.48 -21.87
CA LEU X 13 70.35 33.40 -21.87
C LEU X 13 69.37 33.55 -23.02
N ARG X 14 68.75 34.73 -23.16
CA ARG X 14 67.70 34.90 -24.14
C ARG X 14 68.21 34.63 -25.55
N ASP X 15 69.49 34.89 -25.80
CA ASP X 15 70.07 34.54 -27.10
C ASP X 15 70.18 33.03 -27.27
N LYS X 16 70.53 32.32 -26.20
CA LYS X 16 70.72 30.88 -26.31
C LYS X 16 69.41 30.18 -26.66
N ILE X 17 68.32 30.56 -25.99
CA ILE X 17 67.02 29.97 -26.31
C ILE X 17 66.61 30.32 -27.74
N ALA X 18 66.80 31.58 -28.13
CA ALA X 18 66.45 31.99 -29.48
C ALA X 18 67.24 31.22 -30.51
N THR X 19 68.55 31.06 -30.29
CA THR X 19 69.38 30.32 -31.24
C THR X 19 68.95 28.87 -31.32
N ARG X 20 68.67 28.25 -30.17
CA ARG X 20 68.28 26.83 -30.18
C ARG X 20 66.97 26.63 -30.92
N PHE X 21 65.99 27.51 -30.69
CA PHE X 21 64.70 27.37 -31.36
C PHE X 21 64.85 27.46 -32.88
N SER X 22 65.63 28.43 -33.35
CA SER X 22 65.79 28.60 -34.79
C SER X 22 66.47 27.40 -35.42
N THR X 23 67.51 26.87 -34.77
CA THR X 23 68.27 25.77 -35.35
C THR X 23 67.43 24.50 -35.46
N ASN X 24 66.58 24.25 -34.47
CA ASN X 24 65.84 22.99 -34.42
C ASN X 24 64.52 23.04 -35.18
N VAL X 25 63.76 24.11 -35.04
CA VAL X 25 62.40 24.19 -35.57
C VAL X 25 62.33 25.00 -36.85
N LEU X 26 62.84 26.23 -36.83
CA LEU X 26 62.72 27.13 -37.96
C LEU X 26 63.85 26.98 -38.98
N GLY X 27 64.78 26.05 -38.75
CA GLY X 27 65.81 25.78 -39.74
C GLY X 27 66.79 26.91 -39.98
N GLY X 28 67.26 27.56 -38.93
CA GLY X 28 68.34 28.52 -39.01
C GLY X 28 67.90 29.97 -39.08
N ALA X 29 66.67 30.25 -39.46
CA ALA X 29 66.19 31.62 -39.52
C ALA X 29 65.76 32.10 -38.14
N GLU X 30 65.94 33.40 -37.89
CA GLU X 30 65.56 33.98 -36.61
C GLU X 30 64.05 34.24 -36.59
N ILE X 31 63.58 34.83 -35.51
CA ILE X 31 62.15 34.98 -35.27
C ILE X 31 61.67 36.32 -35.82
N ILE X 32 60.41 36.36 -36.23
CA ILE X 32 59.76 37.61 -36.60
C ILE X 32 59.47 38.36 -35.30
N PRO X 33 59.55 39.69 -35.28
CA PRO X 33 59.42 40.39 -33.99
C PRO X 33 58.12 40.09 -33.25
N GLU X 34 57.01 39.94 -33.95
CA GLU X 34 55.71 39.70 -33.33
C GLU X 34 55.03 38.53 -34.03
N SER X 35 55.07 37.36 -33.40
CA SER X 35 54.44 36.17 -33.93
C SER X 35 54.43 35.11 -32.83
N ASN X 36 53.77 33.99 -33.11
CA ASN X 36 53.68 32.93 -32.12
C ASN X 36 55.07 32.46 -31.69
N GLU X 37 56.03 32.43 -32.61
CA GLU X 37 57.38 31.99 -32.25
C GLU X 37 58.00 32.93 -31.22
N PHE X 38 57.76 34.23 -31.35
CA PHE X 38 58.33 35.17 -30.39
C PHE X 38 57.78 34.93 -28.99
N TYR X 39 56.48 34.67 -28.87
CA TYR X 39 55.87 34.56 -27.56
C TYR X 39 56.25 33.24 -26.87
N VAL X 40 56.32 32.15 -27.63
CA VAL X 40 56.72 30.88 -27.03
C VAL X 40 58.15 30.97 -26.51
N VAL X 41 59.01 31.71 -27.21
CA VAL X 41 60.38 31.91 -26.74
C VAL X 41 60.37 32.67 -25.42
N THR X 42 59.60 33.75 -25.34
CA THR X 42 59.55 34.52 -24.10
C THR X 42 59.00 33.69 -22.96
N LEU X 43 57.93 32.93 -23.22
CA LEU X 43 57.37 32.07 -22.18
C LEU X 43 58.39 31.04 -21.72
N GLU X 44 59.16 30.48 -22.66
CA GLU X 44 60.20 29.53 -22.29
C GLU X 44 61.22 30.18 -21.36
N TYR X 45 61.54 31.44 -21.61
CA TYR X 45 62.43 32.16 -20.70
C TYR X 45 61.79 32.33 -19.33
N ALA X 46 60.49 32.61 -19.29
CA ALA X 46 59.82 32.77 -18.01
C ALA X 46 59.91 31.50 -17.18
N MET X 47 59.66 30.33 -17.79
CA MET X 47 59.80 29.09 -17.06
C MET X 47 61.25 28.80 -16.72
N GLN X 48 62.19 29.34 -17.50
CA GLN X 48 63.61 29.15 -17.19
C GLN X 48 63.95 29.74 -15.84
N GLU X 49 63.42 30.92 -15.54
CA GLU X 49 63.70 31.56 -14.26
C GLU X 49 63.20 30.70 -13.09
N GLU X 50 62.00 30.14 -13.23
CA GLU X 50 61.42 29.35 -12.15
C GLU X 50 62.29 28.13 -11.83
N PHE X 51 62.83 27.48 -12.86
CA PHE X 51 63.69 26.33 -12.63
C PHE X 51 64.90 26.70 -11.80
N PHE X 52 65.50 27.86 -12.08
CA PHE X 52 66.63 28.32 -11.28
C PHE X 52 66.23 28.51 -9.83
N ALA X 53 65.07 29.13 -9.59
CA ALA X 53 64.62 29.35 -8.22
C ALA X 53 64.35 28.03 -7.51
N PHE X 54 63.72 27.08 -8.20
CA PHE X 54 63.43 25.79 -7.58
C PHE X 54 64.72 25.09 -7.19
N ALA X 55 65.72 25.11 -8.06
CA ALA X 55 66.99 24.46 -7.76
C ALA X 55 67.67 25.11 -6.57
N GLU X 56 67.67 26.44 -6.51
CA GLU X 56 68.29 27.13 -5.38
C GLU X 56 67.50 26.93 -4.09
N GLN X 57 66.17 27.02 -4.18
CA GLN X 57 65.35 26.89 -2.98
C GLN X 57 65.53 25.52 -2.34
N MET X 58 65.55 24.46 -3.16
CA MET X 58 65.72 23.12 -2.62
C MET X 58 67.14 22.86 -2.13
N TRP X 59 68.07 23.78 -2.39
CA TRP X 59 69.37 23.76 -1.73
C TRP X 59 69.34 24.53 -0.42
N ARG X 60 68.62 25.67 -0.39
CA ARG X 60 68.52 26.45 0.84
C ARG X 60 67.81 25.65 1.93
N GLU X 61 66.82 24.84 1.55
CA GLU X 61 66.07 24.05 2.51
C GLU X 61 66.85 22.86 3.06
N GLN X 62 68.14 22.78 2.78
CA GLN X 62 68.99 21.73 3.30
C GLN X 62 70.16 22.25 4.12
N ASP X 63 70.44 23.55 4.09
CA ASP X 63 71.51 24.10 4.90
C ASP X 63 71.02 24.40 6.32
N PRO X 64 71.85 24.19 7.34
CA PRO X 64 71.39 24.43 8.71
C PRO X 64 70.97 25.87 8.97
N ARG X 65 71.61 26.83 8.34
CA ARG X 65 71.40 28.24 8.65
C ARG X 65 70.27 28.87 7.84
N TYR X 66 69.59 28.10 6.99
CA TYR X 66 68.47 28.61 6.22
C TYR X 66 67.25 27.69 6.22
N ALA X 67 67.38 26.46 6.70
CA ALA X 67 66.29 25.50 6.58
C ALA X 67 65.11 25.91 7.46
N CYS X 68 63.95 25.35 7.14
CA CYS X 68 62.75 25.61 7.92
C CYS X 68 62.85 24.97 9.31
N CYS X 69 61.98 25.41 10.20
CA CYS X 69 62.03 24.94 11.58
C CYS X 69 61.83 23.43 11.66
N GLU X 70 60.84 22.91 10.93
CA GLU X 70 60.57 21.48 10.96
C GLU X 70 61.75 20.70 10.39
N ASN X 71 62.29 21.16 9.26
CA ASN X 71 63.43 20.47 8.66
C ASN X 71 64.66 20.57 9.56
N LEU X 72 64.82 21.70 10.24
CA LEU X 72 66.01 21.91 11.06
C LEU X 72 66.12 20.85 12.15
N VAL X 73 65.00 20.55 12.82
CA VAL X 73 65.04 19.57 13.90
C VAL X 73 65.35 18.18 13.35
N LYS X 74 64.85 17.87 12.16
CA LYS X 74 65.09 16.55 11.58
C LYS X 74 66.58 16.33 11.32
N MET X 75 67.26 17.33 10.77
CA MET X 75 68.71 17.21 10.57
C MET X 75 69.45 17.12 11.90
N ALA X 76 69.04 17.94 12.88
CA ALA X 76 69.72 17.92 14.17
C ALA X 76 69.62 16.54 14.82
N ALA X 77 68.47 15.90 14.71
CA ALA X 77 68.31 14.57 15.30
C ALA X 77 69.28 13.56 14.70
N ARG X 78 69.79 13.81 13.50
CA ARG X 78 70.73 12.89 12.87
C ARG X 78 72.16 13.06 13.36
N ARG X 79 72.43 14.06 14.20
CA ARG X 79 73.75 14.26 14.77
C ARG X 79 73.71 14.28 16.30
N GLY X 80 72.67 13.70 16.89
CA GLY X 80 72.59 13.59 18.33
C GLY X 80 72.30 14.89 19.06
N VAL X 81 71.68 15.85 18.39
CA VAL X 81 71.31 17.13 18.99
C VAL X 81 69.80 17.26 18.96
N TYR X 82 69.20 17.49 20.12
CA TYR X 82 67.76 17.63 20.25
C TYR X 82 67.42 18.88 21.05
N PRO X 83 66.25 19.47 20.82
CA PRO X 83 65.85 20.63 21.62
C PRO X 83 65.58 20.24 23.07
N LYS X 84 65.75 21.22 23.95
CA LYS X 84 65.55 20.97 25.38
C LYS X 84 64.07 21.08 25.73
N PRO X 85 63.48 20.08 26.37
CA PRO X 85 62.08 20.17 26.78
C PRO X 85 61.93 21.04 28.02
N ALA X 86 60.67 21.31 28.37
CA ALA X 86 60.37 22.11 29.54
C ALA X 86 60.78 21.37 30.81
N GLN X 87 61.02 22.13 31.86
CA GLN X 87 61.49 21.61 33.13
C GLN X 87 60.48 21.89 34.24
N PHE X 88 60.53 21.08 35.28
CA PHE X 88 59.71 21.23 36.46
C PHE X 88 60.58 21.57 37.66
N ALA X 89 60.07 22.41 38.55
CA ALA X 89 60.81 22.76 39.75
C ALA X 89 61.01 21.53 40.63
N GLN X 90 61.86 21.68 41.64
CA GLN X 90 62.19 20.54 42.51
C GLN X 90 62.67 21.07 43.85
N GLY X 91 62.64 20.20 44.85
CA GLY X 91 63.09 20.58 46.18
C GLY X 91 62.66 19.55 47.21
N TYR X 92 62.87 19.91 48.47
CA TYR X 92 62.54 19.07 49.61
C TYR X 92 61.58 19.81 50.54
N VAL X 93 60.67 19.05 51.15
CA VAL X 93 59.70 19.59 52.10
C VAL X 93 59.72 18.73 53.35
N ARG X 94 59.79 19.38 54.51
CA ARG X 94 59.80 18.69 55.79
C ARG X 94 58.40 18.62 56.34
N MET X 95 57.96 17.42 56.71
CA MET X 95 56.60 17.17 57.19
C MET X 95 56.67 16.57 58.58
N THR X 96 55.84 17.11 59.49
CA THR X 96 55.82 16.68 60.88
C THR X 96 54.40 16.30 61.28
N GLY X 97 54.28 15.21 62.03
CA GLY X 97 52.98 14.76 62.49
C GLY X 97 53.14 13.66 63.53
N VAL X 98 52.01 13.32 64.14
CA VAL X 98 52.04 12.27 65.18
C VAL X 98 52.41 10.94 64.53
N PRO X 99 53.29 10.13 65.13
CA PRO X 99 53.65 8.87 64.51
C PRO X 99 52.47 7.92 64.42
N GLY X 100 52.50 7.06 63.40
CA GLY X 100 51.54 6.01 63.21
C GLY X 100 50.44 6.34 62.22
N SER X 101 50.00 7.61 62.16
CA SER X 101 48.93 7.97 61.26
C SER X 101 49.28 7.62 59.82
N ALA X 102 48.34 7.00 59.11
CA ALA X 102 48.58 6.59 57.74
C ALA X 102 48.71 7.81 56.84
N LEU X 103 49.45 7.64 55.75
CA LEU X 103 49.70 8.69 54.78
C LEU X 103 48.94 8.40 53.49
N ASN X 104 49.04 9.34 52.55
CA ASN X 104 48.37 9.23 51.25
C ASN X 104 49.37 9.57 50.17
N GLN X 105 49.03 9.20 48.93
CA GLN X 105 49.91 9.41 47.79
C GLN X 105 49.59 10.68 47.02
N ASN X 106 48.39 11.25 47.18
CA ASN X 106 47.95 12.38 46.38
C ASN X 106 48.09 13.72 47.10
N LEU X 107 48.68 13.75 48.29
CA LEU X 107 48.79 15.00 49.02
C LEU X 107 49.66 16.00 48.25
N ARG X 108 49.36 17.29 48.44
CA ARG X 108 50.12 18.34 47.80
C ARG X 108 50.17 19.55 48.73
N PHE X 109 51.17 20.40 48.49
CA PHE X 109 51.45 21.54 49.34
C PHE X 109 51.25 22.84 48.54
N GLN X 110 51.60 23.96 49.16
CA GLN X 110 51.47 25.25 48.52
C GLN X 110 52.43 26.24 49.15
N PHE X 111 53.12 27.01 48.32
CA PHE X 111 54.07 28.03 48.76
C PHE X 111 53.90 29.26 47.88
N GLU X 112 53.13 30.24 48.34
CA GLU X 112 52.89 31.47 47.61
C GLU X 112 52.24 31.19 46.25
N ASN X 113 51.05 30.61 46.31
CA ASN X 113 50.18 30.34 45.17
C ASN X 113 50.70 29.24 44.25
N GLN X 114 51.87 28.67 44.52
CA GLN X 114 52.42 27.59 43.72
C GLN X 114 52.20 26.28 44.43
N THR X 115 51.56 25.33 43.75
CA THR X 115 51.21 24.04 44.34
C THR X 115 52.21 22.98 43.89
N TYR X 116 52.77 22.27 44.87
CA TYR X 116 53.75 21.22 44.61
C TYR X 116 53.18 19.88 45.02
N GLU X 117 53.57 18.84 44.29
CA GLU X 117 53.09 17.49 44.53
C GLU X 117 54.28 16.57 44.78
N ALA X 118 54.04 15.52 45.57
CA ALA X 118 55.09 14.55 45.86
C ALA X 118 55.58 13.92 44.56
N ALA X 119 56.91 13.80 44.43
CA ALA X 119 57.54 13.25 43.24
C ALA X 119 58.22 11.91 43.52
N SER X 120 57.80 11.22 44.57
CA SER X 120 58.40 9.94 44.93
C SER X 120 57.35 9.09 45.66
N VAL X 121 57.61 7.79 45.70
CA VAL X 121 56.70 6.86 46.36
C VAL X 121 56.64 7.19 47.83
N VAL X 122 55.48 7.64 48.29
CA VAL X 122 55.31 7.99 49.71
C VAL X 122 55.26 6.72 50.55
N PRO X 123 55.84 6.68 51.74
CA PRO X 123 55.78 5.47 52.56
C PRO X 123 54.37 5.22 53.06
N ASP X 124 54.19 4.02 53.64
CA ASP X 124 52.86 3.59 54.07
C ASP X 124 52.32 4.50 55.17
N GLN X 125 53.15 4.83 56.17
CA GLN X 125 52.71 5.64 57.28
C GLN X 125 53.90 6.38 57.88
N LEU X 126 53.60 7.38 58.71
CA LEU X 126 54.64 8.21 59.28
C LEU X 126 55.60 7.36 60.10
N PRO X 127 56.91 7.62 60.03
CA PRO X 127 57.86 6.83 60.82
C PRO X 127 57.72 7.10 62.30
N ALA X 128 58.53 6.38 63.09
CA ALA X 128 58.42 6.45 64.54
C ALA X 128 58.70 7.86 65.05
N THR X 129 59.74 8.50 64.53
CA THR X 129 60.11 9.83 65.02
C THR X 129 59.11 10.91 64.64
N GLY X 130 58.17 10.62 63.75
CA GLY X 130 57.16 11.59 63.40
C GLY X 130 57.62 12.69 62.48
N VAL X 131 58.74 12.51 61.78
CA VAL X 131 59.27 13.49 60.85
C VAL X 131 59.59 12.77 59.55
N LEU X 132 59.18 13.38 58.43
CA LEU X 132 59.35 12.78 57.12
C LEU X 132 59.83 13.83 56.13
N VAL X 133 60.63 13.38 55.16
CA VAL X 133 61.21 14.24 54.14
C VAL X 133 60.75 13.72 52.78
N LEU X 134 60.27 14.63 51.94
CA LEU X 134 59.71 14.28 50.64
C LEU X 134 60.43 15.02 49.52
N ARG X 135 60.26 14.48 48.31
CA ARG X 135 60.70 15.13 47.08
C ARG X 135 59.47 15.63 46.33
N VAL X 136 59.43 16.92 46.04
CA VAL X 136 58.26 17.55 45.43
C VAL X 136 58.67 18.18 44.12
N SER X 137 57.72 18.23 43.19
CA SER X 137 57.91 18.85 41.89
C SER X 137 56.71 19.73 41.59
N ALA X 138 56.94 20.85 40.91
CA ALA X 138 55.86 21.77 40.59
C ALA X 138 54.80 21.07 39.75
N VAL X 139 53.53 21.39 40.02
CA VAL X 139 52.45 20.79 39.26
C VAL X 139 52.49 21.26 37.81
N THR X 140 52.88 22.51 37.58
CA THR X 140 52.95 23.08 36.24
C THR X 140 54.38 23.53 35.94
N PRO X 141 54.87 23.32 34.72
CA PRO X 141 56.25 23.69 34.40
C PRO X 141 56.42 25.19 34.22
N GLY X 142 57.63 25.62 33.87
CA GLY X 142 57.90 27.01 33.60
C GLY X 142 58.72 27.66 34.70
N PRO X 143 59.31 28.82 34.40
CA PRO X 143 60.13 29.50 35.40
C PRO X 143 59.33 29.98 36.61
N SER X 144 58.00 30.06 36.51
CA SER X 144 57.21 30.56 37.62
C SER X 144 57.31 29.67 38.85
N GLY X 145 57.80 28.44 38.71
CA GLY X 145 57.95 27.55 39.84
C GLY X 145 59.12 27.87 40.75
N ASN X 146 59.99 28.79 40.35
CA ASN X 146 61.14 29.19 41.17
C ASN X 146 60.71 30.27 42.15
N ILE X 147 60.96 30.04 43.44
CA ILE X 147 60.60 30.99 44.49
C ILE X 147 61.59 30.84 45.64
N ARG X 148 61.65 31.87 46.48
CA ARG X 148 62.57 31.94 47.61
C ARG X 148 61.74 32.13 48.88
N VAL X 149 61.30 31.02 49.46
CA VAL X 149 60.45 31.03 50.65
C VAL X 149 60.81 29.82 51.50
N THR X 150 60.31 29.81 52.76
CA THR X 150 60.64 28.73 53.68
C THR X 150 59.46 28.24 54.52
N GLU X 151 58.22 28.56 54.15
CA GLU X 151 57.05 28.07 54.88
C GLU X 151 55.90 27.88 53.91
N GLY X 152 55.10 26.83 54.15
CA GLY X 152 53.94 26.55 53.34
C GLY X 152 52.75 26.08 54.16
N SER X 153 51.90 25.25 53.58
CA SER X 153 50.73 24.74 54.28
C SER X 153 50.08 23.65 53.43
N LEU X 154 49.48 22.69 54.11
CA LEU X 154 48.78 21.62 53.41
C LEU X 154 47.56 22.18 52.66
N VAL X 155 47.30 21.61 51.48
CA VAL X 155 46.10 21.93 50.73
C VAL X 155 45.05 20.83 50.88
N THR X 156 45.44 19.63 51.30
CA THR X 156 44.52 18.51 51.50
C THR X 156 44.76 17.96 52.90
N PRO X 157 44.12 18.55 53.91
CA PRO X 157 44.44 18.16 55.29
C PRO X 157 44.17 16.68 55.55
N VAL X 158 45.03 16.08 56.36
CA VAL X 158 44.89 14.68 56.75
C VAL X 158 44.99 14.63 58.27
N PRO X 159 44.18 13.82 58.96
CA PRO X 159 44.26 13.79 60.43
C PRO X 159 45.63 13.33 60.90
N GLY X 160 46.08 13.92 62.00
CA GLY X 160 47.34 13.53 62.62
C GLY X 160 48.58 14.15 62.01
N ILE X 161 48.43 15.02 61.01
CA ILE X 161 49.56 15.69 60.36
C ILE X 161 49.41 17.18 60.59
N SER X 162 50.49 17.82 61.06
CA SER X 162 50.44 19.24 61.36
C SER X 162 50.02 20.03 60.13
N SER X 163 49.14 21.01 60.34
CA SER X 163 48.64 21.82 59.24
C SER X 163 49.69 22.75 58.66
N ALA X 164 50.84 22.90 59.32
CA ALA X 164 51.92 23.74 58.84
C ALA X 164 53.08 22.89 58.37
N VAL X 165 53.72 23.32 57.29
CA VAL X 165 54.84 22.60 56.68
C VAL X 165 55.89 23.62 56.27
N THR X 166 57.16 23.21 56.44
CA THR X 166 58.30 24.05 56.11
C THR X 166 59.20 23.32 55.13
N ALA X 167 59.79 24.10 54.21
CA ALA X 167 60.75 23.55 53.26
C ALA X 167 62.13 23.52 53.90
N TYR X 168 63.10 22.98 53.16
CA TYR X 168 64.47 22.95 53.65
C TYR X 168 65.09 24.34 53.60
N GLY X 169 66.29 24.46 54.18
CA GLY X 169 66.94 25.75 54.23
C GLY X 169 67.03 26.43 52.88
N GLY X 170 67.17 25.66 51.82
CA GLY X 170 67.17 26.22 50.47
C GLY X 170 65.77 26.56 50.01
N ASN X 171 65.49 26.34 48.74
CA ASN X 171 64.17 26.62 48.17
C ASN X 171 64.02 25.79 46.89
N PHE X 172 62.87 25.95 46.25
CA PHE X 172 62.57 25.22 45.03
C PHE X 172 63.01 26.03 43.81
N CYS X 173 63.74 25.38 42.91
CA CYS X 173 64.19 26.02 41.68
C CYS X 173 64.58 24.93 40.68
N GLY X 174 65.05 25.36 39.52
CA GLY X 174 65.41 24.47 38.44
C GLY X 174 64.39 24.41 37.32
N GLY X 175 63.18 24.89 37.56
CA GLY X 175 62.19 24.92 36.50
C GLY X 175 62.56 25.91 35.42
N ASP X 176 62.14 25.60 34.20
CA ASP X 176 62.46 26.46 33.05
C ASP X 176 61.50 26.13 31.92
N ASP X 177 61.36 27.08 31.00
CA ASP X 177 60.46 26.93 29.87
C ASP X 177 61.15 26.19 28.73
N ALA X 178 60.34 25.80 27.75
CA ALA X 178 60.85 25.04 26.61
C ALA X 178 61.82 25.89 25.79
N GLU X 179 62.44 25.30 24.77
CA GLU X 179 63.38 25.99 23.91
C GLU X 179 62.71 26.30 22.58
N GLU X 180 62.84 27.54 22.13
CA GLU X 180 62.20 27.99 20.90
C GLU X 180 63.04 27.51 19.70
N CYS X 181 62.69 27.99 18.50
CA CYS X 181 63.39 27.56 17.31
C CYS X 181 64.71 28.31 17.13
N GLU X 182 64.66 29.64 17.15
CA GLU X 182 65.87 30.42 16.92
C GLU X 182 66.98 30.10 17.91
N PRO X 183 66.73 30.07 19.23
CA PRO X 183 67.81 29.67 20.14
C PRO X 183 68.36 28.29 19.84
N PHE X 184 67.51 27.36 19.39
CA PHE X 184 67.99 26.04 19.01
C PHE X 184 68.92 26.13 17.80
N ARG X 185 68.56 26.96 16.82
CA ARG X 185 69.35 27.03 15.59
C ARG X 185 70.78 27.49 15.90
N THR X 186 70.93 28.52 16.72
CA THR X 186 72.27 29.01 17.04
C THR X 186 73.07 27.96 17.80
N ARG X 187 72.42 27.23 18.71
CA ARG X 187 73.12 26.18 19.44
C ARG X 187 73.61 25.10 18.50
N TYR X 188 72.77 24.67 17.56
CA TYR X 188 73.18 23.65 16.61
C TYR X 188 74.33 24.13 15.75
N LEU X 189 74.26 25.37 15.26
CA LEU X 189 75.33 25.89 14.42
C LEU X 189 76.64 25.95 15.17
N GLN X 190 76.60 26.37 16.44
CA GLN X 190 77.82 26.46 17.22
C GLN X 190 78.54 25.12 17.29
N ARG X 191 77.77 24.04 17.41
CA ARG X 191 78.38 22.71 17.45
C ARG X 191 79.05 22.37 16.13
N LEU X 192 78.44 22.75 15.01
CA LEU X 192 78.98 22.38 13.71
C LEU X 192 80.21 23.21 13.34
N GLN X 193 80.28 24.46 13.82
CA GLN X 193 81.35 25.36 13.42
C GLN X 193 82.71 24.88 13.93
N TYR X 194 83.77 25.56 13.52
CA TYR X 194 85.11 25.32 14.03
C TYR X 194 85.38 26.29 15.19
N GLU X 195 85.59 25.74 16.38
CA GLU X 195 85.86 26.54 17.55
C GLU X 195 87.14 26.04 18.22
N PRO X 196 88.15 26.90 18.40
CA PRO X 196 89.32 26.50 19.19
C PRO X 196 88.96 26.28 20.65
N ARG X 197 89.77 25.45 21.31
CA ARG X 197 89.63 25.16 22.73
C ARG X 197 88.17 24.87 23.09
N LEU X 198 87.61 23.85 22.43
CA LEU X 198 86.25 23.44 22.75
C LEU X 198 86.15 22.79 24.11
N THR X 199 87.27 22.35 24.70
CA THR X 199 87.21 21.78 26.04
C THR X 199 86.69 22.80 27.03
N VAL X 200 87.10 24.06 26.90
CA VAL X 200 86.55 25.11 27.75
C VAL X 200 85.06 25.25 27.52
N GLU X 201 84.64 25.25 26.25
CA GLU X 201 83.21 25.36 25.95
C GLU X 201 82.44 24.17 26.51
N TRP X 202 82.99 22.96 26.39
CA TRP X 202 82.29 21.79 26.90
C TRP X 202 82.09 21.89 28.41
N LEU X 203 83.13 22.32 29.14
CA LEU X 203 82.99 22.45 30.59
C LEU X 203 81.98 23.51 30.96
N LYS X 204 82.00 24.66 30.28
CA LYS X 204 81.06 25.72 30.59
C LYS X 204 79.63 25.26 30.37
N SER X 205 79.38 24.56 29.26
CA SER X 205 78.03 24.04 29.02
C SER X 205 77.64 23.02 30.08
N LYS X 206 78.57 22.14 30.46
CA LYS X 206 78.26 21.12 31.46
C LYS X 206 77.90 21.75 32.80
N ALA X 207 78.65 22.77 33.22
CA ALA X 207 78.41 23.37 34.52
C ALA X 207 77.00 23.94 34.64
N MET X 208 76.36 24.26 33.52
CA MET X 208 75.00 24.79 33.57
C MET X 208 73.98 23.75 33.98
N GLU X 209 74.35 22.47 34.01
CA GLU X 209 73.45 21.41 34.43
C GLU X 209 73.41 21.22 35.94
N TRP X 210 74.35 21.81 36.67
CA TRP X 210 74.31 21.72 38.13
C TRP X 210 73.07 22.45 38.65
N PRO X 211 72.38 21.90 39.65
CA PRO X 211 71.16 22.55 40.14
C PRO X 211 71.45 23.95 40.65
N CYS X 212 70.45 24.83 40.50
CA CYS X 212 70.42 26.21 40.98
C CYS X 212 71.26 27.15 40.12
N VAL X 213 71.99 26.66 39.13
CA VAL X 213 72.85 27.50 38.32
C VAL X 213 72.02 28.20 37.25
N THR X 214 72.35 29.46 36.95
CA THR X 214 71.61 30.25 36.00
C THR X 214 72.46 30.84 34.89
N ASP X 215 73.72 31.18 35.14
CA ASP X 215 74.57 31.79 34.13
C ASP X 215 76.00 31.30 34.30
N VAL X 216 76.76 31.38 33.22
CA VAL X 216 78.17 31.03 33.20
C VAL X 216 78.91 32.16 32.49
N PHE X 217 79.86 32.78 33.18
CA PHE X 217 80.61 33.91 32.65
C PHE X 217 82.09 33.57 32.62
N ASP X 218 82.75 33.88 31.50
CA ASP X 218 84.18 33.68 31.39
C ASP X 218 84.92 34.75 32.18
N LEU X 219 86.22 34.53 32.37
CA LEU X 219 87.04 35.48 33.11
C LEU X 219 86.96 36.85 32.45
N GLY X 220 86.75 37.89 33.26
CA GLY X 220 86.57 39.23 32.77
C GLY X 220 87.85 39.85 32.25
N PRO X 221 87.72 40.94 31.49
CA PRO X 221 88.93 41.58 30.95
C PRO X 221 89.88 42.07 32.02
N ASN X 222 89.37 42.53 33.16
CA ASN X 222 90.23 43.02 34.23
C ASN X 222 91.07 41.91 34.86
N CYS X 223 90.78 40.65 34.57
CA CYS X 223 91.50 39.53 35.17
C CYS X 223 92.80 39.21 34.45
N CYS X 224 93.10 39.88 33.34
CA CYS X 224 94.35 39.65 32.64
C CYS X 224 95.53 40.06 33.52
N SER X 225 96.62 39.31 33.41
CA SER X 225 97.81 39.56 34.20
C SER X 225 99.04 39.50 33.30
N VAL X 226 100.05 40.28 33.64
CA VAL X 226 101.29 40.36 32.88
C VAL X 226 102.45 40.26 33.86
N ASN X 227 103.44 39.43 33.52
CA ASN X 227 104.58 39.23 34.39
C ASN X 227 105.52 40.45 34.34
N ALA X 228 106.61 40.37 35.09
CA ALA X 228 107.54 41.49 35.16
C ALA X 228 108.23 41.76 33.82
N LEU X 229 108.15 40.82 32.88
CA LEU X 229 108.77 41.00 31.57
C LEU X 229 107.90 41.78 30.61
N GLY X 230 106.72 42.24 31.04
CA GLY X 230 105.83 42.96 30.14
C GLY X 230 105.27 42.12 29.02
N GLU X 231 104.98 40.84 29.29
CA GLU X 231 104.41 39.94 28.31
C GLU X 231 103.16 39.31 28.89
N VAL X 232 102.08 39.30 28.11
CA VAL X 232 100.83 38.72 28.57
C VAL X 232 101.03 37.24 28.88
N GLU X 233 100.40 36.78 29.96
CA GLU X 233 100.57 35.42 30.45
C GLU X 233 99.30 34.64 30.22
N CYS X 234 99.43 33.47 29.58
CA CYS X 234 98.30 32.59 29.29
C CYS X 234 98.37 31.37 30.20
N PRO X 235 97.43 31.19 31.13
CA PRO X 235 97.49 30.02 32.01
C PRO X 235 97.01 28.76 31.31
N ASN X 236 97.37 27.62 31.91
CA ASN X 236 96.99 26.32 31.39
C ASN X 236 95.84 25.69 32.15
N ASN X 237 95.26 26.39 33.11
CA ASN X 237 94.10 25.90 33.85
C ASN X 237 92.82 26.39 33.17
N ILE X 238 91.68 26.01 33.75
CA ILE X 238 90.37 26.42 33.25
C ILE X 238 89.58 26.97 34.42
N GLU X 239 89.02 28.16 34.25
CA GLU X 239 88.26 28.80 35.31
C GLU X 239 87.18 29.69 34.70
N PHE X 240 86.13 29.94 35.47
CA PHE X 240 85.03 30.79 35.05
C PHE X 240 84.13 31.03 36.24
N TYR X 241 83.18 31.95 36.07
CA TYR X 241 82.25 32.33 37.12
C TYR X 241 80.89 31.68 36.89
N VAL X 242 80.10 31.60 37.97
CA VAL X 242 78.75 31.09 37.92
C VAL X 242 77.90 31.91 38.88
N LEU X 243 76.66 32.20 38.49
CA LEU X 243 75.75 33.01 39.28
C LEU X 243 74.47 32.25 39.59
N PHE X 244 73.83 32.63 40.68
CA PHE X 244 72.61 31.98 41.16
C PHE X 244 71.50 32.99 41.33
N ARG X 245 71.26 33.80 40.30
CA ARG X 245 70.38 34.96 40.41
C ARG X 245 69.03 34.64 41.04
N ASP X 246 68.59 33.39 41.00
CA ASP X 246 67.28 33.00 41.51
C ASP X 246 67.35 32.37 42.90
N THR X 247 68.52 32.32 43.51
CA THR X 247 68.66 31.67 44.82
C THR X 247 69.34 32.56 45.85
N PHE X 248 70.32 33.37 45.46
CA PHE X 248 71.08 34.19 46.38
C PHE X 248 70.94 35.67 46.02
N ASP X 249 71.12 36.51 47.04
CA ASP X 249 71.00 37.95 46.85
C ASP X 249 72.06 38.43 45.87
N CYS X 250 71.60 39.01 44.76
CA CYS X 250 72.43 39.47 43.64
C CYS X 250 73.02 38.33 42.84
N GLY X 251 72.74 37.07 43.19
CA GLY X 251 73.23 35.94 42.45
C GLY X 251 74.62 35.46 42.81
N LEU X 252 75.23 36.05 43.84
CA LEU X 252 76.56 35.64 44.29
C LEU X 252 76.43 34.62 45.41
N ALA X 253 77.12 33.51 45.28
CA ALA X 253 77.05 32.40 46.22
C ALA X 253 78.31 32.35 47.10
N PRO X 254 78.21 31.76 48.28
CA PRO X 254 79.39 31.65 49.15
C PRO X 254 80.40 30.65 48.60
N GLN X 255 81.60 30.70 49.17
CA GLN X 255 82.69 29.87 48.67
C GLN X 255 82.37 28.38 48.82
N CYS X 256 81.74 28.00 49.93
CA CYS X 256 81.48 26.58 50.17
C CYS X 256 80.64 25.97 49.06
N VAL X 257 79.73 26.74 48.47
CA VAL X 257 78.86 26.20 47.43
C VAL X 257 79.68 25.87 46.18
N VAL X 258 80.54 26.78 45.75
CA VAL X 258 81.30 26.56 44.53
C VAL X 258 82.39 25.51 44.72
N ASP X 259 82.85 25.30 45.95
CA ASP X 259 83.88 24.27 46.18
C ASP X 259 83.33 22.89 45.82
N GLU X 260 82.08 22.61 46.18
CA GLU X 260 81.49 21.32 45.84
C GLU X 260 81.41 21.13 44.33
N ILE X 261 81.05 22.19 43.60
CA ILE X 261 80.95 22.08 42.15
C ILE X 261 82.29 21.75 41.53
N THR X 262 83.36 22.41 42.02
CA THR X 262 84.69 22.17 41.46
C THR X 262 85.10 20.72 41.62
N ASP X 263 84.85 20.14 42.80
CA ASP X 263 85.23 18.76 43.04
C ASP X 263 84.52 17.82 42.07
N TRP X 264 83.21 18.01 41.89
CA TRP X 264 82.45 17.16 40.99
C TRP X 264 82.95 17.30 39.55
N LEU X 265 83.23 18.54 39.12
CA LEU X 265 83.58 18.77 37.73
C LEU X 265 84.95 18.21 37.40
N PHE X 266 85.93 18.40 38.28
CA PHE X 266 87.31 18.05 37.99
C PHE X 266 87.82 16.85 38.79
N GLY X 267 87.21 16.54 39.92
CA GLY X 267 87.60 15.39 40.73
C GLY X 267 88.29 15.80 42.01
N SER X 268 88.78 14.79 42.72
CA SER X 268 89.47 15.01 43.99
C SER X 268 90.42 13.85 44.26
N PRO X 269 91.74 14.01 44.01
CA PRO X 269 92.41 15.22 43.52
C PRO X 269 92.12 15.50 42.05
N GLN X 270 92.26 16.77 41.66
CA GLN X 270 91.94 17.17 40.30
C GLN X 270 92.95 16.61 39.31
N GLY X 271 92.48 16.38 38.08
CA GLY X 271 93.34 16.00 36.98
C GLY X 271 93.40 14.51 36.70
N LEU X 272 92.92 13.68 37.62
CA LEU X 272 92.97 12.24 37.45
C LEU X 272 91.76 11.68 36.72
N GLY X 273 90.84 12.54 36.29
CA GLY X 273 89.67 12.08 35.55
C GLY X 273 88.58 11.48 36.40
N GLN X 274 88.69 11.55 37.72
CA GLN X 274 87.63 11.01 38.58
C GLN X 274 86.33 11.79 38.44
N GLY X 275 86.38 13.03 37.97
CA GLY X 275 85.20 13.83 37.77
C GLY X 275 84.68 13.73 36.35
N GLU X 276 83.92 14.76 35.95
CA GLU X 276 83.36 14.79 34.60
C GLU X 276 84.40 15.13 33.56
N ALA X 277 85.43 15.89 33.93
CA ALA X 277 86.44 16.32 32.97
C ALA X 277 87.28 15.12 32.51
N GLU X 278 87.91 15.29 31.35
CA GLU X 278 88.77 14.27 30.80
C GLU X 278 90.01 14.10 31.67
N PHE X 279 90.86 13.14 31.31
CA PHE X 279 92.09 12.93 32.06
C PHE X 279 93.05 14.09 31.82
N GLY X 280 93.83 14.41 32.85
CA GLY X 280 94.82 15.46 32.75
C GLY X 280 94.24 16.83 32.52
N ILE X 281 93.17 17.19 33.22
CA ILE X 281 92.54 18.50 33.13
C ILE X 281 92.45 19.07 34.53
N CYS X 282 93.00 20.27 34.72
CA CYS X 282 93.02 20.95 36.01
C CYS X 282 92.30 22.29 35.88
N GLY X 283 91.47 22.60 36.86
CA GLY X 283 90.70 23.83 36.80
C GLY X 283 90.13 24.21 38.16
N LYS X 284 89.37 25.30 38.16
CA LYS X 284 88.78 25.83 39.39
C LYS X 284 87.63 26.75 39.02
N VAL X 285 86.52 26.62 39.74
CA VAL X 285 85.34 27.46 39.54
C VAL X 285 85.32 28.53 40.60
N ARG X 286 85.14 29.78 40.18
CA ARG X 286 85.25 30.94 41.05
C ARG X 286 83.88 31.48 41.45
N THR X 287 83.93 32.41 42.40
CA THR X 287 82.75 33.21 42.77
C THR X 287 83.13 34.68 42.71
N ALA X 288 82.26 35.56 43.20
CA ALA X 288 82.52 36.98 43.15
C ALA X 288 81.96 37.65 44.41
N THR X 289 82.38 38.90 44.62
CA THR X 289 81.95 39.70 45.75
C THR X 289 81.24 40.95 45.25
N ALA X 290 80.23 41.40 45.99
CA ALA X 290 79.35 42.46 45.55
C ALA X 290 79.89 43.83 45.97
N VAL X 291 79.80 44.79 45.04
CA VAL X 291 80.04 46.19 45.33
C VAL X 291 78.79 46.96 44.94
N ASN X 292 78.27 47.76 45.87
CA ASN X 292 77.01 48.44 45.66
C ASN X 292 77.22 49.71 44.83
N LEU X 293 76.14 50.16 44.20
CA LEU X 293 76.17 51.35 43.37
C LEU X 293 74.79 52.00 43.36
N ASP X 294 74.77 53.33 43.30
CA ASP X 294 73.55 54.10 43.14
C ASP X 294 73.59 54.83 41.80
N ILE X 295 72.48 54.80 41.08
CA ILE X 295 72.40 55.37 39.74
C ILE X 295 71.33 56.46 39.75
N TYR X 296 71.70 57.64 39.26
CA TYR X 296 70.80 58.79 39.21
C TYR X 296 70.53 59.15 37.75
N LEU X 297 69.25 59.17 37.38
CA LEU X 297 68.83 59.58 36.04
C LEU X 297 68.40 61.03 36.08
N ASN X 298 68.94 61.83 35.17
CA ASN X 298 68.71 63.27 35.16
C ASN X 298 68.08 63.69 33.84
N GLY X 299 67.19 64.68 33.90
CA GLY X 299 66.58 65.22 32.71
C GLY X 299 65.53 64.33 32.08
N LEU X 300 64.84 63.52 32.87
CA LEU X 300 63.81 62.62 32.38
C LEU X 300 62.40 63.13 32.62
N SER X 301 62.26 64.32 33.20
CA SER X 301 60.94 64.87 33.48
C SER X 301 60.21 65.29 32.22
N CYS X 302 60.95 65.72 31.20
CA CYS X 302 60.33 66.18 29.95
C CYS X 302 59.72 65.04 29.14
N ALA X 303 60.00 63.79 29.49
CA ALA X 303 59.52 62.65 28.73
C ALA X 303 58.15 62.20 29.24
N THR X 304 57.41 61.55 28.36
CA THR X 304 56.10 61.02 28.74
C THR X 304 56.27 59.90 29.76
N PRO X 305 55.27 59.66 30.62
CA PRO X 305 55.44 58.65 31.65
C PRO X 305 55.78 57.27 31.11
N ALA X 306 55.25 56.91 29.94
CA ALA X 306 55.58 55.62 29.35
C ALA X 306 57.08 55.52 29.06
N GLN X 307 57.67 56.57 28.52
CA GLN X 307 59.10 56.54 28.22
C GLN X 307 59.92 56.41 29.50
N ALA X 308 59.52 57.11 30.56
CA ALA X 308 60.26 57.05 31.81
C ALA X 308 60.23 55.63 32.39
N ARG X 309 59.08 54.97 32.32
CA ARG X 309 58.96 53.64 32.90
C ARG X 309 59.86 52.64 32.18
N VAL X 310 59.83 52.64 30.85
CA VAL X 310 60.60 51.66 30.10
C VAL X 310 62.09 51.93 30.22
N VAL X 311 62.50 53.21 30.20
CA VAL X 311 63.91 53.54 30.30
C VAL X 311 64.47 53.06 31.63
N GLU X 312 63.72 53.27 32.72
CA GLU X 312 64.15 52.77 34.02
C GLU X 312 64.26 51.25 34.01
N GLN X 313 63.30 50.58 33.38
CA GLN X 313 63.32 49.11 33.36
C GLN X 313 64.54 48.59 32.60
N ARG X 314 64.84 49.18 31.45
CA ARG X 314 65.94 48.67 30.63
C ARG X 314 67.26 48.78 31.37
N ILE X 315 67.51 49.92 32.02
CA ILE X 315 68.77 50.11 32.74
C ILE X 315 68.87 49.10 33.89
N THR X 316 67.77 48.88 34.60
CA THR X 316 67.79 47.95 35.72
C THR X 316 68.20 46.55 35.26
N ASP X 317 67.62 46.10 34.14
CA ASP X 317 67.98 44.78 33.62
C ASP X 317 69.43 44.74 33.19
N PHE X 318 69.92 45.80 32.55
CA PHE X 318 71.30 45.81 32.06
C PHE X 318 72.29 45.64 33.20
N ILE X 319 72.08 46.36 34.30
CA ILE X 319 72.98 46.25 35.45
C ILE X 319 72.88 44.87 36.09
N ASN X 320 71.66 44.33 36.17
CA ASN X 320 71.47 43.07 36.87
C ASN X 320 72.26 41.94 36.22
N ARG X 321 72.27 41.90 34.89
CA ARG X 321 72.91 40.82 34.15
C ARG X 321 74.38 41.09 33.83
N HIS X 322 74.94 42.19 34.34
CA HIS X 322 76.30 42.54 34.01
C HIS X 322 77.27 41.46 34.51
N PRO X 323 78.31 41.14 33.75
CA PRO X 323 79.25 40.10 34.19
C PRO X 323 80.15 40.61 35.30
N PRO X 324 80.81 39.73 36.04
CA PRO X 324 81.77 40.18 37.06
C PRO X 324 83.08 40.63 36.43
N SER X 325 83.82 41.43 37.19
CA SER X 325 85.15 41.88 36.79
C SER X 325 85.11 42.61 35.45
N THR X 326 84.09 43.43 35.25
CA THR X 326 83.95 44.24 34.05
C THR X 326 83.57 45.66 34.43
N ASN X 327 84.16 46.63 33.73
CA ASN X 327 83.90 48.03 34.03
C ASN X 327 82.45 48.39 33.74
N LEU X 328 81.94 49.37 34.48
CA LEU X 328 80.61 49.93 34.27
C LEU X 328 80.78 51.41 33.92
N THR X 329 80.49 51.76 32.67
CA THR X 329 80.75 53.09 32.14
C THR X 329 79.44 53.84 31.94
N VAL X 330 79.50 55.17 32.13
CA VAL X 330 78.34 56.01 31.94
C VAL X 330 77.84 55.93 30.50
N GLU X 331 78.74 55.70 29.55
CA GLU X 331 78.35 55.67 28.15
C GLU X 331 77.34 54.57 27.88
N GLN X 332 77.56 53.38 28.45
CA GLN X 332 76.65 52.26 28.21
C GLN X 332 75.24 52.61 28.65
N LEU X 333 75.08 53.09 29.89
CA LEU X 333 73.75 53.42 30.39
C LEU X 333 73.13 54.57 29.60
N ARG X 334 73.92 55.58 29.27
CA ARG X 334 73.40 56.69 28.50
C ARG X 334 72.93 56.23 27.13
N PHE X 335 73.70 55.36 26.47
CA PHE X 335 73.31 54.88 25.15
C PHE X 335 72.01 54.10 25.20
N ILE X 336 71.85 53.24 26.21
CA ILE X 336 70.65 52.40 26.28
C ILE X 336 69.40 53.28 26.37
N GLY X 337 69.39 54.24 27.30
CA GLY X 337 68.25 55.13 27.40
C GLY X 337 68.10 56.02 26.19
N LEU X 338 69.21 56.55 25.68
CA LEU X 338 69.15 57.44 24.53
C LEU X 338 68.58 56.72 23.31
N GLN X 339 68.78 55.40 23.22
CA GLN X 339 68.24 54.64 22.10
C GLN X 339 66.72 54.65 22.07
N VAL X 340 66.08 54.89 23.22
CA VAL X 340 64.63 54.93 23.30
C VAL X 340 64.10 56.35 23.17
N LEU X 341 64.67 57.28 23.94
CA LEU X 341 64.18 58.66 23.93
C LEU X 341 64.38 59.31 22.57
N GLY X 342 65.54 59.09 21.96
CA GLY X 342 65.88 59.76 20.72
C GLY X 342 67.26 60.39 20.80
N SER X 343 68.00 60.38 19.68
CA SER X 343 69.37 60.86 19.70
C SER X 343 69.47 62.34 20.05
N SER X 344 68.38 63.10 19.90
CA SER X 344 68.41 64.52 20.18
C SER X 344 67.98 64.87 21.61
N PHE X 345 67.56 63.88 22.39
CA PHE X 345 67.08 64.16 23.74
C PHE X 345 68.24 64.54 24.65
N ALA X 346 67.92 65.28 25.70
CA ALA X 346 68.89 65.69 26.73
C ALA X 346 68.78 64.72 27.88
N PHE X 347 69.63 63.70 27.88
CA PHE X 347 69.61 62.63 28.88
C PHE X 347 70.99 62.50 29.49
N ASP X 348 71.05 62.40 30.80
CA ASP X 348 72.32 62.29 31.52
C ASP X 348 72.15 61.37 32.71
N VAL X 349 73.19 60.58 33.00
CA VAL X 349 73.18 59.64 34.11
C VAL X 349 74.49 59.76 34.87
N ALA X 350 74.45 59.45 36.16
CA ALA X 350 75.62 59.50 37.01
C ALA X 350 75.58 58.33 37.99
N ILE X 351 76.75 57.93 38.47
CA ILE X 351 76.91 56.80 39.37
C ILE X 351 77.64 57.25 40.63
N ARG X 352 77.12 56.84 41.78
CA ARG X 352 77.73 57.18 43.05
C ARG X 352 77.52 56.04 44.04
N SER X 353 78.41 55.94 45.01
CA SER X 353 78.34 54.91 46.03
C SER X 353 77.37 55.30 47.14
N PRO X 354 76.84 54.34 47.87
CA PRO X 354 75.94 54.68 48.98
C PRO X 354 76.66 55.50 50.05
N GLY X 355 76.09 56.64 50.38
CA GLY X 355 76.67 57.52 51.38
C GLY X 355 78.03 58.06 50.97
N ASP X 356 78.36 57.93 49.68
CA ASP X 356 79.63 58.42 49.14
C ASP X 356 80.82 57.81 49.88
N ALA X 357 80.63 56.63 50.46
CA ALA X 357 81.70 55.97 51.20
C ALA X 357 82.57 55.15 50.25
N SER X 358 83.76 54.80 50.72
CA SER X 358 84.70 54.00 49.96
C SER X 358 84.44 52.51 50.20
N GLN X 359 84.75 51.71 49.19
CA GLN X 359 84.54 50.27 49.25
C GLN X 359 85.76 49.57 48.68
N SER X 360 85.81 48.25 48.88
CA SER X 360 86.92 47.44 48.41
C SER X 360 86.69 47.04 46.96
N GLY X 361 87.72 47.21 46.13
CA GLY X 361 87.64 46.83 44.74
C GLY X 361 86.89 47.79 43.86
N LEU X 362 86.62 49.00 44.33
CA LEU X 362 85.89 50.00 43.57
C LEU X 362 86.75 51.25 43.44
N ARG X 363 86.84 51.79 42.22
CA ARG X 363 87.62 52.98 41.96
C ARG X 363 86.94 53.78 40.86
N PHE X 364 86.93 55.10 41.02
CA PHE X 364 86.32 56.01 40.06
C PHE X 364 87.41 56.70 39.25
N ASN X 365 87.26 56.71 37.93
CA ASN X 365 88.17 57.41 37.06
C ASN X 365 87.61 58.80 36.73
N ALA X 366 88.40 59.59 36.02
CA ALA X 366 88.01 60.97 35.74
C ALA X 366 86.72 61.03 34.93
N CYS X 367 86.59 60.17 33.92
CA CYS X 367 85.43 60.20 33.04
C CYS X 367 84.14 59.81 33.75
N GLY X 368 84.22 59.27 34.96
CA GLY X 368 83.04 58.88 35.71
C GLY X 368 82.74 57.39 35.72
N ASP X 369 83.55 56.58 35.05
CA ASP X 369 83.35 55.14 35.08
C ASP X 369 83.66 54.59 36.47
N ALA X 370 83.04 53.45 36.77
CA ALA X 370 83.23 52.76 38.04
C ALA X 370 84.08 51.52 37.77
N GLU X 371 85.40 51.70 37.81
CA GLU X 371 86.30 50.59 37.56
C GLU X 371 86.18 49.56 38.68
N ILE X 372 86.22 48.28 38.31
CA ILE X 372 86.01 47.18 39.24
C ILE X 372 87.15 46.19 39.10
N ASP X 373 87.64 45.68 40.23
CA ASP X 373 88.77 44.77 40.25
C ASP X 373 88.31 43.34 39.97
N CYS X 374 89.25 42.41 40.02
CA CYS X 374 88.93 41.00 39.79
C CYS X 374 88.09 40.45 40.95
N ASP X 375 87.27 39.44 40.63
CA ASP X 375 86.40 38.82 41.62
C ASP X 375 85.50 39.85 42.27
N TYR X 376 84.91 40.73 41.45
CA TYR X 376 83.98 41.74 41.95
C TYR X 376 82.94 42.00 40.88
N LYS X 377 81.69 42.11 41.31
CA LYS X 377 80.56 42.32 40.41
C LYS X 377 79.76 43.53 40.87
N ALA X 378 79.35 44.36 39.92
CA ALA X 378 78.54 45.52 40.23
C ALA X 378 77.12 45.09 40.55
N CYS X 379 76.68 45.32 41.78
CA CYS X 379 75.34 44.94 42.23
C CYS X 379 74.51 46.20 42.41
N LEU X 380 73.38 46.27 41.72
CA LEU X 380 72.53 47.44 41.80
C LEU X 380 71.96 47.58 43.19
N ASN X 381 71.94 48.81 43.70
CA ASN X 381 71.40 49.12 45.02
C ASN X 381 70.05 49.83 44.94
N SER X 382 69.97 50.88 44.13
CA SER X 382 68.72 51.61 43.95
C SER X 382 68.82 52.46 42.69
N VAL X 383 67.67 52.68 42.07
CA VAL X 383 67.56 53.54 40.89
C VAL X 383 66.66 54.71 41.26
N GLN X 384 67.20 55.92 41.18
CA GLN X 384 66.48 57.13 41.55
C GLN X 384 66.49 58.09 40.38
N VAL X 385 65.33 58.63 40.04
CA VAL X 385 65.18 59.61 38.98
C VAL X 385 64.98 60.96 39.66
N ILE X 386 66.02 61.79 39.67
CA ILE X 386 65.91 63.08 40.33
C ILE X 386 64.80 63.89 39.66
N ASN X 387 64.23 64.81 40.43
CA ASN X 387 63.03 65.53 40.04
C ASN X 387 63.34 67.00 39.79
N ASN X 388 62.73 67.54 38.74
CA ASN X 388 62.78 68.97 38.44
C ASN X 388 61.45 69.32 37.77
N ASN X 389 61.38 70.51 37.17
CA ASN X 389 60.13 70.99 36.59
C ASN X 389 60.38 71.54 35.20
N VAL X 390 59.59 71.09 34.23
CA VAL X 390 59.70 71.54 32.85
C VAL X 390 58.34 71.41 32.18
N THR X 391 58.15 72.15 31.09
CA THR X 391 56.99 72.13 30.21
C THR X 391 55.80 72.87 30.80
N THR X 392 55.88 73.37 32.04
CA THR X 392 54.79 74.14 32.62
C THR X 392 54.57 75.42 31.82
N MET Y 1 17.26 -26.02 -32.00
CA MET Y 1 18.70 -26.30 -32.30
C MET Y 1 18.96 -26.57 -33.77
N ALA Y 2 20.24 -26.70 -34.12
CA ALA Y 2 20.67 -26.83 -35.50
C ALA Y 2 20.99 -28.27 -35.83
N GLY Y 3 20.56 -28.71 -37.02
CA GLY Y 3 20.77 -30.07 -37.45
C GLY Y 3 19.76 -31.00 -36.80
N PRO Y 4 19.47 -32.13 -37.44
CA PRO Y 4 18.49 -33.06 -36.86
C PRO Y 4 19.12 -34.08 -35.93
N CYS Y 5 20.38 -33.86 -35.53
CA CYS Y 5 21.13 -34.82 -34.74
C CYS Y 5 21.10 -34.51 -33.25
N TYR Y 6 19.99 -34.02 -32.73
CA TYR Y 6 19.87 -33.78 -31.30
C TYR Y 6 19.38 -35.03 -30.58
N ASN Y 7 19.92 -35.25 -29.38
CA ASN Y 7 19.51 -36.35 -28.51
C ASN Y 7 19.20 -35.76 -27.15
N PRO Y 8 17.97 -35.31 -26.90
CA PRO Y 8 17.69 -34.58 -25.66
C PRO Y 8 18.07 -35.35 -24.41
N ASN Y 9 17.96 -36.68 -24.40
CA ASN Y 9 18.37 -37.46 -23.24
C ASN Y 9 19.86 -37.33 -22.97
N GLU Y 10 20.63 -36.85 -23.93
CA GLU Y 10 22.08 -36.77 -23.79
C GLU Y 10 22.55 -35.42 -23.24
N HIS Y 11 21.71 -34.38 -23.31
CA HIS Y 11 22.11 -33.04 -22.88
C HIS Y 11 21.40 -32.56 -21.63
N TYR Y 12 20.26 -33.15 -21.27
CA TYR Y 12 19.52 -32.76 -20.09
C TYR Y 12 19.74 -33.78 -18.97
N LEU Y 13 20.17 -33.29 -17.81
CA LEU Y 13 20.40 -34.20 -16.69
C LEU Y 13 19.07 -34.70 -16.12
N PRO Y 14 19.08 -35.87 -15.49
CA PRO Y 14 17.85 -36.35 -14.85
C PRO Y 14 17.62 -35.65 -13.51
N ALA Y 15 16.42 -35.12 -13.32
CA ALA Y 15 16.14 -34.34 -12.12
C ALA Y 15 16.10 -35.25 -10.88
N SER Y 16 16.20 -34.62 -9.72
CA SER Y 16 16.19 -35.33 -8.45
C SER Y 16 16.19 -34.28 -7.34
N PHE Y 17 15.89 -34.73 -6.12
CA PHE Y 17 15.92 -33.86 -4.95
C PHE Y 17 16.03 -34.73 -3.71
N LYS Y 18 17.12 -34.56 -2.96
CA LYS Y 18 17.40 -35.36 -1.77
C LYS Y 18 17.52 -36.85 -2.09
N GLY Y 19 17.83 -37.18 -3.35
CA GLY Y 19 18.07 -38.54 -3.76
C GLY Y 19 16.89 -39.23 -4.43
N VAL Y 20 15.67 -38.72 -4.25
CA VAL Y 20 14.50 -39.35 -4.86
C VAL Y 20 14.36 -38.85 -6.29
N PRO Y 21 14.43 -39.73 -7.29
CA PRO Y 21 14.26 -39.27 -8.68
C PRO Y 21 12.83 -38.81 -8.95
N PHE Y 22 12.71 -37.92 -9.92
CA PHE Y 22 11.41 -37.50 -10.43
C PHE Y 22 11.59 -36.96 -11.83
N ASP Y 23 10.49 -36.88 -12.56
CA ASP Y 23 10.50 -36.50 -13.96
C ASP Y 23 10.25 -35.00 -14.08
N ALA Y 24 11.20 -34.29 -14.69
CA ALA Y 24 11.09 -32.85 -14.85
C ALA Y 24 10.40 -32.51 -16.17
N ASP Y 25 9.81 -31.32 -16.21
CA ASP Y 25 9.11 -30.86 -17.40
C ASP Y 25 9.44 -29.43 -17.80
N SER Y 26 10.14 -28.67 -16.96
CA SER Y 26 10.49 -27.30 -17.28
C SER Y 26 11.70 -26.91 -16.43
N SER Y 27 12.27 -25.76 -16.75
CA SER Y 27 13.46 -25.31 -16.03
C SER Y 27 13.67 -23.81 -16.21
N ASP Y 28 13.71 -23.08 -15.11
CA ASP Y 28 13.92 -21.63 -15.13
C ASP Y 28 14.96 -21.26 -14.08
N SER Y 29 15.39 -20.00 -14.11
CA SER Y 29 16.33 -19.47 -13.15
C SER Y 29 16.23 -17.96 -13.16
N GLU Y 30 16.73 -17.33 -12.10
CA GLU Y 30 16.72 -15.87 -11.99
C GLU Y 30 18.00 -15.43 -11.30
N HIS Y 31 18.92 -14.86 -12.06
CA HIS Y 31 20.16 -14.31 -11.55
C HIS Y 31 20.12 -12.80 -11.65
N GLY Y 32 21.18 -12.17 -11.18
CA GLY Y 32 21.27 -10.71 -11.22
C GLY Y 32 22.25 -10.20 -10.19
N ARG Y 33 22.33 -8.87 -10.14
CA ARG Y 33 23.25 -8.20 -9.23
C ARG Y 33 22.55 -6.96 -8.65
N ASN Y 34 22.89 -6.63 -7.42
CA ASN Y 34 22.23 -5.55 -6.69
C ASN Y 34 22.91 -4.22 -7.00
N GLY Y 35 22.14 -3.27 -7.52
CA GLY Y 35 22.65 -1.94 -7.82
C GLY Y 35 22.06 -0.90 -6.89
N ALA Y 36 22.66 0.30 -6.94
CA ALA Y 36 22.26 1.42 -6.11
C ALA Y 36 22.25 2.70 -6.94
N GLU Y 37 21.66 2.63 -8.13
CA GLU Y 37 21.68 3.77 -9.04
C GLU Y 37 21.10 5.01 -8.37
N ALA Y 38 21.73 6.15 -8.61
CA ALA Y 38 21.32 7.42 -8.03
C ALA Y 38 21.42 8.52 -9.07
N GLU Y 39 20.45 9.43 -9.05
CA GLU Y 39 20.41 10.58 -9.95
C GLU Y 39 20.28 11.84 -9.13
N PHE Y 40 21.11 12.84 -9.42
CA PHE Y 40 21.18 14.06 -8.63
C PHE Y 40 20.17 15.09 -9.14
N VAL Y 41 20.04 16.17 -8.37
CA VAL Y 41 19.07 17.21 -8.68
C VAL Y 41 19.70 18.23 -9.62
N PHE Y 42 18.94 18.63 -10.64
CA PHE Y 42 19.36 19.64 -11.61
C PHE Y 42 20.59 19.22 -12.41
N GLY Y 43 20.99 17.95 -12.31
CA GLY Y 43 22.20 17.49 -12.96
C GLY Y 43 21.92 16.74 -14.26
N GLU Y 44 22.94 16.72 -15.12
CA GLU Y 44 22.89 16.00 -16.39
C GLU Y 44 23.68 14.71 -16.36
N ARG Y 45 24.09 14.25 -15.17
CA ARG Y 45 24.88 13.04 -15.03
C ARG Y 45 24.30 12.17 -13.93
N THR Y 46 24.53 10.86 -14.04
CA THR Y 46 24.00 9.89 -13.09
C THR Y 46 25.11 8.92 -12.69
N GLY Y 47 24.95 8.34 -11.50
CA GLY Y 47 25.95 7.44 -10.96
C GLY Y 47 25.44 6.02 -10.79
N TYR Y 48 26.22 5.19 -10.10
CA TYR Y 48 25.87 3.80 -9.89
C TYR Y 48 26.87 3.17 -8.92
N ALA Y 49 26.43 2.12 -8.23
CA ALA Y 49 27.29 1.40 -7.29
C ALA Y 49 26.91 -0.07 -7.33
N ASP Y 50 27.76 -0.89 -6.70
CA ASP Y 50 27.58 -2.33 -6.69
C ASP Y 50 27.48 -2.81 -5.24
N LEU Y 51 26.59 -3.77 -5.00
CA LEU Y 51 26.30 -4.22 -3.64
C LEU Y 51 26.24 -5.73 -3.49
N GLY Y 52 26.75 -6.50 -4.45
CA GLY Y 52 26.90 -7.93 -4.30
C GLY Y 52 25.88 -8.71 -5.12
N ILE Y 53 26.07 -10.04 -5.10
CA ILE Y 53 25.24 -10.92 -5.90
C ILE Y 53 23.82 -10.97 -5.33
N LYS Y 54 22.86 -11.15 -6.22
CA LYS Y 54 21.47 -11.36 -5.85
C LYS Y 54 21.19 -12.86 -5.73
N ILE Y 55 20.42 -13.23 -4.70
CA ILE Y 55 20.14 -14.64 -4.48
C ILE Y 55 19.34 -15.21 -5.65
N ARG Y 56 19.69 -16.43 -6.05
CA ARG Y 56 19.05 -17.06 -7.19
C ARG Y 56 17.70 -17.66 -6.79
N SER Y 57 16.99 -18.17 -7.79
CA SER Y 57 15.76 -18.91 -7.57
C SER Y 57 15.53 -19.82 -8.76
N TYR Y 58 14.97 -21.00 -8.49
CA TYR Y 58 14.70 -22.00 -9.52
C TYR Y 58 13.24 -22.42 -9.44
N SER Y 59 12.71 -22.84 -10.58
CA SER Y 59 11.34 -23.34 -10.66
C SER Y 59 11.29 -24.51 -11.62
N ILE Y 60 10.59 -25.57 -11.22
CA ILE Y 60 10.47 -26.79 -12.01
C ILE Y 60 9.02 -27.26 -11.98
N ARG Y 61 8.65 -27.99 -13.04
CA ARG Y 61 7.33 -28.59 -13.16
C ARG Y 61 7.51 -30.08 -13.44
N ALA Y 62 6.78 -30.91 -12.71
CA ALA Y 62 6.91 -32.35 -12.80
C ALA Y 62 5.60 -32.98 -13.21
N ARG Y 63 5.68 -34.09 -13.95
CA ARG Y 63 4.52 -34.81 -14.44
C ARG Y 63 4.62 -36.27 -14.01
N PHE Y 64 3.49 -36.84 -13.60
CA PHE Y 64 3.38 -38.26 -13.27
C PHE Y 64 2.31 -38.89 -14.15
N GLN Y 65 2.62 -40.07 -14.70
CA GLN Y 65 1.71 -40.76 -15.61
C GLN Y 65 1.52 -42.24 -15.29
N THR Y 66 2.40 -42.85 -14.51
CA THR Y 66 2.32 -44.28 -14.26
C THR Y 66 1.13 -44.61 -13.35
N ASN Y 67 0.75 -45.89 -13.35
CA ASN Y 67 -0.31 -46.35 -12.46
C ASN Y 67 -0.04 -45.89 -11.04
N ASP Y 68 -1.12 -45.69 -10.29
CA ASP Y 68 -1.02 -45.24 -8.91
C ASP Y 68 -0.13 -44.01 -8.82
N HIS Y 69 -0.29 -43.10 -9.79
CA HIS Y 69 0.46 -41.85 -9.74
C HIS Y 69 0.17 -41.07 -8.48
N VAL Y 70 -0.99 -41.29 -7.85
CA VAL Y 70 -1.29 -40.61 -6.59
C VAL Y 70 -0.29 -41.01 -5.52
N ALA Y 71 0.05 -42.30 -5.44
CA ALA Y 71 1.00 -42.74 -4.43
C ALA Y 71 2.37 -42.12 -4.65
N LEU Y 72 2.87 -42.16 -5.89
CA LEU Y 72 4.16 -41.55 -6.18
C LEU Y 72 4.11 -40.06 -5.93
N SER Y 73 3.05 -39.39 -6.41
CA SER Y 73 2.90 -37.97 -6.15
C SER Y 73 2.72 -37.70 -4.66
N ASN Y 74 1.76 -38.41 -4.03
CA ASN Y 74 1.50 -38.21 -2.61
C ASN Y 74 2.67 -38.64 -1.74
N ALA Y 75 3.61 -39.43 -2.26
CA ALA Y 75 4.80 -39.81 -1.52
C ALA Y 75 5.97 -38.88 -1.78
N PHE Y 76 5.99 -38.20 -2.93
CA PHE Y 76 7.04 -37.23 -3.20
C PHE Y 76 6.82 -35.94 -2.42
N ILE Y 77 5.56 -35.57 -2.16
CA ILE Y 77 5.27 -34.37 -1.37
C ILE Y 77 5.87 -34.51 0.02
N ALA Y 78 5.82 -35.71 0.60
CA ALA Y 78 6.37 -35.91 1.92
C ALA Y 78 7.86 -35.64 1.97
N VAL Y 79 8.53 -35.65 0.82
CA VAL Y 79 9.96 -35.32 0.77
C VAL Y 79 10.17 -33.81 0.70
N LEU Y 80 9.31 -33.10 -0.04
CA LEU Y 80 9.43 -31.65 -0.11
C LEU Y 80 9.22 -31.01 1.25
N GLU Y 81 8.26 -31.51 2.02
CA GLU Y 81 7.94 -30.95 3.32
C GLU Y 81 8.97 -31.29 4.40
N SER Y 82 9.95 -32.13 4.08
CA SER Y 82 10.96 -32.47 5.06
C SER Y 82 11.73 -31.22 5.51
N THR Y 83 12.53 -31.39 6.55
CA THR Y 83 13.24 -30.27 7.16
C THR Y 83 14.60 -30.06 6.51
N GLY Y 84 15.05 -28.80 6.51
CA GLY Y 84 16.37 -28.45 6.04
C GLY Y 84 16.51 -28.55 4.54
N PRO Y 85 17.55 -27.93 3.99
CA PRO Y 85 17.79 -27.99 2.55
C PRO Y 85 18.49 -29.30 2.17
N GLY Y 86 18.51 -29.55 0.86
CA GLY Y 86 19.14 -30.75 0.33
C GLY Y 86 19.58 -30.54 -1.09
N LEU Y 87 20.38 -31.50 -1.57
CA LEU Y 87 20.92 -31.40 -2.92
C LEU Y 87 19.81 -31.47 -3.96
N LEU Y 88 19.93 -30.66 -5.01
CA LEU Y 88 19.00 -30.65 -6.12
C LEU Y 88 19.78 -30.74 -7.41
N VAL Y 89 19.38 -31.65 -8.30
CA VAL Y 89 20.02 -31.84 -9.58
C VAL Y 89 19.17 -31.12 -10.61
N HIS Y 90 19.49 -29.85 -10.86
CA HIS Y 90 18.76 -29.08 -11.85
C HIS Y 90 18.98 -29.70 -13.24
N PRO Y 91 17.95 -29.75 -14.09
CA PRO Y 91 18.15 -30.37 -15.41
C PRO Y 91 19.26 -29.74 -16.23
N THR Y 92 19.46 -28.43 -16.11
CA THR Y 92 20.48 -27.73 -16.90
C THR Y 92 21.57 -27.09 -16.07
N ARG Y 93 21.28 -26.67 -14.84
CA ARG Y 93 22.27 -25.99 -14.00
C ARG Y 93 23.11 -26.94 -13.17
N GLY Y 94 22.91 -28.25 -13.30
CA GLY Y 94 23.72 -29.22 -12.59
C GLY Y 94 23.35 -29.28 -11.11
N PRO Y 95 24.15 -30.01 -10.33
CA PRO Y 95 23.86 -30.13 -8.90
C PRO Y 95 23.99 -28.78 -8.19
N VAL Y 96 23.04 -28.51 -7.31
CA VAL Y 96 23.06 -27.28 -6.51
C VAL Y 96 22.12 -27.49 -5.34
N MET Y 97 22.50 -26.94 -4.18
CA MET Y 97 21.70 -27.09 -2.97
C MET Y 97 20.62 -26.01 -2.93
N ALA Y 98 19.39 -26.44 -2.64
CA ALA Y 98 18.25 -25.53 -2.62
C ALA Y 98 17.35 -25.89 -1.45
N ALA Y 99 16.23 -25.19 -1.35
CA ALA Y 99 15.25 -25.44 -0.29
C ALA Y 99 13.87 -25.08 -0.83
N CYS Y 100 12.98 -26.07 -0.89
CA CYS Y 100 11.66 -25.83 -1.45
C CYS Y 100 10.94 -24.73 -0.68
N ARG Y 101 10.29 -23.83 -1.42
CA ARG Y 101 9.59 -22.70 -0.84
C ARG Y 101 8.08 -22.75 -1.01
N SER Y 102 7.58 -23.52 -1.96
CA SER Y 102 6.15 -23.69 -2.16
C SER Y 102 5.94 -24.77 -3.22
N ALA Y 103 4.71 -25.26 -3.31
CA ALA Y 103 4.36 -26.25 -4.31
C ALA Y 103 2.85 -26.36 -4.48
N ARG Y 104 2.38 -26.21 -5.70
CA ARG Y 104 0.95 -26.31 -6.03
C ARG Y 104 0.71 -27.62 -6.77
N VAL Y 105 -0.17 -28.45 -6.21
CA VAL Y 105 -0.52 -29.73 -6.82
C VAL Y 105 -1.90 -29.57 -7.47
N THR Y 106 -1.99 -29.88 -8.76
CA THR Y 106 -3.23 -29.76 -9.51
C THR Y 106 -3.68 -31.14 -9.97
N ASP Y 107 -4.98 -31.41 -9.85
CA ASP Y 107 -5.53 -32.69 -10.23
C ASP Y 107 -7.02 -32.53 -10.49
N SER Y 108 -7.59 -33.54 -11.15
CA SER Y 108 -9.01 -33.54 -11.46
C SER Y 108 -9.44 -35.00 -11.66
N LYS Y 109 -10.76 -35.21 -11.64
CA LYS Y 109 -11.32 -36.53 -11.83
C LYS Y 109 -12.13 -36.65 -13.12
N VAL Y 110 -12.61 -35.55 -13.68
CA VAL Y 110 -13.38 -35.57 -14.92
C VAL Y 110 -12.68 -34.80 -16.03
N ASP Y 111 -12.10 -33.63 -15.71
CA ASP Y 111 -11.42 -32.86 -16.74
C ASP Y 111 -10.12 -33.54 -17.16
N ALA Y 112 -9.32 -33.99 -16.20
CA ALA Y 112 -8.04 -34.65 -16.50
C ALA Y 112 -7.82 -35.70 -15.42
N ALA Y 113 -8.19 -36.94 -15.74
CA ALA Y 113 -8.06 -38.06 -14.82
C ALA Y 113 -6.89 -38.94 -15.26
N GLY Y 114 -5.97 -39.18 -14.33
CA GLY Y 114 -4.84 -40.04 -14.57
C GLY Y 114 -3.50 -39.35 -14.69
N VAL Y 115 -3.44 -38.03 -14.56
CA VAL Y 115 -2.18 -37.29 -14.65
C VAL Y 115 -2.18 -36.22 -13.56
N THR Y 116 -1.07 -36.11 -12.85
CA THR Y 116 -0.92 -35.15 -11.76
C THR Y 116 0.25 -34.23 -12.05
N TYR Y 117 0.01 -32.93 -12.00
CA TYR Y 117 1.04 -31.92 -12.21
C TYR Y 117 1.37 -31.25 -10.89
N ILE Y 118 2.62 -30.80 -10.77
CA ILE Y 118 3.08 -30.13 -9.57
C ILE Y 118 4.13 -29.08 -9.94
N ASP Y 119 3.89 -27.84 -9.57
CA ASP Y 119 4.82 -26.74 -9.82
C ASP Y 119 5.57 -26.43 -8.53
N ILE Y 120 6.89 -26.29 -8.63
CA ILE Y 120 7.74 -26.09 -7.48
C ILE Y 120 8.48 -24.77 -7.62
N ASP Y 121 8.98 -24.26 -6.50
CA ASP Y 121 9.69 -22.98 -6.47
C ASP Y 121 10.83 -23.12 -5.46
N PHE Y 122 12.03 -23.40 -5.97
CA PHE Y 122 13.19 -23.62 -5.11
C PHE Y 122 13.94 -22.31 -4.87
N VAL Y 123 14.91 -22.38 -3.97
CA VAL Y 123 15.74 -21.23 -3.62
C VAL Y 123 17.12 -21.73 -3.22
N GLU Y 124 18.15 -21.04 -3.69
CA GLU Y 124 19.51 -21.39 -3.29
C GLU Y 124 19.69 -21.22 -1.79
N ALA Y 125 20.39 -22.16 -1.16
CA ALA Y 125 20.55 -22.15 0.29
C ALA Y 125 21.94 -22.70 0.61
N ASN Y 126 22.87 -21.80 0.93
CA ASN Y 126 24.21 -22.19 1.30
C ASN Y 126 24.34 -22.23 2.82
N ASP Y 127 24.95 -23.30 3.34
CA ASP Y 127 25.06 -23.47 4.77
C ASP Y 127 25.93 -22.38 5.39
N THR Y 128 25.59 -22.01 6.62
CA THR Y 128 26.31 -20.99 7.36
C THR Y 128 26.47 -21.42 8.81
N VAL Y 129 27.55 -20.98 9.43
CA VAL Y 129 27.80 -21.27 10.85
C VAL Y 129 26.82 -20.46 11.69
N THR Y 130 26.73 -20.78 12.97
CA THR Y 130 25.67 -20.23 13.83
C THR Y 130 26.09 -19.03 14.65
N GLY Y 131 27.38 -18.80 14.85
CA GLY Y 131 27.83 -17.69 15.68
C GLY Y 131 27.94 -16.39 14.90
N PHE Y 132 26.92 -16.08 14.11
CA PHE Y 132 26.95 -14.97 13.17
C PHE Y 132 28.33 -14.84 12.53
N GLY Y 133 28.76 -15.93 11.91
CA GLY Y 133 30.04 -15.99 11.25
C GLY Y 133 31.20 -16.07 12.22
N LEU Y 134 32.32 -16.64 11.79
CA LEU Y 134 33.54 -16.65 12.57
C LEU Y 134 34.71 -16.67 11.60
N VAL Y 135 35.50 -15.60 11.59
CA VAL Y 135 36.59 -15.44 10.64
C VAL Y 135 37.86 -15.06 11.39
N GLY Y 136 39.00 -15.29 10.74
CA GLY Y 136 40.29 -14.97 11.31
C GLY Y 136 40.86 -13.67 10.76
N SER Y 137 41.79 -13.10 11.50
CA SER Y 137 42.42 -11.84 11.15
C SER Y 137 43.84 -12.08 10.68
N LEU Y 138 44.21 -11.47 9.56
CA LEU Y 138 45.54 -11.60 8.98
C LEU Y 138 46.05 -10.25 8.52
N ILE Y 139 45.86 -9.22 9.35
CA ILE Y 139 46.33 -7.87 9.06
C ILE Y 139 47.13 -7.27 10.21
N ALA Y 140 47.27 -7.97 11.33
CA ALA Y 140 48.02 -7.45 12.46
C ALA Y 140 48.61 -8.62 13.24
N LEU Y 141 49.65 -8.32 14.02
CA LEU Y 141 50.32 -9.31 14.84
C LEU Y 141 49.68 -9.38 16.22
N ALA Y 142 50.06 -10.42 16.97
CA ALA Y 142 49.62 -10.61 18.34
C ALA Y 142 50.83 -10.46 19.25
N LEU Y 143 50.92 -9.31 19.92
CA LEU Y 143 52.03 -9.04 20.82
C LEU Y 143 51.71 -9.33 22.28
N SER Y 144 50.43 -9.43 22.64
CA SER Y 144 50.10 -9.76 24.02
C SER Y 144 50.68 -11.10 24.45
N PRO Y 145 50.67 -12.17 23.64
CA PRO Y 145 51.21 -13.44 24.12
C PRO Y 145 52.70 -13.39 24.39
N ILE Y 146 53.48 -12.85 23.45
CA ILE Y 146 54.93 -12.84 23.62
C ILE Y 146 55.32 -11.95 24.80
N ILE Y 147 54.68 -10.79 24.93
CA ILE Y 147 55.04 -9.87 26.00
C ILE Y 147 54.81 -10.51 27.36
N THR Y 148 53.65 -11.15 27.53
CA THR Y 148 53.39 -11.86 28.79
C THR Y 148 54.38 -13.00 28.99
N ALA Y 149 54.72 -13.71 27.91
CA ALA Y 149 55.70 -14.79 28.03
C ALA Y 149 57.05 -14.24 28.48
N THR Y 150 57.47 -13.11 27.93
CA THR Y 150 58.73 -12.50 28.35
C THR Y 150 58.68 -12.09 29.82
N GLU Y 151 57.54 -11.59 30.27
CA GLU Y 151 57.43 -11.16 31.66
C GLU Y 151 57.77 -12.29 32.61
N GLU Y 152 57.22 -13.48 32.36
CA GLU Y 152 57.47 -14.62 33.24
C GLU Y 152 58.96 -14.95 33.29
N SER Y 153 59.61 -14.99 32.12
CA SER Y 153 61.03 -15.33 32.08
C SER Y 153 61.86 -14.30 32.82
N PHE Y 154 61.58 -13.02 32.59
CA PHE Y 154 62.35 -11.97 33.27
C PHE Y 154 62.17 -12.04 34.77
N LYS Y 155 60.94 -12.22 35.24
CA LYS Y 155 60.68 -12.30 36.67
C LYS Y 155 61.33 -13.53 37.29
N ARG Y 156 61.47 -14.60 36.52
CA ARG Y 156 61.95 -15.86 37.08
C ARG Y 156 63.37 -15.75 37.60
N TYR Y 157 64.23 -15.05 36.87
CA TYR Y 157 65.67 -15.02 37.17
C TYR Y 157 66.13 -13.71 37.78
N TYR Y 158 65.69 -12.57 37.27
CA TYR Y 158 66.18 -11.28 37.74
C TYR Y 158 65.69 -11.06 39.17
N SER Y 159 66.61 -11.21 40.13
CA SER Y 159 66.29 -11.02 41.55
C SER Y 159 67.50 -10.45 42.25
N PRO Y 160 67.68 -9.13 42.21
CA PRO Y 160 68.91 -8.54 42.77
C PRO Y 160 69.07 -8.73 44.27
N GLU Y 161 67.99 -9.03 44.99
CA GLU Y 161 68.08 -9.19 46.44
C GLU Y 161 68.59 -10.57 46.87
N ASN Y 162 68.75 -11.50 45.93
CA ASN Y 162 69.25 -12.83 46.25
C ASN Y 162 70.61 -13.14 45.65
N VAL Y 163 71.03 -12.42 44.61
CA VAL Y 163 72.37 -12.61 44.08
C VAL Y 163 73.40 -12.30 45.16
N ARG Y 164 74.58 -12.90 45.02
CA ARG Y 164 75.64 -12.71 46.00
C ARG Y 164 75.95 -11.22 46.14
N TYR Y 165 76.19 -10.79 47.38
CA TYR Y 165 76.08 -9.36 47.68
C TYR Y 165 77.08 -8.52 46.88
N TYR Y 166 78.23 -9.08 46.50
CA TYR Y 166 79.26 -8.31 45.80
C TYR Y 166 79.00 -8.27 44.30
N ASN Y 167 77.78 -8.58 43.88
CA ASN Y 167 77.36 -8.42 42.49
C ASN Y 167 76.05 -7.68 42.34
N SER Y 168 75.38 -7.30 43.43
CA SER Y 168 74.12 -6.58 43.30
C SER Y 168 74.32 -5.23 42.63
N GLU Y 169 75.41 -4.53 42.97
CA GLU Y 169 75.63 -3.21 42.40
C GLU Y 169 75.78 -3.27 40.89
N THR Y 170 76.53 -4.26 40.40
CA THR Y 170 76.73 -4.37 38.95
C THR Y 170 75.44 -4.71 38.24
N VAL Y 171 74.63 -5.61 38.80
CA VAL Y 171 73.38 -6.00 38.15
C VAL Y 171 72.45 -4.82 38.05
N ILE Y 172 72.31 -4.05 39.14
CA ILE Y 172 71.43 -2.89 39.13
C ILE Y 172 71.93 -1.86 38.13
N ALA Y 173 73.25 -1.62 38.09
CA ALA Y 173 73.79 -0.65 37.14
C ALA Y 173 73.42 -1.02 35.71
N THR Y 174 73.45 -2.31 35.39
CA THR Y 174 73.06 -2.73 34.04
C THR Y 174 71.61 -2.37 33.75
N MET Y 175 70.72 -2.56 34.72
CA MET Y 175 69.31 -2.24 34.50
C MET Y 175 69.14 -0.75 34.22
N ALA Y 176 69.84 0.10 34.97
CA ALA Y 176 69.73 1.53 34.74
C ALA Y 176 70.14 1.89 33.32
N GLU Y 177 71.20 1.24 32.81
CA GLU Y 177 71.61 1.49 31.44
C GLU Y 177 70.54 1.07 30.45
N ALA Y 178 69.88 -0.07 30.71
CA ALA Y 178 68.86 -0.56 29.78
C ALA Y 178 67.72 0.44 29.64
N VAL Y 179 67.26 1.01 30.76
CA VAL Y 179 66.21 2.01 30.70
C VAL Y 179 66.71 3.27 29.98
N GLN Y 180 67.95 3.66 30.24
CA GLN Y 180 68.50 4.85 29.59
C GLN Y 180 68.44 4.73 28.08
N GLN Y 181 68.63 3.51 27.55
CA GLN Y 181 68.58 3.32 26.11
C GLN Y 181 67.20 3.66 25.56
N VAL Y 182 66.15 3.25 26.27
CA VAL Y 182 64.79 3.58 25.84
C VAL Y 182 64.55 5.07 25.95
N GLN Y 183 65.08 5.70 27.00
CA GLN Y 183 64.90 7.15 27.17
C GLN Y 183 65.51 7.91 25.99
N THR Y 184 66.72 7.52 25.58
CA THR Y 184 67.35 8.18 24.45
C THR Y 184 66.54 8.00 23.18
N GLY Y 185 66.01 6.78 22.97
CA GLY Y 185 65.23 6.54 21.77
C GLY Y 185 64.00 7.42 21.69
N TYR Y 186 63.27 7.54 22.80
CA TYR Y 186 62.04 8.32 22.80
C TYR Y 186 62.34 9.80 22.51
N LEU Y 187 63.37 10.35 23.14
CA LEU Y 187 63.68 11.76 22.95
C LEU Y 187 64.03 12.06 21.49
N ALA Y 188 64.56 11.08 20.76
CA ALA Y 188 64.92 11.31 19.38
C ALA Y 188 63.70 11.33 18.47
N LEU Y 189 62.70 10.51 18.78
CA LEU Y 189 61.56 10.36 17.89
C LEU Y 189 60.64 11.58 17.93
N SER Y 190 60.41 12.12 19.13
CA SER Y 190 59.44 13.21 19.33
C SER Y 190 60.12 14.57 19.42
N GLY Y 191 61.17 14.79 18.63
CA GLY Y 191 61.92 16.02 18.75
C GLY Y 191 61.07 17.27 18.51
N ASN Y 192 60.19 17.22 17.53
CA ASN Y 192 59.41 18.40 17.13
C ASN Y 192 58.06 18.48 17.82
N ASP Y 193 57.77 17.57 18.74
CA ASP Y 193 56.52 17.62 19.47
C ASP Y 193 56.59 18.67 20.58
N THR Y 194 55.45 19.33 20.80
CA THR Y 194 55.36 20.35 21.85
C THR Y 194 54.05 20.22 22.62
N SER Y 195 53.50 19.02 22.70
CA SER Y 195 52.27 18.80 23.45
C SER Y 195 52.53 18.96 24.94
N GLN Y 196 51.46 18.84 25.73
CA GLN Y 196 51.56 18.91 27.17
C GLN Y 196 51.92 17.56 27.80
N GLU Y 197 51.87 16.48 27.02
CA GLU Y 197 52.24 15.16 27.52
C GLU Y 197 53.73 14.88 27.41
N LYS Y 198 54.42 15.51 26.45
CA LYS Y 198 55.86 15.29 26.33
C LYS Y 198 56.59 15.75 27.58
N TRP Y 199 56.18 16.88 28.16
CA TRP Y 199 56.81 17.34 29.39
C TRP Y 199 56.61 16.31 30.51
N THR Y 200 55.40 15.76 30.62
CA THR Y 200 55.13 14.81 31.69
C THR Y 200 55.96 13.54 31.52
N ILE Y 201 56.03 13.01 30.31
CA ILE Y 201 56.81 11.79 30.07
C ILE Y 201 58.28 12.02 30.39
N VAL Y 202 58.82 13.15 29.94
CA VAL Y 202 60.23 13.45 30.21
C VAL Y 202 60.47 13.53 31.71
N ARG Y 203 59.57 14.18 32.43
CA ARG Y 203 59.72 14.24 33.89
C ARG Y 203 59.67 12.85 34.50
N ASP Y 204 58.78 11.99 34.00
CA ASP Y 204 58.68 10.65 34.56
C ASP Y 204 59.97 9.87 34.37
N PHE Y 205 60.59 9.98 33.20
CA PHE Y 205 61.86 9.29 32.95
C PHE Y 205 62.93 9.79 33.91
N ARG Y 206 63.03 11.11 34.09
CA ARG Y 206 64.06 11.68 34.95
C ARG Y 206 63.87 11.21 36.39
N ASN Y 207 62.63 11.22 36.89
CA ASN Y 207 62.39 10.85 38.28
C ASN Y 207 62.82 9.42 38.56
N VAL Y 208 62.47 8.50 37.66
CA VAL Y 208 62.73 7.08 37.91
C VAL Y 208 64.23 6.83 38.00
N LEU Y 209 65.00 7.39 37.06
CA LEU Y 209 66.45 7.17 37.08
C LEU Y 209 67.11 7.80 38.29
N ILE Y 210 66.67 8.98 38.69
CA ILE Y 210 67.28 9.66 39.84
C ILE Y 210 67.10 8.84 41.10
N ASP Y 211 65.88 8.33 41.32
CA ASP Y 211 65.62 7.50 42.48
C ASP Y 211 66.42 6.21 42.37
N GLU Y 212 66.94 5.75 43.52
CA GLU Y 212 67.87 4.63 43.54
C GLU Y 212 67.20 3.29 43.86
N PHE Y 213 66.24 3.28 44.76
CA PHE Y 213 65.63 2.02 45.21
C PHE Y 213 64.60 1.47 44.22
N THR Y 214 64.28 2.22 43.17
CA THR Y 214 63.20 1.79 42.29
C THR Y 214 63.48 0.44 41.64
N PHE Y 215 64.75 0.12 41.40
CA PHE Y 215 65.12 -1.09 40.68
C PHE Y 215 65.40 -2.28 41.58
N PHE Y 216 65.25 -2.13 42.90
CA PHE Y 216 65.40 -3.27 43.79
C PHE Y 216 64.22 -4.23 43.73
N ASP Y 217 63.10 -3.82 43.13
CA ASP Y 217 61.91 -4.64 43.07
C ASP Y 217 61.74 -5.20 41.67
N PRO Y 218 61.65 -6.52 41.49
CA PRO Y 218 61.41 -7.04 40.14
C PRO Y 218 60.14 -6.49 39.51
N ALA Y 219 59.09 -6.29 40.31
CA ALA Y 219 57.84 -5.78 39.76
C ALA Y 219 58.03 -4.38 39.19
N ASN Y 220 58.72 -3.50 39.93
CA ASN Y 220 58.96 -2.15 39.43
C ASN Y 220 59.83 -2.15 38.18
N SER Y 221 60.87 -2.98 38.17
CA SER Y 221 61.79 -3.00 37.03
C SER Y 221 61.07 -3.38 35.75
N TRP Y 222 60.25 -4.44 35.81
CA TRP Y 222 59.55 -4.89 34.61
C TRP Y 222 58.58 -3.83 34.12
N ASN Y 223 57.83 -3.21 35.03
CA ASN Y 223 56.81 -2.24 34.61
C ASN Y 223 57.42 -1.07 33.87
N VAL Y 224 58.56 -0.55 34.37
CA VAL Y 224 59.21 0.56 33.70
C VAL Y 224 59.67 0.16 32.30
N LEU Y 225 60.25 -1.03 32.18
CA LEU Y 225 60.76 -1.48 30.90
C LEU Y 225 59.63 -1.63 29.89
N ARG Y 226 58.52 -2.24 30.29
CA ARG Y 226 57.41 -2.45 29.37
C ARG Y 226 56.76 -1.13 28.98
N ASN Y 227 56.44 -0.30 29.98
CA ASN Y 227 55.78 0.97 29.69
C ASN Y 227 56.68 1.87 28.85
N GLY Y 228 57.97 1.90 29.14
CA GLY Y 228 58.88 2.74 28.38
C GLY Y 228 58.84 2.43 26.89
N PHE Y 229 58.75 1.14 26.55
CA PHE Y 229 58.67 0.76 25.14
C PHE Y 229 57.33 1.19 24.53
N SER Y 230 56.26 1.14 25.32
CA SER Y 230 54.96 1.53 24.81
C SER Y 230 54.96 2.98 24.34
N TYR Y 231 55.56 3.87 25.12
CA TYR Y 231 55.66 5.27 24.71
C TYR Y 231 56.54 5.40 23.47
N LEU Y 232 57.62 4.62 23.40
CA LEU Y 232 58.50 4.66 22.24
C LEU Y 232 57.77 4.26 20.97
N ASP Y 233 56.96 3.21 21.04
CA ASP Y 233 56.29 2.71 19.84
C ASP Y 233 55.29 3.73 19.30
N SER Y 234 54.56 4.41 20.18
CA SER Y 234 53.54 5.35 19.75
C SER Y 234 54.09 6.74 19.45
N ALA Y 235 55.39 6.97 19.65
CA ALA Y 235 55.95 8.28 19.37
C ALA Y 235 55.85 8.63 17.90
N ALA Y 236 56.11 7.67 17.02
CA ALA Y 236 56.06 7.89 15.59
C ALA Y 236 55.53 6.64 14.90
N VAL Y 237 55.08 6.80 13.66
CA VAL Y 237 54.48 5.73 12.88
C VAL Y 237 55.26 5.59 11.58
N GLY Y 238 55.66 4.36 11.26
CA GLY Y 238 56.28 4.07 9.98
C GLY Y 238 57.79 3.94 10.01
N GLN Y 239 58.44 4.44 8.98
CA GLN Y 239 59.89 4.26 8.82
C GLN Y 239 60.69 4.96 9.90
N ASP Y 240 60.09 5.91 10.62
CA ASP Y 240 60.84 6.71 11.58
C ASP Y 240 61.49 5.86 12.67
N LYS Y 241 60.94 4.68 12.96
CA LYS Y 241 61.42 3.88 14.08
C LYS Y 241 62.47 2.85 13.68
N PHE Y 242 62.80 2.71 12.40
CA PHE Y 242 63.72 1.67 11.98
C PHE Y 242 65.07 1.84 12.66
N THR Y 243 65.66 3.03 12.55
CA THR Y 243 67.00 3.24 13.11
C THR Y 243 66.99 3.12 14.62
N ILE Y 244 65.97 3.66 15.28
CA ILE Y 244 65.96 3.68 16.74
C ILE Y 244 65.95 2.27 17.30
N LEU Y 245 65.10 1.40 16.76
CA LEU Y 245 64.99 0.04 17.27
C LEU Y 245 66.23 -0.77 16.93
N ARG Y 246 66.81 -0.56 15.75
CA ARG Y 246 68.01 -1.30 15.37
C ARG Y 246 69.16 -1.00 16.33
N ASN Y 247 69.29 0.25 16.76
CA ASN Y 247 70.33 0.60 17.70
C ASN Y 247 70.16 -0.14 19.02
N ILE Y 248 68.93 -0.21 19.53
CA ILE Y 248 68.67 -0.88 20.80
C ILE Y 248 69.01 -2.36 20.70
N ILE Y 249 68.61 -3.00 19.59
CA ILE Y 249 68.94 -4.41 19.39
C ILE Y 249 70.45 -4.60 19.41
N ASN Y 250 71.19 -3.66 18.82
CA ASN Y 250 72.65 -3.74 18.82
C ASN Y 250 73.18 -3.74 20.24
N TRP Y 251 72.65 -2.86 21.10
CA TRP Y 251 73.14 -2.78 22.46
C TRP Y 251 72.83 -4.02 23.28
N SER Y 252 71.80 -4.78 22.90
CA SER Y 252 71.34 -5.92 23.69
C SER Y 252 71.85 -7.25 23.14
N SER Y 253 72.95 -7.23 22.38
CA SER Y 253 73.56 -8.44 21.87
C SER Y 253 74.73 -8.92 22.73
N SER Y 254 75.01 -8.24 23.84
CA SER Y 254 76.10 -8.62 24.71
C SER Y 254 75.69 -9.77 25.61
N HIS Y 255 76.68 -10.42 26.22
CA HIS Y 255 76.46 -11.50 27.17
C HIS Y 255 77.27 -11.24 28.43
N SER Y 256 76.71 -11.61 29.57
CA SER Y 256 77.36 -11.35 30.84
C SER Y 256 78.59 -12.21 31.02
N GLU Y 257 79.57 -11.69 31.76
CA GLU Y 257 80.82 -12.38 32.02
C GLU Y 257 81.00 -12.74 33.49
N LEU Y 258 79.94 -12.64 34.30
CA LEU Y 258 80.00 -13.09 35.69
C LEU Y 258 79.84 -14.61 35.70
N ASP Y 259 79.66 -15.18 36.89
CA ASP Y 259 79.59 -16.63 37.04
C ASP Y 259 78.36 -17.03 37.82
N GLY Y 260 77.88 -18.25 37.56
CA GLY Y 260 76.79 -18.81 38.33
C GLY Y 260 75.50 -18.04 38.17
N GLU Y 261 74.69 -18.07 39.23
CA GLU Y 261 73.38 -17.43 39.19
C GLU Y 261 73.50 -15.95 38.87
N SER Y 262 74.59 -15.30 39.30
CA SER Y 262 74.76 -13.88 39.03
C SER Y 262 74.73 -13.60 37.53
N ALA Y 263 75.26 -14.52 36.72
CA ALA Y 263 75.21 -14.34 35.28
C ALA Y 263 73.79 -14.36 34.76
N ASP Y 264 72.95 -15.25 35.30
CA ASP Y 264 71.56 -15.33 34.86
C ASP Y 264 70.82 -14.03 35.13
N ALA Y 265 71.06 -13.43 36.30
CA ALA Y 265 70.38 -12.19 36.64
C ALA Y 265 70.74 -11.05 35.69
N GLN Y 266 71.88 -11.15 35.00
CA GLN Y 266 72.29 -10.14 34.04
C GLN Y 266 71.92 -10.50 32.61
N ASN Y 267 72.03 -11.77 32.22
CA ASN Y 267 71.59 -12.16 30.89
C ASN Y 267 70.09 -11.98 30.73
N ALA Y 268 69.34 -11.98 31.83
CA ALA Y 268 67.89 -11.77 31.74
C ALA Y 268 67.57 -10.40 31.19
N ILE Y 269 68.32 -9.38 31.59
CA ILE Y 269 68.07 -8.03 31.10
C ILE Y 269 68.35 -7.96 29.60
N PHE Y 270 69.48 -8.53 29.16
CA PHE Y 270 69.82 -8.48 27.75
C PHE Y 270 68.79 -9.24 26.91
N SER Y 271 68.44 -10.44 27.33
CA SER Y 271 67.51 -11.26 26.54
C SER Y 271 66.13 -10.65 26.50
N ALA Y 272 65.64 -10.12 27.62
CA ALA Y 272 64.30 -9.55 27.64
C ALA Y 272 64.21 -8.34 26.73
N VAL Y 273 65.23 -7.47 26.75
CA VAL Y 273 65.18 -6.25 25.95
C VAL Y 273 65.19 -6.60 24.46
N ARG Y 274 66.05 -7.53 24.05
CA ARG Y 274 66.17 -7.84 22.63
C ARG Y 274 64.87 -8.41 22.07
N VAL Y 275 64.22 -9.29 22.83
CA VAL Y 275 62.97 -9.88 22.35
C VAL Y 275 61.90 -8.80 22.23
N LEU Y 276 61.81 -7.92 23.22
CA LEU Y 276 60.82 -6.83 23.14
C LEU Y 276 61.10 -5.92 21.96
N ALA Y 277 62.37 -5.57 21.73
CA ALA Y 277 62.69 -4.71 20.61
C ALA Y 277 62.35 -5.37 19.28
N THR Y 278 62.65 -6.66 19.14
CA THR Y 278 62.36 -7.35 17.89
C THR Y 278 60.86 -7.38 17.62
N ALA Y 279 60.05 -7.63 18.65
CA ALA Y 279 58.61 -7.68 18.46
C ALA Y 279 58.07 -6.34 17.97
N TYR Y 280 58.52 -5.24 18.60
CA TYR Y 280 58.06 -3.92 18.19
C TYR Y 280 58.62 -3.54 16.83
N LEU Y 281 59.82 -4.00 16.49
CA LEU Y 281 60.36 -3.75 15.16
C LEU Y 281 59.51 -4.42 14.08
N SER Y 282 59.04 -5.64 14.35
CA SER Y 282 58.18 -6.31 13.39
C SER Y 282 56.90 -5.52 13.17
N LYS Y 283 56.32 -4.97 14.24
CA LYS Y 283 55.12 -4.15 14.10
C LYS Y 283 55.41 -2.92 13.25
N ALA Y 284 56.60 -2.34 13.40
CA ALA Y 284 56.95 -1.17 12.59
C ALA Y 284 57.01 -1.54 11.11
N TYR Y 285 57.60 -2.69 10.78
CA TYR Y 285 57.66 -3.12 9.38
C TYR Y 285 56.27 -3.31 8.78
N MET Y 286 55.25 -3.52 9.61
CA MET Y 286 53.92 -3.79 9.09
C MET Y 286 53.11 -2.53 8.84
N GLU Y 287 53.67 -1.35 9.14
CA GLU Y 287 53.01 -0.09 8.88
C GLU Y 287 53.51 0.58 7.61
N THR Y 288 54.28 -0.13 6.79
CA THR Y 288 54.85 0.43 5.57
C THR Y 288 54.58 -0.53 4.41
N VAL Y 289 54.53 0.05 3.21
CA VAL Y 289 54.26 -0.73 2.01
C VAL Y 289 55.56 -1.35 1.51
N ALA Y 290 55.49 -2.63 1.15
CA ALA Y 290 56.65 -3.33 0.64
C ALA Y 290 57.04 -2.78 -0.73
N SER Y 291 58.23 -2.20 -0.82
CA SER Y 291 58.67 -1.63 -2.10
C SER Y 291 58.82 -2.71 -3.16
N THR Y 292 59.37 -3.86 -2.80
CA THR Y 292 59.56 -4.95 -3.74
C THR Y 292 59.48 -6.28 -2.99
N VAL Y 293 59.15 -7.33 -3.72
CA VAL Y 293 59.06 -8.66 -3.12
C VAL Y 293 60.41 -9.07 -2.55
N ASN Y 294 61.48 -8.86 -3.31
CA ASN Y 294 62.81 -9.22 -2.84
C ASN Y 294 63.18 -8.42 -1.59
N GLU Y 295 62.90 -7.10 -1.61
CA GLU Y 295 63.18 -6.28 -0.45
C GLU Y 295 62.29 -6.66 0.73
N GLY Y 296 61.01 -6.93 0.45
CA GLY Y 296 60.08 -7.28 1.52
C GLY Y 296 60.47 -8.55 2.25
N LEU Y 297 60.97 -9.55 1.51
CA LEU Y 297 61.40 -10.79 2.14
C LEU Y 297 62.75 -10.63 2.84
N ALA Y 298 63.63 -9.78 2.32
CA ALA Y 298 64.89 -9.53 2.99
C ALA Y 298 64.66 -8.96 4.38
N GLN Y 299 63.67 -8.08 4.52
CA GLN Y 299 63.34 -7.54 5.84
C GLN Y 299 62.89 -8.64 6.79
N TYR Y 300 62.10 -9.59 6.30
CA TYR Y 300 61.63 -10.67 7.17
C TYR Y 300 62.79 -11.54 7.65
N ASP Y 301 63.71 -11.90 6.74
CA ASP Y 301 64.83 -12.75 7.15
C ASP Y 301 65.64 -12.10 8.26
N GLN Y 302 65.76 -10.77 8.22
CA GLN Y 302 66.49 -10.08 9.27
C GLN Y 302 65.86 -10.31 10.65
N ILE Y 303 64.55 -10.51 10.69
CA ILE Y 303 63.86 -10.71 11.97
C ILE Y 303 63.96 -12.16 12.42
N ALA Y 304 63.70 -13.10 11.51
CA ALA Y 304 63.69 -14.50 11.89
C ALA Y 304 65.02 -14.93 12.48
N ALA Y 305 66.13 -14.38 11.96
CA ALA Y 305 67.44 -14.72 12.49
C ALA Y 305 67.56 -14.33 13.96
N ILE Y 306 67.10 -13.12 14.30
CA ILE Y 306 67.22 -12.65 15.68
C ILE Y 306 66.37 -13.50 16.61
N LEU Y 307 65.13 -13.80 16.21
CA LEU Y 307 64.27 -14.62 17.04
C LEU Y 307 64.85 -16.03 17.19
N GLU Y 308 65.43 -16.57 16.13
CA GLU Y 308 66.03 -17.90 16.21
C GLU Y 308 67.18 -17.93 17.19
N GLN Y 309 68.01 -16.89 17.20
CA GLN Y 309 69.14 -16.85 18.14
C GLN Y 309 68.65 -16.89 19.58
N GLU Y 310 67.59 -16.13 19.89
CA GLU Y 310 67.07 -16.12 21.25
C GLU Y 310 66.54 -17.49 21.66
N ALA Y 311 65.91 -18.20 20.72
CA ALA Y 311 65.38 -19.52 21.04
C ALA Y 311 66.49 -20.48 21.44
N GLN Y 312 67.62 -20.44 20.72
CA GLN Y 312 68.73 -21.32 21.05
C GLN Y 312 69.29 -21.01 22.43
N ILE Y 313 69.41 -19.73 22.76
CA ILE Y 313 69.94 -19.34 24.07
C ILE Y 313 69.02 -19.84 25.18
N ALA Y 314 67.71 -19.66 25.01
CA ALA Y 314 66.76 -20.07 26.04
C ALA Y 314 66.62 -21.58 26.14
N GLN Y 315 67.18 -22.34 25.21
CA GLN Y 315 67.10 -23.80 25.22
C GLN Y 315 68.49 -24.43 25.25
N GLU Y 316 69.52 -23.65 25.57
CA GLU Y 316 70.89 -24.17 25.53
C GLU Y 316 71.04 -25.34 26.49
N ASP Y 317 70.57 -25.19 27.72
CA ASP Y 317 70.63 -26.24 28.73
C ASP Y 317 69.32 -26.32 29.49
N CYS Y 318 68.20 -26.25 28.78
CA CYS Y 318 66.89 -26.18 29.40
C CYS Y 318 66.84 -25.04 30.42
N HIS Y 319 67.44 -23.91 30.05
CA HIS Y 319 67.45 -22.75 30.94
C HIS Y 319 66.03 -22.28 31.22
N ASP Y 320 65.21 -22.17 30.17
CA ASP Y 320 63.81 -21.79 30.32
C ASP Y 320 63.04 -22.48 29.20
N ASN Y 321 62.50 -23.66 29.50
CA ASN Y 321 61.81 -24.43 28.47
C ASN Y 321 60.56 -23.71 27.99
N GLU Y 322 59.78 -23.14 28.92
CA GLU Y 322 58.54 -22.47 28.52
C GLU Y 322 58.82 -21.29 27.62
N PHE Y 323 59.87 -20.51 27.93
CA PHE Y 323 60.22 -19.38 27.08
C PHE Y 323 60.58 -19.84 25.67
N PHE Y 324 61.27 -20.98 25.57
CA PHE Y 324 61.65 -21.49 24.26
C PHE Y 324 60.41 -21.78 23.41
N LEU Y 325 59.39 -22.38 24.02
CA LEU Y 325 58.16 -22.65 23.27
C LEU Y 325 57.49 -21.37 22.81
N SER Y 326 57.43 -20.36 23.69
CA SER Y 326 56.78 -19.10 23.32
C SER Y 326 57.50 -18.42 22.17
N ILE Y 327 58.83 -18.40 22.21
CA ILE Y 327 59.60 -17.78 21.13
C ILE Y 327 59.32 -18.50 19.82
N ARG Y 328 59.33 -19.83 19.83
CA ARG Y 328 59.15 -20.58 18.60
C ARG Y 328 57.78 -20.33 17.99
N GLU Y 329 56.73 -20.30 18.82
CA GLU Y 329 55.39 -20.07 18.29
C GLU Y 329 55.26 -18.66 17.73
N PHE Y 330 55.88 -17.67 18.38
CA PHE Y 330 55.80 -16.31 17.88
C PHE Y 330 56.46 -16.17 16.52
N SER Y 331 57.58 -16.88 16.30
CA SER Y 331 58.30 -16.75 15.04
C SER Y 331 57.45 -17.21 13.87
N VAL Y 332 56.75 -18.33 14.02
CA VAL Y 332 55.92 -18.82 12.93
C VAL Y 332 54.75 -17.86 12.67
N SER Y 333 54.21 -17.27 13.73
CA SER Y 333 53.15 -16.26 13.56
C SER Y 333 53.68 -15.06 12.78
N VAL Y 334 54.90 -14.63 13.10
CA VAL Y 334 55.49 -13.51 12.37
C VAL Y 334 55.66 -13.86 10.90
N ALA Y 335 56.12 -15.09 10.62
CA ALA Y 335 56.31 -15.51 9.24
C ALA Y 335 55.00 -15.53 8.48
N ARG Y 336 53.92 -15.95 9.13
CA ARG Y 336 52.63 -16.04 8.46
C ARG Y 336 52.19 -14.70 7.90
N VAL Y 337 52.62 -13.60 8.53
CA VAL Y 337 52.17 -12.27 8.16
C VAL Y 337 53.20 -11.55 7.31
N MET Y 338 54.48 -11.64 7.69
CA MET Y 338 55.53 -10.96 6.92
C MET Y 338 55.59 -11.49 5.49
N VAL Y 339 55.51 -12.81 5.32
CA VAL Y 339 55.54 -13.38 3.97
C VAL Y 339 54.33 -12.91 3.17
N ASN Y 340 53.16 -12.87 3.80
CA ASN Y 340 51.96 -12.43 3.11
C ASN Y 340 52.09 -10.98 2.66
N ARG Y 341 52.66 -10.12 3.50
CA ARG Y 341 52.82 -8.72 3.13
C ARG Y 341 53.72 -8.58 1.90
N ALA Y 342 54.84 -9.31 1.88
CA ALA Y 342 55.78 -9.17 0.78
C ALA Y 342 55.16 -9.62 -0.54
N TYR Y 343 54.45 -10.75 -0.53
CA TYR Y 343 53.97 -11.36 -1.76
C TYR Y 343 52.58 -10.88 -2.18
N ASN Y 344 51.82 -10.26 -1.28
CA ASN Y 344 50.41 -9.99 -1.55
C ASN Y 344 49.92 -8.63 -1.11
N SER Y 345 50.76 -7.74 -0.61
CA SER Y 345 50.25 -6.46 -0.13
C SER Y 345 49.76 -5.63 -1.33
N PRO Y 346 50.62 -5.21 -2.25
CA PRO Y 346 50.12 -4.68 -3.52
C PRO Y 346 50.04 -5.69 -4.65
N ALA Y 347 50.54 -6.91 -4.45
CA ALA Y 347 50.52 -7.96 -5.48
C ALA Y 347 51.28 -7.52 -6.73
N LEU Y 348 52.58 -7.33 -6.54
CA LEU Y 348 53.45 -6.90 -7.62
C LEU Y 348 53.67 -8.03 -8.63
N ILE Y 349 54.01 -7.64 -9.86
CA ILE Y 349 54.34 -8.57 -10.93
C ILE Y 349 55.35 -7.90 -11.84
N VAL Y 350 56.17 -8.72 -12.50
CA VAL Y 350 57.18 -8.25 -13.44
C VAL Y 350 56.60 -8.29 -14.85
N TYR Y 351 56.79 -7.22 -15.60
CA TYR Y 351 56.38 -7.13 -16.99
C TYR Y 351 57.61 -7.22 -17.90
N SER Y 352 57.35 -7.39 -19.20
CA SER Y 352 58.42 -7.55 -20.19
C SER Y 352 58.09 -6.66 -21.39
N PHE Y 353 58.59 -5.43 -21.34
CA PHE Y 353 58.39 -4.50 -22.43
C PHE Y 353 59.38 -4.75 -23.56
N PRO Y 354 59.08 -4.28 -24.78
CA PRO Y 354 60.01 -4.45 -25.90
C PRO Y 354 61.13 -3.43 -25.96
N GLY Y 355 61.28 -2.60 -24.93
CA GLY Y 355 62.32 -1.58 -24.93
C GLY Y 355 62.07 -0.56 -23.86
N THR Y 356 63.11 0.23 -23.59
CA THR Y 356 63.00 1.25 -22.57
C THR Y 356 61.95 2.29 -22.96
N MET Y 357 61.21 2.77 -21.96
CA MET Y 357 60.14 3.73 -22.21
C MET Y 357 60.04 4.68 -21.01
N HIS Y 358 59.41 5.82 -21.24
CA HIS Y 358 59.22 6.79 -20.19
C HIS Y 358 58.29 6.24 -19.11
N SER Y 359 58.42 6.78 -17.91
CA SER Y 359 57.54 6.36 -16.82
C SER Y 359 56.09 6.70 -17.13
N LEU Y 360 55.85 7.87 -17.73
CA LEU Y 360 54.48 8.28 -18.04
C LEU Y 360 53.83 7.30 -19.02
N VAL Y 361 54.55 6.94 -20.08
CA VAL Y 361 53.98 6.06 -21.09
C VAL Y 361 53.75 4.67 -20.50
N VAL Y 362 54.68 4.19 -19.67
CA VAL Y 362 54.53 2.87 -19.07
C VAL Y 362 53.27 2.81 -18.22
N ALA Y 363 53.03 3.84 -17.42
CA ALA Y 363 51.85 3.86 -16.57
C ALA Y 363 50.57 3.82 -17.39
N TRP Y 364 50.51 4.60 -18.47
CA TRP Y 364 49.31 4.64 -19.28
C TRP Y 364 49.03 3.29 -19.93
N GLU Y 365 50.07 2.65 -20.47
CA GLU Y 365 49.87 1.39 -21.18
C GLU Y 365 49.34 0.31 -20.25
N ILE Y 366 49.95 0.17 -19.07
CA ILE Y 366 49.59 -0.93 -18.18
C ILE Y 366 48.21 -0.71 -17.57
N PHE Y 367 48.06 0.39 -16.82
CA PHE Y 367 46.83 0.63 -16.07
C PHE Y 367 45.77 1.35 -16.89
N GLY Y 368 46.16 2.38 -17.62
CA GLY Y 368 45.22 3.22 -18.34
C GLY Y 368 45.03 4.60 -17.76
N ASP Y 369 45.99 5.10 -16.97
CA ASP Y 369 45.89 6.43 -16.37
C ASP Y 369 47.30 6.90 -16.07
N ALA Y 370 47.77 7.90 -16.83
CA ALA Y 370 49.15 8.35 -16.68
C ALA Y 370 49.42 8.93 -15.30
N LYS Y 371 48.38 9.34 -14.57
CA LYS Y 371 48.58 9.92 -13.25
C LYS Y 371 49.08 8.91 -12.23
N ARG Y 372 49.07 7.62 -12.55
CA ARG Y 372 49.55 6.59 -11.64
C ARG Y 372 51.04 6.34 -11.75
N SER Y 373 51.74 7.08 -12.62
CA SER Y 373 53.18 6.87 -12.78
C SER Y 373 53.95 7.13 -11.50
N ARG Y 374 53.36 7.87 -10.55
CA ARG Y 374 54.08 8.17 -9.31
C ARG Y 374 54.48 6.91 -8.57
N GLU Y 375 53.73 5.83 -8.75
CA GLU Y 375 53.99 4.59 -8.02
C GLU Y 375 55.22 3.84 -8.54
N LEU Y 376 55.61 4.07 -9.79
CA LEU Y 376 56.72 3.33 -10.39
C LEU Y 376 58.09 3.85 -9.94
N GLU Y 377 58.15 5.01 -9.29
CA GLU Y 377 59.45 5.59 -8.95
C GLU Y 377 60.21 4.72 -7.95
N GLY Y 378 59.51 4.23 -6.93
CA GLY Y 378 60.20 3.55 -5.84
C GLY Y 378 60.61 2.12 -6.13
N ARG Y 379 59.99 1.48 -7.12
CA ARG Y 379 60.23 0.07 -7.37
C ARG Y 379 61.30 -0.18 -8.44
N ASN Y 380 61.35 0.67 -9.46
CA ASN Y 380 62.28 0.50 -10.58
C ASN Y 380 63.38 1.54 -10.50
N THR Y 381 64.62 1.10 -10.66
CA THR Y 381 65.75 2.02 -10.77
C THR Y 381 65.76 2.60 -12.18
N GLY Y 382 66.82 3.34 -12.51
CA GLY Y 382 66.90 3.97 -13.82
C GLY Y 382 66.24 5.32 -13.84
N ALA Y 383 66.62 6.17 -14.78
CA ALA Y 383 66.07 7.51 -14.85
C ALA Y 383 64.60 7.46 -15.26
N PRO Y 384 63.84 8.51 -14.99
CA PRO Y 384 62.42 8.50 -15.38
C PRO Y 384 62.19 8.35 -16.87
N TRP Y 385 63.19 8.63 -17.70
CA TRP Y 385 63.05 8.52 -19.14
C TRP Y 385 63.66 7.24 -19.70
N ALA Y 386 64.10 6.31 -18.84
CA ALA Y 386 64.75 5.10 -19.30
C ALA Y 386 64.30 3.88 -18.51
N ILE Y 387 63.05 3.86 -18.04
CA ILE Y 387 62.56 2.71 -17.30
C ILE Y 387 62.37 1.54 -18.23
N GLY Y 388 62.88 0.37 -17.83
CA GLY Y 388 62.75 -0.83 -18.61
C GLY Y 388 64.07 -1.57 -18.76
N PRO Y 389 64.10 -2.59 -19.62
CA PRO Y 389 62.97 -3.06 -20.43
C PRO Y 389 62.01 -3.96 -19.64
N LYS Y 390 62.34 -4.25 -18.39
CA LYS Y 390 61.48 -5.01 -17.51
C LYS Y 390 61.01 -4.11 -16.38
N VAL Y 391 59.69 -4.07 -16.17
CA VAL Y 391 59.07 -3.14 -15.23
C VAL Y 391 58.34 -3.93 -14.16
N ILE Y 392 58.49 -3.50 -12.92
CA ILE Y 392 57.78 -4.09 -11.78
C ILE Y 392 56.62 -3.16 -11.46
N ALA Y 393 55.39 -3.67 -11.59
CA ALA Y 393 54.19 -2.88 -11.39
C ALA Y 393 53.15 -3.71 -10.67
N GLU Y 394 51.99 -3.12 -10.43
CA GLU Y 394 50.91 -3.75 -9.69
C GLU Y 394 50.05 -4.60 -10.61
N ARG Y 395 49.34 -5.56 -10.00
CA ARG Y 395 48.44 -6.41 -10.75
C ARG Y 395 47.18 -5.64 -11.13
N VAL Y 396 46.77 -5.75 -12.39
CA VAL Y 396 45.50 -5.19 -12.83
C VAL Y 396 44.39 -6.17 -12.44
N ARG Y 397 43.41 -5.66 -11.70
CA ARG Y 397 42.33 -6.49 -11.15
C ARG Y 397 40.98 -5.91 -11.57
N ALA Y 398 40.82 -5.67 -12.86
CA ALA Y 398 39.57 -5.13 -13.39
C ALA Y 398 38.40 -6.04 -13.04
N MET Z 1 12.48 -1.64 -44.20
CA MET Z 1 12.95 -0.38 -44.86
C MET Z 1 12.23 -0.15 -46.17
N ALA Z 2 12.06 1.13 -46.52
CA ALA Z 2 11.52 1.46 -47.84
C ALA Z 2 12.39 0.83 -48.92
N GLY Z 3 11.73 0.28 -49.93
CA GLY Z 3 12.42 -0.46 -50.95
C GLY Z 3 12.96 -1.77 -50.41
N PRO Z 4 13.24 -2.72 -51.29
CA PRO Z 4 13.72 -4.05 -50.84
C PRO Z 4 15.24 -4.18 -50.73
N CYS Z 5 15.99 -3.08 -50.72
CA CYS Z 5 17.44 -3.13 -50.67
C CYS Z 5 17.99 -3.06 -49.25
N TYR Z 6 17.23 -3.53 -48.26
CA TYR Z 6 17.69 -3.53 -46.88
C TYR Z 6 18.60 -4.71 -46.62
N ASN Z 7 19.65 -4.47 -45.84
CA ASN Z 7 20.60 -5.51 -45.43
C ASN Z 7 20.74 -5.42 -43.92
N PRO Z 8 19.89 -6.13 -43.17
CA PRO Z 8 19.86 -5.92 -41.71
C PRO Z 8 21.20 -6.14 -41.04
N ASN Z 9 22.05 -7.02 -41.58
CA ASN Z 9 23.38 -7.21 -41.02
C ASN Z 9 24.25 -5.96 -41.15
N GLU Z 10 23.84 -5.00 -41.97
CA GLU Z 10 24.62 -3.80 -42.22
C GLU Z 10 24.22 -2.62 -41.33
N HIS Z 11 23.05 -2.69 -40.68
CA HIS Z 11 22.55 -1.59 -39.87
C HIS Z 11 22.50 -1.89 -38.38
N TYR Z 12 22.42 -3.16 -37.99
CA TYR Z 12 22.37 -3.56 -36.59
C TYR Z 12 23.75 -4.02 -36.15
N LEU Z 13 24.28 -3.41 -35.10
CA LEU Z 13 25.58 -3.80 -34.59
C LEU Z 13 25.49 -5.17 -33.91
N PRO Z 14 26.60 -5.91 -33.85
CA PRO Z 14 26.59 -7.19 -33.15
C PRO Z 14 26.68 -7.00 -31.65
N ALA Z 15 25.84 -7.74 -30.92
CA ALA Z 15 25.76 -7.57 -29.48
C ALA Z 15 27.01 -8.12 -28.81
N SER Z 16 27.21 -7.69 -27.56
CA SER Z 16 28.35 -8.13 -26.76
C SER Z 16 28.18 -7.55 -25.36
N PHE Z 17 28.93 -8.10 -24.42
CA PHE Z 17 28.92 -7.59 -23.04
C PHE Z 17 30.19 -8.06 -22.35
N LYS Z 18 31.04 -7.12 -21.93
CA LYS Z 18 32.32 -7.43 -21.30
C LYS Z 18 33.24 -8.22 -22.23
N GLY Z 19 32.98 -8.18 -23.53
CA GLY Z 19 33.83 -8.80 -24.52
C GLY Z 19 33.34 -10.13 -25.05
N VAL Z 20 32.43 -10.79 -24.34
CA VAL Z 20 31.92 -12.09 -24.78
C VAL Z 20 30.78 -11.86 -25.76
N PRO Z 21 30.88 -12.30 -27.02
CA PRO Z 21 29.77 -12.09 -27.95
C PRO Z 21 28.57 -12.94 -27.60
N PHE Z 22 27.40 -12.45 -28.01
CA PHE Z 22 26.17 -13.22 -27.90
C PHE Z 22 25.20 -12.72 -28.96
N ASP Z 23 24.21 -13.56 -29.28
CA ASP Z 23 23.26 -13.28 -30.33
C ASP Z 23 22.03 -12.59 -29.73
N ALA Z 24 21.78 -11.36 -30.16
CA ALA Z 24 20.66 -10.59 -29.66
C ALA Z 24 19.42 -10.86 -30.50
N ASP Z 25 18.25 -10.62 -29.89
CA ASP Z 25 16.97 -10.85 -30.55
C ASP Z 25 15.98 -9.70 -30.40
N SER Z 26 16.24 -8.72 -29.54
CA SER Z 26 15.37 -7.57 -29.37
C SER Z 26 16.19 -6.44 -28.77
N SER Z 27 15.61 -5.25 -28.79
CA SER Z 27 16.34 -4.07 -28.31
C SER Z 27 15.32 -3.00 -27.94
N ASP Z 28 15.33 -2.59 -26.67
CA ASP Z 28 14.46 -1.53 -26.19
C ASP Z 28 15.31 -0.53 -25.39
N SER Z 29 14.67 0.54 -24.95
CA SER Z 29 15.32 1.58 -24.16
C SER Z 29 14.23 2.38 -23.46
N GLU Z 30 14.67 3.29 -22.58
CA GLU Z 30 13.73 4.15 -21.86
C GLU Z 30 14.45 5.44 -21.50
N HIS Z 31 13.96 6.56 -22.04
CA HIS Z 31 14.53 7.87 -21.79
C HIS Z 31 13.43 8.81 -21.32
N GLY Z 32 13.84 9.85 -20.61
CA GLY Z 32 12.88 10.80 -20.09
C GLY Z 32 13.56 11.92 -19.35
N ARG Z 33 12.75 12.77 -18.73
CA ARG Z 33 13.23 13.93 -18.01
C ARG Z 33 12.36 14.17 -16.79
N ASN Z 34 13.00 14.40 -15.65
CA ASN Z 34 12.30 14.51 -14.38
C ASN Z 34 11.59 15.84 -14.28
N GLY Z 35 10.27 15.80 -14.17
CA GLY Z 35 9.47 17.01 -14.00
C GLY Z 35 8.98 17.18 -12.58
N ALA Z 36 8.45 18.38 -12.31
CA ALA Z 36 7.92 18.74 -11.00
C ALA Z 36 6.62 19.51 -11.16
N GLU Z 37 5.73 19.00 -12.03
CA GLU Z 37 4.51 19.71 -12.35
C GLU Z 37 3.70 20.02 -11.10
N ALA Z 38 3.13 21.22 -11.06
CA ALA Z 38 2.32 21.65 -9.92
C ALA Z 38 1.14 22.45 -10.44
N GLU Z 39 -0.03 22.23 -9.83
CA GLU Z 39 -1.25 22.94 -10.19
C GLU Z 39 -1.81 23.60 -8.94
N PHE Z 40 -2.08 24.90 -9.03
CA PHE Z 40 -2.48 25.68 -7.88
C PHE Z 40 -3.94 25.38 -7.55
N VAL Z 41 -4.52 26.12 -6.61
CA VAL Z 41 -5.87 25.88 -6.11
C VAL Z 41 -6.74 27.06 -6.49
N PHE Z 42 -7.94 26.78 -6.99
CA PHE Z 42 -8.88 27.78 -7.49
C PHE Z 42 -8.35 28.54 -8.69
N GLY Z 43 -7.22 28.11 -9.26
CA GLY Z 43 -6.58 28.82 -10.34
C GLY Z 43 -6.80 28.14 -11.69
N GLU Z 44 -6.73 28.95 -12.75
CA GLU Z 44 -6.88 28.46 -14.11
C GLU Z 44 -5.55 28.26 -14.81
N ARG Z 45 -4.44 28.35 -14.09
CA ARG Z 45 -3.11 28.22 -14.66
C ARG Z 45 -2.30 27.22 -13.83
N THR Z 46 -1.39 26.53 -14.51
CA THR Z 46 -0.52 25.54 -13.89
C THR Z 46 0.94 25.95 -14.10
N GLY Z 47 1.85 25.09 -13.62
CA GLY Z 47 3.26 25.38 -13.73
C GLY Z 47 4.08 24.14 -14.05
N TYR Z 48 5.41 24.27 -13.99
CA TYR Z 48 6.30 23.16 -14.30
C TYR Z 48 7.73 23.58 -13.98
N ALA Z 49 8.57 22.58 -13.69
CA ALA Z 49 9.98 22.81 -13.44
C ALA Z 49 10.76 21.59 -13.89
N ASP Z 50 12.05 21.78 -14.12
CA ASP Z 50 12.94 20.74 -14.61
C ASP Z 50 13.94 20.39 -13.52
N LEU Z 51 14.11 19.08 -13.26
CA LEU Z 51 14.95 18.62 -12.18
C LEU Z 51 16.03 17.64 -12.64
N GLY Z 52 16.38 17.65 -13.91
CA GLY Z 52 17.50 16.88 -14.42
C GLY Z 52 17.05 15.68 -15.25
N ILE Z 53 18.05 15.01 -15.82
CA ILE Z 53 17.81 13.89 -16.71
C ILE Z 53 17.43 12.66 -15.89
N LYS Z 54 16.75 11.72 -16.55
CA LYS Z 54 16.34 10.47 -15.94
C LYS Z 54 17.27 9.35 -16.38
N ILE Z 55 17.50 8.39 -15.48
CA ILE Z 55 18.43 7.30 -15.76
C ILE Z 55 17.84 6.36 -16.80
N ARG Z 56 18.66 5.97 -17.78
CA ARG Z 56 18.23 5.08 -18.84
C ARG Z 56 18.16 3.64 -18.35
N SER Z 57 17.54 2.79 -19.16
CA SER Z 57 17.49 1.36 -18.90
C SER Z 57 17.31 0.63 -20.22
N TYR Z 58 18.09 -0.43 -20.43
CA TYR Z 58 18.05 -1.21 -21.65
C TYR Z 58 17.62 -2.64 -21.33
N SER Z 59 16.86 -3.23 -22.24
CA SER Z 59 16.41 -4.62 -22.12
C SER Z 59 16.70 -5.34 -23.43
N ILE Z 60 17.28 -6.53 -23.34
CA ILE Z 60 17.67 -7.31 -24.49
C ILE Z 60 17.24 -8.76 -24.29
N ARG Z 61 17.06 -9.46 -25.40
CA ARG Z 61 16.70 -10.88 -25.40
C ARG Z 61 17.67 -11.62 -26.29
N ALA Z 62 18.21 -12.74 -25.79
CA ALA Z 62 19.22 -13.50 -26.50
C ALA Z 62 18.73 -14.92 -26.76
N ARG Z 63 19.10 -15.45 -27.92
CA ARG Z 63 18.69 -16.78 -28.35
C ARG Z 63 19.92 -17.64 -28.64
N PHE Z 64 19.88 -18.88 -28.16
CA PHE Z 64 20.92 -19.86 -28.43
C PHE Z 64 20.30 -21.05 -29.14
N GLN Z 65 20.88 -21.45 -30.26
CA GLN Z 65 20.37 -22.57 -31.05
C GLN Z 65 21.40 -23.66 -31.28
N THR Z 66 22.64 -23.29 -31.58
CA THR Z 66 23.65 -24.26 -32.00
C THR Z 66 23.70 -25.42 -31.01
N ASN Z 67 24.20 -26.56 -31.50
CA ASN Z 67 24.45 -27.72 -30.65
C ASN Z 67 25.18 -27.30 -29.38
N ASP Z 68 24.94 -28.00 -28.28
CA ASP Z 68 25.61 -27.71 -27.02
C ASP Z 68 25.32 -26.28 -26.57
N HIS Z 69 24.03 -25.92 -26.62
CA HIS Z 69 23.63 -24.58 -26.19
C HIS Z 69 23.67 -24.44 -24.68
N VAL Z 70 23.50 -25.55 -23.94
CA VAL Z 70 23.51 -25.47 -22.48
C VAL Z 70 24.86 -24.98 -21.98
N ALA Z 71 25.95 -25.40 -22.63
CA ALA Z 71 27.27 -24.98 -22.20
C ALA Z 71 27.48 -23.50 -22.46
N LEU Z 72 27.17 -23.04 -23.67
CA LEU Z 72 27.28 -21.61 -23.97
C LEU Z 72 26.35 -20.80 -23.09
N SER Z 73 25.11 -21.25 -22.93
CA SER Z 73 24.16 -20.56 -22.05
C SER Z 73 24.64 -20.59 -20.61
N ASN Z 74 24.98 -21.78 -20.11
CA ASN Z 74 25.44 -21.91 -18.74
C ASN Z 74 26.77 -21.20 -18.50
N ALA Z 75 27.54 -20.93 -19.56
CA ALA Z 75 28.79 -20.21 -19.43
C ALA Z 75 28.62 -18.71 -19.56
N PHE Z 76 27.58 -18.26 -20.26
CA PHE Z 76 27.34 -16.82 -20.37
C PHE Z 76 26.74 -16.25 -19.09
N ILE Z 77 25.95 -17.04 -18.37
CA ILE Z 77 25.38 -16.56 -17.11
C ILE Z 77 26.48 -16.23 -16.12
N ALA Z 78 27.61 -16.94 -16.19
CA ALA Z 78 28.72 -16.65 -15.31
C ALA Z 78 29.35 -15.30 -15.57
N VAL Z 79 29.03 -14.66 -16.70
CA VAL Z 79 29.54 -13.32 -16.99
C VAL Z 79 28.59 -12.25 -16.49
N LEU Z 80 27.27 -12.48 -16.60
CA LEU Z 80 26.31 -11.51 -16.08
C LEU Z 80 26.44 -11.34 -14.58
N GLU Z 81 26.88 -12.38 -13.87
CA GLU Z 81 27.00 -12.35 -12.42
C GLU Z 81 28.34 -11.80 -11.95
N SER Z 82 29.25 -11.47 -12.86
CA SER Z 82 30.54 -10.93 -12.46
C SER Z 82 30.37 -9.57 -11.81
N THR Z 83 31.29 -9.25 -10.89
CA THR Z 83 31.19 -8.01 -10.13
C THR Z 83 31.48 -6.80 -11.00
N GLY Z 84 30.74 -5.72 -10.75
CA GLY Z 84 31.00 -4.45 -11.38
C GLY Z 84 30.34 -4.30 -12.73
N PRO Z 85 30.31 -3.08 -13.26
CA PRO Z 85 29.75 -2.84 -14.59
C PRO Z 85 30.77 -3.15 -15.67
N GLY Z 86 30.27 -3.11 -16.92
CA GLY Z 86 31.13 -3.38 -18.06
C GLY Z 86 30.52 -2.82 -19.33
N LEU Z 87 31.34 -2.75 -20.37
CA LEU Z 87 30.90 -2.19 -21.64
C LEU Z 87 29.85 -3.07 -22.28
N LEU Z 88 28.79 -2.44 -22.80
CA LEU Z 88 27.71 -3.13 -23.50
C LEU Z 88 27.58 -2.53 -24.88
N VAL Z 89 27.62 -3.39 -25.90
CA VAL Z 89 27.49 -2.96 -27.29
C VAL Z 89 26.02 -3.17 -27.65
N HIS Z 90 25.21 -2.14 -27.44
CA HIS Z 90 23.80 -2.24 -27.78
C HIS Z 90 23.65 -2.43 -29.29
N PRO Z 91 22.69 -3.23 -29.75
CA PRO Z 91 22.57 -3.45 -31.20
C PRO Z 91 22.32 -2.17 -31.98
N THR Z 92 21.62 -1.20 -31.39
CA THR Z 92 21.29 0.05 -32.08
C THR Z 92 21.84 1.30 -31.41
N ARG Z 93 22.01 1.29 -30.09
CA ARG Z 93 22.48 2.46 -29.36
C ARG Z 93 24.00 2.56 -29.33
N GLY Z 94 24.71 1.60 -29.91
CA GLY Z 94 26.15 1.63 -29.90
C GLY Z 94 26.72 1.29 -28.54
N PRO Z 95 28.04 1.39 -28.39
CA PRO Z 95 28.66 1.08 -27.10
C PRO Z 95 28.12 1.99 -26.00
N VAL Z 96 27.93 1.40 -24.83
CA VAL Z 96 27.44 2.15 -23.66
C VAL Z 96 27.76 1.34 -22.43
N MET Z 97 28.11 2.04 -21.35
CA MET Z 97 28.47 1.41 -20.08
C MET Z 97 27.22 1.09 -19.30
N ALA Z 98 27.01 -0.19 -18.99
CA ALA Z 98 25.79 -0.63 -18.32
C ALA Z 98 26.14 -1.71 -17.30
N ALA Z 99 25.21 -1.94 -16.38
CA ALA Z 99 25.34 -2.97 -15.36
C ALA Z 99 24.06 -3.80 -15.33
N CYS Z 100 24.21 -5.12 -15.34
CA CYS Z 100 23.06 -6.00 -15.33
C CYS Z 100 22.28 -5.86 -14.03
N ARG Z 101 20.98 -6.12 -14.11
CA ARG Z 101 20.09 -6.01 -12.96
C ARG Z 101 19.20 -7.21 -12.74
N SER Z 102 18.99 -8.07 -13.75
CA SER Z 102 18.21 -9.28 -13.60
C SER Z 102 18.35 -10.08 -14.90
N ALA Z 103 17.97 -11.35 -14.82
CA ALA Z 103 18.02 -12.22 -15.99
C ALA Z 103 17.18 -13.46 -15.71
N ARG Z 104 16.24 -13.74 -16.60
CA ARG Z 104 15.38 -14.91 -16.49
C ARG Z 104 15.74 -15.87 -17.63
N VAL Z 105 16.09 -17.09 -17.27
CA VAL Z 105 16.46 -18.12 -18.24
C VAL Z 105 15.27 -19.06 -18.41
N THR Z 106 14.84 -19.26 -19.65
CA THR Z 106 13.70 -20.10 -19.97
C THR Z 106 14.17 -21.32 -20.75
N ASP Z 107 13.67 -22.49 -20.36
CA ASP Z 107 14.09 -23.74 -20.98
C ASP Z 107 13.01 -24.79 -20.75
N SER Z 108 13.09 -25.86 -21.54
CA SER Z 108 12.16 -26.98 -21.41
C SER Z 108 12.80 -28.20 -22.04
N LYS Z 109 12.23 -29.37 -21.76
CA LYS Z 109 12.71 -30.62 -22.31
C LYS Z 109 11.73 -31.27 -23.27
N VAL Z 110 10.43 -30.98 -23.16
CA VAL Z 110 9.42 -31.54 -24.03
C VAL Z 110 8.72 -30.48 -24.85
N ASP Z 111 8.36 -29.35 -24.24
CA ASP Z 111 7.70 -28.29 -25.00
C ASP Z 111 8.64 -27.70 -26.05
N ALA Z 112 9.89 -27.48 -25.69
CA ALA Z 112 10.87 -26.87 -26.61
C ALA Z 112 12.25 -27.35 -26.19
N ALA Z 113 12.80 -28.31 -26.94
CA ALA Z 113 14.12 -28.86 -26.67
C ALA Z 113 15.06 -28.46 -27.80
N GLY Z 114 16.19 -27.87 -27.44
CA GLY Z 114 17.18 -27.43 -28.41
C GLY Z 114 17.30 -25.93 -28.56
N VAL Z 115 16.69 -25.14 -27.70
CA VAL Z 115 16.79 -23.68 -27.77
C VAL Z 115 16.60 -23.13 -26.36
N THR Z 116 17.41 -22.12 -26.03
CA THR Z 116 17.38 -21.49 -24.72
C THR Z 116 17.22 -19.99 -24.89
N TYR Z 117 16.24 -19.42 -24.20
CA TYR Z 117 15.98 -17.99 -24.21
C TYR Z 117 16.39 -17.39 -22.87
N ILE Z 118 16.91 -16.16 -22.92
CA ILE Z 118 17.33 -15.47 -21.71
C ILE Z 118 17.03 -13.98 -21.84
N ASP Z 119 16.09 -13.49 -21.04
CA ASP Z 119 15.75 -12.07 -21.01
C ASP Z 119 16.64 -11.35 -20.03
N ILE Z 120 17.02 -10.11 -20.36
CA ILE Z 120 17.94 -9.33 -19.56
C ILE Z 120 17.37 -7.93 -19.37
N ASP Z 121 17.83 -7.27 -18.30
CA ASP Z 121 17.39 -5.93 -17.96
C ASP Z 121 18.62 -5.13 -17.50
N PHE Z 122 19.15 -4.30 -18.38
CA PHE Z 122 20.36 -3.55 -18.10
C PHE Z 122 20.04 -2.16 -17.55
N VAL Z 123 21.06 -1.50 -17.04
CA VAL Z 123 20.93 -0.16 -16.48
C VAL Z 123 22.22 0.60 -16.74
N GLU Z 124 22.10 1.86 -17.14
CA GLU Z 124 23.27 2.69 -17.33
C GLU Z 124 24.01 2.87 -16.01
N ALA Z 125 25.33 2.86 -16.05
CA ALA Z 125 26.15 2.96 -14.85
C ALA Z 125 27.44 3.69 -15.21
N ASN Z 126 27.51 4.98 -14.86
CA ASN Z 126 28.70 5.78 -15.10
C ASN Z 126 29.55 5.83 -13.84
N ASP Z 127 30.85 5.60 -14.00
CA ASP Z 127 31.75 5.60 -12.86
C ASP Z 127 31.75 6.95 -12.16
N THR Z 128 31.88 6.91 -10.83
CA THR Z 128 31.88 8.11 -10.02
C THR Z 128 33.04 8.06 -9.03
N VAL Z 129 33.53 9.24 -8.68
CA VAL Z 129 34.61 9.32 -7.68
C VAL Z 129 34.07 8.93 -6.31
N THR Z 130 34.99 8.58 -5.42
CA THR Z 130 34.63 8.04 -4.11
C THR Z 130 34.65 9.07 -2.99
N GLY Z 131 35.10 10.28 -3.25
CA GLY Z 131 35.19 11.30 -2.21
C GLY Z 131 33.97 12.19 -2.14
N PHE Z 132 32.86 11.72 -2.70
CA PHE Z 132 31.59 12.45 -2.76
C PHE Z 132 31.82 13.93 -3.06
N GLY Z 133 32.50 14.18 -4.17
CA GLY Z 133 32.60 15.53 -4.71
C GLY Z 133 33.83 16.30 -4.28
N LEU Z 134 34.70 16.62 -5.24
CA LEU Z 134 35.88 17.44 -4.99
C LEU Z 134 36.15 18.38 -6.15
N VAL Z 135 35.10 18.82 -6.85
CA VAL Z 135 35.28 19.66 -8.02
C VAL Z 135 35.97 20.96 -7.62
N GLY Z 136 36.85 21.44 -8.49
CA GLY Z 136 37.56 22.68 -8.20
C GLY Z 136 36.65 23.89 -8.26
N SER Z 137 37.11 24.95 -7.60
CA SER Z 137 36.37 26.21 -7.51
C SER Z 137 37.03 27.26 -8.39
N LEU Z 138 36.24 27.95 -9.19
CA LEU Z 138 36.73 28.97 -10.10
C LEU Z 138 35.83 30.20 -10.05
N ILE Z 139 35.47 30.63 -8.84
CA ILE Z 139 34.62 31.79 -8.64
C ILE Z 139 35.20 32.79 -7.67
N ALA Z 140 36.32 32.47 -7.00
CA ALA Z 140 36.93 33.38 -6.06
C ALA Z 140 38.43 33.11 -6.02
N LEU Z 141 39.18 34.11 -5.56
CA LEU Z 141 40.62 34.02 -5.45
C LEU Z 141 41.02 33.43 -4.11
N ALA Z 142 42.30 33.08 -4.00
CA ALA Z 142 42.89 32.57 -2.77
C ALA Z 142 43.89 33.60 -2.26
N LEU Z 143 43.53 34.31 -1.21
CA LEU Z 143 44.38 35.35 -0.65
C LEU Z 143 45.18 34.88 0.56
N SER Z 144 44.72 33.85 1.25
CA SER Z 144 45.48 33.34 2.40
C SER Z 144 46.91 32.94 2.03
N PRO Z 145 47.17 32.28 0.89
CA PRO Z 145 48.56 31.90 0.61
C PRO Z 145 49.49 33.09 0.45
N ILE Z 146 49.10 34.08 -0.35
CA ILE Z 146 49.98 35.22 -0.58
C ILE Z 146 50.15 36.04 0.69
N ILE Z 147 49.07 36.22 1.45
CA ILE Z 147 49.15 37.03 2.66
C ILE Z 147 50.15 36.43 3.64
N THR Z 148 50.07 35.12 3.84
CA THR Z 148 51.05 34.45 4.70
C THR Z 148 52.45 34.56 4.12
N ALA Z 149 52.58 34.44 2.80
CA ALA Z 149 53.90 34.57 2.17
C ALA Z 149 54.48 35.96 2.41
N THR Z 150 53.65 36.99 2.31
CA THR Z 150 54.13 38.35 2.58
C THR Z 150 54.59 38.48 4.02
N GLU Z 151 53.88 37.87 4.96
CA GLU Z 151 54.25 37.97 6.37
C GLU Z 151 55.67 37.47 6.59
N GLU Z 152 56.01 36.32 6.01
CA GLU Z 152 57.32 35.74 6.20
C GLU Z 152 58.40 36.66 5.65
N SER Z 153 58.18 37.23 4.46
CA SER Z 153 59.18 38.11 3.87
C SER Z 153 59.34 39.38 4.69
N PHE Z 154 58.23 40.01 5.09
CA PHE Z 154 58.31 41.25 5.84
C PHE Z 154 59.02 41.06 7.17
N LYS Z 155 58.70 39.97 7.88
CA LYS Z 155 59.35 39.70 9.15
C LYS Z 155 60.84 39.49 8.98
N ARG Z 156 61.27 39.00 7.82
CA ARG Z 156 62.67 38.62 7.64
C ARG Z 156 63.61 39.81 7.76
N TYR Z 157 63.23 40.95 7.18
CA TYR Z 157 64.12 42.10 7.06
C TYR Z 157 63.76 43.25 7.97
N TYR Z 158 62.48 43.53 8.19
CA TYR Z 158 62.07 44.66 9.03
C TYR Z 158 62.43 44.36 10.48
N SER Z 159 63.44 45.06 10.99
CA SER Z 159 63.90 44.87 12.37
C SER Z 159 64.51 46.17 12.87
N PRO Z 160 63.67 47.09 13.35
CA PRO Z 160 64.20 48.41 13.73
C PRO Z 160 65.17 48.36 14.91
N GLU Z 161 65.15 47.31 15.71
CA GLU Z 161 66.04 47.23 16.87
C GLU Z 161 67.44 46.75 16.52
N ASN Z 162 67.68 46.34 15.28
CA ASN Z 162 69.00 45.88 14.85
C ASN Z 162 69.67 46.78 13.82
N VAL Z 163 68.90 47.60 13.10
CA VAL Z 163 69.51 48.53 12.16
C VAL Z 163 70.40 49.51 12.91
N ARG Z 164 71.34 50.12 12.17
CA ARG Z 164 72.25 51.08 12.77
C ARG Z 164 71.47 52.21 13.43
N TYR Z 165 71.93 52.62 14.61
CA TYR Z 165 71.09 53.42 15.49
C TYR Z 165 70.68 54.75 14.88
N TYR Z 166 71.53 55.36 14.04
CA TYR Z 166 71.22 56.66 13.46
C TYR Z 166 70.31 56.55 12.25
N ASN Z 167 69.65 55.40 12.08
CA ASN Z 167 68.61 55.23 11.06
C ASN Z 167 67.33 54.64 11.61
N SER Z 168 67.28 54.24 12.88
CA SER Z 168 66.07 53.64 13.42
C SER Z 168 64.91 54.62 13.40
N GLU Z 169 65.18 55.90 13.71
CA GLU Z 169 64.10 56.87 13.75
C GLU Z 169 63.43 57.02 12.40
N THR Z 170 64.21 57.07 11.32
CA THR Z 170 63.64 57.22 9.99
C THR Z 170 62.81 56.00 9.61
N VAL Z 171 63.30 54.80 9.93
CA VAL Z 171 62.58 53.58 9.56
C VAL Z 171 61.23 53.53 10.24
N ILE Z 172 61.19 53.83 11.54
CA ILE Z 172 59.93 53.82 12.26
C ILE Z 172 58.98 54.88 11.70
N ALA Z 173 59.51 56.06 11.36
CA ALA Z 173 58.67 57.10 10.80
C ALA Z 173 57.98 56.63 9.52
N THR Z 174 58.70 55.89 8.67
CA THR Z 174 58.10 55.39 7.45
C THR Z 174 56.95 54.44 7.74
N MET Z 175 57.12 53.57 8.74
CA MET Z 175 56.04 52.65 9.09
C MET Z 175 54.80 53.42 9.56
N ALA Z 176 55.01 54.45 10.37
CA ALA Z 176 53.87 55.24 10.85
C ALA Z 176 53.12 55.86 9.68
N GLU Z 177 53.85 56.37 8.68
CA GLU Z 177 53.19 56.94 7.52
C GLU Z 177 52.40 55.88 6.76
N ALA Z 178 52.94 54.67 6.63
CA ALA Z 178 52.25 53.62 5.89
C ALA Z 178 50.90 53.31 6.50
N VAL Z 179 50.84 53.21 7.83
CA VAL Z 179 49.56 52.95 8.48
C VAL Z 179 48.60 54.10 8.27
N GLN Z 180 49.10 55.34 8.33
CA GLN Z 180 48.24 56.50 8.12
C GLN Z 180 47.54 56.44 6.77
N GLN Z 181 48.21 55.89 5.75
CA GLN Z 181 47.59 55.79 4.43
C GLN Z 181 46.34 54.93 4.49
N VAL Z 182 46.40 53.83 5.24
CA VAL Z 182 45.23 52.96 5.38
C VAL Z 182 44.14 53.67 6.17
N GLN Z 183 44.53 54.44 7.19
CA GLN Z 183 43.53 55.16 7.98
C GLN Z 183 42.76 56.14 7.11
N THR Z 184 43.46 56.88 6.25
CA THR Z 184 42.78 57.83 5.38
C THR Z 184 41.82 57.12 4.43
N GLY Z 185 42.24 55.97 3.90
CA GLY Z 185 41.37 55.24 2.99
C GLY Z 185 40.11 54.77 3.67
N TYR Z 186 40.23 54.19 4.87
CA TYR Z 186 39.06 53.68 5.57
C TYR Z 186 38.08 54.79 5.89
N LEU Z 187 38.57 55.93 6.37
CA LEU Z 187 37.69 57.03 6.74
C LEU Z 187 36.91 57.54 5.54
N ALA Z 188 37.48 57.44 4.33
CA ALA Z 188 36.80 57.94 3.15
C ALA Z 188 35.70 56.98 2.70
N LEU Z 189 35.93 55.67 2.85
CA LEU Z 189 34.98 54.69 2.31
C LEU Z 189 33.69 54.66 3.12
N SER Z 190 33.79 54.80 4.44
CA SER Z 190 32.65 54.65 5.34
C SER Z 190 32.13 55.99 5.84
N GLY Z 191 32.10 57.01 4.98
CA GLY Z 191 31.71 58.33 5.42
C GLY Z 191 30.31 58.39 5.97
N ASN Z 192 29.36 57.72 5.32
CA ASN Z 192 27.95 57.81 5.68
C ASN Z 192 27.52 56.75 6.69
N ASP Z 193 28.44 55.92 7.16
CA ASP Z 193 28.11 54.94 8.19
C ASP Z 193 28.02 55.62 9.56
N THR Z 194 27.08 55.12 10.38
CA THR Z 194 26.91 55.67 11.73
C THR Z 194 26.67 54.58 12.76
N SER Z 195 27.02 53.34 12.46
CA SER Z 195 26.84 52.25 13.42
C SER Z 195 27.79 52.44 14.60
N GLN Z 196 27.61 51.61 15.63
CA GLN Z 196 28.44 51.70 16.82
C GLN Z 196 29.85 51.14 16.59
N GLU Z 197 30.05 50.32 15.56
CA GLU Z 197 31.37 49.76 15.31
C GLU Z 197 32.32 50.78 14.72
N LYS Z 198 31.80 51.75 13.95
CA LYS Z 198 32.68 52.73 13.33
C LYS Z 198 33.43 53.54 14.38
N TRP Z 199 32.76 53.93 15.46
CA TRP Z 199 33.43 54.69 16.51
C TRP Z 199 34.57 53.88 17.11
N THR Z 200 34.35 52.59 17.36
CA THR Z 200 35.39 51.76 17.96
C THR Z 200 36.60 51.66 17.05
N ILE Z 201 36.40 51.41 15.75
CA ILE Z 201 37.52 51.28 14.83
C ILE Z 201 38.30 52.58 14.75
N VAL Z 202 37.60 53.71 14.66
CA VAL Z 202 38.27 55.00 14.58
C VAL Z 202 39.13 55.22 15.82
N ARG Z 203 38.60 54.86 16.99
CA ARG Z 203 39.38 55.00 18.22
C ARG Z 203 40.62 54.12 18.17
N ASP Z 204 40.49 52.90 17.65
CA ASP Z 204 41.65 52.01 17.59
C ASP Z 204 42.75 52.59 16.73
N PHE Z 205 42.40 53.17 15.59
CA PHE Z 205 43.41 53.80 14.74
C PHE Z 205 44.10 54.94 15.48
N ARG Z 206 43.33 55.78 16.17
CA ARG Z 206 43.91 56.93 16.86
C ARG Z 206 44.87 56.48 17.95
N ASN Z 207 44.50 55.46 18.71
CA ASN Z 207 45.33 55.02 19.82
C ASN Z 207 46.67 54.50 19.33
N VAL Z 208 46.67 53.69 18.28
CA VAL Z 208 47.91 53.07 17.80
C VAL Z 208 48.89 54.14 17.32
N LEU Z 209 48.40 55.11 16.55
CA LEU Z 209 49.28 56.16 16.03
C LEU Z 209 49.87 56.99 17.17
N ILE Z 210 49.06 57.32 18.18
CA ILE Z 210 49.55 58.14 19.28
C ILE Z 210 50.67 57.43 20.02
N ASP Z 211 50.48 56.15 20.33
CA ASP Z 211 51.50 55.39 21.04
C ASP Z 211 52.76 55.30 20.20
N GLU Z 212 53.91 55.49 20.85
CA GLU Z 212 55.19 55.54 20.13
C GLU Z 212 55.92 54.21 20.11
N PHE Z 213 55.72 53.36 21.11
CA PHE Z 213 56.44 52.09 21.19
C PHE Z 213 55.79 50.98 20.40
N THR Z 214 54.60 51.20 19.83
CA THR Z 214 53.87 50.12 19.19
C THR Z 214 54.64 49.53 18.01
N PHE Z 215 55.44 50.34 17.32
CA PHE Z 215 56.09 49.93 16.09
C PHE Z 215 57.51 49.41 16.30
N PHE Z 216 57.97 49.31 17.55
CA PHE Z 216 59.28 48.74 17.82
C PHE Z 216 59.28 47.21 17.72
N ASP Z 217 58.11 46.59 17.64
CA ASP Z 217 58.00 45.13 17.61
C ASP Z 217 57.55 44.69 16.22
N PRO Z 218 58.32 43.85 15.52
CA PRO Z 218 57.83 43.38 14.21
C PRO Z 218 56.48 42.68 14.29
N ALA Z 219 56.22 41.94 15.37
CA ALA Z 219 54.94 41.25 15.49
C ALA Z 219 53.78 42.24 15.54
N ASN Z 220 53.93 43.31 16.32
CA ASN Z 220 52.86 44.30 16.41
C ASN Z 220 52.65 45.02 15.09
N SER Z 221 53.75 45.39 14.43
CA SER Z 221 53.64 46.18 13.20
C SER Z 221 52.88 45.41 12.12
N TRP Z 222 53.21 44.12 11.94
CA TRP Z 222 52.54 43.34 10.92
C TRP Z 222 51.05 43.21 11.20
N ASN Z 223 50.68 42.95 12.46
CA ASN Z 223 49.29 42.75 12.79
C ASN Z 223 48.47 43.99 12.48
N VAL Z 224 49.00 45.18 12.80
CA VAL Z 224 48.28 46.41 12.50
C VAL Z 224 48.11 46.57 11.00
N LEU Z 225 49.16 46.29 10.23
CA LEU Z 225 49.09 46.45 8.79
C LEU Z 225 48.07 45.50 8.17
N ARG Z 226 48.08 44.24 8.60
CA ARG Z 226 47.17 43.27 8.02
C ARG Z 226 45.73 43.55 8.41
N ASN Z 227 45.48 43.77 9.71
CA ASN Z 227 44.12 44.02 10.16
C ASN Z 227 43.56 45.30 9.56
N GLY Z 228 44.39 46.34 9.47
CA GLY Z 228 43.90 47.59 8.90
C GLY Z 228 43.37 47.42 7.49
N PHE Z 229 44.07 46.63 6.67
CA PHE Z 229 43.60 46.37 5.32
C PHE Z 229 42.30 45.58 5.35
N SER Z 230 42.16 44.66 6.29
CA SER Z 230 40.94 43.87 6.38
C SER Z 230 39.72 44.77 6.59
N TYR Z 231 39.84 45.75 7.47
CA TYR Z 231 38.75 46.70 7.67
C TYR Z 231 38.51 47.52 6.40
N LEU Z 232 39.57 47.90 5.71
CA LEU Z 232 39.43 48.68 4.48
C LEU Z 232 38.67 47.91 3.41
N ASP Z 233 38.88 46.60 3.34
CA ASP Z 233 38.24 45.80 2.29
C ASP Z 233 36.74 45.64 2.53
N SER Z 234 36.32 45.52 3.78
CA SER Z 234 34.91 45.31 4.12
C SER Z 234 34.13 46.61 4.27
N ALA Z 235 34.77 47.76 4.11
CA ALA Z 235 34.06 49.03 4.24
C ALA Z 235 33.00 49.18 3.16
N ALA Z 236 33.31 48.79 1.93
CA ALA Z 236 32.39 48.90 0.82
C ALA Z 236 32.64 47.77 -0.16
N VAL Z 237 31.66 47.53 -1.02
CA VAL Z 237 31.70 46.44 -1.99
C VAL Z 237 31.54 47.03 -3.39
N GLY Z 238 32.44 46.66 -4.29
CA GLY Z 238 32.32 47.05 -5.68
C GLY Z 238 33.28 48.13 -6.11
N GLN Z 239 32.82 49.03 -6.99
CA GLN Z 239 33.69 50.04 -7.58
C GLN Z 239 34.15 51.07 -6.55
N ASP Z 240 33.51 51.15 -5.39
CA ASP Z 240 33.84 52.20 -4.43
C ASP Z 240 35.30 52.12 -4.00
N LYS Z 241 35.92 50.94 -4.07
CA LYS Z 241 37.28 50.76 -3.60
C LYS Z 241 38.33 50.99 -4.68
N PHE Z 242 37.93 51.19 -5.93
CA PHE Z 242 38.91 51.31 -7.01
C PHE Z 242 39.87 52.47 -6.76
N THR Z 243 39.33 53.66 -6.51
CA THR Z 243 40.19 54.83 -6.36
C THR Z 243 41.05 54.72 -5.11
N ILE Z 244 40.48 54.24 -4.00
CA ILE Z 244 41.21 54.22 -2.75
C ILE Z 244 42.43 53.30 -2.84
N LEU Z 245 42.24 52.10 -3.38
CA LEU Z 245 43.35 51.16 -3.49
C LEU Z 245 44.40 51.65 -4.49
N ARG Z 246 43.96 52.28 -5.58
CA ARG Z 246 44.91 52.78 -6.57
C ARG Z 246 45.83 53.83 -5.96
N ASN Z 247 45.28 54.71 -5.11
CA ASN Z 247 46.10 55.74 -4.49
C ASN Z 247 47.18 55.12 -3.60
N ILE Z 248 46.83 54.09 -2.83
CA ILE Z 248 47.80 53.47 -1.94
C ILE Z 248 48.94 52.85 -2.73
N ILE Z 249 48.63 52.27 -3.89
CA ILE Z 249 49.68 51.68 -4.72
C ILE Z 249 50.66 52.76 -5.16
N ASN Z 250 50.15 53.93 -5.54
CA ASN Z 250 51.03 55.01 -5.97
C ASN Z 250 52.04 55.38 -4.88
N TRP Z 251 51.56 55.54 -3.65
CA TRP Z 251 52.45 55.93 -2.56
C TRP Z 251 53.48 54.85 -2.26
N SER Z 252 53.20 53.59 -2.59
CA SER Z 252 54.08 52.49 -2.26
C SER Z 252 55.02 52.12 -3.39
N SER Z 253 55.13 52.96 -4.42
CA SER Z 253 56.05 52.71 -5.52
C SER Z 253 57.42 53.33 -5.30
N SER Z 254 57.63 54.00 -4.17
CA SER Z 254 58.92 54.61 -3.89
C SER Z 254 59.95 53.55 -3.50
N HIS Z 255 61.22 53.94 -3.55
CA HIS Z 255 62.32 53.08 -3.15
C HIS Z 255 63.24 53.84 -2.20
N SER Z 256 63.74 53.14 -1.19
CA SER Z 256 64.55 53.78 -0.16
C SER Z 256 65.90 54.21 -0.72
N GLU Z 257 66.50 55.19 -0.06
CA GLU Z 257 67.79 55.74 -0.48
C GLU Z 257 68.86 55.60 0.59
N LEU Z 258 68.63 54.82 1.63
CA LEU Z 258 69.65 54.52 2.61
C LEU Z 258 70.58 53.44 2.05
N ASP Z 259 71.45 52.88 2.89
CA ASP Z 259 72.45 51.93 2.45
C ASP Z 259 72.40 50.66 3.30
N GLY Z 260 72.78 49.55 2.67
CA GLY Z 260 72.91 48.30 3.41
C GLY Z 260 71.61 47.89 4.06
N GLU Z 261 71.72 47.50 5.34
CA GLU Z 261 70.56 46.97 6.05
C GLU Z 261 69.44 47.99 6.12
N SER Z 262 69.77 49.25 6.40
CA SER Z 262 68.73 50.28 6.51
C SER Z 262 67.87 50.33 5.25
N ALA Z 263 68.48 50.13 4.08
CA ALA Z 263 67.68 50.12 2.85
C ALA Z 263 66.71 48.94 2.84
N ASP Z 264 67.18 47.76 3.25
CA ASP Z 264 66.30 46.60 3.28
C ASP Z 264 65.17 46.78 4.29
N ALA Z 265 65.48 47.34 5.45
CA ALA Z 265 64.45 47.56 6.46
C ALA Z 265 63.39 48.54 6.01
N GLN Z 266 63.71 49.42 5.06
CA GLN Z 266 62.76 50.39 4.55
C GLN Z 266 62.06 49.93 3.27
N ASN Z 267 62.71 49.09 2.46
CA ASN Z 267 62.06 48.55 1.28
C ASN Z 267 61.01 47.52 1.64
N ALA Z 268 61.14 46.88 2.80
CA ALA Z 268 60.15 45.88 3.20
C ALA Z 268 58.78 46.52 3.39
N ILE Z 269 58.74 47.73 3.95
CA ILE Z 269 57.46 48.40 4.16
C ILE Z 269 56.80 48.71 2.83
N PHE Z 270 57.57 49.25 1.89
CA PHE Z 270 57.01 49.59 0.58
C PHE Z 270 56.54 48.34 -0.16
N SER Z 271 57.41 47.33 -0.22
CA SER Z 271 57.08 46.14 -1.00
C SER Z 271 55.87 45.42 -0.42
N ALA Z 272 55.82 45.28 0.91
CA ALA Z 272 54.69 44.57 1.53
C ALA Z 272 53.37 45.31 1.27
N VAL Z 273 53.38 46.64 1.38
CA VAL Z 273 52.16 47.40 1.19
C VAL Z 273 51.65 47.24 -0.24
N ARG Z 274 52.54 47.35 -1.23
CA ARG Z 274 52.11 47.28 -2.61
C ARG Z 274 51.50 45.93 -2.95
N VAL Z 275 52.11 44.85 -2.47
CA VAL Z 275 51.59 43.52 -2.77
C VAL Z 275 50.21 43.35 -2.14
N LEU Z 276 50.04 43.79 -0.89
CA LEU Z 276 48.76 43.67 -0.23
C LEU Z 276 47.68 44.46 -0.96
N ALA Z 277 48.01 45.69 -1.38
CA ALA Z 277 47.02 46.50 -2.08
C ALA Z 277 46.60 45.85 -3.38
N THR Z 278 47.56 45.32 -4.14
CA THR Z 278 47.22 44.68 -5.40
C THR Z 278 46.31 43.48 -5.19
N ALA Z 279 46.60 42.66 -4.16
CA ALA Z 279 45.78 41.48 -3.92
C ALA Z 279 44.34 41.86 -3.61
N TYR Z 280 44.14 42.88 -2.77
CA TYR Z 280 42.79 43.31 -2.44
C TYR Z 280 42.13 44.01 -3.61
N LEU Z 281 42.91 44.71 -4.44
CA LEU Z 281 42.34 45.31 -5.64
C LEU Z 281 41.78 44.26 -6.58
N SER Z 282 42.50 43.14 -6.73
CA SER Z 282 41.98 42.04 -7.55
C SER Z 282 40.67 41.52 -6.97
N LYS Z 283 40.60 41.36 -5.66
CA LYS Z 283 39.37 40.92 -5.02
C LYS Z 283 38.23 41.90 -5.28
N ALA Z 284 38.57 43.18 -5.48
CA ALA Z 284 37.53 44.17 -5.79
C ALA Z 284 37.03 44.03 -7.21
N TYR Z 285 37.94 43.80 -8.17
CA TYR Z 285 37.53 43.63 -9.55
C TYR Z 285 36.63 42.41 -9.73
N MET Z 286 36.74 41.43 -8.84
CA MET Z 286 35.95 40.22 -8.94
C MET Z 286 34.51 40.40 -8.49
N GLU Z 287 34.18 41.54 -7.89
CA GLU Z 287 32.83 41.80 -7.40
C GLU Z 287 32.01 42.65 -8.36
N THR Z 288 32.50 42.87 -9.58
CA THR Z 288 31.80 43.68 -10.56
C THR Z 288 31.78 42.94 -11.90
N VAL Z 289 30.73 43.22 -12.68
CA VAL Z 289 30.56 42.58 -13.97
C VAL Z 289 31.40 43.30 -15.02
N ALA Z 290 32.03 42.54 -15.90
CA ALA Z 290 32.87 43.12 -16.94
C ALA Z 290 31.99 43.78 -17.99
N SER Z 291 32.20 45.09 -18.20
CA SER Z 291 31.41 45.81 -19.19
C SER Z 291 31.67 45.28 -20.59
N THR Z 292 32.93 44.99 -20.92
CA THR Z 292 33.29 44.50 -22.23
C THR Z 292 34.52 43.61 -22.10
N VAL Z 293 34.69 42.71 -23.08
CA VAL Z 293 35.84 41.82 -23.07
C VAL Z 293 37.13 42.62 -23.16
N ASN Z 294 37.15 43.64 -24.04
CA ASN Z 294 38.35 44.45 -24.19
C ASN Z 294 38.68 45.18 -22.88
N GLU Z 295 37.67 45.76 -22.23
CA GLU Z 295 37.90 46.44 -20.96
C GLU Z 295 38.27 45.45 -19.87
N GLY Z 296 37.62 44.29 -19.84
CA GLY Z 296 37.91 43.30 -18.80
C GLY Z 296 39.35 42.84 -18.82
N LEU Z 297 39.89 42.60 -20.02
CA LEU Z 297 41.29 42.20 -20.14
C LEU Z 297 42.23 43.36 -19.84
N ALA Z 298 41.83 44.58 -20.18
CA ALA Z 298 42.67 45.74 -19.86
C ALA Z 298 42.89 45.86 -18.37
N GLN Z 299 41.85 45.61 -17.58
CA GLN Z 299 41.99 45.65 -16.12
C GLN Z 299 42.99 44.62 -15.65
N TYR Z 300 42.95 43.42 -16.21
CA TYR Z 300 43.88 42.36 -15.81
C TYR Z 300 45.32 42.76 -16.10
N ASP Z 301 45.58 43.33 -17.28
CA ASP Z 301 46.94 43.73 -17.62
C ASP Z 301 47.47 44.76 -16.62
N GLN Z 302 46.58 45.59 -16.09
CA GLN Z 302 47.00 46.60 -15.11
C GLN Z 302 47.55 45.96 -13.84
N ILE Z 303 47.10 44.74 -13.52
CA ILE Z 303 47.54 44.06 -12.31
C ILE Z 303 48.74 43.15 -12.56
N ALA Z 304 48.72 42.39 -13.67
CA ALA Z 304 49.83 41.49 -13.95
C ALA Z 304 51.15 42.24 -13.99
N ALA Z 305 51.14 43.49 -14.46
CA ALA Z 305 52.35 44.28 -14.49
C ALA Z 305 52.87 44.53 -13.08
N ILE Z 306 51.96 44.88 -12.16
CA ILE Z 306 52.40 45.19 -10.79
C ILE Z 306 52.98 43.96 -10.12
N LEU Z 307 52.32 42.81 -10.26
CA LEU Z 307 52.85 41.59 -9.67
C LEU Z 307 54.17 41.20 -10.32
N GLU Z 308 54.26 41.31 -11.65
CA GLU Z 308 55.51 41.02 -12.33
C GLU Z 308 56.61 41.99 -11.92
N GLN Z 309 56.25 43.27 -11.77
CA GLN Z 309 57.25 44.25 -11.33
C GLN Z 309 57.77 43.92 -9.95
N GLU Z 310 56.89 43.49 -9.04
CA GLU Z 310 57.33 43.12 -7.70
C GLU Z 310 58.22 41.89 -7.72
N ALA Z 311 57.91 40.93 -8.59
CA ALA Z 311 58.69 39.70 -8.64
C ALA Z 311 60.14 39.97 -9.00
N GLN Z 312 60.38 40.86 -9.97
CA GLN Z 312 61.75 41.16 -10.38
C GLN Z 312 62.54 41.79 -9.23
N ILE Z 313 61.91 42.69 -8.47
CA ILE Z 313 62.61 43.34 -7.37
C ILE Z 313 63.03 42.31 -6.33
N ALA Z 314 62.14 41.38 -5.98
CA ALA Z 314 62.44 40.38 -4.97
C ALA Z 314 63.42 39.33 -5.44
N GLN Z 315 63.74 39.30 -6.73
CA GLN Z 315 64.68 38.33 -7.29
C GLN Z 315 65.90 39.00 -7.92
N GLU Z 316 66.12 40.28 -7.63
CA GLU Z 316 67.21 41.01 -8.27
C GLU Z 316 68.56 40.37 -7.95
N ASP Z 317 68.79 40.07 -6.68
CA ASP Z 317 70.05 39.46 -6.24
C ASP Z 317 69.77 38.36 -5.23
N CYS Z 318 68.78 37.53 -5.50
CA CYS Z 318 68.33 36.51 -4.55
C CYS Z 318 68.02 37.15 -3.20
N HIS Z 319 67.36 38.31 -3.24
CA HIS Z 319 66.98 38.99 -2.01
C HIS Z 319 66.04 38.12 -1.18
N ASP Z 320 65.05 37.51 -1.83
CA ASP Z 320 64.13 36.61 -1.15
C ASP Z 320 63.63 35.62 -2.19
N ASN Z 321 64.25 34.44 -2.23
CA ASN Z 321 63.89 33.45 -3.23
C ASN Z 321 62.49 32.89 -2.99
N GLU Z 322 62.16 32.60 -1.73
CA GLU Z 322 60.85 32.04 -1.43
C GLU Z 322 59.74 33.01 -1.81
N PHE Z 323 59.93 34.30 -1.53
CA PHE Z 323 58.94 35.29 -1.91
C PHE Z 323 58.76 35.34 -3.42
N PHE Z 324 59.86 35.18 -4.17
CA PHE Z 324 59.77 35.18 -5.63
C PHE Z 324 58.91 34.04 -6.13
N LEU Z 325 59.09 32.84 -5.56
CA LEU Z 325 58.29 31.70 -5.97
C LEU Z 325 56.82 31.91 -5.65
N SER Z 326 56.52 32.41 -4.45
CA SER Z 326 55.14 32.61 -4.07
C SER Z 326 54.48 33.67 -4.95
N ILE Z 327 55.18 34.76 -5.23
CA ILE Z 327 54.61 35.80 -6.08
C ILE Z 327 54.30 35.26 -7.46
N ARG Z 328 55.22 34.47 -8.03
CA ARG Z 328 55.00 33.93 -9.37
C ARG Z 328 53.78 33.03 -9.41
N GLU Z 329 53.62 32.17 -8.40
CA GLU Z 329 52.46 31.27 -8.37
C GLU Z 329 51.16 32.06 -8.25
N PHE Z 330 51.15 33.13 -7.45
CA PHE Z 330 49.94 33.92 -7.30
C PHE Z 330 49.53 34.56 -8.62
N SER Z 331 50.49 35.03 -9.41
CA SER Z 331 50.16 35.73 -10.64
C SER Z 331 49.39 34.83 -11.59
N VAL Z 332 49.83 33.58 -11.75
CA VAL Z 332 49.14 32.67 -12.65
C VAL Z 332 47.74 32.35 -12.12
N SER Z 333 47.60 32.25 -10.80
CA SER Z 333 46.28 32.03 -10.22
C SER Z 333 45.34 33.19 -10.53
N VAL Z 334 45.84 34.42 -10.41
CA VAL Z 334 45.03 35.59 -10.74
C VAL Z 334 44.62 35.55 -12.20
N ALA Z 335 45.54 35.15 -13.08
CA ALA Z 335 45.23 35.12 -14.51
C ALA Z 335 44.11 34.13 -14.81
N ARG Z 336 44.10 32.99 -14.11
CA ARG Z 336 43.08 31.98 -14.39
C ARG Z 336 41.68 32.51 -14.14
N VAL Z 337 41.52 33.42 -13.18
CA VAL Z 337 40.19 33.92 -12.84
C VAL Z 337 39.87 35.20 -13.60
N MET Z 338 40.83 36.12 -13.70
CA MET Z 338 40.57 37.37 -14.40
C MET Z 338 40.23 37.12 -15.86
N VAL Z 339 40.97 36.24 -16.53
CA VAL Z 339 40.69 35.93 -17.93
C VAL Z 339 39.31 35.30 -18.06
N ASN Z 340 38.96 34.39 -17.16
CA ASN Z 340 37.66 33.74 -17.22
C ASN Z 340 36.53 34.75 -17.07
N ARG Z 341 36.69 35.71 -16.15
CA ARG Z 341 35.63 36.71 -15.95
C ARG Z 341 35.43 37.54 -17.21
N ALA Z 342 36.52 37.97 -17.85
CA ALA Z 342 36.39 38.84 -19.01
C ALA Z 342 35.68 38.13 -20.15
N TYR Z 343 36.01 36.86 -20.39
CA TYR Z 343 35.53 36.15 -21.57
C TYR Z 343 34.25 35.38 -21.34
N ASN Z 344 33.90 35.08 -20.09
CA ASN Z 344 32.82 34.14 -19.84
C ASN Z 344 31.88 34.55 -18.70
N SER Z 345 32.00 35.76 -18.16
CA SER Z 345 31.11 36.14 -17.08
C SER Z 345 29.68 36.30 -17.62
N PRO Z 346 29.41 37.27 -18.50
CA PRO Z 346 28.15 37.23 -19.26
C PRO Z 346 28.26 36.62 -20.66
N ALA Z 347 29.46 36.32 -21.14
CA ALA Z 347 29.67 35.73 -22.46
C ALA Z 347 29.13 36.64 -23.56
N LEU Z 348 29.75 37.81 -23.67
CA LEU Z 348 29.35 38.80 -24.67
C LEU Z 348 29.77 38.36 -26.07
N ILE Z 349 29.02 38.84 -27.07
CA ILE Z 349 29.32 38.61 -28.47
C ILE Z 349 28.98 39.87 -29.25
N VAL Z 350 29.66 40.04 -30.39
CA VAL Z 350 29.39 41.14 -31.31
C VAL Z 350 28.42 40.67 -32.38
N TYR Z 351 27.36 41.42 -32.60
CA TYR Z 351 26.42 41.18 -33.68
C TYR Z 351 26.71 42.13 -34.84
N SER Z 352 26.00 41.92 -35.95
CA SER Z 352 26.19 42.73 -37.16
C SER Z 352 24.81 42.99 -37.76
N PHE Z 353 24.22 44.13 -37.40
CA PHE Z 353 22.90 44.48 -37.87
C PHE Z 353 22.97 45.20 -39.21
N PRO Z 354 21.87 45.19 -39.97
CA PRO Z 354 21.88 45.90 -41.26
C PRO Z 354 22.03 47.41 -41.13
N GLY Z 355 21.74 47.98 -39.97
CA GLY Z 355 21.88 49.42 -39.80
C GLY Z 355 21.45 49.82 -38.41
N THR Z 356 21.69 51.10 -38.10
CA THR Z 356 21.38 51.60 -36.77
C THR Z 356 19.88 51.57 -36.51
N MET Z 357 19.50 51.15 -35.30
CA MET Z 357 18.12 51.24 -34.86
C MET Z 357 18.10 51.53 -33.37
N HIS Z 358 16.89 51.76 -32.86
CA HIS Z 358 16.72 52.10 -31.45
C HIS Z 358 17.22 50.97 -30.56
N SER Z 359 17.43 51.30 -29.28
CA SER Z 359 17.85 50.29 -28.33
C SER Z 359 16.72 49.31 -28.02
N LEU Z 360 15.48 49.81 -27.92
CA LEU Z 360 14.36 48.94 -27.61
C LEU Z 360 14.17 47.88 -28.68
N VAL Z 361 14.24 48.29 -29.94
CA VAL Z 361 14.06 47.33 -31.04
C VAL Z 361 15.17 46.29 -31.02
N VAL Z 362 16.41 46.72 -30.76
CA VAL Z 362 17.53 45.79 -30.74
C VAL Z 362 17.32 44.73 -29.67
N ALA Z 363 16.90 45.16 -28.48
CA ALA Z 363 16.70 44.21 -27.38
C ALA Z 363 15.61 43.21 -27.72
N TRP Z 364 14.51 43.66 -28.32
CA TRP Z 364 13.42 42.74 -28.65
C TRP Z 364 13.85 41.71 -29.67
N GLU Z 365 14.59 42.13 -30.70
CA GLU Z 365 14.97 41.21 -31.76
C GLU Z 365 15.93 40.14 -31.24
N ILE Z 366 16.99 40.54 -30.54
CA ILE Z 366 18.00 39.59 -30.12
C ILE Z 366 17.43 38.61 -29.10
N PHE Z 367 16.75 39.13 -28.08
CA PHE Z 367 16.31 38.31 -26.95
C PHE Z 367 14.84 37.94 -26.99
N GLY Z 368 13.99 38.81 -27.51
CA GLY Z 368 12.56 38.59 -27.46
C GLY Z 368 11.88 39.22 -26.28
N ASP Z 369 12.55 40.13 -25.57
CA ASP Z 369 11.95 40.81 -24.42
C ASP Z 369 12.48 42.24 -24.41
N ALA Z 370 11.60 43.20 -24.70
CA ALA Z 370 12.02 44.59 -24.80
C ALA Z 370 12.50 45.16 -23.48
N LYS Z 371 12.15 44.53 -22.35
CA LYS Z 371 12.55 45.04 -21.05
C LYS Z 371 14.04 44.92 -20.80
N ARG Z 372 14.78 44.19 -21.64
CA ARG Z 372 16.19 43.96 -21.43
C ARG Z 372 17.07 45.02 -22.09
N SER Z 373 16.48 46.06 -22.67
CA SER Z 373 17.27 47.11 -23.30
C SER Z 373 18.19 47.82 -22.31
N ARG Z 374 17.92 47.70 -21.00
CA ARG Z 374 18.76 48.37 -20.02
C ARG Z 374 20.19 47.85 -20.08
N GLU Z 375 20.37 46.54 -20.28
CA GLU Z 375 21.70 45.96 -20.28
C GLU Z 375 22.57 46.51 -21.40
N LEU Z 376 21.99 46.96 -22.50
CA LEU Z 376 22.76 47.43 -23.63
C LEU Z 376 23.37 48.82 -23.40
N GLU Z 377 22.91 49.55 -22.39
CA GLU Z 377 23.37 50.93 -22.22
C GLU Z 377 24.86 51.00 -21.94
N GLY Z 378 25.36 50.14 -21.04
CA GLY Z 378 26.73 50.26 -20.59
C GLY Z 378 27.79 49.76 -21.55
N ARG Z 379 27.41 48.89 -22.49
CA ARG Z 379 28.39 48.25 -23.36
C ARG Z 379 28.57 48.97 -24.70
N ASN Z 380 27.50 49.54 -25.25
CA ASN Z 380 27.56 50.19 -26.56
C ASN Z 380 27.47 51.70 -26.38
N THR Z 381 28.38 52.42 -27.05
CA THR Z 381 28.33 53.87 -27.07
C THR Z 381 27.22 54.31 -28.03
N GLY Z 382 27.12 55.59 -28.27
CA GLY Z 382 26.07 56.10 -29.15
C GLY Z 382 24.78 56.36 -28.40
N ALA Z 383 23.96 57.23 -28.97
CA ALA Z 383 22.71 57.62 -28.34
C ALA Z 383 21.74 56.43 -28.33
N PRO Z 384 20.74 56.47 -27.45
CA PRO Z 384 19.79 55.35 -27.39
C PRO Z 384 19.03 55.13 -28.68
N TRP Z 385 18.95 56.12 -29.57
CA TRP Z 385 18.23 56.00 -30.83
C TRP Z 385 19.16 55.74 -32.01
N ALA Z 386 20.44 55.49 -31.77
CA ALA Z 386 21.40 55.27 -32.85
C ALA Z 386 22.38 54.15 -32.54
N ILE Z 387 21.94 53.13 -31.79
CA ILE Z 387 22.82 52.01 -31.48
C ILE Z 387 23.04 51.20 -32.75
N GLY Z 388 24.30 50.90 -33.05
CA GLY Z 388 24.65 50.12 -34.20
C GLY Z 388 25.74 50.77 -35.02
N PRO Z 389 26.01 50.24 -36.23
CA PRO Z 389 25.33 49.08 -36.81
C PRO Z 389 25.82 47.75 -36.27
N LYS Z 390 26.77 47.79 -35.32
CA LYS Z 390 27.29 46.60 -34.67
C LYS Z 390 27.00 46.69 -33.18
N VAL Z 391 26.42 45.64 -32.63
CA VAL Z 391 25.94 45.62 -31.25
C VAL Z 391 26.71 44.57 -30.47
N ILE Z 392 26.86 44.80 -29.18
CA ILE Z 392 27.48 43.84 -28.25
C ILE Z 392 26.42 43.43 -27.25
N ALA Z 393 26.16 42.13 -27.16
CA ALA Z 393 25.14 41.60 -26.25
C ALA Z 393 25.59 40.22 -25.78
N GLU Z 394 24.73 39.57 -25.01
CA GLU Z 394 25.06 38.27 -24.44
C GLU Z 394 24.81 37.16 -25.46
N ARG Z 395 25.09 35.93 -25.04
CA ARG Z 395 24.88 34.74 -25.87
C ARG Z 395 23.56 34.11 -25.47
N VAL Z 396 22.60 34.08 -26.39
CA VAL Z 396 21.33 33.42 -26.13
C VAL Z 396 21.59 31.93 -25.93
N ARG Z 397 21.11 31.40 -24.81
CA ARG Z 397 21.33 30.01 -24.42
C ARG Z 397 20.01 29.32 -24.16
N ALA Z 398 19.08 29.45 -25.10
CA ALA Z 398 17.76 28.83 -24.98
C ALA Z 398 17.88 27.35 -24.69
N MET AA 1 -15.26 9.42 -40.64
CA MET AA 1 -15.90 10.67 -41.13
C MET AA 1 -17.02 10.38 -42.12
N ALA AA 2 -17.66 11.43 -42.61
CA ALA AA 2 -18.82 11.32 -43.48
C ALA AA 2 -18.48 11.80 -44.89
N GLY AA 3 -18.85 11.00 -45.88
CA GLY AA 3 -18.60 11.33 -47.26
C GLY AA 3 -17.26 10.79 -47.71
N PRO AA 4 -17.09 10.56 -49.01
CA PRO AA 4 -15.81 10.04 -49.51
C PRO AA 4 -14.80 11.09 -49.92
N CYS AA 5 -15.01 12.36 -49.57
CA CYS AA 5 -14.15 13.46 -49.99
C CYS AA 5 -13.25 13.95 -48.85
N TYR AA 6 -12.74 13.04 -48.03
CA TYR AA 6 -11.83 13.44 -46.97
C TYR AA 6 -10.41 13.54 -47.51
N ASN AA 7 -9.59 14.36 -46.82
CA ASN AA 7 -8.19 14.54 -47.18
C ASN AA 7 -7.40 14.65 -45.89
N PRO AA 8 -6.96 13.52 -45.32
CA PRO AA 8 -6.31 13.58 -43.99
C PRO AA 8 -5.11 14.50 -43.95
N ASN AA 9 -4.37 14.64 -45.05
CA ASN AA 9 -3.25 15.56 -45.07
C ASN AA 9 -3.70 17.02 -44.89
N GLU AA 10 -4.98 17.29 -45.07
CA GLU AA 10 -5.49 18.65 -44.99
C GLU AA 10 -6.08 19.00 -43.63
N HIS AA 11 -6.40 18.01 -42.79
CA HIS AA 11 -7.01 18.25 -41.50
C HIS AA 11 -6.09 18.02 -40.32
N TYR AA 12 -5.02 17.25 -40.48
CA TYR AA 12 -4.08 16.95 -39.41
C TYR AA 12 -2.80 17.74 -39.63
N LEU AA 13 -2.38 18.48 -38.61
CA LEU AA 13 -1.15 19.24 -38.70
C LEU AA 13 0.05 18.30 -38.68
N PRO AA 14 1.19 18.72 -39.25
CA PRO AA 14 2.39 17.89 -39.17
C PRO AA 14 3.08 18.05 -37.83
N ALA AA 15 3.30 16.94 -37.15
CA ALA AA 15 3.85 16.98 -35.81
C ALA AA 15 5.26 17.57 -35.83
N SER AA 16 5.76 17.89 -34.64
CA SER AA 16 7.09 18.47 -34.46
C SER AA 16 7.35 18.59 -32.96
N PHE AA 17 8.59 18.90 -32.63
CA PHE AA 17 8.97 19.17 -31.24
C PHE AA 17 10.30 19.91 -31.23
N LYS AA 18 10.31 21.11 -30.66
CA LYS AA 18 11.51 21.94 -30.61
C LYS AA 18 12.05 22.22 -32.01
N GLY AA 19 11.20 22.11 -33.03
CA GLY AA 19 11.56 22.46 -34.39
C GLY AA 19 11.96 21.30 -35.28
N VAL AA 20 12.18 20.12 -34.72
CA VAL AA 20 12.60 18.95 -35.51
C VAL AA 20 11.33 18.22 -35.96
N PRO AA 21 11.09 18.09 -37.26
CA PRO AA 21 9.90 17.34 -37.70
C PRO AA 21 10.03 15.85 -37.38
N PHE AA 22 8.87 15.22 -37.18
CA PHE AA 22 8.81 13.78 -37.04
C PHE AA 22 7.43 13.31 -37.45
N ASP AA 23 7.34 12.04 -37.80
CA ASP AA 23 6.10 11.46 -38.33
C ASP AA 23 5.26 10.93 -37.18
N ALA AA 24 4.08 11.50 -37.01
CA ALA AA 24 3.18 11.08 -35.94
C ALA AA 24 2.30 9.93 -36.41
N ASP AA 25 1.87 9.12 -35.45
CA ASP AA 25 1.03 7.97 -35.74
C ASP AA 25 -0.18 7.83 -34.84
N SER AA 26 -0.29 8.63 -33.77
CA SER AA 26 -1.44 8.60 -32.89
C SER AA 26 -1.50 9.93 -32.16
N SER AA 27 -2.65 10.20 -31.54
CA SER AA 27 -2.84 11.49 -30.88
C SER AA 27 -3.92 11.33 -29.82
N ASP AA 28 -3.53 11.44 -28.55
CA ASP AA 28 -4.45 11.40 -27.42
C ASP AA 28 -4.26 12.63 -26.56
N SER AA 29 -5.11 12.78 -25.55
CA SER AA 29 -5.03 13.89 -24.62
C SER AA 29 -5.86 13.54 -23.40
N GLU AA 30 -5.71 14.34 -22.34
CA GLU AA 30 -6.48 14.15 -21.12
C GLU AA 30 -6.75 15.50 -20.49
N HIS AA 31 -8.02 15.80 -20.27
CA HIS AA 31 -8.45 17.03 -19.61
C HIS AA 31 -9.33 16.67 -18.43
N GLY AA 32 -9.78 17.68 -17.70
CA GLY AA 32 -10.64 17.45 -16.56
C GLY AA 32 -10.67 18.66 -15.66
N ARG AA 33 -11.23 18.44 -14.47
CA ARG AA 33 -11.40 19.50 -13.48
C ARG AA 33 -11.44 18.87 -12.09
N ASN AA 34 -10.80 19.53 -11.14
CA ASN AA 34 -10.60 18.97 -9.81
C ASN AA 34 -11.82 19.27 -8.94
N GLY AA 35 -12.44 18.22 -8.41
CA GLY AA 35 -13.58 18.35 -7.54
C GLY AA 35 -13.27 17.97 -6.09
N ALA AA 36 -14.22 18.27 -5.22
CA ALA AA 36 -14.09 17.99 -3.79
C ALA AA 36 -15.40 17.43 -3.25
N GLU AA 37 -15.96 16.44 -3.95
CA GLU AA 37 -17.26 15.91 -3.58
C GLU AA 37 -17.25 15.39 -2.15
N ALA AA 38 -18.34 15.64 -1.44
CA ALA AA 38 -18.47 15.25 -0.04
C ALA AA 38 -19.88 14.75 0.23
N GLU AA 39 -19.96 13.70 1.04
CA GLU AA 39 -21.23 13.11 1.44
C GLU AA 39 -21.28 13.02 2.96
N PHE AA 40 -22.38 13.48 3.55
CA PHE AA 40 -22.50 13.58 4.99
C PHE AA 40 -22.96 12.25 5.57
N VAL AA 41 -23.24 12.25 6.88
CA VAL AA 41 -23.66 11.05 7.61
C VAL AA 41 -25.15 11.14 7.86
N PHE AA 42 -25.86 10.05 7.59
CA PHE AA 42 -27.30 9.95 7.77
C PHE AA 42 -28.08 10.87 6.84
N GLY AA 43 -27.40 11.53 5.91
CA GLY AA 43 -28.03 12.52 5.06
C GLY AA 43 -28.43 11.93 3.71
N GLU AA 44 -29.50 12.50 3.14
CA GLU AA 44 -29.99 12.12 1.83
C GLU AA 44 -29.56 13.11 0.74
N ARG AA 45 -28.65 14.03 1.06
CA ARG AA 45 -28.18 15.04 0.13
C ARG AA 45 -26.65 15.05 0.15
N THR AA 46 -26.07 15.38 -1.00
CA THR AA 46 -24.63 15.45 -1.17
C THR AA 46 -24.23 16.86 -1.58
N GLY AA 47 -22.92 17.08 -1.74
CA GLY AA 47 -22.40 18.38 -2.09
C GLY AA 47 -21.25 18.28 -3.08
N TYR AA 48 -20.75 19.44 -3.46
CA TYR AA 48 -19.65 19.52 -4.42
C TYR AA 48 -18.99 20.88 -4.31
N ALA AA 49 -17.73 20.95 -4.73
CA ALA AA 49 -16.99 22.19 -4.72
C ALA AA 49 -15.88 22.12 -5.76
N ASP AA 50 -15.64 23.23 -6.46
CA ASP AA 50 -14.64 23.30 -7.50
C ASP AA 50 -13.33 23.82 -6.94
N LEU AA 51 -12.23 23.18 -7.33
CA LEU AA 51 -10.91 23.50 -6.80
C LEU AA 51 -9.91 23.94 -7.85
N GLY AA 52 -10.27 23.94 -9.13
CA GLY AA 52 -9.40 24.43 -10.19
C GLY AA 52 -9.32 23.45 -11.34
N ILE AA 53 -8.48 23.81 -12.30
CA ILE AA 53 -8.32 23.03 -13.53
C ILE AA 53 -7.26 21.96 -13.31
N LYS AA 54 -7.40 20.86 -14.05
CA LYS AA 54 -6.46 19.75 -13.97
C LYS AA 54 -5.42 19.86 -15.07
N ILE AA 55 -4.19 19.44 -14.75
CA ILE AA 55 -3.08 19.57 -15.70
C ILE AA 55 -3.29 18.58 -16.84
N ARG AA 56 -3.10 19.07 -18.06
CA ARG AA 56 -3.29 18.24 -19.25
C ARG AA 56 -2.13 17.25 -19.40
N SER AA 57 -2.24 16.41 -20.42
CA SER AA 57 -1.19 15.46 -20.75
C SER AA 57 -1.46 14.92 -22.14
N TYR AA 58 -0.40 14.76 -22.93
CA TYR AA 58 -0.51 14.27 -24.30
C TYR AA 58 0.40 13.06 -24.49
N SER AA 59 -0.05 12.14 -25.34
CA SER AA 59 0.72 10.96 -25.70
C SER AA 59 0.69 10.78 -27.21
N ILE AA 60 1.85 10.49 -27.79
CA ILE AA 60 1.99 10.36 -29.23
C ILE AA 60 2.82 9.12 -29.53
N ARG AA 61 2.66 8.61 -30.74
CA ARG AA 61 3.42 7.46 -31.23
C ARG AA 61 4.00 7.80 -32.59
N ALA AA 62 5.26 7.44 -32.81
CA ALA AA 62 5.98 7.79 -34.03
C ALA AA 62 6.51 6.54 -34.71
N ARG AA 63 6.56 6.59 -36.03
CA ARG AA 63 7.07 5.50 -36.85
C ARG AA 63 8.16 6.02 -37.77
N PHE AA 64 9.24 5.24 -37.90
CA PHE AA 64 10.33 5.55 -38.80
C PHE AA 64 10.50 4.37 -39.77
N GLN AA 65 10.24 4.62 -41.05
CA GLN AA 65 10.34 3.60 -42.07
C GLN AA 65 11.42 3.86 -43.11
N THR AA 66 11.82 5.10 -43.30
CA THR AA 66 12.73 5.44 -44.39
C THR AA 66 14.06 4.71 -44.22
N ASN AA 67 14.88 4.79 -45.25
CA ASN AA 67 16.19 4.16 -45.21
C ASN AA 67 17.02 4.75 -44.08
N ASP AA 68 17.78 3.89 -43.40
CA ASP AA 68 18.63 4.30 -42.30
C ASP AA 68 17.80 4.99 -41.21
N HIS AA 69 16.85 4.22 -40.67
CA HIS AA 69 15.99 4.74 -39.61
C HIS AA 69 16.70 4.84 -38.28
N VAL AA 70 17.77 4.06 -38.09
CA VAL AA 70 18.46 4.08 -36.80
C VAL AA 70 19.08 5.44 -36.54
N ALA AA 71 19.63 6.08 -37.57
CA ALA AA 71 20.25 7.39 -37.37
C ALA AA 71 19.21 8.45 -37.03
N LEU AA 72 18.11 8.50 -37.81
CA LEU AA 72 17.06 9.46 -37.52
C LEU AA 72 16.44 9.19 -36.16
N SER AA 73 16.13 7.93 -35.88
CA SER AA 73 15.56 7.57 -34.58
C SER AA 73 16.54 7.89 -33.46
N ASN AA 74 17.79 7.46 -33.61
CA ASN AA 74 18.78 7.72 -32.59
C ASN AA 74 19.08 9.21 -32.44
N ALA AA 75 19.02 9.95 -33.54
CA ALA AA 75 19.26 11.39 -33.48
C ALA AA 75 18.08 12.14 -32.86
N PHE AA 76 16.87 11.60 -32.99
CA PHE AA 76 15.71 12.26 -32.40
C PHE AA 76 15.66 12.09 -30.89
N ILE AA 77 16.16 10.95 -30.38
CA ILE AA 77 16.18 10.75 -28.93
C ILE AA 77 17.05 11.80 -28.26
N ALA AA 78 18.10 12.26 -28.93
CA ALA AA 78 18.95 13.30 -28.38
C ALA AA 78 18.23 14.63 -28.21
N VAL AA 79 17.06 14.79 -28.83
CA VAL AA 79 16.28 16.02 -28.67
C VAL AA 79 15.31 15.90 -27.50
N LEU AA 80 14.69 14.74 -27.32
CA LEU AA 80 13.78 14.56 -26.20
C LEU AA 80 14.49 14.70 -24.87
N GLU AA 81 15.79 14.41 -24.82
CA GLU AA 81 16.56 14.49 -23.60
C GLU AA 81 17.17 15.87 -23.38
N SER AA 82 16.99 16.80 -24.30
CA SER AA 82 17.51 18.14 -24.12
C SER AA 82 16.81 18.82 -22.95
N THR AA 83 17.58 19.61 -22.20
CA THR AA 83 17.08 20.23 -21.00
C THR AA 83 16.01 21.27 -21.32
N GLY AA 84 14.96 21.31 -20.49
CA GLY AA 84 13.94 22.33 -20.58
C GLY AA 84 12.81 21.95 -21.51
N PRO AA 85 11.68 22.64 -21.39
CA PRO AA 85 10.54 22.40 -22.29
C PRO AA 85 10.69 23.19 -23.59
N GLY AA 86 9.80 22.85 -24.54
CA GLY AA 86 9.83 23.49 -25.84
C GLY AA 86 8.50 23.36 -26.54
N LEU AA 87 8.38 24.07 -27.65
CA LEU AA 87 7.13 24.09 -28.40
C LEU AA 87 6.85 22.71 -28.99
N LEU AA 88 5.59 22.29 -28.92
CA LEU AA 88 5.13 21.04 -29.49
C LEU AA 88 3.93 21.32 -30.38
N VAL AA 89 3.98 20.80 -31.61
CA VAL AA 89 2.88 20.96 -32.55
C VAL AA 89 2.08 19.66 -32.52
N HIS AA 90 1.06 19.64 -31.65
CA HIS AA 90 0.21 18.47 -31.57
C HIS AA 90 -0.56 18.31 -32.89
N PRO AA 91 -0.71 17.09 -33.41
CA PRO AA 91 -1.39 16.93 -34.70
C PRO AA 91 -2.78 17.53 -34.73
N THR AA 92 -3.53 17.46 -33.64
CA THR AA 92 -4.89 17.96 -33.59
C THR AA 92 -5.11 19.11 -32.61
N ARG AA 93 -4.35 19.17 -31.52
CA ARG AA 93 -4.52 20.21 -30.51
C ARG AA 93 -3.77 21.49 -30.83
N GLY AA 94 -3.00 21.52 -31.92
CA GLY AA 94 -2.28 22.71 -32.31
C GLY AA 94 -1.01 22.91 -31.50
N PRO AA 95 -0.36 24.05 -31.69
CA PRO AA 95 0.92 24.29 -31.00
C PRO AA 95 0.70 24.54 -29.51
N VAL AA 96 1.40 23.75 -28.69
CA VAL AA 96 1.38 23.89 -27.25
C VAL AA 96 2.81 23.67 -26.72
N MET AA 97 3.03 24.08 -25.48
CA MET AA 97 4.31 23.92 -24.82
C MET AA 97 4.25 22.72 -23.88
N ALA AA 98 5.21 21.81 -24.00
CA ALA AA 98 5.19 20.59 -23.23
C ALA AA 98 6.62 20.14 -22.96
N ALA AA 99 6.76 19.26 -21.96
CA ALA AA 99 8.05 18.68 -21.61
C ALA AA 99 7.91 17.16 -21.61
N CYS AA 100 8.82 16.48 -22.30
CA CYS AA 100 8.76 15.03 -22.37
C CYS AA 100 8.96 14.43 -20.98
N ARG AA 101 8.13 13.44 -20.66
CA ARG AA 101 8.18 12.77 -19.37
C ARG AA 101 8.70 11.34 -19.43
N SER AA 102 8.59 10.68 -20.57
CA SER AA 102 9.12 9.34 -20.75
C SER AA 102 9.06 9.01 -22.24
N ALA AA 103 9.78 7.96 -22.62
CA ALA AA 103 9.79 7.50 -24.01
C ALA AA 103 10.34 6.09 -24.05
N ARG AA 104 9.57 5.18 -24.64
CA ARG AA 104 9.98 3.79 -24.80
C ARG AA 104 10.21 3.52 -26.28
N VAL AA 105 11.43 3.10 -26.62
CA VAL AA 105 11.82 2.80 -27.99
C VAL AA 105 11.79 1.29 -28.17
N THR AA 106 11.02 0.82 -29.13
CA THR AA 106 10.89 -0.61 -29.41
C THR AA 106 11.51 -0.92 -30.76
N ASP AA 107 12.13 -2.10 -30.85
CA ASP AA 107 12.82 -2.50 -32.07
C ASP AA 107 13.18 -3.97 -31.96
N SER AA 108 13.34 -4.62 -33.12
CA SER AA 108 13.75 -6.00 -33.18
C SER AA 108 14.58 -6.20 -34.45
N LYS AA 109 15.36 -7.28 -34.45
CA LYS AA 109 16.22 -7.59 -35.59
C LYS AA 109 15.69 -8.73 -36.45
N VAL AA 110 14.91 -9.65 -35.88
CA VAL AA 110 14.36 -10.77 -36.61
C VAL AA 110 12.84 -10.66 -36.74
N ASP AA 111 12.17 -10.21 -35.69
CA ASP AA 111 10.71 -10.09 -35.75
C ASP AA 111 10.29 -8.98 -36.70
N ALA AA 112 10.92 -7.82 -36.61
CA ALA AA 112 10.56 -6.68 -37.45
C ALA AA 112 11.83 -5.85 -37.67
N ALA AA 113 12.48 -6.05 -38.81
CA ALA AA 113 13.69 -5.33 -39.17
C ALA AA 113 13.36 -4.30 -40.24
N GLY AA 114 13.67 -3.04 -39.97
CA GLY AA 114 13.43 -1.97 -40.90
C GLY AA 114 12.40 -0.94 -40.47
N VAL AA 115 11.93 -1.00 -39.23
CA VAL AA 115 10.95 -0.03 -38.73
C VAL AA 115 11.12 0.08 -37.22
N THR AA 116 11.12 1.32 -36.73
CA THR AA 116 11.31 1.62 -35.32
C THR AA 116 10.15 2.43 -34.80
N TYR AA 117 9.54 1.98 -33.71
CA TYR AA 117 8.45 2.67 -33.05
C TYR AA 117 8.94 3.28 -31.75
N ILE AA 118 8.36 4.43 -31.38
CA ILE AA 118 8.73 5.10 -30.14
C ILE AA 118 7.52 5.79 -29.55
N ASP AA 119 7.11 5.37 -28.35
CA ASP AA 119 6.00 5.98 -27.65
C ASP AA 119 6.50 7.12 -26.78
N ILE AA 120 5.66 8.16 -26.62
CA ILE AA 120 6.03 9.34 -25.87
C ILE AA 120 4.90 9.72 -24.93
N ASP AA 121 5.23 10.51 -23.91
CA ASP AA 121 4.26 10.92 -22.90
C ASP AA 121 4.60 12.36 -22.50
N PHE AA 122 3.89 13.31 -23.09
CA PHE AA 122 4.14 14.73 -22.88
C PHE AA 122 3.27 15.27 -21.75
N VAL AA 123 3.70 16.41 -21.20
CA VAL AA 123 2.98 17.10 -20.14
C VAL AA 123 3.02 18.59 -20.42
N GLU AA 124 1.88 19.26 -20.25
CA GLU AA 124 1.85 20.71 -20.42
C GLU AA 124 2.77 21.36 -19.40
N ALA AA 125 3.50 22.39 -19.84
CA ALA AA 125 4.47 23.08 -18.98
C ALA AA 125 4.44 24.56 -19.33
N ASN AA 126 3.82 25.36 -18.46
CA ASN AA 126 3.76 26.80 -18.65
C ASN AA 126 4.83 27.48 -17.79
N ASP AA 127 5.57 28.40 -18.40
CA ASP AA 127 6.66 29.06 -17.70
C ASP AA 127 6.14 29.86 -16.51
N THR AA 128 6.93 29.89 -15.44
CA THR AA 128 6.59 30.66 -14.25
C THR AA 128 7.83 31.39 -13.76
N VAL AA 129 7.61 32.55 -13.15
CA VAL AA 129 8.70 33.35 -12.59
C VAL AA 129 9.24 32.64 -11.36
N THR AA 130 10.41 33.07 -10.88
CA THR AA 130 11.11 32.38 -9.81
C THR AA 130 10.84 32.96 -8.43
N GLY AA 131 10.06 34.04 -8.33
CA GLY AA 131 9.80 34.66 -7.04
C GLY AA 131 8.47 34.24 -6.44
N PHE AA 132 8.02 33.04 -6.79
CA PHE AA 132 6.71 32.52 -6.40
C PHE AA 132 5.63 33.59 -6.45
N GLY AA 133 5.68 34.44 -7.48
CA GLY AA 133 4.54 35.27 -7.85
C GLY AA 133 4.56 36.68 -7.28
N LEU AA 134 4.91 37.66 -8.10
CA LEU AA 134 4.99 39.06 -7.68
C LEU AA 134 3.83 39.89 -8.20
N VAL AA 135 2.62 39.32 -8.22
CA VAL AA 135 1.47 40.06 -8.73
C VAL AA 135 1.28 41.35 -7.94
N GLY AA 136 0.74 42.36 -8.63
CA GLY AA 136 0.49 43.64 -8.01
C GLY AA 136 -0.80 43.69 -7.22
N SER AA 137 -0.97 44.76 -6.46
CA SER AA 137 -2.14 44.97 -5.63
C SER AA 137 -2.94 46.15 -6.18
N LEU AA 138 -4.26 45.95 -6.33
CA LEU AA 138 -5.14 46.99 -6.86
C LEU AA 138 -6.42 47.03 -6.04
N ILE AA 139 -6.30 46.98 -4.71
CA ILE AA 139 -7.45 47.01 -3.82
C ILE AA 139 -7.30 48.06 -2.72
N ALA AA 140 -6.16 48.73 -2.63
CA ALA AA 140 -5.95 49.75 -1.61
C ALA AA 140 -4.96 50.78 -2.14
N LEU AA 141 -4.99 51.96 -1.52
CA LEU AA 141 -4.12 53.05 -1.91
C LEU AA 141 -2.80 52.98 -1.12
N ALA AA 142 -1.83 53.78 -1.57
CA ALA AA 142 -0.53 53.89 -0.91
C ALA AA 142 -0.42 55.30 -0.35
N LEU AA 143 -0.61 55.43 0.96
CA LEU AA 143 -0.56 56.72 1.63
C LEU AA 143 0.81 57.04 2.23
N SER AA 144 1.62 56.04 2.51
CA SER AA 144 2.94 56.31 3.09
C SER AA 144 3.79 57.22 2.22
N PRO AA 145 3.83 57.07 0.89
CA PRO AA 145 4.69 57.97 0.11
C PRO AA 145 4.29 59.43 0.21
N ILE AA 146 3.01 59.74 0.00
CA ILE AA 146 2.58 61.13 0.02
C ILE AA 146 2.75 61.73 1.41
N ILE AA 147 2.43 60.97 2.45
CA ILE AA 147 2.52 61.51 3.81
C ILE AA 147 3.96 61.90 4.12
N THR AA 148 4.92 61.03 3.79
CA THR AA 148 6.32 61.39 3.98
C THR AA 148 6.71 62.59 3.12
N ALA AA 149 6.20 62.65 1.89
CA ALA AA 149 6.48 63.79 1.03
C ALA AA 149 5.94 65.08 1.65
N THR AA 150 4.73 65.03 2.20
CA THR AA 150 4.17 66.22 2.85
C THR AA 150 5.01 66.63 4.05
N GLU AA 151 5.53 65.67 4.79
CA GLU AA 151 6.34 65.99 5.97
C GLU AA 151 7.53 66.85 5.59
N GLU AA 152 8.24 66.48 4.53
CA GLU AA 152 9.42 67.24 4.13
C GLU AA 152 9.06 68.66 3.75
N SER AA 153 8.00 68.83 2.96
CA SER AA 153 7.60 70.17 2.53
C SER AA 153 7.22 71.04 3.72
N PHE AA 154 6.44 70.48 4.65
CA PHE AA 154 6.01 71.27 5.81
C PHE AA 154 7.20 71.69 6.66
N LYS AA 155 8.14 70.77 6.90
CA LYS AA 155 9.29 71.10 7.73
C LYS AA 155 10.20 72.11 7.06
N ARG AA 156 10.19 72.17 5.73
CA ARG AA 156 11.13 73.03 5.02
C ARG AA 156 10.91 74.50 5.35
N TYR AA 157 9.66 74.93 5.43
CA TYR AA 157 9.34 76.34 5.60
C TYR AA 157 8.82 76.69 6.99
N TYR AA 158 7.97 75.87 7.59
CA TYR AA 158 7.43 76.18 8.90
C TYR AA 158 8.54 76.23 9.94
N SER AA 159 8.83 77.42 10.45
CA SER AA 159 9.89 77.61 11.44
C SER AA 159 9.59 78.87 12.25
N PRO AA 160 8.79 78.79 13.31
CA PRO AA 160 8.41 80.01 14.04
C PRO AA 160 9.57 80.71 14.72
N GLU AA 161 10.69 80.01 14.95
CA GLU AA 161 11.81 80.62 15.65
C GLU AA 161 12.70 81.47 14.76
N ASN AA 162 12.55 81.39 13.44
CA ASN AA 162 13.35 82.17 12.51
C ASN AA 162 12.59 83.28 11.82
N VAL AA 163 11.26 83.16 11.70
CA VAL AA 163 10.47 84.22 11.11
C VAL AA 163 10.64 85.50 11.95
N ARG AA 164 10.38 86.64 11.30
CA ARG AA 164 10.53 87.92 11.98
C ARG AA 164 9.68 87.95 13.25
N TYR AA 165 10.26 88.53 14.31
CA TYR AA 165 9.71 88.30 15.65
C TYR AA 165 8.27 88.79 15.79
N TYR AA 166 7.88 89.85 15.10
CA TYR AA 166 6.54 90.41 15.24
C TYR AA 166 5.50 89.67 14.42
N ASN AA 167 5.84 88.45 13.97
CA ASN AA 167 4.89 87.58 13.31
C ASN AA 167 4.87 86.17 13.88
N SER AA 168 5.73 85.85 14.85
CA SER AA 168 5.74 84.51 15.42
C SER AA 168 4.43 84.20 16.13
N GLU AA 169 3.88 85.17 16.85
CA GLU AA 169 2.64 84.94 17.59
C GLU AA 169 1.50 84.55 16.66
N THR AA 170 1.37 85.25 15.53
CA THR AA 170 0.30 84.94 14.59
C THR AA 170 0.48 83.56 13.98
N VAL AA 171 1.71 83.22 13.60
CA VAL AA 171 1.96 81.92 12.97
C VAL AA 171 1.63 80.78 13.94
N ILE AA 172 2.08 80.91 15.19
CA ILE AA 172 1.79 79.87 16.17
C ILE AA 172 0.30 79.77 16.41
N ALA AA 173 -0.39 80.90 16.51
CA ALA AA 173 -1.83 80.87 16.75
C ALA AA 173 -2.55 80.11 15.65
N THR AA 174 -2.11 80.27 14.40
CA THR AA 174 -2.74 79.54 13.31
C THR AA 174 -2.60 78.03 13.50
N MET AA 175 -1.42 77.57 13.91
CA MET AA 175 -1.21 76.15 14.10
C MET AA 175 -2.15 75.61 15.17
N ALA AA 176 -2.31 76.34 16.28
CA ALA AA 176 -3.22 75.90 17.32
C ALA AA 176 -4.64 75.73 16.79
N GLU AA 177 -5.06 76.64 15.91
CA GLU AA 177 -6.37 76.52 15.29
C GLU AA 177 -6.44 75.26 14.42
N ALA AA 178 -5.37 74.97 13.68
CA ALA AA 178 -5.39 73.81 12.80
C ALA AA 178 -5.60 72.52 13.57
N VAL AA 179 -4.92 72.37 14.70
CA VAL AA 179 -5.12 71.18 15.53
C VAL AA 179 -6.55 71.14 16.07
N GLN AA 180 -7.06 72.28 16.52
CA GLN AA 180 -8.43 72.31 17.04
C GLN AA 180 -9.43 71.78 16.03
N GLN AA 181 -9.19 72.00 14.73
CA GLN AA 181 -10.09 71.49 13.71
C GLN AA 181 -10.14 69.96 13.76
N VAL AA 182 -8.99 69.32 13.94
CA VAL AA 182 -8.96 67.86 14.05
C VAL AA 182 -9.64 67.42 15.34
N GLN AA 183 -9.46 68.18 16.42
CA GLN AA 183 -10.08 67.80 17.69
C GLN AA 183 -11.60 67.77 17.56
N THR AA 184 -12.18 68.81 16.93
CA THR AA 184 -13.63 68.82 16.74
C THR AA 184 -14.08 67.66 15.87
N GLY AA 185 -13.32 67.34 14.82
CA GLY AA 185 -13.70 66.24 13.96
C GLY AA 185 -13.73 64.92 14.69
N TYR AA 186 -12.70 64.64 15.49
CA TYR AA 186 -12.64 63.36 16.19
C TYR AA 186 -13.78 63.23 17.20
N LEU AA 187 -14.04 64.30 17.96
CA LEU AA 187 -15.08 64.23 18.98
C LEU AA 187 -16.45 63.97 18.37
N ALA AA 188 -16.67 64.41 17.12
CA ALA AA 188 -17.96 64.21 16.49
C ALA AA 188 -18.15 62.76 16.06
N LEU AA 189 -17.07 62.10 15.63
CA LEU AA 189 -17.19 60.76 15.06
C LEU AA 189 -17.47 59.71 16.13
N SER AA 190 -16.80 59.82 17.27
CA SER AA 190 -16.86 58.80 18.33
C SER AA 190 -17.82 59.19 19.43
N GLY AA 191 -18.93 59.85 19.09
CA GLY AA 191 -19.83 60.33 20.12
C GLY AA 191 -20.36 59.24 21.03
N ASN AA 192 -20.74 58.10 20.45
CA ASN AA 192 -21.37 57.03 21.21
C ASN AA 192 -20.38 56.03 21.78
N ASP AA 193 -19.08 56.24 21.60
CA ASP AA 193 -18.08 55.35 22.17
C ASP AA 193 -17.90 55.64 23.65
N THR AA 194 -17.66 54.58 24.43
CA THR AA 194 -17.43 54.72 25.86
C THR AA 194 -16.30 53.82 26.36
N SER AA 195 -15.40 53.40 25.47
CA SER AA 195 -14.29 52.56 25.88
C SER AA 195 -13.31 53.38 26.72
N GLN AA 196 -12.32 52.68 27.29
CA GLN AA 196 -11.32 53.33 28.13
C GLN AA 196 -10.30 54.11 27.33
N GLU AA 197 -10.17 53.85 26.02
CA GLU AA 197 -9.21 54.56 25.20
C GLU AA 197 -9.67 55.98 24.87
N LYS AA 198 -10.99 56.19 24.73
CA LYS AA 198 -11.48 57.51 24.37
C LYS AA 198 -11.10 58.55 25.41
N TRP AA 199 -11.20 58.19 26.69
CA TRP AA 199 -10.82 59.14 27.73
C TRP AA 199 -9.36 59.54 27.60
N THR AA 200 -8.48 58.57 27.33
CA THR AA 200 -7.07 58.89 27.19
C THR AA 200 -6.82 59.82 26.01
N ILE AA 201 -7.45 59.55 24.87
CA ILE AA 201 -7.23 60.38 23.69
C ILE AA 201 -7.72 61.80 23.95
N VAL AA 202 -8.89 61.93 24.56
CA VAL AA 202 -9.43 63.26 24.86
C VAL AA 202 -8.47 64.02 25.78
N ARG AA 203 -7.94 63.33 26.80
CA ARG AA 203 -6.98 63.99 27.70
C ARG AA 203 -5.75 64.44 26.93
N ASP AA 204 -5.26 63.62 26.00
CA ASP AA 204 -4.07 63.99 25.25
C ASP AA 204 -4.30 65.25 24.43
N PHE AA 205 -5.47 65.37 23.80
CA PHE AA 205 -5.77 66.56 23.01
C PHE AA 205 -5.77 67.80 23.89
N ARG AA 206 -6.41 67.71 25.05
CA ARG AA 206 -6.49 68.88 25.93
C ARG AA 206 -5.12 69.29 26.44
N ASN AA 207 -4.29 68.31 26.81
CA ASN AA 207 -2.97 68.64 27.36
C ASN AA 207 -2.12 69.39 26.35
N VAL AA 208 -2.10 68.93 25.10
CA VAL AA 208 -1.25 69.56 24.09
C VAL AA 208 -1.69 71.00 23.84
N LEU AA 209 -2.99 71.23 23.72
CA LEU AA 209 -3.49 72.56 23.43
C LEU AA 209 -3.25 73.53 24.57
N ILE AA 210 -3.35 73.07 25.81
CA ILE AA 210 -3.14 73.96 26.95
C ILE AA 210 -1.69 74.43 27.01
N ASP AA 211 -0.75 73.49 26.82
CA ASP AA 211 0.67 73.85 26.84
C ASP AA 211 0.98 74.80 25.70
N GLU AA 212 1.74 75.84 26.00
CA GLU AA 212 2.02 76.89 25.02
C GLU AA 212 3.31 76.65 24.23
N PHE AA 213 4.23 75.87 24.77
CA PHE AA 213 5.55 75.69 24.14
C PHE AA 213 5.59 74.51 23.18
N THR AA 214 4.52 73.73 23.09
CA THR AA 214 4.57 72.50 22.28
C THR AA 214 4.79 72.81 20.81
N PHE AA 215 4.34 73.97 20.34
CA PHE AA 215 4.34 74.28 18.91
C PHE AA 215 5.57 75.07 18.47
N PHE AA 216 6.53 75.31 19.37
CA PHE AA 216 7.75 75.99 18.97
C PHE AA 216 8.71 75.06 18.22
N ASP AA 217 8.54 73.75 18.37
CA ASP AA 217 9.42 72.78 17.74
C ASP AA 217 8.75 72.23 16.48
N PRO AA 218 9.34 72.37 15.30
CA PRO AA 218 8.71 71.78 14.11
C PRO AA 218 8.48 70.28 14.24
N ALA AA 219 9.37 69.57 14.93
CA ALA AA 219 9.20 68.14 15.11
C ALA AA 219 7.93 67.83 15.88
N ASN AA 220 7.70 68.54 16.99
CA ASN AA 220 6.49 68.33 17.77
C ASN AA 220 5.25 68.72 16.97
N SER AA 221 5.33 69.82 16.23
CA SER AA 221 4.15 70.30 15.50
C SER AA 221 3.69 69.27 14.48
N TRP AA 222 4.64 68.70 13.71
CA TRP AA 222 4.25 67.73 12.69
C TRP AA 222 3.67 66.47 13.31
N ASN AA 223 4.29 65.98 14.39
CA ASN AA 223 3.84 64.72 14.98
C ASN AA 223 2.40 64.82 15.47
N VAL AA 224 2.04 65.94 16.10
CA VAL AA 224 0.67 66.11 16.57
C VAL AA 224 -0.29 66.15 15.38
N LEU AA 225 0.10 66.80 14.29
CA LEU AA 225 -0.77 66.89 13.13
C LEU AA 225 -0.99 65.53 12.50
N ARG AA 226 0.09 64.78 12.28
CA ARG AA 226 -0.04 63.48 11.64
C ARG AA 226 -0.82 62.51 12.49
N ASN AA 227 -0.50 62.43 13.79
CA ASN AA 227 -1.20 61.49 14.66
C ASN AA 227 -2.67 61.86 14.82
N GLY AA 228 -2.99 63.16 14.84
CA GLY AA 228 -4.38 63.55 15.00
C GLY AA 228 -5.28 62.98 13.93
N PHE AA 229 -4.81 62.99 12.68
CA PHE AA 229 -5.59 62.41 11.59
C PHE AA 229 -5.67 60.89 11.72
N SER AA 230 -4.60 60.27 12.22
CA SER AA 230 -4.62 58.81 12.38
C SER AA 230 -5.75 58.37 13.29
N TYR AA 231 -5.94 59.08 14.42
CA TYR AA 231 -7.06 58.78 15.29
C TYR AA 231 -8.39 59.13 14.62
N LEU AA 232 -8.42 60.23 13.86
CA LEU AA 232 -9.64 60.62 13.19
C LEU AA 232 -10.08 59.58 12.17
N ASP AA 233 -9.13 59.04 11.40
CA ASP AA 233 -9.49 58.11 10.34
C ASP AA 233 -10.03 56.80 10.91
N SER AA 234 -9.47 56.33 12.02
CA SER AA 234 -9.87 55.06 12.60
C SER AA 234 -11.07 55.18 13.53
N ALA AA 235 -11.60 56.39 13.73
CA ALA AA 235 -12.75 56.55 14.60
C ALA AA 235 -13.98 55.84 14.03
N ALA AA 236 -14.19 55.95 12.72
CA ALA AA 236 -15.34 55.33 12.08
C ALA AA 236 -14.92 54.88 10.68
N VAL AA 237 -15.74 54.00 10.10
CA VAL AA 237 -15.46 53.42 8.79
C VAL AA 237 -16.67 53.67 7.88
N GLY AA 238 -16.40 54.17 6.68
CA GLY AA 238 -17.43 54.33 5.69
C GLY AA 238 -17.89 55.76 5.48
N GLN AA 239 -19.18 55.94 5.23
CA GLN AA 239 -19.73 57.24 4.91
C GLN AA 239 -19.66 58.22 6.08
N ASP AA 240 -19.44 57.71 7.30
CA ASP AA 240 -19.47 58.58 8.48
C ASP AA 240 -18.44 59.70 8.39
N LYS AA 241 -17.35 59.51 7.65
CA LYS AA 241 -16.27 60.48 7.60
C LYS AA 241 -16.41 61.51 6.50
N PHE AA 242 -17.41 61.38 5.62
CA PHE AA 242 -17.51 62.27 4.47
C PHE AA 242 -17.68 63.72 4.93
N THR AA 243 -18.67 63.98 5.78
CA THR AA 243 -18.93 65.36 6.20
C THR AA 243 -17.77 65.93 7.00
N ILE AA 244 -17.19 65.12 7.89
CA ILE AA 244 -16.14 65.63 8.78
C ILE AA 244 -14.93 66.06 7.96
N LEU AA 245 -14.51 65.24 6.99
CA LEU AA 245 -13.32 65.56 6.22
C LEU AA 245 -13.57 66.72 5.28
N ARG AA 246 -14.78 66.80 4.70
CA ARG AA 246 -15.08 67.90 3.78
C ARG AA 246 -15.01 69.24 4.48
N ASN AA 247 -15.44 69.29 5.75
CA ASN AA 247 -15.35 70.55 6.50
C ASN AA 247 -13.91 70.99 6.67
N ILE AA 248 -13.01 70.07 7.00
CA ILE AA 248 -11.62 70.43 7.21
C ILE AA 248 -11.01 70.96 5.93
N ILE AA 249 -11.30 70.32 4.80
CA ILE AA 249 -10.80 70.82 3.52
C ILE AA 249 -11.27 72.24 3.29
N ASN AA 250 -12.53 72.54 3.65
CA ASN AA 250 -13.05 73.89 3.47
C ASN AA 250 -12.24 74.89 4.27
N TRP AA 251 -11.91 74.56 5.52
CA TRP AA 251 -11.17 75.49 6.37
C TRP AA 251 -9.75 75.72 5.87
N SER AA 252 -9.17 74.76 5.15
CA SER AA 252 -7.79 74.85 4.71
C SER AA 252 -7.65 75.38 3.30
N SER AA 253 -8.66 76.10 2.79
CA SER AA 253 -8.61 76.72 1.48
C SER AA 253 -8.18 78.18 1.53
N SER AA 254 -7.88 78.70 2.71
CA SER AA 254 -7.46 80.09 2.84
C SER AA 254 -6.00 80.24 2.45
N HIS AA 255 -5.59 81.49 2.23
CA HIS AA 255 -4.21 81.83 1.91
C HIS AA 255 -3.75 82.98 2.78
N SER AA 256 -2.48 82.94 3.17
CA SER AA 256 -1.94 83.92 4.09
C SER AA 256 -1.81 85.29 3.42
N GLU AA 257 -1.88 86.34 4.23
CA GLU AA 257 -1.79 87.71 3.75
C GLU AA 257 -0.60 88.46 4.32
N LEU AA 258 0.36 87.76 4.94
CA LEU AA 258 1.59 88.38 5.39
C LEU AA 258 2.53 88.51 4.19
N ASP AA 259 3.78 88.86 4.45
CA ASP AA 259 4.74 89.11 3.37
C ASP AA 259 6.01 88.30 3.58
N GLY AA 260 6.65 87.96 2.47
CA GLY AA 260 7.94 87.30 2.54
C GLY AA 260 7.88 85.98 3.26
N GLU AA 261 8.85 85.77 4.15
CA GLU AA 261 8.97 84.48 4.83
C GLU AA 261 7.74 84.17 5.66
N SER AA 262 7.19 85.17 6.36
CA SER AA 262 6.04 84.92 7.21
C SER AA 262 4.89 84.29 6.42
N ALA AA 263 4.73 84.66 5.15
CA ALA AA 263 3.68 84.07 4.34
C ALA AA 263 3.93 82.57 4.13
N ASP AA 264 5.19 82.20 3.85
CA ASP AA 264 5.50 80.79 3.64
C ASP AA 264 5.28 79.98 4.92
N ALA AA 265 5.66 80.53 6.07
CA ALA AA 265 5.48 79.81 7.32
C ALA AA 265 4.01 79.56 7.64
N GLN AA 266 3.11 80.37 7.08
CA GLN AA 266 1.68 80.19 7.31
C GLN AA 266 1.00 79.39 6.21
N ASN AA 267 1.39 79.57 4.96
CA ASN AA 267 0.82 78.76 3.89
C ASN AA 267 1.16 77.29 4.07
N ALA AA 268 2.28 76.98 4.71
CA ALA AA 268 2.66 75.59 4.90
C ALA AA 268 1.62 74.85 5.73
N ILE AA 269 1.08 75.50 6.75
CA ILE AA 269 0.07 74.86 7.60
C ILE AA 269 -1.18 74.56 6.78
N PHE AA 270 -1.63 75.53 5.97
CA PHE AA 270 -2.83 75.33 5.17
C PHE AA 270 -2.61 74.25 4.12
N SER AA 271 -1.51 74.34 3.38
CA SER AA 271 -1.27 73.39 2.29
C SER AA 271 -1.10 71.97 2.82
N ALA AA 272 -0.34 71.82 3.92
CA ALA AA 272 -0.12 70.49 4.48
C ALA AA 272 -1.42 69.86 4.95
N VAL AA 273 -2.28 70.65 5.60
CA VAL AA 273 -3.53 70.09 6.13
C VAL AA 273 -4.43 69.62 5.00
N ARG AA 274 -4.56 70.44 3.95
CA ARG AA 274 -5.48 70.09 2.86
C ARG AA 274 -5.05 68.80 2.18
N VAL AA 275 -3.75 68.63 1.94
CA VAL AA 275 -3.28 67.43 1.26
C VAL AA 275 -3.57 66.20 2.12
N LEU AA 276 -3.32 66.28 3.43
CA LEU AA 276 -3.60 65.16 4.30
C LEU AA 276 -5.09 64.81 4.30
N ALA AA 277 -5.94 65.83 4.39
CA ALA AA 277 -7.38 65.57 4.38
C ALA AA 277 -7.82 64.93 3.07
N THR AA 278 -7.30 65.43 1.95
CA THR AA 278 -7.66 64.85 0.65
C THR AA 278 -7.24 63.39 0.58
N ALA AA 279 -6.03 63.08 1.05
CA ALA AA 279 -5.56 61.70 1.01
C ALA AA 279 -6.46 60.79 1.83
N TYR AA 280 -6.84 61.22 3.04
CA TYR AA 280 -7.69 60.39 3.89
C TYR AA 280 -9.12 60.34 3.34
N LEU AA 281 -9.58 61.41 2.69
CA LEU AA 281 -10.90 61.37 2.07
C LEU AA 281 -10.94 60.32 0.96
N SER AA 282 -9.88 60.20 0.18
CA SER AA 282 -9.82 59.18 -0.85
C SER AA 282 -9.92 57.78 -0.24
N LYS AA 283 -9.20 57.55 0.87
CA LYS AA 283 -9.27 56.25 1.53
C LYS AA 283 -10.70 55.95 1.98
N ALA AA 284 -11.42 56.96 2.45
CA ALA AA 284 -12.81 56.75 2.86
C ALA AA 284 -13.67 56.30 1.70
N TYR AA 285 -13.50 56.92 0.53
CA TYR AA 285 -14.30 56.55 -0.63
C TYR AA 285 -14.06 55.11 -1.05
N MET AA 286 -12.86 54.58 -0.79
CA MET AA 286 -12.55 53.21 -1.16
C MET AA 286 -13.22 52.18 -0.26
N GLU AA 287 -13.85 52.60 0.83
CA GLU AA 287 -14.48 51.70 1.77
C GLU AA 287 -16.00 51.63 1.59
N THR AA 288 -16.53 52.16 0.49
CA THR AA 288 -17.96 52.13 0.23
C THR AA 288 -18.21 51.67 -1.20
N VAL AA 289 -19.38 51.07 -1.41
CA VAL AA 289 -19.75 50.54 -2.71
C VAL AA 289 -20.25 51.66 -3.61
N ALA AA 290 -19.75 51.69 -4.84
CA ALA AA 290 -20.18 52.71 -5.79
C ALA AA 290 -21.63 52.47 -6.19
N SER AA 291 -22.50 53.42 -5.87
CA SER AA 291 -23.92 53.27 -6.20
C SER AA 291 -24.12 53.21 -7.72
N THR AA 292 -23.42 54.06 -8.46
CA THR AA 292 -23.56 54.10 -9.91
C THR AA 292 -22.24 54.55 -10.52
N VAL AA 293 -22.05 54.19 -11.80
CA VAL AA 293 -20.84 54.61 -12.51
C VAL AA 293 -20.75 56.13 -12.56
N ASN AA 294 -21.86 56.79 -12.88
CA ASN AA 294 -21.87 58.25 -12.95
C ASN AA 294 -21.51 58.87 -11.61
N GLU AA 295 -22.12 58.34 -10.53
CA GLU AA 295 -21.80 58.87 -9.21
C GLU AA 295 -20.37 58.55 -8.80
N GLY AA 296 -19.92 57.33 -9.09
CA GLY AA 296 -18.56 56.95 -8.72
C GLY AA 296 -17.50 57.82 -9.37
N LEU AA 297 -17.70 58.16 -10.65
CA LEU AA 297 -16.76 59.04 -11.34
C LEU AA 297 -16.89 60.47 -10.87
N ALA AA 298 -18.10 60.90 -10.50
CA ALA AA 298 -18.28 62.25 -9.97
C ALA AA 298 -17.48 62.44 -8.69
N GLN AA 299 -17.45 61.41 -7.84
CA GLN AA 299 -16.65 61.49 -6.62
C GLN AA 299 -15.17 61.65 -6.94
N TYR AA 300 -14.68 60.93 -7.96
CA TYR AA 300 -13.28 61.02 -8.31
C TYR AA 300 -12.91 62.42 -8.76
N ASP AA 301 -13.75 63.05 -9.59
CA ASP AA 301 -13.45 64.40 -10.07
C ASP AA 301 -13.32 65.37 -8.90
N GLN AA 302 -14.10 65.15 -7.84
CA GLN AA 302 -14.02 66.02 -6.67
C GLN AA 302 -12.63 65.98 -6.04
N ILE AA 303 -11.93 64.85 -6.17
CA ILE AA 303 -10.61 64.71 -5.57
C ILE AA 303 -9.52 65.22 -6.50
N ALA AA 304 -9.61 64.90 -7.79
CA ALA AA 304 -8.55 65.30 -8.72
C ALA AA 304 -8.41 66.82 -8.75
N ALA AA 305 -9.52 67.54 -8.67
CA ALA AA 305 -9.47 69.01 -8.69
C ALA AA 305 -8.67 69.53 -7.52
N ILE AA 306 -8.91 68.99 -6.32
CA ILE AA 306 -8.20 69.47 -5.14
C ILE AA 306 -6.70 69.19 -5.25
N LEU AA 307 -6.34 67.97 -5.67
CA LEU AA 307 -4.93 67.64 -5.81
C LEU AA 307 -4.28 68.47 -6.89
N GLU AA 308 -5.00 68.76 -7.97
CA GLU AA 308 -4.45 69.58 -9.04
C GLU AA 308 -4.15 70.99 -8.55
N GLN AA 309 -5.06 71.56 -7.74
CA GLN AA 309 -4.84 72.91 -7.22
C GLN AA 309 -3.56 72.96 -6.38
N GLU AA 310 -3.38 71.97 -5.50
CA GLU AA 310 -2.19 71.95 -4.65
C GLU AA 310 -0.92 71.85 -5.47
N ALA AA 311 -0.96 71.07 -6.56
CA ALA AA 311 0.21 70.93 -7.41
C ALA AA 311 0.59 72.26 -8.03
N GLN AA 312 -0.39 73.04 -8.47
CA GLN AA 312 -0.09 74.33 -9.08
C GLN AA 312 0.55 75.27 -8.08
N ILE AA 313 0.06 75.28 -6.84
CA ILE AA 313 0.61 76.18 -5.82
C ILE AA 313 2.07 75.84 -5.55
N ALA AA 314 2.38 74.55 -5.41
CA ALA AA 314 3.76 74.15 -5.11
C ALA AA 314 4.70 74.41 -6.28
N GLN AA 315 4.17 74.56 -7.49
CA GLN AA 315 4.98 74.80 -8.68
C GLN AA 315 4.80 76.23 -9.20
N GLU AA 316 4.17 77.10 -8.42
CA GLU AA 316 3.88 78.45 -8.90
C GLU AA 316 5.17 79.17 -9.31
N ASP AA 317 6.17 79.15 -8.43
CA ASP AA 317 7.46 79.79 -8.69
C ASP AA 317 8.58 78.88 -8.21
N CYS AA 318 8.49 77.59 -8.51
CA CYS AA 318 9.44 76.60 -8.00
C CYS AA 318 9.54 76.69 -6.49
N HIS AA 319 8.39 76.86 -5.84
CA HIS AA 319 8.38 76.92 -4.37
C HIS AA 319 8.91 75.63 -3.77
N ASP AA 320 8.43 74.49 -4.27
CA ASP AA 320 8.91 73.18 -3.81
C ASP AA 320 8.80 72.22 -4.99
N ASN AA 321 9.90 72.07 -5.73
CA ASN AA 321 9.87 71.21 -6.92
C ASN AA 321 9.59 69.77 -6.54
N GLU AA 322 10.25 69.28 -5.48
CA GLU AA 322 10.06 67.89 -5.09
C GLU AA 322 8.61 67.63 -4.68
N PHE AA 323 8.01 68.57 -3.95
CA PHE AA 323 6.61 68.41 -3.57
C PHE AA 323 5.71 68.33 -4.79
N PHE AA 324 5.98 69.14 -5.80
CA PHE AA 324 5.16 69.11 -7.02
C PHE AA 324 5.21 67.74 -7.67
N LEU AA 325 6.40 67.13 -7.73
CA LEU AA 325 6.50 65.79 -8.31
C LEU AA 325 5.72 64.78 -7.49
N SER AA 326 5.81 64.86 -6.16
CA SER AA 326 5.13 63.88 -5.32
C SER AA 326 3.62 63.95 -5.49
N ILE AA 327 3.07 65.17 -5.52
CA ILE AA 327 1.62 65.32 -5.70
C ILE AA 327 1.19 64.76 -7.05
N ARG AA 328 1.97 65.05 -8.10
CA ARG AA 328 1.59 64.59 -9.43
C ARG AA 328 1.55 63.08 -9.50
N GLU AA 329 2.53 62.40 -8.91
CA GLU AA 329 2.54 60.94 -8.94
C GLU AA 329 1.39 60.36 -8.13
N PHE AA 330 1.06 60.97 -6.99
CA PHE AA 330 -0.03 60.47 -6.17
C PHE AA 330 -1.37 60.59 -6.89
N SER AA 331 -1.57 61.68 -7.64
CA SER AA 331 -2.84 61.90 -8.31
C SER AA 331 -3.12 60.78 -9.32
N VAL AA 332 -2.12 60.40 -10.10
CA VAL AA 332 -2.32 59.34 -11.08
C VAL AA 332 -2.59 58.01 -10.38
N SER AA 333 -1.94 57.78 -9.24
CA SER AA 333 -2.21 56.56 -8.48
C SER AA 333 -3.65 56.54 -7.99
N VAL AA 334 -4.16 57.68 -7.53
CA VAL AA 334 -5.56 57.75 -7.09
C VAL AA 334 -6.49 57.43 -8.25
N ALA AA 335 -6.19 57.97 -9.43
CA ALA AA 335 -7.05 57.73 -10.59
C ALA AA 335 -7.09 56.26 -10.95
N ARG AA 336 -5.96 55.57 -10.85
CA ARG AA 336 -5.91 54.16 -11.22
C ARG AA 336 -6.88 53.33 -10.39
N VAL AA 337 -7.13 53.74 -9.14
CA VAL AA 337 -8.00 52.97 -8.25
C VAL AA 337 -9.44 53.49 -8.30
N MET AA 338 -9.62 54.81 -8.27
CA MET AA 338 -10.98 55.35 -8.26
C MET AA 338 -11.75 54.98 -9.51
N VAL AA 339 -11.09 55.06 -10.68
CA VAL AA 339 -11.75 54.69 -11.92
C VAL AA 339 -12.12 53.21 -11.91
N ASN AA 340 -11.22 52.36 -11.44
CA ASN AA 340 -11.49 50.93 -11.38
C ASN AA 340 -12.68 50.63 -10.47
N ARG AA 341 -12.76 51.32 -9.33
CA ARG AA 341 -13.88 51.10 -8.42
C ARG AA 341 -15.21 51.45 -9.09
N ALA AA 342 -15.26 52.59 -9.77
CA ALA AA 342 -16.53 53.03 -10.36
C ALA AA 342 -16.99 52.06 -11.44
N TYR AA 343 -16.07 51.61 -12.30
CA TYR AA 343 -16.44 50.84 -13.47
C TYR AA 343 -16.49 49.33 -13.23
N ASN AA 344 -15.87 48.85 -12.16
CA ASN AA 344 -15.65 47.41 -12.01
C ASN AA 344 -15.88 46.87 -10.61
N SER AA 345 -16.34 47.67 -9.65
CA SER AA 345 -16.51 47.14 -8.31
C SER AA 345 -17.65 46.13 -8.30
N PRO AA 346 -18.90 46.52 -8.56
CA PRO AA 346 -19.94 45.53 -8.83
C PRO AA 346 -20.19 45.26 -10.32
N ALA AA 347 -19.54 46.00 -11.22
CA ALA AA 347 -19.68 45.80 -12.65
C ALA AA 347 -21.13 45.98 -13.10
N LEU AA 348 -21.62 47.21 -12.93
CA LEU AA 348 -22.98 47.54 -13.28
C LEU AA 348 -23.14 47.71 -14.79
N ILE AA 349 -24.32 47.35 -15.29
CA ILE AA 349 -24.69 47.56 -16.69
C ILE AA 349 -26.17 47.92 -16.75
N VAL AA 350 -26.54 48.65 -17.79
CA VAL AA 350 -27.92 49.08 -17.98
C VAL AA 350 -28.67 48.05 -18.80
N TYR AA 351 -29.84 47.65 -18.32
CA TYR AA 351 -30.74 46.78 -19.06
C TYR AA 351 -31.85 47.60 -19.71
N SER AA 352 -32.53 47.00 -20.68
CA SER AA 352 -33.57 47.67 -21.46
C SER AA 352 -34.83 46.81 -21.44
N PHE AA 353 -35.67 47.02 -20.44
CA PHE AA 353 -36.91 46.29 -20.31
C PHE AA 353 -37.98 46.87 -21.24
N PRO AA 354 -39.01 46.10 -21.55
CA PRO AA 354 -40.08 46.60 -22.42
C PRO AA 354 -41.12 47.46 -21.71
N GLY AA 355 -40.98 47.69 -20.41
CA GLY AA 355 -41.92 48.52 -19.69
C GLY AA 355 -41.71 48.46 -18.19
N THR AA 356 -42.32 49.38 -17.46
CA THR AA 356 -42.14 49.43 -16.01
C THR AA 356 -42.68 48.16 -15.38
N MET AA 357 -41.92 47.63 -14.42
CA MET AA 357 -42.33 46.43 -13.69
C MET AA 357 -41.78 46.52 -12.27
N HIS AA 358 -42.39 45.74 -11.38
CA HIS AA 358 -42.05 45.79 -9.97
C HIS AA 358 -40.60 45.38 -9.74
N SER AA 359 -40.05 45.80 -8.61
CA SER AA 359 -38.68 45.45 -8.27
C SER AA 359 -38.52 43.94 -8.11
N LEU AA 360 -39.50 43.30 -7.47
CA LEU AA 360 -39.40 41.86 -7.25
C LEU AA 360 -39.33 41.10 -8.57
N VAL AA 361 -40.19 41.47 -9.52
CA VAL AA 361 -40.20 40.79 -10.81
C VAL AA 361 -38.88 41.04 -11.55
N VAL AA 362 -38.38 42.27 -11.51
CA VAL AA 362 -37.15 42.59 -12.21
C VAL AA 362 -36.00 41.75 -11.68
N ALA AA 363 -35.91 41.64 -10.35
CA ALA AA 363 -34.82 40.88 -9.75
C ALA AA 363 -34.86 39.42 -10.17
N TRP AA 364 -36.06 38.82 -10.17
CA TRP AA 364 -36.17 37.41 -10.53
C TRP AA 364 -35.77 37.18 -11.98
N GLU AA 365 -36.21 38.05 -12.89
CA GLU AA 365 -35.92 37.85 -14.30
C GLU AA 365 -34.43 37.93 -14.58
N ILE AA 366 -33.78 39.00 -14.12
CA ILE AA 366 -32.37 39.22 -14.46
C ILE AA 366 -31.51 38.13 -13.85
N PHE AA 367 -31.73 37.81 -12.58
CA PHE AA 367 -30.86 36.91 -11.83
C PHE AA 367 -31.44 35.52 -11.67
N GLY AA 368 -32.67 35.41 -11.19
CA GLY AA 368 -33.26 34.15 -10.81
C GLY AA 368 -33.48 33.98 -9.33
N ASP AA 369 -33.52 35.06 -8.55
CA ASP AA 369 -33.71 34.98 -7.11
C ASP AA 369 -34.36 36.29 -6.67
N ALA AA 370 -35.66 36.24 -6.37
CA ALA AA 370 -36.39 37.46 -6.03
C ALA AA 370 -35.88 38.10 -4.75
N LYS AA 371 -35.13 37.36 -3.93
CA LYS AA 371 -34.59 37.93 -2.69
C LYS AA 371 -33.53 39.00 -2.94
N ARG AA 372 -33.04 39.12 -4.18
CA ARG AA 372 -31.99 40.08 -4.49
C ARG AA 372 -32.53 41.45 -4.86
N SER AA 373 -33.85 41.65 -4.79
CA SER AA 373 -34.44 42.94 -5.14
C SER AA 373 -33.90 44.07 -4.27
N ARG AA 374 -33.37 43.76 -3.09
CA ARG AA 374 -32.89 44.81 -2.20
C ARG AA 374 -31.79 45.64 -2.86
N GLU AA 375 -30.98 45.04 -3.71
CA GLU AA 375 -29.89 45.77 -4.33
C GLU AA 375 -30.41 46.90 -5.24
N LEU AA 376 -31.49 46.64 -5.97
CA LEU AA 376 -31.98 47.61 -6.94
C LEU AA 376 -32.50 48.89 -6.29
N GLU AA 377 -32.71 48.90 -4.98
CA GLU AA 377 -33.31 50.08 -4.33
C GLU AA 377 -32.43 51.31 -4.49
N GLY AA 378 -31.12 51.16 -4.27
CA GLY AA 378 -30.25 52.32 -4.20
C GLY AA 378 -29.84 52.91 -5.53
N ARG AA 379 -29.90 52.12 -6.61
CA ARG AA 379 -29.38 52.58 -7.89
C ARG AA 379 -30.45 53.17 -8.80
N ASN AA 380 -31.69 52.72 -8.67
CA ASN AA 380 -32.78 53.16 -9.53
C ASN AA 380 -33.74 54.04 -8.75
N THR AA 381 -34.14 55.16 -9.35
CA THR AA 381 -35.17 56.01 -8.77
C THR AA 381 -36.54 55.42 -9.11
N GLY AA 382 -37.60 56.15 -8.82
CA GLY AA 382 -38.94 55.66 -9.06
C GLY AA 382 -39.44 54.79 -7.93
N ALA AA 383 -40.75 54.66 -7.80
CA ALA AA 383 -41.31 53.88 -6.72
C ALA AA 383 -40.99 52.40 -6.91
N PRO AA 384 -41.06 51.61 -5.84
CA PRO AA 384 -40.73 50.19 -5.97
C PRO AA 384 -41.61 49.44 -6.96
N TRP AA 385 -42.79 49.96 -7.27
CA TRP AA 385 -43.73 49.29 -8.17
C TRP AA 385 -43.66 49.84 -9.59
N ALA AA 386 -42.75 50.76 -9.87
CA ALA AA 386 -42.65 51.38 -11.20
C ALA AA 386 -41.20 51.51 -11.62
N ILE AA 387 -40.38 50.51 -11.32
CA ILE AA 387 -38.98 50.54 -11.74
C ILE AA 387 -38.90 50.26 -13.23
N GLY AA 388 -38.18 51.11 -13.96
CA GLY AA 388 -38.03 50.96 -15.38
C GLY AA 388 -38.28 52.26 -16.12
N PRO AA 389 -38.37 52.20 -17.46
CA PRO AA 389 -38.24 50.98 -18.27
C PRO AA 389 -36.79 50.58 -18.52
N LYS AA 390 -35.85 51.35 -17.99
CA LYS AA 390 -34.42 51.05 -18.10
C LYS AA 390 -33.88 50.84 -16.69
N VAL AA 391 -33.25 49.69 -16.46
CA VAL AA 391 -32.80 49.29 -15.14
C VAL AA 391 -31.28 49.24 -15.13
N ILE AA 392 -30.69 49.46 -13.96
CA ILE AA 392 -29.26 49.34 -13.74
C ILE AA 392 -29.05 48.21 -12.73
N ALA AA 393 -28.28 47.20 -13.13
CA ALA AA 393 -28.04 46.04 -12.27
C ALA AA 393 -26.65 45.50 -12.56
N GLU AA 394 -26.32 44.40 -11.89
CA GLU AA 394 -25.00 43.80 -12.02
C GLU AA 394 -24.92 42.94 -13.28
N ARG AA 395 -23.71 42.42 -13.52
CA ARG AA 395 -23.46 41.55 -14.66
C ARG AA 395 -23.56 40.09 -14.21
N VAL AA 396 -24.47 39.34 -14.83
CA VAL AA 396 -24.57 37.91 -14.53
C VAL AA 396 -23.30 37.23 -15.00
N ARG AA 397 -22.70 36.44 -14.13
CA ARG AA 397 -21.42 35.77 -14.38
C ARG AA 397 -21.56 34.27 -14.14
N ALA AA 398 -22.59 33.67 -14.73
CA ALA AA 398 -22.83 32.25 -14.60
C ALA AA 398 -21.58 31.44 -14.94
N MET BA 1 -35.27 -5.47 -26.95
CA MET BA 1 -36.68 -5.17 -26.60
C MET BA 1 -37.67 -6.09 -27.31
N ALA BA 2 -38.95 -5.95 -26.98
CA ALA BA 2 -40.00 -6.85 -27.46
C ALA BA 2 -40.76 -6.20 -28.61
N GLY BA 3 -41.02 -6.98 -29.65
CA GLY BA 3 -41.71 -6.49 -30.81
C GLY BA 3 -40.78 -5.71 -31.72
N PRO BA 4 -41.10 -5.63 -33.00
CA PRO BA 4 -40.23 -4.89 -33.93
C PRO BA 4 -40.61 -3.42 -34.04
N CYS BA 5 -41.43 -2.92 -33.12
CA CYS BA 5 -41.98 -1.57 -33.20
C CYS BA 5 -41.24 -0.58 -32.32
N TYR BA 6 -39.93 -0.72 -32.19
CA TYR BA 6 -39.14 0.22 -31.41
C TYR BA 6 -38.70 1.40 -32.27
N ASN BA 7 -38.66 2.58 -31.66
CA ASN BA 7 -38.18 3.79 -32.30
C ASN BA 7 -37.17 4.45 -31.36
N PRO BA 8 -35.90 4.05 -31.45
CA PRO BA 8 -34.92 4.53 -30.45
C PRO BA 8 -34.87 6.04 -30.31
N ASN BA 9 -35.09 6.78 -31.39
CA ASN BA 9 -35.11 8.24 -31.30
C ASN BA 9 -36.25 8.74 -30.42
N GLU BA 10 -37.23 7.89 -30.13
CA GLU BA 10 -38.39 8.29 -29.36
C GLU BA 10 -38.24 8.04 -27.85
N HIS BA 11 -37.29 7.19 -27.46
CA HIS BA 11 -37.13 6.83 -26.06
C HIS BA 11 -35.84 7.35 -25.43
N TYR BA 12 -34.84 7.70 -26.23
CA TYR BA 12 -33.58 8.22 -25.72
C TYR BA 12 -33.53 9.72 -25.92
N LEU BA 13 -33.27 10.46 -24.84
CA LEU BA 13 -33.19 11.90 -24.93
C LEU BA 13 -31.90 12.31 -25.66
N PRO BA 14 -31.90 13.49 -26.28
CA PRO BA 14 -30.67 13.98 -26.92
C PRO BA 14 -29.72 14.55 -25.88
N ALA BA 15 -28.47 14.10 -25.91
CA ALA BA 15 -27.51 14.51 -24.90
C ALA BA 15 -27.14 15.98 -25.07
N SER BA 16 -26.56 16.55 -24.01
CA SER BA 16 -26.15 17.95 -24.00
C SER BA 16 -25.41 18.19 -22.69
N PHE BA 17 -24.72 19.33 -22.63
CA PHE BA 17 -24.01 19.73 -21.41
C PHE BA 17 -23.77 21.24 -21.48
N LYS BA 18 -24.33 21.98 -20.53
CA LYS BA 18 -24.24 23.43 -20.49
C LYS BA 18 -24.84 24.08 -21.74
N GLY BA 19 -25.73 23.37 -22.42
CA GLY BA 19 -26.45 23.91 -23.56
C GLY BA 19 -25.90 23.51 -24.91
N VAL BA 20 -24.65 23.06 -24.99
CA VAL BA 20 -24.05 22.68 -26.26
C VAL BA 20 -24.45 21.24 -26.59
N PRO BA 21 -25.16 20.99 -27.68
CA PRO BA 21 -25.53 19.61 -28.02
C PRO BA 21 -24.31 18.79 -28.42
N PHE BA 22 -24.42 17.48 -28.22
CA PHE BA 22 -23.43 16.54 -28.69
C PHE BA 22 -24.08 15.18 -28.82
N ASP BA 23 -23.43 14.30 -29.58
CA ASP BA 23 -23.97 12.98 -29.91
C ASP BA 23 -23.45 11.97 -28.90
N ALA BA 24 -24.37 11.30 -28.20
CA ALA BA 24 -24.01 10.30 -27.21
C ALA BA 24 -23.92 8.92 -27.84
N ASP BA 25 -23.14 8.05 -27.19
CA ASP BA 25 -22.96 6.69 -27.68
C ASP BA 25 -23.07 5.63 -26.59
N SER BA 26 -23.10 6.01 -25.32
CA SER BA 26 -23.23 5.05 -24.22
C SER BA 26 -23.80 5.78 -23.03
N SER BA 27 -24.20 5.02 -22.02
CA SER BA 27 -24.83 5.61 -20.84
C SER BA 27 -24.72 4.63 -19.69
N ASP BA 28 -24.08 5.05 -18.59
CA ASP BA 28 -23.93 4.24 -17.39
C ASP BA 28 -24.27 5.08 -16.17
N SER BA 29 -24.35 4.41 -15.03
CA SER BA 29 -24.60 5.08 -13.75
C SER BA 29 -24.15 4.15 -12.64
N GLU BA 30 -23.96 4.72 -11.46
CA GLU BA 30 -23.54 3.97 -10.29
C GLU BA 30 -24.21 4.55 -9.05
N HIS BA 31 -25.23 3.86 -8.56
CA HIS BA 31 -25.92 4.22 -7.34
C HIS BA 31 -25.53 3.25 -6.23
N GLY BA 32 -26.06 3.49 -5.04
CA GLY BA 32 -25.74 2.64 -3.91
C GLY BA 32 -26.21 3.27 -2.61
N ARG BA 33 -25.68 2.74 -1.52
CA ARG BA 33 -26.07 3.19 -0.19
C ARG BA 33 -25.02 2.71 0.81
N ASN BA 34 -24.55 3.62 1.66
CA ASN BA 34 -23.43 3.34 2.55
C ASN BA 34 -23.90 2.50 3.73
N GLY BA 35 -23.16 1.42 4.02
CA GLY BA 35 -23.48 0.54 5.12
C GLY BA 35 -22.29 0.37 6.06
N ALA BA 36 -22.56 -0.25 7.20
CA ALA BA 36 -21.58 -0.45 8.26
C ALA BA 36 -21.66 -1.87 8.80
N GLU BA 37 -21.66 -2.84 7.90
CA GLU BA 37 -21.78 -4.24 8.31
C GLU BA 37 -20.71 -4.59 9.34
N ALA BA 38 -21.14 -5.25 10.42
CA ALA BA 38 -20.24 -5.64 11.49
C ALA BA 38 -20.60 -7.04 11.95
N GLU BA 39 -19.58 -7.85 12.20
CA GLU BA 39 -19.73 -9.23 12.65
C GLU BA 39 -19.03 -9.38 13.98
N PHE BA 40 -19.76 -9.87 14.99
CA PHE BA 40 -19.22 -9.94 16.34
C PHE BA 40 -18.23 -11.10 16.41
N VAL BA 41 -17.72 -11.38 17.61
CA VAL BA 41 -16.61 -12.31 17.80
C VAL BA 41 -17.11 -13.51 18.59
N PHE BA 42 -16.84 -14.70 18.09
CA PHE BA 42 -17.35 -15.96 18.63
C PHE BA 42 -18.85 -16.08 18.49
N GLY BA 43 -19.49 -15.15 17.78
CA GLY BA 43 -20.94 -15.13 17.68
C GLY BA 43 -21.43 -15.68 16.35
N GLU BA 44 -22.70 -16.08 16.35
CA GLU BA 44 -23.35 -16.61 15.16
C GLU BA 44 -24.30 -15.61 14.53
N ARG BA 45 -24.22 -14.33 14.90
CA ARG BA 45 -25.11 -13.30 14.40
C ARG BA 45 -24.29 -12.09 13.98
N THR BA 46 -24.82 -11.34 13.02
CA THR BA 46 -24.15 -10.15 12.50
C THR BA 46 -25.11 -8.97 12.59
N GLY BA 47 -24.65 -7.81 12.13
CA GLY BA 47 -25.43 -6.59 12.19
C GLY BA 47 -25.30 -5.72 10.97
N TYR BA 48 -25.87 -4.52 11.02
CA TYR BA 48 -25.84 -3.61 9.89
C TYR BA 48 -26.42 -2.26 10.33
N ALA BA 49 -25.99 -1.20 9.64
CA ALA BA 49 -26.49 0.14 9.92
C ALA BA 49 -26.44 0.97 8.65
N ASP BA 50 -27.55 1.61 8.32
CA ASP BA 50 -27.66 2.47 7.16
C ASP BA 50 -27.35 3.90 7.56
N LEU BA 51 -26.31 4.48 6.97
CA LEU BA 51 -25.84 5.82 7.33
C LEU BA 51 -25.61 6.68 6.09
N GLY BA 52 -26.59 6.70 5.19
CA GLY BA 52 -26.60 7.71 4.15
C GLY BA 52 -26.58 7.19 2.73
N ILE BA 53 -26.86 8.08 1.79
CA ILE BA 53 -26.91 7.75 0.36
C ILE BA 53 -25.51 7.94 -0.22
N LYS BA 54 -25.22 7.20 -1.29
CA LYS BA 54 -23.93 7.25 -1.94
C LYS BA 54 -23.99 8.17 -3.15
N ILE BA 55 -22.93 8.97 -3.33
CA ILE BA 55 -22.88 9.92 -4.44
C ILE BA 55 -22.84 9.16 -5.75
N ARG BA 56 -23.63 9.62 -6.72
CA ARG BA 56 -23.74 8.95 -8.01
C ARG BA 56 -22.53 9.27 -8.89
N SER BA 57 -22.49 8.62 -10.05
CA SER BA 57 -21.49 8.93 -11.06
C SER BA 57 -22.03 8.49 -12.41
N TYR BA 58 -21.71 9.27 -13.44
CA TYR BA 58 -22.17 8.98 -14.80
C TYR BA 58 -20.98 8.93 -15.74
N SER BA 59 -21.12 8.17 -16.81
CA SER BA 59 -20.10 8.07 -17.83
C SER BA 59 -20.75 8.00 -19.20
N ILE BA 60 -20.22 8.76 -20.15
CA ILE BA 60 -20.77 8.83 -21.51
C ILE BA 60 -19.61 8.77 -22.50
N ARG BA 61 -19.93 8.28 -23.70
CA ARG BA 61 -18.98 8.24 -24.81
C ARG BA 61 -19.61 8.93 -26.00
N ALA BA 62 -18.87 9.84 -26.62
CA ALA BA 62 -19.37 10.65 -27.73
C ALA BA 62 -18.55 10.39 -28.98
N ARG BA 63 -19.23 10.40 -30.13
CA ARG BA 63 -18.60 10.18 -31.43
C ARG BA 63 -18.87 11.37 -32.33
N PHE BA 64 -17.85 11.78 -33.08
CA PHE BA 64 -17.96 12.81 -34.09
C PHE BA 64 -17.60 12.23 -35.44
N GLN BA 65 -18.47 12.44 -36.44
CA GLN BA 65 -18.26 11.90 -37.78
C GLN BA 65 -18.34 12.94 -38.88
N THR BA 66 -18.90 14.11 -38.64
CA THR BA 66 -19.06 15.10 -39.69
C THR BA 66 -17.70 15.62 -40.14
N ASN BA 67 -17.65 16.13 -41.38
CA ASN BA 67 -16.47 16.82 -41.85
C ASN BA 67 -16.02 17.83 -40.81
N ASP BA 68 -14.72 18.08 -40.77
CA ASP BA 68 -14.17 19.04 -39.80
C ASP BA 68 -14.53 18.62 -38.38
N HIS BA 69 -14.43 17.32 -38.10
CA HIS BA 69 -14.73 16.84 -36.76
C HIS BA 69 -13.77 17.39 -35.72
N VAL BA 70 -12.55 17.77 -36.12
CA VAL BA 70 -11.59 18.28 -35.15
C VAL BA 70 -12.06 19.61 -34.57
N ALA BA 71 -12.62 20.48 -35.41
CA ALA BA 71 -13.08 21.78 -34.92
C ALA BA 71 -14.20 21.63 -33.90
N LEU BA 72 -15.16 20.74 -34.17
CA LEU BA 72 -16.23 20.51 -33.20
C LEU BA 72 -15.69 19.86 -31.95
N SER BA 73 -14.91 18.79 -32.10
CA SER BA 73 -14.33 18.12 -30.94
C SER BA 73 -13.40 19.06 -30.18
N ASN BA 74 -12.49 19.72 -30.90
CA ASN BA 74 -11.56 20.65 -30.25
C ASN BA 74 -12.25 21.86 -29.66
N ALA BA 75 -13.51 22.13 -30.04
CA ALA BA 75 -14.27 23.21 -29.46
C ALA BA 75 -15.18 22.76 -28.33
N PHE BA 76 -15.56 21.47 -28.31
CA PHE BA 76 -16.35 20.96 -27.20
C PHE BA 76 -15.51 20.75 -25.95
N ILE BA 77 -14.23 20.45 -26.11
CA ILE BA 77 -13.35 20.27 -24.95
C ILE BA 77 -13.28 21.57 -24.16
N ALA BA 78 -13.26 22.71 -24.84
CA ALA BA 78 -13.20 23.99 -24.15
C ALA BA 78 -14.41 24.22 -23.26
N VAL BA 79 -15.51 23.48 -23.50
CA VAL BA 79 -16.68 23.60 -22.64
C VAL BA 79 -16.54 22.72 -21.41
N LEU BA 80 -15.94 21.53 -21.57
CA LEU BA 80 -15.74 20.65 -20.43
C LEU BA 80 -14.81 21.28 -19.41
N GLU BA 81 -13.76 21.96 -19.87
CA GLU BA 81 -12.78 22.56 -18.99
C GLU BA 81 -13.27 23.83 -18.32
N SER BA 82 -14.44 24.33 -18.69
CA SER BA 82 -14.98 25.54 -18.06
C SER BA 82 -15.13 25.33 -16.56
N THR BA 83 -15.36 26.43 -15.86
CA THR BA 83 -15.44 26.42 -14.41
C THR BA 83 -16.86 26.13 -13.92
N GLY BA 84 -16.95 25.43 -12.79
CA GLY BA 84 -18.21 25.20 -12.14
C GLY BA 84 -19.02 24.11 -12.80
N PRO BA 85 -20.02 23.59 -12.10
CA PRO BA 85 -20.90 22.57 -12.67
C PRO BA 85 -21.98 23.20 -13.55
N GLY BA 86 -22.64 22.34 -14.32
CA GLY BA 86 -23.70 22.79 -15.20
C GLY BA 86 -24.67 21.66 -15.48
N LEU BA 87 -25.81 22.04 -16.07
CA LEU BA 87 -26.85 21.08 -16.36
C LEU BA 87 -26.37 20.04 -17.38
N LEU BA 88 -26.75 18.79 -17.16
CA LEU BA 88 -26.42 17.70 -18.07
C LEU BA 88 -27.70 16.93 -18.37
N VAL BA 89 -27.96 16.69 -19.65
CA VAL BA 89 -29.14 15.95 -20.09
C VAL BA 89 -28.68 14.53 -20.36
N HIS BA 90 -28.78 13.67 -19.36
CA HIS BA 90 -28.40 12.28 -19.54
C HIS BA 90 -29.35 11.62 -20.54
N PRO BA 91 -28.86 10.72 -21.40
CA PRO BA 91 -29.75 10.11 -22.39
C PRO BA 91 -30.93 9.38 -21.78
N THR BA 92 -30.76 8.77 -20.61
CA THR BA 92 -31.81 7.99 -19.99
C THR BA 92 -32.25 8.51 -18.62
N ARG BA 93 -31.36 9.16 -17.88
CA ARG BA 93 -31.67 9.64 -16.53
C ARG BA 93 -32.26 11.04 -16.53
N GLY BA 94 -32.43 11.67 -17.69
CA GLY BA 94 -33.04 12.97 -17.77
C GLY BA 94 -32.10 14.06 -17.29
N PRO BA 95 -32.60 15.29 -17.18
CA PRO BA 95 -31.75 16.40 -16.73
C PRO BA 95 -31.21 16.16 -15.34
N VAL BA 96 -29.95 16.54 -15.14
CA VAL BA 96 -29.30 16.41 -13.84
C VAL BA 96 -28.02 17.24 -13.86
N MET BA 97 -27.67 17.86 -12.74
CA MET BA 97 -26.49 18.71 -12.67
C MET BA 97 -25.28 17.86 -12.29
N ALA BA 98 -24.19 18.02 -13.06
CA ALA BA 98 -22.99 17.24 -12.86
C ALA BA 98 -21.78 18.15 -13.02
N ALA BA 99 -20.59 17.55 -12.94
CA ALA BA 99 -19.34 18.28 -13.10
C ALA BA 99 -18.31 17.32 -13.68
N CYS BA 100 -17.81 17.63 -14.87
CA CYS BA 100 -16.85 16.74 -15.52
C CYS BA 100 -15.64 16.53 -14.63
N ARG BA 101 -15.20 15.27 -14.55
CA ARG BA 101 -14.06 14.91 -13.72
C ARG BA 101 -12.85 14.45 -14.51
N SER BA 102 -13.02 14.03 -15.76
CA SER BA 102 -11.91 13.65 -16.62
C SER BA 102 -12.46 13.40 -18.02
N ALA BA 103 -11.54 13.31 -18.98
CA ALA BA 103 -11.93 13.03 -20.36
C ALA BA 103 -10.72 12.60 -21.18
N ARG BA 104 -10.82 11.45 -21.82
CA ARG BA 104 -9.76 10.92 -22.68
C ARG BA 104 -10.20 11.05 -24.13
N VAL BA 105 -9.41 11.76 -24.93
CA VAL BA 105 -9.70 11.96 -26.35
C VAL BA 105 -8.81 11.03 -27.14
N THR BA 106 -9.43 10.19 -27.97
CA THR BA 106 -8.71 9.20 -28.77
C THR BA 106 -8.82 9.56 -30.24
N ASP BA 107 -7.71 9.47 -30.96
CA ASP BA 107 -7.68 9.82 -32.38
C ASP BA 107 -6.45 9.18 -33.01
N SER BA 108 -6.46 9.13 -34.34
CA SER BA 108 -5.36 8.57 -35.10
C SER BA 108 -5.41 9.16 -36.51
N LYS BA 109 -4.31 8.99 -37.24
CA LYS BA 109 -4.21 9.46 -38.61
C LYS BA 109 -4.11 8.35 -39.65
N VAL BA 110 -3.67 7.16 -39.27
CA VAL BA 110 -3.57 6.04 -40.18
C VAL BA 110 -4.51 4.91 -39.78
N ASP BA 111 -4.61 4.61 -38.49
CA ASP BA 111 -5.48 3.53 -38.04
C ASP BA 111 -6.95 3.91 -38.24
N ALA BA 112 -7.33 5.12 -37.83
CA ALA BA 112 -8.73 5.56 -37.94
C ALA BA 112 -8.71 7.07 -38.17
N ALA BA 113 -8.80 7.46 -39.43
CA ALA BA 113 -8.81 8.87 -39.82
C ALA BA 113 -10.22 9.27 -40.20
N GLY BA 114 -10.72 10.33 -39.57
CA GLY BA 114 -12.05 10.84 -39.83
C GLY BA 114 -13.05 10.68 -38.71
N VAL BA 115 -12.66 10.11 -37.58
CA VAL BA 115 -13.57 9.91 -36.46
C VAL BA 115 -12.80 10.13 -35.16
N THR BA 116 -13.41 10.86 -34.23
CA THR BA 116 -12.81 11.17 -32.95
C THR BA 116 -13.73 10.72 -31.83
N TYR BA 117 -13.19 9.93 -30.91
CA TYR BA 117 -13.94 9.42 -29.76
C TYR BA 117 -13.48 10.14 -28.50
N ILE BA 118 -14.40 10.26 -27.54
CA ILE BA 118 -14.09 10.92 -26.28
C ILE BA 118 -14.91 10.28 -25.17
N ASP BA 119 -14.24 9.77 -24.14
CA ASP BA 119 -14.89 9.16 -22.99
C ASP BA 119 -14.89 10.15 -21.84
N ILE BA 120 -16.05 10.30 -21.19
CA ILE BA 120 -16.22 11.30 -20.14
C ILE BA 120 -16.62 10.57 -18.86
N ASP BA 121 -16.41 11.27 -17.73
CA ASP BA 121 -16.71 10.72 -16.41
C ASP BA 121 -17.29 11.84 -15.56
N PHE BA 122 -18.60 11.90 -15.47
CA PHE BA 122 -19.28 12.97 -14.75
C PHE BA 122 -19.51 12.57 -13.29
N VAL BA 123 -19.98 13.54 -12.51
CA VAL BA 123 -20.25 13.33 -11.08
C VAL BA 123 -21.38 14.26 -10.69
N GLU BA 124 -22.33 13.74 -9.91
CA GLU BA 124 -23.41 14.57 -9.41
C GLU BA 124 -22.85 15.67 -8.51
N ALA BA 125 -23.39 16.88 -8.65
CA ALA BA 125 -22.90 18.04 -7.92
C ALA BA 125 -24.09 18.95 -7.60
N ASN BA 126 -24.56 18.91 -6.37
CA ASN BA 126 -25.67 19.75 -5.93
C ASN BA 126 -25.12 20.97 -5.21
N ASP BA 127 -25.64 22.14 -5.58
CA ASP BA 127 -25.13 23.38 -5.00
C ASP BA 127 -25.36 23.41 -3.49
N THR BA 128 -24.40 23.98 -2.78
CA THR BA 128 -24.47 24.14 -1.34
C THR BA 128 -24.09 25.55 -0.95
N VAL BA 129 -24.74 26.08 0.08
CA VAL BA 129 -24.45 27.42 0.56
C VAL BA 129 -23.08 27.41 1.22
N THR BA 130 -22.50 28.58 1.45
CA THR BA 130 -21.13 28.71 1.92
C THR BA 130 -21.02 28.95 3.42
N GLY BA 131 -22.14 28.98 4.14
CA GLY BA 131 -22.10 29.26 5.57
C GLY BA 131 -21.97 28.01 6.42
N PHE BA 132 -21.62 26.90 5.80
CA PHE BA 132 -21.49 25.60 6.45
C PHE BA 132 -22.59 25.39 7.49
N GLY BA 133 -23.84 25.53 7.02
CA GLY BA 133 -24.99 25.18 7.81
C GLY BA 133 -25.62 26.34 8.57
N LEU BA 134 -26.80 26.77 8.12
CA LEU BA 134 -27.57 27.80 8.80
C LEU BA 134 -29.03 27.41 8.92
N VAL BA 135 -29.33 26.11 8.97
CA VAL BA 135 -30.71 25.66 9.00
C VAL BA 135 -31.39 26.23 10.24
N GLY BA 136 -32.68 26.54 10.10
CA GLY BA 136 -33.43 27.08 11.21
C GLY BA 136 -33.79 26.01 12.23
N SER BA 137 -34.22 26.48 13.39
CA SER BA 137 -34.60 25.62 14.51
C SER BA 137 -36.09 25.75 14.77
N LEU BA 138 -36.75 24.60 14.95
CA LEU BA 138 -38.19 24.56 15.21
C LEU BA 138 -38.49 23.55 16.31
N ILE BA 139 -37.70 23.55 17.38
CA ILE BA 139 -37.90 22.65 18.51
C ILE BA 139 -37.91 23.39 19.85
N ALA BA 140 -37.70 24.70 19.86
CA ALA BA 140 -37.69 25.46 21.10
C ALA BA 140 -38.14 26.88 20.82
N LEU BA 141 -38.59 27.56 21.88
CA LEU BA 141 -39.05 28.93 21.78
C LEU BA 141 -37.91 29.90 22.06
N ALA BA 142 -38.16 31.17 21.76
CA ALA BA 142 -37.22 32.26 22.02
C ALA BA 142 -37.81 33.17 23.09
N LEU BA 143 -37.31 33.04 24.32
CA LEU BA 143 -37.81 33.83 25.43
C LEU BA 143 -36.96 35.06 25.72
N SER BA 144 -35.72 35.10 25.24
CA SER BA 144 -34.90 36.29 25.45
C SER BA 144 -35.52 37.55 24.87
N PRO BA 145 -36.12 37.53 23.66
CA PRO BA 145 -36.69 38.79 23.14
C PRO BA 145 -37.85 39.31 23.97
N ILE BA 146 -38.82 38.46 24.30
CA ILE BA 146 -39.99 38.92 25.03
C ILE BA 146 -39.60 39.41 26.42
N ILE BA 147 -38.71 38.67 27.10
CA ILE BA 147 -38.31 39.05 28.46
C ILE BA 147 -37.66 40.43 28.46
N THR BA 148 -36.74 40.67 27.52
CA THR BA 148 -36.13 41.99 27.42
C THR BA 148 -37.17 43.04 27.07
N ALA BA 149 -38.12 42.71 26.19
CA ALA BA 149 -39.18 43.65 25.86
C ALA BA 149 -40.01 44.01 27.07
N THR BA 150 -40.34 43.01 27.91
CA THR BA 150 -41.09 43.29 29.12
C THR BA 150 -40.31 44.19 30.06
N GLU BA 151 -39.00 43.97 30.18
CA GLU BA 151 -38.18 44.82 31.02
C GLU BA 151 -38.30 46.28 30.61
N GLU BA 152 -38.29 46.54 29.29
CA GLU BA 152 -38.41 47.91 28.81
C GLU BA 152 -39.71 48.54 29.27
N SER BA 153 -40.82 47.81 29.15
CA SER BA 153 -42.11 48.36 29.54
C SER BA 153 -42.19 48.58 31.05
N PHE BA 154 -41.77 47.58 31.82
CA PHE BA 154 -41.89 47.67 33.28
C PHE BA 154 -41.08 48.84 33.82
N LYS BA 155 -39.85 49.00 33.35
CA LYS BA 155 -39.01 50.09 33.82
C LYS BA 155 -39.58 51.45 33.44
N ARG BA 156 -40.31 51.51 32.32
CA ARG BA 156 -40.77 52.79 31.81
C ARG BA 156 -41.74 53.47 32.77
N TYR BA 157 -42.65 52.70 33.37
CA TYR BA 157 -43.74 53.26 34.17
C TYR BA 157 -43.56 53.08 35.67
N TYR BA 158 -43.13 51.91 36.12
CA TYR BA 158 -43.04 51.65 37.56
C TYR BA 158 -41.94 52.51 38.16
N SER BA 159 -42.33 53.55 38.88
CA SER BA 159 -41.38 54.47 39.52
C SER BA 159 -41.99 54.98 40.81
N PRO BA 160 -41.85 54.22 41.90
CA PRO BA 160 -42.52 54.60 43.15
C PRO BA 160 -42.04 55.91 43.74
N GLU BA 161 -40.86 56.38 43.36
CA GLU BA 161 -40.33 57.63 43.92
C GLU BA 161 -40.90 58.87 43.26
N ASN BA 162 -41.68 58.73 42.18
CA ASN BA 162 -42.28 59.87 41.51
C ASN BA 162 -43.80 59.90 41.61
N VAL BA 163 -44.44 58.77 41.90
CA VAL BA 163 -45.88 58.78 42.11
C VAL BA 163 -46.22 59.70 43.28
N ARG BA 164 -47.45 60.20 43.28
CA ARG BA 164 -47.89 61.09 44.35
C ARG BA 164 -47.74 60.42 45.70
N TYR BA 165 -47.29 61.19 46.69
CA TYR BA 165 -46.74 60.59 47.91
C TYR BA 165 -47.75 59.74 48.65
N TYR BA 166 -49.04 60.05 48.58
CA TYR BA 166 -50.05 59.28 49.31
C TYR BA 166 -50.49 58.03 48.55
N ASN BA 167 -49.69 57.61 47.57
CA ASN BA 167 -49.92 56.34 46.89
C ASN BA 167 -48.68 55.47 46.81
N SER BA 168 -47.52 55.93 47.29
CA SER BA 168 -46.32 55.11 47.22
C SER BA 168 -46.47 53.85 48.07
N GLU BA 169 -47.09 53.96 49.24
CA GLU BA 169 -47.22 52.80 50.12
C GLU BA 169 -48.03 51.70 49.45
N THR BA 170 -49.14 52.07 48.79
CA THR BA 170 -49.98 51.07 48.16
C THR BA 170 -49.26 50.39 46.99
N VAL BA 171 -48.54 51.17 46.19
CA VAL BA 171 -47.84 50.61 45.04
C VAL BA 171 -46.78 49.60 45.50
N ILE BA 172 -46.00 49.97 46.52
CA ILE BA 172 -44.97 49.07 47.03
C ILE BA 172 -45.60 47.81 47.60
N ALA BA 173 -46.70 47.97 48.35
CA ALA BA 173 -47.35 46.80 48.93
C ALA BA 173 -47.77 45.82 47.85
N THR BA 174 -48.23 46.32 46.70
CA THR BA 174 -48.60 45.43 45.60
C THR BA 174 -47.39 44.65 45.11
N MET BA 175 -46.23 45.31 44.99
CA MET BA 175 -45.04 44.61 44.52
C MET BA 175 -44.66 43.49 45.47
N ALA BA 176 -44.73 43.74 46.78
CA ALA BA 176 -44.39 42.68 47.73
C ALA BA 176 -45.30 41.48 47.56
N GLU BA 177 -46.58 41.71 47.29
CA GLU BA 177 -47.49 40.60 47.05
C GLU BA 177 -47.10 39.82 45.81
N ALA BA 178 -46.70 40.53 44.75
CA ALA BA 178 -46.35 39.85 43.51
C ALA BA 178 -45.19 38.89 43.72
N VAL BA 179 -44.16 39.31 44.45
CA VAL BA 179 -43.04 38.43 44.73
C VAL BA 179 -43.49 37.25 45.60
N GLN BA 180 -44.35 37.52 46.59
CA GLN BA 180 -44.82 36.45 47.46
C GLN BA 180 -45.48 35.34 46.66
N GLN BA 181 -46.17 35.68 45.57
CA GLN BA 181 -46.81 34.66 44.75
C GLN BA 181 -45.79 33.72 44.15
N VAL BA 182 -44.66 34.26 43.68
CA VAL BA 182 -43.60 33.40 43.15
C VAL BA 182 -42.99 32.56 44.25
N GLN BA 183 -42.83 33.13 45.44
CA GLN BA 183 -42.25 32.38 46.56
C GLN BA 183 -43.12 31.17 46.89
N THR BA 184 -44.44 31.36 46.94
CA THR BA 184 -45.33 30.25 47.23
C THR BA 184 -45.24 29.19 46.16
N GLY BA 185 -45.17 29.60 44.89
CA GLY BA 185 -45.09 28.62 43.81
C GLY BA 185 -43.85 27.75 43.91
N TYR BA 186 -42.70 28.37 44.18
CA TYR BA 186 -41.45 27.62 44.24
C TYR BA 186 -41.48 26.60 45.37
N LEU BA 187 -41.97 27.01 46.55
CA LEU BA 187 -41.97 26.11 47.69
C LEU BA 187 -42.85 24.90 47.44
N ALA BA 188 -43.87 25.03 46.59
CA ALA BA 188 -44.74 23.90 46.31
C ALA BA 188 -44.09 22.90 45.37
N LEU BA 189 -43.27 23.38 44.43
CA LEU BA 189 -42.72 22.51 43.40
C LEU BA 189 -41.62 21.61 43.96
N SER BA 190 -40.77 22.16 44.81
CA SER BA 190 -39.58 21.46 45.31
C SER BA 190 -39.80 20.89 46.71
N GLY BA 191 -41.00 20.39 46.99
CA GLY BA 191 -41.31 19.95 48.35
C GLY BA 191 -40.38 18.85 48.83
N ASN BA 192 -40.06 17.89 47.96
CA ASN BA 192 -39.29 16.72 48.34
C ASN BA 192 -37.80 16.88 48.12
N ASP BA 193 -37.35 18.06 47.68
CA ASP BA 193 -35.93 18.31 47.49
C ASP BA 193 -35.25 18.55 48.85
N THR BA 194 -34.01 18.07 48.96
CA THR BA 194 -33.23 18.27 50.18
C THR BA 194 -31.78 18.63 49.85
N SER BA 195 -31.56 19.25 48.70
CA SER BA 195 -30.21 19.66 48.33
C SER BA 195 -29.75 20.80 49.23
N GLN BA 196 -28.50 21.22 49.05
CA GLN BA 196 -27.95 22.34 49.78
C GLN BA 196 -28.31 23.68 49.17
N GLU BA 197 -28.83 23.70 47.94
CA GLU BA 197 -29.25 24.94 47.30
C GLU BA 197 -30.65 25.38 47.70
N LYS BA 198 -31.52 24.43 48.06
CA LYS BA 198 -32.87 24.81 48.48
C LYS BA 198 -32.83 25.70 49.72
N TRP BA 199 -31.96 25.38 50.67
CA TRP BA 199 -31.85 26.22 51.86
C TRP BA 199 -31.42 27.63 51.48
N THR BA 200 -30.45 27.75 50.56
CA THR BA 200 -29.97 29.08 50.17
C THR BA 200 -31.07 29.89 49.49
N ILE BA 201 -31.80 29.27 48.55
CA ILE BA 201 -32.85 29.99 47.84
C ILE BA 201 -33.93 30.44 48.82
N VAL BA 202 -34.33 29.57 49.74
CA VAL BA 202 -35.36 29.93 50.70
C VAL BA 202 -34.90 31.11 51.55
N ARG BA 203 -33.63 31.09 51.98
CA ARG BA 203 -33.11 32.21 52.75
C ARG BA 203 -33.13 33.49 51.92
N ASP BA 204 -32.78 33.40 50.64
CA ASP BA 204 -32.76 34.58 49.80
C ASP BA 204 -34.14 35.19 49.67
N PHE BA 205 -35.17 34.36 49.48
CA PHE BA 205 -36.53 34.87 49.41
C PHE BA 205 -36.94 35.56 50.70
N ARG BA 206 -36.61 34.94 51.85
CA ARG BA 206 -37.00 35.52 53.13
C ARG BA 206 -36.33 36.85 53.35
N ASN BA 207 -35.04 36.96 53.03
CA ASN BA 207 -34.29 38.19 53.28
C ASN BA 207 -34.87 39.36 52.49
N VAL BA 208 -35.17 39.13 51.22
CA VAL BA 208 -35.63 40.22 50.36
C VAL BA 208 -36.93 40.80 50.87
N LEU BA 209 -37.89 39.94 51.23
CA LEU BA 209 -39.18 40.42 51.69
C LEU BA 209 -39.05 41.16 53.02
N ILE BA 210 -38.21 40.68 53.93
CA ILE BA 210 -38.07 41.31 55.24
C ILE BA 210 -37.54 42.73 55.08
N ASP BA 211 -36.51 42.90 54.24
CA ASP BA 211 -35.98 44.24 53.99
C ASP BA 211 -37.02 45.10 53.31
N GLU BA 212 -37.09 46.37 53.69
CA GLU BA 212 -38.14 47.27 53.25
C GLU BA 212 -37.75 48.14 52.07
N PHE BA 213 -36.50 48.61 52.02
CA PHE BA 213 -36.09 49.54 50.98
C PHE BA 213 -35.77 48.86 49.66
N THR BA 214 -35.77 47.53 49.61
CA THR BA 214 -35.33 46.84 48.40
C THR BA 214 -36.19 47.19 47.20
N PHE BA 215 -37.48 47.49 47.41
CA PHE BA 215 -38.40 47.72 46.31
C PHE BA 215 -38.52 49.19 45.91
N PHE BA 216 -37.78 50.09 46.55
CA PHE BA 216 -37.78 51.48 46.15
C PHE BA 216 -37.01 51.72 44.86
N ASP BA 217 -36.25 50.74 44.39
CA ASP BA 217 -35.42 50.88 43.19
C ASP BA 217 -36.03 50.08 42.06
N PRO BA 218 -36.35 50.70 40.91
CA PRO BA 218 -36.86 49.89 39.80
C PRO BA 218 -35.91 48.79 39.38
N ALA BA 219 -34.61 49.04 39.43
CA ALA BA 219 -33.64 48.02 39.03
C ALA BA 219 -33.73 46.80 39.94
N ASN BA 220 -33.78 47.03 41.26
CA ASN BA 220 -33.88 45.91 42.19
C ASN BA 220 -35.19 45.15 42.01
N SER BA 221 -36.30 45.87 41.83
CA SER BA 221 -37.60 45.22 41.73
C SER BA 221 -37.64 44.28 40.53
N TRP BA 222 -37.16 44.74 39.37
CA TRP BA 222 -37.20 43.90 38.17
C TRP BA 222 -36.32 42.67 38.34
N ASN BA 223 -35.12 42.84 38.89
CA ASN BA 223 -34.20 41.71 39.00
C ASN BA 223 -34.78 40.59 39.86
N VAL BA 224 -35.41 40.95 40.98
CA VAL BA 224 -36.00 39.93 41.85
C VAL BA 224 -37.12 39.19 41.11
N LEU BA 225 -37.96 39.94 40.39
CA LEU BA 225 -39.08 39.32 39.69
C LEU BA 225 -38.59 38.35 38.62
N ARG BA 226 -37.59 38.76 37.83
CA ARG BA 226 -37.09 37.91 36.76
C ARG BA 226 -36.39 36.68 37.33
N ASN BA 227 -35.47 36.89 38.28
CA ASN BA 227 -34.73 35.76 38.84
C ASN BA 227 -35.66 34.80 39.57
N GLY BA 228 -36.64 35.33 40.30
CA GLY BA 228 -37.57 34.45 41.00
C GLY BA 228 -38.26 33.48 40.08
N PHE BA 229 -38.65 33.94 38.88
CA PHE BA 229 -39.30 33.05 37.92
C PHE BA 229 -38.32 32.01 37.39
N SER BA 230 -37.05 32.40 37.24
CA SER BA 230 -36.06 31.46 36.72
C SER BA 230 -35.92 30.25 37.64
N TYR BA 231 -35.88 30.48 38.94
CA TYR BA 231 -35.82 29.36 39.89
C TYR BA 231 -37.09 28.54 39.83
N LEU BA 232 -38.24 29.20 39.68
CA LEU BA 232 -39.51 28.47 39.58
C LEU BA 232 -39.54 27.56 38.38
N ASP BA 233 -39.06 28.03 37.23
CA ASP BA 233 -39.13 27.23 36.01
C ASP BA 233 -38.28 25.97 36.12
N SER BA 234 -37.09 26.09 36.71
CA SER BA 234 -36.17 24.97 36.79
C SER BA 234 -36.44 24.06 37.99
N ALA BA 235 -37.43 24.38 38.83
CA ALA BA 235 -37.73 23.54 39.98
C ALA BA 235 -38.21 22.15 39.54
N ALA BA 236 -39.05 22.10 38.51
CA ALA BA 236 -39.59 20.84 38.01
C ALA BA 236 -39.75 20.93 36.51
N VAL BA 237 -39.87 19.76 35.88
CA VAL BA 237 -39.96 19.65 34.43
C VAL BA 237 -41.24 18.90 34.08
N GLY BA 238 -42.03 19.47 33.17
CA GLY BA 238 -43.19 18.78 32.65
C GLY BA 238 -44.51 19.24 33.23
N GLN BA 239 -45.42 18.30 33.45
CA GLN BA 239 -46.77 18.64 33.87
C GLN BA 239 -46.82 19.25 35.26
N ASP BA 240 -45.75 19.11 36.05
CA ASP BA 240 -45.79 19.57 37.43
C ASP BA 240 -46.06 21.06 37.55
N LYS BA 241 -45.74 21.85 36.52
CA LYS BA 241 -45.85 23.30 36.60
C LYS BA 241 -47.18 23.84 36.11
N PHE BA 242 -48.06 23.00 35.56
CA PHE BA 242 -49.29 23.52 34.98
C PHE BA 242 -50.12 24.26 36.02
N THR BA 243 -50.39 23.62 37.16
CA THR BA 243 -51.25 24.25 38.17
C THR BA 243 -50.60 25.49 38.75
N ILE BA 244 -49.30 25.45 39.00
CA ILE BA 244 -48.64 26.56 39.67
C ILE BA 244 -48.71 27.82 38.82
N LEU BA 245 -48.43 27.70 37.53
CA LEU BA 245 -48.43 28.87 36.66
C LEU BA 245 -49.85 29.38 36.42
N ARG BA 246 -50.82 28.48 36.32
CA ARG BA 246 -52.19 28.90 36.10
C ARG BA 246 -52.69 29.74 37.28
N ASN BA 247 -52.31 29.37 38.50
CA ASN BA 247 -52.71 30.15 39.66
C ASN BA 247 -52.15 31.57 39.59
N ILE BA 248 -50.88 31.70 39.22
CA ILE BA 248 -50.26 33.02 39.15
C ILE BA 248 -50.94 33.89 38.11
N ILE BA 249 -51.24 33.31 36.95
CA ILE BA 249 -51.96 34.06 35.91
C ILE BA 249 -53.30 34.54 36.44
N ASN BA 250 -53.97 33.71 37.23
CA ASN BA 250 -55.24 34.11 37.81
C ASN BA 250 -55.08 35.34 38.69
N TRP BA 251 -54.03 35.36 39.52
CA TRP BA 251 -53.82 36.49 40.42
C TRP BA 251 -53.49 37.78 39.68
N SER BA 252 -52.96 37.68 38.46
CA SER BA 252 -52.48 38.84 37.73
C SER BA 252 -53.48 39.33 36.69
N SER BA 253 -54.75 38.97 36.83
CA SER BA 253 -55.80 39.44 35.94
C SER BA 253 -56.54 40.65 36.47
N SER BA 254 -56.13 41.18 37.63
CA SER BA 254 -56.78 42.34 38.21
C SER BA 254 -56.29 43.61 37.53
N HIS BA 255 -57.03 44.70 37.76
CA HIS BA 255 -56.67 46.01 37.24
C HIS BA 255 -56.75 47.04 38.36
N SER BA 256 -55.85 48.01 38.33
CA SER BA 256 -55.78 49.00 39.39
C SER BA 256 -56.98 49.94 39.35
N GLU BA 257 -57.35 50.44 40.52
CA GLU BA 257 -58.48 51.35 40.66
C GLU BA 257 -58.07 52.74 41.12
N LEU BA 258 -56.78 53.06 41.08
CA LEU BA 258 -56.32 54.41 41.38
C LEU BA 258 -56.54 55.27 40.13
N ASP BA 259 -56.00 56.49 40.14
CA ASP BA 259 -56.22 57.44 39.05
C ASP BA 259 -54.91 57.98 38.53
N GLY BA 260 -54.91 58.36 37.26
CA GLY BA 260 -53.77 59.04 36.68
C GLY BA 260 -52.54 58.17 36.65
N GLU BA 261 -51.37 58.82 36.78
CA GLU BA 261 -50.11 58.10 36.67
C GLU BA 261 -50.00 57.00 37.71
N SER BA 262 -50.56 57.22 38.90
CA SER BA 262 -50.48 56.20 39.95
C SER BA 262 -51.07 54.87 39.48
N ALA BA 263 -52.10 54.92 38.64
CA ALA BA 263 -52.67 53.69 38.11
C ALA BA 263 -51.67 52.95 37.23
N ASP BA 264 -50.93 53.69 36.40
CA ASP BA 264 -49.95 53.06 35.52
C ASP BA 264 -48.87 52.34 36.33
N ALA BA 265 -48.41 52.95 37.42
CA ALA BA 265 -47.38 52.32 38.23
C ALA BA 265 -47.85 51.01 38.85
N GLN BA 266 -49.16 50.81 38.96
CA GLN BA 266 -49.71 49.57 39.51
C GLN BA 266 -50.10 48.58 38.42
N ASN BA 267 -50.68 49.05 37.31
CA ASN BA 267 -50.98 48.14 36.21
C ASN BA 267 -49.70 47.56 35.61
N ALA BA 268 -48.57 48.24 35.77
CA ALA BA 268 -47.32 47.71 35.25
C ALA BA 268 -46.95 46.39 35.92
N ILE BA 269 -47.19 46.30 37.23
CA ILE BA 269 -46.88 45.05 37.94
C ILE BA 269 -47.77 43.92 37.45
N PHE BA 270 -49.07 44.18 37.32
CA PHE BA 270 -49.98 43.14 36.88
C PHE BA 270 -49.64 42.68 35.46
N SER BA 271 -49.43 43.63 34.55
CA SER BA 271 -49.17 43.27 33.16
C SER BA 271 -47.86 42.53 33.00
N ALA BA 272 -46.80 42.98 33.71
CA ALA BA 272 -45.50 42.34 33.57
C ALA BA 272 -45.54 40.90 34.05
N VAL BA 273 -46.19 40.65 35.18
CA VAL BA 273 -46.22 39.30 35.74
C VAL BA 273 -46.98 38.36 34.80
N ARG BA 274 -48.13 38.80 34.29
CA ARG BA 274 -48.95 37.91 33.46
C ARG BA 274 -48.20 37.51 32.19
N VAL BA 275 -47.52 38.45 31.56
CA VAL BA 275 -46.79 38.13 30.34
C VAL BA 275 -45.66 37.15 30.64
N LEU BA 276 -44.93 37.38 31.73
CA LEU BA 276 -43.86 36.46 32.09
C LEU BA 276 -44.40 35.06 32.39
N ALA BA 277 -45.51 34.99 33.13
CA ALA BA 277 -46.10 33.68 33.44
C ALA BA 277 -46.54 32.96 32.18
N THR BA 278 -47.17 33.68 31.25
CA THR BA 278 -47.63 33.05 30.02
C THR BA 278 -46.47 32.49 29.21
N ALA BA 279 -45.38 33.25 29.11
CA ALA BA 279 -44.23 32.78 28.35
C ALA BA 279 -43.67 31.50 28.94
N TYR BA 280 -43.51 31.45 30.27
CA TYR BA 280 -42.98 30.25 30.90
C TYR BA 280 -43.98 29.10 30.83
N LEU BA 281 -45.27 29.40 30.87
CA LEU BA 281 -46.27 28.34 30.72
C LEU BA 281 -46.17 27.69 29.34
N SER BA 282 -45.96 28.50 28.30
CA SER BA 282 -45.79 27.95 26.96
C SER BA 282 -44.60 27.01 26.91
N LYS BA 283 -43.48 27.40 27.53
CA LYS BA 283 -42.31 26.53 27.57
C LYS BA 283 -42.63 25.21 28.26
N ALA BA 284 -43.47 25.25 29.29
CA ALA BA 284 -43.85 24.02 29.97
C ALA BA 284 -44.60 23.08 29.04
N TYR BA 285 -45.52 23.63 28.24
CA TYR BA 285 -46.27 22.79 27.29
C TYR BA 285 -45.35 22.14 26.28
N MET BA 286 -44.20 22.77 26.00
CA MET BA 286 -43.27 22.22 25.03
C MET BA 286 -42.52 21.00 25.54
N GLU BA 287 -42.60 20.70 26.83
CA GLU BA 287 -41.87 19.60 27.44
C GLU BA 287 -42.73 18.36 27.62
N THR BA 288 -43.93 18.32 27.06
CA THR BA 288 -44.83 17.19 27.19
C THR BA 288 -45.34 16.76 25.82
N VAL BA 289 -45.64 15.48 25.70
CA VAL BA 289 -46.14 14.92 24.45
C VAL BA 289 -47.62 15.22 24.32
N ALA BA 290 -48.04 15.65 23.12
CA ALA BA 290 -49.44 15.94 22.88
C ALA BA 290 -50.24 14.66 22.86
N SER BA 291 -51.18 14.52 23.80
CA SER BA 291 -52.00 13.32 23.87
C SER BA 291 -52.85 13.15 22.62
N THR BA 292 -53.44 14.25 22.13
CA THR BA 292 -54.28 14.20 20.95
C THR BA 292 -54.19 15.54 20.23
N VAL BA 293 -54.48 15.50 18.93
CA VAL BA 293 -54.44 16.72 18.13
C VAL BA 293 -55.45 17.73 18.66
N ASN BA 294 -56.66 17.27 18.97
CA ASN BA 294 -57.69 18.16 19.50
C ASN BA 294 -57.27 18.74 20.84
N GLU BA 295 -56.73 17.90 21.73
CA GLU BA 295 -56.26 18.39 23.01
C GLU BA 295 -55.04 19.31 22.84
N GLY BA 296 -54.13 18.94 21.95
CA GLY BA 296 -52.94 19.75 21.75
C GLY BA 296 -53.25 21.15 21.26
N LEU BA 297 -54.25 21.29 20.37
CA LEU BA 297 -54.63 22.60 19.88
C LEU BA 297 -55.44 23.37 20.92
N ALA BA 298 -56.23 22.68 21.74
CA ALA BA 298 -56.97 23.36 22.80
C ALA BA 298 -56.01 24.04 23.76
N GLN BA 299 -54.88 23.40 24.07
CA GLN BA 299 -53.88 24.02 24.92
C GLN BA 299 -53.34 25.29 24.30
N TYR BA 300 -53.16 25.30 22.98
CA TYR BA 300 -52.63 26.49 22.32
C TYR BA 300 -53.61 27.65 22.39
N ASP BA 301 -54.89 27.40 22.11
CA ASP BA 301 -55.87 28.48 22.14
C ASP BA 301 -55.91 29.14 23.52
N GLN BA 302 -55.73 28.35 24.58
CA GLN BA 302 -55.72 28.90 25.92
C GLN BA 302 -54.61 29.94 26.10
N ILE BA 303 -53.54 29.83 25.32
CA ILE BA 303 -52.42 30.76 25.43
C ILE BA 303 -52.61 31.97 24.55
N ALA BA 304 -53.01 31.78 23.29
CA ALA BA 304 -53.15 32.90 22.37
C ALA BA 304 -54.15 33.92 22.90
N ALA BA 305 -55.20 33.46 23.58
CA ALA BA 305 -56.18 34.39 24.14
C ALA BA 305 -55.54 35.31 25.16
N ILE BA 306 -54.71 34.76 26.05
CA ILE BA 306 -54.09 35.58 27.09
C ILE BA 306 -53.15 36.59 26.47
N LEU BA 307 -52.33 36.17 25.50
CA LEU BA 307 -51.41 37.10 24.86
C LEU BA 307 -52.16 38.18 24.10
N GLU BA 308 -53.28 37.82 23.47
CA GLU BA 308 -54.07 38.79 22.74
C GLU BA 308 -54.63 39.85 23.67
N GLN BA 309 -55.10 39.44 24.86
CA GLN BA 309 -55.65 40.41 25.81
C GLN BA 309 -54.59 41.44 26.21
N GLU BA 310 -53.36 40.99 26.44
CA GLU BA 310 -52.30 41.91 26.83
C GLU BA 310 -52.00 42.90 25.72
N ALA BA 311 -52.03 42.44 24.47
CA ALA BA 311 -51.74 43.33 23.34
C ALA BA 311 -52.76 44.45 23.27
N GLN BA 312 -54.05 44.14 23.46
CA GLN BA 312 -55.07 45.17 23.41
C GLN BA 312 -54.87 46.20 24.52
N ILE BA 313 -54.52 45.74 25.73
CA ILE BA 313 -54.31 46.65 26.84
C ILE BA 313 -53.14 47.59 26.55
N ALA BA 314 -52.04 47.04 26.04
CA ALA BA 314 -50.85 47.85 25.76
C ALA BA 314 -51.04 48.78 24.57
N GLN BA 315 -52.13 48.63 23.81
CA GLN BA 315 -52.40 49.46 22.65
C GLN BA 315 -53.73 50.19 22.79
N GLU BA 316 -54.29 50.23 24.00
CA GLU BA 316 -55.60 50.83 24.19
C GLU BA 316 -55.60 52.31 23.78
N ASP BA 317 -54.60 53.05 24.24
CA ASP BA 317 -54.46 54.46 23.91
C ASP BA 317 -53.01 54.79 23.61
N CYS BA 318 -52.34 53.92 22.84
CA CYS BA 318 -50.92 54.05 22.58
C CYS BA 318 -50.15 54.16 23.90
N HIS BA 319 -50.57 53.37 24.89
CA HIS BA 319 -49.91 53.38 26.18
C HIS BA 319 -48.45 52.97 26.05
N ASP BA 320 -48.19 51.91 25.29
CA ASP BA 320 -46.82 51.46 25.04
C ASP BA 320 -46.81 50.82 23.65
N ASN BA 321 -46.49 51.61 22.64
CA ASN BA 321 -46.53 51.10 21.27
C ASN BA 321 -45.50 50.00 21.06
N GLU BA 322 -44.28 50.20 21.56
CA GLU BA 322 -43.24 49.20 21.35
C GLU BA 322 -43.60 47.87 21.99
N PHE BA 323 -44.17 47.91 23.20
CA PHE BA 323 -44.58 46.67 23.85
C PHE BA 323 -45.64 45.94 23.03
N PHE BA 324 -46.55 46.70 22.40
CA PHE BA 324 -47.58 46.06 21.57
C PHE BA 324 -46.95 45.28 20.42
N LEU BA 325 -45.94 45.86 19.78
CA LEU BA 325 -45.27 45.16 18.69
C LEU BA 325 -44.60 43.88 19.19
N SER BA 326 -43.91 43.97 20.33
CA SER BA 326 -43.21 42.79 20.85
C SER BA 326 -44.18 41.67 21.19
N ILE BA 327 -45.31 42.01 21.82
CA ILE BA 327 -46.30 40.98 22.16
C ILE BA 327 -46.81 40.31 20.89
N ARG BA 328 -47.13 41.11 19.87
CA ARG BA 328 -47.71 40.56 18.65
C ARG BA 328 -46.74 39.61 17.96
N GLU BA 329 -45.46 39.99 17.89
CA GLU BA 329 -44.48 39.13 17.24
C GLU BA 329 -44.27 37.83 18.01
N PHE BA 330 -44.28 37.91 19.35
CA PHE BA 330 -44.11 36.71 20.15
C PHE BA 330 -45.25 35.73 19.94
N SER BA 331 -46.48 36.23 19.79
CA SER BA 331 -47.64 35.35 19.65
C SER BA 331 -47.52 34.50 18.39
N VAL BA 332 -47.12 35.11 17.27
CA VAL BA 332 -47.00 34.34 16.03
C VAL BA 332 -45.88 33.31 16.16
N SER BA 333 -44.80 33.66 16.86
CA SER BA 333 -43.74 32.69 17.09
C SER BA 333 -44.25 31.50 17.91
N VAL BA 334 -45.07 31.78 18.93
CA VAL BA 334 -45.64 30.69 19.72
C VAL BA 334 -46.51 29.80 18.84
N ALA BA 335 -47.31 30.39 17.96
CA ALA BA 335 -48.17 29.60 17.09
C ALA BA 335 -47.37 28.70 16.18
N ARG BA 336 -46.24 29.19 15.67
CA ARG BA 336 -45.43 28.39 14.76
C ARG BA 336 -44.97 27.09 15.40
N VAL BA 337 -44.84 27.07 16.72
CA VAL BA 337 -44.36 25.90 17.44
C VAL BA 337 -45.51 25.06 17.99
N MET BA 338 -46.49 25.72 18.63
CA MET BA 338 -47.60 24.97 19.23
C MET BA 338 -48.36 24.17 18.19
N VAL BA 339 -48.67 24.79 17.05
CA VAL BA 339 -49.40 24.09 16.01
C VAL BA 339 -48.58 22.92 15.49
N ASN BA 340 -47.28 23.12 15.31
CA ASN BA 340 -46.42 22.04 14.83
C ASN BA 340 -46.40 20.87 15.80
N ARG BA 341 -46.32 21.16 17.10
CA ARG BA 341 -46.31 20.10 18.10
C ARG BA 341 -47.60 19.29 18.05
N ALA BA 342 -48.74 19.97 17.98
CA ALA BA 342 -50.02 19.26 18.01
C ALA BA 342 -50.17 18.35 16.80
N TYR BA 343 -49.81 18.84 15.62
CA TYR BA 343 -50.07 18.13 14.38
C TYR BA 343 -48.95 17.20 13.95
N ASN BA 344 -47.75 17.35 14.50
CA ASN BA 344 -46.60 16.65 13.95
C ASN BA 344 -45.64 16.07 14.99
N SER BA 345 -45.94 16.16 16.28
CA SER BA 345 -44.98 15.66 17.27
C SER BA 345 -44.88 14.13 17.16
N PRO BA 346 -45.94 13.38 17.45
CA PRO BA 346 -45.95 11.96 17.07
C PRO BA 346 -46.62 11.65 15.74
N ALA BA 347 -47.25 12.64 15.10
CA ALA BA 347 -47.93 12.44 13.82
C ALA BA 347 -49.05 11.41 13.94
N LEU BA 348 -50.04 11.76 14.75
CA LEU BA 348 -51.17 10.88 14.99
C LEU BA 348 -52.08 10.81 13.77
N ILE BA 349 -52.83 9.71 13.67
CA ILE BA 349 -53.82 9.49 12.62
C ILE BA 349 -54.94 8.65 13.18
N VAL BA 350 -56.13 8.80 12.61
CA VAL BA 350 -57.31 8.05 13.00
C VAL BA 350 -57.46 6.84 12.09
N TYR BA 351 -57.67 5.67 12.68
CA TYR BA 351 -57.92 4.44 11.95
C TYR BA 351 -59.40 4.09 12.01
N SER BA 352 -59.81 3.14 11.17
CA SER BA 352 -61.20 2.71 11.07
C SER BA 352 -61.24 1.19 11.08
N PHE BA 353 -61.35 0.61 12.27
CA PHE BA 353 -61.44 -0.83 12.41
C PHE BA 353 -62.85 -1.32 12.14
N PRO BA 354 -63.01 -2.61 11.83
CA PRO BA 354 -64.36 -3.16 11.62
C PRO BA 354 -65.11 -3.51 12.88
N GLY BA 355 -64.64 -3.08 14.05
CA GLY BA 355 -65.31 -3.39 15.30
C GLY BA 355 -64.36 -3.27 16.46
N THR BA 356 -64.94 -3.33 17.66
CA THR BA 356 -64.15 -3.20 18.86
C THR BA 356 -63.17 -4.37 18.98
N MET BA 357 -61.99 -4.08 19.51
CA MET BA 357 -60.95 -5.09 19.67
C MET BA 357 -60.11 -4.75 20.89
N HIS BA 358 -59.40 -5.75 21.39
CA HIS BA 358 -58.52 -5.55 22.53
C HIS BA 358 -57.38 -4.61 22.18
N SER BA 359 -56.83 -3.97 23.20
CA SER BA 359 -55.69 -3.08 22.99
C SER BA 359 -54.49 -3.85 22.46
N LEU BA 360 -54.26 -5.05 22.99
CA LEU BA 360 -53.11 -5.84 22.56
C LEU BA 360 -53.21 -6.19 21.08
N VAL BA 361 -54.39 -6.64 20.64
CA VAL BA 361 -54.55 -7.03 19.25
C VAL BA 361 -54.41 -5.82 18.33
N VAL BA 362 -54.95 -4.68 18.75
CA VAL BA 362 -54.88 -3.48 17.91
C VAL BA 362 -53.43 -3.08 17.69
N ALA BA 363 -52.63 -3.13 18.75
CA ALA BA 363 -51.21 -2.75 18.63
C ALA BA 363 -50.48 -3.67 17.66
N TRP BA 364 -50.73 -4.97 17.76
CA TRP BA 364 -50.04 -5.91 16.89
C TRP BA 364 -50.41 -5.69 15.43
N GLU BA 365 -51.70 -5.49 15.15
CA GLU BA 365 -52.16 -5.36 13.77
C GLU BA 365 -51.53 -4.14 13.10
N ILE BA 366 -51.54 -3.00 13.80
CA ILE BA 366 -51.11 -1.74 13.18
C ILE BA 366 -49.59 -1.74 13.03
N PHE BA 367 -48.88 -1.82 14.15
CA PHE BA 367 -47.43 -1.66 14.14
C PHE BA 367 -46.70 -2.97 13.86
N GLY BA 368 -47.14 -4.06 14.47
CA GLY BA 368 -46.44 -5.32 14.38
C GLY BA 368 -45.69 -5.73 15.63
N ASP BA 369 -46.04 -5.17 16.79
CA ASP BA 369 -45.37 -5.52 18.04
C ASP BA 369 -46.35 -5.22 19.17
N ALA BA 370 -46.86 -6.27 19.82
CA ALA BA 370 -47.87 -6.08 20.85
C ALA BA 370 -47.35 -5.30 22.04
N LYS BA 371 -46.04 -5.22 22.22
CA LYS BA 371 -45.47 -4.49 23.35
C LYS BA 371 -45.69 -2.99 23.26
N ARG BA 372 -46.13 -2.49 22.11
CA ARG BA 372 -46.38 -1.06 21.93
C ARG BA 372 -47.79 -0.65 22.36
N SER BA 373 -48.60 -1.59 22.85
CA SER BA 373 -49.96 -1.25 23.25
C SER BA 373 -49.99 -0.23 24.38
N ARG BA 374 -48.89 -0.06 25.11
CA ARG BA 374 -48.88 0.89 26.23
C ARG BA 374 -49.20 2.30 25.74
N GLU BA 375 -48.89 2.62 24.49
CA GLU BA 375 -49.10 3.98 23.99
C GLU BA 375 -50.57 4.30 23.74
N LEU BA 376 -51.40 3.29 23.47
CA LEU BA 376 -52.80 3.53 23.14
C LEU BA 376 -53.65 3.89 24.34
N GLU BA 377 -53.14 3.71 25.56
CA GLU BA 377 -53.96 3.95 26.75
C GLU BA 377 -54.37 5.41 26.85
N GLY BA 378 -53.43 6.33 26.63
CA GLY BA 378 -53.69 7.73 26.89
C GLY BA 378 -54.53 8.44 25.85
N ARG BA 379 -54.59 7.90 24.63
CA ARG BA 379 -55.27 8.61 23.54
C ARG BA 379 -56.71 8.16 23.35
N ASN BA 380 -57.02 6.89 23.56
CA ASN BA 380 -58.34 6.35 23.34
C ASN BA 380 -59.02 6.06 24.66
N THR BA 381 -60.27 6.48 24.80
CA THR BA 381 -61.08 6.13 25.96
C THR BA 381 -61.58 4.71 25.79
N GLY BA 382 -62.46 4.26 26.67
CA GLY BA 382 -62.96 2.90 26.61
C GLY BA 382 -62.07 1.94 27.36
N ALA BA 383 -62.63 0.81 27.78
CA ALA BA 383 -61.86 -0.15 28.54
C ALA BA 383 -60.79 -0.79 27.66
N PRO BA 384 -59.77 -1.39 28.27
CA PRO BA 384 -58.71 -2.02 27.47
C PRO BA 384 -59.22 -3.14 26.58
N TRP BA 385 -60.38 -3.71 26.86
CA TRP BA 385 -60.93 -4.80 26.08
C TRP BA 385 -62.00 -4.35 25.09
N ALA BA 386 -62.23 -3.03 24.96
CA ALA BA 386 -63.28 -2.53 24.10
C ALA BA 386 -62.82 -1.30 23.31
N ILE BA 387 -61.54 -1.22 22.96
CA ILE BA 387 -61.05 -0.08 22.19
C ILE BA 387 -61.59 -0.17 20.76
N GLY BA 388 -62.12 0.94 20.27
CA GLY BA 388 -62.64 1.00 18.93
C GLY BA 388 -64.02 1.63 18.87
N PRO BA 389 -64.67 1.56 17.70
CA PRO BA 389 -64.17 0.94 16.47
C PRO BA 389 -63.23 1.86 15.69
N LYS BA 390 -63.00 3.06 16.20
CA LYS BA 390 -62.07 4.01 15.60
C LYS BA 390 -60.94 4.26 16.59
N VAL BA 391 -59.69 4.06 16.14
CA VAL BA 391 -58.53 4.09 17.00
C VAL BA 391 -57.61 5.22 16.54
N ILE BA 392 -57.08 5.97 17.50
CA ILE BA 392 -56.11 7.02 17.24
C ILE BA 392 -54.74 6.45 17.59
N ALA BA 393 -53.86 6.35 16.59
CA ALA BA 393 -52.55 5.75 16.76
C ALA BA 393 -51.52 6.57 15.99
N GLU BA 394 -50.28 6.10 16.01
CA GLU BA 394 -49.17 6.80 15.38
C GLU BA 394 -49.03 6.39 13.92
N ARG BA 395 -48.37 7.24 13.14
CA ARG BA 395 -48.12 6.95 11.74
C ARG BA 395 -47.02 5.91 11.61
N VAL BA 396 -47.27 4.89 10.79
CA VAL BA 396 -46.23 3.92 10.45
C VAL BA 396 -45.33 4.53 9.39
N ARG BA 397 -44.03 4.58 9.67
CA ARG BA 397 -43.05 5.22 8.79
C ARG BA 397 -41.93 4.24 8.46
N ALA BA 398 -42.31 3.06 7.99
CA ALA BA 398 -41.34 2.04 7.61
C ALA BA 398 -40.39 2.55 6.54
N MET CA 1 -30.51 -30.06 -15.94
CA MET CA 1 -30.55 -30.94 -14.74
C MET CA 1 -30.82 -32.37 -15.20
N ALA CA 2 -30.46 -33.34 -14.37
CA ALA CA 2 -30.62 -34.74 -14.74
C ALA CA 2 -32.03 -34.97 -15.29
N GLY CA 3 -32.14 -35.86 -16.28
CA GLY CA 3 -33.39 -36.12 -16.92
C GLY CA 3 -33.85 -34.93 -17.74
N PRO CA 4 -34.70 -35.17 -18.74
CA PRO CA 4 -35.21 -34.08 -19.57
C PRO CA 4 -36.54 -33.48 -19.11
N CYS CA 5 -37.04 -33.84 -17.93
CA CYS CA 5 -38.32 -33.36 -17.43
C CYS CA 5 -38.15 -32.20 -16.46
N TYR CA 6 -37.18 -31.34 -16.69
CA TYR CA 6 -36.94 -30.18 -15.83
C TYR CA 6 -37.85 -29.02 -16.25
N ASN CA 7 -38.40 -28.33 -15.25
CA ASN CA 7 -39.27 -27.17 -15.46
C ASN CA 7 -38.71 -26.02 -14.64
N PRO CA 8 -37.81 -25.22 -15.23
CA PRO CA 8 -37.11 -24.22 -14.41
C PRO CA 8 -38.04 -23.26 -13.68
N ASN CA 9 -39.20 -22.93 -14.25
CA ASN CA 9 -40.14 -22.06 -13.56
C ASN CA 9 -40.65 -22.67 -12.27
N GLU CA 10 -40.48 -23.99 -12.08
CA GLU CA 10 -40.97 -24.69 -10.91
C GLU CA 10 -39.94 -24.77 -9.79
N HIS CA 11 -38.67 -24.48 -10.07
CA HIS CA 11 -37.61 -24.62 -9.09
C HIS CA 11 -36.95 -23.31 -8.69
N TYR CA 12 -37.03 -22.27 -9.51
CA TYR CA 12 -36.45 -20.97 -9.20
C TYR CA 12 -37.55 -20.02 -8.76
N LEU CA 13 -37.39 -19.44 -7.57
CA LEU CA 13 -38.37 -18.51 -7.06
C LEU CA 13 -38.32 -17.20 -7.86
N PRO CA 14 -39.44 -16.47 -7.92
CA PRO CA 14 -39.42 -15.17 -8.60
C PRO CA 14 -38.77 -14.10 -7.74
N ALA CA 15 -37.91 -13.30 -8.36
CA ALA CA 15 -37.16 -12.30 -7.62
C ALA CA 15 -38.06 -11.16 -7.18
N SER CA 16 -37.58 -10.38 -6.22
CA SER CA 16 -38.31 -9.23 -5.69
C SER CA 16 -37.40 -8.54 -4.69
N PHE CA 17 -37.76 -7.30 -4.35
CA PHE CA 17 -37.02 -6.53 -3.35
C PHE CA 17 -37.92 -5.42 -2.85
N LYS CA 18 -38.23 -5.44 -1.56
CA LYS CA 18 -39.13 -4.47 -0.93
C LYS CA 18 -40.52 -4.52 -1.54
N GLY CA 19 -40.87 -5.61 -2.22
CA GLY CA 19 -42.20 -5.82 -2.74
C GLY CA 19 -42.35 -5.57 -4.23
N VAL CA 20 -41.42 -4.86 -4.85
CA VAL CA 20 -41.48 -4.55 -6.28
C VAL CA 20 -40.88 -5.73 -7.04
N PRO CA 21 -41.63 -6.41 -7.90
CA PRO CA 21 -41.04 -7.52 -8.65
C PRO CA 21 -40.04 -7.04 -9.69
N PHE CA 22 -39.10 -7.92 -10.02
CA PHE CA 22 -38.17 -7.69 -11.11
C PHE CA 22 -37.69 -9.03 -11.64
N ASP CA 23 -37.15 -9.01 -12.85
CA ASP CA 23 -36.72 -10.23 -13.52
C ASP CA 23 -35.24 -10.46 -13.27
N ALA CA 24 -34.91 -11.59 -12.66
CA ALA CA 24 -33.53 -11.92 -12.33
C ALA CA 24 -32.89 -12.70 -13.47
N ASP CA 25 -31.55 -12.64 -13.51
CA ASP CA 25 -30.80 -13.32 -14.56
C ASP CA 25 -29.61 -14.11 -14.04
N SER CA 26 -29.22 -13.95 -12.78
CA SER CA 26 -28.11 -14.70 -12.20
C SER CA 26 -28.28 -14.70 -10.69
N SER CA 27 -27.52 -15.55 -10.02
CA SER CA 27 -27.65 -15.70 -8.57
C SER CA 27 -26.36 -16.28 -8.02
N ASP CA 28 -25.70 -15.53 -7.14
CA ASP CA 28 -24.49 -15.98 -6.48
C ASP CA 28 -24.63 -15.74 -4.97
N SER CA 29 -23.63 -16.19 -4.23
CA SER CA 29 -23.59 -16.01 -2.78
C SER CA 29 -22.16 -16.19 -2.32
N GLU CA 30 -21.93 -15.96 -1.03
CA GLU CA 30 -20.59 -16.11 -0.46
C GLU CA 30 -20.74 -16.42 1.03
N HIS CA 31 -20.29 -17.60 1.43
CA HIS CA 31 -20.36 -18.03 2.82
C HIS CA 31 -18.97 -18.48 3.27
N GLY CA 32 -18.75 -18.44 4.57
CA GLY CA 32 -17.47 -18.81 5.11
C GLY CA 32 -17.47 -18.75 6.62
N ARG CA 33 -16.28 -18.91 7.19
CA ARG CA 33 -16.11 -18.93 8.64
C ARG CA 33 -14.75 -18.35 8.97
N ASN CA 34 -14.73 -17.40 9.91
CA ASN CA 34 -13.52 -16.66 10.25
C ASN CA 34 -12.57 -17.55 11.05
N GLY CA 35 -11.38 -17.77 10.52
CA GLY CA 35 -10.36 -18.54 11.20
C GLY CA 35 -9.23 -17.67 11.71
N ALA CA 36 -8.38 -18.27 12.53
CA ALA CA 36 -7.23 -17.59 13.13
C ALA CA 36 -6.00 -18.49 13.09
N GLU CA 37 -5.76 -19.10 11.93
CA GLU CA 37 -4.66 -20.04 11.79
C GLU CA 37 -3.35 -19.42 12.29
N ALA CA 38 -2.46 -20.26 12.79
CA ALA CA 38 -1.20 -19.80 13.34
C ALA CA 38 -0.16 -20.91 13.20
N GLU CA 39 1.08 -20.51 12.89
CA GLU CA 39 2.20 -21.44 12.77
C GLU CA 39 3.35 -20.93 13.63
N PHE CA 40 3.97 -21.85 14.35
CA PHE CA 40 5.01 -21.51 15.31
C PHE CA 40 6.39 -21.54 14.64
N VAL CA 41 7.38 -21.07 15.38
CA VAL CA 41 8.75 -21.01 14.87
C VAL CA 41 9.45 -22.33 15.17
N PHE CA 42 10.13 -22.88 14.17
CA PHE CA 42 10.87 -24.14 14.25
C PHE CA 42 9.97 -25.35 14.40
N GLY CA 43 8.67 -25.17 14.52
CA GLY CA 43 7.78 -26.29 14.82
C GLY CA 43 7.31 -27.02 13.58
N GLU CA 44 7.00 -28.30 13.78
CA GLU CA 44 6.45 -29.15 12.73
C GLU CA 44 4.94 -29.29 12.85
N ARG CA 45 4.30 -28.52 13.72
CA ARG CA 45 2.87 -28.58 13.95
C ARG CA 45 2.29 -27.19 13.90
N THR CA 46 1.04 -27.10 13.44
CA THR CA 46 0.32 -25.84 13.32
C THR CA 46 -0.92 -25.87 14.21
N GLY CA 47 -1.68 -24.77 14.19
CA GLY CA 47 -2.87 -24.66 15.00
C GLY CA 47 -4.02 -24.01 14.26
N TYR CA 48 -5.11 -23.73 14.98
CA TYR CA 48 -6.29 -23.12 14.37
C TYR CA 48 -7.28 -22.77 15.47
N ALA CA 49 -8.11 -21.77 15.20
CA ALA CA 49 -9.16 -21.36 16.11
C ALA CA 49 -10.33 -20.81 15.31
N ASP CA 50 -11.50 -20.80 15.93
CA ASP CA 50 -12.74 -20.36 15.29
C ASP CA 50 -13.20 -19.07 15.95
N LEU CA 51 -13.52 -18.07 15.14
CA LEU CA 51 -13.88 -16.74 15.64
C LEU CA 51 -15.25 -16.28 15.14
N GLY CA 52 -16.12 -17.20 14.79
CA GLY CA 52 -17.50 -16.87 14.44
C GLY CA 52 -17.75 -16.94 12.95
N ILE CA 53 -19.01 -16.70 12.60
CA ILE CA 53 -19.46 -16.81 11.22
C ILE CA 53 -19.07 -15.55 10.44
N LYS CA 54 -18.96 -15.71 9.12
CA LYS CA 54 -18.66 -14.60 8.23
C LYS CA 54 -19.93 -14.10 7.57
N ILE CA 55 -19.97 -12.79 7.32
CA ILE CA 55 -21.18 -12.16 6.78
C ILE CA 55 -21.35 -12.56 5.32
N ARG CA 56 -22.59 -12.86 4.94
CA ARG CA 56 -22.91 -13.26 3.57
C ARG CA 56 -22.99 -12.06 2.65
N SER CA 57 -23.00 -12.33 1.35
CA SER CA 57 -23.20 -11.30 0.35
C SER CA 57 -23.79 -11.94 -0.90
N TYR CA 58 -24.81 -11.29 -1.46
CA TYR CA 58 -25.50 -11.80 -2.64
C TYR CA 58 -25.33 -10.81 -3.79
N SER CA 59 -25.22 -11.36 -4.99
CA SER CA 59 -25.11 -10.56 -6.22
C SER CA 59 -26.10 -11.08 -7.23
N ILE CA 60 -26.86 -10.17 -7.85
CA ILE CA 60 -27.90 -10.53 -8.81
C ILE CA 60 -27.78 -9.62 -10.03
N ARG CA 61 -28.29 -10.11 -11.15
CA ARG CA 61 -28.30 -9.36 -12.40
C ARG CA 61 -29.72 -9.39 -12.95
N ALA CA 62 -30.23 -8.22 -13.34
CA ALA CA 62 -31.61 -8.08 -13.79
C ALA CA 62 -31.62 -7.58 -15.23
N ARG CA 63 -32.60 -8.07 -15.99
CA ARG CA 63 -32.74 -7.72 -17.40
C ARG CA 63 -34.13 -7.16 -17.66
N PHE CA 64 -34.19 -6.08 -18.44
CA PHE CA 64 -35.44 -5.48 -18.86
C PHE CA 64 -35.50 -5.48 -20.38
N GLN CA 65 -36.60 -5.98 -20.93
CA GLN CA 65 -36.77 -6.07 -22.38
C GLN CA 65 -38.04 -5.39 -22.87
N THR CA 66 -39.15 -5.51 -22.14
CA THR CA 66 -40.42 -5.02 -22.62
C THR CA 66 -40.32 -3.58 -23.08
N ASN CA 67 -41.25 -3.18 -23.95
CA ASN CA 67 -41.37 -1.78 -24.36
C ASN CA 67 -41.32 -0.87 -23.15
N ASP CA 68 -40.78 0.33 -23.32
CA ASP CA 68 -40.72 1.31 -22.24
C ASP CA 68 -39.94 0.75 -21.05
N HIS CA 69 -38.76 0.22 -21.35
CA HIS CA 69 -37.89 -0.32 -20.31
C HIS CA 69 -37.22 0.79 -19.50
N VAL CA 70 -37.02 1.96 -20.09
CA VAL CA 70 -36.36 3.05 -19.37
C VAL CA 70 -37.19 3.47 -18.17
N ALA CA 71 -38.52 3.47 -18.31
CA ALA CA 71 -39.37 3.87 -17.20
C ALA CA 71 -39.32 2.86 -16.07
N LEU CA 72 -39.47 1.57 -16.39
CA LEU CA 72 -39.36 0.54 -15.37
C LEU CA 72 -37.97 0.52 -14.76
N SER CA 73 -36.94 0.61 -15.60
CA SER CA 73 -35.58 0.66 -15.08
C SER CA 73 -35.35 1.91 -14.26
N ASN CA 74 -35.70 3.08 -14.80
CA ASN CA 74 -35.52 4.33 -14.08
C ASN CA 74 -36.39 4.42 -12.84
N ALA CA 75 -37.46 3.62 -12.76
CA ALA CA 75 -38.31 3.60 -11.58
C ALA CA 75 -37.87 2.58 -10.55
N PHE CA 76 -37.17 1.53 -10.97
CA PHE CA 76 -36.67 0.55 -10.02
C PHE CA 76 -35.45 1.06 -9.27
N ILE CA 77 -34.63 1.89 -9.91
CA ILE CA 77 -33.46 2.45 -9.23
C ILE CA 77 -33.89 3.30 -8.05
N ALA CA 78 -35.07 3.91 -8.13
CA ALA CA 78 -35.59 4.69 -7.01
C ALA CA 78 -35.91 3.85 -5.80
N VAL CA 79 -35.98 2.53 -5.94
CA VAL CA 79 -36.23 1.64 -4.81
C VAL CA 79 -34.92 1.17 -4.18
N LEU CA 80 -33.90 0.91 -4.99
CA LEU CA 80 -32.61 0.52 -4.43
C LEU CA 80 -32.01 1.62 -3.58
N GLU CA 81 -32.32 2.88 -3.88
CA GLU CA 81 -31.78 4.01 -3.15
C GLU CA 81 -32.60 4.37 -1.92
N SER CA 82 -33.71 3.68 -1.66
CA SER CA 82 -34.52 3.99 -0.50
C SER CA 82 -33.77 3.65 0.78
N THR CA 83 -34.07 4.39 1.84
CA THR CA 83 -33.36 4.24 3.10
C THR CA 83 -33.71 2.92 3.78
N GLY CA 84 -32.71 2.32 4.40
CA GLY CA 84 -32.92 1.15 5.23
C GLY CA 84 -32.92 -0.15 4.45
N PRO CA 85 -32.79 -1.27 5.15
CA PRO CA 85 -32.85 -2.57 4.48
C PRO CA 85 -34.28 -2.99 4.21
N GLY CA 86 -34.41 -4.09 3.46
CA GLY CA 86 -35.71 -4.62 3.11
C GLY CA 86 -35.62 -6.08 2.71
N LEU CA 87 -36.78 -6.72 2.68
CA LEU CA 87 -36.83 -8.14 2.35
C LEU CA 87 -36.41 -8.38 0.90
N LEU CA 88 -35.58 -9.39 0.70
CA LEU CA 88 -35.13 -9.78 -0.63
C LEU CA 88 -35.48 -11.25 -0.85
N VAL CA 89 -36.18 -11.53 -1.94
CA VAL CA 89 -36.57 -12.89 -2.30
C VAL CA 89 -35.52 -13.40 -3.28
N HIS CA 90 -34.49 -14.03 -2.75
CA HIS CA 90 -33.44 -14.57 -3.60
C HIS CA 90 -34.02 -15.67 -4.48
N PRO CA 91 -33.60 -15.79 -5.74
CA PRO CA 91 -34.18 -16.82 -6.61
C PRO CA 91 -34.00 -18.23 -6.08
N THR CA 92 -32.90 -18.51 -5.38
CA THR CA 92 -32.62 -19.85 -4.88
C THR CA 92 -32.50 -19.93 -3.37
N ARG CA 93 -32.07 -18.86 -2.70
CA ARG CA 93 -31.89 -18.87 -1.25
C ARG CA 93 -33.16 -18.53 -0.48
N GLY CA 94 -34.26 -18.24 -1.17
CA GLY CA 94 -35.50 -17.91 -0.51
C GLY CA 94 -35.45 -16.51 0.09
N PRO CA 95 -36.49 -16.15 0.83
CA PRO CA 95 -36.51 -14.81 1.44
C PRO CA 95 -35.36 -14.62 2.40
N VAL CA 96 -34.80 -13.41 2.39
CA VAL CA 96 -33.68 -13.08 3.27
C VAL CA 96 -33.58 -11.56 3.34
N MET CA 97 -33.27 -11.06 4.54
CA MET CA 97 -33.19 -9.62 4.76
C MET CA 97 -31.82 -9.13 4.30
N ALA CA 98 -31.81 -8.20 3.35
CA ALA CA 98 -30.58 -7.70 2.77
C ALA CA 98 -30.67 -6.19 2.55
N ALA CA 99 -29.51 -5.57 2.36
CA ALA CA 99 -29.42 -4.15 2.07
C ALA CA 99 -28.50 -3.94 0.88
N CYS CA 100 -28.95 -3.14 -0.08
CA CYS CA 100 -28.17 -2.89 -1.28
C CYS CA 100 -26.88 -2.15 -0.93
N ARG CA 101 -25.84 -2.38 -1.74
CA ARG CA 101 -24.54 -1.76 -1.53
C ARG CA 101 -23.96 -1.11 -2.76
N SER CA 102 -24.43 -1.43 -3.96
CA SER CA 102 -23.99 -0.79 -5.19
C SER CA 102 -24.87 -1.29 -6.32
N ALA CA 103 -24.82 -0.56 -7.44
CA ALA CA 103 -25.59 -0.95 -8.62
C ALA CA 103 -25.04 -0.22 -9.83
N ARG CA 104 -24.68 -0.98 -10.86
CA ARG CA 104 -24.17 -0.42 -12.12
C ARG CA 104 -25.22 -0.65 -13.20
N VAL CA 105 -25.64 0.42 -13.86
CA VAL CA 105 -26.63 0.36 -14.93
C VAL CA 105 -25.91 0.50 -16.25
N THR CA 106 -26.13 -0.46 -17.15
CA THR CA 106 -25.48 -0.48 -18.45
C THR CA 106 -26.53 -0.26 -19.54
N ASP CA 107 -26.21 0.62 -20.50
CA ASP CA 107 -27.14 0.95 -21.56
C ASP CA 107 -26.36 1.49 -22.75
N SER CA 108 -27.03 1.51 -23.90
CA SER CA 108 -26.45 2.04 -25.12
C SER CA 108 -27.58 2.42 -26.06
N LYS CA 109 -27.23 3.19 -27.10
CA LYS CA 109 -28.19 3.61 -28.11
C LYS CA 109 -27.93 3.00 -29.48
N VAL CA 110 -26.68 2.65 -29.80
CA VAL CA 110 -26.33 2.08 -31.08
C VAL CA 110 -25.87 0.63 -30.95
N ASP CA 111 -25.02 0.35 -29.97
CA ASP CA 111 -24.56 -1.03 -29.79
C ASP CA 111 -25.70 -1.95 -29.36
N ALA CA 112 -26.56 -1.49 -28.44
CA ALA CA 112 -27.64 -2.31 -27.93
C ALA CA 112 -28.77 -1.37 -27.50
N ALA CA 113 -29.80 -1.26 -28.33
CA ALA CA 113 -30.96 -0.44 -28.05
C ALA CA 113 -32.17 -1.33 -27.81
N GLY CA 114 -32.85 -1.14 -26.69
CA GLY CA 114 -34.01 -1.91 -26.34
C GLY CA 114 -33.82 -2.89 -25.19
N VAL CA 115 -32.72 -2.81 -24.46
CA VAL CA 115 -32.47 -3.70 -23.33
C VAL CA 115 -31.56 -2.98 -22.35
N THR CA 116 -31.86 -3.14 -21.06
CA THR CA 116 -31.11 -2.48 -20.00
C THR CA 116 -30.68 -3.53 -18.98
N TYR CA 117 -29.39 -3.57 -18.67
CA TYR CA 117 -28.83 -4.47 -17.68
C TYR CA 117 -28.44 -3.69 -16.43
N ILE CA 118 -28.64 -4.31 -15.28
CA ILE CA 118 -28.29 -3.67 -14.01
C ILE CA 118 -27.74 -4.71 -13.05
N ASP CA 119 -26.45 -4.60 -12.72
CA ASP CA 119 -25.80 -5.49 -11.76
C ASP CA 119 -25.97 -4.94 -10.36
N ILE CA 120 -26.15 -5.83 -9.39
CA ILE CA 120 -26.41 -5.44 -8.01
C ILE CA 120 -25.50 -6.25 -7.09
N ASP CA 121 -25.26 -5.69 -5.91
CA ASP CA 121 -24.41 -6.33 -4.89
C ASP CA 121 -25.08 -6.14 -3.54
N PHE CA 122 -25.73 -7.18 -3.04
CA PHE CA 122 -26.47 -7.11 -1.81
C PHE CA 122 -25.62 -7.57 -0.63
N VAL CA 123 -26.11 -7.31 0.58
CA VAL CA 123 -25.43 -7.69 1.81
C VAL CA 123 -26.49 -8.03 2.85
N GLU CA 124 -26.25 -9.11 3.60
CA GLU CA 124 -27.16 -9.46 4.68
C GLU CA 124 -27.15 -8.37 5.74
N ALA CA 125 -28.33 -8.07 6.29
CA ALA CA 125 -28.46 -7.00 7.28
C ALA CA 125 -29.57 -7.41 8.26
N ASN CA 126 -29.16 -7.88 9.44
CA ASN CA 126 -30.10 -8.26 10.48
C ASN CA 126 -30.26 -7.11 11.46
N ASP CA 127 -31.51 -6.81 11.82
CA ASP CA 127 -31.78 -5.69 12.70
C ASP CA 127 -31.18 -5.92 14.07
N THR CA 128 -30.77 -4.83 14.72
CA THR CA 128 -30.19 -4.88 16.04
C THR CA 128 -30.74 -3.73 16.88
N VAL CA 129 -30.76 -3.92 18.19
CA VAL CA 129 -31.19 -2.88 19.11
C VAL CA 129 -30.14 -1.77 19.12
N THR CA 130 -30.49 -0.62 19.68
CA THR CA 130 -29.65 0.57 19.60
C THR CA 130 -28.82 0.83 20.85
N GLY CA 131 -29.08 0.13 21.94
CA GLY CA 131 -28.33 0.35 23.17
C GLY CA 131 -27.14 -0.58 23.29
N PHE CA 132 -26.49 -0.87 22.16
CA PHE CA 132 -25.41 -1.85 22.07
C PHE CA 132 -25.70 -3.06 22.95
N GLY CA 133 -26.86 -3.67 22.71
CA GLY CA 133 -27.27 -4.87 23.40
C GLY CA 133 -27.84 -4.59 24.78
N LEU CA 134 -28.86 -5.36 25.18
CA LEU CA 134 -29.40 -5.30 26.53
C LEU CA 134 -29.74 -6.70 27.02
N VAL CA 135 -28.85 -7.65 26.77
CA VAL CA 135 -29.14 -9.04 27.13
C VAL CA 135 -29.33 -9.16 28.64
N GLY CA 136 -30.05 -10.22 29.04
CA GLY CA 136 -30.32 -10.49 30.44
C GLY CA 136 -29.33 -11.46 31.04
N SER CA 137 -29.27 -11.47 32.36
CA SER CA 137 -28.35 -12.32 33.12
C SER CA 137 -29.13 -13.41 33.83
N LEU CA 138 -28.67 -14.65 33.67
CA LEU CA 138 -29.32 -15.80 34.30
C LEU CA 138 -28.28 -16.74 34.88
N ILE CA 139 -27.28 -16.19 35.56
CA ILE CA 139 -26.18 -16.97 36.12
C ILE CA 139 -26.02 -16.69 37.60
N ALA CA 140 -26.80 -15.73 38.13
CA ALA CA 140 -26.69 -15.37 39.53
C ALA CA 140 -28.04 -14.84 40.01
N LEU CA 141 -28.22 -14.89 41.34
CA LEU CA 141 -29.43 -14.41 41.96
C LEU CA 141 -29.33 -12.92 42.29
N ALA CA 142 -30.45 -12.32 42.67
CA ALA CA 142 -30.52 -10.94 43.09
C ALA CA 142 -30.91 -10.91 44.55
N LEU CA 143 -29.95 -10.62 45.43
CA LEU CA 143 -30.18 -10.58 46.87
C LEU CA 143 -30.45 -9.18 47.39
N SER CA 144 -30.00 -8.14 46.69
CA SER CA 144 -30.26 -6.78 47.15
C SER CA 144 -31.75 -6.50 47.31
N PRO CA 145 -32.63 -6.92 46.42
CA PRO CA 145 -34.06 -6.58 46.61
C PRO CA 145 -34.65 -7.18 47.87
N ILE CA 146 -34.43 -8.47 48.12
CA ILE CA 146 -35.02 -9.11 49.28
C ILE CA 146 -34.41 -8.56 50.57
N ILE CA 147 -33.09 -8.33 50.57
CA ILE CA 147 -32.43 -7.86 51.78
C ILE CA 147 -33.00 -6.50 52.19
N THR CA 148 -33.16 -5.59 51.22
CA THR CA 148 -33.78 -4.31 51.53
C THR CA 148 -35.22 -4.49 51.97
N ALA CA 149 -35.95 -5.41 51.35
CA ALA CA 149 -37.33 -5.66 51.75
C ALA CA 149 -37.40 -6.14 53.20
N THR CA 150 -36.47 -7.02 53.59
CA THR CA 150 -36.45 -7.49 54.97
C THR CA 150 -36.19 -6.35 55.93
N GLU CA 151 -35.28 -5.43 55.57
CA GLU CA 151 -34.96 -4.30 56.42
C GLU CA 151 -36.21 -3.51 56.77
N GLU CA 152 -37.03 -3.20 55.76
CA GLU CA 152 -38.22 -2.40 55.99
C GLU CA 152 -39.18 -3.10 56.94
N SER CA 153 -39.38 -4.41 56.75
CA SER CA 153 -40.28 -5.16 57.61
C SER CA 153 -39.76 -5.21 59.03
N PHE CA 154 -38.48 -5.54 59.20
CA PHE CA 154 -37.92 -5.67 60.54
C PHE CA 154 -37.99 -4.35 61.30
N LYS CA 155 -37.66 -3.24 60.63
CA LYS CA 155 -37.72 -1.94 61.28
C LYS CA 155 -39.13 -1.59 61.70
N ARG CA 156 -40.14 -2.11 61.00
CA ARG CA 156 -41.51 -1.69 61.24
C ARG CA 156 -41.99 -2.07 62.64
N TYR CA 157 -41.64 -3.27 63.10
CA TYR CA 157 -42.19 -3.83 64.33
C TYR CA 157 -41.20 -3.88 65.48
N TYR CA 158 -39.93 -4.18 65.22
CA TYR CA 158 -38.95 -4.29 66.29
C TYR CA 158 -38.68 -2.89 66.86
N SER CA 159 -39.15 -2.66 68.09
CA SER CA 159 -38.98 -1.37 68.76
C SER CA 159 -38.98 -1.60 70.26
N PRO CA 160 -37.82 -1.97 70.82
CA PRO CA 160 -37.79 -2.30 72.25
C PRO CA 160 -38.12 -1.15 73.17
N GLU CA 161 -37.99 0.10 72.70
CA GLU CA 161 -38.26 1.26 73.54
C GLU CA 161 -39.74 1.60 73.65
N ASN CA 162 -40.60 0.91 72.89
CA ASN CA 162 -42.04 1.16 72.93
C ASN CA 162 -42.85 0.01 73.47
N VAL CA 163 -42.33 -1.23 73.42
CA VAL CA 163 -43.05 -2.36 73.99
C VAL CA 163 -43.25 -2.14 75.49
N ARG CA 164 -44.25 -2.83 76.04
CA ARG CA 164 -44.54 -2.70 77.47
C ARG CA 164 -43.30 -3.04 78.29
N TYR CA 165 -43.07 -2.25 79.35
CA TYR CA 165 -41.76 -2.24 79.98
C TYR CA 165 -41.37 -3.59 80.56
N TYR CA 166 -42.32 -4.39 81.03
CA TYR CA 166 -42.01 -5.68 81.65
C TYR CA 166 -41.79 -6.77 80.61
N ASN CA 167 -41.57 -6.39 79.35
CA ASN CA 167 -41.16 -7.32 78.31
C ASN CA 167 -39.96 -6.85 77.52
N SER CA 168 -39.44 -5.65 77.76
CA SER CA 168 -38.30 -5.17 76.99
C SER CA 168 -37.07 -6.04 77.23
N GLU CA 169 -36.86 -6.47 78.48
CA GLU CA 169 -35.68 -7.27 78.78
C GLU CA 169 -35.66 -8.57 77.99
N THR CA 170 -36.81 -9.24 77.89
CA THR CA 170 -36.86 -10.50 77.16
C THR CA 170 -36.61 -10.28 75.67
N VAL CA 171 -37.18 -9.22 75.10
CA VAL CA 171 -37.02 -8.96 73.67
C VAL CA 171 -35.55 -8.73 73.34
N ILE CA 172 -34.88 -7.90 74.14
CA ILE CA 172 -33.47 -7.64 73.89
C ILE CA 172 -32.65 -8.92 74.03
N ALA CA 173 -32.97 -9.74 75.03
CA ALA CA 173 -32.24 -10.99 75.22
C ALA CA 173 -32.34 -11.87 73.98
N THR CA 174 -33.52 -11.93 73.35
CA THR CA 174 -33.67 -12.72 72.14
C THR CA 174 -32.76 -12.22 71.02
N MET CA 175 -32.67 -10.89 70.86
CA MET CA 175 -31.80 -10.34 69.83
C MET CA 175 -30.34 -10.72 70.09
N ALA CA 176 -29.91 -10.65 71.34
CA ALA CA 176 -28.53 -11.01 71.67
C ALA CA 176 -28.26 -12.46 71.29
N GLU CA 177 -29.20 -13.35 71.56
CA GLU CA 177 -29.02 -14.75 71.19
C GLU CA 177 -28.92 -14.91 69.68
N ALA CA 178 -29.73 -14.17 68.93
CA ALA CA 178 -29.73 -14.30 67.47
C ALA CA 178 -28.36 -13.96 66.90
N VAL CA 179 -27.74 -12.89 67.39
CA VAL CA 179 -26.41 -12.52 66.91
C VAL CA 179 -25.40 -13.60 67.29
N GLN CA 180 -25.51 -14.16 68.50
CA GLN CA 180 -24.59 -15.20 68.91
C GLN CA 180 -24.59 -16.38 67.95
N GLN CA 181 -25.75 -16.69 67.37
CA GLN CA 181 -25.82 -17.80 66.42
C GLN CA 181 -24.93 -17.56 65.22
N VAL CA 182 -24.91 -16.32 64.72
CA VAL CA 182 -24.04 -15.98 63.61
C VAL CA 182 -22.58 -16.04 64.03
N GLN CA 183 -22.28 -15.61 65.25
CA GLN CA 183 -20.90 -15.65 65.72
C GLN CA 183 -20.37 -17.08 65.75
N THR CA 184 -21.19 -18.02 66.26
CA THR CA 184 -20.76 -19.42 66.30
C THR CA 184 -20.53 -19.95 64.89
N GLY CA 185 -21.40 -19.60 63.95
CA GLY CA 185 -21.23 -20.08 62.59
C GLY CA 185 -19.94 -19.58 61.96
N TYR CA 186 -19.66 -18.28 62.11
CA TYR CA 186 -18.46 -17.72 61.51
C TYR CA 186 -17.20 -18.36 62.07
N LEU CA 187 -17.14 -18.53 63.39
CA LEU CA 187 -15.95 -19.09 64.01
C LEU CA 187 -15.70 -20.51 63.53
N ALA CA 188 -16.75 -21.25 63.17
CA ALA CA 188 -16.57 -22.62 62.71
C ALA CA 188 -16.04 -22.68 61.28
N LEU CA 189 -16.49 -21.74 60.44
CA LEU CA 189 -16.14 -21.81 59.02
C LEU CA 189 -14.68 -21.47 58.78
N SER CA 190 -14.13 -20.51 59.53
CA SER CA 190 -12.79 -19.99 59.30
C SER CA 190 -11.80 -20.51 60.34
N GLY CA 191 -11.92 -21.78 60.72
CA GLY CA 191 -11.07 -22.31 61.78
C GLY CA 191 -9.60 -22.24 61.45
N ASN CA 192 -9.24 -22.59 60.22
CA ASN CA 192 -7.84 -22.70 59.82
C ASN CA 192 -7.27 -21.40 59.27
N ASP CA 193 -8.04 -20.32 59.23
CA ASP CA 193 -7.53 -19.04 58.79
C ASP CA 193 -6.69 -18.40 59.88
N THR CA 194 -5.63 -17.69 59.46
CA THR CA 194 -4.75 -17.02 60.40
C THR CA 194 -4.33 -15.64 59.91
N SER CA 195 -5.07 -15.04 58.98
CA SER CA 195 -4.74 -13.72 58.49
C SER CA 195 -4.99 -12.68 59.58
N GLN CA 196 -4.59 -11.44 59.29
CA GLN CA 196 -4.75 -10.36 60.26
C GLN CA 196 -6.19 -9.87 60.36
N GLU CA 197 -7.02 -10.15 59.36
CA GLU CA 197 -8.41 -9.70 59.40
C GLU CA 197 -9.26 -10.53 60.35
N LYS CA 198 -8.93 -11.81 60.53
CA LYS CA 198 -9.73 -12.66 61.40
C LYS CA 198 -9.72 -12.13 62.83
N TRP CA 199 -8.56 -11.69 63.32
CA TRP CA 199 -8.50 -11.16 64.68
C TRP CA 199 -9.41 -9.95 64.82
N THR CA 200 -9.41 -9.06 63.84
CA THR CA 200 -10.24 -7.86 63.93
C THR CA 200 -11.72 -8.21 63.98
N ILE CA 201 -12.17 -9.13 63.12
CA ILE CA 201 -13.58 -9.50 63.09
C ILE CA 201 -13.99 -10.14 64.42
N VAL CA 202 -13.15 -11.03 64.93
CA VAL CA 202 -13.47 -11.68 66.21
C VAL CA 202 -13.60 -10.65 67.31
N ARG CA 203 -12.69 -9.66 67.34
CA ARG CA 203 -12.80 -8.60 68.33
C ARG CA 203 -14.09 -7.83 68.18
N ASP CA 204 -14.51 -7.54 66.95
CA ASP CA 204 -15.74 -6.80 66.72
C ASP CA 204 -16.94 -7.54 67.29
N PHE CA 205 -17.00 -8.85 67.08
CA PHE CA 205 -18.10 -9.63 67.64
C PHE CA 205 -18.10 -9.57 69.16
N ARG CA 206 -16.93 -9.70 69.77
CA ARG CA 206 -16.85 -9.70 71.23
C ARG CA 206 -17.29 -8.36 71.80
N ASN CA 207 -16.87 -7.27 71.18
CA ASN CA 207 -17.20 -5.94 71.71
C ASN CA 207 -18.71 -5.70 71.69
N VAL CA 208 -19.36 -6.06 70.58
CA VAL CA 208 -20.79 -5.77 70.45
C VAL CA 208 -21.60 -6.52 71.49
N LEU CA 209 -21.29 -7.81 71.69
CA LEU CA 209 -22.03 -8.59 72.66
C LEU CA 209 -21.84 -8.06 74.07
N ILE CA 210 -20.62 -7.66 74.42
CA ILE CA 210 -20.36 -7.17 75.77
C ILE CA 210 -21.17 -5.91 76.05
N ASP CA 211 -21.17 -4.97 75.11
CA ASP CA 211 -21.92 -3.73 75.29
C ASP CA 211 -23.40 -4.03 75.40
N GLU CA 212 -24.05 -3.39 76.36
CA GLU CA 212 -25.45 -3.68 76.65
C GLU CA 212 -26.42 -2.75 75.94
N PHE CA 213 -26.01 -1.53 75.61
CA PHE CA 213 -26.89 -0.55 75.00
C PHE CA 213 -26.95 -0.66 73.47
N THR CA 214 -26.12 -1.51 72.87
CA THR CA 214 -26.04 -1.54 71.41
C THR CA 214 -27.36 -1.93 70.78
N PHE CA 215 -28.17 -2.76 71.46
CA PHE CA 215 -29.38 -3.31 70.88
C PHE CA 215 -30.63 -2.50 71.19
N PHE CA 216 -30.50 -1.37 71.89
CA PHE CA 216 -31.64 -0.50 72.14
C PHE CA 216 -32.05 0.31 70.91
N ASP CA 217 -31.22 0.33 69.87
CA ASP CA 217 -31.49 1.13 68.68
C ASP CA 217 -31.82 0.20 67.51
N PRO CA 218 -33.00 0.33 66.89
CA PRO CA 218 -33.27 -0.52 65.73
C PRO CA 218 -32.25 -0.38 64.62
N ALA CA 219 -31.71 0.83 64.42
CA ALA CA 219 -30.72 1.02 63.36
C ALA CA 219 -29.46 0.20 63.64
N ASN CA 220 -28.99 0.22 64.88
CA ASN CA 220 -27.79 -0.54 65.21
C ASN CA 220 -28.03 -2.04 65.09
N SER CA 221 -29.18 -2.50 65.57
CA SER CA 221 -29.44 -3.95 65.57
C SER CA 221 -29.45 -4.51 64.16
N TRP CA 222 -30.12 -3.82 63.23
CA TRP CA 222 -30.18 -4.32 61.86
C TRP CA 222 -28.81 -4.37 61.22
N ASN CA 223 -27.99 -3.34 61.43
CA ASN CA 223 -26.68 -3.29 60.80
C ASN CA 223 -25.81 -4.46 61.27
N VAL CA 224 -25.85 -4.78 62.56
CA VAL CA 224 -25.07 -5.90 63.07
C VAL CA 224 -25.55 -7.21 62.45
N LEU CA 225 -26.87 -7.39 62.35
CA LEU CA 225 -27.41 -8.62 61.79
C LEU CA 225 -27.03 -8.78 60.33
N ARG CA 226 -27.15 -7.70 59.55
CA ARG CA 226 -26.85 -7.80 58.13
C ARG CA 226 -25.36 -8.00 57.88
N ASN CA 227 -24.52 -7.19 58.52
CA ASN CA 227 -23.08 -7.30 58.32
C ASN CA 227 -22.56 -8.65 58.79
N GLY CA 228 -23.07 -9.14 59.92
CA GLY CA 228 -22.61 -10.43 60.43
C GLY CA 228 -22.82 -11.54 59.43
N PHE CA 229 -23.97 -11.55 58.77
CA PHE CA 229 -24.23 -12.56 57.74
C PHE CA 229 -23.29 -12.39 56.56
N SER CA 230 -22.96 -11.15 56.21
CA SER CA 230 -22.06 -10.92 55.09
C SER CA 230 -20.70 -11.57 55.33
N TYR CA 231 -20.17 -11.44 56.55
CA TYR CA 231 -18.92 -12.11 56.88
C TYR CA 231 -19.08 -13.62 56.84
N LEU CA 232 -20.22 -14.12 57.31
CA LEU CA 232 -20.45 -15.57 57.31
C LEU CA 232 -20.47 -16.12 55.89
N ASP CA 233 -20.97 -15.36 54.92
CA ASP CA 233 -21.08 -15.84 53.56
C ASP CA 233 -19.72 -15.92 52.87
N SER CA 234 -18.82 -14.99 53.15
CA SER CA 234 -17.51 -14.96 52.51
C SER CA 234 -16.46 -15.77 53.24
N ALA CA 235 -16.81 -16.42 54.36
CA ALA CA 235 -15.84 -17.22 55.08
C ALA CA 235 -15.37 -18.40 54.24
N ALA CA 236 -16.29 -19.06 53.53
CA ALA CA 236 -15.94 -20.21 52.71
C ALA CA 236 -16.87 -20.24 51.50
N VAL CA 237 -16.46 -21.01 50.49
CA VAL CA 237 -17.19 -21.11 49.23
C VAL CA 237 -17.52 -22.58 48.99
N GLY CA 238 -18.79 -22.85 48.70
CA GLY CA 238 -19.22 -24.19 48.33
C GLY CA 238 -19.99 -24.92 49.40
N GLN CA 239 -19.76 -26.24 49.50
CA GLN CA 239 -20.53 -27.08 50.41
C GLN CA 239 -20.23 -26.78 51.87
N ASP CA 240 -19.14 -26.07 52.17
CA ASP CA 240 -18.75 -25.86 53.56
C ASP CA 240 -19.84 -25.14 54.34
N LYS CA 241 -20.68 -24.36 53.67
CA LYS CA 241 -21.69 -23.55 54.34
C LYS CA 241 -23.03 -24.27 54.50
N PHE CA 242 -23.18 -25.46 53.93
CA PHE CA 242 -24.49 -26.12 53.97
C PHE CA 242 -24.93 -26.38 55.41
N THR CA 243 -24.07 -27.02 56.20
CA THR CA 243 -24.46 -27.38 57.56
C THR CA 243 -24.69 -26.13 58.42
N ILE CA 244 -23.81 -25.14 58.29
CA ILE CA 244 -23.88 -23.96 59.16
C ILE CA 244 -25.20 -23.22 58.95
N LEU CA 245 -25.56 -22.98 57.68
CA LEU CA 245 -26.78 -22.25 57.41
C LEU CA 245 -28.02 -23.06 57.80
N ARG CA 246 -27.97 -24.38 57.61
CA ARG CA 246 -29.12 -25.21 57.98
C ARG CA 246 -29.39 -25.13 59.48
N ASN CA 247 -28.33 -25.13 60.29
CA ASN CA 247 -28.52 -25.04 61.74
C ASN CA 247 -29.20 -23.74 62.12
N ILE CA 248 -28.80 -22.63 61.52
CA ILE CA 248 -29.39 -21.34 61.87
C ILE CA 248 -30.87 -21.33 61.54
N ILE CA 249 -31.26 -21.95 60.43
CA ILE CA 249 -32.67 -22.01 60.07
C ILE CA 249 -33.46 -22.74 61.14
N ASN CA 250 -32.91 -23.84 61.66
CA ASN CA 250 -33.61 -24.60 62.69
C ASN CA 250 -33.91 -23.73 63.90
N TRP CA 251 -32.91 -22.98 64.38
CA TRP CA 251 -33.10 -22.15 65.56
C TRP CA 251 -34.11 -21.04 65.32
N SER CA 252 -34.31 -20.63 64.07
CA SER CA 252 -35.19 -19.52 63.75
C SER CA 252 -36.60 -19.96 63.38
N SER CA 253 -36.95 -21.22 63.62
CA SER CA 253 -38.29 -21.71 63.34
C SER CA 253 -39.22 -21.58 64.53
N SER CA 254 -38.74 -21.03 65.65
CA SER CA 254 -39.59 -20.87 66.82
C SER CA 254 -40.56 -19.70 66.63
N HIS CA 255 -41.57 -19.66 67.47
CA HIS CA 255 -42.56 -18.59 67.48
C HIS CA 255 -42.74 -18.08 68.90
N SER CA 256 -42.89 -16.77 69.03
CA SER CA 256 -42.98 -16.15 70.35
C SER CA 256 -44.30 -16.51 71.03
N GLU CA 257 -44.30 -16.43 72.36
CA GLU CA 257 -45.46 -16.77 73.17
C GLU CA 257 -45.95 -15.61 74.01
N LEU CA 258 -45.47 -14.40 73.77
CA LEU CA 258 -45.99 -13.21 74.45
C LEU CA 258 -47.29 -12.80 73.76
N ASP CA 259 -47.80 -11.61 74.10
CA ASP CA 259 -49.09 -11.17 73.60
C ASP CA 259 -48.97 -9.78 72.97
N GLY CA 260 -49.83 -9.52 71.99
CA GLY CA 260 -49.92 -8.20 71.41
C GLY CA 260 -48.61 -7.74 70.82
N GLU CA 261 -48.23 -6.51 71.12
CA GLU CA 261 -47.04 -5.92 70.52
C GLU CA 261 -45.80 -6.73 70.84
N SER CA 262 -45.66 -7.17 72.09
CA SER CA 262 -44.47 -7.93 72.48
C SER CA 262 -44.27 -9.14 71.59
N ALA CA 263 -45.36 -9.79 71.16
CA ALA CA 263 -45.22 -10.92 70.24
C ALA CA 263 -44.67 -10.48 68.90
N ASP CA 264 -45.17 -9.36 68.37
CA ASP CA 264 -44.68 -8.87 67.09
C ASP CA 264 -43.21 -8.46 67.18
N ALA CA 265 -42.83 -7.81 68.28
CA ALA CA 265 -41.44 -7.39 68.44
C ALA CA 265 -40.49 -8.57 68.53
N GLN CA 266 -40.99 -9.75 68.93
CA GLN CA 266 -40.15 -10.94 69.03
C GLN CA 266 -40.22 -11.83 67.79
N ASN CA 267 -41.36 -11.82 67.07
CA ASN CA 267 -41.44 -12.58 65.84
C ASN CA 267 -40.62 -11.94 64.72
N ALA CA 268 -40.38 -10.64 64.81
CA ALA CA 268 -39.58 -9.97 63.78
C ALA CA 268 -38.16 -10.53 63.74
N ILE CA 269 -37.58 -10.81 64.91
CA ILE CA 269 -36.23 -11.34 64.96
C ILE CA 269 -36.18 -12.71 64.30
N PHE CA 270 -37.13 -13.58 64.65
CA PHE CA 270 -37.14 -14.92 64.08
C PHE CA 270 -37.38 -14.88 62.58
N SER CA 271 -38.38 -14.12 62.14
CA SER CA 271 -38.72 -14.11 60.72
C SER CA 271 -37.60 -13.52 59.88
N ALA CA 272 -36.99 -12.43 60.34
CA ALA CA 272 -35.92 -11.81 59.58
C ALA CA 272 -34.73 -12.75 59.44
N VAL CA 273 -34.37 -13.44 60.53
CA VAL CA 273 -33.22 -14.33 60.50
C VAL CA 273 -33.44 -15.46 59.50
N ARG CA 274 -34.63 -16.08 59.54
CA ARG CA 274 -34.89 -17.22 58.68
C ARG CA 274 -34.83 -16.84 57.21
N VAL CA 275 -35.41 -15.69 56.86
CA VAL CA 275 -35.41 -15.27 55.46
C VAL CA 275 -33.98 -15.01 55.00
N LEU CA 276 -33.18 -14.33 55.82
CA LEU CA 276 -31.80 -14.06 55.45
C LEU CA 276 -31.00 -15.34 55.26
N ALA CA 277 -31.17 -16.31 56.17
CA ALA CA 277 -30.44 -17.56 56.05
C ALA CA 277 -30.81 -18.30 54.77
N THR CA 278 -32.11 -18.35 54.45
CA THR CA 278 -32.52 -19.03 53.24
C THR CA 278 -31.93 -18.38 52.00
N ALA CA 279 -31.92 -17.05 51.95
CA ALA CA 279 -31.39 -16.35 50.78
C ALA CA 279 -29.92 -16.68 50.57
N TYR CA 280 -29.12 -16.67 51.65
CA TYR CA 280 -27.71 -16.98 51.53
C TYR CA 280 -27.50 -18.47 51.26
N LEU CA 281 -28.37 -19.33 51.77
CA LEU CA 281 -28.27 -20.75 51.45
C LEU CA 281 -28.45 -21.00 49.96
N SER CA 282 -29.41 -20.29 49.34
CA SER CA 282 -29.58 -20.41 47.90
C SER CA 282 -28.33 -19.96 47.17
N LYS CA 283 -27.71 -18.86 47.60
CA LYS CA 283 -26.47 -18.41 47.00
C LYS CA 283 -25.37 -19.47 47.15
N ALA CA 284 -25.44 -20.29 48.20
CA ALA CA 284 -24.45 -21.34 48.37
C ALA CA 284 -24.68 -22.49 47.40
N TYR CA 285 -25.95 -22.86 47.19
CA TYR CA 285 -26.25 -23.94 46.25
C TYR CA 285 -25.82 -23.58 44.84
N MET CA 286 -25.78 -22.29 44.52
CA MET CA 286 -25.43 -21.85 43.17
C MET CA 286 -23.95 -21.95 42.87
N GLU CA 287 -23.12 -22.23 43.88
CA GLU CA 287 -21.68 -22.32 43.71
C GLU CA 287 -21.19 -23.76 43.58
N THR CA 288 -22.11 -24.71 43.42
CA THR CA 288 -21.75 -26.12 43.30
C THR CA 288 -22.49 -26.73 42.13
N VAL CA 289 -21.88 -27.74 41.52
CA VAL CA 289 -22.46 -28.42 40.37
C VAL CA 289 -23.46 -29.45 40.84
N ALA CA 290 -24.59 -29.53 40.12
CA ALA CA 290 -25.63 -30.49 40.49
C ALA CA 290 -25.19 -31.90 40.13
N SER CA 291 -25.14 -32.78 41.14
CA SER CA 291 -24.73 -34.15 40.90
C SER CA 291 -25.71 -34.87 39.99
N THR CA 292 -27.01 -34.66 40.18
CA THR CA 292 -28.03 -35.31 39.37
C THR CA 292 -29.24 -34.40 39.30
N VAL CA 293 -30.03 -34.59 38.24
CA VAL CA 293 -31.24 -33.78 38.06
C VAL CA 293 -32.19 -34.02 39.21
N ASN CA 294 -32.37 -35.28 39.62
CA ASN CA 294 -33.27 -35.58 40.72
C ASN CA 294 -32.80 -34.91 42.00
N GLU CA 295 -31.49 -34.99 42.29
CA GLU CA 295 -30.97 -34.33 43.49
C GLU CA 295 -31.05 -32.82 43.38
N GLY CA 296 -30.75 -32.28 42.20
CA GLY CA 296 -30.77 -30.84 42.03
C GLY CA 296 -32.14 -30.24 42.31
N LEU CA 297 -33.19 -30.90 41.82
CA LEU CA 297 -34.55 -30.43 42.08
C LEU CA 297 -34.94 -30.65 43.53
N ALA CA 298 -34.45 -31.72 44.16
CA ALA CA 298 -34.77 -31.95 45.56
C ALA CA 298 -34.25 -30.81 46.43
N GLN CA 299 -33.06 -30.30 46.12
CA GLN CA 299 -32.54 -29.16 46.87
C GLN CA 299 -33.44 -27.95 46.73
N TYR CA 300 -33.95 -27.70 45.52
CA TYR CA 300 -34.82 -26.54 45.31
C TYR CA 300 -36.10 -26.66 46.12
N ASP CA 301 -36.71 -27.85 46.14
CA ASP CA 301 -37.94 -28.02 46.91
C ASP CA 301 -37.71 -27.72 48.39
N GLN CA 302 -36.50 -28.01 48.88
CA GLN CA 302 -36.20 -27.73 50.28
C GLN CA 302 -36.26 -26.25 50.59
N ILE CA 303 -36.02 -25.40 49.60
CA ILE CA 303 -36.02 -23.95 49.80
C ILE CA 303 -37.39 -23.34 49.53
N ALA CA 304 -38.03 -23.75 48.43
CA ALA CA 304 -39.33 -23.18 48.10
C ALA CA 304 -40.31 -23.33 49.25
N ALA CA 305 -40.22 -24.43 50.00
CA ALA CA 305 -41.09 -24.62 51.14
C ALA CA 305 -40.85 -23.56 52.20
N ILE CA 306 -39.58 -23.25 52.48
CA ILE CA 306 -39.27 -22.28 53.52
C ILE CA 306 -39.77 -20.90 53.13
N LEU CA 307 -39.53 -20.49 51.88
CA LEU CA 307 -40.02 -19.20 51.43
C LEU CA 307 -41.55 -19.16 51.42
N GLU CA 308 -42.18 -20.24 50.96
CA GLU CA 308 -43.64 -20.29 50.98
C GLU CA 308 -44.17 -20.29 52.41
N GLN CA 309 -43.49 -21.00 53.31
CA GLN CA 309 -43.92 -21.00 54.71
C GLN CA 309 -43.84 -19.60 55.30
N GLU CA 310 -42.78 -18.86 54.99
CA GLU CA 310 -42.65 -17.49 55.50
C GLU CA 310 -43.72 -16.58 54.93
N ALA CA 311 -44.08 -16.77 53.66
CA ALA CA 311 -45.06 -15.91 53.03
C ALA CA 311 -46.41 -16.00 53.72
N GLN CA 312 -46.83 -17.22 54.08
CA GLN CA 312 -48.12 -17.37 54.74
C GLN CA 312 -48.14 -16.66 56.09
N ILE CA 313 -47.05 -16.75 56.85
CA ILE CA 313 -47.01 -16.10 58.16
C ILE CA 313 -47.15 -14.60 58.02
N ALA CA 314 -46.46 -14.00 57.06
CA ALA CA 314 -46.50 -12.56 56.87
C ALA CA 314 -47.81 -12.07 56.27
N GLN CA 315 -48.67 -12.98 55.82
CA GLN CA 315 -49.95 -12.63 55.23
C GLN CA 315 -51.12 -13.21 56.02
N GLU CA 316 -50.88 -13.70 57.24
CA GLU CA 316 -51.95 -14.36 57.99
C GLU CA 316 -53.11 -13.41 58.23
N ASP CA 317 -52.82 -12.19 58.67
CA ASP CA 317 -53.85 -11.19 58.96
C ASP CA 317 -53.43 -9.83 58.44
N CYS CA 318 -52.88 -9.79 57.23
CA CYS CA 318 -52.31 -8.57 56.67
C CYS CA 318 -51.30 -7.97 57.63
N HIS CA 319 -50.47 -8.83 58.22
CA HIS CA 319 -49.43 -8.37 59.13
C HIS CA 319 -48.46 -7.44 58.41
N ASP CA 320 -48.04 -7.82 57.20
CA ASP CA 320 -47.16 -6.99 56.39
C ASP CA 320 -47.43 -7.34 54.93
N ASN CA 321 -48.26 -6.53 54.28
CA ASN CA 321 -48.63 -6.82 52.90
C ASN CA 321 -47.45 -6.63 51.96
N GLU CA 322 -46.67 -5.57 52.15
CA GLU CA 322 -45.54 -5.32 51.27
C GLU CA 322 -44.52 -6.44 51.36
N PHE CA 323 -44.25 -6.93 52.58
CA PHE CA 323 -43.33 -8.05 52.73
C PHE CA 323 -43.84 -9.29 52.01
N PHE CA 324 -45.16 -9.51 52.04
CA PHE CA 324 -45.72 -10.67 51.35
C PHE CA 324 -45.47 -10.59 49.85
N LEU CA 325 -45.67 -9.41 49.26
CA LEU CA 325 -45.43 -9.26 47.83
C LEU CA 325 -43.97 -9.48 47.48
N SER CA 326 -43.06 -8.90 48.28
CA SER CA 326 -41.64 -9.07 48.00
C SER CA 326 -41.21 -10.51 48.12
N ILE CA 327 -41.69 -11.21 49.15
CA ILE CA 327 -41.32 -12.61 49.33
C ILE CA 327 -41.80 -13.44 48.15
N ARG CA 328 -43.03 -13.21 47.70
CA ARG CA 328 -43.57 -13.99 46.59
C ARG CA 328 -42.74 -13.78 45.32
N GLU CA 329 -42.36 -12.53 45.04
CA GLU CA 329 -41.57 -12.25 43.84
C GLU CA 329 -40.20 -12.92 43.93
N PHE CA 330 -39.59 -12.94 45.11
CA PHE CA 330 -38.28 -13.57 45.25
C PHE CA 330 -38.36 -15.06 44.98
N SER CA 331 -39.43 -15.72 45.42
CA SER CA 331 -39.53 -17.17 45.26
C SER CA 331 -39.50 -17.57 43.79
N VAL CA 332 -40.25 -16.85 42.96
CA VAL CA 332 -40.26 -17.19 41.53
C VAL CA 332 -38.90 -16.92 40.90
N SER CA 333 -38.21 -15.87 41.35
CA SER CA 333 -36.86 -15.60 40.85
C SER CA 333 -35.92 -16.74 41.20
N VAL CA 334 -36.00 -17.25 42.43
CA VAL CA 334 -35.17 -18.38 42.83
C VAL CA 334 -35.48 -19.59 41.96
N ALA CA 335 -36.75 -19.84 41.68
CA ALA CA 335 -37.13 -21.01 40.89
C ALA CA 335 -36.54 -20.93 39.49
N ARG CA 336 -36.51 -19.73 38.90
CA ARG CA 336 -36.01 -19.62 37.53
C ARG CA 336 -34.55 -20.06 37.42
N VAL CA 337 -33.76 -19.86 38.47
CA VAL CA 337 -32.35 -20.19 38.43
C VAL CA 337 -32.10 -21.60 38.95
N MET CA 338 -32.74 -21.99 40.05
CA MET CA 338 -32.53 -23.33 40.59
C MET CA 338 -32.94 -24.40 39.59
N VAL CA 339 -34.09 -24.22 38.93
CA VAL CA 339 -34.53 -25.20 37.94
C VAL CA 339 -33.55 -25.27 36.78
N ASN CA 340 -33.07 -24.10 36.32
CA ASN CA 340 -32.13 -24.09 35.21
C ASN CA 340 -30.85 -24.84 35.56
N ARG CA 341 -30.34 -24.64 36.78
CA ARG CA 341 -29.11 -25.32 37.18
C ARG CA 341 -29.29 -26.84 37.18
N ALA CA 342 -30.42 -27.32 37.71
CA ALA CA 342 -30.61 -28.76 37.80
C ALA CA 342 -30.68 -29.40 36.42
N TYR CA 343 -31.37 -28.76 35.48
CA TYR CA 343 -31.66 -29.38 34.20
C TYR CA 343 -30.62 -29.05 33.12
N ASN CA 344 -29.84 -27.99 33.30
CA ASN CA 344 -29.01 -27.50 32.20
C ASN CA 344 -27.60 -27.08 32.61
N SER CA 345 -27.18 -27.34 33.84
CA SER CA 345 -25.84 -26.92 34.23
C SER CA 345 -24.81 -27.78 33.49
N PRO CA 346 -24.73 -29.09 33.72
CA PRO CA 346 -23.99 -29.94 32.78
C PRO CA 346 -24.85 -30.65 31.73
N ALA CA 347 -26.17 -30.56 31.82
CA ALA CA 347 -27.08 -31.19 30.86
C ALA CA 347 -26.88 -32.71 30.82
N LEU CA 348 -27.18 -33.33 31.97
CA LEU CA 348 -27.05 -34.77 32.10
C LEU CA 348 -28.13 -35.50 31.31
N ILE CA 349 -27.84 -36.74 30.94
CA ILE CA 349 -28.78 -37.60 30.22
C ILE CA 349 -28.50 -39.05 30.60
N VAL CA 350 -29.54 -39.86 30.54
CA VAL CA 350 -29.44 -41.28 30.88
C VAL CA 350 -29.20 -42.08 29.60
N TYR CA 351 -28.20 -42.96 29.63
CA TYR CA 351 -27.92 -43.89 28.56
C TYR CA 351 -28.42 -45.29 28.94
N SER CA 352 -28.46 -46.17 27.94
CA SER CA 352 -28.94 -47.54 28.11
C SER CA 352 -27.93 -48.48 27.46
N PHE CA 353 -26.96 -48.93 28.25
CA PHE CA 353 -25.95 -49.85 27.76
C PHE CA 353 -26.48 -51.28 27.74
N PRO CA 354 -25.86 -52.17 26.95
CA PRO CA 354 -26.32 -53.56 26.90
C PRO CA 354 -25.93 -54.39 28.11
N GLY CA 355 -25.11 -53.86 29.02
CA GLY CA 355 -24.72 -54.60 30.20
C GLY CA 355 -23.70 -53.82 30.98
N THR CA 356 -23.46 -54.28 32.20
CA THR CA 356 -22.52 -53.60 33.08
C THR CA 356 -21.11 -53.66 32.50
N MET CA 357 -20.42 -52.52 32.50
CA MET CA 357 -19.03 -52.45 32.08
C MET CA 357 -18.29 -51.46 32.96
N HIS CA 358 -16.97 -51.47 32.84
CA HIS CA 358 -16.13 -50.67 33.73
C HIS CA 358 -16.30 -49.19 33.45
N SER CA 359 -15.92 -48.36 34.43
CA SER CA 359 -16.04 -46.92 34.27
C SER CA 359 -15.13 -46.43 33.13
N LEU CA 360 -13.92 -46.98 33.04
CA LEU CA 360 -12.98 -46.55 32.01
C LEU CA 360 -13.55 -46.82 30.62
N VAL CA 361 -14.09 -48.01 30.41
CA VAL CA 361 -14.64 -48.35 29.10
C VAL CA 361 -15.84 -47.47 28.78
N VAL CA 362 -16.69 -47.23 29.78
CA VAL CA 362 -17.87 -46.42 29.56
C VAL CA 362 -17.48 -45.01 29.14
N ALA CA 363 -16.48 -44.44 29.80
CA ALA CA 363 -16.05 -43.08 29.47
C ALA CA 363 -15.52 -43.00 28.05
N TRP CA 364 -14.73 -44.00 27.64
CA TRP CA 364 -14.16 -43.99 26.30
C TRP CA 364 -15.25 -44.07 25.24
N GLU CA 365 -16.23 -44.94 25.44
CA GLU CA 365 -17.27 -45.14 24.44
C GLU CA 365 -18.09 -43.86 24.24
N ILE CA 366 -18.60 -43.30 25.33
CA ILE CA 366 -19.51 -42.16 25.22
C ILE CA 366 -18.79 -40.95 24.66
N PHE CA 367 -17.63 -40.62 25.22
CA PHE CA 367 -16.93 -39.37 24.90
C PHE CA 367 -15.77 -39.57 23.93
N GLY CA 368 -15.04 -40.67 24.04
CA GLY CA 368 -13.83 -40.85 23.26
C GLY CA 368 -12.56 -40.47 23.97
N ASP CA 369 -12.62 -40.25 25.29
CA ASP CA 369 -11.44 -39.90 26.07
C ASP CA 369 -11.54 -40.61 27.42
N ALA CA 370 -10.69 -41.60 27.63
CA ALA CA 370 -10.76 -42.40 28.85
C ALA CA 370 -10.45 -41.59 30.09
N LYS CA 371 -9.80 -40.44 29.96
CA LYS CA 371 -9.44 -39.63 31.12
C LYS CA 371 -10.66 -39.01 31.79
N ARG CA 372 -11.83 -39.06 31.17
CA ARG CA 372 -13.03 -38.43 31.71
C ARG CA 372 -13.83 -39.34 32.63
N SER CA 373 -13.32 -40.54 32.94
CA SER CA 373 -14.04 -41.45 33.81
C SER CA 373 -14.21 -40.90 35.21
N ARG CA 374 -13.42 -39.88 35.59
CA ARG CA 374 -13.53 -39.31 36.92
C ARG CA 374 -14.92 -38.73 37.16
N GLU CA 375 -15.51 -38.10 36.14
CA GLU CA 375 -16.81 -37.48 36.32
C GLU CA 375 -17.89 -38.49 36.69
N LEU CA 376 -17.85 -39.69 36.08
CA LEU CA 376 -18.90 -40.66 36.31
C LEU CA 376 -18.98 -41.13 37.75
N GLU CA 377 -17.92 -40.91 38.55
CA GLU CA 377 -17.90 -41.45 39.90
C GLU CA 377 -19.00 -40.87 40.76
N GLY CA 378 -19.23 -39.56 40.68
CA GLY CA 378 -20.14 -38.90 41.60
C GLY CA 378 -21.61 -39.07 41.29
N ARG CA 379 -21.94 -39.44 40.05
CA ARG CA 379 -23.34 -39.51 39.62
C ARG CA 379 -23.90 -40.92 39.64
N ASN CA 380 -23.07 -41.94 39.47
CA ASN CA 380 -23.52 -43.32 39.35
C ASN CA 380 -23.06 -44.12 40.55
N THR CA 381 -24.00 -44.81 41.20
CA THR CA 381 -23.65 -45.74 42.26
C THR CA 381 -23.05 -47.01 41.65
N GLY CA 382 -22.76 -47.98 42.50
CA GLY CA 382 -22.15 -49.21 42.04
C GLY CA 382 -20.63 -49.12 42.04
N ALA CA 383 -19.96 -50.27 42.10
CA ALA CA 383 -18.51 -50.27 42.14
C ALA CA 383 -17.95 -49.78 40.81
N PRO CA 384 -16.69 -49.35 40.80
CA PRO CA 384 -16.10 -48.85 39.55
C PRO CA 384 -16.05 -49.89 38.44
N TRP CA 385 -16.12 -51.17 38.78
CA TRP CA 385 -16.07 -52.25 37.80
C TRP CA 385 -17.44 -52.80 37.43
N ALA CA 386 -18.52 -52.17 37.91
CA ALA CA 386 -19.86 -52.67 37.64
C ALA CA 386 -20.85 -51.55 37.34
N ILE CA 387 -20.39 -50.46 36.73
CA ILE CA 387 -21.30 -49.36 36.40
C ILE CA 387 -22.24 -49.82 35.30
N GLY CA 388 -23.53 -49.57 35.50
CA GLY CA 388 -24.53 -49.94 34.53
C GLY CA 388 -25.70 -50.66 35.17
N PRO CA 389 -26.59 -51.24 34.34
CA PRO CA 389 -26.53 -51.22 32.88
C PRO CA 389 -26.98 -49.89 32.27
N LYS CA 390 -27.48 -48.98 33.10
CA LYS CA 390 -27.90 -47.66 32.66
C LYS CA 390 -27.00 -46.62 33.31
N VAL CA 391 -26.48 -45.70 32.49
CA VAL CA 391 -25.47 -44.74 32.92
C VAL CA 391 -26.03 -43.34 32.78
N ILE CA 392 -25.54 -42.44 33.64
CA ILE CA 392 -25.87 -41.02 33.59
C ILE CA 392 -24.60 -40.26 33.27
N ALA CA 393 -24.63 -39.48 32.19
CA ALA CA 393 -23.48 -38.71 31.76
C ALA CA 393 -23.96 -37.43 31.10
N GLU CA 394 -23.01 -36.64 30.60
CA GLU CA 394 -23.33 -35.37 29.97
C GLU CA 394 -23.83 -35.59 28.55
N ARG CA 395 -24.19 -34.50 27.89
CA ARG CA 395 -24.67 -34.52 26.51
C ARG CA 395 -23.52 -34.12 25.59
N VAL CA 396 -23.12 -35.03 24.71
CA VAL CA 396 -22.08 -34.71 23.74
C VAL CA 396 -22.58 -33.62 22.81
N ARG CA 397 -21.79 -32.56 22.67
CA ARG CA 397 -22.15 -31.40 21.86
C ARG CA 397 -21.06 -31.11 20.84
N ALA CA 398 -20.64 -32.14 20.13
CA ALA CA 398 -19.61 -32.00 19.10
C ALA CA 398 -19.95 -30.88 18.12
N MET DA 1 -2.77 -40.64 -17.28
CA MET DA 1 -2.46 -42.09 -17.15
C MET DA 1 -2.12 -42.84 -18.43
N ALA DA 2 -1.17 -43.75 -18.29
CA ALA DA 2 -0.76 -44.65 -19.36
C ALA DA 2 -1.64 -45.89 -19.39
N GLY DA 3 -1.66 -46.55 -20.55
CA GLY DA 3 -2.44 -47.75 -20.72
C GLY DA 3 -3.92 -47.43 -20.69
N PRO DA 4 -4.73 -48.25 -21.37
CA PRO DA 4 -6.18 -48.05 -21.34
C PRO DA 4 -6.92 -48.79 -20.24
N CYS DA 5 -6.20 -49.35 -19.26
CA CYS DA 5 -6.82 -50.13 -18.19
C CYS DA 5 -6.98 -49.33 -16.90
N TYR DA 6 -6.96 -48.00 -16.98
CA TYR DA 6 -7.21 -47.18 -15.81
C TYR DA 6 -8.68 -47.23 -15.42
N ASN DA 7 -8.95 -46.98 -14.15
CA ASN DA 7 -10.31 -47.00 -13.61
C ASN DA 7 -10.43 -45.90 -12.57
N PRO DA 8 -10.89 -44.70 -12.97
CA PRO DA 8 -10.87 -43.57 -12.03
C PRO DA 8 -11.63 -43.82 -10.75
N ASN DA 9 -12.73 -44.57 -10.79
CA ASN DA 9 -13.49 -44.84 -9.57
C ASN DA 9 -12.69 -45.65 -8.56
N GLU DA 10 -11.59 -46.28 -8.99
CA GLU DA 10 -10.80 -47.13 -8.12
C GLU DA 10 -9.62 -46.42 -7.48
N HIS DA 11 -9.21 -45.26 -8.02
CA HIS DA 11 -8.05 -44.55 -7.51
C HIS DA 11 -8.37 -43.26 -6.76
N TYR DA 12 -9.55 -42.68 -6.98
CA TYR DA 12 -9.95 -41.45 -6.31
C TYR DA 12 -10.98 -41.77 -5.23
N LEU DA 13 -10.70 -41.32 -4.01
CA LEU DA 13 -11.62 -41.54 -2.91
C LEU DA 13 -12.87 -40.68 -3.09
N PRO DA 14 -14.01 -41.09 -2.52
CA PRO DA 14 -15.22 -40.27 -2.60
C PRO DA 14 -15.17 -39.16 -1.57
N ALA DA 15 -15.33 -37.93 -2.04
CA ALA DA 15 -15.19 -36.77 -1.16
C ALA DA 15 -16.28 -36.80 -0.08
N SER DA 16 -16.10 -35.95 0.92
CA SER DA 16 -17.04 -35.84 2.03
C SER DA 16 -16.59 -34.68 2.92
N PHE DA 17 -17.44 -34.32 3.87
CA PHE DA 17 -17.09 -33.31 4.86
C PHE DA 17 -18.04 -33.39 6.05
N LYS DA 18 -17.52 -33.64 7.24
CA LYS DA 18 -18.32 -33.80 8.45
C LYS DA 18 -19.34 -34.92 8.28
N GLY DA 19 -19.09 -35.86 7.37
CA GLY DA 19 -19.92 -37.03 7.20
C GLY DA 19 -20.94 -36.95 6.09
N VAL DA 20 -21.15 -35.78 5.49
CA VAL DA 20 -22.13 -35.61 4.43
C VAL DA 20 -21.43 -35.83 3.08
N PRO DA 21 -21.82 -36.82 2.29
CA PRO DA 21 -21.18 -37.01 0.99
C PRO DA 21 -21.49 -35.87 0.03
N PHE DA 22 -20.56 -35.63 -0.89
CA PHE DA 22 -20.79 -34.68 -1.97
C PHE DA 22 -19.89 -35.07 -3.14
N ASP DA 23 -20.27 -34.61 -4.32
CA ASP DA 23 -19.59 -34.98 -5.56
C ASP DA 23 -18.48 -33.98 -5.84
N ALA DA 24 -17.23 -34.46 -5.82
CA ALA DA 24 -16.08 -33.61 -6.07
C ALA DA 24 -15.83 -33.48 -7.57
N ASP DA 25 -15.22 -32.36 -7.96
CA ASP DA 25 -14.92 -32.10 -9.35
C ASP DA 25 -13.50 -31.61 -9.59
N SER DA 26 -12.73 -31.31 -8.56
CA SER DA 26 -11.34 -30.89 -8.69
C SER DA 26 -10.65 -31.12 -7.36
N SER DA 27 -9.32 -31.06 -7.39
CA SER DA 27 -8.55 -31.35 -6.18
C SER DA 27 -7.19 -30.68 -6.30
N ASP DA 28 -6.94 -29.67 -5.48
CA ASP DA 28 -5.65 -29.00 -5.41
C ASP DA 28 -5.14 -29.00 -3.98
N SER DA 29 -3.92 -28.50 -3.80
CA SER DA 29 -3.30 -28.42 -2.48
C SER DA 29 -2.12 -27.46 -2.58
N GLU DA 30 -1.60 -27.06 -1.43
CA GLU DA 30 -0.44 -26.19 -1.37
C GLU DA 30 0.41 -26.55 -0.17
N HIS DA 31 1.68 -26.85 -0.41
CA HIS DA 31 2.63 -27.15 0.64
C HIS DA 31 3.85 -26.25 0.49
N GLY DA 32 4.75 -26.32 1.44
CA GLY DA 32 5.94 -25.49 1.40
C GLY DA 32 6.68 -25.53 2.72
N ARG DA 33 7.64 -24.62 2.84
CA ARG DA 33 8.49 -24.53 4.01
C ARG DA 33 9.04 -23.12 4.12
N ASN DA 34 9.02 -22.58 5.34
CA ASN DA 34 9.35 -21.18 5.57
C ASN DA 34 10.86 -21.00 5.66
N GLY DA 35 11.41 -20.16 4.79
CA GLY DA 35 12.84 -19.90 4.75
C GLY DA 35 13.17 -18.47 5.19
N ALA DA 36 14.46 -18.24 5.37
CA ALA DA 36 14.98 -16.97 5.85
C ALA DA 36 16.14 -16.50 4.99
N GLU DA 37 15.95 -16.50 3.67
CA GLU DA 37 17.03 -16.14 2.76
C GLU DA 37 17.57 -14.76 3.10
N ALA DA 38 18.90 -14.65 3.11
CA ALA DA 38 19.57 -13.41 3.44
C ALA DA 38 20.82 -13.26 2.58
N GLU DA 39 21.02 -12.07 2.04
CA GLU DA 39 22.17 -11.76 1.20
C GLU DA 39 22.92 -10.59 1.80
N PHE DA 40 24.22 -10.79 2.04
CA PHE DA 40 25.02 -9.79 2.71
C PHE DA 40 25.30 -8.64 1.75
N VAL DA 41 26.10 -7.66 2.20
CA VAL DA 41 26.38 -6.45 1.44
C VAL DA 41 27.83 -6.50 0.98
N PHE DA 42 28.05 -6.22 -0.29
CA PHE DA 42 29.36 -6.30 -0.94
C PHE DA 42 29.90 -7.72 -0.98
N GLY DA 43 29.09 -8.70 -0.62
CA GLY DA 43 29.53 -10.08 -0.53
C GLY DA 43 29.09 -10.91 -1.73
N GLU DA 44 29.85 -11.96 -2.01
CA GLU DA 44 29.56 -12.88 -3.10
C GLU DA 44 28.93 -14.18 -2.61
N ARG DA 45 28.51 -14.23 -1.35
CA ARG DA 45 27.91 -15.42 -0.76
C ARG DA 45 26.61 -15.04 -0.08
N THR DA 46 25.68 -15.99 -0.05
CA THR DA 46 24.36 -15.81 0.58
C THR DA 46 24.18 -16.86 1.66
N GLY DA 47 22.99 -16.87 2.27
CA GLY DA 47 22.70 -17.78 3.36
C GLY DA 47 21.26 -18.19 3.37
N TYR DA 48 20.92 -19.07 4.32
CA TYR DA 48 19.57 -19.59 4.45
C TYR DA 48 19.40 -20.13 5.86
N ALA DA 49 18.14 -20.28 6.28
CA ALA DA 49 17.84 -20.83 7.60
C ALA DA 49 16.41 -21.37 7.58
N ASP DA 50 16.26 -22.68 7.67
CA ASP DA 50 14.95 -23.29 7.76
C ASP DA 50 14.30 -22.94 9.10
N LEU DA 51 13.06 -22.45 9.06
CA LEU DA 51 12.41 -21.93 10.25
C LEU DA 51 10.94 -22.34 10.30
N GLY DA 52 10.67 -23.62 10.06
CA GLY DA 52 9.37 -24.20 10.31
C GLY DA 52 8.67 -24.62 9.03
N ILE DA 53 7.55 -25.31 9.23
CA ILE DA 53 6.71 -25.81 8.14
C ILE DA 53 5.62 -24.79 7.85
N LYS DA 54 5.15 -24.79 6.61
CA LYS DA 54 4.09 -23.88 6.19
C LYS DA 54 2.74 -24.57 6.27
N ILE DA 55 1.71 -23.78 6.59
CA ILE DA 55 0.37 -24.33 6.76
C ILE DA 55 -0.21 -24.70 5.40
N ARG DA 56 -0.77 -25.90 5.31
CA ARG DA 56 -1.35 -26.37 4.06
C ARG DA 56 -2.64 -25.62 3.74
N SER DA 57 -3.22 -25.97 2.60
CA SER DA 57 -4.51 -25.42 2.19
C SER DA 57 -5.03 -26.22 1.01
N TYR DA 58 -6.32 -26.53 1.03
CA TYR DA 58 -6.96 -27.33 0.00
C TYR DA 58 -8.12 -26.56 -0.63
N SER DA 59 -8.31 -26.77 -1.93
CA SER DA 59 -9.42 -26.16 -2.66
C SER DA 59 -10.10 -27.23 -3.49
N ILE DA 60 -11.44 -27.24 -3.46
CA ILE DA 60 -12.23 -28.25 -4.15
C ILE DA 60 -13.37 -27.55 -4.87
N ARG DA 61 -13.91 -28.23 -5.89
CA ARG DA 61 -15.04 -27.75 -6.66
C ARG DA 61 -16.08 -28.87 -6.72
N ALA DA 62 -17.35 -28.52 -6.50
CA ALA DA 62 -18.42 -29.49 -6.44
C ALA DA 62 -19.47 -29.16 -7.49
N ARG DA 63 -20.13 -30.21 -7.99
CA ARG DA 63 -21.16 -30.07 -9.01
C ARG DA 63 -22.40 -30.86 -8.58
N PHE DA 64 -23.57 -30.27 -8.80
CA PHE DA 64 -24.84 -30.90 -8.50
C PHE DA 64 -25.68 -30.94 -9.78
N GLN DA 65 -25.93 -32.13 -10.31
CA GLN DA 65 -26.71 -32.30 -11.51
C GLN DA 65 -28.05 -33.01 -11.29
N THR DA 66 -28.19 -33.79 -10.23
CA THR DA 66 -29.36 -34.63 -10.05
C THR DA 66 -30.63 -33.78 -10.04
N ASN DA 67 -31.77 -34.45 -10.20
CA ASN DA 67 -33.05 -33.76 -10.12
C ASN DA 67 -33.18 -33.04 -8.79
N ASP DA 68 -33.69 -31.80 -8.85
CA ASP DA 68 -33.87 -30.97 -7.67
C ASP DA 68 -32.53 -30.76 -6.95
N HIS DA 69 -31.64 -30.06 -7.66
CA HIS DA 69 -30.31 -29.78 -7.13
C HIS DA 69 -30.33 -28.69 -6.07
N VAL DA 70 -31.31 -27.79 -6.12
CA VAL DA 70 -31.31 -26.66 -5.19
C VAL DA 70 -31.45 -27.14 -3.75
N ALA DA 71 -32.29 -28.15 -3.53
CA ALA DA 71 -32.49 -28.64 -2.16
C ALA DA 71 -31.21 -29.20 -1.58
N LEU DA 72 -30.49 -30.01 -2.36
CA LEU DA 72 -29.23 -30.57 -1.88
C LEU DA 72 -28.18 -29.49 -1.72
N SER DA 73 -28.01 -28.65 -2.75
CA SER DA 73 -27.02 -27.58 -2.68
C SER DA 73 -27.33 -26.63 -1.53
N ASN DA 74 -28.59 -26.19 -1.41
CA ASN DA 74 -28.96 -25.28 -0.35
C ASN DA 74 -28.87 -25.92 1.02
N ALA DA 75 -28.90 -27.25 1.10
CA ALA DA 75 -28.76 -27.95 2.37
C ALA DA 75 -27.31 -28.25 2.72
N PHE DA 76 -26.43 -28.33 1.71
CA PHE DA 76 -25.02 -28.55 1.98
C PHE DA 76 -24.35 -27.28 2.52
N ILE DA 77 -24.81 -26.11 2.10
CA ILE DA 77 -24.26 -24.86 2.61
C ILE DA 77 -24.45 -24.75 4.10
N ALA DA 78 -25.55 -25.30 4.63
CA ALA DA 78 -25.79 -25.27 6.05
C ALA DA 78 -24.79 -26.09 6.84
N VAL DA 79 -24.01 -26.95 6.17
CA VAL DA 79 -22.98 -27.73 6.84
C VAL DA 79 -21.65 -26.99 6.84
N LEU DA 80 -21.32 -26.30 5.74
CA LEU DA 80 -20.07 -25.55 5.69
C LEU DA 80 -20.06 -24.43 6.72
N GLU DA 81 -21.23 -23.91 7.08
CA GLU DA 81 -21.34 -22.82 8.04
C GLU DA 81 -21.43 -23.31 9.48
N SER DA 82 -21.48 -24.62 9.70
CA SER DA 82 -21.52 -25.14 11.06
C SER DA 82 -20.24 -24.79 11.81
N THR DA 83 -20.39 -24.48 13.09
CA THR DA 83 -19.26 -24.03 13.89
C THR DA 83 -18.24 -25.14 14.08
N GLY DA 84 -16.96 -24.78 14.01
CA GLY DA 84 -15.88 -25.69 14.30
C GLY DA 84 -15.40 -26.46 13.10
N PRO DA 85 -14.21 -27.04 13.18
CA PRO DA 85 -13.68 -27.87 12.10
C PRO DA 85 -14.19 -29.30 12.18
N GLY DA 86 -13.93 -30.05 11.10
CA GLY DA 86 -14.39 -31.42 11.03
C GLY DA 86 -13.58 -32.20 10.01
N LEU DA 87 -13.78 -33.52 10.03
CA LEU DA 87 -13.03 -34.40 9.14
C LEU DA 87 -13.38 -34.12 7.69
N LEU DA 88 -12.36 -34.12 6.83
CA LEU DA 88 -12.52 -33.94 5.40
C LEU DA 88 -11.82 -35.08 4.69
N VAL DA 89 -12.52 -35.72 3.75
CA VAL DA 89 -11.96 -36.81 2.97
C VAL DA 89 -11.57 -36.21 1.62
N HIS DA 90 -10.31 -35.77 1.54
CA HIS DA 90 -9.81 -35.23 0.29
C HIS DA 90 -9.77 -36.34 -0.77
N PRO DA 91 -10.17 -36.06 -2.01
CA PRO DA 91 -10.19 -37.15 -3.01
C PRO DA 91 -8.86 -37.84 -3.19
N THR DA 92 -7.74 -37.12 -3.08
CA THR DA 92 -6.43 -37.71 -3.29
C THR DA 92 -5.53 -37.66 -2.06
N ARG DA 93 -5.70 -36.69 -1.18
CA ARG DA 93 -4.85 -36.56 0.00
C ARG DA 93 -5.34 -37.37 1.19
N GLY DA 94 -6.47 -38.04 1.08
CA GLY DA 94 -6.97 -38.87 2.14
C GLY DA 94 -7.67 -38.06 3.21
N PRO DA 95 -8.05 -38.72 4.31
CA PRO DA 95 -8.78 -38.01 5.38
C PRO DA 95 -7.88 -37.05 6.12
N VAL DA 96 -8.33 -35.78 6.22
CA VAL DA 96 -7.64 -34.76 6.98
C VAL DA 96 -8.68 -33.89 7.67
N MET DA 97 -8.22 -33.12 8.64
CA MET DA 97 -9.07 -32.20 9.39
C MET DA 97 -8.87 -30.79 8.83
N ALA DA 98 -9.98 -30.13 8.50
CA ALA DA 98 -9.91 -28.81 7.89
C ALA DA 98 -11.13 -28.00 8.30
N ALA DA 99 -11.02 -26.68 8.12
CA ALA DA 99 -12.11 -25.75 8.39
C ALA DA 99 -12.35 -24.90 7.16
N CYS DA 100 -13.61 -24.82 6.72
CA CYS DA 100 -13.93 -24.04 5.54
C CYS DA 100 -13.62 -22.56 5.79
N ARG DA 101 -13.01 -21.93 4.79
CA ARG DA 101 -12.63 -20.53 4.87
C ARG DA 101 -13.44 -19.62 3.97
N SER DA 102 -14.02 -20.15 2.89
CA SER DA 102 -14.86 -19.37 2.00
C SER DA 102 -15.57 -20.35 1.06
N ALA DA 103 -16.60 -19.86 0.40
CA ALA DA 103 -17.34 -20.67 -0.57
C ALA DA 103 -18.17 -19.75 -1.45
N ARG DA 104 -18.00 -19.86 -2.75
CA ARG DA 104 -18.76 -19.08 -3.73
C ARG DA 104 -19.68 -20.02 -4.48
N VAL DA 105 -20.98 -19.74 -4.42
CA VAL DA 105 -22.00 -20.55 -5.09
C VAL DA 105 -22.42 -19.83 -6.36
N THR DA 106 -22.29 -20.52 -7.49
CA THR DA 106 -22.61 -19.95 -8.80
C THR DA 106 -23.85 -20.62 -9.36
N ASP DA 107 -24.73 -19.83 -9.97
CA ASP DA 107 -25.97 -20.35 -10.51
C ASP DA 107 -26.52 -19.35 -11.52
N SER DA 108 -27.45 -19.83 -12.35
CA SER DA 108 -28.12 -19.00 -13.33
C SER DA 108 -29.46 -19.63 -13.66
N LYS DA 109 -30.35 -18.84 -14.25
CA LYS DA 109 -31.67 -19.31 -14.64
C LYS DA 109 -31.86 -19.42 -16.15
N VAL DA 110 -31.12 -18.65 -16.94
CA VAL DA 110 -31.22 -18.70 -18.38
C VAL DA 110 -29.94 -19.19 -19.03
N ASP DA 111 -28.78 -18.77 -18.52
CA ASP DA 111 -27.52 -19.22 -19.09
C ASP DA 111 -27.30 -20.70 -18.83
N ALA DA 112 -27.51 -21.14 -17.59
CA ALA DA 112 -27.30 -22.55 -17.23
C ALA DA 112 -28.31 -22.90 -16.14
N ALA DA 113 -29.44 -23.48 -16.56
CA ALA DA 113 -30.50 -23.88 -15.64
C ALA DA 113 -30.44 -25.38 -15.47
N GLY DA 114 -30.21 -25.83 -14.24
CA GLY DA 114 -30.18 -27.24 -13.91
C GLY DA 114 -28.87 -27.77 -13.38
N VAL DA 115 -27.94 -26.90 -13.01
CA VAL DA 115 -26.66 -27.35 -12.47
C VAL DA 115 -26.06 -26.23 -11.62
N THR DA 116 -25.59 -26.58 -10.43
CA THR DA 116 -25.05 -25.62 -9.47
C THR DA 116 -23.61 -25.98 -9.15
N TYR DA 117 -22.72 -25.01 -9.29
CA TYR DA 117 -21.31 -25.16 -8.96
C TYR DA 117 -21.01 -24.38 -7.68
N ILE DA 118 -20.10 -24.92 -6.88
CA ILE DA 118 -19.71 -24.26 -5.63
C ILE DA 118 -18.23 -24.50 -5.37
N ASP DA 119 -17.45 -23.42 -5.35
CA ASP DA 119 -16.03 -23.51 -5.06
C ASP DA 119 -15.79 -23.38 -3.57
N ILE DA 120 -14.76 -24.06 -3.06
CA ILE DA 120 -14.48 -24.09 -1.64
C ILE DA 120 -12.99 -23.85 -1.44
N ASP DA 121 -12.63 -23.44 -0.22
CA ASP DA 121 -11.25 -23.12 0.13
C ASP DA 121 -11.01 -23.57 1.57
N PHE DA 122 -10.44 -24.76 1.72
CA PHE DA 122 -10.23 -25.37 3.03
C PHE DA 122 -8.85 -25.01 3.57
N VAL DA 123 -8.71 -25.15 4.89
CA VAL DA 123 -7.45 -24.91 5.58
C VAL DA 123 -7.25 -25.99 6.63
N GLU DA 124 -6.04 -26.52 6.72
CA GLU DA 124 -5.73 -27.50 7.75
C GLU DA 124 -5.91 -26.87 9.12
N ALA DA 125 -6.52 -27.62 10.04
CA ALA DA 125 -6.80 -27.14 11.39
C ALA DA 125 -6.60 -28.28 12.37
N ASN DA 126 -5.49 -28.24 13.09
CA ASN DA 126 -5.17 -29.24 14.10
C ASN DA 126 -5.55 -28.72 15.48
N ASP DA 127 -6.27 -29.53 16.25
CA ASP DA 127 -6.71 -29.11 17.58
C ASP DA 127 -5.52 -28.81 18.47
N THR DA 128 -5.68 -27.81 19.32
CA THR DA 128 -4.62 -27.38 20.24
C THR DA 128 -5.20 -27.23 21.64
N VAL DA 129 -4.36 -27.50 22.64
CA VAL DA 129 -4.77 -27.32 24.02
C VAL DA 129 -4.96 -25.84 24.32
N THR DA 130 -5.76 -25.55 25.34
CA THR DA 130 -6.20 -24.19 25.64
C THR DA 130 -5.32 -23.48 26.66
N GLY DA 131 -4.35 -24.16 27.27
CA GLY DA 131 -3.55 -23.55 28.32
C GLY DA 131 -2.24 -22.95 27.82
N PHE DA 132 -2.17 -22.71 26.51
CA PHE DA 132 -1.00 -22.14 25.86
C PHE DA 132 0.31 -22.74 26.41
N GLY DA 133 0.39 -24.07 26.33
CA GLY DA 133 1.62 -24.77 26.58
C GLY DA 133 1.78 -25.30 28.00
N LEU DA 134 1.75 -26.63 28.13
CA LEU DA 134 1.99 -27.28 29.42
C LEU DA 134 2.81 -28.55 29.25
N VAL DA 135 3.68 -28.59 28.23
CA VAL DA 135 4.46 -29.79 27.97
C VAL DA 135 5.35 -30.11 29.17
N GLY DA 136 5.56 -31.41 29.41
CA GLY DA 136 6.38 -31.81 30.53
C GLY DA 136 7.85 -31.55 30.29
N SER DA 137 8.60 -31.51 31.39
CA SER DA 137 10.03 -31.25 31.38
C SER DA 137 10.78 -32.53 31.72
N LEU DA 138 11.79 -32.84 30.91
CA LEU DA 138 12.59 -34.05 31.08
C LEU DA 138 14.06 -33.75 30.91
N ILE DA 139 14.52 -32.65 31.51
CA ILE DA 139 15.93 -32.24 31.44
C ILE DA 139 16.52 -31.95 32.80
N ALA DA 140 15.74 -32.00 33.87
CA ALA DA 140 16.24 -31.74 35.21
C ALA DA 140 15.42 -32.51 36.22
N LEU DA 141 15.99 -32.71 37.39
CA LEU DA 141 15.33 -33.43 38.48
C LEU DA 141 14.54 -32.47 39.35
N ALA DA 142 13.69 -33.04 40.21
CA ALA DA 142 12.90 -32.28 41.16
C ALA DA 142 13.38 -32.65 42.56
N LEU DA 143 14.18 -31.77 43.16
CA LEU DA 143 14.73 -32.01 44.48
C LEU DA 143 13.90 -31.40 45.61
N SER DA 144 13.08 -30.39 45.32
CA SER DA 144 12.27 -29.78 46.37
C SER DA 144 11.37 -30.80 47.07
N PRO DA 145 10.70 -31.72 46.38
CA PRO DA 145 9.81 -32.65 47.11
C PRO DA 145 10.55 -33.52 48.10
N ILE DA 146 11.63 -34.16 47.68
CA ILE DA 146 12.35 -35.07 48.58
C ILE DA 146 12.96 -34.31 49.75
N ILE DA 147 13.53 -33.13 49.48
CA ILE DA 147 14.17 -32.37 50.54
C ILE DA 147 13.16 -32.01 51.63
N THR DA 148 11.98 -31.53 51.23
CA THR DA 148 10.94 -31.26 52.22
C THR DA 148 10.51 -32.54 52.93
N ALA DA 149 10.42 -33.65 52.21
CA ALA DA 149 10.08 -34.92 52.84
C ALA DA 149 11.11 -35.31 53.87
N THR DA 150 12.40 -35.15 53.54
CA THR DA 150 13.45 -35.46 54.50
C THR DA 150 13.36 -34.58 55.74
N GLU DA 151 13.01 -33.30 55.55
CA GLU DA 151 12.91 -32.39 56.68
C GLU DA 151 11.92 -32.91 57.72
N GLU DA 152 10.74 -33.35 57.27
CA GLU DA 152 9.72 -33.81 58.20
C GLU DA 152 10.20 -35.03 58.98
N SER DA 153 10.82 -35.99 58.29
CA SER DA 153 11.29 -37.20 58.96
C SER DA 153 12.35 -36.87 59.99
N PHE DA 154 13.30 -36.01 59.63
CA PHE DA 154 14.37 -35.68 60.57
C PHE DA 154 13.83 -34.98 61.80
N LYS DA 155 12.90 -34.05 61.62
CA LYS DA 155 12.36 -33.30 62.75
C LYS DA 155 11.50 -34.19 63.64
N ARG DA 156 10.94 -35.27 63.10
CA ARG DA 156 10.01 -36.09 63.86
C ARG DA 156 10.68 -36.74 65.06
N TYR DA 157 11.92 -37.21 64.89
CA TYR DA 157 12.61 -37.99 65.90
C TYR DA 157 13.77 -37.27 66.57
N TYR DA 158 14.57 -36.52 65.80
CA TYR DA 158 15.70 -35.82 66.39
C TYR DA 158 15.22 -34.78 67.40
N SER DA 159 15.48 -35.01 68.67
CA SER DA 159 15.06 -34.10 69.74
C SER DA 159 15.96 -34.27 70.95
N PRO DA 160 17.11 -33.59 71.00
CA PRO DA 160 18.05 -33.83 72.10
C PRO DA 160 17.51 -33.44 73.46
N GLU DA 161 16.48 -32.59 73.53
CA GLU DA 161 15.96 -32.13 74.81
C GLU DA 161 15.01 -33.11 75.46
N ASN DA 162 14.53 -34.12 74.74
CA ASN DA 162 13.61 -35.10 75.28
C ASN DA 162 14.24 -36.48 75.51
N VAL DA 163 15.30 -36.81 74.76
CA VAL DA 163 15.97 -38.07 74.97
C VAL DA 163 16.50 -38.13 76.42
N ARG DA 164 16.71 -39.36 76.89
CA ARG DA 164 17.19 -39.55 78.26
C ARG DA 164 18.49 -38.78 78.47
N TYR DA 165 18.61 -38.15 79.65
CA TYR DA 165 19.62 -37.12 79.83
C TYR DA 165 21.04 -37.63 79.64
N TYR DA 166 21.32 -38.89 79.97
CA TYR DA 166 22.68 -39.42 79.88
C TYR DA 166 23.03 -39.87 78.47
N ASN DA 167 22.24 -39.43 77.47
CA ASN DA 167 22.56 -39.65 76.07
C ASN DA 167 22.51 -38.40 75.23
N SER DA 168 22.11 -37.26 75.80
CA SER DA 168 22.04 -36.03 75.02
C SER DA 168 23.41 -35.61 74.52
N GLU DA 169 24.44 -35.76 75.35
CA GLU DA 169 25.78 -35.33 74.94
C GLU DA 169 26.26 -36.10 73.73
N THR DA 170 26.04 -37.42 73.70
CA THR DA 170 26.47 -38.22 72.56
C THR DA 170 25.72 -37.84 71.30
N VAL DA 171 24.40 -37.64 71.41
CA VAL DA 171 23.60 -37.31 70.24
C VAL DA 171 24.03 -35.98 69.65
N ILE DA 172 24.24 -34.98 70.49
CA ILE DA 172 24.68 -33.67 70.01
C ILE DA 172 26.05 -33.78 69.36
N ALA DA 173 26.96 -34.54 69.98
CA ALA DA 173 28.30 -34.68 69.42
C ALA DA 173 28.25 -35.25 68.02
N THR DA 174 27.35 -36.22 67.78
CA THR DA 174 27.23 -36.78 66.45
C THR DA 174 26.84 -35.72 65.43
N MET DA 175 25.89 -34.85 65.78
CA MET DA 175 25.46 -33.82 64.85
C MET DA 175 26.61 -32.89 64.49
N ALA DA 176 27.42 -32.51 65.49
CA ALA DA 176 28.57 -31.65 65.20
C ALA DA 176 29.51 -32.32 64.20
N GLU DA 177 29.71 -33.62 64.33
CA GLU DA 177 30.53 -34.34 63.37
C GLU DA 177 29.91 -34.30 61.98
N ALA DA 178 28.58 -34.44 61.90
CA ALA DA 178 27.93 -34.46 60.60
C ALA DA 178 28.15 -33.16 59.85
N VAL DA 179 28.04 -32.03 60.54
CA VAL DA 179 28.29 -30.74 59.90
C VAL DA 179 29.75 -30.64 59.47
N GLN DA 180 30.67 -31.08 60.33
CA GLN DA 180 32.09 -31.02 59.98
C GLN DA 180 32.37 -31.73 58.66
N GLN DA 181 31.64 -32.80 58.37
CA GLN DA 181 31.84 -33.51 57.11
C GLN DA 181 31.55 -32.60 55.93
N VAL DA 182 30.48 -31.80 56.02
CA VAL DA 182 30.16 -30.87 54.95
C VAL DA 182 31.21 -29.77 54.88
N GLN DA 183 31.72 -29.33 56.04
CA GLN DA 183 32.73 -28.27 56.04
C GLN DA 183 33.98 -28.72 55.28
N THR DA 184 34.43 -29.95 55.53
CA THR DA 184 35.61 -30.45 54.82
C THR DA 184 35.34 -30.55 53.33
N GLY DA 185 34.14 -31.00 52.95
CA GLY DA 185 33.82 -31.11 51.54
C GLY DA 185 33.87 -29.78 50.82
N TYR DA 186 33.27 -28.75 51.43
CA TYR DA 186 33.23 -27.44 50.77
C TYR DA 186 34.62 -26.86 50.62
N LEU DA 187 35.44 -26.96 51.68
CA LEU DA 187 36.78 -26.38 51.62
C LEU DA 187 37.63 -27.03 50.53
N ALA DA 188 37.35 -28.29 50.21
CA ALA DA 188 38.15 -28.98 49.19
C ALA DA 188 37.77 -28.51 47.79
N LEU DA 189 36.49 -28.20 47.57
CA LEU DA 189 36.02 -27.89 46.22
C LEU DA 189 36.48 -26.50 45.77
N SER DA 190 36.48 -25.54 46.68
CA SER DA 190 36.75 -24.14 46.35
C SER DA 190 38.17 -23.74 46.68
N GLY DA 191 39.13 -24.64 46.49
CA GLY DA 191 40.50 -24.36 46.92
C GLY DA 191 41.08 -23.12 46.28
N ASN DA 192 40.88 -22.97 44.97
CA ASN DA 192 41.50 -21.88 44.22
C ASN DA 192 40.64 -20.63 44.13
N ASP DA 193 39.47 -20.62 44.79
CA ASP DA 193 38.63 -19.43 44.81
C ASP DA 193 39.19 -18.41 45.80
N THR DA 194 39.08 -17.14 45.42
CA THR DA 194 39.56 -16.05 46.27
C THR DA 194 38.58 -14.88 46.31
N SER DA 195 37.31 -15.09 46.00
CA SER DA 195 36.33 -14.02 46.02
C SER DA 195 36.03 -13.64 47.47
N GLN DA 196 35.34 -12.50 47.64
CA GLN DA 196 35.01 -12.01 48.96
C GLN DA 196 33.95 -12.85 49.66
N GLU DA 197 33.19 -13.66 48.90
CA GLU DA 197 32.16 -14.50 49.51
C GLU DA 197 32.76 -15.70 50.24
N LYS DA 198 33.87 -16.24 49.77
CA LYS DA 198 34.45 -17.42 50.41
C LYS DA 198 34.83 -17.12 51.86
N TRP DA 199 35.40 -15.94 52.11
CA TRP DA 199 35.76 -15.59 53.48
C TRP DA 199 34.53 -15.58 54.38
N THR DA 200 33.42 -15.02 53.90
CA THR DA 200 32.21 -14.98 54.71
C THR DA 200 31.70 -16.37 55.02
N ILE DA 201 31.67 -17.25 54.01
CA ILE DA 201 31.17 -18.61 54.23
C ILE DA 201 32.04 -19.34 55.23
N VAL DA 202 33.36 -19.22 55.09
CA VAL DA 202 34.26 -19.89 56.01
C VAL DA 202 34.03 -19.40 57.43
N ARG DA 203 33.86 -18.09 57.60
CA ARG DA 203 33.59 -17.55 58.92
C ARG DA 203 32.29 -18.11 59.50
N ASP DA 204 31.26 -18.24 58.66
CA ASP DA 204 29.98 -18.75 59.14
C ASP DA 204 30.13 -20.18 59.65
N PHE DA 205 30.88 -21.01 58.93
CA PHE DA 205 31.07 -22.40 59.37
C PHE DA 205 31.76 -22.44 60.72
N ARG DA 206 32.81 -21.64 60.89
CA ARG DA 206 33.55 -21.65 62.16
C ARG DA 206 32.70 -21.17 63.31
N ASN DA 207 31.90 -20.12 63.09
CA ASN DA 207 31.09 -19.56 64.17
C ASN DA 207 30.09 -20.58 64.69
N VAL DA 208 29.40 -21.28 63.79
CA VAL DA 208 28.37 -22.22 64.21
C VAL DA 208 28.97 -23.35 65.02
N LEU DA 209 30.10 -23.91 64.54
CA LEU DA 209 30.70 -25.04 65.23
C LEU DA 209 31.21 -24.65 66.62
N ILE DA 210 31.80 -23.46 66.76
CA ILE DA 210 32.33 -23.03 68.05
C ILE DA 210 31.21 -22.92 69.07
N ASP DA 211 30.09 -22.30 68.68
CA ASP DA 211 28.97 -22.15 69.59
C ASP DA 211 28.41 -23.52 69.96
N GLU DA 212 28.13 -23.72 71.24
CA GLU DA 212 27.70 -25.01 71.74
C GLU DA 212 26.19 -25.17 71.80
N PHE DA 213 25.44 -24.08 71.84
CA PHE DA 213 23.99 -24.14 72.00
C PHE DA 213 23.24 -24.17 70.67
N THR DA 214 23.93 -24.07 69.55
CA THR DA 214 23.24 -23.96 68.27
C THR DA 214 22.48 -25.23 67.92
N PHE DA 215 22.92 -26.38 68.43
CA PHE DA 215 22.36 -27.67 68.04
C PHE DA 215 21.29 -28.18 69.00
N PHE DA 216 20.93 -27.40 70.01
CA PHE DA 216 19.84 -27.81 70.90
C PHE DA 216 18.48 -27.62 70.28
N ASP DA 217 18.37 -26.80 69.23
CA ASP DA 217 17.10 -26.52 68.59
C ASP DA 217 16.99 -27.33 67.30
N PRO DA 218 15.98 -28.18 67.14
CA PRO DA 218 15.85 -28.90 65.86
C PRO DA 218 15.75 -27.98 64.67
N ALA DA 219 15.13 -26.82 64.82
CA ALA DA 219 15.02 -25.88 63.71
C ALA DA 219 16.38 -25.40 63.26
N ASN DA 220 17.23 -25.00 64.21
CA ASN DA 220 18.58 -24.57 63.85
C ASN DA 220 19.39 -25.72 63.24
N SER DA 221 19.26 -26.92 63.80
CA SER DA 221 20.05 -28.05 63.33
C SER DA 221 19.75 -28.35 61.86
N TRP DA 222 18.47 -28.38 61.50
CA TRP DA 222 18.11 -28.70 60.12
C TRP DA 222 18.59 -27.61 59.16
N ASN DA 223 18.42 -26.34 59.54
CA ASN DA 223 18.77 -25.26 58.63
C ASN DA 223 20.26 -25.29 58.28
N VAL DA 224 21.11 -25.53 59.27
CA VAL DA 224 22.55 -25.60 59.00
C VAL DA 224 22.85 -26.76 58.08
N LEU DA 225 22.19 -27.90 58.27
CA LEU DA 225 22.45 -29.06 57.43
C LEU DA 225 22.03 -28.81 55.99
N ARG DA 226 20.82 -28.28 55.80
CA ARG DA 226 20.33 -28.05 54.44
C ARG DA 226 21.16 -27.01 53.72
N ASN DA 227 21.44 -25.88 54.38
CA ASN DA 227 22.22 -24.83 53.74
C ASN DA 227 23.64 -25.27 53.43
N GLY DA 228 24.23 -26.08 54.31
CA GLY DA 228 25.60 -26.52 54.07
C GLY DA 228 25.76 -27.23 52.74
N PHE DA 229 24.80 -28.09 52.41
CA PHE DA 229 24.85 -28.79 51.12
C PHE DA 229 24.62 -27.82 49.97
N SER DA 230 23.77 -26.81 50.18
CA SER DA 230 23.51 -25.84 49.12
C SER DA 230 24.79 -25.15 48.68
N TYR DA 231 25.62 -24.73 49.65
CA TYR DA 231 26.91 -24.15 49.30
C TYR DA 231 27.83 -25.19 48.69
N LEU DA 232 27.78 -26.42 49.18
CA LEU DA 232 28.64 -27.47 48.65
C LEU DA 232 28.31 -27.75 47.19
N ASP DA 233 27.03 -27.81 46.85
CA ASP DA 233 26.64 -28.17 45.49
C ASP DA 233 27.05 -27.09 44.49
N SER DA 234 26.94 -25.83 44.87
CA SER DA 234 27.24 -24.73 43.97
C SER DA 234 28.72 -24.37 43.94
N ALA DA 235 29.56 -25.04 44.74
CA ALA DA 235 30.98 -24.74 44.74
C ALA DA 235 31.61 -25.06 43.39
N ALA DA 236 31.24 -26.19 42.79
CA ALA DA 236 31.78 -26.60 41.51
C ALA DA 236 30.70 -27.32 40.71
N VAL DA 237 30.94 -27.45 39.41
CA VAL DA 237 29.99 -28.06 38.49
C VAL DA 237 30.68 -29.19 37.75
N GLY DA 238 30.04 -30.36 37.73
CA GLY DA 238 30.53 -31.48 36.94
C GLY DA 238 31.17 -32.58 37.76
N GLN DA 239 32.23 -33.19 37.21
CA GLN DA 239 32.86 -34.33 37.85
C GLN DA 239 33.55 -33.96 39.16
N ASP DA 240 33.78 -32.67 39.41
CA ASP DA 240 34.54 -32.28 40.58
C ASP DA 240 33.89 -32.75 41.88
N LYS DA 241 32.57 -32.95 41.88
CA LYS DA 241 31.85 -33.29 43.10
C LYS DA 241 31.72 -34.80 43.33
N PHE DA 242 32.16 -35.64 42.39
CA PHE DA 242 31.95 -37.07 42.53
C PHE DA 242 32.65 -37.61 43.78
N THR DA 243 33.94 -37.32 43.92
CA THR DA 243 34.68 -37.86 45.06
C THR DA 243 34.17 -37.30 46.38
N ILE DA 244 33.87 -36.00 46.42
CA ILE DA 244 33.47 -35.37 47.67
C ILE DA 244 32.17 -35.97 48.18
N LEU DA 245 31.19 -36.12 47.29
CA LEU DA 245 29.89 -36.64 47.73
C LEU DA 245 29.97 -38.10 48.10
N ARG DA 246 30.78 -38.88 47.38
CA ARG DA 246 30.90 -40.30 47.70
C ARG DA 246 31.46 -40.51 49.10
N ASN DA 247 32.41 -39.67 49.52
CA ASN DA 247 32.96 -39.80 50.86
C ASN DA 247 31.89 -39.59 51.93
N ILE DA 248 31.04 -38.57 51.73
CA ILE DA 248 30.00 -38.28 52.72
C ILE DA 248 29.03 -39.46 52.84
N ILE DA 249 28.64 -40.02 51.69
CA ILE DA 249 27.77 -41.20 51.71
C ILE DA 249 28.41 -42.31 52.51
N ASN DA 250 29.72 -42.51 52.34
CA ASN DA 250 30.42 -43.56 53.08
C ASN DA 250 30.31 -43.33 54.58
N TRP DA 251 30.50 -42.09 55.03
CA TRP DA 251 30.46 -41.81 56.47
C TRP DA 251 29.06 -41.99 57.04
N SER DA 252 28.02 -41.86 56.23
CA SER DA 252 26.65 -41.91 56.72
C SER DA 252 26.03 -43.29 56.56
N SER DA 253 26.85 -44.33 56.46
CA SER DA 253 26.36 -45.71 56.37
C SER DA 253 26.37 -46.42 57.72
N SER DA 254 26.75 -45.74 58.80
CA SER DA 254 26.77 -46.35 60.11
C SER DA 254 25.37 -46.41 60.70
N HIS DA 255 25.22 -47.21 61.75
CA HIS DA 255 23.95 -47.34 62.47
C HIS DA 255 24.22 -47.23 63.96
N SER DA 256 23.32 -46.55 64.66
CA SER DA 256 23.50 -46.29 66.08
C SER DA 256 23.41 -47.57 66.88
N GLU DA 257 24.09 -47.58 68.03
CA GLU DA 257 24.12 -48.74 68.92
C GLU DA 257 23.52 -48.46 70.28
N LEU DA 258 22.81 -47.34 70.44
CA LEU DA 258 22.09 -47.06 71.68
C LEU DA 258 20.78 -47.84 71.67
N ASP DA 259 19.89 -47.54 72.60
CA ASP DA 259 18.65 -48.30 72.75
C ASP DA 259 17.45 -47.36 72.78
N GLY DA 260 16.32 -47.87 72.31
CA GLY DA 260 15.08 -47.13 72.41
C GLY DA 260 15.14 -45.80 71.68
N GLU DA 261 14.65 -44.76 72.35
CA GLU DA 261 14.53 -43.45 71.70
C GLU DA 261 15.90 -42.93 71.28
N SER DA 262 16.91 -43.09 72.12
CA SER DA 262 18.23 -42.57 71.79
C SER DA 262 18.72 -43.08 70.44
N ALA DA 263 18.38 -44.33 70.10
CA ALA DA 263 18.78 -44.86 68.80
C ALA DA 263 18.12 -44.08 67.66
N ASP DA 264 16.82 -43.78 67.80
CA ASP DA 264 16.13 -43.05 66.75
C ASP DA 264 16.69 -41.64 66.60
N ALA DA 265 17.00 -40.98 67.71
CA ALA DA 265 17.54 -39.62 67.63
C ALA DA 265 18.88 -39.59 66.93
N GLN DA 266 19.62 -40.70 66.91
CA GLN DA 266 20.91 -40.76 66.24
C GLN DA 266 20.82 -41.31 64.82
N ASN DA 267 19.97 -42.29 64.58
CA ASN DA 267 19.79 -42.78 63.22
C ASN DA 267 19.23 -41.71 62.30
N ALA DA 268 18.47 -40.76 62.86
CA ALA DA 268 17.89 -39.71 62.02
C ALA DA 268 18.99 -38.89 61.35
N ILE DA 269 20.06 -38.60 62.08
CA ILE DA 269 21.16 -37.81 61.51
C ILE DA 269 21.80 -38.57 60.35
N PHE DA 270 22.06 -39.87 60.55
CA PHE DA 270 22.69 -40.66 59.50
C PHE DA 270 21.78 -40.78 58.29
N SER DA 271 20.52 -41.16 58.51
CA SER DA 271 19.61 -41.39 57.40
C SER DA 271 19.36 -40.11 56.62
N ALA DA 272 19.16 -38.99 57.32
CA ALA DA 272 18.90 -37.72 56.64
C ALA DA 272 20.08 -37.30 55.78
N VAL DA 273 21.29 -37.46 56.30
CA VAL DA 273 22.47 -37.01 55.55
C VAL DA 273 22.65 -37.84 54.28
N ARG DA 274 22.48 -39.17 54.39
CA ARG DA 274 22.71 -40.02 53.22
C ARG DA 274 21.73 -39.70 52.11
N VAL DA 275 20.46 -39.48 52.45
CA VAL DA 275 19.46 -39.18 51.42
C VAL DA 275 19.80 -37.87 50.72
N LEU DA 276 20.19 -36.84 51.48
CA LEU DA 276 20.55 -35.57 50.88
C LEU DA 276 21.75 -35.73 49.95
N ALA DA 277 22.77 -36.46 50.39
CA ALA DA 277 23.95 -36.65 49.55
C ALA DA 277 23.59 -37.40 48.27
N THR DA 278 22.77 -38.44 48.39
CA THR DA 278 22.36 -39.19 47.20
C THR DA 278 21.61 -38.30 46.22
N ALA DA 279 20.70 -37.46 46.72
CA ALA DA 279 19.95 -36.58 45.84
C ALA DA 279 20.89 -35.62 45.10
N TYR DA 280 21.85 -35.03 45.82
CA TYR DA 280 22.77 -34.10 45.18
C TYR DA 280 23.74 -34.82 44.25
N LEU DA 281 24.10 -36.06 44.59
CA LEU DA 281 24.95 -36.82 43.69
C LEU DA 281 24.25 -37.09 42.36
N SER DA 282 22.95 -37.38 42.40
CA SER DA 282 22.20 -37.56 41.16
C SER DA 282 22.23 -36.29 40.31
N LYS DA 283 22.06 -35.14 40.94
CA LYS DA 283 22.09 -33.88 40.20
C LYS DA 283 23.45 -33.68 39.54
N ALA DA 284 24.53 -34.09 40.21
CA ALA DA 284 25.86 -33.97 39.61
C ALA DA 284 25.98 -34.82 38.36
N TYR DA 285 25.46 -36.05 38.39
CA TYR DA 285 25.54 -36.92 37.23
C TYR DA 285 24.81 -36.33 36.03
N MET DA 286 23.76 -35.55 36.27
CA MET DA 286 23.00 -34.96 35.18
C MET DA 286 23.74 -33.83 34.49
N GLU DA 287 24.87 -33.38 35.02
CA GLU DA 287 25.62 -32.26 34.46
C GLU DA 287 26.82 -32.72 33.64
N THR DA 288 26.93 -34.02 33.35
CA THR DA 288 28.04 -34.55 32.57
C THR DA 288 27.51 -35.45 31.47
N VAL DA 289 28.27 -35.52 30.38
CA VAL DA 289 27.88 -36.30 29.21
C VAL DA 289 28.18 -37.77 29.47
N ALA DA 290 27.23 -38.64 29.13
CA ALA DA 290 27.41 -40.07 29.32
C ALA DA 290 28.42 -40.61 28.31
N SER DA 291 29.55 -41.12 28.81
CA SER DA 291 30.59 -41.63 27.91
C SER DA 291 30.08 -42.81 27.10
N THR DA 292 29.34 -43.72 27.73
CA THR DA 292 28.83 -44.90 27.05
C THR DA 292 27.53 -45.32 27.72
N VAL DA 293 26.71 -46.06 26.96
CA VAL DA 293 25.45 -46.56 27.50
C VAL DA 293 25.71 -47.47 28.70
N ASN DA 294 26.69 -48.37 28.57
CA ASN DA 294 27.00 -49.28 29.67
C ASN DA 294 27.44 -48.51 30.91
N GLU DA 295 28.32 -47.52 30.72
CA GLU DA 295 28.76 -46.72 31.86
C GLU DA 295 27.64 -45.88 32.42
N GLY DA 296 26.82 -45.28 31.55
CA GLY DA 296 25.72 -44.45 32.02
C GLY DA 296 24.73 -45.21 32.88
N LEU DA 297 24.41 -46.44 32.48
CA LEU DA 297 23.51 -47.27 33.27
C LEU DA 297 24.18 -47.78 34.54
N ALA DA 298 25.49 -48.04 34.50
CA ALA DA 298 26.20 -48.45 35.70
C ALA DA 298 26.12 -47.38 36.78
N GLN DA 299 26.22 -46.11 36.38
CA GLN DA 299 26.09 -45.02 37.34
C GLN DA 299 24.71 -45.02 37.97
N TYR DA 300 23.67 -45.26 37.18
CA TYR DA 300 22.31 -45.27 37.72
C TYR DA 300 22.12 -46.35 38.77
N ASP DA 301 22.63 -47.56 38.50
CA ASP DA 301 22.48 -48.64 39.47
C ASP DA 301 23.12 -48.27 40.80
N GLN DA 302 24.21 -47.50 40.76
CA GLN DA 302 24.86 -47.08 42.00
C GLN DA 302 23.94 -46.23 42.86
N ILE DA 303 23.01 -45.51 42.25
CA ILE DA 303 22.10 -44.65 43.00
C ILE DA 303 20.86 -45.40 43.46
N ALA DA 304 20.29 -46.24 42.60
CA ALA DA 304 19.07 -46.95 42.96
C ALA DA 304 19.29 -47.83 44.19
N ALA DA 305 20.47 -48.45 44.29
CA ALA DA 305 20.76 -49.30 45.44
C ALA DA 305 20.71 -48.51 46.74
N ILE DA 306 21.33 -47.32 46.74
CA ILE DA 306 21.35 -46.52 47.96
C ILE DA 306 19.94 -46.08 48.35
N LEU DA 307 19.16 -45.61 47.38
CA LEU DA 307 17.80 -45.18 47.68
C LEU DA 307 16.94 -46.36 48.14
N GLU DA 308 17.16 -47.53 47.55
CA GLU DA 308 16.41 -48.71 47.97
C GLU DA 308 16.71 -49.08 49.40
N GLN DA 309 17.97 -49.01 49.81
CA GLN DA 309 18.33 -49.34 51.19
C GLN DA 309 17.63 -48.40 52.18
N GLU DA 310 17.62 -47.11 51.87
CA GLU DA 310 16.97 -46.15 52.77
C GLU DA 310 15.48 -46.43 52.87
N ALA DA 311 14.85 -46.82 51.77
CA ALA DA 311 13.42 -47.12 51.80
C ALA DA 311 13.12 -48.29 52.73
N GLN DA 312 13.96 -49.33 52.69
CA GLN DA 312 13.73 -50.48 53.56
C GLN DA 312 13.84 -50.10 55.03
N ILE DA 313 14.82 -49.25 55.37
CA ILE DA 313 14.99 -48.86 56.77
C ILE DA 313 13.77 -48.10 57.27
N ALA DA 314 13.26 -47.16 56.47
CA ALA DA 314 12.11 -46.37 56.91
C ALA DA 314 10.86 -47.22 57.03
N GLN DA 315 10.78 -48.32 56.28
CA GLN DA 315 9.63 -49.21 56.31
C GLN DA 315 9.90 -50.48 57.12
N GLU DA 316 11.00 -50.52 57.88
CA GLU DA 316 11.36 -51.73 58.59
C GLU DA 316 10.24 -52.18 59.52
N ASP DA 317 9.75 -51.27 60.36
CA ASP DA 317 8.68 -51.56 61.30
C ASP DA 317 7.68 -50.41 61.33
N CYS DA 318 7.32 -49.91 60.14
CA CYS DA 318 6.51 -48.70 60.03
C CYS DA 318 7.15 -47.56 60.81
N HIS DA 319 8.48 -47.48 60.71
CA HIS DA 319 9.22 -46.44 61.42
C HIS DA 319 8.81 -45.05 60.93
N ASP DA 320 8.67 -44.89 59.62
CA ASP DA 320 8.13 -43.66 59.04
C ASP DA 320 7.47 -44.03 57.73
N ASN DA 321 6.14 -44.21 57.76
CA ASN DA 321 5.42 -44.62 56.57
C ASN DA 321 5.48 -43.54 55.49
N GLU DA 322 5.26 -42.29 55.87
CA GLU DA 322 5.26 -41.21 54.88
C GLU DA 322 6.62 -41.08 54.22
N PHE DA 323 7.70 -41.21 54.99
CA PHE DA 323 9.04 -41.15 54.42
C PHE DA 323 9.24 -42.27 53.41
N PHE DA 324 8.74 -43.47 53.70
CA PHE DA 324 8.89 -44.58 52.77
C PHE DA 324 8.24 -44.26 51.43
N LEU DA 325 7.04 -43.67 51.46
CA LEU DA 325 6.38 -43.32 50.21
C LEU DA 325 7.18 -42.28 49.43
N SER DA 326 7.71 -41.27 50.13
CA SER DA 326 8.44 -40.20 49.45
C SER DA 326 9.68 -40.74 48.76
N ILE DA 327 10.43 -41.60 49.45
CA ILE DA 327 11.64 -42.18 48.85
C ILE DA 327 11.27 -43.01 47.62
N ARG DA 328 10.20 -43.81 47.72
CA ARG DA 328 9.83 -44.66 46.60
C ARG DA 328 9.47 -43.84 45.37
N GLU DA 329 8.72 -42.75 45.55
CA GLU DA 329 8.35 -41.92 44.41
C GLU DA 329 9.58 -41.23 43.81
N PHE DA 330 10.50 -40.78 44.65
CA PHE DA 330 11.69 -40.11 44.14
C PHE DA 330 12.56 -41.06 43.32
N SER DA 331 12.65 -42.32 43.73
CA SER DA 331 13.50 -43.27 43.03
C SER DA 331 13.04 -43.47 41.60
N VAL DA 332 11.73 -43.61 41.39
CA VAL DA 332 11.21 -43.80 40.05
C VAL DA 332 11.44 -42.54 39.21
N SER DA 333 11.33 -41.37 39.83
CA SER DA 333 11.62 -40.14 39.11
C SER DA 333 13.07 -40.08 38.66
N VAL DA 334 13.99 -40.51 39.52
CA VAL DA 334 15.41 -40.54 39.15
C VAL DA 334 15.62 -41.49 37.97
N ALA DA 335 14.96 -42.66 38.00
CA ALA DA 335 15.13 -43.61 36.92
C ALA DA 335 14.66 -43.04 35.59
N ARG DA 336 13.55 -42.30 35.60
CA ARG DA 336 13.02 -41.75 34.36
C ARG DA 336 14.04 -40.84 33.67
N VAL DA 337 14.89 -40.17 34.43
CA VAL DA 337 15.86 -39.25 33.85
C VAL DA 337 17.19 -39.92 33.58
N MET DA 338 17.71 -40.71 34.52
CA MET DA 338 19.01 -41.33 34.34
C MET DA 338 19.01 -42.27 33.15
N VAL DA 339 17.96 -43.07 33.00
CA VAL DA 339 17.88 -43.98 31.86
C VAL DA 339 17.85 -43.21 30.55
N ASN DA 340 17.08 -42.13 30.52
CA ASN DA 340 17.00 -41.31 29.31
C ASN DA 340 18.36 -40.73 28.95
N ARG DA 341 19.10 -40.25 29.96
CA ARG DA 341 20.42 -39.69 29.70
C ARG DA 341 21.35 -40.72 29.09
N ALA DA 342 21.37 -41.94 29.65
CA ALA DA 342 22.30 -42.95 29.15
C ALA DA 342 21.99 -43.33 27.71
N TYR DA 343 20.72 -43.52 27.40
CA TYR DA 343 20.32 -44.06 26.10
C TYR DA 343 20.12 -43.00 25.03
N ASN DA 344 19.94 -41.73 25.40
CA ASN DA 344 19.47 -40.73 24.45
C ASN DA 344 20.17 -39.38 24.56
N SER DA 345 21.18 -39.22 25.41
CA SER DA 345 21.79 -37.92 25.53
C SER DA 345 22.55 -37.57 24.23
N PRO DA 346 23.60 -38.31 23.87
CA PRO DA 346 24.13 -38.17 22.51
C PRO DA 346 23.60 -39.21 21.52
N ALA DA 347 22.81 -40.19 21.97
CA ALA DA 347 22.22 -41.20 21.10
C ALA DA 347 23.31 -42.00 20.38
N LEU DA 348 24.11 -42.71 21.18
CA LEU DA 348 25.20 -43.51 20.66
C LEU DA 348 24.69 -44.79 19.99
N ILE DA 349 25.48 -45.28 19.04
CA ILE DA 349 25.21 -46.55 18.36
C ILE DA 349 26.54 -47.19 18.00
N VAL DA 350 26.54 -48.52 17.94
CA VAL DA 350 27.74 -49.28 17.61
C VAL DA 350 27.80 -49.50 16.11
N TYR DA 351 28.93 -49.17 15.51
CA TYR DA 351 29.19 -49.45 14.10
C TYR DA 351 30.03 -50.71 13.97
N SER DA 352 30.11 -51.23 12.74
CA SER DA 352 30.82 -52.46 12.44
C SER DA 352 31.72 -52.24 11.22
N PHE DA 353 32.95 -51.82 11.47
CA PHE DA 353 33.89 -51.59 10.38
C PHE DA 353 34.54 -52.90 9.95
N PRO DA 354 35.10 -52.94 8.74
CA PRO DA 354 35.76 -54.16 8.26
C PRO DA 354 37.18 -54.35 8.77
N GLY DA 355 37.69 -53.43 9.58
CA GLY DA 355 39.04 -53.56 10.11
C GLY DA 355 39.50 -52.33 10.87
N THR DA 356 40.56 -52.47 11.64
CA THR DA 356 41.06 -51.34 12.42
C THR DA 356 41.52 -50.21 11.49
N MET DA 357 41.16 -48.98 11.85
CA MET DA 357 41.54 -47.82 11.08
C MET DA 357 41.74 -46.64 12.02
N HIS DA 358 42.43 -45.62 11.52
CA HIS DA 358 42.79 -44.48 12.35
C HIS DA 358 41.54 -43.72 12.79
N SER DA 359 41.69 -42.96 13.87
CA SER DA 359 40.58 -42.17 14.38
C SER DA 359 40.14 -41.13 13.36
N LEU DA 360 41.11 -40.48 12.70
CA LEU DA 360 40.77 -39.44 11.74
C LEU DA 360 39.93 -40.01 10.60
N VAL DA 361 40.33 -41.16 10.05
CA VAL DA 361 39.61 -41.75 8.94
C VAL DA 361 38.21 -42.16 9.37
N VAL DA 362 38.09 -42.74 10.57
CA VAL DA 362 36.79 -43.19 11.06
C VAL DA 362 35.83 -42.01 11.17
N ALA DA 363 36.31 -40.89 11.71
CA ALA DA 363 35.46 -39.72 11.87
C ALA DA 363 34.97 -39.21 10.53
N TRP DA 364 35.86 -39.15 9.53
CA TRP DA 364 35.47 -38.64 8.22
C TRP DA 364 34.42 -39.54 7.57
N GLU DA 365 34.60 -40.85 7.64
CA GLU DA 365 33.67 -41.76 6.98
C GLU DA 365 32.28 -41.67 7.59
N ILE DA 366 32.18 -41.78 8.91
CA ILE DA 366 30.87 -41.83 9.56
C ILE DA 366 30.13 -40.51 9.36
N PHE DA 367 30.82 -39.40 9.59
CA PHE DA 367 30.18 -38.08 9.60
C PHE DA 367 30.43 -37.29 8.33
N GLY DA 368 31.70 -37.12 7.96
CA GLY DA 368 32.09 -36.24 6.88
C GLY DA 368 32.90 -35.04 7.32
N ASP DA 369 33.53 -35.09 8.49
CA ASP DA 369 34.32 -33.96 9.00
C ASP DA 369 35.38 -34.54 9.94
N ALA DA 370 36.62 -34.62 9.45
CA ALA DA 370 37.68 -35.23 10.23
C ALA DA 370 37.96 -34.50 11.53
N LYS DA 371 37.52 -33.23 11.65
CA LYS DA 371 37.72 -32.48 12.87
C LYS DA 371 36.94 -33.05 14.05
N ARG DA 372 36.00 -33.95 13.81
CA ARG DA 372 35.18 -34.51 14.88
C ARG DA 372 35.81 -35.74 15.53
N SER DA 373 37.03 -36.11 15.13
CA SER DA 373 37.68 -37.28 15.72
C SER DA 373 37.89 -37.13 17.23
N ARG DA 374 37.88 -35.90 17.75
CA ARG DA 374 38.10 -35.70 19.17
C ARG DA 374 37.09 -36.47 20.01
N GLU DA 375 35.85 -36.57 19.53
CA GLU DA 375 34.81 -37.24 20.30
C GLU DA 375 35.13 -38.71 20.52
N LEU DA 376 35.67 -39.39 19.50
CA LEU DA 376 35.91 -40.82 19.59
C LEU DA 376 36.95 -41.20 20.62
N GLU DA 377 37.73 -40.23 21.12
CA GLU DA 377 38.82 -40.56 22.04
C GLU DA 377 38.30 -41.18 23.32
N GLY DA 378 37.22 -40.62 23.89
CA GLY DA 378 36.79 -41.02 25.21
C GLY DA 378 35.98 -42.29 25.26
N ARG DA 379 35.31 -42.66 24.17
CA ARG DA 379 34.39 -43.80 24.18
C ARG DA 379 35.03 -45.11 23.73
N ASN DA 380 36.15 -45.05 23.01
CA ASN DA 380 36.78 -46.24 22.46
C ASN DA 380 38.18 -46.40 23.06
N THR DA 381 38.52 -47.62 23.44
CA THR DA 381 39.86 -47.93 23.89
C THR DA 381 40.75 -48.14 22.66
N GLY DA 382 41.96 -48.64 22.87
CA GLY DA 382 42.88 -48.84 21.77
C GLY DA 382 43.60 -47.56 21.39
N ALA DA 383 44.77 -47.67 20.78
CA ALA DA 383 45.54 -46.51 20.42
C ALA DA 383 44.82 -45.71 19.33
N PRO DA 384 45.17 -44.43 19.17
CA PRO DA 384 44.48 -43.62 18.16
C PRO DA 384 44.64 -44.14 16.75
N TRP DA 385 45.64 -44.97 16.48
CA TRP DA 385 45.88 -45.50 15.15
C TRP DA 385 45.31 -46.90 14.94
N ALA DA 386 44.64 -47.47 15.93
CA ALA DA 386 44.09 -48.82 15.83
C ALA DA 386 42.69 -48.89 16.42
N ILE DA 387 41.86 -47.88 16.14
CA ILE DA 387 40.49 -47.91 16.60
C ILE DA 387 39.70 -48.90 15.76
N GLY DA 388 38.94 -49.78 16.42
CA GLY DA 388 38.14 -50.76 15.75
C GLY DA 388 38.33 -52.16 16.31
N PRO DA 389 37.79 -53.17 15.63
CA PRO DA 389 37.02 -53.07 14.39
C PRO DA 389 35.57 -52.64 14.62
N LYS DA 390 35.17 -52.52 15.87
CA LYS DA 390 33.84 -52.06 16.25
C LYS DA 390 33.95 -50.71 16.92
N VAL DA 391 33.21 -49.73 16.43
CA VAL DA 391 33.31 -48.35 16.88
C VAL DA 391 31.99 -47.92 17.50
N ILE DA 392 32.07 -47.01 18.46
CA ILE DA 392 30.90 -46.42 19.10
C ILE DA 392 30.90 -44.93 18.76
N ALA DA 393 29.81 -44.47 18.15
CA ALA DA 393 29.71 -43.08 17.73
C ALA DA 393 28.26 -42.64 17.82
N GLU DA 394 28.00 -41.42 17.39
CA GLU DA 394 26.66 -40.84 17.47
C GLU DA 394 25.82 -41.27 16.28
N ARG DA 395 24.56 -40.86 16.28
CA ARG DA 395 23.63 -41.13 15.18
C ARG DA 395 23.65 -39.97 14.20
N VAL DA 396 23.93 -40.26 12.93
CA VAL DA 396 23.83 -39.24 11.91
C VAL DA 396 22.37 -38.90 11.69
N ARG DA 397 22.04 -37.61 11.79
CA ARG DA 397 20.67 -37.13 11.71
C ARG DA 397 20.53 -36.06 10.64
N ALA DA 398 21.04 -36.37 9.45
CA ALA DA 398 20.97 -35.45 8.32
C ALA DA 398 19.54 -34.98 8.09
N ASN EA 4 -29.73 60.52 -12.11
CA ASN EA 4 -29.31 61.45 -13.15
C ASN EA 4 -29.76 60.97 -14.53
N PHE EA 5 -29.30 61.64 -15.57
CA PHE EA 5 -29.70 61.29 -16.93
C PHE EA 5 -29.19 59.89 -17.25
N GLU EA 6 -30.01 59.12 -17.99
CA GLU EA 6 -29.72 57.70 -18.18
C GLU EA 6 -28.41 57.46 -18.92
N THR EA 7 -27.90 58.45 -19.65
CA THR EA 7 -26.64 58.28 -20.38
C THR EA 7 -25.48 58.44 -19.40
N ALA EA 8 -25.23 57.34 -18.67
CA ALA EA 8 -24.16 57.33 -17.67
C ALA EA 8 -22.83 56.84 -18.23
N ASP EA 9 -22.86 55.95 -19.22
CA ASP EA 9 -21.64 55.43 -19.81
C ASP EA 9 -20.80 56.57 -20.39
N ARG EA 10 -19.66 56.86 -19.78
CA ARG EA 10 -18.80 57.95 -20.20
C ARG EA 10 -17.66 57.51 -21.12
N ARG EA 11 -17.51 56.21 -21.35
CA ARG EA 11 -16.40 55.73 -22.17
C ARG EA 11 -16.51 56.27 -23.59
N LYS EA 12 -15.39 56.73 -24.13
CA LYS EA 12 -15.33 57.33 -25.46
C LYS EA 12 -14.61 56.39 -26.41
N ARG EA 13 -14.51 56.81 -27.67
CA ARG EA 13 -13.94 56.01 -28.74
C ARG EA 13 -12.86 56.81 -29.45
N PHE EA 14 -11.69 56.19 -29.63
CA PHE EA 14 -10.55 56.86 -30.24
C PHE EA 14 -10.58 56.64 -31.75
N TRP EA 15 -9.48 56.99 -32.42
CA TRP EA 15 -9.42 56.85 -33.87
C TRP EA 15 -9.54 55.37 -34.27
N THR EA 16 -10.02 55.14 -35.49
CA THR EA 16 -10.19 53.79 -35.99
C THR EA 16 -9.85 53.76 -37.48
N THR EA 17 -8.97 52.84 -37.86
CA THR EA 17 -8.63 52.68 -39.27
C THR EA 17 -9.86 52.24 -40.05
N GLN EA 18 -9.99 52.75 -41.28
CA GLN EA 18 -11.16 52.51 -42.11
C GLN EA 18 -10.73 52.12 -43.51
N VAL EA 19 -11.53 51.25 -44.13
CA VAL EA 19 -11.27 50.84 -45.50
C VAL EA 19 -11.55 51.99 -46.46
N ALA EA 20 -10.78 52.06 -47.54
CA ALA EA 20 -10.95 53.09 -48.56
C ALA EA 20 -10.74 54.49 -48.01
N ALA EA 21 -10.02 54.62 -46.89
CA ALA EA 21 -9.76 55.94 -46.34
C ALA EA 21 -8.93 56.78 -47.30
N CYS EA 22 -7.93 56.17 -47.94
CA CYS EA 22 -7.07 56.85 -48.90
C CYS EA 22 -7.41 56.50 -50.34
N GLY EA 23 -8.63 56.02 -50.59
CA GLY EA 23 -9.02 55.64 -51.93
C GLY EA 23 -8.59 54.23 -52.28
N GLN EA 24 -8.86 53.87 -53.53
CA GLN EA 24 -8.54 52.54 -54.05
C GLN EA 24 -7.48 52.65 -55.14
N SER EA 25 -6.51 51.76 -55.10
CA SER EA 25 -5.45 51.68 -56.09
C SER EA 25 -5.85 50.68 -57.17
N SER EA 26 -5.93 51.14 -58.41
CA SER EA 26 -6.39 50.32 -59.52
C SER EA 26 -5.21 49.77 -60.30
N ASP EA 27 -5.41 48.61 -60.90
CA ASP EA 27 -4.39 47.95 -61.70
C ASP EA 27 -5.09 47.02 -62.69
N ASP EA 28 -4.32 46.54 -63.67
CA ASP EA 28 -4.89 45.66 -64.68
C ASP EA 28 -5.52 44.42 -64.06
N CYS EA 29 -4.92 43.88 -63.01
CA CYS EA 29 -5.47 42.70 -62.38
C CYS EA 29 -6.83 42.99 -61.75
N GLY EA 30 -6.96 44.11 -61.07
CA GLY EA 30 -8.21 44.44 -60.41
C GLY EA 30 -8.09 45.71 -59.61
N ASP EA 31 -9.14 45.99 -58.84
CA ASP EA 31 -9.21 47.17 -57.99
C ASP EA 31 -9.26 46.74 -56.54
N CYS EA 32 -8.44 47.39 -55.70
CA CYS EA 32 -8.35 47.07 -54.29
C CYS EA 32 -8.35 48.35 -53.47
N ALA EA 33 -8.81 48.24 -52.22
CA ALA EA 33 -8.87 49.38 -51.34
C ALA EA 33 -7.51 49.66 -50.70
N ARG EA 34 -7.35 50.86 -50.18
CA ARG EA 34 -6.12 51.29 -49.51
C ARG EA 34 -6.49 51.87 -48.14
N PRO EA 35 -6.59 51.03 -47.12
CA PRO EA 35 -7.09 51.50 -45.83
C PRO EA 35 -6.15 52.48 -45.16
N GLY EA 36 -6.73 53.29 -44.29
CA GLY EA 36 -5.97 54.29 -43.56
C GLY EA 36 -6.89 55.11 -42.67
N LEU EA 37 -6.34 56.19 -42.13
CA LEU EA 37 -7.12 57.09 -41.31
C LEU EA 37 -7.94 58.03 -42.19
N GLN EA 38 -9.04 58.52 -41.63
CA GLN EA 38 -9.98 59.38 -42.34
C GLN EA 38 -10.02 60.74 -41.67
N LEU EA 39 -10.11 61.78 -42.50
CA LEU EA 39 -10.17 63.16 -42.03
C LEU EA 39 -11.55 63.73 -42.31
N LEU EA 40 -12.18 64.33 -41.30
CA LEU EA 40 -13.46 64.98 -41.42
C LEU EA 40 -13.28 66.48 -41.21
N CYS EA 41 -13.89 67.28 -42.08
CA CYS EA 41 -13.70 68.72 -42.11
C CYS EA 41 -14.97 69.43 -41.66
N ASN EA 42 -14.78 70.51 -40.90
CA ASN EA 42 -15.88 71.34 -40.45
C ASN EA 42 -16.11 72.45 -41.48
N GLY EA 43 -17.03 73.38 -41.19
CA GLY EA 43 -17.29 74.47 -42.11
C GLY EA 43 -16.26 75.57 -42.10
N GLU EA 44 -15.33 75.57 -41.15
CA GLU EA 44 -14.29 76.58 -41.04
C GLU EA 44 -12.94 75.92 -40.79
N GLY EA 45 -12.63 74.90 -41.57
CA GLY EA 45 -11.43 74.12 -41.31
C GLY EA 45 -11.67 73.21 -40.12
N ARG EA 46 -10.70 73.15 -39.22
CA ARG EA 46 -10.82 72.38 -37.98
C ARG EA 46 -11.12 70.91 -38.29
N ILE EA 47 -10.13 70.28 -38.94
CA ILE EA 47 -10.25 68.90 -39.34
C ILE EA 47 -10.26 67.99 -38.11
N THR EA 48 -10.91 66.83 -38.25
CA THR EA 48 -11.00 65.86 -37.18
C THR EA 48 -10.97 64.46 -37.78
N ILE EA 49 -10.53 63.50 -36.96
CA ILE EA 49 -10.41 62.10 -37.39
C ILE EA 49 -11.71 61.37 -37.10
N ALA EA 50 -11.98 60.32 -37.87
CA ALA EA 50 -13.19 59.55 -37.73
C ALA EA 50 -12.99 58.41 -36.73
N THR EA 51 -14.09 58.03 -36.07
CA THR EA 51 -14.05 57.00 -35.02
C THR EA 51 -15.24 56.06 -35.15
N ASP EA 52 -15.54 55.62 -36.38
CA ASP EA 52 -16.66 54.74 -36.63
C ASP EA 52 -16.17 53.33 -36.95
N ASN EA 53 -17.08 52.36 -36.79
CA ASN EA 53 -16.81 50.95 -37.08
C ASN EA 53 -15.53 50.50 -36.37
N TYR EA 54 -15.60 50.50 -35.03
CA TYR EA 54 -14.44 50.15 -34.23
C TYR EA 54 -13.99 48.73 -34.50
N VAL EA 55 -14.90 47.76 -34.39
CA VAL EA 55 -14.50 46.36 -34.52
C VAL EA 55 -13.95 46.08 -35.91
N ALA EA 56 -14.59 46.63 -36.95
CA ALA EA 56 -14.09 46.43 -38.30
C ALA EA 56 -12.69 46.99 -38.46
N GLY EA 57 -12.44 48.17 -37.89
CA GLY EA 57 -11.09 48.73 -37.93
C GLY EA 57 -10.09 47.87 -37.19
N LEU EA 58 -10.51 47.29 -36.06
CA LEU EA 58 -9.60 46.43 -35.30
C LEU EA 58 -9.22 45.19 -36.09
N ALA EA 59 -10.18 44.62 -36.81
CA ALA EA 59 -9.88 43.42 -37.60
C ALA EA 59 -8.82 43.70 -38.66
N LEU EA 60 -8.90 44.88 -39.29
CA LEU EA 60 -7.90 45.22 -40.29
C LEU EA 60 -6.50 45.24 -39.70
N ASN EA 61 -6.36 45.79 -38.49
CA ASN EA 61 -5.05 45.83 -37.84
C ASN EA 61 -4.49 44.43 -37.64
N ILE EA 62 -5.33 43.49 -37.19
CA ILE EA 62 -4.86 42.14 -36.95
C ILE EA 62 -4.43 41.48 -38.26
N LEU EA 63 -5.24 41.60 -39.31
CA LEU EA 63 -4.94 40.91 -40.56
C LEU EA 63 -3.69 41.50 -41.22
N LEU EA 64 -3.59 42.81 -41.29
CA LEU EA 64 -2.51 43.47 -42.03
C LEU EA 64 -1.38 43.85 -41.08
N THR EA 65 -0.78 42.82 -40.50
CA THR EA 65 0.41 42.99 -39.66
C THR EA 65 1.09 41.65 -39.45
N ASP EA 66 2.38 41.57 -39.75
CA ASP EA 66 3.11 40.32 -39.65
C ASP EA 66 3.44 40.03 -38.20
N ALA EA 67 3.16 38.81 -37.75
CA ALA EA 67 3.48 38.37 -36.40
C ALA EA 67 4.86 37.72 -36.38
N SER EA 68 5.29 37.34 -35.17
CA SER EA 68 6.61 36.76 -35.01
C SER EA 68 6.73 35.49 -35.84
N LYS EA 69 7.84 35.37 -36.57
CA LYS EA 69 8.08 34.20 -37.41
C LYS EA 69 8.64 33.05 -36.57
N ALA EA 70 8.26 31.83 -36.95
CA ALA EA 70 8.72 30.64 -36.25
C ALA EA 70 10.20 30.40 -36.51
N ASP EA 71 10.88 29.83 -35.52
CA ASP EA 71 12.29 29.49 -35.68
C ASP EA 71 12.45 28.45 -36.77
N THR EA 72 13.56 28.54 -37.51
CA THR EA 72 13.79 27.70 -38.67
C THR EA 72 15.09 26.92 -38.64
N GLY EA 73 16.06 27.32 -37.81
CA GLY EA 73 17.35 26.67 -37.76
C GLY EA 73 18.40 27.29 -38.66
N CYS EA 74 17.99 28.07 -39.65
CA CYS EA 74 18.93 28.85 -40.46
C CYS EA 74 18.97 30.31 -40.06
N GLY EA 75 17.87 30.86 -39.57
CA GLY EA 75 17.84 32.17 -38.99
C GLY EA 75 17.22 33.20 -39.91
N TRP EA 76 16.88 34.35 -39.31
CA TRP EA 76 16.34 35.50 -40.02
C TRP EA 76 17.21 36.70 -39.75
N THR EA 77 17.19 37.66 -40.68
CA THR EA 77 17.85 38.92 -40.44
C THR EA 77 17.15 39.67 -39.31
N PRO EA 78 17.90 40.40 -38.49
CA PRO EA 78 17.27 41.07 -37.34
C PRO EA 78 16.21 42.06 -37.72
N GLY EA 79 16.24 42.58 -38.95
CA GLY EA 79 15.27 43.60 -39.33
C GLY EA 79 13.85 43.05 -39.41
N ASN EA 80 13.67 41.87 -39.98
CA ASN EA 80 12.35 41.35 -40.35
C ASN EA 80 12.04 40.04 -39.64
N ARG EA 81 12.32 39.97 -38.33
CA ARG EA 81 11.88 38.82 -37.57
C ARG EA 81 10.38 38.82 -37.32
N GLY EA 82 9.68 39.92 -37.60
CA GLY EA 82 8.26 40.00 -37.39
C GLY EA 82 7.91 40.42 -35.97
N GLY EA 83 6.61 40.59 -35.76
CA GLY EA 83 6.11 40.96 -34.45
C GLY EA 83 6.24 42.44 -34.17
N PHE EA 84 5.93 42.80 -32.92
CA PHE EA 84 5.97 44.17 -32.45
C PHE EA 84 6.73 44.23 -31.13
N TRP EA 85 7.61 45.22 -31.00
CA TRP EA 85 8.41 45.33 -29.79
C TRP EA 85 7.59 45.72 -28.57
N GLY EA 86 6.38 46.26 -28.77
CA GLY EA 86 5.54 46.66 -27.66
C GLY EA 86 4.83 45.54 -26.96
N ASP EA 87 4.89 44.32 -27.50
CA ASP EA 87 4.23 43.19 -26.87
C ASP EA 87 4.93 42.73 -25.59
N SER EA 88 6.11 43.26 -25.29
CA SER EA 88 6.83 42.83 -24.10
C SER EA 88 6.11 43.26 -22.81
N PHE EA 89 5.15 44.17 -22.90
CA PHE EA 89 4.51 44.73 -21.72
C PHE EA 89 3.10 44.24 -21.50
N ARG EA 90 2.39 43.81 -22.54
CA ARG EA 90 1.02 43.34 -22.36
C ARG EA 90 0.99 42.11 -21.46
N SER EA 91 -0.05 42.03 -20.64
CA SER EA 91 -0.17 40.99 -19.62
C SER EA 91 -1.23 39.95 -19.93
N ASP EA 92 -1.83 39.99 -21.11
CA ASP EA 92 -2.89 39.06 -21.47
C ASP EA 92 -2.35 37.76 -22.07
N ASN EA 93 -1.03 37.61 -22.19
CA ASN EA 93 -0.41 36.37 -22.64
C ASN EA 93 -0.79 36.07 -24.09
N MET EA 94 -0.64 37.08 -24.96
CA MET EA 94 -0.85 36.93 -26.39
C MET EA 94 0.16 37.80 -27.11
N ARG EA 95 0.24 37.63 -28.43
CA ARG EA 95 1.17 38.38 -29.26
C ARG EA 95 0.38 39.08 -30.37
N SER EA 96 0.83 40.28 -30.71
CA SER EA 96 0.13 41.12 -31.66
C SER EA 96 0.38 40.65 -33.10
N GLY EA 97 -0.37 41.24 -34.02
CA GLY EA 97 -0.20 40.94 -35.43
C GLY EA 97 -0.83 39.61 -35.83
N SER EA 98 -0.51 39.19 -37.04
CA SER EA 98 -1.02 37.94 -37.59
C SER EA 98 0.07 37.31 -38.44
N LYS EA 99 -0.18 36.05 -38.85
CA LYS EA 99 0.80 35.29 -39.61
C LYS EA 99 0.17 34.59 -40.80
N ILE EA 100 -0.86 35.16 -41.39
CA ILE EA 100 -1.50 34.53 -42.54
C ILE EA 100 -0.58 34.53 -43.74
N ARG EA 101 0.43 35.40 -43.75
CA ARG EA 101 1.33 35.55 -44.90
C ARG EA 101 2.49 34.57 -44.89
N GLN EA 102 2.62 33.73 -43.85
CA GLN EA 102 3.74 32.82 -43.72
C GLN EA 102 3.42 31.41 -44.19
N VAL EA 103 2.55 31.28 -45.20
CA VAL EA 103 2.24 29.98 -45.77
C VAL EA 103 3.19 29.69 -46.92
N THR EA 104 3.32 28.41 -47.25
CA THR EA 104 4.17 27.97 -48.35
C THR EA 104 3.42 26.98 -49.22
N ALA EA 105 3.73 27.00 -50.51
CA ALA EA 105 3.05 26.12 -51.45
C ALA EA 105 3.30 24.66 -51.10
N ARG EA 106 2.27 23.96 -50.63
CA ARG EA 106 2.36 22.57 -50.25
C ARG EA 106 1.28 21.78 -50.98
N GLY EA 107 1.69 20.76 -51.74
CA GLY EA 107 0.72 19.97 -52.43
C GLY EA 107 0.01 20.78 -53.51
N SER EA 108 -1.17 20.28 -53.89
CA SER EA 108 -1.98 20.95 -54.90
C SER EA 108 -2.54 22.26 -54.34
N MET EA 109 -3.02 23.11 -55.25
CA MET EA 109 -3.53 24.41 -54.85
C MET EA 109 -4.70 24.27 -53.87
N ARG EA 110 -5.50 23.21 -54.00
CA ARG EA 110 -6.62 23.03 -53.09
C ARG EA 110 -6.14 22.91 -51.64
N GLU EA 111 -5.07 22.14 -51.42
CA GLU EA 111 -4.55 21.99 -50.07
C GLU EA 111 -4.03 23.32 -49.52
N THR EA 112 -3.30 24.08 -50.34
CA THR EA 112 -2.74 25.33 -49.86
C THR EA 112 -3.83 26.31 -49.44
N VAL EA 113 -4.90 26.41 -50.24
CA VAL EA 113 -6.00 27.30 -49.89
C VAL EA 113 -6.62 26.87 -48.57
N ALA EA 114 -6.75 25.56 -48.34
CA ALA EA 114 -7.31 25.08 -47.09
C ALA EA 114 -6.47 25.53 -45.90
N LEU EA 115 -5.14 25.47 -46.04
CA LEU EA 115 -4.27 25.92 -44.96
C LEU EA 115 -4.45 27.40 -44.68
N ILE EA 116 -4.59 28.21 -45.72
CA ILE EA 116 -4.77 29.65 -45.53
C ILE EA 116 -6.00 29.92 -44.69
N ARG EA 117 -7.09 29.19 -44.95
CA ARG EA 117 -8.31 29.37 -44.17
C ARG EA 117 -8.06 29.03 -42.70
N ALA EA 118 -7.30 27.96 -42.44
CA ALA EA 118 -7.04 27.57 -41.07
C ALA EA 118 -6.31 28.67 -40.31
N TYR EA 119 -5.31 29.29 -40.94
CA TYR EA 119 -4.60 30.38 -40.29
C TYR EA 119 -5.52 31.58 -40.06
N ALA EA 120 -6.37 31.89 -41.03
CA ALA EA 120 -7.24 33.05 -40.90
C ALA EA 120 -8.16 32.91 -39.69
N ILE EA 121 -8.75 31.72 -39.50
CA ILE EA 121 -9.59 31.49 -38.32
C ILE EA 121 -8.76 31.60 -37.05
N ASP EA 122 -7.54 31.06 -37.07
CA ASP EA 122 -6.72 31.04 -35.87
C ASP EA 122 -6.39 32.45 -35.39
N ASP EA 123 -6.09 33.35 -36.31
CA ASP EA 123 -5.67 34.68 -35.92
C ASP EA 123 -6.86 35.57 -35.56
N LEU EA 124 -7.91 35.56 -36.38
CA LEU EA 124 -9.10 36.35 -36.07
C LEU EA 124 -9.81 35.86 -34.82
N LYS EA 125 -9.49 34.66 -34.34
CA LYS EA 125 -10.08 34.17 -33.09
C LYS EA 125 -9.72 35.07 -31.92
N LYS EA 126 -8.66 35.87 -32.03
CA LYS EA 126 -8.27 36.77 -30.95
C LYS EA 126 -9.33 37.81 -30.68
N LEU EA 127 -10.22 38.09 -31.63
CA LEU EA 127 -11.26 39.08 -31.41
C LEU EA 127 -12.17 38.65 -30.26
N VAL EA 128 -12.51 37.37 -30.19
CA VAL EA 128 -13.37 36.89 -29.11
C VAL EA 128 -12.66 37.04 -27.77
N ALA EA 129 -11.35 36.77 -27.74
CA ALA EA 129 -10.61 36.85 -26.48
C ALA EA 129 -10.64 38.27 -25.91
N TYR EA 130 -10.45 39.28 -26.76
CA TYR EA 130 -10.53 40.66 -26.29
C TYR EA 130 -11.93 40.99 -25.80
N GLY EA 131 -12.96 40.39 -26.40
CA GLY EA 131 -14.33 40.60 -25.99
C GLY EA 131 -15.13 41.54 -26.86
N VAL EA 132 -14.56 42.05 -27.95
CA VAL EA 132 -15.29 42.96 -28.81
C VAL EA 132 -16.41 42.22 -29.55
N ALA EA 133 -16.15 40.98 -29.95
CA ALA EA 133 -17.11 40.19 -30.71
C ALA EA 133 -17.37 38.87 -30.01
N LYS EA 134 -18.59 38.34 -30.20
CA LYS EA 134 -19.00 37.11 -29.54
C LYS EA 134 -18.78 35.87 -30.39
N SER EA 135 -18.58 36.03 -31.70
CA SER EA 135 -18.30 34.89 -32.56
C SER EA 135 -17.88 35.40 -33.93
N VAL EA 136 -16.97 34.66 -34.57
CA VAL EA 136 -16.47 35.00 -35.89
C VAL EA 136 -16.27 33.73 -36.69
N ASP EA 137 -16.49 33.82 -38.00
CA ASP EA 137 -16.33 32.68 -38.88
C ASP EA 137 -16.03 33.18 -40.28
N VAL EA 138 -15.19 32.45 -41.01
CA VAL EA 138 -14.77 32.81 -42.36
C VAL EA 138 -15.16 31.69 -43.30
N ASP EA 139 -15.82 32.04 -44.41
CA ASP EA 139 -16.20 31.08 -45.43
C ASP EA 139 -15.35 31.30 -46.67
N LEU EA 140 -14.77 30.22 -47.19
CA LEU EA 140 -13.93 30.27 -48.38
C LEU EA 140 -14.54 29.41 -49.47
N THR EA 141 -14.46 29.90 -50.71
CA THR EA 141 -14.96 29.18 -51.86
C THR EA 141 -13.91 29.18 -52.95
N TYR EA 142 -13.56 27.99 -53.44
CA TYR EA 142 -12.59 27.82 -54.51
C TYR EA 142 -13.33 27.54 -55.81
N GLN EA 143 -13.08 28.36 -56.83
CA GLN EA 143 -13.79 28.25 -58.11
C GLN EA 143 -12.90 27.86 -59.27
N GLY EA 144 -11.58 27.97 -59.14
CA GLY EA 144 -10.72 27.60 -60.24
C GLY EA 144 -9.34 28.24 -60.10
N SER EA 145 -8.73 28.49 -61.26
CA SER EA 145 -7.32 28.87 -61.30
C SER EA 145 -7.07 30.22 -60.64
N ASN EA 146 -7.84 31.25 -61.03
CA ASN EA 146 -7.50 32.62 -60.71
C ASN EA 146 -8.55 33.37 -59.91
N LYS EA 147 -9.72 32.80 -59.64
CA LYS EA 147 -10.80 33.49 -58.94
C LYS EA 147 -11.04 32.78 -57.61
N ILE EA 148 -10.64 33.45 -56.52
CA ILE EA 148 -10.83 32.94 -55.16
C ILE EA 148 -11.44 34.06 -54.32
N ASP EA 149 -12.35 33.70 -53.43
CA ASP EA 149 -13.08 34.67 -52.63
C ASP EA 149 -13.06 34.28 -51.16
N MET EA 150 -13.06 35.30 -50.31
CA MET EA 150 -13.13 35.14 -48.86
C MET EA 150 -14.20 36.08 -48.32
N THR EA 151 -14.95 35.60 -47.33
CA THR EA 151 -15.91 36.44 -46.62
C THR EA 151 -15.75 36.21 -45.13
N ILE EA 152 -15.69 37.29 -44.36
CA ILE EA 152 -15.48 37.23 -42.92
C ILE EA 152 -16.72 37.80 -42.24
N MET EA 153 -17.33 37.03 -41.34
CA MET EA 153 -18.53 37.41 -40.64
C MET EA 153 -18.22 37.62 -39.17
N ILE EA 154 -18.54 38.81 -38.65
CA ILE EA 154 -18.32 39.15 -37.25
C ILE EA 154 -19.67 39.53 -36.64
N GLN EA 155 -19.98 38.94 -35.49
CA GLN EA 155 -21.25 39.16 -34.81
C GLN EA 155 -21.08 40.17 -33.71
N GLY EA 156 -21.99 41.14 -33.64
CA GLY EA 156 -21.95 42.18 -32.65
C GLY EA 156 -23.09 42.06 -31.64
N VAL EA 157 -23.24 43.12 -30.84
CA VAL EA 157 -24.27 43.18 -29.81
C VAL EA 157 -24.65 44.63 -29.59
N ASP EA 158 -25.88 44.84 -29.15
CA ASP EA 158 -26.34 46.19 -28.84
C ASP EA 158 -25.70 46.69 -27.55
N GLY EA 159 -25.65 48.01 -27.42
CA GLY EA 159 -25.02 48.61 -26.25
C GLY EA 159 -25.74 48.28 -24.96
N ASN EA 160 -27.07 48.25 -24.99
CA ASN EA 160 -27.89 48.00 -23.82
C ASN EA 160 -28.50 46.61 -23.91
N GLU EA 161 -28.38 45.85 -22.82
CA GLU EA 161 -28.89 44.49 -22.82
C GLU EA 161 -30.40 44.49 -23.02
N SER EA 162 -30.88 43.50 -23.77
CA SER EA 162 -32.31 43.35 -24.01
C SER EA 162 -32.84 41.94 -23.81
N ARG EA 163 -31.98 40.92 -23.86
CA ARG EA 163 -32.39 39.53 -23.68
C ARG EA 163 -31.95 39.02 -22.32
N VAL EA 164 -32.70 38.05 -21.81
CA VAL EA 164 -32.44 37.47 -20.49
C VAL EA 164 -32.36 35.95 -20.63
N GLY EA 165 -31.38 35.35 -19.98
CA GLY EA 165 -31.22 33.91 -19.99
C GLY EA 165 -30.35 33.42 -21.14
N LEU EA 166 -29.17 34.01 -21.27
CA LEU EA 166 -28.25 33.63 -22.33
C LEU EA 166 -27.37 32.47 -21.88
N THR EA 167 -27.19 31.49 -22.77
CA THR EA 167 -26.38 30.33 -22.44
C THR EA 167 -24.93 30.75 -22.16
N GLY EA 168 -24.39 31.65 -22.96
CA GLY EA 168 -23.02 32.10 -22.78
C GLY EA 168 -22.92 33.22 -21.76
N GLU EA 169 -22.10 34.22 -22.06
CA GLU EA 169 -21.91 35.36 -21.16
C GLU EA 169 -21.95 36.64 -21.98
N ARG EA 170 -22.30 37.73 -21.30
CA ARG EA 170 -22.29 39.04 -21.95
C ARG EA 170 -20.85 39.49 -22.15
N ILE EA 171 -20.46 39.64 -23.41
CA ILE EA 171 -19.07 39.98 -23.72
C ILE EA 171 -18.72 41.31 -23.09
N ALA EA 172 -17.56 41.36 -22.44
CA ALA EA 172 -17.07 42.62 -21.91
C ALA EA 172 -16.58 43.51 -23.05
N ASN EA 173 -16.28 44.77 -22.74
CA ASN EA 173 -15.84 45.73 -23.73
C ASN EA 173 -16.86 45.86 -24.86
N ALA EA 174 -18.15 45.72 -24.52
CA ALA EA 174 -19.22 45.85 -25.49
C ALA EA 174 -19.70 47.29 -25.65
N TRP EA 175 -19.08 48.23 -24.93
CA TRP EA 175 -19.49 49.63 -25.05
C TRP EA 175 -19.21 50.19 -26.44
N VAL EA 176 -18.41 49.50 -27.25
CA VAL EA 176 -18.30 49.85 -28.67
C VAL EA 176 -19.52 49.40 -29.47
N TRP EA 177 -20.40 48.61 -28.84
CA TRP EA 177 -21.64 48.11 -29.46
C TRP EA 177 -21.43 47.72 -30.92
N SER EA 178 -20.56 46.73 -31.11
CA SER EA 178 -20.40 46.11 -32.42
C SER EA 178 -19.59 44.83 -32.29
N ASN FA 4 35.98 51.92 -27.41
CA ASN FA 4 37.21 51.49 -28.06
C ASN FA 4 36.93 50.96 -29.46
N PHE FA 5 37.98 50.55 -30.16
CA PHE FA 5 37.83 50.04 -31.51
C PHE FA 5 37.01 48.75 -31.47
N GLU FA 6 36.18 48.57 -32.51
CA GLU FA 6 35.27 47.42 -32.55
C GLU FA 6 36.00 46.08 -32.65
N THR FA 7 37.30 46.09 -32.97
CA THR FA 7 38.09 44.86 -33.03
C THR FA 7 38.52 44.50 -31.62
N ALA FA 8 37.60 43.92 -30.86
CA ALA FA 8 37.83 43.59 -29.46
C ALA FA 8 38.24 42.14 -29.25
N ASP FA 9 37.90 41.23 -30.15
CA ASP FA 9 38.25 39.83 -30.00
C ASP FA 9 39.77 39.68 -30.08
N ARG FA 10 40.41 39.42 -28.94
CA ARG FA 10 41.86 39.32 -28.87
C ARG FA 10 42.37 37.89 -29.05
N ARG FA 11 41.48 36.91 -29.12
CA ARG FA 11 41.92 35.52 -29.25
C ARG FA 11 42.67 35.32 -30.56
N LYS FA 12 43.81 34.64 -30.49
CA LYS FA 12 44.67 34.39 -31.63
C LYS FA 12 44.61 32.91 -32.02
N ARG FA 13 45.35 32.57 -33.06
CA ARG FA 13 45.33 31.23 -33.65
C ARG FA 13 46.74 30.68 -33.72
N PHE FA 14 46.92 29.44 -33.28
CA PHE FA 14 48.23 28.81 -33.23
C PHE FA 14 48.48 28.05 -34.53
N TRP FA 15 49.57 27.29 -34.58
CA TRP FA 15 49.93 26.52 -35.77
C TRP FA 15 48.79 25.59 -36.16
N THR FA 16 48.75 25.18 -37.43
CA THR FA 16 47.70 24.28 -37.91
C THR FA 16 48.28 23.41 -39.02
N THR FA 17 48.07 22.10 -38.89
CA THR FA 17 48.49 21.17 -39.93
C THR FA 17 47.71 21.44 -41.21
N GLN FA 18 48.39 21.30 -42.35
CA GLN FA 18 47.79 21.59 -43.64
C GLN FA 18 48.09 20.45 -44.61
N VAL FA 19 47.14 20.21 -45.52
CA VAL FA 19 47.33 19.20 -46.54
C VAL FA 19 48.38 19.67 -47.54
N ALA FA 20 49.14 18.72 -48.08
CA ALA FA 20 50.17 19.00 -49.08
C ALA FA 20 51.24 19.95 -48.56
N ALA FA 21 51.43 20.01 -47.24
CA ALA FA 21 52.46 20.87 -46.69
C ALA FA 21 53.85 20.42 -47.14
N CYS FA 22 54.08 19.12 -47.16
CA CYS FA 22 55.36 18.55 -47.56
C CYS FA 22 55.30 17.91 -48.94
N GLY FA 23 54.41 18.40 -49.79
CA GLY FA 23 54.27 17.86 -51.13
C GLY FA 23 53.45 16.58 -51.14
N GLN FA 24 53.45 15.94 -52.31
CA GLN FA 24 52.70 14.71 -52.53
C GLN FA 24 53.64 13.58 -52.92
N SER FA 25 53.35 12.39 -52.41
CA SER FA 25 54.14 11.20 -52.71
C SER FA 25 53.46 10.45 -53.84
N SER FA 26 54.18 10.25 -54.93
CA SER FA 26 53.63 9.63 -56.14
C SER FA 26 54.00 8.15 -56.19
N ASP FA 27 53.11 7.37 -56.77
CA ASP FA 27 53.32 5.93 -56.94
C ASP FA 27 52.49 5.46 -58.13
N ASP FA 28 52.78 4.24 -58.57
CA ASP FA 28 52.06 3.69 -59.72
C ASP FA 28 50.56 3.67 -59.49
N CYS FA 29 50.13 3.36 -58.26
CA CYS FA 29 48.70 3.32 -57.98
C CYS FA 29 48.07 4.70 -58.12
N GLY FA 30 48.72 5.73 -57.63
CA GLY FA 30 48.16 7.06 -57.71
C GLY FA 30 49.01 8.06 -56.96
N ASP FA 31 48.49 9.27 -56.84
CA ASP FA 31 49.15 10.37 -56.15
C ASP FA 31 48.35 10.75 -54.90
N CYS FA 32 49.07 10.93 -53.78
CA CYS FA 32 48.44 11.27 -52.52
C CYS FA 32 49.23 12.37 -51.83
N ALA FA 33 48.55 13.15 -51.01
CA ALA FA 33 49.19 14.26 -50.32
C ALA FA 33 49.94 13.75 -49.08
N ARG FA 34 50.83 14.60 -48.58
CA ARG FA 34 51.64 14.30 -47.39
C ARG FA 34 51.50 15.46 -46.42
N PRO FA 35 50.47 15.45 -45.57
CA PRO FA 35 50.20 16.62 -44.73
C PRO FA 35 51.30 16.87 -43.70
N GLY FA 36 51.42 18.13 -43.33
CA GLY FA 36 52.42 18.53 -42.34
C GLY FA 36 52.32 20.01 -42.07
N LEU FA 37 53.33 20.54 -41.39
CA LEU FA 37 53.38 21.97 -41.10
C LEU FA 37 53.94 22.72 -42.30
N GLN FA 38 53.56 24.00 -42.39
CA GLN FA 38 53.93 24.86 -43.51
C GLN FA 38 54.83 25.99 -43.01
N LEU FA 39 55.86 26.29 -43.77
CA LEU FA 39 56.81 27.35 -43.45
C LEU FA 39 56.58 28.52 -44.40
N LEU FA 40 56.49 29.72 -43.84
CA LEU FA 40 56.35 30.94 -44.62
C LEU FA 40 57.57 31.82 -44.40
N CYS FA 41 58.16 32.28 -45.51
CA CYS FA 41 59.40 33.02 -45.47
C CYS FA 41 59.16 34.51 -45.73
N ASN FA 42 59.99 35.34 -45.12
CA ASN FA 42 59.96 36.78 -45.30
C ASN FA 42 61.01 37.19 -46.32
N GLY FA 43 61.13 38.50 -46.54
CA GLY FA 43 62.13 39.00 -47.47
C GLY FA 43 63.55 38.97 -46.95
N GLU FA 44 63.75 38.70 -45.66
CA GLU FA 44 65.07 38.64 -45.05
C GLU FA 44 65.18 37.42 -44.14
N GLY FA 45 64.69 36.28 -44.61
CA GLY FA 45 64.63 35.11 -43.75
C GLY FA 45 63.44 35.19 -42.84
N ARG FA 46 63.66 34.91 -41.56
CA ARG FA 46 62.61 35.02 -40.54
C ARG FA 46 61.39 34.19 -40.92
N ILE FA 47 61.62 32.87 -40.97
CA ILE FA 47 60.57 31.94 -41.35
C ILE FA 47 59.48 31.92 -40.27
N THR FA 48 58.26 31.59 -40.69
CA THR FA 48 57.12 31.55 -39.79
C THR FA 48 56.18 30.44 -40.23
N ILE FA 49 55.41 29.92 -39.28
CA ILE FA 49 54.51 28.80 -39.51
C ILE FA 49 53.12 29.34 -39.85
N ALA FA 50 52.48 28.73 -40.84
CA ALA FA 50 51.15 29.14 -41.25
C ALA FA 50 50.11 28.73 -40.22
N THR FA 51 48.98 29.44 -40.22
CA THR FA 51 47.93 29.21 -39.23
C THR FA 51 46.54 29.30 -39.85
N ASP FA 52 46.40 28.90 -41.11
CA ASP FA 52 45.11 28.99 -41.80
C ASP FA 52 44.36 27.66 -41.73
N ASN FA 53 43.06 27.73 -42.01
CA ASN FA 53 42.21 26.55 -42.10
C ASN FA 53 42.31 25.70 -40.83
N TYR FA 54 41.85 26.30 -39.73
CA TYR FA 54 41.92 25.64 -38.45
C TYR FA 54 41.11 24.35 -38.43
N VAL FA 55 39.86 24.41 -38.89
CA VAL FA 55 38.99 23.24 -38.81
C VAL FA 55 39.53 22.11 -39.67
N ALA FA 56 39.98 22.42 -40.89
CA ALA FA 56 40.57 21.38 -41.73
C ALA FA 56 41.77 20.75 -41.05
N GLY FA 57 42.59 21.56 -40.38
CA GLY FA 57 43.71 21.01 -39.63
C GLY FA 57 43.27 20.09 -38.51
N LEU FA 58 42.21 20.49 -37.79
CA LEU FA 58 41.70 19.65 -36.71
C LEU FA 58 41.16 18.34 -37.24
N ALA FA 59 40.47 18.37 -38.39
CA ALA FA 59 39.92 17.15 -38.95
C ALA FA 59 41.01 16.15 -39.29
N LEU FA 60 42.12 16.62 -39.86
CA LEU FA 60 43.20 15.72 -40.22
C LEU FA 60 43.80 15.03 -39.00
N ASN FA 61 43.96 15.78 -37.91
CA ASN FA 61 44.53 15.19 -36.69
C ASN FA 61 43.63 14.07 -36.16
N ILE FA 62 42.31 14.29 -36.20
CA ILE FA 62 41.40 13.27 -35.69
C ILE FA 62 41.46 12.01 -36.55
N LEU FA 63 41.47 12.17 -37.87
CA LEU FA 63 41.45 11.01 -38.75
C LEU FA 63 42.76 10.24 -38.72
N LEU FA 64 43.88 10.95 -38.75
CA LEU FA 64 45.20 10.31 -38.86
C LEU FA 64 45.82 10.17 -37.46
N THR FA 65 45.17 9.35 -36.65
CA THR FA 65 45.69 9.00 -35.33
C THR FA 65 44.93 7.79 -34.78
N ASP FA 66 45.66 6.76 -34.38
CA ASP FA 66 45.03 5.54 -33.91
C ASP FA 66 44.58 5.71 -32.46
N ALA FA 67 43.29 5.50 -32.22
CA ALA FA 67 42.73 5.59 -30.88
C ALA FA 67 42.95 4.27 -30.13
N SER FA 68 42.53 4.25 -28.88
CA SER FA 68 42.70 3.07 -28.05
C SER FA 68 41.98 1.88 -28.67
N LYS FA 69 42.64 0.72 -28.66
CA LYS FA 69 42.09 -0.49 -29.23
C LYS FA 69 41.25 -1.24 -28.20
N ALA FA 70 40.18 -1.87 -28.67
CA ALA FA 70 39.30 -2.62 -27.80
C ALA FA 70 39.98 -3.90 -27.31
N ASP FA 71 39.62 -4.31 -26.09
CA ASP FA 71 40.18 -5.53 -25.54
C ASP FA 71 39.74 -6.74 -26.37
N THR FA 72 40.64 -7.72 -26.49
CA THR FA 72 40.41 -8.88 -27.33
C THR FA 72 40.44 -10.21 -26.59
N GLY FA 73 41.05 -10.29 -25.42
CA GLY FA 73 41.20 -11.53 -24.69
C GLY FA 73 42.53 -12.22 -24.90
N CYS FA 74 43.24 -11.89 -25.98
CA CYS FA 74 44.60 -12.37 -26.18
C CYS FA 74 45.64 -11.31 -25.89
N GLY FA 75 45.31 -10.05 -26.07
CA GLY FA 75 46.14 -8.94 -25.64
C GLY FA 75 46.92 -8.31 -26.78
N TRP FA 76 47.57 -7.20 -26.45
CA TRP FA 76 48.41 -6.45 -27.38
C TRP FA 76 49.75 -6.18 -26.70
N THR FA 77 50.78 -5.96 -27.52
CA THR FA 77 52.05 -5.54 -26.99
C THR FA 77 51.95 -4.13 -26.42
N PRO FA 78 52.71 -3.83 -25.36
CA PRO FA 78 52.59 -2.49 -24.74
C PRO FA 78 52.95 -1.36 -25.68
N GLY FA 79 53.73 -1.64 -26.74
CA GLY FA 79 54.14 -0.57 -27.63
C GLY FA 79 52.99 0.06 -28.39
N ASN FA 80 52.07 -0.76 -28.88
CA ASN FA 80 51.04 -0.26 -29.80
C ASN FA 80 49.62 -0.59 -29.33
N ARG FA 81 49.34 -0.34 -28.05
CA ARG FA 81 47.97 -0.47 -27.57
C ARG FA 81 47.08 0.64 -28.11
N GLY FA 82 47.65 1.67 -28.72
CA GLY FA 82 46.87 2.77 -29.28
C GLY FA 82 46.61 3.86 -28.26
N GLY FA 83 46.01 4.93 -28.75
CA GLY FA 83 45.65 6.06 -27.90
C GLY FA 83 46.83 6.99 -27.64
N PHE FA 84 46.57 7.96 -26.78
CA PHE FA 84 47.55 8.97 -26.41
C PHE FA 84 47.61 9.08 -24.89
N TRP FA 85 48.83 9.14 -24.35
CA TRP FA 85 48.99 9.17 -22.90
C TRP FA 85 48.51 10.48 -22.28
N GLY FA 86 48.30 11.52 -23.08
CA GLY FA 86 47.84 12.79 -22.55
C GLY FA 86 46.35 12.89 -22.35
N ASP FA 87 45.59 11.86 -22.73
CA ASP FA 87 44.14 11.90 -22.57
C ASP FA 87 43.68 11.70 -21.14
N SER FA 88 44.60 11.38 -20.22
CA SER FA 88 44.23 11.15 -18.83
C SER FA 88 44.12 12.45 -18.03
N PHE FA 89 44.43 13.60 -18.64
CA PHE FA 89 44.32 14.88 -17.96
C PHE FA 89 43.10 15.69 -18.40
N ARG FA 90 42.58 15.45 -19.59
CA ARG FA 90 41.44 16.21 -20.08
C ARG FA 90 40.20 15.88 -19.25
N SER FA 91 39.29 16.84 -19.17
CA SER FA 91 38.10 16.74 -18.32
C SER FA 91 36.80 16.66 -19.11
N ASP FA 92 36.85 16.63 -20.44
CA ASP FA 92 35.64 16.60 -21.25
C ASP FA 92 35.09 15.19 -21.43
N ASN FA 93 35.75 14.17 -20.89
CA ASN FA 93 35.26 12.79 -20.93
C ASN FA 93 35.19 12.29 -22.37
N MET FA 94 36.32 12.38 -23.06
CA MET FA 94 36.46 11.86 -24.42
C MET FA 94 37.89 11.36 -24.59
N ARG FA 95 38.12 10.64 -25.69
CA ARG FA 95 39.43 10.09 -26.00
C ARG FA 95 39.83 10.54 -27.40
N SER FA 96 41.13 10.74 -27.58
CA SER FA 96 41.65 11.28 -28.83
C SER FA 96 41.86 10.20 -29.87
N GLY FA 97 41.97 10.63 -31.13
CA GLY FA 97 42.24 9.74 -32.22
C GLY FA 97 40.99 9.21 -32.90
N SER FA 98 41.22 8.35 -33.88
CA SER FA 98 40.14 7.72 -34.63
C SER FA 98 40.41 6.23 -34.74
N LYS FA 99 39.34 5.47 -34.98
CA LYS FA 99 39.40 4.02 -35.04
C LYS FA 99 38.95 3.48 -36.39
N ILE FA 100 39.20 4.24 -37.46
CA ILE FA 100 38.78 3.82 -38.79
C ILE FA 100 39.70 2.78 -39.40
N ARG FA 101 40.88 2.56 -38.82
CA ARG FA 101 41.81 1.57 -39.31
C ARG FA 101 41.68 0.22 -38.62
N GLN FA 102 40.72 0.08 -37.70
CA GLN FA 102 40.54 -1.15 -36.94
C GLN FA 102 39.43 -2.04 -37.49
N VAL FA 103 38.87 -1.70 -38.64
CA VAL FA 103 37.85 -2.53 -39.26
C VAL FA 103 38.48 -3.84 -39.69
N THR FA 104 37.66 -4.83 -40.02
CA THR FA 104 38.14 -6.12 -40.47
C THR FA 104 37.27 -6.61 -41.61
N ALA FA 105 37.86 -7.39 -42.51
CA ALA FA 105 37.13 -7.93 -43.65
C ALA FA 105 35.99 -8.82 -43.17
N ARG FA 106 34.75 -8.35 -43.33
CA ARG FA 106 33.58 -9.10 -42.91
C ARG FA 106 32.57 -9.12 -44.05
N GLY FA 107 32.13 -10.33 -44.41
CA GLY FA 107 31.17 -10.44 -45.49
C GLY FA 107 31.72 -9.91 -46.80
N SER FA 108 30.82 -9.55 -47.69
CA SER FA 108 31.20 -8.98 -48.97
C SER FA 108 31.80 -7.59 -48.76
N MET FA 109 32.45 -7.10 -49.81
CA MET FA 109 33.08 -5.78 -49.72
C MET FA 109 32.05 -4.69 -49.43
N ARG FA 110 30.81 -4.89 -49.87
CA ARG FA 110 29.77 -3.88 -49.61
C ARG FA 110 29.56 -3.71 -48.12
N GLU FA 111 29.51 -4.81 -47.37
CA GLU FA 111 29.33 -4.71 -45.92
C GLU FA 111 30.52 -4.03 -45.27
N THR FA 112 31.74 -4.38 -45.68
CA THR FA 112 32.92 -3.77 -45.07
C THR FA 112 32.95 -2.27 -45.31
N VAL FA 113 32.63 -1.84 -46.54
CA VAL FA 113 32.61 -0.42 -46.82
C VAL FA 113 31.57 0.30 -45.97
N ALA FA 114 30.40 -0.30 -45.82
CA ALA FA 114 29.37 0.32 -44.99
C ALA FA 114 29.85 0.50 -43.56
N LEU FA 115 30.57 -0.49 -43.02
CA LEU FA 115 31.11 -0.36 -41.68
C LEU FA 115 32.14 0.76 -41.60
N ILE FA 116 32.99 0.88 -42.62
CA ILE FA 116 34.00 1.94 -42.62
C ILE FA 116 33.35 3.30 -42.53
N ARG FA 117 32.24 3.49 -43.26
CA ARG FA 117 31.52 4.76 -43.19
C ARG FA 117 30.99 5.01 -41.79
N ALA FA 118 30.49 3.97 -41.12
CA ALA FA 118 29.95 4.14 -39.78
C ALA FA 118 31.02 4.64 -38.82
N TYR FA 119 32.22 4.07 -38.90
CA TYR FA 119 33.30 4.51 -38.02
C TYR FA 119 33.72 5.94 -38.34
N ALA FA 120 33.75 6.31 -39.61
CA ALA FA 120 34.15 7.66 -39.99
C ALA FA 120 33.19 8.69 -39.38
N ILE FA 121 31.89 8.44 -39.46
CA ILE FA 121 30.92 9.35 -38.86
C ILE FA 121 31.09 9.38 -37.34
N ASP FA 122 31.31 8.22 -36.74
CA ASP FA 122 31.41 8.14 -35.28
C ASP FA 122 32.65 8.88 -34.75
N ASP FA 123 33.67 9.07 -35.58
CA ASP FA 123 34.88 9.77 -35.15
C ASP FA 123 34.78 11.26 -35.38
N LEU FA 124 34.42 11.68 -36.58
CA LEU FA 124 34.29 13.10 -36.90
C LEU FA 124 33.16 13.76 -36.13
N LYS FA 125 32.25 12.98 -35.52
CA LYS FA 125 31.20 13.56 -34.71
C LYS FA 125 31.76 14.36 -33.54
N LYS FA 126 33.00 14.08 -33.14
CA LYS FA 126 33.62 14.82 -32.05
C LYS FA 126 33.76 16.31 -32.37
N LEU FA 127 33.76 16.67 -33.65
CA LEU FA 127 33.92 18.08 -34.01
C LEU FA 127 32.79 18.92 -33.44
N VAL FA 128 31.55 18.44 -33.54
CA VAL FA 128 30.42 19.17 -32.98
C VAL FA 128 30.55 19.25 -31.46
N ALA FA 129 31.05 18.18 -30.83
CA ALA FA 129 31.17 18.18 -29.38
C ALA FA 129 32.11 19.28 -28.90
N TYR FA 130 33.25 19.45 -29.57
CA TYR FA 130 34.15 20.53 -29.21
C TYR FA 130 33.55 21.89 -29.49
N GLY FA 131 32.65 21.97 -30.47
CA GLY FA 131 32.03 23.23 -30.85
C GLY FA 131 32.65 23.91 -32.05
N VAL FA 132 33.58 23.25 -32.75
CA VAL FA 132 34.23 23.88 -33.89
C VAL FA 132 33.26 24.03 -35.06
N ALA FA 133 32.47 23.00 -35.33
CA ALA FA 133 31.55 22.99 -36.45
C ALA FA 133 30.17 22.58 -35.98
N LYS FA 134 29.15 23.10 -36.66
CA LYS FA 134 27.76 22.86 -36.28
C LYS FA 134 27.17 21.58 -36.87
N SER FA 135 27.84 20.98 -37.84
CA SER FA 135 27.33 19.74 -38.44
C SER FA 135 28.40 19.16 -39.36
N VAL FA 136 28.38 17.83 -39.48
CA VAL FA 136 29.32 17.12 -40.34
C VAL FA 136 28.60 15.90 -40.91
N ASP FA 137 28.93 15.57 -42.17
CA ASP FA 137 28.34 14.41 -42.82
C ASP FA 137 29.29 13.95 -43.92
N VAL FA 138 29.37 12.64 -44.09
CA VAL FA 138 30.25 12.03 -45.08
C VAL FA 138 29.43 11.20 -46.04
N ASP FA 139 29.65 11.41 -47.34
CA ASP FA 139 28.98 10.65 -48.38
C ASP FA 139 29.99 9.73 -49.06
N LEU FA 140 29.68 8.44 -49.08
CA LEU FA 140 30.57 7.43 -49.64
C LEU FA 140 29.85 6.70 -50.76
N THR FA 141 30.53 6.51 -51.87
CA THR FA 141 29.96 5.87 -53.05
C THR FA 141 30.84 4.70 -53.48
N TYR FA 142 30.21 3.54 -53.71
CA TYR FA 142 30.90 2.37 -54.21
C TYR FA 142 30.60 2.19 -55.69
N GLN FA 143 31.65 2.16 -56.51
CA GLN FA 143 31.49 2.04 -57.95
C GLN FA 143 32.07 0.75 -58.53
N GLY FA 144 32.98 0.08 -57.84
CA GLY FA 144 33.56 -1.14 -58.39
C GLY FA 144 34.64 -1.70 -57.48
N SER FA 145 35.43 -2.59 -58.06
CA SER FA 145 36.42 -3.33 -57.27
C SER FA 145 37.49 -2.42 -56.70
N ASN FA 146 38.00 -1.49 -57.50
CA ASN FA 146 39.19 -0.74 -57.14
C ASN FA 146 38.99 0.77 -57.01
N LYS FA 147 37.82 1.29 -57.38
CA LYS FA 147 37.56 2.73 -57.36
C LYS FA 147 36.52 3.02 -56.29
N ILE FA 148 36.95 3.69 -55.21
CA ILE FA 148 36.08 4.08 -54.11
C ILE FA 148 36.40 5.51 -53.73
N ASP FA 149 35.36 6.27 -53.41
CA ASP FA 149 35.51 7.68 -53.05
C ASP FA 149 34.74 7.98 -51.78
N MET FA 150 35.18 9.01 -51.07
CA MET FA 150 34.54 9.43 -49.82
C MET FA 150 34.75 10.92 -49.67
N THR FA 151 33.65 11.67 -49.56
CA THR FA 151 33.69 13.13 -49.43
C THR FA 151 33.14 13.51 -48.06
N ILE FA 152 33.86 14.40 -47.38
CA ILE FA 152 33.52 14.83 -46.02
C ILE FA 152 33.10 16.28 -46.07
N MET FA 153 31.89 16.56 -45.59
CA MET FA 153 31.33 17.91 -45.59
C MET FA 153 31.34 18.45 -44.17
N ILE FA 154 31.94 19.62 -44.00
CA ILE FA 154 32.02 20.31 -42.70
C ILE FA 154 31.38 21.68 -42.84
N GLN FA 155 30.46 21.99 -41.94
CA GLN FA 155 29.73 23.24 -41.95
C GLN FA 155 30.38 24.24 -41.01
N GLY FA 156 30.48 25.49 -41.46
CA GLY FA 156 31.08 26.54 -40.66
C GLY FA 156 30.15 27.69 -40.38
N VAL FA 157 30.66 28.74 -39.73
CA VAL FA 157 29.87 29.92 -39.41
C VAL FA 157 30.75 31.14 -39.49
N ASP FA 158 30.13 32.31 -39.67
CA ASP FA 158 30.86 33.56 -39.74
C ASP FA 158 31.29 34.01 -38.35
N GLY FA 159 32.29 34.90 -38.32
CA GLY FA 159 32.82 35.36 -37.05
C GLY FA 159 31.80 36.13 -36.23
N ASN FA 160 31.02 36.99 -36.87
CA ASN FA 160 30.07 37.85 -36.20
C ASN FA 160 28.65 37.34 -36.47
N GLU FA 161 27.86 37.18 -35.42
CA GLU FA 161 26.49 36.75 -35.58
C GLU FA 161 25.73 37.74 -36.47
N SER FA 162 24.98 37.20 -37.42
CA SER FA 162 24.18 38.01 -38.32
C SER FA 162 22.71 37.64 -38.35
N ARG FA 163 22.38 36.36 -38.19
CA ARG FA 163 21.01 35.89 -38.19
C ARG FA 163 20.47 35.82 -36.76
N VAL FA 164 19.15 35.94 -36.64
CA VAL FA 164 18.47 35.95 -35.35
C VAL FA 164 17.33 34.94 -35.40
N GLY FA 165 17.14 34.23 -34.29
CA GLY FA 165 16.07 33.26 -34.18
C GLY FA 165 16.46 31.88 -34.67
N LEU FA 166 17.63 31.42 -34.26
CA LEU FA 166 18.11 30.10 -34.65
C LEU FA 166 17.49 29.03 -33.77
N THR FA 167 17.06 27.94 -34.39
CA THR FA 167 16.47 26.83 -33.64
C THR FA 167 17.48 26.23 -32.68
N GLY FA 168 18.72 26.04 -33.14
CA GLY FA 168 19.75 25.47 -32.30
C GLY FA 168 20.43 26.50 -31.41
N GLU FA 169 21.76 26.47 -31.38
CA GLU FA 169 22.53 27.39 -30.56
C GLU FA 169 23.77 27.83 -31.34
N ARG FA 170 24.30 28.99 -30.97
CA ARG FA 170 25.54 29.47 -31.57
C ARG FA 170 26.70 28.68 -31.00
N ILE FA 171 27.40 27.94 -31.86
CA ILE FA 171 28.47 27.07 -31.39
C ILE FA 171 29.55 27.90 -30.71
N ALA FA 172 29.94 27.46 -29.52
CA ALA FA 172 31.06 28.09 -28.85
C ALA FA 172 32.34 27.81 -29.62
N ASN FA 173 33.41 28.52 -29.24
CA ASN FA 173 34.70 28.37 -29.91
C ASN FA 173 34.59 28.66 -31.41
N ALA FA 174 33.71 29.58 -31.77
CA ALA FA 174 33.52 29.97 -33.17
C ALA FA 174 34.45 31.10 -33.58
N TRP FA 175 35.33 31.56 -32.69
CA TRP FA 175 36.25 32.64 -33.05
C TRP FA 175 37.23 32.22 -34.13
N VAL FA 176 37.34 30.91 -34.41
CA VAL FA 176 38.07 30.45 -35.59
C VAL FA 176 37.27 30.66 -36.87
N TRP FA 177 35.99 31.05 -36.74
CA TRP FA 177 35.11 31.32 -37.87
C TRP FA 177 35.29 30.34 -39.01
N SER FA 178 35.03 29.06 -38.74
CA SER FA 178 35.00 28.05 -39.80
C SER FA 178 34.44 26.75 -39.26
N ASN GA 4 68.18 -4.47 -7.23
CA ASN GA 4 68.73 -5.80 -7.13
C ASN GA 4 68.58 -6.55 -8.46
N PHE GA 5 69.04 -7.81 -8.48
CA PHE GA 5 68.97 -8.59 -9.71
C PHE GA 5 67.52 -8.87 -10.05
N GLU GA 6 67.21 -8.85 -11.36
CA GLU GA 6 65.82 -8.89 -11.79
C GLU GA 6 65.11 -10.17 -11.39
N THR GA 7 65.83 -11.23 -11.04
CA THR GA 7 65.22 -12.49 -10.64
C THR GA 7 64.77 -12.36 -9.18
N ALA GA 8 63.63 -11.70 -8.99
CA ALA GA 8 63.10 -11.47 -7.66
C ALA GA 8 62.15 -12.58 -7.19
N ASP GA 9 61.47 -13.25 -8.12
CA ASP GA 9 60.55 -14.31 -7.74
C ASP GA 9 61.31 -15.46 -7.07
N ARG GA 10 61.12 -15.63 -5.77
CA ARG GA 10 61.84 -16.63 -4.99
C ARG GA 10 61.05 -17.93 -4.83
N ARG GA 11 59.82 -17.99 -5.31
CA ARG GA 11 59.00 -19.18 -5.12
C ARG GA 11 59.64 -20.39 -5.81
N LYS GA 12 59.70 -21.51 -5.10
CA LYS GA 12 60.28 -22.74 -5.60
C LYS GA 12 59.17 -23.70 -6.03
N ARG GA 13 59.57 -24.89 -6.46
CA ARG GA 13 58.64 -25.89 -6.96
C ARG GA 13 58.98 -27.24 -6.34
N PHE GA 14 57.96 -27.93 -5.82
CA PHE GA 14 58.14 -29.19 -5.12
C PHE GA 14 58.07 -30.35 -6.12
N TRP GA 15 58.02 -31.57 -5.60
CA TRP GA 15 57.94 -32.74 -6.46
C TRP GA 15 56.67 -32.69 -7.32
N THR GA 16 56.70 -33.44 -8.42
CA THR GA 16 55.55 -33.51 -9.31
C THR GA 16 55.46 -34.89 -9.92
N THR GA 17 54.28 -35.50 -9.87
CA THR GA 17 54.06 -36.78 -10.51
C THR GA 17 54.23 -36.63 -12.01
N GLN GA 18 54.81 -37.66 -12.64
CA GLN GA 18 55.11 -37.64 -14.06
C GLN GA 18 54.63 -38.92 -14.72
N VAL GA 19 54.20 -38.80 -15.98
CA VAL GA 19 53.78 -39.97 -16.74
C VAL GA 19 54.98 -40.82 -17.09
N ALA GA 20 54.77 -42.13 -17.14
CA ALA GA 20 55.82 -43.09 -17.49
C ALA GA 20 56.99 -43.04 -16.53
N ALA GA 21 56.76 -42.60 -15.30
CA ALA GA 21 57.85 -42.55 -14.33
C ALA GA 21 58.37 -43.95 -14.02
N CYS GA 22 57.48 -44.92 -13.89
CA CYS GA 22 57.85 -46.30 -13.60
C CYS GA 22 57.70 -47.20 -14.82
N GLY GA 23 57.80 -46.62 -16.02
CA GLY GA 23 57.71 -47.40 -17.23
C GLY GA 23 56.28 -47.69 -17.64
N GLN GA 24 56.16 -48.57 -18.62
CA GLN GA 24 54.87 -48.94 -19.20
C GLN GA 24 54.55 -50.39 -18.84
N SER GA 25 53.25 -50.64 -18.63
CA SER GA 25 52.76 -52.00 -18.41
C SER GA 25 52.11 -52.48 -19.70
N SER GA 26 52.63 -53.57 -20.25
CA SER GA 26 52.20 -54.09 -21.55
C SER GA 26 51.29 -55.29 -21.37
N ASP GA 27 50.28 -55.37 -22.23
CA ASP GA 27 49.35 -56.49 -22.22
C ASP GA 27 48.86 -56.73 -23.63
N ASP GA 28 48.19 -57.86 -23.83
CA ASP GA 28 47.70 -58.22 -25.15
C ASP GA 28 46.78 -57.16 -25.73
N CYS GA 29 46.07 -56.42 -24.89
CA CYS GA 29 45.17 -55.39 -25.39
C CYS GA 29 45.93 -54.17 -25.89
N GLY GA 30 46.97 -53.76 -25.17
CA GLY GA 30 47.73 -52.59 -25.57
C GLY GA 30 48.78 -52.24 -24.53
N ASP GA 31 49.40 -51.09 -24.74
CA ASP GA 31 50.44 -50.58 -23.85
C ASP GA 31 49.95 -49.33 -23.15
N CYS GA 32 50.23 -49.24 -21.85
CA CYS GA 32 49.77 -48.13 -21.02
C CYS GA 32 50.91 -47.64 -20.15
N ALA GA 33 50.82 -46.36 -19.77
CA ALA GA 33 51.82 -45.76 -18.90
C ALA GA 33 51.53 -46.11 -17.44
N ARG GA 34 52.56 -45.97 -16.61
CA ARG GA 34 52.46 -46.22 -15.16
C ARG GA 34 53.05 -45.01 -14.43
N PRO GA 35 52.25 -43.97 -14.22
CA PRO GA 35 52.79 -42.73 -13.65
C PRO GA 35 53.27 -42.90 -12.23
N GLY GA 36 54.19 -42.02 -11.84
CA GLY GA 36 54.76 -42.06 -10.51
C GLY GA 36 55.82 -40.99 -10.37
N LEU GA 37 56.56 -41.06 -9.27
CA LEU GA 37 57.65 -40.13 -9.04
C LEU GA 37 58.89 -40.55 -9.83
N GLN GA 38 59.72 -39.56 -10.14
CA GLN GA 38 60.92 -39.76 -10.95
C GLN GA 38 62.16 -39.48 -10.10
N LEU GA 39 63.17 -40.34 -10.24
CA LEU GA 39 64.43 -40.21 -9.53
C LEU GA 39 65.51 -39.77 -10.51
N LEU GA 40 66.28 -38.76 -10.12
CA LEU GA 40 67.39 -38.25 -10.92
C LEU GA 40 68.69 -38.46 -10.15
N CYS GA 41 69.69 -39.00 -10.83
CA CYS GA 41 70.96 -39.37 -10.19
C CYS GA 41 72.07 -38.42 -10.61
N ASN GA 42 72.99 -38.19 -9.67
CA ASN GA 42 74.16 -37.38 -9.91
C ASN GA 42 75.35 -38.26 -10.27
N GLY GA 43 76.51 -37.65 -10.46
CA GLY GA 43 77.70 -38.40 -10.79
C GLY GA 43 78.32 -39.15 -9.62
N GLU GA 44 77.87 -38.88 -8.40
CA GLU GA 44 78.38 -39.52 -7.20
C GLU GA 44 77.22 -39.97 -6.31
N GLY GA 45 76.23 -40.60 -6.92
CA GLY GA 45 75.03 -40.94 -6.17
C GLY GA 45 74.18 -39.70 -5.99
N ARG GA 46 73.69 -39.49 -4.77
CA ARG GA 46 72.93 -38.28 -4.42
C ARG GA 46 71.72 -38.11 -5.33
N ILE GA 47 70.80 -39.07 -5.21
CA ILE GA 47 69.60 -39.07 -6.03
C ILE GA 47 68.70 -37.91 -5.63
N THR GA 48 67.90 -37.44 -6.58
CA THR GA 48 66.98 -36.33 -6.36
C THR GA 48 65.73 -36.55 -7.20
N ILE GA 49 64.62 -35.96 -6.74
CA ILE GA 49 63.32 -36.09 -7.39
C ILE GA 49 63.15 -34.97 -8.41
N ALA GA 50 62.46 -35.28 -9.50
CA ALA GA 50 62.21 -34.31 -10.56
C ALA GA 50 60.97 -33.47 -10.24
N THR GA 51 60.90 -32.29 -10.86
CA THR GA 51 59.82 -31.36 -10.60
C THR GA 51 59.29 -30.66 -11.84
N ASP GA 52 59.50 -31.23 -13.02
CA ASP GA 52 59.07 -30.59 -14.26
C ASP GA 52 57.58 -30.85 -14.52
N ASN GA 53 57.01 -30.04 -15.40
CA ASN GA 53 55.62 -30.20 -15.85
C ASN GA 53 54.67 -30.24 -14.66
N TYR GA 54 54.60 -29.12 -13.95
CA TYR GA 54 53.78 -29.05 -12.74
C TYR GA 54 52.30 -29.26 -13.07
N VAL GA 55 51.77 -28.50 -14.02
CA VAL GA 55 50.34 -28.57 -14.29
C VAL GA 55 49.96 -29.95 -14.80
N ALA GA 56 50.79 -30.54 -15.67
CA ALA GA 56 50.50 -31.88 -16.17
C ALA GA 56 50.47 -32.88 -15.02
N GLY GA 57 51.41 -32.77 -14.09
CA GLY GA 57 51.38 -33.65 -12.93
C GLY GA 57 50.16 -33.43 -12.07
N LEU GA 58 49.76 -32.17 -11.88
CA LEU GA 58 48.57 -31.88 -11.09
C LEU GA 58 47.32 -32.45 -11.75
N ALA GA 59 47.25 -32.40 -13.08
CA ALA GA 59 46.09 -32.93 -13.78
C ALA GA 59 45.95 -34.43 -13.53
N LEU GA 60 47.07 -35.15 -13.51
CA LEU GA 60 47.00 -36.60 -13.28
C LEU GA 60 46.40 -36.90 -11.92
N ASN GA 61 46.76 -36.13 -10.89
CA ASN GA 61 46.23 -36.38 -9.56
C ASN GA 61 44.72 -36.23 -9.54
N ILE GA 62 44.19 -35.24 -10.27
CA ILE GA 62 42.75 -35.03 -10.29
C ILE GA 62 42.04 -36.22 -10.92
N LEU GA 63 42.55 -36.70 -12.06
CA LEU GA 63 41.87 -37.75 -12.79
C LEU GA 63 41.95 -39.09 -12.06
N LEU GA 64 43.13 -39.43 -11.55
CA LEU GA 64 43.38 -40.75 -10.96
C LEU GA 64 43.21 -40.71 -9.45
N THR GA 65 41.98 -40.41 -9.01
CA THR GA 65 41.63 -40.46 -7.61
C THR GA 65 40.12 -40.38 -7.45
N ASP GA 66 39.53 -41.37 -6.77
CA ASP GA 66 38.08 -41.39 -6.62
C ASP GA 66 37.63 -40.33 -5.63
N ALA GA 67 36.57 -39.61 -6.00
CA ALA GA 67 35.97 -38.60 -5.14
C ALA GA 67 34.84 -39.22 -4.33
N SER GA 68 34.22 -38.41 -3.46
CA SER GA 68 33.15 -38.91 -2.61
C SER GA 68 31.99 -39.40 -3.46
N LYS GA 69 31.47 -40.58 -3.13
CA LYS GA 69 30.37 -41.16 -3.88
C LYS GA 69 29.04 -40.61 -3.39
N ALA GA 70 28.12 -40.44 -4.34
CA ALA GA 70 26.80 -39.92 -4.01
C ALA GA 70 26.01 -40.93 -3.19
N ASP GA 71 25.16 -40.41 -2.29
CA ASP GA 71 24.33 -41.28 -1.48
C ASP GA 71 23.35 -42.06 -2.36
N THR GA 72 23.12 -43.32 -2.00
CA THR GA 72 22.31 -44.22 -2.81
C THR GA 72 21.05 -44.71 -2.13
N GLY GA 73 20.93 -44.60 -0.82
CA GLY GA 73 19.81 -45.15 -0.09
C GLY GA 73 20.01 -46.57 0.39
N CYS GA 74 20.99 -47.28 -0.16
CA CYS GA 74 21.38 -48.59 0.32
C CYS GA 74 22.69 -48.56 1.10
N GLY GA 75 23.60 -47.65 0.76
CA GLY GA 75 24.79 -47.41 1.55
C GLY GA 75 26.03 -48.06 0.95
N TRP GA 76 27.17 -47.66 1.50
CA TRP GA 76 28.48 -48.19 1.12
C TRP GA 76 29.22 -48.63 2.37
N THR GA 77 30.16 -49.55 2.18
CA THR GA 77 31.03 -49.92 3.29
C THR GA 77 31.94 -48.75 3.65
N PRO GA 78 32.29 -48.61 4.93
CA PRO GA 78 33.10 -47.45 5.33
C PRO GA 78 34.45 -47.38 4.64
N GLY GA 79 34.97 -48.52 4.16
CA GLY GA 79 36.29 -48.51 3.55
C GLY GA 79 36.35 -47.71 2.26
N ASN GA 80 35.33 -47.86 1.41
CA ASN GA 80 35.40 -47.31 0.06
C ASN GA 80 34.29 -46.29 -0.22
N ARG GA 81 34.03 -45.39 0.73
CA ARG GA 81 33.10 -44.31 0.46
C ARG GA 81 33.69 -43.26 -0.48
N GLY GA 82 34.99 -43.32 -0.75
CA GLY GA 82 35.63 -42.37 -1.64
C GLY GA 82 36.03 -41.10 -0.91
N GLY GA 83 36.69 -40.22 -1.66
CA GLY GA 83 37.12 -38.95 -1.12
C GLY GA 83 38.43 -39.06 -0.36
N PHE GA 84 38.77 -37.97 0.33
CA PHE GA 84 40.00 -37.86 1.09
C PHE GA 84 39.70 -37.15 2.40
N TRP GA 85 40.19 -37.71 3.52
CA TRP GA 85 39.90 -37.15 4.82
C TRP GA 85 40.54 -35.78 5.02
N GLY GA 86 41.52 -35.42 4.19
CA GLY GA 86 42.18 -34.14 4.33
C GLY GA 86 41.43 -32.97 3.73
N ASP GA 87 40.27 -33.23 3.11
CA ASP GA 87 39.49 -32.16 2.49
C ASP GA 87 38.60 -31.42 3.47
N SER GA 88 38.59 -31.83 4.74
CA SER GA 88 37.79 -31.13 5.74
C SER GA 88 38.50 -29.92 6.33
N PHE GA 89 39.77 -29.71 6.00
CA PHE GA 89 40.52 -28.56 6.49
C PHE GA 89 40.63 -27.45 5.46
N ARG GA 90 40.57 -27.77 4.17
CA ARG GA 90 40.69 -26.74 3.15
C ARG GA 90 39.50 -25.79 3.20
N SER GA 91 39.74 -24.54 2.80
CA SER GA 91 38.76 -23.48 2.92
C SER GA 91 38.20 -23.00 1.59
N ASP GA 92 38.73 -23.48 0.46
CA ASP GA 92 38.27 -23.01 -0.84
C ASP GA 92 36.91 -23.57 -1.23
N ASN GA 93 36.28 -24.38 -0.37
CA ASN GA 93 34.94 -24.90 -0.62
C ASN GA 93 34.92 -25.80 -1.86
N MET GA 94 35.79 -26.81 -1.84
CA MET GA 94 35.85 -27.80 -2.91
C MET GA 94 36.28 -29.14 -2.32
N ARG GA 95 36.00 -30.20 -3.06
CA ARG GA 95 36.37 -31.56 -2.67
C ARG GA 95 37.29 -32.14 -3.73
N SER GA 96 38.25 -32.96 -3.28
CA SER GA 96 39.28 -33.47 -4.17
C SER GA 96 38.80 -34.73 -4.89
N GLY GA 97 39.55 -35.10 -5.93
CA GLY GA 97 39.27 -36.30 -6.68
C GLY GA 97 38.40 -36.05 -7.90
N SER GA 98 38.11 -37.14 -8.60
CA SER GA 98 37.28 -37.12 -9.79
C SER GA 98 36.26 -38.25 -9.72
N LYS GA 99 35.22 -38.14 -10.53
CA LYS GA 99 34.11 -39.09 -10.52
C LYS GA 99 33.93 -39.76 -11.88
N ILE GA 100 34.95 -39.73 -12.74
CA ILE GA 100 34.81 -40.30 -14.07
C ILE GA 100 34.57 -41.80 -13.99
N ARG GA 101 35.04 -42.46 -12.94
CA ARG GA 101 34.92 -43.91 -12.82
C ARG GA 101 33.55 -44.35 -12.32
N GLN GA 102 32.69 -43.44 -11.90
CA GLN GA 102 31.42 -43.79 -11.29
C GLN GA 102 30.27 -43.85 -12.31
N VAL GA 103 30.56 -43.67 -13.59
CA VAL GA 103 29.50 -43.76 -14.59
C VAL GA 103 28.94 -45.18 -14.62
N THR GA 104 27.73 -45.31 -15.16
CA THR GA 104 27.07 -46.59 -15.28
C THR GA 104 26.51 -46.74 -16.69
N ALA GA 105 26.50 -47.97 -17.19
CA ALA GA 105 26.00 -48.24 -18.52
C ALA GA 105 24.54 -47.80 -18.64
N ARG GA 106 24.29 -46.77 -19.44
CA ARG GA 106 22.96 -46.24 -19.64
C ARG GA 106 22.70 -46.08 -21.13
N GLY GA 107 21.55 -46.58 -21.59
CA GLY GA 107 21.20 -46.49 -22.99
C GLY GA 107 22.27 -47.09 -23.89
N SER GA 108 22.23 -46.73 -25.17
CA SER GA 108 23.24 -47.21 -26.10
C SER GA 108 24.61 -46.72 -25.68
N MET GA 109 25.65 -47.31 -26.29
CA MET GA 109 27.01 -46.95 -25.94
C MET GA 109 27.29 -45.48 -26.22
N ARG GA 110 26.62 -44.90 -27.22
CA ARG GA 110 26.86 -43.50 -27.55
C ARG GA 110 26.50 -42.60 -26.38
N GLU GA 111 25.38 -42.86 -25.71
CA GLU GA 111 24.99 -42.03 -24.58
C GLU GA 111 25.99 -42.14 -23.44
N THR GA 112 26.46 -43.35 -23.15
CA THR GA 112 27.41 -43.53 -22.05
C THR GA 112 28.69 -42.76 -22.30
N VAL GA 113 29.20 -42.82 -23.53
CA VAL GA 113 30.42 -42.09 -23.87
C VAL GA 113 30.20 -40.59 -23.69
N ALA GA 114 29.04 -40.09 -24.12
CA ALA GA 114 28.76 -38.66 -23.95
C ALA GA 114 28.76 -38.28 -22.48
N LEU GA 115 28.21 -39.13 -21.62
CA LEU GA 115 28.21 -38.84 -20.19
C LEU GA 115 29.62 -38.80 -19.63
N ILE GA 116 30.50 -39.71 -20.09
CA ILE GA 116 31.86 -39.74 -19.61
C ILE GA 116 32.55 -38.41 -19.90
N ARG GA 117 32.35 -37.89 -21.11
CA ARG GA 117 32.94 -36.59 -21.46
C ARG GA 117 32.43 -35.49 -20.54
N ALA GA 118 31.14 -35.53 -20.19
CA ALA GA 118 30.58 -34.50 -19.31
C ALA GA 118 31.27 -34.50 -17.97
N TYR GA 119 31.52 -35.68 -17.40
CA TYR GA 119 32.20 -35.76 -16.11
C TYR GA 119 33.63 -35.28 -16.22
N ALA GA 120 34.31 -35.60 -17.32
CA ALA GA 120 35.71 -35.21 -17.47
C ALA GA 120 35.86 -33.69 -17.44
N ILE GA 121 34.97 -32.98 -18.15
CA ILE GA 121 35.02 -31.52 -18.11
C ILE GA 121 34.71 -31.02 -16.72
N ASP GA 122 33.70 -31.61 -16.07
CA ASP GA 122 33.27 -31.15 -14.76
C ASP GA 122 34.34 -31.36 -13.69
N ASP GA 123 35.30 -32.26 -13.94
CA ASP GA 123 36.37 -32.51 -12.98
C ASP GA 123 37.59 -31.64 -13.24
N LEU GA 124 38.05 -31.61 -14.49
CA LEU GA 124 39.20 -30.77 -14.84
C LEU GA 124 38.87 -29.29 -14.78
N LYS GA 125 37.59 -28.92 -14.69
CA LYS GA 125 37.24 -27.51 -14.54
C LYS GA 125 37.83 -26.92 -13.28
N LYS GA 126 38.18 -27.74 -12.29
CA LYS GA 126 38.78 -27.23 -11.07
C LYS GA 126 40.12 -26.56 -11.35
N LEU GA 127 40.78 -26.92 -12.44
CA LEU GA 127 42.09 -26.34 -12.73
C LEU GA 127 42.00 -24.83 -12.87
N VAL GA 128 40.95 -24.33 -13.54
CA VAL GA 128 40.78 -22.89 -13.66
C VAL GA 128 40.54 -22.27 -12.29
N ALA GA 129 39.81 -22.97 -11.42
CA ALA GA 129 39.50 -22.41 -10.10
C ALA GA 129 40.76 -22.17 -9.29
N TYR GA 130 41.69 -23.13 -9.31
CA TYR GA 130 42.94 -22.94 -8.59
C TYR GA 130 43.78 -21.84 -9.20
N GLY GA 131 43.62 -21.59 -10.50
CA GLY GA 131 44.39 -20.59 -11.20
C GLY GA 131 45.61 -21.10 -11.92
N VAL GA 132 45.79 -22.42 -12.02
CA VAL GA 132 46.97 -22.96 -12.68
C VAL GA 132 46.91 -22.72 -14.19
N ALA GA 133 45.74 -22.93 -14.79
CA ALA GA 133 45.56 -22.78 -16.22
C ALA GA 133 44.35 -21.90 -16.50
N LYS GA 134 44.40 -21.19 -17.64
CA LYS GA 134 43.37 -20.22 -17.99
C LYS GA 134 42.22 -20.83 -18.79
N SER GA 135 42.35 -22.08 -19.24
CA SER GA 135 41.28 -22.72 -20.01
C SER GA 135 41.63 -24.18 -20.22
N VAL GA 136 40.60 -25.02 -20.27
CA VAL GA 136 40.76 -26.44 -20.51
C VAL GA 136 39.56 -26.94 -21.31
N ASP GA 137 39.82 -27.89 -22.21
CA ASP GA 137 38.77 -28.46 -23.03
C ASP GA 137 39.19 -29.87 -23.44
N VAL GA 138 38.21 -30.76 -23.55
CA VAL GA 138 38.45 -32.16 -23.89
C VAL GA 138 37.65 -32.50 -25.13
N ASP GA 139 38.30 -33.08 -26.13
CA ASP GA 139 37.66 -33.54 -27.36
C ASP GA 139 37.68 -35.06 -27.38
N LEU GA 140 36.50 -35.65 -27.50
CA LEU GA 140 36.34 -37.11 -27.48
C LEU GA 140 35.70 -37.55 -28.79
N THR GA 141 36.24 -38.60 -29.39
CA THR GA 141 35.77 -39.11 -30.66
C THR GA 141 35.38 -40.58 -30.52
N TYR GA 142 34.26 -40.95 -31.13
CA TYR GA 142 33.80 -42.34 -31.19
C TYR GA 142 33.90 -42.81 -32.63
N GLN GA 143 34.65 -43.89 -32.86
CA GLN GA 143 34.88 -44.41 -34.19
C GLN GA 143 34.56 -45.89 -34.36
N GLY GA 144 34.22 -46.60 -33.29
CA GLY GA 144 33.91 -48.01 -33.44
C GLY GA 144 33.60 -48.65 -32.10
N SER GA 145 33.35 -49.96 -32.15
CA SER GA 145 32.96 -50.67 -30.95
C SER GA 145 34.07 -50.70 -29.92
N ASN GA 146 35.32 -50.92 -30.35
CA ASN GA 146 36.42 -51.15 -29.43
C ASN GA 146 37.46 -50.03 -29.43
N LYS GA 147 37.54 -49.21 -30.48
CA LYS GA 147 38.52 -48.16 -30.57
C LYS GA 147 37.86 -46.83 -30.23
N ILE GA 148 38.43 -46.14 -29.24
CA ILE GA 148 37.91 -44.86 -28.78
C ILE GA 148 39.07 -44.05 -28.21
N ASP GA 149 39.07 -42.75 -28.48
CA ASP GA 149 40.16 -41.88 -28.08
C ASP GA 149 39.61 -40.61 -27.45
N MET GA 150 40.44 -39.98 -26.63
CA MET GA 150 40.10 -38.73 -25.97
C MET GA 150 41.36 -37.93 -25.75
N THR GA 151 41.32 -36.63 -26.08
CA THR GA 151 42.47 -35.75 -25.95
C THR GA 151 42.10 -34.57 -25.08
N ILE GA 152 42.97 -34.25 -24.13
CA ILE GA 152 42.74 -33.17 -23.17
C ILE GA 152 43.70 -32.04 -23.50
N MET GA 153 43.18 -30.84 -23.68
CA MET GA 153 43.96 -29.66 -24.02
C MET GA 153 43.94 -28.68 -22.87
N ILE GA 154 45.12 -28.28 -22.42
CA ILE GA 154 45.27 -27.31 -21.34
C ILE GA 154 46.03 -26.11 -21.88
N GLN GA 155 45.68 -24.91 -21.43
CA GLN GA 155 46.28 -23.68 -21.89
C GLN GA 155 47.08 -23.05 -20.76
N GLY GA 156 48.35 -22.75 -21.02
CA GLY GA 156 49.23 -22.13 -20.06
C GLY GA 156 49.60 -20.71 -20.44
N VAL GA 157 50.41 -20.10 -19.57
CA VAL GA 157 50.88 -18.73 -19.77
C VAL GA 157 52.34 -18.65 -19.38
N ASP GA 158 53.00 -17.59 -19.87
CA ASP GA 158 54.40 -17.37 -19.56
C ASP GA 158 54.56 -16.74 -18.18
N GLY GA 159 55.76 -16.86 -17.62
CA GLY GA 159 56.00 -16.35 -16.28
C GLY GA 159 55.88 -14.84 -16.20
N ASN GA 160 56.42 -14.13 -17.18
CA ASN GA 160 56.44 -12.68 -17.19
C ASN GA 160 55.41 -12.15 -18.18
N GLU GA 161 54.56 -11.24 -17.71
CA GLU GA 161 53.53 -10.68 -18.56
C GLU GA 161 54.17 -9.97 -19.76
N SER GA 162 53.58 -10.16 -20.92
CA SER GA 162 54.04 -9.52 -22.14
C SER GA 162 52.95 -8.75 -22.86
N ARG GA 163 51.72 -9.26 -22.86
CA ARG GA 163 50.60 -8.60 -23.50
C ARG GA 163 49.90 -7.66 -22.52
N VAL GA 164 49.22 -6.66 -23.07
CA VAL GA 164 48.53 -5.64 -22.29
C VAL GA 164 47.12 -5.48 -22.85
N GLY GA 165 46.15 -5.33 -21.95
CA GLY GA 165 44.78 -5.13 -22.35
C GLY GA 165 44.02 -6.43 -22.55
N LEU GA 166 44.18 -7.36 -21.62
CA LEU GA 166 43.49 -8.64 -21.71
C LEU GA 166 42.04 -8.49 -21.24
N THR GA 167 41.13 -9.12 -21.97
CA THR GA 167 39.72 -9.06 -21.60
C THR GA 167 39.48 -9.70 -20.24
N GLY GA 168 40.11 -10.83 -19.98
CA GLY GA 168 39.96 -11.53 -18.71
C GLY GA 168 40.90 -11.02 -17.65
N GLU GA 169 41.51 -11.94 -16.90
CA GLU GA 169 42.44 -11.60 -15.84
C GLU GA 169 43.64 -12.51 -15.91
N ARG GA 170 44.78 -12.02 -15.41
CA ARG GA 170 45.97 -12.86 -15.33
C ARG GA 170 45.79 -13.88 -14.21
N ILE GA 171 45.90 -15.16 -14.56
CA ILE GA 171 45.68 -16.21 -13.58
C ILE GA 171 46.70 -16.11 -12.47
N ALA GA 172 46.22 -16.18 -11.23
CA ALA GA 172 47.12 -16.26 -10.09
C ALA GA 172 47.83 -17.60 -10.08
N ASN GA 173 48.86 -17.72 -9.24
CA ASN GA 173 49.67 -18.94 -9.16
C ASN GA 173 50.24 -19.29 -10.54
N ALA GA 174 50.61 -18.26 -11.30
CA ALA GA 174 51.18 -18.46 -12.63
C ALA GA 174 52.69 -18.62 -12.61
N TRP GA 175 53.30 -18.65 -11.42
CA TRP GA 175 54.75 -18.80 -11.33
C TRP GA 175 55.22 -20.19 -11.75
N VAL GA 176 54.31 -21.14 -11.96
CA VAL GA 176 54.68 -22.41 -12.58
C VAL GA 176 54.76 -22.31 -14.10
N TRP GA 177 54.35 -21.18 -14.67
CA TRP GA 177 54.35 -20.93 -16.12
C TRP GA 177 53.91 -22.16 -16.90
N SER GA 178 52.67 -22.58 -16.64
CA SER GA 178 52.04 -23.61 -17.45
C SER GA 178 50.56 -23.73 -17.10
N ASN HA 4 34.98 -51.98 28.27
CA ASN HA 4 34.22 -53.14 28.71
C ASN HA 4 33.83 -54.01 27.52
N PHE HA 5 33.14 -55.12 27.80
CA PHE HA 5 32.78 -56.05 26.74
C PHE HA 5 31.84 -55.36 25.75
N GLU HA 6 32.01 -55.65 24.45
CA GLU HA 6 31.32 -54.88 23.42
C GLU HA 6 29.81 -55.02 23.48
N THR HA 7 29.28 -56.02 24.19
CA THR HA 7 27.84 -56.20 24.30
C THR HA 7 27.30 -55.24 25.34
N ALA HA 8 27.11 -53.99 24.91
CA ALA HA 8 26.63 -52.93 25.79
C ALA HA 8 25.12 -52.76 25.74
N ASP HA 9 24.49 -53.08 24.61
CA ASP HA 9 23.04 -52.93 24.50
C ASP HA 9 22.33 -53.84 25.49
N ARG HA 10 21.72 -53.24 26.52
CA ARG HA 10 21.05 -54.00 27.57
C ARG HA 10 19.56 -54.19 27.32
N ARG HA 11 19.00 -53.57 26.28
CA ARG HA 11 17.58 -53.66 26.03
C ARG HA 11 17.19 -55.11 25.74
N LYS HA 12 16.10 -55.56 26.36
CA LYS HA 12 15.61 -56.92 26.23
C LYS HA 12 14.32 -56.93 25.41
N ARG HA 13 13.76 -58.13 25.23
CA ARG HA 13 12.59 -58.35 24.39
C ARG HA 13 11.53 -59.10 25.17
N PHE HA 14 10.31 -58.59 25.15
CA PHE HA 14 9.21 -59.18 25.89
C PHE HA 14 8.51 -60.23 25.03
N TRP HA 15 7.35 -60.70 25.48
CA TRP HA 15 6.61 -61.72 24.74
C TRP HA 15 6.20 -61.20 23.38
N THR HA 16 6.03 -62.12 22.43
CA THR HA 16 5.62 -61.77 21.08
C THR HA 16 4.66 -62.82 20.56
N THR HA 17 3.51 -62.37 20.06
CA THR HA 17 2.56 -63.29 19.46
C THR HA 17 3.17 -63.94 18.22
N GLN HA 18 2.85 -65.21 18.02
CA GLN HA 18 3.43 -66.00 16.93
C GLN HA 18 2.34 -66.75 16.19
N VAL HA 19 2.55 -66.93 14.89
CA VAL HA 19 1.61 -67.68 14.08
C VAL HA 19 1.71 -69.16 14.41
N ALA HA 20 0.58 -69.86 14.32
CA ALA HA 20 0.51 -71.29 14.59
C ALA HA 20 0.91 -71.64 16.01
N ALA HA 21 0.81 -70.67 16.94
CA ALA HA 21 1.15 -70.96 18.33
C ALA HA 21 0.21 -71.99 18.91
N CYS HA 22 -1.09 -71.89 18.61
CA CYS HA 22 -2.09 -72.83 19.09
C CYS HA 22 -2.52 -73.83 18.02
N GLY HA 23 -1.67 -74.06 17.02
CA GLY HA 23 -1.99 -74.98 15.96
C GLY HA 23 -2.83 -74.32 14.87
N GLN HA 24 -3.31 -75.16 13.96
CA GLN HA 24 -4.11 -74.72 12.82
C GLN HA 24 -5.47 -75.41 12.86
N SER HA 25 -6.50 -74.63 12.57
CA SER HA 25 -7.87 -75.13 12.51
C SER HA 25 -8.22 -75.46 11.06
N SER HA 26 -8.72 -76.66 10.83
CA SER HA 26 -9.01 -77.15 9.50
C SER HA 26 -10.53 -77.16 9.25
N ASP HA 27 -10.90 -76.91 8.01
CA ASP HA 27 -12.30 -76.90 7.60
C ASP HA 27 -12.38 -77.31 6.14
N ASP HA 28 -13.60 -77.58 5.69
CA ASP HA 28 -13.80 -78.03 4.32
C ASP HA 28 -13.32 -77.01 3.29
N CYS HA 29 -13.21 -75.74 3.69
CA CYS HA 29 -12.76 -74.70 2.77
C CYS HA 29 -11.24 -74.62 2.69
N GLY HA 30 -10.55 -74.77 3.82
CA GLY HA 30 -9.11 -74.68 3.81
C GLY HA 30 -8.56 -74.81 5.21
N ASP HA 31 -7.25 -74.59 5.33
CA ASP HA 31 -6.53 -74.67 6.58
C ASP HA 31 -6.01 -73.30 6.95
N CYS HA 32 -6.17 -72.91 8.22
CA CYS HA 32 -5.77 -71.60 8.70
C CYS HA 32 -5.03 -71.74 10.03
N ALA HA 33 -4.19 -70.76 10.31
CA ALA HA 33 -3.41 -70.74 11.55
C ALA HA 33 -4.21 -70.10 12.67
N ARG HA 34 -3.73 -70.32 13.90
CA ARG HA 34 -4.36 -69.79 15.11
C ARG HA 34 -3.29 -69.09 15.94
N PRO HA 35 -3.00 -67.83 15.64
CA PRO HA 35 -1.90 -67.15 16.34
C PRO HA 35 -2.17 -67.00 17.83
N GLY HA 36 -1.08 -66.98 18.59
CA GLY HA 36 -1.18 -66.84 20.03
C GLY HA 36 0.20 -66.89 20.66
N LEU HA 37 0.21 -66.92 21.98
CA LEU HA 37 1.46 -67.03 22.71
C LEU HA 37 1.98 -68.46 22.66
N GLN HA 38 3.30 -68.61 22.79
CA GLN HA 38 3.97 -69.89 22.71
C GLN HA 38 4.62 -70.21 24.05
N LEU HA 39 4.56 -71.46 24.45
CA LEU HA 39 5.16 -71.94 25.69
C LEU HA 39 6.36 -72.81 25.38
N LEU HA 40 7.48 -72.51 26.02
CA LEU HA 40 8.71 -73.29 25.89
C LEU HA 40 9.00 -73.96 27.23
N CYS HA 41 9.33 -75.25 27.18
CA CYS HA 41 9.51 -76.06 28.37
C CYS HA 41 10.97 -76.44 28.54
N ASN HA 42 11.41 -76.46 29.81
CA ASN HA 42 12.74 -76.88 30.18
C ASN HA 42 12.75 -78.39 30.44
N GLY HA 43 13.89 -78.90 30.89
CA GLY HA 43 14.00 -80.32 31.18
C GLY HA 43 13.31 -80.78 32.44
N GLU HA 44 12.99 -79.85 33.35
CA GLU HA 44 12.35 -80.19 34.62
C GLU HA 44 11.18 -79.24 34.87
N GLY HA 45 10.36 -79.04 33.84
CA GLY HA 45 9.27 -78.08 33.93
C GLY HA 45 9.75 -76.67 33.66
N ARG HA 46 9.27 -75.71 34.44
CA ARG HA 46 9.72 -74.31 34.35
C ARG HA 46 9.47 -73.77 32.93
N ILE HA 47 8.19 -73.68 32.60
CA ILE HA 47 7.78 -73.21 31.28
C ILE HA 47 8.13 -71.74 31.12
N THR HA 48 8.36 -71.32 29.87
CA THR HA 48 8.69 -69.94 29.56
C THR HA 48 8.05 -69.57 28.23
N ILE HA 49 7.84 -68.28 28.04
CA ILE HA 49 7.19 -67.74 26.84
C ILE HA 49 8.25 -67.41 25.81
N ALA HA 50 7.88 -67.47 24.53
CA ALA HA 50 8.80 -67.20 23.45
C ALA HA 50 8.80 -65.71 23.11
N THR HA 51 9.95 -65.24 22.62
CA THR HA 51 10.14 -63.82 22.31
C THR HA 51 10.89 -63.65 21.00
N ASP HA 52 10.50 -64.41 19.97
CA ASP HA 52 11.14 -64.36 18.67
C ASP HA 52 10.25 -63.65 17.65
N ASN HA 53 10.87 -63.19 16.57
CA ASN HA 53 10.17 -62.53 15.47
C ASN HA 53 9.28 -61.40 16.00
N TYR HA 54 9.92 -60.40 16.56
CA TYR HA 54 9.20 -59.29 17.18
C TYR HA 54 8.34 -58.56 16.15
N VAL HA 55 8.95 -58.13 15.04
CA VAL HA 55 8.22 -57.31 14.07
C VAL HA 55 7.07 -58.10 13.47
N ALA HA 56 7.29 -59.38 13.15
CA ALA HA 56 6.21 -60.20 12.61
C ALA HA 56 5.05 -60.31 13.61
N GLY HA 57 5.38 -60.49 14.89
CA GLY HA 57 4.33 -60.53 15.90
C GLY HA 57 3.59 -59.21 16.00
N LEU HA 58 4.30 -58.09 15.88
CA LEU HA 58 3.66 -56.78 15.95
C LEU HA 58 2.69 -56.59 14.80
N ALA HA 59 3.05 -57.04 13.60
CA ALA HA 59 2.16 -56.88 12.44
C ALA HA 59 0.85 -57.60 12.66
N LEU HA 60 0.89 -58.79 13.27
CA LEU HA 60 -0.34 -59.52 13.52
C LEU HA 60 -1.28 -58.72 14.42
N ASN HA 61 -0.74 -58.07 15.44
CA ASN HA 61 -1.58 -57.29 16.34
C ASN HA 61 -2.28 -56.16 15.59
N ILE HA 62 -1.57 -55.50 14.68
CA ILE HA 62 -2.16 -54.38 13.94
C ILE HA 62 -3.28 -54.89 13.02
N LEU HA 63 -3.05 -56.01 12.34
CA LEU HA 63 -4.04 -56.50 11.39
C LEU HA 63 -5.27 -57.05 12.09
N LEU HA 64 -5.08 -57.85 13.13
CA LEU HA 64 -6.19 -58.54 13.80
C LEU HA 64 -6.64 -57.76 15.04
N THR HA 65 -7.10 -56.53 14.81
CA THR HA 65 -7.68 -55.72 15.87
C THR HA 65 -8.50 -54.62 15.22
N ASP HA 66 -9.80 -54.62 15.47
CA ASP HA 66 -10.68 -53.62 14.85
C ASP HA 66 -10.39 -52.24 15.45
N ALA HA 67 -10.28 -51.25 14.58
CA ALA HA 67 -10.07 -49.87 14.99
C ALA HA 67 -11.40 -49.14 15.11
N SER HA 68 -11.32 -47.89 15.55
CA SER HA 68 -12.53 -47.10 15.76
C SER HA 68 -13.32 -46.97 14.45
N LYS HA 69 -14.62 -47.20 14.52
CA LYS HA 69 -15.48 -47.09 13.35
C LYS HA 69 -15.86 -45.64 13.10
N ALA HA 70 -15.98 -45.28 11.83
CA ALA HA 70 -16.32 -43.92 11.47
C ALA HA 70 -17.78 -43.63 11.81
N ASP HA 71 -18.05 -42.35 12.10
CA ASP HA 71 -19.40 -41.93 12.38
C ASP HA 71 -20.29 -42.13 11.16
N THR HA 72 -21.55 -42.47 11.40
CA THR HA 72 -22.48 -42.82 10.33
C THR HA 72 -23.80 -42.06 10.36
N GLY HA 73 -24.17 -41.43 11.46
CA GLY HA 73 -25.43 -40.74 11.58
C GLY HA 73 -26.56 -41.60 12.09
N CYS HA 74 -26.42 -42.92 12.06
CA CYS HA 74 -27.38 -43.83 12.67
C CYS HA 74 -26.91 -44.35 14.02
N GLY HA 75 -25.60 -44.53 14.19
CA GLY HA 75 -25.02 -44.86 15.47
C GLY HA 75 -24.68 -46.33 15.59
N TRP HA 76 -23.85 -46.62 16.59
CA TRP HA 76 -23.45 -47.98 16.95
C TRP HA 76 -23.76 -48.23 18.41
N THR HA 77 -23.97 -49.49 18.75
CA THR HA 77 -24.14 -49.84 20.14
C THR HA 77 -22.85 -49.55 20.90
N PRO HA 78 -22.92 -49.15 22.17
CA PRO HA 78 -21.69 -48.79 22.89
C PRO HA 78 -20.70 -49.94 23.01
N GLY HA 79 -21.16 -51.18 22.86
CA GLY HA 79 -20.27 -52.31 23.04
C GLY HA 79 -19.18 -52.41 21.99
N ASN HA 80 -19.54 -52.19 20.72
CA ASN HA 80 -18.64 -52.48 19.60
C ASN HA 80 -18.40 -51.25 18.75
N ARG HA 81 -18.12 -50.11 19.39
CA ARG HA 81 -17.70 -48.94 18.63
C ARG HA 81 -16.31 -49.11 18.05
N GLY HA 82 -15.57 -50.12 18.49
CA GLY HA 82 -14.23 -50.36 18.00
C GLY HA 82 -13.18 -49.61 18.78
N GLY HA 83 -11.93 -49.85 18.42
CA GLY HA 83 -10.82 -49.19 19.07
C GLY HA 83 -10.46 -49.79 20.41
N PHE HA 84 -9.54 -49.12 21.09
CA PHE HA 84 -9.04 -49.55 22.40
C PHE HA 84 -9.11 -48.38 23.36
N TRP HA 85 -9.55 -48.65 24.60
CA TRP HA 85 -9.70 -47.57 25.57
C TRP HA 85 -8.35 -47.05 26.03
N GLY HA 86 -7.28 -47.83 25.84
CA GLY HA 86 -5.96 -47.41 26.27
C GLY HA 86 -5.30 -46.37 25.40
N ASP HA 87 -5.88 -46.07 24.24
CA ASP HA 87 -5.30 -45.08 23.35
C ASP HA 87 -5.44 -43.65 23.87
N SER HA 88 -6.20 -43.44 24.95
CA SER HA 88 -6.38 -42.10 25.48
C SER HA 88 -5.10 -41.52 26.06
N PHE HA 89 -4.08 -42.36 26.30
CA PHE HA 89 -2.87 -41.92 26.98
C PHE HA 89 -1.67 -41.78 26.06
N ARG HA 90 -1.62 -42.53 24.97
CA ARG HA 90 -0.47 -42.45 24.07
C ARG HA 90 -0.36 -41.05 23.48
N SER HA 91 0.88 -40.57 23.37
CA SER HA 91 1.16 -39.20 22.94
C SER HA 91 1.68 -39.11 21.51
N ASP HA 92 1.69 -40.20 20.76
CA ASP HA 92 2.22 -40.20 19.40
C ASP HA 92 1.18 -39.78 18.38
N ASN HA 93 -0.04 -39.47 18.80
CA ASN HA 93 -1.09 -38.97 17.90
C ASN HA 93 -1.47 -40.03 16.86
N MET HA 94 -1.74 -41.24 17.32
CA MET HA 94 -2.21 -42.31 16.46
C MET HA 94 -3.17 -43.20 17.24
N ARG HA 95 -3.97 -43.96 16.52
CA ARG HA 95 -4.92 -44.88 17.11
C ARG HA 95 -4.57 -46.30 16.73
N SER HA 96 -4.87 -47.24 17.63
CA SER HA 96 -4.48 -48.63 17.47
C SER HA 96 -5.52 -49.40 16.65
N GLY HA 97 -5.10 -50.55 16.15
CA GLY HA 97 -5.97 -51.42 15.39
C GLY HA 97 -5.87 -51.20 13.89
N SER HA 98 -6.85 -51.77 13.19
CA SER HA 98 -6.93 -51.68 11.75
C SER HA 98 -8.39 -51.57 11.33
N LYS HA 99 -8.61 -51.42 10.02
CA LYS HA 99 -9.97 -51.26 9.50
C LYS HA 99 -10.20 -52.06 8.23
N ILE HA 100 -9.37 -53.07 7.95
CA ILE HA 100 -9.54 -53.87 6.75
C ILE HA 100 -10.87 -54.62 6.76
N ARG HA 101 -11.48 -54.78 7.92
CA ARG HA 101 -12.74 -55.51 8.05
C ARG HA 101 -13.97 -54.65 7.82
N GLN HA 102 -13.80 -53.33 7.64
CA GLN HA 102 -14.93 -52.42 7.51
C GLN HA 102 -15.27 -52.11 6.07
N VAL HA 103 -14.66 -52.79 5.10
CA VAL HA 103 -14.99 -52.55 3.71
C VAL HA 103 -16.40 -53.06 3.41
N THR HA 104 -16.99 -52.50 2.36
CA THR HA 104 -18.34 -52.86 1.93
C THR HA 104 -18.33 -53.14 0.43
N ALA HA 105 -19.22 -54.03 0.01
CA ALA HA 105 -19.30 -54.41 -1.40
C ALA HA 105 -19.68 -53.20 -2.25
N ARG HA 106 -18.74 -52.73 -3.07
CA ARG HA 106 -18.97 -51.61 -3.98
C ARG HA 106 -18.61 -52.05 -5.39
N GLY HA 107 -19.52 -51.80 -6.33
CA GLY HA 107 -19.27 -52.16 -7.72
C GLY HA 107 -18.89 -53.62 -7.89
N SER HA 108 -18.22 -53.92 -8.99
CA SER HA 108 -17.78 -55.28 -9.24
C SER HA 108 -16.76 -55.71 -8.18
N MET HA 109 -16.46 -57.01 -8.16
CA MET HA 109 -15.53 -57.54 -7.17
C MET HA 109 -14.14 -56.94 -7.32
N ARG HA 110 -13.75 -56.58 -8.54
CA ARG HA 110 -12.42 -56.02 -8.74
C ARG HA 110 -12.23 -54.73 -7.96
N GLU HA 111 -13.25 -53.85 -7.96
CA GLU HA 111 -13.16 -52.62 -7.21
C GLU HA 111 -13.03 -52.90 -5.71
N THR HA 112 -13.82 -53.85 -5.20
CA THR HA 112 -13.77 -54.14 -3.77
C THR HA 112 -12.40 -54.64 -3.35
N VAL HA 113 -11.81 -55.54 -4.14
CA VAL HA 113 -10.48 -56.05 -3.82
C VAL HA 113 -9.46 -54.92 -3.80
N ALA HA 114 -9.55 -54.02 -4.79
CA ALA HA 114 -8.63 -52.90 -4.83
C ALA HA 114 -8.75 -52.03 -3.58
N LEU HA 115 -9.98 -51.82 -3.11
CA LEU HA 115 -10.19 -51.05 -1.89
C LEU HA 115 -9.56 -51.74 -0.69
N ILE HA 116 -9.67 -53.07 -0.61
CA ILE HA 116 -9.08 -53.80 0.51
C ILE HA 116 -7.58 -53.57 0.56
N ARG HA 117 -6.93 -53.60 -0.60
CA ARG HA 117 -5.48 -53.39 -0.63
C ARG HA 117 -5.13 -52.00 -0.11
N ALA HA 118 -5.93 -50.99 -0.46
CA ALA HA 118 -5.65 -49.63 -0.01
C ALA HA 118 -5.69 -49.56 1.51
N TYR HA 119 -6.67 -50.19 2.13
CA TYR HA 119 -6.75 -50.17 3.59
C TYR HA 119 -5.60 -50.93 4.22
N ALA HA 120 -5.18 -52.04 3.60
CA ALA HA 120 -4.08 -52.82 4.15
C ALA HA 120 -2.79 -52.00 4.19
N ILE HA 121 -2.50 -51.27 3.12
CA ILE HA 121 -1.32 -50.41 3.11
C ILE HA 121 -1.45 -49.31 4.15
N ASP HA 122 -2.64 -48.69 4.23
CA ASP HA 122 -2.84 -47.57 5.14
C ASP HA 122 -2.73 -47.99 6.61
N ASP HA 123 -2.87 -49.27 6.91
CA ASP HA 123 -2.76 -49.75 8.29
C ASP HA 123 -1.35 -50.17 8.63
N LEU HA 124 -0.73 -51.01 7.80
CA LEU HA 124 0.64 -51.44 8.04
C LEU HA 124 1.64 -50.30 7.91
N LYS HA 125 1.24 -49.17 7.32
CA LYS HA 125 2.14 -48.02 7.24
C LYS HA 125 2.57 -47.54 8.63
N LYS HA 126 1.80 -47.85 9.67
CA LYS HA 126 2.16 -47.45 11.02
C LYS HA 126 3.45 -48.11 11.48
N LEU HA 127 3.84 -49.23 10.86
CA LEU HA 127 5.08 -49.88 11.25
C LEU HA 127 6.28 -48.97 11.03
N VAL HA 128 6.29 -48.24 9.92
CA VAL HA 128 7.40 -47.31 9.66
C VAL HA 128 7.42 -46.21 10.70
N ALA HA 129 6.25 -45.69 11.07
CA ALA HA 129 6.19 -44.59 12.03
C ALA HA 129 6.79 -44.98 13.37
N TYR HA 130 6.48 -46.19 13.85
CA TYR HA 130 7.08 -46.64 15.11
C TYR HA 130 8.59 -46.80 14.97
N GLY HA 131 9.07 -47.16 13.79
CA GLY HA 131 10.49 -47.29 13.54
C GLY HA 131 11.00 -48.71 13.51
N VAL HA 132 10.14 -49.72 13.65
CA VAL HA 132 10.61 -51.11 13.64
C VAL HA 132 11.08 -51.50 12.25
N ALA HA 133 10.38 -51.02 11.21
CA ALA HA 133 10.70 -51.39 9.84
C ALA HA 133 10.93 -50.13 9.01
N LYS HA 134 11.76 -50.26 7.98
CA LYS HA 134 12.11 -49.12 7.14
C LYS HA 134 11.25 -49.00 5.89
N SER HA 135 10.51 -50.05 5.53
CA SER HA 135 9.62 -49.99 4.37
C SER HA 135 8.77 -51.25 4.34
N VAL HA 136 7.54 -51.10 3.85
CA VAL HA 136 6.59 -52.21 3.76
C VAL HA 136 5.76 -52.02 2.50
N ASP HA 137 5.39 -53.15 1.89
CA ASP HA 137 4.59 -53.14 0.68
C ASP HA 137 3.82 -54.45 0.57
N VAL HA 138 2.62 -54.38 0.02
CA VAL HA 138 1.74 -55.54 -0.12
C VAL HA 138 1.37 -55.69 -1.58
N ASP HA 139 1.52 -56.91 -2.10
CA ASP HA 139 1.16 -57.24 -3.48
C ASP HA 139 -0.07 -58.13 -3.48
N LEU HA 140 -1.06 -57.77 -4.30
CA LEU HA 140 -2.32 -58.49 -4.38
C LEU HA 140 -2.53 -59.02 -5.79
N THR HA 141 -3.02 -60.25 -5.89
CA THR HA 141 -3.30 -60.90 -7.16
C THR HA 141 -4.72 -61.40 -7.17
N TYR HA 142 -5.45 -61.09 -8.24
CA TYR HA 142 -6.81 -61.59 -8.45
C TYR HA 142 -6.78 -62.53 -9.65
N GLN HA 143 -7.04 -63.82 -9.40
CA GLN HA 143 -6.98 -64.84 -10.43
C GLN HA 143 -8.30 -65.56 -10.65
N GLY HA 144 -9.37 -65.16 -9.96
CA GLY HA 144 -10.65 -65.80 -10.17
C GLY HA 144 -11.62 -65.43 -9.06
N SER HA 145 -12.76 -66.10 -9.08
CA SER HA 145 -13.82 -65.80 -8.12
C SER HA 145 -13.49 -66.34 -6.74
N ASN HA 146 -12.83 -67.49 -6.66
CA ASN HA 146 -12.63 -68.18 -5.40
C ASN HA 146 -11.27 -67.95 -4.77
N LYS HA 147 -10.20 -67.90 -5.57
CA LYS HA 147 -8.84 -67.84 -5.05
C LYS HA 147 -8.32 -66.42 -5.17
N ILE HA 148 -8.05 -65.81 -4.01
CA ILE HA 148 -7.42 -64.49 -3.93
C ILE HA 148 -6.26 -64.59 -2.95
N ASP HA 149 -5.10 -64.09 -3.35
CA ASP HA 149 -3.89 -64.23 -2.55
C ASP HA 149 -3.28 -62.87 -2.26
N MET HA 150 -2.82 -62.72 -1.02
CA MET HA 150 -2.15 -61.52 -0.54
C MET HA 150 -0.77 -61.89 -0.06
N THR HA 151 0.20 -60.99 -0.26
CA THR HA 151 1.55 -61.19 0.26
C THR HA 151 2.06 -59.86 0.79
N ILE HA 152 2.65 -59.90 1.99
CA ILE HA 152 3.18 -58.71 2.65
C ILE HA 152 4.69 -58.85 2.73
N MET HA 153 5.40 -57.76 2.47
CA MET HA 153 6.86 -57.72 2.53
C MET HA 153 7.28 -56.65 3.52
N ILE HA 154 8.10 -57.04 4.50
CA ILE HA 154 8.63 -56.13 5.51
C ILE HA 154 10.14 -56.20 5.47
N GLN HA 155 10.79 -55.04 5.41
CA GLN HA 155 12.24 -54.95 5.32
C GLN HA 155 12.83 -54.61 6.68
N GLY HA 156 13.84 -55.38 7.09
CA GLY HA 156 14.50 -55.17 8.36
C GLY HA 156 15.89 -54.60 8.21
N VAL HA 157 16.63 -54.64 9.32
CA VAL HA 157 18.00 -54.13 9.36
C VAL HA 157 18.77 -54.90 10.41
N ASP HA 158 20.08 -54.98 10.21
CA ASP HA 158 20.93 -55.67 11.18
C ASP HA 158 21.11 -54.82 12.43
N GLY HA 159 21.44 -55.49 13.53
CA GLY HA 159 21.57 -54.79 14.80
C GLY HA 159 22.66 -53.74 14.80
N ASN HA 160 23.80 -54.05 14.18
CA ASN HA 160 24.95 -53.15 14.15
C ASN HA 160 25.10 -52.56 12.76
N GLU HA 161 25.26 -51.24 12.69
CA GLU HA 161 25.38 -50.56 11.41
C GLU HA 161 26.61 -51.05 10.67
N SER HA 162 26.48 -51.21 9.36
CA SER HA 162 27.58 -51.65 8.51
C SER HA 162 27.77 -50.83 7.26
N ARG HA 163 26.78 -50.04 6.84
CA ARG HA 163 26.87 -49.20 5.65
C ARG HA 163 26.95 -47.73 6.06
N VAL HA 164 27.60 -46.94 5.23
CA VAL HA 164 27.83 -45.52 5.48
C VAL HA 164 27.33 -44.73 4.28
N GLY HA 165 26.66 -43.62 4.55
CA GLY HA 165 26.17 -42.75 3.49
C GLY HA 165 24.81 -43.14 2.98
N LEU HA 166 23.86 -43.34 3.88
CA LEU HA 166 22.50 -43.70 3.52
C LEU HA 166 21.70 -42.45 3.19
N THR HA 167 20.90 -42.54 2.12
CA THR HA 167 20.09 -41.41 1.71
C THR HA 167 19.08 -41.03 2.80
N GLY HA 168 18.45 -42.03 3.41
CA GLY HA 168 17.45 -41.77 4.43
C GLY HA 168 18.06 -41.69 5.81
N GLU HA 169 17.43 -42.35 6.78
CA GLU HA 169 17.88 -42.34 8.17
C GLU HA 169 17.82 -43.76 8.71
N ARG HA 170 18.64 -44.03 9.71
CA ARG HA 170 18.60 -45.32 10.38
C ARG HA 170 17.40 -45.35 11.32
N ILE HA 171 16.51 -46.33 11.10
CA ILE HA 171 15.30 -46.42 11.89
C ILE HA 171 15.64 -46.59 13.36
N ALA HA 172 14.99 -45.80 14.21
CA ALA HA 172 15.11 -45.99 15.64
C ALA HA 172 14.40 -47.27 16.07
N ASN HA 173 14.60 -47.67 17.32
CA ASN HA 173 14.03 -48.91 17.84
C ASN HA 173 14.44 -50.10 17.00
N ALA HA 174 15.65 -50.06 16.43
CA ALA HA 174 16.17 -51.14 15.62
C ALA HA 174 16.85 -52.22 16.45
N TRP HA 175 16.88 -52.07 17.78
CA TRP HA 175 17.51 -53.07 18.62
C TRP HA 175 16.80 -54.42 18.56
N VAL HA 176 15.59 -54.46 18.02
CA VAL HA 176 14.95 -55.74 17.71
C VAL HA 176 15.53 -56.37 16.46
N TRP HA 177 16.37 -55.65 15.74
CA TRP HA 177 17.06 -56.13 14.53
C TRP HA 177 16.13 -56.97 13.66
N SER HA 178 15.07 -56.33 13.19
CA SER HA 178 14.18 -56.93 12.20
C SER HA 178 13.24 -55.89 11.62
N ASN IA 4 -30.85 -42.98 43.90
CA ASN IA 4 -32.31 -43.03 43.90
C ASN IA 4 -32.82 -43.85 42.72
N PHE IA 5 -34.14 -43.90 42.57
CA PHE IA 5 -34.74 -44.68 41.50
C PHE IA 5 -34.32 -44.09 40.15
N GLU IA 6 -34.11 -44.98 39.17
CA GLU IA 6 -33.62 -44.54 37.87
C GLU IA 6 -34.60 -43.64 37.14
N THR IA 7 -35.86 -43.60 37.55
CA THR IA 7 -36.87 -42.74 36.93
C THR IA 7 -36.72 -41.34 37.51
N ALA IA 8 -35.73 -40.62 36.98
CA ALA IA 8 -35.40 -39.28 37.47
C ALA IA 8 -36.00 -38.17 36.62
N ASP IA 9 -36.31 -38.43 35.35
CA ASP IA 9 -36.88 -37.40 34.49
C ASP IA 9 -38.26 -37.02 35.01
N ARG IA 10 -38.38 -35.84 35.60
CA ARG IA 10 -39.62 -35.37 36.19
C ARG IA 10 -40.47 -34.55 35.23
N ARG IA 11 -39.97 -34.25 34.04
CA ARG IA 11 -40.73 -33.44 33.10
C ARG IA 11 -42.03 -34.14 32.70
N LYS IA 12 -43.12 -33.39 32.71
CA LYS IA 12 -44.44 -33.90 32.40
C LYS IA 12 -44.89 -33.41 31.02
N ARG IA 13 -46.10 -33.82 30.63
CA ARG IA 13 -46.64 -33.52 29.31
C ARG IA 13 -48.03 -32.93 29.47
N PHE IA 14 -48.28 -31.81 28.81
CA PHE IA 14 -49.54 -31.09 28.92
C PHE IA 14 -50.53 -31.61 27.86
N TRP IA 15 -51.67 -30.94 27.74
CA TRP IA 15 -52.68 -31.33 26.76
C TRP IA 15 -52.10 -31.36 25.37
N THR IA 16 -52.73 -32.13 24.46
CA THR IA 16 -52.26 -32.22 23.09
C THR IA 16 -53.44 -32.43 22.16
N THR IA 17 -53.52 -31.60 21.12
CA THR IA 17 -54.57 -31.77 20.13
C THR IA 17 -54.41 -33.11 19.42
N GLN IA 18 -55.54 -33.75 19.11
CA GLN IA 18 -55.55 -35.06 18.49
C GLN IA 18 -56.52 -35.06 17.30
N VAL IA 19 -56.17 -35.85 16.29
CA VAL IA 19 -57.03 -35.98 15.12
C VAL IA 19 -58.29 -36.75 15.50
N ALA IA 20 -59.42 -36.34 14.90
CA ALA IA 20 -60.69 -37.02 15.10
C ALA IA 20 -61.14 -36.98 16.56
N ALA IA 21 -60.66 -35.98 17.32
CA ALA IA 21 -61.09 -35.85 18.70
C ALA IA 21 -62.58 -35.55 18.78
N CYS IA 22 -63.13 -34.89 17.77
CA CYS IA 22 -64.55 -34.53 17.72
C CYS IA 22 -65.28 -35.25 16.59
N GLY IA 23 -64.77 -36.41 16.19
CA GLY IA 23 -65.38 -37.17 15.12
C GLY IA 23 -64.97 -36.66 13.75
N GLN IA 24 -65.63 -37.22 12.74
CA GLN IA 24 -65.36 -36.90 11.35
C GLN IA 24 -66.60 -36.30 10.70
N SER IA 25 -66.40 -35.25 9.91
CA SER IA 25 -67.48 -34.59 9.18
C SER IA 25 -67.57 -35.19 7.79
N SER IA 26 -68.74 -35.72 7.43
CA SER IA 26 -68.95 -36.40 6.17
C SER IA 26 -69.65 -35.48 5.18
N ASP IA 27 -69.32 -35.67 3.90
CA ASP IA 27 -69.93 -34.90 2.82
C ASP IA 27 -69.87 -35.73 1.55
N ASP IA 28 -70.60 -35.27 0.54
CA ASP IA 28 -70.66 -36.00 -0.72
C ASP IA 28 -69.28 -36.18 -1.35
N CYS IA 29 -68.37 -35.25 -1.13
CA CYS IA 29 -67.04 -35.37 -1.70
C CYS IA 29 -66.20 -36.42 -0.97
N GLY IA 30 -66.29 -36.47 0.35
CA GLY IA 30 -65.50 -37.42 1.11
C GLY IA 30 -65.67 -37.20 2.59
N ASP IA 31 -64.82 -37.86 3.36
CA ASP IA 31 -64.84 -37.80 4.81
C ASP IA 31 -63.58 -37.09 5.31
N CYS IA 32 -63.77 -36.21 6.30
CA CYS IA 32 -62.68 -35.42 6.85
C CYS IA 32 -62.68 -35.54 8.37
N ALA IA 33 -61.49 -35.44 8.95
CA ALA IA 33 -61.36 -35.44 10.40
C ALA IA 33 -61.66 -34.05 10.96
N ARG IA 34 -61.98 -34.01 12.25
CA ARG IA 34 -62.29 -32.77 12.96
C ARG IA 34 -61.44 -32.73 14.22
N PRO IA 35 -60.18 -32.33 14.12
CA PRO IA 35 -59.27 -32.41 15.26
C PRO IA 35 -59.68 -31.50 16.40
N GLY IA 36 -59.34 -31.92 17.61
CA GLY IA 36 -59.66 -31.16 18.80
C GLY IA 36 -59.08 -31.82 20.02
N LEU IA 37 -59.53 -31.37 21.18
CA LEU IA 37 -59.11 -31.98 22.44
C LEU IA 37 -59.94 -33.21 22.74
N GLN IA 38 -59.35 -34.15 23.48
CA GLN IA 38 -59.96 -35.41 23.80
C GLN IA 38 -60.25 -35.49 25.29
N LEU IA 39 -61.43 -35.98 25.64
CA LEU IA 39 -61.85 -36.14 27.03
C LEU IA 39 -61.79 -37.62 27.42
N LEU IA 40 -61.19 -37.91 28.56
CA LEU IA 40 -61.11 -39.25 29.09
C LEU IA 40 -61.86 -39.32 30.41
N CYS IA 41 -62.76 -40.30 30.53
CA CYS IA 41 -63.64 -40.41 31.68
C CYS IA 41 -63.19 -41.53 32.60
N ASN IA 42 -63.44 -41.35 33.89
CA ASN IA 42 -63.14 -42.34 34.91
C ASN IA 42 -64.41 -43.11 35.25
N GLY IA 43 -64.30 -44.02 36.22
CA GLY IA 43 -65.45 -44.80 36.64
C GLY IA 43 -66.46 -44.05 37.48
N GLU IA 44 -66.12 -42.84 37.93
CA GLU IA 44 -67.01 -42.01 38.74
C GLU IA 44 -66.98 -40.58 38.26
N GLY IA 45 -67.05 -40.38 36.95
CA GLY IA 45 -66.90 -39.05 36.39
C GLY IA 45 -65.44 -38.67 36.33
N ARG IA 46 -65.12 -37.46 36.79
CA ARG IA 46 -63.75 -36.99 36.87
C ARG IA 46 -63.05 -37.09 35.50
N ILE IA 47 -63.60 -36.30 34.56
CA ILE IA 47 -63.07 -36.30 33.21
C ILE IA 47 -61.66 -35.71 33.20
N THR IA 48 -60.87 -36.13 32.21
CA THR IA 48 -59.49 -35.68 32.08
C THR IA 48 -59.15 -35.59 30.60
N ILE IA 49 -58.17 -34.75 30.28
CA ILE IA 49 -57.76 -34.49 28.90
C ILE IA 49 -56.59 -35.39 28.54
N ALA IA 50 -56.62 -35.95 27.33
CA ALA IA 50 -55.56 -36.82 26.87
C ALA IA 50 -54.30 -36.03 26.57
N THR IA 51 -53.15 -36.72 26.62
CA THR IA 51 -51.86 -36.07 26.42
C THR IA 51 -50.92 -36.94 25.59
N ASP IA 52 -51.45 -37.72 24.65
CA ASP IA 52 -50.63 -38.62 23.85
C ASP IA 52 -50.27 -37.97 22.51
N ASN IA 53 -49.26 -38.55 21.86
CA ASN IA 53 -48.84 -38.12 20.52
C ASN IA 53 -48.55 -36.62 20.48
N TYR IA 54 -47.52 -36.23 21.23
CA TYR IA 54 -47.17 -34.81 21.33
C TYR IA 54 -46.78 -34.25 19.97
N VAL IA 55 -45.89 -34.94 19.25
CA VAL IA 55 -45.38 -34.39 17.99
C VAL IA 55 -46.51 -34.26 16.98
N ALA IA 56 -47.36 -35.29 16.86
CA ALA IA 56 -48.48 -35.20 15.93
C ALA IA 56 -49.38 -34.03 16.29
N GLY IA 57 -49.56 -33.77 17.58
CA GLY IA 57 -50.34 -32.62 17.98
C GLY IA 57 -49.68 -31.31 17.59
N LEU IA 58 -48.35 -31.22 17.75
CA LEU IA 58 -47.64 -30.02 17.35
C LEU IA 58 -47.73 -29.79 15.85
N ALA IA 59 -47.64 -30.87 15.07
CA ALA IA 59 -47.70 -30.71 13.61
C ALA IA 59 -49.04 -30.13 13.17
N LEU IA 60 -50.13 -30.59 13.78
CA LEU IA 60 -51.44 -30.09 13.40
C LEU IA 60 -51.56 -28.59 13.67
N ASN IA 61 -51.06 -28.14 14.82
CA ASN IA 61 -51.13 -26.73 15.15
C ASN IA 61 -50.39 -25.87 14.13
N ILE IA 62 -49.22 -26.34 13.69
CA ILE IA 62 -48.44 -25.57 12.72
C ILE IA 62 -49.18 -25.49 11.39
N LEU IA 63 -49.76 -26.60 10.94
CA LEU IA 63 -50.40 -26.62 9.63
C LEU IA 63 -51.70 -25.83 9.62
N LEU IA 64 -52.53 -26.01 10.66
CA LEU IA 64 -53.85 -25.41 10.69
C LEU IA 64 -53.83 -24.10 11.48
N THR IA 65 -53.08 -23.14 10.93
CA THR IA 65 -53.05 -21.79 11.48
C THR IA 65 -52.42 -20.84 10.47
N ASP IA 66 -53.12 -19.76 10.15
CA ASP IA 66 -52.64 -18.81 9.14
C ASP IA 66 -51.56 -17.93 9.74
N ALA IA 67 -50.41 -17.89 9.08
CA ALA IA 67 -49.30 -17.05 9.51
C ALA IA 67 -49.46 -15.64 8.92
N SER IA 68 -48.53 -14.76 9.28
CA SER IA 68 -48.60 -13.38 8.81
C SER IA 68 -48.54 -13.34 7.29
N LYS IA 69 -49.38 -12.50 6.70
CA LYS IA 69 -49.46 -12.35 5.26
C LYS IA 69 -48.45 -11.32 4.77
N ALA IA 70 -47.89 -11.58 3.58
CA ALA IA 70 -46.92 -10.67 3.00
C ALA IA 70 -47.60 -9.38 2.53
N ASP IA 71 -46.84 -8.29 2.59
CA ASP IA 71 -47.36 -7.00 2.13
C ASP IA 71 -47.65 -7.05 0.63
N THR IA 72 -48.71 -6.35 0.22
CA THR IA 72 -49.15 -6.38 -1.17
C THR IA 72 -49.16 -5.02 -1.84
N GLY IA 73 -49.22 -3.92 -1.10
CA GLY IA 73 -49.31 -2.60 -1.67
C GLY IA 73 -50.71 -2.04 -1.72
N CYS IA 74 -51.73 -2.90 -1.65
CA CYS IA 74 -53.11 -2.46 -1.51
C CYS IA 74 -53.62 -2.58 -0.08
N GLY IA 75 -53.13 -3.56 0.67
CA GLY IA 75 -53.41 -3.66 2.09
C GLY IA 75 -54.41 -4.75 2.42
N TRP IA 76 -54.55 -4.98 3.73
CA TRP IA 76 -55.51 -5.92 4.27
C TRP IA 76 -56.31 -5.25 5.37
N THR IA 77 -57.50 -5.77 5.63
CA THR IA 77 -58.27 -5.30 6.77
C THR IA 77 -57.59 -5.71 8.07
N PRO IA 78 -57.69 -4.88 9.11
CA PRO IA 78 -56.99 -5.21 10.37
C PRO IA 78 -57.46 -6.52 10.99
N GLY IA 79 -58.66 -6.98 10.66
CA GLY IA 79 -59.16 -8.19 11.27
C GLY IA 79 -58.36 -9.43 10.90
N ASN IA 80 -57.98 -9.55 9.63
CA ASN IA 80 -57.40 -10.79 9.14
C ASN IA 80 -56.05 -10.57 8.46
N ARG IA 81 -55.16 -9.80 9.09
CA ARG IA 81 -53.80 -9.69 8.61
C ARG IA 81 -53.01 -10.97 8.83
N GLY IA 82 -53.52 -11.91 9.62
CA GLY IA 82 -52.84 -13.16 9.88
C GLY IA 82 -51.89 -13.06 11.05
N GLY IA 83 -51.34 -14.22 11.42
CA GLY IA 83 -50.39 -14.29 12.51
C GLY IA 83 -51.06 -14.36 13.86
N PHE IA 84 -50.22 -14.32 14.89
CA PHE IA 84 -50.67 -14.39 16.27
C PHE IA 84 -50.01 -13.27 17.06
N TRP IA 85 -50.80 -12.59 17.90
CA TRP IA 85 -50.29 -11.45 18.65
C TRP IA 85 -49.28 -11.85 19.72
N GLY IA 86 -49.21 -13.13 20.08
CA GLY IA 86 -48.27 -13.57 21.08
C GLY IA 86 -46.86 -13.81 20.59
N ASP IA 87 -46.63 -13.70 19.29
CA ASP IA 87 -45.32 -13.94 18.73
C ASP IA 87 -44.33 -12.82 19.02
N SER IA 88 -44.79 -11.71 19.59
CA SER IA 88 -43.90 -10.58 19.88
C SER IA 88 -43.16 -10.75 21.18
N PHE IA 89 -43.41 -11.81 21.95
CA PHE IA 89 -42.71 -12.06 23.20
C PHE IA 89 -41.66 -13.15 23.09
N ARG IA 90 -41.80 -14.07 22.14
CA ARG IA 90 -40.84 -15.15 22.00
C ARG IA 90 -39.48 -14.62 21.55
N SER IA 91 -38.44 -15.36 21.90
CA SER IA 91 -37.06 -14.95 21.67
C SER IA 91 -36.33 -15.80 20.64
N ASP IA 92 -36.93 -16.88 20.15
CA ASP IA 92 -36.26 -17.77 19.21
C ASP IA 92 -36.20 -17.20 17.79
N ASN IA 93 -36.79 -16.03 17.55
CA ASN IA 93 -36.72 -15.36 16.26
C ASN IA 93 -37.38 -16.19 15.16
N MET IA 94 -38.63 -16.55 15.40
CA MET IA 94 -39.46 -17.21 14.40
C MET IA 94 -40.90 -16.70 14.57
N ARG IA 95 -41.79 -17.20 13.72
CA ARG IA 95 -43.19 -16.82 13.74
C ARG IA 95 -44.06 -18.07 13.69
N SER IA 96 -45.26 -17.95 14.26
CA SER IA 96 -46.17 -19.08 14.38
C SER IA 96 -47.06 -19.21 13.15
N GLY IA 97 -47.55 -20.42 12.93
CA GLY IA 97 -48.48 -20.69 11.86
C GLY IA 97 -47.81 -21.17 10.59
N SER IA 98 -48.65 -21.41 9.59
CA SER IA 98 -48.21 -21.86 8.28
C SER IA 98 -48.80 -20.95 7.21
N LYS IA 99 -48.42 -21.18 5.95
CA LYS IA 99 -48.87 -20.33 4.86
C LYS IA 99 -49.24 -21.14 3.62
N ILE IA 100 -49.76 -22.36 3.82
CA ILE IA 100 -50.19 -23.16 2.68
C ILE IA 100 -51.34 -22.48 1.95
N ARG IA 101 -52.29 -21.94 2.71
CA ARG IA 101 -53.51 -21.40 2.12
C ARG IA 101 -53.29 -20.13 1.31
N GLN IA 102 -52.10 -19.54 1.38
CA GLN IA 102 -51.83 -18.29 0.69
C GLN IA 102 -51.40 -18.47 -0.76
N VAL IA 103 -51.32 -19.70 -1.25
CA VAL IA 103 -50.93 -19.91 -2.63
C VAL IA 103 -52.03 -19.41 -3.57
N THR IA 104 -51.64 -19.17 -4.82
CA THR IA 104 -52.55 -18.69 -5.84
C THR IA 104 -52.34 -19.50 -7.12
N ALA IA 105 -53.41 -19.64 -7.89
CA ALA IA 105 -53.36 -20.41 -9.13
C ALA IA 105 -52.37 -19.77 -10.10
N ARG IA 106 -51.25 -20.45 -10.35
CA ARG IA 106 -50.22 -19.96 -11.26
C ARG IA 106 -49.88 -21.06 -12.26
N GLY IA 107 -49.98 -20.74 -13.54
CA GLY IA 107 -49.64 -21.72 -14.54
C GLY IA 107 -50.56 -22.92 -14.48
N SER IA 108 -50.08 -24.02 -15.05
CA SER IA 108 -50.82 -25.27 -15.04
C SER IA 108 -50.94 -25.79 -13.60
N MET IA 109 -51.85 -26.76 -13.42
CA MET IA 109 -52.05 -27.33 -12.10
C MET IA 109 -50.77 -27.97 -11.56
N ARG IA 110 -49.92 -28.49 -12.45
CA ARG IA 110 -48.68 -29.11 -11.99
C ARG IA 110 -47.79 -28.11 -11.28
N GLU IA 111 -47.67 -26.89 -11.83
CA GLU IA 111 -46.86 -25.88 -11.18
C GLU IA 111 -47.43 -25.49 -9.83
N THR IA 112 -48.75 -25.31 -9.75
CA THR IA 112 -49.37 -24.92 -8.49
C THR IA 112 -49.14 -25.97 -7.41
N VAL IA 113 -49.31 -27.24 -7.75
CA VAL IA 113 -49.10 -28.31 -6.78
C VAL IA 113 -47.66 -28.31 -6.30
N ALA IA 114 -46.71 -28.12 -7.22
CA ALA IA 114 -45.31 -28.09 -6.83
C ALA IA 114 -45.04 -26.97 -5.84
N LEU IA 115 -45.67 -25.81 -6.04
CA LEU IA 115 -45.51 -24.70 -5.10
C LEU IA 115 -46.10 -25.05 -3.74
N ILE IA 116 -47.25 -25.72 -3.73
CA ILE IA 116 -47.87 -26.09 -2.45
C ILE IA 116 -46.93 -26.97 -1.65
N ARG IA 117 -46.27 -27.93 -2.32
CA ARG IA 117 -45.31 -28.79 -1.62
C ARG IA 117 -44.17 -27.97 -1.03
N ALA IA 118 -43.69 -26.97 -1.78
CA ALA IA 118 -42.58 -26.15 -1.28
C ALA IA 118 -42.95 -25.43 0.01
N TYR IA 119 -44.16 -24.87 0.06
CA TYR IA 119 -44.58 -24.18 1.28
C TYR IA 119 -44.74 -25.15 2.44
N ALA IA 120 -45.27 -26.34 2.17
CA ALA IA 120 -45.45 -27.32 3.23
C ALA IA 120 -44.13 -27.70 3.87
N ILE IA 121 -43.10 -27.92 3.06
CA ILE IA 121 -41.78 -28.24 3.61
C ILE IA 121 -41.23 -27.05 4.38
N ASP IA 122 -41.41 -25.84 3.85
CA ASP IA 122 -40.86 -24.64 4.49
C ASP IA 122 -41.52 -24.36 5.83
N ASP IA 123 -42.72 -24.88 6.08
CA ASP IA 123 -43.41 -24.66 7.35
C ASP IA 123 -43.06 -25.74 8.37
N LEU IA 124 -43.20 -27.01 7.99
CA LEU IA 124 -42.88 -28.10 8.90
C LEU IA 124 -41.41 -28.16 9.25
N LYS IA 125 -40.55 -27.46 8.50
CA LYS IA 125 -39.13 -27.41 8.86
C LYS IA 125 -38.92 -26.83 10.25
N LYS IA 126 -39.88 -26.06 10.75
CA LYS IA 126 -39.75 -25.50 12.09
C LYS IA 126 -39.65 -26.58 13.16
N LEU IA 127 -40.14 -27.80 12.88
CA LEU IA 127 -40.10 -28.85 13.89
C LEU IA 127 -38.67 -29.17 14.29
N VAL IA 128 -37.76 -29.24 13.32
CA VAL IA 128 -36.36 -29.50 13.64
C VAL IA 128 -35.77 -28.34 14.44
N ALA IA 129 -36.18 -27.10 14.11
CA ALA IA 129 -35.64 -25.95 14.81
C ALA IA 129 -35.97 -25.99 16.30
N TYR IA 130 -37.21 -26.36 16.64
CA TYR IA 130 -37.57 -26.50 18.05
C TYR IA 130 -36.86 -27.67 18.70
N GLY IA 131 -36.49 -28.69 17.94
CA GLY IA 131 -35.83 -29.86 18.47
C GLY IA 131 -36.74 -31.04 18.72
N VAL IA 132 -38.01 -30.98 18.32
CA VAL IA 132 -38.93 -32.07 18.58
C VAL IA 132 -38.58 -33.30 17.75
N ALA IA 133 -38.26 -33.09 16.47
CA ALA IA 133 -37.96 -34.19 15.56
C ALA IA 133 -36.65 -33.91 14.83
N LYS IA 134 -35.95 -34.98 14.48
CA LYS IA 134 -34.65 -34.88 13.85
C LYS IA 134 -34.71 -34.75 12.34
N SER IA 135 -35.86 -34.96 11.72
CA SER IA 135 -36.00 -34.83 10.27
C SER IA 135 -37.46 -34.93 9.90
N VAL IA 136 -37.80 -34.32 8.76
CA VAL IA 136 -39.17 -34.34 8.24
C VAL IA 136 -39.10 -34.23 6.73
N ASP IA 137 -40.02 -34.93 6.05
CA ASP IA 137 -40.08 -34.91 4.60
C ASP IA 137 -41.49 -35.25 4.17
N VAL IA 138 -41.97 -34.61 3.10
CA VAL IA 138 -43.31 -34.80 2.59
C VAL IA 138 -43.21 -35.27 1.15
N ASP IA 139 -43.94 -36.33 0.81
CA ASP IA 139 -44.00 -36.85 -0.54
C ASP IA 139 -45.39 -36.61 -1.10
N LEU IA 140 -45.45 -35.97 -2.26
CA LEU IA 140 -46.71 -35.59 -2.88
C LEU IA 140 -46.79 -36.21 -4.26
N THR IA 141 -47.95 -36.77 -4.61
CA THR IA 141 -48.17 -37.45 -5.88
C THR IA 141 -49.36 -36.82 -6.59
N TYR IA 142 -49.19 -36.49 -7.87
CA TYR IA 142 -50.26 -35.97 -8.70
C TYR IA 142 -50.75 -37.10 -9.60
N GLN IA 143 -52.04 -37.41 -9.52
CA GLN IA 143 -52.63 -38.53 -10.26
C GLN IA 143 -53.68 -38.10 -11.27
N GLY IA 144 -54.14 -36.86 -11.24
CA GLY IA 144 -55.12 -36.42 -12.22
C GLY IA 144 -55.86 -35.18 -11.74
N SER IA 145 -57.05 -34.97 -12.31
CA SER IA 145 -57.78 -33.74 -12.08
C SER IA 145 -58.21 -33.59 -10.63
N ASN IA 146 -58.74 -34.67 -10.03
CA ASN IA 146 -59.42 -34.58 -8.76
C ASN IA 146 -58.74 -35.34 -7.62
N LYS IA 147 -57.95 -36.37 -7.90
CA LYS IA 147 -57.34 -37.18 -6.86
C LYS IA 147 -55.89 -36.74 -6.67
N ILE IA 148 -55.63 -36.08 -5.55
CA ILE IA 148 -54.30 -35.65 -5.16
C ILE IA 148 -54.05 -36.11 -3.73
N ASP IA 149 -52.88 -36.71 -3.50
CA ASP IA 149 -52.55 -37.27 -2.20
C ASP IA 149 -51.19 -36.76 -1.74
N MET IA 150 -51.03 -36.66 -0.43
CA MET IA 150 -49.78 -36.22 0.18
C MET IA 150 -49.56 -37.04 1.45
N THR IA 151 -48.30 -37.24 1.80
CA THR IA 151 -47.94 -37.97 3.00
C THR IA 151 -46.78 -37.27 3.68
N ILE IA 152 -46.85 -37.18 5.01
CA ILE IA 152 -45.85 -36.49 5.82
C ILE IA 152 -45.20 -37.50 6.74
N MET IA 153 -43.86 -37.54 6.72
CA MET IA 153 -43.08 -38.46 7.54
C MET IA 153 -42.28 -37.68 8.56
N ILE IA 154 -42.44 -38.04 9.83
CA ILE IA 154 -41.75 -37.40 10.94
C ILE IA 154 -40.96 -38.46 11.69
N GLN IA 155 -39.68 -38.17 11.94
CA GLN IA 155 -38.79 -39.11 12.60
C GLN IA 155 -38.65 -38.77 14.07
N GLY IA 156 -38.74 -39.79 14.92
CA GLY IA 156 -38.61 -39.61 16.35
C GLY IA 156 -37.39 -40.29 16.92
N VAL IA 157 -37.27 -40.31 18.25
CA VAL IA 157 -36.16 -40.94 18.94
C VAL IA 157 -36.65 -41.51 20.25
N ASP IA 158 -35.95 -42.53 20.75
CA ASP IA 158 -36.29 -43.13 22.02
C ASP IA 158 -35.92 -42.20 23.17
N GLY IA 159 -36.57 -42.43 24.32
CA GLY IA 159 -36.33 -41.57 25.47
C GLY IA 159 -34.91 -41.64 25.97
N ASN IA 160 -34.33 -42.84 25.99
CA ASN IA 160 -32.99 -43.06 26.52
C ASN IA 160 -32.04 -43.32 25.35
N GLU IA 161 -30.93 -42.59 25.34
CA GLU IA 161 -29.91 -42.80 24.32
C GLU IA 161 -29.42 -44.24 24.35
N SER IA 162 -29.31 -44.85 23.17
CA SER IA 162 -28.84 -46.21 23.03
C SER IA 162 -27.68 -46.37 22.08
N ARG IA 163 -27.62 -45.57 21.02
CA ARG IA 163 -26.55 -45.66 20.03
C ARG IA 163 -25.52 -44.58 20.30
N VAL IA 164 -24.25 -44.93 20.13
CA VAL IA 164 -23.13 -44.02 20.41
C VAL IA 164 -22.36 -43.80 19.11
N GLY IA 165 -21.98 -42.55 18.87
CA GLY IA 165 -21.21 -42.22 17.69
C GLY IA 165 -22.07 -41.68 16.56
N LEU IA 166 -22.99 -40.77 16.89
CA LEU IA 166 -23.87 -40.18 15.89
C LEU IA 166 -23.19 -39.01 15.19
N THR IA 167 -23.35 -38.95 13.87
CA THR IA 167 -22.78 -37.85 13.10
C THR IA 167 -23.38 -36.52 13.53
N GLY IA 168 -24.68 -36.47 13.74
CA GLY IA 168 -25.36 -35.25 14.12
C GLY IA 168 -25.30 -35.00 15.62
N GLU IA 169 -26.45 -34.66 16.21
CA GLU IA 169 -26.53 -34.37 17.63
C GLU IA 169 -27.84 -34.92 18.17
N ARG IA 170 -27.84 -35.19 19.47
CA ARG IA 170 -29.07 -35.63 20.13
C ARG IA 170 -30.00 -34.45 20.28
N ILE IA 171 -31.16 -34.51 19.62
CA ILE IA 171 -32.08 -33.38 19.62
C ILE IA 171 -32.51 -33.08 21.04
N ALA IA 172 -32.43 -31.81 21.42
CA ALA IA 172 -32.95 -31.38 22.70
C ALA IA 172 -34.48 -31.51 22.70
N ASN IA 173 -35.06 -31.37 23.88
CA ASN IA 173 -36.51 -31.51 24.04
C ASN IA 173 -37.00 -32.87 23.54
N ALA IA 174 -36.18 -33.90 23.71
CA ALA IA 174 -36.55 -35.25 23.30
C ALA IA 174 -37.25 -36.02 24.40
N TRP IA 175 -37.52 -35.39 25.55
CA TRP IA 175 -38.22 -36.07 26.62
C TRP IA 175 -39.64 -36.44 26.25
N VAL IA 176 -40.17 -35.87 25.16
CA VAL IA 176 -41.43 -36.34 24.61
C VAL IA 176 -41.27 -37.66 23.85
N TRP IA 177 -40.03 -38.09 23.64
CA TRP IA 177 -39.70 -39.35 22.97
C TRP IA 177 -40.61 -39.61 21.78
N SER IA 178 -40.53 -38.70 20.81
CA SER IA 178 -41.18 -38.89 19.52
C SER IA 178 -40.76 -37.81 18.54
N ASN JA 4 -63.31 13.21 23.63
CA ASN JA 4 -64.02 14.21 22.85
C ASN JA 4 -64.59 13.60 21.58
N PHE JA 5 -65.30 14.41 20.80
CA PHE JA 5 -65.90 13.92 19.57
C PHE JA 5 -64.81 13.44 18.62
N GLU JA 6 -65.04 12.31 17.95
CA GLU JA 6 -64.04 11.73 17.08
C GLU JA 6 -63.65 12.65 15.93
N THR JA 7 -64.48 13.64 15.61
CA THR JA 7 -64.17 14.61 14.55
C THR JA 7 -63.09 15.56 15.08
N ALA JA 8 -61.85 15.07 15.08
CA ALA JA 8 -60.72 15.81 15.61
C ALA JA 8 -59.94 16.57 14.55
N ASP JA 9 -59.94 16.11 13.31
CA ASP JA 9 -59.20 16.79 12.25
C ASP JA 9 -59.80 18.17 12.01
N ARG JA 10 -59.11 19.20 12.44
CA ARG JA 10 -59.60 20.57 12.34
C ARG JA 10 -59.15 21.27 11.06
N ARG JA 11 -58.31 20.64 10.26
CA ARG JA 11 -57.80 21.30 9.06
C ARG JA 11 -58.94 21.62 8.10
N LYS JA 12 -58.95 22.84 7.58
CA LYS JA 12 -59.97 23.31 6.65
C LYS JA 12 -59.41 23.27 5.23
N ARG JA 13 -60.24 23.73 4.28
CA ARG JA 13 -59.90 23.72 2.87
C ARG JA 13 -60.23 25.06 2.25
N PHE JA 14 -59.29 25.60 1.47
CA PHE JA 14 -59.44 26.93 0.89
C PHE JA 14 -60.09 26.82 -0.49
N TRP JA 15 -60.11 27.93 -1.24
CA TRP JA 15 -60.70 27.93 -2.56
C TRP JA 15 -59.97 26.93 -3.46
N THR JA 16 -60.66 26.52 -4.53
CA THR JA 16 -60.09 25.58 -5.49
C THR JA 16 -60.62 25.89 -6.87
N THR JA 17 -59.72 26.02 -7.83
CA THR JA 17 -60.12 26.21 -9.21
C THR JA 17 -60.89 25.00 -9.71
N GLN JA 18 -61.92 25.24 -10.53
CA GLN JA 18 -62.79 24.19 -11.01
C GLN JA 18 -62.96 24.32 -12.52
N VAL JA 19 -63.15 23.18 -13.18
CA VAL JA 19 -63.39 23.17 -14.62
C VAL JA 19 -64.79 23.68 -14.91
N ALA JA 20 -64.93 24.39 -16.02
CA ALA JA 20 -66.20 24.94 -16.46
C ALA JA 20 -66.79 25.91 -15.44
N ALA JA 21 -65.95 26.55 -14.63
CA ALA JA 21 -66.44 27.52 -13.66
C ALA JA 21 -67.10 28.70 -14.36
N CYS JA 22 -66.50 29.18 -15.45
CA CYS JA 22 -67.02 30.29 -16.22
C CYS JA 22 -67.63 29.83 -17.54
N GLY JA 23 -68.21 28.64 -17.56
CA GLY JA 23 -68.81 28.11 -18.76
C GLY JA 23 -67.79 27.60 -19.76
N GLN JA 24 -68.29 27.31 -20.95
CA GLN JA 24 -67.47 26.79 -22.04
C GLN JA 24 -67.55 27.73 -23.24
N SER JA 25 -66.41 27.93 -23.89
CA SER JA 25 -66.32 28.74 -25.09
C SER JA 25 -66.35 27.84 -26.31
N SER JA 26 -67.32 28.06 -27.19
CA SER JA 26 -67.53 27.21 -28.35
C SER JA 26 -66.97 27.86 -29.61
N ASP JA 27 -66.56 27.02 -30.54
CA ASP JA 27 -66.00 27.48 -31.81
C ASP JA 27 -66.29 26.44 -32.87
N ASP JA 28 -66.01 26.80 -34.13
CA ASP JA 28 -66.27 25.89 -35.23
C ASP JA 28 -65.50 24.59 -35.11
N CYS JA 29 -64.38 24.58 -34.38
CA CYS JA 29 -63.58 23.37 -34.23
C CYS JA 29 -64.09 22.47 -33.13
N GLY JA 30 -64.57 23.03 -32.03
CA GLY JA 30 -65.04 22.22 -30.93
C GLY JA 30 -65.45 23.07 -29.74
N ASP JA 31 -65.75 22.41 -28.64
CA ASP JA 31 -66.17 23.05 -27.40
C ASP JA 31 -65.11 22.82 -26.34
N CYS JA 32 -64.73 23.89 -25.64
CA CYS JA 32 -63.68 23.83 -24.63
C CYS JA 32 -64.20 24.41 -23.32
N ALA JA 33 -63.77 23.80 -22.22
CA ALA JA 33 -64.08 24.32 -20.90
C ALA JA 33 -63.23 25.55 -20.61
N ARG JA 34 -63.74 26.42 -19.73
CA ARG JA 34 -63.09 27.67 -19.37
C ARG JA 34 -63.00 27.73 -17.85
N PRO JA 35 -61.96 27.15 -17.26
CA PRO JA 35 -61.92 27.00 -15.80
C PRO JA 35 -61.74 28.34 -15.09
N GLY JA 36 -62.10 28.33 -13.81
CA GLY JA 36 -61.98 29.51 -12.99
C GLY JA 36 -62.56 29.24 -11.61
N LEU JA 37 -62.74 30.32 -10.85
CA LEU JA 37 -63.36 30.20 -9.55
C LEU JA 37 -64.88 30.12 -9.67
N GLN JA 38 -65.51 29.53 -8.66
CA GLN JA 38 -66.95 29.30 -8.65
C GLN JA 38 -67.58 30.10 -7.53
N LEU JA 39 -68.72 30.72 -7.80
CA LEU JA 39 -69.46 31.48 -6.82
C LEU JA 39 -70.73 30.72 -6.43
N LEU JA 40 -70.97 30.60 -5.12
CA LEU JA 40 -72.14 29.95 -4.59
C LEU JA 40 -72.98 30.97 -3.83
N CYS JA 41 -74.28 30.99 -4.10
CA CYS JA 41 -75.17 32.00 -3.56
C CYS JA 41 -76.10 31.40 -2.51
N ASN JA 42 -76.43 32.21 -1.50
CA ASN JA 42 -77.35 31.83 -0.45
C ASN JA 42 -78.75 32.34 -0.78
N GLY JA 43 -79.69 32.10 0.13
CA GLY JA 43 -81.04 32.57 -0.07
C GLY JA 43 -81.25 34.06 0.14
N GLU JA 44 -80.25 34.75 0.69
CA GLU JA 44 -80.32 36.19 0.95
C GLU JA 44 -79.03 36.85 0.51
N GLY JA 45 -78.59 36.52 -0.71
CA GLY JA 45 -77.30 37.00 -1.16
C GLY JA 45 -76.17 36.21 -0.50
N ARG JA 46 -75.16 36.93 -0.02
CA ARG JA 46 -74.07 36.33 0.74
C ARG JA 46 -73.38 35.24 -0.07
N ILE JA 47 -72.77 35.68 -1.17
CA ILE JA 47 -72.09 34.75 -2.07
C ILE JA 47 -70.86 34.16 -1.38
N THR JA 48 -70.49 32.96 -1.80
CA THR JA 48 -69.34 32.27 -1.23
C THR JA 48 -68.68 31.44 -2.32
N ILE JA 49 -67.38 31.18 -2.14
CA ILE JA 49 -66.57 30.45 -3.11
C ILE JA 49 -66.65 28.97 -2.80
N ALA JA 50 -66.53 28.15 -3.84
CA ALA JA 50 -66.58 26.70 -3.69
C ALA JA 50 -65.18 26.13 -3.47
N THR JA 51 -65.12 24.96 -2.84
CA THR JA 51 -63.84 24.37 -2.47
C THR JA 51 -63.79 22.86 -2.69
N ASP JA 52 -64.59 22.33 -3.62
CA ASP JA 52 -64.61 20.90 -3.86
C ASP JA 52 -63.50 20.49 -4.84
N ASN JA 53 -63.22 19.19 -4.87
CA ASN JA 53 -62.26 18.60 -5.81
C ASN JA 53 -60.92 19.32 -5.75
N TYR JA 54 -60.29 19.21 -4.57
CA TYR JA 54 -59.03 19.90 -4.34
C TYR JA 54 -57.94 19.42 -5.30
N VAL JA 55 -57.72 18.11 -5.37
CA VAL JA 55 -56.63 17.60 -6.20
C VAL JA 55 -56.87 17.93 -7.66
N ALA JA 56 -58.11 17.79 -8.14
CA ALA JA 56 -58.39 18.13 -9.52
C ALA JA 56 -58.10 19.59 -9.80
N GLY JA 57 -58.47 20.48 -8.88
CA GLY JA 57 -58.14 21.89 -9.04
C GLY JA 57 -56.65 22.14 -9.04
N LEU JA 58 -55.92 21.44 -8.16
CA LEU JA 58 -54.48 21.61 -8.10
C LEU JA 58 -53.82 21.14 -9.40
N ALA JA 59 -54.33 20.07 -9.99
CA ALA JA 59 -53.75 19.56 -11.23
C ALA JA 59 -53.89 20.59 -12.35
N LEU JA 60 -55.01 21.29 -12.40
CA LEU JA 60 -55.21 22.29 -13.44
C LEU JA 60 -54.16 23.39 -13.34
N ASN JA 61 -53.83 23.83 -12.12
CA ASN JA 61 -52.84 24.87 -11.95
C ASN JA 61 -51.49 24.43 -12.50
N ILE JA 62 -51.12 23.17 -12.28
CA ILE JA 62 -49.82 22.68 -12.74
C ILE JA 62 -49.77 22.71 -14.26
N LEU JA 63 -50.83 22.24 -14.92
CA LEU JA 63 -50.81 22.13 -16.37
C LEU JA 63 -50.87 23.49 -17.04
N LEU JA 64 -51.75 24.36 -16.57
CA LEU JA 64 -52.01 25.64 -17.24
C LEU JA 64 -51.20 26.77 -16.59
N THR JA 65 -49.88 26.63 -16.67
CA THR JA 65 -48.98 27.69 -16.23
C THR JA 65 -47.60 27.38 -16.78
N ASP JA 66 -47.05 28.32 -17.56
CA ASP JA 66 -45.74 28.11 -18.16
C ASP JA 66 -44.66 28.14 -17.09
N ALA JA 67 -43.71 27.21 -17.20
CA ALA JA 67 -42.57 27.14 -16.30
C ALA JA 67 -41.37 27.86 -16.91
N SER JA 68 -40.27 27.91 -16.16
CA SER JA 68 -39.09 28.59 -16.63
C SER JA 68 -38.57 27.94 -17.91
N LYS JA 69 -38.26 28.77 -18.90
CA LYS JA 69 -37.77 28.28 -20.18
C LYS JA 69 -36.27 28.01 -20.12
N ALA JA 70 -35.85 26.97 -20.82
CA ALA JA 70 -34.44 26.60 -20.85
C ALA JA 70 -33.63 27.63 -21.63
N ASP JA 71 -32.38 27.84 -21.20
CA ASP JA 71 -31.50 28.77 -21.88
C ASP JA 71 -31.25 28.31 -23.31
N THR JA 72 -31.16 29.27 -24.23
CA THR JA 72 -31.04 28.98 -25.65
C THR JA 72 -29.76 29.49 -26.29
N GLY JA 73 -29.05 30.43 -25.66
CA GLY JA 73 -27.90 31.05 -26.26
C GLY JA 73 -28.21 32.31 -27.04
N CYS JA 74 -29.46 32.52 -27.42
CA CYS JA 74 -29.91 33.76 -28.03
C CYS JA 74 -30.69 34.65 -27.08
N GLY JA 75 -31.38 34.06 -26.10
CA GLY JA 75 -32.02 34.80 -25.05
C GLY JA 75 -33.51 35.01 -25.27
N TRP JA 76 -34.16 35.50 -24.22
CA TRP JA 76 -35.58 35.83 -24.25
C TRP JA 76 -35.76 37.23 -23.68
N THR JA 77 -36.88 37.85 -24.06
CA THR JA 77 -37.23 39.14 -23.46
C THR JA 77 -37.57 38.94 -21.99
N PRO JA 78 -37.27 39.93 -21.15
CA PRO JA 78 -37.51 39.76 -19.70
C PRO JA 78 -38.97 39.50 -19.37
N GLY JA 79 -39.90 39.90 -20.23
CA GLY JA 79 -41.30 39.74 -19.90
C GLY JA 79 -41.74 38.28 -19.82
N ASN JA 80 -41.30 37.46 -20.78
CA ASN JA 80 -41.81 36.11 -20.95
C ASN JA 80 -40.72 35.06 -20.79
N ARG JA 81 -39.87 35.21 -19.77
CA ARG JA 81 -38.93 34.14 -19.47
C ARG JA 81 -39.60 32.94 -18.83
N GLY JA 82 -40.86 33.06 -18.41
CA GLY JA 82 -41.57 31.98 -17.78
C GLY JA 82 -41.30 31.90 -16.29
N GLY JA 83 -41.99 30.96 -15.66
CA GLY JA 83 -41.83 30.74 -14.24
C GLY JA 83 -42.64 31.71 -13.39
N PHE JA 84 -42.37 31.66 -12.09
CA PHE JA 84 -43.07 32.49 -11.11
C PHE JA 84 -42.06 33.00 -10.10
N TRP JA 85 -42.13 34.31 -9.81
CA TRP JA 85 -41.15 34.91 -8.91
C TRP JA 85 -41.29 34.40 -7.48
N GLY JA 86 -42.43 33.81 -7.13
CA GLY JA 86 -42.61 33.31 -5.78
C GLY JA 86 -41.91 32.00 -5.51
N ASP JA 87 -41.42 31.33 -6.54
CA ASP JA 87 -40.75 30.05 -6.37
C ASP JA 87 -39.37 30.18 -5.72
N SER JA 88 -38.86 31.40 -5.57
CA SER JA 88 -37.55 31.59 -4.95
C SER JA 88 -37.61 31.53 -3.43
N PHE JA 89 -38.80 31.43 -2.84
CA PHE JA 89 -38.95 31.37 -1.39
C PHE JA 89 -39.21 29.95 -0.89
N ARG JA 90 -39.80 29.08 -1.71
CA ARG JA 90 -40.10 27.74 -1.27
C ARG JA 90 -38.83 26.95 -1.01
N SER JA 91 -38.93 25.97 -0.10
CA SER JA 91 -37.77 25.21 0.35
C SER JA 91 -37.77 23.76 -0.10
N ASP JA 92 -38.80 23.32 -0.82
CA ASP JA 92 -38.87 21.92 -1.25
C ASP JA 92 -38.02 21.64 -2.48
N ASN JA 93 -37.31 22.63 -3.01
CA ASN JA 93 -36.37 22.42 -4.11
C ASN JA 93 -37.10 21.99 -5.39
N MET JA 94 -38.14 22.74 -5.75
CA MET JA 94 -38.87 22.50 -6.99
C MET JA 94 -39.35 23.84 -7.54
N ARG JA 95 -39.66 23.84 -8.83
CA ARG JA 95 -40.18 25.01 -9.51
C ARG JA 95 -41.59 24.73 -10.01
N SER JA 96 -42.43 25.76 -9.95
CA SER JA 96 -43.84 25.62 -10.29
C SER JA 96 -44.04 25.69 -11.80
N GLY JA 97 -45.25 25.32 -12.23
CA GLY JA 97 -45.61 25.38 -13.63
C GLY JA 97 -45.30 24.09 -14.37
N SER JA 98 -45.59 24.12 -15.67
CA SER JA 98 -45.36 23.00 -16.56
C SER JA 98 -44.62 23.49 -17.80
N LYS JA 99 -44.27 22.54 -18.67
CA LYS JA 99 -43.51 22.84 -19.89
C LYS JA 99 -44.09 22.13 -21.11
N ILE JA 100 -45.34 21.67 -21.04
CA ILE JA 100 -45.93 20.94 -22.16
C ILE JA 100 -46.03 21.84 -23.38
N ARG JA 101 -46.14 23.14 -23.19
CA ARG JA 101 -46.32 24.08 -24.31
C ARG JA 101 -45.02 24.42 -25.01
N GLN JA 102 -43.87 23.97 -24.52
CA GLN JA 102 -42.57 24.32 -25.09
C GLN JA 102 -42.08 23.29 -26.09
N VAL JA 103 -42.88 22.26 -26.40
CA VAL JA 103 -42.45 21.28 -27.38
C VAL JA 103 -42.31 21.94 -28.75
N THR JA 104 -41.54 21.30 -29.62
CA THR JA 104 -41.30 21.77 -30.97
C THR JA 104 -41.48 20.63 -31.96
N ALA JA 105 -41.98 20.95 -33.15
CA ALA JA 105 -42.20 19.95 -34.17
C ALA JA 105 -40.89 19.28 -34.57
N ARG JA 106 -40.74 18.01 -34.21
CA ARG JA 106 -39.53 17.25 -34.52
C ARG JA 106 -39.94 15.94 -35.18
N GLY JA 107 -39.31 15.62 -36.30
CA GLY JA 107 -39.62 14.39 -37.02
C GLY JA 107 -41.09 14.28 -37.37
N SER JA 108 -41.54 13.07 -37.67
CA SER JA 108 -42.94 12.85 -38.00
C SER JA 108 -43.82 13.22 -36.80
N MET JA 109 -45.12 13.37 -37.06
CA MET JA 109 -46.04 13.76 -36.01
C MET JA 109 -46.06 12.73 -34.88
N ARG JA 110 -45.78 11.47 -35.18
CA ARG JA 110 -45.80 10.45 -34.14
C ARG JA 110 -44.76 10.75 -33.06
N GLU JA 111 -43.56 11.16 -33.47
CA GLU JA 111 -42.52 11.48 -32.49
C GLU JA 111 -42.94 12.67 -31.62
N THR JA 112 -43.51 13.70 -32.23
CA THR JA 112 -43.89 14.89 -31.47
C THR JA 112 -44.92 14.54 -30.41
N VAL JA 113 -45.92 13.73 -30.76
CA VAL JA 113 -46.93 13.33 -29.78
C VAL JA 113 -46.29 12.55 -28.65
N ALA JA 114 -45.36 11.65 -28.98
CA ALA JA 114 -44.70 10.86 -27.94
C ALA JA 114 -43.94 11.76 -26.97
N LEU JA 115 -43.27 12.80 -27.50
CA LEU JA 115 -42.56 13.73 -26.63
C LEU JA 115 -43.53 14.49 -25.73
N ILE JA 116 -44.70 14.87 -26.27
CA ILE JA 116 -45.67 15.60 -25.47
C ILE JA 116 -46.10 14.77 -24.27
N ARG JA 117 -46.33 13.47 -24.48
CA ARG JA 117 -46.70 12.60 -23.38
C ARG JA 117 -45.59 12.55 -22.33
N ALA JA 118 -44.33 12.53 -22.77
CA ALA JA 118 -43.22 12.47 -21.83
C ALA JA 118 -43.22 13.68 -20.91
N TYR JA 119 -43.44 14.87 -21.47
CA TYR JA 119 -43.49 16.08 -20.64
C TYR JA 119 -44.65 16.05 -19.68
N ALA JA 120 -45.81 15.54 -20.12
CA ALA JA 120 -46.99 15.52 -19.26
C ALA JA 120 -46.74 14.70 -18.01
N ILE JA 121 -46.12 13.52 -18.17
CA ILE JA 121 -45.79 12.70 -17.00
C ILE JA 121 -44.78 13.43 -16.12
N ASP JA 122 -43.77 14.03 -16.73
CA ASP JA 122 -42.71 14.69 -15.98
C ASP JA 122 -43.21 15.89 -15.20
N ASP JA 123 -44.36 16.45 -15.57
CA ASP JA 123 -44.92 17.60 -14.86
C ASP JA 123 -45.88 17.17 -13.76
N LEU JA 124 -46.83 16.30 -14.09
CA LEU JA 124 -47.77 15.80 -13.09
C LEU JA 124 -47.11 14.90 -12.06
N LYS JA 125 -45.87 14.45 -12.30
CA LYS JA 125 -45.17 13.67 -11.30
C LYS JA 125 -44.98 14.43 -10.01
N LYS JA 126 -45.04 15.77 -10.06
CA LYS JA 126 -44.89 16.57 -8.84
C LYS JA 126 -46.02 16.27 -7.85
N LEU JA 127 -47.16 15.79 -8.33
CA LEU JA 127 -48.28 15.53 -7.44
C LEU JA 127 -47.91 14.53 -6.36
N VAL JA 128 -47.19 13.47 -6.74
CA VAL JA 128 -46.75 12.49 -5.75
C VAL JA 128 -45.79 13.13 -4.77
N ALA JA 129 -44.94 14.03 -5.24
CA ALA JA 129 -43.95 14.65 -4.36
C ALA JA 129 -44.62 15.45 -3.25
N TYR JA 130 -45.66 16.22 -3.58
CA TYR JA 130 -46.36 16.97 -2.56
C TYR JA 130 -47.10 16.04 -1.60
N GLY JA 131 -47.48 14.85 -2.06
CA GLY JA 131 -48.21 13.91 -1.26
C GLY JA 131 -49.72 13.94 -1.43
N VAL JA 132 -50.22 14.69 -2.42
CA VAL JA 132 -51.67 14.77 -2.61
C VAL JA 132 -52.22 13.45 -3.13
N ALA JA 133 -51.53 12.81 -4.07
CA ALA JA 133 -51.98 11.57 -4.68
C ALA JA 133 -50.86 10.55 -4.65
N LYS JA 134 -51.23 9.28 -4.60
CA LYS JA 134 -50.27 8.19 -4.47
C LYS JA 134 -49.78 7.65 -5.80
N SER JA 135 -50.39 8.05 -6.92
CA SER JA 135 -49.95 7.59 -8.23
C SER JA 135 -50.70 8.36 -9.31
N VAL JA 136 -50.03 8.57 -10.44
CA VAL JA 136 -50.62 9.26 -11.58
C VAL JA 136 -50.06 8.64 -12.85
N ASP JA 137 -50.90 8.55 -13.88
CA ASP JA 137 -50.49 8.00 -15.16
C ASP JA 137 -51.38 8.59 -16.25
N VAL JA 138 -50.79 8.83 -17.42
CA VAL JA 138 -51.48 9.44 -18.54
C VAL JA 138 -51.41 8.48 -19.73
N ASP JA 139 -52.56 8.23 -20.35
CA ASP JA 139 -52.65 7.38 -21.54
C ASP JA 139 -53.01 8.26 -22.72
N LEU JA 140 -52.19 8.22 -23.77
CA LEU JA 140 -52.36 9.05 -24.95
C LEU JA 140 -52.48 8.15 -26.17
N THR JA 141 -53.50 8.40 -27.00
CA THR JA 141 -53.79 7.61 -28.17
C THR JA 141 -53.76 8.47 -29.42
N TYR JA 142 -53.15 7.95 -30.47
CA TYR JA 142 -53.08 8.62 -31.78
C TYR JA 142 -53.86 7.75 -32.76
N GLN JA 143 -55.02 8.24 -33.20
CA GLN JA 143 -55.92 7.49 -34.06
C GLN JA 143 -56.19 8.19 -35.39
N GLY JA 144 -55.49 9.27 -35.69
CA GLY JA 144 -55.72 9.96 -36.95
C GLY JA 144 -54.99 11.28 -36.98
N SER JA 145 -55.22 12.02 -38.07
CA SER JA 145 -54.54 13.30 -38.27
C SER JA 145 -55.00 14.33 -37.25
N ASN JA 146 -56.30 14.44 -37.04
CA ASN JA 146 -56.87 15.48 -36.19
C ASN JA 146 -57.24 14.97 -34.80
N LYS JA 147 -57.94 13.85 -34.72
CA LYS JA 147 -58.46 13.35 -33.44
C LYS JA 147 -57.31 12.78 -32.60
N ILE JA 148 -56.95 13.49 -31.54
CA ILE JA 148 -55.95 13.05 -30.58
C ILE JA 148 -56.56 13.21 -29.20
N ASP JA 149 -56.52 12.14 -28.41
CA ASP JA 149 -57.13 12.11 -27.09
C ASP JA 149 -56.10 11.73 -26.04
N MET JA 150 -56.23 12.34 -24.87
CA MET JA 150 -55.36 12.06 -23.73
C MET JA 150 -56.20 12.02 -22.47
N THR JA 151 -55.96 11.01 -21.63
CA THR JA 151 -56.70 10.82 -20.40
C THR JA 151 -55.72 10.74 -19.24
N ILE JA 152 -55.99 11.49 -18.18
CA ILE JA 152 -55.13 11.54 -17.00
C ILE JA 152 -55.86 10.88 -15.84
N MET JA 153 -55.19 9.92 -15.21
CA MET JA 153 -55.75 9.16 -14.09
C MET JA 153 -54.99 9.52 -12.82
N ILE JA 154 -55.72 9.95 -11.79
CA ILE JA 154 -55.14 10.30 -10.50
C ILE JA 154 -55.79 9.41 -9.44
N GLN JA 155 -54.94 8.77 -8.61
CA GLN JA 155 -55.39 7.83 -7.61
C GLN JA 155 -55.39 8.51 -6.24
N GLY JA 156 -56.55 8.54 -5.60
CA GLY JA 156 -56.70 9.13 -4.28
C GLY JA 156 -56.85 8.09 -3.19
N VAL JA 157 -57.01 8.58 -1.97
CA VAL JA 157 -57.17 7.74 -0.79
C VAL JA 157 -58.24 8.33 0.10
N ASP JA 158 -58.78 7.50 0.99
CA ASP JA 158 -59.80 7.93 1.93
C ASP JA 158 -59.15 8.66 3.12
N GLY JA 159 -59.97 9.47 3.79
CA GLY JA 159 -59.45 10.26 4.91
C GLY JA 159 -58.96 9.42 6.06
N ASN JA 160 -59.71 8.37 6.41
CA ASN JA 160 -59.40 7.53 7.55
C ASN JA 160 -58.80 6.22 7.06
N GLU JA 161 -57.64 5.85 7.62
CA GLU JA 161 -56.99 4.61 7.22
C GLU JA 161 -57.91 3.42 7.53
N SER JA 162 -57.97 2.48 6.59
CA SER JA 162 -58.80 1.30 6.77
C SER JA 162 -57.98 0.03 6.56
N ARG JA 163 -57.03 0.06 5.64
CA ARG JA 163 -56.20 -1.09 5.35
C ARG JA 163 -54.93 -1.06 6.20
N VAL JA 164 -54.34 -2.25 6.37
CA VAL JA 164 -53.16 -2.43 7.19
C VAL JA 164 -52.15 -3.28 6.44
N GLY JA 165 -50.87 -2.92 6.53
CA GLY JA 165 -49.82 -3.68 5.89
C GLY JA 165 -49.57 -3.24 4.46
N LEU JA 166 -49.52 -1.92 4.23
CA LEU JA 166 -49.26 -1.41 2.90
C LEU JA 166 -47.77 -1.46 2.59
N THR JA 167 -47.45 -1.90 1.36
CA THR JA 167 -46.05 -1.98 0.95
C THR JA 167 -45.40 -0.60 0.95
N GLY JA 168 -46.11 0.41 0.45
CA GLY JA 168 -45.58 1.75 0.42
C GLY JA 168 -45.79 2.50 1.71
N GLU JA 169 -46.20 3.76 1.61
CA GLU JA 169 -46.44 4.60 2.79
C GLU JA 169 -47.74 5.37 2.59
N ARG JA 170 -48.36 5.75 3.70
CA ARG JA 170 -49.56 6.57 3.64
C ARG JA 170 -49.16 7.99 3.26
N ILE JA 171 -49.70 8.49 2.15
CA ILE JA 171 -49.33 9.80 1.66
C ILE JA 171 -49.69 10.86 2.70
N ALA JA 172 -48.76 11.76 2.97
CA ALA JA 172 -49.05 12.91 3.82
C ALA JA 172 -49.97 13.87 3.09
N ASN JA 173 -50.51 14.83 3.83
CA ASN JA 173 -51.47 15.79 3.28
C ASN JA 173 -52.65 15.07 2.66
N ALA JA 174 -53.08 13.97 3.27
CA ALA JA 174 -54.20 13.19 2.78
C ALA JA 174 -55.54 13.66 3.34
N TRP JA 175 -55.55 14.74 4.11
CA TRP JA 175 -56.79 15.25 4.67
C TRP JA 175 -57.72 15.84 3.62
N VAL JA 176 -57.25 16.01 2.38
CA VAL JA 176 -58.15 16.36 1.28
C VAL JA 176 -58.87 15.14 0.72
N TRP JA 177 -58.50 13.95 1.15
CA TRP JA 177 -59.09 12.69 0.70
C TRP JA 177 -59.34 12.68 -0.80
N SER JA 178 -58.26 12.83 -1.55
CA SER JA 178 -58.31 12.66 -3.00
C SER JA 178 -56.91 12.66 -3.59
N ALA KA 5 -0.18 44.49 -53.73
CA ALA KA 5 0.79 45.23 -52.95
C ALA KA 5 2.19 45.01 -53.49
N LEU KA 6 3.13 45.87 -53.07
CA LEU KA 6 4.51 45.79 -53.51
C LEU KA 6 5.43 46.06 -52.33
N SER KA 7 6.69 45.64 -52.48
CA SER KA 7 7.71 45.86 -51.45
C SER KA 7 7.28 45.24 -50.12
N ASP KA 8 6.65 44.08 -50.17
CA ASP KA 8 6.18 43.40 -48.98
C ASP KA 8 5.65 42.03 -49.39
N GLY KA 9 5.22 41.25 -48.39
CA GLY KA 9 4.57 39.98 -48.63
C GLY KA 9 5.48 38.90 -49.14
N PHE KA 10 5.07 37.65 -48.99
CA PHE KA 10 5.82 36.50 -49.48
C PHE KA 10 5.07 35.75 -50.57
N VAL KA 11 3.85 35.30 -50.30
CA VAL KA 11 3.17 34.38 -51.21
C VAL KA 11 2.02 35.08 -51.93
N ARG KA 12 0.99 35.47 -51.19
CA ARG KA 12 -0.25 35.97 -51.77
C ARG KA 12 -0.35 37.48 -51.58
N LEU KA 13 -1.49 38.03 -51.99
CA LEU KA 13 -1.74 39.46 -51.88
C LEU KA 13 -3.24 39.65 -51.65
N CYS KA 14 -3.61 39.94 -50.41
CA CYS KA 14 -5.02 40.15 -50.07
C CYS KA 14 -5.53 41.46 -50.63
N ILE KA 15 -6.77 41.46 -51.11
CA ILE KA 15 -7.45 42.66 -51.56
C ILE KA 15 -8.91 42.59 -51.11
N ASP KA 16 -9.45 43.72 -50.67
CA ASP KA 16 -10.81 43.78 -50.16
C ASP KA 16 -11.53 45.01 -50.70
N PRO KA 17 -12.76 44.87 -51.19
CA PRO KA 17 -13.46 46.02 -51.77
C PRO KA 17 -13.84 47.04 -50.70
N SER KA 18 -14.05 48.27 -51.16
CA SER KA 18 -14.36 49.35 -50.23
C SER KA 18 -15.68 49.10 -49.49
N LEU KA 19 -16.65 48.49 -50.18
CA LEU KA 19 -17.97 48.31 -49.59
C LEU KA 19 -17.87 47.46 -48.32
N ASN KA 20 -18.27 48.05 -47.20
CA ASN KA 20 -18.29 47.36 -45.92
C ASN KA 20 -19.60 46.64 -45.67
N PHE KA 21 -20.57 46.77 -46.55
CA PHE KA 21 -21.90 46.18 -46.39
C PHE KA 21 -22.07 45.04 -47.40
N PHE KA 22 -22.54 43.90 -46.91
CA PHE KA 22 -22.81 42.74 -47.76
C PHE KA 22 -24.23 42.23 -47.50
N GLY KA 23 -24.57 41.09 -48.09
CA GLY KA 23 -25.87 40.49 -47.86
C GLY KA 23 -26.97 41.11 -48.70
N GLU KA 24 -26.85 40.98 -50.02
CA GLU KA 24 -27.87 41.44 -50.94
C GLU KA 24 -28.95 40.37 -51.10
N GLY KA 25 -30.07 40.78 -51.69
CA GLY KA 25 -31.24 39.93 -51.81
C GLY KA 25 -32.31 40.21 -50.80
N CYS KA 26 -32.04 41.05 -49.80
CA CYS KA 26 -32.99 41.42 -48.77
C CYS KA 26 -33.30 42.90 -48.99
N LYS KA 27 -34.29 43.18 -49.83
CA LYS KA 27 -34.62 44.55 -50.23
C LYS KA 27 -35.99 44.93 -49.68
N ILE KA 28 -36.08 46.14 -49.15
CA ILE KA 28 -37.32 46.69 -48.61
C ILE KA 28 -37.57 48.03 -49.28
N LEU KA 29 -38.81 48.25 -49.73
CA LEU KA 29 -39.20 49.48 -50.39
C LEU KA 29 -40.22 50.21 -49.52
N VAL KA 30 -39.94 51.48 -49.23
CA VAL KA 30 -40.80 52.32 -48.40
C VAL KA 30 -41.37 53.42 -49.29
N GLU KA 31 -42.70 53.57 -49.25
CA GLU KA 31 -43.40 54.53 -50.09
C GLU KA 31 -44.18 55.51 -49.23
N GLY KA 32 -44.09 56.79 -49.57
CA GLY KA 32 -44.79 57.80 -48.80
C GLY KA 32 -44.71 59.14 -49.48
N GLN KA 33 -45.17 60.16 -48.76
CA GLN KA 33 -45.18 61.53 -49.26
C GLN KA 33 -43.98 62.29 -48.72
N ILE KA 34 -43.73 63.46 -49.33
CA ILE KA 34 -42.64 64.34 -48.93
C ILE KA 34 -43.16 65.78 -48.91
N THR KA 35 -42.27 66.71 -48.63
CA THR KA 35 -42.58 68.13 -48.57
C THR KA 35 -41.88 68.86 -49.73
N ASP KA 36 -42.04 70.18 -49.76
CA ASP KA 36 -41.51 70.97 -50.86
C ASP KA 36 -39.99 70.99 -50.86
N ASP KA 37 -39.38 71.16 -49.68
CA ASP KA 37 -37.94 71.36 -49.60
C ASP KA 37 -37.14 70.12 -49.98
N ALA KA 38 -37.78 68.96 -50.12
CA ALA KA 38 -37.05 67.75 -50.46
C ALA KA 38 -36.39 67.89 -51.83
N THR KA 39 -35.12 67.48 -51.91
CA THR KA 39 -34.36 67.52 -53.15
C THR KA 39 -34.51 66.26 -53.99
N ALA KA 40 -35.04 65.18 -53.40
CA ALA KA 40 -35.19 63.95 -54.15
C ALA KA 40 -36.23 64.09 -55.25
N ALA KA 41 -35.97 63.47 -56.39
CA ALA KA 41 -36.91 63.50 -57.51
C ALA KA 41 -38.10 62.61 -57.22
N GLU KA 42 -39.28 63.08 -57.61
CA GLU KA 42 -40.52 62.35 -57.33
C GLU KA 42 -40.69 61.18 -58.28
N ASN KA 43 -41.31 60.12 -57.76
CA ASN KA 43 -41.69 58.95 -58.56
C ASN KA 43 -40.47 58.28 -59.20
N VAL KA 44 -39.32 58.33 -58.52
CA VAL KA 44 -38.11 57.65 -58.97
C VAL KA 44 -37.53 56.89 -57.80
N VAL KA 45 -37.37 55.58 -57.94
CA VAL KA 45 -36.83 54.76 -56.87
C VAL KA 45 -35.37 55.10 -56.66
N THR KA 46 -34.97 55.33 -55.42
CA THR KA 46 -33.61 55.67 -55.08
C THR KA 46 -33.17 54.89 -53.85
N CYS KA 47 -31.86 54.66 -53.76
CA CYS KA 47 -31.30 53.95 -52.61
C CYS KA 47 -31.10 54.90 -51.44
N VAL KA 48 -31.17 54.36 -50.23
CA VAL KA 48 -30.98 55.11 -49.00
C VAL KA 48 -29.82 54.48 -48.25
N ASN KA 49 -28.97 55.33 -47.67
CA ASN KA 49 -27.73 54.90 -47.04
C ASN KA 49 -27.80 54.87 -45.52
N SER KA 50 -28.16 55.99 -44.89
CA SER KA 50 -28.20 56.05 -43.44
C SER KA 50 -28.97 57.31 -43.04
N GLU KA 51 -29.07 57.53 -41.73
CA GLU KA 51 -29.90 58.64 -41.22
C GLU KA 51 -29.25 59.99 -41.46
N LEU KA 52 -27.91 60.06 -41.48
CA LEU KA 52 -27.24 61.33 -41.68
C LEU KA 52 -27.61 61.98 -43.01
N ASP KA 53 -28.05 61.18 -43.98
CA ASP KA 53 -28.42 61.71 -45.29
C ASP KA 53 -29.87 62.20 -45.34
N LEU KA 54 -30.70 61.80 -44.37
CA LEU KA 54 -32.11 62.09 -44.43
C LEU KA 54 -32.35 63.59 -44.21
N VAL KA 55 -33.62 63.97 -44.16
CA VAL KA 55 -34.04 65.36 -43.96
C VAL KA 55 -33.79 66.15 -45.24
N GLU KA 56 -32.52 66.27 -45.63
CA GLU KA 56 -32.19 67.02 -46.83
C GLU KA 56 -32.80 66.37 -48.06
N ARG KA 57 -32.72 65.04 -48.16
CA ARG KA 57 -33.18 64.34 -49.35
C ARG KA 57 -34.68 64.15 -49.39
N PHE KA 58 -35.37 64.26 -48.24
CA PHE KA 58 -36.80 63.96 -48.19
C PHE KA 58 -37.59 64.98 -47.38
N GLY KA 59 -37.03 66.16 -47.12
CA GLY KA 59 -37.76 67.19 -46.39
C GLY KA 59 -37.67 67.01 -44.89
N GLN KA 60 -38.03 68.07 -44.17
CA GLN KA 60 -37.97 68.10 -42.73
C GLN KA 60 -39.34 67.74 -42.16
N GLY KA 61 -39.39 66.66 -41.37
CA GLY KA 61 -40.64 66.24 -40.78
C GLY KA 61 -41.60 65.59 -41.73
N SER KA 62 -41.16 65.21 -42.92
CA SER KA 62 -42.03 64.58 -43.89
C SER KA 62 -42.45 63.19 -43.43
N VAL KA 63 -43.55 62.71 -43.98
CA VAL KA 63 -44.04 61.37 -43.64
C VAL KA 63 -42.99 60.32 -43.97
N LEU KA 64 -42.32 60.48 -45.12
CA LEU KA 64 -41.34 59.49 -45.54
C LEU KA 64 -40.17 59.42 -44.57
N THR KA 65 -39.69 60.58 -44.10
CA THR KA 65 -38.55 60.58 -43.18
C THR KA 65 -38.88 59.85 -41.89
N GLU KA 66 -40.05 60.10 -41.32
CA GLU KA 66 -40.43 59.44 -40.08
C GLU KA 66 -40.49 57.93 -40.27
N SER KA 67 -41.10 57.48 -41.37
CA SER KA 67 -41.17 56.06 -41.63
C SER KA 67 -39.78 55.46 -41.78
N LEU KA 68 -38.89 56.14 -42.50
CA LEU KA 68 -37.55 55.61 -42.69
C LEU KA 68 -36.78 55.57 -41.39
N ARG KA 69 -36.98 56.54 -40.51
CA ARG KA 69 -36.25 56.58 -39.25
C ARG KA 69 -36.50 55.31 -38.44
N LYS KA 70 -37.76 54.87 -38.38
CA LYS KA 70 -38.05 53.64 -37.65
C LYS KA 70 -37.46 52.43 -38.36
N VAL KA 71 -37.49 52.42 -39.70
CA VAL KA 71 -36.97 51.28 -40.43
C VAL KA 71 -35.49 51.08 -40.14
N PHE KA 72 -34.72 52.18 -40.14
CA PHE KA 72 -33.29 52.07 -39.86
C PHE KA 72 -33.03 51.74 -38.40
N CYS KA 73 -33.96 52.08 -37.51
CA CYS KA 73 -33.77 51.82 -36.09
C CYS KA 73 -34.10 50.39 -35.70
N MET KA 74 -34.75 49.63 -36.59
CA MET KA 74 -35.10 48.25 -36.32
C MET KA 74 -34.26 47.24 -37.10
N CYS KA 75 -33.61 47.68 -38.18
CA CYS KA 75 -32.83 46.82 -39.07
C CYS KA 75 -31.43 47.38 -39.23
N LYS KA 76 -30.78 47.66 -38.10
CA LYS KA 76 -29.47 48.32 -38.07
C LYS KA 76 -28.55 47.81 -39.17
N SER KA 77 -28.58 46.50 -39.44
CA SER KA 77 -27.80 45.94 -40.53
C SER KA 77 -28.45 44.63 -40.98
N GLY KA 78 -28.11 44.23 -42.21
CA GLY KA 78 -28.60 42.99 -42.77
C GLY KA 78 -29.68 43.15 -43.83
N VAL KA 79 -30.01 44.38 -44.23
CA VAL KA 79 -31.05 44.61 -45.22
C VAL KA 79 -30.74 45.90 -45.97
N SER KA 80 -31.16 45.95 -47.22
CA SER KA 80 -30.97 47.12 -48.07
C SER KA 80 -32.30 47.86 -48.21
N VAL KA 81 -32.26 49.18 -48.06
CA VAL KA 81 -33.47 49.99 -48.03
C VAL KA 81 -33.60 50.76 -49.35
N TYR KA 82 -34.85 51.00 -49.75
CA TYR KA 82 -35.15 51.79 -50.93
C TYR KA 82 -36.34 52.70 -50.62
N ALA KA 83 -36.40 53.84 -51.30
CA ALA KA 83 -37.43 54.83 -51.08
C ALA KA 83 -38.06 55.22 -52.40
N LEU KA 84 -39.38 55.46 -52.38
CA LEU KA 84 -40.14 55.86 -53.56
C LEU KA 84 -40.98 57.07 -53.18
N PRO KA 85 -40.39 58.27 -53.18
CA PRO KA 85 -41.14 59.45 -52.73
C PRO KA 85 -42.30 59.77 -53.67
N ARG KA 86 -43.35 60.34 -53.08
CA ARG KA 86 -44.52 60.81 -53.81
C ARG KA 86 -44.76 62.27 -53.45
N ALA KA 87 -45.73 62.87 -54.15
CA ALA KA 87 -46.05 64.28 -53.97
C ALA KA 87 -47.52 64.45 -53.63
N ASP KA 88 -47.83 65.52 -52.91
CA ASP KA 88 -49.20 65.79 -52.49
C ASP KA 88 -50.09 66.05 -53.70
N ALA KA 89 -51.38 65.80 -53.52
CA ALA KA 89 -52.34 66.01 -54.59
C ALA KA 89 -52.39 67.50 -54.97
N ALA KA 90 -53.08 67.78 -56.07
CA ALA KA 90 -53.13 69.15 -56.59
C ALA KA 90 -53.81 70.09 -55.60
N ALA KA 91 -54.92 69.67 -55.00
CA ALA KA 91 -55.72 70.52 -54.12
C ALA KA 91 -55.81 69.94 -52.71
N ALA KA 92 -54.68 69.44 -52.19
CA ALA KA 92 -54.68 68.86 -50.86
C ALA KA 92 -54.81 69.94 -49.80
N VAL KA 93 -55.63 69.66 -48.79
CA VAL KA 93 -55.82 70.55 -47.64
C VAL KA 93 -55.00 70.00 -46.48
N SER KA 94 -54.57 70.89 -45.60
CA SER KA 94 -53.76 70.52 -44.44
C SER KA 94 -54.59 70.64 -43.18
N ALA KA 95 -54.57 69.59 -42.35
CA ALA KA 95 -55.36 69.58 -41.13
C ALA KA 95 -54.79 70.57 -40.11
N VAL KA 96 -55.66 71.10 -39.26
CA VAL KA 96 -55.30 72.09 -38.26
C VAL KA 96 -55.85 71.64 -36.91
N TYR KA 97 -55.00 71.67 -35.89
CA TYR KA 97 -55.38 71.33 -34.52
C TYR KA 97 -55.10 72.52 -33.61
N THR KA 98 -55.92 72.65 -32.57
CA THR KA 98 -55.82 73.76 -31.63
C THR KA 98 -55.54 73.21 -30.24
N LEU KA 99 -54.74 73.96 -29.47
CA LEU KA 99 -54.36 73.56 -28.11
C LEU KA 99 -54.25 74.85 -27.29
N THR KA 100 -55.31 75.17 -26.55
CA THR KA 100 -55.42 76.44 -25.85
C THR KA 100 -55.00 76.28 -24.40
N VAL KA 101 -54.10 77.16 -23.95
CA VAL KA 101 -53.66 77.20 -22.56
C VAL KA 101 -54.43 78.31 -21.85
N THR KA 102 -54.97 78.01 -20.68
CA THR KA 102 -55.77 78.96 -19.92
C THR KA 102 -55.29 79.01 -18.49
N GLY KA 103 -55.58 80.13 -17.83
CA GLY KA 103 -55.20 80.33 -16.44
C GLY KA 103 -53.82 80.93 -16.28
N THR KA 104 -53.52 81.32 -15.06
CA THR KA 104 -52.23 81.90 -14.70
C THR KA 104 -51.54 80.99 -13.69
N ALA KA 105 -50.32 80.58 -14.03
CA ALA KA 105 -49.55 79.76 -13.11
C ALA KA 105 -49.22 80.54 -11.85
N LEU KA 106 -49.46 79.92 -10.69
CA LEU KA 106 -49.25 80.56 -9.40
C LEU KA 106 -48.31 79.76 -8.50
N THR KA 107 -47.74 78.66 -8.99
CA THR KA 107 -46.74 77.90 -8.26
C THR KA 107 -45.67 77.43 -9.23
N ASP KA 108 -44.47 77.23 -8.70
CA ASP KA 108 -43.39 76.68 -9.50
C ASP KA 108 -43.72 75.25 -9.90
N GLY KA 109 -43.32 74.87 -11.10
CA GLY KA 109 -43.64 73.55 -11.60
C GLY KA 109 -43.07 73.32 -12.98
N ARG KA 110 -43.46 72.20 -13.56
CA ARG KA 110 -43.01 71.80 -14.89
C ARG KA 110 -44.19 71.25 -15.68
N VAL KA 111 -44.13 71.42 -17.00
CA VAL KA 111 -45.17 70.94 -17.90
C VAL KA 111 -44.51 70.01 -18.91
N GLN KA 112 -45.10 68.83 -19.09
CA GLN KA 112 -44.57 67.82 -20.00
C GLN KA 112 -45.71 67.25 -20.82
N LEU KA 113 -45.44 67.03 -22.11
CA LEU KA 113 -46.45 66.57 -23.06
C LEU KA 113 -45.96 65.34 -23.79
N TYR KA 114 -46.92 64.57 -24.31
CA TYR KA 114 -46.64 63.39 -25.12
C TYR KA 114 -47.56 63.43 -26.34
N MET KA 115 -46.96 63.41 -27.53
CA MET KA 115 -47.72 63.49 -28.77
C MET KA 115 -47.09 62.57 -29.81
N GLY KA 116 -47.93 61.81 -30.51
CA GLY KA 116 -47.49 61.06 -31.66
C GLY KA 116 -46.62 59.86 -31.34
N GLU KA 117 -45.49 60.10 -30.68
CA GLU KA 117 -44.60 59.01 -30.32
C GLU KA 117 -43.59 59.54 -29.32
N ALA KA 118 -42.99 58.62 -28.57
CA ALA KA 118 -42.11 59.01 -27.47
C ALA KA 118 -40.95 59.90 -27.91
N GLU KA 119 -40.53 59.81 -29.17
CA GLU KA 119 -39.39 60.59 -29.62
C GLU KA 119 -39.65 62.09 -29.60
N TYR KA 120 -40.92 62.50 -29.69
CA TYR KA 120 -41.28 63.91 -29.79
C TYR KA 120 -41.70 64.50 -28.45
N SER KA 121 -41.55 63.76 -27.35
CA SER KA 121 -41.96 64.27 -26.06
C SER KA 121 -41.10 65.47 -25.66
N LEU KA 122 -41.68 66.34 -24.84
CA LEU KA 122 -41.00 67.55 -24.39
C LEU KA 122 -41.23 67.72 -22.90
N ASP KA 123 -40.32 68.45 -22.27
CA ASP KA 123 -40.42 68.74 -20.84
C ASP KA 123 -39.76 70.07 -20.57
N ILE KA 124 -40.55 71.08 -20.18
CA ILE KA 124 -40.04 72.40 -19.86
C ILE KA 124 -40.57 72.80 -18.49
N GLY KA 125 -39.85 73.71 -17.85
CA GLY KA 125 -40.21 74.19 -16.52
C GLY KA 125 -40.84 75.57 -16.59
N VAL KA 126 -41.99 75.71 -15.93
CA VAL KA 126 -42.64 77.01 -15.84
C VAL KA 126 -41.70 77.99 -15.16
N ASP KA 127 -41.59 79.19 -15.72
CA ASP KA 127 -40.58 80.14 -15.26
C ASP KA 127 -40.72 80.42 -13.77
N GLU KA 128 -41.94 80.76 -13.33
CA GLU KA 128 -42.18 81.12 -11.94
C GLU KA 128 -43.69 81.35 -11.81
N GLY KA 129 -44.15 81.41 -10.57
CA GLY KA 129 -45.53 81.74 -10.31
C GLY KA 129 -45.92 83.07 -10.93
N ASP KA 130 -47.21 83.27 -11.19
CA ASP KA 130 -47.72 84.50 -11.76
C ASP KA 130 -47.25 84.72 -13.20
N THR KA 131 -47.06 83.62 -13.95
CA THR KA 131 -46.75 83.72 -15.37
C THR KA 131 -48.03 83.46 -16.16
N PRO KA 132 -48.52 84.41 -16.95
CA PRO KA 132 -49.79 84.22 -17.64
C PRO KA 132 -49.64 83.28 -18.83
N THR KA 133 -50.74 83.11 -19.56
CA THR KA 133 -50.73 82.20 -20.70
C THR KA 133 -49.75 82.65 -21.77
N GLN KA 134 -49.63 83.96 -21.98
CA GLN KA 134 -48.77 84.45 -23.04
C GLN KA 134 -47.30 84.09 -22.78
N ILE KA 135 -46.83 84.28 -21.54
CA ILE KA 135 -45.48 83.82 -21.21
C ILE KA 135 -45.42 82.30 -21.27
N ALA KA 136 -46.50 81.63 -20.87
CA ALA KA 136 -46.66 80.22 -21.19
C ALA KA 136 -46.87 80.09 -22.69
N ALA KA 137 -47.12 78.86 -23.14
CA ALA KA 137 -47.11 78.51 -24.56
C ALA KA 137 -45.71 78.63 -25.14
N LYS KA 138 -44.70 78.64 -24.27
CA LYS KA 138 -43.31 78.49 -24.68
C LYS KA 138 -43.05 77.08 -25.21
N ILE KA 139 -44.00 76.16 -25.02
CA ILE KA 139 -43.92 74.82 -25.60
C ILE KA 139 -43.52 74.88 -27.07
N VAL KA 140 -43.96 75.91 -27.78
CA VAL KA 140 -43.65 76.01 -29.21
C VAL KA 140 -42.15 76.03 -29.42
N ALA KA 141 -41.42 76.77 -28.58
CA ALA KA 141 -39.97 76.81 -28.68
C ALA KA 141 -39.32 75.49 -28.29
N ALA KA 142 -40.08 74.55 -27.71
CA ALA KA 142 -39.55 73.27 -27.26
C ALA KA 142 -39.89 72.11 -28.18
N ILE KA 143 -40.98 72.22 -28.95
CA ILE KA 143 -41.38 71.11 -29.82
C ILE KA 143 -40.24 70.78 -30.77
N SER KA 144 -39.95 69.49 -30.90
CA SER KA 144 -38.82 69.07 -31.72
C SER KA 144 -39.09 69.38 -33.20
N PRO KA 145 -38.05 69.69 -33.97
CA PRO KA 145 -38.28 70.02 -35.39
C PRO KA 145 -38.89 68.87 -36.19
N ASP KA 146 -38.57 67.62 -35.84
CA ASP KA 146 -39.01 66.49 -36.63
C ASP KA 146 -40.51 66.24 -36.55
N PHE KA 147 -41.21 66.89 -35.64
CA PHE KA 147 -42.64 66.65 -35.48
C PHE KA 147 -43.35 67.00 -36.79
N PRO KA 148 -44.18 66.11 -37.34
CA PRO KA 148 -44.82 66.41 -38.63
C PRO KA 148 -45.74 67.63 -38.62
N TYR KA 149 -46.00 68.24 -37.46
CA TYR KA 149 -46.90 69.37 -37.36
C TYR KA 149 -46.12 70.63 -37.04
N GLU KA 150 -46.62 71.77 -37.53
CA GLU KA 150 -45.98 73.06 -37.37
C GLU KA 150 -46.71 73.88 -36.32
N ALA KA 151 -45.97 74.39 -35.35
CA ALA KA 151 -46.53 75.20 -34.27
C ALA KA 151 -46.30 76.67 -34.58
N THR KA 152 -47.36 77.48 -34.43
CA THR KA 152 -47.30 78.89 -34.78
C THR KA 152 -47.17 79.81 -33.57
N ALA KA 153 -47.64 79.39 -32.39
CA ALA KA 153 -47.51 80.18 -31.17
C ALA KA 153 -48.27 81.50 -31.30
N ALA KA 154 -49.58 81.40 -31.49
CA ALA KA 154 -50.43 82.58 -31.55
C ALA KA 154 -50.60 83.16 -30.15
N ALA KA 155 -51.46 84.16 -30.03
CA ALA KA 155 -51.64 84.87 -28.76
C ALA KA 155 -52.53 84.04 -27.84
N GLY KA 156 -51.90 83.23 -27.00
CA GLY KA 156 -52.60 82.44 -26.00
C GLY KA 156 -53.00 81.06 -26.46
N VAL KA 157 -52.95 80.78 -27.75
CA VAL KA 157 -53.30 79.47 -28.30
C VAL KA 157 -52.25 79.07 -29.32
N ILE KA 158 -51.88 77.80 -29.32
CA ILE KA 158 -50.87 77.27 -30.24
C ILE KA 158 -51.58 76.37 -31.25
N THR KA 159 -51.31 76.61 -32.52
CA THR KA 159 -51.97 75.91 -33.62
C THR KA 159 -51.00 74.95 -34.28
N LEU KA 160 -51.44 73.71 -34.49
CA LEU KA 160 -50.65 72.69 -35.15
C LEU KA 160 -51.27 72.40 -36.51
N THR KA 161 -50.48 72.59 -37.57
CA THR KA 161 -50.91 72.35 -38.95
C THR KA 161 -50.07 71.25 -39.56
N ALA KA 162 -50.71 70.29 -40.20
CA ALA KA 162 -49.99 69.19 -40.81
C ALA KA 162 -49.05 69.70 -41.90
N ARG KA 163 -47.85 69.12 -41.95
CA ARG KA 163 -46.88 69.49 -42.97
C ARG KA 163 -47.15 68.81 -44.31
N ASN KA 164 -48.01 67.80 -44.35
CA ASN KA 164 -48.38 67.11 -45.57
C ASN KA 164 -49.89 67.18 -45.74
N GLY KA 165 -50.33 67.42 -46.97
CA GLY KA 165 -51.74 67.48 -47.26
C GLY KA 165 -52.39 66.12 -47.24
N GLY KA 166 -53.70 66.12 -47.45
CA GLY KA 166 -54.45 64.89 -47.50
C GLY KA 166 -54.87 64.38 -46.14
N THR KA 167 -55.50 63.21 -46.15
CA THR KA 167 -56.07 62.64 -44.94
C THR KA 167 -55.03 62.07 -43.98
N ILE KA 168 -53.77 62.01 -44.40
CA ILE KA 168 -52.76 61.36 -43.56
C ILE KA 168 -52.62 62.07 -42.22
N GLY KA 169 -52.70 63.39 -42.21
CA GLY KA 169 -52.59 64.15 -40.98
C GLY KA 169 -53.92 64.33 -40.28
N ASN KA 170 -54.56 63.23 -39.92
CA ASN KA 170 -55.90 63.26 -39.31
C ASN KA 170 -55.98 62.28 -38.15
N HIS KA 171 -54.90 62.16 -37.38
CA HIS KA 171 -54.84 61.19 -36.29
C HIS KA 171 -54.04 61.77 -35.13
N LEU KA 172 -54.72 62.06 -34.02
CA LEU KA 172 -54.04 62.49 -32.81
C LEU KA 172 -54.92 62.22 -31.59
N SER KA 173 -54.26 61.97 -30.46
CA SER KA 173 -54.93 61.95 -29.15
C SER KA 173 -53.85 62.26 -28.11
N VAL KA 174 -53.84 63.50 -27.63
CA VAL KA 174 -52.76 63.96 -26.76
C VAL KA 174 -52.92 63.36 -25.37
N ILE KA 175 -51.80 63.18 -24.68
CA ILE KA 175 -51.78 62.74 -23.29
C ILE KA 175 -50.93 63.74 -22.50
N TYR KA 176 -51.60 64.63 -21.77
CA TYR KA 176 -50.96 65.62 -20.93
C TYR KA 176 -50.82 64.99 -19.54
N THR KA 177 -49.78 64.16 -19.40
CA THR KA 177 -49.72 63.20 -18.30
C THR KA 177 -49.86 63.83 -16.93
N ASN KA 178 -49.41 65.07 -16.76
CA ASN KA 178 -49.33 65.69 -15.43
C ASN KA 178 -50.49 66.65 -15.25
N LEU KA 179 -51.45 66.25 -14.42
CA LEU KA 179 -52.48 67.15 -13.92
C LEU KA 179 -52.91 66.64 -12.55
N GLY KA 180 -53.50 67.54 -11.76
CA GLY KA 180 -53.80 67.17 -10.39
C GLY KA 180 -52.53 67.01 -9.58
N SER KA 181 -52.55 66.05 -8.67
CA SER KA 181 -51.40 65.82 -7.78
C SER KA 181 -50.21 65.29 -8.58
N CYS KA 182 -49.07 65.95 -8.42
CA CYS KA 182 -47.84 65.54 -9.10
C CYS KA 182 -46.64 66.07 -8.31
N THR KA 183 -45.64 65.21 -8.11
CA THR KA 183 -44.47 65.62 -7.35
C THR KA 183 -43.74 66.76 -8.06
N SER KA 184 -43.58 66.65 -9.38
CA SER KA 184 -43.11 67.78 -10.17
C SER KA 184 -44.26 68.76 -10.24
N VAL KA 185 -44.35 69.64 -9.24
CA VAL KA 185 -45.58 70.35 -8.90
C VAL KA 185 -46.26 70.81 -10.18
N THR KA 186 -47.51 70.43 -10.35
CA THR KA 186 -48.30 70.93 -11.46
C THR KA 186 -48.53 72.41 -11.25
N PRO KA 187 -48.16 73.27 -12.20
CA PRO KA 187 -48.41 74.70 -12.00
C PRO KA 187 -49.89 74.94 -11.74
N GLU KA 188 -50.22 75.35 -10.52
CA GLU KA 188 -51.61 75.40 -10.11
C GLU KA 188 -52.38 76.44 -10.91
N GLY KA 189 -53.60 76.08 -11.30
CA GLY KA 189 -54.45 76.97 -12.06
C GLY KA 189 -54.24 76.93 -13.57
N VAL KA 190 -53.38 76.04 -14.06
CA VAL KA 190 -53.10 75.92 -15.49
C VAL KA 190 -53.84 74.72 -16.04
N THR KA 191 -54.55 74.92 -17.15
CA THR KA 191 -55.30 73.86 -17.80
C THR KA 191 -55.11 73.98 -19.31
N VAL KA 192 -55.33 72.87 -20.00
CA VAL KA 192 -55.12 72.78 -21.44
C VAL KA 192 -56.34 72.13 -22.08
N ALA KA 193 -56.75 72.64 -23.24
CA ALA KA 193 -57.90 72.13 -23.97
C ALA KA 193 -57.47 71.74 -25.38
N PHE KA 194 -57.96 70.61 -25.86
CA PHE KA 194 -57.57 70.05 -27.15
C PHE KA 194 -58.80 69.92 -28.04
N ALA KA 195 -58.68 70.39 -29.28
CA ALA KA 195 -59.79 70.32 -30.22
C ALA KA 195 -59.26 70.46 -31.64
N GLN KA 196 -60.01 69.90 -32.58
CA GLN KA 196 -59.69 69.95 -34.00
C GLN KA 196 -60.59 70.96 -34.70
N THR KA 197 -60.07 71.55 -35.78
CA THR KA 197 -60.79 72.59 -36.51
C THR KA 197 -60.89 72.37 -38.01
N THR KA 198 -60.02 71.57 -38.62
CA THR KA 198 -60.06 71.38 -40.07
C THR KA 198 -59.45 70.04 -40.46
N PRO KA 199 -60.15 69.20 -41.21
CA PRO KA 199 -59.60 67.91 -41.61
C PRO KA 199 -58.91 67.95 -42.97
N GLY KA 200 -58.21 66.85 -43.29
CA GLY KA 200 -57.60 66.72 -44.59
C GLY KA 200 -58.62 66.42 -45.67
N SER KA 201 -58.23 66.70 -46.91
CA SER KA 201 -59.17 66.67 -48.03
C SER KA 201 -58.86 65.59 -49.06
N VAL KA 202 -57.67 65.60 -49.66
CA VAL KA 202 -57.41 64.86 -50.89
C VAL KA 202 -56.09 64.10 -50.78
N ASN KA 203 -56.11 62.84 -51.22
CA ASN KA 203 -54.92 61.99 -51.26
C ASN KA 203 -54.51 61.71 -52.70
N PRO KA 204 -53.23 61.42 -52.95
CA PRO KA 204 -52.80 61.04 -54.29
C PRO KA 204 -53.15 59.59 -54.59
N GLU KA 205 -53.29 59.30 -55.89
CA GLU KA 205 -53.63 57.97 -56.38
C GLU KA 205 -52.70 57.59 -57.52
N PRO KA 206 -51.42 57.41 -57.24
CA PRO KA 206 -50.50 56.97 -58.30
C PRO KA 206 -50.88 55.59 -58.82
N ASN KA 207 -50.66 55.39 -60.12
CA ASN KA 207 -50.98 54.13 -60.77
C ASN KA 207 -49.91 53.74 -61.78
N ASP KA 208 -48.68 54.19 -61.57
CA ASP KA 208 -47.57 53.95 -62.49
C ASP KA 208 -46.54 52.99 -61.90
N TYR KA 209 -47.01 51.97 -61.18
CA TYR KA 209 -46.11 50.99 -60.59
C TYR KA 209 -45.37 50.20 -61.66
N ALA KA 210 -46.03 49.92 -62.79
CA ALA KA 210 -45.40 49.12 -63.84
C ALA KA 210 -44.20 49.81 -64.47
N SER KA 211 -44.09 51.14 -64.31
CA SER KA 211 -43.02 51.89 -64.96
C SER KA 211 -41.82 52.15 -64.06
N VAL KA 212 -42.03 52.35 -62.76
CA VAL KA 212 -40.94 52.70 -61.86
C VAL KA 212 -40.40 51.51 -61.09
N VAL KA 213 -41.15 50.42 -60.96
CA VAL KA 213 -40.70 49.20 -60.31
C VAL KA 213 -40.80 48.07 -61.31
N ASN KA 214 -40.55 48.38 -62.59
CA ASN KA 214 -40.95 47.49 -63.67
C ASN KA 214 -40.42 46.08 -63.49
N GLU KA 215 -39.11 45.93 -63.29
CA GLU KA 215 -38.50 44.60 -63.26
C GLU KA 215 -37.45 44.52 -62.16
N CYS KA 216 -37.77 45.05 -60.98
CA CYS KA 216 -36.91 44.92 -59.81
C CYS KA 216 -37.63 44.09 -58.75
N CYS KA 217 -36.94 43.07 -58.24
CA CYS KA 217 -37.51 42.18 -57.24
C CYS KA 217 -37.33 42.79 -55.86
N PHE KA 218 -38.44 42.88 -55.11
CA PHE KA 218 -38.43 43.41 -53.76
C PHE KA 218 -39.04 42.38 -52.82
N ALA KA 219 -38.52 42.31 -51.60
CA ALA KA 219 -39.00 41.32 -50.64
C ALA KA 219 -40.24 41.80 -49.92
N VAL KA 220 -40.22 43.03 -49.41
CA VAL KA 220 -41.32 43.58 -48.62
C VAL KA 220 -41.64 44.98 -49.13
N TYR KA 221 -42.92 45.25 -49.34
CA TYR KA 221 -43.40 46.57 -49.67
C TYR KA 221 -44.06 47.19 -48.45
N VAL KA 222 -43.69 48.43 -48.15
CA VAL KA 222 -44.25 49.18 -47.03
C VAL KA 222 -44.92 50.43 -47.59
N LEU KA 223 -46.17 50.66 -47.18
CA LEU KA 223 -46.96 51.77 -47.68
C LEU KA 223 -47.44 52.60 -46.49
N SER KA 224 -47.02 53.86 -46.43
CA SER KA 224 -47.39 54.76 -45.34
C SER KA 224 -48.56 55.64 -45.78
N SER KA 225 -49.71 55.00 -45.93
CA SER KA 225 -50.93 55.73 -46.28
C SER KA 225 -52.13 54.88 -45.87
N ASP KA 226 -53.28 55.54 -45.79
CA ASP KA 226 -54.53 54.88 -45.41
C ASP KA 226 -55.61 55.05 -46.46
N ASP KA 227 -55.25 55.44 -47.68
CA ASP KA 227 -56.21 55.53 -48.76
C ASP KA 227 -56.50 54.13 -49.30
N THR KA 228 -57.76 53.72 -49.26
CA THR KA 228 -58.11 52.36 -49.67
C THR KA 228 -57.77 52.14 -51.15
N ASP KA 229 -58.07 53.13 -52.00
CA ASP KA 229 -57.80 52.98 -53.42
C ASP KA 229 -56.30 52.84 -53.68
N TRP KA 230 -55.48 53.62 -52.99
CA TRP KA 230 -54.04 53.51 -53.16
C TRP KA 230 -53.55 52.13 -52.77
N GLN KA 231 -54.05 51.60 -51.65
CA GLN KA 231 -53.66 50.26 -51.23
C GLN KA 231 -54.10 49.22 -52.24
N GLU KA 232 -55.29 49.39 -52.82
CA GLU KA 232 -55.77 48.43 -53.81
C GLU KA 232 -54.84 48.36 -55.01
N ASN KA 233 -54.32 49.50 -55.45
CA ASN KA 233 -53.39 49.50 -56.58
C ASN KA 233 -52.13 48.70 -56.24
N LEU KA 234 -51.62 48.86 -55.03
CA LEU KA 234 -50.45 48.08 -54.63
C LEU KA 234 -50.73 46.59 -54.66
N ARG KA 235 -51.91 46.19 -54.19
CA ARG KA 235 -52.28 44.78 -54.21
C ARG KA 235 -52.31 44.25 -55.64
N ASP KA 236 -52.89 45.02 -56.57
CA ASP KA 236 -52.94 44.59 -57.95
C ASP KA 236 -51.54 44.39 -58.52
N TRP KA 237 -50.62 45.31 -58.20
CA TRP KA 237 -49.25 45.18 -58.70
C TRP KA 237 -48.60 43.91 -58.18
N ILE KA 238 -48.80 43.61 -56.89
CA ILE KA 238 -48.18 42.41 -56.31
C ILE KA 238 -48.67 41.17 -57.03
N ARG KA 239 -49.97 41.09 -57.32
CA ARG KA 239 -50.51 39.97 -58.08
C ARG KA 239 -49.72 39.77 -59.37
N SER KA 240 -49.45 40.86 -60.08
CA SER KA 240 -48.71 40.75 -61.34
C SER KA 240 -47.33 40.14 -61.13
N ALA KA 241 -46.72 40.38 -59.97
CA ALA KA 241 -45.42 39.78 -59.67
C ALA KA 241 -45.52 38.29 -59.38
N TRP KA 242 -46.68 37.81 -58.95
CA TRP KA 242 -46.91 36.40 -58.69
C TRP KA 242 -47.62 35.71 -59.86
N ASP KA 243 -47.81 36.41 -60.97
CA ASP KA 243 -48.57 35.87 -62.09
C ASP KA 243 -47.76 34.80 -62.80
N CYS KA 244 -48.46 34.01 -63.63
CA CYS KA 244 -47.86 32.91 -64.39
C CYS KA 244 -47.63 33.28 -65.85
N SER KA 245 -47.75 34.55 -66.21
CA SER KA 245 -47.56 34.99 -67.60
C SER KA 245 -46.12 35.38 -67.89
N LYS KA 246 -45.23 35.30 -66.92
CA LYS KA 246 -43.85 35.72 -67.09
C LYS KA 246 -43.03 35.31 -65.87
N PRO KA 247 -41.71 35.41 -65.91
CA PRO KA 247 -40.92 35.10 -64.70
C PRO KA 247 -41.38 35.95 -63.53
N GLN KA 248 -41.45 35.32 -62.37
CA GLN KA 248 -42.02 35.95 -61.18
C GLN KA 248 -40.94 36.69 -60.39
N CYS KA 249 -41.38 37.75 -59.71
CA CYS KA 249 -40.52 38.50 -58.80
C CYS KA 249 -40.88 38.28 -57.33
N PHE KA 250 -42.09 37.81 -57.04
CA PHE KA 250 -42.52 37.55 -55.68
C PHE KA 250 -42.46 38.81 -54.82
N GLY KA 251 -42.98 38.73 -53.60
CA GLY KA 251 -42.98 39.87 -52.70
C GLY KA 251 -44.17 39.86 -51.77
N HIS KA 252 -44.19 40.80 -50.81
CA HIS KA 252 -45.29 40.92 -49.87
C HIS KA 252 -45.44 42.37 -49.45
N GLY KA 253 -46.65 42.77 -49.14
CA GLY KA 253 -46.93 44.15 -48.77
C GLY KA 253 -47.53 44.29 -47.39
N TYR KA 254 -47.34 45.45 -46.77
CA TYR KA 254 -47.86 45.72 -45.44
C TYR KA 254 -48.62 47.04 -45.45
N VAL KA 255 -49.86 47.00 -44.97
CA VAL KA 255 -50.73 48.18 -44.89
C VAL KA 255 -51.48 48.13 -43.57
N PHE KA 256 -52.10 49.25 -43.22
CA PHE KA 256 -52.86 49.36 -41.97
C PHE KA 256 -54.22 49.96 -42.26
N ASN KA 257 -55.20 49.61 -41.41
CA ASN KA 257 -56.54 50.16 -41.47
C ASN KA 257 -56.96 50.58 -40.08
N LYS KA 258 -57.57 51.76 -39.96
CA LYS KA 258 -57.92 52.34 -38.68
C LYS KA 258 -59.38 52.76 -38.68
N GLY KA 259 -60.04 52.53 -37.56
CA GLY KA 259 -61.43 52.89 -37.41
C GLY KA 259 -62.12 51.95 -36.43
N THR KA 260 -63.44 52.10 -36.36
CA THR KA 260 -64.24 51.23 -35.51
C THR KA 260 -64.30 49.82 -36.10
N LEU KA 261 -64.90 48.90 -35.34
CA LEU KA 261 -64.96 47.51 -35.79
C LEU KA 261 -65.74 47.39 -37.08
N GLY KA 262 -66.86 48.09 -37.20
CA GLY KA 262 -67.64 48.02 -38.42
C GLY KA 262 -66.88 48.50 -39.63
N GLN KA 263 -66.10 49.58 -39.47
CA GLN KA 263 -65.34 50.11 -40.60
C GLN KA 263 -64.19 49.20 -41.00
N VAL KA 264 -63.46 48.67 -40.01
CA VAL KA 264 -62.28 47.89 -40.31
C VAL KA 264 -62.65 46.63 -41.06
N LEU KA 265 -63.71 45.94 -40.63
CA LEU KA 265 -64.10 44.70 -41.29
C LEU KA 265 -64.48 44.94 -42.75
N ALA KA 266 -65.19 46.03 -43.02
CA ALA KA 266 -65.61 46.32 -44.39
C ALA KA 266 -64.44 46.71 -45.28
N ASP KA 267 -63.30 47.09 -44.71
CA ASP KA 267 -62.14 47.47 -45.50
C ASP KA 267 -61.40 46.26 -46.07
N GLY KA 268 -61.63 45.07 -45.53
CA GLY KA 268 -60.89 43.91 -45.97
C GLY KA 268 -61.50 43.24 -47.17
N ASP KA 269 -60.63 42.67 -48.00
CA ASP KA 269 -61.04 41.87 -49.16
C ASP KA 269 -60.12 40.66 -49.25
N ASN KA 270 -60.64 39.58 -49.84
CA ASN KA 270 -59.84 38.37 -49.97
C ASN KA 270 -58.56 38.69 -50.74
N SER KA 271 -57.42 38.65 -50.05
CA SER KA 271 -56.15 39.06 -50.66
C SER KA 271 -55.02 38.39 -49.91
N ALA KA 272 -54.37 37.41 -50.54
CA ALA KA 272 -53.21 36.77 -49.95
C ALA KA 272 -51.94 37.59 -50.13
N GLU KA 273 -51.99 38.68 -50.88
CA GLU KA 273 -50.82 39.48 -51.20
C GLU KA 273 -50.56 40.60 -50.21
N LEU KA 274 -51.42 40.77 -49.19
CA LEU KA 274 -51.28 41.87 -48.26
C LEU KA 274 -51.50 41.38 -46.83
N SER KA 275 -50.92 42.10 -45.89
CA SER KA 275 -51.07 41.83 -44.46
C SER KA 275 -51.61 43.10 -43.81
N ARG KA 276 -52.93 43.16 -43.66
CA ARG KA 276 -53.58 44.36 -43.14
C ARG KA 276 -53.51 44.39 -41.62
N LEU KA 277 -53.05 45.52 -41.08
CA LEU KA 277 -52.92 45.71 -39.64
C LEU KA 277 -54.06 46.58 -39.15
N ALA KA 278 -54.78 46.09 -38.15
CA ALA KA 278 -55.97 46.77 -37.63
C ALA KA 278 -55.61 47.54 -36.37
N LEU KA 279 -56.03 48.80 -36.30
CA LEU KA 279 -55.82 49.65 -35.15
C LEU KA 279 -57.14 50.29 -34.74
N PRO KA 280 -57.29 50.62 -33.46
CA PRO KA 280 -58.55 51.22 -32.99
C PRO KA 280 -58.60 52.71 -33.30
N THR KA 281 -59.71 53.33 -32.93
CA THR KA 281 -59.92 54.75 -33.21
C THR KA 281 -59.15 55.67 -32.29
N THR KA 282 -58.65 55.17 -31.16
CA THR KA 282 -57.96 55.99 -30.17
C THR KA 282 -56.54 55.48 -29.92
N TYR KA 283 -55.84 55.15 -30.98
CA TYR KA 283 -54.46 54.66 -30.84
C TYR KA 283 -53.56 55.84 -30.49
N PRO KA 284 -52.85 55.82 -29.36
CA PRO KA 284 -52.03 56.97 -28.98
C PRO KA 284 -50.93 57.30 -29.98
N VAL KA 285 -50.35 56.30 -30.64
CA VAL KA 285 -49.22 56.50 -31.53
C VAL KA 285 -49.73 56.78 -32.94
N LEU KA 286 -48.96 57.56 -33.69
CA LEU KA 286 -49.33 57.82 -35.08
C LEU KA 286 -49.38 56.51 -35.85
N PRO KA 287 -50.40 56.32 -36.71
CA PRO KA 287 -50.61 54.99 -37.30
C PRO KA 287 -49.41 54.48 -38.09
N TYR KA 288 -48.96 55.23 -39.09
CA TYR KA 288 -47.98 54.70 -40.03
C TYR KA 288 -46.66 54.35 -39.36
N LEU KA 289 -46.35 54.95 -38.21
CA LEU KA 289 -45.12 54.60 -37.51
C LEU KA 289 -45.14 53.13 -37.08
N THR KA 290 -46.28 52.67 -36.54
CA THR KA 290 -46.39 51.28 -36.14
C THR KA 290 -46.30 50.34 -37.35
N ASN KA 291 -46.95 50.72 -38.45
CA ASN KA 291 -46.92 49.87 -39.64
C ASN KA 291 -45.50 49.73 -40.18
N ALA KA 292 -44.74 50.82 -40.19
CA ALA KA 292 -43.36 50.75 -40.66
C ALA KA 292 -42.53 49.83 -39.77
N ALA KA 293 -42.72 49.91 -38.46
CA ALA KA 293 -41.95 49.06 -37.55
C ALA KA 293 -42.23 47.59 -37.81
N TYR KA 294 -43.51 47.23 -37.98
CA TYR KA 294 -43.87 45.84 -38.26
C TYR KA 294 -43.26 45.38 -39.57
N GLY KA 295 -43.38 46.19 -40.61
CA GLY KA 295 -42.82 45.81 -41.90
C GLY KA 295 -41.31 45.67 -41.84
N ALA KA 296 -40.63 46.64 -41.22
CA ALA KA 296 -39.18 46.60 -41.15
C ALA KA 296 -38.70 45.41 -40.36
N LEU KA 297 -39.36 45.10 -39.24
CA LEU KA 297 -38.96 43.94 -38.45
C LEU KA 297 -39.14 42.65 -39.24
N SER KA 298 -40.23 42.53 -39.98
CA SER KA 298 -40.50 41.33 -40.76
C SER KA 298 -39.93 41.40 -42.17
N ALA KA 299 -39.27 42.49 -42.54
CA ALA KA 299 -38.69 42.64 -43.87
C ALA KA 299 -37.32 41.96 -43.93
N CYS KA 300 -37.32 40.70 -43.52
CA CYS KA 300 -36.13 39.85 -43.59
C CYS KA 300 -35.03 40.36 -42.68
N SER KA 301 -35.28 41.43 -41.92
CA SER KA 301 -34.37 41.80 -40.85
C SER KA 301 -34.28 40.70 -39.81
N THR KA 302 -35.32 39.87 -39.71
CA THR KA 302 -35.33 38.67 -38.89
C THR KA 302 -35.68 37.43 -39.67
N CYS KA 303 -36.50 37.53 -40.70
CA CYS KA 303 -37.00 36.36 -41.43
C CYS KA 303 -36.16 36.09 -42.67
N GLU KA 304 -34.86 35.93 -42.45
CA GLU KA 304 -34.02 35.29 -43.45
C GLU KA 304 -34.43 33.83 -43.60
N ASN KA 305 -34.77 33.18 -42.50
CA ASN KA 305 -35.37 31.86 -42.55
C ASN KA 305 -36.80 32.01 -43.04
N PRO KA 306 -37.18 31.40 -44.17
CA PRO KA 306 -38.55 31.61 -44.67
C PRO KA 306 -39.63 31.09 -43.76
N GLU KA 307 -39.32 30.17 -42.84
CA GLU KA 307 -40.33 29.51 -42.02
C GLU KA 307 -40.45 30.12 -40.62
N LEU KA 308 -39.82 31.27 -40.37
CA LEU KA 308 -39.86 31.90 -39.07
C LEU KA 308 -41.11 32.77 -38.96
N ASN KA 309 -41.91 32.54 -37.92
CA ASN KA 309 -43.13 33.30 -37.70
C ASN KA 309 -42.83 34.51 -36.81
N VAL KA 310 -43.34 35.67 -37.21
CA VAL KA 310 -43.13 36.91 -36.45
C VAL KA 310 -44.36 37.08 -35.57
N GLN KA 311 -44.29 36.51 -34.37
CA GLN KA 311 -45.37 36.57 -33.40
C GLN KA 311 -44.76 36.70 -32.01
N GLY KA 312 -45.60 36.53 -30.99
CA GLY KA 312 -45.13 36.40 -29.63
C GLY KA 312 -44.43 37.62 -29.09
N GLN KA 313 -44.11 37.60 -27.80
CA GLN KA 313 -43.41 38.70 -27.15
C GLN KA 313 -41.91 38.64 -27.36
N THR KA 314 -41.39 37.57 -27.94
CA THR KA 314 -39.96 37.41 -28.17
C THR KA 314 -39.54 37.82 -29.57
N TYR KA 315 -40.30 37.43 -30.60
CA TYR KA 315 -39.98 37.75 -31.98
C TYR KA 315 -40.79 38.91 -32.54
N GLY KA 316 -41.99 39.15 -32.03
CA GLY KA 316 -42.85 40.19 -32.55
C GLY KA 316 -42.86 41.45 -31.72
N LEU KA 317 -41.78 41.71 -30.99
CA LEU KA 317 -41.71 42.88 -30.13
C LEU KA 317 -41.22 44.09 -30.92
N LEU KA 318 -42.09 45.09 -31.08
CA LEU KA 318 -41.72 46.33 -31.76
C LEU KA 318 -41.09 47.26 -30.73
N SER KA 319 -39.81 47.00 -30.45
CA SER KA 319 -39.12 47.69 -29.37
C SER KA 319 -39.00 49.18 -29.63
N CYS KA 320 -38.91 49.59 -30.90
CA CYS KA 320 -38.63 50.99 -31.22
C CYS KA 320 -39.76 51.94 -30.84
N ILE KA 321 -40.94 51.42 -30.50
CA ILE KA 321 -42.11 52.24 -30.23
C ILE KA 321 -42.42 52.20 -28.74
N ASN KA 322 -42.60 53.37 -28.14
CA ASN KA 322 -42.98 53.50 -26.74
C ASN KA 322 -44.25 54.33 -26.64
N MET KA 323 -45.23 53.83 -25.89
CA MET KA 323 -46.50 54.50 -25.75
C MET KA 323 -47.02 54.28 -24.33
N PRO KA 324 -47.65 55.29 -23.71
CA PRO KA 324 -48.16 55.10 -22.36
C PRO KA 324 -49.31 54.11 -22.32
N GLU KA 325 -49.43 53.40 -21.21
CA GLU KA 325 -50.49 52.43 -21.04
C GLU KA 325 -51.85 53.11 -21.08
N SER KA 326 -52.78 52.51 -21.83
CA SER KA 326 -54.10 53.10 -21.98
C SER KA 326 -55.01 52.69 -20.84
N CYS KA 327 -56.08 53.47 -20.65
CA CYS KA 327 -57.03 53.20 -19.58
C CYS KA 327 -57.92 51.99 -19.88
N THR KA 328 -58.14 51.69 -21.15
CA THR KA 328 -58.99 50.59 -21.58
C THR KA 328 -58.23 49.80 -22.65
N PRO KA 329 -58.44 48.47 -22.72
CA PRO KA 329 -57.71 47.68 -23.70
C PRO KA 329 -57.85 48.19 -25.14
N GLY KA 330 -58.89 48.96 -25.42
CA GLY KA 330 -59.09 49.48 -26.75
C GLY KA 330 -59.83 48.50 -27.64
N TRP KA 331 -59.20 47.36 -27.92
CA TRP KA 331 -59.83 46.27 -28.66
C TRP KA 331 -60.37 45.28 -27.62
N GLU KA 332 -61.69 45.26 -27.44
CA GLU KA 332 -62.29 44.33 -26.51
C GLU KA 332 -62.07 42.90 -27.00
N PHE KA 333 -61.98 41.96 -26.04
CA PHE KA 333 -61.64 40.59 -26.40
C PHE KA 333 -62.66 40.00 -27.37
N THR KA 334 -63.94 40.31 -27.18
CA THR KA 334 -64.94 39.85 -28.14
C THR KA 334 -64.69 40.39 -29.54
N GLU KA 335 -63.98 41.52 -29.65
CA GLU KA 335 -63.62 42.06 -30.95
C GLU KA 335 -62.28 41.55 -31.45
N VAL KA 336 -61.35 41.24 -30.55
CA VAL KA 336 -60.06 40.70 -30.96
C VAL KA 336 -60.26 39.37 -31.68
N THR KA 337 -61.13 38.51 -31.15
CA THR KA 337 -61.36 37.22 -31.79
C THR KA 337 -61.92 37.37 -33.19
N GLN KA 338 -62.88 38.29 -33.37
CA GLN KA 338 -63.47 38.47 -34.69
C GLN KA 338 -62.43 38.95 -35.70
N LEU KA 339 -61.58 39.89 -35.30
CA LEU KA 339 -60.57 40.39 -36.22
C LEU KA 339 -59.61 39.27 -36.65
N GLN KA 340 -59.18 38.44 -35.69
CA GLN KA 340 -58.29 37.34 -36.03
C GLN KA 340 -58.98 36.35 -36.94
N ASN KA 341 -60.26 36.05 -36.68
CA ASN KA 341 -60.98 35.10 -37.53
C ASN KA 341 -61.23 35.63 -38.92
N ASN KA 342 -61.15 36.95 -39.12
CA ASN KA 342 -61.42 37.56 -40.42
C ASN KA 342 -60.14 37.86 -41.20
N GLY KA 343 -58.99 37.45 -40.70
CA GLY KA 343 -57.75 37.59 -41.44
C GLY KA 343 -56.96 38.85 -41.17
N PHE KA 344 -57.28 39.58 -40.10
CA PHE KA 344 -56.56 40.79 -39.75
C PHE KA 344 -55.47 40.48 -38.73
N VAL KA 345 -54.60 41.46 -38.51
CA VAL KA 345 -53.50 41.36 -37.55
C VAL KA 345 -53.80 42.33 -36.42
N VAL KA 346 -53.67 41.86 -35.18
CA VAL KA 346 -53.97 42.64 -33.99
C VAL KA 346 -52.73 42.69 -33.10
N SER KA 347 -52.42 43.89 -32.61
CA SER KA 347 -51.27 44.10 -31.75
C SER KA 347 -51.72 44.72 -30.43
N GLY KA 348 -50.93 44.50 -29.38
CA GLY KA 348 -51.25 44.99 -28.07
C GLY KA 348 -50.03 45.14 -27.18
N PRO KA 349 -50.22 45.63 -25.96
CA PRO KA 349 -49.08 45.86 -25.07
C PRO KA 349 -48.38 44.55 -24.71
N ALA KA 350 -47.07 44.66 -24.48
CA ALA KA 350 -46.27 43.48 -24.18
C ALA KA 350 -46.29 43.14 -22.70
N THR KA 351 -46.11 44.14 -21.83
CA THR KA 351 -46.04 43.94 -20.39
C THR KA 351 -47.18 44.65 -19.71
N THR KA 352 -47.80 43.97 -18.74
CA THR KA 352 -48.90 44.54 -17.98
C THR KA 352 -48.35 45.48 -16.92
N SER KA 353 -48.78 46.73 -16.93
CA SER KA 353 -48.32 47.73 -15.99
C SER KA 353 -49.46 48.69 -15.68
N GLY KA 354 -49.32 49.41 -14.57
CA GLY KA 354 -50.37 50.34 -14.19
C GLY KA 354 -50.63 51.37 -15.28
N GLN KA 355 -51.90 51.74 -15.42
CA GLN KA 355 -52.28 52.69 -16.44
C GLN KA 355 -51.51 54.00 -16.28
N GLY KA 356 -51.01 54.53 -17.40
CA GLY KA 356 -50.21 55.73 -17.40
C GLY KA 356 -48.72 55.49 -17.55
N ASN KA 357 -48.26 54.27 -17.36
CA ASN KA 357 -46.85 53.94 -17.49
C ASN KA 357 -46.53 53.52 -18.92
N PHE KA 358 -45.24 53.47 -19.23
CA PHE KA 358 -44.78 53.23 -20.60
C PHE KA 358 -44.59 51.74 -20.86
N THR KA 359 -44.98 51.30 -22.04
CA THR KA 359 -44.84 49.92 -22.46
C THR KA 359 -44.43 49.90 -23.93
N SER KA 360 -44.46 48.71 -24.53
CA SER KA 360 -44.19 48.54 -25.95
C SER KA 360 -45.19 47.55 -26.51
N PRO KA 361 -45.56 47.68 -27.79
CA PRO KA 361 -46.52 46.75 -28.38
C PRO KA 361 -45.84 45.55 -29.04
N TYR KA 362 -46.63 44.49 -29.20
CA TYR KA 362 -46.19 43.30 -29.90
C TYR KA 362 -47.38 42.72 -30.66
N ILE KA 363 -47.08 41.75 -31.54
CA ILE KA 363 -48.04 41.25 -32.52
C ILE KA 363 -48.51 39.87 -32.08
N TYR KA 364 -49.82 39.65 -32.11
CA TYR KA 364 -50.38 38.38 -31.69
C TYR KA 364 -50.24 37.33 -32.80
N ASN KA 365 -50.85 37.58 -33.95
CA ASN KA 365 -50.89 36.61 -35.04
C ASN KA 365 -50.34 37.23 -36.31
N ASP KA 366 -49.44 36.51 -36.97
CA ASP KA 366 -48.89 36.93 -38.27
C ASP KA 366 -49.70 36.23 -39.35
N VAL KA 367 -50.75 36.90 -39.83
CA VAL KA 367 -51.69 36.32 -40.79
C VAL KA 367 -51.88 37.29 -41.94
N THR KA 368 -52.24 36.74 -43.10
CA THR KA 368 -52.56 37.51 -44.28
C THR KA 368 -54.07 37.53 -44.49
N ASN KA 369 -54.54 38.56 -45.20
CA ASN KA 369 -55.97 38.75 -45.43
C ASN KA 369 -56.47 37.82 -46.53
N TYR KA 370 -56.37 36.52 -46.26
CA TYR KA 370 -56.78 35.47 -47.18
C TYR KA 370 -57.83 34.59 -46.52
N LEU KA 371 -58.94 34.38 -47.20
CA LEU KA 371 -60.04 33.57 -46.67
C LEU KA 371 -60.60 32.54 -47.63
N ARG KA 372 -60.45 32.72 -48.94
CA ARG KA 372 -61.02 31.79 -49.91
C ARG KA 372 -60.15 31.76 -51.15
N ASP KA 373 -60.27 30.69 -51.92
CA ASP KA 373 -59.52 30.53 -53.15
C ASP KA 373 -60.38 30.96 -54.34
N GLU KA 374 -59.89 30.70 -55.56
CA GLU KA 374 -60.60 31.16 -56.75
C GLU KA 374 -61.94 30.46 -56.92
N LYS KA 375 -62.04 29.20 -56.51
CA LYS KA 375 -63.28 28.45 -56.67
C LYS KA 375 -64.30 28.74 -55.58
N ASN KA 376 -64.03 29.71 -54.70
CA ASN KA 376 -64.93 30.19 -53.66
C ASN KA 376 -65.02 29.22 -52.48
N ARG KA 377 -64.11 28.25 -52.37
CA ARG KA 377 -64.13 27.39 -51.20
C ARG KA 377 -63.28 27.99 -50.09
N PRO KA 378 -63.61 27.71 -48.82
CA PRO KA 378 -62.79 28.25 -47.72
C PRO KA 378 -61.65 27.32 -47.34
N ASN KA 379 -60.45 27.88 -47.21
CA ASN KA 379 -59.30 27.09 -46.77
C ASN KA 379 -58.25 28.05 -46.22
N ALA KA 380 -57.29 27.48 -45.49
CA ALA KA 380 -56.22 28.23 -44.85
C ALA KA 380 -54.87 27.96 -45.51
N THR KA 381 -54.87 27.77 -46.83
CA THR KA 381 -53.63 27.44 -47.53
C THR KA 381 -52.60 28.56 -47.38
N PHE KA 382 -53.03 29.81 -47.52
CA PHE KA 382 -52.14 30.96 -47.42
C PHE KA 382 -52.48 31.82 -46.20
N ARG KA 383 -52.97 31.18 -45.13
CA ARG KA 383 -53.32 31.93 -43.92
C ARG KA 383 -52.10 32.62 -43.33
N ASP KA 384 -51.12 31.84 -42.90
CA ASP KA 384 -49.92 32.41 -42.28
C ASP KA 384 -49.01 33.03 -43.33
N ALA KA 385 -48.41 34.18 -42.96
CA ALA KA 385 -47.49 34.83 -43.88
C ALA KA 385 -46.33 33.94 -44.24
N SER KA 386 -45.91 33.04 -43.34
CA SER KA 386 -44.80 32.15 -43.63
C SER KA 386 -45.09 31.26 -44.83
N SER KA 387 -46.36 30.96 -45.09
CA SER KA 387 -46.70 30.16 -46.26
C SER KA 387 -46.28 30.84 -47.54
N ARG KA 388 -46.51 32.16 -47.64
CA ARG KA 388 -46.11 32.88 -48.84
C ARG KA 388 -44.59 32.85 -49.00
N ARG KA 389 -43.86 33.06 -47.90
CA ARG KA 389 -42.40 33.03 -47.98
C ARG KA 389 -41.91 31.64 -48.35
N LEU KA 390 -42.48 30.61 -47.75
CA LEU KA 390 -42.05 29.24 -48.06
C LEU KA 390 -42.37 28.88 -49.50
N ALA KA 391 -43.53 29.30 -50.01
CA ALA KA 391 -43.89 29.00 -51.39
C ALA KA 391 -42.88 29.60 -52.35
N ALA KA 392 -42.48 30.85 -52.11
CA ALA KA 392 -41.47 31.48 -52.95
C ALA KA 392 -40.15 30.74 -52.86
N ALA KA 393 -39.75 30.35 -51.64
CA ALA KA 393 -38.48 29.65 -51.47
C ALA KA 393 -38.48 28.32 -52.20
N THR KA 394 -39.59 27.58 -52.15
CA THR KA 394 -39.67 26.31 -52.86
C THR KA 394 -39.55 26.51 -54.36
N GLY KA 395 -40.20 27.55 -54.89
CA GLY KA 395 -40.13 27.80 -56.32
C GLY KA 395 -38.71 28.07 -56.79
N VAL KA 396 -37.99 28.93 -56.06
CA VAL KA 396 -36.62 29.25 -56.44
C VAL KA 396 -35.73 28.03 -56.30
N ALA KA 397 -35.82 27.34 -55.15
CA ALA KA 397 -34.95 26.19 -54.93
C ALA KA 397 -35.21 25.08 -55.95
N LEU KA 398 -36.49 24.82 -56.24
CA LEU KA 398 -36.81 23.76 -57.19
C LEU KA 398 -36.26 24.06 -58.57
N ALA KA 399 -36.34 25.32 -59.01
CA ALA KA 399 -35.82 25.68 -60.33
C ALA KA 399 -34.33 25.43 -60.40
N THR KA 400 -33.59 25.74 -59.34
CA THR KA 400 -32.15 25.52 -59.35
C THR KA 400 -31.82 24.05 -59.48
N PHE KA 401 -32.56 23.18 -58.78
CA PHE KA 401 -32.28 21.76 -58.83
C PHE KA 401 -32.49 21.20 -60.23
N LEU KA 402 -33.57 21.61 -60.90
CA LEU KA 402 -33.86 21.10 -62.24
C LEU KA 402 -32.88 21.61 -63.28
N GLN KA 403 -32.02 22.58 -62.94
CA GLN KA 403 -31.12 23.16 -63.92
C GLN KA 403 -30.18 22.12 -64.50
N GLN KA 404 -29.91 21.03 -63.78
CA GLN KA 404 -28.94 20.05 -64.23
C GLN KA 404 -29.40 19.27 -65.46
N PHE KA 405 -30.68 19.33 -65.80
CA PHE KA 405 -31.19 18.67 -66.99
C PHE KA 405 -31.16 19.55 -68.23
N ASN KA 406 -30.60 20.76 -68.12
CA ASN KA 406 -30.51 21.67 -69.26
C ASN KA 406 -29.40 21.19 -70.18
N GLY KA 407 -29.75 20.89 -71.43
CA GLY KA 407 -28.76 20.44 -72.39
C GLY KA 407 -28.33 19.00 -72.23
N LEU KA 408 -29.10 18.19 -71.53
CA LEU KA 408 -28.80 16.77 -71.33
C LEU KA 408 -29.59 15.94 -72.33
N ALA KA 409 -28.92 15.01 -72.98
CA ALA KA 409 -29.59 14.15 -73.95
C ALA KA 409 -30.69 13.35 -73.25
N VAL KA 410 -31.87 13.33 -73.87
CA VAL KA 410 -33.04 12.65 -73.32
C VAL KA 410 -33.51 11.62 -74.33
N PHE KA 411 -33.74 10.39 -73.86
CA PHE KA 411 -34.16 9.29 -74.70
C PHE KA 411 -35.61 8.93 -74.41
N THR KA 412 -36.42 8.86 -75.45
CA THR KA 412 -37.80 8.42 -75.36
C THR KA 412 -38.02 7.32 -76.40
N LYS KA 413 -39.24 6.79 -76.46
CA LYS KA 413 -39.52 5.65 -77.33
C LYS KA 413 -38.62 4.48 -76.93
N ASN KA 414 -37.47 4.33 -77.59
CA ASN KA 414 -36.49 3.33 -77.20
C ASN KA 414 -35.74 3.84 -75.98
N THR KA 415 -35.95 3.21 -74.83
CA THR KA 415 -35.45 3.72 -73.56
C THR KA 415 -34.12 3.10 -73.13
N ASN KA 416 -33.52 2.25 -73.93
CA ASN KA 416 -32.22 1.69 -73.60
C ASN KA 416 -31.12 2.65 -74.01
N ILE KA 417 -30.26 2.99 -73.07
CA ILE KA 417 -29.17 3.93 -73.29
C ILE KA 417 -27.92 3.14 -73.63
N LYS KA 418 -27.34 3.39 -74.80
CA LYS KA 418 -26.13 2.70 -75.21
C LYS KA 418 -25.02 2.89 -74.18
N THR KA 419 -24.01 2.03 -74.27
CA THR KA 419 -22.86 2.14 -73.38
C THR KA 419 -22.07 3.39 -73.72
N GLY KA 420 -21.68 4.14 -72.69
CA GLY KA 420 -20.90 5.34 -72.85
C GLY KA 420 -21.69 6.61 -73.09
N ILE KA 421 -22.99 6.49 -73.41
CA ILE KA 421 -23.79 7.68 -73.66
C ILE KA 421 -24.09 8.38 -72.34
N ILE KA 422 -24.28 9.69 -72.42
CA ILE KA 422 -24.63 10.53 -71.27
C ILE KA 422 -26.05 11.02 -71.50
N GLY KA 423 -27.02 10.42 -70.81
CA GLY KA 423 -28.40 10.79 -71.00
C GLY KA 423 -29.27 10.29 -69.87
N THR KA 424 -30.58 10.33 -70.09
CA THR KA 424 -31.54 9.91 -69.09
C THR KA 424 -32.91 9.79 -69.75
N ASN KA 425 -33.82 9.10 -69.07
CA ASN KA 425 -35.19 8.96 -69.55
C ASN KA 425 -36.18 9.44 -68.50
N LEU KA 426 -37.47 9.27 -68.76
CA LEU KA 426 -38.49 9.80 -67.86
C LEU KA 426 -38.40 9.16 -66.48
N ARG KA 427 -38.33 7.83 -66.43
CA ARG KA 427 -38.35 7.16 -65.14
C ARG KA 427 -37.17 7.56 -64.27
N LEU KA 428 -35.97 7.62 -64.86
CA LEU KA 428 -34.80 8.03 -64.09
C LEU KA 428 -34.93 9.47 -63.62
N MET KA 429 -35.45 10.36 -64.47
CA MET KA 429 -35.63 11.75 -64.06
C MET KA 429 -36.62 11.85 -62.91
N LEU KA 430 -37.73 11.12 -62.97
CA LEU KA 430 -38.71 11.16 -61.90
C LEU KA 430 -38.11 10.63 -60.60
N GLY KA 431 -37.33 9.55 -60.67
CA GLY KA 431 -36.72 9.00 -59.47
C GLY KA 431 -35.80 10.00 -58.79
N LYS KA 432 -35.01 10.72 -59.59
CA LYS KA 432 -34.10 11.71 -59.01
C LYS KA 432 -34.85 12.82 -58.31
N ILE KA 433 -35.96 13.29 -58.91
CA ILE KA 433 -36.74 14.36 -58.31
C ILE KA 433 -37.33 13.90 -56.98
N ARG KA 434 -37.83 12.66 -56.93
CA ARG KA 434 -38.36 12.13 -55.68
C ARG KA 434 -37.31 12.19 -54.58
N LYS KA 435 -36.06 11.86 -54.92
CA LYS KA 435 -35.00 11.90 -53.91
C LYS KA 435 -34.85 13.30 -53.33
N TRP KA 436 -34.87 14.32 -54.19
CA TRP KA 436 -34.74 15.68 -53.70
C TRP KA 436 -35.93 16.07 -52.83
N ALA KA 437 -37.15 15.71 -53.25
CA ALA KA 437 -38.33 16.11 -52.50
C ALA KA 437 -38.33 15.49 -51.11
N SER KA 438 -37.99 14.20 -51.01
CA SER KA 438 -38.00 13.53 -49.71
C SER KA 438 -36.99 14.13 -48.76
N ASP KA 439 -35.78 14.43 -49.26
CA ASP KA 439 -34.72 14.91 -48.38
C ASP KA 439 -35.07 16.24 -47.73
N ASN KA 440 -35.93 17.03 -48.37
CA ASN KA 440 -36.27 18.35 -47.86
C ASN KA 440 -37.35 18.31 -46.77
N VAL KA 441 -37.89 17.14 -46.46
CA VAL KA 441 -38.84 17.03 -45.37
C VAL KA 441 -38.21 17.59 -44.11
N GLY KA 442 -38.93 18.48 -43.43
CA GLY KA 442 -38.41 19.15 -42.26
C GLY KA 442 -37.67 20.43 -42.54
N VAL KA 443 -37.52 20.82 -43.80
CA VAL KA 443 -36.88 22.07 -44.19
C VAL KA 443 -37.83 22.95 -45.00
N LEU KA 444 -38.50 22.35 -45.99
CA LEU KA 444 -39.48 23.07 -46.80
C LEU KA 444 -40.84 22.39 -46.88
N PHE KA 445 -40.93 21.09 -46.62
CA PHE KA 445 -42.19 20.36 -46.70
C PHE KA 445 -42.40 19.57 -45.42
N SER KA 446 -43.65 19.24 -45.15
CA SER KA 446 -44.01 18.24 -44.17
C SER KA 446 -44.10 16.88 -44.86
N GLU KA 447 -44.16 15.82 -44.07
CA GLU KA 447 -44.23 14.48 -44.63
C GLU KA 447 -45.40 14.37 -45.59
N PHE KA 448 -45.14 13.91 -46.80
CA PHE KA 448 -46.19 13.82 -47.81
C PHE KA 448 -47.21 12.77 -47.42
N ASP KA 449 -48.48 13.06 -47.71
CA ASP KA 449 -49.53 12.08 -47.44
C ASP KA 449 -49.34 10.82 -48.28
N ASN KA 450 -48.99 11.00 -49.57
CA ASN KA 450 -48.70 9.87 -50.45
C ASN KA 450 -47.70 10.36 -51.49
N ILE KA 451 -46.41 10.10 -51.25
CA ILE KA 451 -45.37 10.59 -52.14
C ILE KA 451 -45.44 9.95 -53.51
N ASN KA 452 -46.13 8.81 -53.64
CA ASN KA 452 -46.21 8.12 -54.92
C ASN KA 452 -47.24 8.72 -55.86
N GLU KA 453 -48.11 9.61 -55.38
CA GLU KA 453 -49.14 10.19 -56.20
C GLU KA 453 -49.06 11.71 -56.33
N ASP KA 454 -48.26 12.37 -55.50
CA ASP KA 454 -48.16 13.83 -55.52
C ASP KA 454 -47.04 14.33 -56.42
N ILE KA 455 -46.40 13.45 -57.19
CA ILE KA 455 -45.37 13.85 -58.14
C ILE KA 455 -45.61 13.08 -59.43
N GLN KA 456 -45.59 13.78 -60.56
CA GLN KA 456 -45.85 13.16 -61.86
C GLN KA 456 -44.98 13.82 -62.91
N LEU KA 457 -44.44 13.00 -63.81
CA LEU KA 457 -43.66 13.48 -64.95
C LEU KA 457 -44.21 12.86 -66.22
N VAL KA 458 -44.54 13.70 -67.19
CA VAL KA 458 -45.08 13.25 -68.48
C VAL KA 458 -44.43 14.06 -69.58
N SER KA 459 -43.98 13.37 -70.63
CA SER KA 459 -43.40 14.06 -71.78
C SER KA 459 -44.50 14.75 -72.57
N ASP KA 460 -44.11 15.82 -73.28
CA ASP KA 460 -45.09 16.59 -74.05
C ASP KA 460 -45.75 15.76 -75.14
N PHE KA 461 -45.10 14.68 -75.58
CA PHE KA 461 -45.70 13.84 -76.61
C PHE KA 461 -46.95 13.12 -76.10
N ASP KA 462 -47.04 12.89 -74.79
CA ASP KA 462 -48.17 12.19 -74.21
C ASP KA 462 -49.31 13.13 -73.84
N VAL KA 463 -49.15 14.44 -74.04
CA VAL KA 463 -50.19 15.43 -73.76
C VAL KA 463 -50.80 15.95 -75.05
N GLN KA 464 -49.97 16.41 -75.99
CA GLN KA 464 -50.47 16.87 -77.27
C GLN KA 464 -50.87 15.69 -78.15
N PRO KA 465 -51.79 15.89 -79.09
CA PRO KA 465 -52.17 14.80 -80.00
C PRO KA 465 -51.07 14.45 -80.99
N LYS KA 466 -51.35 13.51 -81.89
CA LYS KA 466 -50.32 13.03 -82.80
C LYS KA 466 -49.78 14.17 -83.67
N CYS KA 467 -48.45 14.21 -83.79
CA CYS KA 467 -47.77 15.18 -84.66
C CYS KA 467 -48.11 16.61 -84.28
N VAL KA 468 -48.25 16.88 -82.99
CA VAL KA 468 -48.42 18.24 -82.49
C VAL KA 468 -47.46 18.61 -81.37
N GLY KA 469 -46.88 17.64 -80.65
CA GLY KA 469 -45.99 17.96 -79.56
C GLY KA 469 -44.61 18.37 -80.04
N GLN KA 470 -43.80 18.81 -79.08
CA GLN KA 470 -42.44 19.26 -79.35
C GLN KA 470 -41.44 18.27 -78.75
N PRO KA 471 -40.23 18.18 -79.31
CA PRO KA 471 -39.23 17.24 -78.78
C PRO KA 471 -38.47 17.85 -77.61
N GLY KA 472 -38.52 17.17 -76.47
CA GLY KA 472 -37.75 17.60 -75.32
C GLY KA 472 -38.44 18.60 -74.43
N VAL KA 473 -39.74 18.43 -74.18
CA VAL KA 473 -40.50 19.29 -73.27
C VAL KA 473 -41.28 18.39 -72.33
N PHE KA 474 -41.22 18.69 -71.04
CA PHE KA 474 -41.87 17.89 -70.01
C PHE KA 474 -42.82 18.75 -69.19
N HIS KA 475 -43.78 18.08 -68.56
CA HIS KA 475 -44.72 18.71 -67.64
C HIS KA 475 -44.55 18.06 -66.27
N LEU KA 476 -44.23 18.86 -65.27
CA LEU KA 476 -44.05 18.38 -63.90
C LEU KA 476 -45.17 18.93 -63.04
N ASN KA 477 -45.89 18.03 -62.36
CA ASN KA 477 -46.98 18.40 -61.46
C ASN KA 477 -46.65 17.89 -60.07
N MET KA 478 -46.65 18.79 -59.09
CA MET KA 478 -46.27 18.45 -57.73
C MET KA 478 -47.23 19.11 -56.75
N ARG KA 479 -47.55 18.40 -55.68
CA ARG KA 479 -48.34 18.91 -54.57
C ARG KA 479 -47.58 18.67 -53.29
N TYR KA 480 -47.54 19.68 -52.42
CA TYR KA 480 -46.73 19.62 -51.20
C TYR KA 480 -47.52 20.23 -50.05
N ARG KA 481 -46.91 20.21 -48.86
CA ARG KA 481 -47.54 20.73 -47.66
C ARG KA 481 -46.48 21.43 -46.82
N PRO KA 482 -46.76 22.63 -46.30
CA PRO KA 482 -45.78 23.33 -45.46
C PRO KA 482 -45.67 22.64 -44.11
N PRO KA 483 -44.64 22.96 -43.33
CA PRO KA 483 -44.45 22.29 -42.05
C PRO KA 483 -45.61 22.53 -41.09
N VAL KA 484 -45.87 21.54 -40.25
CA VAL KA 484 -46.96 21.65 -39.27
C VAL KA 484 -46.61 22.72 -38.24
N ARG KA 485 -47.64 23.40 -37.74
CA ARG KA 485 -47.46 24.51 -36.82
C ARG KA 485 -48.04 24.29 -35.43
N GLY KA 486 -48.91 23.30 -35.26
CA GLY KA 486 -49.51 23.07 -33.96
C GLY KA 486 -50.40 21.84 -33.98
N ALA KA 487 -50.94 21.54 -32.80
CA ALA KA 487 -51.81 20.38 -32.63
C ALA KA 487 -52.79 20.65 -31.51
N ARG KA 488 -53.88 19.90 -31.51
CA ARG KA 488 -54.93 20.02 -30.50
C ARG KA 488 -55.05 18.71 -29.74
N ILE KA 489 -55.22 18.81 -28.43
CA ILE KA 489 -55.29 17.66 -27.54
C ILE KA 489 -56.54 17.79 -26.68
N ASN KA 490 -57.32 16.72 -26.61
CA ASN KA 490 -58.47 16.64 -25.72
C ASN KA 490 -58.07 15.92 -24.45
N VAL KA 491 -58.36 16.52 -23.30
CA VAL KA 491 -57.91 16.02 -22.01
C VAL KA 491 -59.14 15.74 -21.15
N ASN KA 492 -59.15 14.58 -20.51
CA ASN KA 492 -60.22 14.15 -19.62
C ASN KA 492 -59.62 13.85 -18.26
N LEU KA 493 -59.72 14.80 -17.34
CA LEU KA 493 -59.20 14.61 -15.98
C LEU KA 493 -60.13 13.68 -15.22
N VAL KA 494 -59.55 12.63 -14.62
CA VAL KA 494 -60.36 11.58 -14.00
C VAL KA 494 -59.82 11.23 -12.61
N PRO KA 495 -60.19 11.97 -11.57
CA PRO KA 495 -59.87 11.52 -10.21
C PRO KA 495 -60.61 10.22 -9.89
N ALA KA 496 -59.99 9.41 -9.03
CA ALA KA 496 -60.53 8.10 -8.68
C ALA KA 496 -60.44 7.93 -7.17
N LEU KA 497 -61.60 7.92 -6.50
CA LEU KA 497 -61.62 7.67 -5.07
C LEU KA 497 -61.35 6.20 -4.76
N PHE KA 498 -61.89 5.30 -5.57
CA PHE KA 498 -61.66 3.87 -5.40
C PHE KA 498 -60.27 3.50 -5.91
N ASP KA 499 -59.82 2.31 -5.51
CA ASP KA 499 -58.53 1.78 -5.91
C ASP KA 499 -58.68 0.37 -6.43
N ASN KA 500 -57.82 0.01 -7.37
CA ASN KA 500 -57.87 -1.31 -8.00
C ASN KA 500 -59.26 -1.59 -8.56
N CYS LA 3 -43.35 -6.88 -71.44
CA CYS LA 3 -42.60 -7.82 -70.61
C CYS LA 3 -42.33 -7.21 -69.24
N ASN LA 4 -43.05 -7.71 -68.22
CA ASN LA 4 -42.96 -7.17 -66.87
C ASN LA 4 -42.46 -8.16 -65.83
N LYS LA 5 -42.48 -9.46 -66.11
CA LYS LA 5 -42.03 -10.46 -65.16
C LYS LA 5 -40.59 -10.90 -65.41
N GLN LA 6 -39.85 -10.16 -66.22
CA GLN LA 6 -38.45 -10.49 -66.49
C GLN LA 6 -37.56 -9.84 -65.44
N ASN LA 7 -36.72 -10.65 -64.81
CA ASN LA 7 -35.82 -10.20 -63.75
C ASN LA 7 -34.48 -9.85 -64.38
N GLY LA 8 -34.18 -8.56 -64.47
CA GLY LA 8 -32.93 -8.12 -65.07
C GLY LA 8 -32.74 -6.63 -64.89
N VAL LA 9 -31.56 -6.17 -65.29
CA VAL LA 9 -31.18 -4.77 -65.18
C VAL LA 9 -31.21 -4.15 -66.57
N LYS LA 10 -31.66 -2.90 -66.64
CA LYS LA 10 -31.85 -2.19 -67.91
C LYS LA 10 -30.83 -1.10 -68.13
N ASN LA 11 -30.69 -0.16 -67.19
CA ASN LA 11 -29.75 0.94 -67.30
C ASN LA 11 -28.99 1.10 -66.00
N ILE LA 12 -27.71 1.46 -66.12
CA ILE LA 12 -26.86 1.77 -64.97
C ILE LA 12 -26.18 3.09 -65.27
N LEU LA 13 -26.42 4.10 -64.42
CA LEU LA 13 -25.84 5.42 -64.58
C LEU LA 13 -25.01 5.76 -63.35
N ILE LA 14 -23.80 6.27 -63.57
CA ILE LA 14 -22.89 6.62 -62.49
C ILE LA 14 -22.36 8.03 -62.75
N THR LA 15 -22.03 8.72 -61.67
CA THR LA 15 -21.58 10.12 -61.73
C THR LA 15 -20.47 10.29 -60.71
N PHE LA 16 -19.22 10.29 -61.18
CA PHE LA 16 -18.07 10.40 -60.29
C PHE LA 16 -17.85 11.84 -59.88
N THR LA 17 -17.07 12.02 -58.81
CA THR LA 17 -16.69 13.35 -58.34
C THR LA 17 -15.33 13.22 -57.67
N HIS LA 18 -14.27 13.58 -58.40
CA HIS LA 18 -12.93 13.48 -57.87
C HIS LA 18 -12.77 14.37 -56.65
N CYS LA 19 -12.49 13.75 -55.51
CA CYS LA 19 -12.37 14.51 -54.27
C CYS LA 19 -11.17 15.46 -54.30
N ASP LA 20 -10.06 15.02 -54.87
CA ASP LA 20 -8.82 15.78 -54.82
C ASP LA 20 -8.82 16.99 -55.74
N THR LA 21 -9.72 17.04 -56.73
CA THR LA 21 -9.73 18.14 -57.67
C THR LA 21 -11.12 18.69 -57.96
N GLY LA 22 -12.18 18.09 -57.43
CA GLY LA 22 -13.51 18.63 -57.62
C GLY LA 22 -14.12 18.42 -58.99
N GLU LA 23 -13.47 17.63 -59.85
CA GLU LA 23 -14.02 17.37 -61.17
C GLU LA 23 -15.29 16.53 -61.07
N VAL LA 24 -16.20 16.78 -62.00
CA VAL LA 24 -17.47 16.05 -62.07
C VAL LA 24 -17.65 15.53 -63.49
N ILE LA 25 -18.04 14.26 -63.61
CA ILE LA 25 -18.26 13.59 -64.89
C ILE LA 25 -19.73 13.25 -64.99
N GLY LA 26 -20.34 13.59 -66.13
CA GLY LA 26 -21.76 13.42 -66.32
C GLY LA 26 -22.21 12.00 -66.06
N PRO LA 27 -23.53 11.77 -66.05
CA PRO LA 27 -24.05 10.44 -65.74
C PRO LA 27 -23.81 9.44 -66.85
N ILE LA 28 -22.58 8.89 -66.92
CA ILE LA 28 -22.25 7.92 -67.94
C ILE LA 28 -23.02 6.64 -67.72
N SER LA 29 -23.31 5.93 -68.81
CA SER LA 29 -23.97 4.64 -68.76
C SER LA 29 -22.94 3.51 -68.71
N HIS LA 30 -23.36 2.36 -68.18
CA HIS LA 30 -22.47 1.24 -67.98
C HIS LA 30 -23.17 -0.06 -68.36
N GLU LA 31 -22.37 -1.12 -68.48
CA GLU LA 31 -22.87 -2.45 -68.76
C GLU LA 31 -22.24 -3.44 -67.78
N GLN LA 32 -22.96 -4.54 -67.51
CA GLN LA 32 -22.51 -5.45 -66.47
C GLN LA 32 -21.62 -6.55 -67.05
N PRO LA 33 -20.72 -7.12 -66.24
CA PRO LA 33 -19.70 -8.02 -66.80
C PRO LA 33 -20.15 -9.47 -66.96
N ASP LA 34 -21.10 -9.91 -66.15
CA ASP LA 34 -21.48 -11.32 -66.13
C ASP LA 34 -22.97 -11.41 -65.81
N ASP LA 35 -23.43 -12.61 -65.45
CA ASP LA 35 -24.84 -12.88 -65.26
C ASP LA 35 -25.35 -12.55 -63.86
N THR LA 36 -24.47 -12.09 -62.96
CA THR LA 36 -24.91 -11.73 -61.62
C THR LA 36 -25.68 -10.42 -61.65
N LEU LA 37 -26.45 -10.17 -60.60
CA LEU LA 37 -27.25 -8.97 -60.44
C LEU LA 37 -26.85 -8.24 -59.17
N PRO LA 38 -27.09 -6.93 -59.11
CA PRO LA 38 -26.83 -6.20 -57.86
C PRO LA 38 -27.77 -6.63 -56.74
N THR LA 39 -27.34 -6.38 -55.52
CA THR LA 39 -28.10 -6.71 -54.33
C THR LA 39 -28.16 -5.47 -53.45
N TYR LA 40 -29.25 -5.35 -52.67
CA TYR LA 40 -29.56 -4.11 -51.98
C TYR LA 40 -29.94 -4.39 -50.54
N LYS LA 41 -29.84 -3.35 -49.72
CA LYS LA 41 -30.29 -3.40 -48.33
C LYS LA 41 -30.68 -1.98 -47.94
N THR LA 42 -31.98 -1.73 -47.78
CA THR LA 42 -32.48 -0.37 -47.61
C THR LA 42 -33.01 -0.08 -46.21
N CYS LA 43 -32.87 -1.01 -45.26
CA CYS LA 43 -33.33 -0.79 -43.90
C CYS LA 43 -32.13 -0.38 -43.05
N ALA LA 44 -32.19 0.83 -42.49
CA ALA LA 44 -31.03 1.38 -41.79
C ALA LA 44 -30.72 0.60 -40.52
N TRP LA 45 -31.73 0.39 -39.67
CA TRP LA 45 -31.51 -0.28 -38.40
C TRP LA 45 -31.47 -1.79 -38.56
N THR LA 46 -30.77 -2.44 -37.64
CA THR LA 46 -30.58 -3.89 -37.67
C THR LA 46 -31.04 -4.49 -36.35
N ASN LA 47 -31.61 -5.69 -36.43
CA ASN LA 47 -32.15 -6.38 -35.28
C ASN LA 47 -31.22 -7.49 -34.83
N THR LA 48 -31.32 -7.85 -33.55
CA THR LA 48 -30.59 -8.98 -32.98
C THR LA 48 -31.55 -9.75 -32.09
N ALA LA 49 -31.28 -11.05 -31.94
CA ALA LA 49 -32.19 -11.95 -31.25
C ALA LA 49 -31.83 -12.03 -29.77
N LEU LA 50 -32.74 -11.57 -28.92
CA LEU LA 50 -32.63 -11.76 -27.48
C LEU LA 50 -33.38 -13.03 -27.09
N THR LA 51 -33.58 -13.24 -25.79
CA THR LA 51 -34.29 -14.41 -25.29
C THR LA 51 -35.79 -14.11 -25.16
N ASN LA 52 -36.60 -15.08 -25.57
CA ASN LA 52 -38.05 -15.01 -25.38
C ASN LA 52 -38.70 -13.98 -26.29
N GLY LA 53 -38.19 -13.84 -27.51
CA GLY LA 53 -38.84 -13.04 -28.53
C GLY LA 53 -38.43 -11.58 -28.60
N ALA LA 54 -37.63 -11.10 -27.65
CA ALA LA 54 -37.20 -9.71 -27.69
C ALA LA 54 -36.14 -9.53 -28.76
N VAL LA 55 -35.71 -8.29 -28.97
CA VAL LA 55 -34.73 -7.97 -29.99
C VAL LA 55 -33.98 -6.71 -29.59
N MET LA 56 -32.69 -6.69 -29.92
CA MET LA 56 -31.85 -5.51 -29.77
C MET LA 56 -31.72 -4.84 -31.14
N ARG LA 57 -31.70 -3.50 -31.13
CA ARG LA 57 -31.72 -2.72 -32.36
C ARG LA 57 -30.44 -1.91 -32.44
N SER LA 58 -29.73 -2.01 -33.57
CA SER LA 58 -28.44 -1.38 -33.75
C SER LA 58 -28.46 -0.50 -34.99
N ALA LA 59 -27.41 0.31 -35.15
CA ALA LA 59 -27.41 1.39 -36.14
C ALA LA 59 -27.28 0.88 -37.57
N SER LA 60 -26.15 0.24 -37.89
CA SER LA 60 -25.93 -0.27 -39.24
C SER LA 60 -26.05 0.84 -40.29
N ASN LA 61 -26.02 0.47 -41.56
CA ASN LA 61 -26.09 1.43 -42.66
C ASN LA 61 -26.94 0.84 -43.78
N ALA LA 62 -26.98 1.55 -44.90
CA ALA LA 62 -27.65 1.10 -46.12
C ALA LA 62 -26.58 0.78 -47.15
N THR LA 63 -26.62 -0.43 -47.70
CA THR LA 63 -25.53 -0.96 -48.51
C THR LA 63 -25.98 -1.22 -49.93
N MET LA 64 -25.01 -1.28 -50.83
CA MET LA 64 -25.23 -1.57 -52.23
C MET LA 64 -24.09 -2.45 -52.73
N THR LA 65 -24.34 -3.15 -53.84
CA THR LA 65 -23.32 -3.98 -54.48
C THR LA 65 -23.53 -3.90 -55.98
N LEU LA 66 -22.61 -3.26 -56.69
CA LEU LA 66 -22.77 -2.92 -58.09
C LEU LA 66 -21.61 -3.47 -58.92
N PRO LA 67 -21.77 -4.66 -59.49
CA PRO LA 67 -20.75 -5.16 -60.44
C PRO LA 67 -21.00 -4.58 -61.83
N VAL LA 68 -20.03 -3.82 -62.33
CA VAL LA 68 -20.16 -3.12 -63.60
C VAL LA 68 -18.84 -3.15 -64.35
N VAL LA 69 -18.93 -3.21 -65.68
CA VAL LA 69 -17.74 -3.18 -66.52
C VAL LA 69 -17.14 -1.78 -66.49
N ARG LA 70 -15.82 -1.72 -66.33
CA ARG LA 70 -15.13 -0.44 -66.27
C ARG LA 70 -15.23 0.28 -67.60
N ASP LA 71 -15.46 1.59 -67.55
CA ASP LA 71 -15.48 2.40 -68.76
C ASP LA 71 -14.05 2.72 -69.17
N PRO LA 72 -13.65 2.46 -70.42
CA PRO LA 72 -12.24 2.64 -70.81
C PRO LA 72 -11.78 4.08 -70.86
N ARG LA 73 -12.62 5.05 -70.53
CA ARG LA 73 -12.25 6.46 -70.53
C ARG LA 73 -12.18 7.05 -69.12
N VAL LA 74 -12.17 6.20 -68.09
CA VAL LA 74 -12.11 6.68 -66.71
C VAL LA 74 -11.02 5.91 -65.99
N PRO LA 75 -10.14 6.57 -65.23
CA PRO LA 75 -9.07 5.84 -64.54
C PRO LA 75 -9.64 4.79 -63.59
N LEU LA 76 -8.92 3.67 -63.48
CA LEU LA 76 -9.36 2.59 -62.62
C LEU LA 76 -9.42 3.03 -61.15
N ALA LA 77 -8.62 4.03 -60.77
CA ALA LA 77 -8.61 4.47 -59.38
C ALA LA 77 -9.96 5.02 -58.96
N TRP LA 78 -10.62 5.76 -59.86
CA TRP LA 78 -11.91 6.36 -59.51
C TRP LA 78 -12.92 5.30 -59.09
N TYR LA 79 -12.93 4.15 -59.78
CA TYR LA 79 -13.87 3.10 -59.43
C TYR LA 79 -13.60 2.52 -58.05
N GLN LA 80 -12.39 2.65 -57.53
CA GLN LA 80 -12.08 2.27 -56.16
C GLN LA 80 -12.26 3.48 -55.26
N GLY LA 81 -11.82 3.38 -54.01
CA GLY LA 81 -12.14 4.40 -53.03
C GLY LA 81 -11.37 5.70 -53.17
N CYS LA 82 -11.31 6.26 -54.38
CA CYS LA 82 -10.68 7.55 -54.63
C CYS LA 82 -11.65 8.52 -55.31
N ALA LA 83 -12.95 8.35 -55.10
CA ALA LA 83 -13.93 9.26 -55.68
C ALA LA 83 -15.34 8.98 -55.18
N GLN LA 84 -16.16 10.01 -55.08
CA GLN LA 84 -17.56 9.84 -54.73
C GLN LA 84 -18.31 9.18 -55.89
N ILE LA 85 -19.47 8.60 -55.57
CA ILE LA 85 -20.27 7.88 -56.56
C ILE LA 85 -21.73 8.24 -56.37
N ASP LA 86 -22.45 8.37 -57.50
CA ASP LA 86 -23.89 8.56 -57.50
C ASP LA 86 -24.47 7.63 -58.56
N ALA LA 87 -25.21 6.62 -58.13
CA ALA LA 87 -25.62 5.53 -59.01
C ALA LA 87 -27.14 5.44 -59.11
N GLN LA 88 -27.60 4.86 -60.22
CA GLN LA 88 -29.01 4.58 -60.43
C GLN LA 88 -29.12 3.30 -61.24
N VAL LA 89 -30.04 2.43 -60.83
CA VAL LA 89 -30.26 1.14 -61.49
C VAL LA 89 -31.75 1.03 -61.80
N GLU LA 90 -32.06 0.68 -63.05
CA GLU LA 90 -33.44 0.59 -63.51
C GLU LA 90 -33.69 -0.84 -63.99
N LYS LA 91 -34.50 -1.59 -63.24
CA LYS LA 91 -34.84 -2.95 -63.62
C LYS LA 91 -35.87 -2.94 -64.74
N PHE LA 92 -36.05 -4.12 -65.36
CA PHE LA 92 -36.97 -4.23 -66.49
C PHE LA 92 -38.41 -3.95 -66.07
N ASP LA 93 -38.81 -4.45 -64.89
CA ASP LA 93 -40.19 -4.29 -64.47
C ASP LA 93 -40.55 -2.82 -64.30
N GLY LA 94 -39.62 -2.02 -63.80
CA GLY LA 94 -39.86 -0.59 -63.65
C GLY LA 94 -39.25 0.00 -62.40
N THR LA 95 -38.91 -0.84 -61.43
CA THR LA 95 -38.33 -0.35 -60.19
C THR LA 95 -37.06 0.44 -60.46
N VAL LA 96 -36.95 1.61 -59.85
CA VAL LA 96 -35.79 2.48 -59.97
C VAL LA 96 -35.27 2.78 -58.58
N MET LA 97 -33.97 2.57 -58.37
CA MET LA 97 -33.34 2.75 -57.06
C MET LA 97 -32.15 3.68 -57.21
N THR LA 98 -32.14 4.74 -56.42
CA THR LA 98 -31.15 5.82 -56.52
C THR LA 98 -30.32 5.88 -55.25
N LEU LA 99 -29.07 6.33 -55.40
CA LEU LA 99 -28.16 6.48 -54.28
C LEU LA 99 -27.25 7.68 -54.55
N THR LA 100 -27.05 8.50 -53.53
CA THR LA 100 -26.23 9.70 -53.64
C THR LA 100 -25.28 9.78 -52.46
N GLU LA 101 -24.10 10.37 -52.72
CA GLU LA 101 -23.06 10.55 -51.70
C GLU LA 101 -22.58 9.20 -51.16
N GLY LA 102 -22.54 8.18 -52.00
CA GLY LA 102 -22.01 6.90 -51.58
C GLY LA 102 -20.49 6.88 -51.59
N ALA LA 103 -19.93 5.93 -50.84
CA ALA LA 103 -18.51 5.73 -50.75
C ALA LA 103 -18.18 4.26 -50.91
N VAL LA 104 -17.04 3.97 -51.52
CA VAL LA 104 -16.59 2.61 -51.74
C VAL LA 104 -15.79 2.17 -50.52
N THR LA 105 -15.94 0.89 -50.15
CA THR LA 105 -15.30 0.35 -48.96
C THR LA 105 -14.54 -0.92 -49.30
N GLU LA 106 -13.33 -1.05 -48.76
CA GLU LA 106 -12.52 -2.25 -48.87
C GLU LA 106 -12.45 -2.75 -50.32
N PRO LA 107 -11.87 -1.97 -51.23
CA PRO LA 107 -11.74 -2.42 -52.62
C PRO LA 107 -10.81 -3.62 -52.72
N GLU LA 108 -11.09 -4.48 -53.69
CA GLU LA 108 -10.26 -5.63 -53.99
C GLU LA 108 -9.62 -5.47 -55.36
N GLU LA 109 -8.60 -6.27 -55.62
CA GLU LA 109 -7.85 -6.17 -56.87
C GLU LA 109 -8.74 -6.56 -58.04
N SER LA 110 -8.61 -5.81 -59.13
CA SER LA 110 -9.38 -6.05 -60.35
C SER LA 110 -8.44 -6.12 -61.54
N ASP LA 111 -8.71 -7.07 -62.44
CA ASP LA 111 -7.81 -7.31 -63.57
C ASP LA 111 -7.79 -6.15 -64.55
N GLY LA 112 -8.81 -5.29 -64.56
CA GLY LA 112 -8.83 -4.15 -65.45
C GLY LA 112 -10.16 -3.94 -66.14
N ARG LA 113 -11.00 -4.97 -66.17
CA ARG LA 113 -12.32 -4.89 -66.79
C ARG LA 113 -13.45 -5.03 -65.80
N ALA LA 114 -13.45 -6.09 -64.98
CA ALA LA 114 -14.54 -6.35 -64.06
C ALA LA 114 -14.26 -5.68 -62.72
N VAL LA 115 -15.21 -4.85 -62.27
CA VAL LA 115 -15.12 -4.16 -60.99
C VAL LA 115 -16.40 -4.42 -60.22
N THR LA 116 -16.28 -4.79 -58.96
CA THR LA 116 -17.42 -5.05 -58.08
C THR LA 116 -17.36 -4.05 -56.93
N MET LA 117 -18.11 -2.97 -57.06
CA MET LA 117 -18.09 -1.91 -56.05
C MET LA 117 -19.03 -2.23 -54.91
N THR LA 118 -18.60 -1.91 -53.69
CA THR LA 118 -19.43 -2.00 -52.50
C THR LA 118 -19.64 -0.59 -51.97
N ILE LA 119 -20.88 -0.11 -52.01
CA ILE LA 119 -21.19 1.28 -51.70
C ILE LA 119 -22.05 1.33 -50.44
N ILE LA 120 -21.95 2.43 -49.71
CA ILE LA 120 -22.74 2.67 -48.51
C ILE LA 120 -23.18 4.13 -48.51
N ALA LA 121 -24.43 4.36 -48.10
CA ALA LA 121 -24.99 5.70 -48.08
C ALA LA 121 -25.96 5.80 -46.92
N ALA LA 122 -26.41 7.03 -46.64
CA ALA LA 122 -27.34 7.24 -45.54
C ALA LA 122 -28.67 6.53 -45.78
N GLU LA 123 -29.19 6.61 -47.01
CA GLU LA 123 -30.45 5.97 -47.33
C GLU LA 123 -30.53 5.77 -48.85
N ILE LA 124 -31.40 4.85 -49.25
CA ILE LA 124 -31.65 4.54 -50.66
C ILE LA 124 -33.14 4.75 -50.92
N ASP LA 125 -33.45 5.44 -52.01
CA ASP LA 125 -34.82 5.74 -52.38
C ASP LA 125 -35.27 4.79 -53.49
N GLU LA 126 -36.44 4.19 -53.31
CA GLU LA 126 -36.98 3.20 -54.24
C GLU LA 126 -38.23 3.76 -54.89
N LEU LA 127 -38.33 3.59 -56.22
CA LEU LA 127 -39.48 4.02 -56.99
C LEU LA 127 -40.18 2.78 -57.53
N LEU LA 128 -41.23 2.35 -56.83
CA LEU LA 128 -41.97 1.17 -57.25
C LEU LA 128 -42.76 1.47 -58.52
N PRO LA 129 -43.11 0.45 -59.28
CA PRO LA 129 -43.92 0.67 -60.48
C PRO LA 129 -45.27 1.26 -60.11
N PRO LA 130 -46.03 1.74 -61.10
CA PRO LA 130 -47.34 2.35 -60.78
C PRO LA 130 -48.26 1.35 -60.09
N GLY LA 131 -49.03 1.86 -59.14
CA GLY LA 131 -49.97 1.05 -58.40
C GLY LA 131 -49.47 0.52 -57.07
N SER LA 132 -48.62 1.27 -56.37
CA SER LA 132 -48.12 0.80 -55.09
C SER LA 132 -49.21 0.87 -54.03
N LEU LA 133 -48.96 0.21 -52.90
CA LEU LA 133 -49.88 0.19 -51.76
C LEU LA 133 -49.42 1.11 -50.64
N ALA LA 134 -48.18 0.94 -50.17
CA ALA LA 134 -47.67 1.79 -49.12
C ALA LA 134 -47.39 3.19 -49.65
N ALA LA 135 -47.39 4.16 -48.73
CA ALA LA 135 -47.14 5.56 -49.09
C ALA LA 135 -45.64 5.84 -49.11
N MET MA 1 30.33 19.65 -77.43
CA MET MA 1 30.73 19.79 -76.01
C MET MA 1 29.58 20.37 -75.18
N ALA MA 2 29.68 21.65 -74.82
CA ALA MA 2 28.65 22.29 -73.99
C ALA MA 2 28.52 21.50 -72.68
N GLN MA 3 27.32 21.43 -72.13
CA GLN MA 3 27.11 20.74 -70.86
C GLN MA 3 27.29 19.24 -71.04
N ASP MA 4 27.60 18.57 -69.93
CA ASP MA 4 27.98 17.15 -70.00
C ASP MA 4 26.84 16.30 -70.54
N ALA MA 5 25.61 16.56 -70.10
CA ALA MA 5 24.50 15.69 -70.48
C ALA MA 5 24.22 15.75 -71.98
N LEU MA 6 24.38 16.91 -72.60
CA LEU MA 6 24.01 17.10 -74.00
C LEU MA 6 25.20 17.03 -74.94
N SER MA 7 26.39 16.66 -74.44
CA SER MA 7 27.57 16.68 -75.28
C SER MA 7 27.58 15.52 -76.27
N ASP MA 8 27.17 14.33 -75.84
CA ASP MA 8 27.30 13.15 -76.69
C ASP MA 8 26.41 13.20 -77.91
N GLY MA 9 25.41 14.09 -77.95
CA GLY MA 9 24.58 14.24 -79.12
C GLY MA 9 23.46 13.25 -79.26
N PHE MA 10 23.18 12.45 -78.22
CA PHE MA 10 22.05 11.53 -78.29
C PHE MA 10 20.72 12.27 -78.19
N VAL MA 11 20.69 13.42 -77.52
CA VAL MA 11 19.47 14.19 -77.32
C VAL MA 11 19.68 15.59 -77.89
N ARG MA 12 18.75 16.03 -78.73
CA ARG MA 12 18.74 17.39 -79.26
C ARG MA 12 17.58 18.13 -78.59
N LEU MA 13 17.91 19.22 -77.89
CA LEU MA 13 16.96 19.92 -77.04
C LEU MA 13 16.69 21.31 -77.60
N CYS MA 14 15.41 21.67 -77.64
CA CYS MA 14 14.97 22.97 -78.12
C CYS MA 14 13.99 23.56 -77.12
N ILE MA 15 14.21 24.80 -76.72
CA ILE MA 15 13.37 25.49 -75.75
C ILE MA 15 12.79 26.72 -76.43
N ASP MA 16 11.47 26.78 -76.53
CA ASP MA 16 10.79 27.92 -77.13
C ASP MA 16 9.33 27.94 -76.69
N PRO MA 17 8.83 29.04 -76.11
CA PRO MA 17 7.44 29.08 -75.67
C PRO MA 17 6.43 29.41 -76.77
N SER MA 18 6.89 29.69 -77.98
CA SER MA 18 6.01 30.11 -79.06
C SER MA 18 5.51 28.95 -79.92
N LEU MA 19 5.90 27.72 -79.61
CA LEU MA 19 5.46 26.55 -80.36
C LEU MA 19 4.23 25.93 -79.71
N ASN MA 20 3.33 25.44 -80.55
CA ASN MA 20 2.11 24.79 -80.10
C ASN MA 20 1.99 23.41 -80.72
N PHE MA 21 1.74 22.40 -79.87
CA PHE MA 21 1.60 21.04 -80.36
C PHE MA 21 0.34 20.89 -81.20
N PHE MA 22 -0.79 21.39 -80.67
CA PHE MA 22 -2.07 21.20 -81.33
C PHE MA 22 -2.12 21.97 -82.64
N GLY MA 23 -2.80 21.38 -83.62
CA GLY MA 23 -2.98 22.05 -84.89
C GLY MA 23 -3.91 23.25 -84.78
N GLU MA 24 -3.78 24.14 -85.76
CA GLU MA 24 -4.62 25.33 -85.78
C GLU MA 24 -6.09 24.95 -85.75
N GLY MA 25 -6.86 25.67 -84.94
CA GLY MA 25 -8.27 25.39 -84.77
C GLY MA 25 -9.10 25.99 -85.88
N CYS MA 26 -10.38 26.18 -85.60
CA CYS MA 26 -11.29 26.76 -86.58
C CYS MA 26 -10.90 28.20 -86.88
N LYS MA 27 -11.34 28.68 -88.04
CA LYS MA 27 -11.01 30.01 -88.53
C LYS MA 27 -12.21 30.94 -88.41
N ILE MA 28 -11.97 32.16 -87.94
CA ILE MA 28 -12.99 33.18 -87.82
C ILE MA 28 -12.53 34.40 -88.61
N LEU MA 29 -13.42 34.93 -89.45
CA LEU MA 29 -13.13 36.06 -90.33
C LEU MA 29 -13.91 37.28 -89.83
N VAL MA 30 -13.21 38.38 -89.61
CA VAL MA 30 -13.80 39.62 -89.14
C VAL MA 30 -13.66 40.66 -90.24
N GLU MA 31 -14.72 41.43 -90.46
CA GLU MA 31 -14.80 42.37 -91.56
C GLU MA 31 -15.38 43.69 -91.07
N GLY MA 32 -14.81 44.79 -91.54
CA GLY MA 32 -15.27 46.10 -91.09
C GLY MA 32 -14.54 47.22 -91.79
N GLN MA 33 -14.62 48.41 -91.19
CA GLN MA 33 -14.03 49.61 -91.74
C GLN MA 33 -12.61 49.80 -91.20
N ILE MA 34 -11.90 50.76 -91.79
CA ILE MA 34 -10.56 51.16 -91.33
C ILE MA 34 -10.37 52.64 -91.64
N THR MA 35 -9.32 53.22 -91.07
CA THR MA 35 -8.97 54.61 -91.26
C THR MA 35 -7.78 54.72 -92.20
N ASP MA 36 -7.45 55.97 -92.55
CA ASP MA 36 -6.38 56.21 -93.52
C ASP MA 36 -5.02 55.76 -92.97
N ASP MA 37 -4.77 55.98 -91.69
CA ASP MA 37 -3.46 55.66 -91.12
C ASP MA 37 -3.15 54.17 -91.13
N ALA MA 38 -4.15 53.31 -91.35
CA ALA MA 38 -3.91 51.88 -91.40
C ALA MA 38 -2.99 51.54 -92.57
N THR MA 39 -2.03 50.65 -92.32
CA THR MA 39 -1.08 50.24 -93.34
C THR MA 39 -1.54 49.02 -94.13
N ALA MA 40 -2.52 48.27 -93.63
CA ALA MA 40 -2.96 47.07 -94.32
C ALA MA 40 -3.65 47.41 -95.63
N ALA MA 41 -3.39 46.60 -96.66
CA ALA MA 41 -4.01 46.81 -97.95
C ALA MA 41 -5.49 46.46 -97.89
N GLU MA 42 -6.28 47.17 -98.68
CA GLU MA 42 -7.71 46.98 -98.70
C GLU MA 42 -8.09 45.75 -99.53
N ASN MA 43 -9.15 45.06 -99.09
CA ASN MA 43 -9.71 43.93 -99.82
C ASN MA 43 -8.72 42.78 -99.92
N VAL MA 44 -8.00 42.50 -98.85
CA VAL MA 44 -7.07 41.39 -98.78
C VAL MA 44 -7.25 40.68 -97.45
N VAL MA 45 -7.41 39.36 -97.50
CA VAL MA 45 -7.52 38.56 -96.28
C VAL MA 45 -6.13 38.37 -95.69
N THR MA 46 -5.96 38.76 -94.43
CA THR MA 46 -4.67 38.72 -93.77
C THR MA 46 -4.80 38.05 -92.42
N CYS MA 47 -3.71 37.41 -91.98
CA CYS MA 47 -3.66 36.79 -90.68
C CYS MA 47 -3.36 37.82 -89.59
N VAL MA 48 -3.73 37.47 -88.36
CA VAL MA 48 -3.49 38.32 -87.20
C VAL MA 48 -2.84 37.48 -86.13
N ASN MA 49 -2.00 38.11 -85.31
CA ASN MA 49 -1.20 37.42 -84.30
C ASN MA 49 -1.54 37.86 -82.89
N SER MA 50 -1.59 39.16 -82.62
CA SER MA 50 -1.81 39.64 -81.26
C SER MA 50 -2.46 41.02 -81.31
N GLU MA 51 -2.97 41.44 -80.16
CA GLU MA 51 -3.63 42.74 -80.07
C GLU MA 51 -2.65 43.87 -80.36
N LEU MA 52 -1.40 43.74 -79.88
CA LEU MA 52 -0.41 44.78 -80.10
C LEU MA 52 -0.16 45.05 -81.58
N ASP MA 53 -0.43 44.06 -82.45
CA ASP MA 53 -0.29 44.27 -83.88
C ASP MA 53 -1.39 45.15 -84.46
N LEU MA 54 -2.44 45.43 -83.69
CA LEU MA 54 -3.51 46.30 -84.16
C LEU MA 54 -3.02 47.75 -84.14
N VAL MA 55 -3.94 48.69 -84.37
CA VAL MA 55 -3.60 50.12 -84.39
C VAL MA 55 -2.73 50.39 -85.61
N GLU MA 56 -1.51 49.87 -85.61
CA GLU MA 56 -0.59 50.09 -86.72
C GLU MA 56 -1.16 49.51 -88.01
N ARG MA 57 -1.72 48.30 -87.94
CA ARG MA 57 -2.15 47.59 -89.14
C ARG MA 57 -3.56 47.98 -89.58
N PHE MA 58 -4.43 48.41 -88.67
CA PHE MA 58 -5.81 48.73 -89.00
C PHE MA 58 -6.22 50.10 -88.49
N GLY MA 59 -5.26 51.00 -88.26
CA GLY MA 59 -5.58 52.35 -87.84
C GLY MA 59 -6.04 52.39 -86.39
N GLN MA 60 -6.27 53.61 -85.92
CA GLN MA 60 -6.65 53.86 -84.53
C GLN MA 60 -8.14 54.16 -84.45
N GLY MA 61 -8.83 53.49 -83.53
CA GLY MA 61 -10.23 53.77 -83.31
C GLY MA 61 -11.15 53.36 -84.43
N SER MA 62 -10.69 52.52 -85.35
CA SER MA 62 -11.54 52.05 -86.43
C SER MA 62 -12.50 50.97 -85.92
N VAL MA 63 -13.53 50.70 -86.72
CA VAL MA 63 -14.49 49.67 -86.36
C VAL MA 63 -13.82 48.32 -86.31
N LEU MA 64 -12.90 48.05 -87.24
CA LEU MA 64 -12.28 46.73 -87.31
C LEU MA 64 -11.45 46.44 -86.07
N THR MA 65 -10.69 47.43 -85.59
CA THR MA 65 -9.83 47.19 -84.44
C THR MA 65 -10.64 46.83 -83.21
N GLU MA 66 -11.72 47.56 -82.95
CA GLU MA 66 -12.53 47.28 -81.76
C GLU MA 66 -13.15 45.88 -81.84
N SER MA 67 -13.65 45.50 -83.01
CA SER MA 67 -14.22 44.16 -83.16
C SER MA 67 -13.15 43.09 -82.90
N LEU MA 68 -11.94 43.30 -83.41
CA LEU MA 68 -10.88 42.32 -83.19
C LEU MA 68 -10.46 42.28 -81.73
N ARG MA 69 -10.48 43.42 -81.04
CA ARG MA 69 -10.09 43.44 -79.63
C ARG MA 69 -10.96 42.52 -78.80
N LYS MA 70 -12.28 42.59 -79.00
CA LYS MA 70 -13.18 41.72 -78.24
C LYS MA 70 -12.97 40.26 -78.63
N VAL MA 71 -12.77 39.98 -79.92
CA VAL MA 71 -12.58 38.61 -80.35
C VAL MA 71 -11.39 37.98 -79.63
N PHE MA 72 -10.28 38.71 -79.56
CA PHE MA 72 -9.12 38.20 -78.84
C PHE MA 72 -9.42 38.05 -77.36
N CYS MA 73 -10.20 38.98 -76.79
CA CYS MA 73 -10.47 38.95 -75.36
C CYS MA 73 -11.39 37.79 -74.97
N MET MA 74 -12.18 37.28 -75.91
CA MET MA 74 -13.10 36.17 -75.61
C MET MA 74 -12.49 34.80 -75.90
N CYS MA 75 -11.66 34.69 -76.94
CA CYS MA 75 -11.03 33.43 -77.32
C CYS MA 75 -9.56 33.50 -76.93
N LYS MA 76 -9.14 32.61 -76.02
CA LYS MA 76 -7.79 32.59 -75.52
C LYS MA 76 -6.93 31.48 -76.12
N SER MA 77 -7.55 30.49 -76.76
CA SER MA 77 -6.80 29.41 -77.39
C SER MA 77 -7.71 28.68 -78.36
N GLY MA 78 -7.10 27.92 -79.26
CA GLY MA 78 -7.86 27.17 -80.25
C GLY MA 78 -8.60 28.03 -81.24
N VAL MA 79 -7.98 29.11 -81.72
CA VAL MA 79 -8.63 30.04 -82.65
C VAL MA 79 -7.56 30.62 -83.56
N SER MA 80 -7.93 30.83 -84.82
CA SER MA 80 -7.07 31.48 -85.81
C SER MA 80 -7.87 32.61 -86.45
N VAL MA 81 -7.54 33.84 -86.12
CA VAL MA 81 -8.31 35.00 -86.55
C VAL MA 81 -7.83 35.44 -87.93
N TYR MA 82 -8.74 36.05 -88.69
CA TYR MA 82 -8.43 36.64 -89.98
C TYR MA 82 -9.24 37.93 -90.13
N ALA MA 83 -8.73 38.84 -90.95
CA ALA MA 83 -9.35 40.14 -91.14
C ALA MA 83 -9.49 40.43 -92.63
N LEU MA 84 -10.57 41.15 -92.97
CA LEU MA 84 -10.86 41.56 -94.34
C LEU MA 84 -11.18 43.05 -94.33
N PRO MA 85 -10.17 43.90 -94.19
CA PRO MA 85 -10.45 45.33 -94.06
C PRO MA 85 -11.14 45.91 -95.29
N ARG MA 86 -12.00 46.89 -95.06
CA ARG MA 86 -12.71 47.60 -96.11
C ARG MA 86 -12.58 49.09 -95.87
N ALA MA 87 -12.65 49.86 -96.95
CA ALA MA 87 -12.47 51.30 -96.90
C ALA MA 87 -13.81 52.03 -96.96
N ASP MA 88 -13.78 53.27 -96.49
CA ASP MA 88 -14.99 54.09 -96.47
C ASP MA 88 -15.39 54.48 -97.89
N ALA MA 89 -16.68 54.77 -98.06
CA ALA MA 89 -17.17 55.27 -99.33
C ALA MA 89 -16.63 56.68 -99.58
N ALA MA 90 -16.55 57.04 -100.86
CA ALA MA 90 -15.99 58.33 -101.23
C ALA MA 90 -16.82 59.48 -100.68
N ALA MA 91 -18.15 59.37 -100.76
CA ALA MA 91 -19.06 60.44 -100.38
C ALA MA 91 -19.66 60.22 -98.99
N ALA MA 92 -18.89 59.64 -98.07
CA ALA MA 92 -19.40 59.39 -96.73
C ALA MA 92 -19.49 60.69 -95.93
N VAL MA 93 -20.45 60.72 -95.02
CA VAL MA 93 -20.65 61.85 -94.12
C VAL MA 93 -20.53 61.34 -92.69
N SER MA 94 -19.61 61.92 -91.93
CA SER MA 94 -19.36 61.48 -90.56
C SER MA 94 -20.39 62.07 -89.61
N ALA MA 95 -20.86 61.25 -88.68
CA ALA MA 95 -21.83 61.70 -87.69
C ALA MA 95 -21.18 62.66 -86.70
N VAL MA 96 -22.00 63.52 -86.11
CA VAL MA 96 -21.55 64.52 -85.15
C VAL MA 96 -22.45 64.47 -83.93
N TYR MA 97 -21.84 64.44 -82.75
CA TYR MA 97 -22.57 64.41 -81.49
C TYR MA 97 -22.10 65.55 -80.61
N THR MA 98 -23.04 66.15 -79.87
CA THR MA 98 -22.76 67.30 -79.02
C THR MA 98 -23.08 66.96 -77.57
N LEU MA 99 -22.14 67.28 -76.68
CA LEU MA 99 -22.33 67.11 -75.24
C LEU MA 99 -22.03 68.44 -74.58
N THR MA 100 -23.02 69.00 -73.88
CA THR MA 100 -22.92 70.33 -73.31
C THR MA 100 -22.96 70.26 -71.79
N VAL MA 101 -22.18 71.14 -71.14
CA VAL MA 101 -22.14 71.26 -69.70
C VAL MA 101 -22.69 72.64 -69.34
N THR MA 102 -23.62 72.68 -68.39
CA THR MA 102 -24.29 73.91 -67.99
C THR MA 102 -24.08 74.14 -66.49
N GLY MA 103 -24.41 75.35 -66.06
CA GLY MA 103 -24.30 75.70 -64.65
C GLY MA 103 -22.86 75.92 -64.24
N THR MA 104 -22.67 75.96 -62.92
CA THR MA 104 -21.34 76.14 -62.34
C THR MA 104 -21.26 75.34 -61.05
N ALA MA 105 -20.10 74.75 -60.80
CA ALA MA 105 -19.91 73.93 -59.61
C ALA MA 105 -19.97 74.80 -58.35
N LEU MA 106 -20.60 74.27 -57.31
CA LEU MA 106 -20.65 74.93 -56.02
C LEU MA 106 -20.35 74.02 -54.85
N THR MA 107 -20.37 72.70 -55.03
CA THR MA 107 -19.95 71.74 -54.02
C THR MA 107 -19.08 70.69 -54.68
N ASP MA 108 -18.01 70.31 -54.01
CA ASP MA 108 -17.09 69.32 -54.58
C ASP MA 108 -17.78 67.97 -54.71
N GLY MA 109 -17.40 67.24 -55.76
CA GLY MA 109 -18.00 65.95 -56.01
C GLY MA 109 -17.30 65.24 -57.14
N ARG MA 110 -17.90 64.14 -57.59
CA ARG MA 110 -17.37 63.34 -58.67
C ARG MA 110 -18.44 63.12 -59.74
N VAL MA 111 -17.98 63.03 -60.99
CA VAL MA 111 -18.84 62.73 -62.13
C VAL MA 111 -18.13 61.73 -63.02
N GLN MA 112 -18.81 60.65 -63.37
CA GLN MA 112 -18.25 59.63 -64.25
C GLN MA 112 -19.29 59.30 -65.32
N LEU MA 113 -18.84 59.24 -66.57
CA LEU MA 113 -19.71 59.01 -67.71
C LEU MA 113 -19.40 57.66 -68.34
N TYR MA 114 -20.45 57.01 -68.84
CA TYR MA 114 -20.35 55.72 -69.51
C TYR MA 114 -20.54 55.95 -71.00
N MET MA 115 -19.46 55.78 -71.78
CA MET MA 115 -19.45 56.10 -73.20
C MET MA 115 -19.37 54.80 -73.98
N GLY MA 116 -20.53 54.24 -74.32
CA GLY MA 116 -20.60 53.07 -75.16
C GLY MA 116 -20.27 51.78 -74.44
N GLU MA 117 -18.99 51.61 -74.07
CA GLU MA 117 -18.53 50.39 -73.44
C GLU MA 117 -17.68 50.74 -72.23
N ALA MA 118 -17.54 49.77 -71.32
CA ALA MA 118 -16.85 50.02 -70.07
C ALA MA 118 -15.41 50.48 -70.30
N GLU MA 119 -14.71 49.83 -71.23
CA GLU MA 119 -13.30 50.17 -71.46
C GLU MA 119 -13.12 51.65 -71.76
N TYR MA 120 -14.07 52.26 -72.46
CA TYR MA 120 -13.98 53.67 -72.83
C TYR MA 120 -14.65 54.59 -71.83
N SER MA 121 -15.21 54.05 -70.75
CA SER MA 121 -15.79 54.89 -69.71
C SER MA 121 -14.70 55.68 -69.00
N LEU MA 122 -15.09 56.80 -68.41
CA LEU MA 122 -14.15 57.70 -67.76
C LEU MA 122 -14.74 58.20 -66.45
N ASP MA 123 -13.86 58.52 -65.51
CA ASP MA 123 -14.24 59.09 -64.23
C ASP MA 123 -13.43 60.37 -64.00
N ILE MA 124 -14.12 61.46 -63.74
CA ILE MA 124 -13.48 62.76 -63.51
C ILE MA 124 -14.15 63.44 -62.33
N GLY MA 125 -13.34 64.01 -61.43
CA GLY MA 125 -13.87 64.68 -60.27
C GLY MA 125 -13.56 66.16 -60.24
N VAL MA 126 -14.59 67.00 -60.19
CA VAL MA 126 -14.40 68.44 -60.09
C VAL MA 126 -13.85 68.74 -58.70
N ASP MA 127 -12.60 69.22 -58.65
CA ASP MA 127 -11.88 69.39 -57.40
C ASP MA 127 -12.19 70.71 -56.69
N GLU MA 128 -12.87 71.65 -57.35
CA GLU MA 128 -13.10 72.96 -56.79
C GLU MA 128 -14.53 73.41 -57.08
N GLY MA 129 -15.13 74.09 -56.11
CA GLY MA 129 -16.37 74.78 -56.36
C GLY MA 129 -16.14 76.04 -57.18
N ASP MA 130 -17.24 76.63 -57.64
CA ASP MA 130 -17.23 77.84 -58.46
C ASP MA 130 -16.52 77.63 -59.78
N THR MA 131 -16.23 76.39 -60.16
CA THR MA 131 -15.60 76.13 -61.45
C THR MA 131 -16.64 76.25 -62.55
N PRO MA 132 -16.45 77.16 -63.52
CA PRO MA 132 -17.48 77.32 -64.56
C PRO MA 132 -17.52 76.14 -65.51
N THR MA 133 -18.38 76.22 -66.53
CA THR MA 133 -18.47 75.14 -67.51
C THR MA 133 -17.16 74.90 -68.23
N GLN MA 134 -16.26 75.90 -68.28
CA GLN MA 134 -15.02 75.76 -69.03
C GLN MA 134 -13.89 75.17 -68.21
N ILE MA 135 -13.87 75.38 -66.90
CA ILE MA 135 -12.94 74.63 -66.07
C ILE MA 135 -13.28 73.15 -66.11
N ALA MA 136 -14.57 72.84 -66.20
CA ALA MA 136 -15.02 71.52 -66.59
C ALA MA 136 -14.72 71.36 -68.08
N ALA MA 137 -15.20 70.27 -68.68
CA ALA MA 137 -14.80 69.88 -70.02
C ALA MA 137 -13.34 69.42 -70.07
N LYS MA 138 -12.75 69.17 -68.91
CA LYS MA 138 -11.49 68.46 -68.81
C LYS MA 138 -11.63 67.00 -69.23
N ILE MA 139 -12.85 66.55 -69.53
CA ILE MA 139 -13.08 65.20 -70.03
C ILE MA 139 -12.23 64.96 -71.28
N VAL MA 140 -12.14 65.94 -72.16
CA VAL MA 140 -11.37 65.79 -73.39
C VAL MA 140 -9.95 65.36 -73.09
N ALA MA 141 -9.41 65.69 -71.91
CA ALA MA 141 -8.12 65.21 -71.50
C ALA MA 141 -8.16 63.79 -70.95
N ALA MA 142 -9.35 63.25 -70.69
CA ALA MA 142 -9.51 61.91 -70.14
C ALA MA 142 -10.07 60.91 -71.14
N ILE MA 143 -10.69 61.37 -72.22
CA ILE MA 143 -11.23 60.44 -73.22
C ILE MA 143 -10.11 59.57 -73.74
N SER MA 144 -10.36 58.26 -73.78
CA SER MA 144 -9.31 57.33 -74.17
C SER MA 144 -8.93 57.57 -75.64
N PRO MA 145 -7.65 57.46 -75.99
CA PRO MA 145 -7.27 57.67 -77.39
C PRO MA 145 -7.95 56.71 -78.35
N ASP MA 146 -8.24 55.49 -77.93
CA ASP MA 146 -8.83 54.48 -78.80
C ASP MA 146 -10.33 54.65 -78.97
N PHE MA 147 -10.92 55.69 -78.39
CA PHE MA 147 -12.35 55.91 -78.57
C PHE MA 147 -12.64 56.16 -80.06
N PRO MA 148 -13.69 55.55 -80.62
CA PRO MA 148 -13.95 55.72 -82.05
C PRO MA 148 -14.35 57.12 -82.46
N TYR MA 149 -14.41 58.09 -81.55
CA TYR MA 149 -14.84 59.44 -81.85
C TYR MA 149 -13.76 60.44 -81.42
N GLU MA 150 -13.81 61.62 -82.02
CA GLU MA 150 -12.85 62.68 -81.78
C GLU MA 150 -13.43 63.72 -80.85
N ALA MA 151 -12.60 64.25 -79.95
CA ALA MA 151 -13.00 65.27 -79.00
C ALA MA 151 -12.54 66.64 -79.48
N THR MA 152 -13.46 67.60 -79.54
CA THR MA 152 -13.16 68.93 -80.04
C THR MA 152 -12.78 69.91 -78.93
N ALA MA 153 -13.45 69.83 -77.79
CA ALA MA 153 -13.16 70.69 -76.65
C ALA MA 153 -13.38 72.17 -77.01
N ALA MA 154 -14.63 72.50 -77.34
CA ALA MA 154 -15.02 73.88 -77.60
C ALA MA 154 -15.25 74.58 -76.27
N ALA MA 155 -15.82 75.79 -76.32
CA ALA MA 155 -16.01 76.62 -75.13
C ALA MA 155 -17.31 76.21 -74.44
N GLY MA 156 -17.20 75.30 -73.47
CA GLY MA 156 -18.33 74.87 -72.68
C GLY MA 156 -19.05 73.65 -73.21
N VAL MA 157 -18.86 73.31 -74.48
CA VAL MA 157 -19.50 72.16 -75.10
C VAL MA 157 -18.44 71.39 -75.87
N ILE MA 158 -18.53 70.05 -75.83
CA ILE MA 158 -17.59 69.17 -76.52
C ILE MA 158 -18.34 68.45 -77.62
N THR MA 159 -17.78 68.48 -78.83
CA THR MA 159 -18.40 67.85 -79.99
C THR MA 159 -17.67 66.56 -80.31
N LEU MA 160 -18.42 65.48 -80.48
CA LEU MA 160 -17.89 64.17 -80.80
C LEU MA 160 -18.29 63.80 -82.22
N THR MA 161 -17.30 63.51 -83.06
CA THR MA 161 -17.52 63.13 -84.45
C THR MA 161 -16.88 61.77 -84.70
N ALA MA 162 -17.60 60.91 -85.42
CA ALA MA 162 -17.12 59.57 -85.69
C ALA MA 162 -15.86 59.62 -86.55
N ARG MA 163 -14.94 58.69 -86.28
CA ARG MA 163 -13.73 58.61 -87.08
C ARG MA 163 -13.98 57.95 -88.43
N ASN MA 164 -14.92 57.01 -88.50
CA ASN MA 164 -15.26 56.33 -89.73
C ASN MA 164 -16.58 56.87 -90.25
N GLY MA 165 -16.59 57.32 -91.50
CA GLY MA 165 -17.79 57.88 -92.08
C GLY MA 165 -18.82 56.82 -92.41
N GLY MA 166 -20.06 57.25 -92.51
CA GLY MA 166 -21.18 56.39 -92.83
C GLY MA 166 -22.12 56.21 -91.63
N THR MA 167 -23.12 55.37 -91.86
CA THR MA 167 -24.13 55.12 -90.84
C THR MA 167 -23.61 54.29 -89.68
N ILE MA 168 -22.41 53.71 -89.79
CA ILE MA 168 -21.90 52.85 -88.72
C ILE MA 168 -21.73 53.65 -87.44
N GLY MA 169 -21.15 54.84 -87.54
CA GLY MA 169 -20.98 55.70 -86.38
C GLY MA 169 -22.24 56.47 -86.06
N ASN MA 170 -23.33 55.74 -85.74
CA ASN MA 170 -24.63 56.36 -85.55
C ASN MA 170 -25.38 55.77 -84.37
N HIS MA 171 -24.68 55.17 -83.40
CA HIS MA 171 -25.35 54.47 -82.31
C HIS MA 171 -24.72 54.76 -80.94
N LEU MA 172 -24.00 55.86 -80.80
CA LEU MA 172 -23.31 56.15 -79.55
C LEU MA 172 -24.32 56.52 -78.46
N SER MA 173 -23.98 56.19 -77.22
CA SER MA 173 -24.83 56.48 -76.07
C SER MA 173 -23.96 56.90 -74.90
N VAL MA 174 -24.34 57.99 -74.24
CA VAL MA 174 -23.65 58.49 -73.06
C VAL MA 174 -24.67 58.70 -71.95
N ILE MA 175 -24.35 58.24 -70.75
CA ILE MA 175 -25.27 58.27 -69.62
C ILE MA 175 -24.56 58.86 -68.40
N TYR MA 176 -25.31 59.62 -67.61
CA TYR MA 176 -24.81 60.22 -66.38
C TYR MA 176 -25.12 59.25 -65.24
N THR MA 177 -24.14 58.41 -64.91
CA THR MA 177 -24.40 57.32 -63.96
C THR MA 177 -24.70 57.85 -62.55
N ASN MA 178 -23.97 58.87 -62.11
CA ASN MA 178 -24.16 59.39 -60.76
C ASN MA 178 -25.37 60.30 -60.62
N LEU MA 179 -26.19 60.44 -61.67
CA LEU MA 179 -27.34 61.34 -61.57
C LEU MA 179 -28.19 60.97 -60.36
N GLY MA 180 -28.53 59.69 -60.22
CA GLY MA 180 -29.20 59.23 -59.01
C GLY MA 180 -28.21 59.11 -57.86
N SER MA 181 -28.63 59.53 -56.68
CA SER MA 181 -27.76 59.50 -55.52
C SER MA 181 -27.36 58.06 -55.21
N CYS MA 182 -26.10 57.89 -54.81
CA CYS MA 182 -25.55 56.58 -54.50
C CYS MA 182 -24.47 56.77 -53.43
N THR MA 183 -23.62 55.75 -53.25
CA THR MA 183 -22.50 55.87 -52.34
C THR MA 183 -21.48 56.90 -52.82
N SER MA 184 -21.56 57.34 -54.08
CA SER MA 184 -20.64 58.32 -54.64
C SER MA 184 -21.28 59.69 -54.64
N VAL MA 185 -20.51 60.70 -54.25
CA VAL MA 185 -21.01 62.07 -54.19
C VAL MA 185 -20.89 62.71 -55.56
N THR MA 186 -21.92 63.45 -55.96
CA THR MA 186 -21.93 64.17 -57.22
C THR MA 186 -21.93 65.66 -56.98
N PRO MA 187 -21.24 66.45 -57.81
CA PRO MA 187 -21.26 67.90 -57.62
C PRO MA 187 -22.65 68.47 -57.84
N GLU MA 188 -22.95 69.54 -57.11
CA GLU MA 188 -24.25 70.18 -57.19
C GLU MA 188 -24.22 71.34 -58.17
N GLY MA 189 -25.27 71.44 -58.97
CA GLY MA 189 -25.37 72.48 -59.98
C GLY MA 189 -24.69 72.18 -61.29
N VAL MA 190 -24.27 70.93 -61.50
CA VAL MA 190 -23.62 70.52 -62.74
C VAL MA 190 -24.52 69.50 -63.44
N THR MA 191 -24.79 69.75 -64.72
CA THR MA 191 -25.63 68.86 -65.52
C THR MA 191 -24.97 68.63 -66.88
N VAL MA 192 -25.30 67.49 -67.48
CA VAL MA 192 -24.76 67.10 -68.78
C VAL MA 192 -25.92 66.73 -69.68
N ALA MA 193 -25.92 67.26 -70.90
CA ALA MA 193 -26.95 66.98 -71.90
C ALA MA 193 -26.29 66.42 -73.14
N PHE MA 194 -26.83 65.30 -73.64
CA PHE MA 194 -26.28 64.60 -74.80
C PHE MA 194 -27.30 64.63 -75.93
N ALA MA 195 -26.85 65.00 -77.13
CA ALA MA 195 -27.75 65.09 -78.27
C ALA MA 195 -26.93 64.98 -79.55
N GLN MA 196 -27.62 64.65 -80.63
CA GLN MA 196 -27.03 64.49 -81.95
C GLN MA 196 -27.39 65.67 -82.85
N THR MA 197 -26.56 65.90 -83.86
CA THR MA 197 -26.79 67.00 -84.80
C THR MA 197 -26.61 66.62 -86.26
N THR MA 198 -26.01 65.48 -86.60
CA THR MA 198 -25.83 65.11 -88.00
C THR MA 198 -25.65 63.60 -88.12
N PRO MA 199 -26.46 62.91 -88.92
CA PRO MA 199 -26.33 61.46 -89.04
C PRO MA 199 -25.43 61.03 -90.19
N GLY MA 200 -25.05 59.76 -90.16
CA GLY MA 200 -24.29 59.20 -91.26
C GLY MA 200 -25.13 59.05 -92.52
N SER MA 201 -24.46 59.07 -93.67
CA SER MA 201 -25.14 59.13 -94.95
C SER MA 201 -24.91 57.91 -95.83
N VAL MA 202 -23.66 57.55 -96.10
CA VAL MA 202 -23.33 56.58 -97.14
C VAL MA 202 -22.54 55.42 -96.55
N ASN MA 203 -22.78 54.24 -97.10
CA ASN MA 203 -22.09 53.02 -96.70
C ASN MA 203 -21.58 52.28 -97.93
N PRO MA 204 -20.47 51.55 -97.81
CA PRO MA 204 -19.98 50.76 -98.94
C PRO MA 204 -20.82 49.51 -99.14
N GLU MA 205 -20.77 48.99 -100.38
CA GLU MA 205 -21.49 47.77 -100.76
C GLU MA 205 -20.56 46.87 -101.56
N PRO MA 206 -19.54 46.31 -100.92
CA PRO MA 206 -18.63 45.40 -101.63
C PRO MA 206 -19.37 44.16 -102.12
N ASN MA 207 -18.93 43.66 -103.28
CA ASN MA 207 -19.53 42.47 -103.87
C ASN MA 207 -18.47 41.57 -104.50
N ASP MA 208 -17.27 41.56 -103.93
CA ASP MA 208 -16.14 40.80 -104.48
C ASP MA 208 -15.77 39.61 -103.61
N TYR MA 209 -16.76 38.98 -102.97
CA TYR MA 209 -16.48 37.85 -102.10
C TYR MA 209 -15.90 36.68 -102.88
N ALA MA 210 -16.41 36.43 -104.08
CA ALA MA 210 -15.97 35.28 -104.86
C ALA MA 210 -14.50 35.36 -105.25
N SER MA 211 -13.89 36.54 -105.15
CA SER MA 211 -12.53 36.75 -105.62
C SER MA 211 -11.50 36.80 -104.49
N VAL MA 212 -11.88 37.27 -103.30
CA VAL MA 212 -10.92 37.48 -102.23
C VAL MA 212 -10.97 36.30 -101.25
N VAL MA 213 -12.13 35.66 -101.15
CA VAL MA 213 -12.31 34.52 -100.26
C VAL MA 213 -12.52 33.28 -101.11
N ASN MA 214 -11.90 33.26 -102.29
CA ASN MA 214 -12.15 32.21 -103.27
C ASN MA 214 -11.72 30.84 -102.77
N GLU MA 215 -12.69 30.00 -102.45
CA GLU MA 215 -12.48 28.57 -102.18
C GLU MA 215 -11.48 28.36 -101.05
N CYS MA 216 -11.82 28.93 -99.88
CA CYS MA 216 -11.14 28.62 -98.63
C CYS MA 216 -12.20 28.44 -97.55
N CYS MA 217 -12.05 27.37 -96.77
CA CYS MA 217 -13.08 26.95 -95.83
C CYS MA 217 -12.92 27.72 -94.52
N PHE MA 218 -13.82 28.67 -94.28
CA PHE MA 218 -13.91 29.37 -93.00
C PHE MA 218 -15.04 28.77 -92.17
N ALA MA 219 -14.97 29.02 -90.86
CA ALA MA 219 -15.95 28.47 -89.92
C ALA MA 219 -17.02 29.47 -89.53
N VAL MA 220 -16.64 30.72 -89.24
CA VAL MA 220 -17.59 31.75 -88.81
C VAL MA 220 -17.27 33.04 -89.53
N TYR MA 221 -18.33 33.77 -89.91
CA TYR MA 221 -18.21 35.07 -90.53
C TYR MA 221 -18.85 36.12 -89.62
N VAL MA 222 -18.15 37.21 -89.38
CA VAL MA 222 -18.64 38.30 -88.55
C VAL MA 222 -18.65 39.56 -89.41
N LEU MA 223 -19.78 40.25 -89.44
CA LEU MA 223 -19.95 41.47 -90.24
C LEU MA 223 -20.21 42.63 -89.29
N SER MA 224 -19.30 43.61 -89.31
CA SER MA 224 -19.41 44.78 -88.43
C SER MA 224 -20.05 45.94 -89.19
N SER MA 225 -21.31 45.73 -89.55
CA SER MA 225 -22.09 46.75 -90.24
C SER MA 225 -23.57 46.48 -90.00
N ASP MA 226 -24.38 47.51 -90.29
CA ASP MA 226 -25.83 47.41 -90.14
C ASP MA 226 -26.59 47.54 -91.44
N ASP MA 227 -25.92 47.91 -92.54
CA ASP MA 227 -26.61 48.03 -93.83
C ASP MA 227 -27.22 46.69 -94.21
N THR MA 228 -28.50 46.73 -94.60
CA THR MA 228 -29.18 45.50 -94.98
C THR MA 228 -28.66 44.96 -96.31
N ASP MA 229 -28.35 45.84 -97.27
CA ASP MA 229 -27.85 45.38 -98.55
C ASP MA 229 -26.49 44.70 -98.40
N TRP MA 230 -25.61 45.26 -97.56
CA TRP MA 230 -24.32 44.62 -97.33
C TRP MA 230 -24.49 43.24 -96.72
N GLN MA 231 -25.40 43.11 -95.73
CA GLN MA 231 -25.62 41.82 -95.10
C GLN MA 231 -26.14 40.80 -96.12
N GLU MA 232 -27.04 41.22 -97.00
CA GLU MA 232 -27.59 40.30 -97.98
C GLU MA 232 -26.51 39.75 -98.90
N ASN MA 233 -25.51 40.57 -99.24
CA ASN MA 233 -24.40 40.08 -100.06
C ASN MA 233 -23.64 38.97 -99.34
N LEU MA 234 -23.40 39.12 -98.04
CA LEU MA 234 -22.74 38.08 -97.29
C LEU MA 234 -23.56 36.80 -97.26
N ARG MA 235 -24.88 36.93 -97.11
CA ARG MA 235 -25.74 35.74 -97.06
C ARG MA 235 -25.65 34.97 -98.37
N ASP MA 236 -25.65 35.68 -99.50
CA ASP MA 236 -25.59 35.00 -100.79
C ASP MA 236 -24.29 34.22 -100.93
N TRP MA 237 -23.17 34.79 -100.49
CA TRP MA 237 -21.90 34.09 -100.57
C TRP MA 237 -21.92 32.82 -99.73
N ILE MA 238 -22.45 32.92 -98.50
CA ILE MA 238 -22.52 31.75 -97.64
C ILE MA 238 -23.41 30.69 -98.27
N ARG MA 239 -24.55 31.10 -98.83
CA ARG MA 239 -25.43 30.15 -99.48
C ARG MA 239 -24.72 29.44 -100.63
N SER MA 240 -23.95 30.19 -101.42
CA SER MA 240 -23.19 29.57 -102.50
C SER MA 240 -22.16 28.58 -101.97
N ALA MA 241 -21.76 28.70 -100.71
CA ALA MA 241 -20.80 27.77 -100.13
C ALA MA 241 -21.45 26.48 -99.66
N TRP MA 242 -22.78 26.44 -99.53
CA TRP MA 242 -23.51 25.22 -99.22
C TRP MA 242 -24.19 24.62 -100.46
N ASP MA 243 -23.93 25.18 -101.63
CA ASP MA 243 -24.64 24.79 -102.84
C ASP MA 243 -24.23 23.39 -103.28
N CYS MA 244 -25.08 22.78 -104.11
CA CYS MA 244 -24.84 21.44 -104.62
C CYS MA 244 -24.07 21.42 -105.93
N SER MA 245 -23.93 22.56 -106.61
CA SER MA 245 -23.28 22.57 -107.91
C SER MA 245 -21.82 22.17 -107.81
N LYS MA 246 -21.10 22.68 -106.80
CA LYS MA 246 -19.67 22.43 -106.66
C LYS MA 246 -19.40 21.82 -105.29
N PRO MA 247 -18.19 21.32 -105.04
CA PRO MA 247 -17.88 20.79 -103.71
C PRO MA 247 -18.13 21.83 -102.63
N GLN MA 248 -18.72 21.38 -101.53
CA GLN MA 248 -19.16 22.30 -100.48
C GLN MA 248 -17.98 22.83 -99.67
N CYS MA 249 -18.20 24.00 -99.07
CA CYS MA 249 -17.28 24.59 -98.09
C CYS MA 249 -18.17 25.26 -97.05
N PHE MA 250 -18.49 24.53 -95.99
CA PHE MA 250 -19.52 24.96 -95.06
C PHE MA 250 -19.06 26.18 -94.27
N GLY MA 251 -20.03 26.83 -93.63
CA GLY MA 251 -19.75 28.02 -92.85
C GLY MA 251 -21.03 28.59 -92.28
N HIS MA 252 -20.86 29.64 -91.48
CA HIS MA 252 -22.00 30.31 -90.86
C HIS MA 252 -21.60 31.75 -90.57
N GLY MA 253 -22.58 32.64 -90.59
CA GLY MA 253 -22.33 34.05 -90.42
C GLY MA 253 -23.24 34.68 -89.38
N TYR MA 254 -22.72 35.70 -88.71
CA TYR MA 254 -23.43 36.41 -87.66
C TYR MA 254 -23.53 37.89 -88.02
N VAL MA 255 -24.72 38.46 -87.80
CA VAL MA 255 -25.00 39.87 -88.03
C VAL MA 255 -25.96 40.35 -86.95
N PHE MA 256 -26.26 41.65 -86.98
CA PHE MA 256 -27.16 42.24 -86.00
C PHE MA 256 -28.12 43.19 -86.70
N ASN MA 257 -29.25 43.42 -86.05
CA ASN MA 257 -30.26 44.35 -86.54
C ASN MA 257 -30.82 45.13 -85.35
N LYS MA 258 -30.95 46.44 -85.50
CA LYS MA 258 -31.36 47.31 -84.41
C LYS MA 258 -32.47 48.24 -84.89
N GLY MA 259 -33.35 48.60 -83.96
CA GLY MA 259 -34.46 49.46 -84.25
C GLY MA 259 -35.65 49.10 -83.37
N THR MA 260 -36.82 49.55 -83.80
CA THR MA 260 -38.05 49.21 -83.10
C THR MA 260 -38.49 47.79 -83.48
N LEU MA 261 -39.50 47.29 -82.77
CA LEU MA 261 -40.00 45.96 -83.07
C LEU MA 261 -40.55 45.87 -84.48
N GLY MA 262 -41.25 46.91 -84.94
CA GLY MA 262 -41.77 46.90 -86.28
C GLY MA 262 -40.68 46.88 -87.35
N GLN MA 263 -39.62 47.64 -87.13
CA GLN MA 263 -38.54 47.71 -88.13
C GLN MA 263 -37.71 46.44 -88.13
N VAL MA 264 -37.37 45.92 -86.95
CA VAL MA 264 -36.51 44.75 -86.88
C VAL MA 264 -37.19 43.55 -87.53
N LEU MA 265 -38.48 43.35 -87.25
CA LEU MA 265 -39.19 42.21 -87.82
C LEU MA 265 -39.22 42.26 -89.34
N ALA MA 266 -39.11 43.46 -89.93
CA ALA MA 266 -39.10 43.58 -91.38
C ALA MA 266 -37.78 43.17 -92.01
N ASP MA 267 -36.72 43.01 -91.20
CA ASP MA 267 -35.44 42.61 -91.75
C ASP MA 267 -35.35 41.10 -91.99
N GLY MA 268 -36.25 40.32 -91.39
CA GLY MA 268 -36.24 38.89 -91.59
C GLY MA 268 -36.42 38.51 -93.04
N ASP MA 269 -35.57 37.59 -93.53
CA ASP MA 269 -35.65 37.15 -94.92
C ASP MA 269 -35.49 35.64 -95.03
N ASN MA 270 -35.83 34.91 -93.98
CA ASN MA 270 -35.81 33.44 -94.00
C ASN MA 270 -34.45 32.90 -94.42
N SER MA 271 -33.40 33.47 -93.83
CA SER MA 271 -32.04 33.04 -94.12
C SER MA 271 -31.65 31.92 -93.15
N ALA MA 272 -31.26 30.78 -93.69
CA ALA MA 272 -30.77 29.67 -92.88
C ALA MA 272 -29.28 29.78 -92.59
N GLU MA 273 -28.62 30.82 -93.11
CA GLU MA 273 -27.19 30.98 -92.94
C GLU MA 273 -26.81 32.09 -91.97
N LEU MA 274 -27.74 32.96 -91.59
CA LEU MA 274 -27.45 34.10 -90.74
C LEU MA 274 -28.11 33.93 -89.38
N SER MA 275 -27.40 34.33 -88.33
CA SER MA 275 -27.93 34.36 -86.98
C SER MA 275 -28.11 35.83 -86.60
N ARG MA 276 -29.32 36.34 -86.82
CA ARG MA 276 -29.59 37.76 -86.66
C ARG MA 276 -29.78 38.09 -85.19
N LEU MA 277 -29.05 39.08 -84.69
CA LEU MA 277 -29.16 39.54 -83.32
C LEU MA 277 -30.05 40.79 -83.29
N ALA MA 278 -31.12 40.73 -82.51
CA ALA MA 278 -32.08 41.83 -82.41
C ALA MA 278 -31.78 42.66 -81.18
N LEU MA 279 -31.72 43.97 -81.36
CA LEU MA 279 -31.44 44.91 -80.29
C LEU MA 279 -32.43 46.05 -80.30
N PRO MA 280 -32.71 46.64 -79.15
CA PRO MA 280 -33.66 47.77 -79.10
C PRO MA 280 -32.98 49.09 -79.43
N THR MA 281 -33.82 50.11 -79.64
CA THR MA 281 -33.30 51.42 -80.00
C THR MA 281 -32.49 52.04 -78.88
N THR MA 282 -32.74 51.63 -77.63
CA THR MA 282 -32.09 52.21 -76.46
C THR MA 282 -30.96 51.33 -75.92
N TYR MA 283 -30.29 50.59 -76.79
CA TYR MA 283 -29.22 49.71 -76.33
C TYR MA 283 -28.04 50.56 -75.86
N PRO MA 284 -27.54 50.36 -74.64
CA PRO MA 284 -26.47 51.21 -74.12
C PRO MA 284 -25.07 50.80 -74.56
N VAL MA 285 -24.93 49.92 -75.54
CA VAL MA 285 -23.62 49.46 -76.00
C VAL MA 285 -23.55 49.59 -77.51
N LEU MA 286 -22.35 49.75 -78.03
CA LEU MA 286 -22.15 49.86 -79.46
C LEU MA 286 -22.55 48.53 -80.11
N PRO MA 287 -23.46 48.52 -81.09
CA PRO MA 287 -23.96 47.23 -81.59
C PRO MA 287 -22.87 46.30 -82.11
N TYR MA 288 -21.88 46.82 -82.82
CA TYR MA 288 -20.89 45.95 -83.44
C TYR MA 288 -19.95 45.31 -82.44
N LEU MA 289 -19.90 45.81 -81.20
CA LEU MA 289 -19.11 45.14 -80.17
C LEU MA 289 -19.78 43.87 -79.69
N THR MA 290 -21.10 43.93 -79.47
CA THR MA 290 -21.82 42.75 -79.02
C THR MA 290 -21.86 41.67 -80.09
N ASN MA 291 -22.03 42.06 -81.35
CA ASN MA 291 -22.08 41.08 -82.43
C ASN MA 291 -20.78 40.30 -82.53
N ALA MA 292 -19.64 41.00 -82.45
CA ALA MA 292 -18.35 40.31 -82.56
C ALA MA 292 -18.13 39.37 -81.40
N ALA MA 293 -18.47 39.80 -80.17
CA ALA MA 293 -18.24 38.96 -79.00
C ALA MA 293 -19.05 37.67 -79.09
N TYR MA 294 -20.32 37.77 -79.49
CA TYR MA 294 -21.14 36.56 -79.63
C TYR MA 294 -20.57 35.63 -80.68
N GLY MA 295 -20.18 36.19 -81.84
CA GLY MA 295 -19.62 35.35 -82.89
C GLY MA 295 -18.35 34.65 -82.46
N ALA MA 296 -17.45 35.39 -81.80
CA ALA MA 296 -16.19 34.79 -81.37
C ALA MA 296 -16.41 33.67 -80.37
N LEU MA 297 -17.34 33.86 -79.43
CA LEU MA 297 -17.57 32.85 -78.41
C LEU MA 297 -18.00 31.53 -79.02
N SER MA 298 -19.03 31.56 -79.86
CA SER MA 298 -19.58 30.34 -80.44
C SER MA 298 -18.76 29.84 -81.62
N ALA MA 299 -17.79 30.61 -82.11
CA ALA MA 299 -17.04 30.19 -83.29
C ALA MA 299 -16.01 29.12 -82.95
N CYS MA 300 -15.05 29.45 -82.09
CA CYS MA 300 -13.93 28.57 -81.81
C CYS MA 300 -13.85 28.15 -80.35
N SER MA 301 -13.95 29.11 -79.43
CA SER MA 301 -13.72 28.80 -78.02
C SER MA 301 -14.70 27.76 -77.49
N THR MA 302 -15.85 27.57 -78.12
CA THR MA 302 -16.86 26.65 -77.64
C THR MA 302 -17.18 25.53 -78.61
N CYS MA 303 -17.37 25.84 -79.89
CA CYS MA 303 -17.94 24.88 -80.84
C CYS MA 303 -16.82 24.15 -81.58
N GLU MA 304 -16.10 23.32 -80.82
CA GLU MA 304 -15.30 22.24 -81.40
C GLU MA 304 -15.96 20.89 -81.22
N ASN MA 305 -17.02 20.80 -80.42
CA ASN MA 305 -17.93 19.67 -80.40
C ASN MA 305 -19.29 20.22 -80.84
N PRO MA 306 -19.71 19.99 -82.09
CA PRO MA 306 -20.85 20.75 -82.62
C PRO MA 306 -22.14 20.59 -81.82
N GLU MA 307 -22.33 19.45 -81.15
CA GLU MA 307 -23.61 19.20 -80.47
C GLU MA 307 -23.91 20.26 -79.42
N LEU MA 308 -22.91 20.93 -78.88
CA LEU MA 308 -23.13 21.87 -77.80
C LEU MA 308 -23.87 23.11 -78.29
N ASN MA 309 -24.84 23.57 -77.50
CA ASN MA 309 -25.53 24.82 -77.76
C ASN MA 309 -24.83 25.97 -77.03
N VAL MA 310 -25.25 27.18 -77.37
CA VAL MA 310 -24.76 28.40 -76.73
C VAL MA 310 -25.98 29.11 -76.16
N GLN MA 311 -26.32 28.81 -74.92
CA GLN MA 311 -27.50 29.37 -74.28
C GLN MA 311 -27.21 29.50 -72.78
N GLY MA 312 -28.25 29.73 -71.99
CA GLY MA 312 -28.13 29.72 -70.55
C GLY MA 312 -27.20 30.78 -70.01
N GLN MA 313 -27.00 30.78 -68.70
CA GLN MA 313 -26.14 31.75 -68.03
C GLN MA 313 -24.70 31.28 -67.90
N THR MA 314 -24.37 30.10 -68.44
CA THR MA 314 -23.03 29.54 -68.33
C THR MA 314 -22.33 29.44 -69.68
N TYR MA 315 -22.99 28.87 -70.68
CA TYR MA 315 -22.39 28.66 -71.99
C TYR MA 315 -22.63 29.80 -72.96
N GLY MA 316 -23.32 30.86 -72.54
CA GLY MA 316 -23.61 31.97 -73.42
C GLY MA 316 -23.38 33.31 -72.76
N LEU MA 317 -22.42 33.39 -71.85
CA LEU MA 317 -22.13 34.59 -71.11
C LEU MA 317 -21.00 35.36 -71.81
N LEU MA 318 -21.32 36.58 -72.27
CA LEU MA 318 -20.32 37.45 -72.89
C LEU MA 318 -19.59 38.20 -71.79
N SER MA 319 -18.57 37.53 -71.22
CA SER MA 319 -17.88 38.06 -70.07
C SER MA 319 -16.99 39.26 -70.38
N CYS MA 320 -16.73 39.54 -71.66
CA CYS MA 320 -15.86 40.65 -72.04
C CYS MA 320 -16.63 41.94 -72.33
N ILE MA 321 -17.95 41.94 -72.15
CA ILE MA 321 -18.78 43.10 -72.42
C ILE MA 321 -19.49 43.49 -71.13
N ASN MA 322 -19.37 44.77 -70.75
CA ASN MA 322 -19.94 45.27 -69.51
C ASN MA 322 -20.82 46.48 -69.82
N MET MA 323 -22.03 46.48 -69.27
CA MET MA 323 -22.97 47.57 -69.42
C MET MA 323 -23.65 47.82 -68.08
N PRO MA 324 -24.12 49.05 -67.85
CA PRO MA 324 -24.67 49.37 -66.53
C PRO MA 324 -26.01 48.68 -66.28
N GLU MA 325 -26.30 48.48 -65.00
CA GLU MA 325 -27.58 47.90 -64.60
C GLU MA 325 -28.71 48.91 -64.79
N SER MA 326 -29.92 48.39 -64.95
CA SER MA 326 -31.09 49.24 -65.11
C SER MA 326 -32.34 48.45 -64.79
N CYS MA 327 -33.38 49.17 -64.36
CA CYS MA 327 -34.65 48.52 -64.04
C CYS MA 327 -35.39 48.12 -65.31
N THR MA 328 -35.38 48.98 -66.31
CA THR MA 328 -36.12 48.71 -67.55
C THR MA 328 -35.37 47.69 -68.38
N PRO MA 329 -36.02 46.60 -68.81
CA PRO MA 329 -35.28 45.55 -69.53
C PRO MA 329 -35.00 45.85 -70.99
N GLY MA 330 -35.66 46.85 -71.57
CA GLY MA 330 -35.49 47.14 -72.99
C GLY MA 330 -36.52 46.42 -73.84
N TRP MA 331 -36.48 45.09 -73.82
CA TRP MA 331 -37.47 44.27 -74.51
C TRP MA 331 -38.51 43.81 -73.50
N GLU MA 332 -39.77 44.14 -73.76
CA GLU MA 332 -40.86 43.62 -72.94
C GLU MA 332 -41.05 42.13 -73.24
N PHE MA 333 -41.55 41.40 -72.24
CA PHE MA 333 -41.64 39.95 -72.39
C PHE MA 333 -42.47 39.56 -73.60
N THR MA 334 -43.55 40.31 -73.87
CA THR MA 334 -44.35 40.03 -75.06
C THR MA 334 -43.50 40.21 -76.32
N GLU MA 335 -42.68 41.25 -76.36
CA GLU MA 335 -41.80 41.45 -77.49
C GLU MA 335 -40.77 40.33 -77.60
N VAL MA 336 -40.25 39.86 -76.47
CA VAL MA 336 -39.28 38.78 -76.49
C VAL MA 336 -39.90 37.51 -77.05
N THR MA 337 -41.14 37.21 -76.65
CA THR MA 337 -41.81 36.02 -77.17
C THR MA 337 -41.99 36.10 -78.68
N GLN MA 338 -42.39 37.27 -79.18
CA GLN MA 338 -42.59 37.43 -80.62
C GLN MA 338 -41.28 37.28 -81.37
N LEU MA 339 -40.20 37.90 -80.88
CA LEU MA 339 -38.92 37.83 -81.58
C LEU MA 339 -38.42 36.40 -81.65
N GLN MA 340 -38.51 35.66 -80.53
CA GLN MA 340 -37.98 34.30 -80.52
C GLN MA 340 -38.71 33.41 -81.51
N ASN MA 341 -40.04 33.55 -81.60
CA ASN MA 341 -40.81 32.74 -82.54
C ASN MA 341 -40.54 33.10 -83.99
N ASN MA 342 -39.87 34.23 -84.26
CA ASN MA 342 -39.59 34.67 -85.62
C ASN MA 342 -38.10 34.59 -85.94
N GLY MA 343 -37.41 33.62 -85.36
CA GLY MA 343 -36.02 33.36 -85.70
C GLY MA 343 -35.08 34.51 -85.43
N PHE MA 344 -35.16 35.09 -84.23
CA PHE MA 344 -34.25 36.14 -83.80
C PHE MA 344 -33.64 35.78 -82.45
N VAL MA 345 -32.46 36.34 -82.20
CA VAL MA 345 -31.70 36.06 -80.98
C VAL MA 345 -31.87 37.25 -80.04
N VAL MA 346 -32.15 36.97 -78.77
CA VAL MA 346 -32.39 37.98 -77.76
C VAL MA 346 -31.41 37.77 -76.61
N SER MA 347 -30.81 38.84 -76.14
CA SER MA 347 -29.85 38.81 -75.04
C SER MA 347 -30.31 39.72 -73.92
N GLY MA 348 -30.13 39.26 -72.68
CA GLY MA 348 -30.52 40.04 -71.52
C GLY MA 348 -29.42 40.08 -70.47
N PRO MA 349 -29.52 41.03 -69.55
CA PRO MA 349 -28.49 41.17 -68.52
C PRO MA 349 -28.49 40.01 -67.56
N ALA MA 350 -27.30 39.71 -67.02
CA ALA MA 350 -27.17 38.63 -66.05
C ALA MA 350 -27.95 38.93 -64.77
N THR MA 351 -27.85 40.17 -64.28
CA THR MA 351 -28.52 40.56 -63.05
C THR MA 351 -29.14 41.94 -63.25
N THR MA 352 -30.19 42.22 -62.48
CA THR MA 352 -30.93 43.47 -62.57
C THR MA 352 -30.90 44.19 -61.24
N SER MA 353 -30.70 45.50 -61.29
CA SER MA 353 -30.64 46.32 -60.08
C SER MA 353 -30.61 47.78 -60.49
N GLY MA 354 -30.85 48.65 -59.51
CA GLY MA 354 -30.79 50.08 -59.69
C GLY MA 354 -29.52 50.72 -59.21
N GLN MA 355 -28.60 49.95 -58.62
CA GLN MA 355 -27.37 50.53 -58.09
C GLN MA 355 -26.53 51.15 -59.21
N GLY MA 356 -26.61 50.63 -60.41
CA GLY MA 356 -25.87 51.17 -61.53
C GLY MA 356 -24.50 50.56 -61.75
N ASN MA 357 -24.23 49.39 -61.19
CA ASN MA 357 -22.95 48.73 -61.39
C ASN MA 357 -22.91 48.11 -62.80
N PHE MA 358 -21.85 47.38 -63.10
CA PHE MA 358 -21.65 46.80 -64.41
C PHE MA 358 -22.06 45.34 -64.42
N THR MA 359 -22.64 44.90 -65.53
CA THR MA 359 -23.07 43.51 -65.71
C THR MA 359 -22.79 43.09 -67.15
N SER MA 360 -22.82 41.78 -67.37
CA SER MA 360 -22.54 41.20 -68.67
C SER MA 360 -23.78 40.49 -69.19
N PRO MA 361 -24.21 40.76 -70.42
CA PRO MA 361 -25.39 40.08 -70.96
C PRO MA 361 -25.07 38.66 -71.40
N TYR MA 362 -26.13 37.90 -71.66
CA TYR MA 362 -26.00 36.54 -72.14
C TYR MA 362 -27.13 36.24 -73.11
N ILE MA 363 -26.93 35.20 -73.92
CA ILE MA 363 -27.85 34.86 -75.01
C ILE MA 363 -28.98 34.00 -74.46
N TYR MA 364 -30.22 34.43 -74.68
CA TYR MA 364 -31.37 33.63 -74.25
C TYR MA 364 -31.47 32.34 -75.05
N ASN MA 365 -31.40 32.45 -76.38
CA ASN MA 365 -31.57 31.31 -77.25
C ASN MA 365 -30.65 31.43 -78.45
N ASP MA 366 -30.05 30.31 -78.85
CA ASP MA 366 -29.20 30.24 -80.04
C ASP MA 366 -30.04 29.70 -81.19
N VAL MA 367 -30.37 30.57 -82.13
CA VAL MA 367 -31.31 30.22 -83.20
C VAL MA 367 -30.92 30.97 -84.46
N THR MA 368 -31.11 30.32 -85.60
CA THR MA 368 -30.91 30.94 -86.90
C THR MA 368 -32.20 31.60 -87.38
N ASN MA 369 -32.12 32.23 -88.55
CA ASN MA 369 -33.26 32.92 -89.14
C ASN MA 369 -34.02 32.06 -90.12
N TYR MA 370 -34.05 30.75 -89.92
CA TYR MA 370 -34.68 29.82 -90.84
C TYR MA 370 -36.15 29.61 -90.48
N LEU MA 371 -36.99 29.62 -91.49
CA LEU MA 371 -38.42 29.34 -91.34
C LEU MA 371 -38.91 28.73 -92.65
N ARG MA 372 -40.22 28.44 -92.69
CA ARG MA 372 -40.84 27.90 -93.89
C ARG MA 372 -39.98 26.75 -94.44
N ASP MA 373 -39.79 26.69 -95.75
CA ASP MA 373 -39.06 25.58 -96.37
C ASP MA 373 -38.84 25.92 -97.83
N GLU MA 374 -38.13 25.04 -98.53
CA GLU MA 374 -37.92 25.21 -99.96
C GLU MA 374 -39.24 25.38 -100.70
N LYS MA 375 -40.27 24.65 -100.28
CA LYS MA 375 -41.57 24.68 -100.92
C LYS MA 375 -42.58 25.53 -100.16
N ASN MA 376 -42.12 26.35 -99.21
CA ASN MA 376 -43.00 27.24 -98.44
C ASN MA 376 -43.97 26.44 -97.57
N ARG MA 377 -43.42 25.52 -96.79
CA ARG MA 377 -44.20 24.76 -95.80
C ARG MA 377 -43.49 24.90 -94.46
N PRO MA 378 -44.16 25.36 -93.41
CA PRO MA 378 -43.46 25.64 -92.15
C PRO MA 378 -42.87 24.37 -91.55
N ASN MA 379 -41.74 24.55 -90.86
CA ASN MA 379 -41.07 23.48 -90.13
C ASN MA 379 -39.99 24.11 -89.28
N ALA MA 380 -39.26 23.28 -88.53
CA ALA MA 380 -38.21 23.75 -87.64
C ALA MA 380 -36.98 22.86 -87.75
N THR MA 381 -36.67 22.41 -88.97
CA THR MA 381 -35.54 21.52 -89.17
C THR MA 381 -34.22 22.20 -88.80
N PHE MA 382 -34.05 23.46 -89.21
CA PHE MA 382 -32.81 24.20 -88.97
C PHE MA 382 -32.99 25.31 -87.95
N ARG MA 383 -33.96 25.16 -87.04
CA ARG MA 383 -34.21 26.21 -86.06
C ARG MA 383 -32.98 26.45 -85.19
N ASP MA 384 -32.44 25.38 -84.60
CA ASP MA 384 -31.29 25.51 -83.72
C ASP MA 384 -30.01 25.63 -84.53
N ALA MA 385 -29.11 26.51 -84.07
CA ALA MA 385 -27.84 26.69 -84.77
C ALA MA 385 -27.04 25.41 -84.80
N SER MA 386 -27.14 24.58 -83.75
CA SER MA 386 -26.40 23.33 -83.72
C SER MA 386 -26.81 22.39 -84.84
N SER MA 387 -28.02 22.56 -85.40
CA SER MA 387 -28.45 21.72 -86.50
C SER MA 387 -27.56 21.92 -87.72
N ARG MA 388 -27.22 23.18 -88.04
CA ARG MA 388 -26.37 23.44 -89.20
C ARG MA 388 -24.99 22.82 -89.00
N ARG MA 389 -24.43 22.95 -87.80
CA ARG MA 389 -23.12 22.36 -87.54
C ARG MA 389 -23.18 20.84 -87.65
N LEU MA 390 -24.25 20.23 -87.14
CA LEU MA 390 -24.38 18.78 -87.23
C LEU MA 390 -24.48 18.34 -88.68
N ALA MA 391 -25.22 19.08 -89.50
CA ALA MA 391 -25.36 18.70 -90.92
C ALA MA 391 -24.01 18.70 -91.62
N ALA MA 392 -23.18 19.71 -91.36
CA ALA MA 392 -21.85 19.74 -91.97
C ALA MA 392 -21.01 18.55 -91.52
N ALA MA 393 -21.03 18.26 -90.22
CA ALA MA 393 -20.25 17.14 -89.71
C ALA MA 393 -20.74 15.81 -90.29
N THR MA 394 -22.06 15.64 -90.39
CA THR MA 394 -22.60 14.40 -90.94
C THR MA 394 -22.17 14.19 -92.38
N GLY MA 395 -22.20 15.25 -93.19
CA GLY MA 395 -21.82 15.11 -94.58
C GLY MA 395 -20.37 14.69 -94.74
N VAL MA 396 -19.47 15.34 -94.00
CA VAL MA 396 -18.05 14.99 -94.09
C VAL MA 396 -17.81 13.57 -93.59
N ALA MA 397 -18.42 13.21 -92.47
CA ALA MA 397 -18.22 11.88 -91.92
C ALA MA 397 -18.72 10.80 -92.88
N LEU MA 398 -19.89 11.03 -93.48
CA LEU MA 398 -20.40 10.07 -94.45
C LEU MA 398 -19.49 9.97 -95.66
N ALA MA 399 -18.98 11.11 -96.15
CA ALA MA 399 -18.12 11.09 -97.32
C ALA MA 399 -16.85 10.30 -97.05
N THR MA 400 -16.25 10.46 -95.88
CA THR MA 400 -15.04 9.71 -95.56
C THR MA 400 -15.31 8.21 -95.54
N PHE MA 401 -16.44 7.81 -94.96
CA PHE MA 401 -16.75 6.38 -94.88
C PHE MA 401 -16.92 5.77 -96.26
N LEU MA 402 -17.60 6.48 -97.16
CA LEU MA 402 -17.88 5.94 -98.49
C LEU MA 402 -16.63 5.82 -99.35
N GLN MA 403 -15.50 6.41 -98.94
CA GLN MA 403 -14.30 6.38 -99.77
C GLN MA 403 -13.81 4.96 -100.02
N GLN MA 404 -14.16 4.01 -99.15
CA GLN MA 404 -13.68 2.65 -99.31
C GLN MA 404 -14.17 1.99 -100.59
N PHE MA 405 -15.30 2.45 -101.14
CA PHE MA 405 -15.85 1.89 -102.36
C PHE MA 405 -15.25 2.50 -103.62
N ASN MA 406 -14.09 3.15 -103.51
CA ASN MA 406 -13.45 3.79 -104.65
C ASN MA 406 -12.58 2.78 -105.38
N GLY MA 407 -12.84 2.60 -106.68
CA GLY MA 407 -12.08 1.67 -107.48
C GLY MA 407 -12.23 0.24 -107.02
N LEU MA 408 -13.47 -0.17 -106.73
CA LEU MA 408 -13.78 -1.52 -106.29
C LEU MA 408 -14.66 -2.17 -107.34
N ALA MA 409 -14.32 -3.40 -107.72
CA ALA MA 409 -15.10 -4.13 -108.71
C ALA MA 409 -16.54 -4.28 -108.24
N VAL MA 410 -17.48 -4.04 -109.15
CA VAL MA 410 -18.91 -4.11 -108.84
C VAL MA 410 -19.59 -4.96 -109.91
N PHE MA 411 -20.70 -5.57 -109.51
CA PHE MA 411 -21.50 -6.41 -110.40
C PHE MA 411 -22.95 -5.97 -110.31
N THR MA 412 -23.58 -5.79 -111.48
CA THR MA 412 -24.94 -5.28 -111.52
C THR MA 412 -25.87 -6.07 -112.42
N LYS MA 413 -25.38 -6.99 -113.24
CA LYS MA 413 -26.22 -7.83 -114.10
C LYS MA 413 -26.36 -9.24 -113.56
N ASN MA 414 -25.25 -9.91 -113.25
CA ASN MA 414 -25.25 -11.20 -112.57
C ASN MA 414 -24.59 -10.99 -111.22
N THR MA 415 -25.37 -11.16 -110.15
CA THR MA 415 -24.91 -10.78 -108.81
C THR MA 415 -24.01 -11.82 -108.17
N ASN MA 416 -23.80 -12.97 -108.79
CA ASN MA 416 -22.93 -14.00 -108.22
C ASN MA 416 -21.48 -13.64 -108.50
N ILE MA 417 -20.69 -13.52 -107.44
CA ILE MA 417 -19.27 -13.22 -107.56
C ILE MA 417 -18.48 -14.52 -107.55
N LYS MA 418 -17.65 -14.71 -108.57
CA LYS MA 418 -16.81 -15.90 -108.60
C LYS MA 418 -15.83 -15.88 -107.44
N THR MA 419 -15.46 -17.07 -106.98
CA THR MA 419 -14.54 -17.18 -105.86
C THR MA 419 -13.23 -16.48 -106.16
N GLY MA 420 -12.74 -15.72 -105.19
CA GLY MA 420 -11.44 -15.08 -105.27
C GLY MA 420 -11.45 -13.63 -105.68
N ILE MA 421 -12.56 -13.12 -106.19
CA ILE MA 421 -12.63 -11.73 -106.63
C ILE MA 421 -12.92 -10.82 -105.43
N ILE MA 422 -12.46 -9.58 -105.53
CA ILE MA 422 -12.71 -8.56 -104.53
C ILE MA 422 -13.73 -7.60 -105.13
N GLY MA 423 -14.93 -7.57 -104.58
CA GLY MA 423 -15.98 -6.72 -105.11
C GLY MA 423 -17.24 -6.83 -104.27
N THR MA 424 -18.25 -6.07 -104.67
CA THR MA 424 -19.51 -6.02 -103.96
C THR MA 424 -20.64 -5.86 -104.98
N ASN MA 425 -21.83 -5.57 -104.48
CA ASN MA 425 -22.99 -5.31 -105.32
C ASN MA 425 -23.92 -4.36 -104.57
N LEU MA 426 -25.13 -4.15 -105.11
CA LEU MA 426 -26.05 -3.18 -104.51
C LEU MA 426 -26.43 -3.59 -103.11
N ARG MA 427 -26.91 -4.83 -102.93
CA ARG MA 427 -27.42 -5.24 -101.63
C ARG MA 427 -26.33 -5.22 -100.56
N LEU MA 428 -25.14 -5.72 -100.89
CA LEU MA 428 -24.07 -5.74 -99.92
C LEU MA 428 -23.64 -4.33 -99.54
N MET MA 429 -23.58 -3.42 -100.51
CA MET MA 429 -23.25 -2.04 -100.21
C MET MA 429 -24.31 -1.41 -99.31
N LEU MA 430 -25.59 -1.67 -99.60
CA LEU MA 430 -26.65 -1.11 -98.77
C LEU MA 430 -26.57 -1.65 -97.35
N GLY MA 431 -26.29 -2.95 -97.20
CA GLY MA 431 -26.18 -3.52 -95.87
C GLY MA 431 -25.08 -2.87 -95.05
N LYS MA 432 -23.92 -2.63 -95.67
CA LYS MA 432 -22.82 -2.02 -94.95
C LYS MA 432 -23.18 -0.61 -94.49
N ILE MA 433 -23.82 0.17 -95.36
CA ILE MA 433 -24.19 1.53 -94.99
C ILE MA 433 -25.17 1.51 -93.83
N ARG MA 434 -26.17 0.63 -93.88
CA ARG MA 434 -27.13 0.54 -92.80
C ARG MA 434 -26.44 0.26 -91.47
N LYS MA 435 -25.39 -0.57 -91.49
CA LYS MA 435 -24.65 -0.85 -90.27
C LYS MA 435 -24.00 0.42 -89.74
N TRP MA 436 -23.43 1.23 -90.62
CA TRP MA 436 -22.78 2.47 -90.19
C TRP MA 436 -23.78 3.42 -89.54
N ALA MA 437 -24.96 3.56 -90.15
CA ALA MA 437 -25.96 4.47 -89.60
C ALA MA 437 -26.39 4.04 -88.20
N SER MA 438 -26.65 2.75 -88.02
CA SER MA 438 -27.05 2.26 -86.70
C SER MA 438 -25.94 2.46 -85.68
N ASP MA 439 -24.70 2.22 -86.08
CA ASP MA 439 -23.58 2.35 -85.14
C ASP MA 439 -23.47 3.77 -84.61
N ASN MA 440 -23.76 4.77 -85.43
CA ASN MA 440 -23.59 6.16 -85.04
C ASN MA 440 -24.76 6.71 -84.24
N VAL MA 441 -25.80 5.91 -83.99
CA VAL MA 441 -26.93 6.37 -83.20
C VAL MA 441 -26.43 6.81 -81.84
N GLY MA 442 -26.90 7.96 -81.37
CA GLY MA 442 -26.48 8.53 -80.11
C GLY MA 442 -25.24 9.38 -80.19
N VAL MA 443 -24.61 9.49 -81.35
CA VAL MA 443 -23.46 10.35 -81.56
C VAL MA 443 -23.73 11.44 -82.58
N LEU MA 444 -24.38 11.09 -83.69
CA LEU MA 444 -24.76 12.05 -84.71
C LEU MA 444 -26.23 12.00 -85.09
N PHE MA 445 -26.95 10.94 -84.75
CA PHE MA 445 -28.34 10.78 -85.13
C PHE MA 445 -29.16 10.34 -83.91
N SER MA 446 -30.45 10.65 -83.97
CA SER MA 446 -31.43 10.05 -83.07
C SER MA 446 -31.98 8.79 -83.72
N GLU MA 447 -32.63 7.95 -82.91
CA GLU MA 447 -33.11 6.67 -83.40
C GLU MA 447 -34.02 6.88 -84.61
N PHE MA 448 -33.77 6.10 -85.65
CA PHE MA 448 -34.53 6.23 -86.89
C PHE MA 448 -35.95 5.72 -86.70
N ASP MA 449 -36.91 6.48 -87.20
CA ASP MA 449 -38.31 6.07 -87.09
C ASP MA 449 -38.56 4.76 -87.83
N ASN MA 450 -38.03 4.63 -89.05
CA ASN MA 450 -38.13 3.39 -89.81
C ASN MA 450 -36.87 3.31 -90.68
N ILE MA 451 -35.85 2.62 -90.18
CA ILE MA 451 -34.57 2.57 -90.88
C ILE MA 451 -34.66 1.82 -92.19
N ASN MA 452 -35.71 1.01 -92.38
CA ASN MA 452 -35.86 0.28 -93.64
C ASN MA 452 -36.34 1.16 -94.77
N GLU MA 453 -36.84 2.35 -94.48
CA GLU MA 453 -37.30 3.29 -95.50
C GLU MA 453 -36.50 4.58 -95.52
N ASP MA 454 -35.69 4.85 -94.51
CA ASP MA 454 -34.90 6.07 -94.44
C ASP MA 454 -33.55 5.95 -95.14
N ILE MA 455 -33.23 4.79 -95.71
CA ILE MA 455 -32.00 4.60 -96.47
C ILE MA 455 -32.33 3.81 -97.72
N GLN MA 456 -31.82 4.27 -98.86
CA GLN MA 456 -32.06 3.60 -100.13
C GLN MA 456 -30.81 3.72 -101.00
N LEU MA 457 -30.57 2.70 -101.81
CA LEU MA 457 -29.45 2.68 -102.75
C LEU MA 457 -29.95 2.16 -104.09
N VAL MA 458 -29.68 2.92 -105.14
CA VAL MA 458 -30.15 2.59 -106.49
C VAL MA 458 -29.03 2.82 -107.48
N SER MA 459 -28.86 1.89 -108.41
CA SER MA 459 -27.85 2.02 -109.45
C SER MA 459 -28.33 2.98 -110.54
N ASP MA 460 -27.37 3.52 -111.30
CA ASP MA 460 -27.70 4.50 -112.32
C ASP MA 460 -28.57 3.88 -113.41
N PHE MA 461 -28.28 2.64 -113.82
CA PHE MA 461 -29.00 2.03 -114.92
C PHE MA 461 -30.50 2.00 -114.67
N ASP MA 462 -30.91 1.77 -113.41
CA ASP MA 462 -32.33 1.64 -113.11
C ASP MA 462 -33.07 2.97 -113.26
N VAL MA 463 -32.37 4.08 -113.07
CA VAL MA 463 -33.03 5.39 -113.14
C VAL MA 463 -33.14 5.87 -114.57
N GLN MA 464 -32.01 5.91 -115.29
CA GLN MA 464 -32.00 6.42 -116.65
C GLN MA 464 -32.67 5.41 -117.60
N PRO MA 465 -33.17 5.90 -118.74
CA PRO MA 465 -33.72 4.97 -119.74
C PRO MA 465 -32.62 4.18 -120.44
N LYS MA 466 -33.00 3.36 -121.41
CA LYS MA 466 -32.03 2.48 -122.06
C LYS MA 466 -30.99 3.30 -122.81
N CYS MA 467 -29.74 2.82 -122.78
CA CYS MA 467 -28.63 3.43 -123.52
C CYS MA 467 -28.34 4.85 -123.06
N VAL MA 468 -28.65 5.16 -121.79
CA VAL MA 468 -28.35 6.47 -121.23
C VAL MA 468 -27.58 6.33 -119.93
N GLY MA 469 -27.70 5.17 -119.29
CA GLY MA 469 -27.02 4.96 -118.02
C GLY MA 469 -25.52 4.80 -118.20
N GLN MA 470 -24.80 4.94 -117.08
CA GLN MA 470 -23.36 4.80 -117.07
C GLN MA 470 -22.94 3.77 -116.02
N PRO MA 471 -21.90 2.99 -116.28
CA PRO MA 471 -21.44 2.01 -115.29
C PRO MA 471 -20.82 2.68 -114.07
N GLY MA 472 -20.95 2.01 -112.93
CA GLY MA 472 -20.30 2.46 -111.71
C GLY MA 472 -20.74 3.82 -111.23
N VAL MA 473 -22.04 4.11 -111.29
CA VAL MA 473 -22.61 5.34 -110.76
C VAL MA 473 -23.84 4.98 -109.94
N PHE MA 474 -23.89 5.47 -108.70
CA PHE MA 474 -24.94 5.10 -107.76
C PHE MA 474 -25.60 6.35 -107.19
N HIS MA 475 -26.89 6.23 -106.89
CA HIS MA 475 -27.66 7.28 -106.26
C HIS MA 475 -28.08 6.80 -104.88
N LEU MA 476 -27.74 7.57 -103.85
CA LEU MA 476 -28.01 7.20 -102.46
C LEU MA 476 -28.85 8.28 -101.81
N ASN MA 477 -29.98 7.88 -101.22
CA ASN MA 477 -30.85 8.78 -100.50
C ASN MA 477 -30.90 8.38 -99.03
N MET MA 478 -31.07 9.36 -98.16
CA MET MA 478 -31.12 9.08 -96.73
C MET MA 478 -31.73 10.27 -96.00
N ARG MA 479 -32.58 9.98 -95.02
CA ARG MA 479 -33.12 10.98 -94.11
C ARG MA 479 -32.76 10.59 -92.69
N TYR MA 480 -32.49 11.61 -91.87
CA TYR MA 480 -32.03 11.38 -90.50
C TYR MA 480 -32.58 12.47 -89.60
N ARG MA 481 -32.55 12.19 -88.30
CA ARG MA 481 -33.04 13.12 -87.29
C ARG MA 481 -31.93 13.38 -86.28
N PRO MA 482 -31.54 14.63 -86.03
CA PRO MA 482 -30.44 14.89 -85.10
C PRO MA 482 -30.84 14.55 -83.68
N PRO MA 483 -29.87 14.53 -82.75
CA PRO MA 483 -30.19 14.12 -81.38
C PRO MA 483 -31.11 15.13 -80.70
N VAL MA 484 -31.80 14.63 -79.67
CA VAL MA 484 -32.75 15.42 -78.89
C VAL MA 484 -32.17 15.66 -77.50
N ARG MA 485 -32.34 16.87 -77.00
CA ARG MA 485 -31.84 17.24 -75.68
C ARG MA 485 -32.92 18.00 -74.93
N GLY MA 486 -32.82 17.99 -73.61
CA GLY MA 486 -33.78 18.70 -72.78
C GLY MA 486 -33.86 20.16 -73.15
N ALA MA 487 -35.07 20.69 -73.28
CA ALA MA 487 -35.28 22.04 -73.77
C ALA MA 487 -36.05 22.93 -72.81
N ARG MA 488 -37.11 22.42 -72.18
CA ARG MA 488 -37.96 23.26 -71.36
C ARG MA 488 -38.84 22.37 -70.49
N ILE MA 489 -38.96 22.75 -69.21
CA ILE MA 489 -39.75 22.01 -68.24
C ILE MA 489 -40.79 22.96 -67.65
N ASN MA 490 -42.05 22.54 -67.63
CA ASN MA 490 -43.13 23.31 -67.05
C ASN MA 490 -43.52 22.70 -65.71
N VAL MA 491 -43.60 23.55 -64.68
CA VAL MA 491 -43.90 23.12 -63.33
C VAL MA 491 -45.23 23.73 -62.91
N ASN MA 492 -46.13 22.89 -62.39
CA ASN MA 492 -47.43 23.33 -61.88
C ASN MA 492 -47.45 23.01 -60.38
N LEU MA 493 -46.91 23.92 -59.59
CA LEU MA 493 -46.85 23.73 -58.14
C LEU MA 493 -48.22 24.01 -57.53
N VAL MA 494 -48.67 23.10 -56.66
CA VAL MA 494 -50.01 23.18 -56.08
C VAL MA 494 -49.91 23.08 -54.56
N PRO MA 495 -49.69 24.18 -53.84
CA PRO MA 495 -49.57 24.11 -52.39
C PRO MA 495 -50.88 23.68 -51.74
N ALA MA 496 -50.75 23.01 -50.59
CA ALA MA 496 -51.89 22.62 -49.78
C ALA MA 496 -51.45 22.60 -48.32
N LEU MA 497 -52.42 22.68 -47.41
CA LEU MA 497 -52.15 22.78 -45.99
C LEU MA 497 -52.31 21.43 -45.30
N PHE MA 498 -51.45 21.20 -44.30
CA PHE MA 498 -51.53 20.01 -43.47
C PHE MA 498 -52.41 20.30 -42.24
N ASP MA 499 -53.71 20.40 -42.51
CA ASP MA 499 -54.72 20.58 -41.47
C ASP MA 499 -55.51 19.30 -41.30
N ASN MA 500 -56.36 19.27 -40.29
CA ASN MA 500 -57.17 18.10 -40.01
C ASN MA 500 -56.31 16.88 -39.78
N CYS NA 3 -38.97 -19.40 -107.19
CA CYS NA 3 -37.74 -18.62 -107.45
C CYS NA 3 -37.27 -17.89 -106.20
N ASN NA 4 -38.21 -17.68 -105.27
CA ASN NA 4 -37.90 -17.07 -103.98
C ASN NA 4 -37.88 -18.07 -102.84
N LYS NA 5 -38.59 -19.20 -103.00
CA LYS NA 5 -38.60 -20.21 -101.94
C LYS NA 5 -37.20 -20.79 -101.73
N GLN NA 6 -36.36 -20.77 -102.76
CA GLN NA 6 -35.04 -21.39 -102.66
C GLN NA 6 -34.30 -20.84 -101.44
N ASN NA 7 -33.79 -21.75 -100.62
CA ASN NA 7 -33.08 -21.40 -99.39
C ASN NA 7 -31.63 -21.83 -99.52
N GLY NA 8 -30.73 -20.86 -99.42
CA GLY NA 8 -29.31 -21.16 -99.53
C GLY NA 8 -28.50 -19.88 -99.61
N VAL NA 9 -27.19 -20.04 -99.40
CA VAL NA 9 -26.29 -18.90 -99.44
C VAL NA 9 -25.91 -18.59 -100.87
N LYS NA 10 -25.59 -17.31 -101.12
CA LYS NA 10 -25.30 -16.82 -102.46
C LYS NA 10 -23.94 -16.15 -102.53
N ASN NA 11 -23.53 -15.50 -101.44
CA ASN NA 11 -22.26 -14.79 -101.41
C ASN NA 11 -21.75 -14.73 -99.98
N ILE NA 12 -20.44 -14.87 -99.82
CA ILE NA 12 -19.78 -14.70 -98.53
C ILE NA 12 -18.55 -13.82 -98.75
N LEU NA 13 -18.48 -12.71 -98.03
CA LEU NA 13 -17.35 -11.79 -98.11
C LEU NA 13 -16.72 -11.68 -96.72
N ILE NA 14 -15.39 -11.76 -96.67
CA ILE NA 14 -14.65 -11.72 -95.41
C ILE NA 14 -13.50 -10.73 -95.56
N THR NA 15 -13.29 -9.92 -94.52
CA THR NA 15 -12.22 -8.93 -94.50
C THR NA 15 -11.44 -9.10 -93.21
N PHE NA 16 -10.12 -9.23 -93.32
CA PHE NA 16 -9.27 -9.50 -92.18
C PHE NA 16 -8.54 -8.24 -91.73
N THR NA 17 -8.04 -8.29 -90.49
CA THR NA 17 -7.25 -7.19 -89.93
C THR NA 17 -6.32 -7.80 -88.88
N HIS NA 18 -5.05 -7.99 -89.26
CA HIS NA 18 -4.10 -8.61 -88.36
C HIS NA 18 -3.96 -7.78 -87.09
N CYS NA 19 -3.98 -8.46 -85.95
CA CYS NA 19 -3.97 -7.76 -84.66
C CYS NA 19 -2.61 -7.13 -84.40
N ASP NA 20 -1.53 -7.88 -84.60
CA ASP NA 20 -0.21 -7.39 -84.19
C ASP NA 20 0.28 -6.29 -85.12
N THR NA 21 0.16 -6.47 -86.43
CA THR NA 21 0.73 -5.54 -87.40
C THR NA 21 -0.28 -4.61 -88.04
N GLY NA 22 -1.57 -4.89 -87.93
CA GLY NA 22 -2.57 -4.05 -88.53
C GLY NA 22 -2.74 -4.21 -90.03
N GLU NA 23 -2.13 -5.23 -90.62
CA GLU NA 23 -2.28 -5.46 -92.05
C GLU NA 23 -3.74 -5.71 -92.39
N VAL NA 24 -4.18 -5.20 -93.53
CA VAL NA 24 -5.58 -5.28 -93.96
C VAL NA 24 -5.63 -5.95 -95.33
N ILE NA 25 -6.63 -6.81 -95.51
CA ILE NA 25 -6.87 -7.49 -96.78
C ILE NA 25 -8.32 -7.28 -97.15
N GLY NA 26 -8.57 -6.92 -98.40
CA GLY NA 26 -9.89 -6.53 -98.85
C GLY NA 26 -10.93 -7.63 -98.71
N PRO NA 27 -12.16 -7.33 -99.15
CA PRO NA 27 -13.26 -8.29 -99.02
C PRO NA 27 -13.20 -9.41 -100.04
N ILE NA 28 -12.46 -10.48 -99.74
CA ILE NA 28 -12.35 -11.62 -100.64
C ILE NA 28 -13.61 -12.47 -100.55
N SER NA 29 -14.11 -12.91 -101.70
CA SER NA 29 -15.26 -13.80 -101.74
C SER NA 29 -14.84 -15.24 -101.49
N HIS NA 30 -15.68 -15.98 -100.79
CA HIS NA 30 -15.43 -17.37 -100.42
C HIS NA 30 -16.57 -18.24 -100.93
N GLU NA 31 -16.44 -19.55 -100.69
CA GLU NA 31 -17.48 -20.51 -101.04
C GLU NA 31 -17.57 -21.56 -99.94
N GLN NA 32 -18.55 -22.46 -100.07
CA GLN NA 32 -18.79 -23.41 -98.99
C GLN NA 32 -18.22 -24.80 -99.33
N PRO NA 33 -17.76 -25.54 -98.32
CA PRO NA 33 -17.19 -26.87 -98.59
C PRO NA 33 -18.23 -27.97 -98.72
N ASP NA 34 -19.39 -27.80 -98.09
CA ASP NA 34 -20.40 -28.84 -98.06
C ASP NA 34 -21.77 -28.17 -98.01
N ASP NA 35 -22.81 -28.95 -97.69
CA ASP NA 35 -24.19 -28.48 -97.72
C ASP NA 35 -24.70 -28.07 -96.35
N THR NA 36 -23.82 -27.64 -95.45
CA THR NA 36 -24.21 -27.17 -94.13
C THR NA 36 -24.22 -25.65 -94.13
N LEU NA 37 -25.41 -25.07 -94.02
CA LEU NA 37 -25.55 -23.63 -94.09
C LEU NA 37 -25.09 -22.98 -92.79
N PRO NA 38 -24.78 -21.68 -92.82
CA PRO NA 38 -24.39 -20.99 -91.58
C PRO NA 38 -25.51 -20.92 -90.57
N THR NA 39 -25.24 -20.34 -89.40
CA THR NA 39 -26.25 -20.16 -88.36
C THR NA 39 -26.02 -18.81 -87.69
N TYR NA 40 -27.07 -18.26 -87.09
CA TYR NA 40 -27.03 -16.91 -86.56
C TYR NA 40 -27.74 -16.85 -85.21
N LYS NA 41 -27.43 -15.80 -84.46
CA LYS NA 41 -28.19 -15.46 -83.25
C LYS NA 41 -28.04 -13.95 -83.06
N THR NA 42 -29.07 -13.20 -83.43
CA THR NA 42 -28.98 -11.75 -83.53
C THR NA 42 -29.54 -11.03 -82.31
N CYS NA 43 -29.92 -11.74 -81.26
CA CYS NA 43 -30.43 -11.14 -80.03
C CYS NA 43 -29.38 -11.29 -78.94
N ALA NA 44 -28.95 -10.16 -78.37
CA ALA NA 44 -27.90 -10.17 -77.35
C ALA NA 44 -28.48 -10.22 -75.95
N TRP NA 45 -29.35 -11.19 -75.70
CA TRP NA 45 -29.92 -11.39 -74.37
C TRP NA 45 -30.28 -12.85 -74.22
N THR NA 46 -29.92 -13.44 -73.08
CA THR NA 46 -30.18 -14.83 -72.77
C THR NA 46 -31.04 -14.91 -71.52
N ASN NA 47 -32.10 -15.72 -71.58
CA ASN NA 47 -33.05 -15.86 -70.49
C ASN NA 47 -32.82 -17.19 -69.76
N THR NA 48 -33.60 -17.38 -68.70
CA THR NA 48 -33.46 -18.56 -67.85
C THR NA 48 -34.81 -18.91 -67.26
N ALA NA 49 -34.91 -20.13 -66.72
CA ALA NA 49 -36.22 -20.68 -66.37
C ALA NA 49 -36.83 -19.96 -65.15
N LEU NA 50 -36.16 -20.01 -64.01
CA LEU NA 50 -36.74 -19.53 -62.76
C LEU NA 50 -38.08 -20.25 -62.56
N THR NA 51 -39.01 -19.63 -61.84
CA THR NA 51 -40.27 -20.27 -61.47
C THR NA 51 -41.43 -19.32 -61.69
N ASN NA 52 -42.62 -19.90 -61.87
CA ASN NA 52 -43.87 -19.16 -62.02
C ASN NA 52 -43.89 -18.28 -63.26
N GLY NA 53 -43.17 -18.65 -64.31
CA GLY NA 53 -43.14 -17.89 -65.54
C GLY NA 53 -42.15 -16.74 -65.56
N ALA NA 54 -41.38 -16.55 -64.50
CA ALA NA 54 -40.36 -15.52 -64.50
C ALA NA 54 -39.14 -15.99 -65.28
N VAL NA 55 -38.23 -15.05 -65.56
CA VAL NA 55 -37.00 -15.36 -66.28
C VAL NA 55 -35.95 -14.34 -65.85
N MET NA 56 -34.69 -14.78 -65.79
CA MET NA 56 -33.57 -13.91 -65.51
C MET NA 56 -32.94 -13.50 -66.83
N ARG NA 57 -32.75 -12.19 -67.01
CA ARG NA 57 -32.22 -11.64 -68.25
C ARG NA 57 -30.77 -11.23 -68.03
N SER NA 58 -29.86 -11.76 -68.84
CA SER NA 58 -28.44 -11.52 -68.71
C SER NA 58 -27.91 -10.92 -70.02
N ALA NA 59 -26.59 -10.75 -70.10
CA ALA NA 59 -26.00 -10.00 -71.19
C ALA NA 59 -25.85 -10.83 -72.45
N SER NA 60 -25.06 -11.91 -72.39
CA SER NA 60 -24.84 -12.77 -73.55
C SER NA 60 -24.25 -11.99 -74.72
N ASN NA 61 -24.16 -12.62 -75.89
CA ASN NA 61 -23.60 -12.01 -77.08
C ASN NA 61 -24.44 -12.38 -78.29
N ALA NA 62 -24.00 -11.92 -79.46
CA ALA NA 62 -24.54 -12.32 -80.75
C ALA NA 62 -23.43 -13.03 -81.51
N THR NA 63 -23.76 -14.19 -82.08
CA THR NA 63 -22.76 -15.08 -82.66
C THR NA 63 -23.13 -15.46 -84.08
N MET NA 64 -22.19 -16.08 -84.77
CA MET NA 64 -22.38 -16.58 -86.13
C MET NA 64 -21.40 -17.71 -86.38
N THR NA 65 -21.91 -18.82 -86.92
CA THR NA 65 -21.08 -19.96 -87.30
C THR NA 65 -20.99 -20.01 -88.82
N LEU NA 66 -19.78 -19.92 -89.35
CA LEU NA 66 -19.56 -19.72 -90.78
C LEU NA 66 -18.55 -20.72 -91.31
N PRO NA 67 -19.01 -21.84 -91.89
CA PRO NA 67 -18.08 -22.78 -92.54
C PRO NA 67 -17.75 -22.32 -93.95
N VAL NA 68 -16.46 -22.13 -94.23
CA VAL NA 68 -15.98 -21.63 -95.51
C VAL NA 68 -14.80 -22.47 -95.95
N VAL NA 69 -14.42 -22.29 -97.22
CA VAL NA 69 -13.27 -22.96 -97.81
C VAL NA 69 -12.10 -21.98 -97.81
N ARG NA 70 -10.99 -22.40 -97.22
CA ARG NA 70 -9.83 -21.52 -97.09
C ARG NA 70 -9.38 -21.05 -98.47
N ASP NA 71 -9.12 -19.74 -98.59
CA ASP NA 71 -8.61 -19.16 -99.82
C ASP NA 71 -7.09 -19.33 -99.88
N PRO NA 72 -6.54 -19.92 -100.95
CA PRO NA 72 -5.13 -20.34 -100.92
C PRO NA 72 -4.14 -19.18 -100.85
N ARG NA 73 -4.58 -17.93 -100.80
CA ARG NA 73 -3.68 -16.79 -100.69
C ARG NA 73 -3.64 -16.18 -99.30
N VAL NA 74 -4.27 -16.81 -98.32
CA VAL NA 74 -4.36 -16.27 -96.97
C VAL NA 74 -3.84 -17.33 -96.01
N PRO NA 75 -2.96 -16.99 -95.06
CA PRO NA 75 -2.49 -18.00 -94.11
C PRO NA 75 -3.63 -18.58 -93.29
N LEU NA 76 -3.46 -19.85 -92.89
CA LEU NA 76 -4.49 -20.50 -92.10
C LEU NA 76 -4.69 -19.79 -90.76
N ALA NA 77 -3.60 -19.31 -90.16
CA ALA NA 77 -3.70 -18.67 -88.84
C ALA NA 77 -4.73 -17.54 -88.85
N TRP NA 78 -4.83 -16.80 -89.96
CA TRP NA 78 -5.78 -15.70 -90.01
C TRP NA 78 -7.22 -16.18 -89.90
N TYR NA 79 -7.50 -17.38 -90.41
CA TYR NA 79 -8.82 -17.98 -90.24
C TYR NA 79 -9.05 -18.51 -88.84
N GLN NA 80 -8.11 -18.23 -87.94
CA GLN NA 80 -8.21 -18.61 -86.54
C GLN NA 80 -8.01 -17.38 -85.67
N GLY NA 81 -7.81 -17.56 -84.38
CA GLY NA 81 -7.88 -16.46 -83.44
C GLY NA 81 -6.85 -15.35 -83.60
N CYS NA 82 -6.07 -15.36 -84.68
CA CYS NA 82 -5.00 -14.38 -84.88
C CYS NA 82 -5.39 -13.29 -85.88
N ALA NA 83 -6.65 -12.87 -85.92
CA ALA NA 83 -7.04 -11.78 -86.81
C ALA NA 83 -8.47 -11.35 -86.51
N GLN NA 84 -8.70 -10.04 -86.57
CA GLN NA 84 -10.07 -9.52 -86.52
C GLN NA 84 -10.73 -9.72 -87.89
N ILE NA 85 -12.04 -9.99 -87.87
CA ILE NA 85 -12.76 -10.44 -89.05
C ILE NA 85 -14.04 -9.63 -89.20
N ASP NA 86 -14.40 -9.33 -90.45
CA ASP NA 86 -15.63 -8.61 -90.78
C ASP NA 86 -16.26 -9.35 -91.96
N ALA NA 87 -17.41 -9.98 -91.72
CA ALA NA 87 -18.00 -10.91 -92.68
C ALA NA 87 -19.42 -10.50 -93.03
N GLN NA 88 -19.82 -10.84 -94.25
CA GLN NA 88 -21.18 -10.60 -94.74
C GLN NA 88 -21.68 -11.84 -95.47
N VAL NA 89 -22.96 -12.13 -95.32
CA VAL NA 89 -23.59 -13.29 -95.95
C VAL NA 89 -24.88 -12.83 -96.61
N GLU NA 90 -25.11 -13.28 -97.84
CA GLU NA 90 -26.31 -12.94 -98.59
C GLU NA 90 -26.97 -14.22 -99.07
N LYS NA 91 -28.24 -14.41 -98.70
CA LYS NA 91 -28.99 -15.59 -99.10
C LYS NA 91 -29.70 -15.33 -100.42
N PHE NA 92 -30.42 -16.33 -100.91
CA PHE NA 92 -31.08 -16.21 -102.20
C PHE NA 92 -32.33 -15.34 -102.12
N ASP NA 93 -33.07 -15.42 -101.02
CA ASP NA 93 -34.28 -14.62 -100.88
C ASP NA 93 -33.94 -13.12 -100.89
N GLY NA 94 -32.86 -12.73 -100.22
CA GLY NA 94 -32.46 -11.35 -100.18
C GLY NA 94 -31.90 -10.93 -98.84
N THR NA 95 -32.15 -11.73 -97.80
CA THR NA 95 -31.65 -11.40 -96.48
C THR NA 95 -30.12 -11.27 -96.50
N VAL NA 96 -29.62 -10.21 -95.85
CA VAL NA 96 -28.19 -9.93 -95.81
C VAL NA 96 -27.80 -9.73 -94.35
N MET NA 97 -26.82 -10.49 -93.90
CA MET NA 97 -26.28 -10.38 -92.55
C MET NA 97 -24.92 -9.69 -92.62
N THR NA 98 -24.71 -8.70 -91.76
CA THR NA 98 -23.46 -7.97 -91.70
C THR NA 98 -22.87 -8.06 -90.30
N LEU NA 99 -21.58 -8.35 -90.22
CA LEU NA 99 -20.85 -8.47 -88.97
C LEU NA 99 -19.58 -7.65 -89.06
N THR NA 100 -19.30 -6.89 -88.00
CA THR NA 100 -18.13 -6.02 -87.96
C THR NA 100 -17.40 -6.19 -86.63
N GLU NA 101 -16.08 -6.10 -86.69
CA GLU NA 101 -15.23 -6.18 -85.50
C GLU NA 101 -15.51 -7.44 -84.70
N GLY NA 102 -15.63 -8.56 -85.40
CA GLY NA 102 -15.83 -9.84 -84.75
C GLY NA 102 -14.53 -10.45 -84.27
N ALA NA 103 -14.65 -11.64 -83.68
CA ALA NA 103 -13.50 -12.38 -83.20
C ALA NA 103 -13.82 -13.87 -83.21
N VAL NA 104 -12.77 -14.69 -83.30
CA VAL NA 104 -12.91 -16.14 -83.39
C VAL NA 104 -12.61 -16.74 -82.03
N THR NA 105 -13.44 -17.68 -81.59
CA THR NA 105 -13.32 -18.29 -80.27
C THR NA 105 -13.19 -19.79 -80.39
N GLU NA 106 -12.28 -20.36 -79.58
CA GLU NA 106 -12.09 -21.80 -79.47
C GLU NA 106 -11.94 -22.44 -80.85
N PRO NA 107 -10.87 -22.13 -81.58
CA PRO NA 107 -10.68 -22.73 -82.90
C PRO NA 107 -10.50 -24.24 -82.79
N GLU NA 108 -11.02 -24.94 -83.80
CA GLU NA 108 -10.87 -26.39 -83.90
C GLU NA 108 -9.86 -26.73 -84.98
N GLU NA 109 -9.13 -27.82 -84.78
CA GLU NA 109 -8.10 -28.21 -85.73
C GLU NA 109 -8.73 -28.46 -87.09
N SER NA 110 -8.03 -28.01 -88.14
CA SER NA 110 -8.48 -28.13 -89.51
C SER NA 110 -7.43 -28.87 -90.33
N ASP NA 111 -7.88 -29.47 -91.43
CA ASP NA 111 -7.00 -30.23 -92.31
C ASP NA 111 -6.36 -29.38 -93.40
N GLY NA 112 -6.59 -28.07 -93.39
CA GLY NA 112 -5.96 -27.15 -94.32
C GLY NA 112 -6.86 -26.63 -95.42
N ARG NA 113 -8.05 -27.21 -95.61
CA ARG NA 113 -8.96 -26.77 -96.65
C ARG NA 113 -10.24 -26.15 -96.07
N ALA NA 114 -10.95 -26.89 -95.22
CA ALA NA 114 -12.22 -26.44 -94.68
C ALA NA 114 -12.03 -25.98 -93.24
N VAL NA 115 -12.55 -24.80 -92.91
CA VAL NA 115 -12.45 -24.23 -91.58
C VAL NA 115 -13.86 -23.81 -91.14
N THR NA 116 -14.24 -24.22 -89.93
CA THR NA 116 -15.48 -23.79 -89.32
C THR NA 116 -15.17 -22.72 -88.29
N MET NA 117 -15.78 -21.54 -88.44
CA MET NA 117 -15.44 -20.37 -87.66
C MET NA 117 -16.60 -20.02 -86.73
N THR NA 118 -16.29 -19.74 -85.47
CA THR NA 118 -17.27 -19.31 -84.49
C THR NA 118 -16.99 -17.84 -84.17
N ILE NA 119 -17.73 -16.95 -84.81
CA ILE NA 119 -17.53 -15.51 -84.69
C ILE NA 119 -18.60 -14.94 -83.77
N ILE NA 120 -18.17 -14.09 -82.84
CA ILE NA 120 -19.08 -13.43 -81.92
C ILE NA 120 -18.80 -11.93 -81.95
N ALA NA 121 -19.85 -11.13 -82.05
CA ALA NA 121 -19.74 -9.68 -82.11
C ALA NA 121 -20.85 -9.06 -81.29
N ALA NA 122 -20.68 -7.78 -80.97
CA ALA NA 122 -21.64 -7.09 -80.12
C ALA NA 122 -23.02 -7.02 -80.78
N GLU NA 123 -23.08 -7.02 -82.11
CA GLU NA 123 -24.35 -6.87 -82.80
C GLU NA 123 -24.20 -7.38 -84.22
N ILE NA 124 -25.27 -7.98 -84.74
CA ILE NA 124 -25.36 -8.41 -86.12
C ILE NA 124 -26.55 -7.69 -86.76
N ASP NA 125 -26.34 -7.15 -87.96
CA ASP NA 125 -27.35 -6.36 -88.63
C ASP NA 125 -27.98 -7.18 -89.75
N GLU NA 126 -29.31 -7.22 -89.77
CA GLU NA 126 -30.07 -7.99 -90.75
C GLU NA 126 -30.86 -7.04 -91.65
N LEU NA 127 -30.81 -7.31 -92.96
CA LEU NA 127 -31.49 -6.50 -93.96
C LEU NA 127 -32.55 -7.38 -94.63
N LEU NA 128 -33.81 -7.20 -94.24
CA LEU NA 128 -34.89 -7.99 -94.80
C LEU NA 128 -35.24 -7.54 -96.21
N PRO NA 129 -35.91 -8.38 -96.98
CA PRO NA 129 -36.38 -7.97 -98.30
C PRO NA 129 -37.35 -6.81 -98.18
N PRO NA 130 -37.75 -6.22 -99.30
CA PRO NA 130 -38.72 -5.11 -99.23
C PRO NA 130 -40.03 -5.56 -98.60
N GLY NA 131 -40.62 -4.68 -97.83
CA GLY NA 131 -41.90 -4.94 -97.20
C GLY NA 131 -41.85 -5.34 -95.74
N SER NA 132 -40.75 -5.05 -95.05
CA SER NA 132 -40.66 -5.41 -93.64
C SER NA 132 -41.71 -4.67 -92.82
N LEU NA 133 -42.28 -5.37 -91.83
CA LEU NA 133 -43.30 -4.79 -90.98
C LEU NA 133 -42.75 -4.15 -89.71
N ALA NA 134 -41.53 -4.50 -89.32
CA ALA NA 134 -40.93 -4.02 -88.08
C ALA NA 134 -39.83 -3.02 -88.42
N ALA NA 135 -39.84 -1.88 -87.72
CA ALA NA 135 -38.83 -0.85 -87.92
C ALA NA 135 -37.42 -1.40 -87.68
N ALA OA 5 51.82 5.43 -45.58
CA ALA OA 5 51.18 4.20 -46.03
C ALA OA 5 52.17 3.04 -46.05
N LEU OA 6 53.29 3.21 -45.34
CA LEU OA 6 54.32 2.19 -45.27
C LEU OA 6 54.82 2.08 -43.84
N SER OA 7 55.40 0.92 -43.52
CA SER OA 7 55.91 0.62 -42.19
C SER OA 7 54.83 0.68 -41.13
N ASP OA 8 53.56 0.59 -41.54
CA ASP OA 8 52.45 0.65 -40.61
C ASP OA 8 51.13 0.41 -41.32
N GLY OA 9 50.03 0.41 -40.57
CA GLY OA 9 48.71 0.47 -41.15
C GLY OA 9 48.00 -0.86 -41.22
N PHE OA 10 46.95 -0.88 -42.04
CA PHE OA 10 46.03 -2.00 -42.14
C PHE OA 10 45.13 -1.70 -43.33
N VAL OA 11 44.12 -2.53 -43.58
CA VAL OA 11 43.11 -2.25 -44.59
C VAL OA 11 42.60 -0.83 -44.38
N ARG OA 12 42.02 -0.22 -45.42
CA ARG OA 12 41.66 1.19 -45.42
C ARG OA 12 42.92 2.03 -45.32
N LEU OA 13 43.73 2.04 -46.38
CA LEU OA 13 44.80 3.00 -46.53
C LEU OA 13 44.25 4.30 -47.10
N CYS OA 14 44.92 5.41 -46.77
CA CYS OA 14 44.45 6.74 -47.14
C CYS OA 14 45.22 7.31 -48.31
N ILE OA 15 44.51 8.01 -49.19
CA ILE OA 15 45.10 8.92 -50.15
C ILE OA 15 44.22 10.18 -50.18
N ASP OA 16 44.86 11.34 -50.07
CA ASP OA 16 44.16 12.56 -49.71
C ASP OA 16 43.95 13.47 -50.91
N PRO OA 17 43.00 14.40 -50.80
CA PRO OA 17 42.72 15.34 -51.89
C PRO OA 17 43.67 16.53 -51.90
N SER OA 18 44.80 16.41 -52.58
CA SER OA 18 45.83 17.45 -52.58
C SER OA 18 45.22 18.85 -52.61
N LEU OA 19 44.15 19.04 -53.37
CA LEU OA 19 43.45 20.32 -53.41
C LEU OA 19 42.32 20.34 -52.39
N ASN OA 20 42.16 21.47 -51.71
CA ASN OA 20 41.17 21.61 -50.65
C ASN OA 20 39.82 22.10 -51.15
N PHE OA 21 39.70 22.47 -52.43
CA PHE OA 21 38.47 22.99 -52.99
C PHE OA 21 37.87 21.95 -53.91
N PHE OA 22 36.57 21.68 -53.73
CA PHE OA 22 35.87 20.70 -54.55
C PHE OA 22 34.47 21.18 -54.93
N GLY OA 23 34.13 22.44 -54.68
CA GLY OA 23 32.81 22.94 -54.99
C GLY OA 23 32.65 23.36 -56.43
N GLU OA 24 33.30 22.63 -57.33
CA GLU OA 24 33.19 22.92 -58.76
C GLU OA 24 31.81 22.54 -59.27
N GLY OA 25 31.43 23.15 -60.40
CA GLY OA 25 30.13 22.95 -61.01
C GLY OA 25 29.39 24.24 -61.31
N CYS OA 26 29.66 25.31 -60.56
CA CYS OA 26 29.07 26.61 -60.80
C CYS OA 26 30.19 27.63 -60.91
N LYS OA 27 30.14 28.46 -61.95
CA LYS OA 27 31.20 29.41 -62.25
C LYS OA 27 30.62 30.79 -62.44
N ILE OA 28 31.43 31.80 -62.14
CA ILE OA 28 31.07 33.21 -62.31
C ILE OA 28 32.19 33.89 -63.10
N LEU OA 29 31.80 34.70 -64.08
CA LEU OA 29 32.74 35.42 -64.93
C LEU OA 29 32.57 36.91 -64.72
N VAL OA 30 33.67 37.59 -64.42
CA VAL OA 30 33.68 39.03 -64.17
C VAL OA 30 34.49 39.71 -65.26
N GLU OA 31 33.90 40.73 -65.89
CA GLU OA 31 34.53 41.43 -66.99
C GLU OA 31 34.58 42.92 -66.66
N GLY OA 32 35.74 43.54 -66.89
CA GLY OA 32 35.89 44.94 -66.58
C GLY OA 32 37.22 45.47 -67.06
N GLN OA 33 37.43 46.76 -66.84
CA GLN OA 33 38.65 47.43 -67.26
C GLN OA 33 39.82 47.01 -66.36
N ILE OA 34 41.02 47.39 -66.78
CA ILE OA 34 42.22 47.24 -65.95
C ILE OA 34 43.13 48.42 -66.21
N THR OA 35 44.26 48.48 -65.49
CA THR OA 35 45.23 49.55 -65.62
C THR OA 35 46.51 49.01 -66.25
N ASP OA 36 47.45 49.92 -66.50
CA ASP OA 36 48.71 49.53 -67.14
C ASP OA 36 49.51 48.58 -66.25
N ASP OA 37 49.51 48.82 -64.95
CA ASP OA 37 50.35 48.03 -64.04
C ASP OA 37 49.98 46.55 -64.04
N ALA OA 38 48.78 46.20 -64.49
CA ALA OA 38 48.34 44.81 -64.44
C ALA OA 38 49.28 43.91 -65.25
N THR OA 39 49.63 42.78 -64.67
CA THR OA 39 50.46 41.79 -65.35
C THR OA 39 49.66 40.73 -66.10
N ALA OA 40 48.34 40.73 -65.96
CA ALA OA 40 47.51 39.74 -66.63
C ALA OA 40 47.35 40.07 -68.10
N ALA OA 41 47.34 39.03 -68.93
CA ALA OA 41 47.16 39.22 -70.36
C ALA OA 41 45.72 39.61 -70.67
N GLU OA 42 45.55 40.49 -71.64
CA GLU OA 42 44.23 41.00 -72.00
C GLU OA 42 43.47 39.97 -72.84
N ASN OA 43 42.14 39.99 -72.69
CA ASN OA 43 41.24 39.17 -73.50
C ASN OA 43 41.60 37.69 -73.39
N VAL OA 44 41.82 37.22 -72.17
CA VAL OA 44 42.09 35.81 -71.91
C VAL OA 44 41.50 35.42 -70.56
N VAL OA 45 40.57 34.48 -70.57
CA VAL OA 45 39.95 34.04 -69.33
C VAL OA 45 41.00 33.41 -68.43
N THR OA 46 40.99 33.78 -67.15
CA THR OA 46 41.93 33.26 -66.18
C THR OA 46 41.20 32.98 -64.88
N CYS OA 47 41.72 32.00 -64.13
CA CYS OA 47 41.13 31.63 -62.86
C CYS OA 47 41.69 32.51 -61.74
N VAL OA 48 40.80 32.98 -60.87
CA VAL OA 48 41.17 33.81 -59.72
C VAL OA 48 41.10 32.94 -58.47
N ASN OA 49 42.13 33.05 -57.62
CA ASN OA 49 42.27 32.19 -56.46
C ASN OA 49 41.77 32.86 -55.18
N SER OA 50 42.30 34.03 -54.84
CA SER OA 50 41.93 34.71 -53.61
C SER OA 50 42.34 36.17 -53.71
N GLU OA 51 42.21 36.90 -52.60
CA GLU OA 51 42.51 38.33 -52.60
C GLU OA 51 44.00 38.61 -52.73
N LEU OA 52 44.85 37.66 -52.36
CA LEU OA 52 46.29 37.90 -52.40
C LEU OA 52 46.75 38.19 -53.83
N ASP OA 53 46.25 37.44 -54.80
CA ASP OA 53 46.69 37.60 -56.18
C ASP OA 53 46.34 38.98 -56.72
N LEU OA 54 45.32 39.62 -56.18
CA LEU OA 54 44.82 40.87 -56.74
C LEU OA 54 45.88 41.97 -56.66
N VAL OA 55 45.57 43.14 -57.22
CA VAL OA 55 46.49 44.27 -57.30
C VAL OA 55 47.60 43.92 -58.28
N GLU OA 56 48.43 42.93 -57.93
CA GLU OA 56 49.51 42.53 -58.82
C GLU OA 56 48.98 42.04 -60.16
N ARG OA 57 47.98 41.16 -60.12
CA ARG OA 57 47.46 40.54 -61.34
C ARG OA 57 46.56 41.46 -62.14
N PHE OA 58 45.95 42.47 -61.51
CA PHE OA 58 44.98 43.30 -62.21
C PHE OA 58 45.14 44.79 -61.89
N GLY OA 59 46.30 45.21 -61.39
CA GLY OA 59 46.57 46.61 -61.18
C GLY OA 59 45.96 47.14 -59.89
N GLN OA 60 46.45 48.31 -59.49
CA GLN OA 60 46.00 48.94 -58.26
C GLN OA 60 44.78 49.81 -58.52
N GLY OA 61 43.73 49.62 -57.72
CA GLY OA 61 42.54 50.45 -57.85
C GLY OA 61 41.85 50.34 -59.18
N SER OA 62 42.05 49.25 -59.90
CA SER OA 62 41.38 49.07 -61.19
C SER OA 62 39.93 48.68 -60.97
N VAL OA 63 39.12 48.89 -62.02
CA VAL OA 63 37.70 48.55 -61.94
C VAL OA 63 37.54 47.06 -61.65
N LEU OA 64 38.35 46.23 -62.29
CA LEU OA 64 38.21 44.78 -62.11
C LEU OA 64 38.51 44.38 -60.67
N THR OA 65 39.55 44.98 -60.07
CA THR OA 65 39.91 44.59 -58.71
C THR OA 65 38.79 44.91 -57.73
N GLU OA 66 38.18 46.09 -57.85
CA GLU OA 66 37.11 46.47 -56.94
C GLU OA 66 35.93 45.51 -57.06
N SER OA 67 35.55 45.18 -58.30
CA SER OA 67 34.44 44.24 -58.49
C SER OA 67 34.78 42.88 -57.89
N LEU OA 68 36.00 42.39 -58.13
CA LEU OA 68 36.38 41.09 -57.60
C LEU OA 68 36.38 41.08 -56.09
N ARG OA 69 36.84 42.17 -55.46
CA ARG OA 69 36.89 42.22 -54.00
C ARG OA 69 35.50 42.01 -53.41
N LYS OA 70 34.49 42.67 -53.98
CA LYS OA 70 33.13 42.49 -53.49
C LYS OA 70 32.63 41.07 -53.74
N VAL OA 71 32.98 40.50 -54.89
CA VAL OA 71 32.52 39.15 -55.20
C VAL OA 71 33.04 38.15 -54.17
N PHE OA 72 34.32 38.25 -53.82
CA PHE OA 72 34.87 37.35 -52.81
C PHE OA 72 34.31 37.63 -51.44
N CYS OA 73 33.94 38.88 -51.16
CA CYS OA 73 33.38 39.22 -49.85
C CYS OA 73 31.98 38.68 -49.66
N MET OA 74 31.28 38.37 -50.74
CA MET OA 74 29.92 37.82 -50.67
C MET OA 74 29.89 36.31 -50.79
N CYS OA 75 30.77 35.74 -51.61
CA CYS OA 75 30.81 34.29 -51.84
C CYS OA 75 32.12 33.78 -51.26
N LYS OA 76 32.09 33.46 -49.97
CA LYS OA 76 33.31 33.01 -49.30
C LYS OA 76 33.74 31.63 -49.79
N SER OA 77 32.78 30.75 -50.08
CA SER OA 77 33.11 29.44 -50.60
C SER OA 77 31.87 28.86 -51.27
N GLY OA 78 32.10 27.84 -52.10
CA GLY OA 78 31.03 27.17 -52.82
C GLY OA 78 30.87 27.58 -54.25
N VAL OA 79 31.74 28.44 -54.78
CA VAL OA 79 31.66 28.88 -56.16
C VAL OA 79 33.06 29.18 -56.66
N SER OA 80 33.29 28.92 -57.94
CA SER OA 80 34.58 29.18 -58.59
C SER OA 80 34.48 30.47 -59.38
N VAL OA 81 35.54 31.28 -59.32
CA VAL OA 81 35.55 32.61 -59.91
C VAL OA 81 36.44 32.63 -61.13
N TYR OA 82 36.07 33.46 -62.10
CA TYR OA 82 36.86 33.68 -63.30
C TYR OA 82 36.82 35.16 -63.67
N ALA OA 83 37.88 35.62 -64.32
CA ALA OA 83 38.00 37.02 -64.71
C ALA OA 83 38.45 37.12 -66.16
N LEU OA 84 37.97 38.15 -66.85
CA LEU OA 84 38.28 38.40 -68.25
C LEU OA 84 38.69 39.86 -68.39
N PRO OA 85 39.95 40.18 -68.12
CA PRO OA 85 40.37 41.59 -68.16
C PRO OA 85 40.25 42.18 -69.56
N ARG OA 86 40.00 43.49 -69.60
CA ARG OA 86 39.91 44.25 -70.83
C ARG OA 86 40.73 45.53 -70.70
N ALA OA 87 41.28 45.98 -71.83
CA ALA OA 87 42.12 47.16 -71.86
C ALA OA 87 41.31 48.40 -72.25
N ASP OA 88 41.86 49.56 -71.94
CA ASP OA 88 41.19 50.83 -72.22
C ASP OA 88 41.18 51.11 -73.72
N ALA OA 89 40.23 51.95 -74.14
CA ALA OA 89 40.12 52.33 -75.53
C ALA OA 89 41.37 53.09 -75.97
N ALA OA 90 41.48 53.30 -77.28
CA ALA OA 90 42.67 53.94 -77.84
C ALA OA 90 42.77 55.40 -77.39
N ALA OA 91 41.66 56.13 -77.44
CA ALA OA 91 41.64 57.56 -77.15
C ALA OA 91 40.77 57.89 -75.95
N ALA OA 92 40.86 57.07 -74.89
CA ALA OA 92 40.08 57.31 -73.70
C ALA OA 92 40.56 58.55 -72.97
N VAL OA 93 39.62 59.25 -72.34
CA VAL OA 93 39.90 60.44 -71.54
C VAL OA 93 39.43 60.18 -70.12
N SER OA 94 40.30 60.45 -69.15
CA SER OA 94 39.99 60.21 -67.75
C SER OA 94 39.29 61.43 -67.14
N ALA OA 95 38.26 61.16 -66.35
CA ALA OA 95 37.50 62.23 -65.73
C ALA OA 95 38.32 62.89 -64.62
N VAL OA 96 37.97 64.14 -64.31
CA VAL OA 96 38.66 64.94 -63.32
C VAL OA 96 37.63 65.59 -62.40
N TYR OA 97 37.90 65.54 -61.09
CA TYR OA 97 37.05 66.16 -60.09
C TYR OA 97 37.89 67.07 -59.21
N THR OA 98 37.25 68.12 -58.69
CA THR OA 98 37.91 69.12 -57.87
C THR OA 98 37.22 69.21 -56.51
N LEU OA 99 38.02 69.33 -55.46
CA LEU OA 99 37.52 69.42 -54.09
C LEU OA 99 38.36 70.47 -53.37
N THR OA 100 37.87 71.70 -53.36
CA THR OA 100 38.62 72.84 -52.82
C THR OA 100 38.30 73.02 -51.34
N VAL OA 101 39.34 73.30 -50.55
CA VAL OA 101 39.21 73.58 -49.12
C VAL OA 101 39.46 75.06 -48.91
N THR OA 102 38.57 75.71 -48.16
CA THR OA 102 38.64 77.14 -47.93
C THR OA 102 38.53 77.43 -46.44
N GLY OA 103 39.11 78.55 -46.02
CA GLY OA 103 39.07 78.98 -44.65
C GLY OA 103 40.24 78.46 -43.83
N THR OA 104 40.40 79.05 -42.65
CA THR OA 104 41.47 78.70 -41.73
C THR OA 104 40.87 78.07 -40.49
N ALA OA 105 41.31 76.87 -40.15
CA ALA OA 105 40.82 76.19 -38.96
C ALA OA 105 41.21 76.99 -37.72
N LEU OA 106 40.25 77.17 -36.81
CA LEU OA 106 40.47 77.95 -35.61
C LEU OA 106 40.05 77.24 -34.33
N THR OA 107 39.50 76.03 -34.42
CA THR OA 107 39.24 75.19 -33.25
C THR OA 107 39.65 73.76 -33.57
N ASP OA 108 40.13 73.05 -32.55
CA ASP OA 108 40.52 71.66 -32.74
C ASP OA 108 39.33 70.81 -33.15
N GLY OA 109 39.56 69.93 -34.11
CA GLY OA 109 38.48 69.09 -34.59
C GLY OA 109 38.99 67.95 -35.45
N ARG OA 110 38.06 67.29 -36.11
CA ARG OA 110 38.36 66.16 -36.97
C ARG OA 110 37.51 66.23 -38.23
N VAL OA 111 38.11 65.89 -39.36
CA VAL OA 111 37.44 65.90 -40.66
C VAL OA 111 37.41 64.47 -41.18
N GLN OA 112 36.24 64.04 -41.64
CA GLN OA 112 36.05 62.69 -42.13
C GLN OA 112 35.15 62.72 -43.35
N LEU OA 113 35.47 61.88 -44.34
CA LEU OA 113 34.80 61.87 -45.62
C LEU OA 113 34.11 60.54 -45.85
N TYR OA 114 33.28 60.50 -46.89
CA TYR OA 114 32.68 59.26 -47.38
C TYR OA 114 32.53 59.38 -48.88
N MET OA 115 33.28 58.58 -49.62
CA MET OA 115 33.31 58.67 -51.07
C MET OA 115 33.19 57.28 -51.67
N GLY OA 116 32.25 57.10 -52.59
CA GLY OA 116 32.15 55.89 -53.37
C GLY OA 116 31.66 54.68 -52.59
N GLU OA 117 32.35 54.32 -51.52
CA GLU OA 117 32.01 53.13 -50.77
C GLU OA 117 32.58 53.25 -49.36
N ALA OA 118 31.97 52.53 -48.42
CA ALA OA 118 32.36 52.66 -47.02
C ALA OA 118 33.81 52.26 -46.79
N GLU OA 119 34.30 51.26 -47.54
CA GLU OA 119 35.67 50.79 -47.35
C GLU OA 119 36.70 51.89 -47.59
N TYR OA 120 36.34 52.93 -48.33
CA TYR OA 120 37.28 53.99 -48.70
C TYR OA 120 37.18 55.21 -47.80
N SER OA 121 36.42 55.14 -46.70
CA SER OA 121 36.27 56.27 -45.82
C SER OA 121 37.61 56.63 -45.18
N LEU OA 122 37.62 57.78 -44.49
CA LEU OA 122 38.82 58.25 -43.82
C LEU OA 122 38.43 59.16 -42.67
N ASP OA 123 39.37 59.36 -41.75
CA ASP OA 123 39.13 60.22 -40.59
C ASP OA 123 40.48 60.71 -40.10
N ILE OA 124 40.76 62.00 -40.29
CA ILE OA 124 42.00 62.62 -39.85
C ILE OA 124 41.66 63.81 -38.97
N GLY OA 125 42.44 63.98 -37.91
CA GLY OA 125 42.22 65.08 -36.98
C GLY OA 125 43.02 66.31 -37.37
N VAL OA 126 42.34 67.45 -37.43
CA VAL OA 126 43.03 68.70 -37.71
C VAL OA 126 44.07 68.96 -36.64
N ASP OA 127 45.26 69.36 -37.06
CA ASP OA 127 46.40 69.44 -36.15
C ASP OA 127 46.08 70.35 -34.97
N GLU OA 128 45.63 71.57 -35.25
CA GLU OA 128 45.39 72.56 -34.21
C GLU OA 128 44.77 73.78 -34.88
N GLY OA 129 44.23 74.69 -34.06
CA GLY OA 129 43.71 75.93 -34.58
C GLY OA 129 44.76 76.72 -35.32
N ASP OA 130 44.33 77.58 -36.24
CA ASP OA 130 45.23 78.41 -37.03
C ASP OA 130 46.06 77.60 -38.02
N THR OA 131 45.48 76.53 -38.57
CA THR OA 131 46.12 75.76 -39.63
C THR OA 131 45.44 76.08 -40.95
N PRO OA 132 46.12 76.72 -41.91
CA PRO OA 132 45.44 77.16 -43.13
C PRO OA 132 45.13 76.00 -44.06
N THR OA 133 44.52 76.30 -45.20
CA THR OA 133 44.14 75.25 -46.14
C THR OA 133 45.34 74.48 -46.64
N GLN OA 134 46.51 75.12 -46.73
CA GLN OA 134 47.71 74.43 -47.21
C GLN OA 134 48.10 73.28 -46.30
N ILE OA 135 48.10 73.51 -44.98
CA ILE OA 135 48.35 72.41 -44.05
C ILE OA 135 47.20 71.43 -44.10
N ALA OA 136 45.98 71.93 -44.25
CA ALA OA 136 44.86 71.06 -44.61
C ALA OA 136 45.10 70.55 -46.02
N ALA OA 137 44.19 69.74 -46.55
CA ALA OA 137 44.42 68.95 -47.75
C ALA OA 137 45.41 67.83 -47.50
N LYS OA 138 45.74 67.57 -46.24
CA LYS OA 138 46.45 66.35 -45.85
C LYS OA 138 45.58 65.12 -46.05
N ILE OA 139 44.28 65.32 -46.32
CA ILE OA 139 43.39 64.21 -46.67
C ILE OA 139 44.04 63.30 -47.69
N VAL OA 140 44.82 63.87 -48.61
CA VAL OA 140 45.44 63.07 -49.66
C VAL OA 140 46.33 62.00 -49.06
N ALA OA 141 47.07 62.34 -48.00
CA ALA OA 141 47.91 61.35 -47.35
C ALA OA 141 47.10 60.27 -46.64
N ALA OA 142 45.79 60.45 -46.48
CA ALA OA 142 44.94 59.48 -45.82
C ALA OA 142 44.10 58.65 -46.77
N ILE OA 143 43.86 59.12 -47.99
CA ILE OA 143 43.03 58.38 -48.93
C ILE OA 143 43.66 57.02 -49.20
N SER OA 144 42.84 55.98 -49.10
CA SER OA 144 43.35 54.63 -49.29
C SER OA 144 43.81 54.42 -50.73
N PRO OA 145 44.86 53.62 -50.94
CA PRO OA 145 45.33 53.39 -52.32
C PRO OA 145 44.29 52.76 -53.22
N ASP OA 146 43.42 51.91 -52.67
CA ASP OA 146 42.46 51.17 -53.49
C ASP OA 146 41.42 52.07 -54.14
N PHE OA 147 41.31 53.33 -53.73
CA PHE OA 147 40.31 54.20 -54.31
C PHE OA 147 40.58 54.36 -55.81
N PRO OA 148 39.60 54.10 -56.67
CA PRO OA 148 39.86 54.17 -58.12
C PRO OA 148 40.30 55.54 -58.62
N TYR OA 149 40.27 56.58 -57.79
CA TYR OA 149 40.63 57.92 -58.20
C TYR OA 149 41.97 58.31 -57.58
N GLU OA 150 42.79 59.00 -58.37
CA GLU OA 150 44.11 59.42 -57.94
C GLU OA 150 44.07 60.86 -57.42
N ALA OA 151 44.61 61.07 -56.23
CA ALA OA 151 44.64 62.38 -55.60
C ALA OA 151 46.03 62.99 -55.78
N THR OA 152 46.07 64.26 -56.20
CA THR OA 152 47.33 64.93 -56.50
C THR OA 152 47.78 65.88 -55.40
N ALA OA 153 46.86 66.42 -54.61
CA ALA OA 153 47.20 67.32 -53.50
C ALA OA 153 47.89 68.59 -54.00
N ALA OA 154 47.16 69.34 -54.82
CA ALA OA 154 47.68 70.60 -55.31
C ALA OA 154 47.72 71.63 -54.18
N ALA OA 155 48.15 72.84 -54.52
CA ALA OA 155 48.30 73.91 -53.52
C ALA OA 155 46.93 74.50 -53.21
N GLY OA 156 46.30 74.01 -52.15
CA GLY OA 156 45.02 74.52 -51.70
C GLY OA 156 43.82 73.77 -52.25
N VAL OA 157 44.01 72.88 -53.22
CA VAL OA 157 42.92 72.09 -53.79
C VAL OA 157 43.44 70.70 -54.10
N ILE OA 158 42.57 69.71 -54.00
CA ILE OA 158 42.91 68.31 -54.29
C ILE OA 158 42.11 67.87 -55.50
N THR OA 159 42.79 67.31 -56.49
CA THR OA 159 42.19 66.89 -57.75
C THR OA 159 42.12 65.38 -57.80
N LEU OA 160 40.96 64.85 -58.17
CA LEU OA 160 40.74 63.42 -58.30
C LEU OA 160 40.61 63.07 -59.78
N THR OA 161 41.48 62.19 -60.26
CA THR OA 161 41.46 61.75 -61.65
C THR OA 161 41.21 60.24 -61.69
N ALA OA 162 40.26 59.83 -62.52
CA ALA OA 162 39.95 58.41 -62.64
C ALA OA 162 41.15 57.64 -63.14
N ARG OA 163 41.37 56.46 -62.56
CA ARG OA 163 42.47 55.60 -63.00
C ARG OA 163 42.13 54.81 -64.24
N ASN OA 164 40.87 54.80 -64.66
CA ASN OA 164 40.44 54.12 -65.88
C ASN OA 164 39.73 55.11 -66.78
N GLY OA 165 40.04 55.07 -68.08
CA GLY OA 165 39.43 55.96 -69.03
C GLY OA 165 38.01 55.56 -69.35
N GLY OA 166 37.35 56.41 -70.13
CA GLY OA 166 36.00 56.14 -70.56
C GLY OA 166 34.95 56.68 -69.61
N THR OA 167 33.69 56.38 -69.95
CA THR OA 167 32.55 56.90 -69.21
C THR OA 167 32.41 56.30 -67.82
N ILE OA 168 33.20 55.28 -67.49
CA ILE OA 168 33.08 54.61 -66.20
C ILE OA 168 33.46 55.51 -65.03
N GLY OA 169 33.93 56.72 -65.30
CA GLY OA 169 34.35 57.63 -64.25
C GLY OA 169 33.51 58.87 -64.12
N ASN OA 170 32.19 58.73 -64.23
CA ASN OA 170 31.26 59.86 -64.17
C ASN OA 170 30.16 59.60 -63.15
N HIS OA 171 30.56 59.15 -61.96
CA HIS OA 171 29.58 58.80 -60.92
C HIS OA 171 30.18 59.13 -59.55
N LEU OA 172 29.76 60.24 -58.96
CA LEU OA 172 30.17 60.57 -57.59
C LEU OA 172 29.14 61.47 -56.94
N SER OA 173 29.10 61.39 -55.60
CA SER OA 173 28.36 62.30 -54.74
C SER OA 173 28.86 62.13 -53.31
N VAL OA 174 29.32 63.21 -52.69
CA VAL OA 174 30.09 63.13 -51.45
C VAL OA 174 29.21 63.54 -50.27
N ILE OA 175 29.28 62.77 -49.20
CA ILE OA 175 28.63 63.08 -47.94
C ILE OA 175 29.71 63.47 -46.93
N TYR OA 176 29.46 64.54 -46.19
CA TYR OA 176 30.53 65.34 -45.60
C TYR OA 176 30.08 65.95 -44.29
N THR OA 177 31.05 66.26 -43.44
CA THR OA 177 30.80 66.62 -42.05
C THR OA 177 31.60 67.85 -41.61
N ASN OA 178 31.61 68.89 -42.43
CA ASN OA 178 32.02 70.22 -41.98
C ASN OA 178 30.99 71.22 -42.47
N LEU OA 179 30.90 72.34 -41.75
CA LEU OA 179 29.83 73.34 -41.84
C LEU OA 179 28.57 72.88 -41.12
N GLY OA 180 28.52 71.63 -40.64
CA GLY OA 180 27.39 71.19 -39.86
C GLY OA 180 27.43 71.72 -38.44
N SER OA 181 26.28 71.66 -37.79
CA SER OA 181 26.13 72.17 -36.43
C SER OA 181 26.61 71.18 -35.38
N CYS OA 182 27.34 70.14 -35.76
CA CYS OA 182 27.85 69.14 -34.83
C CYS OA 182 29.27 69.54 -34.43
N THR OA 183 29.38 70.25 -33.31
CA THR OA 183 30.71 70.59 -32.79
C THR OA 183 31.42 69.42 -32.17
N SER OA 184 30.87 68.22 -32.31
CA SER OA 184 31.62 67.01 -31.94
C SER OA 184 32.76 66.87 -32.96
N VAL OA 185 33.97 67.21 -32.52
CA VAL OA 185 35.19 67.04 -33.31
C VAL OA 185 35.07 67.66 -34.69
N THR OA 186 34.46 68.87 -34.78
CA THR OA 186 34.47 69.57 -36.06
C THR OA 186 35.35 70.81 -35.95
N PRO OA 187 36.19 71.10 -36.94
CA PRO OA 187 36.96 72.36 -36.91
C PRO OA 187 36.10 73.51 -37.42
N GLU OA 188 36.05 74.59 -36.65
CA GLU OA 188 35.19 75.72 -36.98
C GLU OA 188 35.84 76.60 -38.05
N GLY OA 189 35.04 77.03 -39.01
CA GLY OA 189 35.52 77.93 -40.05
C GLY OA 189 36.12 77.26 -41.26
N VAL OA 190 35.84 75.98 -41.47
CA VAL OA 190 36.36 75.23 -42.61
C VAL OA 190 35.19 74.73 -43.44
N THR OA 191 35.29 74.91 -44.76
CA THR OA 191 34.25 74.46 -45.69
C THR OA 191 34.91 73.84 -46.91
N VAL OA 192 34.14 73.03 -47.62
CA VAL OA 192 34.62 72.30 -48.79
C VAL OA 192 33.61 72.43 -49.91
N ALA OA 193 34.13 72.59 -51.14
CA ALA OA 193 33.30 72.72 -52.33
C ALA OA 193 33.65 71.59 -53.31
N PHE OA 194 32.62 70.98 -53.88
CA PHE OA 194 32.76 69.82 -54.75
C PHE OA 194 32.22 70.16 -56.13
N ALA OA 195 33.01 69.89 -57.16
CA ALA OA 195 32.61 70.18 -58.53
C ALA OA 195 33.39 69.30 -59.49
N GLN OA 196 32.86 69.17 -60.70
CA GLN OA 196 33.47 68.39 -61.76
C GLN OA 196 34.04 69.31 -62.83
N THR OA 197 35.07 68.84 -63.53
CA THR OA 197 35.74 69.64 -64.54
C THR OA 197 35.90 68.96 -65.89
N THR OA 198 35.94 67.63 -65.97
CA THR OA 198 36.14 66.95 -67.24
C THR OA 198 35.49 65.55 -67.21
N PRO OA 199 34.65 65.21 -68.18
CA PRO OA 199 34.02 63.90 -68.19
C PRO OA 199 34.78 62.87 -69.01
N GLY OA 200 34.34 61.61 -68.91
CA GLY OA 200 34.90 60.56 -69.71
C GLY OA 200 34.46 60.62 -71.16
N SER OA 201 35.26 59.99 -72.03
CA SER OA 201 35.06 60.14 -73.47
C SER OA 201 34.68 58.84 -74.17
N VAL OA 202 35.48 57.78 -74.06
CA VAL OA 202 35.38 56.63 -74.96
C VAL OA 202 35.46 55.33 -74.17
N ASN OA 203 34.61 54.38 -74.54
CA ASN OA 203 34.58 53.05 -73.95
C ASN OA 203 34.97 52.00 -74.98
N PRO OA 204 35.53 50.87 -74.56
CA PRO OA 204 35.82 49.79 -75.51
C PRO OA 204 34.55 49.05 -75.92
N GLU OA 205 34.63 48.42 -77.09
CA GLU OA 205 33.52 47.64 -77.64
C GLU OA 205 34.03 46.29 -78.14
N PRO OA 206 34.48 45.43 -77.23
CA PRO OA 206 34.89 44.09 -77.64
C PRO OA 206 33.73 43.32 -78.25
N ASN OA 207 34.02 42.51 -79.26
CA ASN OA 207 33.01 41.73 -79.95
C ASN OA 207 33.51 40.33 -80.30
N ASP OA 208 34.38 39.78 -79.46
CA ASP OA 208 35.00 38.49 -79.74
C ASP OA 208 34.72 37.48 -78.63
N TYR OA 209 33.48 37.43 -78.16
CA TYR OA 209 33.14 36.45 -77.14
C TYR OA 209 33.20 35.03 -77.68
N ALA OA 210 32.86 34.84 -78.95
CA ALA OA 210 32.88 33.50 -79.53
C ALA OA 210 34.27 32.87 -79.51
N SER OA 211 35.32 33.68 -79.40
CA SER OA 211 36.68 33.17 -79.45
C SER OA 211 37.26 32.89 -78.07
N VAL OA 212 37.00 33.76 -77.10
CA VAL OA 212 37.63 33.63 -75.79
C VAL OA 212 36.79 32.84 -74.79
N VAL OA 213 35.50 32.65 -75.05
CA VAL OA 213 34.64 31.85 -74.18
C VAL OA 213 34.05 30.71 -75.01
N ASN OA 214 34.82 30.23 -75.97
CA ASN OA 214 34.31 29.25 -76.93
C ASN OA 214 34.00 27.93 -76.22
N GLU OA 215 32.74 27.52 -76.26
CA GLU OA 215 32.30 26.22 -75.74
C GLU OA 215 32.78 25.99 -74.31
N CYS OA 216 32.61 27.01 -73.48
CA CYS OA 216 32.88 26.91 -72.05
C CYS OA 216 31.64 27.40 -71.30
N CYS OA 217 31.14 26.58 -70.38
CA CYS OA 217 29.90 26.88 -69.69
C CYS OA 217 30.16 27.78 -68.49
N PHE OA 218 29.29 28.77 -68.31
CA PHE OA 218 29.37 29.69 -67.18
C PHE OA 218 27.97 29.92 -66.64
N ALA OA 219 27.83 29.87 -65.31
CA ALA OA 219 26.51 30.01 -64.71
C ALA OA 219 26.02 31.45 -64.76
N VAL OA 220 26.89 32.40 -64.44
CA VAL OA 220 26.50 33.81 -64.35
C VAL OA 220 27.59 34.67 -64.97
N TYR OA 221 27.18 35.65 -65.77
CA TYR OA 221 28.08 36.65 -66.31
C TYR OA 221 27.81 37.97 -65.61
N VAL OA 222 28.89 38.63 -65.15
CA VAL OA 222 28.80 39.94 -64.51
C VAL OA 222 29.64 40.91 -65.32
N LEU OA 223 29.04 42.05 -65.68
CA LEU OA 223 29.68 43.05 -66.51
C LEU OA 223 29.75 44.37 -65.74
N SER OA 224 30.97 44.87 -65.54
CA SER OA 224 31.18 46.12 -64.82
C SER OA 224 31.37 47.26 -65.83
N SER OA 225 30.27 47.60 -66.50
CA SER OA 225 30.29 48.69 -67.46
C SER OA 225 28.86 49.19 -67.67
N ASP OA 226 28.76 50.39 -68.24
CA ASP OA 226 27.47 51.01 -68.51
C ASP OA 226 27.29 51.38 -69.98
N ASP OA 227 28.13 50.82 -70.86
CA ASP OA 227 27.99 51.07 -72.28
C ASP OA 227 26.88 50.20 -72.84
N THR OA 228 25.86 50.82 -73.43
CA THR OA 228 24.74 50.06 -73.96
C THR OA 228 25.18 49.12 -75.07
N ASP OA 229 26.07 49.58 -75.95
CA ASP OA 229 26.53 48.73 -77.05
C ASP OA 229 27.29 47.52 -76.52
N TRP OA 230 28.12 47.71 -75.49
CA TRP OA 230 28.82 46.59 -74.90
C TRP OA 230 27.84 45.58 -74.31
N GLN OA 231 26.82 46.07 -73.61
CA GLN OA 231 25.81 45.17 -73.04
C GLN OA 231 25.05 44.44 -74.13
N GLU OA 232 24.74 45.13 -75.23
CA GLU OA 232 24.01 44.49 -76.32
C GLU OA 232 24.79 43.31 -76.87
N ASN OA 233 26.10 43.44 -77.00
CA ASN OA 233 26.92 42.33 -77.47
C ASN OA 233 26.83 41.14 -76.52
N LEU OA 234 26.86 41.40 -75.22
CA LEU OA 234 26.78 40.32 -74.25
C LEU OA 234 25.45 39.58 -74.37
N ARG OA 235 24.35 40.32 -74.56
CA ARG OA 235 23.06 39.68 -74.72
C ARG OA 235 23.05 38.77 -75.94
N ASP OA 236 23.63 39.23 -77.05
CA ASP OA 236 23.66 38.41 -78.25
C ASP OA 236 24.42 37.11 -78.01
N TRP OA 237 25.54 37.18 -77.30
CA TRP OA 237 26.30 35.97 -77.01
C TRP OA 237 25.48 34.98 -76.19
N ILE OA 238 24.76 35.47 -75.18
CA ILE OA 238 23.97 34.57 -74.34
C ILE OA 238 22.90 33.89 -75.17
N ARG OA 239 22.23 34.62 -76.05
CA ARG OA 239 21.26 34.02 -76.96
C ARG OA 239 21.85 32.81 -77.67
N SER OA 240 23.07 32.97 -78.18
CA SER OA 240 23.72 31.86 -78.88
C SER OA 240 23.90 30.66 -77.97
N ALA OA 241 24.28 30.91 -76.71
CA ALA OA 241 24.44 29.81 -75.77
C ALA OA 241 23.12 29.11 -75.49
N TRP OA 242 22.00 29.83 -75.61
CA TRP OA 242 20.67 29.25 -75.46
C TRP OA 242 20.08 28.81 -76.79
N ASP OA 243 20.86 28.84 -77.86
CA ASP OA 243 20.34 28.58 -79.19
C ASP OA 243 20.02 27.10 -79.37
N CYS OA 244 19.25 26.81 -80.42
CA CYS OA 244 18.84 25.46 -80.77
C CYS OA 244 19.72 24.82 -81.83
N SER OA 245 20.72 25.53 -82.34
CA SER OA 245 21.55 25.03 -83.43
C SER OA 245 22.69 24.14 -82.96
N LYS OA 246 22.84 23.92 -81.67
CA LYS OA 246 23.97 23.15 -81.16
C LYS OA 246 23.77 22.88 -79.67
N PRO OA 247 24.60 22.03 -79.06
CA PRO OA 247 24.51 21.83 -77.61
C PRO OA 247 24.63 23.15 -76.87
N GLN OA 248 23.82 23.30 -75.82
CA GLN OA 248 23.63 24.58 -75.15
C GLN OA 248 24.51 24.69 -73.92
N CYS OA 249 24.92 25.92 -73.62
CA CYS OA 249 25.66 26.27 -72.42
C CYS OA 249 24.85 27.32 -71.70
N PHE OA 250 23.89 26.87 -70.88
CA PHE OA 250 22.96 27.80 -70.26
C PHE OA 250 23.71 28.77 -69.35
N GLY OA 251 23.23 30.02 -69.32
CA GLY OA 251 23.84 31.03 -68.50
C GLY OA 251 22.93 32.23 -68.34
N HIS OA 252 23.37 33.18 -67.53
CA HIS OA 252 22.62 34.39 -67.27
C HIS OA 252 23.60 35.54 -67.06
N GLY OA 253 23.13 36.76 -67.32
CA GLY OA 253 23.97 37.93 -67.21
C GLY OA 253 23.32 39.01 -66.39
N TYR OA 254 24.17 39.81 -65.74
CA TYR OA 254 23.74 40.91 -64.88
C TYR OA 254 24.38 42.21 -65.33
N VAL OA 255 23.56 43.25 -65.48
CA VAL OA 255 24.01 44.56 -65.92
C VAL OA 255 23.23 45.61 -65.13
N PHE OA 256 23.67 46.86 -65.22
CA PHE OA 256 23.02 47.96 -64.53
C PHE OA 256 22.84 49.14 -65.48
N ASN OA 257 21.79 49.92 -65.22
CA ASN OA 257 21.49 51.12 -65.99
C ASN OA 257 21.18 52.25 -65.02
N LYS OA 258 21.78 53.42 -65.25
CA LYS OA 258 21.68 54.55 -64.34
C LYS OA 258 21.23 55.78 -65.09
N GLY OA 259 20.38 56.58 -64.45
CA GLY OA 259 19.90 57.80 -65.04
C GLY OA 259 18.51 58.12 -64.51
N THR OA 260 17.91 59.13 -65.13
CA THR OA 260 16.55 59.52 -64.78
C THR OA 260 15.56 58.46 -65.27
N LEU OA 261 14.30 58.60 -64.85
CA LEU OA 261 13.29 57.61 -65.21
C LEU OA 261 13.12 57.52 -66.72
N GLY OA 262 13.09 58.67 -67.41
CA GLY OA 262 12.92 58.64 -68.85
C GLY OA 262 14.06 57.93 -69.54
N GLN OA 263 15.29 58.10 -69.05
CA GLN OA 263 16.44 57.46 -69.68
C GLN OA 263 16.45 55.96 -69.43
N VAL OA 264 16.18 55.54 -68.20
CA VAL OA 264 16.29 54.13 -67.85
C VAL OA 264 15.30 53.30 -68.64
N LEU OA 265 14.06 53.77 -68.76
CA LEU OA 265 13.05 53.02 -69.49
C LEU OA 265 13.41 52.81 -70.95
N ALA OA 266 14.29 53.65 -71.50
CA ALA OA 266 14.65 53.55 -72.91
C ALA OA 266 15.60 52.39 -73.20
N ASP OA 267 16.11 51.72 -72.18
CA ASP OA 267 17.04 50.61 -72.35
C ASP OA 267 16.37 49.25 -72.28
N GLY OA 268 15.05 49.20 -72.21
CA GLY OA 268 14.35 47.94 -72.08
C GLY OA 268 14.13 47.23 -73.41
N ASP OA 269 15.17 46.58 -73.93
CA ASP OA 269 15.07 45.93 -75.24
C ASP OA 269 14.63 44.47 -75.12
N ASN OA 270 13.63 44.21 -74.27
CA ASN OA 270 13.02 42.90 -74.18
C ASN OA 270 14.04 41.76 -74.25
N SER OA 271 15.00 41.74 -73.33
CA SER OA 271 16.03 40.70 -73.29
C SER OA 271 15.73 39.77 -72.12
N ALA OA 272 15.33 38.53 -72.44
CA ALA OA 272 15.12 37.53 -71.41
C ALA OA 272 16.41 37.00 -70.83
N GLU OA 273 17.56 37.30 -71.44
CA GLU OA 273 18.84 36.78 -71.02
C GLU OA 273 19.58 37.71 -70.07
N LEU OA 274 18.97 38.82 -69.66
CA LEU OA 274 19.63 39.79 -68.81
C LEU OA 274 18.70 40.23 -67.70
N SER OA 275 19.29 40.65 -66.59
CA SER OA 275 18.56 41.18 -65.43
C SER OA 275 19.10 42.58 -65.17
N ARG OA 276 18.44 43.59 -65.74
CA ARG OA 276 18.93 44.96 -65.67
C ARG OA 276 18.55 45.59 -64.34
N LEU OA 277 19.55 46.18 -63.67
CA LEU OA 277 19.36 46.82 -62.38
C LEU OA 277 19.27 48.32 -62.58
N ALA OA 278 18.19 48.92 -62.07
CA ALA OA 278 17.93 50.34 -62.25
C ALA OA 278 18.36 51.12 -61.02
N LEU OA 279 19.10 52.20 -61.23
CA LEU OA 279 19.58 53.05 -60.15
C LEU OA 279 19.25 54.50 -60.46
N PRO OA 280 19.11 55.33 -59.43
CA PRO OA 280 18.81 56.76 -59.65
C PRO OA 280 20.06 57.52 -60.03
N THR OA 281 19.87 58.82 -60.30
CA THR OA 281 20.98 59.67 -60.72
C THR OA 281 21.88 60.08 -59.56
N THR OA 282 21.41 59.97 -58.32
CA THR OA 282 22.15 60.41 -57.15
C THR OA 282 22.43 59.25 -56.19
N TYR OA 283 22.82 58.11 -56.73
CA TYR OA 283 23.14 56.96 -55.90
C TYR OA 283 24.44 57.24 -55.13
N PRO OA 284 24.44 57.15 -53.80
CA PRO OA 284 25.66 57.49 -53.04
C PRO OA 284 26.73 56.41 -53.04
N VAL OA 285 26.61 55.38 -53.87
CA VAL OA 285 27.58 54.30 -53.94
C VAL OA 285 27.99 54.11 -55.39
N LEU OA 286 29.25 53.75 -55.62
CA LEU OA 286 29.72 53.55 -56.97
C LEU OA 286 28.87 52.47 -57.65
N PRO OA 287 28.48 52.66 -58.91
CA PRO OA 287 27.48 51.75 -59.50
C PRO OA 287 27.93 50.31 -59.58
N TYR OA 288 29.07 50.04 -60.20
CA TYR OA 288 29.44 48.66 -60.52
C TYR OA 288 29.67 47.81 -59.27
N LEU OA 289 29.88 48.41 -58.10
CA LEU OA 289 30.01 47.62 -56.89
C LEU OA 289 28.70 46.93 -56.53
N THR OA 290 27.59 47.67 -56.60
CA THR OA 290 26.29 47.08 -56.27
C THR OA 290 25.93 45.98 -57.25
N ASN OA 291 26.18 46.20 -58.54
CA ASN OA 291 25.88 45.17 -59.53
C ASN OA 291 26.67 43.90 -59.27
N ALA OA 292 27.96 44.04 -58.95
CA ALA OA 292 28.77 42.86 -58.64
C ALA OA 292 28.24 42.14 -57.42
N ALA OA 293 27.83 42.89 -56.39
CA ALA OA 293 27.31 42.27 -55.18
C ALA OA 293 26.06 41.46 -55.49
N TYR OA 294 25.15 42.02 -56.29
CA TYR OA 294 23.93 41.29 -56.65
C TYR OA 294 24.26 40.03 -57.44
N GLY OA 295 25.17 40.15 -58.42
CA GLY OA 295 25.52 38.98 -59.21
C GLY OA 295 26.15 37.88 -58.40
N ALA OA 296 27.10 38.24 -57.53
CA ALA OA 296 27.77 37.23 -56.71
C ALA OA 296 26.78 36.52 -55.79
N LEU OA 297 25.88 37.27 -55.16
CA LEU OA 297 24.91 36.66 -54.27
C LEU OA 297 24.06 35.63 -55.00
N SER OA 298 23.63 35.94 -56.22
CA SER OA 298 22.79 35.04 -56.99
C SER OA 298 23.60 34.06 -57.85
N ALA OA 299 24.93 34.18 -57.87
CA ALA OA 299 25.76 33.34 -58.74
C ALA OA 299 25.98 31.96 -58.11
N CYS OA 300 24.87 31.33 -57.76
CA CYS OA 300 24.85 29.96 -57.23
C CYS OA 300 25.49 29.87 -55.85
N SER OA 301 26.01 30.98 -55.33
CA SER OA 301 26.36 31.01 -53.92
C SER OA 301 25.10 30.81 -53.07
N THR OA 302 23.98 31.34 -53.54
CA THR OA 302 22.67 31.03 -53.00
C THR OA 302 21.86 30.13 -53.90
N CYS OA 303 22.04 30.22 -55.22
CA CYS OA 303 21.19 29.53 -56.18
C CYS OA 303 21.83 28.21 -56.62
N GLU OA 304 22.15 27.36 -55.65
CA GLU OA 304 22.35 25.95 -55.97
C GLU OA 304 21.01 25.26 -56.14
N ASN OA 305 19.98 25.78 -55.49
CA ASN OA 305 18.60 25.34 -55.73
C ASN OA 305 18.04 26.19 -56.85
N PRO OA 306 17.70 25.63 -58.00
CA PRO OA 306 17.27 26.48 -59.13
C PRO OA 306 16.03 27.31 -58.82
N GLU OA 307 15.19 26.88 -57.89
CA GLU OA 307 13.89 27.51 -57.68
C GLU OA 307 13.88 28.54 -56.56
N LEU OA 308 15.05 28.93 -56.04
CA LEU OA 308 15.13 29.87 -54.94
C LEU OA 308 15.11 31.30 -55.48
N ASN OA 309 14.15 32.10 -55.01
CA ASN OA 309 14.05 33.50 -55.41
C ASN OA 309 14.94 34.35 -54.52
N VAL OA 310 15.73 35.23 -55.14
CA VAL OA 310 16.62 36.13 -54.41
C VAL OA 310 15.88 37.45 -54.27
N GLN OA 311 15.10 37.57 -53.20
CA GLN OA 311 14.32 38.77 -52.93
C GLN OA 311 14.36 39.03 -51.43
N GLY OA 312 13.49 39.94 -50.98
CA GLY OA 312 13.26 40.15 -49.56
C GLY OA 312 14.47 40.60 -48.79
N GLN OA 313 14.28 40.85 -47.49
CA GLN OA 313 15.35 41.31 -46.62
C GLN OA 313 16.16 40.16 -46.02
N THR OA 314 15.72 38.93 -46.21
CA THR OA 314 16.42 37.76 -45.68
C THR OA 314 17.36 37.12 -46.70
N TYR OA 315 16.95 37.06 -47.96
CA TYR OA 315 17.75 36.45 -49.01
C TYR OA 315 18.42 37.46 -49.94
N GLY OA 316 17.78 38.60 -50.17
CA GLY OA 316 18.31 39.58 -51.10
C GLY OA 316 18.98 40.75 -50.41
N LEU OA 317 19.76 40.47 -49.36
CA LEU OA 317 20.45 41.51 -48.60
C LEU OA 317 21.89 41.57 -49.05
N LEU OA 318 22.28 42.72 -49.63
CA LEU OA 318 23.66 42.95 -50.05
C LEU OA 318 24.45 43.48 -48.85
N SER OA 319 24.74 42.57 -47.92
CA SER OA 319 25.34 42.96 -46.66
C SER OA 319 26.69 43.63 -46.84
N CYS OA 320 27.42 43.29 -47.90
CA CYS OA 320 28.78 43.80 -48.07
C CYS OA 320 28.82 45.30 -48.35
N ILE OA 321 27.69 45.94 -48.62
CA ILE OA 321 27.63 47.34 -49.01
C ILE OA 321 26.99 48.14 -47.89
N ASN OA 322 27.66 49.21 -47.46
CA ASN OA 322 27.16 50.13 -46.45
C ASN OA 322 27.11 51.54 -47.03
N MET OA 323 26.02 52.25 -46.76
CA MET OA 323 25.85 53.58 -47.30
C MET OA 323 24.92 54.37 -46.40
N PRO OA 324 25.18 55.66 -46.17
CA PRO OA 324 24.22 56.47 -45.41
C PRO OA 324 22.95 56.70 -46.20
N GLU OA 325 21.87 56.94 -45.48
CA GLU OA 325 20.55 57.14 -46.10
C GLU OA 325 20.35 58.61 -46.42
N SER OA 326 19.85 58.89 -47.62
CA SER OA 326 19.67 60.25 -48.08
C SER OA 326 18.35 60.83 -47.59
N CYS OA 327 18.18 62.14 -47.79
CA CYS OA 327 16.99 62.83 -47.33
C CYS OA 327 15.75 62.50 -48.15
N THR OA 328 15.90 61.86 -49.31
CA THR OA 328 14.79 61.51 -50.18
C THR OA 328 14.94 60.05 -50.58
N PRO OA 329 13.83 59.33 -50.77
CA PRO OA 329 13.94 57.92 -51.15
C PRO OA 329 14.70 57.69 -52.45
N GLY OA 330 14.78 58.68 -53.33
CA GLY OA 330 15.47 58.52 -54.60
C GLY OA 330 14.52 58.08 -55.71
N TRP OA 331 13.93 56.89 -55.56
CA TRP OA 331 12.92 56.40 -56.48
C TRP OA 331 11.55 56.63 -55.83
N GLU OA 332 10.82 57.62 -56.32
CA GLU OA 332 9.48 57.87 -55.81
C GLU OA 332 8.58 56.67 -56.06
N PHE OA 333 7.66 56.42 -55.13
CA PHE OA 333 6.86 55.21 -55.20
C PHE OA 333 6.12 55.10 -56.53
N THR OA 334 5.64 56.23 -57.06
CA THR OA 334 5.02 56.21 -58.37
C THR OA 334 5.98 55.74 -59.46
N GLU OA 335 7.28 55.90 -59.24
CA GLU OA 335 8.28 55.43 -60.20
C GLU OA 335 8.74 54.01 -59.92
N VAL OA 336 8.71 53.58 -58.66
CA VAL OA 336 9.08 52.20 -58.35
C VAL OA 336 8.11 51.23 -59.01
N THR OA 337 6.82 51.54 -58.96
CA THR OA 337 5.83 50.66 -59.58
C THR OA 337 6.04 50.56 -61.08
N GLN OA 338 6.32 51.69 -61.74
CA GLN OA 338 6.50 51.67 -63.19
C GLN OA 338 7.70 50.82 -63.58
N LEU OA 339 8.81 50.94 -62.85
CA LEU OA 339 10.00 50.17 -63.17
C LEU OA 339 9.73 48.68 -63.03
N GLN OA 340 9.05 48.28 -61.96
CA GLN OA 340 8.76 46.86 -61.76
C GLN OA 340 7.81 46.32 -62.83
N ASN OA 341 6.94 47.18 -63.37
CA ASN OA 341 6.03 46.76 -64.43
C ASN OA 341 6.69 46.68 -65.79
N ASN OA 342 7.88 47.27 -65.94
CA ASN OA 342 8.59 47.27 -67.22
C ASN OA 342 9.76 46.29 -67.25
N GLY OA 343 9.86 45.41 -66.25
CA GLY OA 343 10.88 44.39 -66.27
C GLY OA 343 12.22 44.78 -65.68
N PHE OA 344 12.26 45.82 -64.85
CA PHE OA 344 13.50 46.25 -64.21
C PHE OA 344 13.56 45.75 -62.78
N VAL OA 345 14.74 45.89 -62.17
CA VAL OA 345 14.99 45.49 -60.80
C VAL OA 345 15.30 46.74 -59.99
N VAL OA 346 14.62 46.90 -58.86
CA VAL OA 346 14.75 48.08 -58.01
C VAL OA 346 15.17 47.63 -56.62
N SER OA 347 16.16 48.34 -56.05
CA SER OA 347 16.68 48.04 -54.73
C SER OA 347 16.57 49.26 -53.84
N GLY OA 348 16.45 49.03 -52.53
CA GLY OA 348 16.32 50.09 -51.57
C GLY OA 348 16.88 49.72 -50.21
N PRO OA 349 16.84 50.64 -49.26
CA PRO OA 349 17.40 50.37 -47.93
C PRO OA 349 16.67 49.25 -47.22
N ALA OA 350 17.42 48.49 -46.44
CA ALA OA 350 16.88 47.34 -45.71
C ALA OA 350 16.41 47.68 -44.31
N THR OA 351 16.70 48.88 -43.82
CA THR OA 351 16.25 49.31 -42.50
C THR OA 351 15.77 50.74 -42.59
N THR OA 352 14.86 51.10 -41.68
CA THR OA 352 14.19 52.41 -41.73
C THR OA 352 14.86 53.34 -40.73
N SER OA 353 15.91 54.02 -41.18
CA SER OA 353 16.47 55.15 -40.44
C SER OA 353 17.05 56.10 -41.50
N GLY OA 354 16.21 57.03 -41.95
CA GLY OA 354 16.60 57.96 -43.00
C GLY OA 354 17.16 59.27 -42.49
N GLN OA 355 18.37 59.24 -41.94
CA GLN OA 355 18.93 60.42 -41.31
C GLN OA 355 20.30 60.75 -41.87
N GLY OA 356 21.07 59.70 -42.19
CA GLY OA 356 22.47 59.84 -42.48
C GLY OA 356 23.25 58.70 -41.83
N ASN OA 357 22.55 57.91 -41.02
CA ASN OA 357 23.14 56.73 -40.42
C ASN OA 357 23.29 55.63 -41.46
N PHE OA 358 24.28 54.77 -41.24
CA PHE OA 358 24.63 53.76 -42.22
C PHE OA 358 23.56 52.66 -42.27
N THR OA 359 23.28 52.17 -43.48
CA THR OA 359 22.31 51.10 -43.69
C THR OA 359 22.87 50.17 -44.76
N SER OA 360 22.03 49.27 -45.24
CA SER OA 360 22.39 48.36 -46.32
C SER OA 360 21.21 48.25 -47.29
N PRO OA 361 21.47 48.00 -48.56
CA PRO OA 361 20.38 47.84 -49.53
C PRO OA 361 19.96 46.40 -49.69
N TYR OA 362 18.72 46.22 -50.15
CA TYR OA 362 18.19 44.91 -50.48
C TYR OA 362 17.32 45.02 -51.72
N ILE OA 363 17.04 43.88 -52.32
CA ILE OA 363 16.39 43.81 -53.64
C ILE OA 363 14.92 43.48 -53.46
N TYR OA 364 14.07 44.19 -54.18
CA TYR OA 364 12.62 43.97 -54.06
C TYR OA 364 12.17 42.77 -54.88
N ASN OA 365 12.39 42.81 -56.19
CA ASN OA 365 11.91 41.79 -57.10
C ASN OA 365 13.06 41.22 -57.92
N ASP OA 366 13.14 39.89 -57.98
CA ASP OA 366 14.10 39.20 -58.83
C ASP OA 366 13.42 38.93 -60.16
N VAL OA 367 13.52 39.89 -61.08
CA VAL OA 367 12.81 39.85 -62.35
C VAL OA 367 13.77 40.18 -63.47
N THR OA 368 13.69 39.42 -64.56
CA THR OA 368 14.51 39.68 -65.73
C THR OA 368 13.90 40.83 -66.53
N ASN OA 369 14.42 41.06 -67.75
CA ASN OA 369 13.92 42.11 -68.63
C ASN OA 369 13.05 41.53 -69.74
N TYR OA 370 12.24 40.52 -69.42
CA TYR OA 370 11.45 39.82 -70.43
C TYR OA 370 10.06 40.41 -70.50
N LEU OA 371 9.64 40.74 -71.72
CA LEU OA 371 8.29 41.21 -71.99
C LEU OA 371 7.89 40.75 -73.38
N ARG OA 372 6.60 40.79 -73.65
CA ARG OA 372 6.09 40.36 -74.95
C ARG OA 372 6.60 38.94 -75.20
N ASP OA 373 6.79 38.56 -76.45
CA ASP OA 373 7.17 37.20 -76.80
C ASP OA 373 7.39 37.16 -78.31
N GLU OA 374 8.02 36.08 -78.78
CA GLU OA 374 8.04 35.82 -80.21
C GLU OA 374 6.61 35.95 -80.73
N LYS OA 375 6.50 36.39 -81.98
CA LYS OA 375 5.27 37.03 -82.44
C LYS OA 375 5.17 38.35 -81.69
N ASN OA 376 3.98 38.71 -81.18
CA ASN OA 376 3.90 39.92 -80.39
C ASN OA 376 2.96 39.80 -79.19
N ARG OA 377 2.60 38.58 -78.79
CA ARG OA 377 1.69 38.41 -77.66
C ARG OA 377 2.42 38.71 -76.35
N PRO OA 378 1.72 39.24 -75.35
CA PRO OA 378 2.34 39.45 -74.05
C PRO OA 378 2.12 38.28 -73.10
N ASN OA 379 3.16 37.97 -72.33
CA ASN OA 379 3.09 36.92 -71.33
C ASN OA 379 4.21 37.12 -70.34
N ALA OA 380 4.20 36.31 -69.28
CA ALA OA 380 5.18 36.39 -68.20
C ALA OA 380 5.89 35.06 -68.01
N THR OA 381 6.09 34.31 -69.09
CA THR OA 381 6.67 32.97 -68.96
C THR OA 381 8.05 33.02 -68.34
N PHE OA 382 8.88 33.97 -68.75
CA PHE OA 382 10.23 34.13 -68.22
C PHE OA 382 10.35 35.42 -67.42
N ARG OA 383 9.28 35.80 -66.72
CA ARG OA 383 9.31 37.02 -65.93
C ARG OA 383 10.33 36.92 -64.80
N ASP OA 384 10.38 35.80 -64.11
CA ASP OA 384 11.23 35.63 -62.94
C ASP OA 384 12.52 34.91 -63.33
N ALA OA 385 13.64 35.38 -62.77
CA ALA OA 385 14.92 34.74 -63.03
C ALA OA 385 14.88 33.25 -62.68
N SER OA 386 14.10 32.87 -61.67
CA SER OA 386 14.00 31.47 -61.30
C SER OA 386 13.49 30.63 -62.46
N SER OA 387 12.62 31.19 -63.30
CA SER OA 387 12.10 30.43 -64.44
C SER OA 387 13.23 30.02 -65.38
N ARG OA 388 14.17 30.93 -65.65
CA ARG OA 388 15.30 30.59 -66.50
C ARG OA 388 16.15 29.49 -65.87
N ARG OA 389 16.40 29.59 -64.57
CA ARG OA 389 17.18 28.57 -63.90
C ARG OA 389 16.47 27.23 -63.91
N LEU OA 390 15.16 27.22 -63.65
CA LEU OA 390 14.42 25.97 -63.66
C LEU OA 390 14.35 25.37 -65.05
N ALA OA 391 14.20 26.21 -66.08
CA ALA OA 391 14.16 25.69 -67.45
C ALA OA 391 15.45 24.98 -67.80
N ALA OA 392 16.59 25.56 -67.43
CA ALA OA 392 17.87 24.91 -67.69
C ALA OA 392 18.00 23.61 -66.91
N ALA OA 393 17.57 23.62 -65.64
CA ALA OA 393 17.67 22.41 -64.82
C ALA OA 393 16.83 21.28 -65.40
N THR OA 394 15.62 21.60 -65.88
CA THR OA 394 14.76 20.57 -66.44
C THR OA 394 15.41 19.93 -67.67
N GLY OA 395 16.03 20.74 -68.53
CA GLY OA 395 16.63 20.19 -69.72
C GLY OA 395 17.74 19.20 -69.41
N VAL OA 396 18.63 19.56 -68.48
CA VAL OA 396 19.73 18.67 -68.13
C VAL OA 396 19.19 17.39 -67.49
N ALA OA 397 18.26 17.54 -66.55
CA ALA OA 397 17.72 16.36 -65.86
C ALA OA 397 17.02 15.43 -66.85
N LEU OA 398 16.20 15.98 -67.74
CA LEU OA 398 15.48 15.15 -68.69
C LEU OA 398 16.45 14.43 -69.63
N ALA OA 399 17.49 15.13 -70.09
CA ALA OA 399 18.46 14.51 -70.98
C ALA OA 399 19.13 13.32 -70.30
N THR OA 400 19.47 13.47 -69.02
CA THR OA 400 20.08 12.36 -68.29
C THR OA 400 19.13 11.17 -68.19
N PHE OA 401 17.85 11.43 -67.94
CA PHE OA 401 16.90 10.34 -67.78
C PHE OA 401 16.77 9.51 -69.05
N LEU OA 402 16.70 10.18 -70.21
CA LEU OA 402 16.50 9.48 -71.46
C LEU OA 402 17.70 8.67 -71.89
N GLN OA 403 18.85 8.81 -71.22
CA GLN OA 403 20.06 8.11 -71.63
C GLN OA 403 19.85 6.60 -71.61
N GLN OA 404 18.94 6.10 -70.76
CA GLN OA 404 18.78 4.65 -70.62
C GLN OA 404 18.30 3.99 -71.91
N PHE OA 405 17.68 4.74 -72.81
CA PHE OA 405 17.21 4.20 -74.08
C PHE OA 405 18.30 4.19 -75.14
N ASN OA 406 19.50 4.68 -74.83
CA ASN OA 406 20.59 4.71 -75.80
C ASN OA 406 21.09 3.29 -76.04
N GLY OA 407 20.98 2.83 -77.28
CA GLY OA 407 21.42 1.50 -77.62
C GLY OA 407 20.48 0.39 -77.22
N LEU OA 408 19.19 0.68 -77.10
CA LEU OA 408 18.19 -0.32 -76.73
C LEU OA 408 17.35 -0.69 -77.96
N ALA OA 409 17.15 -1.99 -78.15
CA ALA OA 409 16.36 -2.46 -79.28
C ALA OA 409 14.95 -1.90 -79.21
N VAL OA 410 14.46 -1.41 -80.35
CA VAL OA 410 13.14 -0.80 -80.44
C VAL OA 410 12.35 -1.49 -81.54
N PHE OA 411 11.13 -1.91 -81.21
CA PHE OA 411 10.23 -2.56 -82.17
C PHE OA 411 9.12 -1.58 -82.52
N THR OA 412 8.86 -1.43 -83.83
CA THR OA 412 7.92 -0.42 -84.29
C THR OA 412 6.86 -1.01 -85.21
N LYS OA 413 7.20 -2.05 -85.97
CA LYS OA 413 6.24 -2.65 -86.90
C LYS OA 413 5.42 -3.74 -86.21
N ASN OA 414 6.09 -4.77 -85.69
CA ASN OA 414 5.45 -5.81 -84.90
C ASN OA 414 5.76 -5.54 -83.43
N THR OA 415 4.73 -5.21 -82.66
CA THR OA 415 4.92 -4.72 -81.30
C THR OA 415 4.95 -5.82 -80.25
N ASN OA 416 4.84 -7.08 -80.65
CA ASN OA 416 4.94 -8.20 -79.70
C ASN OA 416 6.42 -8.55 -79.52
N ILE OA 417 6.95 -8.29 -78.33
CA ILE OA 417 8.34 -8.60 -78.04
C ILE OA 417 8.44 -10.07 -77.67
N LYS OA 418 9.34 -10.79 -78.33
CA LYS OA 418 9.50 -12.21 -78.06
C LYS OA 418 9.93 -12.44 -76.61
N THR OA 419 9.90 -13.70 -76.21
CA THR OA 419 10.34 -14.07 -74.87
C THR OA 419 11.85 -14.04 -74.79
N GLY OA 420 12.37 -13.38 -73.75
CA GLY OA 420 13.79 -13.26 -73.55
C GLY OA 420 14.43 -12.06 -74.20
N ILE OA 421 13.74 -11.39 -75.11
CA ILE OA 421 14.32 -10.22 -75.76
C ILE OA 421 14.35 -9.04 -74.80
N ILE OA 422 15.30 -8.15 -75.01
CA ILE OA 422 15.46 -6.93 -74.22
C ILE OA 422 15.19 -5.77 -75.17
N GLY OA 423 14.01 -5.18 -75.05
CA GLY OA 423 13.62 -4.10 -75.93
C GLY OA 423 12.43 -3.34 -75.38
N THR OA 424 11.84 -2.53 -76.24
CA THR OA 424 10.70 -1.70 -75.86
C THR OA 424 10.03 -1.18 -77.12
N ASN OA 425 8.80 -0.70 -76.96
CA ASN OA 425 8.03 -0.09 -78.05
C ASN OA 425 7.57 1.28 -77.61
N LEU OA 426 6.90 2.00 -78.53
CA LEU OA 426 6.57 3.39 -78.28
C LEU OA 426 5.72 3.55 -77.02
N ARG OA 427 4.68 2.73 -76.88
CA ARG OA 427 3.77 2.90 -75.75
C ARG OA 427 4.50 2.71 -74.42
N LEU OA 428 5.37 1.70 -74.33
CA LEU OA 428 6.10 1.49 -73.09
C LEU OA 428 7.06 2.65 -72.80
N MET OA 429 7.71 3.18 -73.84
CA MET OA 429 8.56 4.35 -73.64
C MET OA 429 7.76 5.54 -73.13
N LEU OA 430 6.59 5.79 -73.72
CA LEU OA 430 5.78 6.91 -73.29
C LEU OA 430 5.33 6.74 -71.84
N GLY OA 431 4.93 5.53 -71.47
CA GLY OA 431 4.49 5.29 -70.10
C GLY OA 431 5.58 5.58 -69.09
N LYS OA 432 6.82 5.16 -69.39
CA LYS OA 432 7.92 5.40 -68.46
C LYS OA 432 8.20 6.89 -68.30
N ILE OA 433 8.18 7.64 -69.41
CA ILE OA 433 8.42 9.08 -69.34
C ILE OA 433 7.27 9.75 -68.60
N ARG OA 434 6.03 9.35 -68.89
CA ARG OA 434 4.88 9.92 -68.18
C ARG OA 434 5.02 9.72 -66.68
N LYS OA 435 5.53 8.56 -66.26
CA LYS OA 435 5.76 8.31 -64.84
C LYS OA 435 6.77 9.31 -64.27
N TRP OA 436 7.86 9.55 -65.00
CA TRP OA 436 8.90 10.44 -64.51
C TRP OA 436 8.38 11.86 -64.36
N ALA OA 437 7.65 12.35 -65.36
CA ALA OA 437 7.14 13.71 -65.29
C ALA OA 437 6.18 13.89 -64.13
N SER OA 438 5.29 12.93 -63.91
CA SER OA 438 4.34 13.03 -62.80
C SER OA 438 5.04 12.98 -61.46
N ASP OA 439 6.17 12.26 -61.37
CA ASP OA 439 6.85 12.11 -60.09
C ASP OA 439 7.50 13.41 -59.64
N ASN OA 440 7.97 14.23 -60.59
CA ASN OA 440 8.70 15.44 -60.25
C ASN OA 440 7.81 16.60 -59.85
N VAL OA 441 6.49 16.42 -59.86
CA VAL OA 441 5.59 17.47 -59.40
C VAL OA 441 6.00 17.89 -58.00
N GLY OA 442 6.13 19.19 -57.78
CA GLY OA 442 6.57 19.73 -56.51
C GLY OA 442 8.06 19.93 -56.40
N VAL OA 443 8.85 19.48 -57.37
CA VAL OA 443 10.29 19.68 -57.39
C VAL OA 443 10.72 20.51 -58.59
N LEU OA 444 10.16 20.22 -59.77
CA LEU OA 444 10.45 20.99 -60.98
C LEU OA 444 9.21 21.47 -61.71
N PHE OA 445 8.04 20.88 -61.48
CA PHE OA 445 6.81 21.27 -62.16
C PHE OA 445 5.70 21.47 -61.13
N SER OA 446 4.67 22.19 -61.54
CA SER OA 446 3.44 22.28 -60.79
C SER OA 446 2.51 21.17 -61.29
N GLU OA 447 1.25 21.20 -60.87
CA GLU OA 447 0.29 20.21 -61.34
C GLU OA 447 -0.05 20.46 -62.80
N PHE OA 448 0.12 19.43 -63.63
CA PHE OA 448 -0.18 19.55 -65.05
C PHE OA 448 -1.68 19.77 -65.25
N ASP OA 449 -2.02 20.68 -66.16
CA ASP OA 449 -3.43 20.94 -66.44
C ASP OA 449 -4.09 19.71 -67.04
N ASN OA 450 -3.41 19.03 -67.98
CA ASN OA 450 -3.91 17.78 -68.55
C ASN OA 450 -2.68 16.96 -68.95
N ILE OA 451 -2.28 16.05 -68.06
CA ILE OA 451 -1.08 15.27 -68.26
C ILE OA 451 -1.22 14.34 -69.47
N ASN OA 452 -2.44 14.03 -69.88
CA ASN OA 452 -2.64 13.11 -71.00
C ASN OA 452 -2.41 13.77 -72.35
N GLU OA 453 -2.41 15.10 -72.42
CA GLU OA 453 -2.23 15.81 -73.68
C GLU OA 453 -0.91 16.56 -73.77
N ASP OA 454 -0.24 16.83 -72.65
CA ASP OA 454 0.97 17.64 -72.64
C ASP OA 454 2.22 16.83 -72.95
N ILE OA 455 2.11 15.53 -73.17
CA ILE OA 455 3.25 14.68 -73.52
C ILE OA 455 2.87 13.84 -74.72
N GLN OA 456 3.72 13.81 -75.73
CA GLN OA 456 3.49 13.03 -76.93
C GLN OA 456 4.79 12.40 -77.39
N LEU OA 457 4.67 11.22 -78.00
CA LEU OA 457 5.81 10.52 -78.58
C LEU OA 457 5.40 9.96 -79.93
N VAL OA 458 6.21 10.26 -80.94
CA VAL OA 458 5.93 9.80 -82.31
C VAL OA 458 7.25 9.35 -82.94
N SER OA 459 7.23 8.17 -83.54
CA SER OA 459 8.39 7.70 -84.28
C SER OA 459 8.56 8.50 -85.57
N ASP OA 460 9.81 8.64 -86.00
CA ASP OA 460 10.08 9.43 -87.19
C ASP OA 460 9.38 8.87 -88.43
N PHE OA 461 9.04 7.59 -88.44
CA PHE OA 461 8.34 7.01 -89.57
C PHE OA 461 6.93 7.58 -89.72
N ASP OA 462 6.36 8.13 -88.66
CA ASP OA 462 5.01 8.69 -88.69
C ASP OA 462 4.99 10.18 -88.98
N VAL OA 463 6.16 10.80 -89.15
CA VAL OA 463 6.25 12.23 -89.45
C VAL OA 463 6.70 12.45 -90.90
N GLN OA 464 7.78 11.79 -91.31
CA GLN OA 464 8.29 11.91 -92.66
C GLN OA 464 7.42 11.12 -93.63
N PRO OA 465 7.43 11.49 -94.91
CA PRO OA 465 6.66 10.72 -95.91
C PRO OA 465 7.25 9.35 -96.17
N LYS OA 466 6.65 8.61 -97.09
CA LYS OA 466 7.07 7.23 -97.34
C LYS OA 466 8.53 7.18 -97.79
N CYS OA 467 9.28 6.25 -97.19
CA CYS OA 467 10.67 5.98 -97.60
C CYS OA 467 11.54 7.24 -97.50
N VAL OA 468 11.30 8.04 -96.47
CA VAL OA 468 12.17 9.18 -96.17
C VAL OA 468 12.65 9.21 -94.74
N GLY OA 469 11.96 8.56 -93.79
CA GLY OA 469 12.39 8.61 -92.41
C GLY OA 469 13.56 7.69 -92.14
N GLN OA 470 14.09 7.81 -90.92
CA GLN OA 470 15.22 7.01 -90.48
C GLN OA 470 14.80 6.01 -89.42
N PRO OA 471 15.50 4.88 -89.29
CA PRO OA 471 15.12 3.88 -88.28
C PRO OA 471 15.72 4.22 -86.92
N GLY OA 472 14.85 4.39 -85.92
CA GLY OA 472 15.30 4.62 -84.57
C GLY OA 472 15.47 6.07 -84.20
N VAL OA 473 14.53 6.92 -84.62
CA VAL OA 473 14.53 8.34 -84.27
C VAL OA 473 13.13 8.72 -83.84
N PHE OA 474 13.04 9.45 -82.73
CA PHE OA 474 11.77 9.82 -82.14
C PHE OA 474 11.68 11.34 -81.97
N HIS OA 475 10.45 11.82 -81.83
CA HIS OA 475 10.18 13.24 -81.57
C HIS OA 475 9.32 13.33 -80.33
N LEU OA 476 9.89 13.85 -79.24
CA LEU OA 476 9.20 13.99 -77.98
C LEU OA 476 8.81 15.46 -77.77
N ASN OA 477 7.54 15.69 -77.48
CA ASN OA 477 7.01 17.02 -77.23
C ASN OA 477 6.42 17.08 -75.84
N MET OA 478 6.91 18.00 -75.01
CA MET OA 478 6.46 18.15 -73.64
C MET OA 478 6.17 19.60 -73.33
N ARG OA 479 5.16 19.83 -72.51
CA ARG OA 479 4.80 21.15 -72.02
C ARG OA 479 4.64 21.10 -70.51
N TYR OA 480 5.15 22.11 -69.82
CA TYR OA 480 5.21 22.09 -68.37
C TYR OA 480 5.02 23.50 -67.83
N ARG OA 481 4.79 23.58 -66.52
CA ARG OA 481 4.64 24.85 -65.82
C ARG OA 481 5.51 24.83 -64.57
N PRO OA 482 6.24 25.91 -64.28
CA PRO OA 482 7.05 25.94 -63.07
C PRO OA 482 6.18 26.03 -61.83
N PRO OA 483 6.74 25.80 -60.64
CA PRO OA 483 5.91 25.85 -59.44
C PRO OA 483 5.26 27.21 -59.26
N VAL OA 484 4.01 27.19 -58.77
CA VAL OA 484 3.25 28.42 -58.62
C VAL OA 484 3.88 29.29 -57.54
N ARG OA 485 3.90 30.59 -57.78
CA ARG OA 485 4.53 31.53 -56.85
C ARG OA 485 3.56 31.98 -55.76
N GLY OA 486 2.43 32.57 -56.15
CA GLY OA 486 1.49 33.12 -55.20
C GLY OA 486 0.05 33.03 -55.63
N ALA OA 487 -0.82 33.81 -54.98
CA ALA OA 487 -2.24 33.80 -55.29
C ALA OA 487 -2.86 35.10 -54.82
N ARG OA 488 -4.05 35.38 -55.34
CA ARG OA 488 -4.85 36.53 -54.94
C ARG OA 488 -6.14 36.06 -54.29
N ILE OA 489 -6.49 36.70 -53.17
CA ILE OA 489 -7.69 36.35 -52.41
C ILE OA 489 -8.50 37.62 -52.18
N ASN OA 490 -9.79 37.56 -52.50
CA ASN OA 490 -10.69 38.66 -52.25
C ASN OA 490 -11.32 38.49 -50.87
N VAL OA 491 -11.28 39.54 -50.06
CA VAL OA 491 -11.79 39.52 -48.70
C VAL OA 491 -12.93 40.52 -48.61
N ASN OA 492 -14.11 40.04 -48.20
CA ASN OA 492 -15.28 40.88 -48.02
C ASN OA 492 -15.59 40.94 -46.53
N LEU OA 493 -15.16 42.02 -45.88
CA LEU OA 493 -15.40 42.21 -44.46
C LEU OA 493 -16.80 42.75 -44.26
N VAL OA 494 -17.56 42.12 -43.37
CA VAL OA 494 -18.95 42.50 -43.14
C VAL OA 494 -19.35 42.25 -41.68
N PRO OA 495 -19.25 43.24 -40.81
CA PRO OA 495 -19.80 43.05 -39.45
C PRO OA 495 -21.32 43.02 -39.47
N ALA OA 496 -21.88 42.33 -38.49
CA ALA OA 496 -23.32 42.14 -38.39
C ALA OA 496 -23.82 42.68 -37.07
N LEU OA 497 -24.86 43.51 -37.12
CA LEU OA 497 -25.48 44.04 -35.91
C LEU OA 497 -26.63 43.16 -35.43
N PHE OA 498 -27.42 42.63 -36.35
CA PHE OA 498 -28.51 41.74 -35.96
C PHE OA 498 -27.96 40.47 -35.34
N ASP OA 499 -28.65 39.99 -34.30
CA ASP OA 499 -28.16 38.88 -33.50
C ASP OA 499 -28.44 37.52 -34.11
N ASN OA 500 -29.29 37.43 -35.13
CA ASN OA 500 -29.61 36.15 -35.76
C ASN OA 500 -30.39 36.36 -37.04
N CYS PA 3 -9.98 -5.70 -82.35
CA CYS PA 3 -8.76 -5.89 -81.57
C CYS PA 3 -8.73 -5.00 -80.33
N ASN PA 4 -9.70 -4.08 -80.24
CA ASN PA 4 -9.77 -3.13 -79.14
C ASN PA 4 -10.65 -3.61 -77.99
N LYS PA 5 -11.33 -4.75 -78.14
CA LYS PA 5 -12.17 -5.29 -77.09
C LYS PA 5 -11.68 -6.64 -76.58
N GLN PA 6 -10.44 -7.02 -76.92
CA GLN PA 6 -9.88 -8.29 -76.48
C GLN PA 6 -9.17 -8.08 -75.15
N ASN PA 7 -9.69 -8.73 -74.10
CA ASN PA 7 -9.15 -8.59 -72.75
C ASN PA 7 -7.99 -9.57 -72.61
N GLY PA 8 -6.77 -9.06 -72.59
CA GLY PA 8 -5.60 -9.91 -72.47
C GLY PA 8 -4.36 -9.08 -72.25
N VAL PA 9 -3.24 -9.78 -72.07
CA VAL PA 9 -1.94 -9.17 -71.81
C VAL PA 9 -1.06 -9.35 -73.03
N LYS PA 10 -0.35 -8.29 -73.41
CA LYS PA 10 0.47 -8.26 -74.62
C LYS PA 10 1.96 -8.35 -74.33
N ASN PA 11 2.47 -7.49 -73.45
CA ASN PA 11 3.89 -7.47 -73.10
C ASN PA 11 4.05 -7.39 -71.60
N ILE PA 12 5.13 -8.00 -71.10
CA ILE PA 12 5.47 -7.96 -69.68
C ILE PA 12 6.98 -7.80 -69.59
N LEU PA 13 7.44 -6.66 -69.10
CA LEU PA 13 8.86 -6.38 -68.92
C LEU PA 13 9.18 -6.25 -67.44
N ILE PA 14 10.27 -6.88 -67.01
CA ILE PA 14 10.71 -6.87 -65.63
C ILE PA 14 12.19 -6.54 -65.58
N THR PA 15 12.57 -5.69 -64.62
CA THR PA 15 13.97 -5.30 -64.42
C THR PA 15 14.36 -5.63 -62.99
N PHE PA 16 15.43 -6.39 -62.83
CA PHE PA 16 15.88 -6.83 -61.52
C PHE PA 16 17.10 -6.02 -61.08
N THR PA 17 17.17 -5.72 -59.78
CA THR PA 17 18.28 -4.99 -59.19
C THR PA 17 18.69 -5.75 -57.92
N HIS PA 18 19.75 -6.55 -58.03
CA HIS PA 18 20.20 -7.32 -56.86
C HIS PA 18 20.60 -6.38 -55.73
N CYS PA 19 20.25 -6.77 -54.51
CA CYS PA 19 20.47 -5.90 -53.35
C CYS PA 19 21.84 -6.07 -52.72
N ASP PA 20 22.45 -7.26 -52.81
CA ASP PA 20 23.76 -7.49 -52.23
C ASP PA 20 24.92 -7.15 -53.18
N THR PA 21 24.64 -6.86 -54.45
CA THR PA 21 25.69 -6.53 -55.40
C THR PA 21 25.36 -5.35 -56.31
N GLY PA 22 24.16 -4.78 -56.21
CA GLY PA 22 23.81 -3.63 -57.02
C GLY PA 22 23.80 -3.92 -58.51
N GLU PA 23 23.79 -5.20 -58.87
CA GLU PA 23 23.77 -5.57 -60.27
C GLU PA 23 22.39 -5.34 -60.87
N VAL PA 24 22.37 -4.88 -62.12
CA VAL PA 24 21.13 -4.52 -62.81
C VAL PA 24 21.03 -5.36 -64.08
N ILE PA 25 19.87 -5.94 -64.31
CA ILE PA 25 19.59 -6.73 -65.51
C ILE PA 25 18.51 -6.01 -66.30
N GLY PA 26 18.79 -5.70 -67.56
CA GLY PA 26 17.90 -4.92 -68.38
C GLY PA 26 16.50 -5.52 -68.45
N PRO PA 27 15.55 -4.76 -69.00
CA PRO PA 27 14.17 -5.25 -69.06
C PRO PA 27 14.06 -6.47 -69.96
N ILE PA 28 13.57 -7.57 -69.38
CA ILE PA 28 13.43 -8.84 -70.08
C ILE PA 28 11.94 -9.12 -70.26
N SER PA 29 11.54 -9.44 -71.49
CA SER PA 29 10.17 -9.83 -71.74
C SER PA 29 9.86 -11.16 -71.06
N HIS PA 30 8.59 -11.34 -70.69
CA HIS PA 30 8.16 -12.54 -70.01
C HIS PA 30 6.84 -13.01 -70.60
N GLU PA 31 6.49 -14.26 -70.30
CA GLU PA 31 5.28 -14.89 -70.79
C GLU PA 31 4.53 -15.54 -69.62
N GLN PA 32 3.17 -15.43 -69.65
CA GLN PA 32 2.42 -15.89 -68.50
C GLN PA 32 2.22 -17.40 -68.54
N PRO PA 33 2.03 -18.02 -67.37
CA PRO PA 33 2.01 -19.49 -67.32
C PRO PA 33 0.67 -20.13 -67.63
N ASP PA 34 -0.42 -19.41 -67.42
CA ASP PA 34 -1.75 -19.99 -67.57
C ASP PA 34 -2.71 -18.89 -68.04
N ASP PA 35 -4.01 -19.16 -67.94
CA ASP PA 35 -5.02 -18.26 -68.47
C ASP PA 35 -5.35 -17.10 -67.53
N THR PA 36 -4.91 -17.14 -66.28
CA THR PA 36 -5.21 -16.07 -65.35
C THR PA 36 -4.48 -14.79 -65.75
N LEU PA 37 -5.05 -13.65 -65.35
CA LEU PA 37 -4.52 -12.34 -65.66
C LEU PA 37 -4.03 -11.64 -64.39
N PRO PA 38 -3.14 -10.66 -64.54
CA PRO PA 38 -2.73 -9.88 -63.36
C PRO PA 38 -3.88 -9.01 -62.85
N THR PA 39 -3.72 -8.56 -61.60
CA THR PA 39 -4.71 -7.71 -60.96
C THR PA 39 -4.01 -6.51 -60.35
N TYR PA 40 -4.76 -5.43 -60.18
CA TYR PA 40 -4.19 -4.14 -59.77
C TYR PA 40 -5.05 -3.52 -58.69
N LYS PA 41 -4.41 -2.63 -57.92
CA LYS PA 41 -5.11 -1.80 -56.94
C LYS PA 41 -4.31 -0.51 -56.81
N THR PA 42 -4.87 0.60 -57.29
CA THR PA 42 -4.14 1.85 -57.43
C THR PA 42 -4.55 2.93 -56.43
N CYS PA 43 -5.65 2.75 -55.71
CA CYS PA 43 -6.13 3.73 -54.75
C CYS PA 43 -5.52 3.42 -53.39
N ALA PA 44 -4.60 4.27 -52.94
CA ALA PA 44 -3.83 4.02 -51.72
C ALA PA 44 -4.51 4.59 -50.48
N TRP PA 45 -5.79 4.28 -50.31
CA TRP PA 45 -6.54 4.66 -49.12
C TRP PA 45 -7.74 3.71 -49.02
N THR PA 46 -8.02 3.25 -47.81
CA THR PA 46 -9.06 2.25 -47.58
C THR PA 46 -10.14 2.83 -46.67
N ASN PA 47 -11.39 2.63 -47.06
CA ASN PA 47 -12.55 3.09 -46.29
C ASN PA 47 -13.11 1.93 -45.48
N THR PA 48 -13.60 2.25 -44.28
CA THR PA 48 -14.31 1.30 -43.45
C THR PA 48 -15.67 1.88 -43.08
N ALA PA 49 -16.64 1.02 -42.86
CA ALA PA 49 -18.03 1.43 -42.70
C ALA PA 49 -18.32 1.76 -41.24
N LEU PA 50 -18.60 3.04 -40.98
CA LEU PA 50 -19.11 3.47 -39.69
C LEU PA 50 -20.64 3.45 -39.73
N THR PA 51 -21.29 4.03 -38.73
CA THR PA 51 -22.74 4.06 -38.66
C THR PA 51 -23.29 5.28 -39.40
N ASN PA 52 -24.37 5.07 -40.14
CA ASN PA 52 -25.11 6.16 -40.78
C ASN PA 52 -24.32 6.78 -41.93
N GLY PA 53 -23.67 5.94 -42.75
CA GLY PA 53 -23.07 6.39 -43.98
C GLY PA 53 -21.71 7.02 -43.86
N ALA PA 54 -21.13 7.08 -42.67
CA ALA PA 54 -19.81 7.65 -42.48
C ALA PA 54 -18.74 6.59 -42.70
N VAL PA 55 -17.56 7.04 -43.14
CA VAL PA 55 -16.44 6.15 -43.43
C VAL PA 55 -15.25 6.56 -42.56
N MET PA 56 -14.16 5.82 -42.72
CA MET PA 56 -12.94 6.02 -41.94
C MET PA 56 -11.76 5.57 -42.77
N ARG PA 57 -10.83 6.47 -43.03
CA ARG PA 57 -9.71 6.21 -43.93
C ARG PA 57 -8.57 5.50 -43.20
N SER PA 58 -7.73 4.82 -43.98
CA SER PA 58 -6.53 4.18 -43.45
C SER PA 58 -5.50 4.10 -44.57
N ALA PA 59 -4.23 3.96 -44.16
CA ALA PA 59 -3.11 4.14 -45.08
C ALA PA 59 -3.13 3.17 -46.26
N SER PA 60 -2.96 1.88 -45.99
CA SER PA 60 -2.94 0.87 -47.04
C SER PA 60 -1.85 1.17 -48.07
N ASN PA 61 -1.77 0.35 -49.11
CA ASN PA 61 -0.76 0.51 -50.15
C ASN PA 61 -1.38 0.20 -51.51
N ALA PA 62 -0.56 0.27 -52.55
CA ALA PA 62 -0.95 -0.10 -53.91
C ALA PA 62 -0.19 -1.37 -54.27
N THR PA 63 -0.92 -2.41 -54.68
CA THR PA 63 -0.34 -3.72 -54.89
C THR PA 63 -0.59 -4.19 -56.32
N MET PA 64 0.17 -5.21 -56.72
CA MET PA 64 0.03 -5.85 -58.02
C MET PA 64 0.35 -7.32 -57.87
N THR PA 65 -0.49 -8.17 -58.47
CA THR PA 65 -0.26 -9.61 -58.52
C THR PA 65 0.10 -9.97 -59.95
N LEU PA 66 1.32 -10.50 -60.14
CA LEU PA 66 1.89 -10.71 -61.47
C LEU PA 66 2.34 -12.15 -61.61
N PRO PA 67 1.50 -13.04 -62.12
CA PRO PA 67 1.94 -14.42 -62.39
C PRO PA 67 2.67 -14.50 -63.73
N VAL PA 68 3.94 -14.88 -63.68
CA VAL PA 68 4.78 -14.95 -64.87
C VAL PA 68 5.58 -16.25 -64.84
N VAL PA 69 6.10 -16.61 -66.00
CA VAL PA 69 6.91 -17.83 -66.16
C VAL PA 69 8.36 -17.46 -65.92
N ARG PA 70 9.03 -18.21 -65.05
CA ARG PA 70 10.42 -17.93 -64.71
C ARG PA 70 11.29 -17.98 -65.95
N ASP PA 71 12.20 -17.01 -66.05
CA ASP PA 71 13.19 -16.99 -67.13
C ASP PA 71 14.31 -17.96 -66.78
N PRO PA 72 14.66 -18.91 -67.66
CA PRO PA 72 15.66 -19.92 -67.29
C PRO PA 72 17.08 -19.38 -67.17
N ARG PA 73 17.29 -18.07 -67.34
CA ARG PA 73 18.61 -17.46 -67.22
C ARG PA 73 18.74 -16.60 -65.97
N VAL PA 74 17.76 -16.64 -65.07
CA VAL PA 74 17.79 -15.81 -63.87
C VAL PA 74 17.55 -16.72 -62.66
N PRO PA 75 18.32 -16.59 -61.58
CA PRO PA 75 18.10 -17.47 -60.43
C PRO PA 75 16.70 -17.33 -59.86
N LEU PA 76 16.18 -18.45 -59.36
CA LEU PA 76 14.83 -18.46 -58.79
C LEU PA 76 14.72 -17.56 -57.57
N ALA PA 77 15.83 -17.29 -56.89
CA ALA PA 77 15.76 -16.46 -55.69
C ALA PA 77 15.33 -15.04 -56.03
N TRP PA 78 15.78 -14.53 -57.18
CA TRP PA 78 15.47 -13.14 -57.53
C TRP PA 78 13.96 -12.92 -57.64
N TYR PA 79 13.24 -13.85 -58.25
CA TYR PA 79 11.80 -13.70 -58.40
C TYR PA 79 11.09 -13.66 -57.05
N GLN PA 80 11.70 -14.20 -56.00
CA GLN PA 80 11.16 -14.12 -54.66
C GLN PA 80 11.72 -12.86 -53.99
N GLY PA 81 11.61 -12.78 -52.66
CA GLY PA 81 11.94 -11.55 -51.98
C GLY PA 81 13.41 -11.31 -51.76
N CYS PA 82 14.23 -11.57 -52.78
CA CYS PA 82 15.68 -11.36 -52.70
C CYS PA 82 16.18 -10.34 -53.73
N ALA PA 83 15.29 -9.48 -54.23
CA ALA PA 83 15.69 -8.48 -55.22
C ALA PA 83 14.56 -7.49 -55.52
N GLN PA 84 14.93 -6.30 -55.95
CA GLN PA 84 13.96 -5.29 -56.35
C GLN PA 84 13.37 -5.62 -57.72
N ILE PA 85 12.18 -5.08 -57.98
CA ILE PA 85 11.47 -5.36 -59.23
C ILE PA 85 10.90 -4.06 -59.78
N ASP PA 86 11.05 -3.88 -61.10
CA ASP PA 86 10.37 -2.84 -61.85
C ASP PA 86 9.64 -3.52 -63.00
N ALA PA 87 8.32 -3.33 -63.07
CA ALA PA 87 7.49 -4.09 -63.99
C ALA PA 87 6.63 -3.17 -64.83
N GLN PA 88 6.30 -3.64 -66.04
CA GLN PA 88 5.37 -2.95 -66.93
C GLN PA 88 4.52 -4.00 -67.64
N VAL PA 89 3.22 -3.73 -67.73
CA VAL PA 89 2.27 -4.64 -68.37
C VAL PA 89 1.45 -3.84 -69.37
N GLU PA 90 1.38 -4.32 -70.60
CA GLU PA 90 0.65 -3.65 -71.67
C GLU PA 90 -0.46 -4.58 -72.16
N LYS PA 91 -1.70 -4.16 -71.98
CA LYS PA 91 -2.84 -4.93 -72.43
C LYS PA 91 -3.09 -4.69 -73.92
N PHE PA 92 -3.97 -5.51 -74.49
CA PHE PA 92 -4.24 -5.42 -75.93
C PHE PA 92 -4.94 -4.11 -76.27
N ASP PA 93 -5.88 -3.66 -75.44
CA ASP PA 93 -6.64 -2.46 -75.75
C ASP PA 93 -5.73 -1.24 -75.85
N GLY PA 94 -4.68 -1.18 -75.05
CA GLY PA 94 -3.73 -0.08 -75.11
C GLY PA 94 -3.25 0.40 -73.75
N THR PA 95 -3.92 -0.03 -72.69
CA THR PA 95 -3.56 0.40 -71.36
C THR PA 95 -2.17 -0.09 -70.98
N VAL PA 96 -1.43 0.75 -70.26
CA VAL PA 96 -0.10 0.43 -69.76
C VAL PA 96 -0.05 0.78 -68.29
N MET PA 97 0.45 -0.15 -67.48
CA MET PA 97 0.58 0.04 -66.03
C MET PA 97 2.04 -0.14 -65.65
N THR PA 98 2.63 0.88 -65.04
CA THR PA 98 4.04 0.89 -64.69
C THR PA 98 4.21 0.87 -63.18
N LEU PA 99 5.31 0.25 -62.73
CA LEU PA 99 5.62 0.16 -61.32
C LEU PA 99 7.12 0.23 -61.15
N THR PA 100 7.57 0.92 -60.10
CA THR PA 100 8.99 1.05 -59.81
C THR PA 100 9.21 0.94 -58.31
N GLU PA 101 10.39 0.43 -57.95
CA GLU PA 101 10.77 0.27 -56.55
C GLU PA 101 9.77 -0.61 -55.80
N GLY PA 102 9.34 -1.70 -56.43
CA GLY PA 102 8.46 -2.64 -55.80
C GLY PA 102 9.19 -3.69 -54.99
N ALA PA 103 8.47 -4.32 -54.08
CA ALA PA 103 9.02 -5.36 -53.23
C ALA PA 103 8.07 -6.55 -53.19
N VAL PA 104 8.64 -7.75 -53.08
CA VAL PA 104 7.86 -8.98 -53.01
C VAL PA 104 7.57 -9.28 -51.54
N THR PA 105 6.36 -9.77 -51.27
CA THR PA 105 5.91 -10.02 -49.92
C THR PA 105 5.42 -11.46 -49.79
N GLU PA 106 5.75 -12.09 -48.67
CA GLU PA 106 5.29 -13.43 -48.28
C GLU PA 106 5.38 -14.42 -49.44
N PRO PA 107 6.56 -14.61 -50.01
CA PRO PA 107 6.68 -15.56 -51.13
C PRO PA 107 6.31 -16.97 -50.70
N GLU PA 108 5.72 -17.71 -51.64
CA GLU PA 108 5.33 -19.09 -51.43
C GLU PA 108 6.17 -20.00 -52.31
N GLU PA 109 6.17 -21.29 -51.96
CA GLU PA 109 6.98 -22.26 -52.69
C GLU PA 109 6.52 -22.36 -54.14
N SER PA 110 7.49 -22.53 -55.04
CA SER PA 110 7.21 -22.69 -56.46
C SER PA 110 7.95 -23.90 -56.99
N ASP PA 111 7.33 -24.59 -57.95
CA ASP PA 111 7.89 -25.82 -58.48
C ASP PA 111 9.14 -25.60 -59.32
N GLY PA 112 9.38 -24.38 -59.79
CA GLY PA 112 10.55 -24.06 -60.58
C GLY PA 112 10.25 -23.35 -61.89
N ARG PA 113 9.01 -23.40 -62.37
CA ARG PA 113 8.61 -22.72 -63.61
C ARG PA 113 7.60 -21.62 -63.37
N ALA PA 114 6.50 -21.91 -62.69
CA ALA PA 114 5.43 -20.94 -62.48
C ALA PA 114 5.68 -20.20 -61.17
N VAL PA 115 5.79 -18.88 -61.25
CA VAL PA 115 6.01 -18.02 -60.08
C VAL PA 115 4.94 -16.94 -60.06
N THR PA 116 4.29 -16.79 -58.91
CA THR PA 116 3.30 -15.74 -58.70
C THR PA 116 3.87 -14.73 -57.72
N MET PA 117 3.98 -13.48 -58.16
CA MET PA 117 4.63 -12.44 -57.38
C MET PA 117 3.60 -11.44 -56.89
N THR PA 118 3.65 -11.13 -55.59
CA THR PA 118 2.85 -10.06 -55.00
C THR PA 118 3.76 -8.87 -54.74
N ILE PA 119 3.46 -7.75 -55.38
CA ILE PA 119 4.32 -6.57 -55.36
C ILE PA 119 3.54 -5.41 -54.77
N ILE PA 120 4.22 -4.62 -53.94
CA ILE PA 120 3.63 -3.43 -53.31
C ILE PA 120 4.55 -2.25 -53.60
N ALA PA 121 3.96 -1.11 -53.93
CA ALA PA 121 4.72 0.09 -54.24
C ALA PA 121 3.97 1.31 -53.75
N ALA PA 122 4.69 2.42 -53.64
CA ALA PA 122 4.08 3.66 -53.14
C ALA PA 122 2.97 4.13 -54.06
N GLU PA 123 3.20 4.07 -55.38
CA GLU PA 123 2.23 4.57 -56.34
C GLU PA 123 2.37 3.76 -57.63
N ILE PA 124 1.23 3.49 -58.26
CA ILE PA 124 1.17 2.81 -59.55
C ILE PA 124 0.57 3.77 -60.56
N ASP PA 125 1.26 3.95 -61.69
CA ASP PA 125 0.81 4.86 -62.74
C ASP PA 125 0.11 4.09 -63.83
N GLU PA 126 -0.84 4.76 -64.49
CA GLU PA 126 -1.66 4.16 -65.52
C GLU PA 126 -1.72 5.07 -66.74
N LEU PA 127 -1.68 4.47 -67.92
CA LEU PA 127 -1.78 5.20 -69.18
C LEU PA 127 -2.99 4.67 -69.94
N LEU PA 128 -4.09 5.41 -69.90
CA LEU PA 128 -5.28 5.02 -70.61
C LEU PA 128 -5.09 5.22 -72.12
N PRO PA 129 -5.88 4.54 -72.93
CA PRO PA 129 -5.77 4.73 -74.38
C PRO PA 129 -6.09 6.15 -74.77
N PRO PA 130 -5.84 6.54 -76.02
CA PRO PA 130 -6.12 7.92 -76.43
C PRO PA 130 -7.59 8.25 -76.27
N GLY PA 131 -7.87 9.48 -75.86
CA GLY PA 131 -9.21 9.96 -75.69
C GLY PA 131 -9.78 9.86 -74.29
N SER PA 132 -8.94 9.96 -73.27
CA SER PA 132 -9.42 9.88 -71.90
C SER PA 132 -10.25 11.12 -71.55
N LEU PA 133 -10.95 11.04 -70.42
CA LEU PA 133 -11.77 12.13 -69.91
C LEU PA 133 -11.12 12.85 -68.74
N ALA PA 134 -10.76 12.11 -67.70
CA ALA PA 134 -10.14 12.72 -66.52
C ALA PA 134 -8.76 13.26 -66.87
N ALA PA 135 -8.34 14.29 -66.13
CA ALA PA 135 -7.04 14.89 -66.34
C ALA PA 135 -5.96 14.10 -65.63
N MET QA 1 54.51 -41.26 -51.42
CA MET QA 1 53.50 -40.96 -50.38
C MET QA 1 53.21 -39.45 -50.33
N ALA QA 2 54.23 -38.68 -49.98
CA ALA QA 2 54.11 -37.22 -49.88
C ALA QA 2 53.04 -36.94 -48.81
N GLN QA 3 52.15 -35.98 -49.02
CA GLN QA 3 51.12 -35.69 -48.05
C GLN QA 3 50.07 -36.80 -48.04
N ASP QA 4 49.37 -36.92 -46.91
CA ASP QA 4 48.45 -38.04 -46.72
C ASP QA 4 47.32 -38.00 -47.73
N ALA QA 5 46.75 -36.83 -47.98
CA ALA QA 5 45.58 -36.74 -48.85
C ALA QA 5 45.91 -37.17 -50.28
N LEU QA 6 47.06 -36.76 -50.78
CA LEU QA 6 47.43 -36.98 -52.17
C LEU QA 6 48.24 -38.26 -52.37
N SER QA 7 48.43 -39.06 -51.33
CA SER QA 7 49.33 -40.21 -51.44
C SER QA 7 48.71 -41.32 -52.28
N ASP QA 8 47.42 -41.61 -52.08
CA ASP QA 8 46.81 -42.78 -52.72
C ASP QA 8 46.72 -42.64 -54.23
N GLY QA 9 46.91 -41.44 -54.78
CA GLY QA 9 46.91 -41.28 -56.23
C GLY QA 9 45.55 -41.22 -56.87
N PHE QA 10 44.48 -41.05 -56.09
CA PHE QA 10 43.16 -40.88 -56.68
C PHE QA 10 42.97 -39.51 -57.30
N VAL QA 11 43.70 -38.51 -56.81
CA VAL QA 11 43.59 -37.13 -57.30
C VAL QA 11 44.97 -36.66 -57.72
N ARG QA 12 45.06 -36.09 -58.92
CA ARG QA 12 46.28 -35.47 -59.42
C ARG QA 12 46.08 -33.96 -59.40
N LEU QA 13 46.96 -33.27 -58.70
CA LEU QA 13 46.80 -31.84 -58.43
C LEU QA 13 47.91 -31.06 -59.12
N CYS QA 14 47.53 -29.99 -59.82
CA CYS QA 14 48.48 -29.12 -60.50
C CYS QA 14 48.14 -27.67 -60.19
N ILE QA 15 49.15 -26.90 -59.83
CA ILE QA 15 48.97 -25.50 -59.44
C ILE QA 15 49.83 -24.64 -60.36
N ASP QA 16 49.18 -23.73 -61.09
CA ASP QA 16 49.89 -22.81 -61.97
C ASP QA 16 48.98 -21.63 -62.31
N PRO QA 17 49.42 -20.40 -62.10
CA PRO QA 17 48.58 -19.25 -62.43
C PRO QA 17 48.66 -18.81 -63.89
N SER QA 18 49.44 -19.48 -64.72
CA SER QA 18 49.64 -19.08 -66.11
C SER QA 18 48.74 -19.84 -67.08
N LEU QA 19 47.84 -20.68 -66.59
CA LEU QA 19 46.94 -21.46 -67.44
C LEU QA 19 45.59 -20.76 -67.53
N ASN QA 20 45.07 -20.62 -68.75
CA ASN QA 20 43.79 -19.98 -68.98
C ASN QA 20 42.79 -21.00 -69.51
N PHE QA 21 41.63 -21.06 -68.87
CA PHE QA 21 40.63 -22.07 -69.22
C PHE QA 21 39.94 -21.72 -70.54
N PHE QA 22 39.62 -20.44 -70.72
CA PHE QA 22 38.92 -20.00 -71.90
C PHE QA 22 39.82 -20.08 -73.13
N GLY QA 23 39.23 -20.43 -74.28
CA GLY QA 23 40.00 -20.45 -75.50
C GLY QA 23 40.50 -19.06 -75.87
N GLU QA 24 41.61 -19.03 -76.59
CA GLU QA 24 42.21 -17.77 -77.01
C GLU QA 24 41.16 -16.90 -77.70
N GLY QA 25 41.10 -15.63 -77.29
CA GLY QA 25 40.10 -14.73 -77.82
C GLY QA 25 40.37 -14.36 -79.27
N CYS QA 26 39.84 -13.21 -79.70
CA CYS QA 26 40.05 -12.75 -81.06
C CYS QA 26 41.46 -12.22 -81.24
N LYS QA 27 41.84 -12.02 -82.50
CA LYS QA 27 43.19 -11.63 -82.86
C LYS QA 27 43.21 -10.19 -83.36
N ILE QA 28 44.23 -9.45 -82.94
CA ILE QA 28 44.46 -8.08 -83.40
C ILE QA 28 45.89 -7.99 -83.89
N LEU QA 29 46.08 -7.43 -85.08
CA LEU QA 29 47.38 -7.32 -85.72
C LEU QA 29 47.78 -5.86 -85.77
N VAL QA 30 48.94 -5.53 -85.20
CA VAL QA 30 49.46 -4.17 -85.18
C VAL QA 30 50.62 -4.08 -86.15
N GLU QA 31 50.76 -2.91 -86.77
CA GLU QA 31 51.75 -2.69 -87.82
C GLU QA 31 52.39 -1.32 -87.62
N GLY QA 32 53.69 -1.26 -87.85
CA GLY QA 32 54.40 0.00 -87.65
C GLY QA 32 55.88 -0.13 -87.95
N GLN QA 33 56.65 0.84 -87.48
CA GLN QA 33 58.08 0.93 -87.71
C GLN QA 33 58.85 0.27 -86.59
N ILE QA 34 60.16 0.13 -86.78
CA ILE QA 34 61.05 -0.35 -85.74
C ILE QA 34 62.41 0.34 -85.89
N THR QA 35 63.31 0.09 -84.95
CA THR QA 35 64.65 0.66 -84.96
C THR QA 35 65.68 -0.47 -85.04
N ASP QA 36 66.93 -0.08 -85.30
CA ASP QA 36 67.99 -1.07 -85.49
C ASP QA 36 68.23 -1.90 -84.24
N ASP QA 37 68.04 -1.31 -83.05
CA ASP QA 37 68.30 -2.03 -81.82
C ASP QA 37 67.34 -3.19 -81.60
N ALA QA 38 66.26 -3.28 -82.37
CA ALA QA 38 65.32 -4.38 -82.23
C ALA QA 38 65.95 -5.67 -82.75
N THR QA 39 65.38 -6.80 -82.30
CA THR QA 39 65.85 -8.11 -82.70
C THR QA 39 64.86 -8.88 -83.56
N ALA QA 40 63.59 -8.51 -83.56
CA ALA QA 40 62.59 -9.24 -84.32
C ALA QA 40 62.84 -9.10 -85.81
N ALA QA 41 62.65 -10.19 -86.54
CA ALA QA 41 62.83 -10.18 -87.98
C ALA QA 41 61.74 -9.37 -88.67
N GLU QA 42 62.10 -8.72 -89.76
CA GLU QA 42 61.16 -7.88 -90.49
C GLU QA 42 60.22 -8.73 -91.34
N ASN QA 43 59.02 -8.20 -91.56
CA ASN QA 43 58.04 -8.84 -92.45
C ASN QA 43 57.69 -10.25 -91.98
N VAL QA 44 57.59 -10.43 -90.67
CA VAL QA 44 57.21 -11.71 -90.07
C VAL QA 44 56.15 -11.46 -89.01
N VAL QA 45 55.04 -12.20 -89.08
CA VAL QA 45 54.01 -12.10 -88.06
C VAL QA 45 54.45 -12.89 -86.84
N THR QA 46 54.44 -12.23 -85.68
CA THR QA 46 54.91 -12.84 -84.44
C THR QA 46 53.92 -12.57 -83.33
N CYS QA 47 53.93 -13.47 -82.33
CA CYS QA 47 53.07 -13.34 -81.17
C CYS QA 47 53.75 -12.50 -80.10
N VAL QA 48 52.94 -11.93 -79.21
CA VAL QA 48 53.42 -11.13 -78.09
C VAL QA 48 52.75 -11.64 -76.83
N ASN QA 49 53.45 -11.46 -75.70
CA ASN QA 49 52.98 -11.99 -74.42
C ASN QA 49 52.80 -10.93 -73.35
N SER QA 50 53.71 -9.96 -73.25
CA SER QA 50 53.65 -8.99 -72.17
C SER QA 50 54.36 -7.72 -72.59
N GLU QA 51 54.11 -6.65 -71.82
CA GLU QA 51 54.73 -5.36 -72.11
C GLU QA 51 56.24 -5.42 -71.92
N LEU QA 52 56.72 -6.25 -71.00
CA LEU QA 52 58.16 -6.32 -70.75
C LEU QA 52 58.93 -6.94 -71.90
N ASP QA 53 58.27 -7.73 -72.75
CA ASP QA 53 58.93 -8.29 -73.93
C ASP QA 53 59.19 -7.23 -74.99
N LEU QA 54 58.56 -6.06 -74.89
CA LEU QA 54 58.82 -4.98 -75.82
C LEU QA 54 60.22 -4.39 -75.56
N VAL QA 55 60.55 -3.33 -76.29
CA VAL QA 55 61.85 -2.70 -76.17
C VAL QA 55 62.92 -3.65 -76.69
N GLU QA 56 63.11 -4.76 -75.99
CA GLU QA 56 64.11 -5.74 -76.41
C GLU QA 56 63.79 -6.28 -77.80
N ARG QA 57 62.51 -6.56 -78.07
CA ARG QA 57 62.12 -7.20 -79.32
C ARG QA 57 61.82 -6.20 -80.44
N PHE QA 58 61.44 -4.97 -80.10
CA PHE QA 58 61.02 -4.00 -81.10
C PHE QA 58 61.74 -2.67 -80.98
N GLY QA 59 62.89 -2.65 -80.30
CA GLY QA 59 63.72 -1.46 -80.25
C GLY QA 59 63.24 -0.47 -79.21
N GLN QA 60 64.07 0.55 -78.99
CA GLN QA 60 63.81 1.55 -77.96
C GLN QA 60 62.93 2.66 -78.51
N GLY QA 61 61.72 2.78 -77.98
CA GLY QA 61 60.85 3.90 -78.31
C GLY QA 61 60.55 4.04 -79.79
N SER QA 62 60.21 2.93 -80.44
CA SER QA 62 59.81 2.98 -81.83
C SER QA 62 58.29 3.13 -81.94
N VAL QA 63 57.82 3.33 -83.16
CA VAL QA 63 56.38 3.50 -83.39
C VAL QA 63 55.64 2.25 -82.96
N LEU QA 64 56.17 1.08 -83.30
CA LEU QA 64 55.47 -0.17 -82.99
C LEU QA 64 55.36 -0.38 -81.49
N THR QA 65 56.42 -0.07 -80.73
CA THR QA 65 56.40 -0.29 -79.29
C THR QA 65 55.31 0.55 -78.63
N GLU QA 66 55.20 1.83 -79.00
CA GLU QA 66 54.20 2.68 -78.39
C GLU QA 66 52.79 2.19 -78.69
N SER QA 67 52.53 1.79 -79.94
CA SER QA 67 51.21 1.31 -80.29
C SER QA 67 50.83 0.07 -79.47
N LEU QA 68 51.77 -0.86 -79.31
CA LEU QA 68 51.48 -2.06 -78.54
C LEU QA 68 51.24 -1.74 -77.07
N ARG QA 69 51.95 -0.74 -76.53
CA ARG QA 69 51.79 -0.41 -75.12
C ARG QA 69 50.36 -0.02 -74.81
N LYS QA 70 49.75 0.82 -75.65
CA LYS QA 70 48.37 1.22 -75.41
C LYS QA 70 47.42 0.03 -75.57
N VAL QA 71 47.67 -0.82 -76.57
CA VAL QA 71 46.80 -1.96 -76.80
C VAL QA 71 46.75 -2.85 -75.56
N PHE QA 72 47.91 -3.14 -74.98
CA PHE QA 72 47.94 -3.94 -73.76
C PHE QA 72 47.28 -3.22 -72.60
N CYS QA 73 47.37 -1.89 -72.57
CA CYS QA 73 46.84 -1.14 -71.43
C CYS QA 73 45.32 -0.99 -71.53
N MET QA 74 44.75 -1.16 -72.72
CA MET QA 74 43.30 -1.05 -72.91
C MET QA 74 42.60 -2.40 -72.83
N CYS QA 75 43.22 -3.46 -73.35
CA CYS QA 75 42.63 -4.79 -73.38
C CYS QA 75 43.28 -5.62 -72.29
N LYS QA 76 42.61 -5.71 -71.13
CA LYS QA 76 43.18 -6.43 -70.00
C LYS QA 76 43.16 -7.94 -70.25
N SER QA 77 42.04 -8.46 -70.75
CA SER QA 77 41.93 -9.90 -70.98
C SER QA 77 40.88 -10.15 -72.07
N GLY QA 78 41.10 -11.21 -72.83
CA GLY QA 78 40.17 -11.60 -73.87
C GLY QA 78 40.61 -11.21 -75.27
N VAL QA 79 41.91 -11.29 -75.53
CA VAL QA 79 42.45 -10.95 -76.84
C VAL QA 79 43.87 -11.48 -76.97
N SER QA 80 44.28 -11.78 -78.21
CA SER QA 80 45.65 -12.20 -78.51
C SER QA 80 46.25 -11.21 -79.49
N VAL QA 81 47.41 -10.69 -79.15
CA VAL QA 81 48.06 -9.63 -79.93
C VAL QA 81 49.09 -10.24 -80.86
N TYR QA 82 49.23 -9.64 -82.04
CA TYR QA 82 50.24 -10.01 -83.01
C TYR QA 82 50.86 -8.75 -83.59
N ALA QA 83 52.10 -8.86 -84.03
CA ALA QA 83 52.85 -7.73 -84.56
C ALA QA 83 53.40 -8.07 -85.93
N LEU QA 84 53.50 -7.04 -86.77
CA LEU QA 84 54.03 -7.17 -88.14
C LEU QA 84 55.06 -6.06 -88.34
N PRO QA 85 56.24 -6.19 -87.76
CA PRO QA 85 57.21 -5.09 -87.83
C PRO QA 85 57.64 -4.79 -89.26
N ARG QA 86 57.91 -3.52 -89.52
CA ARG QA 86 58.39 -3.06 -90.81
C ARG QA 86 59.55 -2.10 -90.60
N ALA QA 87 60.43 -2.03 -91.59
CA ALA QA 87 61.64 -1.22 -91.51
C ALA QA 87 61.51 -0.02 -92.43
N ASP QA 88 61.91 1.15 -91.94
CA ASP QA 88 61.83 2.37 -92.72
C ASP QA 88 62.77 2.30 -93.91
N ALA QA 89 62.44 3.09 -94.95
CA ALA QA 89 63.23 3.08 -96.17
C ALA QA 89 64.64 3.64 -95.91
N ALA QA 90 65.56 3.28 -96.79
CA ALA QA 90 66.95 3.71 -96.62
C ALA QA 90 67.12 5.20 -96.87
N ALA QA 91 66.30 5.78 -97.74
CA ALA QA 91 66.41 7.19 -98.10
C ALA QA 91 65.49 8.08 -97.28
N ALA QA 92 65.21 7.72 -96.04
CA ALA QA 92 64.33 8.50 -95.20
C ALA QA 92 65.08 9.64 -94.52
N VAL QA 93 64.36 10.73 -94.26
CA VAL QA 93 64.91 11.90 -93.59
C VAL QA 93 64.18 12.07 -92.27
N SER QA 94 64.92 12.10 -91.17
CA SER QA 94 64.32 12.21 -89.85
C SER QA 94 63.97 13.66 -89.55
N ALA QA 95 62.79 13.86 -88.98
CA ALA QA 95 62.35 15.20 -88.62
C ALA QA 95 63.18 15.75 -87.47
N VAL QA 96 63.31 17.07 -87.42
CA VAL QA 96 64.09 17.76 -86.40
C VAL QA 96 63.24 18.86 -85.80
N TYR QA 97 63.18 18.91 -84.47
CA TYR QA 97 62.42 19.92 -83.75
C TYR QA 97 63.34 20.67 -82.80
N THR QA 98 63.10 21.98 -82.67
CA THR QA 98 63.91 22.85 -81.84
C THR QA 98 63.07 23.47 -80.75
N LEU QA 99 63.56 23.42 -79.51
CA LEU QA 99 62.91 24.07 -78.37
C LEU QA 99 63.93 24.97 -77.70
N THR QA 100 63.61 26.25 -77.57
CA THR QA 100 64.56 27.25 -77.08
C THR QA 100 64.06 27.85 -75.78
N VAL QA 101 65.00 28.24 -74.93
CA VAL QA 101 64.72 28.90 -73.66
C VAL QA 101 65.41 30.25 -73.65
N THR QA 102 64.68 31.28 -73.23
CA THR QA 102 65.18 32.65 -73.21
C THR QA 102 65.02 33.22 -71.81
N GLY QA 103 65.65 34.38 -71.60
CA GLY QA 103 65.56 35.07 -70.33
C GLY QA 103 66.43 34.43 -69.26
N THR QA 104 66.11 34.77 -68.02
CA THR QA 104 66.85 34.27 -66.87
C THR QA 104 65.91 34.23 -65.67
N ALA QA 105 65.78 33.06 -65.06
CA ALA QA 105 64.89 32.91 -63.91
C ALA QA 105 65.35 33.79 -62.77
N LEU QA 106 64.39 34.49 -62.15
CA LEU QA 106 64.68 35.37 -61.03
C LEU QA 106 63.82 35.08 -59.81
N THR QA 107 62.73 34.33 -59.93
CA THR QA 107 61.93 33.88 -58.80
C THR QA 107 61.73 32.38 -58.91
N ASP QA 108 61.97 31.66 -57.83
CA ASP QA 108 61.84 30.21 -57.84
C ASP QA 108 60.40 29.83 -58.22
N GLY QA 109 60.28 28.78 -59.02
CA GLY QA 109 58.98 28.35 -59.47
C GLY QA 109 59.05 26.98 -60.11
N ARG QA 110 57.92 26.56 -60.68
CA ARG QA 110 57.80 25.27 -61.34
C ARG QA 110 57.39 25.47 -62.79
N VAL QA 111 57.93 24.62 -63.66
CA VAL QA 111 57.57 24.59 -65.07
C VAL QA 111 57.35 23.14 -65.47
N GLN QA 112 56.20 22.86 -66.09
CA GLN QA 112 55.83 21.50 -66.48
C GLN QA 112 55.34 21.53 -67.92
N LEU QA 113 55.87 20.62 -68.73
CA LEU QA 113 55.58 20.57 -70.16
C LEU QA 113 54.82 19.29 -70.50
N TYR QA 114 53.86 19.41 -71.41
CA TYR QA 114 53.13 18.27 -71.93
C TYR QA 114 53.67 17.97 -73.33
N MET QA 115 54.22 16.77 -73.50
CA MET QA 115 54.93 16.38 -74.72
C MET QA 115 54.29 15.12 -75.28
N GLY QA 116 53.37 15.28 -76.24
CA GLY QA 116 52.77 14.16 -76.91
C GLY QA 116 51.63 13.53 -76.13
N GLU QA 117 51.97 12.78 -75.07
CA GLU QA 117 50.97 12.09 -74.27
C GLU QA 117 51.40 12.17 -72.82
N ALA QA 118 50.42 11.99 -71.92
CA ALA QA 118 50.67 12.20 -70.50
C ALA QA 118 51.86 11.40 -70.00
N GLU QA 119 52.03 10.18 -70.51
CA GLU QA 119 53.11 9.33 -70.01
C GLU QA 119 54.48 9.94 -70.21
N TYR QA 120 54.64 10.84 -71.18
CA TYR QA 120 55.91 11.49 -71.46
C TYR QA 120 55.97 12.92 -70.94
N SER QA 121 54.88 13.45 -70.38
CA SER QA 121 54.91 14.77 -69.80
C SER QA 121 55.84 14.78 -68.58
N LEU QA 122 56.49 15.92 -68.36
CA LEU QA 122 57.51 16.05 -67.34
C LEU QA 122 57.29 17.31 -66.53
N ASP QA 123 57.65 17.24 -65.24
CA ASP QA 123 57.59 18.37 -64.33
C ASP QA 123 58.98 18.66 -63.81
N ILE QA 124 59.44 19.89 -64.01
CA ILE QA 124 60.75 20.33 -63.55
C ILE QA 124 60.61 21.69 -62.89
N GLY QA 125 61.29 21.88 -61.76
CA GLY QA 125 61.19 23.12 -61.02
C GLY QA 125 62.50 23.84 -60.86
N VAL QA 126 62.59 25.04 -61.41
CA VAL QA 126 63.76 25.90 -61.22
C VAL QA 126 63.62 26.59 -59.88
N ASP QA 127 64.55 26.31 -58.97
CA ASP QA 127 64.46 26.79 -57.59
C ASP QA 127 65.43 27.93 -57.30
N GLU QA 128 66.36 28.23 -58.20
CA GLU QA 128 67.38 29.23 -57.97
C GLU QA 128 67.12 30.44 -58.86
N GLY QA 129 67.21 31.63 -58.27
CA GLY QA 129 67.10 32.84 -59.04
C GLY QA 129 68.36 33.15 -59.83
N ASP QA 130 68.20 33.98 -60.85
CA ASP QA 130 69.31 34.39 -61.70
C ASP QA 130 70.05 33.16 -62.27
N THR QA 131 69.27 32.15 -62.65
CA THR QA 131 69.83 30.98 -63.33
C THR QA 131 69.74 31.18 -64.83
N PRO QA 132 70.85 31.15 -65.57
CA PRO QA 132 70.77 31.44 -67.00
C PRO QA 132 70.06 30.35 -67.76
N THR QA 133 69.92 30.52 -69.07
CA THR QA 133 69.22 29.54 -69.89
C THR QA 133 69.89 28.17 -69.84
N GLN QA 134 71.19 28.11 -69.49
CA GLN QA 134 71.89 26.84 -69.50
C GLN QA 134 71.75 26.08 -68.19
N ILE QA 135 71.53 26.76 -67.06
CA ILE QA 135 71.13 26.04 -65.85
C ILE QA 135 69.79 25.36 -66.09
N ALA QA 136 68.89 26.05 -66.78
CA ALA QA 136 67.74 25.40 -67.38
C ALA QA 136 68.23 24.50 -68.51
N ALA QA 137 67.29 23.86 -69.20
CA ALA QA 137 67.60 22.78 -70.13
C ALA QA 137 68.04 21.53 -69.40
N LYS QA 138 67.84 21.50 -68.08
CA LYS QA 138 67.89 20.26 -67.29
C LYS QA 138 66.77 19.31 -67.68
N ILE QA 139 65.89 19.72 -68.59
CA ILE QA 139 64.84 18.85 -69.08
C ILE QA 139 65.42 17.56 -69.67
N VAL QA 140 66.53 17.69 -70.39
CA VAL QA 140 67.13 16.51 -71.02
C VAL QA 140 67.43 15.44 -69.99
N ALA QA 141 67.71 15.84 -68.75
CA ALA QA 141 67.92 14.88 -67.67
C ALA QA 141 66.61 14.26 -67.19
N ALA QA 142 65.47 14.89 -67.47
CA ALA QA 142 64.17 14.41 -67.04
C ALA QA 142 63.34 13.81 -68.17
N ILE QA 143 63.77 13.96 -69.42
CA ILE QA 143 63.00 13.41 -70.54
C ILE QA 143 62.94 11.89 -70.41
N SER QA 144 61.77 11.33 -70.67
CA SER QA 144 61.58 9.90 -70.52
C SER QA 144 62.49 9.15 -71.49
N PRO QA 145 63.21 8.11 -71.05
CA PRO QA 145 64.05 7.37 -72.00
C PRO QA 145 63.28 6.73 -73.13
N ASP QA 146 61.99 6.48 -72.94
CA ASP QA 146 61.16 5.84 -73.94
C ASP QA 146 60.52 6.83 -74.91
N PHE QA 147 60.85 8.11 -74.80
CA PHE QA 147 60.30 9.09 -75.72
C PHE QA 147 60.78 8.78 -77.13
N PRO QA 148 59.93 8.95 -78.16
CA PRO QA 148 60.35 8.60 -79.52
C PRO QA 148 61.30 9.59 -80.15
N TYR QA 149 61.82 10.54 -79.37
CA TYR QA 149 62.71 11.57 -79.89
C TYR QA 149 63.97 11.65 -79.02
N GLU QA 150 65.04 12.15 -79.62
CA GLU QA 150 66.34 12.25 -78.98
C GLU QA 150 66.61 13.69 -78.57
N ALA QA 151 67.08 13.87 -77.34
CA ALA QA 151 67.34 15.20 -76.80
C ALA QA 151 68.81 15.54 -77.00
N THR QA 152 69.08 16.51 -77.89
CA THR QA 152 70.46 16.88 -78.18
C THR QA 152 71.14 17.53 -76.99
N ALA QA 153 70.43 18.41 -76.28
CA ALA QA 153 70.98 19.14 -75.14
C ALA QA 153 72.15 20.02 -75.58
N ALA QA 154 71.86 20.96 -76.47
CA ALA QA 154 72.84 21.94 -76.91
C ALA QA 154 72.92 23.06 -75.88
N ALA QA 155 73.61 24.14 -76.22
CA ALA QA 155 73.85 25.26 -75.30
C ALA QA 155 72.69 26.24 -75.40
N GLY QA 156 71.74 26.12 -74.47
CA GLY QA 156 70.62 27.03 -74.38
C GLY QA 156 69.39 26.60 -75.15
N VAL QA 157 69.53 25.68 -76.10
CA VAL QA 157 68.42 25.18 -76.90
C VAL QA 157 68.55 23.67 -77.02
N ILE QA 158 67.42 22.97 -76.96
CA ILE QA 158 67.39 21.51 -77.06
C ILE QA 158 66.70 21.14 -78.37
N THR QA 159 67.35 20.31 -79.16
CA THR QA 159 66.84 19.87 -80.45
C THR QA 159 66.33 18.43 -80.33
N LEU QA 160 65.11 18.20 -80.81
CA LEU QA 160 64.47 16.89 -80.76
C LEU QA 160 64.37 16.34 -82.17
N THR QA 161 64.91 15.13 -82.37
CA THR QA 161 64.87 14.46 -83.66
C THR QA 161 64.21 13.10 -83.51
N ALA QA 162 63.37 12.76 -84.48
CA ALA QA 162 62.62 11.50 -84.42
C ALA QA 162 63.58 10.31 -84.50
N ARG QA 163 63.22 9.23 -83.80
CA ARG QA 163 64.00 8.01 -83.84
C ARG QA 163 63.70 7.16 -85.06
N ASN QA 164 62.59 7.43 -85.75
CA ASN QA 164 62.20 6.69 -86.95
C ASN QA 164 62.06 7.67 -88.11
N GLY QA 165 62.77 7.39 -89.20
CA GLY QA 165 62.72 8.26 -90.35
C GLY QA 165 61.40 8.13 -91.09
N GLY QA 166 60.99 9.23 -91.72
CA GLY QA 166 59.77 9.29 -92.49
C GLY QA 166 58.82 10.33 -91.96
N THR QA 167 57.67 10.43 -92.63
CA THR QA 167 56.66 11.41 -92.26
C THR QA 167 55.95 11.04 -90.96
N ILE QA 168 56.16 9.84 -90.43
CA ILE QA 168 55.47 9.45 -89.20
C ILE QA 168 55.87 10.36 -88.05
N GLY QA 169 57.16 10.65 -87.93
CA GLY QA 169 57.63 11.55 -86.89
C GLY QA 169 57.51 13.00 -87.30
N ASN QA 170 56.29 13.44 -87.58
CA ASN QA 170 56.04 14.78 -88.08
C ASN QA 170 54.82 15.42 -87.43
N HIS QA 171 54.43 14.96 -86.24
CA HIS QA 171 53.20 15.43 -85.61
C HIS QA 171 53.37 15.70 -84.11
N LEU QA 172 54.58 16.02 -83.66
CA LEU QA 172 54.79 16.25 -82.23
C LEU QA 172 54.21 17.60 -81.81
N SER QA 173 53.90 17.70 -80.53
CA SER QA 173 53.33 18.92 -79.97
C SER QA 173 53.81 19.09 -78.54
N VAL QA 174 54.21 20.32 -78.20
CA VAL QA 174 54.64 20.68 -76.85
C VAL QA 174 53.92 21.95 -76.44
N ILE QA 175 53.43 21.97 -75.20
CA ILE QA 175 52.63 23.07 -74.68
C ILE QA 175 53.16 23.49 -73.33
N TYR QA 176 53.18 24.79 -73.07
CA TYR QA 176 53.59 25.35 -71.79
C TYR QA 176 52.34 25.40 -70.90
N THR QA 177 52.10 24.30 -70.17
CA THR QA 177 50.85 24.16 -69.43
C THR QA 177 50.71 25.23 -68.36
N ASN QA 178 51.79 25.55 -67.66
CA ASN QA 178 51.72 26.46 -66.52
C ASN QA 178 51.65 27.92 -66.91
N LEU QA 179 51.61 28.25 -68.20
CA LEU QA 179 51.55 29.65 -68.60
C LEU QA 179 50.37 30.35 -67.94
N GLY QA 180 49.19 29.78 -68.05
CA GLY QA 180 48.01 30.34 -67.40
C GLY QA 180 48.16 30.23 -65.89
N SER QA 181 48.05 31.35 -65.18
CA SER QA 181 48.20 31.33 -63.74
C SER QA 181 47.17 30.40 -63.11
N CYS QA 182 47.62 29.57 -62.18
CA CYS QA 182 46.77 28.59 -61.53
C CYS QA 182 47.31 28.37 -60.12
N THR QA 183 46.88 27.29 -59.47
CA THR QA 183 47.40 26.94 -58.16
C THR QA 183 48.91 26.70 -58.19
N SER QA 184 49.48 26.44 -59.36
CA SER QA 184 50.91 26.21 -59.51
C SER QA 184 51.61 27.50 -59.87
N VAL QA 185 52.76 27.74 -59.24
CA VAL QA 185 53.53 28.96 -59.45
C VAL QA 185 54.56 28.72 -60.54
N THR QA 186 54.64 29.64 -61.51
CA THR QA 186 55.62 29.55 -62.58
C THR QA 186 56.77 30.51 -62.35
N PRO QA 187 57.99 30.15 -62.73
CA PRO QA 187 59.11 31.08 -62.56
C PRO QA 187 58.93 32.31 -63.43
N GLU QA 188 59.45 33.44 -62.95
CA GLU QA 188 59.32 34.71 -63.65
C GLU QA 188 60.49 34.92 -64.59
N GLY QA 189 60.18 35.40 -65.79
CA GLY QA 189 61.21 35.68 -66.79
C GLY QA 189 61.64 34.49 -67.60
N VAL QA 190 60.92 33.37 -67.54
CA VAL QA 190 61.25 32.17 -68.29
C VAL QA 190 60.20 31.96 -69.37
N THR QA 191 60.65 31.77 -70.60
CA THR QA 191 59.77 31.53 -71.74
C THR QA 191 60.31 30.36 -72.54
N VAL QA 192 59.39 29.62 -73.17
CA VAL QA 192 59.71 28.46 -73.99
C VAL QA 192 59.03 28.61 -75.33
N ALA QA 193 59.78 28.41 -76.41
CA ALA QA 193 59.27 28.51 -77.77
C ALA QA 193 59.54 27.18 -78.48
N PHE QA 194 58.51 26.67 -79.17
CA PHE QA 194 58.58 25.39 -79.86
C PHE QA 194 58.39 25.61 -81.35
N ALA QA 195 59.27 25.03 -82.16
CA ALA QA 195 59.20 25.20 -83.60
C ALA QA 195 59.90 24.02 -84.27
N GLN QA 196 59.58 23.84 -85.55
CA GLN QA 196 60.14 22.76 -86.36
C GLN QA 196 61.15 23.32 -87.35
N THR QA 197 62.05 22.44 -87.81
CA THR QA 197 63.08 22.85 -88.76
C THR QA 197 63.26 21.91 -89.94
N THR QA 198 62.72 20.68 -89.90
CA THR QA 198 62.90 19.75 -91.01
C THR QA 198 61.82 18.68 -90.97
N PRO QA 199 61.07 18.47 -92.05
CA PRO QA 199 60.02 17.45 -92.06
C PRO QA 199 60.51 16.10 -92.56
N GLY QA 200 59.68 15.08 -92.31
CA GLY QA 200 59.96 13.76 -92.84
C GLY QA 200 59.75 13.71 -94.35
N SER QA 201 60.47 12.81 -95.00
CA SER QA 201 60.52 12.77 -96.46
C SER QA 201 59.96 11.49 -97.07
N VAL QA 202 60.46 10.33 -96.66
CA VAL QA 202 60.19 9.08 -97.37
C VAL QA 202 59.54 8.09 -96.41
N ASN QA 203 58.58 7.33 -96.93
CA ASN QA 203 57.89 6.29 -96.19
C ASN QA 203 57.90 4.99 -96.97
N PRO QA 204 57.87 3.85 -96.29
CA PRO QA 204 57.82 2.57 -97.00
C PRO QA 204 56.44 2.29 -97.58
N GLU QA 205 56.42 1.43 -98.59
CA GLU QA 205 55.18 1.02 -99.26
C GLU QA 205 55.18 -0.49 -99.44
N PRO QA 206 55.11 -1.24 -98.35
CA PRO QA 206 55.07 -2.70 -98.48
C PRO QA 206 53.82 -3.16 -99.21
N ASN QA 207 53.99 -4.20 -100.04
CA ASN QA 207 52.88 -4.78 -100.78
C ASN QA 207 52.99 -6.31 -100.80
N ASP QA 208 53.32 -6.90 -99.64
CA ASP QA 208 53.51 -8.33 -99.53
C ASP QA 208 52.52 -8.95 -98.54
N TYR QA 209 51.31 -8.41 -98.47
CA TYR QA 209 50.32 -8.95 -97.53
C TYR QA 209 49.93 -10.38 -97.90
N ALA QA 210 49.77 -10.66 -99.19
CA ALA QA 210 49.33 -11.98 -99.62
C ALA QA 210 50.30 -13.07 -99.22
N SER QA 211 51.55 -12.73 -98.91
CA SER QA 211 52.57 -13.71 -98.58
C SER QA 211 52.81 -13.85 -97.09
N VAL QA 212 52.71 -12.76 -96.32
CA VAL QA 212 53.03 -12.82 -94.90
C VAL QA 212 51.79 -13.15 -94.05
N VAL QA 213 50.60 -12.81 -94.52
CA VAL QA 213 49.37 -13.06 -93.78
C VAL QA 213 48.53 -14.04 -94.60
N ASN QA 214 49.19 -14.95 -95.30
CA ASN QA 214 48.53 -15.81 -96.27
C ASN QA 214 47.49 -16.71 -95.61
N GLU QA 215 46.21 -16.39 -95.81
CA GLU QA 215 45.10 -17.26 -95.43
C GLU QA 215 45.14 -17.59 -93.94
N CYS QA 216 44.99 -16.55 -93.12
CA CYS QA 216 44.74 -16.70 -91.70
C CYS QA 216 43.77 -15.61 -91.28
N CYS QA 217 42.80 -15.96 -90.44
CA CYS QA 217 41.68 -15.09 -90.12
C CYS QA 217 42.03 -14.20 -88.93
N PHE QA 218 42.15 -12.91 -89.18
CA PHE QA 218 42.29 -11.90 -88.13
C PHE QA 218 40.97 -11.15 -87.97
N ALA QA 219 40.85 -10.45 -86.85
CA ALA QA 219 39.65 -9.69 -86.54
C ALA QA 219 39.80 -8.20 -86.81
N VAL QA 220 40.90 -7.60 -86.34
CA VAL QA 220 41.13 -6.16 -86.49
C VAL QA 220 42.54 -5.93 -87.00
N TYR QA 221 42.68 -4.99 -87.92
CA TYR QA 221 43.98 -4.56 -88.42
C TYR QA 221 44.19 -3.11 -88.03
N VAL QA 222 45.35 -2.83 -87.42
CA VAL QA 222 45.72 -1.48 -87.00
C VAL QA 222 46.96 -1.07 -87.78
N LEU QA 223 46.91 0.10 -88.41
CA LEU QA 223 48.00 0.61 -89.23
C LEU QA 223 48.50 1.91 -88.62
N SER QA 224 49.75 1.92 -88.19
CA SER QA 224 50.35 3.09 -87.55
C SER QA 224 51.17 3.87 -88.58
N SER QA 225 50.44 4.49 -89.51
CA SER QA 225 51.06 5.33 -90.52
C SER QA 225 50.01 6.27 -91.07
N ASP QA 226 50.48 7.22 -91.90
CA ASP QA 226 49.61 8.19 -92.54
C ASP QA 226 49.74 8.21 -94.05
N ASP QA 227 50.66 7.43 -94.62
CA ASP QA 227 50.83 7.40 -96.07
C ASP QA 227 49.56 6.86 -96.73
N THR QA 228 48.89 7.70 -97.50
CA THR QA 228 47.64 7.29 -98.13
C THR QA 228 47.85 6.08 -99.04
N ASP QA 229 49.03 5.95 -99.65
CA ASP QA 229 49.29 4.78 -100.47
C ASP QA 229 49.38 3.51 -99.62
N TRP QA 230 50.02 3.60 -98.45
CA TRP QA 230 50.11 2.44 -97.57
C TRP QA 230 48.72 2.01 -97.11
N GLN QA 231 47.87 2.97 -96.73
CA GLN QA 231 46.52 2.62 -96.31
C GLN QA 231 45.73 1.95 -97.43
N GLU QA 232 45.86 2.47 -98.64
CA GLU QA 232 45.11 1.90 -99.77
C GLU QA 232 45.50 0.45 -100.01
N ASN QA 233 46.80 0.13 -99.86
CA ASN QA 233 47.23 -1.25 -100.00
C ASN QA 233 46.56 -2.13 -98.96
N LEU QA 234 46.47 -1.66 -97.71
CA LEU QA 234 45.81 -2.44 -96.67
C LEU QA 234 44.33 -2.65 -97.00
N ARG QA 235 43.66 -1.60 -97.48
CA ARG QA 235 42.25 -1.74 -97.81
C ARG QA 235 42.03 -2.78 -98.89
N ASP QA 236 42.90 -2.79 -99.91
CA ASP QA 236 42.75 -3.77 -100.98
C ASP QA 236 42.90 -5.19 -100.45
N TRP QA 237 43.81 -5.39 -99.50
CA TRP QA 237 43.99 -6.72 -98.92
C TRP QA 237 42.73 -7.16 -98.18
N ILE QA 238 42.14 -6.27 -97.38
CA ILE QA 238 40.93 -6.62 -96.66
C ILE QA 238 39.81 -6.95 -97.64
N ARG QA 239 39.74 -6.23 -98.76
CA ARG QA 239 38.77 -6.55 -99.79
C ARG QA 239 38.85 -8.02 -100.19
N SER QA 240 40.06 -8.55 -100.29
CA SER QA 240 40.22 -9.95 -100.67
C SER QA 240 39.61 -10.88 -99.62
N ALA QA 241 39.79 -10.56 -98.34
CA ALA QA 241 39.25 -11.41 -97.29
C ALA QA 241 37.73 -11.50 -97.34
N TRP QA 242 37.07 -10.47 -97.87
CA TRP QA 242 35.62 -10.47 -98.03
C TRP QA 242 35.20 -10.84 -99.44
N ASP QA 243 36.11 -11.28 -100.28
CA ASP QA 243 35.82 -11.51 -101.68
C ASP QA 243 34.90 -12.72 -101.84
N CYS QA 244 34.54 -13.01 -103.09
CA CYS QA 244 33.65 -14.11 -103.43
C CYS QA 244 34.33 -15.22 -104.20
N SER QA 245 35.55 -15.01 -104.69
CA SER QA 245 36.22 -16.03 -105.50
C SER QA 245 36.71 -17.20 -104.67
N LYS QA 246 37.01 -16.98 -103.39
CA LYS QA 246 37.55 -18.02 -102.53
C LYS QA 246 36.85 -17.99 -101.18
N PRO QA 247 37.06 -18.98 -100.32
CA PRO QA 247 36.46 -18.92 -98.98
C PRO QA 247 36.87 -17.65 -98.25
N GLN QA 248 35.90 -17.04 -97.58
CA GLN QA 248 36.11 -15.74 -96.95
C GLN QA 248 36.93 -15.89 -95.67
N CYS QA 249 37.45 -14.74 -95.20
CA CYS QA 249 38.12 -14.66 -93.92
C CYS QA 249 37.63 -13.50 -93.06
N PHE QA 250 37.03 -12.48 -93.65
CA PHE QA 250 36.44 -11.37 -92.89
C PHE QA 250 37.50 -10.59 -92.14
N GLY QA 251 37.12 -9.42 -91.61
CA GLY QA 251 38.04 -8.57 -90.89
C GLY QA 251 37.73 -7.10 -91.06
N HIS QA 252 38.40 -6.24 -90.29
CA HIS QA 252 38.19 -4.81 -90.38
C HIS QA 252 39.49 -4.10 -90.04
N GLY QA 253 39.63 -2.87 -90.53
CA GLY QA 253 40.83 -2.10 -90.35
C GLY QA 253 40.54 -0.70 -89.87
N TYR QA 254 41.47 -0.15 -89.10
CA TYR QA 254 41.37 1.19 -88.54
C TYR QA 254 42.57 2.02 -88.96
N VAL QA 255 42.31 3.27 -89.35
CA VAL QA 255 43.35 4.20 -89.78
C VAL QA 255 42.90 5.60 -89.39
N PHE QA 256 43.82 6.57 -89.56
CA PHE QA 256 43.55 7.95 -89.21
C PHE QA 256 43.95 8.86 -90.37
N ASN QA 257 43.42 10.08 -90.35
CA ASN QA 257 43.73 11.07 -91.37
C ASN QA 257 43.73 12.44 -90.71
N LYS QA 258 44.88 13.10 -90.69
CA LYS QA 258 45.05 14.38 -90.02
C LYS QA 258 45.28 15.48 -91.05
N GLY QA 259 44.71 16.65 -90.78
CA GLY QA 259 44.86 17.78 -91.69
C GLY QA 259 43.71 18.76 -91.48
N THR QA 260 43.53 19.61 -92.48
CA THR QA 260 42.42 20.56 -92.48
C THR QA 260 41.16 19.88 -93.02
N LEU QA 261 40.04 20.58 -92.88
CA LEU QA 261 38.77 20.02 -93.37
C LEU QA 261 38.82 19.75 -94.86
N GLY QA 262 39.48 20.63 -95.62
CA GLY QA 262 39.58 20.41 -97.06
C GLY QA 262 40.41 19.19 -97.41
N GLN QA 263 41.54 19.00 -96.72
CA GLN QA 263 42.42 17.89 -97.05
C GLN QA 263 41.85 16.56 -96.57
N VAL QA 264 41.27 16.53 -95.37
CA VAL QA 264 40.77 15.28 -94.82
C VAL QA 264 39.65 14.72 -95.69
N LEU QA 265 38.72 15.58 -96.11
CA LEU QA 265 37.60 15.12 -96.92
C LEU QA 265 38.04 14.52 -98.24
N ALA QA 266 39.27 14.81 -98.69
CA ALA QA 266 39.76 14.27 -99.96
C ALA QA 266 40.26 12.84 -99.84
N ASP QA 267 40.35 12.29 -98.63
CA ASP QA 267 40.81 10.92 -98.44
C ASP QA 267 39.66 9.92 -98.35
N GLY QA 268 38.41 10.37 -98.52
CA GLY QA 268 37.27 9.49 -98.42
C GLY QA 268 37.01 8.70 -99.68
N ASP QA 269 37.80 7.64 -99.91
CA ASP QA 269 37.68 6.85 -101.12
C ASP QA 269 36.64 5.74 -100.98
N ASN QA 270 35.48 6.09 -100.43
CA ASN QA 270 34.34 5.18 -100.36
C ASN QA 270 34.77 3.76 -100.00
N SER QA 271 35.41 3.59 -98.85
CA SER QA 271 35.89 2.29 -98.40
C SER QA 271 34.94 1.73 -97.35
N ALA QA 272 34.43 0.53 -97.61
CA ALA QA 272 33.55 -0.15 -96.66
C ALA QA 272 34.31 -1.00 -95.65
N GLU QA 273 35.64 -1.05 -95.75
CA GLU QA 273 36.45 -1.90 -94.89
C GLU QA 273 37.25 -1.12 -93.85
N LEU QA 274 37.41 0.18 -94.03
CA LEU QA 274 38.21 1.00 -93.13
C LEU QA 274 37.31 1.93 -92.33
N SER QA 275 37.75 2.23 -91.10
CA SER QA 275 37.10 3.21 -90.24
C SER QA 275 38.08 4.36 -90.05
N ARG QA 276 37.95 5.38 -90.89
CA ARG QA 276 38.91 6.48 -90.91
C ARG QA 276 38.64 7.46 -89.78
N LEU QA 277 39.66 7.75 -88.99
CA LEU QA 277 39.56 8.70 -87.89
C LEU QA 277 40.02 10.07 -88.37
N ALA QA 278 39.16 11.07 -88.24
CA ALA QA 278 39.45 12.42 -88.68
C ALA QA 278 39.93 13.24 -87.50
N LEU QA 279 41.08 13.89 -87.65
CA LEU QA 279 41.69 14.66 -86.59
C LEU QA 279 42.08 16.04 -87.12
N PRO QA 280 42.12 17.06 -86.25
CA PRO QA 280 42.48 18.39 -86.69
C PRO QA 280 44.00 18.62 -86.69
N THR QA 281 44.41 19.69 -87.35
CA THR QA 281 45.83 20.00 -87.46
C THR QA 281 46.45 20.33 -86.11
N THR QA 282 45.65 20.71 -85.12
CA THR QA 282 46.15 21.12 -83.81
C THR QA 282 45.96 20.05 -82.75
N TYR QA 283 45.86 18.79 -83.15
CA TYR QA 283 45.63 17.72 -82.18
C TYR QA 283 46.83 17.64 -81.24
N PRO QA 284 46.62 17.64 -79.92
CA PRO QA 284 47.76 17.68 -79.00
C PRO QA 284 48.32 16.32 -78.64
N VAL QA 285 47.95 15.27 -79.39
CA VAL QA 285 48.40 13.92 -79.12
C VAL QA 285 48.98 13.33 -80.39
N LEU QA 286 49.91 12.40 -80.22
CA LEU QA 286 50.50 11.71 -81.36
C LEU QA 286 49.41 10.90 -82.06
N PRO QA 287 49.18 11.08 -83.36
CA PRO QA 287 48.01 10.43 -83.98
C PRO QA 287 47.98 8.92 -83.82
N TYR QA 288 49.12 8.24 -83.96
CA TYR QA 288 49.10 6.78 -83.94
C TYR QA 288 48.78 6.20 -82.58
N LEU QA 289 48.88 6.98 -81.50
CA LEU QA 289 48.48 6.49 -80.19
C LEU QA 289 46.97 6.40 -80.09
N THR QA 290 46.26 7.43 -80.54
CA THR QA 290 44.80 7.42 -80.48
C THR QA 290 44.22 6.38 -81.41
N ASN QA 291 44.77 6.24 -82.61
CA ASN QA 291 44.26 5.25 -83.55
C ASN QA 291 44.38 3.84 -83.00
N ALA QA 292 45.52 3.51 -82.42
CA ALA QA 292 45.72 2.18 -81.86
C ALA QA 292 44.78 1.93 -80.69
N ALA QA 293 44.62 2.92 -79.81
CA ALA QA 293 43.77 2.74 -78.64
C ALA QA 293 42.32 2.48 -79.05
N TYR QA 294 41.82 3.24 -80.03
CA TYR QA 294 40.45 3.02 -80.48
C TYR QA 294 40.28 1.62 -81.07
N GLY QA 295 41.21 1.20 -81.91
CA GLY QA 295 41.11 -0.12 -82.49
C GLY QA 295 41.18 -1.22 -81.45
N ALA QA 296 42.09 -1.09 -80.49
CA ALA QA 296 42.23 -2.12 -79.47
C ALA QA 296 40.95 -2.29 -78.66
N LEU QA 297 40.33 -1.16 -78.28
CA LEU QA 297 39.08 -1.24 -77.54
C LEU QA 297 38.00 -1.95 -78.35
N SER QA 298 37.85 -1.59 -79.61
CA SER QA 298 36.86 -2.22 -80.47
C SER QA 298 37.29 -3.62 -80.90
N ALA QA 299 38.57 -3.96 -80.75
CA ALA QA 299 39.10 -5.22 -81.26
C ALA QA 299 38.72 -6.39 -80.33
N CYS QA 300 37.41 -6.55 -80.16
CA CYS QA 300 36.85 -7.72 -79.50
C CYS QA 300 37.10 -7.71 -77.99
N SER QA 301 37.87 -6.74 -77.49
CA SER QA 301 37.93 -6.53 -76.06
C SER QA 301 36.60 -6.04 -75.51
N THR QA 302 35.72 -5.54 -76.38
CA THR QA 302 34.36 -5.17 -76.01
C THR QA 302 33.39 -5.80 -76.99
N CYS QA 303 33.85 -6.08 -78.21
CA CYS QA 303 32.98 -6.60 -79.27
C CYS QA 303 33.13 -8.12 -79.40
N GLU QA 304 32.78 -8.82 -78.32
CA GLU QA 304 32.55 -10.25 -78.40
C GLU QA 304 31.12 -10.55 -78.83
N ASN QA 305 30.19 -9.66 -78.49
CA ASN QA 305 28.85 -9.69 -79.05
C ASN QA 305 28.79 -8.65 -80.17
N PRO QA 306 28.67 -9.05 -81.43
CA PRO QA 306 28.85 -8.06 -82.51
C PRO QA 306 27.87 -6.90 -82.46
N GLU QA 307 26.66 -7.10 -81.95
CA GLU QA 307 25.63 -6.06 -82.04
C GLU QA 307 26.02 -4.80 -81.28
N LEU QA 308 26.98 -4.88 -80.36
CA LEU QA 308 27.31 -3.73 -79.53
C LEU QA 308 28.05 -2.68 -80.33
N ASN QA 309 27.60 -1.43 -80.23
CA ASN QA 309 28.30 -0.30 -80.83
C ASN QA 309 29.34 0.25 -79.87
N VAL QA 310 30.28 1.00 -80.43
CA VAL QA 310 31.29 1.70 -79.63
C VAL QA 310 31.05 3.19 -79.74
N GLN QA 311 30.25 3.74 -78.83
CA GLN QA 311 29.86 5.14 -78.87
C GLN QA 311 29.70 5.64 -77.45
N GLY QA 312 29.07 6.80 -77.29
CA GLY QA 312 28.72 7.31 -75.98
C GLY QA 312 29.90 7.54 -75.07
N GLN QA 313 29.62 7.98 -73.84
CA GLN QA 313 30.64 8.26 -72.85
C GLN QA 313 30.96 7.05 -71.97
N THR QA 314 30.32 5.91 -72.22
CA THR QA 314 30.52 4.71 -71.41
C THR QA 314 31.18 3.58 -72.19
N TYR QA 315 30.67 3.25 -73.37
CA TYR QA 315 31.20 2.16 -74.17
C TYR QA 315 32.25 2.61 -75.17
N GLY QA 316 32.59 3.90 -75.21
CA GLY QA 316 33.55 4.39 -76.18
C GLY QA 316 34.55 5.37 -75.59
N LEU QA 317 34.90 5.16 -74.32
CA LEU QA 317 35.83 6.03 -73.62
C LEU QA 317 37.23 5.44 -73.69
N LEU QA 318 38.17 6.21 -74.26
CA LEU QA 318 39.57 5.80 -74.33
C LEU QA 318 40.24 6.21 -73.03
N SER QA 319 40.01 5.41 -71.99
CA SER QA 319 40.49 5.74 -70.65
C SER QA 319 42.00 5.71 -70.54
N CYS QA 320 42.71 5.14 -71.52
CA CYS QA 320 44.16 4.99 -71.45
C CYS QA 320 44.91 6.14 -72.11
N ILE QA 321 44.20 7.17 -72.58
CA ILE QA 321 44.81 8.31 -73.24
C ILE QA 321 44.38 9.58 -72.54
N ASN QA 322 45.33 10.45 -72.25
CA ASN QA 322 45.08 11.70 -71.53
C ASN QA 322 45.69 12.85 -72.29
N MET QA 323 44.92 13.93 -72.46
CA MET QA 323 45.36 15.15 -73.12
C MET QA 323 45.00 16.34 -72.26
N PRO QA 324 45.69 17.46 -72.44
CA PRO QA 324 45.34 18.65 -71.66
C PRO QA 324 43.95 19.16 -72.02
N GLU QA 325 43.32 19.81 -71.04
CA GLU QA 325 41.95 20.29 -71.15
C GLU QA 325 41.96 21.75 -71.60
N SER QA 326 41.17 22.06 -72.63
CA SER QA 326 41.16 23.40 -73.19
C SER QA 326 39.74 23.74 -73.66
N CYS QA 327 39.46 25.04 -73.71
CA CYS QA 327 38.13 25.49 -74.13
C CYS QA 327 37.94 25.37 -75.63
N THR QA 328 38.99 25.62 -76.41
CA THR QA 328 38.86 25.58 -77.86
C THR QA 328 38.50 24.16 -78.30
N PRO QA 329 37.50 23.99 -79.17
CA PRO QA 329 37.04 22.62 -79.46
C PRO QA 329 37.90 21.87 -80.47
N GLY QA 330 38.59 22.55 -81.37
CA GLY QA 330 39.33 21.88 -82.41
C GLY QA 330 38.49 21.70 -83.66
N TRP QA 331 37.37 21.00 -83.53
CA TRP QA 331 36.40 20.86 -84.60
C TRP QA 331 35.17 21.70 -84.28
N GLU QA 332 34.86 22.65 -85.15
CA GLU QA 332 33.61 23.39 -85.00
C GLU QA 332 32.42 22.50 -85.31
N PHE QA 333 31.29 22.78 -84.67
CA PHE QA 333 30.15 21.90 -84.78
C PHE QA 333 29.73 21.71 -86.23
N THR QA 334 29.80 22.78 -87.04
CA THR QA 334 29.48 22.64 -88.45
C THR QA 334 30.44 21.67 -89.13
N GLU QA 335 31.72 21.75 -88.79
CA GLU QA 335 32.68 20.79 -89.34
C GLU QA 335 32.38 19.37 -88.86
N VAL QA 336 31.97 19.23 -87.60
CA VAL QA 336 31.62 17.91 -87.08
C VAL QA 336 30.44 17.33 -87.85
N THR QA 337 29.43 18.15 -88.13
CA THR QA 337 28.27 17.66 -88.87
C THR QA 337 28.67 17.19 -90.25
N GLN QA 338 29.52 17.96 -90.94
CA GLN QA 338 29.94 17.58 -92.29
C GLN QA 338 30.74 16.28 -92.27
N LEU QA 339 31.66 16.14 -91.32
CA LEU QA 339 32.47 14.93 -91.26
C LEU QA 339 31.61 13.70 -90.99
N GLN QA 340 30.68 13.81 -90.06
CA GLN QA 340 29.84 12.65 -89.70
C GLN QA 340 29.00 12.21 -90.89
N ASN QA 341 28.44 13.16 -91.63
CA ASN QA 341 27.62 12.82 -92.79
C ASN QA 341 28.42 12.25 -93.95
N ASN QA 342 29.75 12.33 -93.90
CA ASN QA 342 30.61 11.84 -94.97
C ASN QA 342 31.41 10.61 -94.55
N GLY QA 343 30.94 9.88 -93.54
CA GLY QA 343 31.59 8.65 -93.13
C GLY QA 343 32.95 8.86 -92.51
N PHE QA 344 32.98 9.47 -91.33
CA PHE QA 344 34.22 9.67 -90.58
C PHE QA 344 33.93 9.55 -89.10
N VAL QA 345 34.97 9.27 -88.33
CA VAL QA 345 34.88 9.12 -86.88
C VAL QA 345 35.45 10.37 -86.24
N VAL QA 346 34.67 10.98 -85.35
CA VAL QA 346 35.05 12.21 -84.67
C VAL QA 346 35.05 11.94 -83.17
N SER QA 347 36.13 12.32 -82.50
CA SER QA 347 36.31 12.09 -81.07
C SER QA 347 36.40 13.41 -80.33
N GLY QA 348 35.92 13.42 -79.08
CA GLY QA 348 35.94 14.60 -78.26
C GLY QA 348 36.25 14.30 -76.81
N PRO QA 349 36.66 15.32 -76.06
CA PRO QA 349 37.00 15.11 -74.64
C PRO QA 349 35.75 15.05 -73.77
N ALA QA 350 35.91 14.43 -72.60
CA ALA QA 350 34.80 14.21 -71.69
C ALA QA 350 34.46 15.44 -70.85
N THR QA 351 35.40 16.37 -70.66
CA THR QA 351 35.17 17.54 -69.85
C THR QA 351 35.84 18.74 -70.48
N THR QA 352 35.34 19.93 -70.15
CA THR QA 352 35.82 21.17 -70.74
C THR QA 352 35.94 22.24 -69.66
N SER QA 353 37.13 22.83 -69.57
CA SER QA 353 37.37 23.97 -68.68
C SER QA 353 38.80 24.43 -68.92
N GLY QA 354 39.12 25.61 -68.36
CA GLY QA 354 40.42 26.21 -68.51
C GLY QA 354 41.43 25.82 -67.45
N GLN QA 355 41.08 24.93 -66.53
CA GLN QA 355 42.01 24.55 -65.48
C GLN QA 355 43.27 23.88 -66.03
N GLY QA 356 43.20 23.29 -67.21
CA GLY QA 356 44.37 22.66 -67.80
C GLY QA 356 44.71 21.30 -67.23
N ASN QA 357 43.73 20.59 -66.67
CA ASN QA 357 43.96 19.25 -66.15
C ASN QA 357 43.95 18.26 -67.31
N PHE QA 358 43.92 16.96 -66.98
CA PHE QA 358 43.95 15.90 -67.97
C PHE QA 358 42.54 15.32 -68.16
N THR QA 359 42.24 14.96 -69.40
CA THR QA 359 40.95 14.37 -69.76
C THR QA 359 41.18 13.30 -70.82
N SER QA 360 40.20 12.41 -70.95
CA SER QA 360 40.27 11.32 -71.90
C SER QA 360 39.18 11.47 -72.95
N PRO QA 361 39.48 11.33 -74.23
CA PRO QA 361 38.45 11.48 -75.26
C PRO QA 361 37.57 10.25 -75.40
N TYR QA 362 36.49 10.42 -76.14
CA TYR QA 362 35.57 9.32 -76.44
C TYR QA 362 35.03 9.49 -77.85
N ILE QA 363 34.61 8.38 -78.43
CA ILE QA 363 34.13 8.35 -79.81
C ILE QA 363 32.69 8.85 -79.86
N TYR QA 364 32.42 9.77 -80.80
CA TYR QA 364 31.06 10.25 -80.99
C TYR QA 364 30.21 9.21 -81.71
N ASN QA 365 30.67 8.75 -82.88
CA ASN QA 365 29.93 7.79 -83.69
C ASN QA 365 30.90 6.75 -84.22
N ASP QA 366 30.44 5.50 -84.24
CA ASP QA 366 31.20 4.38 -84.79
C ASP QA 366 30.67 4.10 -86.18
N VAL QA 367 31.37 4.60 -87.19
CA VAL QA 367 30.90 4.56 -88.57
C VAL QA 367 32.07 4.21 -89.49
N THR QA 368 31.80 3.34 -90.46
CA THR QA 368 32.77 3.04 -91.50
C THR QA 368 32.72 4.13 -92.57
N ASN QA 369 33.63 4.02 -93.55
CA ASN QA 369 33.72 4.99 -94.63
C ASN QA 369 32.88 4.58 -95.84
N TYR QA 370 31.78 3.86 -95.62
CA TYR QA 370 30.95 3.35 -96.70
C TYR QA 370 30.00 4.44 -97.18
N LEU QA 371 29.94 4.62 -98.50
CA LEU QA 371 29.00 5.54 -99.12
C LEU QA 371 28.69 5.02 -100.52
N ARG QA 372 27.60 5.54 -101.09
CA ARG QA 372 27.19 5.10 -102.42
C ARG QA 372 27.06 3.59 -102.45
N ASP QA 373 27.15 2.98 -103.64
CA ASP QA 373 26.94 1.56 -103.77
C ASP QA 373 27.72 1.06 -104.98
N GLU QA 374 27.74 -0.27 -105.14
CA GLU QA 374 28.41 -0.85 -106.29
C GLU QA 374 27.89 -0.28 -107.60
N LYS QA 375 26.63 0.13 -107.63
CA LYS QA 375 26.02 0.74 -108.81
C LYS QA 375 25.95 2.26 -108.70
N ASN QA 376 26.61 2.84 -107.70
CA ASN QA 376 26.65 4.30 -107.53
C ASN QA 376 25.28 4.85 -107.12
N ARG QA 377 24.54 4.07 -106.33
CA ARG QA 377 23.24 4.49 -105.81
C ARG QA 377 23.36 4.65 -104.30
N PRO QA 378 23.13 5.84 -103.74
CA PRO QA 378 23.40 6.04 -102.31
C PRO QA 378 22.50 5.19 -101.43
N ASN QA 379 23.05 4.82 -100.27
CA ASN QA 379 22.30 4.09 -99.24
C ASN QA 379 23.16 4.10 -97.98
N ALA QA 380 22.67 3.45 -96.93
CA ALA QA 380 23.37 3.40 -95.65
C ALA QA 380 23.33 2.00 -95.06
N THR QA 381 23.46 0.99 -95.92
CA THR QA 381 23.42 -0.39 -95.44
C THR QA 381 24.57 -0.69 -94.50
N PHE QA 382 25.78 -0.24 -94.85
CA PHE QA 382 26.98 -0.52 -94.08
C PHE QA 382 27.49 0.70 -93.30
N ARG QA 383 26.60 1.66 -93.01
CA ARG QA 383 27.04 2.86 -92.30
C ARG QA 383 27.60 2.52 -90.93
N ASP QA 384 26.92 1.65 -90.18
CA ASP QA 384 27.35 1.32 -88.84
C ASP QA 384 28.41 0.22 -88.87
N ALA QA 385 29.47 0.40 -88.08
CA ALA QA 385 30.51 -0.61 -88.02
C ALA QA 385 29.95 -1.96 -87.58
N SER QA 386 28.93 -1.94 -86.72
CA SER QA 386 28.32 -3.19 -86.29
C SER QA 386 27.68 -3.96 -87.43
N SER QA 387 27.33 -3.28 -88.52
CA SER QA 387 26.72 -3.97 -89.65
C SER QA 387 27.68 -4.98 -90.26
N ARG QA 388 28.95 -4.60 -90.41
CA ARG QA 388 29.93 -5.53 -90.96
C ARG QA 388 30.09 -6.74 -90.06
N ARG QA 389 30.15 -6.53 -88.75
CA ARG QA 389 30.30 -7.66 -87.83
C ARG QA 389 29.10 -8.59 -87.91
N LEU QA 390 27.89 -8.04 -87.97
CA LEU QA 390 26.70 -8.87 -88.06
C LEU QA 390 26.67 -9.66 -89.36
N ALA QA 391 27.10 -9.04 -90.45
CA ALA QA 391 27.10 -9.73 -91.74
C ALA QA 391 27.99 -10.97 -91.69
N ALA QA 392 29.16 -10.84 -91.08
CA ALA QA 392 30.05 -12.01 -90.94
C ALA QA 392 29.39 -13.07 -90.08
N ALA QA 393 28.79 -12.68 -88.96
CA ALA QA 393 28.14 -13.65 -88.09
C ALA QA 393 26.98 -14.34 -88.81
N THR QA 394 26.19 -13.59 -89.57
CA THR QA 394 25.07 -14.19 -90.28
C THR QA 394 25.56 -15.21 -91.30
N GLY QA 395 26.61 -14.89 -92.03
CA GLY QA 395 27.11 -15.82 -93.04
C GLY QA 395 27.59 -17.12 -92.42
N VAL QA 396 28.38 -17.03 -91.35
CA VAL QA 396 28.92 -18.23 -90.71
C VAL QA 396 27.80 -19.07 -90.11
N ALA QA 397 26.86 -18.41 -89.41
CA ALA QA 397 25.77 -19.16 -88.78
C ALA QA 397 24.93 -19.89 -89.81
N LEU QA 398 24.62 -19.23 -90.93
CA LEU QA 398 23.85 -19.89 -91.99
C LEU QA 398 24.62 -21.06 -92.57
N ALA QA 399 25.92 -20.88 -92.78
CA ALA QA 399 26.72 -21.97 -93.36
C ALA QA 399 26.71 -23.20 -92.46
N THR QA 400 26.84 -23.00 -91.15
CA THR QA 400 26.81 -24.14 -90.24
C THR QA 400 25.47 -24.87 -90.31
N PHE QA 401 24.37 -24.12 -90.37
CA PHE QA 401 23.05 -24.74 -90.42
C PHE QA 401 22.86 -25.55 -91.69
N LEU QA 402 23.32 -25.02 -92.82
CA LEU QA 402 23.13 -25.69 -94.11
C LEU QA 402 23.95 -26.96 -94.24
N GLN QA 403 24.90 -27.21 -93.33
CA GLN QA 403 25.75 -28.39 -93.44
C GLN QA 403 24.95 -29.69 -93.39
N GLN QA 404 23.75 -29.67 -92.81
CA GLN QA 404 22.98 -30.89 -92.66
C GLN QA 404 22.56 -31.48 -94.00
N PHE QA 405 22.56 -30.68 -95.08
CA PHE QA 405 22.19 -31.16 -96.40
C PHE QA 405 23.37 -31.70 -97.19
N ASN QA 406 24.43 -32.14 -96.51
CA ASN QA 406 25.62 -32.66 -97.17
C ASN QA 406 25.49 -34.17 -97.29
N GLY QA 407 25.44 -34.66 -98.53
CA GLY QA 407 25.30 -36.08 -98.79
C GLY QA 407 23.89 -36.61 -98.68
N LEU QA 408 22.90 -35.74 -98.45
CA LEU QA 408 21.52 -36.18 -98.34
C LEU QA 408 20.92 -36.45 -99.70
N ALA QA 409 20.10 -37.49 -99.79
CA ALA QA 409 19.44 -37.82 -101.05
C ALA QA 409 18.48 -36.71 -101.44
N VAL QA 410 18.37 -36.48 -102.75
CA VAL QA 410 17.54 -35.41 -103.29
C VAL QA 410 16.77 -35.94 -104.48
N PHE QA 411 15.56 -35.40 -104.67
CA PHE QA 411 14.71 -35.73 -105.80
C PHE QA 411 14.28 -34.44 -106.49
N THR QA 412 14.43 -34.39 -107.80
CA THR QA 412 14.12 -33.20 -108.57
C THR QA 412 13.25 -33.44 -109.80
N LYS QA 413 13.21 -34.65 -110.33
CA LYS QA 413 12.37 -34.95 -111.49
C LYS QA 413 10.98 -35.39 -111.03
N ASN QA 414 10.92 -36.41 -110.18
CA ASN QA 414 9.67 -36.85 -109.55
C ASN QA 414 9.79 -36.58 -108.06
N THR QA 415 8.96 -35.67 -107.55
CA THR QA 415 9.13 -35.19 -106.18
C THR QA 415 8.71 -36.21 -105.14
N ASN QA 416 7.90 -37.21 -105.51
CA ASN QA 416 7.47 -38.21 -104.54
C ASN QA 416 8.67 -39.00 -104.03
N ILE QA 417 8.68 -39.28 -102.73
CA ILE QA 417 9.74 -40.04 -102.09
C ILE QA 417 9.16 -41.37 -101.65
N LYS QA 418 9.79 -42.46 -102.09
CA LYS QA 418 9.32 -43.79 -101.71
C LYS QA 418 9.42 -43.97 -100.20
N THR QA 419 8.48 -44.75 -99.66
CA THR QA 419 8.44 -44.98 -98.22
C THR QA 419 9.75 -45.57 -97.73
N GLY QA 420 10.27 -45.04 -96.63
CA GLY QA 420 11.47 -45.56 -96.01
C GLY QA 420 12.76 -44.90 -96.45
N ILE QA 421 12.75 -44.09 -97.49
CA ILE QA 421 13.97 -43.44 -97.97
C ILE QA 421 14.25 -42.21 -97.13
N ILE QA 422 15.53 -41.89 -96.99
CA ILE QA 422 15.98 -40.69 -96.28
C ILE QA 422 16.38 -39.67 -97.34
N GLY QA 423 15.63 -38.58 -97.44
CA GLY QA 423 15.90 -37.59 -98.45
C GLY QA 423 15.07 -36.34 -98.26
N THR QA 424 14.96 -35.57 -99.33
CA THR QA 424 14.23 -34.30 -99.30
C THR QA 424 14.15 -33.79 -100.74
N ASN QA 425 13.47 -32.65 -100.90
CA ASN QA 425 13.31 -32.03 -102.21
C ASN QA 425 13.34 -30.51 -102.02
N LEU QA 426 13.04 -29.77 -103.09
CA LEU QA 426 13.18 -28.33 -103.06
C LEU QA 426 12.24 -27.70 -102.03
N ARG QA 427 10.95 -28.03 -102.10
CA ARG QA 427 9.98 -27.36 -101.24
C ARG QA 427 10.26 -27.65 -99.77
N LEU QA 428 10.56 -28.91 -99.44
CA LEU QA 428 10.86 -29.24 -98.05
C LEU QA 428 12.11 -28.53 -97.57
N MET QA 429 13.13 -28.41 -98.43
CA MET QA 429 14.32 -27.65 -98.07
C MET QA 429 13.97 -26.18 -97.83
N LEU QA 430 13.13 -25.61 -98.70
CA LEU QA 430 12.76 -24.20 -98.54
C LEU QA 430 12.05 -23.97 -97.21
N GLY QA 431 11.14 -24.88 -96.85
CA GLY QA 431 10.43 -24.71 -95.59
C GLY QA 431 11.36 -24.71 -94.39
N LYS QA 432 12.35 -25.60 -94.38
CA LYS QA 432 13.28 -25.66 -93.27
C LYS QA 432 14.07 -24.37 -93.14
N ILE QA 433 14.52 -23.82 -94.27
CA ILE QA 433 15.30 -22.57 -94.22
C ILE QA 433 14.44 -21.42 -93.70
N ARG QA 434 13.18 -21.34 -94.16
CA ARG QA 434 12.30 -20.30 -93.67
C ARG QA 434 12.11 -20.39 -92.17
N LYS QA 435 11.97 -21.60 -91.64
CA LYS QA 435 11.79 -21.77 -90.20
C LYS QA 435 13.01 -21.25 -89.44
N TRP QA 436 14.22 -21.54 -89.95
CA TRP QA 436 15.43 -21.07 -89.30
C TRP QA 436 15.48 -19.55 -89.27
N ALA QA 437 15.12 -18.89 -90.38
CA ALA QA 437 15.18 -17.44 -90.43
C ALA QA 437 14.25 -16.81 -89.40
N SER QA 438 13.03 -17.34 -89.27
CA SER QA 438 12.09 -16.80 -88.30
C SER QA 438 12.61 -16.95 -86.88
N ASP QA 439 13.23 -18.09 -86.57
CA ASP QA 439 13.69 -18.34 -85.21
C ASP QA 439 14.72 -17.33 -84.75
N ASN QA 440 15.49 -16.75 -85.67
CA ASN QA 440 16.54 -15.80 -85.30
C ASN QA 440 16.07 -14.36 -85.28
N VAL QA 441 14.80 -14.10 -85.58
CA VAL QA 441 14.29 -12.74 -85.52
C VAL QA 441 14.47 -12.20 -84.12
N GLY QA 442 15.04 -11.00 -84.02
CA GLY QA 442 15.37 -10.41 -82.74
C GLY QA 442 16.73 -10.79 -82.19
N VAL QA 443 17.49 -11.61 -82.91
CA VAL QA 443 18.83 -12.03 -82.50
C VAL QA 443 19.87 -11.66 -83.56
N LEU QA 444 19.57 -11.94 -84.83
CA LEU QA 444 20.41 -11.54 -85.95
C LEU QA 444 19.70 -10.74 -87.01
N PHE QA 445 18.36 -10.77 -87.05
CA PHE QA 445 17.60 -10.08 -88.08
C PHE QA 445 16.49 -9.26 -87.43
N SER QA 446 16.04 -8.25 -88.16
CA SER QA 446 14.79 -7.57 -87.85
C SER QA 446 13.66 -8.22 -88.63
N GLU QA 447 12.43 -7.90 -88.24
CA GLU QA 447 11.27 -8.52 -88.88
C GLU QA 447 11.31 -8.30 -90.38
N PHE QA 448 11.08 -9.39 -91.13
CA PHE QA 448 11.13 -9.33 -92.58
C PHE QA 448 9.89 -8.62 -93.12
N ASP QA 449 10.11 -7.70 -94.06
CA ASP QA 449 8.99 -6.98 -94.66
C ASP QA 449 8.05 -7.94 -95.37
N ASN QA 450 8.59 -8.88 -96.14
CA ASN QA 450 7.78 -9.91 -96.81
C ASN QA 450 8.64 -11.16 -96.92
N ILE QA 451 8.48 -12.06 -95.94
CA ILE QA 451 9.30 -13.27 -95.89
C ILE QA 451 9.10 -14.11 -97.15
N ASN QA 452 7.90 -14.09 -97.72
CA ASN QA 452 7.61 -14.95 -98.86
C ASN QA 452 8.40 -14.56 -100.11
N GLU QA 453 8.99 -13.36 -100.14
CA GLU QA 453 9.76 -12.90 -101.28
C GLU QA 453 11.22 -12.62 -100.97
N ASP QA 454 11.61 -12.63 -99.69
CA ASP QA 454 13.00 -12.39 -99.31
C ASP QA 454 13.85 -13.65 -99.36
N ILE QA 455 13.24 -14.83 -99.51
CA ILE QA 455 13.96 -16.09 -99.56
C ILE QA 455 13.48 -16.87 -100.77
N GLN QA 456 14.43 -17.37 -101.56
CA GLN QA 456 14.11 -18.16 -102.74
C GLN QA 456 15.12 -19.28 -102.89
N LEU QA 457 14.68 -20.39 -103.46
CA LEU QA 457 15.54 -21.54 -103.70
C LEU QA 457 15.25 -22.10 -105.09
N VAL QA 458 16.29 -22.30 -105.89
CA VAL QA 458 16.16 -22.77 -107.26
C VAL QA 458 17.23 -23.80 -107.53
N SER QA 459 16.86 -24.87 -108.23
CA SER QA 459 17.82 -25.89 -108.61
C SER QA 459 18.67 -25.42 -109.78
N ASP QA 460 19.81 -26.09 -109.96
CA ASP QA 460 20.72 -25.72 -111.04
C ASP QA 460 20.08 -25.94 -112.41
N PHE QA 461 19.34 -27.04 -112.57
CA PHE QA 461 18.77 -27.35 -113.87
C PHE QA 461 17.86 -26.23 -114.37
N ASP QA 462 17.05 -25.66 -113.48
CA ASP QA 462 16.12 -24.62 -113.90
C ASP QA 462 16.84 -23.39 -114.43
N VAL QA 463 18.06 -23.13 -113.94
CA VAL QA 463 18.80 -21.94 -114.36
C VAL QA 463 19.50 -22.19 -115.69
N GLN QA 464 20.39 -23.17 -115.73
CA GLN QA 464 21.17 -23.43 -116.92
C GLN QA 464 20.29 -24.02 -118.02
N PRO QA 465 20.67 -23.84 -119.29
CA PRO QA 465 19.90 -24.44 -120.39
C PRO QA 465 20.06 -25.94 -120.44
N LYS QA 466 19.46 -26.57 -121.45
CA LYS QA 466 19.44 -28.02 -121.52
C LYS QA 466 20.85 -28.59 -121.63
N CYS QA 467 21.08 -29.72 -120.96
CA CYS QA 467 22.33 -30.47 -121.04
C CYS QA 467 23.53 -29.63 -120.60
N VAL QA 468 23.30 -28.65 -119.73
CA VAL QA 468 24.39 -27.82 -119.21
C VAL QA 468 24.37 -27.83 -117.69
N GLY QA 469 23.21 -28.12 -117.09
CA GLY QA 469 23.11 -28.14 -115.65
C GLY QA 469 23.74 -29.38 -115.04
N GLN QA 470 24.07 -29.27 -113.75
CA GLN QA 470 24.65 -30.36 -113.01
C GLN QA 470 23.69 -30.85 -111.92
N PRO QA 471 23.78 -32.12 -111.53
CA PRO QA 471 22.88 -32.62 -110.48
C PRO QA 471 23.35 -32.22 -109.09
N GLY QA 472 22.38 -31.98 -108.22
CA GLY QA 472 22.66 -31.70 -106.82
C GLY QA 472 23.40 -30.40 -106.57
N VAL QA 473 23.06 -29.34 -107.29
CA VAL QA 473 23.62 -28.01 -107.09
C VAL QA 473 22.46 -27.03 -106.96
N PHE QA 474 22.46 -26.23 -105.90
CA PHE QA 474 21.34 -25.35 -105.58
C PHE QA 474 21.81 -23.91 -105.47
N HIS QA 475 20.93 -22.99 -105.86
CA HIS QA 475 21.18 -21.56 -105.75
C HIS QA 475 20.19 -20.97 -104.75
N LEU QA 476 20.71 -20.31 -103.72
CA LEU QA 476 19.91 -19.76 -102.64
C LEU QA 476 20.08 -18.25 -102.61
N ASN QA 477 18.95 -17.53 -102.63
CA ASN QA 477 18.93 -16.08 -102.56
C ASN QA 477 18.21 -15.65 -101.29
N MET QA 478 18.82 -14.72 -100.54
CA MET QA 478 18.27 -14.25 -99.29
C MET QA 478 18.49 -12.75 -99.18
N ARG QA 479 17.61 -12.08 -98.44
CA ARG QA 479 17.74 -10.66 -98.18
C ARG QA 479 17.17 -10.37 -96.80
N TYR QA 480 18.02 -9.81 -95.94
CA TYR QA 480 17.67 -9.60 -94.53
C TYR QA 480 17.95 -8.15 -94.15
N ARG QA 481 17.58 -7.81 -92.91
CA ARG QA 481 17.82 -6.49 -92.35
C ARG QA 481 18.36 -6.66 -90.94
N PRO QA 482 19.41 -5.94 -90.57
CA PRO QA 482 19.96 -6.06 -89.21
C PRO QA 482 19.01 -5.44 -88.20
N PRO QA 483 19.19 -5.73 -86.91
CA PRO QA 483 18.27 -5.21 -85.89
C PRO QA 483 18.35 -3.69 -85.79
N VAL QA 484 17.28 -3.11 -85.27
CA VAL QA 484 17.14 -1.67 -85.11
C VAL QA 484 17.25 -1.33 -83.64
N ARG QA 485 18.06 -0.32 -83.32
CA ARG QA 485 18.28 0.13 -81.96
C ARG QA 485 18.11 1.64 -81.88
N GLY QA 486 17.76 2.12 -80.69
CA GLY QA 486 17.55 3.55 -80.53
C GLY QA 486 18.79 4.33 -80.91
N ALA QA 487 18.59 5.42 -81.65
CA ALA QA 487 19.68 6.23 -82.17
C ALA QA 487 19.66 7.67 -81.69
N ARG QA 488 18.50 8.31 -81.67
CA ARG QA 488 18.43 9.71 -81.28
C ARG QA 488 17.00 10.08 -80.92
N ILE QA 489 16.87 11.04 -80.01
CA ILE QA 489 15.58 11.57 -79.58
C ILE QA 489 15.65 13.09 -79.64
N ASN QA 490 14.64 13.70 -80.25
CA ASN QA 490 14.54 15.14 -80.34
C ASN QA 490 13.46 15.62 -79.38
N VAL QA 491 13.80 16.59 -78.54
CA VAL QA 491 12.91 17.11 -77.51
C VAL QA 491 12.57 18.56 -77.86
N ASN QA 492 11.27 18.87 -77.85
CA ASN QA 492 10.79 20.23 -78.07
C ASN QA 492 10.09 20.67 -76.79
N LEU QA 493 10.88 21.20 -75.86
CA LEU QA 493 10.35 21.62 -74.57
C LEU QA 493 9.68 22.99 -74.71
N VAL QA 494 8.47 23.11 -74.17
CA VAL QA 494 7.65 24.31 -74.36
C VAL QA 494 7.18 24.83 -73.01
N PRO QA 495 7.95 25.67 -72.32
CA PRO QA 495 7.51 26.15 -71.00
C PRO QA 495 6.29 27.05 -71.08
N ALA QA 496 5.54 27.08 -69.99
CA ALA QA 496 4.39 27.95 -69.84
C ALA QA 496 4.26 28.32 -68.37
N LEU QA 497 3.48 29.36 -68.08
CA LEU QA 497 3.35 29.89 -66.74
C LEU QA 497 1.90 29.94 -66.31
N PHE QA 498 1.68 29.78 -65.01
CA PHE QA 498 0.38 29.96 -64.37
C PHE QA 498 0.23 31.44 -64.04
N ASP QA 499 -0.58 32.14 -64.83
CA ASP QA 499 -0.60 33.60 -64.76
C ASP QA 499 -1.12 34.10 -63.42
N ASN QA 500 -0.64 35.28 -63.03
CA ASN QA 500 -1.04 35.94 -61.79
C ASN QA 500 -0.83 35.03 -60.59
N CYS RA 3 -4.74 -30.36 -111.49
CA CYS RA 3 -3.81 -30.92 -110.46
C CYS RA 3 -3.72 -29.99 -109.25
N ASN RA 4 -4.26 -28.79 -109.38
CA ASN RA 4 -4.24 -27.81 -108.30
C ASN RA 4 -5.43 -27.93 -107.36
N LYS RA 5 -6.40 -28.79 -107.66
CA LYS RA 5 -7.58 -28.95 -106.83
C LYS RA 5 -7.49 -30.15 -105.88
N GLN RA 6 -6.70 -31.16 -106.23
CA GLN RA 6 -6.62 -32.35 -105.39
C GLN RA 6 -6.19 -31.98 -103.98
N ASN RA 7 -6.91 -32.51 -103.00
CA ASN RA 7 -6.65 -32.24 -101.59
C ASN RA 7 -6.17 -33.54 -100.94
N GLY RA 8 -4.88 -33.62 -100.66
CA GLY RA 8 -4.32 -34.81 -100.04
C GLY RA 8 -2.88 -34.57 -99.67
N VAL RA 9 -2.35 -35.49 -98.87
CA VAL RA 9 -0.98 -35.43 -98.40
C VAL RA 9 -0.08 -36.07 -99.45
N LYS RA 10 1.14 -35.54 -99.57
CA LYS RA 10 2.11 -36.02 -100.55
C LYS RA 10 3.34 -36.63 -99.89
N ASN RA 11 4.00 -35.92 -98.98
CA ASN RA 11 5.19 -36.40 -98.30
C ASN RA 11 5.07 -36.13 -96.81
N ILE RA 12 5.67 -37.02 -96.01
CA ILE RA 12 5.78 -36.83 -94.58
C ILE RA 12 7.20 -37.21 -94.16
N LEU RA 13 7.86 -36.32 -93.43
CA LEU RA 13 9.21 -36.55 -92.94
C LEU RA 13 9.24 -36.36 -91.44
N ILE RA 14 9.94 -37.27 -90.75
CA ILE RA 14 10.00 -37.26 -89.29
C ILE RA 14 11.44 -37.49 -88.86
N THR RA 15 11.86 -36.77 -87.83
CA THR RA 15 13.20 -36.89 -87.27
C THR RA 15 13.10 -36.98 -85.76
N PHE RA 16 13.75 -37.99 -85.19
CA PHE RA 16 13.66 -38.24 -83.75
C PHE RA 16 14.93 -37.78 -83.05
N THR RA 17 14.81 -37.61 -81.73
CA THR RA 17 15.96 -37.25 -80.89
C THR RA 17 15.67 -37.80 -79.48
N HIS RA 18 16.27 -38.94 -79.16
CA HIS RA 18 16.05 -39.54 -77.85
C HIS RA 18 16.48 -38.59 -76.75
N CYS RA 19 15.63 -38.46 -75.72
CA CYS RA 19 15.90 -37.51 -74.66
C CYS RA 19 17.02 -37.99 -73.73
N ASP RA 20 17.01 -39.28 -73.38
CA ASP RA 20 17.97 -39.77 -72.39
C ASP RA 20 19.37 -39.87 -72.95
N THR RA 21 19.53 -40.33 -74.19
CA THR RA 21 20.84 -40.57 -74.77
C THR RA 21 21.23 -39.60 -75.87
N GLY RA 22 20.28 -38.84 -76.42
CA GLY RA 22 20.59 -37.91 -77.49
C GLY RA 22 20.76 -38.55 -78.85
N GLU RA 23 20.45 -39.83 -78.99
CA GLU RA 23 20.55 -40.49 -80.30
C GLU RA 23 19.64 -39.79 -81.29
N VAL RA 24 20.15 -39.62 -82.52
CA VAL RA 24 19.44 -38.90 -83.57
C VAL RA 24 19.33 -39.80 -84.79
N ILE RA 25 18.18 -39.77 -85.44
CA ILE RA 25 17.93 -40.51 -86.67
C ILE RA 25 17.44 -39.52 -87.72
N GLY RA 26 18.08 -39.53 -88.89
CA GLY RA 26 17.78 -38.57 -89.93
C GLY RA 26 16.33 -38.63 -90.37
N PRO RA 27 15.94 -37.72 -91.26
CA PRO RA 27 14.55 -37.69 -91.73
C PRO RA 27 14.20 -38.97 -92.47
N ILE RA 28 13.01 -39.50 -92.19
CA ILE RA 28 12.52 -40.73 -92.81
C ILE RA 28 11.14 -40.46 -93.40
N SER RA 29 10.90 -41.00 -94.58
CA SER RA 29 9.60 -40.85 -95.23
C SER RA 29 8.63 -41.87 -94.67
N HIS RA 30 7.42 -41.41 -94.34
CA HIS RA 30 6.36 -42.26 -93.81
C HIS RA 30 5.17 -42.25 -94.77
N GLU RA 31 4.16 -43.04 -94.44
CA GLU RA 31 2.93 -43.11 -95.23
C GLU RA 31 1.74 -43.23 -94.29
N GLN RA 32 0.56 -42.88 -94.82
CA GLN RA 32 -0.64 -42.88 -94.00
C GLN RA 32 -1.24 -44.28 -93.90
N PRO RA 33 -1.91 -44.60 -92.79
CA PRO RA 33 -2.49 -45.93 -92.64
C PRO RA 33 -3.87 -46.07 -93.28
N ASP RA 34 -4.59 -44.96 -93.38
CA ASP RA 34 -5.95 -44.98 -93.88
C ASP RA 34 -6.22 -43.66 -94.60
N ASP RA 35 -7.49 -43.35 -94.83
CA ASP RA 35 -7.89 -42.18 -95.62
C ASP RA 35 -8.05 -40.92 -94.77
N THR RA 36 -7.77 -40.99 -93.48
CA THR RA 36 -7.84 -39.80 -92.63
C THR RA 36 -6.61 -38.92 -92.85
N LEU RA 37 -6.83 -37.61 -92.86
CA LEU RA 37 -5.78 -36.64 -93.09
C LEU RA 37 -5.37 -35.96 -91.79
N PRO RA 38 -4.17 -35.37 -91.74
CA PRO RA 38 -3.74 -34.70 -90.50
C PRO RA 38 -4.55 -33.44 -90.21
N THR RA 39 -4.25 -32.79 -89.09
CA THR RA 39 -4.91 -31.56 -88.72
C THR RA 39 -3.89 -30.60 -88.13
N TYR RA 40 -4.18 -29.31 -88.21
CA TYR RA 40 -3.25 -28.27 -87.80
C TYR RA 40 -3.98 -27.20 -87.00
N LYS RA 41 -3.20 -26.45 -86.23
CA LYS RA 41 -3.71 -25.23 -85.58
C LYS RA 41 -2.51 -24.31 -85.39
N THR RA 42 -2.37 -23.33 -86.26
CA THR RA 42 -1.20 -22.45 -86.27
C THR RA 42 -1.34 -21.26 -85.35
N CYS RA 43 -2.47 -21.09 -84.67
CA CYS RA 43 -2.67 -19.99 -83.74
C CYS RA 43 -2.16 -20.37 -82.36
N ALA RA 44 -1.37 -19.49 -81.76
CA ALA RA 44 -0.86 -19.72 -80.42
C ALA RA 44 -1.76 -19.16 -79.34
N TRP RA 45 -2.80 -18.42 -79.71
CA TRP RA 45 -3.72 -17.81 -78.77
C TRP RA 45 -5.10 -18.48 -78.84
N THR RA 46 -5.78 -18.53 -77.71
CA THR RA 46 -7.11 -19.10 -77.61
C THR RA 46 -8.03 -18.08 -76.98
N ASN RA 47 -9.18 -17.84 -77.61
CA ASN RA 47 -10.14 -16.85 -77.15
C ASN RA 47 -11.33 -17.53 -76.48
N THR RA 48 -11.96 -16.80 -75.56
CA THR RA 48 -13.14 -17.27 -74.86
C THR RA 48 -14.20 -16.18 -74.91
N ALA RA 49 -15.46 -16.59 -74.80
CA ALA RA 49 -16.59 -15.69 -74.99
C ALA RA 49 -16.99 -15.05 -73.67
N LEU RA 50 -16.76 -13.75 -73.54
CA LEU RA 50 -17.28 -12.96 -72.43
C LEU RA 50 -18.63 -12.37 -72.84
N THR RA 51 -19.13 -11.41 -72.07
CA THR RA 51 -20.41 -10.77 -72.37
C THR RA 51 -20.20 -9.50 -73.20
N ASN RA 52 -21.22 -9.16 -73.97
CA ASN RA 52 -21.26 -7.93 -74.76
C ASN RA 52 -20.22 -7.90 -75.87
N GLY RA 53 -19.75 -9.06 -76.32
CA GLY RA 53 -18.86 -9.14 -77.46
C GLY RA 53 -17.39 -9.20 -77.12
N ALA RA 54 -17.01 -8.93 -75.87
CA ALA RA 54 -15.61 -9.01 -75.48
C ALA RA 54 -15.17 -10.46 -75.40
N VAL RA 55 -13.87 -10.68 -75.55
CA VAL RA 55 -13.28 -12.01 -75.48
C VAL RA 55 -12.03 -11.96 -74.63
N MET RA 56 -11.87 -12.95 -73.76
CA MET RA 56 -10.64 -13.09 -72.99
C MET RA 56 -9.60 -13.83 -73.83
N ARG RA 57 -8.40 -13.27 -73.91
CA ARG RA 57 -7.34 -13.80 -74.74
C ARG RA 57 -6.25 -14.37 -73.84
N SER RA 58 -5.87 -15.62 -74.11
CA SER RA 58 -4.92 -16.33 -73.26
C SER RA 58 -3.91 -17.07 -74.12
N ALA RA 59 -2.77 -17.40 -73.52
CA ALA RA 59 -1.72 -18.13 -74.21
C ALA RA 59 -2.12 -19.58 -74.42
N SER RA 60 -1.71 -20.14 -75.55
CA SER RA 60 -2.01 -21.53 -75.88
C SER RA 60 -0.87 -22.07 -76.74
N ASN RA 61 -1.10 -23.20 -77.39
CA ASN RA 61 -0.07 -23.88 -78.17
C ASN RA 61 -0.53 -24.06 -79.61
N ALA RA 62 0.42 -24.40 -80.47
CA ALA RA 62 0.15 -24.82 -81.83
C ALA RA 62 0.35 -26.34 -81.90
N THR RA 63 -0.66 -27.05 -82.40
CA THR RA 63 -0.70 -28.49 -82.33
C THR RA 63 -0.87 -29.10 -83.71
N MET RA 64 -0.46 -30.36 -83.83
CA MET RA 64 -0.62 -31.12 -85.06
C MET RA 64 -0.99 -32.55 -84.70
N THR RA 65 -1.98 -33.10 -85.40
CA THR RA 65 -2.38 -34.49 -85.27
C THR RA 65 -1.96 -35.22 -86.54
N LEU RA 66 -1.10 -36.23 -86.39
CA LEU RA 66 -0.43 -36.86 -87.52
C LEU RA 66 -0.58 -38.37 -87.45
N PRO RA 67 -1.54 -38.96 -88.18
CA PRO RA 67 -1.62 -40.42 -88.24
C PRO RA 67 -0.65 -41.00 -89.27
N VAL RA 68 0.30 -41.82 -88.82
CA VAL RA 68 1.31 -42.39 -89.69
C VAL RA 68 1.44 -43.88 -89.40
N VAL RA 69 2.04 -44.60 -90.34
CA VAL RA 69 2.29 -46.03 -90.22
C VAL RA 69 3.70 -46.20 -89.65
N ARG RA 70 3.80 -46.96 -88.56
CA ARG RA 70 5.09 -47.13 -87.90
C ARG RA 70 6.11 -47.73 -88.87
N ASP RA 71 7.29 -47.14 -88.89
CA ASP RA 71 8.38 -47.68 -89.70
C ASP RA 71 9.03 -48.86 -88.98
N PRO RA 72 9.18 -50.01 -89.65
CA PRO RA 72 9.62 -51.21 -88.93
C PRO RA 72 11.05 -51.15 -88.39
N ARG RA 73 11.76 -50.04 -88.57
CA ARG RA 73 13.14 -49.91 -88.09
C ARG RA 73 13.25 -48.98 -86.88
N VAL RA 74 12.13 -48.51 -86.33
CA VAL RA 74 12.12 -47.58 -85.21
C VAL RA 74 11.30 -48.20 -84.09
N PRO RA 75 11.80 -48.23 -82.85
CA PRO RA 75 10.99 -48.79 -81.76
C PRO RA 75 9.70 -48.02 -81.58
N LEU RA 76 8.65 -48.75 -81.18
CA LEU RA 76 7.35 -48.11 -80.98
C LEU RA 76 7.43 -47.04 -79.91
N ALA RA 77 8.33 -47.20 -78.94
CA ALA RA 77 8.40 -46.24 -77.84
C ALA RA 77 8.70 -44.84 -78.34
N TRP RA 78 9.55 -44.71 -79.37
CA TRP RA 78 9.93 -43.39 -79.85
C TRP RA 78 8.71 -42.64 -80.40
N TYR RA 79 7.84 -43.33 -81.12
CA TYR RA 79 6.63 -42.67 -81.63
C TYR RA 79 5.74 -42.17 -80.51
N GLN RA 80 5.85 -42.75 -79.32
CA GLN RA 80 5.12 -42.26 -78.16
C GLN RA 80 6.01 -41.27 -77.41
N GLY RA 81 5.62 -40.91 -76.19
CA GLY RA 81 6.21 -39.77 -75.51
C GLY RA 81 7.63 -39.95 -74.99
N CYS RA 82 8.41 -40.85 -75.61
CA CYS RA 82 9.78 -41.10 -75.20
C CYS RA 82 10.80 -40.59 -76.22
N ALA RA 83 10.48 -39.49 -76.91
CA ALA RA 83 11.43 -38.93 -77.87
C ALA RA 83 10.89 -37.60 -78.38
N GLN RA 84 11.82 -36.73 -78.79
CA GLN RA 84 11.47 -35.48 -79.44
C GLN RA 84 11.32 -35.69 -80.94
N ILE RA 85 10.49 -34.85 -81.57
CA ILE RA 85 10.09 -35.04 -82.96
C ILE RA 85 10.23 -33.74 -83.73
N ASP RA 86 10.50 -33.86 -85.03
CA ASP RA 86 10.59 -32.73 -85.95
C ASP RA 86 9.95 -33.18 -87.27
N ALA RA 87 8.75 -32.69 -87.55
CA ALA RA 87 7.93 -33.22 -88.62
C ALA RA 87 7.68 -32.18 -89.71
N GLN RA 88 7.51 -32.65 -90.94
CA GLN RA 88 7.17 -31.81 -92.08
C GLN RA 88 6.15 -32.55 -92.94
N VAL RA 89 5.12 -31.84 -93.38
CA VAL RA 89 4.06 -32.41 -94.19
C VAL RA 89 3.88 -31.54 -95.43
N GLU RA 90 3.90 -32.16 -96.60
CA GLU RA 90 3.72 -31.46 -97.87
C GLU RA 90 2.47 -32.00 -98.54
N LYS RA 91 1.55 -31.10 -98.90
CA LYS RA 91 0.31 -31.48 -99.57
C LYS RA 91 0.50 -31.41 -101.08
N PHE RA 92 -0.55 -31.77 -101.81
CA PHE RA 92 -0.49 -31.69 -103.27
C PHE RA 92 -0.59 -30.26 -103.76
N ASP RA 93 -1.22 -29.38 -102.98
CA ASP RA 93 -1.34 -27.98 -103.36
C ASP RA 93 -0.03 -27.22 -103.24
N GLY RA 94 0.99 -27.81 -102.62
CA GLY RA 94 2.26 -27.17 -102.41
C GLY RA 94 2.49 -26.65 -101.01
N THR RA 95 1.42 -26.52 -100.21
CA THR RA 95 1.57 -26.06 -98.84
C THR RA 95 2.48 -27.01 -98.06
N VAL RA 96 3.41 -26.43 -97.30
CA VAL RA 96 4.39 -27.21 -96.54
C VAL RA 96 4.35 -26.74 -95.09
N MET RA 97 4.00 -27.65 -94.19
CA MET RA 97 4.05 -27.37 -92.77
C MET RA 97 5.38 -27.84 -92.21
N THR RA 98 5.91 -27.07 -91.25
CA THR RA 98 7.18 -27.40 -90.61
C THR RA 98 7.01 -27.29 -89.10
N LEU RA 99 7.40 -28.35 -88.39
CA LEU RA 99 7.33 -28.40 -86.94
C LEU RA 99 8.69 -28.82 -86.40
N THR RA 100 9.21 -28.07 -85.43
CA THR RA 100 10.50 -28.36 -84.83
C THR RA 100 10.38 -28.33 -83.32
N GLU RA 101 11.10 -29.24 -82.66
CA GLU RA 101 11.11 -29.33 -81.20
C GLU RA 101 9.70 -29.56 -80.66
N GLY RA 102 9.06 -30.61 -81.16
CA GLY RA 102 7.72 -30.97 -80.73
C GLY RA 102 7.74 -31.85 -79.50
N ALA RA 103 6.58 -32.45 -79.21
CA ALA RA 103 6.44 -33.35 -78.08
C ALA RA 103 5.10 -34.06 -78.19
N VAL RA 104 5.09 -35.35 -77.83
CA VAL RA 104 3.88 -36.17 -77.90
C VAL RA 104 3.19 -36.11 -76.56
N THR RA 105 1.87 -35.87 -76.57
CA THR RA 105 1.07 -35.71 -75.37
C THR RA 105 -0.03 -36.75 -75.32
N GLU RA 106 -0.21 -37.34 -74.15
CA GLU RA 106 -1.29 -38.30 -73.89
C GLU RA 106 -1.33 -39.38 -74.98
N PRO RA 107 -0.28 -40.21 -75.08
CA PRO RA 107 -0.28 -41.25 -76.11
C PRO RA 107 -1.41 -42.26 -75.88
N GLU RA 108 -1.91 -42.79 -76.98
CA GLU RA 108 -2.98 -43.79 -76.96
C GLU RA 108 -2.42 -45.14 -77.40
N GLU RA 109 -2.89 -46.21 -76.77
CA GLU RA 109 -2.39 -47.54 -77.07
C GLU RA 109 -2.58 -47.86 -78.54
N SER RA 110 -1.57 -48.47 -79.14
CA SER RA 110 -1.57 -48.82 -80.55
C SER RA 110 -1.32 -50.32 -80.72
N ASP RA 111 -1.73 -50.85 -81.88
CA ASP RA 111 -1.59 -52.26 -82.17
C ASP RA 111 -0.26 -52.62 -82.81
N GLY RA 112 0.65 -51.65 -82.96
CA GLY RA 112 1.98 -51.91 -83.47
C GLY RA 112 2.23 -51.47 -84.89
N ARG RA 113 1.18 -51.13 -85.65
CA ARG RA 113 1.33 -50.68 -87.03
C ARG RA 113 0.94 -49.23 -87.21
N ALA RA 114 -0.28 -48.87 -86.83
CA ALA RA 114 -0.79 -47.51 -87.01
C ALA RA 114 -0.72 -46.76 -85.69
N VAL RA 115 -0.10 -45.59 -85.71
CA VAL RA 115 0.09 -44.76 -84.53
C VAL RA 115 -0.45 -43.36 -84.84
N THR RA 116 -1.31 -42.85 -83.96
CA THR RA 116 -1.81 -41.49 -84.06
C THR RA 116 -1.06 -40.62 -83.06
N MET RA 117 -0.50 -39.52 -83.53
CA MET RA 117 0.36 -38.67 -82.73
C MET RA 117 -0.31 -37.33 -82.49
N THR RA 118 -0.10 -36.78 -81.30
CA THR RA 118 -0.63 -35.47 -80.93
C THR RA 118 0.56 -34.60 -80.53
N ILE RA 119 1.16 -33.96 -81.53
CA ILE RA 119 2.35 -33.14 -81.33
C ILE RA 119 1.92 -31.70 -81.06
N ILE RA 120 2.57 -31.07 -80.09
CA ILE RA 120 2.35 -29.66 -79.78
C ILE RA 120 3.70 -28.96 -79.78
N ALA RA 121 3.75 -27.80 -80.42
CA ALA RA 121 4.99 -27.02 -80.52
C ALA RA 121 4.67 -25.55 -80.31
N ALA RA 122 5.73 -24.79 -80.01
CA ALA RA 122 5.55 -23.36 -79.77
C ALA RA 122 5.04 -22.64 -81.02
N GLU RA 123 5.42 -23.11 -82.20
CA GLU RA 123 5.03 -22.44 -83.44
C GLU RA 123 5.13 -23.43 -84.59
N ILE RA 124 4.12 -23.41 -85.46
CA ILE RA 124 4.13 -24.18 -86.70
C ILE RA 124 4.21 -23.20 -87.86
N ASP RA 125 5.08 -23.50 -88.81
CA ASP RA 125 5.35 -22.60 -89.94
C ASP RA 125 4.67 -23.12 -91.19
N GLU RA 126 3.96 -22.23 -91.88
CA GLU RA 126 3.26 -22.56 -93.12
C GLU RA 126 3.94 -21.87 -94.29
N LEU RA 127 4.04 -22.59 -95.41
CA LEU RA 127 4.64 -22.08 -96.63
C LEU RA 127 3.59 -22.15 -97.74
N LEU RA 128 2.94 -21.02 -98.02
CA LEU RA 128 1.88 -20.99 -99.00
C LEU RA 128 2.45 -21.14 -100.41
N PRO RA 129 1.62 -21.50 -101.38
CA PRO RA 129 2.06 -21.51 -102.77
C PRO RA 129 2.44 -20.11 -103.22
N PRO RA 130 2.99 -19.95 -104.42
CA PRO RA 130 3.33 -18.61 -104.89
C PRO RA 130 2.10 -17.72 -104.97
N GLY RA 131 2.30 -16.44 -104.64
CA GLY RA 131 1.25 -15.45 -104.73
C GLY RA 131 0.56 -15.09 -103.43
N SER RA 132 1.11 -15.50 -102.28
CA SER RA 132 0.48 -15.18 -101.01
C SER RA 132 0.36 -13.68 -100.83
N LEU RA 133 -0.78 -13.24 -100.28
CA LEU RA 133 -1.06 -11.83 -100.07
C LEU RA 133 -0.61 -11.34 -98.69
N ALA RA 134 -0.18 -12.22 -97.80
CA ALA RA 134 0.17 -11.87 -96.44
C ALA RA 134 1.65 -12.13 -96.20
N ALA RA 135 2.33 -11.17 -95.60
CA ALA RA 135 3.75 -11.30 -95.29
C ALA RA 135 3.99 -12.49 -94.35
N ALA SA 5 44.30 -51.77 -17.80
CA ALA SA 5 43.95 -53.02 -17.14
C ALA SA 5 44.45 -53.02 -15.70
N LEU SA 6 43.64 -52.46 -14.81
CA LEU SA 6 43.96 -52.41 -13.38
C LEU SA 6 43.19 -53.51 -12.67
N SER SA 7 43.91 -54.37 -11.96
CA SER SA 7 43.26 -55.50 -11.30
C SER SA 7 42.45 -55.05 -10.09
N ASP SA 8 43.01 -54.17 -9.27
CA ASP SA 8 42.35 -53.72 -8.06
C ASP SA 8 41.57 -52.42 -8.25
N GLY SA 9 41.49 -51.92 -9.47
CA GLY SA 9 40.76 -50.69 -9.75
C GLY SA 9 39.27 -50.93 -9.86
N PHE SA 10 38.57 -49.88 -10.30
CA PHE SA 10 37.12 -49.93 -10.43
C PHE SA 10 36.74 -50.64 -11.74
N VAL SA 11 35.44 -50.88 -11.91
CA VAL SA 11 34.99 -51.76 -13.00
C VAL SA 11 34.91 -51.00 -14.32
N ARG SA 12 34.15 -49.90 -14.35
CA ARG SA 12 33.60 -49.39 -15.59
C ARG SA 12 34.62 -48.68 -16.49
N LEU SA 13 35.68 -48.09 -15.93
CA LEU SA 13 36.58 -47.26 -16.71
C LEU SA 13 38.03 -47.73 -16.56
N CYS SA 14 38.80 -47.52 -17.62
CA CYS SA 14 40.23 -47.80 -17.64
C CYS SA 14 40.87 -46.74 -18.54
N ILE SA 15 41.54 -45.77 -17.92
CA ILE SA 15 42.00 -44.59 -18.66
C ILE SA 15 43.08 -44.98 -19.67
N ASP SA 16 44.21 -45.51 -19.18
CA ASP SA 16 45.30 -45.92 -20.06
C ASP SA 16 45.84 -44.73 -20.85
N PRO SA 17 46.48 -43.76 -20.20
CA PRO SA 17 47.03 -42.62 -20.93
C PRO SA 17 48.26 -43.00 -21.74
N SER SA 18 48.55 -42.17 -22.75
CA SER SA 18 49.70 -42.39 -23.60
C SER SA 18 50.98 -42.00 -22.89
N LEU SA 19 52.11 -42.44 -23.45
CA LEU SA 19 53.40 -42.24 -22.79
C LEU SA 19 53.87 -40.80 -22.88
N ASN SA 20 53.74 -40.19 -24.06
CA ASN SA 20 54.26 -38.84 -24.31
C ASN SA 20 53.10 -37.86 -24.49
N PHE SA 21 53.44 -36.62 -24.83
CA PHE SA 21 52.43 -35.57 -24.98
C PHE SA 21 52.95 -34.52 -25.97
N PHE SA 22 52.46 -34.57 -27.20
CA PHE SA 22 52.66 -33.52 -28.20
C PHE SA 22 51.93 -33.97 -29.46
N GLY SA 23 51.81 -33.04 -30.41
CA GLY SA 23 51.03 -33.29 -31.62
C GLY SA 23 51.86 -33.46 -32.88
N GLU SA 24 52.97 -32.73 -32.96
CA GLU SA 24 53.84 -32.74 -34.14
C GLU SA 24 53.03 -32.71 -35.43
N GLY SA 25 52.03 -31.83 -35.47
CA GLY SA 25 51.25 -31.65 -36.68
C GLY SA 25 52.01 -30.93 -37.78
N CYS SA 26 53.03 -30.16 -37.42
CA CYS SA 26 53.87 -29.45 -38.38
C CYS SA 26 55.33 -29.60 -37.97
N LYS SA 27 56.22 -29.51 -38.95
CA LYS SA 27 57.63 -29.76 -38.74
C LYS SA 27 58.46 -28.61 -39.31
N ILE SA 28 59.63 -28.39 -38.72
CA ILE SA 28 60.56 -27.35 -39.12
C ILE SA 28 61.96 -27.95 -39.21
N LEU SA 29 62.67 -27.61 -40.27
CA LEU SA 29 64.02 -28.13 -40.52
C LEU SA 29 65.01 -26.99 -40.46
N VAL SA 30 66.05 -27.15 -39.65
CA VAL SA 30 67.11 -26.17 -39.49
C VAL SA 30 68.40 -26.75 -40.04
N GLU SA 31 69.06 -26.03 -40.94
CA GLU SA 31 70.28 -26.49 -41.60
C GLU SA 31 71.41 -25.53 -41.29
N GLY SA 32 72.57 -26.08 -40.97
CA GLY SA 32 73.72 -25.26 -40.68
C GLY SA 32 74.98 -26.11 -40.58
N GLN SA 33 76.05 -25.46 -40.12
CA GLN SA 33 77.34 -26.12 -39.94
C GLN SA 33 77.56 -26.48 -38.48
N ILE SA 34 78.45 -27.43 -38.25
CA ILE SA 34 78.82 -27.88 -36.91
C ILE SA 34 80.34 -27.84 -36.79
N THR SA 35 80.83 -28.23 -35.62
CA THR SA 35 82.25 -28.26 -35.32
C THR SA 35 82.71 -29.71 -35.16
N ASP SA 36 84.02 -29.86 -34.91
CA ASP SA 36 84.59 -31.20 -34.78
C ASP SA 36 84.00 -31.95 -33.59
N ASP SA 37 83.79 -31.24 -32.47
CA ASP SA 37 83.35 -31.90 -31.25
C ASP SA 37 81.98 -32.55 -31.39
N ALA SA 38 81.19 -32.15 -32.38
CA ALA SA 38 79.85 -32.69 -32.52
C ALA SA 38 79.87 -34.18 -32.75
N THR SA 39 78.94 -34.89 -32.10
CA THR SA 39 78.80 -36.33 -32.26
C THR SA 39 77.77 -36.74 -33.29
N ALA SA 40 76.86 -35.84 -33.66
CA ALA SA 40 75.82 -36.19 -34.62
C ALA SA 40 76.43 -36.48 -35.99
N ALA SA 41 75.83 -37.43 -36.70
CA ALA SA 41 76.29 -37.80 -38.03
C ALA SA 41 75.95 -36.70 -39.03
N GLU SA 42 76.85 -36.48 -39.98
CA GLU SA 42 76.67 -35.43 -40.97
C GLU SA 42 75.73 -35.87 -42.07
N ASN SA 43 74.97 -34.91 -42.60
CA ASN SA 43 74.10 -35.13 -43.76
C ASN SA 43 73.03 -36.19 -43.47
N VAL SA 44 72.60 -36.30 -42.22
CA VAL SA 44 71.54 -37.22 -41.84
C VAL SA 44 70.56 -36.44 -40.97
N VAL SA 45 69.29 -36.39 -41.40
CA VAL SA 45 68.28 -35.66 -40.65
C VAL SA 45 67.99 -36.38 -39.35
N THR SA 46 67.98 -35.63 -38.25
CA THR SA 46 67.70 -36.18 -36.94
C THR SA 46 66.76 -35.24 -36.19
N CYS SA 47 66.01 -35.80 -35.26
CA CYS SA 47 65.05 -35.04 -34.47
C CYS SA 47 65.73 -34.43 -33.25
N VAL SA 48 65.29 -33.23 -32.88
CA VAL SA 48 65.81 -32.50 -31.73
C VAL SA 48 64.75 -32.47 -30.65
N ASN SA 49 65.14 -32.75 -29.41
CA ASN SA 49 64.20 -32.87 -28.30
C ASN SA 49 64.14 -31.60 -27.45
N SER SA 50 65.26 -31.16 -26.91
CA SER SA 50 65.27 -30.00 -26.02
C SER SA 50 66.69 -29.44 -25.96
N GLU SA 51 66.80 -28.28 -25.31
CA GLU SA 51 68.11 -27.61 -25.23
C GLU SA 51 69.09 -28.41 -24.39
N LEU SA 52 68.60 -29.21 -23.44
CA LEU SA 52 69.49 -29.98 -22.58
C LEU SA 52 70.36 -30.94 -23.39
N ASP SA 53 69.88 -31.35 -24.57
CA ASP SA 53 70.59 -32.31 -25.40
C ASP SA 53 71.59 -31.65 -26.34
N LEU SA 54 71.60 -30.33 -26.42
CA LEU SA 54 72.42 -29.62 -27.39
C LEU SA 54 73.88 -29.60 -26.94
N VAL SA 55 74.71 -28.84 -27.65
CA VAL SA 55 76.14 -28.73 -27.37
C VAL SA 55 76.83 -30.04 -27.74
N GLU SA 56 76.53 -31.11 -26.98
CA GLU SA 56 77.17 -32.39 -27.25
C GLU SA 56 76.81 -32.91 -28.63
N ARG SA 57 75.53 -32.80 -29.01
CA ARG SA 57 75.08 -33.36 -30.28
C ARG SA 57 75.47 -32.51 -31.48
N PHE SA 58 75.79 -31.22 -31.27
CA PHE SA 58 76.10 -30.33 -32.39
C PHE SA 58 77.28 -29.42 -32.06
N GLY SA 59 78.17 -29.86 -31.18
CA GLY SA 59 79.35 -29.07 -30.86
C GLY SA 59 79.04 -27.84 -30.03
N GLN SA 60 80.05 -27.29 -29.37
CA GLN SA 60 79.88 -26.11 -28.53
C GLN SA 60 80.17 -24.86 -29.35
N GLY SA 61 79.22 -23.93 -29.36
CA GLY SA 61 79.40 -22.68 -30.08
C GLY SA 61 79.21 -22.78 -31.58
N SER SA 62 78.75 -23.93 -32.08
CA SER SA 62 78.59 -24.10 -33.51
C SER SA 62 77.44 -23.23 -34.02
N VAL SA 63 77.48 -22.95 -35.33
CA VAL SA 63 76.43 -22.14 -35.93
C VAL SA 63 75.08 -22.80 -35.75
N LEU SA 64 75.01 -24.12 -35.92
CA LEU SA 64 73.75 -24.84 -35.78
C LEU SA 64 73.21 -24.73 -34.36
N THR SA 65 74.09 -24.83 -33.36
CA THR SA 65 73.64 -24.77 -31.97
C THR SA 65 72.99 -23.43 -31.65
N GLU SA 66 73.61 -22.33 -32.09
CA GLU SA 66 73.04 -21.02 -31.81
C GLU SA 66 71.68 -20.85 -32.50
N SER SA 67 71.58 -21.27 -33.76
CA SER SA 67 70.30 -21.14 -34.47
C SER SA 67 69.22 -21.95 -33.77
N LEU SA 68 69.53 -23.16 -33.34
CA LEU SA 68 68.53 -23.99 -32.66
C LEU SA 68 68.09 -23.35 -31.35
N ARG SA 69 69.02 -22.74 -30.61
CA ARG SA 69 68.67 -22.16 -29.32
C ARG SA 69 67.57 -21.12 -29.47
N LYS SA 70 67.68 -20.26 -30.48
CA LYS SA 70 66.64 -19.25 -30.70
C LYS SA 70 65.34 -19.88 -31.16
N VAL SA 71 65.42 -20.96 -31.95
CA VAL SA 71 64.20 -21.62 -32.42
C VAL SA 71 63.39 -22.13 -31.24
N PHE SA 72 64.06 -22.78 -30.28
CA PHE SA 72 63.36 -23.27 -29.10
C PHE SA 72 62.85 -22.13 -28.22
N CYS SA 73 63.57 -21.01 -28.18
CA CYS SA 73 63.16 -19.89 -27.35
C CYS SA 73 61.90 -19.22 -27.86
N MET SA 74 61.56 -19.42 -29.13
CA MET SA 74 60.36 -18.82 -29.72
C MET SA 74 59.19 -19.80 -29.77
N CYS SA 75 59.43 -21.01 -30.28
CA CYS SA 75 58.39 -22.03 -30.36
C CYS SA 75 58.51 -22.95 -29.14
N LYS SA 76 58.05 -22.44 -28.00
CA LYS SA 76 58.16 -23.19 -26.76
C LYS SA 76 57.43 -24.52 -26.85
N SER SA 77 56.31 -24.57 -27.56
CA SER SA 77 55.59 -25.81 -27.78
C SER SA 77 54.64 -25.62 -28.96
N GLY SA 78 54.19 -26.74 -29.50
CA GLY SA 78 53.27 -26.74 -30.62
C GLY SA 78 53.90 -27.01 -31.97
N VAL SA 79 55.18 -27.34 -32.03
CA VAL SA 79 55.86 -27.63 -33.29
C VAL SA 79 56.98 -28.62 -33.01
N SER SA 80 57.29 -29.43 -34.02
CA SER SA 80 58.34 -30.43 -33.94
C SER SA 80 59.54 -29.96 -34.75
N VAL SA 81 60.73 -30.07 -34.15
CA VAL SA 81 61.95 -29.52 -34.73
C VAL SA 81 62.79 -30.65 -35.30
N TYR SA 82 63.50 -30.35 -36.39
CA TYR SA 82 64.44 -31.28 -37.00
C TYR SA 82 65.71 -30.52 -37.38
N ALA SA 83 66.82 -31.23 -37.42
CA ALA SA 83 68.12 -30.63 -37.70
C ALA SA 83 68.84 -31.45 -38.78
N LEU SA 84 69.60 -30.77 -39.63
CA LEU SA 84 70.37 -31.38 -40.71
C LEU SA 84 71.79 -30.85 -40.63
N PRO SA 85 72.63 -31.42 -39.78
CA PRO SA 85 73.99 -30.88 -39.63
C PRO SA 85 74.82 -31.02 -40.89
N ARG SA 86 75.76 -30.11 -41.05
CA ARG SA 86 76.69 -30.11 -42.18
C ARG SA 86 78.09 -29.85 -41.66
N ALA SA 87 79.07 -30.32 -42.44
CA ALA SA 87 80.48 -30.19 -42.09
C ALA SA 87 81.13 -29.09 -42.90
N ASP SA 88 82.26 -28.59 -42.40
CA ASP SA 88 82.97 -27.52 -43.06
C ASP SA 88 83.61 -28.02 -44.37
N ALA SA 89 83.95 -27.07 -45.23
CA ALA SA 89 84.56 -27.39 -46.51
C ALA SA 89 85.93 -28.00 -46.30
N ALA SA 90 86.55 -28.42 -47.42
CA ALA SA 90 87.84 -29.10 -47.33
C ALA SA 90 88.93 -28.17 -46.81
N ALA SA 91 88.99 -26.95 -47.34
CA ALA SA 91 90.05 -26.00 -47.03
C ALA SA 91 89.47 -24.67 -46.54
N ALA SA 92 88.48 -24.74 -45.65
CA ALA SA 92 87.88 -23.53 -45.12
C ALA SA 92 88.84 -22.80 -44.21
N VAL SA 93 88.87 -21.48 -44.33
CA VAL SA 93 89.67 -20.62 -43.47
C VAL SA 93 88.77 -20.04 -42.38
N SER SA 94 89.36 -19.71 -41.25
CA SER SA 94 88.63 -19.17 -40.11
C SER SA 94 89.00 -17.69 -39.94
N ALA SA 95 87.98 -16.84 -39.83
CA ALA SA 95 88.20 -15.41 -39.67
C ALA SA 95 88.81 -15.11 -38.31
N VAL SA 96 89.56 -14.01 -38.25
CA VAL SA 96 90.26 -13.60 -37.04
C VAL SA 96 89.98 -12.12 -36.79
N TYR SA 97 89.71 -11.77 -35.53
CA TYR SA 97 89.49 -10.39 -35.12
C TYR SA 97 90.40 -10.06 -33.96
N THR SA 98 90.71 -8.77 -33.80
CA THR SA 98 91.63 -8.30 -32.79
C THR SA 98 90.98 -7.21 -31.96
N LEU SA 99 91.16 -7.27 -30.64
CA LEU SA 99 90.68 -6.25 -29.71
C LEU SA 99 91.83 -5.89 -28.79
N THR SA 100 92.40 -4.70 -28.98
CA THR SA 100 93.58 -4.27 -28.23
C THR SA 100 93.16 -3.31 -27.12
N VAL SA 101 93.71 -3.55 -25.93
CA VAL SA 101 93.47 -2.70 -24.76
C VAL SA 101 94.75 -1.91 -24.50
N THR SA 102 94.59 -0.60 -24.33
CA THR SA 102 95.72 0.30 -24.13
C THR SA 102 95.47 1.19 -22.92
N GLY SA 103 96.55 1.59 -22.27
CA GLY SA 103 96.47 2.47 -21.12
C GLY SA 103 96.42 1.71 -19.80
N THR SA 104 96.45 2.48 -18.72
CA THR SA 104 96.42 1.95 -17.37
C THR SA 104 95.24 2.54 -16.62
N ALA SA 105 94.46 1.69 -15.96
CA ALA SA 105 93.31 2.15 -15.21
C ALA SA 105 93.76 3.05 -14.07
N LEU SA 106 93.30 4.31 -14.09
CA LEU SA 106 93.66 5.28 -13.06
C LEU SA 106 92.70 5.28 -11.89
N THR SA 107 91.51 4.67 -12.03
CA THR SA 107 90.53 4.64 -10.96
C THR SA 107 89.73 3.35 -11.07
N ASP SA 108 89.13 2.96 -9.95
CA ASP SA 108 88.27 1.79 -9.95
C ASP SA 108 87.06 2.03 -10.83
N GLY SA 109 86.56 0.95 -11.44
CA GLY SA 109 85.47 1.08 -12.38
C GLY SA 109 84.96 -0.27 -12.83
N ARG SA 110 84.26 -0.27 -13.96
CA ARG SA 110 83.73 -1.48 -14.54
C ARG SA 110 83.76 -1.38 -16.06
N VAL SA 111 83.92 -2.54 -16.70
CA VAL SA 111 83.96 -2.64 -18.15
C VAL SA 111 82.87 -3.61 -18.60
N GLN SA 112 82.11 -3.21 -19.61
CA GLN SA 112 81.01 -4.04 -20.11
C GLN SA 112 81.00 -3.97 -21.63
N LEU SA 113 80.68 -5.10 -22.25
CA LEU SA 113 80.73 -5.26 -23.70
C LEU SA 113 79.44 -5.83 -24.22
N TYR SA 114 79.17 -5.58 -25.50
CA TYR SA 114 78.03 -6.16 -26.20
C TYR SA 114 78.50 -6.64 -27.56
N MET SA 115 78.33 -7.93 -27.84
CA MET SA 115 78.80 -8.51 -29.08
C MET SA 115 77.79 -9.54 -29.58
N GLY SA 116 77.45 -9.47 -30.86
CA GLY SA 116 76.66 -10.50 -31.49
C GLY SA 116 75.22 -10.54 -31.06
N GLU SA 117 74.98 -10.70 -29.76
CA GLU SA 117 73.62 -10.76 -29.25
C GLU SA 117 73.67 -10.56 -27.74
N ALA SA 118 72.54 -10.10 -27.18
CA ALA SA 118 72.49 -9.78 -25.76
C ALA SA 118 72.87 -10.95 -24.87
N GLU SA 119 72.67 -12.19 -25.34
CA GLU SA 119 72.97 -13.35 -24.50
C GLU SA 119 74.45 -13.47 -24.17
N TYR SA 120 75.33 -12.85 -24.97
CA TYR SA 120 76.76 -12.98 -24.80
C TYR SA 120 77.38 -11.79 -24.09
N SER SA 121 76.57 -10.87 -23.57
CA SER SA 121 77.12 -9.70 -22.91
C SER SA 121 77.87 -10.09 -21.65
N LEU SA 122 78.86 -9.27 -21.29
CA LEU SA 122 79.68 -9.51 -20.11
C LEU SA 122 79.84 -8.20 -19.34
N ASP SA 123 80.12 -8.33 -18.06
CA ASP SA 123 80.33 -7.18 -17.19
C ASP SA 123 81.26 -7.61 -16.07
N ILE SA 124 82.49 -7.09 -16.07
CA ILE SA 124 83.48 -7.39 -15.05
C ILE SA 124 84.04 -6.09 -14.53
N GLY SA 125 84.29 -6.03 -13.22
CA GLY SA 125 84.84 -4.84 -12.60
C GLY SA 125 86.35 -4.80 -12.63
N VAL SA 126 86.92 -3.72 -13.17
CA VAL SA 126 88.37 -3.57 -13.16
C VAL SA 126 88.83 -3.53 -11.71
N ASP SA 127 89.92 -4.26 -11.42
CA ASP SA 127 90.28 -4.52 -10.03
C ASP SA 127 90.45 -3.24 -9.24
N GLU SA 128 91.28 -2.32 -9.74
CA GLU SA 128 91.58 -1.08 -9.03
C GLU SA 128 92.51 -0.27 -9.92
N GLY SA 129 92.68 1.00 -9.56
CA GLY SA 129 93.63 1.85 -10.26
C GLY SA 129 95.00 1.22 -10.36
N ASP SA 130 95.76 1.61 -11.38
CA ASP SA 130 97.13 1.12 -11.57
C ASP SA 130 97.15 -0.37 -11.92
N THR SA 131 96.17 -0.81 -12.72
CA THR SA 131 96.17 -2.16 -13.27
C THR SA 131 96.51 -2.07 -14.75
N PRO SA 132 97.65 -2.62 -15.21
CA PRO SA 132 98.03 -2.42 -16.60
C PRO SA 132 97.18 -3.24 -17.56
N THR SA 133 97.44 -3.12 -18.86
CA THR SA 133 96.65 -3.84 -19.84
C THR SA 133 96.80 -5.36 -19.67
N GLN SA 134 97.93 -5.80 -19.13
CA GLN SA 134 98.14 -7.24 -18.98
C GLN SA 134 97.17 -7.83 -17.96
N ILE SA 135 97.04 -7.19 -16.79
CA ILE SA 135 96.04 -7.63 -15.82
C ILE SA 135 94.64 -7.41 -16.38
N ALA SA 136 94.44 -6.31 -17.09
CA ALA SA 136 93.25 -6.15 -17.92
C ALA SA 136 93.35 -7.18 -19.04
N ALA SA 137 92.37 -7.20 -19.94
CA ALA SA 137 92.22 -8.30 -20.91
C ALA SA 137 91.83 -9.60 -20.21
N LYS SA 138 91.44 -9.52 -18.93
CA LYS SA 138 90.79 -10.62 -18.25
C LYS SA 138 89.41 -10.91 -18.81
N ILE SA 139 88.90 -10.01 -19.67
CA ILE SA 139 87.63 -10.19 -20.36
C ILE SA 139 87.53 -11.61 -20.92
N VAL SA 140 88.68 -12.17 -21.33
CA VAL SA 140 88.69 -13.51 -21.91
C VAL SA 140 88.11 -14.52 -20.92
N ALA SA 141 88.52 -14.42 -19.65
CA ALA SA 141 88.01 -15.34 -18.64
C ALA SA 141 86.54 -15.13 -18.34
N ALA SA 142 85.94 -14.05 -18.82
CA ALA SA 142 84.53 -13.76 -18.57
C ALA SA 142 83.63 -14.02 -19.77
N ILE SA 143 84.20 -14.19 -20.96
CA ILE SA 143 83.38 -14.40 -22.15
C ILE SA 143 82.66 -15.74 -22.05
N SER SA 144 81.39 -15.75 -22.41
CA SER SA 144 80.59 -16.96 -22.29
C SER SA 144 81.09 -18.04 -23.25
N PRO SA 145 81.04 -19.31 -22.84
CA PRO SA 145 81.50 -20.37 -23.76
C PRO SA 145 80.71 -20.44 -25.05
N ASP SA 146 79.43 -20.13 -25.02
CA ASP SA 146 78.57 -20.30 -26.20
C ASP SA 146 78.93 -19.34 -27.34
N PHE SA 147 79.75 -18.33 -27.08
CA PHE SA 147 80.09 -17.38 -28.13
C PHE SA 147 80.78 -18.12 -29.27
N PRO SA 148 80.36 -17.94 -30.53
CA PRO SA 148 80.96 -18.70 -31.63
C PRO SA 148 82.42 -18.39 -31.90
N TYR SA 149 83.06 -17.52 -31.11
CA TYR SA 149 84.44 -17.13 -31.35
C TYR SA 149 85.29 -17.54 -30.15
N GLU SA 150 86.54 -17.90 -30.44
CA GLU SA 150 87.47 -18.38 -29.42
C GLU SA 150 88.44 -17.26 -29.05
N ALA SA 151 88.51 -16.96 -27.76
CA ALA SA 151 89.40 -15.92 -27.24
C ALA SA 151 90.68 -16.56 -26.74
N THR SA 152 91.82 -16.01 -27.14
CA THR SA 152 93.12 -16.59 -26.82
C THR SA 152 93.82 -15.89 -25.65
N ALA SA 153 93.53 -14.61 -25.42
CA ALA SA 153 94.13 -13.86 -24.31
C ALA SA 153 95.65 -13.82 -24.45
N ALA SA 154 96.10 -13.17 -25.52
CA ALA SA 154 97.52 -13.01 -25.77
C ALA SA 154 98.06 -11.90 -24.86
N ALA SA 155 99.32 -11.50 -25.07
CA ALA SA 155 99.98 -10.53 -24.21
C ALA SA 155 99.51 -9.13 -24.60
N GLY SA 156 98.47 -8.65 -23.92
CA GLY SA 156 97.96 -7.31 -24.11
C GLY SA 156 96.91 -7.16 -25.18
N VAL SA 157 96.68 -8.20 -25.99
CA VAL SA 157 95.67 -8.17 -27.04
C VAL SA 157 94.93 -9.49 -27.04
N ILE SA 158 93.62 -9.45 -27.25
CA ILE SA 158 92.78 -10.63 -27.27
C ILE SA 158 92.34 -10.87 -28.71
N THR SA 159 92.52 -12.10 -29.18
CA THR SA 159 92.23 -12.48 -30.55
C THR SA 159 91.00 -13.36 -30.58
N LEU SA 160 90.07 -13.06 -31.48
CA LEU SA 160 88.84 -13.83 -31.66
C LEU SA 160 88.90 -14.54 -33.00
N THR SA 161 88.93 -15.87 -32.98
CA THR SA 161 88.94 -16.69 -34.17
C THR SA 161 87.62 -17.44 -34.27
N ALA SA 162 87.00 -17.37 -35.45
CA ALA SA 162 85.71 -18.03 -35.65
C ALA SA 162 85.85 -19.53 -35.45
N ARG SA 163 84.84 -20.13 -34.82
CA ARG SA 163 84.84 -21.58 -34.60
C ARG SA 163 84.37 -22.36 -35.82
N ASN SA 164 83.87 -21.68 -36.84
CA ASN SA 164 83.44 -22.32 -38.08
C ASN SA 164 84.12 -21.64 -39.26
N GLY SA 165 84.57 -22.43 -40.21
CA GLY SA 165 85.20 -21.90 -41.40
C GLY SA 165 84.19 -21.31 -42.36
N GLY SA 166 84.71 -20.68 -43.41
CA GLY SA 166 83.88 -20.10 -44.44
C GLY SA 166 83.49 -18.66 -44.15
N THR SA 167 82.69 -18.12 -45.06
CA THR SA 167 82.30 -16.73 -45.02
C THR SA 167 81.34 -16.41 -43.87
N ILE SA 168 80.82 -17.42 -43.17
CA ILE SA 168 79.81 -17.18 -42.16
C ILE SA 168 80.34 -16.25 -41.07
N GLY SA 169 81.63 -16.32 -40.78
CA GLY SA 169 82.20 -15.51 -39.72
C GLY SA 169 82.79 -14.21 -40.21
N ASN SA 170 81.96 -13.35 -40.82
CA ASN SA 170 82.41 -12.07 -41.35
C ASN SA 170 81.40 -10.97 -41.02
N HIS SA 171 80.85 -10.99 -39.80
CA HIS SA 171 79.78 -10.06 -39.43
C HIS SA 171 79.97 -9.67 -37.97
N LEU SA 172 80.64 -8.55 -37.73
CA LEU SA 172 80.83 -8.04 -36.38
C LEU SA 172 80.67 -6.52 -36.36
N SER SA 173 80.20 -6.01 -35.21
CA SER SA 173 80.24 -4.60 -34.87
C SER SA 173 80.03 -4.48 -33.36
N VAL SA 174 80.98 -3.88 -32.66
CA VAL SA 174 81.01 -3.93 -31.20
C VAL SA 174 80.55 -2.59 -30.63
N ILE SA 175 79.74 -2.66 -29.59
CA ILE SA 175 79.31 -1.49 -28.83
C ILE SA 175 79.92 -1.61 -27.44
N TYR SA 176 80.56 -0.53 -26.98
CA TYR SA 176 81.46 -0.60 -25.84
C TYR SA 176 81.24 0.63 -24.97
N THR SA 177 81.79 0.58 -23.75
CA THR SA 177 81.59 1.61 -22.74
C THR SA 177 82.80 2.51 -22.56
N ASN SA 178 84.00 1.95 -22.42
CA ASN SA 178 85.14 2.73 -21.95
C ASN SA 178 85.73 3.63 -23.03
N LEU SA 179 84.94 4.57 -23.52
CA LEU SA 179 85.49 5.71 -24.27
C LEU SA 179 84.81 7.03 -23.93
N GLY SA 180 83.67 7.01 -23.25
CA GLY SA 180 82.98 8.23 -22.87
C GLY SA 180 82.85 8.38 -21.37
N SER SA 181 81.74 8.96 -20.92
CA SER SA 181 81.48 9.19 -19.51
C SER SA 181 80.32 8.32 -19.06
N CYS SA 182 80.46 7.69 -17.90
CA CYS SA 182 79.44 6.81 -17.38
C CYS SA 182 79.51 6.78 -15.86
N THR SA 183 78.34 6.69 -15.21
CA THR SA 183 78.30 6.60 -13.76
C THR SA 183 79.02 5.36 -13.27
N SER SA 184 78.83 4.23 -13.96
CA SER SA 184 79.60 3.02 -13.66
C SER SA 184 81.01 3.32 -14.12
N VAL SA 185 81.78 3.89 -13.21
CA VAL SA 185 82.97 4.68 -13.55
C VAL SA 185 83.80 3.94 -14.57
N THR SA 186 84.03 4.58 -15.71
CA THR SA 186 84.94 4.03 -16.70
C THR SA 186 86.36 4.24 -16.20
N PRO SA 187 87.17 3.19 -16.04
CA PRO SA 187 88.54 3.41 -15.55
C PRO SA 187 89.27 4.40 -16.44
N GLU SA 188 89.56 5.57 -15.90
CA GLU SA 188 90.07 6.66 -16.73
C GLU SA 188 91.42 6.28 -17.33
N GLY SA 189 91.58 6.56 -18.63
CA GLY SA 189 92.80 6.25 -19.34
C GLY SA 189 92.82 4.90 -20.02
N VAL SA 190 91.68 4.25 -20.18
CA VAL SA 190 91.58 2.95 -20.82
C VAL SA 190 90.72 3.08 -22.07
N THR SA 191 91.21 2.52 -23.17
CA THR SA 191 90.50 2.55 -24.44
C THR SA 191 90.65 1.19 -25.13
N VAL SA 192 89.82 0.97 -26.14
CA VAL SA 192 89.82 -0.29 -26.89
C VAL SA 192 89.72 0.02 -28.37
N ALA SA 193 90.44 -0.76 -29.17
CA ALA SA 193 90.45 -0.61 -30.62
C ALA SA 193 90.02 -1.92 -31.27
N PHE SA 194 89.25 -1.81 -32.35
CA PHE SA 194 88.64 -2.96 -33.00
C PHE SA 194 89.09 -3.00 -34.46
N ALA SA 195 89.54 -4.16 -34.91
CA ALA SA 195 90.01 -4.30 -36.29
C ALA SA 195 89.95 -5.77 -36.68
N GLN SA 196 90.02 -6.02 -37.99
CA GLN SA 196 89.99 -7.35 -38.56
C GLN SA 196 91.30 -7.63 -39.29
N THR SA 197 91.69 -8.90 -39.33
CA THR SA 197 92.97 -9.29 -39.92
C THR SA 197 92.87 -10.42 -40.93
N THR SA 198 91.78 -11.20 -40.95
CA THR SA 198 91.69 -12.30 -41.91
C THR SA 198 90.23 -12.68 -42.13
N PRO SA 199 89.75 -12.74 -43.37
CA PRO SA 199 88.37 -13.11 -43.63
C PRO SA 199 88.20 -14.60 -43.90
N GLY SA 200 86.93 -15.02 -44.02
CA GLY SA 200 86.63 -16.39 -44.38
C GLY SA 200 86.89 -16.67 -45.85
N SER SA 201 87.04 -17.95 -46.17
CA SER SA 201 87.48 -18.36 -47.50
C SER SA 201 86.44 -19.16 -48.28
N VAL SA 202 85.97 -20.29 -47.74
CA VAL SA 202 85.26 -21.29 -48.54
C VAL SA 202 84.02 -21.78 -47.79
N ASN SA 203 82.91 -21.90 -48.52
CA ASN SA 203 81.66 -22.42 -47.99
C ASN SA 203 81.33 -23.77 -48.61
N PRO SA 204 80.61 -24.63 -47.91
CA PRO SA 204 80.17 -25.90 -48.50
C PRO SA 204 78.98 -25.69 -49.43
N GLU SA 205 78.85 -26.59 -50.39
CA GLU SA 205 77.77 -26.56 -51.38
C GLU SA 205 77.17 -27.94 -51.54
N PRO SA 206 76.50 -28.45 -50.50
CA PRO SA 206 75.81 -29.73 -50.63
C PRO SA 206 74.74 -29.67 -51.70
N ASN SA 207 74.60 -30.78 -52.44
CA ASN SA 207 73.62 -30.87 -53.51
C ASN SA 207 72.95 -32.24 -53.49
N ASP SA 208 72.63 -32.73 -52.29
CA ASP SA 208 72.00 -34.04 -52.11
C ASP SA 208 70.71 -33.92 -51.31
N TYR SA 209 69.89 -32.90 -51.64
CA TYR SA 209 68.62 -32.74 -50.95
C TYR SA 209 67.61 -33.81 -51.35
N ALA SA 210 67.82 -34.49 -52.47
CA ALA SA 210 66.89 -35.52 -52.90
C ALA SA 210 67.12 -36.85 -52.20
N SER SA 211 68.22 -36.99 -51.45
CA SER SA 211 68.56 -38.24 -50.80
C SER SA 211 68.34 -38.21 -49.30
N VAL SA 212 68.41 -37.04 -48.66
CA VAL SA 212 68.34 -36.96 -47.21
C VAL SA 212 66.96 -36.48 -46.76
N VAL SA 213 66.29 -35.70 -47.61
CA VAL SA 213 64.94 -35.23 -47.34
C VAL SA 213 64.04 -35.79 -48.45
N ASN SA 214 64.38 -37.00 -48.91
CA ASN SA 214 63.88 -37.53 -50.17
C ASN SA 214 62.39 -37.28 -50.35
N GLU SA 215 61.55 -37.83 -49.48
CA GLU SA 215 60.11 -37.75 -49.66
C GLU SA 215 59.43 -37.53 -48.30
N CYS SA 216 59.95 -36.59 -47.53
CA CYS SA 216 59.36 -36.20 -46.25
C CYS SA 216 58.85 -34.77 -46.34
N CYS SA 217 57.66 -34.54 -45.78
CA CYS SA 217 57.04 -33.23 -45.83
C CYS SA 217 57.53 -32.36 -44.68
N PHE SA 218 58.04 -31.18 -45.01
CA PHE SA 218 58.50 -30.21 -44.02
C PHE SA 218 57.78 -28.89 -44.27
N ALA SA 219 57.22 -28.32 -43.21
CA ALA SA 219 56.43 -27.10 -43.36
C ALA SA 219 57.32 -25.90 -43.67
N VAL SA 220 58.42 -25.76 -42.96
CA VAL SA 220 59.29 -24.59 -43.07
C VAL SA 220 60.74 -25.04 -43.11
N TYR SA 221 61.50 -24.52 -44.07
CA TYR SA 221 62.93 -24.77 -44.15
C TYR SA 221 63.67 -23.51 -43.70
N VAL SA 222 64.67 -23.70 -42.84
CA VAL SA 222 65.51 -22.62 -42.34
C VAL SA 222 66.95 -22.93 -42.70
N LEU SA 223 67.63 -21.97 -43.30
CA LEU SA 223 69.01 -22.13 -43.76
C LEU SA 223 69.86 -21.04 -43.12
N SER SA 224 70.84 -21.44 -42.32
CA SER SA 224 71.73 -20.50 -41.65
C SER SA 224 73.03 -20.36 -42.43
N SER SA 225 72.92 -19.68 -43.58
CA SER SA 225 74.08 -19.41 -44.41
C SER SA 225 73.78 -18.24 -45.32
N ASP SA 226 74.83 -17.68 -45.90
CA ASP SA 226 74.72 -16.55 -46.82
C ASP SA 226 75.26 -16.86 -48.20
N ASP SA 227 75.72 -18.09 -48.44
CA ASP SA 227 76.19 -18.45 -49.77
C ASP SA 227 75.03 -18.46 -50.76
N THR SA 228 75.15 -17.70 -51.84
CA THR SA 228 74.07 -17.63 -52.81
C THR SA 228 73.85 -18.97 -53.48
N ASP SA 229 74.92 -19.68 -53.83
CA ASP SA 229 74.77 -20.97 -54.50
C ASP SA 229 74.08 -21.98 -53.60
N TRP SA 230 74.42 -21.98 -52.30
CA TRP SA 230 73.74 -22.89 -51.37
C TRP SA 230 72.25 -22.59 -51.31
N GLN SA 231 71.89 -21.31 -51.25
CA GLN SA 231 70.48 -20.94 -51.24
C GLN SA 231 69.80 -21.34 -52.53
N GLU SA 232 70.49 -21.18 -53.67
CA GLU SA 232 69.88 -21.52 -54.95
C GLU SA 232 69.50 -22.99 -55.01
N ASN SA 233 70.36 -23.87 -54.49
CA ASN SA 233 70.03 -25.29 -54.47
C ASN SA 233 68.79 -25.56 -53.63
N LEU SA 234 68.67 -24.88 -52.49
CA LEU SA 234 67.49 -25.06 -51.65
C LEU SA 234 66.23 -24.66 -52.39
N ARG SA 235 66.28 -23.54 -53.13
CA ARG SA 235 65.10 -23.11 -53.88
C ARG SA 235 64.70 -24.15 -54.91
N ASP SA 236 65.67 -24.72 -55.63
CA ASP SA 236 65.37 -25.72 -56.64
C ASP SA 236 64.69 -26.93 -56.02
N TRP SA 237 65.15 -27.34 -54.83
CA TRP SA 237 64.51 -28.46 -54.15
C TRP SA 237 63.05 -28.15 -53.84
N ILE SA 238 62.78 -26.93 -53.36
CA ILE SA 238 61.40 -26.56 -53.03
C ILE SA 238 60.52 -26.63 -54.28
N ARG SA 239 61.03 -26.11 -55.40
CA ARG SA 239 60.28 -26.20 -56.65
C ARG SA 239 59.86 -27.63 -56.93
N SER SA 240 60.80 -28.57 -56.81
CA SER SA 240 60.48 -29.97 -57.05
C SER SA 240 59.39 -30.45 -56.09
N ALA SA 241 59.37 -29.90 -54.87
CA ALA SA 241 58.34 -30.29 -53.91
C ALA SA 241 56.96 -29.79 -54.35
N TRP SA 242 56.90 -28.63 -54.99
CA TRP SA 242 55.66 -28.07 -55.51
C TRP SA 242 55.38 -28.52 -56.95
N ASP SA 243 56.20 -29.41 -57.49
CA ASP SA 243 56.11 -29.78 -58.90
C ASP SA 243 54.83 -30.56 -59.18
N CYS SA 244 54.51 -30.67 -60.47
CA CYS SA 244 53.32 -31.37 -60.94
C CYS SA 244 53.59 -32.80 -61.37
N SER SA 245 54.85 -33.27 -61.29
CA SER SA 245 55.21 -34.58 -61.80
C SER SA 245 54.98 -35.70 -60.79
N LYS SA 246 54.51 -35.39 -59.59
CA LYS SA 246 54.34 -36.40 -58.55
C LYS SA 246 53.56 -35.79 -57.41
N PRO SA 247 53.14 -36.59 -56.44
CA PRO SA 247 52.47 -36.02 -55.26
C PRO SA 247 53.35 -34.98 -54.58
N GLN SA 248 52.71 -33.91 -54.11
CA GLN SA 248 53.43 -32.75 -53.63
C GLN SA 248 53.70 -32.84 -52.13
N CYS SA 249 54.80 -32.23 -51.71
CA CYS SA 249 55.15 -32.07 -50.30
C CYS SA 249 55.40 -30.58 -50.11
N PHE SA 250 54.34 -29.83 -49.86
CA PHE SA 250 54.45 -28.37 -49.83
C PHE SA 250 55.40 -27.93 -48.73
N GLY SA 251 55.94 -26.73 -48.89
CA GLY SA 251 56.86 -26.18 -47.91
C GLY SA 251 57.27 -24.77 -48.29
N HIS SA 252 58.06 -24.16 -47.41
CA HIS SA 252 58.56 -22.80 -47.64
C HIS SA 252 59.94 -22.69 -47.02
N GLY SA 253 60.73 -21.75 -47.55
CA GLY SA 253 62.08 -21.57 -47.11
C GLY SA 253 62.36 -20.14 -46.71
N TYR SA 254 63.29 -19.99 -45.77
CA TYR SA 254 63.67 -18.68 -45.23
C TYR SA 254 65.17 -18.50 -45.35
N VAL SA 255 65.59 -17.37 -45.92
CA VAL SA 255 66.99 -17.05 -46.11
C VAL SA 255 67.17 -15.55 -45.92
N PHE SA 256 68.43 -15.13 -45.76
CA PHE SA 256 68.76 -13.73 -45.55
C PHE SA 256 69.87 -13.31 -46.49
N ASN SA 257 69.84 -12.04 -46.87
CA ASN SA 257 70.87 -11.43 -47.70
C ASN SA 257 71.33 -10.14 -47.04
N LYS SA 258 72.65 -9.94 -46.99
CA LYS SA 258 73.24 -8.81 -46.28
C LYS SA 258 74.21 -8.08 -47.19
N GLY SA 259 74.24 -6.76 -47.06
CA GLY SA 259 75.14 -5.94 -47.84
C GLY SA 259 74.52 -4.58 -48.10
N THR SA 260 75.19 -3.81 -48.95
CA THR SA 260 74.67 -2.51 -49.34
C THR SA 260 73.42 -2.68 -50.21
N LEU SA 261 72.79 -1.56 -50.55
CA LEU SA 261 71.57 -1.62 -51.34
C LEU SA 261 71.81 -2.24 -52.70
N GLY SA 262 72.91 -1.86 -53.36
CA GLY SA 262 73.19 -2.41 -54.68
C GLY SA 262 73.40 -3.92 -54.64
N GLN SA 263 74.16 -4.40 -53.65
CA GLN SA 263 74.41 -5.83 -53.56
C GLN SA 263 73.14 -6.61 -53.30
N VAL SA 264 72.29 -6.11 -52.39
CA VAL SA 264 71.10 -6.85 -52.00
C VAL SA 264 70.15 -6.98 -53.18
N LEU SA 265 69.95 -5.89 -53.93
CA LEU SA 265 69.01 -5.92 -55.04
C LEU SA 265 69.43 -6.89 -56.13
N ALA SA 266 70.70 -7.32 -56.15
CA ALA SA 266 71.20 -8.21 -57.18
C ALA SA 266 70.93 -9.67 -56.89
N ASP SA 267 70.31 -10.00 -55.75
CA ASP SA 267 70.02 -11.37 -55.38
C ASP SA 267 68.56 -11.75 -55.60
N GLY SA 268 67.77 -10.87 -56.21
CA GLY SA 268 66.36 -11.13 -56.42
C GLY SA 268 66.08 -11.97 -57.66
N ASP SA 269 66.29 -13.27 -57.58
CA ASP SA 269 66.10 -14.16 -58.72
C ASP SA 269 64.66 -14.64 -58.84
N ASN SA 270 63.70 -13.73 -58.66
CA ASN SA 270 62.28 -14.04 -58.84
C ASN SA 270 61.93 -15.39 -58.22
N SER SA 271 62.31 -15.56 -56.96
CA SER SA 271 62.09 -16.81 -56.24
C SER SA 271 60.72 -16.76 -55.57
N ALA SA 272 59.74 -17.45 -56.15
CA ALA SA 272 58.42 -17.53 -55.54
C ALA SA 272 58.38 -18.44 -54.33
N GLU SA 273 59.43 -19.24 -54.10
CA GLU SA 273 59.46 -20.24 -53.04
C GLU SA 273 60.36 -19.84 -51.88
N LEU SA 274 60.80 -18.59 -51.82
CA LEU SA 274 61.69 -18.13 -50.76
C LEU SA 274 61.27 -16.76 -50.28
N SER SA 275 61.57 -16.48 -49.01
CA SER SA 275 61.34 -15.18 -48.39
C SER SA 275 62.69 -14.65 -47.94
N ARG SA 276 63.25 -13.73 -48.72
CA ARG SA 276 64.60 -13.25 -48.49
C ARG SA 276 64.55 -12.05 -47.54
N LEU SA 277 65.20 -12.19 -46.38
CA LEU SA 277 65.28 -11.12 -45.41
C LEU SA 277 66.48 -10.24 -45.72
N ALA SA 278 66.26 -8.93 -45.79
CA ALA SA 278 67.29 -7.97 -46.16
C ALA SA 278 67.80 -7.26 -44.91
N LEU SA 279 69.13 -7.23 -44.75
CA LEU SA 279 69.76 -6.58 -43.62
C LEU SA 279 70.86 -5.65 -44.12
N PRO SA 280 71.17 -4.60 -43.38
CA PRO SA 280 72.19 -3.64 -43.80
C PRO SA 280 73.60 -4.15 -43.50
N THR SA 281 74.58 -3.32 -43.84
CA THR SA 281 75.98 -3.70 -43.67
C THR SA 281 76.47 -3.57 -42.23
N THR SA 282 75.75 -2.84 -41.39
CA THR SA 282 76.17 -2.58 -40.02
C THR SA 282 75.11 -3.04 -39.02
N TYR SA 283 74.57 -4.23 -39.24
CA TYR SA 283 73.59 -4.78 -38.31
C TYR SA 283 74.28 -5.18 -37.02
N PRO SA 284 73.85 -4.70 -35.86
CA PRO SA 284 74.56 -5.00 -34.61
C PRO SA 284 74.30 -6.40 -34.05
N VAL SA 285 73.67 -7.29 -34.81
CA VAL SA 285 73.38 -8.64 -34.37
C VAL SA 285 73.84 -9.62 -35.43
N LEU SA 286 74.32 -10.78 -35.00
CA LEU SA 286 74.76 -11.79 -35.96
C LEU SA 286 73.60 -12.13 -36.89
N PRO SA 287 73.83 -12.23 -38.20
CA PRO SA 287 72.71 -12.34 -39.13
C PRO SA 287 71.81 -13.55 -38.88
N TYR SA 288 72.39 -14.75 -38.88
CA TYR SA 288 71.56 -15.95 -38.88
C TYR SA 288 70.65 -16.05 -37.66
N LEU SA 289 71.01 -15.38 -36.55
CA LEU SA 289 70.14 -15.41 -35.39
C LEU SA 289 68.80 -14.77 -35.69
N THR SA 290 68.81 -13.61 -36.35
CA THR SA 290 67.56 -12.94 -36.70
C THR SA 290 66.75 -13.78 -37.69
N ASN SA 291 67.41 -14.36 -38.70
CA ASN SA 291 66.68 -15.16 -39.67
C ASN SA 291 66.04 -16.38 -39.01
N ALA SA 292 66.76 -17.02 -38.09
CA ALA SA 292 66.19 -18.17 -37.39
C ALA SA 292 64.95 -17.78 -36.59
N ALA SA 293 65.00 -16.62 -35.93
CA ALA SA 293 63.85 -16.17 -35.15
C ALA SA 293 62.64 -15.96 -36.04
N TYR SA 294 62.83 -15.34 -37.21
CA TYR SA 294 61.71 -15.12 -38.11
C TYR SA 294 61.13 -16.45 -38.60
N GLY SA 295 61.99 -17.39 -38.97
CA GLY SA 295 61.49 -18.69 -39.42
C GLY SA 295 60.74 -19.43 -38.33
N ALA SA 296 61.30 -19.43 -37.12
CA ALA SA 296 60.63 -20.12 -36.02
C ALA SA 296 59.27 -19.50 -35.73
N LEU SA 297 59.20 -18.18 -35.69
CA LEU SA 297 57.93 -17.51 -35.42
C LEU SA 297 56.92 -17.81 -36.53
N SER SA 298 57.36 -17.74 -37.79
CA SER SA 298 56.45 -18.00 -38.90
C SER SA 298 56.08 -19.47 -39.02
N ALA SA 299 56.78 -20.36 -38.32
CA ALA SA 299 56.43 -21.77 -38.33
C ALA SA 299 55.09 -21.98 -37.68
N CYS SA 300 54.65 -23.24 -37.57
CA CYS SA 300 53.34 -23.53 -36.98
C CYS SA 300 53.18 -22.92 -35.60
N SER SA 301 54.27 -22.52 -34.95
CA SER SA 301 54.16 -21.82 -33.68
C SER SA 301 53.23 -20.62 -33.79
N THR SA 302 53.06 -20.08 -34.98
CA THR SA 302 52.07 -19.04 -35.26
C THR SA 302 51.15 -19.41 -36.40
N CYS SA 303 51.66 -20.10 -37.42
CA CYS SA 303 50.89 -20.36 -38.64
C CYS SA 303 50.30 -21.77 -38.60
N GLU SA 304 49.38 -21.97 -37.66
CA GLU SA 304 48.40 -23.04 -37.77
C GLU SA 304 47.15 -22.58 -38.50
N ASN SA 305 46.96 -21.27 -38.62
CA ASN SA 305 45.93 -20.68 -39.45
C ASN SA 305 46.60 -20.15 -40.71
N PRO SA 306 46.40 -20.77 -41.88
CA PRO SA 306 47.18 -20.34 -43.05
C PRO SA 306 47.00 -18.89 -43.41
N GLU SA 307 45.84 -18.30 -43.14
CA GLU SA 307 45.56 -16.94 -43.59
C GLU SA 307 46.12 -15.87 -42.67
N LEU SA 308 46.75 -16.24 -41.56
CA LEU SA 308 47.30 -15.26 -40.63
C LEU SA 308 48.56 -14.64 -41.19
N ASN SA 309 48.67 -13.32 -41.13
CA ASN SA 309 49.83 -12.60 -41.61
C ASN SA 309 50.78 -12.29 -40.46
N VAL SA 310 52.06 -12.56 -40.65
CA VAL SA 310 53.07 -12.34 -39.62
C VAL SA 310 53.68 -10.97 -39.90
N GLN SA 311 53.07 -9.92 -39.36
CA GLN SA 311 53.54 -8.56 -39.53
C GLN SA 311 53.27 -7.79 -38.24
N GLY SA 312 53.42 -6.47 -38.31
CA GLY SA 312 53.04 -5.61 -37.21
C GLY SA 312 53.84 -5.83 -35.95
N GLN SA 313 53.64 -4.95 -34.96
CA GLN SA 313 54.33 -5.05 -33.69
C GLN SA 313 53.69 -6.05 -32.73
N THR SA 314 52.51 -6.57 -33.06
CA THR SA 314 51.83 -7.54 -32.21
C THR SA 314 52.16 -8.97 -32.59
N TYR SA 315 52.25 -9.27 -33.89
CA TYR SA 315 52.52 -10.61 -34.37
C TYR SA 315 53.95 -10.82 -34.81
N GLY SA 316 54.52 -9.86 -35.54
CA GLY SA 316 55.87 -10.00 -36.04
C GLY SA 316 56.92 -9.43 -35.11
N LEU SA 317 56.85 -9.79 -33.83
CA LEU SA 317 57.79 -9.31 -32.82
C LEU SA 317 58.79 -10.42 -32.50
N LEU SA 318 60.05 -10.20 -32.86
CA LEU SA 318 61.12 -11.14 -32.54
C LEU SA 318 61.59 -10.87 -31.11
N SER SA 319 60.79 -11.31 -30.15
CA SER SA 319 61.04 -10.99 -28.76
C SER SA 319 62.36 -11.56 -28.27
N CYS SA 320 62.79 -12.70 -28.81
CA CYS SA 320 63.98 -13.38 -28.31
C CYS SA 320 65.27 -12.66 -28.67
N ILE SA 321 65.22 -11.49 -29.30
CA ILE SA 321 66.40 -10.76 -29.75
C ILE SA 321 66.38 -9.38 -29.12
N ASN SA 322 67.50 -8.99 -28.52
CA ASN SA 322 67.68 -7.67 -27.93
C ASN SA 322 68.90 -7.01 -28.53
N MET SA 323 68.76 -5.77 -28.97
CA MET SA 323 69.85 -5.04 -29.59
C MET SA 323 69.74 -3.57 -29.24
N PRO SA 324 70.85 -2.89 -28.99
CA PRO SA 324 70.78 -1.46 -28.66
C PRO SA 324 70.39 -0.62 -29.86
N GLU SA 325 69.79 0.53 -29.58
CA GLU SA 325 69.39 1.46 -30.62
C GLU SA 325 70.62 2.04 -31.31
N SER SA 326 70.54 2.18 -32.63
CA SER SA 326 71.64 2.69 -33.43
C SER SA 326 71.47 4.19 -33.69
N CYS SA 327 72.59 4.84 -33.97
CA CYS SA 327 72.58 6.29 -34.19
C CYS SA 327 71.82 6.68 -35.46
N THR SA 328 71.71 5.78 -36.42
CA THR SA 328 71.06 6.05 -37.70
C THR SA 328 70.09 4.92 -38.00
N PRO SA 329 68.96 5.21 -38.67
CA PRO SA 329 67.99 4.16 -38.97
C PRO SA 329 68.56 2.96 -39.70
N GLY SA 330 69.75 3.08 -40.30
CA GLY SA 330 70.33 1.96 -41.03
C GLY SA 330 69.80 1.87 -42.44
N TRP SA 331 68.55 1.44 -42.59
CA TRP SA 331 67.88 1.44 -43.87
C TRP SA 331 67.13 2.76 -44.02
N GLU SA 332 67.65 3.65 -44.87
CA GLU SA 332 66.99 4.92 -45.09
C GLU SA 332 65.63 4.71 -45.74
N PHE SA 333 64.71 5.63 -45.46
CA PHE SA 333 63.32 5.44 -45.91
C PHE SA 333 63.25 5.33 -47.42
N THR SA 334 63.99 6.17 -48.15
CA THR SA 334 64.02 6.07 -49.60
C THR SA 334 64.51 4.71 -50.06
N GLU SA 335 65.27 4.00 -49.22
CA GLU SA 335 65.71 2.65 -49.53
C GLU SA 335 64.73 1.59 -49.04
N VAL SA 336 64.01 1.86 -47.95
CA VAL SA 336 63.03 0.91 -47.45
C VAL SA 336 61.94 0.67 -48.48
N THR SA 337 61.46 1.74 -49.12
CA THR SA 337 60.40 1.59 -50.11
C THR SA 337 60.88 0.77 -51.30
N GLN SA 338 62.11 0.99 -51.76
CA GLN SA 338 62.62 0.24 -52.90
C GLN SA 338 62.69 -1.26 -52.59
N LEU SA 339 63.18 -1.61 -51.40
CA LEU SA 339 63.28 -3.02 -51.04
C LEU SA 339 61.91 -3.68 -50.99
N GLN SA 340 60.93 -3.00 -50.40
CA GLN SA 340 59.59 -3.56 -50.33
C GLN SA 340 58.98 -3.71 -51.72
N ASN SA 341 59.19 -2.71 -52.59
CA ASN SA 341 58.66 -2.79 -53.95
C ASN SA 341 59.34 -3.88 -54.77
N ASN SA 342 60.54 -4.31 -54.39
CA ASN SA 342 61.29 -5.33 -55.12
C ASN SA 342 61.12 -6.72 -54.53
N GLY SA 343 60.30 -6.88 -53.49
CA GLY SA 343 60.04 -8.20 -52.95
C GLY SA 343 61.05 -8.64 -51.93
N PHE SA 344 61.23 -7.86 -50.86
CA PHE SA 344 62.14 -8.20 -49.78
C PHE SA 344 61.46 -7.95 -48.44
N VAL SA 345 61.90 -8.66 -47.42
CA VAL SA 345 61.40 -8.48 -46.06
C VAL SA 345 62.34 -7.54 -45.33
N VAL SA 346 61.78 -6.50 -44.70
CA VAL SA 346 62.55 -5.48 -44.00
C VAL SA 346 62.07 -5.43 -42.56
N SER SA 347 63.03 -5.35 -41.64
CA SER SA 347 62.76 -5.31 -40.22
C SER SA 347 63.35 -4.04 -39.61
N GLY SA 348 62.76 -3.61 -38.49
CA GLY SA 348 63.21 -2.42 -37.81
C GLY SA 348 62.89 -2.46 -36.33
N PRO SA 349 63.38 -1.48 -35.58
CA PRO SA 349 63.15 -1.46 -34.13
C PRO SA 349 61.67 -1.36 -33.82
N ALA SA 350 61.25 -2.06 -32.76
CA ALA SA 350 59.84 -2.09 -32.39
C ALA SA 350 59.39 -0.80 -31.75
N THR SA 351 60.19 -0.24 -30.84
CA THR SA 351 59.82 0.95 -30.10
C THR SA 351 60.94 1.98 -30.21
N THR SA 352 60.58 3.21 -30.57
CA THR SA 352 61.53 4.30 -30.59
C THR SA 352 61.96 4.61 -29.16
N SER SA 353 63.26 4.68 -28.94
CA SER SA 353 63.81 4.87 -27.60
C SER SA 353 65.09 5.69 -27.70
N GLY SA 354 65.67 5.98 -26.54
CA GLY SA 354 66.86 6.81 -26.52
C GLY SA 354 68.01 6.16 -27.28
N GLN SA 355 68.79 7.00 -27.96
CA GLN SA 355 69.95 6.52 -28.70
C GLN SA 355 70.90 5.78 -27.77
N GLY SA 356 71.10 4.50 -28.04
CA GLY SA 356 71.95 3.65 -27.22
C GLY SA 356 71.21 2.70 -26.30
N ASN SA 357 69.91 2.89 -26.12
CA ASN SA 357 69.14 2.02 -25.25
C ASN SA 357 68.74 0.73 -25.98
N PHE SA 358 68.24 -0.23 -25.20
CA PHE SA 358 67.90 -1.54 -25.72
C PHE SA 358 66.50 -1.55 -26.30
N THR SA 359 66.31 -2.31 -27.38
CA THR SA 359 65.03 -2.45 -28.04
C THR SA 359 64.93 -3.86 -28.61
N SER SA 360 63.93 -4.08 -29.45
CA SER SA 360 63.74 -5.35 -30.15
C SER SA 360 63.27 -5.07 -31.57
N PRO SA 361 63.55 -5.98 -32.50
CA PRO SA 361 63.13 -5.77 -33.88
C PRO SA 361 61.76 -6.37 -34.18
N TYR SA 362 61.16 -5.89 -35.26
CA TYR SA 362 59.90 -6.43 -35.75
C TYR SA 362 59.86 -6.30 -37.26
N ILE SA 363 58.95 -7.04 -37.88
CA ILE SA 363 58.91 -7.19 -39.33
C ILE SA 363 57.83 -6.28 -39.90
N TYR SA 364 58.19 -5.52 -40.94
CA TYR SA 364 57.23 -4.62 -41.57
C TYR SA 364 56.25 -5.37 -42.44
N ASN SA 365 56.74 -6.06 -43.46
CA ASN SA 365 55.89 -6.73 -44.44
C ASN SA 365 56.31 -8.18 -44.59
N ASP SA 366 55.32 -9.07 -44.54
CA ASP SA 366 55.55 -10.51 -44.77
C ASP SA 366 55.28 -10.78 -46.24
N VAL SA 367 56.34 -10.71 -47.04
CA VAL SA 367 56.24 -10.83 -48.50
C VAL SA 367 57.34 -11.74 -48.99
N THR SA 368 57.01 -12.59 -49.97
CA THR SA 368 57.98 -13.48 -50.58
C THR SA 368 58.79 -12.70 -51.61
N ASN SA 369 59.59 -13.40 -52.41
CA ASN SA 369 60.41 -12.79 -53.45
C ASN SA 369 59.81 -13.02 -54.83
N TYR SA 370 58.49 -12.98 -54.94
CA TYR SA 370 57.80 -13.27 -56.19
C TYR SA 370 57.63 -12.00 -57.01
N LEU SA 371 58.00 -12.07 -58.28
CA LEU SA 371 57.80 -10.98 -59.22
C LEU SA 371 57.58 -11.57 -60.60
N ARG SA 372 56.90 -10.82 -61.45
CA ARG SA 372 56.62 -11.27 -62.81
C ARG SA 372 55.94 -12.63 -62.79
N ASP SA 373 55.97 -13.35 -63.91
CA ASP SA 373 55.23 -14.60 -64.04
C ASP SA 373 55.98 -15.52 -64.99
N GLU SA 374 55.41 -16.71 -65.22
CA GLU SA 374 56.02 -17.64 -66.16
C GLU SA 374 56.00 -17.08 -67.59
N LYS SA 375 54.92 -16.39 -67.95
CA LYS SA 375 54.81 -15.74 -69.25
C LYS SA 375 55.44 -14.36 -69.26
N ASN SA 376 56.10 -13.96 -68.17
CA ASN SA 376 56.81 -12.69 -68.01
C ASN SA 376 55.87 -11.53 -67.76
N ARG SA 377 54.60 -11.79 -67.39
CA ARG SA 377 53.71 -10.70 -67.05
C ARG SA 377 53.85 -10.34 -65.58
N PRO SA 378 53.64 -9.08 -65.20
CA PRO SA 378 53.72 -8.70 -63.78
C PRO SA 378 52.41 -8.88 -63.05
N ASN SA 379 52.44 -9.55 -61.90
CA ASN SA 379 51.25 -9.71 -61.07
C ASN SA 379 51.71 -9.98 -59.65
N ALA SA 380 50.73 -10.07 -58.75
CA ALA SA 380 50.98 -10.25 -57.32
C ALA SA 380 50.20 -11.44 -56.77
N THR SA 381 50.06 -12.49 -57.58
CA THR SA 381 49.31 -13.66 -57.14
C THR SA 381 49.95 -14.30 -55.90
N PHE SA 382 51.28 -14.42 -55.90
CA PHE SA 382 52.01 -15.00 -54.78
C PHE SA 382 52.87 -13.95 -54.08
N ARG SA 383 52.46 -12.69 -54.14
CA ARG SA 383 53.24 -11.63 -53.48
C ARG SA 383 53.31 -11.86 -51.99
N ASP SA 384 52.17 -12.08 -51.35
CA ASP SA 384 52.12 -12.26 -49.90
C ASP SA 384 52.43 -13.70 -49.53
N ALA SA 385 53.07 -13.87 -48.38
CA ALA SA 385 53.43 -15.21 -47.92
C ALA SA 385 52.20 -16.06 -47.67
N SER SA 386 51.14 -15.48 -47.09
CA SER SA 386 49.95 -16.25 -46.77
C SER SA 386 49.33 -16.88 -48.00
N SER SA 387 49.57 -16.34 -49.19
CA SER SA 387 49.03 -16.94 -50.39
C SER SA 387 49.55 -18.36 -50.58
N ARG SA 388 50.84 -18.56 -50.35
CA ARG SA 388 51.41 -19.91 -50.49
C ARG SA 388 50.78 -20.87 -49.49
N ARG SA 389 50.63 -20.44 -48.23
CA ARG SA 389 50.02 -21.30 -47.23
C ARG SA 389 48.57 -21.60 -47.57
N LEU SA 390 47.81 -20.59 -48.02
CA LEU SA 390 46.42 -20.83 -48.38
C LEU SA 390 46.30 -21.77 -49.56
N ALA SA 391 47.19 -21.63 -50.56
CA ALA SA 391 47.13 -22.50 -51.72
C ALA SA 391 47.35 -23.96 -51.32
N ALA SA 392 48.31 -24.21 -50.43
CA ALA SA 392 48.53 -25.58 -49.97
C ALA SA 392 47.32 -26.10 -49.22
N ALA SA 393 46.72 -25.26 -48.36
CA ALA SA 393 45.56 -25.71 -47.60
C ALA SA 393 44.39 -26.04 -48.52
N THR SA 394 44.20 -25.24 -49.57
CA THR SA 394 43.12 -25.51 -50.52
C THR SA 394 43.33 -26.85 -51.22
N GLY SA 395 44.57 -27.14 -51.62
CA GLY SA 395 44.83 -28.39 -52.31
C GLY SA 395 44.51 -29.60 -51.47
N VAL SA 396 44.97 -29.60 -50.21
CA VAL SA 396 44.70 -30.73 -49.32
C VAL SA 396 43.21 -30.83 -49.01
N ALA SA 397 42.59 -29.69 -48.68
CA ALA SA 397 41.17 -29.72 -48.33
C ALA SA 397 40.32 -30.19 -49.50
N LEU SA 398 40.61 -29.70 -50.71
CA LEU SA 398 39.85 -30.12 -51.89
C LEU SA 398 40.01 -31.61 -52.14
N ALA SA 399 41.23 -32.12 -52.02
CA ALA SA 399 41.47 -33.54 -52.28
C ALA SA 399 40.68 -34.41 -51.32
N THR SA 400 40.65 -34.04 -50.04
CA THR SA 400 39.89 -34.82 -49.07
C THR SA 400 38.41 -34.85 -49.42
N PHE SA 401 37.85 -33.72 -49.84
CA PHE SA 401 36.44 -33.67 -50.17
C PHE SA 401 36.11 -34.59 -51.34
N LEU SA 402 36.94 -34.60 -52.38
CA LEU SA 402 36.67 -35.40 -53.56
C LEU SA 402 36.79 -36.89 -53.30
N GLN SA 403 37.33 -37.30 -52.14
CA GLN SA 403 37.52 -38.72 -51.87
C GLN SA 403 36.20 -39.48 -51.85
N GLN SA 404 35.08 -38.80 -51.60
CA GLN SA 404 33.79 -39.49 -51.48
C GLN SA 404 33.33 -40.09 -52.80
N PHE SA 405 33.90 -39.70 -53.93
CA PHE SA 405 33.54 -40.26 -55.22
C PHE SA 405 34.40 -41.45 -55.60
N ASN SA 406 35.29 -41.90 -54.72
CA ASN SA 406 36.17 -43.03 -55.00
C ASN SA 406 35.37 -44.32 -54.93
N GLY SA 407 35.32 -45.05 -56.05
CA GLY SA 407 34.59 -46.29 -56.11
C GLY SA 407 33.09 -46.14 -56.29
N LEU SA 408 32.62 -44.96 -56.64
CA LEU SA 408 31.20 -44.72 -56.85
C LEU SA 408 30.83 -44.95 -58.32
N ALA SA 409 29.73 -45.65 -58.53
CA ALA SA 409 29.26 -45.90 -59.89
C ALA SA 409 28.91 -44.59 -60.58
N VAL SA 410 29.36 -44.44 -61.83
CA VAL SA 410 29.16 -43.23 -62.61
C VAL SA 410 28.49 -43.59 -63.92
N PHE SA 411 27.44 -42.86 -64.26
CA PHE SA 411 26.72 -43.04 -65.52
C PHE SA 411 27.00 -41.85 -66.43
N THR SA 412 27.37 -42.14 -67.67
CA THR SA 412 27.77 -41.09 -68.60
C THR SA 412 26.98 -41.10 -69.90
N LYS SA 413 26.64 -42.27 -70.43
CA LYS SA 413 25.89 -42.36 -71.68
C LYS SA 413 24.40 -42.12 -71.46
N ASN SA 414 23.78 -42.97 -70.64
CA ASN SA 414 22.38 -42.82 -70.26
C ASN SA 414 22.34 -42.23 -68.85
N THR SA 415 21.94 -40.97 -68.74
CA THR SA 415 22.04 -40.24 -67.49
C THR SA 415 20.94 -40.56 -66.49
N ASN SA 416 19.91 -41.29 -66.90
CA ASN SA 416 18.85 -41.68 -65.97
C ASN SA 416 19.37 -42.80 -65.07
N ILE SA 417 19.20 -42.64 -63.76
CA ILE SA 417 19.65 -43.64 -62.79
C ILE SA 417 18.45 -44.44 -62.32
N LYS SA 418 18.53 -45.76 -62.43
CA LYS SA 418 17.42 -46.61 -62.05
C LYS SA 418 17.10 -46.45 -60.57
N THR SA 419 15.98 -47.03 -60.16
CA THR SA 419 15.54 -46.97 -58.78
C THR SA 419 16.37 -47.95 -57.94
N GLY SA 420 16.89 -47.47 -56.82
CA GLY SA 420 17.67 -48.29 -55.92
C GLY SA 420 19.15 -48.32 -56.21
N ILE SA 421 19.60 -47.75 -57.32
CA ILE SA 421 21.02 -47.74 -57.65
C ILE SA 421 21.71 -46.61 -56.92
N ILE SA 422 22.97 -46.84 -56.53
CA ILE SA 422 23.80 -45.85 -55.86
C ILE SA 422 24.81 -45.37 -56.89
N GLY SA 423 24.63 -44.16 -57.39
CA GLY SA 423 25.51 -43.62 -58.40
C GLY SA 423 25.35 -42.12 -58.54
N THR SA 424 25.93 -41.59 -59.61
CA THR SA 424 25.91 -40.17 -59.88
C THR SA 424 26.35 -39.94 -61.32
N ASN SA 425 26.11 -38.73 -61.80
CA ASN SA 425 26.50 -38.32 -63.15
C ASN SA 425 27.25 -36.99 -63.06
N LEU SA 426 27.60 -36.44 -64.22
CA LEU SA 426 28.42 -35.23 -64.25
C LEU SA 426 27.71 -34.05 -63.60
N ARG SA 427 26.47 -33.78 -64.00
CA ARG SA 427 25.78 -32.60 -63.50
C ARG SA 427 25.62 -32.65 -61.99
N LEU SA 428 25.22 -33.81 -61.45
CA LEU SA 428 25.12 -33.94 -60.01
C LEU SA 428 26.48 -33.77 -59.34
N MET SA 429 27.53 -34.32 -59.96
CA MET SA 429 28.88 -34.13 -59.42
C MET SA 429 29.25 -32.65 -59.37
N LEU SA 430 29.00 -31.93 -60.45
CA LEU SA 430 29.36 -30.52 -60.50
C LEU SA 430 28.58 -29.72 -59.47
N GLY SA 431 27.29 -30.01 -59.31
CA GLY SA 431 26.49 -29.27 -58.35
C GLY SA 431 27.00 -29.42 -56.93
N LYS SA 432 27.41 -30.63 -56.56
CA LYS SA 432 27.92 -30.85 -55.21
C LYS SA 432 29.19 -30.07 -54.97
N ILE SA 433 30.08 -30.00 -55.97
CA ILE SA 433 31.33 -29.28 -55.81
C ILE SA 433 31.08 -27.79 -55.60
N ARG SA 434 30.15 -27.22 -56.36
CA ARG SA 434 29.85 -25.80 -56.20
C ARG SA 434 29.38 -25.50 -54.78
N LYS SA 435 28.59 -26.40 -54.19
CA LYS SA 435 28.12 -26.17 -52.83
C LYS SA 435 29.29 -26.08 -51.87
N TRP SA 436 30.29 -26.96 -52.03
CA TRP SA 436 31.48 -26.90 -51.19
C TRP SA 436 32.25 -25.61 -51.42
N ALA SA 437 32.48 -25.25 -52.69
CA ALA SA 437 33.27 -24.07 -52.98
C ALA SA 437 32.60 -22.81 -52.45
N SER SA 438 31.29 -22.68 -52.67
CA SER SA 438 30.58 -21.49 -52.21
C SER SA 438 30.57 -21.42 -50.68
N ASP SA 439 30.37 -22.56 -50.02
CA ASP SA 439 30.28 -22.56 -48.57
C ASP SA 439 31.58 -22.13 -47.91
N ASN SA 440 32.71 -22.31 -48.58
CA ASN SA 440 34.01 -22.00 -48.00
C ASN SA 440 34.40 -20.53 -48.13
N VAL SA 441 33.56 -19.70 -48.77
CA VAL SA 441 33.84 -18.28 -48.84
C VAL SA 441 34.00 -17.73 -47.43
N GLY SA 442 35.03 -16.92 -47.23
CA GLY SA 442 35.34 -16.39 -45.93
C GLY SA 442 36.27 -17.25 -45.10
N VAL SA 443 36.66 -18.43 -45.60
CA VAL SA 443 37.61 -19.29 -44.92
C VAL SA 443 38.84 -19.57 -45.78
N LEU SA 444 38.63 -19.89 -47.05
CA LEU SA 444 39.72 -20.12 -47.99
C LEU SA 444 39.60 -19.32 -49.28
N PHE SA 445 38.43 -18.81 -49.63
CA PHE SA 445 38.24 -18.07 -50.87
C PHE SA 445 37.55 -16.74 -50.58
N SER SA 446 37.74 -15.80 -51.48
CA SER SA 446 36.95 -14.58 -51.51
C SER SA 446 35.75 -14.79 -52.41
N GLU SA 447 34.86 -13.79 -52.45
CA GLU SA 447 33.68 -13.89 -53.29
C GLU SA 447 34.10 -14.06 -54.76
N PHE SA 448 33.52 -15.06 -55.42
CA PHE SA 448 33.86 -15.33 -56.80
C PHE SA 448 33.26 -14.27 -57.71
N ASP SA 449 34.05 -13.84 -58.71
CA ASP SA 449 33.53 -12.89 -59.69
C ASP SA 449 32.37 -13.49 -60.46
N ASN SA 450 32.50 -14.75 -60.89
CA ASN SA 450 31.42 -15.45 -61.58
C ASN SA 450 31.58 -16.93 -61.27
N ILE SA 451 30.81 -17.42 -60.28
CA ILE SA 451 30.92 -18.80 -59.85
C ILE SA 451 30.40 -19.77 -60.90
N ASN SA 452 29.64 -19.30 -61.89
CA ASN SA 452 29.11 -20.17 -62.92
C ASN SA 452 30.12 -20.49 -64.00
N GLU SA 453 31.24 -19.76 -64.07
CA GLU SA 453 32.26 -19.98 -65.09
C GLU SA 453 33.60 -20.43 -64.53
N ASP SA 454 33.83 -20.31 -63.23
CA ASP SA 454 35.12 -20.61 -62.64
C ASP SA 454 35.24 -22.06 -62.18
N ILE SA 455 34.21 -22.88 -62.39
CA ILE SA 455 34.26 -24.30 -62.08
C ILE SA 455 33.70 -25.07 -63.27
N GLN SA 456 34.45 -26.03 -63.76
CA GLN SA 456 34.04 -26.83 -64.91
C GLN SA 456 34.41 -28.28 -64.67
N LEU SA 457 33.53 -29.19 -65.08
CA LEU SA 457 33.75 -30.62 -64.97
C LEU SA 457 33.52 -31.25 -66.33
N VAL SA 458 34.49 -32.04 -66.79
CA VAL SA 458 34.42 -32.68 -68.10
C VAL SA 458 34.91 -34.12 -67.96
N SER SA 459 34.19 -35.05 -68.58
CA SER SA 459 34.62 -36.43 -68.62
C SER SA 459 35.72 -36.62 -69.66
N ASP SA 460 36.58 -37.60 -69.42
CA ASP SA 460 37.69 -37.83 -70.34
C ASP SA 460 37.22 -38.23 -71.72
N PHE SA 461 35.98 -38.71 -71.86
CA PHE SA 461 35.46 -39.06 -73.18
C PHE SA 461 35.17 -37.84 -74.05
N ASP SA 462 35.19 -36.64 -73.48
CA ASP SA 462 34.92 -35.43 -74.23
C ASP SA 462 36.19 -34.65 -74.58
N VAL SA 463 37.33 -35.00 -73.99
CA VAL SA 463 38.60 -34.35 -74.29
C VAL SA 463 39.39 -35.15 -75.32
N GLN SA 464 39.49 -36.46 -75.14
CA GLN SA 464 40.21 -37.31 -76.07
C GLN SA 464 39.36 -37.62 -77.29
N PRO SA 465 40.00 -37.95 -78.42
CA PRO SA 465 39.23 -38.31 -79.62
C PRO SA 465 38.53 -39.66 -79.48
N LYS SA 466 37.87 -40.10 -80.54
CA LYS SA 466 37.10 -41.34 -80.48
C LYS SA 466 38.00 -42.52 -80.16
N CYS SA 467 37.51 -43.39 -79.26
CA CYS SA 467 38.18 -44.65 -78.92
C CYS SA 467 39.62 -44.40 -78.43
N VAL SA 468 39.80 -43.32 -77.67
CA VAL SA 468 41.08 -43.05 -77.04
C VAL SA 468 40.97 -42.76 -75.54
N GLY SA 469 39.81 -42.33 -75.04
CA GLY SA 469 39.68 -42.02 -73.64
C GLY SA 469 39.53 -43.25 -72.77
N GLN SA 470 39.56 -43.03 -71.46
CA GLN SA 470 39.43 -44.10 -70.49
C GLN SA 470 38.10 -43.98 -69.74
N PRO SA 471 37.54 -45.09 -69.26
CA PRO SA 471 36.27 -45.02 -68.54
C PRO SA 471 36.45 -44.69 -67.07
N GLY SA 472 35.89 -43.57 -66.63
CA GLY SA 472 35.90 -43.20 -65.23
C GLY SA 472 37.03 -42.26 -64.85
N VAL SA 473 37.35 -41.32 -65.74
CA VAL SA 473 38.37 -40.31 -65.48
C VAL SA 473 37.77 -38.96 -65.83
N PHE SA 474 37.94 -37.99 -64.94
CA PHE SA 474 37.38 -36.65 -65.10
C PHE SA 474 38.48 -35.61 -65.06
N HIS SA 475 38.14 -34.40 -65.51
CA HIS SA 475 39.02 -33.25 -65.42
C HIS SA 475 38.27 -32.13 -64.72
N LEU SA 476 38.84 -31.61 -63.64
CA LEU SA 476 38.24 -30.54 -62.87
C LEU SA 476 39.07 -29.28 -63.08
N ASN SA 477 38.40 -28.20 -63.47
CA ASN SA 477 39.04 -26.92 -63.74
C ASN SA 477 38.44 -25.89 -62.81
N MET SA 478 39.29 -25.19 -62.06
CA MET SA 478 38.82 -24.28 -61.02
C MET SA 478 39.72 -23.05 -60.96
N ARG SA 479 39.12 -21.93 -60.58
CA ARG SA 479 39.84 -20.68 -60.35
C ARG SA 479 39.30 -20.03 -59.10
N TYR SA 480 40.19 -19.47 -58.29
CA TYR SA 480 39.80 -18.92 -56.99
C TYR SA 480 40.66 -17.72 -56.68
N ARG SA 481 40.25 -16.98 -55.65
CA ARG SA 481 40.98 -15.79 -55.19
C ARG SA 481 41.02 -15.83 -53.66
N PRO SA 482 42.17 -15.55 -53.05
CA PRO SA 482 42.26 -15.55 -51.60
C PRO SA 482 41.59 -14.32 -51.02
N PRO SA 483 41.34 -14.30 -49.70
CA PRO SA 483 40.62 -13.16 -49.11
C PRO SA 483 41.40 -11.86 -49.28
N VAL SA 484 40.65 -10.77 -49.46
CA VAL SA 484 41.26 -9.46 -49.63
C VAL SA 484 41.73 -8.94 -48.28
N ARG SA 485 42.86 -8.23 -48.29
CA ARG SA 485 43.46 -7.67 -47.08
C ARG SA 485 43.92 -6.24 -47.33
N GLY SA 486 43.09 -5.45 -48.01
CA GLY SA 486 43.44 -4.07 -48.28
C GLY SA 486 42.27 -3.32 -48.87
N ALA SA 487 42.43 -2.00 -48.94
CA ALA SA 487 41.41 -1.12 -49.49
C ALA SA 487 41.98 0.28 -49.60
N ARG SA 488 41.53 1.01 -50.62
CA ARG SA 488 41.93 2.39 -50.86
C ARG SA 488 40.69 3.23 -51.07
N ILE SA 489 40.70 4.45 -50.52
CA ILE SA 489 39.56 5.35 -50.63
C ILE SA 489 40.06 6.78 -50.70
N ASN SA 490 39.34 7.60 -51.46
CA ASN SA 490 39.63 9.03 -51.55
C ASN SA 490 38.86 9.79 -50.47
N VAL SA 491 39.48 10.83 -49.94
CA VAL SA 491 38.99 11.50 -48.74
C VAL SA 491 38.71 12.97 -49.02
N ASN SA 492 38.21 13.28 -50.21
CA ASN SA 492 37.91 14.66 -50.58
C ASN SA 492 37.31 15.42 -49.41
N LEU SA 493 37.96 16.52 -49.02
CA LEU SA 493 37.60 17.28 -47.84
C LEU SA 493 37.19 18.69 -48.25
N VAL SA 494 36.04 19.14 -47.77
CA VAL SA 494 35.47 20.40 -48.20
C VAL SA 494 35.01 21.23 -47.01
N PRO SA 495 35.92 21.91 -46.30
CA PRO SA 495 35.47 22.88 -45.30
C PRO SA 495 34.80 24.07 -45.97
N ALA SA 496 33.48 24.19 -45.83
CA ALA SA 496 32.69 25.15 -46.60
C ALA SA 496 32.20 26.24 -45.67
N LEU SA 497 32.66 27.48 -45.90
CA LEU SA 497 32.05 28.63 -45.26
C LEU SA 497 30.58 28.66 -45.62
N PHE SA 498 29.72 28.78 -44.61
CA PHE SA 498 28.32 28.40 -44.79
C PHE SA 498 27.67 29.17 -45.92
N ASP SA 499 26.91 28.43 -46.74
CA ASP SA 499 25.92 29.04 -47.63
C ASP SA 499 24.94 27.93 -47.99
N ASN SA 500 23.71 28.03 -47.49
CA ASN SA 500 22.73 26.96 -47.62
C ASN SA 500 22.54 26.55 -49.08
N CYS TA 3 15.27 -32.24 -75.83
CA CYS TA 3 14.11 -31.77 -75.09
C CYS TA 3 14.53 -30.88 -73.93
N ASN TA 4 14.24 -29.58 -74.03
CA ASN TA 4 14.65 -28.61 -73.04
C ASN TA 4 13.47 -27.79 -72.50
N LYS TA 5 12.24 -28.13 -72.87
CA LYS TA 5 11.06 -27.42 -72.40
C LYS TA 5 10.10 -28.33 -71.65
N GLN TA 6 10.52 -29.54 -71.29
CA GLN TA 6 9.66 -30.47 -70.57
C GLN TA 6 9.84 -30.25 -69.07
N ASN TA 7 8.77 -29.85 -68.40
CA ASN TA 7 8.80 -29.61 -66.97
C ASN TA 7 8.66 -30.94 -66.24
N GLY TA 8 9.73 -31.40 -65.60
CA GLY TA 8 9.72 -32.66 -64.91
C GLY TA 8 11.00 -32.89 -64.15
N VAL TA 9 11.04 -33.99 -63.41
CA VAL TA 9 12.18 -34.36 -62.58
C VAL TA 9 12.85 -35.58 -63.19
N LYS TA 10 14.18 -35.57 -63.22
CA LYS TA 10 14.98 -36.62 -63.83
C LYS TA 10 15.56 -37.59 -62.81
N ASN TA 11 16.29 -37.08 -61.82
CA ASN TA 11 16.90 -37.92 -60.80
C ASN TA 11 16.63 -37.32 -59.42
N ILE TA 12 16.49 -38.21 -58.43
CA ILE TA 12 16.34 -37.82 -57.03
C ILE TA 12 17.28 -38.69 -56.22
N LEU TA 13 18.20 -38.05 -55.49
CA LEU TA 13 19.20 -38.76 -54.69
C LEU TA 13 19.09 -38.31 -53.24
N ILE TA 14 19.10 -39.27 -52.32
CA ILE TA 14 19.02 -39.00 -50.90
C ILE TA 14 20.12 -39.79 -50.19
N THR TA 15 20.64 -39.20 -49.11
CA THR TA 15 21.73 -39.81 -48.34
C THR TA 15 21.40 -39.62 -46.85
N PHE TA 16 20.87 -40.66 -46.24
CA PHE TA 16 20.47 -40.58 -44.84
C PHE TA 16 21.68 -40.63 -43.92
N THR TA 17 21.47 -40.21 -42.67
CA THR TA 17 22.50 -40.24 -41.64
C THR TA 17 21.79 -40.43 -40.30
N HIS TA 18 21.74 -41.66 -39.82
CA HIS TA 18 21.04 -41.96 -38.58
C HIS TA 18 21.67 -41.18 -37.42
N CYS TA 19 20.83 -40.57 -36.60
CA CYS TA 19 21.28 -39.67 -35.55
C CYS TA 19 21.58 -40.38 -34.23
N ASP TA 20 21.26 -41.67 -34.10
CA ASP TA 20 21.50 -42.41 -32.87
C ASP TA 20 22.61 -43.45 -33.01
N THR TA 21 23.09 -43.72 -34.22
CA THR TA 21 24.18 -44.66 -34.42
C THR TA 21 25.27 -44.15 -35.34
N GLY TA 22 25.06 -43.07 -36.09
CA GLY TA 22 26.09 -42.50 -36.92
C GLY TA 22 26.32 -43.20 -38.24
N GLU TA 23 25.57 -44.25 -38.55
CA GLU TA 23 25.76 -44.95 -39.81
C GLU TA 23 25.20 -44.11 -40.96
N VAL TA 24 25.88 -44.19 -42.10
CA VAL TA 24 25.53 -43.42 -43.29
C VAL TA 24 25.23 -44.39 -44.43
N ILE TA 25 24.12 -44.15 -45.12
CA ILE TA 25 23.70 -44.95 -46.27
C ILE TA 25 23.96 -44.12 -47.52
N GLY TA 26 24.71 -44.68 -48.46
CA GLY TA 26 25.13 -43.96 -49.63
C GLY TA 26 23.97 -43.36 -50.39
N PRO TA 27 24.26 -42.50 -51.37
CA PRO TA 27 23.19 -41.85 -52.12
C PRO TA 27 22.36 -42.83 -52.94
N ILE TA 28 21.09 -42.98 -52.57
CA ILE TA 28 20.19 -43.89 -53.25
C ILE TA 28 19.28 -43.08 -54.16
N SER TA 29 18.85 -43.70 -55.26
CA SER TA 29 17.92 -43.08 -56.18
C SER TA 29 16.48 -43.39 -55.76
N HIS TA 30 15.56 -42.49 -56.12
CA HIS TA 30 14.16 -42.63 -55.77
C HIS TA 30 13.29 -42.28 -56.97
N GLU TA 31 12.00 -42.54 -56.85
CA GLU TA 31 11.03 -42.27 -57.89
C GLU TA 31 9.82 -41.58 -57.28
N GLN TA 32 8.97 -40.99 -58.16
CA GLN TA 32 7.84 -40.20 -57.67
C GLN TA 32 6.63 -41.08 -57.38
N PRO TA 33 5.77 -40.66 -56.45
CA PRO TA 33 4.56 -41.44 -56.15
C PRO TA 33 3.38 -41.07 -57.03
N ASP TA 34 3.38 -39.86 -57.58
CA ASP TA 34 2.24 -39.37 -58.35
C ASP TA 34 2.73 -38.27 -59.28
N ASP TA 35 1.78 -37.51 -59.85
CA ASP TA 35 2.09 -36.51 -60.86
C ASP TA 35 2.52 -35.17 -60.29
N THR TA 36 2.54 -35.02 -58.97
CA THR TA 36 2.98 -33.75 -58.39
C THR TA 36 4.50 -33.60 -58.52
N LEU TA 37 4.98 -32.40 -58.28
CA LEU TA 37 6.39 -32.05 -58.39
C LEU TA 37 6.85 -31.38 -57.11
N PRO TA 38 8.15 -31.42 -56.82
CA PRO TA 38 8.66 -30.72 -55.65
C PRO TA 38 8.50 -29.21 -55.79
N THR TA 39 8.66 -28.52 -54.66
CA THR TA 39 8.58 -27.06 -54.63
C THR TA 39 9.71 -26.53 -53.75
N TYR TA 40 10.09 -25.29 -54.01
CA TYR TA 40 11.30 -24.73 -53.40
C TYR TA 40 11.04 -23.29 -52.96
N LYS TA 41 11.85 -22.86 -51.99
CA LYS TA 41 11.92 -21.46 -51.58
C LYS TA 41 13.35 -21.19 -51.15
N THR TA 42 14.05 -20.31 -51.88
CA THR TA 42 15.48 -20.12 -51.67
C THR TA 42 15.85 -18.80 -51.02
N CYS TA 43 14.91 -17.88 -50.85
CA CYS TA 43 15.19 -16.58 -50.23
C CYS TA 43 14.98 -16.72 -48.73
N ALA TA 44 16.06 -16.55 -47.96
CA ALA TA 44 16.00 -16.76 -46.52
C ALA TA 44 15.10 -15.74 -45.84
N TRP TA 45 15.31 -14.46 -46.11
CA TRP TA 45 14.54 -13.41 -45.46
C TRP TA 45 13.16 -13.31 -46.08
N THR TA 46 12.21 -12.80 -45.29
CA THR TA 46 10.83 -12.66 -45.69
C THR TA 46 10.35 -11.24 -45.44
N ASN TA 47 9.61 -10.69 -46.40
CA ASN TA 47 9.10 -9.33 -46.32
C ASN TA 47 7.64 -9.32 -45.88
N THR TA 48 7.25 -8.22 -45.25
CA THR TA 48 5.85 -7.99 -44.90
C THR TA 48 5.49 -6.55 -45.26
N ALA TA 49 4.21 -6.30 -45.44
CA ALA TA 49 3.74 -5.03 -45.99
C ALA TA 49 3.49 -4.03 -44.86
N LEU TA 50 4.26 -2.94 -44.86
CA LEU TA 50 3.99 -1.81 -44.00
C LEU TA 50 3.10 -0.83 -44.76
N THR TA 51 2.94 0.39 -44.24
CA THR TA 51 2.11 1.40 -44.87
C THR TA 51 2.97 2.30 -45.77
N ASN TA 52 2.43 2.62 -46.95
CA ASN TA 52 3.05 3.56 -47.88
C ASN TA 52 4.33 2.99 -48.49
N GLY TA 53 4.31 1.72 -48.87
CA GLY TA 53 5.36 1.13 -49.65
C GLY TA 53 6.55 0.57 -48.88
N ALA TA 54 6.58 0.76 -47.56
CA ALA TA 54 7.68 0.22 -46.77
C ALA TA 54 7.47 -1.28 -46.54
N VAL TA 55 8.45 -1.92 -45.92
CA VAL TA 55 8.38 -3.36 -45.66
C VAL TA 55 9.19 -3.68 -44.42
N MET TA 56 8.77 -4.73 -43.71
CA MET TA 56 9.50 -5.29 -42.58
C MET TA 56 10.12 -6.62 -43.00
N ARG TA 57 11.37 -6.83 -42.61
CA ARG TA 57 12.13 -8.00 -43.01
C ARG TA 57 12.34 -8.91 -41.81
N SER TA 58 12.05 -10.20 -41.97
CA SER TA 58 12.15 -11.17 -40.89
C SER TA 58 12.98 -12.36 -41.34
N ALA TA 59 13.44 -13.14 -40.35
CA ALA TA 59 14.44 -14.18 -40.58
C ALA TA 59 13.97 -15.27 -41.53
N SER TA 60 12.95 -16.04 -41.13
CA SER TA 60 12.48 -17.16 -41.94
C SER TA 60 13.61 -18.13 -42.26
N ASN TA 61 13.34 -19.12 -43.12
CA ASN TA 61 14.33 -20.11 -43.50
C ASN TA 61 14.15 -20.44 -44.99
N ALA TA 62 14.91 -21.43 -45.44
CA ALA TA 62 14.79 -21.98 -46.79
C ALA TA 62 14.26 -23.40 -46.66
N THR TA 63 13.18 -23.69 -47.36
CA THR TA 63 12.45 -24.94 -47.20
C THR TA 63 12.48 -25.75 -48.49
N MET TA 64 11.75 -26.86 -48.48
CA MET TA 64 11.69 -27.77 -49.62
C MET TA 64 10.61 -28.81 -49.36
N THR TA 65 9.94 -29.24 -50.41
CA THR TA 65 8.89 -30.24 -50.33
C THR TA 65 9.19 -31.33 -51.35
N LEU TA 66 9.42 -32.56 -50.89
CA LEU TA 66 9.93 -33.63 -51.72
C LEU TA 66 9.07 -34.88 -51.55
N PRO TA 67 8.03 -35.04 -52.37
CA PRO TA 67 7.27 -36.30 -52.36
C PRO TA 67 8.02 -37.38 -53.12
N VAL TA 68 8.27 -38.51 -52.45
CA VAL TA 68 9.04 -39.60 -53.04
C VAL TA 68 8.52 -40.92 -52.51
N VAL TA 69 8.72 -41.99 -53.29
CA VAL TA 69 8.29 -43.31 -52.90
C VAL TA 69 9.28 -43.89 -51.90
N ARG TA 70 8.76 -44.50 -50.84
CA ARG TA 70 9.62 -45.10 -49.82
C ARG TA 70 10.43 -46.24 -50.42
N ASP TA 71 11.73 -46.25 -50.12
CA ASP TA 71 12.60 -47.34 -50.57
C ASP TA 71 12.36 -48.56 -49.71
N PRO TA 72 11.97 -49.71 -50.28
CA PRO TA 72 11.62 -50.87 -49.45
C PRO TA 72 12.79 -51.45 -48.66
N ARG TA 73 13.99 -50.87 -48.75
CA ARG TA 73 15.14 -51.34 -47.98
C ARG TA 73 15.55 -50.35 -46.90
N VAL TA 74 14.68 -49.40 -46.55
CA VAL TA 74 14.98 -48.40 -45.53
C VAL TA 74 13.79 -48.31 -44.57
N PRO TA 75 14.00 -48.31 -43.26
CA PRO TA 75 12.88 -48.20 -42.34
C PRO TA 75 12.07 -46.93 -42.56
N LEU TA 76 10.76 -47.05 -42.36
CA LEU TA 76 9.88 -45.91 -42.55
C LEU TA 76 10.21 -44.76 -41.60
N ALA TA 77 10.84 -45.05 -40.46
CA ALA TA 77 11.18 -44.00 -39.52
C ALA TA 77 12.18 -43.01 -40.11
N TRP TA 78 13.15 -43.51 -40.88
CA TRP TA 78 14.18 -42.64 -41.42
C TRP TA 78 13.59 -41.54 -42.30
N TYR TA 79 12.47 -41.80 -42.95
CA TYR TA 79 11.81 -40.81 -43.79
C TYR TA 79 11.00 -39.80 -42.99
N GLN TA 80 11.22 -39.74 -41.67
CA GLN TA 80 10.55 -38.77 -40.81
C GLN TA 80 11.58 -38.17 -39.87
N GLY TA 81 11.13 -37.49 -38.82
CA GLY TA 81 12.02 -36.75 -37.95
C GLY TA 81 13.21 -37.50 -37.38
N CYS TA 82 13.27 -38.82 -37.58
CA CYS TA 82 14.26 -39.67 -36.92
C CYS TA 82 15.53 -39.86 -37.75
N ALA TA 83 15.90 -38.91 -38.61
CA ALA TA 83 17.14 -39.03 -39.37
C ALA TA 83 17.40 -37.74 -40.12
N GLN TA 84 18.65 -37.57 -40.56
CA GLN TA 84 19.08 -36.45 -41.38
C GLN TA 84 18.91 -36.80 -42.86
N ILE TA 85 18.88 -35.77 -43.70
CA ILE TA 85 18.65 -35.92 -45.12
C ILE TA 85 19.62 -35.04 -45.90
N ASP TA 86 20.07 -35.54 -47.04
CA ASP TA 86 20.87 -34.78 -48.00
C ASP TA 86 20.32 -35.10 -49.39
N ALA TA 87 19.60 -34.15 -50.00
CA ALA TA 87 18.83 -34.42 -51.20
C ALA TA 87 19.38 -33.65 -52.39
N GLN TA 88 19.14 -34.20 -53.58
CA GLN TA 88 19.47 -33.55 -54.83
C GLN TA 88 18.41 -33.91 -55.86
N VAL TA 89 17.97 -32.90 -56.62
CA VAL TA 89 16.93 -33.08 -57.63
C VAL TA 89 17.43 -32.46 -58.93
N GLU TA 90 17.37 -33.23 -60.02
CA GLU TA 90 17.82 -32.79 -61.33
C GLU TA 90 16.61 -32.76 -62.27
N LYS TA 91 16.20 -31.56 -62.66
CA LYS TA 91 15.10 -31.42 -63.59
C LYS TA 91 15.55 -31.72 -65.02
N PHE TA 92 14.58 -31.88 -65.91
CA PHE TA 92 14.90 -32.26 -67.28
C PHE TA 92 15.71 -31.17 -67.99
N ASP TA 93 15.34 -29.91 -67.79
CA ASP TA 93 16.02 -28.82 -68.49
C ASP TA 93 17.50 -28.75 -68.11
N GLY TA 94 17.86 -29.18 -66.90
CA GLY TA 94 19.25 -29.18 -66.49
C GLY TA 94 19.48 -28.61 -65.11
N THR TA 95 18.46 -27.94 -64.55
CA THR TA 95 18.61 -27.33 -63.24
C THR TA 95 18.82 -28.40 -62.18
N VAL TA 96 19.71 -28.11 -61.22
CA VAL TA 96 20.03 -29.02 -60.14
C VAL TA 96 19.91 -28.26 -58.83
N MET TA 97 19.10 -28.77 -57.92
CA MET TA 97 18.93 -28.20 -56.59
C MET TA 97 19.60 -29.12 -55.57
N THR TA 98 20.45 -28.54 -54.73
CA THR TA 98 21.21 -29.31 -53.74
C THR TA 98 20.88 -28.82 -52.34
N LEU TA 99 20.84 -29.74 -51.40
CA LEU TA 99 20.54 -29.43 -50.01
C LEU TA 99 21.34 -30.36 -49.11
N THR TA 100 21.87 -29.81 -48.02
CA THR TA 100 22.66 -30.59 -47.07
C THR TA 100 22.27 -30.23 -45.65
N GLU TA 101 22.40 -31.20 -44.76
CA GLU TA 101 22.08 -31.02 -43.34
C GLU TA 101 20.63 -30.55 -43.16
N GLY TA 102 19.71 -31.15 -43.91
CA GLY TA 102 18.31 -30.82 -43.78
C GLY TA 102 17.65 -31.55 -42.63
N ALA TA 103 16.49 -31.05 -42.23
CA ALA TA 103 15.72 -31.64 -41.15
C ALA TA 103 14.26 -31.74 -41.56
N VAL TA 104 13.60 -32.80 -41.13
CA VAL TA 104 12.19 -33.02 -41.41
C VAL TA 104 11.36 -32.39 -40.30
N THR TA 105 10.26 -31.74 -40.66
CA THR TA 105 9.42 -31.02 -39.72
C THR TA 105 7.98 -31.51 -39.79
N GLU TA 106 7.35 -31.62 -38.62
CA GLU TA 106 5.94 -31.96 -38.47
C GLU TA 106 5.52 -33.07 -39.43
N PRO TA 107 6.06 -34.28 -39.27
CA PRO TA 107 5.67 -35.38 -40.16
C PRO TA 107 4.22 -35.77 -39.97
N GLU TA 108 3.63 -36.27 -41.05
CA GLU TA 108 2.25 -36.75 -41.05
C GLU TA 108 2.23 -38.23 -41.39
N GLU TA 109 1.17 -38.91 -40.97
CA GLU TA 109 1.09 -40.35 -41.15
C GLU TA 109 1.11 -40.71 -42.63
N SER TA 110 1.76 -41.83 -42.94
CA SER TA 110 1.86 -42.33 -44.30
C SER TA 110 1.48 -43.81 -44.32
N ASP TA 111 0.89 -44.24 -45.43
CA ASP TA 111 0.38 -45.61 -45.55
C ASP TA 111 1.50 -46.64 -45.69
N GLY TA 112 2.72 -46.22 -46.01
CA GLY TA 112 3.85 -47.12 -46.16
C GLY TA 112 4.53 -47.06 -47.51
N ARG TA 113 3.95 -46.39 -48.50
CA ARG TA 113 4.58 -46.26 -49.81
C ARG TA 113 4.91 -44.81 -50.15
N ALA TA 114 3.95 -43.90 -50.03
CA ALA TA 114 4.14 -42.52 -50.41
C ALA TA 114 4.47 -41.69 -49.17
N VAL TA 115 5.54 -40.91 -49.26
CA VAL TA 115 5.97 -40.02 -48.19
C VAL TA 115 6.21 -38.63 -48.77
N THR TA 116 5.68 -37.62 -48.10
CA THR TA 116 5.84 -36.22 -48.54
C THR TA 116 6.66 -35.51 -47.46
N MET TA 117 7.98 -35.49 -47.66
CA MET TA 117 8.88 -34.90 -46.69
C MET TA 117 8.95 -33.39 -46.85
N THR TA 118 8.96 -32.69 -45.72
CA THR TA 118 9.20 -31.25 -45.68
C THR TA 118 10.55 -31.02 -45.03
N ILE TA 119 11.43 -30.30 -45.73
CA ILE TA 119 12.82 -30.16 -45.33
C ILE TA 119 13.17 -28.68 -45.24
N ILE TA 120 13.95 -28.31 -44.23
CA ILE TA 120 14.40 -26.94 -44.02
C ILE TA 120 15.92 -26.96 -43.87
N ALA TA 121 16.59 -25.97 -44.45
CA ALA TA 121 18.03 -25.89 -44.38
C ALA TA 121 18.44 -24.43 -44.39
N ALA TA 122 19.69 -24.18 -43.98
CA ALA TA 122 20.19 -22.82 -43.93
C ALA TA 122 20.25 -22.20 -45.32
N GLU TA 123 20.64 -22.97 -46.33
CA GLU TA 123 20.80 -22.45 -47.67
C GLU TA 123 20.62 -23.57 -48.67
N ILE TA 124 20.01 -23.26 -49.80
CA ILE TA 124 19.85 -24.18 -50.93
C ILE TA 124 20.59 -23.60 -52.12
N ASP TA 125 21.42 -24.41 -52.75
CA ASP TA 125 22.23 -23.97 -53.88
C ASP TA 125 21.60 -24.45 -55.19
N GLU TA 126 21.52 -23.56 -56.16
CA GLU TA 126 20.88 -23.82 -57.43
C GLU TA 126 21.92 -23.77 -58.55
N LEU TA 127 21.82 -24.72 -59.48
CA LEU TA 127 22.70 -24.81 -60.63
C LEU TA 127 21.87 -24.58 -61.89
N LEU TA 128 22.00 -23.39 -62.48
CA LEU TA 128 21.27 -23.08 -63.69
C LEU TA 128 21.96 -23.69 -64.91
N PRO TA 129 21.22 -23.90 -65.99
CA PRO TA 129 21.84 -24.43 -67.21
C PRO TA 129 22.89 -23.47 -67.74
N PRO TA 130 23.70 -23.90 -68.71
CA PRO TA 130 24.72 -23.01 -69.26
C PRO TA 130 24.10 -21.76 -69.87
N GLY TA 131 24.81 -20.64 -69.72
CA GLY TA 131 24.37 -19.38 -70.27
C GLY TA 131 23.66 -18.45 -69.31
N SER TA 132 23.83 -18.65 -68.01
CA SER TA 132 23.16 -17.80 -67.03
C SER TA 132 23.66 -16.37 -67.12
N LEU TA 133 22.80 -15.43 -66.73
CA LEU TA 133 23.14 -14.00 -66.74
C LEU TA 133 23.73 -13.57 -65.40
N ALA TA 134 22.98 -13.75 -64.32
CA ALA TA 134 23.46 -13.35 -63.00
C ALA TA 134 24.64 -14.22 -62.58
N ALA TA 135 25.54 -13.62 -61.81
CA ALA TA 135 26.71 -14.33 -61.32
C ALA TA 135 26.31 -15.45 -60.37
N MET UA 1 11.27 -83.56 -15.82
CA MET UA 1 10.67 -82.31 -15.27
C MET UA 1 11.67 -81.15 -15.31
N ALA UA 2 12.68 -81.22 -14.45
CA ALA UA 2 13.68 -80.16 -14.36
C ALA UA 2 12.95 -78.85 -14.05
N GLN UA 3 13.38 -77.73 -14.61
CA GLN UA 3 12.68 -76.47 -14.35
C GLN UA 3 11.27 -76.53 -14.93
N ASP UA 4 10.32 -75.92 -14.21
CA ASP UA 4 8.91 -76.07 -14.56
C ASP UA 4 8.62 -75.52 -15.95
N ALA UA 5 9.22 -74.36 -16.29
CA ALA UA 5 8.89 -73.72 -17.56
C ALA UA 5 9.19 -74.62 -18.75
N LEU UA 6 10.24 -75.43 -18.66
CA LEU UA 6 10.64 -76.32 -19.74
C LEU UA 6 10.16 -77.75 -19.54
N SER UA 7 9.37 -78.02 -18.51
CA SER UA 7 8.98 -79.39 -18.18
C SER UA 7 7.91 -79.91 -19.14
N ASP UA 8 6.98 -79.06 -19.57
CA ASP UA 8 5.85 -79.54 -20.35
C ASP UA 8 6.27 -80.10 -21.71
N GLY UA 9 7.48 -79.80 -22.17
CA GLY UA 9 7.97 -80.36 -23.41
C GLY UA 9 7.56 -79.65 -24.66
N PHE UA 10 6.91 -78.49 -24.55
CA PHE UA 10 6.55 -77.72 -25.74
C PHE UA 10 7.75 -77.01 -26.36
N VAL UA 11 8.81 -76.79 -25.58
CA VAL UA 11 9.99 -76.08 -26.05
C VAL UA 11 11.22 -76.91 -25.73
N ARG UA 12 12.10 -77.07 -26.70
CA ARG UA 12 13.38 -77.73 -26.51
C ARG UA 12 14.48 -76.69 -26.67
N LEU UA 13 15.32 -76.56 -25.65
CA LEU UA 13 16.33 -75.51 -25.57
C LEU UA 13 17.71 -76.11 -25.75
N CYS UA 14 18.55 -75.41 -26.51
CA CYS UA 14 19.93 -75.83 -26.76
C CYS UA 14 20.83 -74.61 -26.71
N ILE UA 15 21.82 -74.64 -25.84
CA ILE UA 15 22.73 -73.52 -25.62
C ILE UA 15 24.13 -73.98 -25.99
N ASP UA 16 24.69 -73.39 -27.04
CA ASP UA 16 26.05 -73.71 -27.48
C ASP UA 16 26.62 -72.52 -28.26
N PRO UA 17 27.72 -71.92 -27.80
CA PRO UA 17 28.28 -70.77 -28.51
C PRO UA 17 29.04 -71.11 -29.77
N SER UA 18 29.22 -72.40 -30.08
CA SER UA 18 29.99 -72.81 -31.24
C SER UA 18 29.12 -73.03 -32.48
N LEU UA 19 27.82 -72.89 -32.37
CA LEU UA 19 26.95 -73.07 -33.53
C LEU UA 19 27.12 -71.93 -34.51
N ASN UA 20 26.95 -72.25 -35.81
CA ASN UA 20 27.11 -71.29 -36.89
C ASN UA 20 25.79 -71.15 -37.62
N PHE UA 21 25.19 -69.96 -37.56
CA PHE UA 21 23.90 -69.74 -38.20
C PHE UA 21 24.02 -69.86 -39.72
N PHE UA 22 25.01 -69.19 -40.30
CA PHE UA 22 25.13 -69.07 -41.75
C PHE UA 22 25.99 -70.18 -42.32
N GLY UA 23 25.86 -70.39 -43.62
CA GLY UA 23 26.71 -71.34 -44.30
C GLY UA 23 28.15 -70.87 -44.40
N GLU UA 24 29.05 -71.82 -44.60
CA GLU UA 24 30.46 -71.49 -44.71
C GLU UA 24 30.70 -70.53 -45.86
N GLY UA 25 31.57 -69.55 -45.62
CA GLY UA 25 31.91 -68.56 -46.63
C GLY UA 25 32.80 -69.16 -47.71
N CYS UA 26 33.49 -68.27 -48.41
CA CYS UA 26 34.41 -68.72 -49.45
C CYS UA 26 35.61 -69.44 -48.83
N LYS UA 27 36.24 -70.29 -49.63
CA LYS UA 27 37.36 -71.10 -49.19
C LYS UA 27 38.67 -70.48 -49.67
N ILE UA 28 39.67 -70.46 -48.79
CA ILE UA 28 41.00 -69.97 -49.11
C ILE UA 28 42.00 -71.07 -48.82
N LEU UA 29 42.89 -71.34 -49.77
CA LEU UA 29 43.86 -72.42 -49.67
C LEU UA 29 45.25 -71.83 -49.53
N VAL UA 30 45.97 -72.28 -48.50
CA VAL UA 30 47.33 -71.80 -48.20
C VAL UA 30 48.29 -72.96 -48.39
N GLU UA 31 49.44 -72.67 -48.99
CA GLU UA 31 50.41 -73.69 -49.36
C GLU UA 31 51.81 -73.21 -49.00
N GLY UA 32 52.63 -74.11 -48.46
CA GLY UA 32 53.96 -73.74 -48.05
C GLY UA 32 54.72 -74.92 -47.50
N GLN UA 33 55.82 -74.61 -46.82
CA GLN UA 33 56.72 -75.62 -46.26
C GLN UA 33 56.27 -76.00 -44.85
N ILE UA 34 56.87 -77.08 -44.33
CA ILE UA 34 56.67 -77.48 -42.94
C ILE UA 34 57.98 -78.07 -42.43
N THR UA 35 58.02 -78.35 -41.12
CA THR UA 35 59.18 -78.96 -40.48
C THR UA 35 58.88 -80.42 -40.15
N ASP UA 36 59.92 -81.13 -39.70
CA ASP UA 36 59.78 -82.55 -39.43
C ASP UA 36 58.80 -82.82 -38.29
N ASP UA 37 58.82 -81.98 -37.25
CA ASP UA 37 57.97 -82.21 -36.08
C ASP UA 37 56.49 -82.08 -36.39
N ALA UA 38 56.12 -81.54 -37.54
CA ALA UA 38 54.72 -81.42 -37.89
C ALA UA 38 54.10 -82.79 -38.08
N THR UA 39 52.89 -82.98 -37.54
CA THR UA 39 52.19 -84.26 -37.63
C THR UA 39 51.28 -84.36 -38.84
N ALA UA 40 51.08 -83.27 -39.58
CA ALA UA 40 50.19 -83.30 -40.72
C ALA UA 40 50.82 -84.07 -41.88
N ALA UA 41 49.97 -84.81 -42.61
CA ALA UA 41 50.45 -85.56 -43.75
C ALA UA 41 50.74 -84.62 -44.92
N GLU UA 42 51.72 -85.00 -45.74
CA GLU UA 42 52.12 -84.20 -46.88
C GLU UA 42 51.20 -84.43 -48.07
N ASN UA 43 50.91 -83.36 -48.80
CA ASN UA 43 50.11 -83.42 -50.02
C ASN UA 43 48.67 -83.84 -49.76
N VAL UA 44 48.12 -83.45 -48.61
CA VAL UA 44 46.73 -83.74 -48.26
C VAL UA 44 46.07 -82.44 -47.84
N VAL UA 45 44.95 -82.10 -48.48
CA VAL UA 45 44.21 -80.90 -48.12
C VAL UA 45 43.45 -81.16 -46.83
N THR UA 46 43.61 -80.25 -45.86
CA THR UA 46 43.01 -80.42 -44.54
C THR UA 46 42.37 -79.11 -44.10
N CYS UA 47 41.38 -79.25 -43.22
CA CYS UA 47 40.70 -78.10 -42.65
C CYS UA 47 41.44 -77.58 -41.43
N VAL UA 48 41.20 -76.33 -41.09
CA VAL UA 48 41.81 -75.68 -39.93
C VAL UA 48 40.71 -74.98 -39.14
N ASN UA 49 40.83 -75.02 -37.81
CA ASN UA 49 39.79 -74.51 -36.93
C ASN UA 49 40.23 -73.29 -36.13
N SER UA 50 41.41 -73.32 -35.52
CA SER UA 50 41.83 -72.25 -34.64
C SER UA 50 43.35 -72.08 -34.72
N GLU UA 51 43.82 -70.95 -34.21
CA GLU UA 51 45.26 -70.67 -34.22
C GLU UA 51 46.02 -71.68 -33.39
N LEU UA 52 45.46 -72.08 -32.25
CA LEU UA 52 46.18 -72.97 -31.33
C LEU UA 52 46.45 -74.33 -31.96
N ASP UA 53 45.64 -74.75 -32.93
CA ASP UA 53 45.89 -76.02 -33.60
C ASP UA 53 47.16 -76.00 -34.43
N LEU UA 54 47.69 -74.82 -34.73
CA LEU UA 54 48.96 -74.72 -35.44
C LEU UA 54 50.09 -75.19 -34.53
N VAL UA 55 51.32 -75.10 -35.04
CA VAL UA 55 52.50 -75.55 -34.30
C VAL UA 55 52.44 -77.06 -34.16
N GLU UA 56 51.44 -77.57 -33.44
CA GLU UA 56 51.30 -79.01 -33.28
C GLU UA 56 51.09 -79.69 -34.62
N ARG UA 57 50.25 -79.10 -35.48
CA ARG UA 57 49.88 -79.74 -36.74
C ARG UA 57 50.76 -79.36 -37.91
N PHE UA 58 51.54 -78.28 -37.80
CA PHE UA 58 52.35 -77.80 -38.93
C PHE UA 58 53.77 -77.44 -38.50
N GLY UA 59 54.22 -77.93 -37.34
CA GLY UA 59 55.59 -77.74 -36.91
C GLY UA 59 55.81 -76.37 -36.29
N GLN UA 60 56.98 -76.23 -35.67
CA GLN UA 60 57.34 -75.02 -34.94
C GLN UA 60 58.02 -74.04 -35.89
N GLY UA 61 57.44 -72.85 -36.02
CA GLY UA 61 58.07 -71.79 -36.79
C GLY UA 61 58.34 -72.14 -38.24
N SER UA 62 57.40 -72.82 -38.89
CA SER UA 62 57.53 -73.15 -40.30
C SER UA 62 56.89 -72.05 -41.16
N VAL UA 63 57.15 -72.12 -42.46
CA VAL UA 63 56.59 -71.14 -43.38
C VAL UA 63 55.07 -71.19 -43.36
N LEU UA 64 54.50 -72.39 -43.36
CA LEU UA 64 53.05 -72.53 -43.41
C LEU UA 64 52.39 -71.94 -42.18
N THR UA 65 52.97 -72.16 -41.00
CA THR UA 65 52.35 -71.66 -39.78
C THR UA 65 52.27 -70.14 -39.77
N GLU UA 66 53.36 -69.47 -40.16
CA GLU UA 66 53.36 -68.02 -40.16
C GLU UA 66 52.34 -67.46 -41.14
N SER UA 67 52.24 -68.06 -42.33
CA SER UA 67 51.28 -67.59 -43.31
C SER UA 67 49.85 -67.72 -42.77
N LEU UA 68 49.54 -68.85 -42.14
CA LEU UA 68 48.20 -69.05 -41.60
C LEU UA 68 47.91 -68.09 -40.46
N ARG UA 69 48.91 -67.75 -39.65
CA ARG UA 69 48.69 -66.86 -38.53
C ARG UA 69 48.13 -65.51 -39.01
N LYS UA 70 48.74 -64.95 -40.06
CA LYS UA 70 48.24 -63.69 -40.60
C LYS UA 70 46.84 -63.84 -41.19
N VAL UA 71 46.60 -64.95 -41.88
CA VAL UA 71 45.29 -65.16 -42.51
C VAL UA 71 44.20 -65.15 -41.45
N PHE UA 72 44.42 -65.86 -40.34
CA PHE UA 72 43.43 -65.86 -39.27
C PHE UA 72 43.29 -64.48 -38.64
N CYS UA 73 44.39 -63.73 -38.57
CA CYS UA 73 44.34 -62.41 -37.96
C CYS UA 73 43.54 -61.42 -38.79
N MET UA 74 43.57 -61.58 -40.12
CA MET UA 74 42.88 -60.62 -40.99
C MET UA 74 41.40 -60.95 -41.14
N CYS UA 75 41.06 -62.23 -41.24
CA CYS UA 75 39.68 -62.66 -41.44
C CYS UA 75 39.11 -63.08 -40.10
N LYS UA 76 38.33 -62.18 -39.49
CA LYS UA 76 37.73 -62.49 -38.20
C LYS UA 76 36.60 -63.50 -38.33
N SER UA 77 35.76 -63.36 -39.36
CA SER UA 77 34.66 -64.28 -39.59
C SER UA 77 34.23 -64.20 -41.04
N GLY UA 78 33.59 -65.26 -41.51
CA GLY UA 78 33.08 -65.33 -42.86
C GLY UA 78 34.00 -65.99 -43.86
N VAL UA 79 34.80 -66.97 -43.45
CA VAL UA 79 35.71 -67.66 -44.35
C VAL UA 79 36.09 -68.98 -43.73
N SER UA 80 36.38 -69.96 -44.58
CA SER UA 80 36.87 -71.27 -44.16
C SER UA 80 38.25 -71.48 -44.73
N VAL UA 81 39.20 -71.86 -43.88
CA VAL UA 81 40.60 -71.97 -44.25
C VAL UA 81 40.95 -73.44 -44.51
N TYR UA 82 41.77 -73.66 -45.53
CA TYR UA 82 42.29 -74.98 -45.85
C TYR UA 82 43.78 -74.87 -46.10
N ALA UA 83 44.50 -75.95 -45.81
CA ALA UA 83 45.96 -75.97 -45.91
C ALA UA 83 46.41 -77.15 -46.75
N LEU UA 84 47.49 -76.95 -47.49
CA LEU UA 84 48.09 -77.97 -48.34
C LEU UA 84 49.59 -78.02 -48.05
N PRO UA 85 50.00 -78.71 -46.99
CA PRO UA 85 51.41 -78.68 -46.58
C PRO UA 85 52.29 -79.51 -47.50
N ARG UA 86 53.32 -78.87 -48.04
CA ARG UA 86 54.35 -79.54 -48.82
C ARG UA 86 55.57 -79.79 -47.95
N ALA UA 87 56.59 -80.43 -48.52
CA ALA UA 87 57.78 -80.83 -47.78
C ALA UA 87 59.04 -80.34 -48.48
N ASP UA 88 60.10 -80.22 -47.71
CA ASP UA 88 61.39 -79.77 -48.23
C ASP UA 88 61.96 -80.79 -49.20
N ALA UA 89 62.81 -80.31 -50.11
CA ALA UA 89 63.51 -81.18 -51.02
C ALA UA 89 64.60 -81.95 -50.27
N ALA UA 90 65.03 -83.07 -50.87
CA ALA UA 90 66.01 -83.92 -50.22
C ALA UA 90 67.35 -83.21 -50.04
N ALA UA 91 67.80 -82.48 -51.06
CA ALA UA 91 69.10 -81.83 -51.07
C ALA UA 91 69.01 -80.35 -50.74
N ALA UA 92 68.10 -79.96 -49.86
CA ALA UA 92 67.95 -78.55 -49.51
C ALA UA 92 69.15 -78.07 -48.69
N VAL UA 93 69.48 -76.80 -48.87
CA VAL UA 93 70.54 -76.14 -48.12
C VAL UA 93 69.92 -74.96 -47.38
N SER UA 94 70.11 -74.92 -46.07
CA SER UA 94 69.51 -73.89 -45.24
C SER UA 94 70.38 -72.64 -45.22
N ALA UA 95 69.75 -71.49 -45.37
CA ALA UA 95 70.46 -70.22 -45.33
C ALA UA 95 71.02 -69.96 -43.94
N VAL UA 96 72.15 -69.27 -43.89
CA VAL UA 96 72.84 -68.96 -42.65
C VAL UA 96 73.10 -67.46 -42.60
N TYR UA 97 72.73 -66.83 -41.49
CA TYR UA 97 72.91 -65.40 -41.29
C TYR UA 97 73.72 -65.18 -40.02
N THR UA 98 74.58 -64.16 -40.04
CA THR UA 98 75.46 -63.84 -38.92
C THR UA 98 75.20 -62.42 -38.44
N LEU UA 99 75.13 -62.25 -37.12
CA LEU UA 99 74.95 -60.95 -36.48
C LEU UA 99 76.01 -60.82 -35.40
N THR UA 100 76.90 -59.85 -35.56
CA THR UA 100 78.05 -59.68 -34.67
C THR UA 100 77.86 -58.44 -33.79
N VAL UA 101 78.42 -58.51 -32.59
CA VAL UA 101 78.42 -57.39 -31.65
C VAL UA 101 79.87 -57.00 -31.39
N THR UA 102 80.14 -55.70 -31.39
CA THR UA 102 81.49 -55.18 -31.25
C THR UA 102 81.54 -54.15 -30.14
N GLY UA 103 82.75 -53.91 -29.64
CA GLY UA 103 82.95 -52.93 -28.59
C GLY UA 103 82.52 -53.44 -27.22
N THR UA 104 82.42 -52.50 -26.28
CA THR UA 104 82.01 -52.80 -24.93
C THR UA 104 81.16 -51.66 -24.41
N ALA UA 105 80.14 -52.00 -23.63
CA ALA UA 105 79.25 -50.98 -23.09
C ALA UA 105 79.98 -50.10 -22.09
N LEU UA 106 79.68 -48.80 -22.14
CA LEU UA 106 80.24 -47.85 -21.18
C LEU UA 106 79.21 -46.88 -20.63
N THR UA 107 78.02 -46.78 -21.20
CA THR UA 107 76.93 -45.98 -20.64
C THR UA 107 75.64 -46.79 -20.72
N ASP UA 108 74.76 -46.54 -19.75
CA ASP UA 108 73.49 -47.24 -19.72
C ASP UA 108 72.63 -46.85 -20.92
N GLY UA 109 71.83 -47.79 -21.39
CA GLY UA 109 70.97 -47.53 -22.52
C GLY UA 109 70.15 -48.75 -22.89
N ARG UA 110 69.37 -48.59 -23.96
CA ARG UA 110 68.51 -49.64 -24.47
C ARG UA 110 68.80 -49.86 -25.95
N VAL UA 111 68.65 -51.11 -26.39
CA VAL UA 111 68.80 -51.48 -27.80
C VAL UA 111 67.62 -52.36 -28.18
N GLN UA 112 66.97 -52.02 -29.29
CA GLN UA 112 65.82 -52.77 -29.78
C GLN UA 112 66.00 -53.05 -31.26
N LEU UA 113 65.73 -54.28 -31.68
CA LEU UA 113 65.95 -54.73 -33.04
C LEU UA 113 64.61 -55.13 -33.68
N TYR UA 114 64.55 -54.97 -35.00
CA TYR UA 114 63.37 -55.33 -35.79
C TYR UA 114 63.75 -56.51 -36.67
N MET UA 115 63.17 -57.67 -36.37
CA MET UA 115 63.52 -58.92 -37.04
C MET UA 115 62.34 -59.38 -37.89
N GLY UA 116 62.35 -58.97 -39.16
CA GLY UA 116 61.35 -59.43 -40.10
C GLY UA 116 59.99 -58.77 -39.93
N GLU UA 117 59.32 -59.08 -38.82
CA GLU UA 117 57.98 -58.56 -38.57
C GLU UA 117 57.90 -58.07 -37.14
N ALA UA 118 56.97 -57.14 -36.89
CA ALA UA 118 56.86 -56.52 -35.58
C ALA UA 118 56.64 -57.56 -34.49
N GLU UA 119 55.86 -58.60 -34.79
CA GLU UA 119 55.55 -59.61 -33.78
C GLU UA 119 56.81 -60.33 -33.30
N TYR UA 120 57.89 -60.31 -34.08
CA TYR UA 120 59.13 -60.97 -33.71
C TYR UA 120 60.21 -60.01 -33.23
N SER UA 121 59.98 -58.70 -33.33
CA SER UA 121 60.96 -57.75 -32.84
C SER UA 121 61.12 -57.87 -31.33
N LEU UA 122 62.30 -57.50 -30.85
CA LEU UA 122 62.64 -57.65 -29.45
C LEU UA 122 63.27 -56.37 -28.92
N ASP UA 123 63.10 -56.14 -27.62
CA ASP UA 123 63.71 -55.01 -26.93
C ASP UA 123 64.54 -55.55 -25.77
N ILE UA 124 65.82 -55.23 -25.77
CA ILE UA 124 66.75 -55.67 -24.73
C ILE UA 124 67.55 -54.46 -24.29
N GLY UA 125 67.66 -54.26 -22.97
CA GLY UA 125 68.35 -53.12 -22.40
C GLY UA 125 69.59 -53.57 -21.63
N VAL UA 126 70.74 -53.05 -22.03
CA VAL UA 126 71.99 -53.31 -21.32
C VAL UA 126 71.95 -52.53 -20.01
N ASP UA 127 71.98 -53.25 -18.89
CA ASP UA 127 71.76 -52.63 -17.59
C ASP UA 127 72.96 -51.82 -17.10
N GLU UA 128 74.18 -52.19 -17.50
CA GLU UA 128 75.37 -51.54 -16.97
C GLU UA 128 76.43 -51.48 -18.06
N GLY UA 129 77.30 -50.49 -17.95
CA GLY UA 129 78.49 -50.43 -18.78
C GLY UA 129 79.47 -51.50 -18.37
N ASP UA 130 80.61 -51.51 -19.07
CA ASP UA 130 81.67 -52.48 -18.86
C ASP UA 130 81.22 -53.91 -19.20
N THR UA 131 80.06 -54.07 -19.82
CA THR UA 131 79.60 -55.39 -20.23
C THR UA 131 80.18 -55.73 -21.58
N PRO UA 132 81.00 -56.78 -21.70
CA PRO UA 132 81.60 -57.10 -22.99
C PRO UA 132 80.58 -57.66 -23.97
N THR UA 133 81.03 -58.02 -25.17
CA THR UA 133 80.13 -58.62 -26.14
C THR UA 133 79.52 -59.91 -25.63
N GLN UA 134 80.18 -60.60 -24.70
CA GLN UA 134 79.65 -61.86 -24.19
C GLN UA 134 78.51 -61.65 -23.20
N ILE UA 135 78.57 -60.60 -22.38
CA ILE UA 135 77.41 -60.26 -21.56
C ILE UA 135 76.26 -59.84 -22.47
N ALA UA 136 76.58 -59.12 -23.55
CA ALA UA 136 75.64 -58.99 -24.65
C ALA UA 136 75.47 -60.36 -25.32
N ALA UA 137 74.65 -60.41 -26.36
CA ALA UA 137 74.17 -61.65 -26.94
C ALA UA 137 73.19 -62.36 -26.02
N LYS UA 138 72.69 -61.64 -25.01
CA LYS UA 138 71.52 -62.08 -24.25
C LYS UA 138 70.26 -62.06 -25.10
N ILE UA 139 70.36 -61.53 -26.33
CA ILE UA 139 69.23 -61.52 -27.25
C ILE UA 139 68.70 -62.93 -27.44
N VAL UA 140 69.60 -63.91 -27.54
CA VAL UA 140 69.19 -65.29 -27.76
C VAL UA 140 68.16 -65.73 -26.74
N ALA UA 141 68.21 -65.16 -25.54
CA ALA UA 141 67.20 -65.45 -24.53
C ALA UA 141 65.88 -64.75 -24.80
N ALA UA 142 65.89 -63.71 -25.65
CA ALA UA 142 64.69 -62.93 -25.93
C ALA UA 142 64.08 -63.25 -27.29
N ILE UA 143 64.82 -63.93 -28.19
CA ILE UA 143 64.27 -64.25 -29.50
C ILE UA 143 63.04 -65.12 -29.33
N SER UA 144 61.98 -64.79 -30.05
CA SER UA 144 60.73 -65.51 -29.91
C SER UA 144 60.91 -66.96 -30.32
N PRO UA 145 60.33 -67.92 -29.58
CA PRO UA 145 60.47 -69.32 -29.99
C PRO UA 145 59.91 -69.61 -31.38
N ASP UA 146 58.94 -68.83 -31.84
CA ASP UA 146 58.31 -69.07 -33.13
C ASP UA 146 59.04 -68.40 -34.28
N PHE UA 147 60.17 -67.76 -34.02
CA PHE UA 147 60.95 -67.17 -35.10
C PHE UA 147 61.38 -68.26 -36.08
N PRO UA 148 61.26 -68.05 -37.39
CA PRO UA 148 61.62 -69.11 -38.35
C PRO UA 148 63.10 -69.46 -38.37
N TYR UA 149 63.93 -68.84 -37.54
CA TYR UA 149 65.37 -69.07 -37.55
C TYR UA 149 65.84 -69.53 -36.18
N GLU UA 150 67.03 -70.12 -36.15
CA GLU UA 150 67.62 -70.69 -34.95
C GLU UA 150 68.77 -69.83 -34.48
N ALA UA 151 68.78 -69.52 -33.18
CA ALA UA 151 69.83 -68.68 -32.59
C ALA UA 151 70.93 -69.58 -32.04
N THR UA 152 72.12 -69.50 -32.64
CA THR UA 152 73.22 -70.36 -32.21
C THR UA 152 73.81 -69.90 -30.89
N ALA UA 153 73.95 -68.59 -30.69
CA ALA UA 153 74.56 -68.03 -29.49
C ALA UA 153 76.01 -68.48 -29.34
N ALA UA 154 76.82 -68.11 -30.32
CA ALA UA 154 78.25 -68.39 -30.27
C ALA UA 154 78.93 -67.34 -29.39
N ALA UA 155 80.27 -67.31 -29.42
CA ALA UA 155 81.04 -66.44 -28.55
C ALA UA 155 81.14 -65.05 -29.18
N GLY UA 156 80.26 -64.14 -28.76
CA GLY UA 156 80.28 -62.77 -29.21
C GLY UA 156 79.50 -62.51 -30.48
N VAL UA 157 79.15 -63.56 -31.22
CA VAL UA 157 78.39 -63.43 -32.47
C VAL UA 157 77.31 -64.50 -32.47
N ILE UA 158 76.14 -64.14 -32.98
CA ILE UA 158 75.00 -65.06 -33.07
C ILE UA 158 74.75 -65.40 -34.53
N THR UA 159 74.62 -66.68 -34.82
CA THR UA 159 74.39 -67.17 -36.17
C THR UA 159 72.94 -67.61 -36.29
N LEU UA 160 72.24 -67.11 -37.32
CA LEU UA 160 70.84 -67.41 -37.55
C LEU UA 160 70.73 -68.29 -38.79
N THR UA 161 70.08 -69.45 -38.64
CA THR UA 161 69.88 -70.39 -39.73
C THR UA 161 68.40 -70.68 -39.88
N ALA UA 162 67.93 -70.74 -41.13
CA ALA UA 162 66.52 -70.96 -41.39
C ALA UA 162 66.10 -72.36 -40.96
N ARG UA 163 64.86 -72.47 -40.51
CA ARG UA 163 64.29 -73.76 -40.13
C ARG UA 163 63.77 -74.55 -41.32
N ASN UA 164 63.66 -73.93 -42.49
CA ASN UA 164 63.19 -74.60 -43.70
C ASN UA 164 64.24 -74.41 -44.79
N GLY UA 165 64.74 -75.51 -45.34
CA GLY UA 165 65.75 -75.43 -46.37
C GLY UA 165 65.18 -74.93 -47.68
N GLY UA 166 66.03 -74.25 -48.45
CA GLY UA 166 65.67 -73.73 -49.75
C GLY UA 166 65.87 -72.23 -49.80
N THR UA 167 65.42 -71.65 -50.92
CA THR UA 167 65.56 -70.21 -51.14
C THR UA 167 64.51 -69.39 -50.40
N ILE UA 168 63.56 -70.04 -49.73
CA ILE UA 168 62.50 -69.29 -49.06
C ILE UA 168 63.06 -68.45 -47.92
N GLY UA 169 64.07 -68.96 -47.22
CA GLY UA 169 64.62 -68.26 -46.07
C GLY UA 169 65.71 -67.28 -46.43
N ASN UA 170 65.76 -66.84 -47.68
CA ASN UA 170 66.79 -65.96 -48.19
C ASN UA 170 66.34 -64.51 -48.27
N HIS UA 171 65.49 -64.07 -47.34
CA HIS UA 171 64.94 -62.72 -47.41
C HIS UA 171 64.87 -62.02 -46.06
N LEU UA 172 65.63 -62.48 -45.06
CA LEU UA 172 65.54 -61.89 -43.74
C LEU UA 172 66.22 -60.51 -43.72
N SER UA 173 65.80 -59.67 -42.77
CA SER UA 173 66.35 -58.34 -42.62
C SER UA 173 66.29 -57.94 -41.15
N VAL UA 174 67.39 -57.35 -40.67
CA VAL UA 174 67.49 -56.86 -39.30
C VAL UA 174 67.99 -55.42 -39.34
N ILE UA 175 67.40 -54.57 -38.50
CA ILE UA 175 67.70 -53.15 -38.48
C ILE UA 175 67.95 -52.69 -37.05
N TYR UA 176 68.92 -51.79 -36.88
CA TYR UA 176 69.22 -51.19 -35.58
C TYR UA 176 68.34 -49.95 -35.45
N THR UA 177 67.16 -50.13 -34.86
CA THR UA 177 66.16 -49.07 -34.86
C THR UA 177 66.63 -47.84 -34.10
N ASN UA 178 67.28 -48.04 -32.96
CA ASN UA 178 67.62 -46.94 -32.05
C ASN UA 178 68.85 -46.16 -32.50
N LEU UA 179 69.39 -46.42 -33.68
CA LEU UA 179 70.59 -45.70 -34.12
C LEU UA 179 70.32 -44.19 -34.13
N GLY UA 180 69.25 -43.77 -34.79
CA GLY UA 180 68.87 -42.38 -34.80
C GLY UA 180 68.11 -42.00 -33.55
N SER UA 181 68.75 -42.16 -32.39
CA SER UA 181 68.08 -41.98 -31.11
C SER UA 181 67.49 -40.59 -31.01
N CYS UA 182 66.22 -40.53 -30.60
CA CYS UA 182 65.53 -39.28 -30.31
C CYS UA 182 65.09 -39.20 -28.86
N THR UA 183 64.40 -40.22 -28.36
CA THR UA 183 64.01 -40.31 -26.96
C THR UA 183 64.68 -41.47 -26.25
N SER UA 184 64.66 -42.66 -26.85
CA SER UA 184 65.32 -43.81 -26.24
C SER UA 184 66.82 -43.58 -26.15
N VAL UA 185 67.41 -43.98 -25.03
CA VAL UA 185 68.83 -43.77 -24.78
C VAL UA 185 69.56 -45.05 -25.21
N THR UA 186 70.22 -44.99 -26.35
CA THR UA 186 71.02 -46.12 -26.80
C THR UA 186 72.34 -46.18 -26.05
N PRO UA 187 72.84 -47.38 -25.76
CA PRO UA 187 74.16 -47.47 -25.11
C PRO UA 187 75.26 -46.95 -26.05
N GLU UA 188 76.30 -46.40 -25.43
CA GLU UA 188 77.41 -45.83 -26.18
C GLU UA 188 78.52 -46.84 -26.35
N GLY UA 189 79.07 -46.90 -27.56
CA GLY UA 189 80.13 -47.85 -27.86
C GLY UA 189 79.65 -49.23 -28.26
N VAL UA 190 78.36 -49.40 -28.54
CA VAL UA 190 77.79 -50.68 -28.94
C VAL UA 190 77.30 -50.56 -30.37
N THR UA 191 77.72 -51.50 -31.22
CA THR UA 191 77.32 -51.54 -32.61
C THR UA 191 76.92 -52.95 -32.99
N VAL UA 192 76.05 -53.06 -34.00
CA VAL UA 192 75.55 -54.35 -34.48
C VAL UA 192 75.70 -54.37 -36.00
N ALA UA 193 76.26 -55.46 -36.51
CA ALA UA 193 76.44 -55.66 -37.94
C ALA UA 193 75.74 -56.94 -38.38
N PHE UA 194 74.99 -56.85 -39.48
CA PHE UA 194 74.22 -57.97 -39.99
C PHE UA 194 74.70 -58.32 -41.39
N ALA UA 195 74.91 -59.62 -41.63
CA ALA UA 195 75.42 -60.07 -42.92
C ALA UA 195 75.06 -61.53 -43.11
N GLN UA 196 75.12 -61.97 -44.37
CA GLN UA 196 74.82 -63.34 -44.77
C GLN UA 196 76.10 -64.07 -45.14
N THR UA 197 76.05 -65.40 -45.05
CA THR UA 197 77.20 -66.24 -45.35
C THR UA 197 76.89 -67.42 -46.27
N THR UA 198 75.65 -67.87 -46.35
CA THR UA 198 75.33 -69.04 -47.18
C THR UA 198 73.86 -68.98 -47.62
N PRO UA 199 73.58 -68.99 -48.91
CA PRO UA 199 72.19 -68.96 -49.37
C PRO UA 199 71.62 -70.35 -49.62
N GLY UA 200 70.29 -70.41 -49.69
CA GLY UA 200 69.61 -71.64 -50.06
C GLY UA 200 69.71 -71.93 -51.54
N SER UA 201 69.55 -73.21 -51.89
CA SER UA 201 69.81 -73.62 -53.26
C SER UA 201 68.69 -74.40 -53.91
N VAL UA 202 67.99 -75.27 -53.17
CA VAL UA 202 67.06 -76.24 -53.76
C VAL UA 202 65.65 -75.95 -53.28
N ASN UA 203 64.70 -76.04 -54.19
CA ASN UA 203 63.28 -75.84 -53.90
C ASN UA 203 62.47 -76.98 -54.49
N PRO UA 204 61.35 -77.33 -53.85
CA PRO UA 204 60.48 -78.37 -54.41
C PRO UA 204 59.68 -77.84 -55.60
N GLU UA 205 59.26 -78.77 -56.45
CA GLU UA 205 58.46 -78.46 -57.64
C GLU UA 205 57.32 -79.47 -57.75
N PRO UA 206 56.35 -79.42 -56.84
CA PRO UA 206 55.21 -80.32 -56.93
C PRO UA 206 54.39 -80.06 -58.18
N ASN UA 207 53.83 -81.14 -58.74
CA ASN UA 207 53.02 -81.05 -59.95
C ASN UA 207 51.81 -81.98 -59.88
N ASP UA 208 51.27 -82.20 -58.68
CA ASP UA 208 50.17 -83.13 -58.47
C ASP UA 208 48.88 -82.42 -58.08
N TYR UA 209 48.64 -81.24 -58.64
CA TYR UA 209 47.42 -80.50 -58.31
C TYR UA 209 46.19 -81.24 -58.79
N ALA UA 210 46.25 -81.85 -59.98
CA ALA UA 210 45.08 -82.51 -60.54
C ALA UA 210 44.58 -83.66 -59.67
N SER UA 211 45.41 -84.16 -58.75
CA SER UA 211 45.06 -85.29 -57.91
C SER UA 211 44.59 -84.88 -56.51
N VAL UA 212 45.20 -83.86 -55.92
CA VAL UA 212 44.87 -83.48 -54.55
C VAL UA 212 43.77 -82.43 -54.48
N VAL UA 213 43.51 -81.71 -55.56
CA VAL UA 213 42.47 -80.68 -55.57
C VAL UA 213 41.47 -81.05 -56.66
N ASN UA 214 41.28 -82.35 -56.88
CA ASN UA 214 40.46 -82.84 -57.97
C ASN UA 214 39.01 -82.47 -57.76
N GLU UA 215 38.49 -81.54 -58.57
CA GLU UA 215 37.07 -81.21 -58.63
C GLU UA 215 36.55 -80.75 -57.27
N CYS UA 216 37.12 -79.63 -56.80
CA CYS UA 216 36.60 -78.91 -55.65
C CYS UA 216 36.82 -77.42 -55.89
N CYS UA 217 35.77 -76.64 -55.66
CA CYS UA 217 35.76 -75.23 -56.04
C CYS UA 217 36.29 -74.38 -54.88
N PHE UA 218 37.53 -73.91 -55.01
CA PHE UA 218 38.10 -72.94 -54.09
C PHE UA 218 37.96 -71.53 -54.65
N ALA UA 219 38.06 -70.55 -53.76
CA ALA UA 219 37.92 -69.15 -54.14
C ALA UA 219 39.26 -68.47 -54.37
N VAL UA 220 40.19 -68.62 -53.43
CA VAL UA 220 41.49 -67.95 -53.51
C VAL UA 220 42.58 -68.97 -53.25
N TYR UA 221 43.66 -68.88 -54.02
CA TYR UA 221 44.85 -69.70 -53.84
C TYR UA 221 46.01 -68.79 -53.44
N VAL UA 222 46.70 -69.14 -52.36
CA VAL UA 222 47.83 -68.37 -51.85
C VAL UA 222 49.05 -69.28 -51.86
N LEU UA 223 50.13 -68.80 -52.47
CA LEU UA 223 51.38 -69.56 -52.55
C LEU UA 223 52.46 -68.82 -51.76
N SER UA 224 53.27 -69.58 -51.04
CA SER UA 224 54.30 -69.04 -50.16
C SER UA 224 55.69 -69.42 -50.63
N SER UA 225 55.93 -69.32 -51.93
CA SER UA 225 57.26 -69.57 -52.49
C SER UA 225 57.54 -68.55 -53.58
N ASP UA 226 58.83 -68.33 -53.83
CA ASP UA 226 59.28 -67.41 -54.86
C ASP UA 226 59.79 -68.12 -56.11
N ASP UA 227 59.79 -69.45 -56.12
CA ASP UA 227 60.26 -70.20 -57.29
C ASP UA 227 59.31 -69.94 -58.45
N THR UA 228 59.85 -69.39 -59.55
CA THR UA 228 59.02 -69.09 -60.71
C THR UA 228 58.39 -70.35 -61.29
N ASP UA 229 59.15 -71.45 -61.35
CA ASP UA 229 58.60 -72.69 -61.89
C ASP UA 229 57.42 -73.18 -61.04
N TRP UA 230 57.54 -73.10 -59.72
CA TRP UA 230 56.43 -73.48 -58.86
C TRP UA 230 55.22 -72.60 -59.12
N GLN UA 231 55.42 -71.29 -59.26
CA GLN UA 231 54.31 -70.39 -59.54
C GLN UA 231 53.66 -70.72 -60.87
N GLU UA 232 54.47 -71.06 -61.88
CA GLU UA 232 53.91 -71.38 -63.20
C GLU UA 232 53.03 -72.62 -63.13
N ASN UA 233 53.39 -73.59 -62.31
CA ASN UA 233 52.55 -74.77 -62.15
C ASN UA 233 51.20 -74.40 -61.57
N LEU UA 234 51.18 -73.50 -60.59
CA LEU UA 234 49.90 -73.07 -60.01
C LEU UA 234 49.04 -72.36 -61.06
N ARG UA 235 49.65 -71.52 -61.89
CA ARG UA 235 48.88 -70.81 -62.90
C ARG UA 235 48.22 -71.78 -63.86
N ASP UA 236 48.94 -72.82 -64.28
CA ASP UA 236 48.37 -73.78 -65.22
C ASP UA 236 47.17 -74.48 -64.62
N TRP UA 237 47.22 -74.82 -63.33
CA TRP UA 237 46.09 -75.47 -62.68
C TRP UA 237 44.86 -74.56 -62.67
N ILE UA 238 45.06 -73.28 -62.36
CA ILE UA 238 43.93 -72.36 -62.31
C ILE UA 238 43.27 -72.26 -63.68
N ARG UA 239 44.06 -72.18 -64.74
CA ARG UA 239 43.51 -72.13 -66.08
C ARG UA 239 42.62 -73.33 -66.34
N SER UA 240 43.05 -74.52 -65.90
CA SER UA 240 42.23 -75.71 -66.10
C SER UA 240 40.86 -75.57 -65.44
N ALA UA 241 40.76 -74.74 -64.40
CA ALA UA 241 39.48 -74.50 -63.74
C ALA UA 241 38.63 -73.46 -64.46
N TRP UA 242 39.22 -72.71 -65.40
CA TRP UA 242 38.49 -71.74 -66.21
C TRP UA 242 38.30 -72.23 -67.64
N ASP UA 243 38.67 -73.46 -67.94
CA ASP UA 243 38.69 -73.95 -69.31
C ASP UA 243 37.28 -74.26 -69.79
N CYS UA 244 37.15 -74.43 -71.12
CA CYS UA 244 35.88 -74.72 -71.75
C CYS UA 244 35.66 -76.22 -71.98
N SER UA 245 36.64 -77.06 -71.68
CA SER UA 245 36.49 -78.49 -71.97
C SER UA 245 35.48 -79.15 -71.03
N LYS UA 246 35.46 -78.75 -69.77
CA LYS UA 246 34.58 -79.37 -68.78
C LYS UA 246 34.02 -78.29 -67.86
N PRO UA 247 33.09 -78.63 -66.96
CA PRO UA 247 32.49 -77.60 -66.09
C PRO UA 247 33.56 -76.82 -65.33
N GLN UA 248 33.35 -75.51 -65.24
CA GLN UA 248 34.35 -74.62 -64.66
C GLN UA 248 34.35 -74.69 -63.14
N CYS UA 249 35.48 -74.32 -62.56
CA CYS UA 249 35.68 -74.26 -61.12
C CYS UA 249 36.38 -72.96 -60.76
N PHE UA 250 35.84 -71.84 -61.25
CA PHE UA 250 36.53 -70.56 -61.23
C PHE UA 250 37.27 -70.32 -59.93
N GLY UA 251 38.47 -69.74 -60.05
CA GLY UA 251 39.26 -69.38 -58.90
C GLY UA 251 40.27 -68.31 -59.28
N HIS UA 252 41.01 -67.85 -58.28
CA HIS UA 252 42.03 -66.83 -58.48
C HIS UA 252 43.18 -67.09 -57.52
N GLY UA 253 44.38 -66.73 -57.94
CA GLY UA 253 45.57 -67.00 -57.16
C GLY UA 253 46.42 -65.77 -56.98
N TYR UA 254 47.17 -65.75 -55.88
CA TYR UA 254 48.03 -64.64 -55.52
C TYR UA 254 49.45 -65.12 -55.30
N VAL UA 255 50.42 -64.37 -55.83
CA VAL UA 255 51.84 -64.67 -55.67
C VAL UA 255 52.60 -63.36 -55.57
N PHE UA 256 53.92 -63.45 -55.35
CA PHE UA 256 54.75 -62.26 -55.22
C PHE UA 256 56.06 -62.46 -55.97
N ASN UA 257 56.71 -61.35 -56.29
CA ASN UA 257 58.02 -61.35 -56.94
C ASN UA 257 58.86 -60.25 -56.32
N LYS UA 258 60.14 -60.55 -56.08
CA LYS UA 258 61.04 -59.62 -55.41
C LYS UA 258 62.35 -59.54 -56.18
N GLY UA 259 62.91 -58.34 -56.24
CA GLY UA 259 64.14 -58.11 -56.94
C GLY UA 259 64.21 -56.68 -57.45
N THR UA 260 65.18 -56.43 -58.32
CA THR UA 260 65.30 -55.13 -58.94
C THR UA 260 64.23 -54.95 -60.01
N LEU UA 261 64.05 -53.69 -60.44
CA LEU UA 261 63.04 -53.42 -61.45
C LEU UA 261 63.30 -54.20 -62.73
N GLY UA 262 64.57 -54.43 -63.07
CA GLY UA 262 64.88 -55.21 -64.25
C GLY UA 262 64.46 -56.66 -64.12
N GLN UA 263 64.71 -57.26 -62.96
CA GLN UA 263 64.38 -58.67 -62.76
C GLN UA 263 62.89 -58.89 -62.60
N VAL UA 264 62.21 -58.02 -61.85
CA VAL UA 264 60.79 -58.21 -61.59
C VAL UA 264 59.99 -58.15 -62.88
N LEU UA 265 60.28 -57.16 -63.72
CA LEU UA 265 59.56 -57.03 -64.98
C LEU UA 265 59.74 -58.25 -65.86
N ALA UA 266 60.86 -58.96 -65.72
CA ALA UA 266 61.11 -60.14 -66.53
C ALA UA 266 60.25 -61.33 -66.12
N ASP UA 267 59.60 -61.27 -64.96
CA ASP UA 267 58.77 -62.37 -64.50
C ASP UA 267 57.35 -62.32 -65.06
N GLY UA 268 56.98 -61.23 -65.73
CA GLY UA 268 55.65 -61.16 -66.30
C GLY UA 268 55.43 -62.26 -67.33
N ASP UA 269 54.23 -62.84 -67.30
CA ASP UA 269 53.89 -63.90 -68.24
C ASP UA 269 52.47 -63.75 -68.80
N ASN UA 270 51.90 -62.55 -68.73
CA ASN UA 270 50.57 -62.29 -69.27
C ASN UA 270 49.55 -63.27 -68.73
N SER UA 271 49.56 -63.46 -67.41
CA SER UA 271 48.64 -64.35 -66.73
C SER UA 271 47.40 -63.57 -66.30
N ALA UA 272 46.23 -64.09 -66.66
CA ALA UA 272 44.97 -63.48 -66.26
C ALA UA 272 44.45 -64.02 -64.93
N GLU UA 273 45.16 -64.95 -64.32
CA GLU UA 273 44.72 -65.59 -63.08
C GLU UA 273 45.55 -65.21 -61.87
N LEU UA 274 46.80 -64.79 -62.06
CA LEU UA 274 47.70 -64.47 -60.97
C LEU UA 274 47.71 -62.96 -60.72
N SER UA 275 47.75 -62.58 -59.46
CA SER UA 275 47.89 -61.18 -59.04
C SER UA 275 49.28 -61.05 -58.42
N ARG UA 276 50.26 -60.67 -59.25
CA ARG UA 276 51.65 -60.66 -58.83
C ARG UA 276 51.94 -59.40 -58.03
N LEU UA 277 52.43 -59.58 -56.80
CA LEU UA 277 52.82 -58.47 -55.94
C LEU UA 277 54.31 -58.22 -56.12
N ALA UA 278 54.67 -56.99 -56.46
CA ALA UA 278 56.05 -56.61 -56.71
C ALA UA 278 56.63 -55.95 -55.47
N LEU UA 279 57.84 -56.38 -55.09
CA LEU UA 279 58.53 -55.86 -53.92
C LEU UA 279 59.97 -55.51 -54.27
N PRO UA 280 60.55 -54.54 -53.57
CA PRO UA 280 61.94 -54.15 -53.86
C PRO UA 280 62.94 -55.01 -53.10
N THR UA 281 64.20 -54.87 -53.48
CA THR UA 281 65.27 -55.66 -52.88
C THR UA 281 65.50 -55.32 -51.42
N THR UA 282 64.99 -54.19 -50.94
CA THR UA 282 65.22 -53.72 -49.58
C THR UA 282 63.92 -53.70 -48.77
N TYR UA 283 63.08 -54.71 -48.96
CA TYR UA 283 61.81 -54.76 -48.24
C TYR UA 283 62.05 -55.23 -46.81
N PRO UA 284 61.71 -54.43 -45.80
CA PRO UA 284 62.00 -54.85 -44.41
C PRO UA 284 61.22 -56.07 -43.96
N VAL UA 285 60.03 -56.30 -44.50
CA VAL UA 285 59.16 -57.38 -44.04
C VAL UA 285 59.48 -58.64 -44.83
N LEU UA 286 59.22 -59.78 -44.20
CA LEU UA 286 59.38 -61.06 -44.89
C LEU UA 286 58.39 -61.13 -46.04
N PRO UA 287 58.82 -61.51 -47.25
CA PRO UA 287 57.89 -61.43 -48.39
C PRO UA 287 56.61 -62.24 -48.20
N TYR UA 288 56.73 -63.52 -47.84
CA TYR UA 288 55.56 -64.39 -47.82
C TYR UA 288 54.54 -64.01 -46.76
N LEU UA 289 54.90 -63.14 -45.80
CA LEU UA 289 53.90 -62.68 -44.84
C LEU UA 289 52.95 -61.68 -45.47
N THR UA 290 53.47 -60.75 -46.28
CA THR UA 290 52.61 -59.77 -46.93
C THR UA 290 51.70 -60.42 -47.96
N ASN UA 291 52.20 -61.42 -48.67
CA ASN UA 291 51.39 -62.09 -49.69
C ASN UA 291 50.14 -62.70 -49.08
N ALA UA 292 50.30 -63.43 -47.98
CA ALA UA 292 49.14 -64.06 -47.35
C ALA UA 292 48.15 -63.02 -46.84
N ALA UA 293 48.65 -61.95 -46.23
CA ALA UA 293 47.75 -60.94 -45.68
C ALA UA 293 46.91 -60.30 -46.78
N TYR UA 294 47.52 -59.97 -47.92
CA TYR UA 294 46.77 -59.38 -49.01
C TYR UA 294 45.73 -60.35 -49.56
N GLY UA 295 46.15 -61.59 -49.83
CA GLY UA 295 45.21 -62.58 -50.33
C GLY UA 295 44.09 -62.86 -49.35
N ALA UA 296 44.43 -62.96 -48.06
CA ALA UA 296 43.41 -63.21 -47.05
C ALA UA 296 42.39 -62.07 -47.01
N LEU UA 297 42.87 -60.83 -47.12
CA LEU UA 297 41.96 -59.69 -47.12
C LEU UA 297 41.01 -59.74 -48.31
N SER UA 298 41.52 -60.09 -49.49
CA SER UA 298 40.70 -60.16 -50.68
C SER UA 298 39.70 -61.31 -50.65
N ALA UA 299 39.81 -62.21 -49.67
CA ALA UA 299 38.89 -63.32 -49.55
C ALA UA 299 37.52 -62.79 -49.14
N CYS UA 300 36.58 -63.69 -48.85
CA CYS UA 300 35.22 -63.30 -48.56
C CYS UA 300 35.13 -62.22 -47.47
N SER UA 301 36.20 -62.00 -46.73
CA SER UA 301 36.21 -60.91 -45.76
C SER UA 301 35.91 -59.57 -46.41
N THR UA 302 36.20 -59.43 -47.71
CA THR UA 302 35.90 -58.19 -48.42
C THR UA 302 35.33 -58.44 -49.81
N CYS UA 303 35.07 -59.70 -50.19
CA CYS UA 303 34.58 -60.02 -51.52
C CYS UA 303 33.40 -60.97 -51.45
N GLU UA 304 32.49 -60.74 -50.50
CA GLU UA 304 31.18 -61.36 -50.60
C GLU UA 304 30.35 -60.71 -51.71
N ASN UA 305 30.55 -59.41 -51.93
CA ASN UA 305 30.01 -58.71 -53.08
C ASN UA 305 31.13 -58.57 -54.10
N PRO UA 306 31.03 -59.18 -55.28
CA PRO UA 306 32.21 -59.28 -56.16
C PRO UA 306 32.64 -57.96 -56.78
N GLU UA 307 31.86 -56.89 -56.65
CA GLU UA 307 32.14 -55.65 -57.36
C GLU UA 307 33.04 -54.70 -56.57
N LEU UA 308 33.51 -55.10 -55.39
CA LEU UA 308 34.27 -54.22 -54.52
C LEU UA 308 35.75 -54.35 -54.81
N ASN UA 309 36.39 -53.26 -55.24
CA ASN UA 309 37.82 -53.25 -55.42
C ASN UA 309 38.53 -53.20 -54.06
N VAL UA 310 39.77 -53.68 -54.04
CA VAL UA 310 40.60 -53.61 -52.84
C VAL UA 310 41.71 -52.60 -53.10
N GLN UA 311 41.45 -51.34 -52.75
CA GLN UA 311 42.38 -50.25 -53.01
C GLN UA 311 42.27 -49.24 -51.87
N GLY UA 312 42.86 -48.06 -52.08
CA GLY UA 312 42.70 -46.97 -51.15
C GLY UA 312 43.25 -47.25 -49.77
N GLN UA 313 43.18 -46.26 -48.89
CA GLN UA 313 43.65 -46.39 -47.52
C GLN UA 313 42.61 -46.99 -46.59
N THR UA 314 41.40 -47.25 -47.07
CA THR UA 314 40.32 -47.79 -46.27
C THR UA 314 40.05 -49.26 -46.56
N TYR UA 315 39.82 -49.62 -47.82
CA TYR UA 315 39.49 -50.98 -48.20
C TYR UA 315 40.71 -51.82 -48.54
N GLY UA 316 41.91 -51.25 -48.50
CA GLY UA 316 43.10 -51.99 -48.85
C GLY UA 316 44.22 -51.85 -47.84
N LEU UA 317 43.86 -51.79 -46.56
CA LEU UA 317 44.81 -51.60 -45.47
C LEU UA 317 45.10 -52.94 -44.82
N LEU UA 318 46.37 -53.34 -44.82
CA LEU UA 318 46.81 -54.58 -44.17
C LEU UA 318 47.18 -54.27 -42.71
N SER UA 319 46.14 -54.05 -41.91
CA SER UA 319 46.34 -53.62 -40.53
C SER UA 319 47.09 -54.64 -39.69
N CYS UA 320 47.18 -55.88 -40.14
CA CYS UA 320 47.85 -56.94 -39.38
C CYS UA 320 49.35 -56.98 -39.60
N ILE UA 321 49.89 -56.10 -40.43
CA ILE UA 321 51.31 -56.08 -40.74
C ILE UA 321 51.87 -54.72 -40.35
N ASN UA 322 52.98 -54.74 -39.60
CA ASN UA 322 53.61 -53.52 -39.11
C ASN UA 322 55.08 -53.53 -39.50
N MET UA 323 55.56 -52.42 -40.06
CA MET UA 323 56.94 -52.26 -40.45
C MET UA 323 57.39 -50.86 -40.06
N PRO UA 324 58.69 -50.67 -39.83
CA PRO UA 324 59.16 -49.37 -39.34
C PRO UA 324 59.02 -48.29 -40.40
N GLU UA 325 58.83 -47.05 -39.93
CA GLU UA 325 58.79 -45.91 -40.81
C GLU UA 325 60.17 -45.65 -41.41
N SER UA 326 60.18 -44.94 -42.54
CA SER UA 326 61.45 -44.63 -43.19
C SER UA 326 61.22 -43.49 -44.17
N CYS UA 327 62.29 -42.74 -44.42
CA CYS UA 327 62.22 -41.61 -45.34
C CYS UA 327 62.32 -42.02 -46.80
N THR UA 328 62.74 -43.25 -47.08
CA THR UA 328 62.95 -43.71 -48.45
C THR UA 328 61.77 -44.56 -48.89
N PRO UA 329 61.06 -44.20 -49.96
CA PRO UA 329 59.85 -44.96 -50.34
C PRO UA 329 60.13 -46.39 -50.73
N GLY UA 330 61.34 -46.72 -51.16
CA GLY UA 330 61.60 -48.05 -51.70
C GLY UA 330 61.45 -48.10 -53.20
N TRP UA 331 60.27 -47.74 -53.68
CA TRP UA 331 60.01 -47.62 -55.11
C TRP UA 331 59.97 -46.15 -55.49
N GLU UA 332 60.81 -45.75 -56.44
CA GLU UA 332 60.72 -44.40 -56.99
C GLU UA 332 59.46 -44.25 -57.82
N PHE UA 333 58.91 -43.04 -57.82
CA PHE UA 333 57.62 -42.83 -58.48
C PHE UA 333 57.66 -43.26 -59.94
N THR UA 334 58.77 -42.97 -60.62
CA THR UA 334 58.89 -43.42 -62.01
C THR UA 334 58.83 -44.94 -62.09
N GLU UA 335 59.48 -45.63 -61.16
CA GLU UA 335 59.39 -47.08 -61.12
C GLU UA 335 57.97 -47.54 -60.82
N VAL UA 336 57.27 -46.82 -59.93
CA VAL UA 336 55.89 -47.19 -59.60
C VAL UA 336 55.01 -47.09 -60.83
N THR UA 337 55.17 -46.03 -61.62
CA THR UA 337 54.36 -45.87 -62.83
C THR UA 337 54.63 -47.00 -63.81
N GLN UA 338 55.91 -47.36 -63.99
CA GLN UA 338 56.24 -48.44 -64.91
C GLN UA 338 55.64 -49.76 -64.45
N LEU UA 339 55.73 -50.07 -63.15
CA LEU UA 339 55.19 -51.32 -62.65
C LEU UA 339 53.67 -51.38 -62.82
N GLN UA 340 52.99 -50.28 -62.50
CA GLN UA 340 51.53 -50.27 -62.60
C GLN UA 340 51.06 -50.50 -64.02
N ASN UA 341 51.73 -49.88 -65.00
CA ASN UA 341 51.35 -50.04 -66.39
C ASN UA 341 51.63 -51.45 -66.92
N ASN UA 342 52.36 -52.27 -66.18
CA ASN UA 342 52.72 -53.61 -66.62
C ASN UA 342 52.06 -54.69 -65.76
N GLY UA 343 50.87 -54.40 -65.23
CA GLY UA 343 50.10 -55.39 -64.50
C GLY UA 343 50.76 -55.94 -63.26
N PHE UA 344 51.31 -55.07 -62.43
CA PHE UA 344 51.90 -55.45 -61.16
C PHE UA 344 51.26 -54.66 -60.02
N VAL UA 345 51.12 -55.30 -58.87
CA VAL UA 345 50.54 -54.67 -57.70
C VAL UA 345 51.64 -53.98 -56.91
N VAL UA 346 51.32 -52.81 -56.35
CA VAL UA 346 52.27 -52.01 -55.61
C VAL UA 346 51.64 -51.60 -54.29
N SER UA 347 52.46 -51.57 -53.25
CA SER UA 347 52.02 -51.19 -51.91
C SER UA 347 52.94 -50.13 -51.34
N GLY UA 348 52.39 -49.31 -50.45
CA GLY UA 348 53.14 -48.24 -49.82
C GLY UA 348 52.70 -48.00 -48.39
N PRO UA 349 53.56 -47.40 -47.59
CA PRO UA 349 53.22 -47.16 -46.18
C PRO UA 349 52.08 -46.17 -46.04
N ALA UA 350 51.28 -46.38 -45.00
CA ALA UA 350 50.15 -45.49 -44.73
C ALA UA 350 50.63 -44.09 -44.40
N THR UA 351 51.66 -43.98 -43.56
CA THR UA 351 52.21 -42.69 -43.15
C THR UA 351 53.72 -42.72 -43.26
N THR UA 352 54.29 -41.55 -43.58
CA THR UA 352 55.73 -41.41 -43.79
C THR UA 352 56.31 -40.51 -42.71
N SER UA 353 57.41 -40.95 -42.10
CA SER UA 353 58.07 -40.17 -41.06
C SER UA 353 59.43 -40.81 -40.78
N GLY UA 354 60.27 -40.05 -40.09
CA GLY UA 354 61.59 -40.51 -39.70
C GLY UA 354 61.71 -40.95 -38.27
N GLN UA 355 60.63 -40.85 -37.47
CA GLN UA 355 60.72 -41.22 -36.07
C GLN UA 355 61.00 -42.70 -35.87
N GLY UA 356 60.70 -43.54 -36.84
CA GLY UA 356 60.97 -44.96 -36.73
C GLY UA 356 59.88 -45.77 -36.07
N ASN UA 357 58.66 -45.27 -36.02
CA ASN UA 357 57.55 -46.00 -35.42
C ASN UA 357 57.04 -47.04 -36.41
N PHE UA 358 55.92 -47.68 -36.10
CA PHE UA 358 55.37 -48.75 -36.91
C PHE UA 358 54.18 -48.24 -37.74
N THR UA 359 54.06 -48.77 -38.95
CA THR UA 359 52.95 -48.45 -39.85
C THR UA 359 52.59 -49.70 -40.64
N SER UA 360 51.39 -49.68 -41.22
CA SER UA 360 50.88 -50.79 -42.00
C SER UA 360 50.72 -50.38 -43.45
N PRO UA 361 51.30 -51.12 -44.40
CA PRO UA 361 51.17 -50.74 -45.81
C PRO UA 361 49.77 -51.01 -46.34
N TYR UA 362 49.45 -50.33 -47.44
CA TYR UA 362 48.16 -50.48 -48.10
C TYR UA 362 48.38 -50.61 -49.60
N ILE UA 363 47.43 -51.26 -50.26
CA ILE UA 363 47.56 -51.55 -51.69
C ILE UA 363 47.27 -50.29 -52.49
N TYR UA 364 48.09 -50.04 -53.51
CA TYR UA 364 47.87 -48.89 -54.37
C TYR UA 364 46.80 -49.18 -55.42
N ASN UA 365 46.93 -50.29 -56.13
CA ASN UA 365 45.99 -50.67 -57.18
C ASN UA 365 45.80 -52.17 -57.16
N ASP UA 366 44.55 -52.60 -57.34
CA ASP UA 366 44.21 -54.03 -57.42
C ASP UA 366 44.13 -54.40 -58.89
N VAL UA 367 45.11 -55.17 -59.36
CA VAL UA 367 45.25 -55.45 -60.78
C VAL UA 367 45.76 -56.88 -60.96
N THR UA 368 45.39 -57.49 -62.09
CA THR UA 368 45.89 -58.79 -62.50
C THR UA 368 46.96 -58.61 -63.57
N ASN UA 369 47.67 -59.70 -63.86
CA ASN UA 369 48.76 -59.67 -64.82
C ASN UA 369 48.29 -59.83 -66.26
N TYR UA 370 47.01 -59.56 -66.54
CA TYR UA 370 46.49 -59.65 -67.89
C TYR UA 370 46.86 -58.37 -68.65
N LEU UA 371 47.62 -58.52 -69.73
CA LEU UA 371 48.11 -57.40 -70.51
C LEU UA 371 47.76 -57.48 -71.99
N ARG UA 372 47.80 -58.67 -72.58
CA ARG UA 372 47.57 -58.84 -74.01
C ARG UA 372 46.50 -59.90 -74.23
N ASP UA 373 45.52 -59.58 -75.07
CA ASP UA 373 44.51 -60.54 -75.46
C ASP UA 373 45.16 -61.69 -76.24
N GLU UA 374 44.41 -62.78 -76.39
CA GLU UA 374 44.83 -63.83 -77.30
C GLU UA 374 44.89 -63.28 -78.72
N LYS UA 375 45.78 -63.86 -79.53
CA LYS UA 375 46.11 -63.38 -80.86
C LYS UA 375 46.97 -62.12 -80.82
N ASN UA 376 47.48 -61.75 -79.65
CA ASN UA 376 48.44 -60.65 -79.51
C ASN UA 376 47.84 -59.33 -79.99
N ARG UA 377 46.80 -58.90 -79.28
CA ARG UA 377 46.21 -57.59 -79.49
C ARG UA 377 45.88 -56.95 -78.14
N PRO UA 378 46.49 -55.83 -77.80
CA PRO UA 378 46.34 -55.31 -76.43
C PRO UA 378 44.92 -54.82 -76.14
N ASN UA 379 44.56 -54.89 -74.86
CA ASN UA 379 43.32 -54.34 -74.33
C ASN UA 379 43.40 -54.41 -72.81
N ALA UA 380 42.32 -54.02 -72.14
CA ALA UA 380 42.28 -53.99 -70.68
C ALA UA 380 40.98 -54.58 -70.17
N THR UA 381 40.48 -55.62 -70.83
CA THR UA 381 39.22 -56.22 -70.42
C THR UA 381 39.33 -56.82 -69.01
N PHE UA 382 40.42 -57.52 -68.72
CA PHE UA 382 40.62 -58.18 -67.44
C PHE UA 382 41.65 -57.47 -66.57
N ARG UA 383 41.91 -56.18 -66.83
CA ARG UA 383 42.91 -55.47 -66.04
C ARG UA 383 42.53 -55.46 -64.57
N ASP UA 384 41.30 -55.04 -64.26
CA ASP UA 384 40.87 -54.98 -62.87
C ASP UA 384 40.61 -56.38 -62.33
N ALA UA 385 40.98 -56.60 -61.07
CA ALA UA 385 40.74 -57.89 -60.44
C ALA UA 385 39.25 -58.18 -60.36
N SER UA 386 38.45 -57.16 -60.05
CA SER UA 386 37.01 -57.36 -59.93
C SER UA 386 36.40 -57.89 -61.22
N SER UA 387 37.04 -57.65 -62.37
CA SER UA 387 36.49 -58.14 -63.63
C SER UA 387 36.40 -59.66 -63.64
N ARG UA 388 37.43 -60.33 -63.13
CA ARG UA 388 37.39 -61.79 -63.08
C ARG UA 388 36.26 -62.27 -62.18
N ARG UA 389 36.09 -61.64 -61.03
CA ARG UA 389 35.00 -62.02 -60.13
C ARG UA 389 33.65 -61.80 -60.79
N LEU UA 390 33.48 -60.69 -61.49
CA LEU UA 390 32.21 -60.41 -62.15
C LEU UA 390 31.92 -61.45 -63.23
N ALA UA 391 32.95 -61.84 -63.98
CA ALA UA 391 32.75 -62.83 -65.04
C ALA UA 391 32.25 -64.15 -64.47
N ALA UA 392 32.83 -64.60 -63.36
CA ALA UA 392 32.39 -65.84 -62.74
C ALA UA 392 30.94 -65.73 -62.28
N ALA UA 393 30.59 -64.62 -61.63
CA ALA UA 393 29.21 -64.43 -61.19
C ALA UA 393 28.26 -64.34 -62.37
N THR UA 394 28.66 -63.63 -63.43
CA THR UA 394 27.80 -63.51 -64.60
C THR UA 394 27.51 -64.85 -65.24
N GLY UA 395 28.53 -65.70 -65.35
CA GLY UA 395 28.32 -67.01 -65.96
C GLY UA 395 27.37 -67.87 -65.15
N VAL UA 396 27.58 -67.92 -63.84
CA VAL UA 396 26.74 -68.76 -62.98
C VAL UA 396 25.30 -68.25 -62.99
N ALA UA 397 25.12 -66.94 -62.87
CA ALA UA 397 23.77 -66.39 -62.84
C ALA UA 397 23.04 -66.67 -64.15
N LEU UA 398 23.72 -66.50 -65.28
CA LEU UA 398 23.09 -66.80 -66.56
C LEU UA 398 22.72 -68.27 -66.67
N ALA UA 399 23.60 -69.16 -66.20
CA ALA UA 399 23.33 -70.59 -66.27
C ALA UA 399 22.08 -70.95 -65.49
N THR UA 400 21.92 -70.38 -64.28
CA THR UA 400 20.75 -70.67 -63.48
C THR UA 400 19.47 -70.21 -64.20
N PHE UA 401 19.51 -69.04 -64.82
CA PHE UA 401 18.33 -68.53 -65.50
C PHE UA 401 17.94 -69.42 -66.68
N LEU UA 402 18.93 -69.90 -67.43
CA LEU UA 402 18.65 -70.72 -68.61
C LEU UA 402 18.14 -72.11 -68.26
N GLN UA 403 18.18 -72.50 -66.98
CA GLN UA 403 17.72 -73.84 -66.61
C GLN UA 403 16.24 -74.04 -66.88
N GLN UA 404 15.47 -72.96 -66.99
CA GLN UA 404 14.03 -73.08 -67.17
C GLN UA 404 13.67 -73.66 -68.53
N PHE UA 405 14.59 -73.66 -69.49
CA PHE UA 405 14.33 -74.21 -70.82
C PHE UA 405 14.66 -75.69 -70.93
N ASN UA 406 15.01 -76.33 -69.82
CA ASN UA 406 15.37 -77.74 -69.84
C ASN UA 406 14.11 -78.60 -69.97
N GLY UA 407 14.09 -79.48 -70.97
CA GLY UA 407 12.93 -80.33 -71.18
C GLY UA 407 11.68 -79.58 -71.57
N LEU UA 408 11.80 -78.59 -72.45
CA LEU UA 408 10.67 -77.81 -72.92
C LEU UA 408 10.44 -78.07 -74.40
N ALA UA 409 9.19 -78.32 -74.77
CA ALA UA 409 8.88 -78.57 -76.16
C ALA UA 409 9.28 -77.39 -77.03
N VAL UA 410 9.89 -77.68 -78.16
CA VAL UA 410 10.42 -76.66 -79.06
C VAL UA 410 9.94 -76.95 -80.47
N PHE UA 411 9.78 -75.89 -81.25
CA PHE UA 411 9.35 -75.99 -82.64
C PHE UA 411 10.31 -75.16 -83.49
N THR UA 412 10.84 -75.78 -84.55
CA THR UA 412 11.84 -75.14 -85.39
C THR UA 412 11.47 -75.13 -86.86
N LYS UA 413 10.78 -76.15 -87.35
CA LYS UA 413 10.40 -76.19 -88.75
C LYS UA 413 9.14 -75.36 -89.00
N ASN UA 414 8.08 -75.62 -88.25
CA ASN UA 414 6.88 -74.80 -88.27
C ASN UA 414 6.75 -74.11 -86.91
N THR UA 415 6.66 -72.79 -86.92
CA THR UA 415 6.77 -72.00 -85.70
C THR UA 415 5.42 -71.72 -85.04
N ASN UA 416 4.32 -72.26 -85.56
CA ASN UA 416 3.00 -72.04 -84.98
C ASN UA 416 2.74 -73.12 -83.94
N ILE UA 417 2.62 -72.70 -82.68
CA ILE UA 417 2.30 -73.60 -81.58
C ILE UA 417 0.79 -73.73 -81.50
N LYS UA 418 0.29 -74.97 -81.55
CA LYS UA 418 -1.14 -75.18 -81.46
C LYS UA 418 -1.65 -74.81 -80.06
N THR UA 419 -2.95 -74.53 -79.98
CA THR UA 419 -3.55 -74.13 -78.72
C THR UA 419 -3.38 -75.22 -77.68
N GLY UA 420 -2.98 -74.80 -76.47
CA GLY UA 420 -2.87 -75.71 -75.35
C GLY UA 420 -1.49 -76.29 -75.13
N ILE UA 421 -0.61 -76.26 -76.14
CA ILE UA 421 0.71 -76.83 -75.98
C ILE UA 421 1.57 -75.94 -75.08
N ILE UA 422 2.53 -76.55 -74.40
CA ILE UA 422 3.53 -75.84 -73.61
C ILE UA 422 4.84 -75.94 -74.36
N GLY UA 423 5.33 -74.83 -74.87
CA GLY UA 423 6.54 -74.85 -75.65
C GLY UA 423 7.05 -73.45 -75.93
N THR UA 424 7.91 -73.36 -76.94
CA THR UA 424 8.53 -72.09 -77.32
C THR UA 424 9.25 -72.30 -78.65
N ASN UA 425 9.86 -71.23 -79.15
CA ASN UA 425 10.62 -71.29 -80.39
C ASN UA 425 11.84 -70.37 -80.24
N LEU UA 426 12.56 -70.18 -81.35
CA LEU UA 426 13.80 -69.40 -81.29
C LEU UA 426 13.52 -67.95 -80.89
N ARG UA 427 12.60 -67.29 -81.59
CA ARG UA 427 12.38 -65.86 -81.36
C ARG UA 427 11.90 -65.61 -79.94
N LEU UA 428 10.97 -66.43 -79.44
CA LEU UA 428 10.46 -66.21 -78.09
C LEU UA 428 11.55 -66.41 -77.05
N MET UA 429 12.41 -67.42 -77.23
CA MET UA 429 13.53 -67.60 -76.31
C MET UA 429 14.47 -66.41 -76.35
N LEU UA 430 14.76 -65.90 -77.55
CA LEU UA 430 15.63 -64.73 -77.64
C LEU UA 430 15.00 -63.53 -76.95
N GLY UA 431 13.70 -63.33 -77.13
CA GLY UA 431 13.04 -62.22 -76.47
C GLY UA 431 13.12 -62.30 -74.96
N LYS UA 432 12.93 -63.50 -74.40
CA LYS UA 432 13.00 -63.65 -72.95
C LYS UA 432 14.40 -63.34 -72.43
N ILE UA 433 15.43 -63.83 -73.14
CA ILE UA 433 16.80 -63.58 -72.69
C ILE UA 433 17.11 -62.09 -72.74
N ARG UA 434 16.71 -61.42 -73.82
CA ARG UA 434 16.97 -59.98 -73.93
C ARG UA 434 16.38 -59.23 -72.74
N LYS UA 435 15.19 -59.65 -72.28
CA LYS UA 435 14.60 -59.00 -71.12
C LYS UA 435 15.47 -59.17 -69.89
N TRP UA 436 16.04 -60.36 -69.69
CA TRP UA 436 16.89 -60.59 -68.54
C TRP UA 436 18.13 -59.71 -68.58
N ALA UA 437 18.77 -59.61 -69.75
CA ALA UA 437 19.97 -58.79 -69.85
C ALA UA 437 19.68 -57.33 -69.54
N SER UA 438 18.57 -56.80 -70.07
CA SER UA 438 18.21 -55.41 -69.79
C SER UA 438 17.86 -55.21 -68.32
N ASP UA 439 17.21 -56.21 -67.71
CA ASP UA 439 16.81 -56.07 -66.31
C ASP UA 439 18.02 -55.95 -65.39
N ASN UA 440 19.09 -56.67 -65.69
CA ASN UA 440 20.26 -56.71 -64.84
C ASN UA 440 21.15 -55.48 -65.01
N VAL UA 441 20.85 -54.60 -65.96
CA VAL UA 441 21.67 -53.41 -66.15
C VAL UA 441 21.76 -52.65 -64.83
N GLY UA 442 22.97 -52.21 -64.50
CA GLY UA 442 23.22 -51.52 -63.25
C GLY UA 442 23.55 -52.41 -62.07
N VAL UA 443 23.51 -53.74 -62.25
CA VAL UA 443 23.84 -54.69 -61.20
C VAL UA 443 25.03 -55.55 -61.60
N LEU UA 444 25.02 -56.08 -62.82
CA LEU UA 444 26.12 -56.88 -63.35
C LEU UA 444 26.66 -56.35 -64.67
N PHE UA 445 25.96 -55.44 -65.34
CA PHE UA 445 26.34 -54.96 -66.65
C PHE UA 445 26.27 -53.45 -66.69
N SER UA 446 27.04 -52.86 -67.59
CA SER UA 446 26.85 -51.49 -68.01
C SER UA 446 25.99 -51.47 -69.26
N GLU UA 447 25.39 -50.30 -69.54
CA GLU UA 447 24.44 -50.20 -70.64
C GLU UA 447 25.05 -50.71 -71.93
N PHE UA 448 24.31 -51.57 -72.63
CA PHE UA 448 24.81 -52.16 -73.87
C PHE UA 448 24.85 -51.10 -74.96
N ASP UA 449 25.96 -51.05 -75.69
CA ASP UA 449 26.09 -50.07 -76.76
C ASP UA 449 25.03 -50.28 -77.83
N ASN UA 450 24.82 -51.53 -78.24
CA ASN UA 450 23.77 -51.88 -79.19
C ASN UA 450 23.30 -53.29 -78.85
N ILE UA 451 22.25 -53.38 -78.05
CA ILE UA 451 21.78 -54.68 -77.57
C ILE UA 451 21.29 -55.55 -78.71
N ASN UA 452 20.80 -54.94 -79.79
CA ASN UA 452 20.28 -55.72 -80.91
C ASN UA 452 21.37 -56.53 -81.60
N GLU UA 453 22.64 -56.12 -81.48
CA GLU UA 453 23.75 -56.84 -82.10
C GLU UA 453 24.63 -57.57 -81.08
N ASP UA 454 24.50 -57.25 -79.80
CA ASP UA 454 25.33 -57.87 -78.77
C ASP UA 454 24.78 -59.20 -78.28
N ILE UA 455 23.60 -59.61 -78.74
CA ILE UA 455 23.00 -60.88 -78.35
C ILE UA 455 22.44 -61.56 -79.59
N GLN UA 456 22.74 -62.85 -79.74
CA GLN UA 456 22.27 -63.62 -80.87
C GLN UA 456 21.93 -65.03 -80.40
N LEU UA 457 21.03 -65.69 -81.12
CA LEU UA 457 20.63 -67.05 -80.81
C LEU UA 457 20.37 -67.79 -82.11
N VAL UA 458 21.03 -68.94 -82.28
CA VAL UA 458 20.94 -69.72 -83.52
C VAL UA 458 20.80 -71.19 -83.16
N SER UA 459 19.91 -71.88 -83.87
CA SER UA 459 19.72 -73.30 -83.66
C SER UA 459 20.87 -74.11 -84.28
N ASP UA 460 20.98 -75.37 -83.86
CA ASP UA 460 22.05 -76.21 -84.34
C ASP UA 460 21.92 -76.48 -85.84
N PHE UA 461 20.68 -76.69 -86.31
CA PHE UA 461 20.50 -77.06 -87.71
C PHE UA 461 21.04 -75.99 -88.65
N ASP UA 462 20.80 -74.72 -88.32
CA ASP UA 462 21.24 -73.64 -89.21
C ASP UA 462 22.76 -73.62 -89.36
N VAL UA 463 23.49 -74.07 -88.34
CA VAL UA 463 24.95 -74.01 -88.40
C VAL UA 463 25.51 -75.21 -89.15
N GLN UA 464 25.13 -76.41 -88.72
CA GLN UA 464 25.67 -77.62 -89.33
C GLN UA 464 25.06 -77.84 -90.71
N PRO UA 465 25.74 -78.58 -91.57
CA PRO UA 465 25.21 -78.87 -92.91
C PRO UA 465 24.13 -79.94 -92.86
N LYS UA 466 23.66 -80.34 -94.04
CA LYS UA 466 22.56 -81.28 -94.14
C LYS UA 466 22.89 -82.57 -93.43
N CYS UA 467 21.97 -83.03 -92.58
CA CYS UA 467 22.05 -84.35 -91.94
C CYS UA 467 23.23 -84.43 -90.97
N VAL UA 468 23.60 -83.32 -90.36
CA VAL UA 468 24.65 -83.32 -89.34
C VAL UA 468 24.23 -82.67 -88.03
N GLY UA 469 23.23 -81.80 -88.02
CA GLY UA 469 22.82 -81.15 -86.79
C GLY UA 469 21.85 -82.02 -85.99
N GLN UA 470 21.92 -81.86 -84.66
CA GLN UA 470 21.06 -82.61 -83.76
C GLN UA 470 19.88 -81.76 -83.31
N PRO UA 471 18.74 -82.38 -82.98
CA PRO UA 471 17.59 -81.60 -82.52
C PRO UA 471 17.73 -81.18 -81.07
N GLY UA 472 17.21 -80.00 -80.75
CA GLY UA 472 17.20 -79.53 -79.38
C GLY UA 472 18.53 -79.02 -78.87
N VAL UA 473 19.41 -78.56 -79.76
CA VAL UA 473 20.69 -77.99 -79.39
C VAL UA 473 20.77 -76.58 -79.93
N PHE UA 474 21.12 -75.63 -79.07
CA PHE UA 474 21.12 -74.22 -79.40
C PHE UA 474 22.48 -73.60 -79.13
N HIS UA 475 22.79 -72.54 -79.87
CA HIS UA 475 24.02 -71.78 -79.70
C HIS UA 475 23.68 -70.35 -79.33
N LEU UA 476 24.25 -69.86 -78.24
CA LEU UA 476 23.97 -68.54 -77.71
C LEU UA 476 25.27 -67.74 -77.67
N ASN UA 477 25.25 -66.55 -78.26
CA ASN UA 477 26.38 -65.63 -78.24
C ASN UA 477 25.98 -64.34 -77.53
N MET UA 478 26.91 -63.76 -76.78
CA MET UA 478 26.63 -62.58 -76.00
C MET UA 478 27.89 -61.76 -75.80
N ARG UA 479 27.72 -60.45 -75.73
CA ARG UA 479 28.79 -59.53 -75.35
C ARG UA 479 28.26 -58.61 -74.25
N TYR UA 480 29.10 -58.34 -73.26
CA TYR UA 480 28.67 -57.56 -72.12
C TYR UA 480 29.84 -56.71 -71.62
N ARG UA 481 29.50 -55.69 -70.82
CA ARG UA 481 30.48 -54.77 -70.27
C ARG UA 481 30.26 -54.63 -68.77
N PRO UA 482 31.30 -54.76 -67.95
CA PRO UA 482 31.12 -54.60 -66.51
C PRO UA 482 30.86 -53.15 -66.15
N PRO UA 483 30.31 -52.89 -64.97
CA PRO UA 483 29.96 -51.51 -64.62
C PRO UA 483 31.18 -50.62 -64.49
N VAL UA 484 30.97 -49.33 -64.70
CA VAL UA 484 32.02 -48.32 -64.63
C VAL UA 484 31.96 -47.65 -63.27
N ARG UA 485 33.13 -47.30 -62.74
CA ARG UA 485 33.23 -46.63 -61.44
C ARG UA 485 34.34 -45.60 -61.49
N GLY UA 486 34.24 -44.59 -60.65
CA GLY UA 486 35.23 -43.53 -60.60
C GLY UA 486 36.63 -44.05 -60.37
N ALA UA 487 37.59 -43.52 -61.11
CA ALA UA 487 38.97 -44.02 -61.04
C ALA UA 487 39.98 -42.93 -60.74
N ARG UA 488 39.80 -41.72 -61.26
CA ARG UA 488 40.76 -40.66 -61.04
C ARG UA 488 40.17 -39.33 -61.49
N ILE UA 489 40.56 -38.27 -60.80
CA ILE UA 489 40.12 -36.91 -61.12
C ILE UA 489 41.36 -36.04 -61.24
N ASN UA 490 41.47 -35.31 -62.34
CA ASN UA 490 42.57 -34.39 -62.59
C ASN UA 490 42.12 -32.98 -62.24
N VAL UA 491 42.84 -32.32 -61.35
CA VAL UA 491 42.51 -30.99 -60.88
C VAL UA 491 43.58 -30.01 -61.37
N ASN UA 492 43.14 -28.95 -62.04
CA ASN UA 492 44.03 -27.89 -62.51
C ASN UA 492 43.65 -26.62 -61.76
N LEU UA 493 44.29 -26.40 -60.62
CA LEU UA 493 43.99 -25.25 -59.76
C LEU UA 493 44.75 -24.04 -60.28
N VAL UA 494 44.04 -22.97 -60.57
CA VAL UA 494 44.62 -21.74 -61.12
C VAL UA 494 44.31 -20.59 -60.17
N PRO UA 495 45.24 -20.25 -59.28
CA PRO UA 495 45.00 -19.15 -58.35
C PRO UA 495 45.04 -17.80 -59.04
N ALA UA 496 44.41 -16.82 -58.40
CA ALA UA 496 44.39 -15.45 -58.87
C ALA UA 496 44.17 -14.54 -57.68
N LEU UA 497 44.44 -13.25 -57.88
CA LEU UA 497 44.34 -12.26 -56.80
C LEU UA 497 43.64 -11.01 -57.31
N PHE UA 498 42.97 -10.31 -56.39
CA PHE UA 498 42.35 -9.05 -56.71
C PHE UA 498 43.39 -8.07 -57.25
N ASP UA 499 42.89 -6.98 -57.86
CA ASP UA 499 43.76 -6.00 -58.52
C ASP UA 499 44.27 -5.02 -57.46
N ASN UA 500 45.26 -5.48 -56.71
CA ASN UA 500 45.96 -4.64 -55.74
C ASN UA 500 45.00 -3.86 -54.85
N CYS VA 3 5.02 -61.62 -97.58
CA CYS VA 3 4.73 -62.23 -96.25
C CYS VA 3 5.02 -61.25 -95.12
N ASN VA 4 5.84 -60.24 -95.41
CA ASN VA 4 6.17 -59.24 -94.40
C ASN VA 4 5.00 -58.30 -94.14
N LYS VA 5 4.24 -57.96 -95.19
CA LYS VA 5 3.16 -56.99 -95.03
C LYS VA 5 2.09 -57.52 -94.07
N GLN VA 6 1.79 -58.80 -94.15
CA GLN VA 6 0.71 -59.38 -93.34
C GLN VA 6 0.81 -58.95 -91.89
N ASN VA 7 -0.20 -58.22 -91.43
CA ASN VA 7 -0.25 -57.73 -90.06
C ASN VA 7 -1.19 -58.61 -89.26
N GLY VA 8 -0.66 -59.25 -88.22
CA GLY VA 8 -1.47 -60.13 -87.41
C GLY VA 8 -0.63 -60.72 -86.29
N VAL VA 9 -1.28 -61.59 -85.51
CA VAL VA 9 -0.65 -62.24 -84.37
C VAL VA 9 -0.42 -63.71 -84.72
N LYS VA 10 0.67 -64.27 -84.19
CA LYS VA 10 1.07 -65.64 -84.47
C LYS VA 10 1.00 -66.52 -83.24
N ASN VA 11 1.65 -66.12 -82.14
CA ASN VA 11 1.66 -66.92 -80.92
C ASN VA 11 1.42 -66.02 -79.72
N ILE VA 12 0.75 -66.57 -78.71
CA ILE VA 12 0.55 -65.90 -77.43
C ILE VA 12 0.85 -66.90 -76.32
N LEU VA 13 1.76 -66.53 -75.43
CA LEU VA 13 2.16 -67.37 -74.31
C LEU VA 13 1.90 -66.63 -73.01
N ILE VA 14 1.28 -67.31 -72.05
CA ILE VA 14 0.92 -66.71 -70.77
C ILE VA 14 1.37 -67.65 -69.66
N THR VA 15 1.97 -67.08 -68.61
CA THR VA 15 2.45 -67.83 -67.46
C THR VA 15 1.91 -67.19 -66.21
N PHE VA 16 1.30 -67.99 -65.33
CA PHE VA 16 0.62 -67.50 -64.15
C PHE VA 16 1.45 -67.74 -62.90
N THR VA 17 1.05 -67.07 -61.82
CA THR VA 17 1.67 -67.25 -60.52
C THR VA 17 0.66 -66.82 -59.46
N HIS VA 18 0.16 -67.77 -58.68
CA HIS VA 18 -0.82 -67.46 -57.66
C HIS VA 18 -0.13 -66.81 -56.47
N CYS VA 19 -0.66 -65.66 -56.02
CA CYS VA 19 -0.02 -64.93 -54.93
C CYS VA 19 -0.16 -65.66 -53.60
N ASP VA 20 -1.35 -66.17 -53.29
CA ASP VA 20 -1.58 -66.75 -51.97
C ASP VA 20 -0.74 -68.01 -51.76
N THR VA 21 -0.73 -68.91 -52.75
CA THR VA 21 -0.06 -70.19 -52.61
C THR VA 21 1.27 -70.28 -53.33
N GLY VA 22 1.53 -69.39 -54.28
CA GLY VA 22 2.75 -69.45 -55.06
C GLY VA 22 2.75 -70.48 -56.15
N GLU VA 23 1.60 -71.07 -56.47
CA GLU VA 23 1.53 -72.07 -57.53
C GLU VA 23 1.90 -71.44 -58.87
N VAL VA 24 2.60 -72.22 -59.69
CA VAL VA 24 3.09 -71.74 -60.99
C VAL VA 24 2.64 -72.72 -62.07
N ILE VA 25 2.25 -72.19 -63.22
CA ILE VA 25 1.83 -72.97 -64.36
C ILE VA 25 2.67 -72.53 -65.56
N GLY VA 26 3.16 -73.50 -66.33
CA GLY VA 26 4.09 -73.24 -67.40
C GLY VA 26 3.54 -72.33 -68.47
N PRO VA 27 4.34 -72.05 -69.50
CA PRO VA 27 3.92 -71.12 -70.55
C PRO VA 27 2.93 -71.72 -71.52
N ILE VA 28 1.63 -71.69 -71.16
CA ILE VA 28 0.60 -72.22 -72.04
C ILE VA 28 0.37 -71.28 -73.22
N SER VA 29 -0.13 -71.84 -74.30
CA SER VA 29 -0.46 -71.08 -75.50
C SER VA 29 -1.96 -70.83 -75.57
N HIS VA 30 -2.33 -69.68 -76.13
CA HIS VA 30 -3.72 -69.25 -76.23
C HIS VA 30 -4.03 -68.81 -77.65
N GLU VA 31 -5.30 -68.51 -77.91
CA GLU VA 31 -5.75 -68.06 -79.21
C GLU VA 31 -6.74 -66.91 -79.03
N GLN VA 32 -6.83 -66.07 -80.06
CA GLN VA 32 -7.70 -64.91 -80.01
C GLN VA 32 -9.16 -65.31 -80.16
N PRO VA 33 -10.08 -64.58 -79.52
CA PRO VA 33 -11.50 -64.93 -79.63
C PRO VA 33 -12.17 -64.34 -80.85
N ASP VA 34 -11.66 -63.23 -81.35
CA ASP VA 34 -12.28 -62.51 -82.45
C ASP VA 34 -11.19 -61.85 -83.28
N ASP VA 35 -11.58 -60.89 -84.13
CA ASP VA 35 -10.67 -60.28 -85.09
C ASP VA 35 -9.95 -59.07 -84.54
N THR VA 36 -10.15 -58.72 -83.26
CA THR VA 36 -9.45 -57.59 -82.67
C THR VA 36 -8.04 -58.01 -82.25
N LEU VA 37 -7.10 -57.06 -82.35
CA LEU VA 37 -5.71 -57.32 -82.03
C LEU VA 37 -5.31 -56.62 -80.73
N PRO VA 38 -4.29 -57.10 -80.03
CA PRO VA 38 -3.86 -56.44 -78.80
C PRO VA 38 -3.35 -55.03 -79.08
N THR VA 39 -3.12 -54.30 -77.99
CA THR VA 39 -2.60 -52.94 -78.06
C THR VA 39 -1.51 -52.78 -77.02
N TYR VA 40 -0.59 -51.85 -77.27
CA TYR VA 40 0.61 -51.71 -76.46
C TYR VA 40 0.86 -50.24 -76.14
N LYS VA 41 1.64 -50.01 -75.09
CA LYS VA 41 2.16 -48.68 -74.78
C LYS VA 41 3.47 -48.88 -74.03
N THR VA 42 4.59 -48.75 -74.75
CA THR VA 42 5.90 -49.09 -74.21
C THR VA 42 6.61 -47.92 -73.55
N CYS VA 43 6.08 -46.70 -73.65
CA CYS VA 43 6.70 -45.52 -73.08
C CYS VA 43 6.08 -45.24 -71.72
N ALA VA 44 6.92 -45.20 -70.68
CA ALA VA 44 6.45 -45.13 -69.30
C ALA VA 44 6.16 -43.71 -68.84
N TRP VA 45 6.39 -42.71 -69.67
CA TRP VA 45 6.18 -41.31 -69.30
C TRP VA 45 4.96 -40.77 -70.03
N THR VA 46 4.16 -39.97 -69.33
CA THR VA 46 2.97 -39.35 -69.89
C THR VA 46 3.14 -37.83 -69.85
N ASN VA 47 2.93 -37.19 -70.99
CA ASN VA 47 3.09 -35.75 -71.11
C ASN VA 47 1.73 -35.07 -71.15
N THR VA 48 1.65 -33.90 -70.52
CA THR VA 48 0.45 -33.08 -70.53
C THR VA 48 0.76 -31.73 -71.15
N ALA VA 49 -0.27 -31.08 -71.70
CA ALA VA 49 -0.08 -29.87 -72.49
C ALA VA 49 -0.17 -28.65 -71.59
N LEU VA 50 0.95 -27.96 -71.41
CA LEU VA 50 0.98 -26.65 -70.78
C LEU VA 50 0.87 -25.58 -71.86
N THR VA 51 1.13 -24.33 -71.51
CA THR VA 51 1.05 -23.22 -72.45
C THR VA 51 2.39 -22.94 -73.10
N ASN VA 52 2.35 -22.52 -74.36
CA ASN VA 52 3.53 -22.04 -75.08
C ASN VA 52 4.51 -23.17 -75.38
N GLY VA 53 3.99 -24.33 -75.76
CA GLY VA 53 4.81 -25.44 -76.18
C GLY VA 53 5.45 -26.24 -75.07
N ALA VA 54 5.17 -25.90 -73.81
CA ALA VA 54 5.71 -26.65 -72.68
C ALA VA 54 4.78 -27.81 -72.33
N VAL VA 55 5.36 -28.86 -71.76
CA VAL VA 55 4.60 -30.03 -71.34
C VAL VA 55 5.14 -30.51 -70.00
N MET VA 56 4.23 -30.81 -69.08
CA MET VA 56 4.63 -31.41 -67.81
C MET VA 56 4.81 -32.91 -67.99
N ARG VA 57 5.96 -33.41 -67.57
CA ARG VA 57 6.31 -34.82 -67.73
C ARG VA 57 6.19 -35.52 -66.39
N SER VA 58 5.44 -36.61 -66.34
CA SER VA 58 5.13 -37.31 -65.11
C SER VA 58 5.31 -38.81 -65.30
N ALA VA 59 5.52 -39.50 -64.19
CA ALA VA 59 5.70 -40.94 -64.23
C ALA VA 59 4.38 -41.65 -64.54
N SER VA 60 4.46 -42.73 -65.30
CA SER VA 60 3.27 -43.50 -65.66
C SER VA 60 3.70 -44.96 -65.85
N ASN VA 61 2.81 -45.76 -66.43
CA ASN VA 61 3.01 -47.19 -66.58
C ASN VA 61 3.13 -47.56 -68.05
N ALA VA 62 3.57 -48.80 -68.28
CA ALA VA 62 3.54 -49.40 -69.60
C ALA VA 62 2.44 -50.47 -69.59
N THR VA 63 1.36 -50.21 -70.32
CA THR VA 63 0.15 -51.02 -70.24
C THR VA 63 0.12 -52.01 -71.41
N MET VA 64 -0.94 -52.83 -71.41
CA MET VA 64 -1.13 -53.83 -72.46
C MET VA 64 -2.55 -54.40 -72.38
N THR VA 65 -3.25 -54.41 -73.50
CA THR VA 65 -4.59 -54.98 -73.58
C THR VA 65 -4.52 -56.25 -74.43
N LEU VA 66 -4.95 -57.37 -73.87
CA LEU VA 66 -4.72 -58.68 -74.45
C LEU VA 66 -6.00 -59.51 -74.42
N PRO VA 67 -6.77 -59.53 -75.51
CA PRO VA 67 -7.95 -60.40 -75.56
C PRO VA 67 -7.56 -61.82 -75.96
N VAL VA 68 -7.92 -62.79 -75.11
CA VAL VA 68 -7.58 -64.19 -75.32
C VAL VA 68 -8.80 -65.05 -74.99
N VAL VA 69 -8.72 -66.32 -75.37
CA VAL VA 69 -9.76 -67.30 -75.08
C VAL VA 69 -9.34 -68.11 -73.87
N ARG VA 70 -10.21 -68.19 -72.88
CA ARG VA 70 -9.89 -68.89 -71.65
C ARG VA 70 -9.53 -70.34 -71.96
N ASP VA 71 -8.41 -70.80 -71.40
CA ASP VA 71 -8.00 -72.20 -71.56
C ASP VA 71 -8.77 -73.07 -70.58
N PRO VA 72 -9.47 -74.11 -71.06
CA PRO VA 72 -10.41 -74.84 -70.18
C PRO VA 72 -9.76 -75.56 -69.01
N ARG VA 73 -8.44 -75.49 -68.84
CA ARG VA 73 -7.77 -76.15 -67.73
C ARG VA 73 -7.34 -75.19 -66.64
N VAL VA 74 -7.72 -73.91 -66.72
CA VAL VA 74 -7.31 -72.90 -65.74
C VAL VA 74 -8.54 -72.22 -65.18
N PRO VA 75 -8.61 -71.96 -63.87
CA PRO VA 75 -9.79 -71.27 -63.33
C PRO VA 75 -9.90 -69.86 -63.90
N LEU VA 76 -11.14 -69.38 -63.99
CA LEU VA 76 -11.38 -68.05 -64.51
C LEU VA 76 -10.75 -66.99 -63.61
N ALA VA 77 -10.80 -67.20 -62.30
CA ALA VA 77 -10.29 -66.20 -61.35
C ALA VA 77 -8.85 -65.82 -61.68
N TRP VA 78 -8.05 -66.79 -62.11
CA TRP VA 78 -6.64 -66.50 -62.38
C TRP VA 78 -6.51 -65.49 -63.51
N TYR VA 79 -7.32 -65.62 -64.57
CA TYR VA 79 -7.30 -64.65 -65.65
C TYR VA 79 -7.71 -63.26 -65.17
N GLN VA 80 -8.43 -63.18 -64.05
CA GLN VA 80 -8.76 -61.90 -63.44
C GLN VA 80 -7.66 -61.56 -62.43
N GLY VA 81 -7.89 -60.55 -61.61
CA GLY VA 81 -6.84 -60.00 -60.77
C GLY VA 81 -6.45 -60.85 -59.57
N CYS VA 82 -6.60 -62.17 -59.66
CA CYS VA 82 -6.23 -63.09 -58.59
C CYS VA 82 -4.97 -63.88 -58.94
N ALA VA 83 -4.05 -63.30 -59.69
CA ALA VA 83 -2.81 -63.98 -60.07
C ALA VA 83 -1.87 -62.97 -60.71
N GLN VA 84 -0.64 -63.43 -60.97
CA GLN VA 84 0.38 -62.62 -61.62
C GLN VA 84 0.70 -63.24 -62.97
N ILE VA 85 0.76 -62.39 -64.01
CA ILE VA 85 0.83 -62.85 -65.38
C ILE VA 85 2.16 -62.45 -66.00
N ASP VA 86 2.62 -63.27 -66.94
CA ASP VA 86 3.84 -63.01 -67.71
C ASP VA 86 3.55 -63.40 -69.15
N ALA VA 87 3.25 -62.42 -69.99
CA ALA VA 87 2.72 -62.66 -71.33
C ALA VA 87 3.76 -62.35 -72.39
N GLN VA 88 3.57 -62.97 -73.56
CA GLN VA 88 4.42 -62.75 -74.72
C GLN VA 88 3.58 -62.86 -75.98
N VAL VA 89 3.76 -61.93 -76.91
CA VAL VA 89 3.04 -61.90 -78.17
C VAL VA 89 4.03 -61.79 -79.31
N GLU VA 90 3.88 -62.63 -80.33
CA GLU VA 90 4.75 -62.63 -81.49
C GLU VA 90 3.89 -62.38 -82.72
N LYS VA 91 4.13 -61.26 -83.40
CA LYS VA 91 3.38 -60.92 -84.59
C LYS VA 91 3.93 -61.69 -85.79
N PHE VA 92 3.30 -61.49 -86.94
CA PHE VA 92 3.70 -62.22 -88.15
C PHE VA 92 5.01 -61.68 -88.72
N ASP VA 93 5.21 -60.36 -88.68
CA ASP VA 93 6.43 -59.78 -89.23
C ASP VA 93 7.67 -60.26 -88.49
N GLY VA 94 7.57 -60.40 -87.17
CA GLY VA 94 8.69 -60.85 -86.37
C GLY VA 94 8.78 -60.16 -85.03
N THR VA 95 8.11 -59.01 -84.91
CA THR VA 95 8.14 -58.27 -83.65
C THR VA 95 7.64 -59.15 -82.51
N VAL VA 96 8.35 -59.12 -81.39
CA VAL VA 96 8.03 -59.93 -80.23
C VAL VA 96 7.95 -59.03 -79.01
N MET VA 97 6.84 -59.10 -78.29
CA MET VA 97 6.62 -58.31 -77.08
C MET VA 97 6.77 -59.21 -75.86
N THR VA 98 7.47 -58.73 -74.85
CA THR VA 98 7.69 -59.48 -73.62
C THR VA 98 7.26 -58.62 -72.43
N LEU VA 99 6.45 -59.20 -71.56
CA LEU VA 99 6.02 -58.56 -70.32
C LEU VA 99 6.20 -59.53 -69.17
N THR VA 100 6.75 -59.03 -68.07
CA THR VA 100 7.03 -59.86 -66.90
C THR VA 100 6.55 -59.15 -65.64
N GLU VA 101 6.10 -59.95 -64.67
CA GLU VA 101 5.62 -59.44 -63.39
C GLU VA 101 4.52 -58.39 -63.59
N GLY VA 102 3.53 -58.75 -64.40
CA GLY VA 102 2.42 -57.86 -64.68
C GLY VA 102 1.38 -57.88 -63.58
N ALA VA 103 0.21 -57.33 -63.91
CA ALA VA 103 -0.91 -57.28 -62.98
C ALA VA 103 -2.15 -56.83 -63.73
N VAL VA 104 -3.30 -57.39 -63.36
CA VAL VA 104 -4.56 -57.11 -64.01
C VAL VA 104 -5.33 -56.08 -63.19
N THR VA 105 -5.87 -55.07 -63.87
CA THR VA 105 -6.56 -53.96 -63.21
C THR VA 105 -7.98 -53.84 -63.72
N GLU VA 106 -8.91 -53.58 -62.80
CA GLU VA 106 -10.30 -53.32 -63.12
C GLU VA 106 -10.87 -54.37 -64.06
N PRO VA 107 -10.95 -55.63 -63.64
CA PRO VA 107 -11.50 -56.67 -64.53
C PRO VA 107 -12.96 -56.42 -64.85
N GLU VA 108 -13.35 -56.79 -66.06
CA GLU VA 108 -14.73 -56.70 -66.51
C GLU VA 108 -15.36 -58.08 -66.50
N GLU VA 109 -16.64 -58.14 -66.15
CA GLU VA 109 -17.34 -59.41 -66.09
C GLU VA 109 -17.28 -60.12 -67.44
N SER VA 110 -17.03 -61.42 -67.40
CA SER VA 110 -16.89 -62.24 -68.60
C SER VA 110 -17.92 -63.37 -68.57
N ASP VA 111 -18.25 -63.87 -69.76
CA ASP VA 111 -19.23 -64.93 -69.91
C ASP VA 111 -18.62 -66.33 -69.74
N GLY VA 112 -17.32 -66.42 -69.53
CA GLY VA 112 -16.67 -67.69 -69.26
C GLY VA 112 -15.74 -68.17 -70.35
N ARG VA 113 -15.80 -67.58 -71.55
CA ARG VA 113 -14.94 -67.99 -72.66
C ARG VA 113 -13.95 -66.92 -73.05
N ALA VA 114 -14.41 -65.72 -73.37
CA ALA VA 114 -13.55 -64.64 -73.84
C ALA VA 114 -13.24 -63.69 -72.69
N VAL VA 115 -11.97 -63.35 -72.52
CA VAL VA 115 -11.50 -62.48 -71.46
C VAL VA 115 -10.61 -61.41 -72.07
N THR VA 116 -10.85 -60.16 -71.69
CA THR VA 116 -10.01 -59.03 -72.08
C THR VA 116 -9.23 -58.59 -70.85
N MET VA 117 -7.91 -58.74 -70.91
CA MET VA 117 -7.04 -58.45 -69.77
C MET VA 117 -6.32 -57.13 -69.99
N THR VA 118 -6.32 -56.30 -68.95
CA THR VA 118 -5.63 -55.00 -68.96
C THR VA 118 -4.41 -55.14 -68.05
N ILE VA 119 -3.30 -55.58 -68.63
CA ILE VA 119 -2.06 -55.81 -67.89
C ILE VA 119 -1.24 -54.54 -67.91
N ILE VA 120 -0.58 -54.25 -66.78
CA ILE VA 120 0.33 -53.12 -66.67
C ILE VA 120 1.61 -53.58 -65.99
N ALA VA 121 2.75 -53.11 -66.49
CA ALA VA 121 4.03 -53.50 -65.94
C ALA VA 121 4.99 -52.33 -66.06
N ALA VA 122 6.07 -52.39 -65.27
CA ALA VA 122 7.03 -51.30 -65.24
C ALA VA 122 7.73 -51.09 -66.57
N GLU VA 123 7.80 -52.12 -67.41
CA GLU VA 123 8.51 -51.99 -68.68
C GLU VA 123 8.07 -53.12 -69.60
N ILE VA 124 7.99 -52.83 -70.90
CA ILE VA 124 7.71 -53.81 -71.92
C ILE VA 124 8.88 -53.81 -72.91
N ASP VA 125 9.35 -54.99 -73.25
CA ASP VA 125 10.52 -55.16 -74.10
C ASP VA 125 10.09 -55.43 -75.54
N GLU VA 126 10.72 -54.72 -76.47
CA GLU VA 126 10.44 -54.88 -77.89
C GLU VA 126 11.63 -55.54 -78.57
N LEU VA 127 11.35 -56.42 -79.53
CA LEU VA 127 12.36 -57.13 -80.31
C LEU VA 127 12.02 -56.92 -81.79
N LEU VA 128 12.61 -55.90 -82.39
CA LEU VA 128 12.30 -55.58 -83.77
C LEU VA 128 12.92 -56.61 -84.71
N PRO VA 129 12.42 -56.69 -85.95
CA PRO VA 129 13.05 -57.58 -86.93
C PRO VA 129 14.51 -57.21 -87.13
N PRO VA 130 15.27 -58.05 -87.83
CA PRO VA 130 16.69 -57.73 -88.05
C PRO VA 130 16.86 -56.42 -88.79
N GLY VA 131 17.88 -55.66 -88.39
CA GLY VA 131 18.20 -54.40 -89.04
C GLY VA 131 17.51 -53.21 -88.43
N SER VA 132 17.62 -53.05 -87.11
CA SER VA 132 17.03 -51.91 -86.42
C SER VA 132 18.04 -50.77 -86.33
N LEU VA 133 17.55 -49.55 -86.56
CA LEU VA 133 18.40 -48.37 -86.55
C LEU VA 133 18.57 -47.75 -85.17
N ALA VA 134 17.87 -48.26 -84.16
CA ALA VA 134 17.92 -47.71 -82.82
C ALA VA 134 18.49 -48.75 -81.86
N ALA VA 135 19.42 -48.32 -81.02
CA ALA VA 135 20.05 -49.20 -80.04
C ALA VA 135 19.01 -49.75 -79.07
N ALA WA 5 -9.89 -68.03 9.59
CA ALA WA 5 -10.86 -67.26 8.82
C ALA WA 5 -12.25 -67.39 9.45
N LEU WA 6 -12.92 -68.51 9.17
CA LEU WA 6 -14.23 -68.77 9.75
C LEU WA 6 -14.14 -68.68 11.27
N SER WA 7 -14.82 -67.70 11.86
CA SER WA 7 -14.69 -67.42 13.28
C SER WA 7 -16.01 -66.90 13.82
N ASP WA 8 -16.01 -66.55 15.11
CA ASP WA 8 -17.22 -66.07 15.76
C ASP WA 8 -17.57 -64.65 15.32
N GLY WA 9 -16.55 -63.79 15.19
CA GLY WA 9 -16.78 -62.41 14.83
C GLY WA 9 -17.04 -62.20 13.35
N PHE WA 10 -18.24 -62.58 12.90
CA PHE WA 10 -18.59 -62.43 11.50
C PHE WA 10 -18.47 -60.98 11.06
N VAL WA 11 -17.79 -60.76 9.93
CA VAL WA 11 -17.61 -59.45 9.35
C VAL WA 11 -17.47 -59.65 7.84
N ARG WA 12 -17.53 -58.54 7.09
CA ARG WA 12 -17.55 -58.63 5.62
C ARG WA 12 -16.35 -59.38 5.07
N LEU WA 13 -15.22 -59.37 5.78
CA LEU WA 13 -13.98 -59.93 5.26
C LEU WA 13 -13.44 -61.00 6.20
N CYS WA 14 -12.77 -62.00 5.61
CA CYS WA 14 -12.09 -63.04 6.35
C CYS WA 14 -10.66 -63.14 5.88
N ILE WA 15 -9.77 -63.54 6.78
CA ILE WA 15 -8.33 -63.55 6.52
C ILE WA 15 -7.76 -64.89 6.96
N ASP WA 16 -6.59 -65.23 6.42
CA ASP WA 16 -6.05 -66.57 6.62
C ASP WA 16 -4.53 -66.63 6.40
N PRO WA 17 -3.72 -66.42 7.43
CA PRO WA 17 -2.27 -66.58 7.30
C PRO WA 17 -1.84 -68.04 7.46
N SER WA 18 -0.67 -68.35 6.89
CA SER WA 18 -0.20 -69.74 6.88
C SER WA 18 1.18 -69.95 7.49
N LEU WA 19 2.15 -69.09 7.19
CA LEU WA 19 3.53 -69.33 7.63
C LEU WA 19 4.39 -68.13 7.25
N ASN WA 20 5.57 -68.05 7.87
CA ASN WA 20 6.44 -66.89 7.69
C ASN WA 20 7.27 -66.99 6.42
N PHE WA 21 8.14 -68.00 6.33
CA PHE WA 21 9.08 -68.08 5.22
C PHE WA 21 8.35 -68.37 3.91
N PHE WA 22 8.73 -67.63 2.86
CA PHE WA 22 8.11 -67.81 1.55
C PHE WA 22 9.10 -67.84 0.39
N GLY WA 23 10.35 -67.43 0.58
CA GLY WA 23 11.30 -67.38 -0.52
C GLY WA 23 11.89 -68.74 -0.85
N GLU WA 24 11.08 -69.62 -1.45
CA GLU WA 24 11.50 -70.96 -1.79
C GLU WA 24 11.99 -71.08 -3.23
N GLY WA 25 12.07 -69.98 -3.96
CA GLY WA 25 12.56 -70.00 -5.33
C GLY WA 25 14.06 -70.05 -5.47
N CYS WA 26 14.79 -70.03 -4.36
CA CYS WA 26 16.24 -70.06 -4.36
C CYS WA 26 16.71 -71.20 -3.48
N LYS WA 27 17.63 -72.01 -4.00
CA LYS WA 27 18.10 -73.20 -3.30
C LYS WA 27 19.62 -73.26 -3.34
N ILE WA 28 20.21 -73.78 -2.28
CA ILE WA 28 21.65 -73.97 -2.17
C ILE WA 28 21.91 -75.33 -1.54
N LEU WA 29 22.91 -76.05 -2.07
CA LEU WA 29 23.26 -77.37 -1.60
C LEU WA 29 24.70 -77.34 -1.08
N VAL WA 30 24.88 -77.83 0.14
CA VAL WA 30 26.20 -77.88 0.79
C VAL WA 30 26.56 -79.34 1.00
N GLU WA 31 27.77 -79.71 0.60
CA GLU WA 31 28.24 -81.09 0.66
C GLU WA 31 29.54 -81.15 1.44
N GLY WA 32 29.67 -82.13 2.32
CA GLY WA 32 30.86 -82.25 3.12
C GLY WA 32 30.83 -83.51 3.96
N GLN WA 33 31.86 -83.64 4.80
CA GLN WA 33 32.01 -84.80 5.66
C GLN WA 33 31.13 -84.67 6.90
N ILE WA 34 31.07 -85.76 7.68
CA ILE WA 34 30.43 -85.74 9.00
C ILE WA 34 31.20 -86.66 9.92
N THR WA 35 30.78 -86.73 11.18
CA THR WA 35 31.40 -87.58 12.19
C THR WA 35 30.47 -88.76 12.51
N ASP WA 36 30.91 -89.57 13.47
CA ASP WA 36 30.16 -90.79 13.80
C ASP WA 36 28.85 -90.47 14.50
N ASP WA 37 28.86 -89.50 15.42
CA ASP WA 37 27.68 -89.25 16.24
C ASP WA 37 26.53 -88.61 15.47
N ALA WA 38 26.75 -88.18 14.23
CA ALA WA 38 25.69 -87.55 13.46
C ALA WA 38 24.54 -88.52 13.26
N THR WA 39 23.32 -88.03 13.50
CA THR WA 39 22.11 -88.83 13.31
C THR WA 39 21.57 -88.77 11.89
N ALA WA 40 22.07 -87.85 11.07
CA ALA WA 40 21.57 -87.73 9.70
C ALA WA 40 22.01 -88.92 8.86
N ALA WA 41 21.11 -89.40 8.01
CA ALA WA 41 21.43 -90.51 7.12
C ALA WA 41 22.38 -90.04 6.02
N GLU WA 42 23.34 -90.89 5.68
CA GLU WA 42 24.35 -90.54 4.70
C GLU WA 42 23.80 -90.65 3.28
N ASN WA 43 24.31 -89.78 2.41
CA ASN WA 43 24.01 -89.82 0.98
C ASN WA 43 22.51 -89.62 0.72
N VAL WA 44 21.84 -88.86 1.56
CA VAL WA 44 20.43 -88.52 1.38
C VAL WA 44 20.28 -87.02 1.57
N VAL WA 45 19.76 -86.33 0.56
CA VAL WA 45 19.57 -84.89 0.65
C VAL WA 45 18.46 -84.59 1.64
N THR WA 46 18.73 -83.67 2.57
CA THR WA 46 17.76 -83.29 3.58
C THR WA 46 17.76 -81.78 3.74
N CYS WA 47 16.57 -81.21 3.92
CA CYS WA 47 16.47 -79.78 4.15
C CYS WA 47 17.04 -79.43 5.53
N VAL WA 48 17.58 -78.21 5.62
CA VAL WA 48 18.25 -77.74 6.84
C VAL WA 48 17.49 -76.54 7.37
N ASN WA 49 17.10 -76.60 8.63
CA ASN WA 49 16.43 -75.50 9.31
C ASN WA 49 17.50 -74.65 9.99
N SER WA 50 17.11 -73.76 10.90
CA SER WA 50 18.06 -72.86 11.54
C SER WA 50 19.12 -73.61 12.33
N GLU WA 51 20.06 -72.88 12.93
CA GLU WA 51 21.24 -73.49 13.55
C GLU WA 51 20.90 -74.37 14.74
N LEU WA 52 19.69 -74.29 15.27
CA LEU WA 52 19.36 -75.07 16.47
C LEU WA 52 19.55 -76.57 16.22
N ASP WA 53 19.13 -77.05 15.06
CA ASP WA 53 19.21 -78.48 14.76
C ASP WA 53 20.64 -78.96 14.56
N LEU WA 54 21.59 -78.05 14.34
CA LEU WA 54 22.95 -78.45 14.01
C LEU WA 54 23.59 -79.18 15.18
N VAL WA 55 24.82 -79.67 14.98
CA VAL WA 55 25.55 -80.45 15.99
C VAL WA 55 24.89 -81.82 16.12
N GLU WA 56 23.65 -81.85 16.61
CA GLU WA 56 22.96 -83.13 16.77
C GLU WA 56 22.77 -83.82 15.43
N ARG WA 57 22.33 -83.07 14.42
CA ARG WA 57 22.01 -83.65 13.13
C ARG WA 57 23.24 -83.99 12.30
N PHE WA 58 24.39 -83.36 12.58
CA PHE WA 58 25.57 -83.55 11.74
C PHE WA 58 26.84 -83.73 12.54
N GLY WA 59 26.76 -83.94 13.86
CA GLY WA 59 27.94 -84.19 14.66
C GLY WA 59 28.59 -82.91 15.16
N GLN WA 60 29.39 -83.07 16.20
CA GLN WA 60 30.08 -81.93 16.82
C GLN WA 60 31.39 -81.65 16.10
N GLY WA 61 31.56 -80.40 15.67
CA GLY WA 61 32.80 -80.00 15.04
C GLY WA 61 33.04 -80.62 13.68
N SER WA 62 32.02 -81.19 13.06
CA SER WA 62 32.20 -81.79 11.75
C SER WA 62 32.40 -80.71 10.69
N VAL WA 63 33.00 -81.11 9.57
CA VAL WA 63 33.23 -80.18 8.48
C VAL WA 63 31.93 -79.58 8.00
N LEU WA 64 30.87 -80.39 7.91
CA LEU WA 64 29.61 -79.91 7.38
C LEU WA 64 29.01 -78.82 8.27
N THR WA 65 29.06 -79.02 9.59
CA THR WA 65 28.47 -78.02 10.49
C THR WA 65 29.18 -76.68 10.36
N GLU WA 66 30.51 -76.69 10.31
CA GLU WA 66 31.24 -75.43 10.19
C GLU WA 66 30.87 -74.71 8.89
N SER WA 67 30.80 -75.45 7.79
CA SER WA 67 30.40 -74.83 6.53
C SER WA 67 28.99 -74.28 6.62
N LEU WA 68 28.07 -75.03 7.23
CA LEU WA 68 26.69 -74.56 7.33
C LEU WA 68 26.60 -73.33 8.23
N ARG WA 69 27.41 -73.27 9.29
CA ARG WA 69 27.34 -72.13 10.21
C ARG WA 69 27.62 -70.84 9.48
N LYS WA 70 28.63 -70.83 8.61
CA LYS WA 70 28.93 -69.63 7.84
C LYS WA 70 27.82 -69.32 6.84
N VAL WA 71 27.25 -70.36 6.23
CA VAL WA 71 26.22 -70.14 5.21
C VAL WA 71 25.02 -69.41 5.83
N PHE WA 72 24.59 -69.86 7.01
CA PHE WA 72 23.46 -69.20 7.67
C PHE WA 72 23.81 -67.81 8.15
N CYS WA 73 25.06 -67.59 8.56
CA CYS WA 73 25.45 -66.28 9.09
C CYS WA 73 25.57 -65.24 7.98
N MET WA 74 25.80 -65.68 6.74
CA MET WA 74 25.91 -64.75 5.63
C MET WA 74 24.55 -64.42 5.03
N CYS WA 75 23.69 -65.41 4.87
CA CYS WA 75 22.36 -65.25 4.27
C CYS WA 75 21.34 -65.46 5.38
N LYS WA 76 20.99 -64.38 6.08
CA LYS WA 76 20.06 -64.49 7.19
C LYS WA 76 18.71 -65.00 6.72
N SER WA 77 18.22 -64.50 5.59
CA SER WA 77 16.95 -64.95 5.03
C SER WA 77 16.92 -64.62 3.56
N GLY WA 78 16.02 -65.28 2.84
CA GLY WA 78 15.86 -65.10 1.42
C GLY WA 78 16.29 -66.27 0.57
N VAL WA 79 16.93 -67.29 1.17
CA VAL WA 79 17.36 -68.47 0.45
C VAL WA 79 17.02 -69.69 1.28
N SER WA 80 16.94 -70.84 0.60
CA SER WA 80 16.62 -72.12 1.23
C SER WA 80 17.84 -73.03 1.13
N VAL WA 81 18.19 -73.66 2.25
CA VAL WA 81 19.43 -74.42 2.36
C VAL WA 81 19.13 -75.91 2.29
N TYR WA 82 20.11 -76.68 1.81
CA TYR WA 82 20.04 -78.14 1.78
C TYR WA 82 21.42 -78.69 2.09
N ALA WA 83 21.44 -79.92 2.62
CA ALA WA 83 22.68 -80.58 3.02
C ALA WA 83 22.73 -81.99 2.45
N LEU WA 84 23.92 -82.43 2.09
CA LEU WA 84 24.17 -83.76 1.54
C LEU WA 84 25.35 -84.37 2.28
N PRO WA 85 25.13 -84.92 3.46
CA PRO WA 85 26.25 -85.44 4.25
C PRO WA 85 26.94 -86.61 3.57
N ARG WA 86 28.24 -86.74 3.84
CA ARG WA 86 29.05 -87.84 3.34
C ARG WA 86 29.90 -88.39 4.47
N ALA WA 87 30.23 -89.68 4.37
CA ALA WA 87 31.00 -90.37 5.39
C ALA WA 87 32.45 -90.52 4.95
N ASP WA 88 33.32 -90.71 5.94
CA ASP WA 88 34.74 -90.84 5.68
C ASP WA 88 35.04 -92.13 4.92
N ALA WA 89 36.21 -92.18 4.31
CA ALA WA 89 36.62 -93.34 3.54
C ALA WA 89 36.81 -94.55 4.47
N ALA WA 90 37.06 -95.70 3.84
CA ALA WA 90 37.19 -96.94 4.61
C ALA WA 90 38.39 -96.90 5.54
N ALA WA 91 39.54 -96.42 5.04
CA ALA WA 91 40.78 -96.43 5.80
C ALA WA 91 41.38 -95.04 5.90
N ALA WA 92 40.54 -94.06 6.23
CA ALA WA 92 41.03 -92.69 6.35
C ALA WA 92 41.86 -92.52 7.61
N VAL WA 93 42.97 -91.80 7.47
CA VAL WA 93 43.84 -91.46 8.60
C VAL WA 93 43.52 -90.05 9.04
N SER WA 94 43.75 -89.77 10.32
CA SER WA 94 43.47 -88.47 10.92
C SER WA 94 44.78 -87.74 11.18
N ALA WA 95 44.86 -86.48 10.74
CA ALA WA 95 46.06 -85.70 10.94
C ALA WA 95 46.25 -85.36 12.42
N VAL WA 96 47.52 -85.21 12.80
CA VAL WA 96 47.90 -84.94 14.19
C VAL WA 96 48.86 -83.75 14.20
N TYR WA 97 48.61 -82.79 15.09
CA TYR WA 97 49.47 -81.64 15.27
C TYR WA 97 49.91 -81.57 16.74
N THR WA 98 51.09 -80.99 16.95
CA THR WA 98 51.69 -80.89 18.27
C THR WA 98 51.97 -79.43 18.61
N LEU WA 99 51.74 -79.08 19.87
CA LEU WA 99 51.96 -77.72 20.37
C LEU WA 99 52.56 -77.84 21.76
N THR WA 100 53.87 -77.69 21.86
CA THR WA 100 54.60 -77.91 23.10
C THR WA 100 54.83 -76.59 23.82
N VAL WA 101 54.52 -76.55 25.11
CA VAL WA 101 54.75 -75.38 25.96
C VAL WA 101 55.98 -75.64 26.81
N THR WA 102 56.88 -74.65 26.87
CA THR WA 102 58.12 -74.76 27.61
C THR WA 102 58.32 -73.53 28.47
N GLY WA 103 59.09 -73.71 29.55
CA GLY WA 103 59.42 -72.63 30.44
C GLY WA 103 58.41 -72.47 31.57
N THR WA 104 58.84 -71.75 32.60
CA THR WA 104 58.04 -71.50 33.79
C THR WA 104 57.60 -70.04 33.81
N ALA WA 105 56.30 -69.82 33.91
CA ALA WA 105 55.76 -68.46 33.95
C ALA WA 105 56.17 -67.80 35.26
N LEU WA 106 57.13 -66.89 35.19
CA LEU WA 106 57.67 -66.23 36.38
C LEU WA 106 57.05 -64.86 36.62
N THR WA 107 56.07 -64.46 35.81
CA THR WA 107 55.34 -63.22 36.03
C THR WA 107 53.86 -63.47 35.74
N ASP WA 108 53.01 -62.68 36.40
CA ASP WA 108 51.59 -62.73 36.11
C ASP WA 108 51.32 -62.27 34.68
N GLY WA 109 50.35 -62.89 34.03
CA GLY WA 109 50.05 -62.50 32.68
C GLY WA 109 48.93 -63.33 32.09
N ARG WA 110 48.73 -63.15 30.78
CA ARG WA 110 47.67 -63.80 30.03
C ARG WA 110 48.22 -64.35 28.73
N VAL WA 111 47.57 -65.40 28.23
CA VAL WA 111 47.94 -66.04 26.97
C VAL WA 111 46.71 -66.13 26.09
N GLN WA 112 46.85 -65.76 24.83
CA GLN WA 112 45.75 -65.78 23.87
C GLN WA 112 46.25 -66.33 22.54
N LEU WA 113 45.41 -67.12 21.88
CA LEU WA 113 45.77 -67.79 20.64
C LEU WA 113 44.69 -67.55 19.58
N TYR WA 114 45.10 -67.71 18.32
CA TYR WA 114 44.18 -67.60 17.20
C TYR WA 114 44.45 -68.77 16.25
N MET WA 115 43.43 -69.59 16.01
CA MET WA 115 43.56 -70.75 15.14
C MET WA 115 42.33 -70.88 14.25
N GLY WA 116 42.56 -71.19 12.99
CA GLY WA 116 41.48 -71.56 12.09
C GLY WA 116 40.59 -70.40 11.68
N GLU WA 117 39.97 -69.74 12.66
CA GLU WA 117 39.09 -68.62 12.38
C GLU WA 117 38.79 -67.92 13.69
N ALA WA 118 38.38 -66.65 13.58
CA ALA WA 118 38.21 -65.82 14.77
C ALA WA 118 37.24 -66.40 15.78
N GLU WA 119 36.28 -67.22 15.32
CA GLU WA 119 35.28 -67.74 16.25
C GLU WA 119 35.88 -68.67 17.29
N TYR WA 120 37.03 -69.29 17.01
CA TYR WA 120 37.64 -70.27 17.89
C TYR WA 120 38.74 -69.68 18.77
N SER WA 121 38.92 -68.36 18.74
CA SER WA 121 39.97 -67.73 19.55
C SER WA 121 39.69 -67.92 21.03
N LEU WA 122 40.77 -67.94 21.82
CA LEU WA 122 40.68 -68.13 23.25
C LEU WA 122 41.58 -67.12 23.95
N ASP WA 123 41.27 -66.84 25.21
CA ASP WA 123 42.07 -65.92 26.02
C ASP WA 123 41.92 -66.34 27.47
N ILE WA 124 43.00 -66.84 28.06
CA ILE WA 124 43.02 -67.26 29.46
C ILE WA 124 44.17 -66.54 30.15
N GLY WA 125 44.03 -66.40 31.48
CA GLY WA 125 45.04 -65.75 32.29
C GLY WA 125 45.88 -66.78 33.03
N VAL WA 126 47.20 -66.60 32.95
CA VAL WA 126 48.10 -67.46 33.70
C VAL WA 126 47.72 -67.41 35.17
N ASP WA 127 47.62 -68.59 35.79
CA ASP WA 127 47.09 -68.68 37.14
C ASP WA 127 47.82 -67.72 38.08
N GLU WA 128 49.15 -67.75 38.04
CA GLU WA 128 49.98 -66.86 38.84
C GLU WA 128 51.41 -67.03 38.37
N GLY WA 129 52.34 -66.34 39.05
CA GLY WA 129 53.73 -66.54 38.77
C GLY WA 129 54.22 -67.90 39.20
N ASP WA 130 55.32 -68.33 38.60
CA ASP WA 130 55.97 -69.60 38.93
C ASP WA 130 55.02 -70.77 38.72
N THR WA 131 54.24 -70.72 37.64
CA THR WA 131 53.42 -71.87 37.23
C THR WA 131 54.18 -72.67 36.18
N PRO WA 132 54.43 -73.96 36.38
CA PRO WA 132 55.30 -74.69 35.45
C PRO WA 132 54.59 -75.02 34.14
N THR WA 133 55.30 -75.69 33.25
CA THR WA 133 54.75 -76.04 31.95
C THR WA 133 53.53 -76.95 32.06
N GLN WA 134 53.36 -77.63 33.19
CA GLN WA 134 52.28 -78.60 33.33
C GLN WA 134 50.98 -77.97 33.82
N ILE WA 135 51.05 -77.06 34.80
CA ILE WA 135 49.86 -76.31 35.18
C ILE WA 135 49.39 -75.46 34.00
N ALA WA 136 50.33 -74.82 33.30
CA ALA WA 136 50.03 -74.31 31.98
C ALA WA 136 49.65 -75.47 31.07
N ALA WA 137 49.21 -75.14 29.86
CA ALA WA 137 48.52 -76.08 28.97
C ALA WA 137 47.09 -76.31 29.43
N LYS WA 138 46.57 -75.44 30.30
CA LYS WA 138 45.15 -75.36 30.57
C LYS WA 138 44.36 -74.89 29.36
N ILE WA 139 45.05 -74.41 28.33
CA ILE WA 139 44.40 -74.02 27.08
C ILE WA 139 43.41 -75.09 26.63
N VAL WA 140 43.72 -76.36 26.91
CA VAL WA 140 42.84 -77.45 26.48
C VAL WA 140 41.46 -77.28 27.07
N ALA WA 141 41.38 -76.88 28.34
CA ALA WA 141 40.10 -76.64 28.97
C ALA WA 141 39.39 -75.41 28.41
N ALA WA 142 40.08 -74.60 27.61
CA ALA WA 142 39.51 -73.37 27.07
C ALA WA 142 39.12 -73.48 25.60
N ILE WA 143 39.72 -74.41 24.85
CA ILE WA 143 39.41 -74.53 23.43
C ILE WA 143 37.94 -74.81 23.25
N SER WA 144 37.32 -74.09 22.32
CA SER WA 144 35.88 -74.20 22.13
C SER WA 144 35.52 -75.59 21.60
N PRO WA 145 34.35 -76.12 21.94
CA PRO WA 145 33.99 -77.46 21.46
C PRO WA 145 33.89 -77.55 19.94
N ASP WA 146 33.48 -76.48 19.27
CA ASP WA 146 33.24 -76.53 17.83
C ASP WA 146 34.52 -76.69 17.02
N PHE WA 147 35.69 -76.54 17.62
CA PHE WA 147 36.93 -76.64 16.87
C PHE WA 147 37.05 -78.03 16.25
N PRO WA 148 37.33 -78.13 14.94
CA PRO WA 148 37.36 -79.46 14.30
C PRO WA 148 38.45 -80.38 14.83
N TYR WA 149 39.30 -79.89 15.73
CA TYR WA 149 40.41 -80.67 16.27
C TYR WA 149 40.18 -80.97 17.75
N GLU WA 150 40.66 -82.14 18.17
CA GLU WA 150 40.49 -82.61 19.54
C GLU WA 150 41.80 -82.46 20.30
N ALA WA 151 41.72 -81.84 21.48
CA ALA WA 151 42.88 -81.63 22.33
C ALA WA 151 42.91 -82.67 23.44
N THR WA 152 44.08 -83.26 23.66
CA THR WA 152 44.22 -84.35 24.63
C THR WA 152 44.86 -83.91 25.94
N ALA WA 153 45.68 -82.86 25.92
CA ALA WA 153 46.30 -82.32 27.13
C ALA WA 153 47.21 -83.36 27.79
N ALA WA 154 48.25 -83.76 27.06
CA ALA WA 154 49.24 -84.68 27.59
C ALA WA 154 50.14 -83.95 28.58
N ALA WA 155 51.17 -84.62 29.07
CA ALA WA 155 52.05 -84.06 30.10
C ALA WA 155 53.04 -83.11 29.43
N GLY WA 156 52.69 -81.82 29.41
CA GLY WA 156 53.55 -80.78 28.90
C GLY WA 156 53.34 -80.43 27.45
N VAL WA 157 52.68 -81.29 26.68
CA VAL WA 157 52.42 -81.06 25.26
C VAL WA 157 50.96 -81.38 24.99
N ILE WA 158 50.32 -80.56 24.16
CA ILE WA 158 48.93 -80.74 23.78
C ILE WA 158 48.88 -81.18 22.32
N THR WA 159 48.13 -82.24 22.05
CA THR WA 159 48.04 -82.84 20.73
C THR WA 159 46.68 -82.54 20.13
N LEU WA 160 46.67 -82.09 18.88
CA LEU WA 160 45.44 -81.80 18.14
C LEU WA 160 45.29 -82.84 17.04
N THR WA 161 44.19 -83.58 17.06
CA THR WA 161 43.90 -84.60 16.07
C THR WA 161 42.63 -84.23 15.32
N ALA WA 162 42.67 -84.32 13.99
CA ALA WA 162 41.51 -83.98 13.19
C ALA WA 162 40.34 -84.90 13.52
N ARG WA 163 39.14 -84.33 13.57
CA ARG WA 163 37.94 -85.10 13.82
C ARG WA 163 37.42 -85.82 12.58
N ASN WA 164 37.92 -85.46 11.40
CA ASN WA 164 37.54 -86.11 10.14
C ASN WA 164 38.79 -86.60 9.44
N GLY WA 165 38.71 -87.80 8.87
CA GLY WA 165 39.82 -88.38 8.17
C GLY WA 165 40.03 -87.72 6.81
N GLY WA 166 41.08 -88.18 6.13
CA GLY WA 166 41.38 -87.70 4.80
C GLY WA 166 42.24 -86.45 4.82
N THR WA 167 42.51 -85.95 3.61
CA THR WA 167 43.42 -84.83 3.42
C THR WA 167 42.85 -83.51 3.92
N ILE WA 168 41.57 -83.45 4.28
CA ILE WA 168 40.95 -82.20 4.68
C ILE WA 168 41.54 -81.63 5.97
N GLY WA 169 42.33 -82.42 6.68
CA GLY WA 169 42.91 -81.96 7.93
C GLY WA 169 44.39 -81.62 7.82
N ASN WA 170 44.78 -80.97 6.73
CA ASN WA 170 46.18 -80.64 6.46
C ASN WA 170 46.32 -79.15 6.19
N HIS WA 171 45.72 -78.32 7.03
CA HIS WA 171 45.75 -76.87 6.82
C HIS WA 171 45.75 -76.18 8.18
N LEU WA 172 46.87 -75.53 8.52
CA LEU WA 172 46.94 -74.76 9.74
C LEU WA 172 48.18 -73.87 9.74
N SER WA 173 48.06 -72.72 10.41
CA SER WA 173 49.18 -71.84 10.70
C SER WA 173 48.78 -70.96 11.88
N VAL WA 174 49.38 -71.18 13.04
CA VAL WA 174 48.92 -70.57 14.29
C VAL WA 174 49.54 -69.19 14.45
N ILE WA 175 48.79 -68.31 15.10
CA ILE WA 175 49.25 -66.98 15.49
C ILE WA 175 49.05 -66.84 16.99
N TYR WA 176 50.11 -66.45 17.69
CA TYR WA 176 50.14 -66.41 19.14
C TYR WA 176 50.80 -65.12 19.62
N THR WA 177 50.72 -64.89 20.94
CA THR WA 177 51.42 -63.79 21.60
C THR WA 177 52.07 -64.35 22.86
N ASN WA 178 53.29 -64.86 22.72
CA ASN WA 178 54.05 -65.35 23.86
C ASN WA 178 55.50 -64.92 23.78
N LEU WA 179 55.82 -63.91 22.97
CA LEU WA 179 57.18 -63.41 22.86
C LEU WA 179 57.09 -61.98 22.34
N GLY WA 180 58.18 -61.24 22.49
CA GLY WA 180 58.24 -59.87 22.04
C GLY WA 180 57.65 -58.90 23.04
N SER WA 181 57.79 -57.62 22.72
CA SER WA 181 57.33 -56.54 23.59
C SER WA 181 55.83 -56.34 23.52
N CYS WA 182 55.06 -57.22 22.88
CA CYS WA 182 53.61 -57.09 22.88
C CYS WA 182 53.09 -57.47 24.26
N THR WA 183 53.40 -56.65 25.25
CA THR WA 183 53.15 -56.98 26.65
C THR WA 183 51.69 -56.67 26.99
N SER WA 184 50.81 -57.56 26.53
CA SER WA 184 49.46 -57.62 27.09
C SER WA 184 49.58 -58.32 28.43
N VAL WA 185 50.34 -57.72 29.34
CA VAL WA 185 50.88 -58.40 30.51
C VAL WA 185 51.24 -59.82 30.10
N THR WA 186 52.16 -59.94 29.15
CA THR WA 186 52.58 -61.26 28.69
C THR WA 186 53.37 -61.97 29.79
N PRO WA 187 53.14 -63.26 30.02
CA PRO WA 187 53.93 -63.98 31.03
C PRO WA 187 55.35 -64.22 30.58
N GLU WA 188 56.31 -63.56 31.22
CA GLU WA 188 57.69 -63.65 30.81
C GLU WA 188 58.25 -65.05 31.04
N GLY WA 189 59.02 -65.53 30.08
CA GLY WA 189 59.68 -66.82 30.18
C GLY WA 189 58.93 -67.99 29.59
N VAL WA 190 57.81 -67.75 28.91
CA VAL WA 190 57.02 -68.82 28.31
C VAL WA 190 57.21 -68.78 26.80
N THR WA 191 57.22 -69.97 26.20
CA THR WA 191 57.38 -70.08 24.75
C THR WA 191 56.54 -71.26 24.27
N VAL WA 192 56.21 -71.24 22.98
CA VAL WA 192 55.39 -72.28 22.37
C VAL WA 192 56.02 -72.68 21.04
N ALA WA 193 55.98 -73.98 20.74
CA ALA WA 193 56.51 -74.52 19.50
C ALA WA 193 55.42 -75.29 18.77
N PHE WA 194 55.37 -75.13 17.45
CA PHE WA 194 54.34 -75.70 16.61
C PHE WA 194 54.97 -76.60 15.56
N ALA WA 195 54.42 -77.81 15.42
CA ALA WA 195 54.95 -78.76 14.45
C ALA WA 195 53.90 -79.82 14.15
N GLN WA 196 54.00 -80.40 12.96
CA GLN WA 196 53.09 -81.45 12.51
C GLN WA 196 53.80 -82.81 12.59
N THR WA 197 53.01 -83.86 12.78
CA THR WA 197 53.56 -85.20 12.96
C THR WA 197 52.93 -86.27 12.06
N THR WA 198 51.71 -86.08 11.57
CA THR WA 198 51.07 -87.11 10.74
C THR WA 198 50.05 -86.47 9.81
N PRO WA 199 50.11 -86.73 8.51
CA PRO WA 199 49.14 -86.14 7.57
C PRO WA 199 47.95 -87.07 7.31
N GLY WA 200 46.96 -86.50 6.63
CA GLY WA 200 45.81 -87.29 6.20
C GLY WA 200 46.14 -88.19 5.03
N SER WA 201 45.32 -89.22 4.87
CA SER WA 201 45.63 -90.30 3.92
C SER WA 201 44.65 -90.40 2.77
N VAL WA 202 43.35 -90.58 3.02
CA VAL WA 202 42.41 -91.07 2.02
C VAL WA 202 41.14 -90.22 2.05
N ASN WA 203 40.67 -89.84 0.88
CA ASN WA 203 39.43 -89.09 0.70
C ASN WA 203 38.37 -89.95 0.02
N PRO WA 204 37.09 -89.66 0.24
CA PRO WA 204 36.04 -90.39 -0.49
C PRO WA 204 35.86 -89.86 -1.90
N GLU WA 205 35.33 -90.73 -2.76
CA GLU WA 205 35.09 -90.40 -4.16
C GLU WA 205 33.67 -90.83 -4.54
N PRO WA 206 32.66 -90.19 -3.97
CA PRO WA 206 31.28 -90.53 -4.36
C PRO WA 206 31.02 -90.23 -5.83
N ASN WA 207 30.20 -91.06 -6.46
CA ASN WA 207 29.88 -90.89 -7.87
C ASN WA 207 28.40 -91.17 -8.15
N ASP WA 208 27.54 -91.05 -7.15
CA ASP WA 208 26.12 -91.34 -7.27
C ASP WA 208 25.29 -90.07 -7.33
N TYR WA 209 25.82 -89.02 -7.97
CA TYR WA 209 25.06 -87.78 -8.07
C TYR WA 209 23.79 -87.96 -8.88
N ALA WA 210 23.80 -88.87 -9.85
CA ALA WA 210 22.62 -89.06 -10.69
C ALA WA 210 21.47 -89.71 -9.94
N SER WA 211 21.71 -90.25 -8.75
CA SER WA 211 20.67 -90.96 -8.00
C SER WA 211 20.13 -90.16 -6.82
N VAL WA 212 20.95 -89.32 -6.19
CA VAL WA 212 20.52 -88.60 -5.00
C VAL WA 212 20.07 -87.18 -5.30
N VAL WA 213 20.46 -86.61 -6.44
CA VAL WA 213 20.03 -85.27 -6.83
C VAL WA 213 19.32 -85.38 -8.16
N ASN WA 214 18.61 -86.48 -8.37
CA ASN WA 214 18.03 -86.77 -9.67
C ASN WA 214 16.86 -85.83 -9.94
N GLU WA 215 16.92 -85.12 -11.07
CA GLU WA 215 15.80 -84.31 -11.56
C GLU WA 215 15.30 -83.34 -10.48
N CYS WA 216 16.24 -82.74 -9.75
CA CYS WA 216 15.94 -81.71 -8.77
C CYS WA 216 16.81 -80.51 -9.07
N CYS WA 217 16.21 -79.33 -9.10
CA CYS WA 217 16.90 -78.11 -9.52
C CYS WA 217 17.53 -77.42 -8.33
N PHE WA 218 18.81 -77.08 -8.47
CA PHE WA 218 19.54 -76.31 -7.47
C PHE WA 218 20.25 -75.15 -8.16
N ALA WA 219 20.41 -74.05 -7.42
CA ALA WA 219 20.99 -72.84 -7.98
C ALA WA 219 22.51 -72.81 -7.81
N VAL WA 220 23.00 -73.09 -6.61
CA VAL WA 220 24.42 -73.02 -6.31
C VAL WA 220 24.83 -74.30 -5.58
N TYR WA 221 25.89 -74.94 -6.06
CA TYR WA 221 26.48 -76.10 -5.40
C TYR WA 221 27.74 -75.66 -4.67
N VAL WA 222 27.84 -76.03 -3.40
CA VAL WA 222 29.00 -75.73 -2.56
C VAL WA 222 29.63 -77.05 -2.15
N LEU WA 223 30.94 -77.17 -2.35
CA LEU WA 223 31.67 -78.40 -2.06
C LEU WA 223 32.80 -78.08 -1.09
N SER WA 224 32.75 -78.67 0.10
CA SER WA 224 33.76 -78.45 1.12
C SER WA 224 34.79 -79.57 1.11
N SER WA 225 35.57 -79.60 0.03
CA SER WA 225 36.64 -80.58 -0.10
C SER WA 225 37.67 -80.06 -1.10
N ASP WA 226 38.85 -80.68 -1.09
CA ASP WA 226 39.94 -80.29 -1.98
C ASP WA 226 40.46 -81.46 -2.79
N ASP WA 227 39.70 -82.54 -2.90
CA ASP WA 227 40.08 -83.66 -3.74
C ASP WA 227 39.75 -83.33 -5.19
N THR WA 228 40.77 -83.35 -6.05
CA THR WA 228 40.56 -82.98 -7.44
C THR WA 228 39.57 -83.91 -8.12
N ASP WA 229 39.69 -85.22 -7.87
CA ASP WA 229 38.78 -86.17 -8.50
C ASP WA 229 37.34 -85.94 -8.06
N TRP WA 230 37.13 -85.66 -6.78
CA TRP WA 230 35.78 -85.38 -6.30
C TRP WA 230 35.20 -84.16 -6.99
N GLN WA 231 36.00 -83.10 -7.12
CA GLN WA 231 35.53 -81.90 -7.81
C GLN WA 231 35.20 -82.19 -9.27
N GLU WA 232 36.01 -83.02 -9.92
CA GLU WA 232 35.77 -83.34 -11.32
C GLU WA 232 34.42 -84.02 -11.50
N ASN WA 233 34.04 -84.90 -10.57
CA ASN WA 233 32.74 -85.55 -10.67
C ASN WA 233 31.61 -84.53 -10.59
N LEU WA 234 31.75 -83.54 -9.69
CA LEU WA 234 30.72 -82.50 -9.60
C LEU WA 234 30.61 -81.73 -10.90
N ARG WA 235 31.75 -81.41 -11.53
CA ARG WA 235 31.70 -80.70 -12.81
C ARG WA 235 30.96 -81.50 -13.86
N ASP WA 236 31.22 -82.81 -13.93
CA ASP WA 236 30.54 -83.65 -14.91
C ASP WA 236 29.04 -83.65 -14.68
N TRP WA 237 28.61 -83.70 -13.42
CA TRP WA 237 27.18 -83.69 -13.12
C TRP WA 237 26.54 -82.39 -13.59
N ILE WA 238 27.21 -81.26 -13.34
CA ILE WA 238 26.63 -79.96 -13.73
C ILE WA 238 26.45 -79.91 -15.23
N ARG WA 239 27.43 -80.40 -16.00
CA ARG WA 239 27.29 -80.46 -17.45
C ARG WA 239 26.00 -81.15 -17.84
N SER WA 240 25.69 -82.27 -17.18
CA SER WA 240 24.46 -82.99 -17.48
C SER WA 240 23.22 -82.12 -17.26
N ALA WA 241 23.26 -81.24 -16.26
CA ALA WA 241 22.14 -80.34 -16.03
C ALA WA 241 22.00 -79.29 -17.11
N TRP WA 242 23.08 -78.95 -17.80
CA TRP WA 242 23.06 -78.00 -18.90
C TRP WA 242 23.00 -78.70 -20.26
N ASP WA 243 22.81 -80.01 -20.28
CA ASP WA 243 22.88 -80.78 -21.51
C ASP WA 243 21.65 -80.52 -22.37
N CYS WA 244 21.76 -80.90 -23.65
CA CYS WA 244 20.70 -80.71 -24.64
C CYS WA 244 19.83 -81.95 -24.81
N SER WA 245 20.09 -83.02 -24.08
CA SER WA 245 19.37 -84.28 -24.28
C SER WA 245 18.09 -84.36 -23.47
N LYS WA 246 17.78 -83.36 -22.66
CA LYS WA 246 16.60 -83.41 -21.79
C LYS WA 246 16.37 -82.02 -21.24
N PRO WA 247 15.22 -81.78 -20.61
CA PRO WA 247 15.00 -80.48 -19.97
C PRO WA 247 16.10 -80.16 -18.97
N GLN WA 248 16.54 -78.91 -18.96
CA GLN WA 248 17.69 -78.50 -18.18
C GLN WA 248 17.27 -78.03 -16.79
N CYS WA 249 18.18 -78.22 -15.83
CA CYS WA 249 17.99 -77.71 -14.48
C CYS WA 249 18.92 -76.55 -14.16
N PHE WA 250 19.98 -76.35 -14.92
CA PHE WA 250 20.91 -75.25 -14.70
C PHE WA 250 21.55 -75.32 -13.32
N GLY WA 251 22.51 -74.44 -13.05
CA GLY WA 251 23.19 -74.43 -11.77
C GLY WA 251 24.63 -73.97 -11.88
N HIS WA 252 25.30 -73.80 -10.74
CA HIS WA 252 26.69 -73.38 -10.73
C HIS WA 252 27.34 -73.93 -9.46
N GLY WA 253 28.63 -74.24 -9.57
CA GLY WA 253 29.36 -74.82 -8.45
C GLY WA 253 30.52 -73.97 -7.99
N TYR WA 254 30.90 -74.11 -6.72
CA TYR WA 254 32.01 -73.36 -6.15
C TYR WA 254 32.98 -74.33 -5.48
N VAL WA 255 34.26 -74.22 -5.83
CA VAL WA 255 35.31 -75.04 -5.27
C VAL WA 255 36.54 -74.17 -5.05
N PHE WA 256 37.51 -74.71 -4.32
CA PHE WA 256 38.75 -74.00 -4.02
C PHE WA 256 39.95 -74.89 -4.28
N ASN WA 257 41.07 -74.26 -4.59
CA ASN WA 257 42.34 -74.93 -4.80
C ASN WA 257 43.42 -74.19 -4.02
N LYS WA 258 44.26 -74.96 -3.33
CA LYS WA 258 45.28 -74.38 -2.45
C LYS WA 258 46.64 -74.97 -2.79
N GLY WA 259 47.66 -74.14 -2.75
CA GLY WA 259 49.02 -74.56 -3.05
C GLY WA 259 49.82 -73.42 -3.63
N THR WA 260 51.02 -73.76 -4.08
CA THR WA 260 51.88 -72.78 -4.73
C THR WA 260 51.34 -72.43 -6.11
N LEU WA 261 51.97 -71.44 -6.74
CA LEU WA 261 51.50 -70.99 -8.05
C LEU WA 261 51.57 -72.11 -9.08
N GLY WA 262 52.66 -72.87 -9.08
CA GLY WA 262 52.78 -73.96 -10.04
C GLY WA 262 51.70 -75.01 -9.86
N GLN WA 263 51.34 -75.30 -8.61
CA GLN WA 263 50.33 -76.32 -8.35
C GLN WA 263 48.93 -75.83 -8.74
N VAL WA 264 48.60 -74.59 -8.37
CA VAL WA 264 47.25 -74.09 -8.60
C VAL WA 264 46.95 -74.01 -10.09
N LEU WA 265 47.92 -73.52 -10.89
CA LEU WA 265 47.70 -73.39 -12.32
C LEU WA 265 47.46 -74.74 -12.98
N ALA WA 266 47.88 -75.84 -12.36
CA ALA WA 266 47.75 -77.16 -12.95
C ALA WA 266 46.33 -77.72 -12.84
N ASP WA 267 45.42 -77.01 -12.17
CA ASP WA 267 44.04 -77.46 -12.02
C ASP WA 267 43.09 -76.78 -12.99
N GLY WA 268 43.62 -76.10 -14.01
CA GLY WA 268 42.79 -75.40 -14.97
C GLY WA 268 42.24 -76.31 -16.05
N ASP WA 269 41.21 -77.08 -15.72
CA ASP WA 269 40.61 -78.02 -16.65
C ASP WA 269 39.68 -77.34 -17.66
N ASN WA 270 39.59 -76.01 -17.64
CA ASN WA 270 38.74 -75.27 -18.58
C ASN WA 270 37.28 -75.72 -18.46
N SER WA 271 36.70 -75.44 -17.30
CA SER WA 271 35.31 -75.76 -17.01
C SER WA 271 34.55 -74.45 -16.81
N ALA WA 272 33.51 -74.25 -17.61
CA ALA WA 272 32.64 -73.09 -17.45
C ALA WA 272 31.60 -73.29 -16.36
N GLU WA 273 31.51 -74.49 -15.79
CA GLU WA 273 30.50 -74.81 -14.79
C GLU WA 273 31.01 -74.66 -13.37
N LEU WA 274 32.24 -74.21 -13.17
CA LEU WA 274 32.83 -74.08 -11.85
C LEU WA 274 33.53 -72.74 -11.71
N SER WA 275 33.63 -72.28 -10.47
CA SER WA 275 34.32 -71.03 -10.14
C SER WA 275 35.39 -71.38 -9.10
N ARG WA 276 36.57 -71.74 -9.57
CA ARG WA 276 37.65 -72.18 -8.70
C ARG WA 276 38.24 -70.98 -7.97
N LEU WA 277 38.39 -71.11 -6.65
CA LEU WA 277 38.95 -70.06 -5.81
C LEU WA 277 40.37 -70.45 -5.42
N ALA WA 278 41.32 -69.57 -5.69
CA ALA WA 278 42.73 -69.83 -5.45
C ALA WA 278 43.17 -69.23 -4.12
N LEU WA 279 43.87 -70.01 -3.32
CA LEU WA 279 44.40 -69.56 -2.04
C LEU WA 279 45.89 -69.92 -1.95
N PRO WA 280 46.66 -69.18 -1.18
CA PRO WA 280 48.10 -69.45 -1.06
C PRO WA 280 48.36 -70.59 -0.10
N THR WA 281 49.65 -70.87 0.11
CA THR WA 281 50.05 -71.99 0.95
C THR WA 281 50.04 -71.65 2.43
N THR WA 282 49.92 -70.37 2.79
CA THR WA 282 49.96 -69.92 4.18
C THR WA 282 48.74 -69.08 4.51
N TYR WA 283 47.57 -69.53 4.10
CA TYR WA 283 46.33 -68.81 4.40
C TYR WA 283 46.01 -68.98 5.89
N PRO WA 284 45.85 -67.90 6.65
CA PRO WA 284 45.62 -68.03 8.10
C PRO WA 284 44.20 -68.43 8.48
N VAL WA 285 43.37 -68.85 7.53
CA VAL WA 285 42.00 -69.28 7.81
C VAL WA 285 41.80 -70.64 7.17
N LEU WA 286 40.99 -71.48 7.81
CA LEU WA 286 40.70 -72.79 7.26
C LEU WA 286 40.09 -72.63 5.86
N PRO WA 287 40.55 -73.39 4.87
CA PRO WA 287 40.15 -73.10 3.49
C PRO WA 287 38.65 -73.13 3.26
N TYR WA 288 38.00 -74.24 3.59
CA TYR WA 288 36.60 -74.42 3.21
C TYR WA 288 35.69 -73.38 3.83
N LEU WA 289 36.09 -72.77 4.95
CA LEU WA 289 35.26 -71.72 5.54
C LEU WA 289 35.14 -70.53 4.60
N THR WA 290 36.26 -70.12 3.99
CA THR WA 290 36.20 -69.00 3.05
C THR WA 290 35.37 -69.37 1.82
N ASN WA 291 35.54 -70.59 1.32
CA ASN WA 291 34.79 -71.01 0.13
C ASN WA 291 33.30 -71.01 0.41
N ALA WA 292 32.88 -71.49 1.58
CA ALA WA 292 31.46 -71.48 1.92
C ALA WA 292 30.92 -70.06 1.97
N ALA WA 293 31.69 -69.13 2.54
CA ALA WA 293 31.24 -67.75 2.61
C ALA WA 293 31.02 -67.16 1.23
N TYR WA 294 31.96 -67.40 0.31
CA TYR WA 294 31.80 -66.88 -1.05
C TYR WA 294 30.59 -67.50 -1.72
N GLY WA 295 30.41 -68.82 -1.60
CA GLY WA 295 29.27 -69.46 -2.22
C GLY WA 295 27.96 -68.94 -1.68
N ALA WA 296 27.85 -68.85 -0.36
CA ALA WA 296 26.61 -68.39 0.25
C ALA WA 296 26.28 -66.97 -0.16
N LEU WA 297 27.28 -66.08 -0.15
CA LEU WA 297 27.04 -64.70 -0.54
C LEU WA 297 26.52 -64.61 -1.97
N SER WA 298 27.10 -65.37 -2.88
CA SER WA 298 26.65 -65.41 -4.26
C SER WA 298 25.53 -66.41 -4.48
N ALA WA 299 25.09 -67.12 -3.45
CA ALA WA 299 24.04 -68.13 -3.60
C ALA WA 299 22.67 -67.48 -3.58
N CYS WA 300 22.49 -66.45 -4.42
CA CYS WA 300 21.23 -65.77 -4.67
C CYS WA 300 20.72 -65.01 -3.45
N SER WA 301 21.42 -65.06 -2.31
CA SER WA 301 21.09 -64.14 -1.23
C SER WA 301 21.32 -62.69 -1.67
N THR WA 302 22.19 -62.49 -2.64
CA THR WA 302 22.33 -61.21 -3.34
C THR WA 302 22.02 -61.32 -4.82
N CYS WA 303 22.19 -62.50 -5.42
CA CYS WA 303 22.01 -62.69 -6.87
C CYS WA 303 20.61 -63.17 -7.21
N GLU WA 304 19.58 -62.48 -6.71
CA GLU WA 304 18.26 -62.61 -7.31
C GLU WA 304 18.20 -61.87 -8.64
N ASN WA 305 19.10 -60.91 -8.84
CA ASN WA 305 19.26 -60.25 -10.12
C ASN WA 305 20.43 -60.91 -10.85
N PRO WA 306 20.19 -61.63 -11.95
CA PRO WA 306 21.33 -62.28 -12.62
C PRO WA 306 22.41 -61.32 -13.06
N GLU WA 307 22.06 -60.08 -13.39
CA GLU WA 307 23.04 -59.12 -13.90
C GLU WA 307 24.09 -58.75 -12.87
N LEU WA 308 23.81 -58.90 -11.58
CA LEU WA 308 24.70 -58.40 -10.55
C LEU WA 308 26.03 -59.15 -10.55
N ASN WA 309 27.12 -58.42 -10.32
CA ASN WA 309 28.45 -59.00 -10.19
C ASN WA 309 28.87 -58.94 -8.73
N VAL WA 310 29.36 -60.07 -8.21
CA VAL WA 310 29.80 -60.17 -6.82
C VAL WA 310 31.30 -59.85 -6.83
N GLN WA 311 31.62 -58.57 -6.74
CA GLN WA 311 33.00 -58.10 -6.77
C GLN WA 311 33.14 -56.97 -5.76
N GLY WA 312 34.28 -56.28 -5.82
CA GLY WA 312 34.46 -55.03 -5.09
C GLY WA 312 34.39 -55.16 -3.60
N GLN WA 313 34.71 -54.07 -2.90
CA GLN WA 313 34.66 -54.02 -1.45
C GLN WA 313 33.26 -53.79 -0.91
N THR WA 314 32.29 -53.48 -1.77
CA THR WA 314 30.92 -53.21 -1.35
C THR WA 314 30.02 -54.43 -1.48
N TYR WA 315 30.10 -55.16 -2.60
CA TYR WA 315 29.26 -56.32 -2.83
C TYR WA 315 29.96 -57.64 -2.54
N GLY WA 316 31.28 -57.69 -2.67
CA GLY WA 316 32.01 -58.93 -2.46
C GLY WA 316 32.77 -58.97 -1.16
N LEU WA 317 32.16 -58.47 -0.09
CA LEU WA 317 32.80 -58.41 1.22
C LEU WA 317 32.35 -59.62 2.03
N LEU WA 318 33.28 -60.54 2.28
CA LEU WA 318 33.02 -61.72 3.12
C LEU WA 318 33.16 -61.29 4.57
N SER WA 319 32.09 -60.68 5.08
CA SER WA 319 32.14 -60.07 6.40
C SER WA 319 32.40 -61.10 7.49
N CYS WA 320 31.77 -62.27 7.39
CA CYS WA 320 31.82 -63.24 8.49
C CYS WA 320 33.23 -63.71 8.79
N ILE WA 321 34.15 -63.60 7.84
CA ILE WA 321 35.52 -64.06 8.04
C ILE WA 321 36.35 -62.94 8.66
N ASN WA 322 37.03 -63.25 9.75
CA ASN WA 322 37.95 -62.32 10.40
C ASN WA 322 39.30 -63.00 10.56
N MET WA 323 40.36 -62.34 10.08
CA MET WA 323 41.68 -62.93 10.10
C MET WA 323 42.71 -61.84 10.36
N PRO WA 324 43.76 -62.13 11.14
CA PRO WA 324 44.78 -61.12 11.38
C PRO WA 324 45.56 -60.80 10.13
N GLU WA 325 46.02 -59.55 10.03
CA GLU WA 325 46.77 -59.10 8.88
C GLU WA 325 48.08 -59.87 8.77
N SER WA 326 48.43 -60.27 7.55
CA SER WA 326 49.65 -61.02 7.32
C SER WA 326 50.83 -60.08 7.12
N CYS WA 327 52.04 -60.65 7.28
CA CYS WA 327 53.27 -59.88 7.15
C CYS WA 327 53.70 -59.68 5.70
N THR WA 328 53.05 -60.36 4.76
CA THR WA 328 53.40 -60.29 3.34
C THR WA 328 52.12 -60.52 2.54
N PRO WA 329 51.98 -59.94 1.36
CA PRO WA 329 50.70 -60.06 0.64
C PRO WA 329 50.28 -61.49 0.37
N GLY WA 330 51.20 -62.45 0.38
CA GLY WA 330 50.85 -63.82 0.11
C GLY WA 330 50.85 -64.13 -1.38
N TRP WA 331 49.96 -63.46 -2.12
CA TRP WA 331 49.94 -63.53 -3.57
C TRP WA 331 50.63 -62.27 -4.10
N GLU WA 332 51.84 -62.44 -4.60
CA GLU WA 332 52.56 -61.29 -5.16
C GLU WA 332 51.82 -60.77 -6.39
N PHE WA 333 51.95 -59.47 -6.63
CA PHE WA 333 51.17 -58.85 -7.69
C PHE WA 333 51.46 -59.49 -9.04
N THR WA 334 52.73 -59.81 -9.31
CA THR WA 334 53.07 -60.51 -10.54
C THR WA 334 52.35 -61.86 -10.63
N GLU WA 335 51.98 -62.45 -9.50
CA GLU WA 335 51.22 -63.69 -9.49
C GLU WA 335 49.72 -63.48 -9.53
N VAL WA 336 49.23 -62.37 -8.96
CA VAL WA 336 47.81 -62.09 -9.00
C VAL WA 336 47.34 -61.92 -10.43
N THR WA 337 48.11 -61.21 -11.25
CA THR WA 337 47.73 -61.00 -12.65
C THR WA 337 47.64 -62.32 -13.39
N GLN WA 338 48.60 -63.22 -13.18
CA GLN WA 338 48.58 -64.50 -13.89
C GLN WA 338 47.34 -65.32 -13.52
N LEU WA 339 47.01 -65.36 -12.23
CA LEU WA 339 45.84 -66.12 -11.81
C LEU WA 339 44.57 -65.58 -12.43
N GLN WA 340 44.41 -64.26 -12.46
CA GLN WA 340 43.23 -63.66 -13.06
C GLN WA 340 43.18 -63.95 -14.56
N ASN WA 341 44.32 -63.88 -15.24
CA ASN WA 341 44.35 -64.15 -16.67
C ASN WA 341 44.07 -65.60 -16.99
N ASN WA 342 44.21 -66.50 -16.03
CA ASN WA 342 44.01 -67.93 -16.24
C ASN WA 342 42.64 -68.41 -15.79
N GLY WA 343 41.74 -67.50 -15.41
CA GLY WA 343 40.39 -67.87 -15.07
C GLY WA 343 40.16 -68.24 -13.62
N PHE WA 344 41.05 -67.85 -12.72
CA PHE WA 344 40.89 -68.11 -11.30
C PHE WA 344 40.33 -66.89 -10.58
N VAL WA 345 39.89 -67.11 -9.35
CA VAL WA 345 39.35 -66.05 -8.50
C VAL WA 345 40.34 -65.80 -7.37
N VAL WA 346 40.66 -64.53 -7.13
CA VAL WA 346 41.63 -64.14 -6.12
C VAL WA 346 40.96 -63.20 -5.14
N SER WA 347 41.26 -63.39 -3.85
CA SER WA 347 40.69 -62.59 -2.78
C SER WA 347 41.79 -62.00 -1.92
N GLY WA 348 41.51 -60.88 -1.27
CA GLY WA 348 42.47 -60.22 -0.44
C GLY WA 348 41.81 -59.31 0.59
N PRO WA 349 42.62 -58.72 1.47
CA PRO WA 349 42.05 -57.88 2.53
C PRO WA 349 41.35 -56.65 1.97
N ALA WA 350 40.28 -56.25 2.66
CA ALA WA 350 39.48 -55.10 2.26
C ALA WA 350 39.89 -53.81 2.95
N THR WA 351 40.91 -53.86 3.81
CA THR WA 351 41.39 -52.67 4.51
C THR WA 351 42.91 -52.70 4.53
N THR WA 352 43.50 -51.54 4.80
CA THR WA 352 44.93 -51.36 4.73
C THR WA 352 45.54 -51.42 6.12
N SER WA 353 46.51 -52.30 6.31
CA SER WA 353 47.28 -52.39 7.54
C SER WA 353 48.33 -53.49 7.35
N GLY WA 354 49.35 -53.46 8.21
CA GLY WA 354 50.36 -54.49 8.25
C GLY WA 354 50.74 -54.82 9.68
N GLN WA 355 49.84 -54.44 10.60
CA GLN WA 355 50.09 -54.49 12.03
C GLN WA 355 49.87 -55.87 12.63
N GLY WA 356 49.29 -56.80 11.90
CA GLY WA 356 48.75 -57.98 12.52
C GLY WA 356 47.36 -57.78 13.07
N ASN WA 357 46.72 -56.66 12.75
CA ASN WA 357 45.36 -56.37 13.20
C ASN WA 357 44.35 -57.20 12.41
N PHE WA 358 43.09 -57.05 12.78
CA PHE WA 358 42.02 -57.87 12.20
C PHE WA 358 41.37 -57.14 11.03
N THR WA 359 41.17 -57.88 9.95
CA THR WA 359 40.54 -57.35 8.73
C THR WA 359 39.55 -58.38 8.22
N SER WA 360 39.04 -58.14 7.02
CA SER WA 360 38.14 -59.06 6.35
C SER WA 360 38.54 -59.16 4.89
N PRO WA 361 38.32 -60.31 4.25
CA PRO WA 361 38.67 -60.44 2.83
C PRO WA 361 37.52 -60.10 1.90
N TYR WA 362 37.88 -59.66 0.70
CA TYR WA 362 36.91 -59.42 -0.36
C TYR WA 362 37.46 -60.00 -1.65
N ILE WA 363 36.61 -60.04 -2.67
CA ILE WA 363 36.88 -60.75 -3.91
C ILE WA 363 37.17 -59.72 -5.00
N TYR WA 364 38.26 -59.95 -5.74
CA TYR WA 364 38.66 -59.02 -6.80
C TYR WA 364 37.79 -59.20 -8.04
N ASN WA 365 37.82 -60.40 -8.63
CA ASN WA 365 37.13 -60.66 -9.89
C ASN WA 365 36.20 -61.86 -9.71
N ASP WA 366 34.95 -61.69 -10.14
CA ASP WA 366 33.97 -62.79 -10.16
C ASP WA 366 34.01 -63.41 -11.54
N VAL WA 367 34.86 -64.41 -11.70
CA VAL WA 367 35.14 -65.01 -13.01
C VAL WA 367 35.12 -66.52 -12.87
N THR WA 368 34.56 -67.20 -13.86
CA THR WA 368 34.53 -68.66 -13.89
C THR WA 368 35.89 -69.17 -14.39
N ASN WA 369 35.97 -70.46 -14.66
CA ASN WA 369 37.20 -71.09 -15.13
C ASN WA 369 37.10 -71.41 -16.63
N TYR WA 370 36.46 -70.54 -17.39
CA TYR WA 370 36.22 -70.77 -18.81
C TYR WA 370 37.36 -70.22 -19.65
N LEU WA 371 37.85 -71.05 -20.57
CA LEU WA 371 38.87 -70.65 -21.53
C LEU WA 371 38.67 -71.46 -22.80
N ARG WA 372 39.14 -70.91 -23.92
CA ARG WA 372 39.03 -71.60 -25.19
C ARG WA 372 37.58 -71.97 -25.47
N ASP WA 373 37.34 -72.83 -26.46
CA ASP WA 373 36.00 -73.18 -26.87
C ASP WA 373 35.97 -74.65 -27.29
N GLU WA 374 34.78 -75.13 -27.66
CA GLU WA 374 34.68 -76.51 -28.14
C GLU WA 374 35.49 -76.71 -29.41
N LYS WA 375 35.53 -75.71 -30.27
CA LYS WA 375 36.36 -75.76 -31.48
C LYS WA 375 37.78 -75.30 -31.22
N ASN WA 376 38.15 -75.05 -29.96
CA ASN WA 376 39.50 -74.72 -29.51
C ASN WA 376 39.86 -73.26 -29.75
N ARG WA 377 38.91 -72.42 -30.14
CA ARG WA 377 39.22 -71.00 -30.29
C ARG WA 377 39.13 -70.29 -28.93
N PRO WA 378 39.87 -69.21 -28.75
CA PRO WA 378 39.78 -68.46 -27.50
C PRO WA 378 38.73 -67.35 -27.54
N ASN WA 379 37.96 -67.25 -26.47
CA ASN WA 379 36.96 -66.20 -26.33
C ASN WA 379 36.56 -66.10 -24.87
N ALA WA 380 35.81 -65.04 -24.55
CA ALA WA 380 35.38 -64.76 -23.19
C ALA WA 380 33.86 -64.79 -23.07
N THR WA 381 33.21 -65.68 -23.82
CA THR WA 381 31.75 -65.70 -23.83
C THR WA 381 31.19 -65.98 -22.44
N PHE WA 382 31.78 -66.94 -21.73
CA PHE WA 382 31.34 -67.31 -20.39
C PHE WA 382 32.38 -66.93 -19.33
N ARG WA 383 33.13 -65.86 -19.57
CA ARG WA 383 34.14 -65.43 -18.61
C ARG WA 383 33.51 -65.06 -17.28
N ASP WA 384 32.67 -64.04 -17.27
CA ASP WA 384 32.05 -63.58 -16.03
C ASP WA 384 30.95 -64.53 -15.60
N ALA WA 385 30.86 -64.76 -14.29
CA ALA WA 385 29.83 -65.65 -13.77
C ALA WA 385 28.43 -65.15 -14.11
N SER WA 386 28.26 -63.84 -14.22
CA SER WA 386 26.94 -63.29 -14.54
C SER WA 386 26.45 -63.78 -15.89
N SER WA 387 27.36 -64.11 -16.81
CA SER WA 387 26.94 -64.63 -18.11
C SER WA 387 26.17 -65.94 -17.95
N ARG WA 388 26.64 -66.82 -17.08
CA ARG WA 388 25.94 -68.09 -16.86
C ARG WA 388 24.54 -67.83 -16.28
N ARG WA 389 24.45 -66.93 -15.30
CA ARG WA 389 23.16 -66.62 -14.72
C ARG WA 389 22.23 -65.97 -15.74
N LEU WA 390 22.75 -65.03 -16.53
CA LEU WA 390 21.92 -64.37 -17.54
C LEU WA 390 21.46 -65.36 -18.61
N ALA WA 391 22.34 -66.27 -19.01
CA ALA WA 391 21.97 -67.26 -20.03
C ALA WA 391 20.81 -68.12 -19.54
N ALA WA 392 20.87 -68.56 -18.28
CA ALA WA 392 19.77 -69.34 -17.73
C ALA WA 392 18.49 -68.53 -17.66
N ALA WA 393 18.59 -67.26 -17.25
CA ALA WA 393 17.41 -66.42 -17.15
C ALA WA 393 16.76 -66.21 -18.51
N THR WA 394 17.57 -65.99 -19.55
CA THR WA 394 17.01 -65.82 -20.88
C THR WA 394 16.29 -67.07 -21.34
N GLY WA 395 16.86 -68.25 -21.07
CA GLY WA 395 16.22 -69.48 -21.49
C GLY WA 395 14.86 -69.66 -20.86
N VAL WA 396 14.76 -69.43 -19.56
CA VAL WA 396 13.47 -69.59 -18.88
C VAL WA 396 12.48 -68.55 -19.37
N ALA WA 397 12.91 -67.28 -19.42
CA ALA WA 397 11.99 -66.21 -19.83
C ALA WA 397 11.50 -66.43 -21.25
N LEU WA 398 12.41 -66.80 -22.16
CA LEU WA 398 12.02 -67.01 -23.55
C LEU WA 398 10.99 -68.12 -23.68
N ALA WA 399 11.18 -69.21 -22.94
CA ALA WA 399 10.24 -70.32 -23.01
C ALA WA 399 8.84 -69.88 -22.58
N THR WA 400 8.76 -69.07 -21.52
CA THR WA 400 7.45 -68.60 -21.06
C THR WA 400 6.76 -67.77 -22.13
N PHE WA 401 7.51 -66.90 -22.81
CA PHE WA 401 6.90 -66.03 -23.82
C PHE WA 401 6.33 -66.86 -24.97
N LEU WA 402 7.06 -67.86 -25.43
CA LEU WA 402 6.60 -68.67 -26.55
C LEU WA 402 5.41 -69.55 -26.18
N GLN WA 403 5.06 -69.65 -24.89
CA GLN WA 403 3.98 -70.54 -24.48
C GLN WA 403 2.66 -70.16 -25.13
N GLN WA 404 2.49 -68.90 -25.52
CA GLN WA 404 1.21 -68.44 -26.05
C GLN WA 404 0.88 -69.05 -27.41
N PHE WA 405 1.85 -69.66 -28.09
CA PHE WA 405 1.60 -70.31 -29.36
C PHE WA 405 1.23 -71.78 -29.22
N ASN WA 406 1.09 -72.27 -27.99
CA ASN WA 406 0.72 -73.66 -27.76
C ASN WA 406 -0.78 -73.83 -28.04
N GLY WA 407 -1.10 -74.71 -28.98
CA GLY WA 407 -2.48 -74.95 -29.32
C GLY WA 407 -3.12 -73.88 -30.18
N LEU WA 408 -2.33 -73.06 -30.87
CA LEU WA 408 -2.83 -72.02 -31.75
C LEU WA 408 -2.77 -72.49 -33.19
N ALA WA 409 -3.86 -72.27 -33.93
CA ALA WA 409 -3.90 -72.67 -35.32
C ALA WA 409 -2.82 -71.95 -36.11
N VAL WA 410 -2.10 -72.69 -36.95
CA VAL WA 410 -1.01 -72.16 -37.76
C VAL WA 410 -1.32 -72.45 -39.22
N PHE WA 411 -1.19 -71.42 -40.07
CA PHE WA 411 -1.51 -71.53 -41.48
C PHE WA 411 -0.23 -71.45 -42.31
N THR WA 412 -0.02 -72.45 -43.15
CA THR WA 412 1.09 -72.47 -44.08
C THR WA 412 0.60 -73.04 -45.41
N LYS WA 413 1.24 -72.62 -46.50
CA LYS WA 413 0.87 -72.88 -47.87
C LYS WA 413 -0.32 -72.04 -48.31
N ASN WA 414 -0.91 -71.25 -47.41
CA ASN WA 414 -1.94 -70.28 -47.80
C ASN WA 414 -2.04 -69.29 -46.64
N THR WA 415 -1.36 -68.15 -46.77
CA THR WA 415 -1.16 -67.24 -45.64
C THR WA 415 -2.33 -66.30 -45.40
N ASN WA 416 -3.36 -66.31 -46.25
CA ASN WA 416 -4.55 -65.50 -46.00
C ASN WA 416 -5.41 -66.20 -44.96
N ILE WA 417 -5.64 -65.53 -43.84
CA ILE WA 417 -6.46 -66.08 -42.76
C ILE WA 417 -7.88 -65.58 -42.95
N LYS WA 418 -8.83 -66.53 -43.01
CA LYS WA 418 -10.23 -66.19 -43.21
C LYS WA 418 -10.71 -65.22 -42.12
N THR WA 419 -11.83 -64.56 -42.37
CA THR WA 419 -12.37 -63.63 -41.38
C THR WA 419 -12.93 -64.41 -40.19
N GLY WA 420 -12.56 -63.99 -38.99
CA GLY WA 420 -13.04 -64.61 -37.77
C GLY WA 420 -12.20 -65.75 -37.24
N ILE WA 421 -11.24 -66.23 -38.01
CA ILE WA 421 -10.38 -67.32 -37.56
C ILE WA 421 -9.34 -66.79 -36.59
N ILE WA 422 -8.94 -67.63 -35.64
CA ILE WA 422 -7.90 -67.30 -34.67
C ILE WA 422 -6.68 -68.12 -35.02
N GLY WA 423 -5.67 -67.47 -35.61
CA GLY WA 423 -4.48 -68.16 -36.02
C GLY WA 423 -3.35 -67.20 -36.28
N THR WA 424 -2.31 -67.71 -36.94
CA THR WA 424 -1.13 -66.92 -37.26
C THR WA 424 -0.27 -67.69 -38.24
N ASN WA 425 0.67 -66.98 -38.87
CA ASN WA 425 1.60 -67.60 -39.81
C ASN WA 425 3.03 -67.30 -39.41
N LEU WA 426 4.00 -67.69 -40.25
CA LEU WA 426 5.40 -67.54 -39.88
C LEU WA 426 5.78 -66.07 -39.73
N ARG WA 427 5.43 -65.24 -40.70
CA ARG WA 427 5.86 -63.84 -40.66
C ARG WA 427 5.31 -63.12 -39.43
N LEU WA 428 4.04 -63.34 -39.11
CA LEU WA 428 3.46 -62.71 -37.94
C LEU WA 428 4.13 -63.21 -36.66
N MET WA 429 4.42 -64.52 -36.59
CA MET WA 429 5.08 -65.07 -35.42
C MET WA 429 6.47 -64.46 -35.25
N LEU WA 430 7.22 -64.35 -36.34
CA LEU WA 430 8.56 -63.77 -36.26
C LEU WA 430 8.49 -62.31 -35.81
N GLY WA 431 7.55 -61.56 -36.35
CA GLY WA 431 7.43 -60.16 -35.96
C GLY WA 431 7.15 -59.99 -34.48
N LYS WA 432 6.29 -60.85 -33.93
CA LYS WA 432 5.99 -60.76 -32.49
C LYS WA 432 7.22 -61.06 -31.65
N ILE WA 433 8.00 -62.07 -32.05
CA ILE WA 433 9.20 -62.41 -31.29
C ILE WA 433 10.20 -61.26 -31.33
N ARG WA 434 10.36 -60.64 -32.49
CA ARG WA 434 11.27 -59.50 -32.59
C ARG WA 434 10.87 -58.39 -31.63
N LYS WA 435 9.57 -58.15 -31.48
CA LYS WA 435 9.11 -57.13 -30.54
C LYS WA 435 9.57 -57.45 -29.13
N TRP WA 436 9.43 -58.71 -28.71
CA TRP WA 436 9.85 -59.09 -27.37
C TRP WA 436 11.36 -58.91 -27.19
N ALA WA 437 12.15 -59.33 -28.18
CA ALA WA 437 13.59 -59.26 -28.05
C ALA WA 437 14.06 -57.81 -27.90
N SER WA 438 13.51 -56.91 -28.71
CA SER WA 438 13.96 -55.51 -28.65
C SER WA 438 13.62 -54.89 -27.31
N ASP WA 439 12.43 -55.15 -26.78
CA ASP WA 439 12.01 -54.50 -25.54
C ASP WA 439 12.92 -54.85 -24.38
N ASN WA 440 13.57 -56.02 -24.42
CA ASN WA 440 14.41 -56.46 -23.31
C ASN WA 440 15.81 -55.88 -23.35
N VAL WA 441 16.13 -55.06 -24.36
CA VAL WA 441 17.42 -54.39 -24.37
C VAL WA 441 17.57 -53.58 -23.09
N GLY WA 442 18.70 -53.74 -22.41
CA GLY WA 442 18.93 -53.10 -21.14
C GLY WA 442 18.48 -53.90 -19.94
N VAL WA 443 17.88 -55.07 -20.14
CA VAL WA 443 17.47 -55.96 -19.06
C VAL WA 443 18.13 -57.32 -19.18
N LEU WA 444 18.13 -57.90 -20.37
CA LEU WA 444 18.80 -59.18 -20.61
C LEU WA 444 19.78 -59.15 -21.77
N PHE WA 445 19.66 -58.23 -22.72
CA PHE WA 445 20.56 -58.15 -23.85
C PHE WA 445 21.07 -56.71 -23.99
N SER WA 446 22.16 -56.57 -24.74
CA SER WA 446 22.58 -55.28 -25.24
C SER WA 446 22.08 -55.11 -26.68
N GLU WA 447 22.22 -53.90 -27.19
CA GLU WA 447 21.74 -53.61 -28.55
C GLU WA 447 22.35 -54.59 -29.54
N PHE WA 448 21.50 -55.23 -30.34
CA PHE WA 448 21.98 -56.21 -31.31
C PHE WA 448 22.77 -55.52 -32.41
N ASP WA 449 23.81 -56.21 -32.89
CA ASP WA 449 24.57 -55.69 -34.02
C ASP WA 449 23.71 -55.58 -35.27
N ASN WA 450 22.90 -56.60 -35.54
CA ASN WA 450 21.97 -56.57 -36.67
C ASN WA 450 20.77 -57.41 -36.29
N ILE WA 451 19.71 -56.75 -35.79
CA ILE WA 451 18.54 -57.47 -35.32
C ILE WA 451 17.81 -58.17 -36.45
N ASN WA 452 18.05 -57.77 -37.71
CA ASN WA 452 17.39 -58.39 -38.84
C ASN WA 452 18.01 -59.71 -39.26
N GLU WA 453 19.18 -60.05 -38.74
CA GLU WA 453 19.88 -61.28 -39.10
C GLU WA 453 20.11 -62.24 -37.95
N ASP WA 454 19.95 -61.79 -36.71
CA ASP WA 454 20.21 -62.64 -35.54
C ASP WA 454 18.96 -63.36 -35.06
N ILE WA 455 17.86 -63.28 -35.78
CA ILE WA 455 16.63 -64.01 -35.44
C ILE WA 455 16.08 -64.62 -36.72
N GLN WA 456 15.76 -65.91 -36.67
CA GLN WA 456 15.26 -66.61 -37.85
C GLN WA 456 14.22 -67.62 -37.41
N LEU WA 457 13.14 -67.72 -38.19
CA LEU WA 457 12.09 -68.70 -37.95
C LEU WA 457 11.80 -69.43 -39.24
N VAL WA 458 11.85 -70.76 -39.21
CA VAL WA 458 11.63 -71.59 -40.38
C VAL WA 458 10.76 -72.78 -39.98
N SER WA 459 9.74 -73.06 -40.78
CA SER WA 459 8.90 -74.22 -40.52
C SER WA 459 9.66 -75.50 -40.82
N ASP WA 460 9.29 -76.58 -40.13
CA ASP WA 460 9.98 -77.85 -40.31
C ASP WA 460 9.85 -78.38 -41.74
N PHE WA 461 8.84 -77.94 -42.48
CA PHE WA 461 8.70 -78.40 -43.86
C PHE WA 461 9.82 -77.89 -44.74
N ASP WA 462 10.44 -76.77 -44.38
CA ASP WA 462 11.51 -76.19 -45.17
C ASP WA 462 12.89 -76.73 -44.79
N VAL WA 463 12.97 -77.58 -43.78
CA VAL WA 463 14.22 -78.20 -43.35
C VAL WA 463 14.31 -79.65 -43.80
N GLN WA 464 13.28 -80.44 -43.50
CA GLN WA 464 13.25 -81.82 -43.93
C GLN WA 464 12.93 -81.91 -45.42
N PRO WA 465 13.35 -82.99 -46.09
CA PRO WA 465 13.02 -83.14 -47.52
C PRO WA 465 11.54 -83.43 -47.74
N LYS WA 466 11.16 -83.64 -48.99
CA LYS WA 466 9.75 -83.82 -49.33
C LYS WA 466 9.16 -85.02 -48.59
N CYS WA 467 7.97 -84.82 -48.03
CA CYS WA 467 7.22 -85.89 -47.38
C CYS WA 467 8.02 -86.53 -46.24
N VAL WA 468 8.78 -85.71 -45.52
CA VAL WA 468 9.47 -86.18 -44.31
C VAL WA 468 9.22 -85.30 -43.10
N GLY WA 469 8.83 -84.04 -43.26
CA GLY WA 469 8.62 -83.18 -42.12
C GLY WA 469 7.32 -83.45 -41.40
N GLN WA 470 7.17 -82.81 -40.24
CA GLN WA 470 5.98 -82.93 -39.42
C GLN WA 470 5.14 -81.67 -39.48
N PRO WA 471 3.83 -81.76 -39.28
CA PRO WA 471 2.97 -80.56 -39.35
C PRO WA 471 2.97 -79.82 -38.02
N GLY WA 472 3.38 -78.57 -38.04
CA GLY WA 472 3.30 -77.72 -36.86
C GLY WA 472 4.52 -77.80 -35.97
N VAL WA 473 5.71 -77.81 -36.56
CA VAL WA 473 6.97 -77.78 -35.83
C VAL WA 473 7.86 -76.72 -36.46
N PHE WA 474 8.43 -75.84 -35.62
CA PHE WA 474 9.25 -74.75 -36.08
C PHE WA 474 10.64 -74.83 -35.45
N HIS WA 475 11.60 -74.19 -36.11
CA HIS WA 475 12.96 -74.06 -35.60
C HIS WA 475 13.26 -72.58 -35.42
N LEU WA 476 13.62 -72.19 -34.20
CA LEU WA 476 13.94 -70.81 -33.88
C LEU WA 476 15.43 -70.71 -33.60
N ASN WA 477 16.11 -69.82 -34.32
CA ASN WA 477 17.54 -69.60 -34.17
C ASN WA 477 17.75 -68.15 -33.77
N MET WA 478 18.41 -67.94 -32.63
CA MET WA 478 18.62 -66.61 -32.09
C MET WA 478 20.03 -66.47 -31.55
N ARG WA 479 20.58 -65.27 -31.69
CA ARG WA 479 21.88 -64.92 -31.14
C ARG WA 479 21.76 -63.60 -30.39
N TYR WA 480 22.39 -63.52 -29.22
CA TYR WA 480 22.28 -62.34 -28.37
C TYR WA 480 23.64 -62.04 -27.77
N ARG WA 481 23.67 -61.00 -26.92
CA ARG WA 481 24.89 -60.58 -26.25
C ARG WA 481 24.53 -59.90 -24.93
N PRO WA 482 25.14 -60.30 -23.82
CA PRO WA 482 24.81 -59.69 -22.53
C PRO WA 482 25.28 -58.25 -22.47
N PRO WA 483 24.90 -57.51 -21.44
CA PRO WA 483 25.32 -56.10 -21.34
C PRO WA 483 26.83 -55.96 -21.37
N VAL WA 484 27.27 -54.71 -21.53
CA VAL WA 484 28.68 -54.38 -21.68
C VAL WA 484 29.23 -53.90 -20.34
N ARG WA 485 30.25 -54.58 -19.84
CA ARG WA 485 30.88 -54.24 -18.56
C ARG WA 485 32.16 -53.42 -18.79
N GLY WA 486 32.00 -52.20 -19.26
CA GLY WA 486 33.10 -51.26 -19.33
C GLY WA 486 33.82 -51.26 -20.67
N ALA WA 487 34.64 -50.24 -20.86
CA ALA WA 487 35.46 -50.11 -22.05
C ALA WA 487 36.66 -49.22 -21.72
N ARG WA 488 37.68 -49.30 -22.57
CA ARG WA 488 38.93 -48.57 -22.37
C ARG WA 488 38.97 -47.33 -23.26
N ILE WA 489 39.38 -46.21 -22.69
CA ILE WA 489 39.46 -44.94 -23.41
C ILE WA 489 40.86 -44.37 -23.18
N ASN WA 490 41.77 -44.65 -24.10
CA ASN WA 490 43.14 -44.14 -23.98
C ASN WA 490 43.14 -42.63 -24.12
N VAL WA 491 43.84 -41.95 -23.20
CA VAL WA 491 43.87 -40.49 -23.14
C VAL WA 491 45.21 -40.01 -23.68
N ASN WA 492 45.21 -38.80 -24.23
CA ASN WA 492 46.40 -38.17 -24.81
C ASN WA 492 46.48 -36.74 -24.25
N LEU WA 493 47.22 -36.57 -23.17
CA LEU WA 493 47.34 -35.28 -22.53
C LEU WA 493 48.16 -34.32 -23.39
N VAL WA 494 47.90 -33.03 -23.24
CA VAL WA 494 48.61 -31.99 -24.00
C VAL WA 494 48.60 -30.70 -23.20
N PRO WA 495 49.76 -30.16 -22.78
CA PRO WA 495 49.76 -28.92 -21.99
C PRO WA 495 49.73 -27.66 -22.83
N ALA WA 496 50.19 -27.74 -24.07
CA ALA WA 496 50.11 -26.62 -25.02
C ALA WA 496 50.60 -25.33 -24.38
N LEU WA 497 51.90 -25.30 -24.07
CA LEU WA 497 52.48 -24.15 -23.40
C LEU WA 497 52.26 -22.87 -24.20
N PHE WA 498 52.43 -22.93 -25.52
CA PHE WA 498 52.17 -21.77 -26.35
C PHE WA 498 50.67 -21.45 -26.35
N ASP WA 499 50.35 -20.19 -26.61
CA ASP WA 499 48.98 -19.70 -26.57
C ASP WA 499 48.54 -19.29 -27.97
N ASN WA 500 47.39 -19.81 -28.39
CA ASN WA 500 46.80 -19.44 -29.67
C ASN WA 500 47.76 -19.73 -30.82
N CYS XA 3 4.38 -61.54 -56.66
CA CYS XA 3 3.66 -60.28 -56.71
C CYS XA 3 4.01 -59.41 -55.51
N ASN XA 4 5.10 -58.66 -55.62
CA ASN XA 4 5.64 -57.87 -54.53
C ASN XA 4 5.37 -56.38 -54.66
N LYS XA 5 4.88 -55.93 -55.81
CA LYS XA 5 4.66 -54.51 -56.06
C LYS XA 5 3.22 -54.09 -55.80
N GLN XA 6 2.40 -54.96 -55.22
CA GLN XA 6 1.01 -54.65 -54.94
C GLN XA 6 0.91 -53.98 -53.57
N ASN XA 7 0.38 -52.75 -53.55
CA ASN XA 7 0.20 -51.99 -52.33
C ASN XA 7 -1.16 -52.36 -51.74
N GLY XA 8 -1.17 -53.15 -50.68
CA GLY XA 8 -2.41 -53.56 -50.05
C GLY XA 8 -2.15 -54.26 -48.74
N VAL XA 9 -3.24 -54.52 -48.03
CA VAL XA 9 -3.20 -55.17 -46.73
C VAL XA 9 -3.64 -56.62 -46.88
N LYS XA 10 -2.99 -57.52 -46.15
CA LYS XA 10 -3.22 -58.96 -46.26
C LYS XA 10 -3.93 -59.54 -45.06
N ASN XA 11 -3.40 -59.33 -43.86
CA ASN XA 11 -3.99 -59.85 -42.63
C ASN XA 11 -4.04 -58.76 -41.58
N ILE XA 12 -5.11 -58.76 -40.80
CA ILE XA 12 -5.26 -57.84 -39.66
C ILE XA 12 -5.67 -58.67 -38.46
N LEU XA 13 -4.85 -58.66 -37.42
CA LEU XA 13 -5.10 -59.42 -36.20
C LEU XA 13 -5.19 -58.46 -35.03
N ILE XA 14 -6.22 -58.65 -34.20
CA ILE XA 14 -6.44 -57.81 -33.03
C ILE XA 14 -6.67 -58.71 -31.82
N THR XA 15 -6.33 -58.20 -30.65
CA THR XA 15 -6.44 -58.94 -29.39
C THR XA 15 -6.90 -57.98 -28.31
N PHE XA 16 -8.19 -58.05 -27.97
CA PHE XA 16 -8.75 -57.16 -26.98
C PHE XA 16 -8.43 -57.63 -25.57
N THR XA 17 -8.56 -56.71 -24.61
CA THR XA 17 -8.34 -57.03 -23.20
C THR XA 17 -9.24 -56.10 -22.39
N HIS XA 18 -10.39 -56.63 -21.97
CA HIS XA 18 -11.33 -55.82 -21.19
C HIS XA 18 -10.66 -55.33 -19.91
N CYS XA 19 -10.80 -54.03 -19.63
CA CYS XA 19 -10.13 -53.44 -18.48
C CYS XA 19 -10.85 -53.76 -17.17
N ASP XA 20 -12.17 -53.87 -17.19
CA ASP XA 20 -12.95 -54.03 -15.97
C ASP XA 20 -13.14 -55.49 -15.57
N THR XA 21 -12.75 -56.45 -16.41
CA THR XA 21 -12.90 -57.85 -16.07
C THR XA 21 -11.69 -58.71 -16.42
N GLY XA 22 -10.65 -58.14 -17.02
CA GLY XA 22 -9.45 -58.90 -17.30
C GLY XA 22 -9.59 -59.96 -18.37
N GLU XA 23 -10.72 -60.00 -19.07
CA GLU XA 23 -10.91 -60.99 -20.13
C GLU XA 23 -9.96 -60.71 -21.28
N VAL XA 24 -9.54 -61.78 -21.96
CA VAL XA 24 -8.66 -61.70 -23.11
C VAL XA 24 -9.25 -62.53 -24.24
N ILE XA 25 -9.23 -61.97 -25.44
CA ILE XA 25 -9.77 -62.62 -26.63
C ILE XA 25 -8.62 -62.87 -27.60
N GLY XA 26 -8.53 -64.09 -28.12
CA GLY XA 26 -7.45 -64.48 -28.98
C GLY XA 26 -7.28 -63.55 -30.17
N PRO XA 27 -6.20 -63.73 -30.93
CA PRO XA 27 -5.94 -62.83 -32.06
C PRO XA 27 -6.90 -63.05 -33.22
N ILE XA 28 -8.10 -62.49 -33.11
CA ILE XA 28 -9.09 -62.63 -34.17
C ILE XA 28 -8.63 -61.88 -35.42
N SER XA 29 -9.03 -62.39 -36.57
CA SER XA 29 -8.75 -61.75 -37.86
C SER XA 29 -9.90 -60.82 -38.25
N HIS XA 30 -9.58 -59.83 -39.07
CA HIS XA 30 -10.54 -58.82 -39.47
C HIS XA 30 -10.40 -58.53 -40.96
N GLU XA 31 -11.37 -57.79 -41.49
CA GLU XA 31 -11.37 -57.33 -42.87
C GLU XA 31 -11.71 -55.86 -42.91
N GLN XA 32 -11.25 -55.17 -43.96
CA GLN XA 32 -11.41 -53.72 -44.01
C GLN XA 32 -12.69 -53.33 -44.73
N PRO XA 33 -13.25 -52.16 -44.40
CA PRO XA 33 -14.59 -51.83 -44.89
C PRO XA 33 -14.63 -51.22 -46.28
N ASP XA 34 -13.56 -50.55 -46.68
CA ASP XA 34 -13.56 -49.82 -47.94
C ASP XA 34 -12.15 -49.86 -48.53
N ASP XA 35 -11.88 -48.98 -49.49
CA ASP XA 35 -10.64 -49.00 -50.26
C ASP XA 35 -9.50 -48.23 -49.59
N THR XA 36 -9.74 -47.62 -48.44
CA THR XA 36 -8.68 -46.90 -47.76
C THR XA 36 -7.71 -47.88 -47.11
N LEU XA 37 -6.53 -47.36 -46.75
CA LEU XA 37 -5.48 -48.14 -46.13
C LEU XA 37 -5.07 -47.51 -44.80
N PRO XA 38 -4.53 -48.30 -43.86
CA PRO XA 38 -4.04 -47.71 -42.61
C PRO XA 38 -2.82 -46.82 -42.86
N THR XA 39 -2.64 -45.87 -41.95
CA THR XA 39 -1.51 -44.95 -42.00
C THR XA 39 -0.77 -45.00 -40.68
N TYR XA 40 0.54 -44.73 -40.73
CA TYR XA 40 1.43 -45.01 -39.62
C TYR XA 40 2.35 -43.84 -39.35
N LYS XA 41 2.86 -43.77 -38.12
CA LYS XA 41 3.87 -42.80 -37.73
C LYS XA 41 4.70 -43.43 -36.62
N THR XA 42 5.98 -43.68 -36.88
CA THR XA 42 6.80 -44.50 -36.00
C THR XA 42 7.94 -43.74 -35.34
N CYS XA 43 8.08 -42.44 -35.58
CA CYS XA 43 9.12 -41.63 -34.96
C CYS XA 43 8.49 -40.82 -33.83
N ALA XA 44 8.94 -41.06 -32.61
CA ALA XA 44 8.36 -40.42 -31.43
C ALA XA 44 9.08 -39.13 -31.06
N TRP XA 45 9.25 -38.25 -32.03
CA TRP XA 45 9.83 -36.93 -31.81
C TRP XA 45 9.40 -36.02 -32.95
N THR XA 46 9.03 -34.79 -32.63
CA THR XA 46 8.52 -33.85 -33.60
C THR XA 46 9.43 -32.64 -33.68
N ASN XA 47 9.70 -32.20 -34.91
CA ASN XA 47 10.59 -31.07 -35.16
C ASN XA 47 9.79 -29.83 -35.51
N THR XA 48 10.10 -28.72 -34.86
CA THR XA 48 9.51 -27.42 -35.17
C THR XA 48 10.57 -26.53 -35.80
N ALA XA 49 10.13 -25.69 -36.73
CA ALA XA 49 11.06 -24.90 -37.54
C ALA XA 49 11.38 -23.60 -36.83
N LEU XA 50 12.65 -23.43 -36.47
CA LEU XA 50 13.15 -22.17 -35.92
C LEU XA 50 13.68 -21.32 -37.07
N THR XA 51 14.38 -20.23 -36.74
CA THR XA 51 14.94 -19.34 -37.74
C THR XA 51 16.35 -19.78 -38.11
N ASN XA 52 16.64 -19.75 -39.42
CA ASN XA 52 17.98 -19.99 -39.94
C ASN XA 52 18.37 -21.47 -39.82
N GLY XA 53 17.41 -22.37 -40.03
CA GLY XA 53 17.70 -23.78 -40.16
C GLY XA 53 17.68 -24.59 -38.89
N ALA XA 54 17.48 -23.95 -37.72
CA ALA XA 54 17.45 -24.69 -36.48
C ALA XA 54 16.12 -25.43 -36.36
N VAL XA 55 15.96 -26.18 -35.27
CA VAL XA 55 14.76 -26.98 -35.02
C VAL XA 55 14.57 -27.15 -33.52
N MET XA 56 13.37 -27.53 -33.12
CA MET XA 56 13.03 -27.82 -31.73
C MET XA 56 12.36 -29.18 -31.66
N ARG XA 57 12.71 -29.98 -30.66
CA ARG XA 57 12.19 -31.32 -30.51
C ARG XA 57 11.08 -31.34 -29.46
N SER XA 58 10.05 -32.15 -29.73
CA SER XA 58 8.92 -32.30 -28.82
C SER XA 58 8.60 -33.77 -28.66
N ALA XA 59 7.97 -34.11 -27.52
CA ALA XA 59 7.79 -35.49 -27.13
C ALA XA 59 6.99 -36.29 -28.15
N SER XA 60 5.72 -35.93 -28.35
CA SER XA 60 4.86 -36.62 -29.30
C SER XA 60 4.76 -38.10 -28.97
N ASN XA 61 4.04 -38.86 -29.79
CA ASN XA 61 3.83 -40.29 -29.58
C ASN XA 61 3.89 -41.00 -30.92
N ALA XA 62 3.71 -42.31 -30.89
CA ALA XA 62 3.61 -43.13 -32.09
C ALA XA 62 2.14 -43.45 -32.35
N THR XA 63 1.66 -43.12 -33.54
CA THR XA 63 0.24 -43.14 -33.85
C THR XA 63 -0.05 -44.18 -34.93
N MET XA 64 -1.29 -44.67 -34.89
CA MET XA 64 -1.78 -45.63 -35.86
C MET XA 64 -3.21 -45.29 -36.21
N THR XA 65 -3.65 -45.71 -37.40
CA THR XA 65 -5.02 -45.50 -37.85
C THR XA 65 -5.48 -46.76 -38.56
N LEU XA 66 -6.44 -47.45 -37.97
CA LEU XA 66 -6.83 -48.80 -38.41
C LEU XA 66 -8.33 -48.85 -38.68
N PRO XA 67 -8.76 -48.61 -39.92
CA PRO XA 67 -10.16 -48.82 -40.28
C PRO XA 67 -10.44 -50.29 -40.56
N VAL XA 68 -11.33 -50.90 -39.77
CA VAL XA 68 -11.62 -52.31 -39.86
C VAL XA 68 -13.10 -52.55 -39.65
N VAL XA 69 -13.61 -53.59 -40.29
CA VAL XA 69 -15.01 -53.99 -40.12
C VAL XA 69 -15.19 -54.63 -38.76
N ARG XA 70 -16.24 -54.23 -38.05
CA ARG XA 70 -16.51 -54.78 -36.74
C ARG XA 70 -16.82 -56.27 -36.82
N ASP XA 71 -16.31 -57.02 -35.86
CA ASP XA 71 -16.64 -58.44 -35.77
C ASP XA 71 -17.99 -58.60 -35.08
N PRO XA 72 -18.94 -59.35 -35.65
CA PRO XA 72 -20.29 -59.38 -35.08
C PRO XA 72 -20.39 -60.16 -33.78
N ARG XA 73 -19.26 -60.67 -33.27
CA ARG XA 73 -19.25 -61.40 -32.01
C ARG XA 73 -18.54 -60.64 -30.90
N VAL XA 74 -18.28 -59.35 -31.09
CA VAL XA 74 -17.61 -58.54 -30.08
C VAL XA 74 -18.42 -57.27 -29.87
N PRO XA 75 -18.68 -56.85 -28.62
CA PRO XA 75 -19.47 -55.64 -28.41
C PRO XA 75 -18.81 -54.42 -29.04
N LEU XA 76 -19.64 -53.50 -29.53
CA LEU XA 76 -19.12 -52.30 -30.16
C LEU XA 76 -18.30 -51.45 -29.20
N ALA XA 77 -18.59 -51.54 -27.90
CA ALA XA 77 -17.87 -50.71 -26.93
C ALA XA 77 -16.39 -51.05 -26.91
N TRP XA 78 -16.05 -52.34 -27.03
CA TRP XA 78 -14.65 -52.73 -26.99
C TRP XA 78 -13.85 -52.04 -28.09
N TYR XA 79 -14.43 -51.89 -29.27
CA TYR XA 79 -13.73 -51.23 -30.37
C TYR XA 79 -13.48 -49.76 -30.08
N GLN XA 80 -14.25 -49.15 -29.20
CA GLN XA 80 -14.00 -47.79 -28.76
C GLN XA 80 -13.15 -47.83 -27.49
N GLY XA 81 -12.99 -46.71 -26.81
CA GLY XA 81 -12.03 -46.62 -25.74
C GLY XA 81 -12.43 -47.31 -24.44
N CYS XA 82 -12.88 -48.55 -24.53
CA CYS XA 82 -13.21 -49.36 -23.36
C CYS XA 82 -12.46 -50.69 -23.35
N ALA XA 83 -11.27 -50.73 -23.96
CA ALA XA 83 -10.46 -51.94 -23.94
C ALA XA 83 -9.08 -51.71 -24.55
N GLN XA 84 -8.08 -52.46 -24.05
CA GLN XA 84 -6.76 -52.43 -24.66
C GLN XA 84 -6.79 -53.12 -26.01
N ILE XA 85 -5.80 -52.80 -26.85
CA ILE XA 85 -5.72 -53.32 -28.21
C ILE XA 85 -4.29 -53.74 -28.51
N ASP XA 86 -4.16 -54.86 -29.24
CA ASP XA 86 -2.87 -55.33 -29.73
C ASP XA 86 -3.08 -55.72 -31.19
N ALA XA 87 -2.51 -54.96 -32.11
CA ALA XA 87 -2.81 -55.10 -33.53
C ALA XA 87 -1.56 -55.50 -34.31
N GLN XA 88 -1.79 -56.13 -35.47
CA GLN XA 88 -0.73 -56.47 -36.41
C GLN XA 88 -1.29 -56.37 -37.81
N VAL XA 89 -0.53 -55.76 -38.71
CA VAL XA 89 -0.94 -55.57 -40.09
C VAL XA 89 0.17 -56.09 -40.99
N GLU XA 90 -0.19 -56.93 -41.95
CA GLU XA 90 0.76 -57.56 -42.86
C GLU XA 90 0.42 -57.16 -44.29
N LYS XA 91 1.27 -56.34 -44.90
CA LYS XA 91 1.06 -55.93 -46.27
C LYS XA 91 1.47 -57.04 -47.23
N PHE XA 92 1.08 -56.88 -48.50
CA PHE XA 92 1.35 -57.92 -49.49
C PHE XA 92 2.84 -58.09 -49.72
N ASP XA 93 3.58 -56.98 -49.78
CA ASP XA 93 5.01 -57.06 -50.09
C ASP XA 93 5.76 -57.87 -49.03
N GLY XA 94 5.36 -57.76 -47.76
CA GLY XA 94 5.98 -58.53 -46.72
C GLY XA 94 6.15 -57.79 -45.41
N THR XA 95 6.08 -56.46 -45.46
CA THR XA 95 6.26 -55.66 -44.27
C THR XA 95 5.22 -56.04 -43.22
N VAL XA 96 5.69 -56.21 -41.98
CA VAL XA 96 4.84 -56.54 -40.84
C VAL XA 96 5.11 -55.52 -39.75
N MET XA 97 4.05 -54.90 -39.24
CA MET XA 97 4.16 -53.86 -38.21
C MET XA 97 3.25 -54.20 -37.05
N THR XA 98 3.82 -54.28 -35.85
CA THR XA 98 3.14 -54.73 -34.65
C THR XA 98 3.00 -53.59 -33.65
N LEU XA 99 1.91 -53.60 -32.90
CA LEU XA 99 1.65 -52.62 -31.86
C LEU XA 99 1.11 -53.34 -30.63
N THR XA 100 1.58 -52.93 -29.46
CA THR XA 100 1.17 -53.55 -28.21
C THR XA 100 0.88 -52.49 -27.17
N GLU XA 101 -0.12 -52.75 -26.33
CA GLU XA 101 -0.52 -51.83 -25.26
C GLU XA 101 -1.03 -50.50 -25.82
N GLY XA 102 -1.67 -50.54 -26.98
CA GLY XA 102 -2.26 -49.34 -27.53
C GLY XA 102 -3.58 -48.98 -26.89
N ALA XA 103 -3.96 -47.71 -27.03
CA ALA XA 103 -5.21 -47.21 -26.50
C ALA XA 103 -5.90 -46.36 -27.57
N VAL XA 104 -7.23 -46.41 -27.57
CA VAL XA 104 -8.03 -45.65 -28.53
C VAL XA 104 -8.28 -44.26 -27.96
N THR XA 105 -8.30 -43.26 -28.85
CA THR XA 105 -8.44 -41.87 -28.44
C THR XA 105 -9.55 -41.21 -29.25
N GLU XA 106 -10.37 -40.43 -28.55
CA GLU XA 106 -11.41 -39.61 -29.16
C GLU XA 106 -12.25 -40.40 -30.19
N PRO XA 107 -12.98 -41.41 -29.73
CA PRO XA 107 -13.82 -42.17 -30.65
C PRO XA 107 -14.95 -41.32 -31.22
N GLU XA 108 -15.36 -41.66 -32.44
CA GLU XA 108 -16.47 -41.02 -33.11
C GLU XA 108 -17.60 -42.01 -33.31
N GLU XA 109 -18.79 -41.48 -33.57
CA GLU XA 109 -19.96 -42.33 -33.71
C GLU XA 109 -19.84 -43.23 -34.93
N SER XA 110 -20.29 -44.47 -34.79
CA SER XA 110 -20.26 -45.46 -35.86
C SER XA 110 -21.63 -46.09 -36.01
N ASP XA 111 -21.95 -46.50 -37.23
CA ASP XA 111 -23.27 -47.03 -37.54
C ASP XA 111 -23.42 -48.50 -37.20
N GLY XA 112 -22.37 -49.16 -36.73
CA GLY XA 112 -22.44 -50.56 -36.33
C GLY XA 112 -21.61 -51.50 -37.16
N ARG XA 113 -21.11 -51.09 -38.33
CA ARG XA 113 -20.27 -51.93 -39.16
C ARG XA 113 -18.87 -51.36 -39.35
N ALA XA 114 -18.76 -50.09 -39.72
CA ALA XA 114 -17.47 -49.48 -40.01
C ALA XA 114 -16.93 -48.78 -38.78
N VAL XA 115 -15.69 -49.09 -38.41
CA VAL XA 115 -15.03 -48.49 -37.27
C VAL XA 115 -13.64 -48.03 -37.72
N THR XA 116 -13.27 -46.82 -37.36
CA THR XA 116 -11.96 -46.24 -37.69
C THR XA 116 -11.26 -45.90 -36.38
N MET XA 117 -10.47 -46.86 -35.88
CA MET XA 117 -9.79 -46.69 -34.61
C MET XA 117 -8.53 -45.84 -34.77
N THR XA 118 -8.28 -44.99 -33.79
CA THR XA 118 -7.04 -44.22 -33.70
C THR XA 118 -6.30 -44.69 -32.46
N ILE XA 119 -5.09 -45.24 -32.65
CA ILE XA 119 -4.35 -45.89 -31.57
C ILE XA 119 -3.06 -45.13 -31.34
N ILE XA 120 -2.58 -45.18 -30.10
CA ILE XA 120 -1.31 -44.57 -29.71
C ILE XA 120 -0.58 -45.55 -28.80
N ALA XA 121 0.73 -45.65 -28.99
CA ALA XA 121 1.55 -46.56 -28.20
C ALA XA 121 2.94 -45.95 -28.04
N ALA XA 122 3.73 -46.56 -27.16
CA ALA XA 122 5.09 -46.08 -26.92
C ALA XA 122 5.94 -46.17 -28.18
N GLU XA 123 5.86 -47.30 -28.89
CA GLU XA 123 6.66 -47.49 -30.09
C GLU XA 123 5.99 -48.55 -30.96
N ILE XA 124 6.33 -48.52 -32.25
CA ILE XA 124 5.82 -49.47 -33.23
C ILE XA 124 7.02 -50.16 -33.86
N ASP XA 125 6.96 -51.49 -33.95
CA ASP XA 125 8.05 -52.29 -34.48
C ASP XA 125 7.75 -52.69 -35.91
N GLU XA 126 8.69 -52.40 -36.81
CA GLU XA 126 8.54 -52.68 -38.23
C GLU XA 126 9.48 -53.81 -38.64
N LEU XA 127 8.95 -54.75 -39.42
CA LEU XA 127 9.70 -55.88 -39.93
C LEU XA 127 9.78 -55.75 -41.44
N LEU XA 128 10.90 -55.23 -41.94
CA LEU XA 128 11.08 -55.06 -43.37
C LEU XA 128 11.27 -56.42 -44.05
N PRO XA 129 10.97 -56.51 -45.34
CA PRO XA 129 11.20 -57.77 -46.05
C PRO XA 129 12.66 -58.16 -46.02
N PRO XA 130 13.00 -59.38 -46.45
CA PRO XA 130 14.40 -59.79 -46.43
C PRO XA 130 15.27 -58.89 -47.29
N GLY XA 131 16.48 -58.64 -46.82
CA GLY XA 131 17.43 -57.82 -47.53
C GLY XA 131 17.46 -56.37 -47.12
N SER XA 132 17.21 -56.05 -45.84
CA SER XA 132 17.24 -54.67 -45.40
C SER XA 132 18.68 -54.15 -45.35
N LEU XA 133 18.80 -52.82 -45.31
CA LEU XA 133 20.10 -52.16 -45.22
C LEU XA 133 20.41 -51.74 -43.79
N ALA XA 134 19.54 -50.95 -43.18
CA ALA XA 134 19.76 -50.51 -41.82
C ALA XA 134 19.61 -51.67 -40.84
N ALA XA 135 20.30 -51.57 -39.71
CA ALA XA 135 20.25 -52.59 -38.69
C ALA XA 135 18.96 -52.49 -37.88
N MET YA 1 -56.42 -65.15 -3.76
CA MET YA 1 -55.60 -63.91 -3.99
C MET YA 1 -54.18 -64.09 -3.47
N ALA YA 2 -53.33 -63.12 -3.75
CA ALA YA 2 -51.91 -63.18 -3.43
C ALA YA 2 -51.35 -61.78 -3.56
N GLN YA 3 -50.02 -61.67 -3.58
CA GLN YA 3 -49.37 -60.38 -3.81
C GLN YA 3 -50.08 -59.62 -4.93
N ASP YA 4 -50.23 -58.31 -4.73
CA ASP YA 4 -51.04 -57.52 -5.64
C ASP YA 4 -50.55 -57.63 -7.08
N ALA YA 5 -49.26 -57.86 -7.28
CA ALA YA 5 -48.73 -57.93 -8.64
C ALA YA 5 -49.13 -59.23 -9.34
N LEU YA 6 -49.24 -60.33 -8.61
CA LEU YA 6 -49.50 -61.64 -9.18
C LEU YA 6 -50.96 -62.04 -9.14
N SER YA 7 -51.85 -61.17 -8.67
CA SER YA 7 -53.25 -61.55 -8.49
C SER YA 7 -53.98 -61.64 -9.83
N ASP YA 8 -53.73 -60.70 -10.74
CA ASP YA 8 -54.50 -60.63 -11.97
C ASP YA 8 -54.29 -61.83 -12.88
N GLY YA 9 -53.25 -62.63 -12.66
CA GLY YA 9 -53.03 -63.82 -13.44
C GLY YA 9 -52.34 -63.62 -14.77
N PHE YA 10 -51.83 -62.42 -15.05
CA PHE YA 10 -51.10 -62.21 -16.30
C PHE YA 10 -49.75 -62.89 -16.28
N VAL YA 11 -49.14 -63.04 -15.09
CA VAL YA 11 -47.82 -63.63 -14.95
C VAL YA 11 -47.93 -64.84 -14.04
N ARG YA 12 -47.40 -65.97 -14.49
CA ARG YA 12 -47.30 -67.18 -13.69
C ARG YA 12 -45.83 -67.38 -13.32
N LEU YA 13 -45.54 -67.35 -12.03
CA LEU YA 13 -44.18 -67.34 -11.53
C LEU YA 13 -43.87 -68.64 -10.81
N CYS YA 14 -42.70 -69.19 -11.10
CA CYS YA 14 -42.22 -70.43 -10.48
C CYS YA 14 -40.79 -70.23 -10.03
N ILE YA 15 -40.51 -70.57 -8.78
CA ILE YA 15 -39.19 -70.42 -8.18
C ILE YA 15 -38.69 -71.81 -7.80
N ASP YA 16 -37.53 -72.19 -8.33
CA ASP YA 16 -36.93 -73.48 -8.02
C ASP YA 16 -35.46 -73.47 -8.43
N PRO YA 17 -34.55 -73.94 -7.60
CA PRO YA 17 -33.13 -73.96 -7.98
C PRO YA 17 -32.66 -75.23 -8.67
N SER YA 18 -33.52 -76.23 -8.82
CA SER YA 18 -33.14 -77.51 -9.40
C SER YA 18 -33.37 -77.58 -10.91
N LEU YA 19 -33.90 -76.53 -11.52
CA LEU YA 19 -34.14 -76.52 -12.95
C LEU YA 19 -32.92 -75.97 -13.68
N ASN YA 20 -32.68 -76.51 -14.89
CA ASN YA 20 -31.57 -76.09 -15.73
C ASN YA 20 -32.09 -75.77 -17.12
N PHE YA 21 -31.73 -74.59 -17.63
CA PHE YA 21 -32.16 -74.20 -18.97
C PHE YA 21 -31.47 -75.06 -20.02
N PHE YA 22 -30.16 -75.21 -19.91
CA PHE YA 22 -29.40 -75.91 -20.93
C PHE YA 22 -29.79 -77.39 -20.95
N GLY YA 23 -29.80 -77.96 -22.15
CA GLY YA 23 -30.10 -79.38 -22.27
C GLY YA 23 -29.02 -80.24 -21.63
N GLU YA 24 -29.40 -81.47 -21.32
CA GLU YA 24 -28.48 -82.40 -20.70
C GLU YA 24 -27.20 -82.51 -21.52
N GLY YA 25 -26.06 -82.43 -20.84
CA GLY YA 25 -24.78 -82.45 -21.51
C GLY YA 25 -24.45 -83.82 -22.08
N CYS YA 26 -23.17 -84.11 -22.25
CA CYS YA 26 -22.75 -85.39 -22.78
C CYS YA 26 -22.77 -86.45 -21.68
N LYS YA 27 -22.67 -87.71 -22.08
CA LYS YA 27 -22.80 -88.85 -21.19
C LYS YA 27 -21.46 -89.53 -20.99
N ILE YA 28 -21.17 -89.88 -19.73
CA ILE YA 28 -19.97 -90.63 -19.36
C ILE YA 28 -20.42 -91.86 -18.58
N LEU YA 29 -19.86 -93.01 -18.93
CA LEU YA 29 -20.21 -94.28 -18.31
C LEU YA 29 -19.04 -94.79 -17.49
N VAL YA 30 -19.30 -95.13 -16.23
CA VAL YA 30 -18.28 -95.62 -15.31
C VAL YA 30 -18.64 -97.05 -14.92
N GLU YA 31 -17.64 -97.91 -14.83
CA GLU YA 31 -17.84 -99.34 -14.63
C GLU YA 31 -16.80 -99.88 -13.67
N GLY YA 32 -17.22 -100.75 -12.76
CA GLY YA 32 -16.31 -101.29 -11.78
C GLY YA 32 -17.00 -102.27 -10.85
N GLN YA 33 -16.30 -102.62 -9.77
CA GLN YA 33 -16.78 -103.58 -8.80
C GLN YA 33 -17.75 -102.91 -7.82
N ILE YA 34 -18.41 -103.74 -7.00
CA ILE YA 34 -19.25 -103.29 -5.91
C ILE YA 34 -19.21 -104.33 -4.80
N THR YA 35 -19.74 -103.96 -3.63
CA THR YA 35 -19.79 -104.85 -2.48
C THR YA 35 -21.20 -105.39 -2.31
N ASP YA 36 -21.37 -106.27 -1.32
CA ASP YA 36 -22.64 -106.95 -1.12
C ASP YA 36 -23.71 -106.04 -0.50
N ASP YA 37 -23.31 -104.94 0.11
CA ASP YA 37 -24.26 -104.04 0.77
C ASP YA 37 -24.85 -103.01 -0.19
N ALA YA 38 -24.51 -103.06 -1.48
CA ALA YA 38 -25.04 -102.11 -2.43
C ALA YA 38 -26.42 -102.54 -2.89
N THR YA 39 -27.39 -101.64 -2.80
CA THR YA 39 -28.76 -101.96 -3.18
C THR YA 39 -28.95 -102.01 -4.69
N ALA YA 40 -28.07 -101.38 -5.46
CA ALA YA 40 -28.24 -101.33 -6.90
C ALA YA 40 -28.10 -102.72 -7.51
N ALA YA 41 -28.94 -103.01 -8.50
CA ALA YA 41 -28.87 -104.28 -9.19
C ALA YA 41 -27.64 -104.35 -10.08
N GLU YA 42 -27.23 -105.58 -10.41
CA GLU YA 42 -26.04 -105.81 -11.20
C GLU YA 42 -26.38 -105.84 -12.68
N ASN YA 43 -25.40 -105.45 -13.50
CA ASN YA 43 -25.51 -105.51 -14.96
C ASN YA 43 -26.70 -104.70 -15.46
N VAL YA 44 -26.91 -103.52 -14.87
CA VAL YA 44 -27.95 -102.60 -15.30
C VAL YA 44 -27.38 -101.19 -15.30
N VAL YA 45 -27.62 -100.46 -16.39
CA VAL YA 45 -27.15 -99.08 -16.49
C VAL YA 45 -28.12 -98.17 -15.74
N THR YA 46 -27.59 -97.37 -14.82
CA THR YA 46 -28.38 -96.48 -13.99
C THR YA 46 -27.86 -95.07 -14.13
N CYS YA 47 -28.64 -94.12 -13.59
CA CYS YA 47 -28.32 -92.70 -13.66
C CYS YA 47 -27.99 -92.19 -12.27
N VAL YA 48 -26.72 -91.85 -12.05
CA VAL YA 48 -26.30 -91.27 -10.77
C VAL YA 48 -26.78 -89.83 -10.71
N ASN YA 49 -26.97 -89.33 -9.48
CA ASN YA 49 -27.56 -88.02 -9.29
C ASN YA 49 -26.77 -87.12 -8.35
N SER YA 50 -25.98 -87.70 -7.45
CA SER YA 50 -25.21 -86.89 -6.51
C SER YA 50 -24.18 -87.76 -5.83
N GLU YA 51 -23.28 -87.11 -5.08
CA GLU YA 51 -22.28 -87.83 -4.32
C GLU YA 51 -22.89 -88.50 -3.09
N LEU YA 52 -23.92 -87.90 -2.51
CA LEU YA 52 -24.55 -88.48 -1.32
C LEU YA 52 -25.34 -89.73 -1.64
N ASP YA 53 -25.72 -89.93 -2.91
CA ASP YA 53 -26.45 -91.14 -3.28
C ASP YA 53 -25.56 -92.37 -3.36
N LEU YA 54 -24.24 -92.20 -3.29
CA LEU YA 54 -23.31 -93.31 -3.28
C LEU YA 54 -23.37 -93.98 -1.91
N VAL YA 55 -22.47 -94.95 -1.68
CA VAL YA 55 -22.44 -95.70 -0.43
C VAL YA 55 -23.68 -96.58 -0.36
N GLU YA 56 -24.85 -95.96 -0.22
CA GLU YA 56 -26.09 -96.72 -0.16
C GLU YA 56 -26.33 -97.49 -1.44
N ARG YA 57 -26.09 -96.87 -2.59
CA ARG YA 57 -26.42 -97.47 -3.88
C ARG YA 57 -25.30 -98.34 -4.43
N PHE YA 58 -24.04 -98.10 -4.04
CA PHE YA 58 -22.91 -98.85 -4.59
C PHE YA 58 -22.00 -99.39 -3.51
N GLY YA 59 -22.45 -99.43 -2.26
CA GLY YA 59 -21.72 -100.06 -1.19
C GLY YA 59 -20.66 -99.16 -0.59
N GLN YA 60 -20.10 -99.62 0.52
CA GLN YA 60 -19.12 -98.86 1.28
C GLN YA 60 -17.73 -99.14 0.75
N GLY YA 61 -17.03 -98.08 0.34
CA GLY YA 61 -15.63 -98.21 -0.04
C GLY YA 61 -15.37 -99.21 -1.16
N SER YA 62 -16.23 -99.23 -2.17
CA SER YA 62 -16.03 -100.09 -3.32
C SER YA 62 -15.26 -99.34 -4.41
N VAL YA 63 -14.80 -100.09 -5.40
CA VAL YA 63 -14.05 -99.49 -6.50
C VAL YA 63 -14.93 -98.49 -7.25
N LEU YA 64 -16.19 -98.85 -7.49
CA LEU YA 64 -17.07 -97.99 -8.27
C LEU YA 64 -17.31 -96.65 -7.57
N THR YA 65 -17.50 -96.68 -6.25
CA THR YA 65 -17.79 -95.44 -5.53
C THR YA 65 -16.63 -94.45 -5.63
N GLU YA 66 -15.41 -94.94 -5.43
CA GLU YA 66 -14.26 -94.04 -5.48
C GLU YA 66 -14.09 -93.43 -6.87
N SER YA 67 -14.26 -94.23 -7.92
CA SER YA 67 -14.16 -93.71 -9.27
C SER YA 67 -15.21 -92.63 -9.51
N LEU YA 68 -16.44 -92.86 -9.03
CA LEU YA 68 -17.49 -91.87 -9.23
C LEU YA 68 -17.22 -90.60 -8.43
N ARG YA 69 -16.63 -90.74 -7.24
CA ARG YA 69 -16.35 -89.57 -6.42
C ARG YA 69 -15.45 -88.58 -7.15
N LYS YA 70 -14.38 -89.09 -7.76
CA LYS YA 70 -13.48 -88.19 -8.51
C LYS YA 70 -14.17 -87.60 -9.72
N VAL YA 71 -14.99 -88.39 -10.42
CA VAL YA 71 -15.68 -87.89 -11.60
C VAL YA 71 -16.54 -86.68 -11.24
N PHE YA 72 -17.29 -86.79 -10.15
CA PHE YA 72 -18.10 -85.66 -9.70
C PHE YA 72 -17.23 -84.49 -9.28
N CYS YA 73 -16.11 -84.77 -8.62
CA CYS YA 73 -15.24 -83.71 -8.12
C CYS YA 73 -14.54 -82.95 -9.25
N MET YA 74 -14.47 -83.54 -10.44
CA MET YA 74 -13.78 -82.92 -11.56
C MET YA 74 -14.71 -82.20 -12.53
N CYS YA 75 -15.94 -82.68 -12.67
CA CYS YA 75 -16.92 -82.09 -13.60
C CYS YA 75 -18.01 -81.43 -12.78
N LYS YA 76 -17.91 -80.11 -12.61
CA LYS YA 76 -18.89 -79.40 -11.82
C LYS YA 76 -20.23 -79.31 -12.53
N SER YA 77 -20.22 -79.08 -13.85
CA SER YA 77 -21.46 -78.97 -14.61
C SER YA 77 -21.17 -79.28 -16.07
N GLY YA 78 -22.24 -79.59 -16.80
CA GLY YA 78 -22.12 -79.87 -18.21
C GLY YA 78 -21.89 -81.33 -18.56
N VAL YA 79 -22.31 -82.26 -17.71
CA VAL YA 79 -22.13 -83.68 -17.98
C VAL YA 79 -23.20 -84.45 -17.22
N SER YA 80 -23.59 -85.61 -17.76
CA SER YA 80 -24.50 -86.53 -17.12
C SER YA 80 -23.78 -87.86 -16.91
N VAL YA 81 -23.79 -88.35 -15.68
CA VAL YA 81 -23.03 -89.53 -15.30
C VAL YA 81 -23.93 -90.76 -15.37
N TYR YA 82 -23.31 -91.91 -15.60
CA TYR YA 82 -24.00 -93.19 -15.58
C TYR YA 82 -23.07 -94.25 -15.02
N ALA YA 83 -23.65 -95.31 -14.46
CA ALA YA 83 -22.89 -96.36 -13.81
C ALA YA 83 -23.35 -97.73 -14.32
N LEU YA 84 -22.41 -98.66 -14.40
CA LEU YA 84 -22.68 -100.04 -14.83
C LEU YA 84 -22.03 -100.98 -13.82
N PRO YA 85 -22.63 -101.13 -12.64
CA PRO YA 85 -21.99 -101.93 -11.59
C PRO YA 85 -21.80 -103.38 -12.01
N ARG YA 86 -20.70 -103.98 -11.56
CA ARG YA 86 -20.39 -105.37 -11.80
C ARG YA 86 -20.05 -106.05 -10.47
N ALA YA 87 -20.35 -107.33 -10.38
CA ALA YA 87 -20.16 -108.09 -9.16
C ALA YA 87 -18.83 -108.83 -9.18
N ASP YA 88 -18.38 -109.23 -7.98
CA ASP YA 88 -17.13 -109.95 -7.85
C ASP YA 88 -17.27 -111.38 -8.39
N ALA YA 89 -16.13 -111.96 -8.74
CA ALA YA 89 -16.11 -113.34 -9.18
C ALA YA 89 -16.44 -114.27 -8.02
N ALA YA 90 -16.94 -115.46 -8.36
CA ALA YA 90 -17.35 -116.42 -7.33
C ALA YA 90 -16.17 -116.85 -6.48
N ALA YA 91 -15.03 -117.14 -7.12
CA ALA YA 91 -13.84 -117.67 -6.43
C ALA YA 91 -12.75 -116.61 -6.26
N ALA YA 92 -13.14 -115.36 -6.00
CA ALA YA 92 -12.15 -114.31 -5.84
C ALA YA 92 -11.39 -114.48 -4.52
N VAL YA 93 -10.14 -114.02 -4.52
CA VAL YA 93 -9.29 -114.04 -3.34
C VAL YA 93 -8.87 -112.60 -3.04
N SER YA 94 -9.16 -112.14 -1.83
CA SER YA 94 -8.87 -110.76 -1.46
C SER YA 94 -7.41 -110.62 -1.03
N ALA YA 95 -6.79 -109.52 -1.46
CA ALA YA 95 -5.41 -109.26 -1.09
C ALA YA 95 -5.31 -108.89 0.40
N VAL YA 96 -4.12 -109.12 0.96
CA VAL YA 96 -3.86 -108.87 2.37
C VAL YA 96 -2.54 -108.10 2.47
N TYR YA 97 -2.54 -107.04 3.28
CA TYR YA 97 -1.37 -106.21 3.50
C TYR YA 97 -1.11 -106.08 4.98
N THR YA 98 0.16 -106.03 5.35
CA THR YA 98 0.59 -105.96 6.75
C THR YA 98 1.40 -104.70 6.97
N LEU YA 99 1.11 -104.00 8.06
CA LEU YA 99 1.85 -102.80 8.46
C LEU YA 99 2.22 -102.95 9.92
N THR YA 100 3.49 -103.18 10.19
CA THR YA 100 3.98 -103.47 11.54
C THR YA 100 4.65 -102.25 12.15
N VAL YA 101 4.45 -102.08 13.46
CA VAL YA 101 5.10 -101.03 14.22
C VAL YA 101 6.07 -101.68 15.21
N THR YA 102 7.29 -101.17 15.25
CA THR YA 102 8.34 -101.74 16.08
C THR YA 102 8.90 -100.67 17.01
N GLY YA 103 9.61 -101.12 18.04
CA GLY YA 103 10.22 -100.22 18.99
C GLY YA 103 9.21 -99.66 19.97
N THR YA 104 9.66 -98.63 20.71
CA THR YA 104 8.83 -97.96 21.68
C THR YA 104 9.16 -96.48 21.67
N ALA YA 105 8.14 -95.64 21.81
CA ALA YA 105 8.36 -94.20 21.81
C ALA YA 105 9.15 -93.78 23.04
N LEU YA 106 10.03 -92.80 22.85
CA LEU YA 106 10.80 -92.22 23.94
C LEU YA 106 10.77 -90.70 23.96
N THR YA 107 10.37 -90.05 22.87
CA THR YA 107 10.18 -88.61 22.82
C THR YA 107 8.90 -88.30 22.08
N ASP YA 108 8.26 -87.19 22.46
CA ASP YA 108 7.01 -86.80 21.82
C ASP YA 108 7.26 -86.40 20.38
N GLY YA 109 6.25 -86.64 19.54
CA GLY YA 109 6.37 -86.30 18.14
C GLY YA 109 5.08 -86.58 17.41
N ARG YA 110 5.15 -86.46 16.07
CA ARG YA 110 4.01 -86.69 15.21
C ARG YA 110 4.39 -87.64 14.08
N VAL YA 111 3.44 -88.49 13.69
CA VAL YA 111 3.61 -89.41 12.58
C VAL YA 111 2.40 -89.27 11.67
N GLN YA 112 2.65 -89.08 10.37
CA GLN YA 112 1.59 -88.94 9.39
C GLN YA 112 1.90 -89.84 8.20
N LEU YA 113 0.90 -90.62 7.78
CA LEU YA 113 1.06 -91.59 6.71
C LEU YA 113 0.19 -91.21 5.52
N TYR YA 114 0.67 -91.53 4.33
CA TYR YA 114 -0.04 -91.29 3.08
C TYR YA 114 -0.46 -92.64 2.51
N MET YA 115 -1.77 -92.87 2.49
CA MET YA 115 -2.34 -94.17 2.10
C MET YA 115 -3.06 -94.01 0.77
N GLY YA 116 -2.32 -94.20 -0.32
CA GLY YA 116 -2.91 -94.21 -1.64
C GLY YA 116 -3.30 -92.83 -2.15
N GLU YA 117 -4.29 -92.21 -1.50
CA GLU YA 117 -4.82 -90.93 -1.94
C GLU YA 117 -4.81 -89.95 -0.78
N ALA YA 118 -4.77 -88.66 -1.12
CA ALA YA 118 -4.69 -87.63 -0.10
C ALA YA 118 -5.90 -87.67 0.83
N GLU YA 119 -7.09 -87.88 0.27
CA GLU YA 119 -8.30 -87.90 1.09
C GLU YA 119 -8.19 -88.92 2.20
N TYR YA 120 -7.61 -90.08 1.91
CA TYR YA 120 -7.51 -91.16 2.88
C TYR YA 120 -6.26 -91.07 3.74
N SER YA 121 -5.40 -90.09 3.51
CA SER YA 121 -4.23 -89.90 4.35
C SER YA 121 -4.67 -89.51 5.76
N LEU YA 122 -3.84 -89.86 6.74
CA LEU YA 122 -4.16 -89.65 8.15
C LEU YA 122 -2.95 -89.06 8.86
N ASP YA 123 -3.22 -88.31 9.92
CA ASP YA 123 -2.19 -87.74 10.77
C ASP YA 123 -2.50 -88.11 12.22
N ILE YA 124 -1.53 -88.73 12.88
CA ILE YA 124 -1.68 -89.16 14.27
C ILE YA 124 -0.40 -88.82 15.02
N GLY YA 125 -0.55 -88.27 16.22
CA GLY YA 125 0.59 -87.89 17.03
C GLY YA 125 0.68 -88.63 18.34
N VAL YA 126 1.78 -89.34 18.55
CA VAL YA 126 2.04 -90.03 19.81
C VAL YA 126 2.33 -88.97 20.86
N ASP YA 127 1.51 -88.93 21.91
CA ASP YA 127 1.55 -87.86 22.89
C ASP YA 127 2.31 -88.24 24.17
N GLU YA 128 2.93 -89.41 24.20
CA GLU YA 128 3.61 -89.86 25.41
C GLU YA 128 4.83 -90.67 25.04
N GLY YA 129 5.91 -90.48 25.79
CA GLY YA 129 7.05 -91.35 25.68
C GLY YA 129 6.79 -92.69 26.34
N ASP YA 130 7.65 -93.66 26.03
CA ASP YA 130 7.54 -95.02 26.53
C ASP YA 130 6.22 -95.67 26.14
N THR YA 131 5.55 -95.15 25.12
CA THR YA 131 4.33 -95.77 24.63
C THR YA 131 4.68 -96.97 23.75
N PRO YA 132 4.25 -98.18 24.09
CA PRO YA 132 4.63 -99.34 23.28
C PRO YA 132 3.89 -99.39 21.95
N THR YA 133 4.12 -100.44 21.18
CA THR YA 133 3.41 -100.61 19.93
C THR YA 133 1.90 -100.72 20.14
N GLN YA 134 1.47 -101.14 21.34
CA GLN YA 134 0.04 -101.30 21.59
C GLN YA 134 -0.63 -99.94 21.75
N ILE YA 135 0.01 -99.00 22.45
CA ILE YA 135 -0.52 -97.64 22.50
C ILE YA 135 -0.54 -97.05 21.11
N ALA YA 136 0.53 -97.27 20.34
CA ALA YA 136 0.46 -97.05 18.91
C ALA YA 136 -0.50 -98.06 18.29
N ALA YA 137 -0.66 -98.00 16.98
CA ALA YA 137 -1.71 -98.72 16.26
C ALA YA 137 -3.08 -98.13 16.57
N LYS YA 138 -3.12 -96.93 17.15
CA LYS YA 138 -4.33 -96.13 17.21
C LYS YA 138 -4.76 -95.64 15.84
N ILE YA 139 -3.95 -95.91 14.81
CA ILE YA 139 -4.31 -95.54 13.45
C ILE YA 139 -5.65 -96.13 13.07
N VAL YA 140 -5.89 -97.38 13.48
CA VAL YA 140 -7.15 -98.04 13.15
C VAL YA 140 -8.35 -97.22 13.59
N ALA YA 141 -8.19 -96.38 14.60
CA ALA YA 141 -9.25 -95.45 15.00
C ALA YA 141 -9.30 -94.22 14.13
N ALA YA 142 -8.29 -94.00 13.27
CA ALA YA 142 -8.23 -92.83 12.40
C ALA YA 142 -8.44 -93.17 10.94
N ILE YA 143 -8.28 -94.43 10.53
CA ILE YA 143 -8.47 -94.79 9.14
C ILE YA 143 -9.89 -94.45 8.72
N SER YA 144 -10.02 -93.74 7.60
CA SER YA 144 -11.33 -93.29 7.17
C SER YA 144 -12.21 -94.49 6.81
N PRO YA 145 -13.50 -94.45 7.13
CA PRO YA 145 -14.38 -95.57 6.76
C PRO YA 145 -14.41 -95.86 5.28
N ASP YA 146 -14.29 -94.82 4.44
CA ASP YA 146 -14.37 -95.01 3.00
C ASP YA 146 -13.14 -95.68 2.41
N PHE YA 147 -12.10 -95.90 3.21
CA PHE YA 147 -10.90 -96.55 2.69
C PHE YA 147 -11.26 -97.92 2.13
N PRO YA 148 -10.79 -98.28 0.93
CA PRO YA 148 -11.17 -99.57 0.34
C PRO YA 148 -10.68 -100.79 1.09
N TYR YA 149 -9.97 -100.64 2.20
CA TYR YA 149 -9.42 -101.76 2.94
C TYR YA 149 -9.91 -101.74 4.37
N GLU YA 150 -9.83 -102.90 5.02
CA GLU YA 150 -10.29 -103.09 6.39
C GLU YA 150 -9.11 -103.12 7.33
N ALA YA 151 -9.28 -102.55 8.52
CA ALA YA 151 -8.24 -102.48 9.54
C ALA YA 151 -8.50 -103.56 10.59
N THR YA 152 -7.58 -104.52 10.68
CA THR YA 152 -7.76 -105.63 11.62
C THR YA 152 -7.48 -105.18 13.06
N ALA YA 153 -6.45 -104.38 13.27
CA ALA YA 153 -6.05 -103.92 14.59
C ALA YA 153 -5.65 -105.09 15.50
N ALA YA 154 -4.61 -105.81 15.07
CA ALA YA 154 -4.06 -106.89 15.88
C ALA YA 154 -3.09 -106.30 16.91
N ALA YA 155 -2.33 -107.16 17.57
CA ALA YA 155 -1.45 -106.74 18.66
C ALA YA 155 -0.10 -106.32 18.08
N GLY YA 156 0.08 -105.01 17.90
CA GLY YA 156 1.33 -104.45 17.44
C GLY YA 156 1.46 -104.34 15.93
N VAL YA 157 0.62 -105.05 15.18
CA VAL YA 157 0.64 -105.02 13.72
C VAL YA 157 -0.79 -104.93 13.23
N ILE YA 158 -1.01 -104.15 12.18
CA ILE YA 158 -2.33 -103.95 11.60
C ILE YA 158 -2.33 -104.56 10.21
N THR YA 159 -3.32 -105.40 9.93
CA THR YA 159 -3.44 -106.09 8.65
C THR YA 159 -4.55 -105.44 7.84
N LEU YA 160 -4.24 -105.10 6.58
CA LEU YA 160 -5.18 -104.47 5.68
C LEU YA 160 -5.56 -105.45 4.59
N THR YA 161 -6.85 -105.68 4.42
CA THR YA 161 -7.38 -106.58 3.40
C THR YA 161 -8.36 -105.83 2.52
N ALA YA 162 -8.25 -106.06 1.21
CA ALA YA 162 -9.12 -105.36 0.26
C ALA YA 162 -10.58 -105.76 0.46
N ARG YA 163 -11.47 -104.79 0.28
CA ARG YA 163 -12.90 -105.07 0.38
C ARG YA 163 -13.42 -105.79 -0.84
N ASN YA 164 -12.87 -105.52 -2.02
CA ASN YA 164 -13.29 -106.16 -3.26
C ASN YA 164 -12.25 -107.19 -3.66
N GLY YA 165 -12.70 -108.43 -3.87
CA GLY YA 165 -11.78 -109.48 -4.23
C GLY YA 165 -11.29 -109.36 -5.66
N GLY YA 166 -10.15 -109.99 -5.92
CA GLY YA 166 -9.54 -110.00 -7.23
C GLY YA 166 -8.26 -109.19 -7.25
N THR YA 167 -7.68 -109.10 -8.44
CA THR YA 167 -6.41 -108.41 -8.61
C THR YA 167 -6.54 -106.90 -8.52
N ILE YA 168 -7.76 -106.37 -8.49
CA ILE YA 168 -7.94 -104.91 -8.45
C ILE YA 168 -7.33 -104.34 -7.17
N GLY YA 169 -7.59 -104.99 -6.04
CA GLY YA 169 -7.01 -104.55 -4.78
C GLY YA 169 -5.59 -105.06 -4.62
N ASN YA 170 -4.71 -104.65 -5.53
CA ASN YA 170 -3.35 -105.17 -5.54
C ASN YA 170 -2.31 -104.09 -5.83
N HIS YA 171 -2.62 -102.82 -5.52
CA HIS YA 171 -1.73 -101.73 -5.87
C HIS YA 171 -1.59 -100.69 -4.75
N LEU YA 172 -1.89 -101.05 -3.51
CA LEU YA 172 -1.84 -100.09 -2.43
C LEU YA 172 -0.41 -99.70 -2.11
N SER YA 173 -0.24 -98.47 -1.62
CA SER YA 173 1.07 -97.93 -1.27
C SER YA 173 0.94 -97.06 -0.04
N VAL YA 174 1.83 -97.28 0.94
CA VAL YA 174 1.89 -96.49 2.16
C VAL YA 174 3.32 -96.02 2.35
N ILE YA 175 3.48 -94.74 2.71
CA ILE YA 175 4.79 -94.11 2.83
C ILE YA 175 4.88 -93.38 4.15
N TYR YA 176 6.07 -93.38 4.75
CA TYR YA 176 6.35 -92.65 5.99
C TYR YA 176 6.80 -91.25 5.59
N THR YA 177 5.84 -90.33 5.50
CA THR YA 177 6.14 -89.00 4.97
C THR YA 177 7.12 -88.24 5.85
N ASN YA 178 6.97 -88.36 7.16
CA ASN YA 178 7.75 -87.56 8.10
C ASN YA 178 9.16 -88.10 8.33
N LEU YA 179 9.60 -89.10 7.57
CA LEU YA 179 10.93 -89.66 7.77
C LEU YA 179 11.99 -88.57 7.63
N GLY YA 180 11.96 -87.84 6.52
CA GLY YA 180 12.88 -86.74 6.31
C GLY YA 180 12.37 -85.46 6.95
N SER YA 181 12.17 -85.49 8.26
CA SER YA 181 11.55 -84.37 8.96
C SER YA 181 12.34 -83.10 8.75
N CYS YA 182 11.64 -82.03 8.39
CA CYS YA 182 12.22 -80.69 8.29
C CYS YA 182 11.61 -79.75 9.33
N THR YA 183 10.28 -79.61 9.35
CA THR YA 183 9.58 -78.83 10.35
C THR YA 183 8.86 -79.73 11.35
N SER YA 184 8.01 -80.63 10.86
CA SER YA 184 7.36 -81.60 11.73
C SER YA 184 8.39 -82.56 12.31
N VAL YA 185 8.24 -82.88 13.58
CA VAL YA 185 9.19 -83.71 14.31
C VAL YA 185 8.57 -85.09 14.51
N THR YA 186 9.24 -86.11 13.98
CA THR YA 186 8.78 -87.47 14.17
C THR YA 186 9.27 -88.00 15.53
N PRO YA 187 8.50 -88.87 16.17
CA PRO YA 187 8.99 -89.51 17.40
C PRO YA 187 10.21 -90.36 17.11
N GLU YA 188 11.16 -90.35 18.04
CA GLU YA 188 12.37 -91.14 17.93
C GLU YA 188 12.15 -92.53 18.51
N GLY YA 189 12.67 -93.54 17.82
CA GLY YA 189 12.48 -94.91 18.22
C GLY YA 189 11.23 -95.57 17.68
N VAL YA 190 10.55 -94.94 16.74
CA VAL YA 190 9.33 -95.48 16.13
C VAL YA 190 9.57 -95.65 14.64
N THR YA 191 9.28 -96.84 14.13
CA THR YA 191 9.43 -97.14 12.72
C THR YA 191 8.21 -97.89 12.22
N VAL YA 192 7.95 -97.79 10.92
CA VAL YA 192 6.82 -98.43 10.27
C VAL YA 192 7.32 -99.20 9.07
N ALA YA 193 6.89 -100.44 8.93
CA ALA YA 193 7.26 -101.30 7.81
C ALA YA 193 6.00 -101.77 7.10
N PHE YA 194 5.98 -101.66 5.78
CA PHE YA 194 4.83 -102.02 4.97
C PHE YA 194 5.21 -103.16 4.02
N ALA YA 195 4.38 -104.19 3.98
CA ALA YA 195 4.67 -105.35 3.13
C ALA YA 195 3.37 -106.09 2.85
N GLN YA 196 3.40 -106.90 1.79
CA GLN YA 196 2.27 -107.68 1.34
C GLN YA 196 2.46 -109.14 1.70
N THR YA 197 1.35 -109.87 1.79
CA THR YA 197 1.39 -111.29 2.13
C THR YA 197 0.52 -112.17 1.25
N THR YA 198 -0.43 -111.63 0.47
CA THR YA 198 -1.30 -112.45 -0.36
C THR YA 198 -1.86 -111.62 -1.50
N PRO YA 199 -1.68 -112.04 -2.76
CA PRO YA 199 -2.21 -111.25 -3.89
C PRO YA 199 -3.61 -111.69 -4.31
N GLY YA 200 -4.22 -110.85 -5.13
CA GLY YA 200 -5.51 -111.18 -5.71
C GLY YA 200 -5.38 -112.26 -6.77
N SER YA 201 -6.46 -113.01 -6.96
CA SER YA 201 -6.43 -114.21 -7.80
C SER YA 201 -7.31 -114.09 -9.04
N VAL YA 202 -8.60 -113.82 -8.88
CA VAL YA 202 -9.58 -113.97 -9.96
C VAL YA 202 -10.30 -112.66 -10.21
N ASN YA 203 -10.59 -112.38 -11.46
CA ASN YA 203 -11.31 -111.18 -11.89
C ASN YA 203 -12.47 -111.56 -12.78
N PRO YA 204 -13.54 -110.77 -12.79
CA PRO YA 204 -14.65 -111.04 -13.70
C PRO YA 204 -14.30 -110.71 -15.14
N GLU YA 205 -14.98 -111.37 -16.06
CA GLU YA 205 -14.80 -111.16 -17.50
C GLU YA 205 -16.15 -111.08 -18.18
N PRO YA 206 -16.92 -110.03 -17.91
CA PRO YA 206 -18.22 -109.88 -18.54
C PRO YA 206 -18.11 -109.71 -20.05
N ASN YA 207 -19.11 -110.20 -20.77
CA ASN YA 207 -19.14 -110.10 -22.22
C ASN YA 207 -20.56 -109.80 -22.74
N ASP YA 208 -21.35 -109.06 -21.95
CA ASP YA 208 -22.73 -108.78 -22.29
C ASP YA 208 -22.95 -107.31 -22.65
N TYR YA 209 -21.98 -106.68 -23.30
CA TYR YA 209 -22.12 -105.26 -23.65
C TYR YA 209 -23.26 -105.04 -24.64
N ALA YA 210 -23.41 -105.95 -25.60
CA ALA YA 210 -24.41 -105.75 -26.64
C ALA YA 210 -25.84 -105.77 -26.11
N SER YA 211 -26.04 -106.25 -24.88
CA SER YA 211 -27.38 -106.41 -24.33
C SER YA 211 -27.76 -105.34 -23.33
N VAL YA 212 -26.79 -104.73 -22.64
CA VAL YA 212 -27.09 -103.78 -21.57
C VAL YA 212 -26.89 -102.36 -22.08
N VAL YA 213 -25.98 -102.18 -23.03
CA VAL YA 213 -25.71 -100.87 -23.61
C VAL YA 213 -26.21 -100.87 -25.05
N ASN YA 214 -27.28 -101.61 -25.30
CA ASN YA 214 -27.76 -101.83 -26.66
C ASN YA 214 -28.25 -100.54 -27.31
N GLU YA 215 -27.46 -100.03 -28.26
CA GLU YA 215 -27.88 -98.94 -29.13
C GLU YA 215 -28.28 -97.70 -28.34
N CYS YA 216 -27.35 -97.21 -27.53
CA CYS YA 216 -27.45 -95.89 -26.90
C CYS YA 216 -26.08 -95.23 -26.99
N CYS YA 217 -26.06 -93.97 -27.41
CA CYS YA 217 -24.82 -93.29 -27.76
C CYS YA 217 -24.22 -92.63 -26.53
N PHE YA 218 -23.14 -93.20 -26.02
CA PHE YA 218 -22.33 -92.59 -24.98
C PHE YA 218 -21.14 -91.87 -25.60
N ALA YA 219 -20.51 -91.00 -24.80
CA ALA YA 219 -19.38 -90.22 -25.25
C ALA YA 219 -18.05 -90.75 -24.76
N VAL YA 220 -17.96 -91.16 -23.50
CA VAL YA 220 -16.72 -91.65 -22.91
C VAL YA 220 -17.01 -92.91 -22.10
N TYR YA 221 -16.10 -93.88 -22.19
CA TYR YA 221 -16.17 -95.11 -21.41
C TYR YA 221 -14.95 -95.16 -20.50
N VAL YA 222 -15.19 -95.42 -19.21
CA VAL YA 222 -14.14 -95.54 -18.21
C VAL YA 222 -14.21 -96.94 -17.62
N LEU YA 223 -13.08 -97.63 -17.59
CA LEU YA 223 -13.00 -98.99 -17.08
C LEU YA 223 -12.08 -99.01 -15.87
N SER YA 224 -12.62 -99.40 -14.72
CA SER YA 224 -11.86 -99.44 -13.48
C SER YA 224 -11.36 -100.85 -13.21
N SER YA 225 -10.45 -101.29 -14.08
CA SER YA 225 -9.84 -102.61 -13.95
C SER YA 225 -8.55 -102.62 -14.75
N ASP YA 226 -7.80 -103.72 -14.59
CA ASP YA 226 -6.55 -103.91 -15.30
C ASP YA 226 -6.47 -105.25 -16.02
N ASP YA 227 -7.50 -106.08 -15.95
CA ASP YA 227 -7.50 -107.37 -16.64
C ASP YA 227 -7.46 -107.12 -18.14
N THR YA 228 -6.35 -107.49 -18.78
CA THR YA 228 -6.20 -107.23 -20.20
C THR YA 228 -7.31 -107.88 -21.02
N ASP YA 229 -7.85 -109.00 -20.55
CA ASP YA 229 -8.97 -109.63 -21.25
C ASP YA 229 -10.23 -108.79 -21.11
N TRP YA 230 -10.48 -108.24 -19.94
CA TRP YA 230 -11.64 -107.38 -19.76
C TRP YA 230 -11.56 -106.15 -20.63
N GLN YA 231 -10.38 -105.52 -20.69
CA GLN YA 231 -10.21 -104.33 -21.52
C GLN YA 231 -10.46 -104.65 -22.99
N GLU YA 232 -9.98 -105.80 -23.47
CA GLU YA 232 -10.15 -106.14 -24.87
C GLU YA 232 -11.63 -106.28 -25.23
N ASN YA 233 -12.44 -106.77 -24.30
CA ASN YA 233 -13.87 -106.85 -24.56
C ASN YA 233 -14.48 -105.47 -24.75
N LEU YA 234 -14.06 -104.50 -23.94
CA LEU YA 234 -14.55 -103.14 -24.12
C LEU YA 234 -14.13 -102.57 -25.46
N ARG YA 235 -12.88 -102.83 -25.87
CA ARG YA 235 -12.40 -102.31 -27.15
C ARG YA 235 -13.23 -102.86 -28.30
N ASP YA 236 -13.58 -104.14 -28.26
CA ASP YA 236 -14.37 -104.72 -29.33
C ASP YA 236 -15.74 -104.06 -29.43
N TRP YA 237 -16.37 -103.80 -28.29
CA TRP YA 237 -17.68 -103.15 -28.32
C TRP YA 237 -17.59 -101.75 -28.91
N ILE YA 238 -16.57 -100.99 -28.51
CA ILE YA 238 -16.40 -99.64 -29.05
C ILE YA 238 -16.18 -99.70 -30.55
N ARG YA 239 -15.36 -100.65 -31.00
CA ARG YA 239 -15.14 -100.81 -32.43
C ARG YA 239 -16.46 -101.06 -33.16
N SER YA 240 -17.34 -101.85 -32.56
CA SER YA 240 -18.64 -102.10 -33.18
C SER YA 240 -19.46 -100.82 -33.28
N ALA YA 241 -19.24 -99.86 -32.38
CA ALA YA 241 -19.97 -98.60 -32.45
C ALA YA 241 -19.51 -97.74 -33.62
N TRP YA 242 -18.27 -97.90 -34.08
CA TRP YA 242 -17.77 -97.20 -35.25
C TRP YA 242 -17.87 -98.04 -36.52
N ASP YA 243 -18.49 -99.21 -36.45
CA ASP YA 243 -18.51 -100.13 -37.58
C ASP YA 243 -19.31 -99.54 -38.74
N CYS YA 244 -19.08 -100.10 -39.92
CA CYS YA 244 -19.72 -99.64 -41.15
C CYS YA 244 -20.98 -100.42 -41.50
N SER YA 245 -21.26 -101.53 -40.80
CA SER YA 245 -22.40 -102.36 -41.17
C SER YA 245 -23.72 -101.69 -40.81
N LYS YA 246 -23.81 -101.12 -39.61
CA LYS YA 246 -25.05 -100.52 -39.12
C LYS YA 246 -24.82 -99.04 -38.82
N PRO YA 247 -25.88 -98.27 -38.57
CA PRO YA 247 -25.68 -96.86 -38.21
C PRO YA 247 -24.77 -96.72 -37.00
N GLN YA 248 -23.86 -95.76 -37.07
CA GLN YA 248 -22.83 -95.61 -36.06
C GLN YA 248 -23.39 -94.96 -34.80
N CYS YA 249 -22.60 -95.08 -33.72
CA CYS YA 249 -22.88 -94.37 -32.47
C CYS YA 249 -21.66 -93.63 -31.92
N PHE YA 250 -20.46 -93.98 -32.34
CA PHE YA 250 -19.25 -93.27 -31.94
C PHE YA 250 -18.99 -93.40 -30.45
N GLY YA 251 -17.80 -92.97 -30.01
CA GLY YA 251 -17.42 -93.07 -28.61
C GLY YA 251 -15.94 -93.32 -28.43
N HIS YA 252 -15.45 -93.16 -27.20
CA HIS YA 252 -14.05 -93.38 -26.90
C HIS YA 252 -13.95 -93.94 -25.48
N GLY YA 253 -12.90 -94.73 -25.25
CA GLY YA 253 -12.73 -95.39 -23.97
C GLY YA 253 -11.34 -95.15 -23.41
N TYR YA 254 -11.28 -95.09 -22.07
CA TYR YA 254 -10.04 -94.85 -21.35
C TYR YA 254 -9.75 -96.00 -20.41
N VAL YA 255 -8.50 -96.46 -20.42
CA VAL YA 255 -8.03 -97.54 -19.56
C VAL YA 255 -6.60 -97.21 -19.13
N PHE YA 256 -6.03 -98.08 -18.30
CA PHE YA 256 -4.68 -97.89 -17.78
C PHE YA 256 -3.94 -99.21 -17.79
N ASN YA 257 -2.60 -99.12 -17.81
CA ASN YA 257 -1.73 -100.28 -17.75
C ASN YA 257 -0.54 -99.93 -16.86
N LYS YA 258 -0.20 -100.84 -15.95
CA LYS YA 258 0.85 -100.60 -14.97
C LYS YA 258 1.82 -101.76 -14.95
N GLY YA 259 3.08 -101.45 -14.69
CA GLY YA 259 4.13 -102.45 -14.64
C GLY YA 259 5.45 -101.86 -15.09
N THR YA 260 6.38 -102.74 -15.41
CA THR YA 260 7.67 -102.31 -15.94
C THR YA 260 7.53 -101.90 -17.40
N LEU YA 261 8.59 -101.26 -17.93
CA LEU YA 261 8.55 -100.82 -19.31
C LEU YA 261 8.38 -102.00 -20.26
N GLY YA 262 9.02 -103.13 -19.95
CA GLY YA 262 8.87 -104.29 -20.81
C GLY YA 262 7.46 -104.84 -20.83
N GLN YA 263 6.80 -104.88 -19.65
CA GLN YA 263 5.46 -105.43 -19.58
C GLN YA 263 4.43 -104.49 -20.19
N VAL YA 264 4.55 -103.19 -19.91
CA VAL YA 264 3.57 -102.24 -20.41
C VAL YA 264 3.57 -102.22 -21.94
N LEU YA 265 4.75 -102.20 -22.55
CA LEU YA 265 4.84 -102.14 -24.01
C LEU YA 265 4.22 -103.35 -24.67
N ALA YA 266 4.01 -104.45 -23.94
CA ALA YA 266 3.43 -105.66 -24.50
C ALA YA 266 1.92 -105.58 -24.61
N ASP YA 267 1.28 -104.53 -24.09
CA ASP YA 267 -0.16 -104.37 -24.14
C ASP YA 267 -0.62 -103.48 -25.29
N GLY YA 268 0.29 -103.04 -26.15
CA GLY YA 268 -0.06 -102.15 -27.23
C GLY YA 268 -0.63 -102.87 -28.44
N ASP YA 269 -1.90 -103.26 -28.37
CA ASP YA 269 -2.54 -104.02 -29.44
C ASP YA 269 -3.17 -103.09 -30.49
N ASN YA 270 -2.42 -102.06 -30.88
CA ASN YA 270 -2.83 -101.19 -31.99
C ASN YA 270 -4.30 -100.82 -31.93
N SER YA 271 -4.80 -100.47 -30.76
CA SER YA 271 -6.21 -100.10 -30.61
C SER YA 271 -6.38 -98.61 -30.89
N ALA YA 272 -7.24 -98.29 -31.85
CA ALA YA 272 -7.55 -96.91 -32.17
C ALA YA 272 -8.67 -96.34 -31.33
N GLU YA 273 -9.30 -97.16 -30.48
CA GLU YA 273 -10.42 -96.73 -29.66
C GLU YA 273 -10.08 -96.52 -28.20
N LEU YA 274 -8.89 -96.93 -27.76
CA LEU YA 274 -8.51 -96.86 -26.36
C LEU YA 274 -7.37 -95.86 -26.17
N SER YA 275 -7.42 -95.12 -25.07
CA SER YA 275 -6.35 -94.21 -24.67
C SER YA 275 -5.68 -94.83 -23.45
N ARG YA 276 -4.59 -95.56 -23.69
CA ARG YA 276 -3.95 -96.34 -22.64
C ARG YA 276 -3.04 -95.45 -21.81
N LEU YA 277 -3.27 -95.41 -20.50
CA LEU YA 277 -2.44 -94.66 -19.57
C LEU YA 277 -1.37 -95.57 -19.00
N ALA YA 278 -0.11 -95.20 -19.17
CA ALA YA 278 1.01 -96.00 -18.71
C ALA YA 278 1.51 -95.46 -17.37
N LEU YA 279 1.70 -96.37 -16.41
CA LEU YA 279 2.15 -96.01 -15.07
C LEU YA 279 3.28 -96.93 -14.65
N PRO YA 280 4.17 -96.46 -13.79
CA PRO YA 280 5.27 -97.30 -13.31
C PRO YA 280 4.86 -98.16 -12.12
N THR YA 281 5.72 -99.13 -11.81
CA THR YA 281 5.43 -100.04 -10.72
C THR YA 281 5.36 -99.32 -9.38
N THR YA 282 6.07 -98.20 -9.24
CA THR YA 282 6.16 -97.46 -7.99
C THR YA 282 5.22 -96.26 -7.94
N TYR YA 283 4.08 -96.35 -8.60
CA TYR YA 283 3.14 -95.23 -8.59
C TYR YA 283 2.53 -95.08 -7.20
N PRO YA 284 2.61 -93.89 -6.60
CA PRO YA 284 2.11 -93.72 -5.22
C PRO YA 284 0.61 -93.49 -5.11
N VAL YA 285 -0.17 -93.71 -6.17
CA VAL YA 285 -1.60 -93.49 -6.14
C VAL YA 285 -2.30 -94.73 -6.68
N LEU YA 286 -3.54 -94.91 -6.26
CA LEU YA 286 -4.32 -96.05 -6.74
C LEU YA 286 -4.60 -95.87 -8.24
N PRO YA 287 -4.24 -96.85 -9.08
CA PRO YA 287 -4.34 -96.59 -10.54
C PRO YA 287 -5.73 -96.20 -11.00
N TYR YA 288 -6.78 -96.82 -10.47
CA TYR YA 288 -8.12 -96.55 -11.00
C TYR YA 288 -8.63 -95.17 -10.62
N LEU YA 289 -8.02 -94.49 -9.64
CA LEU YA 289 -8.40 -93.12 -9.35
C LEU YA 289 -7.90 -92.17 -10.44
N THR YA 290 -6.64 -92.33 -10.86
CA THR YA 290 -6.10 -91.47 -11.90
C THR YA 290 -6.80 -91.68 -13.23
N ASN YA 291 -7.12 -92.93 -13.57
CA ASN YA 291 -7.78 -93.20 -14.84
C ASN YA 291 -9.13 -92.52 -14.91
N ALA YA 292 -9.93 -92.60 -13.83
CA ALA YA 292 -11.24 -91.98 -13.83
C ALA YA 292 -11.14 -90.46 -13.95
N ALA YA 293 -10.20 -89.85 -13.22
CA ALA YA 293 -10.09 -88.39 -13.24
C ALA YA 293 -9.74 -87.90 -14.63
N TYR YA 294 -8.80 -88.57 -15.30
CA TYR YA 294 -8.44 -88.17 -16.66
C TYR YA 294 -9.62 -88.31 -17.60
N GLY YA 295 -10.33 -89.43 -17.52
CA GLY YA 295 -11.49 -89.62 -18.38
C GLY YA 295 -12.58 -88.60 -18.12
N ALA YA 296 -12.87 -88.33 -16.85
CA ALA YA 296 -13.93 -87.39 -16.51
C ALA YA 296 -13.61 -85.99 -17.03
N LEU YA 297 -12.37 -85.56 -16.87
CA LEU YA 297 -11.98 -84.24 -17.35
C LEU YA 297 -12.20 -84.12 -18.85
N SER YA 298 -11.71 -85.11 -19.61
CA SER YA 298 -11.86 -85.07 -21.06
C SER YA 298 -13.26 -85.43 -21.52
N ALA YA 299 -14.09 -86.00 -20.64
CA ALA YA 299 -15.41 -86.50 -21.02
C ALA YA 299 -16.38 -85.32 -21.15
N CYS YA 300 -16.05 -84.43 -22.08
CA CYS YA 300 -16.89 -83.31 -22.50
C CYS YA 300 -17.04 -82.24 -21.43
N SER YA 301 -16.51 -82.45 -20.22
CA SER YA 301 -16.42 -81.34 -19.28
C SER YA 301 -15.47 -80.26 -19.78
N THR YA 302 -14.60 -80.61 -20.72
CA THR YA 302 -13.74 -79.65 -21.39
C THR YA 302 -13.87 -79.79 -22.89
N CYS YA 303 -14.19 -80.99 -23.36
CA CYS YA 303 -14.27 -81.28 -24.80
C CYS YA 303 -15.71 -81.18 -25.30
N GLU YA 304 -16.33 -80.03 -25.05
CA GLU YA 304 -17.56 -79.70 -25.75
C GLU YA 304 -17.27 -79.24 -27.17
N ASN YA 305 -16.13 -78.57 -27.38
CA ASN YA 305 -15.63 -78.26 -28.70
C ASN YA 305 -14.54 -79.26 -29.03
N PRO YA 306 -14.74 -80.15 -30.02
CA PRO YA 306 -13.78 -81.26 -30.20
C PRO YA 306 -12.35 -80.81 -30.49
N GLU YA 307 -12.16 -79.67 -31.14
CA GLU YA 307 -10.83 -79.29 -31.58
C GLU YA 307 -9.85 -79.17 -30.42
N LEU YA 308 -10.33 -78.88 -29.22
CA LEU YA 308 -9.44 -78.63 -28.10
C LEU YA 308 -8.73 -79.92 -27.67
N ASN YA 309 -7.42 -79.81 -27.46
CA ASN YA 309 -6.63 -80.91 -26.91
C ASN YA 309 -6.64 -80.86 -25.39
N VAL YA 310 -6.11 -81.91 -24.78
CA VAL YA 310 -5.97 -82.00 -23.33
C VAL YA 310 -4.48 -82.27 -23.06
N GLN YA 311 -3.71 -81.21 -22.89
CA GLN YA 311 -2.27 -81.32 -22.69
C GLN YA 311 -1.83 -80.17 -21.79
N GLY YA 312 -0.53 -79.94 -21.73
CA GLY YA 312 0.01 -78.78 -21.03
C GLY YA 312 -0.31 -78.76 -19.55
N GLN YA 313 0.10 -77.69 -18.87
CA GLN YA 313 -0.11 -77.54 -17.44
C GLN YA 313 -1.41 -76.83 -17.11
N THR YA 314 -2.22 -76.49 -18.11
CA THR YA 314 -3.46 -75.76 -17.91
C THR YA 314 -4.69 -76.58 -18.28
N TYR YA 315 -4.70 -77.17 -19.47
CA TYR YA 315 -5.86 -77.91 -19.95
C TYR YA 315 -5.81 -79.39 -19.61
N GLY YA 316 -4.77 -79.85 -18.92
CA GLY YA 316 -4.64 -81.25 -18.58
C GLY YA 316 -4.22 -81.49 -17.14
N LEU YA 317 -4.64 -80.60 -16.25
CA LEU YA 317 -4.25 -80.67 -14.84
C LEU YA 317 -5.35 -81.38 -14.06
N LEU YA 318 -5.00 -82.50 -13.43
CA LEU YA 318 -5.92 -83.25 -12.60
C LEU YA 318 -5.89 -82.66 -11.19
N SER YA 319 -6.63 -81.57 -11.02
CA SER YA 319 -6.59 -80.83 -9.76
C SER YA 319 -7.24 -81.57 -8.60
N CYS YA 320 -7.97 -82.66 -8.85
CA CYS YA 320 -8.63 -83.40 -7.79
C CYS YA 320 -7.80 -84.56 -7.27
N ILE YA 321 -6.58 -84.74 -7.75
CA ILE YA 321 -5.71 -85.83 -7.33
C ILE YA 321 -4.43 -85.22 -6.77
N ASN YA 322 -4.06 -85.65 -5.57
CA ASN YA 322 -2.90 -85.12 -4.87
C ASN YA 322 -1.99 -86.26 -4.46
N MET YA 323 -0.70 -86.13 -4.76
CA MET YA 323 0.30 -87.12 -4.39
C MET YA 323 1.55 -86.40 -3.89
N PRO YA 324 2.35 -87.04 -3.05
CA PRO YA 324 3.51 -86.36 -2.47
C PRO YA 324 4.60 -86.10 -3.50
N GLU YA 325 5.40 -85.08 -3.21
CA GLU YA 325 6.52 -84.72 -4.06
C GLU YA 325 7.67 -85.71 -3.86
N SER YA 326 8.56 -85.75 -4.85
CA SER YA 326 9.74 -86.62 -4.78
C SER YA 326 10.69 -86.26 -5.90
N CYS YA 327 11.99 -86.29 -5.62
CA CYS YA 327 12.97 -85.99 -6.65
C CYS YA 327 12.94 -87.03 -7.77
N THR YA 328 12.81 -88.31 -7.41
CA THR YA 328 12.78 -89.36 -8.41
C THR YA 328 11.52 -89.22 -9.28
N PRO YA 329 11.65 -89.22 -10.61
CA PRO YA 329 10.47 -88.94 -11.44
C PRO YA 329 9.64 -90.18 -11.74
N GLY YA 330 10.19 -91.37 -11.53
CA GLY YA 330 9.49 -92.59 -11.87
C GLY YA 330 9.81 -93.08 -13.27
N TRP YA 331 9.46 -92.28 -14.28
CA TRP YA 331 9.79 -92.58 -15.65
C TRP YA 331 11.03 -91.78 -16.04
N GLU YA 332 12.09 -92.48 -16.45
CA GLU YA 332 13.26 -91.81 -16.98
C GLU YA 332 12.94 -91.22 -18.35
N PHE YA 333 13.62 -90.13 -18.69
CA PHE YA 333 13.29 -89.42 -19.92
C PHE YA 333 13.37 -90.33 -21.12
N THR YA 334 14.37 -91.23 -21.16
CA THR YA 334 14.45 -92.17 -22.26
C THR YA 334 13.21 -93.06 -22.31
N GLU YA 335 12.74 -93.50 -21.14
CA GLU YA 335 11.51 -94.29 -21.10
C GLU YA 335 10.31 -93.47 -21.58
N VAL YA 336 10.25 -92.20 -21.19
CA VAL YA 336 9.15 -91.35 -21.62
C VAL YA 336 9.14 -91.20 -23.13
N THR YA 337 10.31 -91.01 -23.73
CA THR YA 337 10.37 -90.88 -25.19
C THR YA 337 9.88 -92.14 -25.87
N GLN YA 338 10.28 -93.31 -25.37
CA GLN YA 338 9.85 -94.57 -25.97
C GLN YA 338 8.34 -94.75 -25.85
N LEU YA 339 7.78 -94.47 -24.67
CA LEU YA 339 6.35 -94.66 -24.47
C LEU YA 339 5.54 -93.75 -25.39
N GLN YA 340 5.95 -92.48 -25.50
CA GLN YA 340 5.18 -91.54 -26.32
C GLN YA 340 5.15 -91.98 -27.77
N ASN YA 341 6.28 -92.45 -28.29
CA ASN YA 341 6.34 -92.89 -29.68
C ASN YA 341 5.55 -94.16 -29.93
N ASN YA 342 5.11 -94.86 -28.89
CA ASN YA 342 4.37 -96.10 -29.01
C ASN YA 342 2.91 -95.95 -28.55
N GLY YA 343 2.34 -94.76 -28.74
CA GLY YA 343 0.93 -94.57 -28.48
C GLY YA 343 0.52 -94.80 -27.04
N PHE YA 344 1.25 -94.21 -26.10
CA PHE YA 344 0.91 -94.28 -24.68
C PHE YA 344 0.89 -92.89 -24.09
N VAL YA 345 0.12 -92.72 -23.01
CA VAL YA 345 -0.04 -91.44 -22.34
C VAL YA 345 0.82 -91.45 -21.08
N VAL YA 346 1.54 -90.36 -20.86
CA VAL YA 346 2.45 -90.22 -19.73
C VAL YA 346 2.07 -88.97 -18.95
N SER YA 347 2.00 -89.10 -17.63
CA SER YA 347 1.65 -88.00 -16.75
C SER YA 347 2.76 -87.77 -15.73
N GLY YA 348 3.07 -86.51 -15.47
CA GLY YA 348 4.11 -86.15 -14.52
C GLY YA 348 3.64 -85.11 -13.53
N PRO YA 349 4.37 -84.98 -12.42
CA PRO YA 349 3.95 -84.01 -11.39
C PRO YA 349 4.12 -82.58 -11.85
N ALA YA 350 3.26 -81.71 -11.32
CA ALA YA 350 3.32 -80.30 -11.67
C ALA YA 350 4.63 -79.66 -11.20
N THR YA 351 5.06 -79.96 -9.98
CA THR YA 351 6.28 -79.40 -9.42
C THR YA 351 7.06 -80.50 -8.71
N THR YA 352 8.38 -80.35 -8.70
CA THR YA 352 9.29 -81.32 -8.11
C THR YA 352 10.01 -80.69 -6.93
N SER YA 353 10.00 -81.39 -5.79
CA SER YA 353 10.67 -80.90 -4.59
C SER YA 353 10.87 -82.07 -3.64
N GLY YA 354 11.71 -81.84 -2.64
CA GLY YA 354 11.98 -82.85 -1.63
C GLY YA 354 11.25 -82.59 -0.32
N GLN YA 355 10.55 -81.45 -0.25
CA GLN YA 355 9.85 -81.10 0.99
C GLN YA 355 8.78 -82.12 1.34
N GLY YA 356 8.22 -82.80 0.34
CA GLY YA 356 7.21 -83.81 0.59
C GLY YA 356 5.79 -83.31 0.65
N ASN YA 357 5.50 -82.12 0.12
CA ASN YA 357 4.15 -81.60 0.12
C ASN YA 357 3.34 -82.32 -0.97
N PHE YA 358 2.11 -81.88 -1.18
CA PHE YA 358 1.20 -82.51 -2.14
C PHE YA 358 1.19 -81.73 -3.44
N THR YA 359 1.13 -82.46 -4.56
CA THR YA 359 1.06 -81.87 -5.89
C THR YA 359 0.11 -82.69 -6.74
N SER YA 360 -0.30 -82.10 -7.86
CA SER YA 360 -1.24 -82.72 -8.77
C SER YA 360 -0.57 -82.99 -10.11
N PRO YA 361 -0.69 -84.20 -10.66
CA PRO YA 361 -0.07 -84.49 -11.95
C PRO YA 361 -0.89 -83.93 -13.11
N TYR YA 362 -0.28 -83.96 -14.29
CA TYR YA 362 -0.92 -83.49 -15.51
C TYR YA 362 -0.45 -84.34 -16.69
N ILE YA 363 -1.23 -84.31 -17.76
CA ILE YA 363 -1.00 -85.18 -18.91
C ILE YA 363 0.02 -84.51 -19.83
N TYR YA 364 1.11 -85.24 -20.14
CA TYR YA 364 2.11 -84.71 -21.05
C TYR YA 364 1.56 -84.60 -22.47
N ASN YA 365 0.93 -85.66 -22.97
CA ASN YA 365 0.43 -85.70 -24.33
C ASN YA 365 -0.85 -86.50 -24.39
N ASP YA 366 -1.85 -85.99 -25.10
CA ASP YA 366 -3.10 -86.68 -25.33
C ASP YA 366 -2.99 -87.43 -26.65
N VAL YA 367 -3.05 -88.76 -26.59
CA VAL YA 367 -2.81 -89.60 -27.77
C VAL YA 367 -3.53 -90.92 -27.58
N THR YA 368 -4.05 -91.47 -28.67
CA THR YA 368 -4.64 -92.80 -28.67
C THR YA 368 -3.55 -93.84 -28.85
N ASN YA 369 -3.96 -95.11 -28.90
CA ASN YA 369 -3.04 -96.23 -29.10
C ASN YA 369 -3.05 -96.71 -30.55
N TYR YA 370 -3.19 -95.78 -31.50
CA TYR YA 370 -3.31 -96.14 -32.90
C TYR YA 370 -1.94 -96.11 -33.59
N LEU YA 371 -1.69 -97.13 -34.40
CA LEU YA 371 -0.49 -97.21 -35.21
C LEU YA 371 -0.82 -97.99 -36.47
N ARG YA 372 0.18 -98.12 -37.35
CA ARG YA 372 -0.01 -98.87 -38.59
C ARG YA 372 -1.28 -98.39 -39.29
N ASP YA 373 -2.09 -99.31 -39.82
CA ASP YA 373 -3.26 -98.93 -40.61
C ASP YA 373 -4.10 -100.20 -40.82
N GLU YA 374 -5.17 -100.06 -41.60
CA GLU YA 374 -5.94 -101.23 -41.99
C GLU YA 374 -5.03 -102.27 -42.62
N LYS YA 375 -4.04 -101.82 -43.39
CA LYS YA 375 -2.93 -102.64 -43.84
C LYS YA 375 -1.71 -102.35 -42.98
N ASN YA 376 -0.64 -103.10 -43.22
CA ASN YA 376 0.58 -102.98 -42.43
C ASN YA 376 1.47 -101.86 -42.97
N ARG YA 377 0.93 -100.64 -42.96
CA ARG YA 377 1.63 -99.45 -43.43
C ARG YA 377 1.53 -98.39 -42.35
N PRO YA 378 2.65 -97.89 -41.81
CA PRO YA 378 2.58 -96.92 -40.72
C PRO YA 378 2.06 -95.57 -41.19
N ASN YA 379 1.46 -94.85 -40.25
CA ASN YA 379 0.98 -93.48 -40.45
C ASN YA 379 0.59 -92.93 -39.09
N ALA YA 380 0.10 -91.69 -39.07
CA ALA YA 380 -0.30 -91.03 -37.83
C ALA YA 380 -1.62 -90.30 -38.02
N THR YA 381 -2.53 -90.90 -38.80
CA THR YA 381 -3.80 -90.24 -39.07
C THR YA 381 -4.62 -90.03 -37.80
N PHE YA 382 -4.66 -91.04 -36.93
CA PHE YA 382 -5.46 -91.00 -35.71
C PHE YA 382 -4.61 -90.89 -34.46
N ARG YA 383 -3.39 -90.35 -34.58
CA ARG YA 383 -2.52 -90.26 -33.41
C ARG YA 383 -3.16 -89.41 -32.32
N ASP YA 384 -3.57 -88.19 -32.66
CA ASP YA 384 -4.16 -87.30 -31.68
C ASP YA 384 -5.58 -87.73 -31.34
N ALA YA 385 -5.91 -87.64 -30.05
CA ALA YA 385 -7.27 -88.00 -29.63
C ALA YA 385 -8.30 -87.09 -30.27
N SER YA 386 -7.97 -85.80 -30.46
CA SER YA 386 -8.90 -84.89 -31.10
C SER YA 386 -9.26 -85.31 -32.52
N SER YA 387 -8.41 -86.11 -33.17
CA SER YA 387 -8.73 -86.58 -34.52
C SER YA 387 -9.98 -87.44 -34.51
N ARG YA 388 -10.11 -88.33 -33.53
CA ARG YA 388 -11.30 -89.18 -33.46
C ARG YA 388 -12.55 -88.34 -33.24
N ARG YA 389 -12.47 -87.35 -32.36
CA ARG YA 389 -13.63 -86.48 -32.11
C ARG YA 389 -13.99 -85.70 -33.37
N LEU YA 390 -12.98 -85.20 -34.09
CA LEU YA 390 -13.26 -84.46 -35.32
C LEU YA 390 -13.93 -85.35 -36.35
N ALA YA 391 -13.48 -86.60 -36.48
CA ALA YA 391 -14.07 -87.50 -37.46
C ALA YA 391 -15.55 -87.72 -37.18
N ALA YA 392 -15.92 -87.92 -35.91
CA ALA YA 392 -17.32 -88.10 -35.58
C ALA YA 392 -18.13 -86.85 -35.92
N ALA YA 393 -17.60 -85.67 -35.58
CA ALA YA 393 -18.31 -84.44 -35.87
C ALA YA 393 -18.47 -84.23 -37.37
N THR YA 394 -17.41 -84.52 -38.14
CA THR YA 394 -17.49 -84.34 -39.58
C THR YA 394 -18.55 -85.24 -40.20
N GLY YA 395 -18.62 -86.49 -39.75
CA GLY YA 395 -19.61 -87.40 -40.31
C GLY YA 395 -21.03 -86.93 -40.07
N VAL YA 396 -21.32 -86.52 -38.84
CA VAL YA 396 -22.68 -86.05 -38.51
C VAL YA 396 -23.00 -84.78 -39.28
N ALA YA 397 -22.05 -83.84 -39.33
CA ALA YA 397 -22.30 -82.59 -40.03
C ALA YA 397 -22.56 -82.83 -41.52
N LEU YA 398 -21.76 -83.70 -42.13
CA LEU YA 398 -21.98 -84.02 -43.54
C LEU YA 398 -23.33 -84.69 -43.75
N ALA YA 399 -23.70 -85.60 -42.86
CA ALA YA 399 -24.98 -86.30 -43.02
C ALA YA 399 -26.15 -85.33 -42.94
N THR YA 400 -26.09 -84.36 -42.03
CA THR YA 400 -27.17 -83.39 -41.91
C THR YA 400 -27.30 -82.56 -43.19
N PHE YA 401 -26.16 -82.14 -43.75
CA PHE YA 401 -26.20 -81.32 -44.96
C PHE YA 401 -26.82 -82.08 -46.14
N LEU YA 402 -26.46 -83.35 -46.29
CA LEU YA 402 -26.92 -84.14 -47.42
C LEU YA 402 -28.42 -84.45 -47.34
N GLN YA 403 -29.06 -84.20 -46.20
CA GLN YA 403 -30.47 -84.55 -46.07
C GLN YA 403 -31.36 -83.79 -47.05
N GLN YA 404 -30.88 -82.66 -47.58
CA GLN YA 404 -31.70 -81.87 -48.49
C GLN YA 404 -31.99 -82.59 -49.80
N PHE YA 405 -31.18 -83.57 -50.17
CA PHE YA 405 -31.37 -84.32 -51.41
C PHE YA 405 -32.31 -85.51 -51.22
N ASN YA 406 -33.12 -85.50 -50.17
CA ASN YA 406 -34.04 -86.61 -49.89
C ASN YA 406 -35.34 -86.38 -50.64
N GLY YA 407 -35.72 -87.35 -51.46
CA GLY YA 407 -36.97 -87.24 -52.22
C GLY YA 407 -36.96 -86.09 -53.20
N LEU YA 408 -35.84 -85.90 -53.91
CA LEU YA 408 -35.71 -84.84 -54.89
C LEU YA 408 -35.58 -85.46 -56.28
N ALA YA 409 -36.33 -84.94 -57.24
CA ALA YA 409 -36.28 -85.47 -58.59
C ALA YA 409 -34.87 -85.39 -59.14
N VAL YA 410 -34.42 -86.47 -59.78
CA VAL YA 410 -33.08 -86.56 -60.31
C VAL YA 410 -33.14 -87.04 -61.75
N PHE YA 411 -32.15 -86.63 -62.55
CA PHE YA 411 -32.05 -87.00 -63.95
C PHE YA 411 -30.66 -87.52 -64.22
N THR YA 412 -30.57 -88.69 -64.86
CA THR YA 412 -29.29 -89.34 -65.12
C THR YA 412 -29.09 -89.77 -66.57
N LYS YA 413 -30.14 -89.93 -67.36
CA LYS YA 413 -30.01 -90.30 -68.76
C LYS YA 413 -29.95 -89.07 -69.67
N ASN YA 414 -30.91 -88.17 -69.55
CA ASN YA 414 -30.88 -86.87 -70.22
C ASN YA 414 -30.79 -85.80 -69.16
N THR YA 415 -29.75 -84.98 -69.23
CA THR YA 415 -29.41 -84.05 -68.16
C THR YA 415 -30.10 -82.70 -68.29
N ASN YA 416 -30.95 -82.50 -69.30
CA ASN YA 416 -31.65 -81.24 -69.49
C ASN YA 416 -32.94 -81.28 -68.69
N ILE YA 417 -33.01 -80.45 -67.64
CA ILE YA 417 -34.21 -80.37 -66.81
C ILE YA 417 -35.22 -79.45 -67.50
N LYS YA 418 -36.42 -79.96 -67.73
CA LYS YA 418 -37.46 -79.14 -68.34
C LYS YA 418 -37.83 -77.98 -67.42
N THR YA 419 -38.21 -76.87 -68.03
CA THR YA 419 -38.52 -75.67 -67.26
C THR YA 419 -39.63 -75.94 -66.25
N GLY YA 420 -39.44 -75.43 -65.03
CA GLY YA 420 -40.44 -75.51 -64.00
C GLY YA 420 -40.31 -76.69 -63.06
N ILE YA 421 -39.43 -77.64 -63.35
CA ILE YA 421 -39.27 -78.84 -62.52
C ILE YA 421 -38.28 -78.54 -61.40
N ILE YA 422 -38.51 -79.15 -60.25
CA ILE YA 422 -37.62 -79.06 -59.10
C ILE YA 422 -36.77 -80.33 -59.09
N GLY YA 423 -35.54 -80.24 -59.54
CA GLY YA 423 -34.67 -81.40 -59.63
C GLY YA 423 -33.21 -81.03 -59.60
N THR YA 424 -32.39 -81.97 -60.02
CA THR YA 424 -30.94 -81.80 -60.03
C THR YA 424 -30.33 -83.01 -60.74
N ASN YA 425 -29.01 -82.99 -60.89
CA ASN YA 425 -28.29 -84.08 -61.55
C ASN YA 425 -26.94 -84.24 -60.86
N LEU YA 426 -26.08 -85.07 -61.45
CA LEU YA 426 -24.80 -85.38 -60.81
C LEU YA 426 -23.93 -84.14 -60.66
N ARG YA 427 -23.72 -83.41 -61.75
CA ARG YA 427 -22.79 -82.29 -61.72
C ARG YA 427 -23.25 -81.21 -60.74
N LEU YA 428 -24.54 -80.88 -60.76
CA LEU YA 428 -25.05 -79.86 -59.85
C LEU YA 428 -24.90 -80.30 -58.40
N MET YA 429 -25.18 -81.58 -58.11
CA MET YA 429 -24.99 -82.08 -56.75
C MET YA 429 -23.53 -81.99 -56.34
N LEU YA 430 -22.62 -82.36 -57.24
CA LEU YA 430 -21.19 -82.28 -56.91
C LEU YA 430 -20.78 -80.84 -56.65
N GLY YA 431 -21.28 -79.90 -57.44
CA GLY YA 431 -20.93 -78.51 -57.22
C GLY YA 431 -21.33 -78.02 -55.84
N LYS YA 432 -22.53 -78.36 -55.39
CA LYS YA 432 -22.99 -77.92 -54.08
C LYS YA 432 -22.11 -78.49 -52.97
N ILE YA 433 -21.74 -79.77 -53.08
CA ILE YA 433 -20.92 -80.39 -52.05
C ILE YA 433 -19.56 -79.70 -51.97
N ARG YA 434 -18.96 -79.41 -53.13
CA ARG YA 434 -17.68 -78.71 -53.12
C ARG YA 434 -17.80 -77.37 -52.41
N LYS YA 435 -18.90 -76.66 -52.62
CA LYS YA 435 -19.09 -75.38 -51.95
C LYS YA 435 -19.14 -75.55 -50.44
N TRP YA 436 -19.82 -76.60 -49.96
CA TRP YA 436 -19.90 -76.83 -48.52
C TRP YA 436 -18.53 -77.11 -47.93
N ALA YA 437 -17.72 -77.92 -48.62
CA ALA YA 437 -16.40 -78.24 -48.10
C ALA YA 437 -15.53 -77.00 -47.99
N SER YA 438 -15.56 -76.14 -48.99
CA SER YA 438 -14.75 -74.93 -48.95
C SER YA 438 -15.18 -74.01 -47.81
N ASP YA 439 -16.49 -73.87 -47.61
CA ASP YA 439 -16.97 -72.97 -46.57
C ASP YA 439 -16.54 -73.41 -45.18
N ASN YA 440 -16.28 -74.70 -45.00
CA ASN YA 440 -15.90 -75.24 -43.69
C ASN YA 440 -14.40 -75.20 -43.46
N VAL YA 441 -13.61 -74.74 -44.43
CA VAL YA 441 -12.16 -74.66 -44.23
C VAL YA 441 -11.88 -73.74 -43.05
N GLY YA 442 -11.00 -74.18 -42.17
CA GLY YA 442 -10.68 -73.43 -40.97
C GLY YA 442 -11.59 -73.70 -39.79
N VAL YA 443 -12.62 -74.54 -39.96
CA VAL YA 443 -13.53 -74.90 -38.88
C VAL YA 443 -13.51 -76.41 -38.63
N LEU YA 444 -13.54 -77.21 -39.69
CA LEU YA 444 -13.42 -78.66 -39.57
C LEU YA 444 -12.32 -79.27 -40.43
N PHE YA 445 -11.81 -78.55 -41.43
CA PHE YA 445 -10.81 -79.08 -42.35
C PHE YA 445 -9.67 -78.10 -42.50
N SER YA 446 -8.52 -78.62 -42.90
CA SER YA 446 -7.41 -77.83 -43.40
C SER YA 446 -7.49 -77.75 -44.91
N GLU YA 447 -6.79 -76.76 -45.49
CA GLU YA 447 -6.88 -76.53 -46.92
C GLU YA 447 -6.57 -77.81 -47.69
N PHE YA 448 -7.44 -78.13 -48.65
CA PHE YA 448 -7.26 -79.34 -49.43
C PHE YA 448 -6.08 -79.21 -50.38
N ASP YA 449 -5.26 -80.27 -50.44
CA ASP YA 449 -4.11 -80.25 -51.34
C ASP YA 449 -4.55 -80.11 -52.78
N ASN YA 450 -5.57 -80.87 -53.19
CA ASN YA 450 -6.14 -80.75 -54.53
C ASN YA 450 -7.63 -81.11 -54.41
N ILE YA 451 -8.46 -80.08 -54.26
CA ILE YA 451 -9.89 -80.30 -54.03
C ILE YA 451 -10.56 -80.93 -55.24
N ASN YA 452 -9.95 -80.83 -56.42
CA ASN YA 452 -10.54 -81.42 -57.61
C ASN YA 452 -10.41 -82.94 -57.64
N GLU YA 453 -9.48 -83.51 -56.87
CA GLU YA 453 -9.31 -84.94 -56.78
C GLU YA 453 -9.74 -85.53 -55.44
N ASP YA 454 -10.00 -84.68 -54.44
CA ASP YA 454 -10.37 -85.15 -53.12
C ASP YA 454 -11.88 -85.33 -52.94
N ILE YA 455 -12.68 -84.99 -53.95
CA ILE YA 455 -14.13 -85.16 -53.88
C ILE YA 455 -14.59 -85.76 -55.21
N GLN YA 456 -15.43 -86.79 -55.12
CA GLN YA 456 -15.98 -87.44 -56.31
C GLN YA 456 -17.40 -87.88 -56.04
N LEU YA 457 -18.23 -87.85 -57.07
CA LEU YA 457 -19.61 -88.29 -57.00
C LEU YA 457 -19.91 -89.14 -58.22
N VAL YA 458 -20.44 -90.35 -57.99
CA VAL YA 458 -20.69 -91.31 -59.06
C VAL YA 458 -22.05 -91.95 -58.83
N SER YA 459 -22.82 -92.11 -59.90
CA SER YA 459 -24.11 -92.75 -59.82
C SER YA 459 -23.96 -94.27 -59.76
N ASP YA 460 -25.00 -94.92 -59.27
CA ASP YA 460 -24.94 -96.38 -59.10
C ASP YA 460 -24.83 -97.09 -60.45
N PHE YA 461 -25.50 -96.58 -61.48
CA PHE YA 461 -25.52 -97.27 -62.76
C PHE YA 461 -24.11 -97.44 -63.31
N ASP YA 462 -23.29 -96.38 -63.22
CA ASP YA 462 -21.95 -96.45 -63.80
C ASP YA 462 -21.08 -97.49 -63.12
N VAL YA 463 -21.33 -97.78 -61.84
CA VAL YA 463 -20.50 -98.73 -61.12
C VAL YA 463 -20.92 -100.16 -61.43
N GLN YA 464 -22.21 -100.47 -61.26
CA GLN YA 464 -22.69 -101.82 -61.47
C GLN YA 464 -22.77 -102.13 -62.96
N PRO YA 465 -22.75 -103.42 -63.32
CA PRO YA 465 -22.93 -103.79 -64.74
C PRO YA 465 -24.38 -103.63 -65.16
N LYS YA 466 -24.68 -104.02 -66.40
CA LYS YA 466 -26.01 -103.80 -66.95
C LYS YA 466 -27.06 -104.59 -66.16
N CYS YA 467 -28.24 -103.98 -66.02
CA CYS YA 467 -29.40 -104.61 -65.40
C CYS YA 467 -29.17 -104.96 -63.93
N VAL YA 468 -28.23 -104.29 -63.28
CA VAL YA 468 -27.95 -104.55 -61.87
C VAL YA 468 -28.06 -103.26 -61.06
N GLY YA 469 -27.86 -102.12 -61.72
CA GLY YA 469 -27.93 -100.85 -61.01
C GLY YA 469 -29.34 -100.51 -60.59
N GLN YA 470 -29.44 -99.67 -59.55
CA GLN YA 470 -30.72 -99.23 -59.04
C GLN YA 470 -30.87 -97.72 -59.19
N PRO YA 471 -32.07 -97.23 -59.46
CA PRO YA 471 -32.25 -95.77 -59.59
C PRO YA 471 -32.10 -95.06 -58.25
N GLY YA 472 -31.64 -93.82 -58.33
CA GLY YA 472 -31.56 -92.97 -57.15
C GLY YA 472 -30.64 -93.48 -56.07
N VAL YA 473 -29.48 -94.00 -56.44
CA VAL YA 473 -28.46 -94.44 -55.50
C VAL YA 473 -27.12 -93.87 -55.96
N PHE YA 474 -26.41 -93.22 -55.03
CA PHE YA 474 -25.16 -92.53 -55.36
C PHE YA 474 -24.05 -92.97 -54.43
N HIS YA 475 -22.83 -92.98 -54.96
CA HIS YA 475 -21.63 -93.28 -54.20
C HIS YA 475 -20.76 -92.04 -54.16
N LEU YA 476 -20.41 -91.59 -52.95
CA LEU YA 476 -19.65 -90.37 -52.73
C LEU YA 476 -18.38 -90.69 -51.97
N ASN YA 477 -17.24 -90.28 -52.52
CA ASN YA 477 -15.94 -90.46 -51.90
C ASN YA 477 -15.36 -89.09 -51.56
N MET YA 478 -14.61 -89.03 -50.46
CA MET YA 478 -14.01 -87.76 -50.05
C MET YA 478 -12.86 -88.05 -49.09
N ARG YA 479 -11.77 -87.30 -49.26
CA ARG YA 479 -10.66 -87.30 -48.32
C ARG YA 479 -10.43 -85.89 -47.81
N TYR YA 480 -10.05 -85.79 -46.55
CA TYR YA 480 -9.91 -84.49 -45.90
C TYR YA 480 -8.76 -84.56 -44.90
N ARG YA 481 -8.28 -83.38 -44.52
CA ARG YA 481 -7.16 -83.24 -43.58
C ARG YA 481 -7.61 -82.35 -42.43
N PRO YA 482 -7.54 -82.81 -41.18
CA PRO YA 482 -7.99 -81.98 -40.06
C PRO YA 482 -7.10 -80.77 -39.86
N PRO YA 483 -7.51 -79.80 -39.05
CA PRO YA 483 -6.72 -78.58 -38.89
C PRO YA 483 -5.38 -78.87 -38.22
N VAL YA 484 -4.47 -77.91 -38.39
CA VAL YA 484 -3.12 -78.00 -37.86
C VAL YA 484 -2.92 -76.92 -36.81
N ARG YA 485 -2.26 -77.28 -35.71
CA ARG YA 485 -2.00 -76.34 -34.63
C ARG YA 485 -0.54 -76.49 -34.20
N GLY YA 486 -0.02 -75.43 -33.57
CA GLY YA 486 1.35 -75.47 -33.11
C GLY YA 486 1.57 -76.63 -32.15
N ALA YA 487 2.70 -77.31 -32.33
CA ALA YA 487 2.99 -78.52 -31.56
C ALA YA 487 4.32 -78.47 -30.83
N ARG YA 488 5.34 -77.87 -31.42
CA ARG YA 488 6.66 -77.87 -30.80
C ARG YA 488 7.54 -76.82 -31.47
N ILE YA 489 8.38 -76.17 -30.67
CA ILE YA 489 9.32 -75.16 -31.16
C ILE YA 489 10.69 -75.52 -30.61
N ASN YA 490 11.68 -75.63 -31.50
CA ASN YA 490 13.05 -75.91 -31.11
C ASN YA 490 13.86 -74.62 -31.16
N VAL YA 491 14.55 -74.32 -30.06
CA VAL YA 491 15.30 -73.08 -29.91
C VAL YA 491 16.78 -73.42 -29.83
N ASN YA 492 17.58 -72.74 -30.66
CA ASN YA 492 19.03 -72.90 -30.66
C ASN YA 492 19.65 -71.55 -30.28
N LEU YA 493 19.81 -71.33 -28.98
CA LEU YA 493 20.35 -70.08 -28.47
C LEU YA 493 21.86 -70.08 -28.61
N VAL YA 494 22.42 -68.98 -29.12
CA VAL YA 494 23.85 -68.89 -29.40
C VAL YA 494 24.41 -67.62 -28.76
N PRO YA 495 24.82 -67.66 -27.49
CA PRO YA 495 25.35 -66.45 -26.86
C PRO YA 495 26.66 -66.00 -27.47
N ALA YA 496 26.90 -64.69 -27.41
CA ALA YA 496 28.16 -64.09 -27.82
C ALA YA 496 28.52 -63.01 -26.80
N LEU YA 497 29.62 -62.31 -27.05
CA LEU YA 497 30.10 -61.31 -26.11
C LEU YA 497 30.58 -60.06 -26.86
N PHE YA 498 30.50 -58.93 -26.17
CA PHE YA 498 31.08 -57.67 -26.63
C PHE YA 498 32.52 -57.63 -26.11
N ASP YA 499 33.47 -57.85 -27.01
CA ASP YA 499 34.84 -58.10 -26.59
C ASP YA 499 35.44 -56.90 -25.87
N ASN YA 500 36.30 -57.18 -24.90
CA ASN YA 500 37.01 -56.15 -24.15
C ASN YA 500 36.06 -55.11 -23.58
N CYS ZA 3 -19.12 -81.61 -79.35
CA CYS ZA 3 -20.04 -81.21 -78.24
C CYS ZA 3 -19.32 -80.33 -77.22
N ASN ZA 4 -18.00 -80.45 -77.17
CA ASN ZA 4 -17.23 -79.67 -76.22
C ASN ZA 4 -17.13 -78.21 -76.64
N LYS ZA 5 -16.93 -77.96 -77.94
CA LYS ZA 5 -16.72 -76.59 -78.40
C LYS ZA 5 -17.96 -75.73 -78.19
N GLN ZA 6 -19.14 -76.33 -78.16
CA GLN ZA 6 -20.36 -75.55 -78.05
C GLN ZA 6 -20.34 -74.71 -76.78
N ASN ZA 7 -20.68 -73.42 -76.93
CA ASN ZA 7 -20.67 -72.46 -75.84
C ASN ZA 7 -22.11 -72.02 -75.58
N GLY ZA 8 -22.64 -72.37 -74.42
CA GLY ZA 8 -23.99 -71.99 -74.07
C GLY ZA 8 -24.34 -72.49 -72.70
N VAL ZA 9 -25.55 -72.13 -72.26
CA VAL ZA 9 -26.06 -72.51 -70.96
C VAL ZA 9 -26.95 -73.73 -71.13
N LYS ZA 10 -27.05 -74.54 -70.07
CA LYS ZA 10 -27.80 -75.79 -70.13
C LYS ZA 10 -28.85 -75.84 -69.03
N ASN ZA 11 -28.53 -75.30 -67.85
CA ASN ZA 11 -29.46 -75.32 -66.73
C ASN ZA 11 -29.24 -74.08 -65.88
N ILE ZA 12 -30.30 -73.65 -65.20
CA ILE ZA 12 -30.25 -72.54 -64.27
C ILE ZA 12 -31.19 -72.88 -63.12
N LEU ZA 13 -30.64 -73.08 -61.92
CA LEU ZA 13 -31.43 -73.38 -60.73
C LEU ZA 13 -31.32 -72.23 -59.77
N ILE ZA 14 -32.46 -71.80 -59.23
CA ILE ZA 14 -32.52 -70.67 -58.31
C ILE ZA 14 -33.37 -71.06 -57.10
N THR ZA 15 -32.89 -70.71 -55.91
CA THR ZA 15 -33.58 -71.00 -54.67
C THR ZA 15 -33.71 -69.71 -53.87
N PHE ZA 16 -34.93 -69.39 -53.45
CA PHE ZA 16 -35.21 -68.14 -52.77
C PHE ZA 16 -35.33 -68.36 -51.26
N THR ZA 17 -35.24 -67.25 -50.53
CA THR ZA 17 -35.42 -67.27 -49.08
C THR ZA 17 -35.90 -65.88 -48.65
N HIS ZA 18 -37.19 -65.77 -48.40
CA HIS ZA 18 -37.76 -64.47 -48.03
C HIS ZA 18 -37.14 -63.98 -46.73
N CYS ZA 19 -36.72 -62.71 -46.71
CA CYS ZA 19 -36.04 -62.17 -45.55
C CYS ZA 19 -36.99 -61.96 -44.39
N ASP ZA 20 -38.16 -61.36 -44.64
CA ASP ZA 20 -39.06 -60.99 -43.56
C ASP ZA 20 -39.68 -62.21 -42.90
N THR ZA 21 -40.18 -63.16 -43.68
CA THR ZA 21 -40.93 -64.29 -43.15
C THR ZA 21 -40.17 -65.60 -43.18
N GLY ZA 22 -39.06 -65.68 -43.91
CA GLY ZA 22 -38.25 -66.89 -43.91
C GLY ZA 22 -38.77 -68.02 -44.77
N GLU ZA 23 -39.72 -67.76 -45.65
CA GLU ZA 23 -40.24 -68.81 -46.52
C GLU ZA 23 -39.13 -69.28 -47.47
N VAL ZA 24 -39.17 -70.57 -47.79
CA VAL ZA 24 -38.17 -71.20 -48.66
C VAL ZA 24 -38.88 -71.89 -49.80
N ILE ZA 25 -38.35 -71.73 -51.01
CA ILE ZA 25 -38.86 -72.39 -52.20
C ILE ZA 25 -37.72 -73.16 -52.84
N GLY ZA 26 -37.98 -74.41 -53.21
CA GLY ZA 26 -36.96 -75.31 -53.68
C GLY ZA 26 -36.25 -74.82 -54.91
N PRO ZA 27 -35.31 -75.63 -55.41
CA PRO ZA 27 -34.51 -75.22 -56.57
C PRO ZA 27 -35.27 -75.31 -57.89
N ILE ZA 28 -36.04 -74.27 -58.21
CA ILE ZA 28 -36.76 -74.25 -59.48
C ILE ZA 28 -35.78 -74.08 -60.62
N SER ZA 29 -36.18 -74.55 -61.80
CA SER ZA 29 -35.37 -74.44 -63.01
C SER ZA 29 -35.97 -73.38 -63.93
N HIS ZA 30 -35.13 -72.46 -64.40
CA HIS ZA 30 -35.54 -71.36 -65.24
C HIS ZA 30 -34.97 -71.54 -66.65
N GLU ZA 31 -35.31 -70.60 -67.53
CA GLU ZA 31 -34.78 -70.57 -68.89
C GLU ZA 31 -34.40 -69.14 -69.23
N GLN ZA 32 -33.79 -68.97 -70.40
CA GLN ZA 32 -33.28 -67.64 -70.77
C GLN ZA 32 -34.21 -66.96 -71.76
N PRO ZA 33 -34.34 -65.63 -71.68
CA PRO ZA 33 -35.31 -64.94 -72.56
C PRO ZA 33 -34.78 -64.66 -73.96
N ASP ZA 34 -33.47 -64.52 -74.10
CA ASP ZA 34 -32.88 -64.14 -75.38
C ASP ZA 34 -31.50 -64.80 -75.47
N ASP ZA 35 -30.68 -64.35 -76.42
CA ASP ZA 35 -29.40 -64.96 -76.71
C ASP ZA 35 -28.24 -64.29 -75.97
N THR ZA 36 -28.51 -63.71 -74.80
CA THR ZA 36 -27.47 -63.07 -73.99
C THR ZA 36 -27.10 -64.01 -72.85
N LEU ZA 37 -25.84 -64.41 -72.80
CA LEU ZA 37 -25.36 -65.33 -71.78
C LEU ZA 37 -25.04 -64.60 -70.48
N PRO ZA 38 -25.02 -65.30 -69.35
CA PRO ZA 38 -24.65 -64.66 -68.08
C PRO ZA 38 -23.21 -64.17 -68.08
N THR ZA 39 -22.81 -63.49 -67.01
CA THR ZA 39 -21.44 -63.02 -66.85
C THR ZA 39 -21.01 -63.23 -65.42
N TYR ZA 40 -19.70 -63.36 -65.20
CA TYR ZA 40 -19.17 -63.72 -63.90
C TYR ZA 40 -17.95 -62.87 -63.57
N LYS ZA 41 -17.62 -62.84 -62.27
CA LYS ZA 41 -16.36 -62.28 -61.81
C LYS ZA 41 -16.03 -62.98 -60.49
N THR ZA 42 -15.14 -63.97 -60.57
CA THR ZA 42 -14.87 -64.85 -59.44
C THR ZA 42 -13.69 -64.42 -58.59
N CYS ZA 43 -13.05 -63.29 -58.90
CA CYS ZA 43 -11.93 -62.79 -58.13
C CYS ZA 43 -12.44 -61.69 -57.20
N ALA ZA 44 -12.24 -61.89 -55.90
CA ALA ZA 44 -12.80 -60.95 -54.92
C ALA ZA 44 -12.10 -59.61 -54.97
N TRP ZA 45 -10.79 -59.61 -55.19
CA TRP ZA 45 -10.01 -58.38 -55.11
C TRP ZA 45 -10.10 -57.57 -56.40
N THR ZA 46 -9.87 -56.27 -56.27
CA THR ZA 46 -9.89 -55.34 -57.39
C THR ZA 46 -8.64 -54.47 -57.33
N ASN ZA 47 -7.93 -54.37 -58.43
CA ASN ZA 47 -6.69 -53.61 -58.50
C ASN ZA 47 -6.90 -52.26 -59.17
N THR ZA 48 -5.94 -51.37 -58.97
CA THR ZA 48 -5.96 -50.04 -59.56
C THR ZA 48 -4.56 -49.69 -60.01
N ALA ZA 49 -4.48 -48.73 -60.94
CA ALA ZA 49 -3.22 -48.40 -61.61
C ALA ZA 49 -2.52 -47.27 -60.86
N LEU ZA 50 -1.39 -47.58 -60.24
CA LEU ZA 50 -0.48 -46.59 -59.68
C LEU ZA 50 0.66 -46.33 -60.66
N THR ZA 51 1.67 -45.61 -60.22
CA THR ZA 51 2.79 -45.25 -61.09
C THR ZA 51 3.91 -46.28 -60.98
N ASN ZA 52 4.69 -46.39 -62.06
CA ASN ZA 52 5.87 -47.26 -62.11
C ASN ZA 52 5.51 -48.74 -61.98
N GLY ZA 53 4.29 -49.11 -62.39
CA GLY ZA 53 3.88 -50.49 -62.40
C GLY ZA 53 3.30 -51.00 -61.09
N ALA ZA 54 3.09 -50.13 -60.10
CA ALA ZA 54 2.48 -50.54 -58.86
C ALA ZA 54 0.96 -50.58 -59.00
N VAL ZA 55 0.30 -51.15 -57.99
CA VAL ZA 55 -1.16 -51.23 -57.98
C VAL ZA 55 -1.63 -51.26 -56.55
N MET ZA 56 -2.82 -50.71 -56.31
CA MET ZA 56 -3.48 -50.77 -55.02
C MET ZA 56 -4.50 -51.90 -55.03
N ARG ZA 57 -4.50 -52.70 -53.97
CA ARG ZA 57 -5.38 -53.85 -53.86
C ARG ZA 57 -6.43 -53.58 -52.80
N SER ZA 58 -7.70 -53.71 -53.17
CA SER ZA 58 -8.82 -53.39 -52.30
C SER ZA 58 -9.79 -54.58 -52.23
N ALA ZA 59 -10.76 -54.47 -51.32
CA ALA ZA 59 -11.65 -55.59 -51.03
C ALA ZA 59 -12.51 -56.00 -52.21
N SER ZA 60 -13.41 -55.12 -52.65
CA SER ZA 60 -14.33 -55.43 -53.75
C SER ZA 60 -15.13 -56.70 -53.44
N ASN ZA 61 -15.89 -57.18 -54.43
CA ASN ZA 61 -16.74 -58.36 -54.25
C ASN ZA 61 -16.64 -59.26 -55.48
N ALA ZA 62 -17.43 -60.33 -55.47
CA ALA ZA 62 -17.60 -61.21 -56.62
C ALA ZA 62 -19.07 -61.16 -57.01
N THR ZA 63 -19.33 -60.98 -58.31
CA THR ZA 63 -20.67 -60.68 -58.79
C THR ZA 63 -21.07 -61.67 -59.89
N MET ZA 64 -22.34 -61.59 -60.27
CA MET ZA 64 -22.89 -62.40 -61.34
C MET ZA 64 -24.12 -61.68 -61.90
N THR ZA 65 -24.24 -61.69 -63.22
CA THR ZA 65 -25.39 -61.11 -63.92
C THR ZA 65 -26.15 -62.24 -64.60
N LEU ZA 66 -27.39 -62.45 -64.19
CA LEU ZA 66 -28.17 -63.62 -64.59
C LEU ZA 66 -29.52 -63.19 -65.18
N PRO ZA 67 -29.63 -63.07 -66.50
CA PRO ZA 67 -30.94 -62.78 -67.11
C PRO ZA 67 -31.75 -64.06 -67.27
N VAL ZA 68 -32.94 -64.09 -66.67
CA VAL ZA 68 -33.80 -65.27 -66.67
C VAL ZA 68 -35.22 -64.84 -67.02
N VAL ZA 69 -36.07 -65.83 -67.24
CA VAL ZA 69 -37.49 -65.62 -67.51
C VAL ZA 69 -38.25 -65.93 -66.23
N ARG ZA 70 -39.05 -64.97 -65.77
CA ARG ZA 70 -39.77 -65.13 -64.51
C ARG ZA 70 -40.66 -66.37 -64.56
N ASP ZA 71 -40.63 -67.15 -63.48
CA ASP ZA 71 -41.50 -68.31 -63.35
C ASP ZA 71 -42.88 -67.86 -62.87
N PRO ZA 72 -43.96 -68.25 -63.54
CA PRO ZA 72 -45.27 -67.63 -63.24
C PRO ZA 72 -45.86 -68.03 -61.90
N ARG ZA 73 -45.11 -68.78 -61.09
CA ARG ZA 73 -45.57 -69.17 -59.76
C ARG ZA 73 -44.82 -68.44 -58.65
N VAL ZA 74 -43.99 -67.46 -58.98
CA VAL ZA 74 -43.22 -66.73 -57.99
C VAL ZA 74 -43.48 -65.24 -58.14
N PRO ZA 75 -43.75 -64.50 -57.05
CA PRO ZA 75 -43.98 -63.06 -57.20
C PRO ZA 75 -42.77 -62.36 -57.78
N LEU ZA 76 -43.03 -61.28 -58.52
CA LEU ZA 76 -41.93 -60.53 -59.12
C LEU ZA 76 -41.01 -59.95 -58.07
N ALA ZA 77 -41.57 -59.50 -56.94
CA ALA ZA 77 -40.74 -58.88 -55.90
C ALA ZA 77 -39.60 -59.80 -55.48
N TRP ZA 78 -39.85 -61.11 -55.44
CA TRP ZA 78 -38.80 -62.04 -55.03
C TRP ZA 78 -37.64 -62.02 -56.01
N TYR ZA 79 -37.89 -61.77 -57.29
CA TYR ZA 79 -36.83 -61.61 -58.27
C TYR ZA 79 -36.14 -60.26 -58.17
N GLN ZA 80 -36.40 -59.51 -57.10
CA GLN ZA 80 -35.75 -58.24 -56.85
C GLN ZA 80 -35.22 -58.23 -55.42
N GLY ZA 81 -34.83 -57.06 -54.92
CA GLY ZA 81 -34.13 -56.99 -53.65
C GLY ZA 81 -34.90 -57.46 -52.42
N CYS ZA 82 -36.07 -58.06 -52.61
CA CYS ZA 82 -36.93 -58.44 -51.49
C CYS ZA 82 -36.73 -59.89 -51.05
N ALA ZA 83 -35.66 -60.56 -51.48
CA ALA ZA 83 -35.46 -61.95 -51.08
C ALA ZA 83 -34.03 -62.37 -51.37
N GLN ZA 84 -33.50 -63.22 -50.50
CA GLN ZA 84 -32.18 -63.80 -50.71
C GLN ZA 84 -32.25 -64.89 -51.78
N ILE ZA 85 -31.13 -65.12 -52.46
CA ILE ZA 85 -31.10 -65.96 -53.65
C ILE ZA 85 -29.88 -66.88 -53.60
N ASP ZA 86 -30.05 -68.09 -54.13
CA ASP ZA 86 -28.98 -69.08 -54.25
C ASP ZA 86 -29.11 -69.72 -55.63
N ALA ZA 87 -28.16 -69.44 -56.52
CA ALA ZA 87 -28.28 -69.80 -57.92
C ALA ZA 87 -27.14 -70.70 -58.36
N GLN ZA 88 -27.41 -71.49 -59.40
CA GLN ZA 88 -26.42 -72.36 -60.01
C GLN ZA 88 -26.60 -72.34 -61.52
N VAL ZA 89 -25.48 -72.33 -62.26
CA VAL ZA 89 -25.48 -72.30 -63.71
C VAL ZA 89 -24.55 -73.39 -64.22
N GLU ZA 90 -25.01 -74.14 -65.22
CA GLU ZA 90 -24.22 -75.21 -65.82
C GLU ZA 90 -24.15 -74.98 -67.32
N LYS ZA 91 -22.94 -74.88 -67.85
CA LYS ZA 91 -22.74 -74.68 -69.28
C LYS ZA 91 -22.67 -76.03 -70.00
N PHE ZA 92 -22.50 -75.98 -71.32
CA PHE ZA 92 -22.50 -77.21 -72.11
C PHE ZA 92 -21.19 -77.97 -71.96
N ASP ZA 93 -20.06 -77.27 -71.86
CA ASP ZA 93 -18.78 -77.95 -71.75
C ASP ZA 93 -18.64 -78.72 -70.45
N GLY ZA 94 -19.23 -78.23 -69.37
CA GLY ZA 94 -19.17 -78.92 -68.09
C GLY ZA 94 -18.99 -77.97 -66.92
N THR ZA 95 -18.51 -76.76 -67.20
CA THR ZA 95 -18.28 -75.79 -66.14
C THR ZA 95 -19.56 -75.54 -65.36
N VAL ZA 96 -19.45 -75.51 -64.04
CA VAL ZA 96 -20.59 -75.29 -63.15
C VAL ZA 96 -20.22 -74.18 -62.16
N MET ZA 97 -21.07 -73.17 -62.08
CA MET ZA 97 -20.90 -72.07 -61.13
C MET ZA 97 -21.96 -72.16 -60.05
N THR ZA 98 -21.53 -71.99 -58.80
CA THR ZA 98 -22.41 -72.06 -57.65
C THR ZA 98 -22.31 -70.79 -56.84
N LEU ZA 99 -23.46 -70.24 -56.46
CA LEU ZA 99 -23.55 -69.04 -55.66
C LEU ZA 99 -24.50 -69.29 -54.49
N THR ZA 100 -24.11 -68.83 -53.30
CA THR ZA 100 -24.92 -69.04 -52.11
C THR ZA 100 -24.99 -67.74 -51.31
N GLU ZA 101 -26.13 -67.53 -50.67
CA GLU ZA 101 -26.35 -66.35 -49.81
C GLU ZA 101 -26.06 -65.06 -50.57
N GLY ZA 102 -26.56 -64.96 -51.79
CA GLY ZA 102 -26.39 -63.76 -52.60
C GLY ZA 102 -27.40 -62.69 -52.24
N ALA ZA 103 -27.37 -61.62 -53.03
CA ALA ZA 103 -28.30 -60.51 -52.86
C ALA ZA 103 -28.36 -59.72 -54.15
N VAL ZA 104 -29.50 -59.08 -54.39
CA VAL ZA 104 -29.75 -58.33 -55.62
C VAL ZA 104 -29.53 -56.85 -55.36
N THR ZA 105 -28.82 -56.18 -56.26
CA THR ZA 105 -28.46 -54.79 -56.10
C THR ZA 105 -29.02 -53.96 -57.24
N GLU ZA 106 -29.57 -52.79 -56.90
CA GLU ZA 106 -30.06 -51.82 -57.87
C GLU ZA 106 -30.99 -52.48 -58.88
N PRO ZA 107 -32.15 -52.94 -58.47
CA PRO ZA 107 -33.08 -53.57 -59.42
C PRO ZA 107 -33.52 -52.58 -60.50
N GLU ZA 108 -33.72 -53.11 -61.69
CA GLU ZA 108 -34.18 -52.31 -62.84
C GLU ZA 108 -35.60 -52.71 -63.19
N GLU ZA 109 -36.39 -51.72 -63.58
CA GLU ZA 109 -37.81 -51.96 -63.86
C GLU ZA 109 -37.96 -53.03 -64.93
N SER ZA 110 -38.87 -53.96 -64.70
CA SER ZA 110 -39.15 -55.06 -65.62
C SER ZA 110 -40.59 -54.97 -66.11
N ASP ZA 111 -40.85 -55.61 -67.24
CA ASP ZA 111 -42.18 -55.61 -67.85
C ASP ZA 111 -43.02 -56.79 -67.41
N GLY ZA 112 -42.52 -57.62 -66.47
CA GLY ZA 112 -43.28 -58.73 -65.93
C GLY ZA 112 -42.88 -60.09 -66.42
N ARG ZA 113 -42.07 -60.18 -67.48
CA ARG ZA 113 -41.62 -61.46 -68.01
C ARG ZA 113 -40.13 -61.67 -67.84
N ALA ZA 114 -39.30 -60.76 -68.34
CA ALA ZA 114 -37.86 -60.91 -68.31
C ALA ZA 114 -37.26 -60.02 -67.23
N VAL ZA 115 -36.39 -60.60 -66.42
CA VAL ZA 115 -35.74 -59.88 -65.33
C VAL ZA 115 -34.24 -60.12 -65.43
N THR ZA 116 -33.47 -59.03 -65.38
CA THR ZA 116 -32.01 -59.09 -65.34
C THR ZA 116 -31.57 -58.86 -63.90
N MET ZA 117 -30.85 -59.82 -63.34
CA MET ZA 117 -30.51 -59.83 -61.92
C MET ZA 117 -29.02 -59.60 -61.75
N THR ZA 118 -28.67 -58.69 -60.85
CA THR ZA 118 -27.28 -58.40 -60.49
C THR ZA 118 -27.06 -58.93 -59.09
N ILE ZA 119 -26.40 -60.08 -58.99
CA ILE ZA 119 -26.20 -60.78 -57.72
C ILE ZA 119 -24.74 -60.65 -57.33
N ILE ZA 120 -24.49 -60.33 -56.07
CA ILE ZA 120 -23.15 -60.23 -55.52
C ILE ZA 120 -23.06 -61.12 -54.28
N ALA ZA 121 -21.97 -61.87 -54.16
CA ALA ZA 121 -21.76 -62.76 -53.03
C ALA ZA 121 -20.29 -62.74 -52.65
N ALA ZA 122 -19.99 -63.21 -51.44
CA ALA ZA 122 -18.62 -63.21 -50.95
C ALA ZA 122 -17.72 -64.06 -51.83
N GLU ZA 123 -18.24 -65.14 -52.40
CA GLU ZA 123 -17.42 -66.04 -53.20
C GLU ZA 123 -18.31 -66.78 -54.18
N ILE ZA 124 -17.75 -67.10 -55.35
CA ILE ZA 124 -18.40 -67.94 -56.34
C ILE ZA 124 -17.49 -69.14 -56.59
N ASP ZA 125 -18.07 -70.34 -56.55
CA ASP ZA 125 -17.32 -71.57 -56.71
C ASP ZA 125 -17.47 -72.09 -58.12
N GLU ZA 126 -16.35 -72.43 -58.76
CA GLU ZA 126 -16.32 -72.90 -60.12
C GLU ZA 126 -15.81 -74.34 -60.17
N LEU ZA 127 -16.45 -75.16 -60.99
CA LEU ZA 127 -16.11 -76.57 -61.13
C LEU ZA 127 -15.73 -76.82 -62.59
N LEU ZA 128 -14.43 -76.96 -62.84
CA LEU ZA 128 -13.94 -77.19 -64.20
C LEU ZA 128 -14.14 -78.64 -64.61
N PRO ZA 129 -14.11 -78.90 -65.92
CA PRO ZA 129 -14.22 -80.29 -66.38
C PRO ZA 129 -13.06 -81.12 -65.87
N PRO ZA 130 -13.09 -82.44 -66.07
CA PRO ZA 130 -11.98 -83.27 -65.62
C PRO ZA 130 -10.66 -82.86 -66.26
N GLY ZA 131 -9.59 -82.94 -65.48
CA GLY ZA 131 -8.26 -82.64 -65.98
C GLY ZA 131 -7.74 -81.25 -65.66
N SER ZA 132 -8.21 -80.63 -64.59
CA SER ZA 132 -7.74 -79.30 -64.24
C SER ZA 132 -6.28 -79.34 -63.80
N LEU ZA 133 -5.57 -78.24 -64.04
CA LEU ZA 133 -4.17 -78.12 -63.68
C LEU ZA 133 -3.96 -77.38 -62.36
N ALA ZA 134 -4.89 -76.52 -61.96
CA ALA ZA 134 -4.76 -75.71 -60.76
C ALA ZA 134 -5.62 -76.31 -59.65
N ALA ZA 135 -5.04 -76.43 -58.46
CA ALA ZA 135 -5.76 -76.97 -57.31
C ALA ZA 135 -7.01 -76.14 -57.01
N ALA AB 5 -65.43 -24.78 4.71
CA ALA AB 5 -66.48 -23.78 4.78
C ALA AB 5 -66.18 -22.76 5.87
N LEU AB 6 -66.62 -21.52 5.66
CA LEU AB 6 -66.43 -20.42 6.60
C LEU AB 6 -64.96 -20.05 6.79
N SER AB 7 -64.11 -20.46 5.85
CA SER AB 7 -62.69 -20.16 5.91
C SER AB 7 -62.20 -19.74 4.54
N ASP AB 8 -61.13 -18.96 4.52
CA ASP AB 8 -60.56 -18.44 3.29
C ASP AB 8 -59.32 -19.24 2.89
N GLY AB 9 -59.00 -19.18 1.61
CA GLY AB 9 -57.82 -19.82 1.07
C GLY AB 9 -58.13 -20.65 -0.15
N PHE AB 10 -57.05 -21.16 -0.75
CA PHE AB 10 -57.13 -22.00 -1.95
C PHE AB 10 -57.15 -23.48 -1.59
N VAL AB 11 -56.19 -23.93 -0.80
CA VAL AB 11 -56.07 -25.34 -0.46
C VAL AB 11 -57.10 -25.69 0.60
N ARG AB 12 -57.66 -26.89 0.50
CA ARG AB 12 -58.59 -27.43 1.50
C ARG AB 12 -58.04 -28.78 1.92
N LEU AB 13 -57.35 -28.81 3.07
CA LEU AB 13 -56.77 -30.04 3.57
C LEU AB 13 -57.86 -31.00 4.02
N CYS AB 14 -57.59 -32.30 3.82
CA CYS AB 14 -58.51 -33.37 4.22
C CYS AB 14 -57.66 -34.43 4.94
N ILE AB 15 -57.52 -34.28 6.26
CA ILE AB 15 -56.65 -35.15 7.02
C ILE AB 15 -57.24 -36.55 7.10
N ASP AB 16 -56.38 -37.55 7.07
CA ASP AB 16 -56.79 -38.94 7.19
C ASP AB 16 -57.36 -39.18 8.59
N PRO AB 17 -58.60 -39.68 8.72
CA PRO AB 17 -59.23 -39.72 10.04
C PRO AB 17 -58.68 -40.81 10.95
N SER AB 18 -57.61 -40.50 11.67
CA SER AB 18 -57.02 -41.28 12.75
C SER AB 18 -56.11 -42.39 12.26
N LEU AB 19 -55.94 -42.57 10.95
CA LEU AB 19 -54.97 -43.54 10.46
C LEU AB 19 -53.57 -42.96 10.65
N ASN AB 20 -53.12 -42.87 11.90
CA ASN AB 20 -51.86 -42.23 12.20
C ASN AB 20 -50.65 -43.02 11.69
N PHE AB 21 -50.86 -44.26 11.26
CA PHE AB 21 -49.77 -45.07 10.74
C PHE AB 21 -50.28 -45.92 9.59
N PHE AB 22 -49.40 -46.18 8.62
CA PHE AB 22 -49.76 -47.03 7.49
C PHE AB 22 -49.64 -48.51 7.87
N GLY AB 23 -48.41 -48.95 8.19
CA GLY AB 23 -48.19 -50.32 8.62
C GLY AB 23 -48.73 -51.34 7.63
N GLU AB 24 -48.73 -50.99 6.34
CA GLU AB 24 -49.25 -51.86 5.30
C GLU AB 24 -48.10 -52.50 4.54
N GLY AB 25 -48.31 -53.75 4.12
CA GLY AB 25 -47.28 -54.54 3.47
C GLY AB 25 -46.45 -55.33 4.46
N CYS AB 26 -46.26 -54.80 5.65
CA CYS AB 26 -45.51 -55.46 6.72
C CYS AB 26 -46.51 -56.01 7.73
N LYS AB 27 -46.60 -57.33 7.82
CA LYS AB 27 -47.52 -57.99 8.73
C LYS AB 27 -46.81 -59.10 9.48
N ILE AB 28 -47.22 -59.31 10.73
CA ILE AB 28 -46.64 -60.34 11.59
C ILE AB 28 -47.77 -61.07 12.29
N LEU AB 29 -47.67 -62.39 12.36
CA LEU AB 29 -48.69 -63.25 12.96
C LEU AB 29 -48.09 -63.98 14.15
N VAL AB 30 -48.75 -63.90 15.29
CA VAL AB 30 -48.29 -64.53 16.53
C VAL AB 30 -49.33 -65.58 16.93
N GLU AB 31 -48.86 -66.81 17.16
CA GLU AB 31 -49.73 -67.93 17.49
C GLU AB 31 -49.29 -68.52 18.82
N GLY AB 32 -50.23 -68.77 19.71
CA GLY AB 32 -49.90 -69.31 21.01
C GLY AB 32 -51.14 -69.67 21.79
N GLN AB 33 -50.92 -70.16 23.01
CA GLN AB 33 -52.00 -70.59 23.87
C GLN AB 33 -52.70 -69.38 24.50
N ILE AB 34 -53.84 -69.65 25.14
CA ILE AB 34 -54.53 -68.64 25.93
C ILE AB 34 -55.15 -69.32 27.16
N THR AB 35 -55.79 -68.53 28.01
CA THR AB 35 -56.42 -69.03 29.23
C THR AB 35 -57.93 -68.94 29.09
N ASP AB 36 -58.64 -69.41 30.13
CA ASP AB 36 -60.10 -69.47 30.08
C ASP AB 36 -60.71 -68.08 30.00
N ASP AB 37 -60.19 -67.13 30.78
CA ASP AB 37 -60.81 -65.83 30.89
C ASP AB 37 -60.73 -65.00 29.62
N ALA AB 38 -59.93 -65.41 28.64
CA ALA AB 38 -59.78 -64.63 27.42
C ALA AB 38 -61.12 -64.51 26.71
N THR AB 39 -61.45 -63.29 26.27
CA THR AB 39 -62.67 -63.02 25.54
C THR AB 39 -62.53 -63.21 24.03
N ALA AB 40 -61.31 -63.41 23.53
CA ALA AB 40 -61.11 -63.56 22.11
C ALA AB 40 -61.57 -64.94 21.64
N ALA AB 41 -62.19 -64.98 20.46
CA ALA AB 41 -62.63 -66.25 19.90
C ALA AB 41 -61.43 -67.07 19.42
N GLU AB 42 -61.52 -68.38 19.60
CA GLU AB 42 -60.42 -69.26 19.24
C GLU AB 42 -60.37 -69.48 17.73
N ASN AB 43 -59.16 -69.72 17.23
CA ASN AB 43 -58.95 -70.08 15.83
C ASN AB 43 -59.55 -69.05 14.89
N VAL AB 44 -59.34 -67.77 15.19
CA VAL AB 44 -59.81 -66.68 14.33
C VAL AB 44 -58.79 -65.55 14.36
N VAL AB 45 -58.17 -65.27 13.22
CA VAL AB 45 -57.19 -64.21 13.16
C VAL AB 45 -57.84 -62.88 13.52
N THR AB 46 -57.17 -62.10 14.37
CA THR AB 46 -57.68 -60.82 14.81
C THR AB 46 -56.54 -59.81 14.85
N CYS AB 47 -56.89 -58.54 14.69
CA CYS AB 47 -55.92 -57.46 14.71
C CYS AB 47 -55.70 -56.97 16.14
N VAL AB 48 -54.44 -56.74 16.49
CA VAL AB 48 -54.05 -56.26 17.81
C VAL AB 48 -53.63 -54.80 17.67
N ASN AB 49 -54.10 -53.96 18.59
CA ASN AB 49 -53.90 -52.52 18.51
C ASN AB 49 -52.73 -52.05 19.37
N SER AB 50 -52.78 -52.32 20.67
CA SER AB 50 -51.75 -51.84 21.59
C SER AB 50 -51.80 -52.70 22.85
N GLU AB 51 -51.02 -52.29 23.86
CA GLU AB 51 -50.94 -53.06 25.10
C GLU AB 51 -52.22 -52.97 25.92
N LEU AB 52 -53.03 -51.91 25.72
CA LEU AB 52 -54.23 -51.74 26.53
C LEU AB 52 -55.19 -52.91 26.33
N ASP AB 53 -55.37 -53.34 25.08
CA ASP AB 53 -56.33 -54.40 24.79
C ASP AB 53 -55.95 -55.71 25.46
N LEU AB 54 -54.67 -55.92 25.74
CA LEU AB 54 -54.19 -57.20 26.24
C LEU AB 54 -54.79 -57.52 27.60
N VAL AB 55 -54.50 -58.71 28.11
CA VAL AB 55 -55.07 -59.20 29.38
C VAL AB 55 -56.54 -59.51 29.16
N GLU AB 56 -57.35 -58.48 28.91
CA GLU AB 56 -58.77 -58.68 28.68
C GLU AB 56 -59.02 -59.55 27.46
N ARG AB 57 -58.33 -59.25 26.36
CA ARG AB 57 -58.60 -59.95 25.10
C ARG AB 57 -57.99 -61.35 25.06
N PHE AB 58 -56.90 -61.57 25.80
CA PHE AB 58 -56.18 -62.84 25.72
C PHE AB 58 -55.82 -63.40 27.08
N GLY AB 59 -56.55 -63.02 28.13
CA GLY AB 59 -56.36 -63.59 29.44
C GLY AB 59 -55.15 -63.01 30.16
N GLN AB 60 -55.08 -63.30 31.46
CA GLN AB 60 -54.01 -62.78 32.31
C GLN AB 60 -52.85 -63.78 32.36
N GLY AB 61 -51.65 -63.28 32.08
CA GLY AB 61 -50.46 -64.12 32.17
C GLY AB 61 -50.48 -65.29 31.22
N SER AB 62 -51.06 -65.14 30.04
CA SER AB 62 -51.09 -66.21 29.06
C SER AB 62 -49.86 -66.14 28.16
N VAL AB 63 -49.58 -67.25 27.50
CA VAL AB 63 -48.42 -67.32 26.61
C VAL AB 63 -48.56 -66.29 25.49
N LEU AB 64 -49.76 -66.15 24.93
CA LEU AB 64 -49.97 -65.21 23.85
C LEU AB 64 -49.72 -63.78 24.31
N THR AB 65 -50.22 -63.42 25.49
CA THR AB 65 -49.99 -62.08 25.99
C THR AB 65 -48.50 -61.84 26.25
N GLU AB 66 -47.82 -62.81 26.85
CA GLU AB 66 -46.40 -62.64 27.12
C GLU AB 66 -45.62 -62.45 25.83
N SER AB 67 -45.93 -63.26 24.81
CA SER AB 67 -45.24 -63.11 23.52
C SER AB 67 -45.54 -61.76 22.90
N LEU AB 68 -46.81 -61.33 22.94
CA LEU AB 68 -47.18 -60.08 22.29
C LEU AB 68 -46.51 -58.89 22.94
N ARG AB 69 -46.40 -58.90 24.28
CA ARG AB 69 -45.79 -57.76 24.98
C ARG AB 69 -44.38 -57.50 24.45
N LYS AB 70 -43.59 -58.56 24.27
CA LYS AB 70 -42.25 -58.39 23.74
C LYS AB 70 -42.28 -57.88 22.30
N VAL AB 71 -43.23 -58.37 21.51
CA VAL AB 71 -43.31 -57.95 20.11
C VAL AB 71 -43.54 -56.46 20.01
N PHE AB 72 -44.48 -55.94 20.82
CA PHE AB 72 -44.75 -54.51 20.79
C PHE AB 72 -43.59 -53.69 21.32
N CYS AB 73 -42.82 -54.24 22.26
CA CYS AB 73 -41.69 -53.50 22.81
C CYS AB 73 -40.58 -53.35 21.79
N MET AB 74 -40.41 -54.34 20.90
CA MET AB 74 -39.44 -54.23 19.82
C MET AB 74 -40.01 -53.44 18.64
N CYS AB 75 -41.23 -53.77 18.22
CA CYS AB 75 -41.85 -53.17 17.04
C CYS AB 75 -42.79 -52.07 17.52
N LYS AB 76 -42.30 -50.84 17.56
CA LYS AB 76 -43.10 -49.76 18.12
C LYS AB 76 -44.07 -49.17 17.11
N SER AB 77 -43.60 -48.84 15.90
CA SER AB 77 -44.45 -48.17 14.92
C SER AB 77 -44.38 -48.73 13.51
N GLY AB 78 -43.34 -49.47 13.14
CA GLY AB 78 -43.12 -49.78 11.73
C GLY AB 78 -43.93 -50.93 11.16
N VAL AB 79 -44.61 -51.71 11.99
CA VAL AB 79 -45.27 -52.92 11.53
C VAL AB 79 -46.67 -53.01 12.11
N SER AB 80 -47.50 -53.84 11.47
CA SER AB 80 -48.85 -54.14 11.93
C SER AB 80 -48.87 -55.57 12.47
N VAL AB 81 -49.55 -55.76 13.60
CA VAL AB 81 -49.50 -57.02 14.33
C VAL AB 81 -50.81 -57.77 14.15
N TYR AB 82 -50.75 -59.10 14.26
CA TYR AB 82 -51.91 -59.97 14.22
C TYR AB 82 -51.71 -61.12 15.19
N ALA AB 83 -52.81 -61.67 15.69
CA ALA AB 83 -52.78 -62.75 16.65
C ALA AB 83 -53.76 -63.85 16.25
N LEU AB 84 -53.39 -65.09 16.57
CA LEU AB 84 -54.21 -66.27 16.26
C LEU AB 84 -54.29 -67.12 17.52
N PRO AB 85 -55.20 -66.79 18.45
CA PRO AB 85 -55.25 -67.54 19.71
C PRO AB 85 -55.63 -68.99 19.50
N ARG AB 86 -55.13 -69.84 20.39
CA ARG AB 86 -55.44 -71.27 20.39
C ARG AB 86 -55.77 -71.72 21.80
N ALA AB 87 -56.59 -72.76 21.90
CA ALA AB 87 -57.06 -73.27 23.17
C ALA AB 87 -56.25 -74.48 23.62
N ASP AB 88 -56.34 -74.78 24.91
CA ASP AB 88 -55.61 -75.90 25.47
C ASP AB 88 -56.16 -77.23 24.97
N ALA AB 89 -55.31 -78.26 25.04
CA ALA AB 89 -55.73 -79.60 24.64
C ALA AB 89 -56.82 -80.11 25.57
N ALA AB 90 -57.43 -81.22 25.16
CA ALA AB 90 -58.56 -81.76 25.92
C ALA AB 90 -58.13 -82.22 27.30
N ALA AB 91 -57.00 -82.91 27.41
CA ALA AB 91 -56.55 -83.52 28.65
C ALA AB 91 -55.16 -83.00 29.05
N ALA AB 92 -54.97 -81.68 28.93
CA ALA AB 92 -53.69 -81.09 29.30
C ALA AB 92 -53.48 -81.14 30.82
N VAL AB 93 -52.22 -81.28 31.22
CA VAL AB 93 -51.84 -81.29 32.63
C VAL AB 93 -50.85 -80.15 32.85
N SER AB 94 -51.10 -79.36 33.89
CA SER AB 94 -50.27 -78.21 34.20
C SER AB 94 -49.10 -78.62 35.09
N ALA AB 95 -47.92 -78.10 34.78
CA ALA AB 95 -46.73 -78.42 35.56
C ALA AB 95 -46.77 -77.73 36.92
N VAL AB 96 -46.05 -78.31 37.88
CA VAL AB 96 -46.02 -77.83 39.26
C VAL AB 96 -44.57 -77.73 39.71
N TYR AB 97 -44.23 -76.62 40.37
CA TYR AB 97 -42.90 -76.39 40.90
C TYR AB 97 -43.01 -76.02 42.37
N THR AB 98 -41.96 -76.32 43.12
CA THR AB 98 -41.94 -76.09 44.56
C THR AB 98 -40.70 -75.28 44.94
N LEU AB 99 -40.90 -74.31 45.84
CA LEU AB 99 -39.84 -73.46 46.35
C LEU AB 99 -40.03 -73.33 47.85
N THR AB 100 -39.25 -74.07 48.63
CA THR AB 100 -39.43 -74.16 50.08
C THR AB 100 -38.45 -73.23 50.80
N VAL AB 101 -38.96 -72.53 51.81
CA VAL AB 101 -38.14 -71.70 52.69
C VAL AB 101 -37.96 -72.45 54.00
N THR AB 102 -36.72 -72.52 54.48
CA THR AB 102 -36.36 -73.38 55.60
C THR AB 102 -35.97 -72.59 56.85
N GLY AB 103 -35.01 -71.69 56.74
CA GLY AB 103 -34.40 -71.09 57.90
C GLY AB 103 -35.31 -70.06 58.57
N THR AB 104 -34.83 -69.57 59.71
CA THR AB 104 -35.50 -68.52 60.48
C THR AB 104 -34.63 -67.27 60.42
N ALA AB 105 -35.21 -66.18 59.92
CA ALA AB 105 -34.47 -64.94 59.74
C ALA AB 105 -34.08 -64.38 61.10
N LEU AB 106 -32.79 -64.40 61.40
CA LEU AB 106 -32.26 -63.87 62.65
C LEU AB 106 -31.52 -62.54 62.46
N THR AB 107 -31.79 -61.84 61.36
CA THR AB 107 -31.18 -60.55 61.10
C THR AB 107 -31.94 -59.82 59.99
N ASP AB 108 -32.26 -58.55 60.21
CA ASP AB 108 -33.01 -57.80 59.21
C ASP AB 108 -32.25 -57.76 57.89
N GLY AB 109 -33.00 -57.89 56.80
CA GLY AB 109 -32.38 -57.96 55.50
C GLY AB 109 -33.40 -57.83 54.39
N ARG AB 110 -32.96 -58.13 53.18
CA ARG AB 110 -33.80 -58.07 52.00
C ARG AB 110 -33.62 -59.33 51.16
N VAL AB 111 -34.70 -59.74 50.50
CA VAL AB 111 -34.71 -60.93 49.65
C VAL AB 111 -35.16 -60.52 48.26
N GLN AB 112 -34.45 -60.99 47.24
CA GLN AB 112 -34.75 -60.66 45.86
C GLN AB 112 -34.56 -61.88 44.98
N LEU AB 113 -35.47 -62.07 44.04
CA LEU AB 113 -35.49 -63.25 43.18
C LEU AB 113 -35.49 -62.82 41.71
N TYR AB 114 -35.15 -63.78 40.85
CA TYR AB 114 -35.19 -63.57 39.40
C TYR AB 114 -35.64 -64.87 38.75
N MET AB 115 -36.82 -64.84 38.12
CA MET AB 115 -37.40 -66.01 37.48
C MET AB 115 -37.90 -65.64 36.10
N GLY AB 116 -37.54 -66.45 35.10
CA GLY AB 116 -38.11 -66.33 33.78
C GLY AB 116 -37.64 -65.12 32.99
N GLU AB 117 -37.87 -63.93 33.50
CA GLU AB 117 -37.54 -62.71 32.76
C GLU AB 117 -37.38 -61.57 33.74
N ALA AB 118 -36.57 -60.58 33.34
CA ALA AB 118 -36.27 -59.46 34.24
C ALA AB 118 -37.52 -58.69 34.63
N GLU AB 119 -38.51 -58.62 33.74
CA GLU AB 119 -39.73 -57.88 34.05
C GLU AB 119 -40.45 -58.46 35.26
N TYR AB 120 -40.19 -59.72 35.60
CA TYR AB 120 -40.91 -60.40 36.66
C TYR AB 120 -40.14 -60.44 37.98
N SER AB 121 -39.01 -59.75 38.06
CA SER AB 121 -38.22 -59.76 39.29
C SER AB 121 -39.01 -59.18 40.45
N LEU AB 122 -38.50 -59.39 41.65
CA LEU AB 122 -39.14 -58.91 42.87
C LEU AB 122 -38.08 -58.57 43.90
N ASP AB 123 -38.47 -57.75 44.88
CA ASP AB 123 -37.56 -57.37 45.96
C ASP AB 123 -38.42 -56.95 47.14
N ILE AB 124 -38.39 -57.73 48.21
CA ILE AB 124 -39.12 -57.44 49.43
C ILE AB 124 -38.16 -57.52 50.61
N GLY AB 125 -38.33 -56.61 51.57
CA GLY AB 125 -37.47 -56.58 52.73
C GLY AB 125 -38.04 -57.42 53.86
N VAL AB 126 -37.19 -58.29 54.43
CA VAL AB 126 -37.59 -59.08 55.58
C VAL AB 126 -37.92 -58.12 56.72
N ASP AB 127 -39.05 -58.38 57.40
CA ASP AB 127 -39.56 -57.43 58.38
C ASP AB 127 -38.51 -57.13 59.44
N GLU AB 128 -38.13 -58.14 60.23
CA GLU AB 128 -37.15 -57.98 61.29
C GLU AB 128 -36.50 -59.34 61.52
N GLY AB 129 -35.67 -59.43 62.56
CA GLY AB 129 -35.11 -60.70 62.94
C GLY AB 129 -36.15 -61.60 63.59
N ASP AB 130 -35.82 -62.88 63.66
CA ASP AB 130 -36.66 -63.89 64.29
C ASP AB 130 -38.02 -64.03 63.61
N THR AB 131 -38.10 -63.72 62.32
CA THR AB 131 -39.32 -63.95 61.56
C THR AB 131 -39.25 -65.34 60.93
N PRO AB 132 -40.18 -66.25 61.22
CA PRO AB 132 -40.06 -67.63 60.76
C PRO AB 132 -40.44 -67.75 59.28
N THR AB 133 -40.37 -68.99 58.78
CA THR AB 133 -40.70 -69.23 57.39
C THR AB 133 -42.14 -68.88 57.08
N GLN AB 134 -43.04 -69.04 58.06
CA GLN AB 134 -44.45 -68.75 57.82
C GLN AB 134 -44.65 -67.27 57.48
N ILE AB 135 -44.04 -66.38 58.26
CA ILE AB 135 -44.11 -64.96 57.92
C ILE AB 135 -43.34 -64.68 56.64
N ALA AB 136 -42.22 -65.39 56.44
CA ALA AB 136 -41.59 -65.43 55.13
C ALA AB 136 -42.56 -66.14 54.18
N ALA AB 137 -42.19 -66.29 52.92
CA ALA AB 137 -43.12 -66.71 51.86
C ALA AB 137 -44.14 -65.64 51.56
N LYS AB 138 -43.91 -64.41 52.06
CA LYS AB 138 -44.66 -63.24 51.62
C LYS AB 138 -44.33 -62.88 50.18
N ILE AB 139 -43.29 -63.49 49.61
CA ILE AB 139 -42.93 -63.36 48.22
C ILE AB 139 -44.17 -63.49 47.34
N VAL AB 140 -45.09 -64.37 47.77
CA VAL AB 140 -46.29 -64.61 46.97
C VAL AB 140 -47.08 -63.33 46.80
N ALA AB 141 -47.15 -62.51 47.84
CA ALA AB 141 -47.84 -61.22 47.74
C ALA AB 141 -47.11 -60.24 46.85
N ALA AB 142 -45.86 -60.53 46.46
CA ALA AB 142 -45.06 -59.62 45.65
C ALA AB 142 -44.93 -60.05 44.20
N ILE AB 143 -45.15 -61.34 43.89
CA ILE AB 143 -45.00 -61.81 42.53
C ILE AB 143 -45.97 -61.07 41.63
N SER AB 144 -45.47 -60.59 40.49
CA SER AB 144 -46.30 -59.81 39.59
C SER AB 144 -47.40 -60.69 38.99
N PRO AB 145 -48.60 -60.15 38.74
CA PRO AB 145 -49.67 -60.99 38.18
C PRO AB 145 -49.33 -61.57 36.82
N ASP AB 146 -48.54 -60.86 36.01
CA ASP AB 146 -48.26 -61.31 34.65
C ASP AB 146 -47.45 -62.59 34.60
N PHE AB 147 -46.87 -63.02 35.70
CA PHE AB 147 -46.06 -64.23 35.70
C PHE AB 147 -46.93 -65.42 35.31
N PRO AB 148 -46.56 -66.21 34.29
CA PRO AB 148 -47.44 -67.30 33.84
C PRO AB 148 -47.72 -68.36 34.89
N TYR AB 149 -47.07 -68.29 36.05
CA TYR AB 149 -47.22 -69.28 37.09
C TYR AB 149 -47.98 -68.69 38.28
N GLU AB 150 -48.81 -69.53 38.91
CA GLU AB 150 -49.64 -69.09 40.03
C GLU AB 150 -49.04 -69.54 41.35
N ALA AB 151 -48.98 -68.61 42.30
CA ALA AB 151 -48.43 -68.88 43.63
C ALA AB 151 -49.56 -69.16 44.61
N THR AB 152 -49.25 -69.97 45.63
CA THR AB 152 -50.25 -70.40 46.60
C THR AB 152 -49.85 -70.12 48.05
N ALA AB 153 -48.56 -70.24 48.37
CA ALA AB 153 -48.07 -70.02 49.74
C ALA AB 153 -48.74 -70.99 50.71
N ALA AB 154 -48.43 -72.27 50.51
CA ALA AB 154 -49.04 -73.34 51.29
C ALA AB 154 -48.37 -73.49 52.66
N ALA AB 155 -48.35 -72.39 53.40
CA ALA AB 155 -47.92 -72.38 54.80
C ALA AB 155 -46.51 -72.94 54.95
N GLY AB 156 -45.56 -72.21 54.36
CA GLY AB 156 -44.15 -72.52 54.46
C GLY AB 156 -43.50 -72.91 53.14
N VAL AB 157 -44.28 -73.36 52.16
CA VAL AB 157 -43.77 -73.69 50.84
C VAL AB 157 -44.71 -73.08 49.81
N ILE AB 158 -44.14 -72.43 48.80
CA ILE AB 158 -44.91 -71.80 47.73
C ILE AB 158 -44.92 -72.73 46.53
N THR AB 159 -46.10 -72.93 45.97
CA THR AB 159 -46.30 -73.81 44.82
C THR AB 159 -46.56 -72.97 43.58
N LEU AB 160 -45.83 -73.26 42.50
CA LEU AB 160 -45.99 -72.58 41.22
C LEU AB 160 -46.61 -73.55 40.22
N THR AB 161 -47.78 -73.20 39.72
CA THR AB 161 -48.50 -74.02 38.74
C THR AB 161 -48.65 -73.24 37.45
N ALA AB 162 -48.31 -73.86 36.33
CA ALA AB 162 -48.41 -73.20 35.04
C ALA AB 162 -49.87 -72.86 34.74
N ARG AB 163 -50.08 -71.67 34.19
CA ARG AB 163 -51.42 -71.23 33.82
C ARG AB 163 -51.88 -71.83 32.50
N ASN AB 164 -50.97 -72.45 31.74
CA ASN AB 164 -51.30 -73.09 30.48
C ASN AB 164 -50.84 -74.55 30.53
N GLY AB 165 -51.70 -75.45 30.09
CA GLY AB 165 -51.38 -76.86 30.08
C GLY AB 165 -50.41 -77.22 28.97
N GLY AB 166 -49.95 -78.46 29.01
CA GLY AB 166 -49.06 -78.97 28.00
C GLY AB 166 -47.59 -78.80 28.36
N THR AB 167 -46.74 -79.18 27.40
CA THR AB 167 -45.30 -79.18 27.62
C THR AB 167 -44.71 -77.79 27.73
N ILE AB 168 -45.48 -76.74 27.44
CA ILE AB 168 -44.96 -75.38 27.46
C ILE AB 168 -44.58 -74.92 28.86
N GLY AB 169 -44.81 -75.73 29.89
CA GLY AB 169 -44.51 -75.35 31.25
C GLY AB 169 -43.41 -76.18 31.89
N ASN AB 170 -42.35 -76.47 31.15
CA ASN AB 170 -41.24 -77.29 31.63
C ASN AB 170 -39.91 -76.59 31.39
N HIS AB 171 -39.84 -75.30 31.74
CA HIS AB 171 -38.63 -74.51 31.48
C HIS AB 171 -38.45 -73.50 32.62
N LEU AB 172 -37.56 -73.81 33.57
CA LEU AB 172 -37.21 -72.87 34.61
C LEU AB 172 -35.83 -73.21 35.18
N SER AB 173 -35.12 -72.15 35.58
CA SER AB 173 -33.90 -72.30 36.37
C SER AB 173 -33.72 -70.99 37.14
N VAL AB 174 -34.08 -71.00 38.42
CA VAL AB 174 -34.13 -69.78 39.22
C VAL AB 174 -32.73 -69.37 39.61
N ILE AB 175 -32.44 -68.07 39.52
CA ILE AB 175 -31.19 -67.48 39.98
C ILE AB 175 -31.51 -66.60 41.17
N TYR AB 176 -30.88 -66.90 42.31
CA TYR AB 176 -31.15 -66.23 43.58
C TYR AB 176 -29.81 -65.80 44.17
N THR AB 177 -29.34 -64.62 43.77
CA THR AB 177 -27.98 -64.15 44.07
C THR AB 177 -27.83 -63.62 45.48
N ASN AB 178 -28.78 -63.82 46.40
CA ASN AB 178 -28.63 -63.26 47.73
C ASN AB 178 -27.60 -64.02 48.55
N LEU AB 179 -27.77 -65.34 48.69
CA LEU AB 179 -26.92 -66.12 49.58
C LEU AB 179 -25.45 -65.83 49.37
N GLY AB 180 -24.66 -66.01 50.42
CA GLY AB 180 -23.29 -65.55 50.41
C GLY AB 180 -23.20 -64.11 50.90
N SER AB 181 -21.98 -63.58 50.83
CA SER AB 181 -21.74 -62.21 51.28
C SER AB 181 -22.55 -61.23 50.44
N CYS AB 182 -23.33 -60.38 51.11
CA CYS AB 182 -24.09 -59.33 50.44
C CYS AB 182 -24.29 -58.09 51.30
N THR AB 183 -24.05 -56.91 50.72
CA THR AB 183 -24.21 -55.67 51.48
C THR AB 183 -25.64 -55.52 51.96
N SER AB 184 -26.61 -55.81 51.09
CA SER AB 184 -28.00 -55.91 51.52
C SER AB 184 -28.11 -57.19 52.34
N VAL AB 185 -27.97 -57.06 53.65
CA VAL AB 185 -27.71 -58.21 54.52
C VAL AB 185 -28.71 -59.31 54.21
N THR AB 186 -28.20 -60.47 53.80
CA THR AB 186 -29.06 -61.62 53.59
C THR AB 186 -29.60 -62.06 54.95
N PRO AB 187 -30.91 -62.27 55.11
CA PRO AB 187 -31.40 -62.77 56.40
C PRO AB 187 -30.65 -64.04 56.78
N GLU AB 188 -29.84 -63.96 57.83
CA GLU AB 188 -28.94 -65.05 58.14
C GLU AB 188 -29.72 -66.29 58.53
N GLY AB 189 -29.36 -67.42 57.92
CA GLY AB 189 -29.95 -68.70 58.22
C GLY AB 189 -31.00 -69.15 57.22
N VAL AB 190 -31.55 -68.25 56.41
CA VAL AB 190 -32.60 -68.60 55.46
C VAL AB 190 -31.96 -69.17 54.21
N THR AB 191 -32.49 -70.30 53.75
CA THR AB 191 -32.03 -70.96 52.53
C THR AB 191 -33.24 -71.44 51.75
N VAL AB 192 -33.15 -71.35 50.42
CA VAL AB 192 -34.25 -71.70 49.54
C VAL AB 192 -33.89 -72.93 48.73
N ALA AB 193 -34.85 -73.84 48.58
CA ALA AB 193 -34.68 -75.07 47.81
C ALA AB 193 -35.70 -75.11 46.69
N PHE AB 194 -35.24 -75.48 45.49
CA PHE AB 194 -36.05 -75.45 44.28
C PHE AB 194 -36.08 -76.84 43.66
N ALA AB 195 -37.29 -77.30 43.32
CA ALA AB 195 -37.45 -78.62 42.73
C ALA AB 195 -38.77 -78.67 41.97
N GLN AB 196 -38.87 -79.66 41.07
CA GLN AB 196 -40.06 -79.89 40.27
C GLN AB 196 -40.80 -81.13 40.78
N THR AB 197 -42.11 -81.16 40.55
CA THR AB 197 -42.93 -82.26 41.06
C THR AB 197 -43.78 -82.90 39.97
N THR AB 198 -44.21 -82.14 38.98
CA THR AB 198 -45.10 -82.67 37.95
C THR AB 198 -44.85 -81.97 36.62
N PRO AB 199 -44.65 -82.72 35.52
CA PRO AB 199 -44.42 -82.09 34.22
C PRO AB 199 -45.71 -81.94 33.41
N GLY AB 200 -45.57 -81.26 32.27
CA GLY AB 200 -46.68 -81.12 31.34
C GLY AB 200 -46.91 -82.38 30.54
N SER AB 201 -48.14 -82.52 30.01
CA SER AB 201 -48.57 -83.77 29.39
C SER AB 201 -48.86 -83.64 27.89
N VAL AB 202 -49.75 -82.75 27.48
CA VAL AB 202 -50.34 -82.82 26.15
C VAL AB 202 -50.38 -81.43 25.52
N ASN AB 203 -50.05 -81.37 24.22
CA ASN AB 203 -50.10 -80.14 23.44
C ASN AB 203 -51.13 -80.27 22.32
N PRO AB 204 -51.71 -79.16 21.87
CA PRO AB 204 -52.64 -79.23 20.73
C PRO AB 204 -51.90 -79.37 19.41
N GLU AB 205 -52.62 -79.90 18.42
CA GLU AB 205 -52.09 -80.11 17.08
C GLU AB 205 -53.08 -79.58 16.05
N PRO AB 206 -53.27 -78.27 16.00
CA PRO AB 206 -54.14 -77.70 14.96
C PRO AB 206 -53.58 -77.98 13.57
N ASN AB 207 -54.48 -78.23 12.63
CA ASN AB 207 -54.09 -78.54 11.25
C ASN AB 207 -55.02 -77.87 10.25
N ASP AB 208 -55.53 -76.69 10.58
CA ASP AB 208 -56.50 -76.00 9.74
C ASP AB 208 -56.02 -74.63 9.32
N TYR AB 209 -54.74 -74.53 8.94
CA TYR AB 209 -54.22 -73.24 8.48
C TYR AB 209 -54.85 -72.82 7.16
N ALA AB 210 -55.18 -73.78 6.29
CA ALA AB 210 -55.76 -73.44 5.00
C ALA AB 210 -57.10 -72.72 5.13
N SER AB 211 -57.77 -72.85 6.28
CA SER AB 211 -59.08 -72.25 6.46
C SER AB 211 -59.03 -70.89 7.13
N VAL AB 212 -58.19 -70.73 8.16
CA VAL AB 212 -58.18 -69.49 8.93
C VAL AB 212 -57.22 -68.44 8.36
N VAL AB 213 -56.27 -68.84 7.52
CA VAL AB 213 -55.34 -67.90 6.90
C VAL AB 213 -55.48 -68.01 5.39
N ASN AB 214 -56.68 -68.32 4.93
CA ASN AB 214 -56.90 -68.61 3.51
C ASN AB 214 -56.62 -67.37 2.67
N GLU AB 215 -55.62 -67.48 1.80
CA GLU AB 215 -55.31 -66.43 0.82
C GLU AB 215 -55.13 -65.07 1.50
N CYS AB 216 -54.37 -65.06 2.58
CA CYS AB 216 -53.97 -63.81 3.24
C CYS AB 216 -52.46 -63.82 3.38
N CYS AB 217 -51.83 -62.72 2.97
CA CYS AB 217 -50.37 -62.64 2.93
C CYS AB 217 -49.83 -62.14 4.27
N PHE AB 218 -48.83 -62.84 4.78
CA PHE AB 218 -48.16 -62.47 6.02
C PHE AB 218 -46.66 -62.53 5.82
N ALA AB 219 -45.96 -61.51 6.30
CA ALA AB 219 -44.52 -61.44 6.07
C ALA AB 219 -43.77 -62.42 6.97
N VAL AB 220 -44.15 -62.51 8.24
CA VAL AB 220 -43.44 -63.33 9.21
C VAL AB 220 -44.45 -64.07 10.08
N TYR AB 221 -44.22 -65.35 10.30
CA TYR AB 221 -44.99 -66.16 11.24
C TYR AB 221 -44.14 -66.45 12.46
N VAL AB 222 -44.70 -66.21 13.64
CA VAL AB 222 -44.03 -66.50 14.91
C VAL AB 222 -44.88 -67.50 15.66
N LEU AB 223 -44.25 -68.58 16.12
CA LEU AB 223 -44.95 -69.67 16.82
C LEU AB 223 -44.34 -69.82 18.20
N SER AB 224 -45.18 -69.66 19.23
CA SER AB 224 -44.75 -69.79 20.62
C SER AB 224 -45.08 -71.19 21.14
N SER AB 225 -44.37 -72.18 20.61
CA SER AB 225 -44.54 -73.55 21.04
C SER AB 225 -43.29 -74.34 20.69
N ASP AB 226 -43.16 -75.51 21.33
CA ASP AB 226 -42.01 -76.39 21.12
C ASP AB 226 -42.44 -77.78 20.68
N ASP AB 227 -43.67 -77.95 20.22
CA ASP AB 227 -44.13 -79.23 19.72
C ASP AB 227 -43.63 -79.42 18.29
N THR AB 228 -42.87 -80.49 18.07
CA THR AB 228 -42.31 -80.72 16.74
C THR AB 228 -43.42 -80.93 15.71
N ASP AB 229 -44.46 -81.67 16.07
CA ASP AB 229 -45.55 -81.91 15.14
C ASP AB 229 -46.26 -80.61 14.76
N TRP AB 230 -46.47 -79.73 15.74
CA TRP AB 230 -47.08 -78.43 15.45
C TRP AB 230 -46.21 -77.64 14.48
N GLN AB 231 -44.90 -77.60 14.72
CA GLN AB 231 -44.00 -76.88 13.82
C GLN AB 231 -44.01 -77.48 12.43
N GLU AB 232 -44.05 -78.81 12.35
CA GLU AB 232 -44.06 -79.46 11.04
C GLU AB 232 -45.26 -79.03 10.21
N ASN AB 233 -46.43 -78.89 10.85
CA ASN AB 233 -47.61 -78.43 10.13
C ASN AB 233 -47.41 -77.02 9.61
N LEU AB 234 -46.81 -76.15 10.41
CA LEU AB 234 -46.56 -74.78 9.97
C LEU AB 234 -45.65 -74.75 8.76
N ARG AB 235 -44.60 -75.58 8.76
CA ARG AB 235 -43.70 -75.63 7.62
C ARG AB 235 -44.45 -76.05 6.36
N ASP AB 236 -45.32 -77.05 6.46
CA ASP AB 236 -46.07 -77.50 5.30
C ASP AB 236 -46.92 -76.38 4.73
N TRP AB 237 -47.57 -75.60 5.60
CA TRP AB 237 -48.38 -74.48 5.14
C TRP AB 237 -47.53 -73.46 4.40
N ILE AB 238 -46.35 -73.14 4.93
CA ILE AB 238 -45.49 -72.13 4.30
C ILE AB 238 -45.11 -72.59 2.90
N ARG AB 239 -44.77 -73.87 2.74
CA ARG AB 239 -44.48 -74.41 1.42
C ARG AB 239 -45.61 -74.09 0.44
N SER AB 240 -46.85 -74.29 0.87
CA SER AB 240 -47.98 -74.03 0.00
C SER AB 240 -48.01 -72.58 -0.44
N ALA AB 241 -47.55 -71.66 0.41
CA ALA AB 241 -47.49 -70.25 0.02
C ALA AB 241 -46.45 -70.01 -1.07
N TRP AB 242 -45.36 -70.77 -1.07
CA TRP AB 242 -44.33 -70.68 -2.08
C TRP AB 242 -44.54 -71.65 -3.24
N ASP AB 243 -45.73 -72.27 -3.32
CA ASP AB 243 -45.98 -73.29 -4.32
C ASP AB 243 -46.14 -72.67 -5.70
N CYS AB 244 -46.02 -73.53 -6.72
CA CYS AB 244 -46.15 -73.12 -8.11
C CYS AB 244 -47.56 -73.33 -8.67
N SER AB 245 -48.45 -73.91 -7.89
CA SER AB 245 -49.78 -74.26 -8.38
C SER AB 245 -50.76 -73.10 -8.34
N LYS AB 246 -50.35 -71.93 -7.85
CA LYS AB 246 -51.26 -70.81 -7.72
C LYS AB 246 -50.49 -69.54 -7.35
N PRO AB 247 -51.12 -68.38 -7.38
CA PRO AB 247 -50.42 -67.16 -6.95
C PRO AB 247 -49.89 -67.32 -5.53
N GLN AB 248 -48.69 -66.79 -5.31
CA GLN AB 248 -47.95 -67.01 -4.08
C GLN AB 248 -48.08 -65.81 -3.14
N CYS AB 249 -48.21 -66.12 -1.84
CA CYS AB 249 -48.23 -65.10 -0.81
C CYS AB 249 -46.89 -64.94 -0.11
N PHE AB 250 -45.96 -65.88 -0.28
CA PHE AB 250 -44.65 -65.80 0.32
C PHE AB 250 -44.74 -65.71 1.84
N GLY AB 251 -43.59 -65.65 2.52
CA GLY AB 251 -43.56 -65.58 3.96
C GLY AB 251 -42.43 -66.39 4.57
N HIS AB 252 -42.20 -66.20 5.86
CA HIS AB 252 -41.15 -66.94 6.57
C HIS AB 252 -41.59 -67.15 8.01
N GLY AB 253 -41.07 -68.19 8.63
CA GLY AB 253 -41.48 -68.57 9.97
C GLY AB 253 -40.30 -68.73 10.90
N TYR AB 254 -40.55 -68.51 12.19
CA TYR AB 254 -39.54 -68.60 13.23
C TYR AB 254 -40.00 -69.56 14.32
N VAL AB 255 -39.12 -70.48 14.69
CA VAL AB 255 -39.38 -71.47 15.73
C VAL AB 255 -38.11 -71.66 16.54
N PHE AB 256 -38.23 -72.36 17.67
CA PHE AB 256 -37.10 -72.61 18.55
C PHE AB 256 -37.08 -74.07 18.96
N ASN AB 257 -35.88 -74.58 19.23
CA ASN AB 257 -35.68 -75.94 19.71
C ASN AB 257 -34.72 -75.90 20.89
N LYS AB 258 -35.07 -76.62 21.96
CA LYS AB 258 -34.33 -76.61 23.20
C LYS AB 258 -33.97 -78.02 23.61
N GLY AB 259 -32.78 -78.18 24.15
CA GLY AB 259 -32.32 -79.47 24.62
C GLY AB 259 -30.80 -79.58 24.48
N THR AB 260 -30.31 -80.79 24.73
CA THR AB 260 -28.90 -81.07 24.56
C THR AB 260 -28.53 -81.06 23.08
N LEU AB 261 -27.22 -81.13 22.81
CA LEU AB 261 -26.75 -81.07 21.43
C LEU AB 261 -27.30 -82.23 20.61
N GLY AB 262 -27.31 -83.43 21.18
CA GLY AB 262 -27.81 -84.58 20.44
C GLY AB 262 -29.27 -84.43 20.05
N GLN AB 263 -30.08 -83.87 20.96
CA GLN AB 263 -31.50 -83.72 20.68
C GLN AB 263 -31.75 -82.65 19.63
N VAL AB 264 -31.06 -81.51 19.74
CA VAL AB 264 -31.33 -80.39 18.86
C VAL AB 264 -31.03 -80.75 17.41
N LEU AB 265 -29.90 -81.42 17.18
CA LEU AB 265 -29.53 -81.78 15.81
C LEU AB 265 -30.56 -82.71 15.18
N ALA AB 266 -31.31 -83.44 15.99
CA ALA AB 266 -32.29 -84.38 15.46
C ALA AB 266 -33.50 -83.70 14.84
N ASP AB 267 -33.66 -82.39 15.01
CA ASP AB 267 -34.80 -81.67 14.49
C ASP AB 267 -34.52 -80.96 13.17
N GLY AB 268 -33.36 -81.19 12.57
CA GLY AB 268 -33.00 -80.53 11.33
C GLY AB 268 -33.58 -81.21 10.11
N ASP AB 269 -34.87 -81.00 9.85
CA ASP AB 269 -35.55 -81.67 8.74
C ASP AB 269 -35.47 -80.88 7.44
N ASN AB 270 -34.28 -80.37 7.12
CA ASN AB 270 -34.05 -79.71 5.84
C ASN AB 270 -35.14 -78.69 5.51
N SER AB 271 -35.63 -77.99 6.54
CA SER AB 271 -36.72 -77.02 6.34
C SER AB 271 -36.12 -75.73 5.80
N ALA AB 272 -36.36 -75.47 4.51
CA ALA AB 272 -35.89 -74.23 3.90
C ALA AB 272 -36.77 -73.03 4.24
N GLU AB 273 -37.96 -73.27 4.80
CA GLU AB 273 -38.92 -72.20 5.07
C GLU AB 273 -38.95 -71.78 6.53
N LEU AB 274 -38.02 -72.26 7.35
CA LEU AB 274 -38.02 -71.98 8.77
C LEU AB 274 -36.61 -71.61 9.22
N SER AB 275 -36.54 -70.82 10.29
CA SER AB 275 -35.29 -70.41 10.91
C SER AB 275 -35.33 -70.90 12.36
N ARG AB 276 -34.75 -72.08 12.60
CA ARG AB 276 -34.83 -72.72 13.91
C ARG AB 276 -33.76 -72.13 14.83
N LEU AB 277 -34.19 -71.68 16.00
CA LEU AB 277 -33.30 -71.10 17.00
C LEU AB 277 -32.93 -72.16 18.02
N ALA AB 278 -31.63 -72.36 18.23
CA ALA AB 278 -31.13 -73.41 19.12
C ALA AB 278 -30.82 -72.80 20.48
N LEU AB 279 -31.31 -73.44 21.54
CA LEU AB 279 -31.08 -72.99 22.90
C LEU AB 279 -30.57 -74.14 23.77
N PRO AB 280 -29.80 -73.84 24.81
CA PRO AB 280 -29.30 -74.92 25.67
C PRO AB 280 -30.34 -75.40 26.67
N THR AB 281 -29.98 -76.39 27.49
CA THR AB 281 -30.93 -76.93 28.45
C THR AB 281 -31.11 -76.01 29.65
N THR AB 282 -30.11 -75.18 29.97
CA THR AB 282 -30.12 -74.34 31.15
C THR AB 282 -30.25 -72.86 30.81
N TYR AB 283 -31.08 -72.53 29.82
CA TYR AB 283 -31.26 -71.14 29.44
C TYR AB 283 -31.98 -70.40 30.56
N PRO AB 284 -31.44 -69.29 31.07
CA PRO AB 284 -32.06 -68.66 32.24
C PRO AB 284 -33.24 -67.76 31.90
N VAL AB 285 -33.73 -67.82 30.66
CA VAL AB 285 -34.86 -67.01 30.22
C VAL AB 285 -35.89 -67.93 29.60
N LEU AB 286 -37.17 -67.60 29.80
CA LEU AB 286 -38.24 -68.41 29.23
C LEU AB 286 -38.06 -68.49 27.72
N PRO AB 287 -38.20 -69.67 27.11
CA PRO AB 287 -37.84 -69.83 25.70
C PRO AB 287 -38.60 -68.92 24.75
N TYR AB 288 -39.94 -69.01 24.78
CA TYR AB 288 -40.73 -68.36 23.73
C TYR AB 288 -40.58 -66.85 23.73
N LEU AB 289 -40.10 -66.25 24.83
CA LEU AB 289 -39.86 -64.81 24.82
C LEU AB 289 -38.73 -64.45 23.87
N THR AB 290 -37.63 -65.20 23.92
CA THR AB 290 -36.51 -64.91 23.03
C THR AB 290 -36.89 -65.11 21.57
N ASN AB 291 -37.63 -66.17 21.28
CA ASN AB 291 -38.06 -66.42 19.90
C ASN AB 291 -38.92 -65.27 19.38
N ALA AB 292 -39.85 -64.79 20.21
CA ALA AB 292 -40.68 -63.68 19.80
C ALA AB 292 -39.86 -62.43 19.55
N ALA AB 293 -38.86 -62.17 20.39
CA ALA AB 293 -38.02 -61.00 20.21
C ALA AB 293 -37.27 -61.06 18.89
N TYR AB 294 -36.71 -62.23 18.56
CA TYR AB 294 -35.99 -62.38 17.31
C TYR AB 294 -36.92 -62.18 16.12
N GLY AB 295 -38.11 -62.77 16.17
CA GLY AB 295 -39.05 -62.62 15.07
C GLY AB 295 -39.49 -61.19 14.89
N ALA AB 296 -39.83 -60.51 15.99
CA ALA AB 296 -40.30 -59.13 15.90
C ALA AB 296 -39.22 -58.23 15.31
N LEU AB 297 -37.97 -58.42 15.73
CA LEU AB 297 -36.88 -57.59 15.23
C LEU AB 297 -36.73 -57.73 13.73
N SER AB 298 -36.83 -58.96 13.23
CA SER AB 298 -36.69 -59.21 11.79
C SER AB 298 -38.00 -59.06 11.04
N ALA AB 299 -39.13 -58.95 11.74
CA ALA AB 299 -40.44 -58.91 11.10
C ALA AB 299 -40.73 -57.49 10.60
N CYS AB 300 -39.90 -57.07 9.64
CA CYS AB 300 -40.11 -55.83 8.90
C CYS AB 300 -39.94 -54.59 9.78
N SER AB 301 -39.70 -54.78 11.07
CA SER AB 301 -39.27 -53.65 11.89
C SER AB 301 -37.85 -53.25 11.54
N THR AB 302 -37.08 -54.17 10.98
CA THR AB 302 -35.78 -53.89 10.38
C THR AB 302 -35.71 -54.30 8.92
N CYS AB 303 -36.52 -55.28 8.50
CA CYS AB 303 -36.45 -55.81 7.14
C CYS AB 303 -37.52 -55.18 6.25
N GLU AB 304 -37.42 -53.85 6.09
CA GLU AB 304 -38.03 -53.22 4.93
C GLU AB 304 -37.09 -53.22 3.74
N ASN AB 305 -35.78 -53.32 4.01
CA ASN AB 305 -34.79 -53.58 2.97
C ASN AB 305 -34.59 -55.09 2.88
N PRO AB 306 -34.95 -55.74 1.78
CA PRO AB 306 -34.89 -57.21 1.76
C PRO AB 306 -33.50 -57.77 1.97
N GLU AB 307 -32.45 -56.99 1.72
CA GLU AB 307 -31.08 -57.50 1.71
C GLU AB 307 -30.33 -57.22 3.01
N LEU AB 308 -31.01 -56.81 4.07
CA LEU AB 308 -30.37 -56.47 5.33
C LEU AB 308 -30.25 -57.72 6.19
N ASN AB 309 -29.01 -58.06 6.56
CA ASN AB 309 -28.77 -59.22 7.42
C ASN AB 309 -28.95 -58.83 8.88
N VAL AB 310 -29.70 -59.64 9.61
CA VAL AB 310 -29.94 -59.40 11.04
C VAL AB 310 -28.92 -60.23 11.80
N GLN AB 311 -27.75 -59.65 12.04
CA GLN AB 311 -26.67 -60.32 12.78
C GLN AB 311 -25.97 -59.28 13.64
N GLY AB 312 -24.81 -59.65 14.16
CA GLY AB 312 -23.94 -58.71 14.84
C GLY AB 312 -24.53 -58.07 16.07
N GLN AB 313 -23.73 -57.26 16.76
CA GLN AB 313 -24.15 -56.59 17.97
C GLN AB 313 -24.87 -55.28 17.70
N THR AB 314 -24.84 -54.78 16.47
CA THR AB 314 -25.52 -53.53 16.14
C THR AB 314 -26.94 -53.77 15.64
N TYR AB 315 -27.14 -54.79 14.81
CA TYR AB 315 -28.45 -55.07 14.22
C TYR AB 315 -29.17 -56.23 14.88
N GLY AB 316 -28.44 -57.22 15.42
CA GLY AB 316 -29.07 -58.38 16.00
C GLY AB 316 -29.07 -58.38 17.51
N LEU AB 317 -29.35 -57.22 18.11
CA LEU AB 317 -29.36 -57.06 19.55
C LEU AB 317 -30.80 -57.12 20.06
N LEU AB 318 -31.09 -58.14 20.87
CA LEU AB 318 -32.41 -58.30 21.48
C LEU AB 318 -32.43 -57.48 22.78
N SER AB 319 -32.53 -56.16 22.61
CA SER AB 319 -32.37 -55.26 23.73
C SER AB 319 -33.40 -55.50 24.83
N CYS AB 320 -34.64 -55.85 24.44
CA CYS AB 320 -35.73 -55.94 25.41
C CYS AB 320 -35.53 -57.04 26.43
N ILE AB 321 -34.58 -57.96 26.20
CA ILE AB 321 -34.37 -59.11 27.06
C ILE AB 321 -33.12 -58.87 27.90
N ASN AB 322 -33.27 -59.01 29.21
CA ASN AB 322 -32.16 -58.87 30.15
C ASN AB 322 -32.05 -60.15 30.97
N MET AB 323 -30.84 -60.69 31.06
CA MET AB 323 -30.60 -61.92 31.80
C MET AB 323 -29.25 -61.81 32.51
N PRO AB 324 -29.10 -62.43 33.68
CA PRO AB 324 -27.80 -62.38 34.37
C PRO AB 324 -26.76 -63.22 33.64
N GLU AB 325 -25.50 -62.82 33.79
CA GLU AB 325 -24.40 -63.56 33.17
C GLU AB 325 -24.32 -64.96 33.75
N SER AB 326 -24.19 -65.95 32.86
CA SER AB 326 -24.13 -67.34 33.29
C SER AB 326 -22.71 -67.70 33.70
N CYS AB 327 -22.61 -68.75 34.54
CA CYS AB 327 -21.31 -69.19 35.02
C CYS AB 327 -20.52 -69.95 33.96
N THR AB 328 -21.16 -70.38 32.87
CA THR AB 328 -20.52 -71.13 31.81
C THR AB 328 -21.18 -70.70 30.51
N PRO AB 329 -20.42 -70.61 29.41
CA PRO AB 329 -21.02 -70.13 28.15
C PRO AB 329 -22.27 -70.88 27.71
N GLY AB 330 -22.49 -72.10 28.20
CA GLY AB 330 -23.66 -72.86 27.80
C GLY AB 330 -23.40 -73.69 26.56
N TRP AB 331 -23.19 -73.02 25.43
CA TRP AB 331 -22.80 -73.69 24.19
C TRP AB 331 -21.27 -73.62 24.08
N GLU AB 332 -20.61 -74.75 24.30
CA GLU AB 332 -19.16 -74.80 24.13
C GLU AB 332 -18.81 -74.53 22.68
N PHE AB 333 -17.67 -73.87 22.47
CA PHE AB 333 -17.29 -73.44 21.13
C PHE AB 333 -17.28 -74.63 20.16
N THR AB 334 -16.90 -75.80 20.65
CA THR AB 334 -16.97 -77.00 19.81
C THR AB 334 -18.39 -77.27 19.34
N GLU AB 335 -19.38 -76.91 20.16
CA GLU AB 335 -20.77 -77.16 19.79
C GLU AB 335 -21.36 -75.99 18.99
N VAL AB 336 -20.85 -74.78 19.20
CA VAL AB 336 -21.35 -73.63 18.44
C VAL AB 336 -21.06 -73.82 16.96
N THR AB 337 -19.85 -74.29 16.63
CA THR AB 337 -19.48 -74.47 15.23
C THR AB 337 -20.38 -75.51 14.57
N GLN AB 338 -20.65 -76.63 15.26
CA GLN AB 338 -21.47 -77.68 14.67
C GLN AB 338 -22.88 -77.18 14.39
N LEU AB 339 -23.46 -76.43 15.34
CA LEU AB 339 -24.82 -75.93 15.13
C LEU AB 339 -24.88 -75.00 13.94
N GLN AB 340 -23.90 -74.12 13.80
CA GLN AB 340 -23.89 -73.19 12.66
C GLN AB 340 -23.70 -73.95 11.35
N ASN AB 341 -22.88 -74.99 11.35
CA ASN AB 341 -22.65 -75.78 10.14
C ASN AB 341 -23.88 -76.60 9.76
N ASN AB 342 -24.78 -76.87 10.70
CA ASN AB 342 -25.96 -77.68 10.45
C ASN AB 342 -27.21 -76.86 10.19
N GLY AB 343 -27.07 -75.55 10.05
CA GLY AB 343 -28.20 -74.71 9.70
C GLY AB 343 -29.02 -74.18 10.85
N PHE AB 344 -28.46 -74.12 12.05
CA PHE AB 344 -29.16 -73.58 13.21
C PHE AB 344 -28.69 -72.17 13.52
N VAL AB 345 -29.47 -71.48 14.34
CA VAL AB 345 -29.17 -70.12 14.77
C VAL AB 345 -28.76 -70.16 16.23
N VAL AB 346 -27.63 -69.52 16.55
CA VAL AB 346 -27.08 -69.52 17.89
C VAL AB 346 -26.94 -68.09 18.36
N SER AB 347 -27.26 -67.84 19.63
CA SER AB 347 -27.19 -66.52 20.22
C SER AB 347 -26.42 -66.58 21.52
N GLY AB 348 -25.84 -65.45 21.91
CA GLY AB 348 -25.05 -65.36 23.11
C GLY AB 348 -25.03 -63.95 23.68
N PRO AB 349 -24.34 -63.77 24.80
CA PRO AB 349 -24.33 -62.45 25.45
C PRO AB 349 -23.65 -61.40 24.57
N ALA AB 350 -24.12 -60.17 24.68
CA ALA AB 350 -23.59 -59.09 23.86
C ALA AB 350 -22.36 -58.44 24.46
N THR AB 351 -22.18 -58.54 25.78
CA THR AB 351 -21.04 -57.90 26.43
C THR AB 351 -20.54 -58.82 27.53
N THR AB 352 -19.22 -58.82 27.73
CA THR AB 352 -18.58 -59.66 28.73
C THR AB 352 -18.56 -58.91 30.07
N SER AB 353 -19.17 -59.52 31.08
CA SER AB 353 -19.20 -58.95 32.42
C SER AB 353 -19.01 -60.07 33.43
N GLY AB 354 -18.71 -59.67 34.67
CA GLY AB 354 -18.50 -60.66 35.71
C GLY AB 354 -19.73 -61.53 35.92
N GLN AB 355 -19.50 -62.70 36.51
CA GLN AB 355 -20.58 -63.65 36.76
C GLN AB 355 -21.67 -62.99 37.60
N GLY AB 356 -22.92 -63.19 37.19
CA GLY AB 356 -24.06 -62.67 37.90
C GLY AB 356 -24.52 -61.29 37.48
N ASN AB 357 -23.76 -60.61 36.63
CA ASN AB 357 -24.14 -59.28 36.18
C ASN AB 357 -25.06 -59.36 34.97
N PHE AB 358 -25.93 -58.36 34.84
CA PHE AB 358 -26.96 -58.38 33.80
C PHE AB 358 -26.36 -58.05 32.45
N THR AB 359 -26.85 -58.74 31.41
CA THR AB 359 -26.44 -58.49 30.05
C THR AB 359 -27.63 -58.68 29.13
N SER AB 360 -27.37 -58.62 27.83
CA SER AB 360 -28.39 -58.86 26.82
C SER AB 360 -27.85 -59.78 25.73
N PRO AB 361 -28.70 -60.60 25.12
CA PRO AB 361 -28.21 -61.51 24.08
C PRO AB 361 -28.26 -60.88 22.70
N TYR AB 362 -27.46 -61.45 21.79
CA TYR AB 362 -27.45 -61.05 20.40
C TYR AB 362 -27.22 -62.29 19.55
N ILE AB 363 -27.48 -62.15 18.25
CA ILE AB 363 -27.54 -63.28 17.32
C ILE AB 363 -26.27 -63.31 16.50
N TYR AB 364 -25.68 -64.49 16.38
CA TYR AB 364 -24.44 -64.64 15.62
C TYR AB 364 -24.71 -64.69 14.12
N ASN AB 365 -25.47 -65.69 13.67
CA ASN AB 365 -25.70 -65.94 12.26
C ASN AB 365 -27.19 -65.97 11.96
N ASP AB 366 -27.54 -65.54 10.75
CA ASP AB 366 -28.91 -65.56 10.26
C ASP AB 366 -28.98 -66.64 9.17
N VAL AB 367 -29.44 -67.83 9.55
CA VAL AB 367 -29.48 -68.98 8.66
C VAL AB 367 -30.89 -69.57 8.71
N THR AB 368 -31.26 -70.26 7.63
CA THR AB 368 -32.63 -70.72 7.43
C THR AB 368 -32.76 -72.23 7.49
N ASN AB 369 -31.82 -72.92 8.13
CA ASN AB 369 -31.90 -74.37 8.29
C ASN AB 369 -32.13 -75.04 6.94
N TYR AB 370 -31.39 -74.60 5.93
CA TYR AB 370 -31.49 -75.13 4.57
C TYR AB 370 -30.22 -75.87 4.22
N LEU AB 371 -30.36 -77.11 3.79
CA LEU AB 371 -29.24 -77.92 3.33
C LEU AB 371 -29.74 -78.83 2.22
N ARG AB 372 -28.79 -79.32 1.42
CA ARG AB 372 -29.13 -80.24 0.33
C ARG AB 372 -30.18 -79.62 -0.58
N ASP AB 373 -30.75 -80.42 -1.48
CA ASP AB 373 -31.71 -79.92 -2.45
C ASP AB 373 -32.55 -81.10 -2.93
N GLU AB 374 -33.70 -80.78 -3.52
CA GLU AB 374 -34.55 -81.81 -4.11
C GLU AB 374 -33.70 -82.79 -4.91
N LYS AB 375 -33.04 -82.27 -5.95
CA LYS AB 375 -31.91 -82.95 -6.55
C LYS AB 375 -30.78 -83.02 -5.53
N ASN AB 376 -30.48 -84.23 -5.08
CA ASN AB 376 -29.96 -84.44 -3.73
C ASN AB 376 -28.63 -83.76 -3.44
N ARG AB 377 -27.85 -83.42 -4.47
CA ARG AB 377 -26.52 -82.85 -4.19
C ARG AB 377 -26.66 -81.53 -3.45
N PRO AB 378 -25.68 -81.18 -2.62
CA PRO AB 378 -25.82 -80.02 -1.73
C PRO AB 378 -25.43 -78.70 -2.38
N ASN AB 379 -25.86 -77.63 -1.74
CA ASN AB 379 -25.54 -76.26 -2.13
C ASN AB 379 -25.93 -75.36 -0.97
N ALA AB 380 -25.83 -74.05 -1.17
CA ALA AB 380 -26.17 -73.08 -0.14
C ALA AB 380 -26.98 -71.93 -0.75
N THR AB 381 -27.84 -72.25 -1.71
CA THR AB 381 -28.58 -71.19 -2.40
C THR AB 381 -29.46 -70.41 -1.44
N PHE AB 382 -30.15 -71.10 -0.54
CA PHE AB 382 -31.03 -70.47 0.44
C PHE AB 382 -30.46 -70.59 1.86
N ARG AB 383 -29.14 -70.52 1.98
CA ARG AB 383 -28.50 -70.66 3.29
C ARG AB 383 -28.74 -69.46 4.18
N ASP AB 384 -29.08 -68.30 3.62
CA ASP AB 384 -29.22 -67.07 4.39
C ASP AB 384 -30.63 -66.54 4.26
N ALA AB 385 -31.18 -66.04 5.37
CA ALA AB 385 -32.54 -65.52 5.34
C ALA AB 385 -32.71 -64.43 4.30
N SER AB 386 -31.67 -63.60 4.11
CA SER AB 386 -31.75 -62.54 3.13
C SER AB 386 -32.05 -63.09 1.74
N SER AB 387 -31.55 -64.29 1.43
CA SER AB 387 -31.81 -64.87 0.11
C SER AB 387 -33.29 -65.09 -0.11
N ARG AB 388 -33.99 -65.61 0.90
CA ARG AB 388 -35.44 -65.81 0.77
C ARG AB 388 -36.16 -64.48 0.57
N ARG AB 389 -35.77 -63.46 1.35
CA ARG AB 389 -36.41 -62.16 1.20
C ARG AB 389 -36.13 -61.55 -0.16
N LEU AB 390 -34.88 -61.66 -0.63
CA LEU AB 390 -34.54 -61.11 -1.95
C LEU AB 390 -35.26 -61.85 -3.05
N ALA AB 391 -35.38 -63.18 -2.94
CA ALA AB 391 -36.07 -63.95 -3.96
C ALA AB 391 -37.52 -63.50 -4.10
N ALA AB 392 -38.20 -63.28 -2.97
CA ALA AB 392 -39.57 -62.80 -3.02
C ALA AB 392 -39.66 -61.41 -3.62
N ALA AB 393 -38.72 -60.54 -3.24
CA ALA AB 393 -38.75 -59.16 -3.75
C ALA AB 393 -38.54 -59.14 -5.26
N THR AB 394 -37.64 -59.99 -5.77
CA THR AB 394 -37.39 -60.01 -7.21
C THR AB 394 -38.64 -60.45 -7.96
N GLY AB 395 -39.35 -61.45 -7.46
CA GLY AB 395 -40.53 -61.92 -8.15
C GLY AB 395 -41.59 -60.84 -8.29
N VAL AB 396 -41.87 -60.13 -7.20
CA VAL AB 396 -42.89 -59.08 -7.24
C VAL AB 396 -42.44 -57.95 -8.17
N ALA AB 397 -41.18 -57.54 -8.06
CA ALA AB 397 -40.69 -56.45 -8.89
C ALA AB 397 -40.73 -56.82 -10.37
N LEU AB 398 -40.30 -58.03 -10.70
CA LEU AB 398 -40.30 -58.46 -12.10
C LEU AB 398 -41.72 -58.53 -12.64
N ALA AB 399 -42.66 -59.06 -11.85
CA ALA AB 399 -44.04 -59.14 -12.31
C ALA AB 399 -44.60 -57.77 -12.63
N THR AB 400 -44.29 -56.77 -11.78
CA THR AB 400 -44.76 -55.42 -12.04
C THR AB 400 -44.18 -54.87 -13.34
N PHE AB 401 -42.90 -55.13 -13.61
CA PHE AB 401 -42.27 -54.58 -14.80
C PHE AB 401 -42.91 -55.12 -16.07
N LEU AB 402 -43.20 -56.43 -16.10
CA LEU AB 402 -43.76 -57.04 -17.29
C LEU AB 402 -45.19 -56.61 -17.57
N GLN AB 403 -45.84 -55.91 -16.65
CA GLN AB 403 -47.23 -55.52 -16.85
C GLN AB 403 -47.41 -54.66 -18.09
N GLN AB 404 -46.37 -53.93 -18.50
CA GLN AB 404 -46.51 -53.01 -19.63
C GLN AB 404 -46.82 -53.74 -20.93
N PHE AB 405 -46.48 -55.02 -21.03
CA PHE AB 405 -46.76 -55.79 -22.23
C PHE AB 405 -48.18 -56.34 -22.25
N ASN AB 406 -48.96 -56.14 -21.19
CA ASN AB 406 -50.33 -56.63 -21.15
C ASN AB 406 -51.18 -55.88 -22.16
N GLY AB 407 -51.83 -56.62 -23.05
CA GLY AB 407 -52.68 -56.01 -24.05
C GLY AB 407 -51.95 -55.27 -25.14
N LEU AB 408 -50.70 -55.62 -25.42
CA LEU AB 408 -49.91 -55.00 -26.47
C LEU AB 408 -49.85 -55.91 -27.69
N ALA AB 409 -50.03 -55.34 -28.87
CA ALA AB 409 -49.97 -56.13 -30.09
C ALA AB 409 -48.59 -56.74 -30.26
N VAL AB 410 -48.56 -58.02 -30.63
CA VAL AB 410 -47.32 -58.77 -30.77
C VAL AB 410 -47.29 -59.40 -32.16
N PHE AB 411 -46.18 -59.22 -32.87
CA PHE AB 411 -45.98 -59.79 -34.19
C PHE AB 411 -44.95 -60.91 -34.09
N THR AB 412 -45.27 -62.07 -34.67
CA THR AB 412 -44.42 -63.25 -34.55
C THR AB 412 -44.06 -63.91 -35.87
N LYS AB 413 -44.89 -63.78 -36.91
CA LYS AB 413 -44.59 -64.36 -38.22
C LYS AB 413 -43.85 -63.38 -39.11
N ASN AB 414 -44.44 -62.22 -39.38
CA ASN AB 414 -43.81 -61.15 -40.13
C ASN AB 414 -43.35 -60.10 -39.13
N THR AB 415 -42.04 -59.99 -38.94
CA THR AB 415 -41.49 -59.17 -37.86
C THR AB 415 -41.41 -57.69 -38.21
N ASN AB 416 -41.70 -57.30 -39.45
CA ASN AB 416 -41.67 -55.89 -39.83
C ASN AB 416 -42.96 -55.22 -39.37
N ILE AB 417 -42.85 -54.25 -38.49
CA ILE AB 417 -44.01 -53.50 -38.00
C ILE AB 417 -44.25 -52.33 -38.92
N LYS AB 418 -45.47 -52.21 -39.45
CA LYS AB 418 -45.81 -51.12 -40.34
C LYS AB 418 -45.58 -49.77 -39.65
N THR AB 419 -45.65 -48.72 -40.44
CA THR AB 419 -45.54 -47.38 -39.88
C THR AB 419 -46.82 -47.02 -39.14
N GLY AB 420 -46.68 -46.58 -37.89
CA GLY AB 420 -47.79 -46.09 -37.11
C GLY AB 420 -48.38 -47.09 -36.14
N ILE AB 421 -48.13 -48.38 -36.29
CA ILE AB 421 -48.68 -49.37 -35.38
C ILE AB 421 -47.90 -49.34 -34.08
N ILE AB 422 -48.59 -49.71 -33.00
CA ILE AB 422 -47.99 -49.81 -31.67
C ILE AB 422 -47.89 -51.29 -31.34
N GLY AB 423 -46.67 -51.82 -31.35
CA GLY AB 423 -46.47 -53.22 -31.10
C GLY AB 423 -45.02 -53.53 -30.81
N THR AB 424 -44.70 -54.82 -30.83
CA THR AB 424 -43.34 -55.28 -30.55
C THR AB 424 -43.23 -56.75 -30.95
N ASN AB 425 -42.00 -57.20 -31.09
CA ASN AB 425 -41.69 -58.59 -31.42
C ASN AB 425 -40.80 -59.18 -30.34
N LEU AB 426 -40.40 -60.44 -30.52
CA LEU AB 426 -39.65 -61.15 -29.48
C LEU AB 426 -38.33 -60.45 -29.18
N ARG AB 427 -37.57 -60.11 -30.22
CA ARG AB 427 -36.24 -59.55 -29.99
C ARG AB 427 -36.32 -58.23 -29.22
N LEU AB 428 -37.25 -57.36 -29.59
CA LEU AB 428 -37.40 -56.10 -28.87
C LEU AB 428 -37.84 -56.35 -27.43
N MET AB 429 -38.70 -57.32 -27.20
CA MET AB 429 -39.09 -57.67 -25.84
C MET AB 429 -37.89 -58.13 -25.02
N LEU AB 430 -37.06 -59.00 -25.61
CA LEU AB 430 -35.89 -59.50 -24.89
C LEU AB 430 -34.92 -58.38 -24.58
N GLY AB 431 -34.68 -57.48 -25.54
CA GLY AB 431 -33.76 -56.39 -25.31
C GLY AB 431 -34.18 -55.52 -24.15
N LYS AB 432 -35.47 -55.22 -24.04
CA LYS AB 432 -35.96 -54.39 -22.96
C LYS AB 432 -35.75 -55.07 -21.61
N ILE AB 433 -36.01 -56.37 -21.53
CA ILE AB 433 -35.86 -57.09 -20.28
C ILE AB 433 -34.40 -57.14 -19.86
N ARG AB 434 -33.49 -57.33 -20.81
CA ARG AB 434 -32.07 -57.33 -20.48
C ARG AB 434 -31.65 -55.98 -19.91
N LYS AB 435 -32.19 -54.89 -20.44
CA LYS AB 435 -31.87 -53.57 -19.91
C LYS AB 435 -32.28 -53.47 -18.44
N TRP AB 436 -33.47 -53.96 -18.11
CA TRP AB 436 -33.94 -53.91 -16.73
C TRP AB 436 -33.05 -54.77 -15.83
N ALA AB 437 -32.73 -55.98 -16.26
CA ALA AB 437 -31.94 -56.87 -15.43
C ALA AB 437 -30.56 -56.29 -15.15
N SER AB 438 -29.90 -55.74 -16.18
CA SER AB 438 -28.58 -55.17 -15.99
C SER AB 438 -28.62 -53.94 -15.10
N ASP AB 439 -29.70 -53.15 -15.18
CA ASP AB 439 -29.79 -51.93 -14.40
C ASP AB 439 -29.86 -52.21 -12.91
N ASN AB 440 -30.44 -53.35 -12.52
CA ASN AB 440 -30.64 -53.65 -11.11
C ASN AB 440 -29.42 -54.25 -10.44
N VAL AB 441 -28.33 -54.44 -11.18
CA VAL AB 441 -27.10 -54.94 -10.56
C VAL AB 441 -26.71 -53.99 -9.42
N GLY AB 442 -26.41 -54.58 -8.26
CA GLY AB 442 -26.09 -53.82 -7.08
C GLY AB 442 -27.27 -53.48 -6.21
N VAL AB 443 -28.50 -53.81 -6.63
CA VAL AB 443 -29.70 -53.58 -5.84
C VAL AB 443 -30.43 -54.89 -5.54
N LEU AB 444 -30.57 -55.75 -6.55
CA LEU AB 444 -31.19 -57.06 -6.38
C LEU AB 444 -30.35 -58.21 -6.90
N PHE AB 445 -29.35 -57.96 -7.74
CA PHE AB 445 -28.53 -59.01 -8.32
C PHE AB 445 -27.07 -58.65 -8.18
N SER AB 446 -26.22 -59.68 -8.23
CA SER AB 446 -24.79 -59.49 -8.35
C SER AB 446 -24.44 -59.38 -9.83
N GLU AB 447 -23.15 -59.41 -10.16
CA GLU AB 447 -22.74 -59.39 -11.55
C GLU AB 447 -23.07 -60.74 -12.20
N PHE AB 448 -23.79 -60.70 -13.32
CA PHE AB 448 -24.21 -61.93 -13.97
C PHE AB 448 -23.01 -62.67 -14.52
N ASP AB 449 -23.04 -64.01 -14.41
CA ASP AB 449 -21.96 -64.82 -14.94
C ASP AB 449 -21.82 -64.63 -16.44
N ASN AB 450 -22.92 -64.79 -17.17
CA ASN AB 450 -22.94 -64.55 -18.61
C ASN AB 450 -24.37 -64.06 -18.97
N ILE AB 451 -24.52 -62.74 -19.02
CA ILE AB 451 -25.84 -62.15 -19.21
C ILE AB 451 -26.45 -62.56 -20.55
N ASN AB 452 -25.63 -62.98 -21.51
CA ASN AB 452 -26.15 -63.37 -22.81
C ASN AB 452 -26.79 -64.76 -22.81
N GLU AB 453 -26.52 -65.57 -21.79
CA GLU AB 453 -27.05 -66.92 -21.71
C GLU AB 453 -28.04 -67.12 -20.57
N ASP AB 454 -28.06 -66.24 -19.58
CA ASP AB 454 -28.91 -66.43 -18.41
C ASP AB 454 -30.32 -65.91 -18.61
N ILE AB 455 -30.64 -65.33 -19.77
CA ILE AB 455 -31.98 -64.84 -20.07
C ILE AB 455 -32.39 -65.36 -21.44
N GLN AB 456 -33.59 -65.93 -21.52
CA GLN AB 456 -34.11 -66.46 -22.77
C GLN AB 456 -35.59 -66.13 -22.88
N LEU AB 457 -36.05 -65.94 -24.12
CA LEU AB 457 -37.45 -65.70 -24.40
C LEU AB 457 -37.84 -66.54 -25.61
N VAL AB 458 -38.92 -67.31 -25.47
CA VAL AB 458 -39.40 -68.18 -26.54
C VAL AB 458 -40.91 -68.07 -26.62
N SER AB 459 -41.44 -67.84 -27.81
CA SER AB 459 -42.88 -67.88 -28.01
C SER AB 459 -43.40 -69.30 -27.89
N ASP AB 460 -44.65 -69.42 -27.44
CA ASP AB 460 -45.23 -70.74 -27.23
C ASP AB 460 -45.30 -71.54 -28.52
N PHE AB 461 -45.31 -70.88 -29.69
CA PHE AB 461 -45.35 -71.60 -30.95
C PHE AB 461 -44.07 -72.38 -31.20
N ASP AB 462 -42.96 -72.02 -30.55
CA ASP AB 462 -41.69 -72.70 -30.74
C ASP AB 462 -41.45 -73.79 -29.71
N VAL AB 463 -42.38 -74.02 -28.80
CA VAL AB 463 -42.26 -75.07 -27.78
C VAL AB 463 -43.24 -76.20 -28.04
N GLN AB 464 -44.51 -75.87 -28.26
CA GLN AB 464 -45.53 -76.88 -28.55
C GLN AB 464 -45.39 -77.38 -29.99
N PRO AB 465 -45.89 -78.58 -30.27
CA PRO AB 465 -45.84 -79.10 -31.65
C PRO AB 465 -46.79 -78.34 -32.58
N LYS AB 466 -46.86 -78.77 -33.83
CA LYS AB 466 -47.65 -78.04 -34.82
C LYS AB 466 -49.12 -78.02 -34.42
N CYS AB 467 -49.73 -76.83 -34.53
CA CYS AB 467 -51.16 -76.65 -34.30
C CYS AB 467 -51.58 -77.11 -32.91
N VAL AB 468 -50.73 -76.84 -31.92
CA VAL AB 468 -51.08 -77.08 -30.53
C VAL AB 468 -50.85 -75.87 -29.63
N GLY AB 469 -50.00 -74.93 -30.00
CA GLY AB 469 -49.74 -73.78 -29.16
C GLY AB 469 -50.84 -72.74 -29.24
N GLN AB 470 -50.75 -71.76 -28.35
CA GLN AB 470 -51.71 -70.67 -28.29
C GLN AB 470 -51.06 -69.36 -28.73
N PRO AB 471 -51.84 -68.42 -29.23
CA PRO AB 471 -51.26 -67.12 -29.65
C PRO AB 471 -51.05 -66.20 -28.46
N GLY AB 472 -49.96 -65.44 -28.53
CA GLY AB 472 -49.67 -64.46 -27.50
C GLY AB 472 -49.36 -65.03 -26.13
N VAL AB 473 -48.55 -66.09 -26.08
CA VAL AB 473 -48.09 -66.68 -24.83
C VAL AB 473 -46.59 -66.92 -24.95
N PHE AB 474 -45.85 -66.51 -23.93
CA PHE AB 474 -44.40 -66.59 -23.93
C PHE AB 474 -43.90 -67.36 -22.72
N HIS AB 475 -42.65 -67.84 -22.82
CA HIS AB 475 -41.97 -68.50 -21.72
C HIS AB 475 -40.65 -67.78 -21.48
N LEU AB 476 -40.47 -67.26 -20.28
CA LEU AB 476 -39.28 -66.52 -19.91
C LEU AB 476 -38.49 -67.30 -18.87
N ASN AB 477 -37.20 -67.46 -19.11
CA ASN AB 477 -36.30 -68.18 -18.21
C ASN AB 477 -35.16 -67.25 -17.81
N MET AB 478 -34.98 -67.05 -16.50
CA MET AB 478 -33.96 -66.16 -15.99
C MET AB 478 -33.23 -66.85 -14.84
N ARG AB 479 -31.92 -66.60 -14.76
CA ARG AB 479 -31.08 -67.11 -13.67
C ARG AB 479 -30.27 -65.95 -13.12
N TYR AB 480 -30.30 -65.78 -11.80
CA TYR AB 480 -29.67 -64.63 -11.17
C TYR AB 480 -28.88 -65.09 -9.95
N ARG AB 481 -28.16 -64.15 -9.34
CA ARG AB 481 -27.35 -64.40 -8.16
C ARG AB 481 -27.52 -63.24 -7.19
N PRO AB 482 -27.76 -63.49 -5.91
CA PRO AB 482 -27.89 -62.39 -4.95
C PRO AB 482 -26.56 -61.73 -4.70
N PRO AB 483 -26.56 -60.52 -4.14
CA PRO AB 483 -25.29 -59.81 -3.95
C PRO AB 483 -24.33 -60.58 -3.05
N VAL AB 484 -23.04 -60.45 -3.34
CA VAL AB 484 -22.01 -61.13 -2.56
C VAL AB 484 -21.89 -60.46 -1.19
N ARG AB 485 -21.68 -61.27 -0.17
CA ARG AB 485 -21.58 -60.78 1.21
C ARG AB 485 -20.43 -61.46 1.94
N GLY AB 486 -19.29 -61.60 1.28
CA GLY AB 486 -18.13 -62.19 1.93
C GLY AB 486 -16.99 -62.32 0.95
N ALA AB 487 -15.82 -62.63 1.51
CA ALA AB 487 -14.61 -62.83 0.72
C ALA AB 487 -13.53 -63.40 1.62
N ARG AB 488 -12.74 -64.33 1.08
CA ARG AB 488 -11.66 -64.98 1.80
C ARG AB 488 -10.33 -64.64 1.13
N ILE AB 489 -9.39 -64.16 1.92
CA ILE AB 489 -8.05 -63.81 1.44
C ILE AB 489 -7.03 -64.44 2.37
N ASN AB 490 -6.07 -65.15 1.80
CA ASN AB 490 -4.99 -65.77 2.56
C ASN AB 490 -3.73 -64.93 2.40
N VAL AB 491 -2.99 -64.75 3.50
CA VAL AB 491 -1.89 -63.82 3.56
C VAL AB 491 -0.61 -64.54 4.00
N ASN AB 492 0.52 -63.94 3.66
CA ASN AB 492 1.83 -64.41 4.10
C ASN AB 492 2.63 -63.23 4.61
N LEU AB 493 3.46 -63.47 5.62
CA LEU AB 493 4.18 -62.40 6.30
C LEU AB 493 5.52 -62.10 5.61
N VAL AB 494 6.39 -63.10 5.50
CA VAL AB 494 7.65 -62.95 4.80
C VAL AB 494 8.43 -61.75 5.34
N PRO AB 495 8.86 -61.79 6.60
CA PRO AB 495 9.72 -60.70 7.12
C PRO AB 495 11.14 -60.84 6.60
N ALA AB 496 11.51 -59.95 5.68
CA ALA AB 496 12.82 -60.02 5.05
C ALA AB 496 13.90 -59.49 5.98
N LEU AB 497 15.14 -59.91 5.71
CA LEU AB 497 16.31 -59.46 6.46
C LEU AB 497 17.47 -59.01 5.60
N PHE AB 498 17.54 -59.42 4.34
CA PHE AB 498 18.63 -59.00 3.48
C PHE AB 498 18.40 -57.59 2.97
N ASP AB 499 19.50 -56.93 2.57
CA ASP AB 499 19.42 -55.54 2.16
C ASP AB 499 18.52 -55.36 0.95
N ASN AB 500 18.76 -56.13 -0.11
CA ASN AB 500 17.96 -56.05 -1.32
C ASN AB 500 17.43 -57.41 -1.72
N CYS BB 3 -30.93 -63.88 -44.45
CA CYS BB 3 -30.10 -62.78 -44.90
C CYS BB 3 -29.52 -62.02 -43.72
N ASN BB 4 -28.22 -62.17 -43.49
CA ASN BB 4 -27.55 -61.58 -42.33
C ASN BB 4 -26.50 -60.55 -42.69
N LYS BB 5 -25.92 -60.61 -43.88
CA LYS BB 5 -24.89 -59.66 -44.26
C LYS BB 5 -25.44 -58.31 -44.69
N GLN BB 6 -26.76 -58.18 -44.83
CA GLN BB 6 -27.35 -56.91 -45.22
C GLN BB 6 -27.24 -55.91 -44.07
N ASN BB 7 -26.77 -54.71 -44.36
CA ASN BB 7 -26.58 -53.67 -43.37
C ASN BB 7 -27.72 -52.66 -43.52
N GLY BB 8 -28.62 -52.64 -42.53
CA GLY BB 8 -29.75 -51.73 -42.60
C GLY BB 8 -30.53 -51.76 -41.30
N VAL BB 9 -31.58 -50.95 -41.27
CA VAL BB 9 -32.45 -50.81 -40.09
C VAL BB 9 -33.79 -51.45 -40.39
N LYS BB 10 -34.31 -52.21 -39.43
CA LYS BB 10 -35.53 -52.98 -39.59
C LYS BB 10 -36.72 -52.40 -38.83
N ASN BB 11 -36.53 -51.97 -37.59
CA ASN BB 11 -37.60 -51.40 -36.79
C ASN BB 11 -37.06 -50.23 -35.98
N ILE BB 12 -37.93 -49.25 -35.73
CA ILE BB 12 -37.59 -48.08 -34.93
C ILE BB 12 -38.82 -47.74 -34.09
N LEU BB 13 -38.73 -47.94 -32.78
CA LEU BB 13 -39.80 -47.64 -31.85
C LEU BB 13 -39.39 -46.49 -30.94
N ILE BB 14 -40.30 -45.53 -30.75
CA ILE BB 14 -40.05 -44.35 -29.93
C ILE BB 14 -41.23 -44.16 -28.99
N THR BB 15 -40.94 -43.80 -27.75
CA THR BB 15 -41.95 -43.55 -26.73
C THR BB 15 -41.74 -42.16 -26.17
N PHE BB 16 -42.78 -41.32 -26.22
CA PHE BB 16 -42.70 -39.94 -25.77
C PHE BB 16 -43.36 -39.79 -24.40
N THR BB 17 -42.77 -38.94 -23.57
CA THR BB 17 -43.29 -38.64 -22.23
C THR BB 17 -43.27 -37.12 -22.06
N HIS BB 18 -44.40 -36.48 -22.29
CA HIS BB 18 -44.48 -35.03 -22.17
C HIS BB 18 -44.10 -34.61 -20.74
N CYS BB 19 -43.31 -33.55 -20.65
CA CYS BB 19 -42.78 -33.12 -19.36
C CYS BB 19 -43.73 -32.20 -18.60
N ASP BB 20 -44.54 -31.40 -19.31
CA ASP BB 20 -45.45 -30.47 -18.66
C ASP BB 20 -46.81 -31.09 -18.33
N THR BB 21 -47.10 -32.31 -18.80
CA THR BB 21 -48.38 -32.93 -18.53
C THR BB 21 -48.29 -34.39 -18.12
N GLY BB 22 -47.15 -35.05 -18.27
CA GLY BB 22 -47.01 -36.43 -17.87
C GLY BB 22 -47.63 -37.43 -18.83
N GLU BB 23 -48.13 -36.98 -19.98
CA GLU BB 23 -48.73 -37.90 -20.95
C GLU BB 23 -47.67 -38.85 -21.49
N VAL BB 24 -48.10 -40.10 -21.72
CA VAL BB 24 -47.23 -41.14 -22.27
C VAL BB 24 -47.90 -41.70 -23.51
N ILE BB 25 -47.12 -41.83 -24.59
CA ILE BB 25 -47.60 -42.36 -25.86
C ILE BB 25 -46.85 -43.66 -26.12
N GLY BB 26 -47.59 -44.76 -26.31
CA GLY BB 26 -47.00 -46.06 -26.50
C GLY BB 26 -45.98 -46.07 -27.62
N PRO BB 27 -45.16 -47.12 -27.69
CA PRO BB 27 -44.11 -47.17 -28.71
C PRO BB 27 -44.72 -47.19 -30.11
N ILE BB 28 -44.36 -46.18 -30.90
CA ILE BB 28 -44.84 -46.02 -32.27
C ILE BB 28 -43.71 -46.36 -33.22
N SER BB 29 -43.99 -47.22 -34.19
CA SER BB 29 -43.02 -47.52 -35.22
C SER BB 29 -42.77 -46.29 -36.09
N HIS BB 30 -41.56 -46.18 -36.62
CA HIS BB 30 -41.16 -45.04 -37.44
C HIS BB 30 -40.42 -45.54 -38.67
N GLU BB 31 -40.27 -44.65 -39.64
CA GLU BB 31 -39.59 -44.94 -40.89
C GLU BB 31 -38.58 -43.84 -41.19
N GLN BB 32 -37.41 -44.24 -41.77
CA GLN BB 32 -36.35 -43.27 -41.94
C GLN BB 32 -36.54 -42.46 -43.22
N PRO BB 33 -36.01 -41.22 -43.27
CA PRO BB 33 -36.32 -40.33 -44.39
C PRO BB 33 -35.45 -40.52 -45.61
N ASP BB 34 -34.24 -41.03 -45.43
CA ASP BB 34 -33.29 -41.13 -46.52
C ASP BB 34 -32.41 -42.36 -46.31
N ASP BB 35 -31.30 -42.43 -47.04
CA ASP BB 35 -30.45 -43.61 -47.03
C ASP BB 35 -29.46 -43.64 -45.87
N THR BB 36 -29.34 -42.56 -45.10
CA THR BB 36 -28.40 -42.54 -43.99
C THR BB 36 -28.89 -43.46 -42.87
N LEU BB 37 -27.95 -43.90 -42.05
CA LEU BB 37 -28.22 -44.81 -40.94
C LEU BB 37 -27.93 -44.14 -39.60
N PRO BB 38 -28.56 -44.60 -38.53
CA PRO BB 38 -28.21 -44.07 -37.20
C PRO BB 38 -26.80 -44.47 -36.80
N THR BB 39 -26.24 -43.71 -35.85
CA THR BB 39 -24.89 -43.94 -35.36
C THR BB 39 -24.91 -44.01 -33.84
N TYR BB 40 -23.87 -44.65 -33.29
CA TYR BB 40 -23.85 -44.98 -31.87
C TYR BB 40 -22.49 -44.67 -31.26
N LYS BB 41 -22.49 -44.46 -29.95
CA LYS BB 41 -21.26 -44.33 -29.17
C LYS BB 41 -21.61 -44.80 -27.76
N THR BB 42 -21.06 -45.95 -27.36
CA THR BB 42 -21.45 -46.59 -26.12
C THR BB 42 -20.42 -46.49 -25.00
N CYS BB 43 -19.16 -46.24 -25.33
CA CYS BB 43 -18.09 -46.15 -24.34
C CYS BB 43 -18.15 -44.76 -23.71
N ALA BB 44 -18.54 -44.70 -22.44
CA ALA BB 44 -18.74 -43.42 -21.74
C ALA BB 44 -17.47 -42.94 -21.05
N TRP BB 45 -16.36 -42.92 -21.79
CA TRP BB 45 -15.10 -42.40 -21.29
C TRP BB 45 -14.25 -42.04 -22.50
N THR BB 46 -13.61 -40.87 -22.45
CA THR BB 46 -12.85 -40.35 -23.57
C THR BB 46 -11.37 -40.30 -23.22
N ASN BB 47 -10.53 -40.72 -24.16
CA ASN BB 47 -9.08 -40.75 -23.98
C ASN BB 47 -8.45 -39.57 -24.72
N THR BB 48 -7.52 -38.89 -24.04
CA THR BB 48 -6.75 -37.81 -24.64
C THR BB 48 -5.29 -38.23 -24.70
N ALA BB 49 -4.60 -37.79 -25.74
CA ALA BB 49 -3.25 -38.24 -26.03
C ALA BB 49 -2.24 -37.40 -25.26
N LEU BB 50 -1.54 -38.02 -24.32
CA LEU BB 50 -0.42 -37.39 -23.63
C LEU BB 50 0.88 -37.75 -24.36
N THR BB 51 2.01 -37.43 -23.74
CA THR BB 51 3.31 -37.71 -24.31
C THR BB 51 3.78 -39.11 -23.92
N ASN BB 52 4.38 -39.81 -24.89
CA ASN BB 52 5.02 -41.10 -24.64
C ASN BB 52 4.00 -42.20 -24.36
N GLY BB 53 2.86 -42.15 -25.06
CA GLY BB 53 1.92 -43.25 -25.05
C GLY BB 53 0.93 -43.27 -23.91
N ALA BB 54 0.89 -42.24 -23.08
CA ALA BB 54 -0.07 -42.18 -21.98
C ALA BB 54 -1.32 -41.42 -22.42
N VAL BB 55 -2.38 -41.55 -21.62
CA VAL BB 55 -3.69 -41.01 -21.95
C VAL BB 55 -4.29 -40.33 -20.72
N MET BB 56 -5.49 -39.78 -20.91
CA MET BB 56 -6.24 -39.13 -19.84
C MET BB 56 -7.71 -39.43 -20.04
N ARG BB 57 -8.42 -39.74 -18.94
CA ARG BB 57 -9.82 -40.11 -19.00
C ARG BB 57 -10.70 -38.91 -18.64
N SER BB 58 -11.80 -38.75 -19.36
CA SER BB 58 -12.76 -37.68 -19.10
C SER BB 58 -14.17 -38.25 -19.22
N ALA BB 59 -15.11 -37.60 -18.55
CA ALA BB 59 -16.44 -38.17 -18.33
C ALA BB 59 -17.16 -38.51 -19.63
N SER BB 60 -17.50 -37.50 -20.43
CA SER BB 60 -18.21 -37.72 -21.68
C SER BB 60 -19.53 -38.43 -21.43
N ASN BB 61 -20.27 -38.75 -22.51
CA ASN BB 61 -21.56 -39.41 -22.40
C ASN BB 61 -21.70 -40.42 -23.54
N ALA BB 62 -22.84 -41.08 -23.57
CA ALA BB 62 -23.21 -41.99 -24.65
C ALA BB 62 -24.35 -41.38 -25.44
N THR BB 63 -24.17 -41.24 -26.74
CA THR BB 63 -25.06 -40.48 -27.60
C THR BB 63 -25.55 -41.34 -28.75
N MET BB 64 -26.69 -40.95 -29.31
CA MET BB 64 -27.26 -41.59 -30.49
C MET BB 64 -27.79 -40.53 -31.43
N THR BB 65 -27.52 -40.70 -32.73
CA THR BB 65 -28.10 -39.85 -33.76
C THR BB 65 -29.14 -40.66 -34.51
N LEU BB 66 -30.39 -40.19 -34.48
CA LEU BB 66 -31.54 -40.96 -34.97
C LEU BB 66 -32.34 -40.12 -35.96
N PRO BB 67 -32.04 -40.20 -37.25
CA PRO BB 67 -32.85 -39.51 -38.25
C PRO BB 67 -34.09 -40.32 -38.59
N VAL BB 68 -35.27 -39.76 -38.30
CA VAL BB 68 -36.54 -40.45 -38.52
C VAL BB 68 -37.54 -39.48 -39.15
N VAL BB 69 -38.57 -40.04 -39.75
CA VAL BB 69 -39.62 -39.26 -40.38
C VAL BB 69 -40.68 -38.94 -39.34
N ARG BB 70 -41.04 -37.67 -39.24
CA ARG BB 70 -42.02 -37.24 -38.24
C ARG BB 70 -43.35 -37.97 -38.43
N ASP BB 71 -43.94 -38.39 -37.32
CA ASP BB 71 -45.27 -38.99 -37.35
C ASP BB 71 -46.31 -37.89 -37.46
N PRO BB 72 -47.23 -37.94 -38.41
CA PRO BB 72 -48.16 -36.81 -38.60
C PRO BB 72 -49.21 -36.70 -37.51
N ARG BB 73 -49.13 -37.54 -36.48
CA ARG BB 73 -50.08 -37.50 -35.38
C ARG BB 73 -49.43 -37.02 -34.08
N VAL BB 74 -48.20 -36.53 -34.14
CA VAL BB 74 -47.50 -36.06 -32.94
C VAL BB 74 -46.97 -34.66 -33.21
N PRO BB 75 -47.13 -33.71 -32.30
CA PRO BB 75 -46.65 -32.35 -32.57
C PRO BB 75 -45.16 -32.32 -32.82
N LEU BB 76 -44.74 -31.40 -33.70
CA LEU BB 76 -43.33 -31.28 -34.05
C LEU BB 76 -42.47 -30.88 -32.86
N ALA BB 77 -43.07 -30.25 -31.84
CA ALA BB 77 -42.29 -29.83 -30.68
C ALA BB 77 -41.73 -31.03 -29.93
N TRP BB 78 -42.50 -32.12 -29.85
CA TRP BB 78 -42.06 -33.27 -29.07
C TRP BB 78 -40.76 -33.86 -29.61
N TYR BB 79 -40.64 -33.96 -30.94
CA TYR BB 79 -39.42 -34.50 -31.53
C TYR BB 79 -38.20 -33.66 -31.20
N GLN BB 80 -38.40 -32.38 -30.87
CA GLN BB 80 -37.29 -31.53 -30.45
C GLN BB 80 -37.18 -31.61 -28.93
N GLY BB 81 -36.48 -30.65 -28.33
CA GLY BB 81 -36.16 -30.76 -26.92
C GLY BB 81 -37.27 -30.38 -25.97
N CYS BB 82 -38.50 -30.81 -26.27
CA CYS BB 82 -39.65 -30.52 -25.43
C CYS BB 82 -40.31 -31.78 -24.89
N ALA BB 83 -39.59 -32.90 -24.84
CA ALA BB 83 -40.15 -34.14 -24.32
C ALA BB 83 -39.06 -35.19 -24.20
N GLN BB 84 -39.25 -36.11 -23.27
CA GLN BB 84 -38.35 -37.23 -23.10
C GLN BB 84 -38.52 -38.23 -24.26
N ILE BB 85 -37.51 -39.07 -24.46
CA ILE BB 85 -37.51 -40.04 -25.55
C ILE BB 85 -36.97 -41.37 -25.05
N ASP BB 86 -37.64 -42.46 -25.43
CA ASP BB 86 -37.13 -43.81 -25.27
C ASP BB 86 -37.17 -44.47 -26.64
N ALA BB 87 -36.02 -44.96 -27.11
CA ALA BB 87 -35.89 -45.43 -28.47
C ALA BB 87 -35.32 -46.84 -28.51
N GLN BB 88 -35.68 -47.56 -29.57
CA GLN BB 88 -35.13 -48.88 -29.85
C GLN BB 88 -34.96 -49.04 -31.35
N VAL BB 89 -33.82 -49.57 -31.76
CA VAL BB 89 -33.50 -49.76 -33.17
C VAL BB 89 -33.05 -51.20 -33.36
N GLU BB 90 -33.64 -51.90 -34.32
CA GLU BB 90 -33.31 -53.29 -34.62
C GLU BB 90 -32.81 -53.38 -36.05
N LYS BB 91 -31.59 -53.88 -36.23
CA LYS BB 91 -31.00 -54.02 -37.55
C LYS BB 91 -31.33 -55.40 -38.13
N PHE BB 92 -31.02 -55.55 -39.42
CA PHE BB 92 -31.38 -56.79 -40.12
C PHE BB 92 -30.63 -57.98 -39.53
N ASP BB 93 -29.34 -57.82 -39.23
CA ASP BB 93 -28.55 -58.94 -38.75
C ASP BB 93 -29.11 -59.50 -37.45
N GLY BB 94 -29.62 -58.65 -36.57
CA GLY BB 94 -30.22 -59.10 -35.33
C GLY BB 94 -29.91 -58.22 -34.14
N THR BB 95 -28.96 -57.30 -34.30
CA THR BB 95 -28.57 -56.44 -33.20
C THR BB 95 -29.72 -55.52 -32.79
N VAL BB 96 -29.83 -55.27 -31.49
CA VAL BB 96 -30.83 -54.39 -30.92
C VAL BB 96 -30.13 -53.43 -29.96
N MET BB 97 -30.44 -52.14 -30.09
CA MET BB 97 -29.83 -51.11 -29.25
C MET BB 97 -30.95 -50.32 -28.58
N THR BB 98 -31.01 -50.40 -27.25
CA THR BB 98 -32.05 -49.78 -26.46
C THR BB 98 -31.53 -48.54 -25.75
N LEU BB 99 -32.41 -47.58 -25.52
CA LEU BB 99 -32.07 -46.35 -24.81
C LEU BB 99 -33.28 -45.89 -24.03
N THR BB 100 -33.03 -45.35 -22.83
CA THR BB 100 -34.10 -44.86 -21.98
C THR BB 100 -33.66 -43.58 -21.29
N GLU BB 101 -34.64 -42.71 -21.00
CA GLU BB 101 -34.38 -41.44 -20.33
C GLU BB 101 -33.38 -40.59 -21.12
N GLY BB 102 -33.56 -40.56 -22.44
CA GLY BB 102 -32.72 -39.73 -23.28
C GLY BB 102 -33.26 -38.32 -23.40
N ALA BB 103 -32.38 -37.41 -23.81
CA ALA BB 103 -32.72 -36.00 -24.00
C ALA BB 103 -32.18 -35.51 -25.32
N VAL BB 104 -32.91 -34.59 -25.94
CA VAL BB 104 -32.51 -34.00 -27.21
C VAL BB 104 -31.67 -32.75 -26.92
N THR BB 105 -30.63 -32.55 -27.72
CA THR BB 105 -29.69 -31.46 -27.51
C THR BB 105 -29.55 -30.63 -28.78
N GLU BB 106 -29.45 -29.31 -28.61
CA GLU BB 106 -29.21 -28.35 -29.66
C GLU BB 106 -30.03 -28.67 -30.93
N PRO BB 107 -31.36 -28.69 -30.82
CA PRO BB 107 -32.18 -28.98 -32.01
C PRO BB 107 -31.99 -27.92 -33.08
N GLU BB 108 -32.10 -28.36 -34.33
CA GLU BB 108 -31.99 -27.48 -35.48
C GLU BB 108 -33.33 -27.42 -36.21
N GLU BB 109 -33.48 -26.41 -37.06
CA GLU BB 109 -34.73 -26.21 -37.78
C GLU BB 109 -35.01 -27.38 -38.71
N SER BB 110 -36.29 -27.75 -38.81
CA SER BB 110 -36.73 -28.82 -39.68
C SER BB 110 -37.90 -28.35 -40.52
N ASP BB 111 -37.98 -28.85 -41.75
CA ASP BB 111 -39.00 -28.42 -42.70
C ASP BB 111 -40.39 -28.95 -42.35
N GLY BB 112 -40.50 -29.92 -41.46
CA GLY BB 112 -41.77 -30.47 -41.05
C GLY BB 112 -41.93 -31.96 -41.27
N ARG BB 113 -41.06 -32.60 -42.05
CA ARG BB 113 -41.12 -34.03 -42.27
C ARG BB 113 -39.88 -34.76 -41.77
N ALA BB 114 -38.70 -34.27 -42.12
CA ALA BB 114 -37.44 -34.93 -41.75
C ALA BB 114 -36.90 -34.30 -40.49
N VAL BB 115 -36.69 -35.12 -39.45
CA VAL BB 115 -36.17 -34.66 -38.18
C VAL BB 115 -34.97 -35.53 -37.82
N THR BB 116 -33.86 -34.89 -37.46
CA THR BB 116 -32.65 -35.57 -37.03
C THR BB 116 -32.45 -35.27 -35.55
N MET BB 117 -32.52 -36.30 -34.73
CA MET BB 117 -32.48 -36.16 -33.28
C MET BB 117 -31.12 -36.61 -32.75
N THR BB 118 -30.52 -35.77 -31.90
CA THR BB 118 -29.31 -36.11 -31.17
C THR BB 118 -29.71 -36.40 -29.73
N ILE BB 119 -29.45 -37.62 -29.26
CA ILE BB 119 -29.89 -38.08 -27.96
C ILE BB 119 -28.68 -38.47 -27.14
N ILE BB 120 -28.72 -38.14 -25.85
CA ILE BB 120 -27.67 -38.50 -24.91
C ILE BB 120 -28.30 -39.18 -23.70
N ALA BB 121 -27.68 -40.25 -23.23
CA ALA BB 121 -28.19 -41.00 -22.09
C ALA BB 121 -27.02 -41.49 -21.26
N ALA BB 122 -27.34 -42.00 -20.07
CA ALA BB 122 -26.30 -42.50 -19.18
C ALA BB 122 -25.57 -43.68 -19.79
N GLU BB 123 -26.31 -44.61 -20.41
CA GLU BB 123 -25.71 -45.78 -21.02
C GLU BB 123 -26.65 -46.34 -22.06
N ILE BB 124 -26.07 -47.02 -23.05
CA ILE BB 124 -26.83 -47.68 -24.11
C ILE BB 124 -26.53 -49.17 -24.04
N ASP BB 125 -27.58 -49.98 -24.03
CA ASP BB 125 -27.45 -51.43 -23.93
C ASP BB 125 -27.57 -52.07 -25.30
N GLU BB 126 -26.68 -53.00 -25.59
CA GLU BB 126 -26.60 -53.65 -26.89
C GLU BB 126 -26.89 -55.13 -26.76
N LEU BB 127 -27.67 -55.67 -27.69
CA LEU BB 127 -28.01 -57.09 -27.74
C LEU BB 127 -27.41 -57.66 -29.02
N LEU BB 128 -26.28 -58.34 -28.89
CA LEU BB 128 -25.64 -58.96 -30.03
C LEU BB 128 -26.42 -60.19 -30.47
N PRO BB 129 -26.25 -60.61 -31.72
CA PRO BB 129 -26.95 -61.83 -32.18
C PRO BB 129 -26.50 -63.03 -31.38
N PRO BB 130 -27.18 -64.16 -31.54
CA PRO BB 130 -26.80 -65.37 -30.78
C PRO BB 130 -25.37 -65.78 -31.10
N GLY BB 131 -24.67 -66.27 -30.08
CA GLY BB 131 -23.32 -66.73 -30.26
C GLY BB 131 -22.24 -65.72 -29.96
N SER BB 132 -22.47 -64.80 -29.04
CA SER BB 132 -21.48 -63.80 -28.69
C SER BB 132 -20.31 -64.44 -27.95
N LEU BB 133 -19.22 -63.69 -27.82
CA LEU BB 133 -18.02 -64.14 -27.12
C LEU BB 133 -17.89 -63.48 -25.74
N ALA BB 134 -17.92 -62.16 -25.69
CA ALA BB 134 -17.78 -61.45 -24.42
C ALA BB 134 -19.00 -61.70 -23.54
N ALA BB 135 -18.78 -61.63 -22.24
CA ALA BB 135 -19.85 -61.82 -21.26
C ALA BB 135 -20.62 -60.52 -21.04
N MET CB 1 -79.72 -3.82 -31.26
CA MET CB 1 -78.53 -3.02 -30.83
C MET CB 1 -77.84 -3.69 -29.65
N ALA CB 2 -78.38 -3.49 -28.45
CA ALA CB 2 -77.86 -4.11 -27.23
C ALA CB 2 -76.42 -3.65 -27.06
N GLN CB 3 -75.48 -4.56 -26.76
CA GLN CB 3 -74.10 -4.16 -26.53
C GLN CB 3 -73.44 -3.78 -27.86
N ASP CB 4 -72.35 -3.01 -27.75
CA ASP CB 4 -71.71 -2.44 -28.93
C ASP CB 4 -71.19 -3.54 -29.86
N ALA CB 5 -70.51 -4.54 -29.29
CA ALA CB 5 -69.85 -5.54 -30.12
C ALA CB 5 -70.86 -6.33 -30.94
N LEU CB 6 -71.99 -6.69 -30.34
CA LEU CB 6 -72.98 -7.56 -30.97
C LEU CB 6 -74.07 -6.79 -31.69
N SER CB 7 -73.97 -5.46 -31.78
CA SER CB 7 -75.07 -4.68 -32.32
C SER CB 7 -75.19 -4.84 -33.83
N ASP CB 8 -74.07 -4.80 -34.55
CA ASP CB 8 -74.10 -4.77 -36.01
C ASP CB 8 -74.65 -6.06 -36.61
N GLY CB 9 -74.75 -7.15 -35.83
CA GLY CB 9 -75.34 -8.36 -36.33
C GLY CB 9 -74.43 -9.23 -37.18
N PHE CB 10 -73.12 -8.97 -37.16
CA PHE CB 10 -72.20 -9.83 -37.89
C PHE CB 10 -71.99 -11.16 -37.18
N VAL CB 11 -72.16 -11.20 -35.87
CA VAL CB 11 -71.94 -12.39 -35.06
C VAL CB 11 -73.20 -12.69 -34.28
N ARG CB 12 -73.66 -13.93 -34.33
CA ARG CB 12 -74.80 -14.39 -33.56
C ARG CB 12 -74.27 -15.30 -32.44
N LEU CB 13 -74.54 -14.91 -31.21
CA LEU CB 13 -73.97 -15.57 -30.03
C LEU CB 13 -75.06 -16.31 -29.28
N CYS CB 14 -74.75 -17.55 -28.89
CA CYS CB 14 -75.68 -18.37 -28.12
C CYS CB 14 -74.90 -19.06 -27.01
N ILE CB 15 -75.45 -19.03 -25.80
CA ILE CB 15 -74.79 -19.59 -24.62
C ILE CB 15 -75.75 -20.59 -23.99
N ASP CB 16 -75.31 -21.85 -23.93
CA ASP CB 16 -76.10 -22.90 -23.30
C ASP CB 16 -75.19 -24.07 -22.91
N PRO CB 17 -75.14 -24.47 -21.64
CA PRO CB 17 -74.28 -25.58 -21.25
C PRO CB 17 -74.84 -26.96 -21.56
N SER CB 18 -76.08 -27.06 -22.05
CA SER CB 18 -76.71 -28.35 -22.32
C SER CB 18 -76.46 -28.85 -23.73
N LEU CB 19 -75.86 -28.03 -24.60
CA LEU CB 19 -75.59 -28.45 -25.96
C LEU CB 19 -74.31 -29.29 -26.02
N ASN CB 20 -74.34 -30.34 -26.83
CA ASN CB 20 -73.19 -31.23 -27.01
C ASN CB 20 -72.87 -31.31 -28.50
N PHE CB 21 -71.59 -31.12 -28.83
CA PHE CB 21 -71.17 -31.18 -30.23
C PHE CB 21 -71.12 -32.62 -30.72
N PHE CB 22 -70.59 -33.52 -29.91
CA PHE CB 22 -70.38 -34.89 -30.35
C PHE CB 22 -71.72 -35.60 -30.53
N GLY CB 23 -71.79 -36.45 -31.55
CA GLY CB 23 -72.99 -37.22 -31.77
C GLY CB 23 -73.22 -38.22 -30.65
N GLU CB 24 -74.50 -38.58 -30.46
CA GLU CB 24 -74.85 -39.54 -29.43
C GLU CB 24 -74.01 -40.80 -29.54
N GLY CB 25 -73.45 -41.23 -28.42
CA GLY CB 25 -72.58 -42.39 -28.42
C GLY CB 25 -73.34 -43.69 -28.61
N CYS CB 26 -72.78 -44.79 -28.10
CA CYS CB 26 -73.42 -46.08 -28.22
C CYS CB 26 -74.74 -46.08 -27.43
N LYS CB 27 -75.49 -47.18 -27.55
CA LYS CB 27 -76.78 -47.33 -26.90
C LYS CB 27 -76.75 -48.53 -25.98
N ILE CB 28 -77.26 -48.35 -24.76
CA ILE CB 28 -77.36 -49.43 -23.78
C ILE CB 28 -78.80 -49.51 -23.31
N LEU CB 29 -79.37 -50.72 -23.34
CA LEU CB 29 -80.76 -50.95 -22.96
C LEU CB 29 -80.78 -51.75 -21.65
N VAL CB 30 -81.45 -51.20 -20.64
CA VAL CB 30 -81.54 -51.83 -19.33
C VAL CB 30 -82.96 -52.34 -19.14
N GLU CB 31 -83.08 -53.56 -18.60
CA GLU CB 31 -84.36 -54.23 -18.46
C GLU CB 31 -84.51 -54.74 -17.03
N GLY CB 32 -85.71 -54.59 -16.47
CA GLY CB 32 -85.92 -55.01 -15.11
C GLY CB 32 -87.37 -54.82 -14.69
N GLN CB 33 -87.59 -54.81 -13.38
CA GLN CB 33 -88.92 -54.70 -12.79
C GLN CB 33 -89.23 -53.25 -12.45
N ILE CB 34 -90.48 -53.02 -12.05
CA ILE CB 34 -90.90 -51.72 -11.54
C ILE CB 34 -91.96 -51.94 -10.46
N THR CB 35 -92.39 -50.86 -9.81
CA THR CB 35 -93.41 -50.91 -8.78
C THR CB 35 -94.63 -50.10 -9.22
N ASP CB 36 -95.73 -50.28 -8.48
CA ASP CB 36 -96.99 -49.64 -8.85
C ASP CB 36 -96.93 -48.12 -8.75
N ASP CB 37 -95.96 -47.56 -8.03
CA ASP CB 37 -95.87 -46.12 -7.87
C ASP CB 37 -95.18 -45.44 -9.05
N ALA CB 38 -94.69 -46.19 -10.03
CA ALA CB 38 -94.06 -45.60 -11.19
C ALA CB 38 -95.10 -44.92 -12.06
N THR CB 39 -94.62 -44.27 -13.13
CA THR CB 39 -95.50 -43.58 -14.07
C THR CB 39 -95.08 -43.83 -15.51
N ALA CB 40 -94.42 -44.95 -15.77
CA ALA CB 40 -93.95 -45.31 -17.10
C ALA CB 40 -94.72 -46.50 -17.62
N ALA CB 41 -95.18 -46.41 -18.86
CA ALA CB 41 -95.95 -47.50 -19.45
C ALA CB 41 -95.09 -48.74 -19.61
N GLU CB 42 -95.67 -49.89 -19.33
CA GLU CB 42 -94.95 -51.16 -19.43
C GLU CB 42 -94.73 -51.54 -20.89
N ASN CB 43 -93.58 -52.18 -21.15
CA ASN CB 43 -93.26 -52.71 -22.46
C ASN CB 43 -93.09 -51.60 -23.50
N VAL CB 44 -92.44 -50.50 -23.10
CA VAL CB 44 -92.17 -49.39 -23.99
C VAL CB 44 -90.72 -48.95 -23.78
N VAL CB 45 -89.97 -48.83 -24.87
CA VAL CB 45 -88.59 -48.35 -24.81
C VAL CB 45 -88.62 -46.84 -24.68
N THR CB 46 -88.00 -46.31 -23.63
CA THR CB 46 -88.03 -44.88 -23.34
C THR CB 46 -86.62 -44.39 -23.06
N CYS CB 47 -86.37 -43.13 -23.41
CA CYS CB 47 -85.09 -42.50 -23.15
C CYS CB 47 -85.00 -42.04 -21.69
N VAL CB 48 -83.78 -41.87 -21.22
CA VAL CB 48 -83.50 -41.38 -19.87
C VAL CB 48 -82.49 -40.26 -19.97
N ASN CB 49 -82.56 -39.33 -19.03
CA ASN CB 49 -81.74 -38.13 -19.05
C ASN CB 49 -80.81 -38.02 -17.85
N SER CB 50 -81.32 -38.19 -16.63
CA SER CB 50 -80.53 -37.97 -15.44
C SER CB 50 -81.04 -38.86 -14.31
N GLU CB 51 -80.22 -38.97 -13.26
CA GLU CB 51 -80.60 -39.80 -12.12
C GLU CB 51 -81.83 -39.24 -11.40
N LEU CB 52 -81.99 -37.91 -11.41
CA LEU CB 52 -83.12 -37.32 -10.70
C LEU CB 52 -84.46 -37.65 -11.34
N ASP CB 53 -84.47 -38.05 -12.62
CA ASP CB 53 -85.70 -38.46 -13.27
C ASP CB 53 -86.16 -39.84 -12.84
N LEU CB 54 -85.30 -40.61 -12.16
CA LEU CB 54 -85.70 -41.91 -11.64
C LEU CB 54 -86.65 -41.72 -10.46
N VAL CB 55 -87.01 -42.83 -9.82
CA VAL CB 55 -87.94 -42.82 -8.70
C VAL CB 55 -89.32 -42.37 -9.18
N GLU CB 56 -89.40 -41.13 -9.65
CA GLU CB 56 -90.67 -40.62 -10.15
C GLU CB 56 -91.17 -41.45 -11.33
N ARG CB 57 -90.25 -41.81 -12.24
CA ARG CB 57 -90.64 -42.50 -13.47
C ARG CB 57 -90.68 -44.01 -13.33
N PHE CB 58 -89.88 -44.59 -12.42
CA PHE CB 58 -89.76 -46.04 -12.32
C PHE CB 58 -90.06 -46.56 -10.91
N GLY CB 59 -90.65 -45.74 -10.05
CA GLY CB 59 -91.04 -46.19 -8.72
C GLY CB 59 -89.91 -46.12 -7.72
N GLN CB 60 -90.28 -46.28 -6.45
CA GLN CB 60 -89.34 -46.14 -5.35
C GLN CB 60 -88.60 -47.47 -5.13
N GLY CB 61 -87.27 -47.43 -5.26
CA GLY CB 61 -86.46 -48.56 -4.89
C GLY CB 61 -86.77 -49.85 -5.62
N SER CB 62 -86.93 -49.78 -6.93
CA SER CB 62 -87.13 -50.97 -7.76
C SER CB 62 -85.80 -51.40 -8.38
N VAL CB 63 -85.82 -52.59 -8.98
CA VAL CB 63 -84.61 -53.14 -9.57
C VAL CB 63 -84.10 -52.24 -10.69
N LEU CB 64 -85.03 -51.77 -11.54
CA LEU CB 64 -84.64 -50.94 -12.67
C LEU CB 64 -83.98 -49.65 -12.21
N THR CB 65 -84.51 -49.05 -11.14
CA THR CB 65 -83.93 -47.81 -10.64
C THR CB 65 -82.49 -48.01 -10.19
N GLU CB 66 -82.22 -49.09 -9.45
CA GLU CB 66 -80.86 -49.34 -8.99
C GLU CB 66 -79.93 -49.62 -10.16
N SER CB 67 -80.39 -50.42 -11.13
CA SER CB 67 -79.56 -50.71 -12.29
C SER CB 67 -79.21 -49.43 -13.03
N LEU CB 68 -80.20 -48.55 -13.24
CA LEU CB 68 -79.94 -47.31 -13.95
C LEU CB 68 -79.03 -46.39 -13.13
N ARG CB 69 -79.19 -46.41 -11.80
CA ARG CB 69 -78.31 -45.62 -10.95
C ARG CB 69 -76.86 -46.03 -11.14
N LYS CB 70 -76.60 -47.34 -11.10
CA LYS CB 70 -75.23 -47.81 -11.28
C LYS CB 70 -74.73 -47.50 -12.69
N VAL CB 71 -75.59 -47.67 -13.70
CA VAL CB 71 -75.17 -47.39 -15.07
C VAL CB 71 -74.75 -45.93 -15.21
N PHE CB 72 -75.56 -45.02 -14.67
CA PHE CB 72 -75.22 -43.61 -14.71
C PHE CB 72 -73.95 -43.31 -13.93
N CYS CB 73 -73.77 -43.97 -12.78
CA CYS CB 73 -72.59 -43.72 -11.97
C CYS CB 73 -71.31 -44.21 -12.65
N MET CB 74 -71.40 -45.21 -13.52
CA MET CB 74 -70.20 -45.75 -14.15
C MET CB 74 -69.83 -45.02 -15.43
N CYS CB 75 -70.83 -44.63 -16.24
CA CYS CB 75 -70.59 -43.98 -17.52
C CYS CB 75 -70.85 -42.48 -17.36
N LYS CB 76 -69.77 -41.70 -17.29
CA LYS CB 76 -69.91 -40.26 -17.10
C LYS CB 76 -70.38 -39.58 -18.38
N SER CB 77 -69.82 -39.95 -19.53
CA SER CB 77 -70.17 -39.31 -20.79
C SER CB 77 -69.80 -40.23 -21.94
N GLY CB 78 -70.60 -40.19 -23.00
CA GLY CB 78 -70.33 -40.97 -24.18
C GLY CB 78 -71.24 -42.18 -24.33
N VAL CB 79 -72.50 -42.03 -23.93
CA VAL CB 79 -73.46 -43.12 -24.01
C VAL CB 79 -74.86 -42.55 -23.85
N SER CB 80 -75.83 -43.22 -24.47
CA SER CB 80 -77.24 -42.88 -24.33
C SER CB 80 -77.97 -44.08 -23.75
N VAL CB 81 -78.71 -43.85 -22.67
CA VAL CB 81 -79.34 -44.93 -21.92
C VAL CB 81 -80.78 -45.09 -22.39
N TYR CB 82 -81.29 -46.30 -22.27
CA TYR CB 82 -82.69 -46.60 -22.57
C TYR CB 82 -83.19 -47.65 -21.57
N ALA CB 83 -84.50 -47.62 -21.31
CA ALA CB 83 -85.10 -48.51 -20.34
C ALA CB 83 -86.26 -49.26 -20.97
N LEU CB 84 -86.48 -50.49 -20.51
CA LEU CB 84 -87.57 -51.34 -20.97
C LEU CB 84 -88.29 -51.92 -19.76
N PRO CB 85 -89.09 -51.11 -19.08
CA PRO CB 85 -89.69 -51.56 -17.83
C PRO CB 85 -90.62 -52.75 -18.03
N ARG CB 86 -90.66 -53.62 -17.02
CA ARG CB 86 -91.53 -54.79 -17.00
C ARG CB 86 -92.21 -54.87 -15.63
N ALA CB 87 -93.36 -55.52 -15.61
CA ALA CB 87 -94.19 -55.59 -14.42
C ALA CB 87 -94.17 -57.00 -13.82
N ASP CB 88 -94.44 -57.07 -12.52
CA ASP CB 88 -94.45 -58.33 -11.82
C ASP CB 88 -95.60 -59.22 -12.31
N ALA CB 89 -95.43 -60.52 -12.16
CA ALA CB 89 -96.49 -61.46 -12.47
C ALA CB 89 -97.62 -61.33 -11.45
N ALA CB 90 -98.81 -61.75 -11.86
CA ALA CB 90 -99.98 -61.61 -10.98
C ALA CB 90 -99.83 -62.45 -9.71
N ALA CB 91 -99.30 -63.67 -9.85
CA ALA CB 91 -99.22 -64.61 -8.74
C ALA CB 91 -97.85 -64.64 -8.09
N ALA CB 92 -97.16 -63.51 -8.01
CA ALA CB 92 -95.83 -63.46 -7.40
C ALA CB 92 -95.96 -63.41 -5.88
N VAL CB 93 -94.97 -63.98 -5.21
CA VAL CB 93 -94.89 -63.98 -3.75
C VAL CB 93 -93.59 -63.29 -3.35
N SER CB 94 -93.72 -62.20 -2.60
CA SER CB 94 -92.55 -61.44 -2.18
C SER CB 94 -91.77 -62.18 -1.11
N ALA CB 95 -90.45 -62.11 -1.20
CA ALA CB 95 -89.60 -62.74 -0.18
C ALA CB 95 -89.69 -61.98 1.13
N VAL CB 96 -89.45 -62.70 2.23
CA VAL CB 96 -89.51 -62.14 3.57
C VAL CB 96 -88.25 -62.52 4.32
N TYR CB 97 -87.61 -61.53 4.95
CA TYR CB 97 -86.38 -61.74 5.71
C TYR CB 97 -86.59 -61.22 7.13
N THR CB 98 -86.01 -61.93 8.10
CA THR CB 98 -86.13 -61.60 9.51
C THR CB 98 -84.76 -61.33 10.10
N LEU CB 99 -84.63 -60.22 10.81
CA LEU CB 99 -83.42 -59.87 11.55
C LEU CB 99 -83.80 -59.63 12.99
N THR CB 100 -83.17 -60.34 13.91
CA THR CB 100 -83.54 -60.33 15.32
C THR CB 100 -82.38 -59.80 16.16
N VAL CB 101 -82.73 -59.18 17.28
CA VAL CB 101 -81.77 -58.67 18.24
C VAL CB 101 -82.01 -59.35 19.58
N THR CB 102 -80.94 -59.59 20.32
CA THR CB 102 -81.01 -60.29 21.59
C THR CB 102 -80.12 -59.62 22.61
N GLY CB 103 -80.39 -59.89 23.88
CA GLY CB 103 -79.60 -59.32 24.96
C GLY CB 103 -79.99 -57.88 25.26
N THR CB 104 -79.13 -57.23 26.03
CA THR CB 104 -79.34 -55.84 26.41
C THR CB 104 -78.00 -55.14 26.48
N ALA CB 105 -77.96 -53.90 26.03
CA ALA CB 105 -76.71 -53.13 26.03
C ALA CB 105 -76.28 -52.87 27.46
N LEU CB 106 -74.98 -53.02 27.71
CA LEU CB 106 -74.38 -52.74 29.01
C LEU CB 106 -73.24 -51.74 28.95
N THR CB 107 -72.60 -51.55 27.81
CA THR CB 107 -71.55 -50.55 27.65
C THR CB 107 -71.74 -49.86 26.30
N ASP CB 108 -71.56 -48.54 26.29
CA ASP CB 108 -71.79 -47.78 25.07
C ASP CB 108 -70.85 -48.25 23.97
N GLY CB 109 -71.36 -48.23 22.74
CA GLY CB 109 -70.57 -48.66 21.61
C GLY CB 109 -71.25 -48.33 20.30
N ARG CB 110 -70.65 -48.80 19.22
CA ARG CB 110 -71.15 -48.57 17.87
C ARG CB 110 -71.39 -49.90 17.16
N VAL CB 111 -72.44 -49.94 16.35
CA VAL CB 111 -72.76 -51.09 15.52
C VAL CB 111 -73.08 -50.61 14.12
N GLN CB 112 -72.44 -51.19 13.11
CA GLN CB 112 -72.64 -50.81 11.73
C GLN CB 112 -72.86 -52.07 10.89
N LEU CB 113 -73.90 -52.05 10.07
CA LEU CB 113 -74.30 -53.19 9.27
C LEU CB 113 -74.10 -52.89 7.78
N TYR CB 114 -73.70 -53.91 7.04
CA TYR CB 114 -73.56 -53.84 5.59
C TYR CB 114 -74.69 -54.63 4.96
N MET CB 115 -75.53 -53.95 4.18
CA MET CB 115 -76.75 -54.53 3.63
C MET CB 115 -76.73 -54.40 2.11
N GLY CB 116 -76.23 -55.43 1.44
CA GLY CB 116 -76.25 -55.47 -0.01
C GLY CB 116 -75.11 -54.68 -0.64
N GLU CB 117 -75.21 -53.36 -0.61
CA GLU CB 117 -74.21 -52.50 -1.23
C GLU CB 117 -73.85 -51.38 -0.26
N ALA CB 118 -72.69 -50.79 -0.48
CA ALA CB 118 -72.20 -49.77 0.45
C ALA CB 118 -73.17 -48.61 0.56
N GLU CB 119 -73.82 -48.23 -0.54
CA GLU CB 119 -74.73 -47.09 -0.50
C GLU CB 119 -75.84 -47.27 0.51
N TYR CB 120 -76.30 -48.50 0.71
CA TYR CB 120 -77.38 -48.78 1.64
C TYR CB 120 -76.90 -49.19 3.02
N SER CB 121 -75.59 -49.34 3.22
CA SER CB 121 -75.07 -49.67 4.54
C SER CB 121 -75.32 -48.51 5.50
N LEU CB 122 -75.55 -48.86 6.77
CA LEU CB 122 -75.90 -47.89 7.79
C LEU CB 122 -75.01 -48.09 9.02
N ASP CB 123 -74.76 -46.99 9.72
CA ASP CB 123 -74.02 -46.99 10.97
C ASP CB 123 -74.90 -46.39 12.05
N ILE CB 124 -75.15 -47.16 13.11
CA ILE CB 124 -75.96 -46.72 14.23
C ILE CB 124 -75.20 -47.01 15.52
N GLY CB 125 -75.13 -46.04 16.41
CA GLY CB 125 -74.40 -46.16 17.66
C GLY CB 125 -75.34 -46.10 18.84
N VAL CB 126 -75.34 -47.17 19.63
CA VAL CB 126 -76.10 -47.22 20.87
C VAL CB 126 -75.32 -46.42 21.91
N ASP CB 127 -75.89 -45.29 22.33
CA ASP CB 127 -75.17 -44.35 23.18
C ASP CB 127 -74.98 -44.84 24.60
N GLU CB 128 -75.93 -45.58 25.15
CA GLU CB 128 -75.89 -45.98 26.55
C GLU CB 128 -76.27 -47.44 26.68
N GLY CB 129 -75.81 -48.05 27.77
CA GLY CB 129 -76.24 -49.38 28.13
C GLY CB 129 -77.65 -49.35 28.71
N ASP CB 130 -78.07 -50.50 29.20
CA ASP CB 130 -79.39 -50.70 29.79
C ASP CB 130 -80.52 -50.53 28.77
N THR CB 131 -80.18 -50.37 27.49
CA THR CB 131 -81.19 -50.25 26.47
C THR CB 131 -81.63 -51.65 26.02
N PRO CB 132 -82.90 -52.02 26.20
CA PRO CB 132 -83.31 -53.38 25.80
C PRO CB 132 -83.35 -53.54 24.31
N THR CB 133 -83.77 -54.72 23.85
CA THR CB 133 -83.81 -54.99 22.41
C THR CB 133 -84.72 -54.03 21.67
N GLN CB 134 -85.69 -53.40 22.36
CA GLN CB 134 -86.64 -52.53 21.69
C GLN CB 134 -86.16 -51.10 21.57
N ILE CB 135 -85.35 -50.61 22.52
CA ILE CB 135 -84.71 -49.32 22.32
C ILE CB 135 -83.74 -49.41 21.14
N ALA CB 136 -83.06 -50.54 21.02
CA ALA CB 136 -82.42 -50.90 19.76
C ALA CB 136 -83.51 -51.18 18.73
N ALA CB 137 -83.09 -51.60 17.53
CA ALA CB 137 -83.97 -51.69 16.38
C ALA CB 137 -84.39 -50.31 15.89
N LYS CB 138 -83.68 -49.27 16.33
CA LYS CB 138 -83.76 -47.94 15.73
C LYS CB 138 -83.21 -47.93 14.31
N ILE CB 139 -82.71 -49.07 13.84
CA ILE CB 139 -82.22 -49.18 12.46
C ILE CB 139 -83.31 -48.77 11.49
N VAL CB 140 -84.55 -49.16 11.76
CA VAL CB 140 -85.66 -48.84 10.86
C VAL CB 140 -85.73 -47.34 10.63
N ALA CB 141 -85.32 -46.55 11.61
CA ALA CB 141 -85.28 -45.10 11.44
C ALA CB 141 -84.07 -44.63 10.66
N ALA CB 142 -83.07 -45.49 10.46
CA ALA CB 142 -81.87 -45.15 9.73
C ALA CB 142 -81.73 -45.85 8.38
N ILE CB 143 -82.58 -46.85 8.10
CA ILE CB 143 -82.49 -47.55 6.84
C ILE CB 143 -82.83 -46.59 5.69
N SER CB 144 -82.03 -46.65 4.63
CA SER CB 144 -82.21 -45.71 3.54
C SER CB 144 -83.58 -45.91 2.89
N PRO CB 145 -84.32 -44.83 2.59
CA PRO CB 145 -85.62 -45.01 1.94
C PRO CB 145 -85.55 -45.74 0.62
N ASP CB 146 -84.43 -45.62 -0.09
CA ASP CB 146 -84.30 -46.24 -1.40
C ASP CB 146 -83.95 -47.72 -1.34
N PHE CB 147 -83.85 -48.28 -0.14
CA PHE CB 147 -83.56 -49.70 -0.02
C PHE CB 147 -84.68 -50.51 -0.68
N PRO CB 148 -84.36 -51.61 -1.39
CA PRO CB 148 -85.43 -52.36 -2.08
C PRO CB 148 -86.30 -53.19 -1.16
N TYR CB 149 -86.17 -53.01 0.16
CA TYR CB 149 -86.93 -53.79 1.12
C TYR CB 149 -87.62 -52.86 2.11
N GLU CB 150 -88.68 -53.37 2.73
CA GLU CB 150 -89.49 -52.61 3.67
C GLU CB 150 -89.19 -53.05 5.09
N ALA CB 151 -89.02 -52.08 5.98
CA ALA CB 151 -88.70 -52.35 7.39
C ALA CB 151 -89.99 -52.38 8.19
N THR CB 152 -90.31 -53.54 8.76
CA THR CB 152 -91.56 -53.68 9.51
C THR CB 152 -91.46 -53.00 10.87
N ALA CB 153 -90.33 -53.16 11.55
CA ALA CB 153 -90.13 -52.59 12.89
C ALA CB 153 -91.13 -53.18 13.89
N ALA CB 154 -91.05 -54.49 14.06
CA ALA CB 154 -91.86 -55.19 15.05
C ALA CB 154 -91.21 -55.03 16.42
N ALA CB 155 -91.70 -55.78 17.41
CA ALA CB 155 -91.23 -55.67 18.79
C ALA CB 155 -90.00 -56.55 18.97
N GLY CB 156 -88.82 -55.96 18.85
CA GLY CB 156 -87.58 -56.65 19.08
C GLY CB 156 -86.97 -57.29 17.85
N VAL CB 157 -87.75 -57.46 16.78
CA VAL CB 157 -87.27 -58.07 15.55
C VAL CB 157 -87.80 -57.24 14.38
N ILE CB 158 -86.96 -57.06 13.36
CA ILE CB 158 -87.33 -56.29 12.17
C ILE CB 158 -87.41 -57.26 10.99
N THR CB 159 -88.51 -57.20 10.26
CA THR CB 159 -88.75 -58.07 9.11
C THR CB 159 -88.59 -57.27 7.84
N LEU CB 160 -87.82 -57.79 6.89
CA LEU CB 160 -87.55 -57.15 5.62
C LEU CB 160 -88.23 -57.94 4.51
N THR CB 161 -89.06 -57.27 3.72
CA THR CB 161 -89.76 -57.88 2.60
C THR CB 161 -89.45 -57.13 1.33
N ALA CB 162 -89.24 -57.87 0.24
CA ALA CB 162 -88.87 -57.27 -1.03
C ALA CB 162 -90.02 -56.42 -1.56
N ARG CB 163 -89.65 -55.33 -2.24
CA ARG CB 163 -90.64 -54.46 -2.88
C ARG CB 163 -91.11 -54.98 -4.23
N ASN CB 164 -90.42 -55.97 -4.80
CA ASN CB 164 -90.79 -56.54 -6.09
C ASN CB 164 -90.96 -58.04 -5.92
N GLY CB 165 -92.12 -58.55 -6.30
CA GLY CB 165 -92.38 -59.98 -6.16
C GLY CB 165 -91.60 -60.80 -7.16
N GLY CB 166 -91.22 -62.00 -6.75
CA GLY CB 166 -90.50 -62.93 -7.58
C GLY CB 166 -89.20 -63.38 -6.93
N THR CB 167 -88.46 -64.19 -7.69
CA THR CB 167 -87.18 -64.71 -7.21
C THR CB 167 -86.09 -63.65 -7.20
N ILE CB 168 -86.34 -62.47 -7.77
CA ILE CB 168 -85.30 -61.45 -7.82
C ILE CB 168 -84.90 -61.02 -6.43
N GLY CB 169 -85.87 -60.79 -5.55
CA GLY CB 169 -85.60 -60.38 -4.19
C GLY CB 169 -85.28 -61.55 -3.27
N ASN CB 170 -84.39 -62.44 -3.73
CA ASN CB 170 -84.04 -63.65 -3.00
C ASN CB 170 -82.52 -63.78 -2.82
N HIS CB 171 -81.81 -62.65 -2.80
CA HIS CB 171 -80.35 -62.68 -2.76
C HIS CB 171 -79.79 -61.63 -1.81
N LEU CB 172 -80.50 -61.31 -0.74
CA LEU CB 172 -80.03 -60.31 0.20
C LEU CB 172 -78.96 -60.89 1.12
N SER CB 173 -78.15 -60.00 1.69
CA SER CB 173 -77.09 -60.40 2.59
C SER CB 173 -76.81 -59.27 3.58
N VAL CB 174 -76.72 -59.63 4.86
CA VAL CB 174 -76.41 -58.69 5.93
C VAL CB 174 -75.30 -59.27 6.78
N ILE CB 175 -74.32 -58.45 7.13
CA ILE CB 175 -73.14 -58.88 7.86
C ILE CB 175 -72.89 -57.95 9.02
N TYR CB 176 -72.44 -58.50 10.14
CA TYR CB 176 -72.08 -57.73 11.34
C TYR CB 176 -70.61 -57.36 11.21
N THR CB 177 -70.36 -56.20 10.61
CA THR CB 177 -68.98 -55.82 10.27
C THR CB 177 -68.12 -55.64 11.52
N ASN CB 178 -68.69 -55.09 12.58
CA ASN CB 178 -67.91 -54.74 13.76
C ASN CB 178 -67.65 -55.91 14.69
N LEU CB 179 -68.13 -57.12 14.36
CA LEU CB 179 -67.91 -58.27 15.22
C LEU CB 179 -66.43 -58.44 15.54
N GLY CB 180 -65.60 -58.48 14.51
CA GLY CB 180 -64.16 -58.54 14.72
C GLY CB 180 -63.65 -57.25 15.33
N SER CB 181 -62.96 -57.37 16.47
CA SER CB 181 -62.45 -56.19 17.14
C SER CB 181 -61.51 -55.42 16.22
N CYS CB 182 -61.68 -54.10 16.20
CA CYS CB 182 -60.88 -53.22 15.35
C CYS CB 182 -60.76 -51.87 16.05
N THR CB 183 -60.37 -50.85 15.30
CA THR CB 183 -60.33 -49.51 15.87
C THR CB 183 -61.69 -49.13 16.45
N SER CB 184 -62.77 -49.50 15.77
CA SER CB 184 -64.12 -49.28 16.28
C SER CB 184 -64.43 -50.29 17.38
N VAL CB 185 -65.28 -49.87 18.31
CA VAL CB 185 -65.64 -50.67 19.47
C VAL CB 185 -67.13 -50.99 19.38
N THR CB 186 -67.47 -52.28 19.53
CA THR CB 186 -68.86 -52.71 19.50
C THR CB 186 -69.42 -52.81 20.92
N PRO CB 187 -70.70 -52.54 21.12
CA PRO CB 187 -71.29 -52.72 22.45
C PRO CB 187 -71.28 -54.19 22.86
N GLU CB 188 -71.15 -54.41 24.16
CA GLU CB 188 -71.09 -55.76 24.71
C GLU CB 188 -72.49 -56.25 25.05
N GLY CB 189 -72.74 -57.53 24.76
CA GLY CB 189 -74.04 -58.12 25.03
C GLY CB 189 -75.07 -57.93 23.94
N VAL CB 190 -74.67 -57.40 22.78
CA VAL CB 190 -75.57 -57.16 21.66
C VAL CB 190 -75.19 -58.13 20.53
N THR CB 191 -76.19 -58.87 20.04
CA THR CB 191 -75.99 -59.81 18.96
C THR CB 191 -77.09 -59.61 17.92
N VAL CB 192 -76.75 -59.92 16.66
CA VAL CB 192 -77.67 -59.80 15.54
C VAL CB 192 -77.64 -61.09 14.75
N ALA CB 193 -78.81 -61.61 14.42
CA ALA CB 193 -78.96 -62.83 13.63
C ALA CB 193 -79.82 -62.54 12.42
N PHE CB 194 -79.38 -63.06 11.26
CA PHE CB 194 -80.05 -62.82 9.99
C PHE CB 194 -80.50 -64.16 9.41
N ALA CB 195 -81.75 -64.23 8.97
CA ALA CB 195 -82.30 -65.46 8.43
C ALA CB 195 -83.47 -65.13 7.53
N GLN CB 196 -83.83 -66.10 6.68
CA GLN CB 196 -84.92 -65.97 5.73
C GLN CB 196 -86.10 -66.84 6.17
N THR CB 197 -87.29 -66.48 5.69
CA THR CB 197 -88.50 -67.21 6.04
C THR CB 197 -89.40 -67.53 4.85
N THR CB 198 -89.20 -66.90 3.69
CA THR CB 198 -90.05 -67.16 2.54
C THR CB 198 -89.34 -66.79 1.24
N PRO CB 199 -89.23 -67.69 0.28
CA PRO CB 199 -88.55 -67.37 -0.97
C PRO CB 199 -89.49 -66.81 -2.04
N GLY CB 200 -88.89 -66.31 -3.12
CA GLY CB 200 -89.67 -65.84 -4.24
C GLY CB 200 -90.32 -66.99 -4.99
N SER CB 201 -91.42 -66.69 -5.68
CA SER CB 201 -92.24 -67.74 -6.30
C SER CB 201 -92.26 -67.66 -7.81
N VAL CB 202 -92.65 -66.54 -8.40
CA VAL CB 202 -92.98 -66.46 -9.82
C VAL CB 202 -92.24 -65.29 -10.45
N ASN CB 203 -91.82 -65.46 -11.71
CA ASN CB 203 -91.16 -64.42 -12.47
C ASN CB 203 -91.83 -64.28 -13.83
N PRO CB 204 -91.81 -63.08 -14.41
CA PRO CB 204 -92.39 -62.90 -15.74
C PRO CB 204 -91.52 -63.52 -16.83
N GLU CB 205 -92.16 -63.84 -17.95
CA GLU CB 205 -91.48 -64.42 -19.11
C GLU CB 205 -91.93 -63.70 -20.37
N PRO CB 206 -91.59 -62.42 -20.51
CA PRO CB 206 -91.99 -61.69 -21.72
C PRO CB 206 -91.34 -62.29 -22.96
N ASN CB 207 -92.10 -62.29 -24.06
CA ASN CB 207 -91.61 -62.80 -25.34
C ASN CB 207 -92.08 -61.89 -26.48
N ASP CB 208 -91.98 -60.58 -26.27
CA ASP CB 208 -92.44 -59.59 -27.24
C ASP CB 208 -91.31 -58.69 -27.72
N TYR CB 209 -90.09 -59.23 -27.81
CA TYR CB 209 -88.95 -58.43 -28.23
C TYR CB 209 -89.11 -57.96 -29.68
N ALA CB 210 -89.62 -58.84 -30.55
CA ALA CB 210 -89.74 -58.50 -31.96
C ALA CB 210 -90.66 -57.32 -32.19
N SER CB 211 -91.52 -56.99 -31.23
CA SER CB 211 -92.49 -55.91 -31.39
C SER CB 211 -92.06 -54.62 -30.72
N VAL CB 212 -91.39 -54.69 -29.57
CA VAL CB 212 -91.03 -53.48 -28.84
C VAL CB 212 -89.66 -52.94 -29.24
N VAL CB 213 -88.76 -53.80 -29.73
CA VAL CB 213 -87.43 -53.39 -30.15
C VAL CB 213 -87.31 -53.65 -31.64
N ASN CB 214 -88.40 -53.47 -32.36
CA ASN CB 214 -88.47 -53.89 -33.76
C ASN CB 214 -87.49 -53.09 -34.63
N GLU CB 215 -86.41 -53.75 -35.05
CA GLU CB 215 -85.48 -53.23 -36.05
C GLU CB 215 -84.93 -51.86 -35.64
N CYS CB 216 -84.19 -51.86 -34.53
CA CYS CB 216 -83.36 -50.72 -34.15
C CYS CB 216 -82.08 -51.27 -33.54
N CYS CB 217 -80.95 -50.64 -33.89
CA CYS CB 217 -79.63 -51.18 -33.57
C CYS CB 217 -79.21 -50.69 -32.18
N PHE CB 218 -79.10 -51.62 -31.24
CA PHE CB 218 -78.54 -51.36 -29.93
C PHE CB 218 -77.14 -51.98 -29.85
N ALA CB 219 -76.37 -51.53 -28.86
CA ALA CB 219 -75.02 -52.01 -28.65
C ALA CB 219 -74.91 -53.02 -27.52
N VAL CB 220 -75.58 -52.78 -26.40
CA VAL CB 220 -75.49 -53.64 -25.23
C VAL CB 220 -76.88 -53.89 -24.67
N TYR CB 221 -77.13 -55.11 -24.22
CA TYR CB 221 -78.36 -55.48 -23.54
C TYR CB 221 -78.03 -55.96 -22.14
N VAL CB 222 -78.71 -55.40 -21.14
CA VAL CB 222 -78.52 -55.76 -19.75
C VAL CB 222 -79.85 -56.32 -19.23
N LEU CB 223 -79.78 -57.51 -18.63
CA LEU CB 223 -80.97 -58.19 -18.12
C LEU CB 223 -80.83 -58.35 -16.60
N SER CB 224 -81.72 -57.70 -15.86
CA SER CB 224 -81.68 -57.74 -14.39
C SER CB 224 -82.65 -58.79 -13.88
N SER CB 225 -82.30 -60.04 -14.13
CA SER CB 225 -83.10 -61.17 -13.66
C SER CB 225 -82.21 -62.41 -13.64
N ASP CB 226 -82.76 -63.49 -13.07
CA ASP CB 226 -82.06 -64.76 -12.99
C ASP CB 226 -82.84 -65.91 -13.63
N ASP CB 227 -84.07 -65.67 -14.07
CA ASP CB 227 -84.85 -66.73 -14.70
C ASP CB 227 -84.16 -67.18 -15.99
N THR CB 228 -83.82 -68.47 -16.04
CA THR CB 228 -83.10 -68.98 -17.21
C THR CB 228 -83.92 -68.86 -18.49
N ASP CB 229 -85.25 -68.99 -18.38
CA ASP CB 229 -86.09 -68.86 -19.57
C ASP CB 229 -86.02 -67.45 -20.14
N TRP CB 230 -86.04 -66.44 -19.26
CA TRP CB 230 -85.93 -65.06 -19.72
C TRP CB 230 -84.60 -64.82 -20.43
N GLN CB 231 -83.52 -65.33 -19.85
CA GLN CB 231 -82.20 -65.18 -20.49
C GLN CB 231 -82.17 -65.89 -21.83
N GLU CB 232 -82.78 -67.08 -21.92
CA GLU CB 232 -82.80 -67.79 -23.19
C GLU CB 232 -83.60 -67.04 -24.24
N ASN CB 233 -84.72 -66.43 -23.83
CA ASN CB 233 -85.48 -65.62 -24.78
C ASN CB 233 -84.65 -64.43 -25.26
N LEU CB 234 -83.94 -63.76 -24.36
CA LEU CB 234 -83.10 -62.65 -24.77
C LEU CB 234 -82.01 -63.10 -25.73
N ARG CB 235 -81.40 -64.26 -25.44
CA ARG CB 235 -80.36 -64.79 -26.33
C ARG CB 235 -80.94 -65.10 -27.70
N ASP CB 236 -82.13 -65.70 -27.75
CA ASP CB 236 -82.75 -66.01 -29.03
C ASP CB 236 -83.04 -64.73 -29.81
N TRP CB 237 -83.49 -63.68 -29.12
CA TRP CB 237 -83.71 -62.40 -29.81
C TRP CB 237 -82.40 -61.85 -30.36
N ILE CB 238 -81.33 -61.88 -29.56
CA ILE CB 238 -80.05 -61.35 -30.02
C ILE CB 238 -79.57 -62.14 -31.23
N ARG CB 239 -79.78 -63.46 -31.23
CA ARG CB 239 -79.38 -64.28 -32.36
C ARG CB 239 -79.96 -63.75 -33.66
N SER CB 240 -81.20 -63.25 -33.61
CA SER CB 240 -81.83 -62.73 -34.82
C SER CB 240 -81.07 -61.53 -35.37
N ALA CB 241 -80.60 -60.64 -34.50
CA ALA CB 241 -79.88 -59.46 -34.96
C ALA CB 241 -78.61 -59.80 -35.71
N TRP CB 242 -78.03 -60.97 -35.45
CA TRP CB 242 -76.84 -61.44 -36.16
C TRP CB 242 -77.17 -62.43 -37.26
N ASP CB 243 -78.46 -62.60 -37.57
CA ASP CB 243 -78.88 -63.62 -38.51
C ASP CB 243 -78.50 -63.22 -39.94
N CYS CB 244 -78.64 -64.18 -40.86
CA CYS CB 244 -78.32 -63.98 -42.26
C CYS CB 244 -79.54 -63.74 -43.13
N SER CB 245 -80.75 -64.01 -42.63
CA SER CB 245 -81.94 -63.89 -43.46
C SER CB 245 -82.19 -62.44 -43.87
N LYS CB 246 -82.05 -61.50 -42.95
CA LYS CB 246 -82.35 -60.10 -43.17
C LYS CB 246 -81.11 -59.27 -42.85
N PRO CB 247 -81.14 -57.97 -43.16
CA PRO CB 247 -80.01 -57.11 -42.79
C PRO CB 247 -79.75 -57.16 -41.29
N GLN CB 248 -78.47 -57.21 -40.93
CA GLN CB 248 -78.06 -57.41 -39.56
C GLN CB 248 -78.24 -56.13 -38.74
N CYS CB 249 -78.21 -56.31 -37.42
CA CYS CB 249 -78.19 -55.20 -36.48
C CYS CB 249 -77.11 -55.32 -35.42
N PHE CB 250 -76.59 -56.52 -35.15
CA PHE CB 250 -75.49 -56.70 -34.22
C PHE CB 250 -75.88 -56.32 -32.80
N GLY CB 251 -75.04 -56.69 -31.83
CA GLY CB 251 -75.32 -56.41 -30.43
C GLY CB 251 -74.76 -57.48 -29.51
N HIS CB 252 -74.79 -57.22 -28.21
CA HIS CB 252 -74.30 -58.18 -27.23
C HIS CB 252 -75.11 -58.03 -25.95
N GLY CB 253 -75.16 -59.09 -25.17
CA GLY CB 253 -75.94 -59.10 -23.93
C GLY CB 253 -75.14 -59.65 -22.78
N TYR CB 254 -75.45 -59.14 -21.59
CA TYR CB 254 -74.79 -59.52 -20.36
C TYR CB 254 -75.82 -60.03 -19.36
N VAL CB 255 -75.48 -61.14 -18.69
CA VAL CB 255 -76.35 -61.78 -17.70
C VAL CB 255 -75.47 -62.40 -16.62
N PHE CB 256 -76.09 -62.89 -15.56
CA PHE CB 256 -75.39 -63.48 -14.44
C PHE CB 256 -76.03 -64.80 -14.05
N ASN CB 257 -75.25 -65.65 -13.38
CA ASN CB 257 -75.74 -66.93 -12.89
C ASN CB 257 -75.11 -67.19 -11.53
N LYS CB 258 -75.95 -67.35 -10.51
CA LYS CB 258 -75.50 -67.53 -9.14
C LYS CB 258 -75.88 -68.91 -8.63
N GLY CB 259 -75.00 -69.51 -7.85
CA GLY CB 259 -75.26 -70.83 -7.30
C GLY CB 259 -73.95 -71.52 -6.97
N THR CB 260 -74.03 -72.85 -6.82
CA THR CB 260 -72.85 -73.65 -6.59
C THR CB 260 -72.17 -73.97 -7.92
N LEU CB 261 -70.96 -74.52 -7.82
CA LEU CB 261 -70.22 -74.87 -9.03
C LEU CB 261 -70.98 -75.89 -9.88
N GLY CB 262 -71.69 -76.82 -9.23
CA GLY CB 262 -72.47 -77.79 -9.99
C GLY CB 262 -73.62 -77.15 -10.74
N GLN CB 263 -74.35 -76.24 -10.09
CA GLN CB 263 -75.51 -75.63 -10.71
C GLN CB 263 -75.12 -74.61 -11.78
N VAL CB 264 -74.09 -73.80 -11.52
CA VAL CB 264 -73.71 -72.77 -12.47
C VAL CB 264 -73.27 -73.39 -13.78
N LEU CB 265 -72.45 -74.44 -13.72
CA LEU CB 265 -71.94 -75.06 -14.94
C LEU CB 265 -73.05 -75.63 -15.80
N ALA CB 266 -74.24 -75.84 -15.25
CA ALA CB 266 -75.35 -76.41 -16.01
C ALA CB 266 -76.06 -75.37 -16.87
N ASP CB 267 -75.73 -74.09 -16.73
CA ASP CB 267 -76.35 -73.03 -17.52
C ASP CB 267 -75.57 -72.66 -18.77
N GLY CB 268 -74.47 -73.35 -19.04
CA GLY CB 268 -73.62 -73.03 -20.17
C GLY CB 268 -74.13 -73.60 -21.48
N ASP CB 269 -75.16 -72.98 -22.05
CA ASP CB 269 -75.78 -73.48 -23.27
C ASP CB 269 -75.09 -72.93 -24.53
N ASN CB 270 -73.76 -72.97 -24.54
CA ASN CB 270 -72.97 -72.63 -25.71
C ASN CB 270 -73.54 -71.42 -26.45
N SER CB 271 -73.69 -70.32 -25.72
CA SER CB 271 -74.27 -69.10 -26.26
C SER CB 271 -73.16 -68.14 -26.63
N ALA CB 272 -73.04 -67.84 -27.92
CA ALA CB 272 -72.00 -66.92 -28.40
C ALA CB 272 -72.40 -65.47 -28.28
N GLU CB 273 -73.62 -65.18 -27.82
CA GLU CB 273 -74.12 -63.82 -27.73
C GLU CB 273 -74.17 -63.28 -26.30
N LEU CB 274 -74.07 -64.15 -25.29
CA LEU CB 274 -74.17 -63.74 -23.91
C LEU CB 274 -72.81 -63.85 -23.22
N SER CB 275 -72.59 -62.98 -22.25
CA SER CB 275 -71.41 -63.00 -21.40
C SER CB 275 -71.88 -63.30 -19.99
N ARG CB 276 -71.93 -64.59 -19.66
CA ARG CB 276 -72.49 -65.03 -18.38
C ARG CB 276 -71.50 -64.79 -17.26
N LEU CB 277 -71.97 -64.14 -16.20
CA LEU CB 277 -71.16 -63.85 -15.02
C LEU CB 277 -71.45 -64.91 -13.96
N ALA CB 278 -70.41 -65.61 -13.52
CA ALA CB 278 -70.53 -66.66 -12.53
C ALA CB 278 -70.23 -66.10 -11.15
N LEU CB 279 -71.13 -66.32 -10.20
CA LEU CB 279 -71.01 -65.81 -8.85
C LEU CB 279 -71.24 -66.93 -7.84
N PRO CB 280 -70.64 -66.84 -6.66
CA PRO CB 280 -70.84 -67.88 -5.65
C PRO CB 280 -72.09 -67.64 -4.80
N THR CB 281 -72.48 -68.69 -4.08
CA THR CB 281 -73.68 -68.61 -3.26
C THR CB 281 -73.55 -67.61 -2.12
N THR CB 282 -72.33 -67.26 -1.74
CA THR CB 282 -72.08 -66.36 -0.61
C THR CB 282 -71.69 -64.96 -1.06
N TYR CB 283 -72.09 -64.55 -2.25
CA TYR CB 283 -71.72 -63.23 -2.74
C TYR CB 283 -72.35 -62.16 -1.85
N PRO CB 284 -71.59 -61.20 -1.34
CA PRO CB 284 -72.15 -60.23 -0.40
C PRO CB 284 -72.79 -59.02 -1.05
N VAL CB 285 -73.05 -59.08 -2.36
CA VAL CB 285 -73.62 -57.96 -3.10
C VAL CB 285 -74.83 -58.47 -3.87
N LEU CB 286 -75.79 -57.57 -4.09
CA LEU CB 286 -76.97 -57.91 -4.87
C LEU CB 286 -76.54 -58.24 -6.30
N PRO CB 287 -76.89 -59.41 -6.83
CA PRO CB 287 -76.30 -59.80 -8.13
C PRO CB 287 -76.57 -58.81 -9.25
N TYR CB 288 -77.76 -58.24 -9.33
CA TYR CB 288 -78.10 -57.39 -10.48
C TYR CB 288 -77.34 -56.08 -10.47
N LEU CB 289 -76.75 -55.67 -9.34
CA LEU CB 289 -75.95 -54.46 -9.32
C LEU CB 289 -74.62 -54.68 -10.03
N THR CB 290 -73.96 -55.80 -9.76
CA THR CB 290 -72.66 -56.06 -10.39
C THR CB 290 -72.81 -56.27 -11.89
N ASN CB 291 -73.82 -57.03 -12.31
CA ASN CB 291 -74.01 -57.27 -13.73
C ASN CB 291 -74.26 -55.97 -14.49
N ALA CB 292 -75.13 -55.12 -13.93
CA ALA CB 292 -75.43 -53.85 -14.60
C ALA CB 292 -74.19 -52.97 -14.71
N ALA CB 293 -73.41 -52.88 -13.63
CA ALA CB 293 -72.20 -52.06 -13.68
C ALA CB 293 -71.21 -52.61 -14.70
N TYR CB 294 -71.02 -53.93 -14.72
CA TYR CB 294 -70.10 -54.52 -15.68
C TYR CB 294 -70.55 -54.25 -17.11
N GLY CB 295 -71.85 -54.42 -17.38
CA GLY CB 295 -72.35 -54.14 -18.71
C GLY CB 295 -72.19 -52.69 -19.10
N ALA CB 296 -72.47 -51.77 -18.17
CA ALA CB 296 -72.33 -50.35 -18.46
C ALA CB 296 -70.89 -49.99 -18.75
N LEU CB 297 -69.94 -50.61 -18.06
CA LEU CB 297 -68.54 -50.32 -18.31
C LEU CB 297 -68.05 -50.97 -19.60
N SER CB 298 -68.60 -52.14 -19.95
CA SER CB 298 -67.98 -52.99 -20.95
C SER CB 298 -67.89 -52.35 -22.34
N ALA CB 299 -69.02 -52.08 -22.98
CA ALA CB 299 -69.03 -51.87 -24.42
C ALA CB 299 -69.67 -50.56 -24.85
N CYS CB 300 -69.96 -49.64 -23.94
CA CYS CB 300 -70.48 -48.33 -24.32
C CYS CB 300 -69.56 -47.20 -23.89
N SER CB 301 -69.16 -47.17 -22.62
CA SER CB 301 -68.31 -46.10 -22.12
C SER CB 301 -66.82 -46.38 -22.30
N THR CB 302 -66.45 -47.54 -22.87
CA THR CB 302 -65.05 -47.88 -23.03
C THR CB 302 -64.76 -48.55 -24.36
N CYS CB 303 -65.70 -48.57 -25.30
CA CYS CB 303 -65.54 -49.29 -26.56
C CYS CB 303 -65.89 -48.40 -27.75
N GLU CB 304 -65.36 -47.18 -27.74
CA GLU CB 304 -65.28 -46.44 -29.00
C GLU CB 304 -64.28 -47.10 -29.95
N ASN CB 305 -63.28 -47.77 -29.40
CA ASN CB 305 -62.37 -48.61 -30.17
C ASN CB 305 -62.65 -50.06 -29.83
N PRO CB 306 -63.19 -50.87 -30.75
CA PRO CB 306 -63.64 -52.22 -30.37
C PRO CB 306 -62.52 -53.11 -29.84
N GLU CB 307 -61.29 -52.94 -30.32
CA GLU CB 307 -60.24 -53.90 -30.02
C GLU CB 307 -59.89 -53.97 -28.53
N LEU CB 308 -60.28 -52.97 -27.74
CA LEU CB 308 -59.88 -52.94 -26.34
C LEU CB 308 -60.60 -54.01 -25.54
N ASN CB 309 -59.85 -54.80 -24.79
CA ASN CB 309 -60.43 -55.77 -23.87
C ASN CB 309 -60.78 -55.09 -22.55
N VAL CB 310 -61.64 -55.75 -21.77
CA VAL CB 310 -62.00 -55.30 -20.44
C VAL CB 310 -61.50 -56.32 -19.43
N GLN CB 311 -60.28 -56.13 -18.95
CA GLN CB 311 -59.65 -57.07 -18.04
C GLN CB 311 -58.75 -56.28 -17.09
N GLY CB 312 -57.88 -56.99 -16.38
CA GLY CB 312 -56.86 -56.34 -15.57
C GLY CB 312 -57.42 -55.48 -14.45
N GLN CB 313 -56.52 -54.90 -13.66
CA GLN CB 313 -56.89 -54.04 -12.55
C GLN CB 313 -57.08 -52.59 -12.96
N THR CB 314 -56.86 -52.26 -14.23
CA THR CB 314 -56.96 -50.89 -14.72
C THR CB 314 -58.15 -50.68 -15.65
N TYR CB 315 -58.31 -51.52 -16.66
CA TYR CB 315 -59.38 -51.37 -17.63
C TYR CB 315 -60.64 -52.15 -17.27
N GLY CB 316 -60.65 -52.86 -16.15
CA GLY CB 316 -61.80 -53.65 -15.77
C GLY CB 316 -62.16 -53.52 -14.31
N LEU CB 317 -61.96 -52.35 -13.74
CA LEU CB 317 -62.25 -52.09 -12.33
C LEU CB 317 -63.63 -51.47 -12.21
N LEU CB 318 -64.50 -52.12 -11.43
CA LEU CB 318 -65.85 -51.61 -11.17
C LEU CB 318 -65.78 -50.66 -9.97
N SER CB 319 -65.31 -49.44 -10.24
CA SER CB 319 -65.05 -48.48 -9.18
C SER CB 319 -66.32 -48.02 -8.47
N CYS CB 320 -67.50 -48.27 -9.04
CA CYS CB 320 -68.75 -47.79 -8.45
C CYS CB 320 -69.40 -48.81 -7.53
N ILE CB 321 -68.75 -49.94 -7.27
CA ILE CB 321 -69.29 -50.99 -6.43
C ILE CB 321 -68.29 -51.29 -5.32
N ASN CB 322 -68.77 -51.35 -4.08
CA ASN CB 322 -67.92 -51.56 -2.92
C ASN CB 322 -68.48 -52.69 -2.08
N MET CB 323 -67.61 -53.61 -1.69
CA MET CB 323 -67.94 -54.73 -0.83
C MET CB 323 -66.90 -54.86 0.26
N PRO CB 324 -67.25 -55.43 1.40
CA PRO CB 324 -66.28 -55.55 2.50
C PRO CB 324 -65.17 -56.54 2.17
N GLU CB 325 -64.00 -56.32 2.78
CA GLU CB 325 -62.89 -57.22 2.61
C GLU CB 325 -63.14 -58.53 3.37
N SER CB 326 -62.40 -59.57 2.98
CA SER CB 326 -62.52 -60.86 3.63
C SER CB 326 -61.38 -61.76 3.16
N CYS CB 327 -60.83 -62.54 4.08
CA CYS CB 327 -59.77 -63.47 3.72
C CYS CB 327 -60.26 -64.55 2.77
N THR CB 328 -61.45 -65.08 3.02
CA THR CB 328 -61.98 -66.14 2.16
C THR CB 328 -62.27 -65.58 0.77
N PRO CB 329 -61.78 -66.21 -0.30
CA PRO CB 329 -61.91 -65.62 -1.64
C PRO CB 329 -63.25 -65.89 -2.32
N GLY CB 330 -64.05 -66.83 -1.83
CA GLY CB 330 -65.30 -67.17 -2.49
C GLY CB 330 -65.14 -68.30 -3.47
N TRP CB 331 -64.34 -68.08 -4.51
CA TRP CB 331 -64.04 -69.11 -5.50
C TRP CB 331 -62.64 -69.67 -5.23
N GLU CB 332 -62.54 -70.97 -5.05
CA GLU CB 332 -61.24 -71.61 -4.97
C GLU CB 332 -60.56 -71.61 -6.33
N PHE CB 333 -59.22 -71.59 -6.31
CA PHE CB 333 -58.49 -71.42 -7.55
C PHE CB 333 -58.82 -72.51 -8.56
N THR CB 334 -59.03 -73.74 -8.08
CA THR CB 334 -59.43 -74.81 -8.99
C THR CB 334 -60.79 -74.50 -9.63
N GLU CB 335 -61.73 -73.99 -8.82
CA GLU CB 335 -63.02 -73.61 -9.36
C GLU CB 335 -62.88 -72.47 -10.38
N VAL CB 336 -62.00 -71.51 -10.09
CA VAL CB 336 -61.76 -70.43 -11.04
C VAL CB 336 -61.22 -70.97 -12.36
N THR CB 337 -60.27 -71.90 -12.28
CA THR CB 337 -59.71 -72.49 -13.49
C THR CB 337 -60.78 -73.24 -14.28
N GLN CB 338 -61.62 -74.01 -13.58
CA GLN CB 338 -62.66 -74.75 -14.28
C GLN CB 338 -63.68 -73.81 -14.93
N LEU CB 339 -64.08 -72.75 -14.23
CA LEU CB 339 -65.05 -71.82 -14.79
C LEU CB 339 -64.49 -71.11 -16.02
N GLN CB 340 -63.23 -70.66 -15.94
CA GLN CB 340 -62.66 -69.91 -17.05
C GLN CB 340 -62.57 -70.77 -18.30
N ASN CB 341 -62.16 -72.02 -18.16
CA ASN CB 341 -62.03 -72.91 -19.31
C ASN CB 341 -63.38 -73.29 -19.92
N ASN CB 342 -64.49 -72.99 -19.23
CA ASN CB 342 -65.82 -73.33 -19.71
C ASN CB 342 -66.62 -72.11 -20.16
N GLY CB 343 -65.93 -70.99 -20.39
CA GLY CB 343 -66.59 -69.80 -20.91
C GLY CB 343 -67.46 -69.09 -19.88
N PHE CB 344 -66.83 -68.57 -18.82
CA PHE CB 344 -67.53 -67.80 -17.81
C PHE CB 344 -66.64 -66.65 -17.37
N VAL CB 345 -67.28 -65.61 -16.83
CA VAL CB 345 -66.58 -64.43 -16.34
C VAL CB 345 -66.49 -64.53 -14.83
N VAL CB 346 -65.28 -64.35 -14.31
CA VAL CB 346 -65.01 -64.46 -12.88
C VAL CB 346 -64.42 -63.14 -12.40
N SER CB 347 -64.95 -62.61 -11.31
CA SER CB 347 -64.49 -61.35 -10.74
C SER CB 347 -63.92 -61.59 -9.35
N GLY CB 348 -62.90 -60.81 -9.00
CA GLY CB 348 -62.27 -60.91 -7.71
C GLY CB 348 -61.98 -59.55 -7.10
N PRO CB 349 -61.71 -59.53 -5.80
CA PRO CB 349 -61.44 -58.25 -5.14
C PRO CB 349 -60.08 -57.67 -5.51
N ALA CB 350 -59.98 -56.35 -5.42
CA ALA CB 350 -58.74 -55.66 -5.73
C ALA CB 350 -57.71 -55.80 -4.62
N THR CB 351 -58.13 -56.07 -3.39
CA THR CB 351 -57.20 -56.26 -2.29
C THR CB 351 -57.87 -57.12 -1.23
N THR CB 352 -57.05 -57.76 -0.40
CA THR CB 352 -57.52 -58.68 0.62
C THR CB 352 -56.86 -58.37 1.95
N SER CB 353 -57.67 -58.40 3.01
CA SER CB 353 -57.18 -58.17 4.37
C SER CB 353 -58.34 -58.40 5.32
N GLY CB 354 -58.01 -58.59 6.60
CA GLY CB 354 -59.00 -58.80 7.63
C GLY CB 354 -59.53 -57.55 8.29
N GLN CB 355 -59.10 -56.37 7.83
CA GLN CB 355 -59.55 -55.13 8.46
C GLN CB 355 -61.04 -54.90 8.25
N GLY CB 356 -61.61 -55.41 7.17
CA GLY CB 356 -63.02 -55.26 6.92
C GLY CB 356 -63.42 -53.95 6.26
N ASN CB 357 -62.50 -53.30 5.57
CA ASN CB 357 -62.81 -52.05 4.87
C ASN CB 357 -63.49 -52.39 3.55
N PHE CB 358 -63.68 -51.39 2.69
CA PHE CB 358 -64.38 -51.55 1.43
C PHE CB 358 -63.39 -51.69 0.27
N THR CB 359 -63.77 -52.49 -0.71
CA THR CB 359 -62.97 -52.69 -1.91
C THR CB 359 -63.89 -52.87 -3.11
N SER CB 360 -63.33 -52.69 -4.29
CA SER CB 360 -64.05 -52.81 -5.53
C SER CB 360 -63.51 -53.98 -6.34
N PRO CB 361 -64.37 -54.83 -6.89
CA PRO CB 361 -63.88 -55.98 -7.68
C PRO CB 361 -63.48 -55.56 -9.09
N TYR CB 362 -62.85 -56.50 -9.78
CA TYR CB 362 -62.46 -56.29 -11.17
C TYR CB 362 -62.59 -57.61 -11.92
N ILE CB 363 -62.73 -57.51 -13.23
CA ILE CB 363 -62.96 -58.69 -14.07
C ILE CB 363 -61.62 -59.36 -14.34
N TYR CB 364 -61.57 -60.68 -14.11
CA TYR CB 364 -60.37 -61.45 -14.42
C TYR CB 364 -60.20 -61.60 -15.92
N ASN CB 365 -61.21 -62.14 -16.60
CA ASN CB 365 -61.16 -62.38 -18.03
C ASN CB 365 -62.47 -61.92 -18.66
N ASP CB 366 -62.37 -61.48 -19.92
CA ASP CB 366 -63.51 -61.04 -20.70
C ASP CB 366 -63.78 -62.10 -21.76
N VAL CB 367 -64.85 -62.88 -21.58
CA VAL CB 367 -65.13 -64.04 -22.41
C VAL CB 367 -66.62 -64.14 -22.66
N THR CB 368 -66.97 -64.66 -23.83
CA THR CB 368 -68.33 -65.02 -24.17
C THR CB 368 -68.52 -66.51 -24.00
N ASN CB 369 -69.72 -66.91 -23.59
CA ASN CB 369 -69.98 -68.33 -23.31
C ASN CB 369 -70.07 -69.10 -24.62
N TYR CB 370 -68.97 -69.17 -25.36
CA TYR CB 370 -68.92 -69.80 -26.66
C TYR CB 370 -67.98 -71.00 -26.62
N LEU CB 371 -68.47 -72.13 -27.12
CA LEU CB 371 -67.68 -73.36 -27.19
C LEU CB 371 -68.18 -74.18 -28.37
N ARG CB 372 -67.44 -75.24 -28.68
CA ARG CB 372 -67.82 -76.12 -29.78
C ARG CB 372 -68.00 -75.26 -31.03
N ASP CB 373 -68.91 -75.65 -31.93
CA ASP CB 373 -69.06 -74.96 -33.19
C ASP CB 373 -70.40 -75.40 -33.79
N GLU CB 374 -70.75 -74.77 -34.91
CA GLU CB 374 -71.97 -75.14 -35.61
C GLU CB 374 -71.99 -76.61 -36.00
N LYS CB 375 -70.81 -77.20 -36.19
CA LYS CB 375 -70.69 -78.62 -36.51
C LYS CB 375 -70.22 -79.45 -35.32
N ASN CB 376 -70.20 -78.88 -34.12
CA ASN CB 376 -69.80 -79.58 -32.91
C ASN CB 376 -68.30 -79.90 -32.90
N ARG CB 377 -67.50 -79.04 -33.53
CA ARG CB 377 -66.06 -79.19 -33.54
C ARG CB 377 -65.43 -78.09 -32.69
N PRO CB 378 -64.72 -78.41 -31.61
CA PRO CB 378 -64.27 -77.34 -30.70
C PRO CB 378 -63.31 -76.38 -31.37
N ASN CB 379 -63.37 -75.12 -30.92
CA ASN CB 379 -62.46 -74.07 -31.35
C ASN CB 379 -62.64 -72.90 -30.39
N ALA CB 380 -61.88 -71.82 -30.64
CA ALA CB 380 -61.91 -70.65 -29.78
C ALA CB 380 -61.95 -69.38 -30.62
N THR CB 381 -62.68 -69.41 -31.73
CA THR CB 381 -62.74 -68.25 -32.61
C THR CB 381 -63.40 -67.06 -31.90
N PHE CB 382 -64.49 -67.31 -31.18
CA PHE CB 382 -65.25 -66.25 -30.52
C PHE CB 382 -65.05 -66.24 -29.00
N ARG CB 383 -63.92 -66.78 -28.53
CA ARG CB 383 -63.68 -66.83 -27.08
C ARG CB 383 -63.65 -65.43 -26.48
N ASP CB 384 -62.94 -64.50 -27.14
CA ASP CB 384 -62.79 -63.15 -26.61
C ASP CB 384 -63.99 -62.30 -27.02
N ALA CB 385 -64.52 -61.55 -26.06
CA ALA CB 385 -65.65 -60.68 -26.36
C ALA CB 385 -65.30 -59.66 -27.43
N SER CB 386 -64.03 -59.26 -27.51
CA SER CB 386 -63.62 -58.31 -28.54
C SER CB 386 -63.77 -58.89 -29.94
N SER CB 387 -63.83 -60.21 -30.07
CA SER CB 387 -63.95 -60.81 -31.40
C SER CB 387 -65.26 -60.42 -32.07
N ARG CB 388 -66.36 -60.43 -31.31
CA ARG CB 388 -67.65 -60.08 -31.89
C ARG CB 388 -67.66 -58.64 -32.38
N ARG CB 389 -67.14 -57.73 -31.57
CA ARG CB 389 -67.08 -56.32 -31.98
C ARG CB 389 -66.23 -56.15 -33.22
N LEU CB 390 -65.08 -56.82 -33.26
CA LEU CB 390 -64.23 -56.76 -34.45
C LEU CB 390 -64.93 -57.35 -35.66
N ALA CB 391 -65.69 -58.43 -35.47
CA ALA CB 391 -66.42 -59.02 -36.59
C ALA CB 391 -67.44 -58.04 -37.15
N ALA CB 392 -68.20 -57.39 -36.27
CA ALA CB 392 -69.18 -56.41 -36.74
C ALA CB 392 -68.50 -55.24 -37.44
N ALA CB 393 -67.40 -54.74 -36.87
CA ALA CB 393 -66.69 -53.63 -37.50
C ALA CB 393 -66.17 -54.03 -38.88
N THR CB 394 -65.60 -55.23 -39.00
CA THR CB 394 -65.11 -55.69 -40.29
C THR CB 394 -66.25 -55.80 -41.29
N GLY CB 395 -67.38 -56.37 -40.87
CA GLY CB 395 -68.50 -56.48 -41.79
C GLY CB 395 -68.97 -55.13 -42.30
N VAL CB 396 -69.13 -54.18 -41.38
CA VAL CB 396 -69.60 -52.85 -41.78
C VAL CB 396 -68.59 -52.17 -42.71
N ALA CB 397 -67.31 -52.24 -42.35
CA ALA CB 397 -66.29 -51.58 -43.17
C ALA CB 397 -66.22 -52.18 -44.55
N LEU CB 398 -66.28 -53.51 -44.66
CA LEU CB 398 -66.26 -54.15 -45.97
C LEU CB 398 -67.51 -53.77 -46.77
N ALA CB 399 -68.67 -53.71 -46.11
CA ALA CB 399 -69.88 -53.32 -46.81
C ALA CB 399 -69.76 -51.90 -47.37
N THR CB 400 -69.20 -50.98 -46.59
CA THR CB 400 -69.04 -49.62 -47.07
C THR CB 400 -68.12 -49.56 -48.28
N PHE CB 401 -67.01 -50.30 -48.24
CA PHE CB 401 -66.04 -50.24 -49.32
C PHE CB 401 -66.64 -50.77 -50.63
N LEU CB 402 -67.40 -51.87 -50.54
CA LEU CB 402 -67.93 -52.50 -51.75
C LEU CB 402 -69.00 -51.65 -52.44
N GLN CB 403 -69.48 -50.58 -51.81
CA GLN CB 403 -70.55 -49.78 -52.40
C GLN CB 403 -70.14 -49.17 -53.73
N GLN CB 404 -68.84 -49.01 -53.99
CA GLN CB 404 -68.40 -48.38 -55.22
C GLN CB 404 -68.77 -49.18 -56.47
N PHE CB 405 -69.06 -50.47 -56.32
CA PHE CB 405 -69.43 -51.31 -57.45
C PHE CB 405 -70.94 -51.33 -57.70
N ASN CB 406 -71.66 -50.30 -57.27
CA ASN CB 406 -73.09 -50.23 -57.45
C ASN CB 406 -73.40 -49.45 -58.72
N GLY CB 407 -74.09 -50.10 -59.66
CA GLY CB 407 -74.42 -49.47 -60.92
C GLY CB 407 -73.27 -49.39 -61.91
N LEU CB 408 -72.15 -50.05 -61.63
CA LEU CB 408 -71.00 -50.01 -62.51
C LEU CB 408 -71.12 -51.06 -63.60
N ALA CB 409 -70.68 -50.71 -64.80
CA ALA CB 409 -70.72 -51.65 -65.91
C ALA CB 409 -69.81 -52.84 -65.64
N VAL CB 410 -70.23 -54.01 -66.12
CA VAL CB 410 -69.52 -55.26 -65.89
C VAL CB 410 -69.52 -56.08 -67.16
N PHE CB 411 -68.43 -56.80 -67.38
CA PHE CB 411 -68.27 -57.70 -68.52
C PHE CB 411 -67.90 -59.07 -68.02
N THR CB 412 -68.60 -60.10 -68.50
CA THR CB 412 -68.40 -61.45 -68.02
C THR CB 412 -68.31 -62.49 -69.12
N LYS CB 413 -68.46 -62.11 -70.39
CA LYS CB 413 -68.33 -63.03 -71.51
C LYS CB 413 -67.09 -62.74 -72.35
N ASN CB 414 -66.93 -61.50 -72.81
CA ASN CB 414 -65.72 -61.04 -73.47
C ASN CB 414 -65.06 -60.03 -72.54
N THR CB 415 -64.01 -60.47 -71.85
CA THR CB 415 -63.43 -59.65 -70.78
C THR CB 415 -62.85 -58.34 -71.29
N ASN CB 416 -62.52 -58.24 -72.57
CA ASN CB 416 -61.97 -56.99 -73.09
C ASN CB 416 -62.98 -55.87 -72.97
N ILE CB 417 -62.51 -54.69 -72.59
CA ILE CB 417 -63.33 -53.51 -72.41
C ILE CB 417 -62.99 -52.53 -73.53
N LYS CB 418 -64.01 -52.09 -74.27
CA LYS CB 418 -63.79 -51.14 -75.34
C LYS CB 418 -63.21 -49.84 -74.78
N THR CB 419 -62.34 -49.21 -75.56
CA THR CB 419 -61.70 -47.98 -75.13
C THR CB 419 -62.73 -46.92 -74.79
N GLY CB 420 -62.54 -46.27 -73.65
CA GLY CB 420 -63.40 -45.18 -73.23
C GLY CB 420 -64.57 -45.57 -72.35
N ILE CB 421 -64.84 -46.86 -72.18
CA ILE CB 421 -65.96 -47.29 -71.35
C ILE CB 421 -65.54 -47.29 -69.89
N ILE CB 422 -66.51 -47.05 -69.01
CA ILE CB 422 -66.30 -47.10 -67.57
C ILE CB 422 -66.87 -48.41 -67.08
N GLY CB 423 -66.01 -49.29 -66.60
CA GLY CB 423 -66.46 -50.60 -66.16
C GLY CB 423 -65.37 -51.37 -65.46
N THR CB 424 -65.56 -52.67 -65.38
CA THR CB 424 -64.62 -53.57 -64.71
C THR CB 424 -65.07 -55.00 -64.98
N ASN CB 425 -64.28 -55.96 -64.48
CA ASN CB 425 -64.57 -57.37 -64.64
C ASN CB 425 -64.18 -58.10 -63.36
N LEU CB 426 -64.16 -59.43 -63.41
CA LEU CB 426 -63.93 -60.24 -62.22
C LEU CB 426 -62.53 -60.00 -61.66
N ARG CB 427 -61.51 -60.12 -62.52
CA ARG CB 427 -60.13 -60.10 -62.02
C ARG CB 427 -59.78 -58.75 -61.42
N LEU CB 428 -60.21 -57.66 -62.05
CA LEU CB 428 -59.92 -56.34 -61.51
C LEU CB 428 -60.59 -56.12 -60.16
N MET CB 429 -61.84 -56.58 -60.03
CA MET CB 429 -62.51 -56.49 -58.74
C MET CB 429 -61.78 -57.30 -57.68
N LEU CB 430 -61.33 -58.50 -58.03
CA LEU CB 430 -60.58 -59.32 -57.08
C LEU CB 430 -59.30 -58.62 -56.67
N GLY CB 431 -58.60 -58.02 -57.63
CA GLY CB 431 -57.39 -57.30 -57.29
C GLY CB 431 -57.64 -56.13 -56.36
N LYS CB 432 -58.71 -55.37 -56.61
CA LYS CB 432 -59.03 -54.25 -55.74
C LYS CB 432 -59.37 -54.73 -54.33
N ILE CB 433 -60.15 -55.80 -54.23
CA ILE CB 433 -60.50 -56.34 -52.91
C ILE CB 433 -59.25 -56.82 -52.18
N ARG CB 434 -58.36 -57.51 -52.89
CA ARG CB 434 -57.13 -57.97 -52.26
C ARG CB 434 -56.30 -56.79 -51.78
N LYS CB 435 -56.20 -55.73 -52.59
CA LYS CB 435 -55.47 -54.55 -52.16
C LYS CB 435 -56.08 -53.95 -50.90
N TRP CB 436 -57.41 -53.88 -50.84
CA TRP CB 436 -58.06 -53.36 -49.64
C TRP CB 436 -57.75 -54.23 -48.42
N ALA CB 437 -57.79 -55.54 -48.59
CA ALA CB 437 -57.55 -56.44 -47.47
C ALA CB 437 -56.14 -56.26 -46.91
N SER CB 438 -55.14 -56.20 -47.79
CA SER CB 438 -53.77 -56.06 -47.33
C SER CB 438 -53.54 -54.73 -46.63
N ASP CB 439 -54.26 -53.69 -47.05
CA ASP CB 439 -54.05 -52.37 -46.46
C ASP CB 439 -54.41 -52.38 -44.98
N ASN CB 440 -55.50 -53.04 -44.61
CA ASN CB 440 -56.00 -53.01 -43.24
C ASN CB 440 -55.23 -53.91 -42.29
N VAL CB 441 -54.25 -54.68 -42.79
CA VAL CB 441 -53.47 -55.54 -41.91
C VAL CB 441 -52.87 -54.70 -40.80
N GLY CB 442 -52.99 -55.19 -39.57
CA GLY CB 442 -52.54 -54.45 -38.41
C GLY CB 442 -53.56 -53.50 -37.82
N VAL CB 443 -54.75 -53.39 -38.42
CA VAL CB 443 -55.82 -52.54 -37.91
C VAL CB 443 -57.07 -53.35 -37.61
N LEU CB 444 -57.50 -54.19 -38.55
CA LEU CB 444 -58.62 -55.09 -38.36
C LEU CB 444 -58.29 -56.56 -38.53
N PHE CB 445 -57.17 -56.88 -39.17
CA PHE CB 445 -56.79 -58.26 -39.43
C PHE CB 445 -55.35 -58.50 -38.98
N SER CB 446 -55.05 -59.76 -38.73
CA SER CB 446 -53.67 -60.21 -38.60
C SER CB 446 -53.17 -60.69 -39.96
N GLU CB 447 -51.86 -60.87 -40.08
CA GLU CB 447 -51.28 -61.26 -41.35
C GLU CB 447 -51.93 -62.54 -41.85
N PHE CB 448 -52.30 -62.54 -43.14
CA PHE CB 448 -52.97 -63.69 -43.74
C PHE CB 448 -51.99 -64.82 -43.96
N ASP CB 449 -52.38 -66.04 -43.58
CA ASP CB 449 -51.51 -67.19 -43.78
C ASP CB 449 -51.23 -67.41 -45.26
N ASN CB 450 -52.27 -67.32 -46.10
CA ASN CB 450 -52.11 -67.44 -47.55
C ASN CB 450 -53.20 -66.57 -48.20
N ILE CB 451 -52.83 -65.34 -48.53
CA ILE CB 451 -53.81 -64.40 -49.08
C ILE CB 451 -54.39 -64.92 -50.39
N ASN CB 452 -53.61 -65.69 -51.16
CA ASN CB 452 -54.07 -66.15 -52.46
C ASN CB 452 -55.19 -67.18 -52.36
N GLU CB 453 -55.46 -67.73 -51.17
CA GLU CB 453 -56.51 -68.71 -50.99
C GLU CB 453 -57.58 -68.28 -49.98
N ASP CB 454 -57.37 -67.19 -49.26
CA ASP CB 454 -58.35 -66.71 -48.30
C ASP CB 454 -59.39 -65.80 -48.90
N ILE CB 455 -59.22 -65.39 -50.16
CA ILE CB 455 -60.15 -64.50 -50.84
C ILE CB 455 -60.47 -65.11 -52.21
N GLN CB 456 -61.75 -65.20 -52.53
CA GLN CB 456 -62.19 -65.75 -53.81
C GLN CB 456 -63.41 -64.98 -54.28
N LEU CB 457 -63.52 -64.84 -55.60
CA LEU CB 457 -64.64 -64.15 -56.22
C LEU CB 457 -65.13 -64.99 -57.40
N VAL CB 458 -66.44 -65.25 -57.45
CA VAL CB 458 -67.04 -66.07 -58.49
C VAL CB 458 -68.33 -65.41 -58.94
N SER CB 459 -68.55 -65.40 -60.25
CA SER CB 459 -69.78 -64.87 -60.81
C SER CB 459 -70.92 -65.87 -60.62
N ASP CB 460 -72.15 -65.34 -60.67
CA ASP CB 460 -73.32 -66.20 -60.44
C ASP CB 460 -73.45 -67.27 -61.52
N PHE CB 461 -73.19 -66.91 -62.78
CA PHE CB 461 -73.37 -67.87 -63.87
C PHE CB 461 -72.58 -69.14 -63.63
N ASP CB 462 -71.35 -69.01 -63.11
CA ASP CB 462 -70.52 -70.19 -62.89
C ASP CB 462 -71.16 -71.15 -61.89
N VAL CB 463 -71.74 -70.61 -60.82
CA VAL CB 463 -72.30 -71.46 -59.77
C VAL CB 463 -73.55 -72.16 -60.28
N GLN CB 464 -74.54 -71.38 -60.73
CA GLN CB 464 -75.80 -71.96 -61.16
C GLN CB 464 -75.64 -72.68 -62.50
N PRO CB 465 -76.53 -73.63 -62.80
CA PRO CB 465 -76.48 -74.33 -64.08
C PRO CB 465 -77.02 -73.44 -65.19
N LYS CB 466 -77.11 -74.02 -66.39
CA LYS CB 466 -77.50 -73.26 -67.57
C LYS CB 466 -78.91 -72.71 -67.40
N CYS CB 467 -79.12 -71.47 -67.87
CA CYS CB 467 -80.44 -70.85 -67.91
C CYS CB 467 -81.03 -70.66 -66.52
N VAL CB 468 -80.17 -70.58 -65.51
CA VAL CB 468 -80.63 -70.34 -64.13
C VAL CB 468 -79.91 -69.17 -63.46
N GLY CB 469 -78.72 -68.80 -63.91
CA GLY CB 469 -78.01 -67.71 -63.27
C GLY CB 469 -78.62 -66.35 -63.55
N GLN CB 470 -78.26 -65.38 -62.71
CA GLN CB 470 -78.74 -64.01 -62.83
C GLN CB 470 -77.59 -63.07 -63.17
N PRO CB 471 -77.75 -62.19 -64.15
CA PRO CB 471 -76.65 -61.29 -64.51
C PRO CB 471 -76.35 -60.31 -63.40
N GLY CB 472 -75.08 -59.94 -63.29
CA GLY CB 472 -74.66 -58.94 -62.32
C GLY CB 472 -74.86 -59.32 -60.88
N VAL CB 473 -74.62 -60.58 -60.54
CA VAL CB 473 -74.67 -61.07 -59.16
C VAL CB 473 -73.38 -61.82 -58.87
N PHE CB 474 -72.72 -61.47 -57.77
CA PHE CB 474 -71.41 -62.00 -57.44
C PHE CB 474 -71.43 -62.65 -56.07
N HIS CB 475 -70.63 -63.71 -55.92
CA HIS CB 475 -70.45 -64.40 -54.66
C HIS CB 475 -69.02 -64.20 -54.19
N LEU CB 476 -68.85 -63.67 -52.99
CA LEU CB 476 -67.55 -63.34 -52.43
C LEU CB 476 -67.32 -64.15 -51.16
N ASN CB 477 -66.19 -64.84 -51.10
CA ASN CB 477 -65.80 -65.61 -49.92
C ASN CB 477 -64.51 -65.03 -49.35
N MET CB 478 -64.45 -64.96 -48.02
CA MET CB 478 -63.32 -64.35 -47.34
C MET CB 478 -63.09 -65.04 -46.01
N ARG CB 479 -61.83 -65.21 -45.64
CA ARG CB 479 -61.45 -65.74 -44.35
C ARG CB 479 -60.33 -64.89 -43.78
N TYR CB 480 -60.49 -64.49 -42.52
CA TYR CB 480 -59.55 -63.56 -41.89
C TYR CB 480 -59.30 -64.00 -40.46
N ARG CB 481 -58.31 -63.34 -39.83
CA ARG CB 481 -57.95 -63.61 -38.45
C ARG CB 481 -57.84 -62.28 -37.71
N PRO CB 482 -58.44 -62.16 -36.52
CA PRO CB 482 -58.33 -60.90 -35.77
C PRO CB 482 -56.91 -60.70 -35.26
N PRO CB 483 -56.57 -59.48 -34.83
CA PRO CB 483 -55.20 -59.22 -34.37
C PRO CB 483 -54.87 -60.01 -33.11
N VAL CB 484 -53.58 -60.23 -32.90
CA VAL CB 484 -53.05 -60.98 -31.77
C VAL CB 484 -52.43 -60.00 -30.79
N ARG CB 485 -52.73 -60.17 -29.51
CA ARG CB 485 -52.20 -59.32 -28.45
C ARG CB 485 -51.69 -60.19 -27.32
N GLY CB 486 -50.73 -59.66 -26.56
CA GLY CB 486 -50.15 -60.38 -25.46
C GLY CB 486 -51.18 -60.86 -24.46
N ALA CB 487 -51.08 -62.12 -24.04
CA ALA CB 487 -52.07 -62.72 -23.15
C ALA CB 487 -51.49 -63.20 -21.83
N ARG CB 488 -50.33 -63.86 -21.85
CA ARG CB 488 -49.75 -64.37 -20.62
C ARG CB 488 -48.27 -64.64 -20.82
N ILE CB 489 -47.51 -64.60 -19.73
CA ILE CB 489 -46.08 -64.85 -19.74
C ILE CB 489 -45.75 -65.79 -18.59
N ASN CB 490 -44.96 -66.82 -18.88
CA ASN CB 490 -44.53 -67.78 -17.87
C ASN CB 490 -43.08 -67.49 -17.49
N VAL CB 491 -42.84 -67.31 -16.19
CA VAL CB 491 -41.51 -67.01 -15.67
C VAL CB 491 -41.04 -68.20 -14.86
N ASN CB 492 -39.84 -68.69 -15.16
CA ASN CB 492 -39.21 -69.79 -14.42
C ASN CB 492 -37.94 -69.23 -13.81
N LEU CB 493 -38.07 -68.64 -12.62
CA LEU CB 493 -36.93 -68.05 -11.92
C LEU CB 493 -36.10 -69.16 -11.29
N VAL CB 494 -34.78 -69.08 -11.48
CA VAL CB 494 -33.87 -70.12 -11.01
C VAL CB 494 -32.74 -69.49 -10.21
N PRO CB 495 -32.94 -69.21 -8.92
CA PRO CB 495 -31.88 -68.57 -8.14
C PRO CB 495 -30.65 -69.44 -8.02
N ALA CB 496 -29.50 -68.79 -7.90
CA ALA CB 496 -28.22 -69.45 -7.69
C ALA CB 496 -27.35 -68.57 -6.82
N LEU CB 497 -26.31 -69.15 -6.24
CA LEU CB 497 -25.45 -68.47 -5.28
C LEU CB 497 -24.11 -68.13 -5.91
N PHE CB 498 -23.62 -66.92 -5.61
CA PHE CB 498 -22.28 -66.49 -6.02
C PHE CB 498 -21.31 -66.87 -4.91
N ASP CB 499 -20.97 -68.14 -4.85
CA ASP CB 499 -20.08 -68.68 -3.82
C ASP CB 499 -18.71 -68.98 -4.41
N ASN CB 500 -17.69 -68.82 -3.58
CA ASN CB 500 -16.32 -69.11 -3.98
C ASN CB 500 -15.94 -68.29 -5.21
N CYS DB 3 -52.72 -69.86 -75.57
CA CYS DB 3 -53.17 -68.51 -75.12
C CYS DB 3 -52.50 -68.11 -73.80
N ASN DB 4 -51.82 -69.07 -73.18
CA ASN DB 4 -51.13 -68.82 -71.92
C ASN DB 4 -49.71 -68.29 -72.11
N LYS DB 5 -49.21 -68.23 -73.34
CA LYS DB 5 -47.86 -67.77 -73.60
C LYS DB 5 -47.80 -66.33 -74.10
N GLN DB 6 -48.87 -65.82 -74.69
CA GLN DB 6 -48.85 -64.47 -75.22
C GLN DB 6 -48.50 -63.48 -74.12
N ASN DB 7 -47.57 -62.58 -74.40
CA ASN DB 7 -47.11 -61.57 -73.45
C ASN DB 7 -47.54 -60.20 -73.96
N GLY DB 8 -48.54 -59.61 -73.30
CA GLY DB 8 -49.01 -58.31 -73.70
C GLY DB 8 -50.06 -57.81 -72.72
N VAL DB 9 -50.36 -56.52 -72.84
CA VAL DB 9 -51.35 -55.90 -71.97
C VAL DB 9 -52.75 -56.12 -72.54
N LYS DB 10 -53.72 -56.22 -71.64
CA LYS DB 10 -55.11 -56.48 -72.02
C LYS DB 10 -56.03 -55.32 -71.66
N ASN DB 11 -56.02 -54.87 -70.40
CA ASN DB 11 -56.86 -53.78 -69.95
C ASN DB 11 -56.04 -52.81 -69.13
N ILE DB 12 -56.41 -51.53 -69.19
CA ILE DB 12 -55.82 -50.49 -68.36
C ILE DB 12 -56.95 -49.62 -67.83
N LEU DB 13 -56.98 -49.42 -66.51
CA LEU DB 13 -58.00 -48.59 -65.87
C LEU DB 13 -57.31 -47.53 -65.04
N ILE DB 14 -57.81 -46.30 -65.13
CA ILE DB 14 -57.22 -45.16 -64.45
C ILE DB 14 -58.32 -44.35 -63.79
N THR DB 15 -58.06 -43.88 -62.58
CA THR DB 15 -59.01 -43.06 -61.83
C THR DB 15 -58.28 -41.86 -61.26
N PHE DB 16 -58.75 -40.67 -61.59
CA PHE DB 16 -58.10 -39.44 -61.18
C PHE DB 16 -58.75 -38.85 -59.95
N THR DB 17 -58.03 -37.94 -59.29
CA THR DB 17 -58.56 -37.19 -58.15
C THR DB 17 -57.82 -35.86 -58.12
N HIS DB 18 -58.49 -34.81 -58.60
CA HIS DB 18 -57.88 -33.49 -58.65
C HIS DB 18 -57.83 -32.91 -57.25
N CYS DB 19 -56.83 -33.35 -56.47
CA CYS DB 19 -56.84 -33.09 -55.03
C CYS DB 19 -56.81 -31.60 -54.70
N ASP DB 20 -56.41 -30.75 -55.65
CA ASP DB 20 -56.50 -29.31 -55.42
C ASP DB 20 -57.95 -28.84 -55.31
N THR DB 21 -58.90 -29.60 -55.85
CA THR DB 21 -60.32 -29.28 -55.75
C THR DB 21 -61.20 -30.43 -55.30
N GLY DB 22 -60.73 -31.67 -55.36
CA GLY DB 22 -61.49 -32.80 -54.88
C GLY DB 22 -62.32 -33.53 -55.92
N GLU DB 23 -62.31 -33.06 -57.17
CA GLU DB 23 -63.09 -33.73 -58.21
C GLU DB 23 -62.58 -35.15 -58.43
N VAL DB 24 -63.50 -36.06 -58.71
CA VAL DB 24 -63.18 -37.46 -58.93
C VAL DB 24 -63.86 -37.92 -60.22
N ILE DB 25 -63.14 -38.73 -60.99
CA ILE DB 25 -63.65 -39.32 -62.22
C ILE DB 25 -63.47 -40.82 -62.15
N GLY DB 26 -64.54 -41.57 -62.39
CA GLY DB 26 -64.52 -43.01 -62.26
C GLY DB 26 -63.49 -43.66 -63.15
N PRO DB 27 -63.33 -44.98 -63.01
CA PRO DB 27 -62.33 -45.68 -63.83
C PRO DB 27 -62.67 -45.60 -65.32
N ILE DB 28 -61.65 -45.36 -66.12
CA ILE DB 28 -61.79 -45.23 -67.57
C ILE DB 28 -60.80 -46.17 -68.24
N SER DB 29 -61.24 -46.83 -69.30
CA SER DB 29 -60.37 -47.73 -70.05
C SER DB 29 -59.52 -46.94 -71.03
N HIS DB 30 -58.23 -47.24 -71.04
CA HIS DB 30 -57.27 -46.59 -71.93
C HIS DB 30 -56.66 -47.63 -72.87
N GLU DB 31 -55.81 -47.15 -73.78
CA GLU DB 31 -55.10 -48.02 -74.71
C GLU DB 31 -53.68 -47.51 -74.88
N GLN DB 32 -52.85 -48.33 -75.54
CA GLN DB 32 -51.44 -48.00 -75.69
C GLN DB 32 -51.19 -47.27 -77.00
N PRO DB 33 -50.21 -46.37 -77.05
CA PRO DB 33 -49.95 -45.63 -78.30
C PRO DB 33 -49.04 -46.38 -79.26
N ASP DB 34 -48.21 -47.27 -78.73
CA ASP DB 34 -47.21 -47.96 -79.54
C ASP DB 34 -47.01 -49.35 -78.96
N ASP DB 35 -45.91 -50.01 -79.36
CA ASP DB 35 -45.65 -51.39 -79.00
C ASP DB 35 -44.72 -51.54 -77.80
N THR DB 36 -44.64 -50.54 -76.94
CA THR DB 36 -43.84 -50.63 -75.73
C THR DB 36 -44.73 -50.87 -74.52
N LEU DB 37 -44.40 -51.92 -73.76
CA LEU DB 37 -45.20 -52.32 -72.61
C LEU DB 37 -44.78 -51.56 -71.36
N PRO DB 38 -45.63 -51.55 -70.33
CA PRO DB 38 -45.26 -50.85 -69.09
C PRO DB 38 -44.13 -51.54 -68.35
N THR DB 39 -43.74 -50.99 -67.20
CA THR DB 39 -42.69 -51.57 -66.38
C THR DB 39 -43.09 -51.45 -64.91
N TYR DB 40 -42.52 -52.32 -64.08
CA TYR DB 40 -42.92 -52.43 -62.69
C TYR DB 40 -41.69 -52.58 -61.80
N LYS DB 41 -41.87 -52.25 -60.52
CA LYS DB 41 -40.87 -52.56 -59.50
C LYS DB 41 -41.63 -52.66 -58.18
N THR DB 42 -41.88 -53.90 -57.73
CA THR DB 42 -42.75 -54.15 -56.60
C THR DB 42 -42.02 -54.23 -55.26
N CYS DB 43 -40.69 -54.12 -55.25
CA CYS DB 43 -39.92 -54.18 -54.02
C CYS DB 43 -39.52 -52.77 -53.60
N ALA DB 44 -39.84 -52.41 -52.36
CA ALA DB 44 -39.64 -51.05 -51.87
C ALA DB 44 -38.23 -50.80 -51.34
N TRP DB 45 -37.37 -51.82 -51.30
CA TRP DB 45 -36.02 -51.66 -50.78
C TRP DB 45 -35.02 -51.63 -51.93
N THR DB 46 -33.94 -50.88 -51.72
CA THR DB 46 -32.87 -50.73 -52.70
C THR DB 46 -31.54 -51.04 -52.01
N ASN DB 47 -30.70 -51.81 -52.69
CA ASN DB 47 -29.44 -52.30 -52.14
C ASN DB 47 -28.27 -51.53 -52.73
N THR DB 48 -27.06 -51.91 -52.30
CA THR DB 48 -25.84 -51.27 -52.76
C THR DB 48 -24.70 -52.27 -52.63
N ALA DB 49 -23.58 -51.95 -53.27
CA ALA DB 49 -22.51 -52.93 -53.42
C ALA DB 49 -21.77 -53.17 -52.11
N LEU DB 50 -21.11 -52.15 -51.58
CA LEU DB 50 -20.22 -52.31 -50.43
C LEU DB 50 -19.17 -53.38 -50.72
N THR DB 51 -18.46 -53.85 -49.70
CA THR DB 51 -17.35 -54.78 -49.88
C THR DB 51 -17.64 -56.11 -49.19
N ASN DB 52 -16.97 -57.15 -49.69
CA ASN DB 52 -17.08 -58.50 -49.13
C ASN DB 52 -18.50 -59.04 -49.24
N GLY DB 53 -19.24 -58.61 -50.25
CA GLY DB 53 -20.57 -59.12 -50.48
C GLY DB 53 -21.53 -58.83 -49.35
N ALA DB 54 -21.53 -57.60 -48.86
CA ALA DB 54 -22.40 -57.18 -47.77
C ALA DB 54 -23.11 -55.90 -48.20
N VAL DB 55 -24.29 -56.05 -48.78
CA VAL DB 55 -25.05 -54.91 -49.32
C VAL DB 55 -25.61 -54.07 -48.19
N MET DB 56 -26.06 -52.87 -48.52
CA MET DB 56 -26.73 -51.96 -47.58
C MET DB 56 -28.16 -51.74 -48.03
N ARG DB 57 -29.11 -51.91 -47.11
CA ARG DB 57 -30.52 -51.77 -47.42
C ARG DB 57 -30.98 -50.36 -47.05
N SER DB 58 -31.70 -49.71 -47.97
CA SER DB 58 -32.23 -48.38 -47.75
C SER DB 58 -33.66 -48.33 -48.23
N ALA DB 59 -34.44 -47.41 -47.65
CA ALA DB 59 -35.83 -47.25 -48.04
C ALA DB 59 -35.93 -46.68 -49.45
N SER DB 60 -36.94 -47.12 -50.17
CA SER DB 60 -37.18 -46.66 -51.54
C SER DB 60 -38.67 -46.80 -51.83
N ASN DB 61 -39.04 -46.65 -53.10
CA ASN DB 61 -40.43 -46.65 -53.53
C ASN DB 61 -40.68 -47.77 -54.52
N ALA DB 62 -41.96 -48.05 -54.75
CA ALA DB 62 -42.41 -48.93 -55.82
C ALA DB 62 -42.99 -48.06 -56.92
N THR DB 63 -42.47 -48.21 -58.14
CA THR DB 63 -42.80 -47.32 -59.24
C THR DB 63 -43.46 -48.11 -60.37
N MET DB 64 -43.95 -47.36 -61.37
CA MET DB 64 -44.59 -47.94 -62.54
C MET DB 64 -44.53 -46.92 -63.66
N THR DB 65 -44.05 -47.36 -64.84
CA THR DB 65 -44.03 -46.54 -66.03
C THR DB 65 -45.16 -47.01 -66.95
N LEU DB 66 -46.07 -46.12 -67.28
CA LEU DB 66 -47.32 -46.48 -67.94
C LEU DB 66 -47.56 -45.58 -69.15
N PRO DB 67 -47.19 -46.00 -70.36
CA PRO DB 67 -47.49 -45.21 -71.56
C PRO DB 67 -48.90 -45.48 -72.05
N VAL DB 68 -49.73 -44.43 -72.09
CA VAL DB 68 -51.12 -44.54 -72.50
C VAL DB 68 -51.46 -43.40 -73.44
N VAL DB 69 -52.58 -43.55 -74.14
CA VAL DB 69 -53.08 -42.54 -75.06
C VAL DB 69 -54.08 -41.66 -74.34
N ARG DB 70 -53.88 -40.35 -74.40
CA ARG DB 70 -54.73 -39.42 -73.66
C ARG DB 70 -56.18 -39.57 -74.10
N ASP DB 71 -57.07 -39.67 -73.11
CA ASP DB 71 -58.50 -39.79 -73.40
C ASP DB 71 -59.08 -38.40 -73.68
N PRO DB 72 -59.80 -38.21 -74.80
CA PRO DB 72 -60.10 -36.85 -75.24
C PRO DB 72 -61.12 -36.12 -74.38
N ARG DB 73 -61.48 -36.70 -73.24
CA ARG DB 73 -62.41 -36.06 -72.31
C ARG DB 73 -61.74 -35.63 -71.00
N VAL DB 74 -60.42 -35.73 -70.92
CA VAL DB 74 -59.69 -35.40 -69.68
C VAL DB 74 -58.63 -34.36 -70.02
N PRO DB 75 -58.52 -33.27 -69.26
CA PRO DB 75 -57.47 -32.29 -69.56
C PRO DB 75 -56.09 -32.91 -69.45
N LEU DB 76 -55.18 -32.44 -70.30
CA LEU DB 76 -53.82 -32.97 -70.30
C LEU DB 76 -53.15 -32.74 -68.95
N ALA DB 77 -53.53 -31.68 -68.24
CA ALA DB 77 -52.87 -31.37 -66.97
C ALA DB 77 -53.02 -32.52 -65.98
N TRP DB 78 -54.17 -33.18 -65.97
CA TRP DB 78 -54.40 -34.24 -64.99
C TRP DB 78 -53.42 -35.38 -65.18
N TYR DB 79 -53.15 -35.76 -66.43
CA TYR DB 79 -52.18 -36.81 -66.69
C TYR DB 79 -50.79 -36.44 -66.18
N GLN DB 80 -50.49 -35.16 -66.06
CA GLN DB 80 -49.23 -34.71 -65.49
C GLN DB 80 -49.43 -34.49 -63.99
N GLY DB 81 -48.46 -33.87 -63.33
CA GLY DB 81 -48.43 -33.87 -61.88
C GLY DB 81 -49.44 -32.99 -61.18
N CYS DB 82 -50.60 -32.77 -61.80
CA CYS DB 82 -51.67 -31.97 -61.21
C CYS DB 82 -52.88 -32.82 -60.82
N ALA DB 83 -52.66 -34.07 -60.41
CA ALA DB 83 -53.76 -34.92 -59.98
C ALA DB 83 -53.20 -36.22 -59.42
N GLN DB 84 -53.99 -36.87 -58.56
CA GLN DB 84 -53.68 -38.18 -58.02
C GLN DB 84 -54.25 -39.26 -58.93
N ILE DB 85 -53.62 -40.43 -58.92
CA ILE DB 85 -53.94 -41.49 -59.87
C ILE DB 85 -54.08 -42.82 -59.12
N ASP DB 86 -54.93 -43.69 -59.67
CA ASP DB 86 -55.16 -45.04 -59.15
C ASP DB 86 -55.31 -45.96 -60.36
N ALA DB 87 -54.26 -46.69 -60.69
CA ALA DB 87 -54.17 -47.43 -61.95
C ALA DB 87 -54.20 -48.93 -61.72
N GLN DB 88 -54.73 -49.65 -62.71
CA GLN DB 88 -54.74 -51.10 -62.73
C GLN DB 88 -54.40 -51.58 -64.13
N VAL DB 89 -53.56 -52.61 -64.22
CA VAL DB 89 -53.14 -53.17 -65.50
C VAL DB 89 -53.32 -54.68 -65.45
N GLU DB 90 -53.99 -55.23 -66.46
CA GLU DB 90 -54.23 -56.66 -66.56
C GLU DB 90 -53.59 -57.18 -67.84
N LYS DB 91 -52.71 -58.17 -67.71
CA LYS DB 91 -52.04 -58.77 -68.85
C LYS DB 91 -52.86 -59.94 -69.39
N PHE DB 92 -52.37 -60.55 -70.47
CA PHE DB 92 -53.03 -61.72 -71.04
C PHE DB 92 -52.82 -62.96 -70.19
N ASP DB 93 -51.73 -63.03 -69.44
CA ASP DB 93 -51.45 -64.17 -68.58
C ASP DB 93 -52.37 -64.21 -67.36
N GLY DB 94 -53.11 -63.15 -67.10
CA GLY DB 94 -53.98 -63.06 -65.94
C GLY DB 94 -53.42 -62.22 -64.81
N THR DB 95 -52.13 -61.93 -64.82
CA THR DB 95 -51.54 -61.11 -63.77
C THR DB 95 -52.21 -59.73 -63.76
N VAL DB 96 -52.54 -59.26 -62.56
CA VAL DB 96 -53.21 -57.98 -62.37
C VAL DB 96 -52.40 -57.16 -61.38
N MET DB 97 -51.97 -55.98 -61.80
CA MET DB 97 -51.25 -55.05 -60.95
C MET DB 97 -52.21 -53.94 -60.50
N THR DB 98 -52.16 -53.61 -59.21
CA THR DB 98 -53.02 -52.59 -58.64
C THR DB 98 -52.17 -51.53 -57.96
N LEU DB 99 -52.45 -50.27 -58.26
CA LEU DB 99 -51.75 -49.14 -57.69
C LEU DB 99 -52.77 -48.13 -57.18
N THR DB 100 -52.62 -47.69 -55.94
CA THR DB 100 -53.54 -46.74 -55.33
C THR DB 100 -52.74 -45.61 -54.69
N GLU DB 101 -53.30 -44.39 -54.76
CA GLU DB 101 -52.68 -43.22 -54.16
C GLU DB 101 -51.28 -42.98 -54.74
N GLY DB 102 -51.20 -42.93 -56.07
CA GLY DB 102 -49.95 -42.69 -56.74
C GLY DB 102 -49.63 -41.22 -56.85
N ALA DB 103 -48.65 -40.93 -57.70
CA ALA DB 103 -48.23 -39.56 -57.95
C ALA DB 103 -47.28 -39.54 -59.16
N VAL DB 104 -47.43 -38.53 -60.00
CA VAL DB 104 -46.61 -38.39 -61.20
C VAL DB 104 -45.39 -37.55 -60.87
N THR DB 105 -44.22 -38.02 -61.28
CA THR DB 105 -42.94 -37.37 -60.97
C THR DB 105 -42.23 -36.98 -62.25
N GLU DB 106 -41.68 -35.76 -62.26
CA GLU DB 106 -40.88 -35.25 -63.37
C GLU DB 106 -41.59 -35.48 -64.69
N PRO DB 107 -42.71 -34.82 -64.94
CA PRO DB 107 -43.42 -35.01 -66.20
C PRO DB 107 -42.59 -34.52 -67.38
N GLU DB 108 -42.78 -35.17 -68.52
CA GLU DB 108 -42.09 -34.83 -69.75
C GLU DB 108 -43.09 -34.25 -70.75
N GLU DB 109 -42.65 -33.24 -71.50
CA GLU DB 109 -43.53 -32.59 -72.45
C GLU DB 109 -44.10 -33.60 -73.44
N SER DB 110 -45.39 -33.46 -73.74
CA SER DB 110 -46.09 -34.35 -74.65
C SER DB 110 -46.74 -33.55 -75.77
N ASP DB 111 -47.03 -34.23 -76.87
CA ASP DB 111 -47.60 -33.60 -78.05
C ASP DB 111 -49.12 -33.57 -78.02
N GLY DB 112 -49.75 -34.04 -76.94
CA GLY DB 112 -51.18 -33.96 -76.76
C GLY DB 112 -51.92 -35.26 -76.97
N ARG DB 113 -51.28 -36.30 -77.49
CA ARG DB 113 -51.92 -37.59 -77.69
C ARG DB 113 -51.31 -38.67 -76.81
N ALA DB 114 -50.00 -38.87 -76.89
CA ALA DB 114 -49.32 -39.93 -76.13
C ALA DB 114 -48.62 -39.32 -74.94
N VAL DB 115 -48.91 -39.85 -73.76
CA VAL DB 115 -48.34 -39.38 -72.50
C VAL DB 115 -47.71 -40.56 -71.79
N THR DB 116 -46.47 -40.39 -71.36
CA THR DB 116 -45.76 -41.39 -70.56
C THR DB 116 -45.71 -40.92 -69.12
N MET DB 117 -46.19 -41.75 -68.20
CA MET DB 117 -46.30 -41.41 -66.80
C MET DB 117 -45.30 -42.21 -65.99
N THR DB 118 -44.79 -41.59 -64.92
CA THR DB 118 -43.87 -42.23 -63.99
C THR DB 118 -44.51 -42.15 -62.61
N ILE DB 119 -45.33 -43.14 -62.31
CA ILE DB 119 -46.08 -43.17 -61.06
C ILE DB 119 -45.25 -43.88 -60.01
N ILE DB 120 -45.25 -43.36 -58.78
CA ILE DB 120 -44.59 -43.98 -57.64
C ILE DB 120 -45.60 -44.09 -56.51
N ALA DB 121 -45.63 -45.26 -55.87
CA ALA DB 121 -46.57 -45.52 -54.79
C ALA DB 121 -45.84 -46.29 -53.69
N ALA DB 122 -46.43 -46.25 -52.49
CA ALA DB 122 -45.82 -46.94 -51.35
C ALA DB 122 -45.75 -48.43 -51.58
N GLU DB 123 -46.69 -49.00 -52.32
CA GLU DB 123 -46.71 -50.44 -52.55
C GLU DB 123 -47.58 -50.73 -53.76
N ILE DB 124 -47.14 -51.67 -54.59
CA ILE DB 124 -47.89 -52.16 -55.73
C ILE DB 124 -48.26 -53.62 -55.46
N ASP DB 125 -49.53 -53.94 -55.64
CA ASP DB 125 -50.05 -55.28 -55.34
C ASP DB 125 -50.12 -56.10 -56.62
N GLU DB 126 -49.62 -57.33 -56.55
CA GLU DB 126 -49.61 -58.25 -57.68
C GLU DB 126 -50.51 -59.44 -57.38
N LEU DB 127 -51.32 -59.83 -58.36
CA LEU DB 127 -52.23 -60.95 -58.26
C LEU DB 127 -51.80 -62.00 -59.28
N LEU DB 128 -51.10 -63.04 -58.83
CA LEU DB 128 -50.63 -64.07 -59.72
C LEU DB 128 -51.79 -64.94 -60.20
N PRO DB 129 -51.59 -65.68 -61.29
CA PRO DB 129 -52.61 -66.65 -61.72
C PRO DB 129 -52.79 -67.73 -60.67
N PRO DB 130 -53.76 -68.63 -60.86
CA PRO DB 130 -53.94 -69.70 -59.88
C PRO DB 130 -52.70 -70.58 -59.77
N GLY DB 131 -52.43 -71.05 -58.57
CA GLY DB 131 -51.31 -71.94 -58.32
C GLY DB 131 -50.06 -71.30 -57.76
N SER DB 132 -50.13 -70.05 -57.31
CA SER DB 132 -48.95 -69.39 -56.78
C SER DB 132 -48.39 -70.17 -55.59
N LEU DB 133 -47.06 -70.26 -55.51
CA LEU DB 133 -46.39 -71.00 -54.47
C LEU DB 133 -46.01 -70.14 -53.27
N ALA DB 134 -46.26 -68.83 -53.33
CA ALA DB 134 -45.87 -67.90 -52.27
C ALA DB 134 -47.09 -67.18 -51.75
N ALA DB 135 -47.19 -67.06 -50.43
CA ALA DB 135 -48.31 -66.37 -49.80
C ALA DB 135 -48.34 -64.90 -50.22
N ALA EB 5 -55.93 32.13 -28.17
CA ALA EB 5 -55.59 33.52 -28.45
C ALA EB 5 -54.80 34.11 -27.28
N LEU EB 6 -53.91 35.04 -27.59
CA LEU EB 6 -53.03 35.69 -26.62
C LEU EB 6 -52.10 34.71 -25.93
N SER EB 7 -51.97 33.48 -26.44
CA SER EB 7 -51.11 32.47 -25.87
C SER EB 7 -50.19 31.94 -26.96
N ASP EB 8 -48.92 31.72 -26.61
CA ASP EB 8 -47.90 31.26 -27.54
C ASP EB 8 -47.50 29.84 -27.20
N GLY EB 9 -47.52 28.96 -28.20
CA GLY EB 9 -47.13 27.59 -28.00
C GLY EB 9 -47.53 26.74 -29.19
N PHE EB 10 -47.16 25.47 -29.10
CA PHE EB 10 -47.47 24.50 -30.14
C PHE EB 10 -48.76 23.74 -29.83
N VAL EB 11 -48.80 23.06 -28.69
CA VAL EB 11 -49.97 22.27 -28.32
C VAL EB 11 -51.03 23.19 -27.71
N ARG EB 12 -52.29 22.80 -27.88
CA ARG EB 12 -53.42 23.55 -27.35
C ARG EB 12 -54.35 22.59 -26.62
N LEU EB 13 -54.53 22.78 -25.33
CA LEU EB 13 -55.34 21.89 -24.52
C LEU EB 13 -56.82 22.13 -24.77
N CYS EB 14 -57.61 21.08 -24.51
CA CYS EB 14 -59.07 21.15 -24.65
C CYS EB 14 -59.66 20.23 -23.59
N ILE EB 15 -60.06 20.80 -22.46
CA ILE EB 15 -60.47 20.02 -21.30
C ILE EB 15 -61.98 19.80 -21.36
N ASP EB 16 -62.40 18.55 -21.22
CA ASP EB 16 -63.82 18.24 -21.18
C ASP EB 16 -64.42 18.71 -19.85
N PRO EB 17 -65.60 19.33 -19.88
CA PRO EB 17 -66.15 19.91 -18.64
C PRO EB 17 -66.45 18.89 -17.55
N SER EB 18 -66.62 17.61 -17.89
CA SER EB 18 -67.03 16.60 -16.92
C SER EB 18 -65.82 15.79 -16.44
N LEU EB 19 -65.80 15.49 -15.15
CA LEU EB 19 -64.73 14.68 -14.57
C LEU EB 19 -65.06 13.19 -14.58
N ASN EB 20 -66.31 12.81 -14.34
CA ASN EB 20 -66.70 11.41 -14.36
C ASN EB 20 -66.66 10.90 -15.80
N PHE EB 21 -65.65 10.10 -16.12
CA PHE EB 21 -65.41 9.63 -17.48
C PHE EB 21 -65.67 8.14 -17.62
N PHE EB 22 -65.01 7.31 -16.80
CA PHE EB 22 -65.15 5.86 -16.91
C PHE EB 22 -66.54 5.37 -16.54
N GLY EB 23 -67.35 6.20 -15.87
CA GLY EB 23 -68.67 5.75 -15.45
C GLY EB 23 -69.58 5.37 -16.60
N GLU EB 24 -69.29 5.82 -17.81
CA GLU EB 24 -70.15 5.52 -18.95
C GLU EB 24 -70.17 4.04 -19.28
N GLY EB 25 -69.10 3.31 -18.97
CA GLY EB 25 -69.04 1.89 -19.27
C GLY EB 25 -69.53 0.96 -18.18
N CYS EB 26 -69.96 1.51 -17.04
CA CYS EB 26 -70.40 0.70 -15.91
C CYS EB 26 -71.64 1.35 -15.31
N LYS EB 27 -72.73 0.59 -15.22
CA LYS EB 27 -74.01 1.14 -14.78
C LYS EB 27 -74.64 0.21 -13.75
N ILE EB 28 -75.41 0.82 -12.85
CA ILE EB 28 -76.16 0.09 -11.83
C ILE EB 28 -77.55 0.70 -11.73
N LEU EB 29 -78.56 -0.16 -11.60
CA LEU EB 29 -79.95 0.27 -11.51
C LEU EB 29 -80.53 -0.13 -10.17
N VAL EB 30 -81.12 0.84 -9.47
CA VAL EB 30 -81.72 0.63 -8.17
C VAL EB 30 -83.23 0.86 -8.30
N GLU EB 31 -84.01 -0.10 -7.83
CA GLU EB 31 -85.46 -0.04 -7.93
C GLU EB 31 -86.08 -0.11 -6.54
N GLY EB 32 -87.07 0.75 -6.30
CA GLY EB 32 -87.74 0.77 -5.02
C GLY EB 32 -88.98 1.64 -5.08
N GLN EB 33 -89.55 1.88 -3.90
CA GLN EB 33 -90.74 2.70 -3.77
C GLN EB 33 -90.37 4.10 -3.30
N ILE EB 34 -91.28 5.04 -3.52
CA ILE EB 34 -91.11 6.42 -3.11
C ILE EB 34 -92.36 6.86 -2.35
N THR EB 35 -92.38 8.11 -1.91
CA THR EB 35 -93.48 8.70 -1.17
C THR EB 35 -94.13 9.79 -2.00
N ASP EB 36 -95.19 10.38 -1.44
CA ASP EB 36 -95.92 11.42 -2.16
C ASP EB 36 -95.04 12.64 -2.43
N ASP EB 37 -94.20 13.01 -1.46
CA ASP EB 37 -93.41 14.23 -1.58
C ASP EB 37 -92.46 14.19 -2.77
N ALA EB 38 -92.15 13.01 -3.29
CA ALA EB 38 -91.18 12.91 -4.38
C ALA EB 38 -91.68 13.65 -5.61
N THR EB 39 -90.76 14.28 -6.33
CA THR EB 39 -91.05 14.98 -7.56
C THR EB 39 -90.71 14.18 -8.81
N ALA EB 40 -89.86 13.17 -8.70
CA ALA EB 40 -89.47 12.39 -9.85
C ALA EB 40 -90.67 11.62 -10.42
N ALA EB 41 -90.72 11.51 -11.74
CA ALA EB 41 -91.79 10.77 -12.39
C ALA EB 41 -91.65 9.28 -12.12
N GLU EB 42 -92.78 8.59 -12.07
CA GLU EB 42 -92.81 7.17 -11.76
C GLU EB 42 -92.62 6.33 -13.01
N ASN EB 43 -92.00 5.17 -12.84
CA ASN EB 43 -91.82 4.20 -13.93
C ASN EB 43 -91.03 4.79 -15.08
N VAL EB 44 -90.08 5.68 -14.79
CA VAL EB 44 -89.23 6.28 -15.81
C VAL EB 44 -87.80 6.28 -15.28
N VAL EB 45 -86.91 5.54 -15.93
CA VAL EB 45 -85.52 5.49 -15.49
C VAL EB 45 -84.90 6.88 -15.62
N THR EB 46 -84.20 7.29 -14.56
CA THR EB 46 -83.52 8.58 -14.53
C THR EB 46 -82.14 8.41 -13.91
N CYS EB 47 -81.22 9.27 -14.29
CA CYS EB 47 -79.86 9.23 -13.77
C CYS EB 47 -79.79 9.96 -12.43
N VAL EB 48 -78.88 9.49 -11.57
CA VAL EB 48 -78.66 10.06 -10.25
C VAL EB 48 -77.25 10.62 -10.19
N ASN EB 49 -77.12 11.83 -9.66
CA ASN EB 49 -75.85 12.54 -9.66
C ASN EB 49 -75.11 12.41 -8.32
N SER EB 50 -75.74 12.82 -7.22
CA SER EB 50 -75.10 12.79 -5.91
C SER EB 50 -76.18 12.85 -4.85
N GLU EB 51 -75.75 12.92 -3.59
CA GLU EB 51 -76.67 12.94 -2.46
C GLU EB 51 -77.40 14.26 -2.31
N LEU EB 52 -76.92 15.33 -2.94
CA LEU EB 52 -77.58 16.63 -2.80
C LEU EB 52 -79.00 16.59 -3.36
N ASP EB 53 -79.18 15.96 -4.53
CA ASP EB 53 -80.48 15.93 -5.17
C ASP EB 53 -81.48 15.04 -4.44
N LEU EB 54 -81.03 14.17 -3.55
CA LEU EB 54 -81.92 13.22 -2.90
C LEU EB 54 -82.93 13.94 -2.02
N VAL EB 55 -83.84 13.17 -1.42
CA VAL EB 55 -84.91 13.71 -0.58
C VAL EB 55 -85.95 14.36 -1.48
N GLU EB 56 -85.62 15.52 -2.04
CA GLU EB 56 -86.57 16.23 -2.89
C GLU EB 56 -86.90 15.42 -4.14
N ARG EB 57 -85.91 14.77 -4.73
CA ARG EB 57 -86.15 14.02 -5.96
C ARG EB 57 -86.86 12.70 -5.71
N PHE EB 58 -86.70 12.12 -4.52
CA PHE EB 58 -87.30 10.80 -4.25
C PHE EB 58 -87.98 10.76 -2.88
N GLY EB 59 -88.47 11.88 -2.37
CA GLY EB 59 -89.16 11.90 -1.11
C GLY EB 59 -88.23 11.76 0.08
N GLN EB 60 -88.72 12.20 1.24
CA GLN EB 60 -87.95 12.18 2.47
C GLN EB 60 -88.21 10.88 3.21
N GLY EB 61 -87.14 10.13 3.49
CA GLY EB 61 -87.26 8.88 4.20
C GLY EB 61 -87.81 7.74 3.39
N SER EB 62 -87.93 7.89 2.07
CA SER EB 62 -88.47 6.83 1.24
C SER EB 62 -87.51 5.65 1.17
N VAL EB 63 -88.06 4.48 0.84
CA VAL EB 63 -87.23 3.28 0.72
C VAL EB 63 -86.15 3.48 -0.32
N LEU EB 64 -86.49 4.11 -1.44
CA LEU EB 64 -85.51 4.33 -2.50
C LEU EB 64 -84.38 5.24 -2.03
N THR EB 65 -84.72 6.28 -1.26
CA THR EB 65 -83.70 7.23 -0.83
C THR EB 65 -82.65 6.55 0.04
N GLU EB 66 -83.08 5.70 0.97
CA GLU EB 66 -82.12 5.04 1.86
C GLU EB 66 -81.17 4.14 1.09
N SER EB 67 -81.70 3.35 0.16
CA SER EB 67 -80.84 2.45 -0.61
C SER EB 67 -79.80 3.24 -1.40
N LEU EB 68 -80.21 4.34 -2.04
CA LEU EB 68 -79.27 5.12 -2.83
C LEU EB 68 -78.18 5.70 -1.95
N ARG EB 69 -78.51 6.06 -0.70
CA ARG EB 69 -77.49 6.60 0.19
C ARG EB 69 -76.38 5.59 0.43
N LYS EB 70 -76.75 4.34 0.72
CA LYS EB 70 -75.73 3.31 0.92
C LYS EB 70 -74.99 3.00 -0.37
N VAL EB 71 -75.68 2.99 -1.51
CA VAL EB 71 -75.01 2.73 -2.77
C VAL EB 71 -73.93 3.78 -3.01
N PHE EB 72 -74.26 5.06 -2.79
CA PHE EB 72 -73.27 6.11 -2.98
C PHE EB 72 -72.16 6.03 -1.94
N CYS EB 73 -72.50 5.71 -0.69
CA CYS EB 73 -71.49 5.60 0.35
C CYS EB 73 -70.51 4.47 0.07
N MET EB 74 -70.94 3.42 -0.62
CA MET EB 74 -70.06 2.31 -0.94
C MET EB 74 -69.31 2.49 -2.25
N CYS EB 75 -69.90 3.14 -3.25
CA CYS EB 75 -69.26 3.37 -4.54
C CYS EB 75 -69.05 4.87 -4.71
N LYS EB 76 -67.93 5.36 -4.18
CA LYS EB 76 -67.65 6.80 -4.26
C LYS EB 76 -67.41 7.25 -5.70
N SER EB 77 -66.75 6.42 -6.50
CA SER EB 77 -66.50 6.78 -7.90
C SER EB 77 -66.22 5.51 -8.68
N GLY EB 78 -66.33 5.61 -10.00
CA GLY EB 78 -66.07 4.50 -10.89
C GLY EB 78 -67.29 3.77 -11.38
N VAL EB 79 -68.49 4.28 -11.12
CA VAL EB 79 -69.73 3.64 -11.56
C VAL EB 79 -70.81 4.69 -11.70
N SER EB 80 -71.73 4.47 -12.64
CA SER EB 80 -72.86 5.36 -12.88
C SER EB 80 -74.11 4.73 -12.30
N VAL EB 81 -74.88 5.54 -11.57
CA VAL EB 81 -76.05 5.07 -10.83
C VAL EB 81 -77.31 5.53 -11.54
N TYR EB 82 -78.29 4.62 -11.64
CA TYR EB 82 -79.59 4.91 -12.21
C TYR EB 82 -80.66 4.45 -11.24
N ALA EB 83 -81.80 5.16 -11.25
CA ALA EB 83 -82.90 4.89 -10.35
C ALA EB 83 -84.19 4.71 -11.13
N LEU EB 84 -85.04 3.81 -10.65
CA LEU EB 84 -86.34 3.51 -11.28
C LEU EB 84 -87.40 3.60 -10.20
N PRO EB 85 -87.89 4.79 -9.89
CA PRO EB 85 -88.87 4.93 -8.79
C PRO EB 85 -90.17 4.23 -9.11
N ARG EB 86 -90.85 3.79 -8.05
CA ARG EB 86 -92.15 3.14 -8.15
C ARG EB 86 -93.08 3.72 -7.09
N ALA EB 87 -94.38 3.63 -7.36
CA ALA EB 87 -95.40 4.16 -6.47
C ALA EB 87 -96.07 3.04 -5.70
N ASP EB 88 -96.69 3.41 -4.59
CA ASP EB 88 -97.35 2.43 -3.73
C ASP EB 88 -98.60 1.87 -4.42
N ALA EB 89 -99.05 0.72 -3.92
CA ALA EB 89 -100.21 0.06 -4.49
C ALA EB 89 -101.46 0.90 -4.25
N ALA EB 90 -102.58 0.44 -4.82
CA ALA EB 90 -103.82 1.20 -4.74
C ALA EB 90 -104.31 1.31 -3.29
N ALA EB 91 -104.25 0.21 -2.55
CA ALA EB 91 -104.80 0.17 -1.20
C ALA EB 91 -103.81 -0.38 -0.18
N ALA EB 92 -102.58 0.11 -0.23
CA ALA EB 92 -101.57 -0.34 0.73
C ALA EB 92 -101.91 0.16 2.13
N VAL EB 93 -101.56 -0.66 3.13
CA VAL EB 93 -101.76 -0.33 4.53
C VAL EB 93 -100.40 -0.20 5.18
N SER EB 94 -100.17 0.92 5.86
CA SER EB 94 -98.90 1.19 6.50
C SER EB 94 -98.83 0.55 7.87
N ALA EB 95 -97.71 -0.08 8.16
CA ALA EB 95 -97.53 -0.75 9.45
C ALA EB 95 -97.36 0.28 10.56
N VAL EB 96 -97.71 -0.13 11.79
CA VAL EB 96 -97.66 0.73 12.95
C VAL EB 96 -96.97 -0.01 14.09
N TYR EB 97 -96.09 0.70 14.80
CA TYR EB 97 -95.38 0.16 15.96
C TYR EB 97 -95.59 1.08 17.15
N THR EB 98 -95.48 0.52 18.34
CA THR EB 98 -95.70 1.25 19.58
C THR EB 98 -94.51 1.07 20.50
N LEU EB 99 -94.08 2.15 21.14
CA LEU EB 99 -92.97 2.15 22.09
C LEU EB 99 -93.41 2.96 23.31
N THR EB 100 -93.76 2.26 24.38
CA THR EB 100 -94.32 2.90 25.56
C THR EB 100 -93.25 3.11 26.63
N VAL EB 101 -93.28 4.28 27.26
CA VAL EB 101 -92.36 4.62 28.34
C VAL EB 101 -93.15 4.66 29.63
N THR EB 102 -92.61 4.02 30.67
CA THR EB 102 -93.28 3.92 31.96
C THR EB 102 -92.29 4.27 33.07
N GLY EB 103 -92.83 4.77 34.18
CA GLY EB 103 -92.03 5.12 35.33
C GLY EB 103 -91.57 6.57 35.30
N THR EB 104 -91.00 6.99 36.42
CA THR EB 104 -90.50 8.35 36.60
C THR EB 104 -89.01 8.30 36.86
N ALA EB 105 -88.26 9.15 36.16
CA ALA EB 105 -86.81 9.18 36.32
C ALA EB 105 -86.46 9.63 37.74
N LEU EB 106 -85.78 8.77 38.49
CA LEU EB 106 -85.38 9.09 39.86
C LEU EB 106 -84.01 9.76 39.92
N THR EB 107 -83.22 9.70 38.87
CA THR EB 107 -81.90 10.30 38.86
C THR EB 107 -81.57 10.77 37.45
N ASP EB 108 -80.68 11.74 37.36
CA ASP EB 108 -80.25 12.24 36.06
C ASP EB 108 -79.50 11.16 35.30
N GLY EB 109 -79.65 11.18 33.98
CA GLY EB 109 -79.02 10.17 33.15
C GLY EB 109 -79.23 10.47 31.68
N ARG EB 110 -79.02 9.44 30.86
CA ARG EB 110 -79.21 9.56 29.42
C ARG EB 110 -79.85 8.30 28.89
N VAL EB 111 -80.56 8.44 27.77
CA VAL EB 111 -81.24 7.33 27.12
C VAL EB 111 -80.62 7.14 25.74
N GLN EB 112 -80.29 5.88 25.42
CA GLN EB 112 -79.70 5.53 24.14
C GLN EB 112 -80.45 4.33 23.57
N LEU EB 113 -80.79 4.39 22.29
CA LEU EB 113 -81.47 3.29 21.63
C LEU EB 113 -81.03 3.23 20.17
N TYR EB 114 -81.02 2.02 19.63
CA TYR EB 114 -80.57 1.75 18.27
C TYR EB 114 -81.71 1.12 17.49
N MET EB 115 -82.01 1.69 16.33
CA MET EB 115 -83.10 1.20 15.48
C MET EB 115 -82.65 1.20 14.03
N GLY EB 116 -82.89 0.09 13.34
CA GLY EB 116 -82.71 0.05 11.91
C GLY EB 116 -81.26 0.03 11.46
N GLU EB 117 -80.53 1.10 11.76
CA GLU EB 117 -79.14 1.21 11.35
C GLU EB 117 -78.43 2.22 12.24
N ALA EB 118 -77.11 2.12 12.28
CA ALA EB 118 -76.34 3.00 13.16
C ALA EB 118 -76.53 4.47 12.78
N GLU EB 119 -76.89 4.76 11.54
CA GLU EB 119 -77.06 6.14 11.12
C GLU EB 119 -78.23 6.82 11.82
N TYR EB 120 -79.19 6.06 12.35
CA TYR EB 120 -80.38 6.60 12.96
C TYR EB 120 -80.31 6.63 14.48
N SER EB 121 -79.17 6.30 15.07
CA SER EB 121 -79.05 6.29 16.52
C SER EB 121 -79.22 7.70 17.07
N LEU EB 122 -79.66 7.77 18.32
CA LEU EB 122 -79.88 9.05 19.00
C LEU EB 122 -79.42 8.93 20.45
N ASP EB 123 -79.12 10.08 21.04
CA ASP EB 123 -78.67 10.14 22.42
C ASP EB 123 -79.14 11.46 23.03
N ILE EB 124 -80.08 11.38 23.96
CA ILE EB 124 -80.61 12.55 24.65
C ILE EB 124 -80.52 12.32 26.15
N GLY EB 125 -80.15 13.36 26.89
CA GLY EB 125 -80.04 13.26 28.32
C GLY EB 125 -81.34 13.61 29.03
N VAL EB 126 -81.89 12.66 29.80
CA VAL EB 126 -83.08 12.94 30.59
C VAL EB 126 -82.76 14.08 31.55
N ASP EB 127 -83.67 15.06 31.62
CA ASP EB 127 -83.34 16.32 32.28
C ASP EB 127 -82.77 16.10 33.68
N GLU EB 128 -83.60 15.56 34.57
CA GLU EB 128 -83.20 15.35 35.96
C GLU EB 128 -84.16 14.33 36.56
N GLY EB 129 -84.09 14.16 37.87
CA GLY EB 129 -85.04 13.29 38.55
C GLY EB 129 -86.44 13.88 38.57
N ASP EB 130 -87.40 13.01 38.82
CA ASP EB 130 -88.80 13.40 38.95
C ASP EB 130 -89.36 13.97 37.64
N THR EB 131 -88.84 13.51 36.51
CA THR EB 131 -89.42 13.86 35.21
C THR EB 131 -90.36 12.75 34.77
N PRO EB 132 -91.65 13.01 34.58
CA PRO EB 132 -92.60 11.93 34.29
C PRO EB 132 -92.44 11.46 32.85
N THR EB 133 -93.24 10.46 32.49
CA THR EB 133 -93.19 9.90 31.15
C THR EB 133 -93.59 10.91 30.09
N GLN EB 134 -94.37 11.94 30.44
CA GLN EB 134 -94.79 12.91 29.45
C GLN EB 134 -93.66 13.86 29.06
N ILE EB 135 -92.89 14.34 30.04
CA ILE EB 135 -91.69 15.10 29.71
C ILE EB 135 -90.69 14.19 29.01
N ALA EB 136 -90.54 12.96 29.48
CA ALA EB 136 -89.91 11.94 28.68
C ALA EB 136 -90.78 11.68 27.45
N ALA EB 137 -90.32 10.78 26.59
CA ALA EB 137 -90.86 10.61 25.25
C ALA EB 137 -90.52 11.81 24.37
N LYS EB 138 -89.61 12.66 24.82
CA LYS EB 138 -89.01 13.69 23.98
C LYS EB 138 -88.13 13.08 22.88
N ILE EB 139 -87.87 11.79 22.97
CA ILE EB 139 -87.14 11.05 21.94
C ILE EB 139 -87.66 11.42 20.56
N VAL EB 140 -88.96 11.70 20.47
CA VAL EB 140 -89.56 12.03 19.18
C VAL EB 140 -88.88 13.26 18.58
N ALA EB 141 -88.64 14.28 19.40
CA ALA EB 141 -87.97 15.48 18.90
C ALA EB 141 -86.52 15.24 18.52
N ALA EB 142 -85.95 14.09 18.89
CA ALA EB 142 -84.56 13.79 18.60
C ALA EB 142 -84.38 12.78 17.47
N ILE EB 143 -85.42 12.08 17.05
CA ILE EB 143 -85.29 11.08 15.99
C ILE EB 143 -84.91 11.77 14.70
N SER EB 144 -84.00 11.16 13.95
CA SER EB 144 -83.52 11.76 12.72
C SER EB 144 -84.63 11.81 11.68
N PRO EB 145 -84.67 12.87 10.86
CA PRO EB 145 -85.74 12.94 9.84
C PRO EB 145 -85.69 11.81 8.83
N ASP EB 146 -84.50 11.31 8.51
CA ASP EB 146 -84.37 10.30 7.46
C ASP EB 146 -84.95 8.94 7.85
N PHE EB 147 -85.30 8.74 9.11
CA PHE EB 147 -85.82 7.45 9.53
C PHE EB 147 -87.11 7.16 8.76
N PRO EB 148 -87.26 5.97 8.15
CA PRO EB 148 -88.46 5.71 7.34
C PRO EB 148 -89.75 5.65 8.12
N TYR EB 149 -89.74 5.89 9.44
CA TYR EB 149 -90.94 5.83 10.25
C TYR EB 149 -91.25 7.21 10.84
N GLU EB 150 -92.53 7.49 11.03
CA GLU EB 150 -93.00 8.77 11.53
C GLU EB 150 -93.41 8.64 12.98
N ALA EB 151 -92.84 9.49 13.83
CA ALA EB 151 -93.15 9.50 15.26
C ALA EB 151 -94.18 10.58 15.55
N THR EB 152 -95.20 10.23 16.33
CA THR EB 152 -96.29 11.13 16.63
C THR EB 152 -96.21 11.76 18.01
N ALA EB 153 -95.58 11.09 18.98
CA ALA EB 153 -95.42 11.61 20.33
C ALA EB 153 -96.79 11.84 20.99
N ALA EB 154 -97.52 10.75 21.17
CA ALA EB 154 -98.83 10.81 21.82
C ALA EB 154 -98.62 10.97 23.32
N ALA EB 155 -99.71 10.91 24.09
CA ALA EB 155 -99.65 11.14 25.54
C ALA EB 155 -99.05 9.91 26.22
N GLY EB 156 -97.72 9.94 26.38
CA GLY EB 156 -97.02 8.89 27.10
C GLY EB 156 -96.57 7.73 26.25
N VAL EB 157 -96.99 7.64 24.99
CA VAL EB 157 -96.59 6.58 24.09
C VAL EB 157 -96.29 7.18 22.72
N ILE EB 158 -95.23 6.69 22.09
CA ILE EB 158 -94.82 7.16 20.77
C ILE EB 158 -95.18 6.08 19.75
N THR EB 159 -95.81 6.49 18.67
CA THR EB 159 -96.27 5.58 17.61
C THR EB 159 -95.41 5.78 16.37
N LEU EB 160 -94.92 4.68 15.81
CA LEU EB 160 -94.12 4.69 14.60
C LEU EB 160 -94.92 4.08 13.47
N THR EB 161 -95.25 4.88 12.46
CA THR EB 161 -95.98 4.43 11.29
C THR EB 161 -95.06 4.47 10.08
N ALA EB 162 -95.02 3.37 9.33
CA ALA EB 162 -94.15 3.30 8.16
C ALA EB 162 -94.54 4.36 7.15
N ARG EB 163 -93.53 4.97 6.52
CA ARG EB 163 -93.77 5.98 5.50
C ARG EB 163 -94.11 5.39 4.14
N ASN EB 164 -93.95 4.08 3.97
CA ASN EB 164 -94.27 3.40 2.72
C ASN EB 164 -95.22 2.25 3.01
N GLY EB 165 -96.24 2.12 2.18
CA GLY EB 165 -97.20 1.04 2.35
C GLY EB 165 -96.62 -0.29 1.91
N GLY EB 166 -97.35 -1.36 2.25
CA GLY EB 166 -96.97 -2.70 1.85
C GLY EB 166 -96.15 -3.42 2.90
N THR EB 167 -95.76 -4.64 2.54
CA THR EB 167 -95.06 -5.53 3.46
C THR EB 167 -93.66 -5.06 3.80
N ILE EB 168 -93.14 -4.05 3.10
CA ILE EB 168 -91.75 -3.63 3.30
C ILE EB 168 -91.51 -3.21 4.74
N GLY EB 169 -92.52 -2.64 5.39
CA GLY EB 169 -92.37 -2.16 6.75
C GLY EB 169 -92.77 -3.18 7.80
N ASN EB 170 -92.10 -4.34 7.83
CA ASN EB 170 -92.42 -5.41 8.77
C ASN EB 170 -91.14 -6.03 9.32
N HIS EB 171 -90.14 -5.21 9.63
CA HIS EB 171 -88.83 -5.71 10.05
C HIS EB 171 -88.25 -4.75 11.09
N LEU EB 172 -88.44 -5.06 12.37
CA LEU EB 172 -87.88 -4.25 13.44
C LEU EB 172 -87.38 -5.13 14.57
N SER EB 173 -86.36 -4.62 15.28
CA SER EB 173 -85.88 -5.15 16.54
C SER EB 173 -85.01 -4.09 17.20
N VAL EB 174 -85.32 -3.70 18.43
CA VAL EB 174 -84.73 -2.51 19.04
C VAL EB 174 -83.73 -2.92 20.11
N ILE EB 175 -82.70 -2.09 20.28
CA ILE EB 175 -81.68 -2.27 21.30
C ILE EB 175 -81.55 -0.95 22.05
N TYR EB 176 -81.57 -1.01 23.38
CA TYR EB 176 -81.54 0.18 24.21
C TYR EB 176 -80.86 -0.16 25.54
N THR EB 177 -80.78 0.83 26.43
CA THR EB 177 -80.03 0.72 27.67
C THR EB 177 -80.89 0.72 28.92
N ASN EB 178 -82.10 1.28 28.86
CA ASN EB 178 -82.91 1.41 30.07
C ASN EB 178 -83.12 0.06 30.76
N LEU EB 179 -83.18 -1.02 29.99
CA LEU EB 179 -83.41 -2.33 30.59
C LEU EB 179 -82.28 -2.73 31.53
N GLY EB 180 -81.03 -2.50 31.12
CA GLY EB 180 -79.91 -3.00 31.89
C GLY EB 180 -79.62 -2.16 33.13
N SER EB 181 -79.15 -2.84 34.18
CA SER EB 181 -78.73 -2.16 35.39
C SER EB 181 -77.35 -1.52 35.25
N CYS EB 182 -76.59 -1.90 34.23
CA CYS EB 182 -75.31 -1.28 33.93
C CYS EB 182 -75.56 0.03 33.20
N THR EB 183 -74.54 0.60 32.57
CA THR EB 183 -74.66 1.87 31.88
C THR EB 183 -75.05 2.98 32.86
N SER EB 184 -74.09 3.29 33.73
CA SER EB 184 -74.27 4.26 34.81
C SER EB 184 -75.04 5.49 34.37
N VAL EB 185 -74.93 5.86 33.09
CA VAL EB 185 -75.72 6.95 32.55
C VAL EB 185 -77.22 6.67 32.60
N THR EB 186 -77.61 5.42 32.87
CA THR EB 186 -79.02 5.08 32.87
C THR EB 186 -79.74 5.80 34.00
N PRO EB 187 -80.94 6.34 33.76
CA PRO EB 187 -81.74 6.89 34.87
C PRO EB 187 -82.57 5.81 35.54
N GLU EB 188 -82.41 5.68 36.86
CA GLU EB 188 -83.08 4.61 37.59
C GLU EB 188 -84.58 4.81 37.58
N GLY EB 189 -85.32 3.71 37.36
CA GLY EB 189 -86.76 3.71 37.47
C GLY EB 189 -87.51 3.73 36.14
N VAL EB 190 -86.82 3.97 35.03
CA VAL EB 190 -87.47 4.07 33.73
C VAL EB 190 -87.39 2.73 33.02
N THR EB 191 -88.38 2.46 32.18
CA THR EB 191 -88.44 1.21 31.42
C THR EB 191 -89.18 1.47 30.12
N VAL EB 192 -88.94 0.61 29.14
CA VAL EB 192 -89.53 0.74 27.81
C VAL EB 192 -90.05 -0.61 27.36
N ALA EB 193 -91.18 -0.60 26.65
CA ALA EB 193 -91.80 -1.80 26.11
C ALA EB 193 -92.06 -1.63 24.63
N PHE EB 194 -91.86 -2.70 23.87
CA PHE EB 194 -91.92 -2.68 22.41
C PHE EB 194 -92.94 -3.69 21.93
N ALA EB 195 -93.81 -3.27 21.02
CA ALA EB 195 -94.85 -4.15 20.49
C ALA EB 195 -95.32 -3.62 19.15
N GLN EB 196 -96.01 -4.48 18.40
CA GLN EB 196 -96.56 -4.15 17.10
C GLN EB 196 -98.08 -4.25 17.15
N THR EB 197 -98.74 -3.46 16.30
CA THR EB 197 -100.20 -3.39 16.28
C THR EB 197 -100.83 -3.54 14.91
N THR EB 198 -100.10 -3.36 13.81
CA THR EB 198 -100.71 -3.47 12.49
C THR EB 198 -99.64 -3.77 11.43
N PRO EB 199 -99.80 -4.81 10.62
CA PRO EB 199 -98.81 -5.13 9.59
C PRO EB 199 -99.15 -4.51 8.25
N GLY EB 200 -98.21 -4.67 7.30
CA GLY EB 200 -98.44 -4.22 5.95
C GLY EB 200 -99.36 -5.15 5.18
N SER EB 201 -99.95 -4.62 4.10
CA SER EB 201 -101.00 -5.33 3.38
C SER EB 201 -100.63 -5.69 1.94
N VAL EB 202 -100.27 -4.71 1.11
CA VAL EB 202 -100.24 -4.90 -0.34
C VAL EB 202 -98.97 -4.34 -0.92
N ASN EB 203 -98.37 -5.08 -1.86
CA ASN EB 203 -97.18 -4.67 -2.58
C ASN EB 203 -97.48 -4.44 -4.05
N PRO EB 204 -96.77 -3.54 -4.73
CA PRO EB 204 -96.95 -3.39 -6.17
C PRO EB 204 -96.30 -4.51 -6.95
N GLU EB 205 -96.82 -4.76 -8.14
CA GLU EB 205 -96.32 -5.81 -9.03
C GLU EB 205 -96.20 -5.26 -10.45
N PRO EB 206 -95.28 -4.33 -10.67
CA PRO EB 206 -95.05 -3.84 -12.03
C PRO EB 206 -94.58 -4.96 -12.94
N ASN EB 207 -95.04 -4.93 -14.19
CA ASN EB 207 -94.69 -5.94 -15.18
C ASN EB 207 -94.41 -5.29 -16.53
N ASP EB 208 -93.79 -4.11 -16.51
CA ASP EB 208 -93.48 -3.36 -17.71
C ASP EB 208 -91.97 -3.15 -17.86
N TYR EB 209 -91.19 -4.17 -17.51
CA TYR EB 209 -89.75 -4.08 -17.65
C TYR EB 209 -89.32 -4.02 -19.10
N ALA EB 210 -90.15 -4.50 -20.03
CA ALA EB 210 -89.80 -4.47 -21.44
C ALA EB 210 -90.03 -3.11 -22.08
N SER EB 211 -90.72 -2.19 -21.39
CA SER EB 211 -91.03 -0.88 -21.95
C SER EB 211 -90.18 0.23 -21.37
N VAL EB 212 -89.61 0.06 -20.18
CA VAL EB 212 -88.87 1.12 -19.52
C VAL EB 212 -87.36 0.88 -19.52
N VAL EB 213 -86.90 -0.35 -19.72
CA VAL EB 213 -85.48 -0.66 -19.79
C VAL EB 213 -85.18 -1.30 -21.14
N ASN EB 214 -85.95 -0.91 -22.16
CA ASN EB 214 -85.87 -1.58 -23.45
C ASN EB 214 -84.54 -1.27 -24.13
N GLU EB 215 -83.82 -2.32 -24.52
CA GLU EB 215 -82.58 -2.19 -25.28
C GLU EB 215 -81.60 -1.25 -24.59
N CYS EB 216 -81.49 -1.37 -23.27
CA CYS EB 216 -80.52 -0.63 -22.49
C CYS EB 216 -79.75 -1.61 -21.62
N CYS EB 217 -78.42 -1.54 -21.66
CA CYS EB 217 -77.57 -2.48 -20.95
C CYS EB 217 -77.29 -1.97 -19.54
N PHE EB 218 -77.60 -2.81 -18.54
CA PHE EB 218 -77.31 -2.51 -17.15
C PHE EB 218 -76.49 -3.66 -16.57
N ALA EB 219 -75.39 -3.32 -15.91
CA ALA EB 219 -74.50 -4.35 -15.40
C ALA EB 219 -75.12 -5.10 -14.22
N VAL EB 220 -75.72 -4.37 -13.28
CA VAL EB 220 -76.26 -4.97 -12.06
C VAL EB 220 -77.62 -4.34 -11.76
N TYR EB 221 -78.59 -5.18 -11.43
CA TYR EB 221 -79.91 -4.74 -11.01
C TYR EB 221 -80.05 -4.96 -9.51
N VAL EB 222 -80.55 -3.94 -8.80
CA VAL EB 222 -80.78 -4.01 -7.37
C VAL EB 222 -82.26 -3.75 -7.12
N LEU EB 223 -82.89 -4.65 -6.37
CA LEU EB 223 -84.32 -4.57 -6.08
C LEU EB 223 -84.51 -4.51 -4.57
N SER EB 224 -85.09 -3.41 -4.10
CA SER EB 224 -85.32 -3.22 -2.66
C SER EB 224 -86.76 -3.60 -2.32
N SER EB 225 -87.02 -4.91 -2.35
CA SER EB 225 -88.32 -5.44 -2.01
C SER EB 225 -88.18 -6.90 -1.62
N ASP EB 226 -89.21 -7.41 -0.96
CA ASP EB 226 -89.25 -8.80 -0.53
C ASP EB 226 -90.38 -9.59 -1.17
N ASP EB 227 -91.24 -8.94 -1.96
CA ASP EB 227 -92.29 -9.68 -2.65
C ASP EB 227 -91.68 -10.71 -3.59
N THR EB 228 -92.20 -11.94 -3.54
CA THR EB 228 -91.66 -12.99 -4.38
C THR EB 228 -92.06 -12.80 -5.84
N ASP EB 229 -93.31 -12.39 -6.08
CA ASP EB 229 -93.77 -12.21 -7.46
C ASP EB 229 -93.02 -11.07 -8.15
N TRP EB 230 -92.74 -9.99 -7.42
CA TRP EB 230 -91.97 -8.90 -8.00
C TRP EB 230 -90.59 -9.38 -8.42
N GLN EB 231 -89.93 -10.18 -7.58
CA GLN EB 231 -88.61 -10.70 -7.91
C GLN EB 231 -88.67 -11.61 -9.14
N GLU EB 232 -89.72 -12.42 -9.26
CA GLU EB 232 -89.81 -13.34 -10.37
C GLU EB 232 -89.84 -12.61 -11.71
N ASN EB 233 -90.54 -11.48 -11.78
CA ASN EB 233 -90.57 -10.70 -13.01
C ASN EB 233 -89.18 -10.20 -13.38
N LEU EB 234 -88.42 -9.75 -12.38
CA LEU EB 234 -87.05 -9.31 -12.64
C LEU EB 234 -86.20 -10.47 -13.17
N ARG EB 235 -86.36 -11.66 -12.60
CA ARG EB 235 -85.62 -12.81 -13.10
C ARG EB 235 -85.99 -13.12 -14.54
N ASP EB 236 -87.28 -13.04 -14.87
CA ASP EB 236 -87.69 -13.30 -16.24
C ASP EB 236 -87.11 -12.26 -17.19
N TRP EB 237 -87.07 -10.99 -16.75
CA TRP EB 237 -86.48 -9.96 -17.59
C TRP EB 237 -85.00 -10.22 -17.82
N ILE EB 238 -84.27 -10.61 -16.78
CA ILE EB 238 -82.84 -10.91 -16.94
C ILE EB 238 -82.66 -12.10 -17.88
N ARG EB 239 -83.52 -13.10 -17.75
CA ARG EB 239 -83.46 -14.25 -18.64
C ARG EB 239 -83.67 -13.82 -20.09
N SER EB 240 -84.65 -12.95 -20.32
CA SER EB 240 -84.88 -12.45 -21.67
C SER EB 240 -83.67 -11.69 -22.17
N ALA EB 241 -83.04 -10.90 -21.31
CA ALA EB 241 -81.83 -10.17 -21.70
C ALA EB 241 -80.71 -11.12 -22.10
N TRP EB 242 -80.56 -12.23 -21.38
CA TRP EB 242 -79.57 -13.25 -21.70
C TRP EB 242 -80.04 -14.17 -22.83
N ASP EB 243 -81.25 -13.99 -23.32
CA ASP EB 243 -81.84 -14.90 -24.30
C ASP EB 243 -81.00 -14.92 -25.58
N CYS EB 244 -81.33 -15.89 -26.45
CA CYS EB 244 -80.62 -16.10 -27.70
C CYS EB 244 -81.35 -15.56 -28.92
N SER EB 245 -82.56 -15.02 -28.75
CA SER EB 245 -83.37 -14.60 -29.87
C SER EB 245 -82.94 -13.25 -30.45
N LYS EB 246 -81.99 -12.57 -29.83
CA LYS EB 246 -81.59 -11.24 -30.27
C LYS EB 246 -80.26 -10.85 -29.62
N PRO EB 247 -79.67 -9.73 -30.00
CA PRO EB 247 -78.44 -9.29 -29.32
C PRO EB 247 -78.66 -9.16 -27.83
N GLN EB 248 -77.66 -9.57 -27.06
CA GLN EB 248 -77.81 -9.74 -25.62
C GLN EB 248 -77.42 -8.47 -24.87
N CYS EB 249 -78.06 -8.27 -23.72
CA CYS EB 249 -77.72 -7.22 -22.76
C CYS EB 249 -77.45 -7.92 -21.43
N PHE EB 250 -76.22 -8.37 -21.24
CA PHE EB 250 -75.90 -9.16 -20.06
C PHE EB 250 -76.10 -8.34 -18.79
N GLY EB 251 -76.47 -9.02 -17.71
CA GLY EB 251 -76.68 -8.34 -16.44
C GLY EB 251 -76.84 -9.36 -15.33
N HIS EB 252 -77.01 -8.84 -14.12
CA HIS EB 252 -77.20 -9.68 -12.94
C HIS EB 252 -78.10 -8.94 -11.97
N GLY EB 253 -78.77 -9.71 -11.12
CA GLY EB 253 -79.72 -9.15 -10.17
C GLY EB 253 -79.43 -9.60 -8.76
N TYR EB 254 -79.79 -8.74 -7.81
CA TYR EB 254 -79.55 -9.00 -6.39
C TYR EB 254 -80.86 -8.83 -5.63
N VAL EB 255 -81.24 -9.87 -4.88
CA VAL EB 255 -82.46 -9.85 -4.07
C VAL EB 255 -82.16 -10.54 -2.75
N PHE EB 256 -83.03 -10.32 -1.78
CA PHE EB 256 -82.88 -10.88 -0.44
C PHE EB 256 -84.15 -11.62 -0.04
N ASN EB 257 -83.98 -12.66 0.77
CA ASN EB 257 -85.08 -13.44 1.31
C ASN EB 257 -84.90 -13.56 2.80
N LYS EB 258 -85.97 -13.31 3.56
CA LYS EB 258 -85.92 -13.29 5.01
C LYS EB 258 -86.98 -14.21 5.60
N GLY EB 259 -86.64 -14.86 6.69
CA GLY EB 259 -87.57 -15.74 7.35
C GLY EB 259 -86.82 -16.88 8.03
N THR EB 260 -87.59 -17.83 8.56
CA THR EB 260 -87.01 -19.02 9.16
C THR EB 260 -86.35 -19.88 8.08
N LEU EB 261 -85.70 -20.95 8.53
CA LEU EB 261 -85.00 -21.82 7.59
C LEU EB 261 -85.97 -22.46 6.60
N GLY EB 262 -87.13 -22.93 7.08
CA GLY EB 262 -88.08 -23.55 6.19
C GLY EB 262 -88.61 -22.60 5.14
N GLN EB 263 -88.93 -21.37 5.54
CA GLN EB 263 -89.46 -20.40 4.60
C GLN EB 263 -88.41 -20.03 3.54
N VAL EB 264 -87.17 -19.83 3.95
CA VAL EB 264 -86.14 -19.39 3.02
C VAL EB 264 -85.87 -20.46 1.97
N LEU EB 265 -85.79 -21.73 2.40
CA LEU EB 265 -85.49 -22.80 1.46
C LEU EB 265 -86.57 -22.97 0.40
N ALA EB 266 -87.76 -22.43 0.64
CA ALA EB 266 -88.87 -22.59 -0.30
C ALA EB 266 -88.85 -21.56 -1.42
N ASP EB 267 -87.89 -20.64 -1.43
CA ASP EB 267 -87.79 -19.60 -2.46
C ASP EB 267 -86.71 -19.91 -3.49
N GLY EB 268 -86.09 -21.08 -3.44
CA GLY EB 268 -85.04 -21.43 -4.36
C GLY EB 268 -85.55 -21.96 -5.69
N ASP EB 269 -86.01 -21.07 -6.55
CA ASP EB 269 -86.59 -21.47 -7.84
C ASP EB 269 -85.53 -21.61 -8.93
N ASN EB 270 -84.45 -22.32 -8.62
CA ASN EB 270 -83.41 -22.63 -9.59
C ASN EB 270 -83.10 -21.44 -10.49
N SER EB 271 -82.82 -20.30 -9.86
CA SER EB 271 -82.57 -19.05 -10.57
C SER EB 271 -81.08 -18.93 -10.85
N ALA EB 272 -80.70 -19.07 -12.11
CA ALA EB 272 -79.30 -18.87 -12.50
C ALA EB 272 -78.95 -17.41 -12.67
N GLU EB 273 -79.95 -16.51 -12.72
CA GLU EB 273 -79.74 -15.10 -12.99
C GLU EB 273 -79.87 -14.23 -11.75
N LEU EB 274 -79.99 -14.83 -10.57
CA LEU EB 274 -80.20 -14.07 -9.34
C LEU EB 274 -79.30 -14.61 -8.24
N SER EB 275 -78.86 -13.71 -7.37
CA SER EB 275 -78.08 -14.05 -6.18
C SER EB 275 -78.94 -13.70 -4.96
N ARG EB 276 -79.55 -14.70 -4.35
CA ARG EB 276 -80.49 -14.50 -3.27
C ARG EB 276 -79.75 -14.46 -1.94
N LEU EB 277 -79.82 -13.33 -1.25
CA LEU EB 277 -79.20 -13.18 0.06
C LEU EB 277 -80.18 -13.64 1.13
N ALA EB 278 -79.70 -14.52 2.02
CA ALA EB 278 -80.53 -15.11 3.06
C ALA EB 278 -80.24 -14.44 4.40
N LEU EB 279 -81.30 -14.01 5.09
CA LEU EB 279 -81.20 -13.37 6.38
C LEU EB 279 -82.14 -14.04 7.36
N PRO EB 280 -81.83 -14.01 8.66
CA PRO EB 280 -82.67 -14.66 9.65
C PRO EB 280 -83.88 -13.80 10.01
N THR EB 281 -84.68 -14.29 10.96
CA THR EB 281 -85.90 -13.62 11.37
C THR EB 281 -85.67 -12.48 12.34
N THR EB 282 -84.48 -12.37 12.93
CA THR EB 282 -84.18 -11.36 13.94
C THR EB 282 -82.93 -10.57 13.56
N TYR EB 283 -82.84 -10.17 12.30
CA TYR EB 283 -81.71 -9.37 11.86
C TYR EB 283 -81.82 -7.96 12.44
N PRO EB 284 -80.82 -7.45 13.14
CA PRO EB 284 -80.94 -6.14 13.78
C PRO EB 284 -80.79 -4.96 12.83
N VAL EB 285 -80.81 -5.17 11.52
CA VAL EB 285 -80.69 -4.11 10.53
C VAL EB 285 -81.80 -4.26 9.51
N LEU EB 286 -82.31 -3.13 9.02
CA LEU EB 286 -83.35 -3.19 8.00
C LEU EB 286 -82.85 -3.98 6.80
N PRO EB 287 -83.66 -4.89 6.25
CA PRO EB 287 -83.13 -5.82 5.25
C PRO EB 287 -82.53 -5.14 4.02
N TYR EB 288 -83.32 -4.30 3.34
CA TYR EB 288 -82.90 -3.80 2.04
C TYR EB 288 -81.60 -3.01 2.10
N LEU EB 289 -81.23 -2.47 3.28
CA LEU EB 289 -79.97 -1.76 3.39
C LEU EB 289 -78.80 -2.69 3.14
N THR EB 290 -78.83 -3.89 3.75
CA THR EB 290 -77.75 -4.84 3.56
C THR EB 290 -77.68 -5.31 2.11
N ASN EB 291 -78.83 -5.58 1.49
CA ASN EB 291 -78.83 -6.02 0.11
C ASN EB 291 -78.26 -4.97 -0.82
N ALA EB 292 -78.60 -3.69 -0.59
CA ALA EB 292 -78.06 -2.62 -1.41
C ALA EB 292 -76.54 -2.53 -1.26
N ALA EB 293 -76.04 -2.69 -0.04
CA ALA EB 293 -74.60 -2.61 0.18
C ALA EB 293 -73.87 -3.68 -0.60
N TYR EB 294 -74.36 -4.93 -0.54
CA TYR EB 294 -73.74 -6.00 -1.32
C TYR EB 294 -73.86 -5.72 -2.81
N GLY EB 295 -75.03 -5.30 -3.27
CA GLY EB 295 -75.21 -5.01 -4.68
C GLY EB 295 -74.30 -3.88 -5.14
N ALA EB 296 -74.24 -2.81 -4.36
CA ALA EB 296 -73.37 -1.69 -4.72
C ALA EB 296 -71.91 -2.12 -4.74
N LEU EB 297 -71.49 -2.89 -3.73
CA LEU EB 297 -70.09 -3.32 -3.67
C LEU EB 297 -69.74 -4.18 -4.88
N SER EB 298 -70.63 -5.08 -5.28
CA SER EB 298 -70.33 -5.99 -6.38
C SER EB 298 -70.64 -5.40 -7.75
N ALA EB 299 -71.33 -4.26 -7.82
CA ALA EB 299 -71.72 -3.69 -9.10
C ALA EB 299 -70.55 -2.94 -9.74
N CYS EB 300 -69.48 -3.69 -9.98
CA CYS EB 300 -68.28 -3.27 -10.69
C CYS EB 300 -67.55 -2.15 -9.97
N SER EB 301 -68.04 -1.67 -8.82
CA SER EB 301 -67.22 -0.80 -8.00
C SER EB 301 -65.95 -1.50 -7.57
N THR EB 302 -65.94 -2.82 -7.60
CA THR EB 302 -64.74 -3.63 -7.41
C THR EB 302 -64.59 -4.60 -8.57
N CYS EB 303 -65.70 -4.94 -9.22
CA CYS EB 303 -65.71 -5.98 -10.26
C CYS EB 303 -65.61 -5.35 -11.65
N GLU EB 304 -64.56 -4.56 -11.86
CA GLU EB 304 -64.11 -4.26 -13.21
C GLU EB 304 -63.33 -5.42 -13.80
N ASN EB 305 -62.83 -6.31 -12.94
CA ASN EB 305 -62.21 -7.56 -13.36
C ASN EB 305 -63.22 -8.68 -13.14
N PRO EB 306 -63.77 -9.29 -14.18
CA PRO EB 306 -64.81 -10.31 -13.95
C PRO EB 306 -64.31 -11.47 -13.10
N GLU EB 307 -63.01 -11.77 -13.13
CA GLU EB 307 -62.50 -12.92 -12.40
C GLU EB 307 -62.68 -12.75 -10.89
N LEU EB 308 -62.53 -11.54 -10.37
CA LEU EB 308 -62.47 -11.34 -8.93
C LEU EB 308 -63.73 -11.85 -8.25
N ASN EB 309 -63.53 -12.53 -7.12
CA ASN EB 309 -64.62 -13.02 -6.28
C ASN EB 309 -64.81 -12.09 -5.10
N VAL EB 310 -66.07 -11.76 -4.81
CA VAL EB 310 -66.41 -10.85 -3.72
C VAL EB 310 -66.74 -11.73 -2.51
N GLN EB 311 -65.70 -12.08 -1.75
CA GLN EB 311 -65.84 -12.92 -0.56
C GLN EB 311 -64.87 -12.41 0.50
N GLY EB 312 -64.70 -13.21 1.54
CA GLY EB 312 -63.68 -12.94 2.55
C GLY EB 312 -63.88 -11.65 3.31
N GLN EB 313 -63.04 -11.45 4.32
CA GLN EB 313 -63.11 -10.25 5.14
C GLN EB 313 -62.37 -9.06 4.53
N THR EB 314 -61.65 -9.27 3.42
CA THR EB 314 -60.92 -8.20 2.76
C THR EB 314 -61.70 -7.61 1.58
N TYR EB 315 -62.39 -8.45 0.81
CA TYR EB 315 -63.15 -7.99 -0.34
C TYR EB 315 -64.64 -7.91 -0.10
N GLY EB 316 -65.19 -8.80 0.72
CA GLY EB 316 -66.62 -8.83 0.96
C GLY EB 316 -67.02 -8.16 2.26
N LEU EB 317 -66.41 -7.01 2.56
CA LEU EB 317 -66.69 -6.27 3.79
C LEU EB 317 -67.67 -5.15 3.48
N LEU EB 318 -68.84 -5.20 4.11
CA LEU EB 318 -69.85 -4.15 3.99
C LEU EB 318 -69.56 -3.09 5.04
N SER EB 319 -68.55 -2.27 4.76
CA SER EB 319 -68.08 -1.31 5.75
C SER EB 319 -69.14 -0.29 6.13
N CYS EB 320 -70.02 0.07 5.18
CA CYS EB 320 -70.98 1.14 5.42
C CYS EB 320 -72.02 0.78 6.47
N ILE EB 321 -72.12 -0.48 6.87
CA ILE EB 321 -73.15 -0.96 7.78
C ILE EB 321 -72.52 -1.31 9.11
N ASN EB 322 -73.06 -0.75 10.19
CA ASN EB 322 -72.62 -1.02 11.55
C ASN EB 322 -73.81 -1.50 12.36
N MET EB 323 -73.64 -2.62 13.06
CA MET EB 323 -74.70 -3.20 13.86
C MET EB 323 -74.11 -3.77 15.14
N PRO EB 324 -74.89 -3.79 16.22
CA PRO EB 324 -74.41 -4.42 17.46
C PRO EB 324 -74.42 -5.93 17.37
N GLU EB 325 -73.60 -6.55 18.20
CA GLU EB 325 -73.47 -8.00 18.21
C GLU EB 325 -74.61 -8.63 18.99
N SER EB 326 -75.15 -9.73 18.47
CA SER EB 326 -76.27 -10.42 19.08
C SER EB 326 -75.78 -11.52 20.02
N CYS EB 327 -76.66 -11.95 20.92
CA CYS EB 327 -76.32 -12.98 21.89
C CYS EB 327 -76.15 -14.35 21.26
N THR EB 328 -76.71 -14.58 20.08
CA THR EB 328 -76.66 -15.86 19.40
C THR EB 328 -76.20 -15.64 17.97
N PRO EB 329 -75.50 -16.62 17.38
CA PRO EB 329 -75.03 -16.44 15.99
C PRO EB 329 -76.14 -16.12 15.01
N GLY EB 330 -77.37 -16.52 15.32
CA GLY EB 330 -78.48 -16.29 14.42
C GLY EB 330 -78.69 -17.42 13.46
N TRP EB 331 -77.75 -17.60 12.53
CA TRP EB 331 -77.75 -18.76 11.63
C TRP EB 331 -76.87 -19.83 12.25
N GLU EB 332 -77.49 -20.85 12.82
CA GLU EB 332 -76.73 -21.94 13.43
C GLU EB 332 -75.89 -22.64 12.37
N PHE EB 333 -74.73 -23.15 12.79
CA PHE EB 333 -73.79 -23.71 11.82
C PHE EB 333 -74.41 -24.83 11.02
N THR EB 334 -75.18 -25.71 11.67
CA THR EB 334 -75.87 -26.77 10.94
C THR EB 334 -76.82 -26.20 9.90
N GLU EB 335 -77.29 -24.96 10.08
CA GLU EB 335 -78.13 -24.30 9.09
C GLU EB 335 -77.31 -23.53 8.06
N VAL EB 336 -76.14 -23.02 8.44
CA VAL EB 336 -75.31 -22.30 7.48
C VAL EB 336 -74.89 -23.22 6.35
N THR EB 337 -74.50 -24.46 6.68
CA THR EB 337 -74.06 -25.38 5.64
C THR EB 337 -75.18 -25.69 4.66
N GLN EB 338 -76.41 -25.87 5.16
CA GLN EB 338 -77.52 -26.20 4.28
C GLN EB 338 -77.78 -25.09 3.27
N LEU EB 339 -77.76 -23.83 3.73
CA LEU EB 339 -78.00 -22.73 2.81
C LEU EB 339 -76.92 -22.66 1.73
N GLN EB 340 -75.65 -22.83 2.12
CA GLN EB 340 -74.58 -22.80 1.14
C GLN EB 340 -74.71 -23.95 0.15
N ASN EB 341 -75.11 -25.13 0.62
CA ASN EB 341 -75.29 -26.27 -0.27
C ASN EB 341 -76.47 -26.08 -1.21
N ASN EB 342 -77.53 -25.40 -0.76
CA ASN EB 342 -78.70 -25.16 -1.57
C ASN EB 342 -78.57 -23.91 -2.45
N GLY EB 343 -77.51 -23.14 -2.26
CA GLY EB 343 -77.22 -22.04 -3.16
C GLY EB 343 -77.77 -20.70 -2.70
N PHE EB 344 -77.41 -20.30 -1.48
CA PHE EB 344 -77.79 -19.00 -0.94
C PHE EB 344 -76.55 -18.29 -0.44
N VAL EB 345 -76.60 -16.96 -0.45
CA VAL EB 345 -75.53 -16.13 0.08
C VAL EB 345 -75.79 -15.90 1.55
N VAL EB 346 -74.79 -16.17 2.38
CA VAL EB 346 -74.90 -16.05 3.84
C VAL EB 346 -73.85 -15.06 4.33
N SER EB 347 -74.26 -14.13 5.18
CA SER EB 347 -73.37 -13.11 5.72
C SER EB 347 -73.31 -13.24 7.24
N GLY EB 348 -72.21 -12.77 7.80
CA GLY EB 348 -72.00 -12.81 9.23
C GLY EB 348 -71.04 -11.74 9.71
N PRO EB 349 -70.90 -11.62 11.02
CA PRO EB 349 -70.01 -10.59 11.58
C PRO EB 349 -68.55 -10.86 11.22
N ALA EB 350 -67.79 -9.77 11.07
CA ALA EB 350 -66.38 -9.86 10.72
C ALA EB 350 -65.50 -9.97 11.95
N THR EB 351 -65.65 -9.04 12.88
CA THR EB 351 -64.86 -9.07 14.11
C THR EB 351 -65.46 -10.10 15.06
N THR EB 352 -65.00 -10.12 16.31
CA THR EB 352 -65.44 -11.11 17.28
C THR EB 352 -65.87 -10.42 18.57
N SER EB 353 -67.07 -10.75 19.03
CA SER EB 353 -67.59 -10.33 20.33
C SER EB 353 -68.95 -10.98 20.50
N GLY EB 354 -69.50 -10.88 21.70
CA GLY EB 354 -70.80 -11.44 22.00
C GLY EB 354 -71.57 -10.55 22.96
N GLN EB 355 -71.28 -9.25 22.93
CA GLN EB 355 -71.57 -8.39 24.08
C GLN EB 355 -72.30 -7.11 23.70
N GLY EB 356 -72.78 -6.98 22.47
CA GLY EB 356 -73.42 -5.77 22.03
C GLY EB 356 -72.49 -4.71 21.49
N ASN EB 357 -71.19 -4.99 21.41
CA ASN EB 357 -70.27 -4.05 20.79
C ASN EB 357 -70.50 -4.00 19.28
N PHE EB 358 -70.27 -2.83 18.70
CA PHE EB 358 -70.55 -2.62 17.28
C PHE EB 358 -69.56 -3.42 16.42
N THR EB 359 -70.07 -3.96 15.32
CA THR EB 359 -69.26 -4.72 14.37
C THR EB 359 -69.74 -4.39 12.96
N SER EB 360 -69.29 -5.16 11.99
CA SER EB 360 -69.72 -5.03 10.61
C SER EB 360 -69.88 -6.41 10.00
N PRO EB 361 -70.77 -6.57 9.02
CA PRO EB 361 -70.96 -7.87 8.39
C PRO EB 361 -70.09 -8.05 7.15
N TYR EB 362 -69.82 -9.31 6.83
CA TYR EB 362 -69.11 -9.67 5.62
C TYR EB 362 -69.75 -10.92 5.03
N ILE EB 363 -69.39 -11.23 3.79
CA ILE EB 363 -70.05 -12.26 3.00
C ILE EB 363 -69.15 -13.50 2.99
N TYR EB 364 -69.76 -14.66 3.23
CA TYR EB 364 -69.00 -15.91 3.24
C TYR EB 364 -68.71 -16.39 1.83
N ASN EB 365 -69.76 -16.67 1.05
CA ASN EB 365 -69.63 -17.25 -0.28
C ASN EB 365 -70.39 -16.41 -1.29
N ASP EB 366 -69.73 -16.07 -2.39
CA ASP EB 366 -70.36 -15.36 -3.50
C ASP EB 366 -70.85 -16.39 -4.50
N VAL EB 367 -72.07 -16.85 -4.30
CA VAL EB 367 -72.66 -17.91 -5.10
C VAL EB 367 -74.06 -17.50 -5.53
N THR EB 368 -74.42 -17.81 -6.78
CA THR EB 368 -75.75 -17.52 -7.29
C THR EB 368 -76.72 -18.57 -6.77
N ASN EB 369 -77.93 -18.60 -7.33
CA ASN EB 369 -78.95 -19.58 -6.96
C ASN EB 369 -79.09 -20.67 -8.02
N TYR EB 370 -77.98 -21.08 -8.61
CA TYR EB 370 -77.99 -22.05 -9.70
C TYR EB 370 -77.93 -23.47 -9.16
N LEU EB 371 -78.78 -24.33 -9.70
CA LEU EB 371 -78.82 -25.74 -9.37
C LEU EB 371 -79.41 -26.50 -10.55
N ARG EB 372 -78.99 -27.75 -10.71
CA ARG EB 372 -79.48 -28.56 -11.82
C ARG EB 372 -79.21 -27.85 -13.14
N ASP EB 373 -79.85 -28.29 -14.21
CA ASP EB 373 -79.56 -27.79 -15.54
C ASP EB 373 -80.83 -27.81 -16.38
N GLU EB 374 -80.73 -27.34 -17.62
CA GLU EB 374 -81.87 -27.39 -18.52
C GLU EB 374 -82.39 -28.82 -18.62
N LYS EB 375 -81.49 -29.77 -18.90
CA LYS EB 375 -81.77 -31.16 -18.60
C LYS EB 375 -81.58 -31.40 -17.10
N ASN EB 376 -82.32 -32.35 -16.57
CA ASN EB 376 -82.43 -32.43 -15.11
C ASN EB 376 -81.14 -32.91 -14.44
N ARG EB 377 -79.99 -33.04 -15.09
CA ARG EB 377 -78.80 -33.46 -14.40
C ARG EB 377 -78.28 -32.34 -13.50
N PRO EB 378 -77.57 -32.68 -12.42
CA PRO EB 378 -76.95 -31.63 -11.58
C PRO EB 378 -75.52 -31.34 -11.99
N ASN EB 379 -75.15 -30.06 -11.91
CA ASN EB 379 -73.79 -29.62 -12.18
C ASN EB 379 -73.56 -28.30 -11.46
N ALA EB 380 -72.41 -27.67 -11.71
CA ALA EB 380 -72.05 -26.43 -11.06
C ALA EB 380 -71.40 -25.45 -12.03
N THR EB 381 -71.83 -25.46 -13.30
CA THR EB 381 -71.22 -24.58 -14.29
C THR EB 381 -71.39 -23.11 -13.92
N PHE EB 382 -72.59 -22.73 -13.48
CA PHE EB 382 -72.89 -21.35 -13.11
C PHE EB 382 -73.08 -21.20 -11.60
N ARG EB 383 -72.42 -22.05 -10.82
CA ARG EB 383 -72.52 -21.95 -9.36
C ARG EB 383 -71.97 -20.61 -8.87
N ASP EB 384 -70.69 -20.38 -9.10
CA ASP EB 384 -70.06 -19.15 -8.64
C ASP EB 384 -70.53 -17.96 -9.46
N ALA EB 385 -70.62 -16.80 -8.79
CA ALA EB 385 -71.09 -15.59 -9.47
C ALA EB 385 -70.14 -15.18 -10.59
N SER EB 386 -68.83 -15.29 -10.35
CA SER EB 386 -67.86 -14.85 -11.35
C SER EB 386 -67.99 -15.60 -12.67
N SER EB 387 -68.60 -16.78 -12.66
CA SER EB 387 -68.81 -17.50 -13.91
C SER EB 387 -69.67 -16.70 -14.86
N ARG EB 388 -70.74 -16.08 -14.35
CA ARG EB 388 -71.60 -15.28 -15.20
C ARG EB 388 -70.84 -14.09 -15.78
N ARG EB 389 -70.05 -13.40 -14.94
CA ARG EB 389 -69.30 -12.25 -15.42
C ARG EB 389 -68.27 -12.67 -16.48
N LEU EB 390 -67.58 -13.79 -16.24
CA LEU EB 390 -66.59 -14.25 -17.22
C LEU EB 390 -67.24 -14.63 -18.54
N ALA EB 391 -68.42 -15.25 -18.48
CA ALA EB 391 -69.08 -15.70 -19.71
C ALA EB 391 -69.38 -14.53 -20.62
N ALA EB 392 -69.91 -13.43 -20.07
CA ALA EB 392 -70.20 -12.26 -20.89
C ALA EB 392 -68.92 -11.66 -21.47
N ALA EB 393 -67.88 -11.56 -20.65
CA ALA EB 393 -66.62 -11.01 -21.13
C ALA EB 393 -66.05 -11.86 -22.26
N THR EB 394 -66.11 -13.18 -22.13
CA THR EB 394 -65.63 -14.05 -23.20
C THR EB 394 -66.41 -13.81 -24.48
N GLY EB 395 -67.73 -13.71 -24.38
CA GLY EB 395 -68.53 -13.47 -25.57
C GLY EB 395 -68.18 -12.15 -26.25
N VAL EB 396 -68.08 -11.08 -25.46
CA VAL EB 396 -67.76 -9.78 -26.03
C VAL EB 396 -66.39 -9.80 -26.68
N ALA EB 397 -65.40 -10.37 -26.00
CA ALA EB 397 -64.05 -10.43 -26.55
C ALA EB 397 -64.00 -11.23 -27.83
N LEU EB 398 -64.67 -12.38 -27.87
CA LEU EB 398 -64.69 -13.20 -29.07
C LEU EB 398 -65.37 -12.48 -30.22
N ALA EB 399 -66.49 -11.80 -29.94
CA ALA EB 399 -67.17 -11.04 -30.98
C ALA EB 399 -66.27 -9.94 -31.53
N THR EB 400 -65.56 -9.23 -30.65
CA THR EB 400 -64.65 -8.20 -31.12
C THR EB 400 -63.53 -8.79 -31.96
N PHE EB 401 -62.97 -9.92 -31.53
CA PHE EB 401 -61.88 -10.53 -32.27
C PHE EB 401 -62.32 -10.98 -33.66
N LEU EB 402 -63.51 -11.60 -33.75
CA LEU EB 402 -63.97 -12.13 -35.03
C LEU EB 402 -64.31 -11.04 -36.04
N GLN EB 403 -64.35 -9.78 -35.62
CA GLN EB 403 -64.72 -8.70 -36.54
C GLN EB 403 -63.77 -8.57 -37.71
N GLN EB 404 -62.52 -9.04 -37.56
CA GLN EB 404 -61.52 -8.83 -38.61
C GLN EB 404 -61.83 -9.60 -39.88
N PHE EB 405 -62.73 -10.58 -39.85
CA PHE EB 405 -63.11 -11.33 -41.03
C PHE EB 405 -64.30 -10.72 -41.76
N ASN EB 406 -64.78 -9.55 -41.32
CA ASN EB 406 -65.93 -8.92 -41.94
C ASN EB 406 -65.51 -8.31 -43.28
N GLY EB 407 -66.13 -8.77 -44.36
CA GLY EB 407 -65.83 -8.28 -45.69
C GLY EB 407 -64.62 -8.93 -46.33
N LEU EB 408 -63.99 -9.90 -45.69
CA LEU EB 408 -62.82 -10.56 -46.27
C LEU EB 408 -63.26 -11.62 -47.27
N ALA EB 409 -62.55 -11.69 -48.39
CA ALA EB 409 -62.83 -12.71 -49.39
C ALA EB 409 -62.53 -14.09 -48.84
N VAL EB 410 -63.43 -15.04 -49.11
CA VAL EB 410 -63.33 -16.39 -48.59
C VAL EB 410 -63.41 -17.36 -49.76
N PHE EB 411 -62.49 -18.31 -49.82
CA PHE EB 411 -62.46 -19.36 -50.85
C PHE EB 411 -62.82 -20.68 -50.20
N THR EB 412 -63.76 -21.41 -50.83
CA THR EB 412 -64.26 -22.64 -50.23
C THR EB 412 -64.17 -23.83 -51.19
N LYS EB 413 -64.29 -23.58 -52.49
CA LYS EB 413 -64.24 -24.66 -53.47
C LYS EB 413 -62.81 -24.98 -53.88
N ASN EB 414 -62.10 -24.00 -54.43
CA ASN EB 414 -60.69 -24.15 -54.77
C ASN EB 414 -59.87 -23.42 -53.70
N THR EB 415 -59.27 -24.19 -52.81
CA THR EB 415 -58.64 -23.62 -51.63
C THR EB 415 -57.32 -22.90 -51.92
N ASN EB 416 -56.76 -23.06 -53.12
CA ASN EB 416 -55.55 -22.32 -53.47
C ASN EB 416 -55.88 -20.86 -53.69
N ILE EB 417 -55.09 -19.97 -53.11
CA ILE EB 417 -55.28 -18.53 -53.24
C ILE EB 417 -54.22 -17.99 -54.18
N LYS EB 418 -54.66 -17.27 -55.21
CA LYS EB 418 -53.74 -16.73 -56.20
C LYS EB 418 -52.75 -15.77 -55.55
N THR EB 419 -51.74 -15.38 -56.32
CA THR EB 419 -50.74 -14.44 -55.85
C THR EB 419 -51.31 -13.03 -55.86
N GLY EB 420 -51.15 -12.31 -54.75
CA GLY EB 420 -51.61 -10.95 -54.64
C GLY EB 420 -53.04 -10.80 -54.14
N ILE EB 421 -53.78 -11.89 -54.00
CA ILE EB 421 -55.15 -11.82 -53.51
C ILE EB 421 -55.16 -11.75 -52.00
N ILE EB 422 -56.12 -11.01 -51.45
CA ILE EB 422 -56.31 -10.89 -50.01
C ILE EB 422 -57.53 -11.71 -49.65
N GLY EB 423 -57.31 -12.85 -48.99
CA GLY EB 423 -58.40 -13.74 -48.64
C GLY EB 423 -57.96 -14.75 -47.62
N THR EB 424 -58.81 -15.76 -47.43
CA THR EB 424 -58.56 -16.82 -46.46
C THR EB 424 -59.53 -17.96 -46.73
N ASN EB 425 -59.26 -19.10 -46.10
CA ASN EB 425 -60.10 -20.29 -46.22
C ASN EB 425 -60.37 -20.82 -44.81
N LEU EB 426 -61.06 -21.96 -44.75
CA LEU EB 426 -61.50 -22.49 -43.46
C LEU EB 426 -60.32 -22.83 -42.57
N ARG EB 427 -59.35 -23.60 -43.09
CA ARG EB 427 -58.26 -24.06 -42.25
C ARG EB 427 -57.46 -22.89 -41.68
N LEU EB 428 -57.16 -21.90 -42.52
CA LEU EB 428 -56.44 -20.73 -42.02
C LEU EB 428 -57.26 -19.97 -40.99
N MET EB 429 -58.58 -19.90 -41.19
CA MET EB 429 -59.45 -19.26 -40.21
C MET EB 429 -59.38 -19.97 -38.86
N LEU EB 430 -59.42 -21.30 -38.88
CA LEU EB 430 -59.43 -22.05 -37.63
C LEU EB 430 -58.13 -21.87 -36.86
N GLY EB 431 -56.99 -21.82 -37.57
CA GLY EB 431 -55.72 -21.68 -36.89
C GLY EB 431 -55.62 -20.40 -36.08
N LYS EB 432 -56.09 -19.30 -36.65
CA LYS EB 432 -56.03 -18.02 -35.94
C LYS EB 432 -56.90 -18.06 -34.68
N ILE EB 433 -58.09 -18.66 -34.77
CA ILE EB 433 -58.96 -18.74 -33.61
C ILE EB 433 -58.33 -19.63 -32.54
N ARG EB 434 -57.71 -20.74 -32.95
CA ARG EB 434 -57.01 -21.57 -31.97
C ARG EB 434 -55.88 -20.81 -31.30
N LYS EB 435 -55.13 -20.03 -32.07
CA LYS EB 435 -54.06 -19.23 -31.49
C LYS EB 435 -54.61 -18.27 -30.45
N TRP EB 436 -55.71 -17.58 -30.78
CA TRP EB 436 -56.31 -16.64 -29.85
C TRP EB 436 -56.77 -17.35 -28.58
N ALA EB 437 -57.45 -18.49 -28.72
CA ALA EB 437 -57.96 -19.20 -27.57
C ALA EB 437 -56.82 -19.69 -26.68
N SER EB 438 -55.77 -20.23 -27.29
CA SER EB 438 -54.63 -20.70 -26.51
C SER EB 438 -53.95 -19.54 -25.79
N ASP EB 439 -53.81 -18.40 -26.47
CA ASP EB 439 -53.17 -17.25 -25.85
C ASP EB 439 -53.96 -16.76 -24.64
N ASN EB 440 -55.28 -16.71 -24.75
CA ASN EB 440 -56.10 -16.19 -23.67
C ASN EB 440 -56.17 -17.11 -22.46
N VAL EB 441 -55.43 -18.22 -22.45
CA VAL EB 441 -55.38 -19.07 -21.26
C VAL EB 441 -54.73 -18.28 -20.13
N GLY EB 442 -55.30 -18.40 -18.94
CA GLY EB 442 -54.83 -17.66 -17.79
C GLY EB 442 -55.46 -16.30 -17.60
N VAL EB 443 -56.29 -15.85 -18.53
CA VAL EB 443 -57.03 -14.59 -18.41
C VAL EB 443 -58.53 -14.82 -18.44
N LEU EB 444 -59.00 -15.67 -19.35
CA LEU EB 444 -60.42 -16.00 -19.43
C LEU EB 444 -60.71 -17.49 -19.44
N PHE EB 445 -59.73 -18.34 -19.73
CA PHE EB 445 -59.93 -19.79 -19.80
C PHE EB 445 -58.89 -20.49 -18.95
N SER EB 446 -59.22 -21.70 -18.53
CA SER EB 446 -58.25 -22.61 -17.96
C SER EB 446 -57.69 -23.51 -19.07
N GLU EB 447 -56.69 -24.31 -18.71
CA GLU EB 447 -56.08 -25.21 -19.68
C GLU EB 447 -57.15 -26.14 -20.26
N PHE EB 448 -57.19 -26.22 -21.59
CA PHE EB 448 -58.18 -27.06 -22.24
C PHE EB 448 -57.82 -28.53 -22.09
N ASP EB 449 -58.85 -29.36 -21.87
CA ASP EB 449 -58.61 -30.80 -21.80
C ASP EB 449 -58.09 -31.33 -23.12
N ASN EB 450 -58.68 -30.89 -24.23
CA ASN EB 450 -58.20 -31.27 -25.56
C ASN EB 450 -58.54 -30.13 -26.52
N ILE EB 451 -57.56 -29.26 -26.77
CA ILE EB 451 -57.78 -28.10 -27.61
C ILE EB 451 -58.05 -28.46 -29.06
N ASN EB 452 -57.73 -29.69 -29.47
CA ASN EB 452 -57.94 -30.11 -30.85
C ASN EB 452 -59.38 -30.50 -31.14
N GLU EB 453 -60.21 -30.68 -30.10
CA GLU EB 453 -61.59 -31.11 -30.28
C GLU EB 453 -62.62 -30.10 -29.80
N ASP EB 454 -62.23 -29.09 -29.02
CA ASP EB 454 -63.17 -28.15 -28.45
C ASP EB 454 -63.43 -26.95 -29.34
N ILE EB 455 -62.79 -26.87 -30.51
CA ILE EB 455 -63.01 -25.80 -31.46
C ILE EB 455 -63.23 -26.40 -32.83
N GLN EB 456 -64.34 -26.04 -33.47
CA GLN EB 456 -64.70 -26.56 -34.79
C GLN EB 456 -65.24 -25.44 -35.65
N LEU EB 457 -64.84 -25.43 -36.92
CA LEU EB 457 -65.33 -24.45 -37.88
C LEU EB 457 -65.87 -25.19 -39.08
N VAL EB 458 -67.11 -24.88 -39.45
CA VAL EB 458 -67.79 -25.54 -40.57
C VAL EB 458 -68.50 -24.49 -41.40
N SER EB 459 -68.34 -24.57 -42.72
CA SER EB 459 -69.07 -23.69 -43.61
C SER EB 459 -70.52 -24.14 -43.72
N ASP EB 460 -71.41 -23.17 -44.00
CA ASP EB 460 -72.83 -23.49 -44.07
C ASP EB 460 -73.15 -24.46 -45.19
N PHE EB 461 -72.25 -24.62 -46.17
CA PHE EB 461 -72.49 -25.56 -47.26
C PHE EB 461 -72.37 -27.01 -46.81
N ASP EB 462 -71.67 -27.27 -45.70
CA ASP EB 462 -71.47 -28.63 -45.20
C ASP EB 462 -72.51 -29.02 -44.16
N VAL EB 463 -73.44 -28.12 -43.82
CA VAL EB 463 -74.50 -28.41 -42.86
C VAL EB 463 -75.85 -28.54 -43.55
N GLN EB 464 -76.19 -27.58 -44.39
CA GLN EB 464 -77.45 -27.63 -45.14
C GLN EB 464 -77.35 -28.62 -46.29
N PRO EB 465 -78.50 -29.15 -46.75
CA PRO EB 465 -78.47 -30.07 -47.89
C PRO EB 465 -78.13 -29.36 -49.20
N LYS EB 466 -78.15 -30.10 -50.30
CA LYS EB 466 -77.72 -29.54 -51.58
C LYS EB 466 -78.59 -28.36 -51.99
N CYS EB 467 -77.93 -27.30 -52.44
CA CYS EB 467 -78.61 -26.12 -52.98
C CYS EB 467 -79.57 -25.50 -51.97
N VAL EB 468 -79.18 -25.49 -50.70
CA VAL EB 468 -79.95 -24.82 -49.67
C VAL EB 468 -79.12 -23.87 -48.82
N GLY EB 469 -77.80 -24.01 -48.75
CA GLY EB 469 -76.99 -23.13 -47.93
C GLY EB 469 -76.77 -21.79 -48.57
N GLN EB 470 -76.20 -20.88 -47.78
CA GLN EB 470 -75.90 -19.53 -48.22
C GLN EB 470 -74.39 -19.34 -48.39
N PRO EB 471 -73.96 -18.45 -49.29
CA PRO EB 471 -72.52 -18.24 -49.47
C PRO EB 471 -71.94 -17.25 -48.48
N GLY EB 472 -70.99 -17.71 -47.66
CA GLY EB 472 -70.30 -16.83 -46.74
C GLY EB 472 -70.89 -16.82 -45.35
N VAL EB 473 -71.31 -17.99 -44.86
CA VAL EB 473 -71.83 -18.15 -43.51
C VAL EB 473 -71.15 -19.35 -42.88
N PHE EB 474 -70.68 -19.20 -41.65
CA PHE EB 474 -69.95 -20.24 -40.94
C PHE EB 474 -70.64 -20.55 -39.62
N HIS EB 475 -70.26 -21.69 -39.05
CA HIS EB 475 -70.72 -22.10 -37.72
C HIS EB 475 -69.50 -22.41 -36.87
N LEU EB 476 -69.39 -21.75 -35.72
CA LEU EB 476 -68.28 -21.94 -34.80
C LEU EB 476 -68.80 -22.60 -33.53
N ASN EB 477 -68.17 -23.69 -33.13
CA ASN EB 477 -68.51 -24.40 -31.91
C ASN EB 477 -67.33 -24.32 -30.95
N MET EB 478 -67.60 -23.88 -29.73
CA MET EB 478 -66.55 -23.64 -28.75
C MET EB 478 -66.97 -24.24 -27.42
N ARG EB 479 -65.99 -24.79 -26.70
CA ARG EB 479 -66.20 -25.27 -25.33
C ARG EB 479 -65.01 -24.83 -24.50
N TYR EB 480 -65.28 -24.20 -23.37
CA TYR EB 480 -64.24 -23.62 -22.53
C TYR EB 480 -64.53 -23.92 -21.07
N ARG EB 481 -63.53 -23.68 -20.23
CA ARG EB 481 -63.64 -23.93 -18.80
C ARG EB 481 -63.07 -22.74 -18.03
N PRO EB 482 -63.81 -22.13 -17.11
CA PRO EB 482 -63.31 -20.96 -16.39
C PRO EB 482 -62.09 -21.32 -15.57
N PRO EB 483 -61.38 -20.33 -15.02
CA PRO EB 483 -60.19 -20.62 -14.23
C PRO EB 483 -60.52 -21.45 -13.00
N VAL EB 484 -59.56 -22.27 -12.59
CA VAL EB 484 -59.76 -23.19 -11.48
C VAL EB 484 -59.65 -22.45 -10.16
N ARG EB 485 -60.55 -22.77 -9.23
CA ARG EB 485 -60.52 -22.22 -7.88
C ARG EB 485 -60.52 -23.37 -6.88
N GLY EB 486 -59.53 -23.40 -6.00
CA GLY EB 486 -59.47 -24.40 -4.95
C GLY EB 486 -58.87 -25.70 -5.40
N ALA EB 487 -58.61 -26.57 -4.42
CA ALA EB 487 -58.04 -27.88 -4.67
C ALA EB 487 -58.10 -28.69 -3.37
N ARG EB 488 -58.35 -29.99 -3.51
CA ARG EB 488 -58.45 -30.90 -2.38
C ARG EB 488 -57.21 -31.78 -2.33
N ILE EB 489 -56.57 -31.84 -1.17
CA ILE EB 489 -55.39 -32.68 -0.96
C ILE EB 489 -55.50 -33.34 0.40
N ASN EB 490 -55.11 -34.61 0.47
CA ASN EB 490 -55.20 -35.41 1.70
C ASN EB 490 -53.85 -35.37 2.40
N VAL EB 491 -53.86 -34.94 3.67
CA VAL EB 491 -52.61 -34.79 4.40
C VAL EB 491 -52.06 -36.15 4.79
N ASN EB 492 -52.80 -36.90 5.60
CA ASN EB 492 -52.48 -38.29 5.93
C ASN EB 492 -51.05 -38.40 6.49
N LEU EB 493 -50.84 -37.75 7.64
CA LEU EB 493 -49.52 -37.74 8.26
C LEU EB 493 -49.26 -39.04 9.00
N VAL EB 494 -47.98 -39.28 9.29
CA VAL EB 494 -47.56 -40.49 10.00
C VAL EB 494 -46.21 -40.26 10.66
N PRO EB 495 -46.08 -40.44 11.97
CA PRO EB 495 -44.77 -40.39 12.61
C PRO EB 495 -44.10 -41.76 12.60
N ALA EB 496 -42.83 -41.77 13.01
CA ALA EB 496 -42.03 -42.98 13.03
C ALA EB 496 -41.10 -42.97 14.23
N LEU EB 497 -40.62 -44.15 14.60
CA LEU EB 497 -39.72 -44.32 15.74
C LEU EB 497 -38.58 -45.28 15.39
N PHE EB 498 -38.15 -45.26 14.13
CA PHE EB 498 -37.07 -46.13 13.67
C PHE EB 498 -36.16 -45.37 12.73
N ASP EB 499 -34.94 -45.87 12.58
CA ASP EB 499 -33.91 -45.27 11.75
C ASP EB 499 -33.76 -46.07 10.46
N ASN EB 500 -32.79 -45.64 9.65
CA ASN EB 500 -32.51 -46.30 8.37
C ASN EB 500 -31.94 -47.70 8.61
N CYS FB 3 -54.50 -36.17 -51.89
CA CYS FB 3 -53.04 -36.13 -51.95
C CYS FB 3 -52.46 -35.67 -50.63
N ASN FB 4 -52.17 -36.63 -49.74
CA ASN FB 4 -51.70 -36.34 -48.39
C ASN FB 4 -50.22 -36.59 -48.18
N LYS FB 5 -49.58 -37.38 -49.04
CA LYS FB 5 -48.17 -37.69 -48.90
C LYS FB 5 -47.27 -36.70 -49.64
N GLN FB 6 -47.82 -35.67 -50.26
CA GLN FB 6 -47.03 -34.70 -50.99
C GLN FB 6 -46.50 -33.65 -50.03
N ASN FB 7 -45.17 -33.52 -49.97
CA ASN FB 7 -44.53 -32.55 -49.11
C ASN FB 7 -44.36 -31.24 -49.87
N GLY FB 8 -45.07 -30.21 -49.43
CA GLY FB 8 -45.00 -28.92 -50.10
C GLY FB 8 -45.81 -27.89 -49.36
N VAL FB 9 -45.78 -26.67 -49.90
CA VAL FB 9 -46.48 -25.53 -49.31
C VAL FB 9 -47.62 -25.14 -50.22
N LYS FB 10 -48.79 -24.88 -49.62
CA LYS FB 10 -50.01 -24.56 -50.34
C LYS FB 10 -50.29 -23.06 -50.38
N ASN FB 11 -50.37 -22.41 -49.22
CA ASN FB 11 -50.64 -20.99 -49.14
C ASN FB 11 -49.66 -20.33 -48.17
N ILE FB 12 -49.30 -19.08 -48.47
CA ILE FB 12 -48.46 -18.27 -47.62
C ILE FB 12 -49.12 -16.89 -47.51
N LEU FB 13 -49.45 -16.48 -46.29
CA LEU FB 13 -50.12 -15.21 -46.03
C LEU FB 13 -49.28 -14.39 -45.09
N ILE FB 14 -49.09 -13.11 -45.42
CA ILE FB 14 -48.33 -12.18 -44.60
C ILE FB 14 -49.14 -10.91 -44.39
N THR FB 15 -48.96 -10.28 -43.24
CA THR FB 15 -49.69 -9.06 -42.88
C THR FB 15 -48.72 -8.11 -42.21
N PHE FB 16 -48.25 -7.11 -42.96
CA PHE FB 16 -47.26 -6.17 -42.44
C PHE FB 16 -47.93 -5.14 -41.53
N THR FB 17 -47.09 -4.46 -40.75
CA THR FB 17 -47.53 -3.39 -39.86
C THR FB 17 -46.36 -2.41 -39.72
N HIS FB 18 -46.41 -1.33 -40.49
CA HIS FB 18 -45.33 -0.37 -40.49
C HIS FB 18 -45.18 0.24 -39.09
N CYS FB 19 -43.94 0.31 -38.62
CA CYS FB 19 -43.67 0.70 -37.24
C CYS FB 19 -43.49 2.19 -37.04
N ASP FB 20 -43.44 2.98 -38.12
CA ASP FB 20 -43.29 4.42 -38.01
C ASP FB 20 -44.53 5.19 -38.46
N THR FB 21 -45.55 4.50 -38.96
CA THR FB 21 -46.80 5.15 -39.35
C THR FB 21 -48.04 4.42 -38.87
N GLY FB 22 -47.93 3.16 -38.45
CA GLY FB 22 -49.06 2.44 -37.91
C GLY FB 22 -50.01 1.87 -38.93
N GLU FB 23 -49.76 2.06 -40.22
CA GLU FB 23 -50.65 1.51 -41.23
C GLU FB 23 -50.48 0.00 -41.35
N VAL FB 24 -51.59 -0.67 -41.63
CA VAL FB 24 -51.64 -2.13 -41.73
C VAL FB 24 -52.10 -2.52 -43.12
N ILE FB 25 -51.38 -3.46 -43.73
CA ILE FB 25 -51.72 -3.99 -45.04
C ILE FB 25 -52.31 -5.38 -44.85
N GLY FB 26 -53.50 -5.60 -45.40
CA GLY FB 26 -54.22 -6.83 -45.19
C GLY FB 26 -53.41 -8.05 -45.56
N PRO FB 27 -53.91 -9.23 -45.23
CA PRO FB 27 -53.17 -10.46 -45.51
C PRO FB 27 -53.04 -10.74 -47.00
N ILE FB 28 -51.83 -10.63 -47.53
CA ILE FB 28 -51.55 -10.86 -48.94
C ILE FB 28 -50.98 -12.25 -49.12
N SER FB 29 -51.25 -12.85 -50.28
CA SER FB 29 -50.70 -14.16 -50.62
C SER FB 29 -49.35 -13.99 -51.30
N HIS FB 30 -48.51 -15.01 -51.18
CA HIS FB 30 -47.17 -14.99 -51.75
C HIS FB 30 -46.87 -16.34 -52.40
N GLU FB 31 -45.76 -16.39 -53.13
CA GLU FB 31 -45.32 -17.60 -53.81
C GLU FB 31 -43.84 -17.81 -53.54
N GLN FB 32 -43.36 -19.03 -53.86
CA GLN FB 32 -41.99 -19.42 -53.54
C GLN FB 32 -41.02 -18.96 -54.62
N PRO FB 33 -39.76 -18.67 -54.26
CA PRO FB 33 -38.77 -18.28 -55.27
C PRO FB 33 -38.06 -19.45 -55.91
N ASP FB 34 -37.94 -20.56 -55.18
CA ASP FB 34 -37.19 -21.71 -55.66
C ASP FB 34 -37.81 -22.96 -55.05
N ASP FB 35 -37.08 -24.08 -55.11
CA ASP FB 35 -37.57 -25.37 -54.67
C ASP FB 35 -37.38 -25.62 -53.17
N THR FB 36 -36.75 -24.69 -52.45
CA THR FB 36 -36.57 -24.88 -51.02
C THR FB 36 -37.90 -24.70 -50.28
N LEU FB 37 -37.91 -25.12 -49.03
CA LEU FB 37 -39.09 -25.07 -48.17
C LEU FB 37 -38.77 -24.33 -46.87
N PRO FB 38 -39.78 -23.77 -46.21
CA PRO FB 38 -39.55 -23.16 -44.90
C PRO FB 38 -39.15 -24.20 -43.85
N THR FB 39 -38.54 -23.73 -42.77
CA THR FB 39 -38.09 -24.58 -41.69
C THR FB 39 -38.55 -23.99 -40.35
N TYR FB 40 -38.67 -24.86 -39.34
CA TYR FB 40 -39.36 -24.47 -38.12
C TYR FB 40 -38.60 -24.99 -36.90
N LYS FB 41 -38.83 -24.33 -35.77
CA LYS FB 41 -38.35 -24.81 -34.47
C LYS FB 41 -39.28 -24.23 -33.42
N THR FB 42 -40.06 -25.09 -32.76
CA THR FB 42 -41.13 -24.65 -31.89
C THR FB 42 -40.85 -24.84 -30.40
N CYS FB 43 -39.72 -25.46 -30.04
CA CYS FB 43 -39.39 -25.68 -28.64
C CYS FB 43 -38.60 -24.48 -28.12
N ALA FB 44 -39.17 -23.74 -27.18
CA ALA FB 44 -38.55 -22.51 -26.71
C ALA FB 44 -37.21 -22.78 -26.03
N TRP FB 45 -37.19 -23.73 -25.09
CA TRP FB 45 -35.98 -24.01 -24.32
C TRP FB 45 -35.02 -24.87 -25.12
N THR FB 46 -33.73 -24.74 -24.81
CA THR FB 46 -32.68 -25.46 -25.50
C THR FB 46 -31.82 -26.21 -24.50
N ASN FB 47 -31.48 -27.45 -24.82
CA ASN FB 47 -30.69 -28.30 -23.95
C ASN FB 47 -29.22 -28.28 -24.37
N THR FB 48 -28.35 -28.60 -23.42
CA THR FB 48 -26.93 -28.80 -23.69
C THR FB 48 -26.45 -30.00 -22.90
N ALA FB 49 -25.34 -30.58 -23.35
CA ALA FB 49 -24.87 -31.85 -22.82
C ALA FB 49 -23.92 -31.62 -21.66
N LEU FB 50 -24.32 -32.07 -20.47
CA LEU FB 50 -23.43 -32.14 -19.32
C LEU FB 50 -22.78 -33.53 -19.29
N THR FB 51 -22.12 -33.87 -18.20
CA THR FB 51 -21.46 -35.16 -18.06
C THR FB 51 -22.38 -36.17 -17.39
N ASN FB 52 -22.35 -37.40 -17.90
CA ASN FB 52 -23.08 -38.52 -17.29
C ASN FB 52 -24.59 -38.40 -17.47
N GLY FB 53 -25.02 -37.88 -18.61
CA GLY FB 53 -26.42 -37.89 -18.99
C GLY FB 53 -27.23 -36.69 -18.54
N ALA FB 54 -26.67 -35.79 -17.75
CA ALA FB 54 -27.40 -34.61 -17.34
C ALA FB 54 -27.45 -33.61 -18.50
N VAL FB 55 -28.18 -32.50 -18.30
CA VAL FB 55 -28.33 -31.47 -19.31
C VAL FB 55 -28.52 -30.13 -18.64
N MET FB 56 -28.39 -29.06 -19.41
CA MET FB 56 -28.62 -27.70 -18.97
C MET FB 56 -29.61 -27.04 -19.92
N ARG FB 57 -30.58 -26.31 -19.38
CA ARG FB 57 -31.62 -25.69 -20.17
C ARG FB 57 -31.41 -24.17 -20.22
N SER FB 58 -31.58 -23.61 -21.42
CA SER FB 58 -31.40 -22.18 -21.64
C SER FB 58 -32.60 -21.62 -22.38
N ALA FB 59 -32.75 -20.29 -22.33
CA ALA FB 59 -33.96 -19.63 -22.79
C ALA FB 59 -34.24 -19.85 -24.27
N SER FB 60 -33.37 -19.32 -25.14
CA SER FB 60 -33.56 -19.44 -26.58
C SER FB 60 -34.93 -18.91 -27.00
N ASN FB 61 -35.29 -19.09 -28.28
CA ASN FB 61 -36.54 -18.59 -28.81
C ASN FB 61 -37.09 -19.58 -29.82
N ALA FB 62 -38.24 -19.23 -30.41
CA ALA FB 62 -38.85 -19.98 -31.49
C ALA FB 62 -38.73 -19.16 -32.77
N THR FB 63 -38.22 -19.78 -33.83
CA THR FB 63 -37.80 -19.06 -35.01
C THR FB 63 -38.59 -19.52 -36.24
N MET FB 64 -38.17 -19.04 -37.40
CA MET FB 64 -38.82 -19.29 -38.67
C MET FB 64 -37.88 -18.92 -39.79
N THR FB 65 -37.97 -19.63 -40.90
CA THR FB 65 -37.21 -19.31 -42.11
C THR FB 65 -38.17 -19.38 -43.28
N LEU FB 66 -38.46 -18.23 -43.89
CA LEU FB 66 -39.54 -18.11 -44.86
C LEU FB 66 -39.03 -17.46 -46.14
N PRO FB 67 -38.53 -18.25 -47.09
CA PRO FB 67 -38.18 -17.69 -48.40
C PRO FB 67 -39.43 -17.48 -49.24
N VAL FB 68 -39.63 -16.24 -49.70
CA VAL FB 68 -40.84 -15.87 -50.43
C VAL FB 68 -40.47 -14.82 -51.46
N VAL FB 69 -41.20 -14.83 -52.57
CA VAL FB 69 -40.98 -13.85 -53.63
C VAL FB 69 -41.54 -12.50 -53.20
N ARG FB 70 -40.75 -11.45 -53.38
CA ARG FB 70 -41.21 -10.11 -53.02
C ARG FB 70 -42.44 -9.72 -53.83
N ASP FB 71 -43.44 -9.19 -53.15
CA ASP FB 71 -44.60 -8.65 -53.84
C ASP FB 71 -44.20 -7.35 -54.52
N PRO FB 72 -44.61 -7.13 -55.78
CA PRO FB 72 -44.16 -5.92 -56.48
C PRO FB 72 -44.91 -4.66 -56.06
N ARG FB 73 -45.76 -4.77 -55.05
CA ARG FB 73 -46.55 -3.63 -54.57
C ARG FB 73 -46.20 -3.26 -53.12
N VAL FB 74 -45.08 -3.77 -52.60
CA VAL FB 74 -44.67 -3.49 -51.23
C VAL FB 74 -43.19 -3.09 -51.26
N PRO FB 75 -42.80 -2.00 -50.59
CA PRO FB 75 -41.39 -1.61 -50.62
C PRO FB 75 -40.49 -2.71 -50.08
N LEU FB 76 -39.30 -2.82 -50.68
CA LEU FB 76 -38.35 -3.84 -50.25
C LEU FB 76 -37.93 -3.66 -48.80
N ALA FB 77 -38.05 -2.45 -48.26
CA ALA FB 77 -37.63 -2.22 -46.88
C ALA FB 77 -38.50 -3.02 -45.91
N TRP FB 78 -39.79 -3.13 -46.18
CA TRP FB 78 -40.69 -3.81 -45.26
C TRP FB 78 -40.29 -5.27 -45.05
N TYR FB 79 -39.86 -5.95 -46.11
CA TYR FB 79 -39.46 -7.35 -45.97
C TYR FB 79 -38.19 -7.50 -45.13
N GLN FB 80 -37.41 -6.44 -44.97
CA GLN FB 80 -36.26 -6.47 -44.08
C GLN FB 80 -36.72 -5.99 -42.70
N GLY FB 81 -35.79 -5.60 -41.85
CA GLY FB 81 -36.10 -5.33 -40.45
C GLY FB 81 -36.83 -4.01 -40.19
N CYS FB 82 -37.54 -3.49 -41.18
CA CYS FB 82 -38.20 -2.20 -41.08
C CYS FB 82 -39.72 -2.33 -40.97
N ALA FB 83 -40.21 -3.45 -40.42
CA ALA FB 83 -41.65 -3.63 -40.24
C ALA FB 83 -41.91 -4.94 -39.50
N GLN FB 84 -43.11 -5.03 -38.93
CA GLN FB 84 -43.57 -6.23 -38.26
C GLN FB 84 -44.14 -7.22 -39.28
N ILE FB 85 -44.24 -8.48 -38.87
CA ILE FB 85 -44.71 -9.55 -39.75
C ILE FB 85 -45.68 -10.45 -38.99
N ASP FB 86 -46.69 -10.93 -39.71
CA ASP FB 86 -47.62 -11.94 -39.20
C ASP FB 86 -47.84 -12.94 -40.32
N ALA FB 87 -47.36 -14.17 -40.15
CA ALA FB 87 -47.28 -15.14 -41.23
C ALA FB 87 -48.09 -16.39 -40.92
N GLN FB 88 -48.53 -17.05 -42.00
CA GLN FB 88 -49.21 -18.33 -41.91
C GLN FB 88 -48.81 -19.16 -43.12
N VAL FB 89 -48.53 -20.44 -42.88
CA VAL FB 89 -48.11 -21.37 -43.94
C VAL FB 89 -48.97 -22.62 -43.81
N GLU FB 90 -49.61 -23.00 -44.92
CA GLU FB 90 -50.47 -24.18 -44.97
C GLU FB 90 -49.84 -25.21 -45.90
N LYS FB 91 -49.36 -26.31 -45.32
CA LYS FB 91 -48.79 -27.38 -46.13
C LYS FB 91 -49.89 -28.20 -46.78
N PHE FB 92 -49.49 -29.03 -47.75
CA PHE FB 92 -50.47 -29.80 -48.51
C PHE FB 92 -51.20 -30.79 -47.63
N ASP FB 93 -50.48 -31.47 -46.73
CA ASP FB 93 -51.12 -32.48 -45.89
C ASP FB 93 -52.22 -31.90 -45.02
N GLY FB 94 -52.14 -30.62 -44.67
CA GLY FB 94 -53.18 -29.98 -43.89
C GLY FB 94 -52.65 -29.17 -42.72
N THR FB 95 -51.37 -29.35 -42.40
CA THR FB 95 -50.79 -28.64 -41.26
C THR FB 95 -50.78 -27.14 -41.52
N VAL FB 96 -51.02 -26.38 -40.45
CA VAL FB 96 -51.00 -24.92 -40.50
C VAL FB 96 -50.13 -24.41 -39.36
N MET FB 97 -49.21 -23.51 -39.67
CA MET FB 97 -48.30 -22.93 -38.69
C MET FB 97 -48.51 -21.43 -38.68
N THR FB 98 -48.95 -20.89 -37.54
CA THR FB 98 -49.26 -19.48 -37.39
C THR FB 98 -48.21 -18.79 -36.53
N LEU FB 99 -47.95 -17.54 -36.85
CA LEU FB 99 -46.98 -16.73 -36.11
C LEU FB 99 -47.48 -15.29 -36.07
N THR FB 100 -47.34 -14.65 -34.91
CA THR FB 100 -47.77 -13.27 -34.75
C THR FB 100 -46.71 -12.49 -34.00
N GLU FB 101 -46.67 -11.19 -34.25
CA GLU FB 101 -45.72 -10.29 -33.59
C GLU FB 101 -44.28 -10.74 -33.81
N GLY FB 102 -43.98 -11.19 -35.03
CA GLY FB 102 -42.64 -11.60 -35.35
C GLY FB 102 -41.73 -10.44 -35.71
N ALA FB 103 -40.43 -10.69 -35.67
CA ALA FB 103 -39.43 -9.69 -36.00
C ALA FB 103 -38.36 -10.31 -36.89
N VAL FB 104 -37.83 -9.50 -37.79
CA VAL FB 104 -36.79 -9.93 -38.71
C VAL FB 104 -35.43 -9.62 -38.09
N THR FB 105 -34.49 -10.55 -38.25
CA THR FB 105 -33.18 -10.44 -37.63
C THR FB 105 -32.08 -10.56 -38.68
N GLU FB 106 -31.03 -9.75 -38.51
CA GLU FB 106 -29.83 -9.77 -39.33
C GLU FB 106 -30.15 -9.99 -40.81
N PRO FB 107 -30.84 -9.04 -41.45
CA PRO FB 107 -31.15 -9.20 -42.87
C PRO FB 107 -29.91 -9.18 -43.73
N GLU FB 108 -29.99 -9.84 -44.88
CA GLU FB 108 -28.92 -9.86 -45.87
C GLU FB 108 -29.42 -9.25 -47.17
N GLU FB 109 -28.48 -8.80 -47.99
CA GLU FB 109 -28.84 -8.11 -49.23
C GLU FB 109 -29.62 -9.03 -50.15
N SER FB 110 -30.58 -8.44 -50.88
CA SER FB 110 -31.39 -9.16 -51.84
C SER FB 110 -31.40 -8.40 -53.16
N ASP FB 111 -31.57 -9.15 -54.25
CA ASP FB 111 -31.50 -8.56 -55.59
C ASP FB 111 -32.80 -7.88 -56.01
N GLY FB 112 -33.86 -7.97 -55.21
CA GLY FB 112 -35.12 -7.32 -55.51
C GLY FB 112 -36.28 -8.25 -55.77
N ARG FB 113 -36.04 -9.56 -55.96
CA ARG FB 113 -37.11 -10.52 -56.16
C ARG FB 113 -37.19 -11.55 -55.05
N ALA FB 114 -36.09 -12.21 -54.72
CA ALA FB 114 -36.08 -13.27 -53.73
C ALA FB 114 -35.63 -12.72 -52.38
N VAL FB 115 -36.41 -12.99 -51.35
CA VAL FB 115 -36.11 -12.56 -49.99
C VAL FB 115 -36.24 -13.77 -49.07
N THR FB 116 -35.25 -13.98 -48.21
CA THR FB 116 -35.26 -15.07 -47.25
C THR FB 116 -35.32 -14.46 -45.86
N MET FB 117 -36.54 -14.36 -45.32
CA MET FB 117 -36.74 -13.72 -44.03
C MET FB 117 -36.51 -14.72 -42.90
N THR FB 118 -35.85 -14.24 -41.84
CA THR FB 118 -35.70 -14.99 -40.60
C THR FB 118 -36.52 -14.29 -39.52
N ILE FB 119 -37.44 -15.04 -38.91
CA ILE FB 119 -38.42 -14.47 -38.00
C ILE FB 119 -38.34 -15.20 -36.67
N ILE FB 120 -38.46 -14.45 -35.57
CA ILE FB 120 -38.45 -15.01 -34.22
C ILE FB 120 -39.69 -14.50 -33.49
N ALA FB 121 -40.28 -15.36 -32.67
CA ALA FB 121 -41.48 -15.01 -31.93
C ALA FB 121 -41.49 -15.77 -30.61
N ALA FB 122 -42.32 -15.29 -29.68
CA ALA FB 122 -42.41 -15.94 -28.38
C ALA FB 122 -42.92 -17.37 -28.50
N GLU FB 123 -43.90 -17.60 -29.36
CA GLU FB 123 -44.52 -18.91 -29.49
C GLU FB 123 -45.06 -19.07 -30.90
N ILE FB 124 -44.95 -20.28 -31.43
CA ILE FB 124 -45.53 -20.64 -32.73
C ILE FB 124 -46.55 -21.75 -32.48
N ASP FB 125 -47.76 -21.56 -33.01
CA ASP FB 125 -48.85 -22.50 -32.82
C ASP FB 125 -49.02 -23.36 -34.06
N GLU FB 126 -49.16 -24.67 -33.85
CA GLU FB 126 -49.25 -25.64 -34.93
C GLU FB 126 -50.62 -26.30 -34.91
N LEU FB 127 -51.21 -26.46 -36.10
CA LEU FB 127 -52.49 -27.13 -36.27
C LEU FB 127 -52.25 -28.42 -37.03
N LEU FB 128 -52.36 -29.55 -36.33
CA LEU FB 128 -52.19 -30.85 -36.96
C LEU FB 128 -53.45 -31.27 -37.69
N PRO FB 129 -53.34 -32.17 -38.65
CA PRO FB 129 -54.55 -32.66 -39.34
C PRO FB 129 -55.46 -33.38 -38.37
N PRO FB 130 -56.69 -33.69 -38.77
CA PRO FB 130 -57.61 -34.39 -37.86
C PRO FB 130 -57.05 -35.74 -37.44
N GLY FB 131 -57.32 -36.11 -36.19
CA GLY FB 131 -56.88 -37.38 -35.66
C GLY FB 131 -55.62 -37.34 -34.82
N SER FB 132 -55.23 -36.17 -34.31
CA SER FB 132 -54.02 -36.07 -33.51
C SER FB 132 -54.17 -36.87 -32.22
N LEU FB 133 -53.02 -37.30 -31.69
CA LEU FB 133 -52.98 -38.06 -30.45
C LEU FB 133 -52.81 -37.14 -29.24
N ALA FB 134 -51.73 -36.37 -29.22
CA ALA FB 134 -51.46 -35.48 -28.12
C ALA FB 134 -52.51 -34.36 -28.07
N ALA FB 135 -52.78 -33.89 -26.86
CA ALA FB 135 -53.75 -32.81 -26.66
C ALA FB 135 -53.26 -31.51 -27.29
N MET GB 1 -36.43 39.05 -66.80
CA MET GB 1 -35.41 38.69 -65.78
C MET GB 1 -36.08 38.25 -64.48
N ALA GB 2 -36.52 39.21 -63.69
CA ALA GB 2 -37.21 38.92 -62.43
C ALA GB 2 -36.23 38.13 -61.55
N GLN GB 3 -36.67 37.03 -60.93
CA GLN GB 3 -35.79 36.25 -60.08
C GLN GB 3 -34.65 35.65 -60.90
N ASP GB 4 -33.50 35.48 -60.25
CA ASP GB 4 -32.31 35.02 -60.96
C ASP GB 4 -32.51 33.63 -61.54
N ALA GB 5 -33.02 32.70 -60.74
CA ALA GB 5 -33.13 31.31 -61.18
C ALA GB 5 -34.17 31.13 -62.27
N LEU GB 6 -35.18 31.99 -62.35
CA LEU GB 6 -36.26 31.85 -63.32
C LEU GB 6 -36.10 32.78 -64.52
N SER GB 7 -34.93 33.38 -64.70
CA SER GB 7 -34.73 34.36 -65.76
C SER GB 7 -34.34 33.72 -67.09
N ASP GB 8 -33.54 32.65 -67.06
CA ASP GB 8 -33.04 32.06 -68.29
C ASP GB 8 -34.14 31.43 -69.15
N GLY GB 9 -35.33 31.20 -68.58
CA GLY GB 9 -36.43 30.69 -69.35
C GLY GB 9 -36.47 29.19 -69.52
N PHE GB 10 -35.59 28.44 -68.85
CA PHE GB 10 -35.62 26.99 -68.93
C PHE GB 10 -36.76 26.39 -68.12
N VAL GB 11 -37.30 27.12 -67.14
CA VAL GB 11 -38.35 26.62 -66.26
C VAL GB 11 -39.47 27.64 -66.23
N ARG GB 12 -40.71 27.18 -66.39
CA ARG GB 12 -41.89 28.02 -66.25
C ARG GB 12 -42.65 27.55 -65.02
N LEU GB 13 -42.88 28.47 -64.09
CA LEU GB 13 -43.47 28.16 -62.79
C LEU GB 13 -44.88 28.74 -62.70
N CYS GB 14 -45.80 27.96 -62.16
CA CYS GB 14 -47.18 28.39 -61.96
C CYS GB 14 -47.63 27.89 -60.59
N ILE GB 15 -48.14 28.81 -59.77
CA ILE GB 15 -48.57 28.50 -58.41
C ILE GB 15 -50.05 28.82 -58.29
N ASP GB 16 -50.86 27.79 -58.04
CA ASP GB 16 -52.29 27.95 -57.86
C ASP GB 16 -52.84 26.79 -57.05
N PRO GB 17 -53.48 27.04 -55.90
CA PRO GB 17 -54.01 25.93 -55.10
C PRO GB 17 -55.34 25.38 -55.58
N SER GB 18 -55.93 25.95 -56.63
CA SER GB 18 -57.22 25.50 -57.13
C SER GB 18 -57.11 24.42 -58.19
N LEU GB 19 -55.90 24.10 -58.65
CA LEU GB 19 -55.72 23.07 -59.67
C LEU GB 19 -55.68 21.69 -59.02
N ASN GB 20 -56.29 20.72 -59.69
CA ASN GB 20 -56.30 19.34 -59.24
C ASN GB 20 -55.68 18.45 -60.31
N PHE GB 21 -54.75 17.59 -59.90
CA PHE GB 21 -54.07 16.72 -60.85
C PHE GB 21 -55.04 15.68 -61.42
N PHE GB 22 -55.77 15.00 -60.54
CA PHE GB 22 -56.59 13.87 -60.94
C PHE GB 22 -57.85 14.35 -61.64
N GLY GB 23 -58.40 13.48 -62.49
CA GLY GB 23 -59.64 13.79 -63.15
C GLY GB 23 -60.82 13.75 -62.19
N GLU GB 24 -61.92 14.37 -62.62
CA GLU GB 24 -63.11 14.40 -61.79
C GLU GB 24 -63.58 12.99 -61.48
N GLY GB 25 -64.01 12.78 -60.25
CA GLY GB 25 -64.51 11.48 -59.84
C GLY GB 25 -65.87 11.20 -60.45
N CYS GB 26 -66.67 10.36 -59.80
CA CYS GB 26 -68.01 10.07 -60.30
C CYS GB 26 -68.92 11.27 -60.05
N LYS GB 27 -70.10 11.21 -60.66
CA LYS GB 27 -71.08 12.29 -60.60
C LYS GB 27 -72.26 11.86 -59.75
N ILE GB 28 -72.70 12.75 -58.86
CA ILE GB 28 -73.88 12.54 -58.03
C ILE GB 28 -74.85 13.66 -58.32
N LEU GB 29 -76.10 13.30 -58.61
CA LEU GB 29 -77.14 14.25 -58.99
C LEU GB 29 -78.16 14.33 -57.87
N VAL GB 30 -78.41 15.54 -57.38
CA VAL GB 30 -79.37 15.78 -56.31
C VAL GB 30 -80.57 16.49 -56.90
N GLU GB 31 -81.73 16.26 -56.28
CA GLU GB 31 -83.00 16.74 -56.81
C GLU GB 31 -83.93 17.09 -55.66
N GLY GB 32 -84.64 18.20 -55.78
CA GLY GB 32 -85.50 18.65 -54.71
C GLY GB 32 -86.20 19.95 -55.06
N GLN GB 33 -86.82 20.53 -54.05
CA GLN GB 33 -87.58 21.76 -54.20
C GLN GB 33 -86.66 22.98 -54.12
N ILE GB 34 -87.22 24.15 -54.41
CA ILE GB 34 -86.52 25.42 -54.24
C ILE GB 34 -87.56 26.48 -53.87
N THR GB 35 -87.07 27.65 -53.46
CA THR GB 35 -87.91 28.78 -53.08
C THR GB 35 -87.80 29.89 -54.12
N ASP GB 36 -88.74 30.83 -54.04
CA ASP GB 36 -88.80 31.90 -55.03
C ASP GB 36 -87.58 32.80 -54.97
N ASP GB 37 -86.93 32.91 -53.81
CA ASP GB 37 -85.78 33.79 -53.68
C ASP GB 37 -84.55 33.29 -54.42
N ALA GB 38 -84.59 32.05 -54.94
CA ALA GB 38 -83.45 31.50 -55.66
C ALA GB 38 -83.28 32.22 -56.99
N THR GB 39 -82.26 31.81 -57.75
CA THR GB 39 -81.97 32.37 -59.06
C THR GB 39 -81.76 31.32 -60.14
N ALA GB 40 -81.41 30.09 -59.80
CA ALA GB 40 -81.18 29.06 -60.80
C ALA GB 40 -82.48 28.71 -61.52
N ALA GB 41 -82.36 28.42 -62.80
CA ALA GB 41 -83.52 28.06 -63.61
C ALA GB 41 -84.02 26.67 -63.24
N GLU GB 42 -85.30 26.44 -63.49
CA GLU GB 42 -85.93 25.17 -63.16
C GLU GB 42 -85.72 24.17 -64.29
N ASN GB 43 -85.49 22.92 -63.91
CA ASN GB 43 -85.36 21.80 -64.86
C ASN GB 43 -84.09 21.92 -65.70
N VAL GB 44 -83.02 22.46 -65.13
CA VAL GB 44 -81.73 22.58 -65.81
C VAL GB 44 -80.66 21.99 -64.90
N VAL GB 45 -79.90 21.04 -65.42
CA VAL GB 45 -78.81 20.45 -64.66
C VAL GB 45 -77.65 21.44 -64.60
N THR GB 46 -77.16 21.69 -63.40
CA THR GB 46 -76.11 22.68 -63.18
C THR GB 46 -75.03 22.10 -62.27
N CYS GB 47 -73.83 22.65 -62.42
CA CYS GB 47 -72.70 22.26 -61.58
C CYS GB 47 -72.68 23.08 -60.30
N VAL GB 48 -72.02 22.54 -59.27
CA VAL GB 48 -71.88 23.20 -57.98
C VAL GB 48 -70.42 23.14 -57.57
N ASN GB 49 -69.92 24.22 -56.98
CA ASN GB 49 -68.51 24.36 -56.64
C ASN GB 49 -68.25 24.37 -55.14
N SER GB 50 -69.02 25.16 -54.38
CA SER GB 50 -68.76 25.31 -52.95
C SER GB 50 -70.07 25.50 -52.22
N GLU GB 51 -70.02 25.33 -50.90
CA GLU GB 51 -71.20 25.49 -50.07
C GLU GB 51 -71.71 26.93 -50.09
N LEU GB 52 -70.80 27.90 -50.18
CA LEU GB 52 -71.21 29.30 -50.14
C LEU GB 52 -72.05 29.69 -51.35
N ASP GB 53 -71.92 28.97 -52.46
CA ASP GB 53 -72.75 29.26 -53.63
C ASP GB 53 -74.21 28.91 -53.40
N LEU GB 54 -74.51 28.12 -52.37
CA LEU GB 54 -75.89 27.81 -52.04
C LEU GB 54 -76.57 29.06 -51.49
N VAL GB 55 -77.85 28.90 -51.11
CA VAL GB 55 -78.64 30.02 -50.61
C VAL GB 55 -78.87 31.02 -51.73
N GLU GB 56 -77.78 31.63 -52.21
CA GLU GB 56 -77.91 32.58 -53.31
C GLU GB 56 -78.48 31.91 -54.55
N ARG GB 57 -78.01 30.71 -54.87
CA ARG GB 57 -78.43 30.02 -56.08
C ARG GB 57 -79.64 29.11 -55.88
N PHE GB 58 -80.06 28.89 -54.63
CA PHE GB 58 -81.19 28.00 -54.37
C PHE GB 58 -82.13 28.50 -53.28
N GLY GB 59 -81.91 29.70 -52.74
CA GLY GB 59 -82.81 30.26 -51.75
C GLY GB 59 -82.54 29.72 -50.35
N GLN GB 60 -83.21 30.32 -49.38
CA GLN GB 60 -83.02 29.96 -47.99
C GLN GB 60 -83.91 28.78 -47.60
N GLY GB 61 -83.34 27.85 -46.84
CA GLY GB 61 -84.12 26.79 -46.23
C GLY GB 61 -84.79 25.85 -47.20
N SER GB 62 -84.37 25.85 -48.47
CA SER GB 62 -84.92 24.91 -49.42
C SER GB 62 -84.40 23.50 -49.15
N VAL GB 63 -85.18 22.51 -49.58
CA VAL GB 63 -84.76 21.12 -49.41
C VAL GB 63 -83.44 20.87 -50.13
N LEU GB 64 -83.30 21.43 -51.33
CA LEU GB 64 -82.10 21.21 -52.13
C LEU GB 64 -80.86 21.74 -51.40
N THR GB 65 -80.98 22.90 -50.77
CA THR GB 65 -79.83 23.46 -50.07
C THR GB 65 -79.35 22.55 -48.95
N GLU GB 66 -80.29 22.03 -48.14
CA GLU GB 66 -79.90 21.15 -47.04
C GLU GB 66 -79.30 19.84 -47.57
N SER GB 67 -79.92 19.28 -48.61
CA SER GB 67 -79.37 18.05 -49.18
C SER GB 67 -77.95 18.27 -49.68
N LEU GB 68 -77.71 19.37 -50.39
CA LEU GB 68 -76.37 19.65 -50.90
C LEU GB 68 -75.40 19.93 -49.76
N ARG GB 69 -75.87 20.58 -48.69
CA ARG GB 69 -75.01 20.81 -47.54
C ARG GB 69 -74.52 19.49 -46.96
N LYS GB 70 -75.44 18.55 -46.75
CA LYS GB 70 -75.04 17.25 -46.21
C LYS GB 70 -74.11 16.52 -47.18
N VAL GB 71 -74.43 16.56 -48.47
CA VAL GB 71 -73.59 15.88 -49.46
C VAL GB 71 -72.17 16.42 -49.41
N PHE GB 72 -72.03 17.75 -49.35
CA PHE GB 72 -70.70 18.35 -49.27
C PHE GB 72 -70.02 17.97 -47.96
N CYS GB 73 -70.78 17.88 -46.87
CA CYS GB 73 -70.18 17.51 -45.60
C CYS GB 73 -69.62 16.09 -45.63
N MET GB 74 -70.26 15.19 -46.36
CA MET GB 74 -69.86 13.79 -46.38
C MET GB 74 -68.92 13.45 -47.53
N CYS GB 75 -68.57 14.40 -48.39
CA CYS GB 75 -67.79 14.15 -49.59
C CYS GB 75 -66.66 15.18 -49.74
N LYS GB 76 -65.88 15.34 -48.67
CA LYS GB 76 -64.83 16.35 -48.66
C LYS GB 76 -64.02 16.38 -49.95
N SER GB 77 -63.74 15.23 -50.55
CA SER GB 77 -62.96 15.20 -51.78
C SER GB 77 -63.23 13.91 -52.54
N GLY GB 78 -63.14 13.99 -53.85
CA GLY GB 78 -63.26 12.83 -54.71
C GLY GB 78 -64.60 12.63 -55.38
N VAL GB 79 -65.31 13.71 -55.72
CA VAL GB 79 -66.60 13.60 -56.39
C VAL GB 79 -66.94 14.94 -57.01
N SER GB 80 -67.79 14.92 -58.03
CA SER GB 80 -68.32 16.13 -58.66
C SER GB 80 -69.83 16.13 -58.51
N VAL GB 81 -70.36 17.23 -57.98
CA VAL GB 81 -71.78 17.32 -57.64
C VAL GB 81 -72.53 17.99 -58.79
N TYR GB 82 -73.83 17.68 -58.87
CA TYR GB 82 -74.73 18.31 -59.83
C TYR GB 82 -76.10 18.44 -59.18
N ALA GB 83 -76.86 19.43 -59.63
CA ALA GB 83 -78.16 19.74 -59.06
C ALA GB 83 -79.20 19.88 -60.15
N LEU GB 84 -80.43 19.47 -59.83
CA LEU GB 84 -81.57 19.54 -60.75
C LEU GB 84 -82.75 20.17 -60.00
N PRO GB 85 -82.77 21.50 -59.88
CA PRO GB 85 -83.83 22.13 -59.09
C PRO GB 85 -85.20 21.92 -59.71
N ARG GB 86 -86.21 21.85 -58.84
CA ARG GB 86 -87.60 21.75 -59.25
C ARG GB 86 -88.44 22.72 -58.44
N ALA GB 87 -89.56 23.16 -59.02
CA ALA GB 87 -90.40 24.16 -58.42
C ALA GB 87 -91.63 23.54 -57.78
N ASP GB 88 -92.28 24.32 -56.92
CA ASP GB 88 -93.49 23.87 -56.23
C ASP GB 88 -94.66 23.81 -57.20
N ALA GB 89 -95.68 23.06 -56.81
CA ALA GB 89 -96.91 23.01 -57.59
C ALA GB 89 -97.70 24.30 -57.43
N ALA GB 90 -98.61 24.53 -58.38
CA ALA GB 90 -99.37 25.77 -58.36
C ALA GB 90 -100.25 25.88 -57.12
N ALA GB 91 -100.90 24.79 -56.73
CA ALA GB 91 -101.86 24.79 -55.62
C ALA GB 91 -101.28 24.15 -54.37
N ALA GB 92 -100.00 24.37 -54.10
CA ALA GB 92 -99.37 23.77 -52.93
C ALA GB 92 -99.95 24.35 -51.64
N VAL GB 93 -99.99 23.52 -50.61
CA VAL GB 93 -100.43 23.92 -49.27
C VAL GB 93 -99.27 23.66 -48.32
N SER GB 94 -98.85 24.72 -47.62
CA SER GB 94 -97.71 24.63 -46.71
C SER GB 94 -98.17 24.12 -45.35
N ALA GB 95 -97.42 23.18 -44.80
CA ALA GB 95 -97.74 22.64 -43.48
C ALA GB 95 -97.55 23.71 -42.41
N VAL GB 96 -98.35 23.62 -41.36
CA VAL GB 96 -98.31 24.56 -40.24
C VAL GB 96 -98.15 23.79 -38.95
N TYR GB 97 -97.18 24.19 -38.13
CA TYR GB 97 -96.90 23.56 -36.86
C TYR GB 97 -96.98 24.60 -35.75
N THR GB 98 -97.46 24.19 -34.58
CA THR GB 98 -97.64 25.08 -33.45
C THR GB 98 -96.87 24.56 -32.24
N LEU GB 99 -96.19 25.47 -31.55
CA LEU GB 99 -95.46 25.15 -30.33
C LEU GB 99 -95.86 26.17 -29.27
N THR GB 100 -96.44 25.70 -28.17
CA THR GB 100 -97.00 26.57 -27.14
C THR GB 100 -96.17 26.47 -25.87
N VAL GB 101 -96.10 27.59 -25.15
CA VAL GB 101 -95.44 27.66 -23.85
C VAL GB 101 -96.50 27.98 -22.80
N THR GB 102 -96.42 27.32 -21.65
CA THR GB 102 -97.41 27.46 -20.60
C THR GB 102 -96.71 27.74 -19.27
N GLY GB 103 -97.50 28.25 -18.31
CA GLY GB 103 -96.98 28.54 -16.99
C GLY GB 103 -96.11 29.78 -16.97
N THR GB 104 -95.35 29.91 -15.89
CA THR GB 104 -94.45 31.03 -15.71
C THR GB 104 -93.19 30.55 -14.99
N ALA GB 105 -92.04 31.08 -15.38
CA ALA GB 105 -90.78 30.69 -14.79
C ALA GB 105 -90.68 31.26 -13.38
N LEU GB 106 -90.34 30.40 -12.41
CA LEU GB 106 -90.16 30.81 -11.03
C LEU GB 106 -88.76 30.53 -10.50
N THR GB 107 -87.99 29.67 -11.17
CA THR GB 107 -86.59 29.42 -10.83
C THR GB 107 -85.77 29.47 -12.11
N ASP GB 108 -84.67 30.22 -12.07
CA ASP GB 108 -83.83 30.35 -13.25
C ASP GB 108 -83.28 29.00 -13.67
N GLY GB 109 -83.19 28.79 -14.97
CA GLY GB 109 -82.70 27.53 -15.49
C GLY GB 109 -82.40 27.62 -16.97
N ARG GB 110 -82.19 26.45 -17.57
CA ARG GB 110 -81.87 26.34 -18.99
C ARG GB 110 -82.86 25.40 -19.67
N VAL GB 111 -83.24 25.75 -20.90
CA VAL GB 111 -84.09 24.91 -21.73
C VAL GB 111 -83.47 24.83 -23.12
N GLN GB 112 -83.32 23.61 -23.63
CA GLN GB 112 -82.70 23.38 -24.94
C GLN GB 112 -83.59 22.46 -25.74
N LEU GB 113 -83.81 22.81 -27.01
CA LEU GB 113 -84.70 22.07 -27.89
C LEU GB 113 -83.92 21.52 -29.07
N TYR GB 114 -84.36 20.37 -29.58
CA TYR GB 114 -83.78 19.73 -30.75
C TYR GB 114 -84.79 19.81 -31.88
N MET GB 115 -84.48 20.59 -32.90
CA MET GB 115 -85.40 20.87 -34.01
C MET GB 115 -84.90 20.15 -35.25
N GLY GB 116 -85.39 18.94 -35.47
CA GLY GB 116 -85.11 18.21 -36.69
C GLY GB 116 -83.71 17.63 -36.75
N GLU GB 117 -82.71 18.51 -36.83
CA GLU GB 117 -81.32 18.09 -36.96
C GLU GB 117 -80.46 18.93 -36.04
N ALA GB 118 -79.28 18.40 -35.71
CA ALA GB 118 -78.45 19.04 -34.68
C ALA GB 118 -78.08 20.46 -35.05
N GLU GB 119 -77.69 20.70 -36.30
CA GLU GB 119 -77.24 22.02 -36.69
C GLU GB 119 -78.31 23.08 -36.49
N TYR GB 120 -79.58 22.69 -36.48
CA TYR GB 120 -80.68 23.62 -36.29
C TYR GB 120 -81.16 23.68 -34.84
N SER GB 121 -80.63 22.83 -33.96
CA SER GB 121 -81.03 22.87 -32.57
C SER GB 121 -80.52 24.15 -31.91
N LEU GB 122 -81.19 24.53 -30.83
CA LEU GB 122 -80.89 25.78 -30.13
C LEU GB 122 -80.86 25.54 -28.64
N ASP GB 123 -80.10 26.38 -27.94
CA ASP GB 123 -80.02 26.37 -26.48
C ASP GB 123 -80.31 27.77 -25.97
N ILE GB 124 -81.43 27.92 -25.25
CA ILE GB 124 -81.86 29.20 -24.71
C ILE GB 124 -82.04 29.04 -23.20
N GLY GB 125 -81.41 29.92 -22.43
CA GLY GB 125 -81.50 29.87 -20.99
C GLY GB 125 -82.33 30.99 -20.41
N VAL GB 126 -83.48 30.65 -19.83
CA VAL GB 126 -84.31 31.65 -19.17
C VAL GB 126 -83.49 32.23 -18.01
N ASP GB 127 -83.15 33.51 -18.12
CA ASP GB 127 -82.21 34.11 -17.18
C ASP GB 127 -82.75 34.07 -15.76
N GLU GB 128 -84.03 34.42 -15.59
CA GLU GB 128 -84.62 34.55 -14.27
C GLU GB 128 -86.06 34.07 -14.32
N GLY GB 129 -86.58 33.69 -13.15
CA GLY GB 129 -87.99 33.43 -13.01
C GLY GB 129 -88.78 34.70 -13.21
N ASP GB 130 -90.09 34.65 -12.93
CA ASP GB 130 -90.96 35.81 -13.11
C ASP GB 130 -90.96 36.29 -14.56
N THR GB 131 -90.72 35.37 -15.50
CA THR GB 131 -90.75 35.66 -16.93
C THR GB 131 -91.88 34.86 -17.55
N PRO GB 132 -93.06 35.45 -17.76
CA PRO GB 132 -94.18 34.67 -18.29
C PRO GB 132 -93.95 34.23 -19.73
N THR GB 133 -94.94 33.53 -20.30
CA THR GB 133 -94.82 33.05 -21.66
C THR GB 133 -94.51 34.20 -22.62
N GLN GB 134 -95.11 35.36 -22.38
CA GLN GB 134 -94.86 36.52 -23.26
C GLN GB 134 -93.39 36.90 -23.25
N ILE GB 135 -92.81 37.06 -22.06
CA ILE GB 135 -91.38 37.35 -21.97
C ILE GB 135 -90.57 36.20 -22.53
N ALA GB 136 -91.13 34.99 -22.53
CA ALA GB 136 -90.54 33.86 -23.24
C ALA GB 136 -90.84 34.04 -24.72
N ALA GB 137 -90.64 32.99 -25.51
CA ALA GB 137 -90.71 33.06 -26.96
C ALA GB 137 -89.55 33.85 -27.55
N LYS GB 138 -88.50 34.06 -26.76
CA LYS GB 138 -87.24 34.55 -27.29
C LYS GB 138 -86.58 33.53 -28.22
N ILE GB 139 -87.08 32.29 -28.22
CA ILE GB 139 -86.59 31.28 -29.15
C ILE GB 139 -86.64 31.80 -30.58
N VAL GB 140 -87.70 32.55 -30.91
CA VAL GB 140 -87.84 33.07 -32.27
C VAL GB 140 -86.63 33.89 -32.66
N ALA GB 141 -85.95 34.49 -31.67
CA ALA GB 141 -84.72 35.22 -31.94
C ALA GB 141 -83.50 34.31 -32.02
N ALA GB 142 -83.63 33.03 -31.68
CA ALA GB 142 -82.53 32.09 -31.71
C ALA GB 142 -82.65 31.05 -32.83
N ILE GB 143 -83.80 30.92 -33.46
CA ILE GB 143 -83.96 29.95 -34.53
C ILE GB 143 -83.01 30.30 -35.66
N SER GB 144 -82.32 29.29 -36.17
CA SER GB 144 -81.33 29.53 -37.22
C SER GB 144 -82.03 30.08 -38.47
N PRO GB 145 -81.45 31.09 -39.13
CA PRO GB 145 -82.09 31.62 -40.33
C PRO GB 145 -82.28 30.59 -41.43
N ASP GB 146 -81.44 29.56 -41.47
CA ASP GB 146 -81.51 28.55 -42.51
C ASP GB 146 -82.50 27.44 -42.19
N PHE GB 147 -83.21 27.53 -41.08
CA PHE GB 147 -84.21 26.53 -40.75
C PHE GB 147 -85.28 26.51 -41.83
N PRO GB 148 -85.71 25.33 -42.30
CA PRO GB 148 -86.69 25.28 -43.40
C PRO GB 148 -88.07 25.82 -43.02
N TYR GB 149 -88.27 26.30 -41.79
CA TYR GB 149 -89.58 26.77 -41.35
C TYR GB 149 -89.48 28.20 -40.85
N GLU GB 150 -90.62 28.89 -40.84
CA GLU GB 150 -90.70 30.28 -40.44
C GLU GB 150 -91.13 30.39 -38.99
N ALA GB 151 -90.73 31.48 -38.34
CA ALA GB 151 -91.09 31.77 -36.96
C ALA GB 151 -92.04 32.96 -36.93
N THR GB 152 -93.17 32.81 -36.24
CA THR GB 152 -94.20 33.84 -36.19
C THR GB 152 -94.18 34.64 -34.90
N ALA GB 153 -93.90 34.01 -33.76
CA ALA GB 153 -93.82 34.70 -32.47
C ALA GB 153 -95.14 35.40 -32.13
N ALA GB 154 -96.17 34.57 -31.96
CA ALA GB 154 -97.47 35.06 -31.52
C ALA GB 154 -97.43 35.28 -30.01
N ALA GB 155 -98.60 35.52 -29.41
CA ALA GB 155 -98.68 35.84 -27.99
C ALA GB 155 -98.58 34.56 -27.17
N GLY GB 156 -97.36 34.18 -26.83
CA GLY GB 156 -97.10 33.03 -26.00
C GLY GB 156 -97.00 31.72 -26.76
N VAL GB 157 -97.28 31.71 -28.05
CA VAL GB 157 -97.21 30.52 -28.89
C VAL GB 157 -96.52 30.90 -30.19
N ILE GB 158 -95.68 30.00 -30.71
CA ILE GB 158 -94.94 30.22 -31.94
C ILE GB 158 -95.46 29.23 -32.99
N THR GB 159 -95.78 29.74 -34.17
CA THR GB 159 -96.27 28.94 -35.27
C THR GB 159 -95.16 28.73 -36.28
N LEU GB 160 -94.96 27.48 -36.69
CA LEU GB 160 -93.92 27.12 -37.65
C LEU GB 160 -94.58 26.65 -38.93
N THR GB 161 -94.22 27.27 -40.05
CA THR GB 161 -94.75 26.92 -41.36
C THR GB 161 -93.60 26.64 -42.31
N ALA GB 162 -93.75 25.59 -43.11
CA ALA GB 162 -92.70 25.19 -44.03
C ALA GB 162 -92.49 26.24 -45.12
N ARG GB 163 -91.24 26.39 -45.54
CA ARG GB 163 -90.92 27.30 -46.63
C ARG GB 163 -91.20 26.70 -48.01
N ASN GB 164 -91.43 25.40 -48.08
CA ASN GB 164 -91.76 24.73 -49.34
C ASN GB 164 -93.10 24.02 -49.17
N GLY GB 165 -94.02 24.29 -50.09
CA GLY GB 165 -95.35 23.70 -49.99
C GLY GB 165 -95.39 22.28 -50.51
N GLY GB 166 -96.23 21.48 -49.87
CA GLY GB 166 -96.44 20.09 -50.25
C GLY GB 166 -96.29 19.17 -49.07
N THR GB 167 -96.37 17.87 -49.36
CA THR GB 167 -96.23 16.85 -48.32
C THR GB 167 -94.81 16.72 -47.81
N ILE GB 168 -93.85 17.38 -48.45
CA ILE GB 168 -92.45 17.24 -48.03
C ILE GB 168 -92.28 17.72 -46.60
N GLY GB 169 -92.86 18.87 -46.26
CA GLY GB 169 -92.73 19.42 -44.93
C GLY GB 169 -93.77 18.91 -43.95
N ASN GB 170 -93.79 17.59 -43.73
CA ASN GB 170 -94.74 16.97 -42.82
C ASN GB 170 -94.07 16.06 -41.81
N HIS GB 171 -92.73 16.13 -41.69
CA HIS GB 171 -91.98 15.17 -40.88
C HIS GB 171 -91.13 15.85 -39.81
N LEU GB 172 -91.49 17.06 -39.41
CA LEU GB 172 -90.71 17.77 -38.40
C LEU GB 172 -90.95 17.18 -37.02
N SER GB 173 -89.97 17.34 -36.13
CA SER GB 173 -90.06 16.82 -34.77
C SER GB 173 -89.28 17.74 -33.84
N VAL GB 174 -89.89 18.05 -32.70
CA VAL GB 174 -89.26 18.87 -31.66
C VAL GB 174 -89.38 18.14 -30.34
N ILE GB 175 -88.30 18.13 -29.57
CA ILE GB 175 -88.23 17.36 -28.33
C ILE GB 175 -87.63 18.23 -27.24
N TYR GB 176 -88.19 18.12 -26.03
CA TYR GB 176 -87.65 18.77 -24.85
C TYR GB 176 -86.58 17.87 -24.26
N THR GB 177 -85.32 18.28 -24.36
CA THR GB 177 -84.19 17.42 -24.03
C THR GB 177 -83.71 17.59 -22.58
N ASN GB 178 -84.29 18.51 -21.81
CA ASN GB 178 -83.84 18.79 -20.46
C ASN GB 178 -84.71 18.16 -19.39
N LEU GB 179 -85.67 17.31 -19.77
CA LEU GB 179 -86.51 16.66 -18.77
C LEU GB 179 -85.68 15.77 -17.84
N GLY GB 180 -84.70 15.05 -18.40
CA GLY GB 180 -83.82 14.22 -17.61
C GLY GB 180 -82.77 15.00 -16.88
N SER GB 181 -83.17 15.67 -15.79
CA SER GB 181 -82.28 16.56 -15.08
C SER GB 181 -81.21 15.77 -14.32
N CYS GB 182 -80.02 15.68 -14.91
CA CYS GB 182 -78.87 15.10 -14.23
C CYS GB 182 -77.77 16.15 -14.07
N THR GB 183 -77.34 16.74 -15.18
CA THR GB 183 -76.28 17.74 -15.15
C THR GB 183 -76.77 19.11 -15.56
N SER GB 184 -77.78 19.18 -16.41
CA SER GB 184 -78.36 20.43 -16.88
C SER GB 184 -79.60 20.75 -16.07
N VAL GB 185 -79.68 21.98 -15.56
CA VAL GB 185 -80.79 22.41 -14.71
C VAL GB 185 -81.86 23.03 -15.60
N THR GB 186 -83.10 22.61 -15.39
CA THR GB 186 -84.23 23.12 -16.14
C THR GB 186 -85.06 24.05 -15.28
N PRO GB 187 -85.66 25.10 -15.85
CA PRO GB 187 -86.53 25.97 -15.06
C PRO GB 187 -87.76 25.22 -14.58
N GLU GB 188 -88.27 25.66 -13.44
CA GLU GB 188 -89.41 25.01 -12.80
C GLU GB 188 -90.70 25.71 -13.21
N GLY GB 189 -91.71 24.93 -13.56
CA GLY GB 189 -92.98 25.46 -13.97
C GLY GB 189 -93.08 25.83 -15.44
N VAL GB 190 -92.11 25.45 -16.26
CA VAL GB 190 -92.11 25.75 -17.69
C VAL GB 190 -92.30 24.43 -18.44
N THR GB 191 -93.27 24.42 -19.36
CA THR GB 191 -93.55 23.25 -20.17
C THR GB 191 -93.71 23.68 -21.63
N VAL GB 192 -93.44 22.75 -22.53
CA VAL GB 192 -93.52 22.98 -23.96
C VAL GB 192 -94.35 21.87 -24.60
N ALA GB 193 -95.28 22.26 -25.46
CA ALA GB 193 -96.14 21.31 -26.17
C ALA GB 193 -96.01 21.55 -27.67
N PHE GB 194 -95.91 20.47 -28.43
CA PHE GB 194 -95.71 20.54 -29.87
C PHE GB 194 -96.84 19.77 -30.56
N ALA GB 195 -97.42 20.38 -31.59
CA ALA GB 195 -98.53 19.76 -32.30
C ALA GB 195 -98.65 20.38 -33.68
N GLN GB 196 -99.34 19.67 -34.56
CA GLN GB 196 -99.58 20.09 -35.93
C GLN GB 196 -101.01 20.59 -36.08
N THR GB 197 -101.23 21.43 -37.09
CA THR GB 197 -102.56 21.99 -37.35
C THR GB 197 -103.03 21.77 -38.78
N THR GB 198 -102.13 21.84 -39.76
CA THR GB 198 -102.53 21.72 -41.16
C THR GB 198 -101.43 21.06 -41.98
N PRO GB 199 -101.70 19.96 -42.67
CA PRO GB 199 -100.68 19.33 -43.50
C PRO GB 199 -100.73 19.77 -44.96
N GLY GB 200 -99.60 19.57 -45.65
CA GLY GB 200 -99.55 19.80 -47.08
C GLY GB 200 -100.14 18.65 -47.86
N SER GB 201 -100.61 18.95 -49.08
CA SER GB 201 -101.37 17.96 -49.84
C SER GB 201 -101.06 17.89 -51.32
N VAL GB 202 -100.15 18.70 -51.85
CA VAL GB 202 -99.88 18.74 -53.29
C VAL GB 202 -98.38 18.60 -53.52
N ASN GB 203 -98.01 17.78 -54.51
CA ASN GB 203 -96.62 17.55 -54.87
C ASN GB 203 -96.45 17.62 -56.37
N PRO GB 204 -95.26 18.01 -56.85
CA PRO GB 204 -95.02 18.00 -58.30
C PRO GB 204 -94.80 16.59 -58.81
N GLU GB 205 -95.02 16.43 -60.12
CA GLU GB 205 -94.85 15.14 -60.80
C GLU GB 205 -94.11 15.35 -62.11
N PRO GB 206 -92.84 15.74 -62.05
CA PRO GB 206 -92.06 15.89 -63.29
C PRO GB 206 -91.90 14.56 -63.99
N ASN GB 207 -91.91 14.60 -65.33
CA ASN GB 207 -91.76 13.40 -66.15
C ASN GB 207 -90.90 13.72 -67.38
N ASP GB 208 -89.96 14.64 -67.24
CA ASP GB 208 -89.14 15.11 -68.35
C ASP GB 208 -87.68 14.70 -68.20
N TYR GB 209 -87.41 13.53 -67.63
CA TYR GB 209 -86.04 13.09 -67.46
C TYR GB 209 -85.36 12.84 -68.81
N ALA GB 210 -86.09 12.29 -69.77
CA ALA GB 210 -85.49 11.96 -71.05
C ALA GB 210 -84.94 13.19 -71.76
N SER GB 211 -85.39 14.39 -71.41
CA SER GB 211 -84.98 15.61 -72.07
C SER GB 211 -83.85 16.34 -71.34
N VAL GB 212 -83.88 16.34 -70.01
CA VAL GB 212 -82.90 17.13 -69.25
C VAL GB 212 -81.66 16.33 -68.86
N VAL GB 213 -81.73 15.00 -68.88
CA VAL GB 213 -80.58 14.16 -68.55
C VAL GB 213 -80.28 13.28 -69.75
N ASN GB 214 -80.52 13.80 -70.94
CA ASN GB 214 -80.38 13.01 -72.16
C ASN GB 214 -78.92 12.66 -72.40
N GLU GB 215 -78.63 11.35 -72.44
CA GLU GB 215 -77.31 10.85 -72.80
C GLU GB 215 -76.21 11.46 -71.93
N CYS GB 216 -76.38 11.34 -70.62
CA CYS GB 216 -75.34 11.69 -69.65
C CYS GB 216 -75.25 10.57 -68.62
N CYS GB 217 -74.04 10.08 -68.39
CA CYS GB 217 -73.80 8.92 -67.55
C CYS GB 217 -73.49 9.39 -66.13
N PHE GB 218 -74.51 9.44 -65.29
CA PHE GB 218 -74.33 9.74 -63.88
C PHE GB 218 -74.09 8.44 -63.10
N ALA GB 219 -73.63 8.59 -61.86
CA ALA GB 219 -73.33 7.44 -61.02
C ALA GB 219 -74.41 7.17 -59.97
N VAL GB 220 -74.85 8.22 -59.27
CA VAL GB 220 -75.83 8.07 -58.20
C VAL GB 220 -76.91 9.14 -58.38
N TYR GB 221 -78.16 8.75 -58.16
CA TYR GB 221 -79.30 9.65 -58.19
C TYR GB 221 -79.91 9.70 -56.80
N VAL GB 222 -80.11 10.91 -56.29
CA VAL GB 222 -80.70 11.14 -54.97
C VAL GB 222 -81.97 11.97 -55.16
N LEU GB 223 -83.07 11.51 -54.59
CA LEU GB 223 -84.36 12.18 -54.71
C LEU GB 223 -84.83 12.58 -53.32
N SER GB 224 -85.05 13.88 -53.13
CA SER GB 224 -85.49 14.42 -51.85
C SER GB 224 -87.00 14.64 -51.87
N SER GB 225 -87.73 13.52 -51.90
CA SER GB 225 -89.19 13.56 -51.88
C SER GB 225 -89.70 12.21 -51.41
N ASP GB 226 -91.01 12.15 -51.17
CA ASP GB 226 -91.67 10.92 -50.73
C ASP GB 226 -92.86 10.53 -51.60
N ASP GB 227 -93.20 11.33 -52.61
CA ASP GB 227 -94.32 11.00 -53.49
C ASP GB 227 -93.97 9.75 -54.29
N THR GB 228 -94.68 8.65 -54.01
CA THR GB 228 -94.36 7.38 -54.67
C THR GB 228 -94.44 7.51 -56.18
N ASP GB 229 -95.33 8.36 -56.70
CA ASP GB 229 -95.45 8.54 -58.14
C ASP GB 229 -94.27 9.26 -58.74
N TRP GB 230 -93.44 9.91 -57.94
CA TRP GB 230 -92.20 10.52 -58.40
C TRP GB 230 -91.05 9.52 -58.39
N GLN GB 231 -90.96 8.72 -57.32
CA GLN GB 231 -90.00 7.63 -57.29
C GLN GB 231 -90.26 6.64 -58.40
N GLU GB 232 -91.52 6.44 -58.78
CA GLU GB 232 -91.84 5.58 -59.91
C GLU GB 232 -91.20 6.09 -61.20
N ASN GB 233 -91.33 7.40 -61.44
CA ASN GB 233 -90.72 7.98 -62.65
C ASN GB 233 -89.20 7.87 -62.60
N LEU GB 234 -88.62 8.13 -61.43
CA LEU GB 234 -87.16 8.02 -61.33
C LEU GB 234 -86.71 6.59 -61.59
N ARG GB 235 -87.42 5.60 -61.04
CA ARG GB 235 -87.06 4.21 -61.27
C ARG GB 235 -87.20 3.85 -62.74
N ASP GB 236 -88.26 4.33 -63.39
CA ASP GB 236 -88.43 4.04 -64.81
C ASP GB 236 -87.29 4.65 -65.63
N TRP GB 237 -86.89 5.87 -65.29
CA TRP GB 237 -85.77 6.48 -66.01
C TRP GB 237 -84.50 5.69 -65.82
N ILE GB 238 -84.21 5.28 -64.59
CA ILE GB 238 -83.00 4.50 -64.34
C ILE GB 238 -83.06 3.17 -65.11
N ARG GB 239 -84.24 2.54 -65.12
CA ARG GB 239 -84.40 1.31 -65.87
C ARG GB 239 -84.10 1.52 -67.35
N SER GB 240 -84.58 2.62 -67.91
CA SER GB 240 -84.31 2.92 -69.31
C SER GB 240 -82.83 3.04 -69.60
N ALA GB 241 -82.02 3.38 -68.59
CA ALA GB 241 -80.59 3.54 -68.80
C ALA GB 241 -79.82 2.22 -68.73
N TRP GB 242 -80.44 1.16 -68.23
CA TRP GB 242 -79.85 -0.18 -68.24
C TRP GB 242 -80.43 -1.05 -69.36
N ASP GB 243 -81.25 -0.47 -70.23
CA ASP GB 243 -81.99 -1.26 -71.22
C ASP GB 243 -81.02 -1.89 -72.22
N CYS GB 244 -81.58 -2.73 -73.09
CA CYS GB 244 -80.80 -3.44 -74.10
C CYS GB 244 -81.02 -2.90 -75.50
N SER GB 245 -81.85 -1.87 -75.67
CA SER GB 245 -82.20 -1.34 -76.98
C SER GB 245 -81.30 -0.19 -77.42
N LYS GB 246 -80.31 0.18 -76.62
CA LYS GB 246 -79.40 1.26 -76.96
C LYS GB 246 -78.18 1.16 -76.07
N PRO GB 247 -77.09 1.86 -76.40
CA PRO GB 247 -75.90 1.83 -75.54
C PRO GB 247 -76.26 2.20 -74.11
N GLN GB 248 -75.81 1.36 -73.17
CA GLN GB 248 -76.20 1.52 -71.78
C GLN GB 248 -75.50 2.73 -71.15
N CYS GB 249 -76.11 3.24 -70.09
CA CYS GB 249 -75.52 4.29 -69.24
C CYS GB 249 -75.95 3.94 -67.82
N PHE GB 250 -75.11 3.17 -67.12
CA PHE GB 250 -75.51 2.59 -65.86
C PHE GB 250 -75.71 3.66 -64.79
N GLY GB 251 -76.19 3.23 -63.64
CA GLY GB 251 -76.46 4.14 -62.55
C GLY GB 251 -77.29 3.47 -61.48
N HIS GB 252 -77.45 4.18 -60.36
CA HIS GB 252 -78.22 3.69 -59.24
C HIS GB 252 -78.90 4.87 -58.56
N GLY GB 253 -80.01 4.60 -57.88
CA GLY GB 253 -80.78 5.64 -57.24
C GLY GB 253 -81.14 5.27 -55.82
N TYR GB 254 -81.22 6.31 -54.97
CA TYR GB 254 -81.51 6.16 -53.56
C TYR GB 254 -82.73 6.99 -53.19
N VAL GB 255 -83.67 6.37 -52.48
CA VAL GB 255 -84.88 7.01 -52.00
C VAL GB 255 -85.19 6.47 -50.61
N PHE GB 256 -86.27 6.97 -50.01
CA PHE GB 256 -86.66 6.57 -48.67
C PHE GB 256 -88.17 6.42 -48.59
N ASN GB 257 -88.61 5.66 -47.59
CA ASN GB 257 -90.02 5.47 -47.31
C ASN GB 257 -90.23 5.51 -45.80
N LYS GB 258 -91.29 6.20 -45.37
CA LYS GB 258 -91.56 6.40 -43.96
C LYS GB 258 -93.02 6.07 -43.65
N GLY GB 259 -93.25 5.46 -42.51
CA GLY GB 259 -94.57 5.08 -42.09
C GLY GB 259 -94.51 3.88 -41.17
N THR GB 260 -95.66 3.27 -40.94
CA THR GB 260 -95.73 2.06 -40.14
C THR GB 260 -95.24 0.87 -40.96
N LEU GB 261 -94.97 -0.24 -40.25
CA LEU GB 261 -94.48 -1.43 -40.93
C LEU GB 261 -95.45 -1.91 -42.00
N GLY GB 262 -96.76 -1.75 -41.75
CA GLY GB 262 -97.74 -2.14 -42.76
C GLY GB 262 -97.66 -1.28 -44.01
N GLN GB 263 -97.51 0.03 -43.84
CA GLN GB 263 -97.48 0.92 -44.99
C GLN GB 263 -96.17 0.83 -45.75
N VAL GB 264 -95.04 0.76 -45.04
CA VAL GB 264 -93.74 0.75 -45.70
C VAL GB 264 -93.62 -0.48 -46.60
N LEU GB 265 -94.00 -1.65 -46.08
CA LEU GB 265 -93.89 -2.88 -46.85
C LEU GB 265 -94.71 -2.83 -48.14
N ALA GB 266 -95.72 -1.97 -48.21
CA ALA GB 266 -96.56 -1.87 -49.39
C ALA GB 266 -95.90 -1.08 -50.52
N ASP GB 267 -94.76 -0.43 -50.27
CA ASP GB 267 -94.07 0.35 -51.29
C ASP GB 267 -92.98 -0.46 -51.99
N GLY GB 268 -92.83 -1.73 -51.67
CA GLY GB 268 -91.78 -2.54 -52.26
C GLY GB 268 -92.16 -3.09 -53.63
N ASP GB 269 -92.08 -2.24 -54.65
CA ASP GB 269 -92.47 -2.63 -56.00
C ASP GB 269 -91.34 -3.31 -56.76
N ASN GB 270 -90.65 -4.24 -56.10
CA ASN GB 270 -89.64 -5.07 -56.74
C ASN GB 270 -88.76 -4.27 -57.70
N SER GB 271 -88.08 -3.24 -57.20
CA SER GB 271 -87.21 -2.42 -58.01
C SER GB 271 -85.76 -2.86 -57.81
N ALA GB 272 -85.08 -3.16 -58.91
CA ALA GB 272 -83.68 -3.56 -58.87
C ALA GB 272 -82.72 -2.39 -58.95
N GLU GB 273 -83.23 -1.18 -59.15
CA GLU GB 273 -82.38 0.00 -59.29
C GLU GB 273 -82.46 0.94 -58.10
N LEU GB 274 -83.45 0.80 -57.22
CA LEU GB 274 -83.64 1.68 -56.09
C LEU GB 274 -83.18 1.01 -54.81
N SER GB 275 -82.58 1.80 -53.92
CA SER GB 275 -82.18 1.36 -52.59
C SER GB 275 -83.09 2.06 -51.60
N ARG GB 276 -84.22 1.45 -51.30
CA ARG GB 276 -85.24 2.07 -50.48
C ARG GB 276 -84.85 2.03 -49.01
N LEU GB 277 -84.77 3.19 -48.38
CA LEU GB 277 -84.45 3.30 -46.96
C LEU GB 277 -85.74 3.39 -46.17
N ALA GB 278 -85.91 2.48 -45.21
CA ALA GB 278 -87.12 2.42 -44.39
C ALA GB 278 -86.89 3.16 -43.08
N LEU GB 279 -87.87 3.98 -42.69
CA LEU GB 279 -87.80 4.75 -41.47
C LEU GB 279 -89.11 4.62 -40.70
N PRO GB 280 -89.07 4.73 -39.38
CA PRO GB 280 -90.30 4.62 -38.59
C PRO GB 280 -91.03 5.95 -38.46
N THR GB 281 -92.27 5.85 -37.98
CA THR GB 281 -93.11 7.04 -37.86
C THR GB 281 -92.58 8.02 -36.83
N THR GB 282 -91.72 7.59 -35.92
CA THR GB 282 -91.20 8.41 -34.84
C THR GB 282 -89.71 8.74 -35.05
N TYR GB 283 -89.31 8.94 -36.30
CA TYR GB 283 -87.92 9.26 -36.60
C TYR GB 283 -87.64 10.71 -36.21
N PRO GB 284 -86.65 10.99 -35.38
CA PRO GB 284 -86.42 12.37 -34.93
C PRO GB 284 -85.60 13.23 -35.89
N VAL GB 285 -85.39 12.79 -37.11
CA VAL GB 285 -84.61 13.55 -38.09
C VAL GB 285 -85.43 13.72 -39.36
N LEU GB 286 -85.22 14.84 -40.04
CA LEU GB 286 -85.91 15.07 -41.31
C LEU GB 286 -85.52 13.97 -42.28
N PRO GB 287 -86.47 13.25 -42.88
CA PRO GB 287 -86.10 12.07 -43.68
C PRO GB 287 -85.13 12.38 -44.80
N TYR GB 288 -85.30 13.51 -45.51
CA TYR GB 288 -84.48 13.77 -46.69
C TYR GB 288 -83.04 14.12 -46.35
N LEU GB 289 -82.73 14.41 -45.09
CA LEU GB 289 -81.35 14.65 -44.71
C LEU GB 289 -80.56 13.35 -44.66
N THR GB 290 -81.14 12.30 -44.07
CA THR GB 290 -80.43 11.03 -43.95
C THR GB 290 -80.24 10.36 -45.32
N ASN GB 291 -81.27 10.42 -46.16
CA ASN GB 291 -81.17 9.79 -47.47
C ASN GB 291 -80.05 10.42 -48.30
N ALA GB 292 -79.96 11.75 -48.30
CA ALA GB 292 -78.91 12.42 -49.04
C ALA GB 292 -77.54 12.05 -48.50
N ALA GB 293 -77.39 11.99 -47.17
CA ALA GB 293 -76.11 11.64 -46.59
C ALA GB 293 -75.70 10.22 -46.98
N TYR GB 294 -76.64 9.28 -46.91
CA TYR GB 294 -76.32 7.90 -47.27
C TYR GB 294 -75.95 7.81 -48.74
N GLY GB 295 -76.70 8.48 -49.61
CA GLY GB 295 -76.36 8.46 -51.02
C GLY GB 295 -75.00 9.05 -51.30
N ALA GB 296 -74.68 10.17 -50.66
CA ALA GB 296 -73.37 10.79 -50.84
C ALA GB 296 -72.27 9.86 -50.37
N LEU GB 297 -72.46 9.21 -49.22
CA LEU GB 297 -71.45 8.29 -48.73
C LEU GB 297 -71.23 7.14 -49.70
N SER GB 298 -72.32 6.56 -50.20
CA SER GB 298 -72.20 5.44 -51.13
C SER GB 298 -71.61 5.86 -52.46
N ALA GB 299 -71.55 7.16 -52.74
CA ALA GB 299 -70.99 7.65 -53.99
C ALA GB 299 -69.49 7.34 -54.02
N CYS GB 300 -68.81 7.75 -55.10
CA CYS GB 300 -67.40 7.42 -55.26
C CYS GB 300 -66.55 7.89 -54.10
N SER GB 301 -67.10 8.69 -53.18
CA SER GB 301 -66.37 9.04 -51.97
C SER GB 301 -65.98 7.79 -51.18
N THR GB 302 -66.71 6.70 -51.37
CA THR GB 302 -66.34 5.40 -50.81
C THR GB 302 -66.30 4.30 -51.86
N CYS GB 303 -67.20 4.32 -52.83
CA CYS GB 303 -67.29 3.25 -53.83
C CYS GB 303 -66.56 3.63 -55.11
N GLU GB 304 -65.27 3.95 -54.96
CA GLU GB 304 -64.41 4.03 -56.14
C GLU GB 304 -64.03 2.63 -56.61
N ASN GB 305 -63.84 1.71 -55.67
CA ASN GB 305 -63.66 0.30 -55.98
C ASN GB 305 -64.99 -0.41 -55.78
N PRO GB 306 -65.61 -0.96 -56.82
CA PRO GB 306 -67.00 -1.42 -56.68
C PRO GB 306 -67.19 -2.51 -55.64
N GLU GB 307 -66.21 -3.38 -55.42
CA GLU GB 307 -66.43 -4.54 -54.57
C GLU GB 307 -66.78 -4.16 -53.14
N LEU GB 308 -66.41 -2.97 -52.69
CA LEU GB 308 -66.62 -2.59 -51.30
C LEU GB 308 -68.11 -2.45 -51.00
N ASN GB 309 -68.51 -2.97 -49.86
CA ASN GB 309 -69.86 -2.79 -49.34
C ASN GB 309 -69.90 -1.60 -48.38
N VAL GB 310 -71.11 -1.08 -48.16
CA VAL GB 310 -71.31 -0.01 -47.20
C VAL GB 310 -72.13 -0.54 -46.04
N GLN GB 311 -71.47 -1.04 -45.01
CA GLN GB 311 -72.14 -1.65 -43.87
C GLN GB 311 -71.29 -1.39 -42.63
N GLY GB 312 -71.61 -2.10 -41.55
CA GLY GB 312 -70.80 -2.08 -40.35
C GLY GB 312 -70.72 -0.71 -39.70
N GLN GB 313 -70.04 -0.64 -38.56
CA GLN GB 313 -69.87 0.61 -37.83
C GLN GB 313 -68.69 1.42 -38.34
N THR GB 314 -67.90 0.89 -39.27
CA THR GB 314 -66.72 1.58 -39.80
C THR GB 314 -66.97 2.15 -41.20
N TYR GB 315 -67.39 1.31 -42.14
CA TYR GB 315 -67.62 1.75 -43.51
C TYR GB 315 -69.04 2.26 -43.73
N GLY GB 316 -69.93 2.12 -42.75
CA GLY GB 316 -71.30 2.57 -42.90
C GLY GB 316 -71.62 3.82 -42.11
N LEU GB 317 -70.86 4.05 -41.04
CA LEU GB 317 -71.09 5.22 -40.20
C LEU GB 317 -71.05 6.49 -41.03
N LEU GB 318 -72.18 7.18 -41.09
CA LEU GB 318 -72.30 8.40 -41.88
C LEU GB 318 -71.97 9.61 -41.01
N SER GB 319 -72.27 10.81 -41.52
CA SER GB 319 -71.92 12.05 -40.84
C SER GB 319 -72.15 11.97 -39.35
N CYS GB 320 -71.13 12.34 -38.59
CA CYS GB 320 -71.18 12.25 -37.12
C CYS GB 320 -71.79 13.52 -36.52
N ILE GB 321 -73.04 13.79 -36.93
CA ILE GB 321 -73.84 14.88 -36.37
C ILE GB 321 -75.02 14.26 -35.65
N ASN GB 322 -75.21 14.66 -34.40
CA ASN GB 322 -75.97 13.86 -33.47
C ASN GB 322 -77.48 13.91 -33.75
N MET GB 323 -78.17 12.94 -33.19
CA MET GB 323 -79.61 12.95 -32.98
C MET GB 323 -79.86 12.47 -31.56
N PRO GB 324 -81.01 12.80 -30.98
CA PRO GB 324 -81.24 12.44 -29.57
C PRO GB 324 -81.03 10.94 -29.34
N GLU GB 325 -80.39 10.62 -28.22
CA GLU GB 325 -80.06 9.25 -27.87
C GLU GB 325 -81.07 8.75 -26.85
N SER GB 326 -81.76 7.67 -27.17
CA SER GB 326 -82.84 7.16 -26.33
C SER GB 326 -82.76 5.64 -26.27
N CYS GB 327 -83.30 5.09 -25.19
CA CYS GB 327 -83.38 3.63 -25.01
C CYS GB 327 -84.65 3.07 -25.63
N THR GB 328 -84.86 3.40 -26.91
CA THR GB 328 -86.00 2.91 -27.67
C THR GB 328 -85.56 2.65 -29.10
N PRO GB 329 -85.48 1.40 -29.54
CA PRO GB 329 -84.87 1.13 -30.85
C PRO GB 329 -85.58 1.81 -32.01
N GLY GB 330 -86.88 2.01 -31.91
CA GLY GB 330 -87.65 2.51 -33.05
C GLY GB 330 -88.20 1.39 -33.90
N TRP GB 331 -87.32 0.48 -34.32
CA TRP GB 331 -87.71 -0.74 -35.00
C TRP GB 331 -87.48 -1.92 -34.06
N GLU GB 332 -88.55 -2.67 -33.78
CA GLU GB 332 -88.39 -3.90 -33.02
C GLU GB 332 -87.64 -4.93 -33.84
N PHE GB 333 -86.92 -5.81 -33.15
CA PHE GB 333 -86.02 -6.73 -33.84
C PHE GB 333 -86.77 -7.58 -34.86
N THR GB 334 -87.98 -8.02 -34.52
CA THR GB 334 -88.79 -8.76 -35.48
C THR GB 334 -89.09 -7.90 -36.71
N GLU GB 335 -89.44 -6.63 -36.49
CA GLU GB 335 -89.68 -5.73 -37.60
C GLU GB 335 -88.41 -5.53 -38.42
N VAL GB 336 -87.25 -5.43 -37.74
CA VAL GB 336 -85.99 -5.28 -38.47
C VAL GB 336 -85.75 -6.49 -39.35
N THR GB 337 -85.96 -7.70 -38.82
CA THR GB 337 -85.75 -8.89 -39.62
C THR GB 337 -86.70 -8.94 -40.80
N GLN GB 338 -87.98 -8.61 -40.59
CA GLN GB 338 -88.94 -8.63 -41.68
C GLN GB 338 -88.56 -7.63 -42.76
N LEU GB 339 -88.14 -6.42 -42.36
CA LEU GB 339 -87.73 -5.43 -43.34
C LEU GB 339 -86.50 -5.90 -44.11
N GLN GB 340 -85.52 -6.47 -43.40
CA GLN GB 340 -84.30 -6.92 -44.07
C GLN GB 340 -84.59 -8.01 -45.07
N ASN GB 341 -85.48 -8.96 -44.72
CA ASN GB 341 -85.81 -10.04 -45.63
C ASN GB 341 -86.59 -9.57 -46.86
N ASN GB 342 -87.08 -8.34 -46.86
CA ASN GB 342 -87.89 -7.81 -47.95
C ASN GB 342 -87.18 -6.67 -48.69
N GLY GB 343 -85.86 -6.72 -48.75
CA GLY GB 343 -85.11 -5.76 -49.54
C GLY GB 343 -85.27 -4.32 -49.13
N PHE GB 344 -85.15 -4.04 -47.83
CA PHE GB 344 -85.20 -2.69 -47.30
C PHE GB 344 -83.96 -2.42 -46.47
N VAL GB 345 -83.49 -1.18 -46.53
CA VAL GB 345 -82.31 -0.75 -45.78
C VAL GB 345 -82.75 -0.28 -44.40
N VAL GB 346 -81.98 -0.64 -43.38
CA VAL GB 346 -82.30 -0.31 -42.00
C VAL GB 346 -81.05 0.29 -41.35
N SER GB 347 -81.27 1.29 -40.49
CA SER GB 347 -80.18 1.98 -39.80
C SER GB 347 -80.50 2.07 -38.31
N GLY GB 348 -79.44 2.12 -37.50
CA GLY GB 348 -79.58 2.23 -36.07
C GLY GB 348 -78.47 3.05 -35.45
N PRO GB 349 -78.73 3.64 -34.29
CA PRO GB 349 -77.72 4.50 -33.66
C PRO GB 349 -76.51 3.70 -33.21
N ALA GB 350 -75.36 4.37 -33.20
CA ALA GB 350 -74.12 3.71 -32.80
C ALA GB 350 -74.15 3.31 -31.34
N THR GB 351 -74.68 4.18 -30.46
CA THR GB 351 -74.70 3.94 -29.03
C THR GB 351 -76.08 4.23 -28.49
N THR GB 352 -76.41 3.58 -27.37
CA THR GB 352 -77.72 3.72 -26.73
C THR GB 352 -77.54 4.00 -25.25
N SER GB 353 -78.24 5.02 -24.75
CA SER GB 353 -78.24 5.36 -23.34
C SER GB 353 -79.27 6.45 -23.11
N GLY GB 354 -79.64 6.62 -21.84
CA GLY GB 354 -80.64 7.60 -21.47
C GLY GB 354 -80.15 9.03 -21.37
N GLN GB 355 -78.85 9.25 -21.51
CA GLN GB 355 -78.31 10.61 -21.40
C GLN GB 355 -78.86 11.52 -22.49
N GLY GB 356 -79.06 10.99 -23.69
CA GLY GB 356 -79.64 11.76 -24.78
C GLY GB 356 -78.73 12.84 -25.33
N ASN GB 357 -77.64 12.43 -25.97
CA ASN GB 357 -76.74 13.40 -26.59
C ASN GB 357 -75.70 12.67 -27.44
N PHE GB 358 -75.38 13.26 -28.59
CA PHE GB 358 -74.16 12.92 -29.34
C PHE GB 358 -74.15 11.46 -29.79
N THR GB 359 -75.10 11.10 -30.64
CA THR GB 359 -75.10 9.80 -31.32
C THR GB 359 -75.52 9.97 -32.76
N SER GB 360 -74.87 9.22 -33.65
CA SER GB 360 -75.16 9.26 -35.07
C SER GB 360 -75.45 7.86 -35.58
N PRO GB 361 -76.26 7.72 -36.63
CA PRO GB 361 -76.66 6.38 -37.09
C PRO GB 361 -75.68 5.76 -38.07
N TYR GB 362 -75.94 4.51 -38.43
CA TYR GB 362 -75.13 3.80 -39.42
C TYR GB 362 -75.98 2.71 -40.06
N ILE GB 363 -75.55 2.25 -41.22
CA ILE GB 363 -76.34 1.34 -42.03
C ILE GB 363 -76.11 -0.09 -41.54
N TYR GB 364 -77.21 -0.82 -41.33
CA TYR GB 364 -77.12 -2.23 -40.95
C TYR GB 364 -76.71 -3.09 -42.14
N ASN GB 365 -77.42 -2.96 -43.26
CA ASN GB 365 -77.13 -3.72 -44.46
C ASN GB 365 -77.30 -2.82 -45.68
N ASP GB 366 -76.51 -3.10 -46.71
CA ASP GB 366 -76.55 -2.37 -47.98
C ASP GB 366 -77.18 -3.30 -49.01
N VAL GB 367 -78.48 -3.13 -49.25
CA VAL GB 367 -79.26 -4.05 -50.07
C VAL GB 367 -80.18 -3.25 -50.98
N THR GB 368 -80.27 -3.68 -52.24
CA THR GB 368 -81.24 -3.11 -53.16
C THR GB 368 -82.60 -3.76 -52.94
N ASN GB 369 -83.62 -3.22 -53.61
CA ASN GB 369 -84.99 -3.71 -53.48
C ASN GB 369 -85.30 -4.80 -54.50
N TYR GB 370 -84.29 -5.54 -54.95
CA TYR GB 370 -84.49 -6.59 -55.94
C TYR GB 370 -85.08 -7.84 -55.30
N LEU GB 371 -86.09 -8.39 -55.95
CA LEU GB 371 -86.70 -9.64 -55.52
C LEU GB 371 -87.28 -10.35 -56.74
N ARG GB 372 -87.55 -11.63 -56.57
CA ARG GB 372 -88.09 -12.44 -57.66
C ARG GB 372 -87.14 -12.31 -58.86
N ASP GB 373 -87.67 -12.33 -60.07
CA ASP GB 373 -86.85 -12.36 -61.27
C ASP GB 373 -87.68 -11.84 -62.43
N GLU GB 374 -87.12 -11.91 -63.65
CA GLU GB 374 -87.90 -11.63 -64.84
C GLU GB 374 -89.14 -12.50 -64.90
N LYS GB 375 -89.05 -13.71 -64.34
CA LYS GB 375 -90.21 -14.55 -64.07
C LYS GB 375 -90.39 -14.66 -62.56
N ASN GB 376 -91.51 -15.25 -62.15
CA ASN GB 376 -91.83 -15.37 -60.73
C ASN GB 376 -91.06 -16.53 -60.09
N ARG GB 377 -89.74 -16.43 -60.15
CA ARG GB 377 -88.83 -17.42 -59.57
C ARG GB 377 -87.85 -16.70 -58.66
N PRO GB 378 -87.96 -16.85 -57.33
CA PRO GB 378 -87.12 -16.07 -56.44
C PRO GB 378 -85.64 -16.43 -56.55
N ASN GB 379 -84.80 -15.44 -56.26
CA ASN GB 379 -83.36 -15.61 -56.19
C ASN GB 379 -82.77 -14.38 -55.51
N ALA GB 380 -81.45 -14.32 -55.43
CA ALA GB 380 -80.75 -13.23 -54.77
C ALA GB 380 -79.54 -12.78 -55.59
N THR GB 381 -79.68 -12.78 -56.91
CA THR GB 381 -78.56 -12.39 -57.76
C THR GB 381 -78.17 -10.94 -57.53
N PHE GB 382 -79.16 -10.04 -57.42
CA PHE GB 382 -78.91 -8.62 -57.27
C PHE GB 382 -79.25 -8.11 -55.87
N ARG GB 383 -79.28 -8.99 -54.88
CA ARG GB 383 -79.62 -8.57 -53.52
C ARG GB 383 -78.62 -7.51 -53.03
N ASP GB 384 -77.33 -7.83 -53.12
CA ASP GB 384 -76.31 -6.88 -52.65
C ASP GB 384 -76.18 -5.72 -53.62
N ALA GB 385 -75.99 -4.52 -53.07
CA ALA GB 385 -75.82 -3.34 -53.90
C ALA GB 385 -74.56 -3.44 -54.75
N SER GB 386 -73.49 -4.02 -54.18
CA SER GB 386 -72.24 -4.15 -54.92
C SER GB 386 -72.41 -4.95 -56.20
N SER GB 387 -73.43 -5.79 -56.30
CA SER GB 387 -73.61 -6.61 -57.48
C SER GB 387 -73.83 -5.76 -58.72
N ARG GB 388 -74.66 -4.72 -58.60
CA ARG GB 388 -74.92 -3.86 -59.75
C ARG GB 388 -73.64 -3.18 -60.22
N ARG GB 389 -72.86 -2.66 -59.28
CA ARG GB 389 -71.58 -2.04 -59.65
C ARG GB 389 -70.66 -3.06 -60.31
N LEU GB 390 -70.59 -4.26 -59.75
CA LEU GB 390 -69.77 -5.31 -60.35
C LEU GB 390 -70.27 -5.66 -61.75
N ALA GB 391 -71.59 -5.71 -61.92
CA ALA GB 391 -72.14 -6.02 -63.25
C ALA GB 391 -71.73 -4.95 -64.26
N ALA GB 392 -71.86 -3.68 -63.90
CA ALA GB 392 -71.48 -2.61 -64.81
C ALA GB 392 -70.00 -2.66 -65.14
N ALA GB 393 -69.16 -2.86 -64.12
CA ALA GB 393 -67.73 -2.92 -64.36
C ALA GB 393 -67.37 -4.10 -65.26
N THR GB 394 -67.98 -5.26 -65.01
CA THR GB 394 -67.72 -6.42 -65.86
C THR GB 394 -68.14 -6.17 -67.29
N GLY GB 395 -69.31 -5.58 -67.49
CA GLY GB 395 -69.75 -5.28 -68.85
C GLY GB 395 -68.79 -4.36 -69.57
N VAL GB 396 -68.37 -3.28 -68.90
CA VAL GB 396 -67.47 -2.32 -69.52
C VAL GB 396 -66.13 -2.98 -69.84
N ALA GB 397 -65.58 -3.73 -68.89
CA ALA GB 397 -64.29 -4.36 -69.10
C ALA GB 397 -64.35 -5.36 -70.25
N LEU GB 398 -65.41 -6.18 -70.30
CA LEU GB 398 -65.55 -7.13 -71.39
C LEU GB 398 -65.68 -6.41 -72.73
N ALA GB 399 -66.43 -5.31 -72.76
CA ALA GB 399 -66.57 -4.56 -74.01
C ALA GB 399 -65.23 -4.03 -74.47
N THR GB 400 -64.42 -3.50 -73.54
CA THR GB 400 -63.10 -2.99 -73.92
C THR GB 400 -62.22 -4.09 -74.48
N PHE GB 401 -62.23 -5.26 -73.84
CA PHE GB 401 -61.36 -6.36 -74.29
C PHE GB 401 -61.72 -6.82 -75.69
N LEU GB 402 -63.03 -6.92 -75.99
CA LEU GB 402 -63.46 -7.45 -77.28
C LEU GB 402 -63.18 -6.50 -78.43
N GLN GB 403 -62.77 -5.26 -78.15
CA GLN GB 403 -62.51 -4.30 -79.22
C GLN GB 403 -61.40 -4.76 -80.15
N GLN GB 404 -60.54 -5.67 -79.71
CA GLN GB 404 -59.40 -6.08 -80.53
C GLN GB 404 -59.82 -6.88 -81.75
N PHE GB 405 -61.04 -7.40 -81.77
CA PHE GB 405 -61.55 -8.17 -82.91
C PHE GB 405 -62.22 -7.30 -83.96
N ASN GB 406 -62.19 -5.98 -83.79
CA ASN GB 406 -62.85 -5.08 -84.74
C ASN GB 406 -62.02 -5.00 -86.02
N GLY GB 407 -62.66 -5.27 -87.16
CA GLY GB 407 -61.98 -5.21 -88.43
C GLY GB 407 -60.89 -6.24 -88.59
N LEU GB 408 -61.13 -7.47 -88.15
CA LEU GB 408 -60.16 -8.56 -88.27
C LEU GB 408 -60.69 -9.60 -89.24
N ALA GB 409 -59.83 -10.04 -90.16
CA ALA GB 409 -60.24 -11.04 -91.13
C ALA GB 409 -60.68 -12.30 -90.42
N VAL GB 410 -61.79 -12.87 -90.88
CA VAL GB 410 -62.40 -14.03 -90.25
C VAL GB 410 -62.70 -15.08 -91.32
N PHE GB 411 -62.67 -16.34 -90.92
CA PHE GB 411 -62.97 -17.46 -91.80
C PHE GB 411 -63.99 -18.36 -91.11
N THR GB 412 -65.05 -18.71 -91.83
CA THR GB 412 -66.16 -19.45 -91.24
C THR GB 412 -66.62 -20.63 -92.07
N LYS GB 413 -66.07 -20.86 -93.26
CA LYS GB 413 -66.41 -22.02 -94.07
C LYS GB 413 -65.25 -22.98 -94.21
N ASN GB 414 -64.08 -22.49 -94.62
CA ASN GB 414 -62.84 -23.25 -94.59
C ASN GB 414 -61.96 -22.61 -93.54
N THR GB 415 -61.71 -23.33 -92.45
CA THR GB 415 -61.08 -22.77 -91.26
C THR GB 415 -59.56 -22.70 -91.35
N ASN GB 416 -58.97 -23.21 -92.42
CA ASN GB 416 -57.52 -23.15 -92.58
C ASN GB 416 -57.13 -21.76 -93.06
N ILE GB 417 -56.25 -21.10 -92.30
CA ILE GB 417 -55.78 -19.76 -92.64
C ILE GB 417 -54.48 -19.90 -93.42
N LYS GB 418 -54.43 -19.30 -94.60
CA LYS GB 418 -53.22 -19.34 -95.41
C LYS GB 418 -52.05 -18.73 -94.64
N THR GB 419 -50.84 -19.13 -95.04
CA THR GB 419 -49.65 -18.61 -94.40
C THR GB 419 -49.52 -17.11 -94.65
N GLY GB 420 -49.19 -16.36 -93.59
CA GLY GB 420 -48.99 -14.94 -93.68
C GLY GB 420 -50.23 -14.09 -93.52
N ILE GB 421 -51.41 -14.71 -93.45
CA ILE GB 421 -52.65 -13.96 -93.29
C ILE GB 421 -52.82 -13.55 -91.84
N ILE GB 422 -53.51 -12.44 -91.62
CA ILE GB 422 -53.85 -11.96 -90.28
C ILE GB 422 -55.35 -12.17 -90.10
N GLY GB 423 -55.72 -13.07 -89.21
CA GLY GB 423 -57.12 -13.37 -89.02
C GLY GB 423 -57.33 -14.29 -87.84
N THR GB 424 -58.49 -14.93 -87.82
CA THR GB 424 -58.89 -15.82 -86.73
C THR GB 424 -60.17 -16.53 -87.15
N ASN GB 425 -60.64 -17.43 -86.28
CA ASN GB 425 -61.87 -18.17 -86.52
C ASN GB 425 -62.62 -18.29 -85.20
N LEU GB 426 -63.67 -19.10 -85.19
CA LEU GB 426 -64.52 -19.21 -84.00
C LEU GB 426 -63.75 -19.79 -82.82
N ARG GB 427 -63.07 -20.92 -83.04
CA ARG GB 427 -62.46 -21.63 -81.93
C ARG GB 427 -61.37 -20.80 -81.26
N LEU GB 428 -60.56 -20.10 -82.06
CA LEU GB 428 -59.48 -19.31 -81.49
C LEU GB 428 -60.04 -18.13 -80.68
N MET GB 429 -61.09 -17.48 -81.19
CA MET GB 429 -61.72 -16.42 -80.42
C MET GB 429 -62.30 -16.95 -79.12
N LEU GB 430 -62.94 -18.11 -79.16
CA LEU GB 430 -63.47 -18.70 -77.95
C LEU GB 430 -62.36 -19.00 -76.95
N GLY GB 431 -61.23 -19.52 -77.44
CA GLY GB 431 -60.11 -19.79 -76.56
C GLY GB 431 -59.56 -18.53 -75.91
N LYS GB 432 -59.44 -17.45 -76.69
CA LYS GB 432 -58.96 -16.20 -76.13
C LYS GB 432 -59.92 -15.67 -75.07
N ILE GB 433 -61.22 -15.74 -75.34
CA ILE GB 433 -62.21 -15.27 -74.36
C ILE GB 433 -62.14 -16.12 -73.10
N ARG GB 434 -61.98 -17.44 -73.26
CA ARG GB 434 -61.86 -18.31 -72.10
C ARG GB 434 -60.63 -17.96 -71.28
N LYS GB 435 -59.51 -17.69 -71.95
CA LYS GB 435 -58.30 -17.29 -71.23
C LYS GB 435 -58.53 -16.00 -70.46
N TRP GB 436 -59.18 -15.02 -71.09
CA TRP GB 436 -59.45 -13.77 -70.38
C TRP GB 436 -60.34 -14.02 -69.17
N ALA GB 437 -61.38 -14.84 -69.32
CA ALA GB 437 -62.28 -15.11 -68.20
C ALA GB 437 -61.54 -15.79 -67.06
N SER GB 438 -60.70 -16.77 -67.38
CA SER GB 438 -59.95 -17.47 -66.33
C SER GB 438 -58.96 -16.55 -65.65
N ASP GB 439 -58.37 -15.61 -66.40
CA ASP GB 439 -57.37 -14.72 -65.82
C ASP GB 439 -57.98 -13.83 -64.75
N ASN GB 440 -59.20 -13.35 -64.96
CA ASN GB 440 -59.82 -12.39 -64.07
C ASN GB 440 -60.37 -13.01 -62.79
N VAL GB 441 -60.34 -14.33 -62.65
CA VAL GB 441 -60.83 -14.97 -61.44
C VAL GB 441 -60.15 -14.36 -60.23
N GLY GB 442 -60.93 -14.09 -59.19
CA GLY GB 442 -60.42 -13.47 -57.99
C GLY GB 442 -60.41 -11.95 -58.01
N VAL GB 443 -60.77 -11.33 -59.13
CA VAL GB 443 -60.84 -9.88 -59.24
C VAL GB 443 -62.25 -9.40 -59.55
N LEU GB 444 -62.92 -10.08 -60.49
CA LEU GB 444 -64.30 -9.76 -60.83
C LEU GB 444 -65.23 -10.95 -60.78
N PHE GB 445 -64.70 -12.18 -60.69
CA PHE GB 445 -65.53 -13.38 -60.72
C PHE GB 445 -65.09 -14.33 -59.61
N SER GB 446 -66.02 -15.17 -59.20
CA SER GB 446 -65.71 -16.36 -58.42
C SER GB 446 -65.52 -17.53 -59.37
N GLU GB 447 -64.83 -18.57 -58.88
CA GLU GB 447 -64.48 -19.69 -59.75
C GLU GB 447 -65.71 -20.25 -60.43
N PHE GB 448 -65.62 -20.42 -61.74
CA PHE GB 448 -66.74 -20.93 -62.52
C PHE GB 448 -67.00 -22.39 -62.17
N ASP GB 449 -68.28 -22.72 -61.98
CA ASP GB 449 -68.64 -24.09 -61.64
C ASP GB 449 -68.23 -25.05 -62.76
N ASN GB 450 -68.52 -24.69 -64.00
CA ASN GB 450 -68.10 -25.48 -65.16
C ASN GB 450 -67.87 -24.50 -66.32
N ILE GB 451 -66.61 -24.09 -66.48
CA ILE GB 451 -66.29 -23.06 -67.47
C ILE GB 451 -66.57 -23.56 -68.87
N ASN GB 452 -66.48 -24.87 -69.09
CA ASN GB 452 -66.69 -25.41 -70.44
C ASN GB 452 -68.11 -25.20 -70.92
N GLU GB 453 -69.06 -24.94 -70.02
CA GLU GB 453 -70.45 -24.72 -70.39
C GLU GB 453 -70.93 -23.31 -70.09
N ASP GB 454 -70.27 -22.58 -69.20
CA ASP GB 454 -70.68 -21.23 -68.86
C ASP GB 454 -70.34 -20.21 -69.94
N ILE GB 455 -69.57 -20.59 -70.95
CA ILE GB 455 -69.18 -19.69 -72.03
C ILE GB 455 -69.41 -20.39 -73.36
N GLN GB 456 -70.01 -19.67 -74.31
CA GLN GB 456 -70.30 -20.22 -75.62
C GLN GB 456 -70.12 -19.12 -76.67
N LEU GB 457 -69.90 -19.53 -77.91
CA LEU GB 457 -69.74 -18.60 -79.01
C LEU GB 457 -70.28 -19.25 -80.27
N VAL GB 458 -71.16 -18.54 -80.98
CA VAL GB 458 -71.82 -19.07 -82.18
C VAL GB 458 -71.87 -17.97 -83.23
N SER GB 459 -71.61 -18.35 -84.48
CA SER GB 459 -71.69 -17.41 -85.59
C SER GB 459 -73.14 -17.15 -85.97
N ASP GB 460 -73.35 -16.04 -86.68
CA ASP GB 460 -74.70 -15.65 -87.07
C ASP GB 460 -75.33 -16.66 -88.02
N PHE GB 461 -74.54 -17.19 -88.95
CA PHE GB 461 -75.10 -18.10 -89.95
C PHE GB 461 -75.76 -19.31 -89.31
N ASP GB 462 -75.15 -19.85 -88.26
CA ASP GB 462 -75.67 -21.08 -87.66
C ASP GB 462 -77.08 -20.86 -87.10
N VAL GB 463 -77.29 -19.77 -86.37
CA VAL GB 463 -78.59 -19.54 -85.74
C VAL GB 463 -79.65 -19.23 -86.79
N GLN GB 464 -79.33 -18.38 -87.76
CA GLN GB 464 -80.30 -17.98 -88.77
C GLN GB 464 -80.47 -19.07 -89.83
N PRO GB 465 -81.59 -19.08 -90.53
CA PRO GB 465 -81.80 -20.05 -91.59
C PRO GB 465 -81.12 -19.62 -92.89
N LYS GB 466 -81.36 -20.40 -93.95
CA LYS GB 466 -80.68 -20.18 -95.21
C LYS GB 466 -81.00 -18.79 -95.75
N CYS GB 467 -79.97 -18.07 -96.16
CA CYS GB 467 -80.12 -16.76 -96.80
C CYS GB 467 -80.75 -15.73 -95.88
N VAL GB 468 -80.51 -15.85 -94.57
CA VAL GB 468 -80.99 -14.86 -93.62
C VAL GB 468 -79.89 -14.29 -92.74
N GLY GB 469 -78.77 -14.99 -92.54
CA GLY GB 469 -77.70 -14.47 -91.71
C GLY GB 469 -76.84 -13.45 -92.45
N GLN GB 470 -75.90 -12.88 -91.72
CA GLN GB 470 -74.99 -11.88 -92.25
C GLN GB 470 -73.55 -12.25 -91.91
N PRO GB 471 -72.59 -11.82 -92.72
CA PRO GB 471 -71.19 -12.14 -92.43
C PRO GB 471 -70.60 -11.21 -91.38
N GLY GB 472 -69.73 -11.77 -90.54
CA GLY GB 472 -69.04 -10.98 -89.54
C GLY GB 472 -69.88 -10.56 -88.36
N VAL GB 473 -70.89 -11.35 -88.00
CA VAL GB 473 -71.73 -11.08 -86.84
C VAL GB 473 -71.69 -12.32 -85.94
N PHE GB 474 -71.39 -12.11 -84.67
CA PHE GB 474 -71.20 -13.19 -83.72
C PHE GB 474 -72.11 -13.03 -82.51
N HIS GB 475 -72.52 -14.16 -81.94
CA HIS GB 475 -73.32 -14.20 -80.72
C HIS GB 475 -72.51 -14.86 -79.63
N LEU GB 476 -72.36 -14.18 -78.50
CA LEU GB 476 -71.56 -14.66 -77.38
C LEU GB 476 -72.44 -14.73 -76.13
N ASN GB 477 -72.45 -15.88 -75.48
CA ASN GB 477 -73.20 -16.09 -74.24
C ASN GB 477 -72.23 -16.36 -73.10
N MET GB 478 -72.59 -15.92 -71.91
CA MET GB 478 -71.71 -16.07 -70.76
C MET GB 478 -72.53 -16.08 -69.48
N ARG GB 479 -72.08 -16.89 -68.52
CA ARG GB 479 -72.60 -16.89 -67.17
C ARG GB 479 -71.43 -16.73 -66.20
N TYR GB 480 -71.64 -15.93 -65.15
CA TYR GB 480 -70.57 -15.64 -64.22
C TYR GB 480 -71.16 -15.44 -62.84
N ARG GB 481 -70.30 -15.55 -61.82
CA ARG GB 481 -70.70 -15.42 -60.43
C ARG GB 481 -69.78 -14.42 -59.74
N PRO GB 482 -70.31 -13.42 -59.05
CA PRO GB 482 -69.45 -12.43 -58.38
C PRO GB 482 -68.71 -13.06 -57.21
N PRO GB 483 -67.71 -12.38 -56.68
CA PRO GB 483 -66.92 -12.97 -55.58
C PRO GB 483 -67.75 -13.14 -54.32
N VAL GB 484 -67.23 -13.98 -53.43
CA VAL GB 484 -67.88 -14.30 -52.16
C VAL GB 484 -67.06 -13.70 -51.03
N ARG GB 485 -67.75 -13.10 -50.06
CA ARG GB 485 -67.11 -12.48 -48.92
C ARG GB 485 -67.84 -12.87 -47.65
N GLY GB 486 -67.12 -12.87 -46.53
CA GLY GB 486 -67.74 -13.25 -45.27
C GLY GB 486 -68.95 -12.39 -44.96
N ALA GB 487 -69.99 -13.03 -44.45
CA ALA GB 487 -71.25 -12.34 -44.17
C ALA GB 487 -71.73 -12.50 -42.74
N ARG GB 488 -71.54 -13.67 -42.12
CA ARG GB 488 -72.02 -13.90 -40.77
C ARG GB 488 -71.39 -15.15 -40.20
N ILE GB 489 -71.19 -15.16 -38.89
CA ILE GB 489 -70.63 -16.29 -38.17
C ILE GB 489 -71.54 -16.61 -37.00
N ASN GB 490 -71.91 -17.89 -36.87
CA ASN GB 490 -72.76 -18.36 -35.78
C ASN GB 490 -71.86 -19.01 -34.73
N VAL GB 491 -71.95 -18.52 -33.50
CA VAL GB 491 -71.13 -18.99 -32.39
C VAL GB 491 -72.03 -19.69 -31.38
N ASN GB 492 -71.65 -20.90 -30.99
CA ASN GB 492 -72.36 -21.67 -29.97
C ASN GB 492 -71.39 -21.90 -28.82
N LEU GB 493 -71.43 -21.01 -27.82
CA LEU GB 493 -70.55 -21.10 -26.67
C LEU GB 493 -71.15 -22.05 -25.65
N VAL GB 494 -70.34 -23.01 -25.19
CA VAL GB 494 -70.83 -24.06 -24.30
C VAL GB 494 -69.89 -24.22 -23.11
N PRO GB 495 -70.05 -23.40 -22.06
CA PRO GB 495 -69.25 -23.63 -20.85
C PRO GB 495 -69.54 -24.99 -20.24
N ALA GB 496 -68.50 -25.62 -19.69
CA ALA GB 496 -68.63 -26.93 -19.09
C ALA GB 496 -67.70 -27.03 -17.89
N LEU GB 497 -68.24 -27.49 -16.76
CA LEU GB 497 -67.47 -27.66 -15.54
C LEU GB 497 -68.26 -28.44 -14.49
N PHE GB 498 -67.67 -29.51 -13.95
CA PHE GB 498 -68.21 -30.16 -12.75
C PHE GB 498 -67.23 -30.15 -11.60
N ASP GB 499 -66.01 -30.69 -11.79
CA ASP GB 499 -64.99 -30.75 -10.76
C ASP GB 499 -65.59 -31.14 -9.40
N ASN GB 500 -64.87 -30.86 -8.32
CA ASN GB 500 -65.37 -31.15 -6.98
C ASN GB 500 -66.70 -30.46 -6.73
N CYS HB 3 -61.48 -35.92 -90.07
CA CYS HB 3 -62.07 -36.87 -89.09
C CYS HB 3 -61.46 -36.66 -87.71
N ASN HB 4 -61.97 -37.42 -86.72
CA ASN HB 4 -61.52 -37.23 -85.35
C ASN HB 4 -60.11 -37.77 -85.13
N LYS HB 5 -59.82 -38.96 -85.67
CA LYS HB 5 -58.56 -39.62 -85.35
C LYS HB 5 -57.36 -38.82 -85.81
N GLN HB 6 -57.44 -38.19 -86.99
CA GLN HB 6 -56.29 -37.51 -87.57
C GLN HB 6 -55.58 -36.63 -86.56
N ASN HB 7 -54.33 -36.95 -86.28
CA ASN HB 7 -53.50 -36.20 -85.33
C ASN HB 7 -52.59 -35.26 -86.11
N GLY HB 8 -52.72 -33.97 -85.83
CA GLY HB 8 -51.89 -32.98 -86.50
C GLY HB 8 -52.24 -31.59 -86.05
N VAL HB 9 -51.55 -30.62 -86.64
CA VAL HB 9 -51.77 -29.21 -86.36
C VAL HB 9 -52.47 -28.57 -87.54
N LYS HB 10 -53.32 -27.59 -87.24
CA LYS HB 10 -54.12 -26.91 -88.26
C LYS HB 10 -53.78 -25.44 -88.40
N ASN HB 11 -53.59 -24.72 -87.30
CA ASN HB 11 -53.28 -23.31 -87.34
C ASN HB 11 -52.28 -22.97 -86.25
N ILE HB 12 -51.50 -21.92 -86.50
CA ILE HB 12 -50.55 -21.40 -85.52
C ILE HB 12 -50.53 -19.88 -85.65
N LEU HB 13 -50.98 -19.19 -84.60
CA LEU HB 13 -51.01 -17.73 -84.58
C LEU HB 13 -50.03 -17.23 -83.53
N ILE HB 14 -49.20 -16.26 -83.92
CA ILE HB 14 -48.17 -15.71 -83.05
C ILE HB 14 -48.28 -14.19 -83.08
N THR HB 15 -48.20 -13.57 -81.89
CA THR HB 15 -48.28 -12.12 -81.75
C THR HB 15 -47.09 -11.65 -80.92
N PHE HB 16 -46.38 -10.66 -81.43
CA PHE HB 16 -45.14 -10.20 -80.82
C PHE HB 16 -45.36 -8.88 -80.09
N THR HB 17 -44.39 -8.54 -79.24
CA THR HB 17 -44.41 -7.26 -78.53
C THR HB 17 -42.97 -6.92 -78.16
N HIS HB 18 -42.39 -5.95 -78.84
CA HIS HB 18 -41.01 -5.56 -78.58
C HIS HB 18 -40.92 -4.92 -77.20
N CYS HB 19 -39.93 -5.36 -76.42
CA CYS HB 19 -39.80 -4.88 -75.05
C CYS HB 19 -39.34 -3.43 -75.00
N ASP HB 20 -38.30 -3.10 -75.78
CA ASP HB 20 -37.70 -1.77 -75.68
C ASP HB 20 -38.65 -0.69 -76.18
N THR HB 21 -39.24 -0.87 -77.37
CA THR HB 21 -40.05 0.15 -77.99
C THR HB 21 -41.54 -0.05 -77.81
N GLY HB 22 -41.98 -1.24 -77.45
CA GLY HB 22 -43.40 -1.51 -77.31
C GLY HB 22 -44.13 -1.75 -78.61
N GLU HB 23 -43.41 -1.93 -79.71
CA GLU HB 23 -44.06 -2.18 -81.00
C GLU HB 23 -44.84 -3.49 -80.94
N VAL HB 24 -45.99 -3.50 -81.59
CA VAL HB 24 -46.89 -4.65 -81.59
C VAL HB 24 -47.22 -5.02 -83.03
N ILE HB 25 -47.19 -6.32 -83.31
CA ILE HB 25 -47.56 -6.87 -84.61
C ILE HB 25 -48.69 -7.85 -84.40
N GLY HB 26 -49.78 -7.68 -85.14
CA GLY HB 26 -50.98 -8.47 -84.95
C GLY HB 26 -50.73 -9.95 -85.15
N PRO HB 27 -51.78 -10.75 -84.96
CA PRO HB 27 -51.64 -12.21 -85.11
C PRO HB 27 -51.34 -12.59 -86.56
N ILE HB 28 -50.29 -13.40 -86.74
CA ILE HB 28 -49.86 -13.84 -88.06
C ILE HB 28 -49.84 -15.36 -88.06
N SER HB 29 -50.31 -15.95 -89.16
CA SER HB 29 -50.32 -17.40 -89.30
C SER HB 29 -48.96 -17.90 -89.78
N HIS HB 30 -48.49 -18.98 -89.17
CA HIS HB 30 -47.22 -19.61 -89.51
C HIS HB 30 -47.48 -21.04 -89.97
N GLU HB 31 -46.40 -21.71 -90.39
CA GLU HB 31 -46.48 -23.10 -90.82
C GLU HB 31 -45.26 -23.85 -90.31
N GLN HB 32 -45.42 -25.17 -90.14
CA GLN HB 32 -44.37 -26.00 -89.59
C GLN HB 32 -43.27 -26.23 -90.62
N PRO HB 33 -42.02 -26.37 -90.18
CA PRO HB 33 -40.92 -26.59 -91.13
C PRO HB 33 -40.75 -28.04 -91.53
N ASP HB 34 -41.15 -28.97 -90.65
CA ASP HB 34 -40.94 -30.39 -90.88
C ASP HB 34 -42.08 -31.15 -90.23
N ASP HB 35 -41.91 -32.46 -90.06
CA ASP HB 35 -42.99 -33.33 -89.61
C ASP HB 35 -43.08 -33.43 -88.09
N THR HB 36 -42.23 -32.74 -87.35
CA THR HB 36 -42.32 -32.75 -85.89
C THR HB 36 -43.46 -31.85 -85.42
N LEU HB 37 -44.04 -32.20 -84.28
CA LEU HB 37 -45.17 -31.48 -83.73
C LEU HB 37 -44.80 -30.79 -82.42
N PRO HB 38 -45.51 -29.72 -82.05
CA PRO HB 38 -45.20 -29.04 -80.79
C PRO HB 38 -45.49 -29.93 -79.59
N THR HB 39 -44.93 -29.54 -78.44
CA THR HB 39 -45.12 -30.25 -77.19
C THR HB 39 -45.48 -29.25 -76.10
N TYR HB 40 -46.25 -29.71 -75.11
CA TYR HB 40 -46.81 -28.84 -74.09
C TYR HB 40 -46.55 -29.43 -72.71
N LYS HB 41 -46.72 -28.59 -71.69
CA LYS HB 41 -46.77 -29.05 -70.30
C LYS HB 41 -47.62 -28.03 -69.54
N THR HB 42 -48.87 -28.40 -69.26
CA THR HB 42 -49.85 -27.48 -68.70
C THR HB 42 -49.91 -27.52 -67.18
N CYS HB 43 -49.12 -28.36 -66.53
CA CYS HB 43 -49.11 -28.47 -65.07
C CYS HB 43 -47.91 -27.73 -64.52
N ALA HB 44 -48.16 -26.78 -63.63
CA ALA HB 44 -47.13 -25.86 -63.15
C ALA HB 44 -46.32 -26.41 -61.98
N TRP HB 45 -46.67 -27.58 -61.46
CA TRP HB 45 -45.98 -28.16 -60.31
C TRP HB 45 -45.14 -29.34 -60.76
N THR HB 46 -43.93 -29.44 -60.22
CA THR HB 46 -43.00 -30.52 -60.51
C THR HB 46 -42.76 -31.33 -59.25
N ASN HB 47 -42.98 -32.64 -59.34
CA ASN HB 47 -42.82 -33.54 -58.20
C ASN HB 47 -41.50 -34.29 -58.30
N THR HB 48 -40.88 -34.52 -57.15
CA THR HB 48 -39.65 -35.28 -57.04
C THR HB 48 -39.87 -36.48 -56.13
N ALA HB 49 -39.07 -37.53 -56.33
CA ALA HB 49 -39.28 -38.79 -55.67
C ALA HB 49 -38.51 -38.84 -54.35
N LEU HB 50 -39.25 -38.89 -53.24
CA LEU HB 50 -38.70 -39.16 -51.93
C LEU HB 50 -38.84 -40.64 -51.62
N THR HB 51 -38.57 -41.03 -50.38
CA THR HB 51 -38.63 -42.42 -49.96
C THR HB 51 -40.03 -42.77 -49.44
N ASN HB 52 -40.46 -44.01 -49.71
CA ASN HB 52 -41.68 -44.56 -49.15
C ASN HB 52 -42.93 -43.90 -49.75
N GLY HB 53 -42.87 -43.60 -51.05
CA GLY HB 53 -44.02 -43.09 -51.76
C GLY HB 53 -44.28 -41.61 -51.59
N ALA HB 54 -43.46 -40.90 -50.83
CA ALA HB 54 -43.60 -39.47 -50.67
C ALA HB 54 -42.92 -38.74 -51.82
N VAL HB 55 -43.42 -37.54 -52.12
CA VAL HB 55 -42.86 -36.71 -53.18
C VAL HB 55 -42.84 -35.27 -52.72
N MET HB 56 -41.72 -34.59 -52.95
CA MET HB 56 -41.63 -33.16 -52.68
C MET HB 56 -42.22 -32.39 -53.84
N ARG HB 57 -43.16 -31.49 -53.54
CA ARG HB 57 -43.87 -30.72 -54.53
C ARG HB 57 -43.34 -29.29 -54.52
N SER HB 58 -42.91 -28.81 -55.69
CA SER HB 58 -42.27 -27.51 -55.80
C SER HB 58 -42.87 -26.75 -56.98
N ALA HB 59 -42.71 -25.43 -56.93
CA ALA HB 59 -43.22 -24.56 -57.98
C ALA HB 59 -42.40 -24.71 -59.25
N SER HB 60 -43.08 -24.63 -60.39
CA SER HB 60 -42.43 -24.72 -61.69
C SER HB 60 -43.26 -23.93 -62.70
N ASN HB 61 -42.88 -24.03 -63.97
CA ASN HB 61 -43.51 -23.27 -65.04
C ASN HB 61 -44.21 -24.21 -66.02
N ALA HB 62 -45.10 -23.63 -66.82
CA ALA HB 62 -45.74 -24.33 -67.93
C ALA HB 62 -45.02 -23.94 -69.21
N THR HB 63 -44.34 -24.90 -69.83
CA THR HB 63 -43.47 -24.65 -70.97
C THR HB 63 -44.19 -25.00 -72.26
N MET HB 64 -43.49 -24.77 -73.38
CA MET HB 64 -44.03 -25.05 -74.69
C MET HB 64 -42.92 -24.99 -75.73
N THR HB 65 -42.81 -26.03 -76.57
CA THR HB 65 -41.84 -26.07 -77.65
C THR HB 65 -42.59 -25.97 -78.97
N LEU HB 66 -42.23 -24.98 -79.79
CA LEU HB 66 -43.01 -24.62 -80.96
C LEU HB 66 -42.07 -24.41 -82.15
N PRO HB 67 -41.90 -25.43 -83.00
CA PRO HB 67 -41.10 -25.24 -84.23
C PRO HB 67 -41.96 -24.63 -85.33
N VAL HB 68 -41.51 -23.49 -85.87
CA VAL HB 68 -42.23 -22.77 -86.90
C VAL HB 68 -41.24 -22.26 -87.94
N VAL HB 69 -41.79 -21.78 -89.05
CA VAL HB 69 -41.01 -21.19 -90.13
C VAL HB 69 -41.14 -19.68 -90.04
N ARG HB 70 -40.02 -18.99 -89.92
CA ARG HB 70 -40.06 -17.54 -89.74
C ARG HB 70 -40.77 -16.87 -90.90
N ASP HB 71 -41.61 -15.88 -90.59
CA ASP HB 71 -42.24 -15.09 -91.63
C ASP HB 71 -41.24 -14.09 -92.19
N PRO HB 72 -41.09 -13.99 -93.51
CA PRO HB 72 -40.04 -13.13 -94.07
C PRO HB 72 -40.22 -11.65 -93.80
N ARG HB 73 -41.27 -11.24 -93.11
CA ARG HB 73 -41.51 -9.83 -92.81
C ARG HB 73 -41.17 -9.46 -91.37
N VAL HB 74 -40.61 -10.39 -90.60
CA VAL HB 74 -40.31 -10.14 -89.19
C VAL HB 74 -38.83 -10.42 -88.93
N PRO HB 75 -38.11 -9.54 -88.23
CA PRO HB 75 -36.68 -9.81 -87.99
C PRO HB 75 -36.49 -11.09 -87.18
N LEU HB 76 -35.35 -11.75 -87.43
CA LEU HB 76 -35.07 -12.99 -86.72
C LEU HB 76 -34.95 -12.75 -85.22
N ALA HB 77 -34.37 -11.62 -84.81
CA ALA HB 77 -34.16 -11.36 -83.39
C ALA HB 77 -35.46 -11.49 -82.60
N TRP HB 78 -36.58 -11.07 -83.19
CA TRP HB 78 -37.85 -11.14 -82.49
C TRP HB 78 -38.22 -12.58 -82.15
N TYR HB 79 -38.00 -13.50 -83.09
CA TYR HB 79 -38.27 -14.90 -82.82
C TYR HB 79 -37.39 -15.45 -81.71
N GLN HB 80 -36.27 -14.80 -81.41
CA GLN HB 80 -35.43 -15.15 -80.28
C GLN HB 80 -35.85 -14.31 -79.07
N GLY HB 81 -34.99 -14.25 -78.05
CA GLY HB 81 -35.38 -13.67 -76.79
C GLY HB 81 -35.48 -12.16 -76.73
N CYS HB 82 -35.66 -11.51 -77.87
CA CYS HB 82 -35.74 -10.05 -77.95
C CYS HB 82 -37.17 -9.56 -78.15
N ALA HB 83 -38.16 -10.28 -77.64
CA ALA HB 83 -39.56 -9.89 -77.78
C ALA HB 83 -40.40 -10.76 -76.87
N GLN HB 84 -41.68 -10.40 -76.76
CA GLN HB 84 -42.66 -11.13 -75.97
C GLN HB 84 -43.68 -11.75 -76.91
N ILE HB 85 -43.97 -13.04 -76.72
CA ILE HB 85 -44.74 -13.82 -77.66
C ILE HB 85 -46.08 -14.21 -77.04
N ASP HB 86 -47.10 -14.33 -77.90
CA ASP HB 86 -48.43 -14.78 -77.51
C ASP HB 86 -48.91 -15.73 -78.61
N ALA HB 87 -48.89 -17.03 -78.32
CA ALA HB 87 -49.08 -18.05 -79.34
C ALA HB 87 -50.35 -18.85 -79.11
N GLN HB 88 -50.85 -19.45 -80.19
CA GLN HB 88 -52.01 -20.32 -80.14
C GLN HB 88 -51.84 -21.42 -81.17
N VAL HB 89 -52.20 -22.65 -80.80
CA VAL HB 89 -52.12 -23.81 -81.68
C VAL HB 89 -53.47 -24.51 -81.65
N GLU HB 90 -53.99 -24.85 -82.84
CA GLU HB 90 -55.26 -25.52 -82.98
C GLU HB 90 -55.03 -26.83 -83.72
N LYS HB 91 -55.24 -27.95 -83.04
CA LYS HB 91 -55.06 -29.26 -83.65
C LYS HB 91 -56.24 -29.61 -84.54
N PHE HB 92 -56.17 -30.77 -85.19
CA PHE HB 92 -57.24 -31.17 -86.10
C PHE HB 92 -58.49 -31.61 -85.34
N ASP HB 93 -58.31 -32.30 -84.22
CA ASP HB 93 -59.47 -32.78 -83.47
C ASP HB 93 -60.31 -31.63 -82.94
N GLY HB 94 -59.68 -30.56 -82.49
CA GLY HB 94 -60.39 -29.41 -81.98
C GLY HB 94 -59.70 -28.75 -80.80
N THR HB 95 -58.80 -29.49 -80.15
CA THR HB 95 -58.08 -28.94 -79.01
C THR HB 95 -57.34 -27.68 -79.41
N VAL HB 96 -57.46 -26.64 -78.58
CA VAL HB 96 -56.86 -25.34 -78.85
C VAL HB 96 -56.03 -24.94 -77.64
N MET HB 97 -54.75 -24.66 -77.86
CA MET HB 97 -53.85 -24.21 -76.82
C MET HB 97 -53.67 -22.70 -76.92
N THR HB 98 -53.64 -22.04 -75.76
CA THR HB 98 -53.49 -20.58 -75.70
C THR HB 98 -52.40 -20.24 -74.71
N LEU HB 99 -51.48 -19.36 -75.12
CA LEU HB 99 -50.40 -18.89 -74.29
C LEU HB 99 -50.31 -17.37 -74.42
N THR HB 100 -50.16 -16.69 -73.28
CA THR HB 100 -50.09 -15.24 -73.25
C THR HB 100 -48.93 -14.80 -72.36
N GLU HB 101 -48.30 -13.70 -72.75
CA GLU HB 101 -47.19 -13.12 -72.00
C GLU HB 101 -46.09 -14.15 -71.77
N GLY HB 102 -45.68 -14.81 -72.85
CA GLY HB 102 -44.64 -15.81 -72.78
C GLY HB 102 -43.26 -15.19 -72.77
N ALA HB 103 -42.26 -16.06 -73.01
CA ALA HB 103 -40.87 -15.63 -73.05
C ALA HB 103 -40.03 -16.78 -73.58
N VAL HB 104 -39.01 -16.44 -74.37
CA VAL HB 104 -38.14 -17.41 -75.00
C VAL HB 104 -36.88 -17.57 -74.17
N THR HB 105 -36.47 -18.82 -73.94
CA THR HB 105 -35.34 -19.14 -73.08
C THR HB 105 -34.29 -19.90 -73.85
N GLU HB 106 -33.02 -19.55 -73.62
CA GLU HB 106 -31.87 -20.26 -74.17
C GLU HB 106 -32.03 -20.52 -75.66
N PRO HB 107 -32.06 -19.47 -76.49
CA PRO HB 107 -32.17 -19.68 -77.93
C PRO HB 107 -30.96 -20.39 -78.48
N GLU HB 108 -31.18 -21.19 -79.53
CA GLU HB 108 -30.12 -21.88 -80.23
C GLU HB 108 -29.99 -21.32 -81.64
N GLU HB 109 -28.76 -21.27 -82.14
CA GLU HB 109 -28.50 -20.66 -83.43
C GLU HB 109 -29.32 -21.33 -84.52
N SER HB 110 -29.89 -20.51 -85.40
CA SER HB 110 -30.73 -20.97 -86.49
C SER HB 110 -30.12 -20.56 -87.82
N ASP HB 111 -30.38 -21.37 -88.85
CA ASP HB 111 -29.84 -21.10 -90.18
C ASP HB 111 -30.55 -19.96 -90.88
N GLY HB 112 -31.66 -19.48 -90.34
CA GLY HB 112 -32.39 -18.35 -90.90
C GLY HB 112 -33.77 -18.66 -91.44
N ARG HB 113 -34.18 -19.94 -91.50
CA ARG HB 113 -35.51 -20.29 -91.94
C ARG HB 113 -36.34 -20.94 -90.84
N ALA HB 114 -35.84 -22.02 -90.25
CA ALA HB 114 -36.57 -22.77 -89.22
C ALA HB 114 -36.08 -22.37 -87.85
N VAL HB 115 -37.03 -22.08 -86.95
CA VAL HB 115 -36.72 -21.67 -85.58
C VAL HB 115 -37.51 -22.54 -84.62
N THR HB 116 -36.84 -23.02 -83.58
CA THR HB 116 -37.48 -23.77 -82.51
C THR HB 116 -37.49 -22.89 -81.26
N MET HB 117 -38.68 -22.58 -80.76
CA MET HB 117 -38.85 -21.66 -79.65
C MET HB 117 -39.25 -22.44 -78.40
N THR HB 118 -38.60 -22.12 -77.29
CA THR HB 118 -38.89 -22.72 -75.98
C THR HB 118 -39.58 -21.65 -75.13
N ILE HB 119 -40.90 -21.58 -75.26
CA ILE HB 119 -41.69 -20.56 -74.56
C ILE HB 119 -42.10 -21.10 -73.21
N ILE HB 120 -42.10 -20.23 -72.20
CA ILE HB 120 -42.57 -20.58 -70.86
C ILE HB 120 -43.51 -19.49 -70.39
N ALA HB 121 -44.61 -19.88 -69.75
CA ALA HB 121 -45.60 -18.94 -69.26
C ALA HB 121 -46.17 -19.47 -67.96
N ALA HB 122 -46.78 -18.56 -67.19
CA ALA HB 122 -47.31 -18.93 -65.88
C ALA HB 122 -48.43 -19.96 -66.01
N GLU HB 123 -49.14 -19.97 -67.13
CA GLU HB 123 -50.26 -20.89 -67.29
C GLU HB 123 -50.57 -21.03 -68.77
N ILE HB 124 -51.00 -22.23 -69.16
CA ILE HB 124 -51.45 -22.52 -70.52
C ILE HB 124 -52.89 -23.00 -70.44
N ASP HB 125 -53.73 -22.51 -71.34
CA ASP HB 125 -55.16 -22.79 -71.31
C ASP HB 125 -55.51 -23.81 -72.39
N GLU HB 126 -56.26 -24.84 -71.99
CA GLU HB 126 -56.70 -25.89 -72.90
C GLU HB 126 -58.20 -25.76 -73.13
N LEU HB 127 -58.62 -25.85 -74.38
CA LEU HB 127 -60.03 -25.81 -74.77
C LEU HB 127 -60.35 -27.17 -75.40
N LEU HB 128 -60.84 -28.09 -74.59
CA LEU HB 128 -61.09 -29.44 -75.06
C LEU HB 128 -62.28 -29.45 -76.01
N PRO HB 129 -62.40 -30.49 -76.83
CA PRO HB 129 -63.56 -30.61 -77.72
C PRO HB 129 -64.85 -30.65 -76.91
N PRO HB 130 -66.00 -30.56 -77.57
CA PRO HB 130 -67.27 -30.63 -76.84
C PRO HB 130 -67.41 -31.95 -76.11
N GLY HB 131 -68.00 -31.90 -74.92
CA GLY HB 131 -68.22 -33.07 -74.11
C GLY HB 131 -67.20 -33.32 -73.03
N SER HB 132 -66.57 -32.27 -72.49
CA SER HB 132 -65.57 -32.45 -71.46
C SER HB 132 -66.19 -33.02 -70.19
N LEU HB 133 -65.40 -33.79 -69.46
CA LEU HB 133 -65.84 -34.39 -68.20
C LEU HB 133 -65.31 -33.67 -66.97
N ALA HB 134 -64.36 -32.76 -67.13
CA ALA HB 134 -63.75 -32.05 -66.02
C ALA HB 134 -63.94 -30.55 -66.20
N ALA HB 135 -64.27 -29.87 -65.11
CA ALA HB 135 -64.47 -28.42 -65.14
C ALA HB 135 -63.22 -27.71 -65.65
#